data_6FVY
#
_entry.id   6FVY
#
_cell.length_a   1
_cell.length_b   1
_cell.length_c   1
_cell.angle_alpha   90
_cell.angle_beta   90
_cell.angle_gamma   90
#
_symmetry.space_group_name_H-M   'P 1'
#
loop_
_entity.id
_entity.type
_entity.pdbx_description
1 polymer 'Proteasome subunit alpha type-1'
2 polymer 'Proteasome subunit alpha type-2'
3 polymer 'Proteasome subunit alpha type-3'
4 polymer 'Proteasome subunit alpha type-4'
5 polymer 'Proteasome subunit alpha type-5'
6 polymer 'Proteasome subunit alpha type-6'
7 polymer 'Probable proteasome subunit alpha type-7'
8 polymer 'Proteasome subunit beta type-1'
9 polymer 'Proteasome subunit beta type-2'
10 polymer 'Proteasome subunit beta type-3'
11 polymer 'Proteasome subunit beta type-4'
12 polymer 'Proteasome subunit beta type-5'
13 polymer 'Proteasome subunit beta type-6'
14 polymer 'Proteasome subunit beta type-7'
15 polymer '26S proteasome regulatory subunit RPN10'
16 polymer 'Ubiquitin carboxyl-terminal hydrolase RPN11'
17 polymer '26S proteasome regulatory subunit RPN12'
18 polymer '26S proteasome regulatory subunit RPN13'
19 polymer '26S proteasome complex subunit SEM1'
20 polymer '26S proteasome regulatory subunit RPN1'
21 polymer '26S proteasome regulatory subunit RPN2'
22 polymer '26S proteasome regulatory subunit RPN3'
23 polymer '26S proteasome regulatory subunit RPN5'
24 polymer '26S proteasome regulatory subunit RPN6'
25 polymer '26S proteasome regulatory subunit RPN7'
26 polymer '26S proteasome regulatory subunit RPN8'
27 polymer '26S proteasome regulatory subunit RPN9'
28 polymer '26S proteasome regulatory subunit 7 homolog'
29 polymer '26S proteasome regulatory subunit 4 homolog'
30 polymer '26S proteasome regulatory subunit 6B homolog'
31 polymer '26S proteasome subunit RPT4'
32 polymer '26S proteasome regulatory subunit 6A'
33 polymer '26S proteasome regulatory subunit 8 homolog'
34 non-polymer "ADENOSINE-5'-TRIPHOSPHATE"
35 non-polymer 'MAGNESIUM ION'
36 non-polymer "ADENOSINE-5'-DIPHOSPHATE"
#
loop_
_entity_poly.entity_id
_entity_poly.type
_entity_poly.pdbx_seq_one_letter_code
_entity_poly.pdbx_strand_id
1 'polypeptide(L)'
;SAAGYDRHITIFSPEGRLYQVEYAFKATNQTNINSLAVRGKDCTVVISQKKVPDKLLDPTTVSYIFCISRTIGMVVNGPI
PDARNAALRAKAEAAEFRYKYGYDMPCDVLAKRMANLSQIYTQRAYMRPLGVILTFVSVDEELGPSIYKTDPAGYYVGYK
ATATGPKQQEITTNLENHFKKSKIDHINEESWEKVVEFAITHMIDALGTEFSKNDLEVGVATKDKFFTLSAENIEERLVA
IAEQ
;
a,A
2 'polypeptide(L)'
;DRYSFSLTTFSPSGKLGQIDYALTAVKQGVTSLGIKATNGVVIATEKKSSSPLAMSETLSKVSLLTPDIGAVYSGMGPDY
RVLVDKSRKVAHTSYKRIYGEYPPTKLLVSEVAKIMQEATQSGGVRPFGVSLLIAGHDEFNGFSLYQVDPSGSYFPWKAT
AIGKGSVAAKTFLEKRWNDELELEDAIHIALLTLKESVEGEFNGDTIELAIIGDENPDLLGYTGIPTDKGPRFRKLTSQE
INDRLEAL
;
b,B
3 'polypeptide(L)'
;RYDSRTTIFSPEGRLYQVEYALESISHAGTAIGIMASDGIVLAAERKVTSTLLEQDTSTEKLYKLNDKIAVAVAGLTADA
EILINTARIHAQNYLKTYNEDIPVEILVRRLSDIKQGYTQHGGLRPFGVSFIYAGYDDRYGYQLYTSNPSGNYTGWKAIS
VGANTSAAQTLLQMDYKDDMKVDDAIELALKTLSKTTDSSALTYDRLEFATIRKGANDGEVYQKIFKPQEIKDILVKTGI
T
;
c,C
4 'polypeptide(L)'
;GYDRALSIFSPDGHIFQVEYALEAVKRGTCAVGVKGKNCVVLGCERRSTLKLQDTRITPSKVSKIDSHVVLSFSGLNADS
RILIEKARVEAQSHRLTLEDPVTVEYLTRYVAGVQQRYTQSGGVRPFGVSTLIAGFDPRDDEPKLYQTEPSGIYSSWSAQ
TIGRNSKTVREFLEKNYDRKEPPATVEECVKLTVRSLLEVVQTGAKNIEITVVKPDSDIVALSSEEINQYVTQIEQEKQE
QQEQDKKKKSNH
;
d,D
5 'polypeptide(L)'
;SEYDRGVSTFSPEGRLFQVEYSLEAIKLGSTAIGIATKEGVVLGVEKRATSPLLESDSIEKIVEIDRHIGCAMSGLTADA
RSMIEHARTAAVTHNLYYDEDINVESLTQSVCDLALRFGEGASGEERLMSRPFGVALLIAGHDADDGYQLFHAEPSGTFY
RYNAKAIGSGSEGAQAELLNEWHSSLTLKEAELLVLKILKQVMEEKLDENNAQLSCITKQDGFKIYDNEKTAELIKELKE
KEAAE
;
e,E
6 'polypeptide(L)'
;RNNYDGDTVTFSPTGRLFQVEYALEAIKQGSVTVGLRSNTHAVLVALKRNADELSSYQKKIIKCDEHMGLSLAGLAPDAR
VLSNYLRQQCNYSSLVFNRKLAVERAGHLLCDKAQKNTQSYGGRPYGVGLLIIGYDKSGAHLLEFQPSGNVTELYGTAIG
ARSQGAKTYLERTLDTFIKIDGNPDELIKAGVEAISQSLRDESLTVDNLSIAIVGKDTPFTIYDGEAVAKYI
;
f,F
7 'polypeptide(L)'
;IGTGYDLSNSVFSPDGRNFQVEYAVKAVENGTTSIGIKCNDGVVFAVEKLITSKLLVPQKNVKIQVVDRHIGCVYSGLIP
DGRHLVNRGREEAASFKKLYKTPIPIPAFADRLGQYVQAHTLYNSVRPFGVSTIFGGVDKNGAHLYMLEPSGSYWGYKGA
ATGKGRQSAKAELEKLVDHHPEGLSAREAVKQAAKIIYLAHEDNKEKDFELEISWCSLSETNGLHKFVKGDLLQEAIDFA
QKEIN
;
g,G
8 'polypeptide(L)'
;TSIMAVTFKDGVILGADSRTTTGAYIANRVTDKLTRVHDKIWCCRSGSAADTQAIADIVQYHLELYTSQYGTPSTETAAS
VFKELCYENKDNLTAGIIVAGYDDKNKGEVYTIPLGGSVHKLPYAIAGSGSTFIYGYCDKNFRENMSKEETVDFIKHSLS
QAIKWDGSSGGVIRMVVLTAAGVERLIFYPDEYEQL
;
h,1
9 'polypeptide(L)'
;TTIVGVKFNNGVVIAADTRSTQGPIVADKNCAKLHRISPKIWCAGAGTAADTEAVTQLIGSNIELHSLYTSREPRVVSAL
QMLKQHLFKYQGHIGAYLIVAGVDPTGSHLFSIHAHGSTDVGYYLSLGSGSLAAMAVLESHWKQDLTKEEAIKLASDAIQ
AGIWNDLGSGSNVDVCVMEIGKDAEYLRNYLTPNVREEKQKSYKFPRGTTAVLKESIVNICDIQEE
;
i,2
10 'polypeptide(L)'
;SDPSSINGGIVVAMTGKDCVAIACDLRLGSQSLGVSNKFEKIFHYGHVFLGITGLATDVTTLNEMFRYKTNLYKLKEERA
IEPETFTQLVSSSLYERRFGPYFVGPVVAGINSKSGKPFIAGFDLIGCIDEAKDFIVSGTASDQLFGMCESLYEPNLEPE
DLFETISQALLNAADRDALSGWGAVVYIIKKDEVVKRYLKMRQD
;
j,3
11 'polypeptide(L)'
;MDIILGIRVQDSVILASSKAVTRGISVLKDSDDKTRQLSPHTLMSFAGEAGDTVQFAEYIQANIQLYSIREDYELSPQAV
SSFVRQELAKSIRSRRPYQVNVLIGGYDKKKNKPELYQIDYLGTKVELPYGAHGYSGFYTFSLLDHHYRPDMTTEEGLDL
LKLCVQELEKRMPMDFKGVIVKIVDKDGIRQVDDF
;
k,4
12 'polypeptide(L)'
;TTTLAFRFQGGIIVAVDSRATAGNWVASQTVKKVIEINPFLLGTMAGGAADCQFWETWLGSQCRLHELREKERISVAAAS
KILSNLVYQYKGAGLSMGTMICGYTRKEGPTIYYVDSDGTRLKGDIFCVGSGQTFAYGVLDSNYKWDLSVEDALYLGKRS
ILAAAHRDAYSGGSVNLYHVTEDGWIYHGNHDVGELFWKVKEEEGSFNNVIG
;
l,5
13 'polypeptide(L)'
;QFNPYGDNGGTILGIAGEDFAVLAGDTRNITDYSINSRYEPKVFDCGDNIVMSANGFAADGDALVKRFKNSVKWYHFDHN
DKKLSINSAARNIQHLLYGKRFFPYYVHTIIAGLDEDGKGAVYSFDPVGSYEREQCRAGGAAASLIMPFLDNQVNFKNQY
EPGTNGKVKKPLKYLSVEEVIKLVRDSFTSATERHIQVGDGLEILIVTKDGVRKEFYELKRD
;
m,6
14 'polypeptide(L)'
;TQQPIVTGTSVISMKYDNGVIIAADNLGSYGSLLRFNGVERLIPVGDNTVVGISGDISDMQHIERLLKDLVTENAYDNPL
ADAEEALEPSYIFEYLATVMYQRRSKMNPLWNAIIVAGVQSNGDQFLRYVNLLGVTYSSPTLATGFGAHMANPLLRKVVD
RESDIPKTTVQVAEEAIVNAMRVLYYRDARSSRNFSLAIIDKNTGLTFKKNLQVENMKWDFAKDIKGYGTQK
;
n,7
15 'polypeptide(L)'
;MVLEATVLVIDNSEYSRNGDFPRTRFEAQIDSVEFIFQAKRNSNPENTVGLISGAGANPRVLSTFTAEFGKILAGLHDTQ
IEGKLHMATALQIAQLTLKHRQNKVQHQRIVAFVCSPISDSRDELIRLAKTLKKNNVAVDIINFGEIEQNTELLDEFIAA
VNNPQEETSHLLTVTPGPRLLYENIASSPIILEEGSS
;
W
16 'polypeptide(L)'
;TGRDDTKETVYISSIALLKMLKHGRAGVPMEVMGLMLGEFVDDYTVNVVDVFAMPQSGTGVSVEAVDDVFQAKMMDMLKQ
TGRDQMVVGWYHSHPGFGCWLSSVDVNTQKSFEQLNSRAVAVVVDPIQSVKGKVVIDAFRLIDTGALINNLEPRQTTSNT
GLLNKANIQALIHGLNRHYYSLNIDYHKTAKETKMLMNLHKEQWQSGLKMYDYEEKEESNLAATKSMVKIAEQYSKRIEE
EKELTEEELKTRYVGRQDPKKHLSETADETLENNIVSVLTAGVNSVAIK
;
V
17 'polypeptide(L)'
;LTKSLSIAFENGDYAACEKLLPPIKIELIKNNLLIPDLSIQNDIYLNDLMITKRILEVGALASIQTFNFDSFENYFNQLK
PYYFSNNHKLSESDKKSKLISLYLLNLLSQNNTTKFHSELQYLDKHIKNLEDDSLLSYPIKLDRWLMEGSYQKAWDLLQS
GSQNISEFDSFTDILKSAIRDEIAKNTELSYDFLPLSNIKALLFFNNEKETEKFALERNWPIVNSKVYFNNQSKEKADYE
DEMMHEEDQKTNIIEKAMDYAISIEN
;
T
18 'polypeptide(L)'
;VIKFRAGVCEYNEDSRLCTPIPVQGEIEIKPNEEEELGFWDFEWRPTEKPVGRELDPISLILIPGETMWVPIKSSKSGRI
FALVFSSNERYFFWLQEKNSGNLPLNELSAKDKEIYNKMIGVLNNSS
;
X
19 'polypeptide(L)'
;MSTDVAAAQAQSKIDLTKKKNEEINKKSLEEDDEFEDFPIDTWANGETIKSNAVTQTNIWEENWDDVEVDDDFTNELKAE
LDRYKRENQ
;
Y
20 'polypeptide(L)'
;MVDESDKKQQTIDEQSQISPEKQTPNKKDKKKEEEEQLSEEDAKLKTDLELLVERLKEDDSSLYEASLNALKESIKNSTS
SMTAVPKPLKFLRPTYPDLCSIYDKWTDPNLKSSLADVLSILAMTYSENGKHDSLRYRLLSDVSDFEGWGHEYIRHLALE
IGEVYNDQVEKDAEDETSSDGSKSDGSAATSGFEFSKEDTLRLCLDIVPYFLKHNGEEDAVDLLLEIESIDKLPQFVDEN
TFQRVCQYMVACVPLLPPPEDVAFLKTAYSIYLSQNELTDAIALAVRLGEEDMIRSVFDATSDPVMHKQLAYILAAQKTS
FEYEGVQDIIGNGKLSEHFLYLAKELNLTGPKVPEDIYKSHLDNSKSVFSSAGLDSAQQNLASSFVNGFLNLGYCNDKLI
VDNDNWVYKTKGDGMTSAVASIGSIYQWNLDGLQQLDKYLYVDEPEVKAGALLGIGISASGVHDGEVEPALLLLQDYVTN
PDTKISSAAILGLGIAFAGSKNDEVLGLLLPIAASTDLPIETAAMASLALAHVFVGTCNGDITTSIMDNFLERTAIELKT
DWVRFLALALGILYMGQGEQVDDVLETISAIEHPMTSAIEVLVGSCAYTGTGDVLLIQDLLHRLTPKNVKGEEDADEEET
AEGQTNSISDFLGEQVNEPTKNEEAEIEVDEMEVDAEGEEVEVKAEITEKKNGESLEGEEIKSEEKKGKSSDKDATTDGK
NDDEEEEKEAGIVDELAYAVLGIALIALGEDIGKEMSLRHFGHLMHYGNEHIRRMVPLAMGIVSVSDPQMKVFDTLTRFS
HDADLEVSMNSIFAMGLCGAGTNNARLAQLLRQLASYYSREQDALFITRLAQGLLHLGKGTMTMDVFNDAHVLNKVTLAS
ILTTAVGLVSPSFMLKHHQLFYMLNAGIRPKFILALNDEGEPIKVNVRVGQAVETVGQAGRPKKITGWITQSTPVLLNHG
ERAELETDEY
;
Z
21 'polypeptide(L)'
;TTAAPLLALLRENQDSVKTYALESINNVVDQLWSEISNELPDIEALYDDDTFSDREMAALIASKVYYNLGEYESAVKYAL
AAKDRFDIDEKSQFVETIVSKSIEMYVQEASKQYTKDEQFYTKDIIDPKLTSIFERMIEKCLKASELKLALGIALEGYRL
DIIESALKSKLDQDSTSENVKIINYLLTLAITTVTNSKFRSSILRKSFDFLMNMPNCDYLTLNKVVVNLNDAGLALQLFK
KLKEENDEGLSAQIAFDLVSSASQQLLEILVTELTAQGYDPALLNILSGLPTCDYYNTFLLNNKNIDIGLLNKSKSSLDG
KFSLFHTAVSVANGFMHAGTTDNSFIKANLPWLGKAQNWAKFTATASLGVIHKGNLLEGKKVMAPYLPGSRASSRFIKGG
SLYGLGLIYAGFGRDTTDYLKNIIVENSGTSGDEDVDVLLHGASLGIGLAAMGSANIEVYEALKEVLYNDSATSGEAAAL
GMGLCMLGTGKPEAIHDMFTYSQETQHGNITRGLAVGLALINYGRQELADDLITKMLASDESLLRYGGAFTIALAYAGTG
NNSAVKRLLHVAVSDSNDDVRRAAVIALGFVLLRDYTTVPRIVQLLSKSHNAHVRCGTAFALGIACAGKGLQSAIDVLDP
LTKDPVDFVRQAAMIALSMILIQQTEKLNPQVADINKNFLSVITNKHQEGLAKFGACVAQGIMNAGGRNVTIQLENADTG
TLDTKSVVGLVMFSQFWYWFPLAHFLSLSFTPTTVIGIRGSDQAIPKFQMNCYAKEDAFSYPRMYEEASGKEVEKVATAV
LSTTARAKARAKKTKKEKGPNEEEKKKEHEEKEKERETNKKGIKETKENDEEFYKNKYSSKPYKVDNMTRILPQQSRYIS
FIKDDRFVPVRKFKGNNGVVVLRDREPKEPVALIETVRQMKD
;
N
22 'polypeptide(L)'
;LHHSEKKYAEEDQVQELLKVLNEISKTTLTLDPRYIWRSLKDLSSLRNQELLNAETLCFTVNVLYPDSSSFKKNLLKFIT
SNHKSSVPGSAELRNSYPASFYSVNTEKKTIEVTAEINCFMHLLVQLFLWDSKELEQLVEFNRKVVIPNLLCYYNLRSLN
LINAKLWFYIYLSHETLARSSEEINSDNQNIILRSTMMKFLKIASLKHDNETKAMLINLILRDFLNNGEVDSASDFISKL
EYPHTDVSSSLEARYFFYLSKINAIQLDYSTANEYIIAAIRKAPHNSKSLGFLQQSNKLHCCIQLLMGDIPELSFFHQSN
MQKSLLPYYHLTKAVKLGDLKKFTSTITKYKQLLLKDDTYQLCVRLRSNVIKTGIRIISLTYKKISLRDICLKLNLDSEQ
TVEYMVSRAIRDGVIEAKINHEDGFIETTELLNIYDSEDPQQVFDERIKFANQLHDEYLVSMRYPEDKKTQQNEK
;
S
23 'polypeptide(L)'
;MSRDAPIKADKDYSQILKEEFPKIDSLAQNDCNSALDQLLVLEKKTRQASDLASSKEVLAKIVDLLASRNKWDDLNEQLT
LLSKKHGQLKLSIQYMIQKVMEYLKSSKSLDLNTRISVIETIRVVTENKIFVEVERARVTKDLVEIKKEEGKIDEAADIL
CELQVETYGSMEMSEKIQFILEQMELSILKGDYSQATVLSRKILKKTFKNPKYESLKLEYYNLLVKISLHKREYLEVAQY
LQEIYQTDAIKSDEAKWKPVLSHIVYFLVLSPYGNLQNDLIHKIQNDNNLKKLESQESLVKLFTTNELMRWPIVQKTYEP
VLNEDDLAFGGEANKHHWEDLQKRVIEHNLRVISEYYSRITLLRLNELLDLTESQTETYISDLVNQGIIYAKVNRPAKIV
NFEKPKNSSQLLNEWSHNVDELLEHIETIGHLITKEEIMH
;
P
24 'polypeptide(L)'
;MSLPGSKLEEARRLVNEKQYNEAEQVYLSLLDKDSSQSSAAAGASVDDKRRNEQETSILELGQLYVTMGAKDKLREFIPH
STEYMMQFAKSKTVKVLKTLIEKFEQVPDSLDDQIFVCEKSIEFAKREKRVFLKHSLSIKLATLHYQKKQYKDSLALIND
LLREFKKLDDKPSLVDVHLLESKVYHKLRNLAKSKASLTAARTAANSIYCPTQTVAELDLMSGILHCEDKDYKTAFSYFF
ESFESYHNLTTHNSYEKACQVLKYMLLSKIMLNLIDDVKNILNAKYTKETYQSRGIDAMKAVAEAYNNRSLLDFNTALKQ
YEKELMGDELTRSHFNALYDTLLESNLCKIIEPFECVEISHISKIIGLDTQQVEGKLSQMILDKIFYGVLDQGNGWLYVY
ETPNQDATYDSALELVGQLNKVVDQLFEKASVLY
;
Q
25 'polypeptide(L)'
;RVPNYEVSEKAFLLTQSKVSIEQRKEAAEFVLAKIKEEEMAPYYKYLCEEYLVNNGQSDLEHDEKSDSLNEWIKFDQELY
NELCKKNESKIKELNEKIQKLEEDDEGELEQAQAWINLGEYYAQIGDKDNAEKTLGKSLSKAISTGAKIDVMLTIARLGF
FYNDQLYVKEKLEAVNSMIEKGGDWERRNRYKTYYGIHCLAVRNFKEAAKLLVDSLATFTSIELTSYESIATYASVTGLF
TLERTDLKSKVIDSPELLSLISTTAALQSISSLTISLYASDYASYFPYLLETYANVLIPCKYLNRHADFFVREMRRKVYA
QLLESYKTLSLKSMASAFGVSVAFLDNDLGKFIPNKQLNCVIDRVNGIVETNRPDNKNAQYHLLVKQGDGLLTKLQKYGA
AVRLT
;
R
26 'polypeptide(L)'
;MSLQHEKVTIAPLVLLSALDHYERTQTKENKRCVGVILGDANSSTIRVTNSFALPFEEDEKNSDVWFLDHNYIENMNEMC
KKINAKEKLIGWYHSGPKLRASDLKINELFKKYTQNNPLLLIVDVKQQGVGLPTDAYVAIEQVKDDGTSTEKTFLHLPCT
IEAEEAEEIGVEHLLRDVRDQAAGGLSIRLTNQLKSLKGLQSKLKDVVEYLDKVINKELPINHTILGKLQDVFNLLPNLG
TPDDDEIDVENHDRINISNNLQKALTVKTNDELMVIYISNLVRSIIAFDDLIENKIQNKKIQEQ
;
U
27 'polypeptide(L)'
;EIDTILSTLRMEADPSLHPLFEQFEKFYEEKLWFQLSESLTKFFDDAKSTPLRLRLYDNFVSKFYDKINQLSVVKYLLAS
LKDSKDFDESLKYLDDLKAQFQELDSKKQRNNGSKDHGDGILLIDSEIARTYLLKNDLVKARDLLDDLEKTLDKKDSIPL
RITNSFYSTNSQYFKFKNDFNSFYYTSLLYLSTLEPSTSITLAERQQLAYDLSISALLGDKIYNFGELLHHPIMETIVND
SNYDWLFQLLNALTVGDFDKFDSLIKVQISKIPILAQHESFLRQKICLMTLIETVFVKNIRMLSFEDISKATHLPKDNVE
HLVMRAISLGLLKGSIDQVNELVTISWVQPRIISGDQITKMKDRLVEWNDQVEKLGKKMEARGQSIWV
;
O
28 'polypeptide(L)'
;AAPYAAKLKQTENDLKDIEARIKEKAGVKESDTGLAPSHLWDIMGDRQRLGEEHPLQVARCTKIIKGNGESDETTTDNNN
SGNSNSNSNQQSTDADEDDEDAKYVINLKQIAKFVVGLGERVSPTDIEEGMRVGVDRSKYNIELPLPPRIDPSVTMMTVE
EKPDVTYSDVGGCKDQIEKLREVVELPLLSPERFATLGIDPPKGILLYGPPGTGKTLCARAVANRTDATFIRVIGSELVQ
KYVGEGARMVRELFEMARTKKACIIFFDEIDAVGGARFDDGAGGDNEVQRTMLELITQLDGFDPRGNIKVMFATNRPNTL
DPALLRPGRIDRKVEFSLPDLEGRANIFRIHSKSMSVERGIRWELISRLCPNSTGAELRSVCTEAGMFAIRARRKVATEK
DFLKAVDKVISGYKKFSSTSRYMQYN
;
H
29 'polypeptide(L)'
;TRCKLKLLRMERIKDHLLLEEEFVSNSEILKPFEKKQEEEKKQLEEIRGNPLSIGTLEEIIDDDHAIVTSPTMPDYYVSI
LSFVDKELLEPGCSVLLHHKTMSIVGVLQDDADPMVSVMKMDKSPTESYSDIGGLESQIQEIKESVELPLTHPELYEEMG
IKPPKGVILYGAPGTGKTLLAKAVANQTSATFLRIVGSELIQKYLGDGPRLCRQIFKVAGENAPSIVFIDEIDAIGTKRY
DSNSGGEREIQRTMLELLNQLDGFDDRGDVKVIMATNKIETLDPALIRPGRIDRKILFENPDLSTKKKILGIHTSKMNLS
EDVNLETLVTTKDDLSGADIQAMCTEAGLLALRERRMQVTAEDFKQAKERVMKNKVEENLEGLYL
;
I
30 'polypeptide(L)'
;NNNSALSNVNSDIYFKLKKLEKEYELLTLQEDYIKDEQRHLKRELKRAQEEVKRIQSVPLVIGQFLEPIDQNTGIVSSTT
GMSYVVRILSTLDRELLKPSMSVALHRHSNALVDILPPDSDSSISVMGENEKPDVTYADVGGLDMQKQEIREAVELPLVQ
ADLYEQIGIDPPRGVLLYGPPGTGKTMLVKAVANSTKAAFIRVNGSEFVHKYLGEGPRMVRDVFRLARENAPSIIFIDEV
DSIATKRFDAQTGSDREVQRILIELLTQMDGFDQSTNVKVIMATNRADTLDPALLRPGRLDRKIEFPSLRDRRERRLIFG
TIASKMSLAPEADLDSLIIRNDSLSGAVIAAIMQEAGLRAVRKNRYVILQSDLEEAYATQVKTDNTVDKFDFYK
;
K
31 'polypeptide(L)'
;EQEAHNKALNQFKRKLLEHRRYDDQLKQRRQNIRDLEKLYDKTENDIKALQSIGQLIGEVMKELSEEKYIVKASSGPRYI
VGVRNSVDRSKLKKGVRVTLDITTLTIMRILPRETDPLVYNMTSFEQGEITFDGIGGLTEQIRELREVIELPLKNPEIFQ
RVGIKPPKGVLLYGPPGTGKTLLAKAVAATIGANFIFSPASGIVDKYIGESARIIREMFAYAKEHEPCIIFMDEVDAIGG
RRFSEGTSADREIQRTLMELLTQMDGFDNLGQTKIIMATNRPDTLDPALLRPGRLDRKVEIPLPNEAGRLEIFKIHTAKV
KKTGEFDFEAAVKMSDGFNGADIRNCATEAGFFAIRDDRDHINPDDLMKAVRKVAEVKKLEGTIEYQK
;
L
32 'polypeptide(L)'
;GDDELDQEILNLSTQELQTRAKLLDNEIRIFRSELQRLSHENNVMLEKIKDNKEKIKNNRQLPYLVANVVEVMDMNEIED
KENSESTTQGGNVNLDNTAVGKAAVVKTSSRQTVFLPMVGLVDPDKLKPNDLVGVNKDSYLILDTLPSEFDSRVKAMEVD
EKPTETYSDVGGLDKQIEELVEAIVLPMKRADKFKDMGIRAPKGALMYGPPGTGKTLLARACAAQTNATFLKLAAPQLVQ
MYIGEGAKLVRDAFALAKEKAPTIIFIDELDAIGTKRFDSEKSGDREVQRTMLELLNQLDGFSSDDRVKVLAATNRVDVL
DPALLRSGRLDRKIEFPLPSEDSRAQILQIHSRKMTTDDDINWQELARSTDEFNGAQLKAVTVEAGMIALRNGQSSVKHE
DFVEGISEVQARKSKSVSFYA
;
M
33 'polypeptide(L)'
;MTAAVTSSNIVLETHESGIKPYFEQKIQETELKIRSKTENVRRLEAQRNALNDKVRFIKDELRLLQEPGSYVGEVIKIVS
DKKVLVKVQPEGKYIVDVAKDINVKDLKASQRVCLRSDSYMLHKVLENKADPLVSLMMVEKVPDSTYDMVGGLTKQIKEI
KEVIELPVKHPELFESLGIAQPKGVILYGPPGTGKTLLARAVAHHTDCKFIRVSGAELVQKYIGEGSRMVRELFVMAREH
APSIIFMDEIDSIGSTRVEGSGGGDSEVQRTMLELLNQLDGFETSKNIKIIMATNRLDILDPALLRPGRIDRKIEFPPPS
VAARAEILRIHSRKMNLTRGINLRKVAEKMNGCSGADVKGVCTEAGMYALRERRIHVTQEDFELAVGKVMNKNQETAISV
AKLFK
;
J
#
loop_
_chem_comp.id
_chem_comp.type
_chem_comp.name
_chem_comp.formula
ADP non-polymer ADENOSINE-5'-DIPHOSPHATE 'C10 H15 N5 O10 P2'
ATP non-polymer ADENOSINE-5'-TRIPHOSPHATE 'C10 H16 N5 O13 P3'
MG non-polymer 'MAGNESIUM ION' 'Mg 2'
#
# COMPACT_ATOMS: atom_id res chain seq x y z
N SER A 1 142.89 -45.05 39.86
CA SER A 1 143.45 -43.70 40.21
C SER A 1 142.38 -42.85 40.76
N ALA A 2 142.80 -41.61 41.10
CA ALA A 2 141.89 -40.69 41.75
C ALA A 2 142.35 -39.32 41.53
N ALA A 3 141.59 -38.50 40.81
CA ALA A 3 141.92 -37.12 40.52
C ALA A 3 140.64 -36.44 40.11
N GLY A 4 139.53 -37.19 39.97
CA GLY A 4 138.29 -36.64 39.64
C GLY A 4 137.22 -37.74 39.69
N TYR A 5 137.66 -38.98 39.69
CA TYR A 5 137.31 -39.99 38.71
C TYR A 5 136.19 -40.82 39.23
N ASP A 6 136.41 -41.70 40.23
CA ASP A 6 135.63 -42.02 41.51
C ASP A 6 134.71 -41.02 42.25
N ARG A 7 134.90 -39.73 41.89
CA ARG A 7 134.03 -38.75 42.54
C ARG A 7 132.84 -38.44 41.65
N HIS A 8 132.77 -39.08 40.46
CA HIS A 8 131.86 -38.81 39.37
C HIS A 8 131.66 -40.01 38.55
N ILE A 9 130.62 -39.87 37.77
CA ILE A 9 130.13 -40.93 36.84
C ILE A 9 129.93 -40.23 35.51
N THR A 10 130.54 -39.03 35.35
CA THR A 10 130.49 -38.24 34.16
C THR A 10 131.90 -37.80 33.88
N ILE A 11 132.85 -38.36 34.67
CA ILE A 11 134.32 -38.13 34.54
C ILE A 11 134.79 -39.58 34.36
N PHE A 12 135.34 -39.79 33.14
CA PHE A 12 135.95 -41.18 32.92
C PHE A 12 137.32 -41.29 33.43
N SER A 13 137.70 -42.50 33.86
CA SER A 13 139.06 -42.75 34.22
C SER A 13 140.02 -42.98 33.03
N PRO A 14 141.31 -43.23 33.23
CA PRO A 14 142.22 -43.59 32.19
C PRO A 14 141.81 -44.94 31.66
N GLU A 15 141.04 -45.76 32.31
CA GLU A 15 140.63 -47.02 31.70
C GLU A 15 139.37 -46.90 30.86
N GLY A 16 138.55 -45.78 31.07
CA GLY A 16 137.43 -45.52 30.21
C GLY A 16 136.26 -45.91 30.90
N ARG A 17 136.42 -46.27 32.18
CA ARG A 17 135.41 -46.84 32.98
C ARG A 17 135.31 -45.97 34.16
N LEU A 18 134.27 -46.39 35.00
CA LEU A 18 133.79 -45.64 36.12
C LEU A 18 134.03 -46.44 37.36
N TYR A 19 134.86 -45.91 38.30
CA TYR A 19 135.21 -46.64 39.48
C TYR A 19 134.01 -46.70 40.40
N GLN A 20 133.24 -45.59 40.36
CA GLN A 20 132.13 -45.36 41.26
C GLN A 20 131.02 -46.34 41.08
N VAL A 21 130.63 -46.80 39.88
CA VAL A 21 129.68 -47.79 39.57
C VAL A 21 130.18 -49.10 40.11
N GLU A 22 131.46 -49.39 39.83
CA GLU A 22 132.06 -50.63 40.24
C GLU A 22 132.13 -50.86 41.72
N TYR A 23 132.10 -49.80 42.55
CA TYR A 23 132.11 -49.90 43.99
C TYR A 23 130.76 -50.35 44.50
N ALA A 24 129.65 -50.19 43.72
CA ALA A 24 128.38 -50.71 44.17
C ALA A 24 128.35 -52.30 44.04
N PHE A 25 129.15 -52.89 43.09
CA PHE A 25 129.32 -54.34 43.03
C PHE A 25 129.97 -55.00 44.22
N LYS A 26 130.18 -54.22 45.31
CA LYS A 26 130.90 -54.50 46.54
C LYS A 26 129.97 -54.07 47.65
N ALA A 27 128.69 -53.80 47.30
CA ALA A 27 127.61 -53.39 48.21
C ALA A 27 126.64 -54.51 48.53
N THR A 28 126.97 -55.69 48.09
CA THR A 28 126.20 -56.93 48.28
C THR A 28 126.87 -57.75 49.33
N ASN A 29 127.95 -57.24 49.87
CA ASN A 29 128.68 -57.98 50.81
C ASN A 29 128.40 -57.42 52.18
N GLN A 30 127.77 -56.24 52.21
CA GLN A 30 127.55 -55.46 53.38
C GLN A 30 126.21 -55.97 54.09
N THR A 31 125.25 -56.49 53.28
CA THR A 31 123.98 -56.94 53.82
C THR A 31 124.14 -58.42 54.18
N ASN A 32 125.19 -59.06 53.59
CA ASN A 32 125.59 -60.43 53.91
C ASN A 32 124.51 -61.38 53.49
N ILE A 33 123.74 -61.21 52.36
CA ILE A 33 122.65 -62.11 51.99
C ILE A 33 122.99 -62.74 50.70
N ASN A 34 122.49 -63.97 50.43
CA ASN A 34 122.79 -64.81 49.30
C ASN A 34 121.38 -65.12 48.79
N SER A 35 121.25 -65.29 47.48
CA SER A 35 120.18 -65.80 46.72
C SER A 35 120.66 -66.95 45.94
N LEU A 36 119.68 -67.70 45.43
CA LEU A 36 119.86 -68.83 44.57
C LEU A 36 118.68 -68.72 43.73
N ALA A 37 118.77 -68.68 42.39
CA ALA A 37 117.59 -68.85 41.56
C ALA A 37 117.94 -70.03 40.73
N VAL A 38 116.98 -70.95 40.48
CA VAL A 38 117.15 -72.14 39.61
C VAL A 38 115.78 -72.12 38.74
N ARG A 39 115.79 -72.79 37.59
CA ARG A 39 114.60 -72.96 36.83
C ARG A 39 114.26 -74.41 36.87
N GLY A 40 112.98 -74.76 37.02
CA GLY A 40 112.63 -76.16 36.76
C GLY A 40 112.23 -76.13 35.35
N LYS A 41 111.35 -77.12 34.95
CA LYS A 41 111.09 -77.27 33.56
C LYS A 41 109.86 -76.39 33.27
N ASP A 42 108.91 -76.33 34.26
CA ASP A 42 107.68 -75.55 34.09
C ASP A 42 107.62 -74.39 35.07
N CYS A 43 108.70 -74.10 35.88
CA CYS A 43 108.55 -73.21 36.91
C CYS A 43 109.81 -72.40 36.99
N THR A 44 109.82 -71.32 37.80
CA THR A 44 111.06 -70.80 38.19
C THR A 44 111.01 -70.69 39.70
N VAL A 45 112.09 -70.89 40.43
CA VAL A 45 112.20 -70.90 41.86
C VAL A 45 113.14 -69.83 42.19
N VAL A 46 112.86 -69.13 43.33
CA VAL A 46 113.85 -68.21 43.89
C VAL A 46 113.81 -68.43 45.37
N ILE A 47 115.01 -68.43 46.02
CA ILE A 47 115.17 -68.70 47.43
C ILE A 47 116.28 -67.69 47.71
N SER A 48 115.96 -66.92 48.72
CA SER A 48 116.91 -66.06 49.25
C SER A 48 116.93 -66.21 50.71
N GLN A 49 118.03 -65.89 51.45
CA GLN A 49 118.03 -65.96 52.91
C GLN A 49 117.17 -64.90 53.47
N LYS A 50 116.60 -65.15 54.71
CA LYS A 50 115.87 -64.17 55.49
C LYS A 50 116.63 -64.09 56.75
N LYS A 51 116.93 -62.85 57.15
CA LYS A 51 117.76 -62.59 58.33
C LYS A 51 116.87 -61.98 59.36
N VAL A 52 116.56 -62.72 60.46
CA VAL A 52 115.92 -62.14 61.63
C VAL A 52 116.92 -62.27 62.68
N PRO A 53 117.49 -61.24 63.35
CA PRO A 53 118.65 -61.42 64.20
C PRO A 53 118.27 -60.89 65.55
N ASP A 54 116.99 -60.49 65.73
CA ASP A 54 116.56 -59.77 66.87
C ASP A 54 115.12 -60.18 67.11
N LYS A 55 114.66 -60.10 68.42
CA LYS A 55 113.38 -60.61 68.72
C LYS A 55 112.46 -59.47 68.72
N LEU A 56 112.83 -58.26 68.27
CA LEU A 56 112.04 -57.05 68.15
C LEU A 56 111.75 -56.77 66.75
N LEU A 57 111.81 -57.79 65.87
CA LEU A 57 111.54 -57.73 64.44
C LEU A 57 110.77 -58.96 64.21
N ASP A 58 109.60 -58.87 63.55
CA ASP A 58 108.68 -59.84 63.06
C ASP A 58 109.32 -60.37 61.84
N PRO A 59 109.21 -61.66 61.49
CA PRO A 59 109.73 -62.40 60.39
C PRO A 59 108.99 -61.95 59.19
N THR A 60 107.76 -61.47 59.32
CA THR A 60 106.89 -61.16 58.16
C THR A 60 107.01 -59.78 57.62
N THR A 61 107.83 -58.94 58.26
CA THR A 61 108.05 -57.59 57.75
C THR A 61 109.34 -57.57 57.15
N VAL A 62 110.25 -58.58 57.43
CA VAL A 62 111.56 -58.60 56.89
C VAL A 62 111.46 -59.63 55.79
N SER A 63 111.51 -59.19 54.54
CA SER A 63 111.46 -60.05 53.38
C SER A 63 112.27 -59.32 52.31
N TYR A 64 112.69 -59.98 51.27
CA TYR A 64 113.56 -59.37 50.27
C TYR A 64 113.05 -59.79 48.90
N ILE A 65 112.07 -60.81 48.91
CA ILE A 65 111.30 -61.24 47.84
C ILE A 65 110.05 -60.31 47.79
N PHE A 66 109.78 -59.62 46.64
CA PHE A 66 108.75 -58.62 46.60
C PHE A 66 107.86 -59.10 45.42
N CYS A 67 106.50 -58.85 45.58
CA CYS A 67 105.57 -59.06 44.53
C CYS A 67 105.71 -57.69 43.81
N ILE A 68 106.07 -57.76 42.52
CA ILE A 68 106.10 -56.58 41.67
C ILE A 68 104.78 -56.50 40.93
N SER A 69 104.26 -57.63 40.40
CA SER A 69 102.95 -57.70 39.78
C SER A 69 102.66 -59.20 39.67
N ARG A 70 101.50 -59.54 39.10
CA ARG A 70 100.80 -60.82 39.28
C ARG A 70 101.68 -62.00 38.99
N THR A 71 102.48 -61.96 37.86
CA THR A 71 103.18 -63.12 37.50
C THR A 71 104.65 -62.89 37.71
N ILE A 72 105.05 -61.72 38.33
CA ILE A 72 106.43 -61.32 38.30
C ILE A 72 106.78 -61.23 39.84
N GLY A 73 107.81 -62.03 40.27
CA GLY A 73 108.57 -61.90 41.51
C GLY A 73 109.87 -61.23 41.22
N MET A 74 110.57 -60.81 42.26
CA MET A 74 111.96 -60.27 42.18
C MET A 74 112.55 -60.55 43.56
N VAL A 75 113.87 -60.88 43.55
CA VAL A 75 114.72 -60.96 44.70
C VAL A 75 115.60 -59.75 44.56
N VAL A 76 115.87 -59.12 45.77
CA VAL A 76 116.75 -58.05 46.00
C VAL A 76 117.95 -58.64 46.86
N ASN A 77 119.15 -58.32 46.41
CA ASN A 77 120.30 -58.45 47.20
C ASN A 77 120.90 -57.06 47.31
N GLY A 78 121.47 -56.78 48.48
CA GLY A 78 122.17 -55.54 48.71
C GLY A 78 121.31 -54.51 49.38
N PRO A 79 121.71 -53.20 49.49
CA PRO A 79 121.29 -52.21 50.55
C PRO A 79 119.82 -51.86 50.45
N ILE A 80 119.20 -51.69 51.65
CA ILE A 80 117.82 -51.40 51.86
C ILE A 80 117.31 -50.04 51.23
N PRO A 81 118.05 -48.95 51.27
CA PRO A 81 117.60 -47.81 50.53
C PRO A 81 117.34 -47.98 48.97
N ASP A 82 118.35 -48.58 48.22
CA ASP A 82 118.36 -48.71 46.77
C ASP A 82 117.43 -49.82 46.38
N ALA A 83 117.04 -50.69 47.40
CA ALA A 83 116.12 -51.80 47.30
C ALA A 83 114.68 -51.25 46.98
N ARG A 84 114.26 -50.32 47.84
CA ARG A 84 113.00 -49.60 47.74
C ARG A 84 112.82 -48.80 46.44
N ASN A 85 113.87 -48.08 46.03
CA ASN A 85 113.83 -47.20 44.95
C ASN A 85 113.60 -48.02 43.66
N ALA A 86 114.33 -49.19 43.59
CA ALA A 86 114.21 -50.06 42.43
C ALA A 86 112.84 -50.60 42.40
N ALA A 87 112.28 -50.96 43.58
CA ALA A 87 110.99 -51.70 43.71
C ALA A 87 109.81 -50.88 43.23
N LEU A 88 109.84 -49.56 43.53
CA LEU A 88 108.83 -48.68 43.16
C LEU A 88 108.60 -48.46 41.68
N ARG A 89 109.66 -48.18 41.04
CA ARG A 89 109.76 -47.93 39.62
C ARG A 89 109.38 -49.14 38.85
N ALA A 90 109.80 -50.36 39.27
CA ALA A 90 109.41 -51.65 38.71
C ALA A 90 107.89 -51.99 38.83
N LYS A 91 107.27 -51.62 39.96
CA LYS A 91 105.84 -51.76 40.15
C LYS A 91 105.08 -50.77 39.33
N ALA A 92 105.55 -49.46 39.32
CA ALA A 92 104.88 -48.43 38.51
C ALA A 92 104.98 -48.71 37.04
N GLU A 93 106.14 -49.07 36.56
CA GLU A 93 106.26 -49.40 35.18
C GLU A 93 105.58 -50.71 34.76
N ALA A 94 105.61 -51.82 35.64
CA ALA A 94 104.96 -53.03 35.29
C ALA A 94 103.51 -52.89 35.19
N ALA A 95 102.85 -52.19 36.10
CA ALA A 95 101.47 -52.00 36.02
C ALA A 95 101.01 -51.16 34.79
N GLU A 96 101.81 -50.14 34.50
CA GLU A 96 101.57 -49.22 33.41
C GLU A 96 101.71 -49.94 32.11
N PHE A 97 102.75 -50.82 31.95
CA PHE A 97 103.01 -51.58 30.75
C PHE A 97 101.95 -52.55 30.33
N ARG A 98 101.42 -53.32 31.28
CA ARG A 98 100.49 -54.32 31.20
C ARG A 98 99.21 -53.86 30.59
N TYR A 99 98.62 -52.68 30.93
CA TYR A 99 97.46 -52.25 30.25
C TYR A 99 97.66 -51.42 29.01
N LYS A 100 98.82 -50.66 28.88
CA LYS A 100 99.15 -49.90 27.69
C LYS A 100 99.32 -50.80 26.48
N TYR A 101 100.03 -51.95 26.67
CA TYR A 101 100.41 -52.87 25.71
C TYR A 101 99.64 -54.13 25.71
N GLY A 102 98.78 -54.34 26.74
CA GLY A 102 97.84 -55.44 26.83
C GLY A 102 98.45 -56.82 27.00
N TYR A 103 99.72 -56.86 27.35
CA TYR A 103 100.54 -58.08 27.36
C TYR A 103 100.97 -58.13 28.78
N ASP A 104 101.29 -59.36 29.33
CA ASP A 104 101.94 -59.55 30.59
C ASP A 104 103.38 -59.40 30.24
N MET A 105 104.07 -58.45 30.86
CA MET A 105 105.40 -57.93 30.77
C MET A 105 106.37 -59.10 31.06
N PRO A 106 106.98 -59.60 30.00
CA PRO A 106 107.97 -60.76 30.15
C PRO A 106 109.18 -60.40 30.90
N CYS A 107 109.83 -61.45 31.42
CA CYS A 107 111.03 -61.37 32.28
C CYS A 107 112.19 -60.57 31.60
N ASP A 108 112.28 -60.77 30.29
CA ASP A 108 113.26 -60.12 29.42
C ASP A 108 112.93 -58.67 29.33
N VAL A 109 111.63 -58.29 29.23
CA VAL A 109 111.23 -56.97 28.99
C VAL A 109 111.25 -56.06 30.27
N LEU A 110 111.03 -56.67 31.46
CA LEU A 110 111.13 -55.96 32.68
C LEU A 110 112.54 -55.71 33.06
N ALA A 111 113.41 -56.77 32.92
CA ALA A 111 114.83 -56.75 33.11
C ALA A 111 115.47 -55.76 32.16
N LYS A 112 114.84 -55.59 30.91
CA LYS A 112 115.32 -54.70 29.88
C LYS A 112 115.02 -53.24 30.14
N ARG A 113 113.86 -52.90 30.58
CA ARG A 113 113.53 -51.59 30.75
C ARG A 113 114.19 -51.02 31.98
N MET A 114 114.34 -51.79 33.03
CA MET A 114 115.06 -51.43 34.21
C MET A 114 116.52 -51.21 34.01
N ALA A 115 117.20 -52.09 33.21
CA ALA A 115 118.65 -52.00 32.86
C ALA A 115 118.86 -50.72 32.15
N ASN A 116 117.85 -50.29 31.32
CA ASN A 116 117.86 -49.02 30.55
C ASN A 116 117.80 -47.87 31.56
N LEU A 117 116.98 -48.04 32.60
CA LEU A 117 116.74 -47.07 33.61
C LEU A 117 117.96 -46.70 34.46
N SER A 118 118.67 -47.82 34.80
CA SER A 118 120.00 -47.87 35.50
C SER A 118 121.08 -47.21 34.62
N GLN A 119 121.02 -47.37 33.24
CA GLN A 119 121.99 -46.68 32.41
C GLN A 119 121.80 -45.17 32.42
N ILE A 120 120.60 -44.71 32.40
CA ILE A 120 120.20 -43.25 32.45
C ILE A 120 120.65 -42.58 33.70
N TYR A 121 120.58 -43.28 34.85
CA TYR A 121 121.07 -42.72 36.17
C TYR A 121 122.60 -42.48 36.19
N THR A 122 123.31 -43.14 35.32
CA THR A 122 124.76 -43.13 35.32
C THR A 122 125.30 -42.02 34.36
N GLN A 123 124.45 -41.60 33.36
CA GLN A 123 124.99 -40.72 32.38
C GLN A 123 125.00 -39.29 32.94
N ARG A 124 123.97 -38.96 33.86
CA ARG A 124 123.90 -37.63 34.47
C ARG A 124 124.52 -37.80 35.89
N ALA A 125 125.05 -36.64 36.39
CA ALA A 125 125.84 -36.66 37.62
C ALA A 125 125.02 -36.24 38.80
N TYR A 126 123.72 -35.86 38.49
CA TYR A 126 122.65 -35.41 39.31
C TYR A 126 122.10 -36.62 40.03
N MET A 127 121.86 -37.74 39.33
CA MET A 127 121.42 -39.04 39.73
C MET A 127 122.60 -39.94 40.03
N ARG A 128 122.24 -41.12 40.65
CA ARG A 128 123.28 -42.14 40.93
C ARG A 128 122.76 -43.46 40.60
N PRO A 129 123.67 -44.43 40.29
CA PRO A 129 123.28 -45.80 40.16
C PRO A 129 122.59 -46.40 41.43
N LEU A 130 121.77 -47.47 41.14
CA LEU A 130 121.25 -48.35 42.13
C LEU A 130 122.38 -49.15 42.64
N GLY A 131 122.29 -49.72 43.90
CA GLY A 131 123.30 -50.52 44.53
C GLY A 131 122.94 -51.95 44.55
N VAL A 132 121.60 -52.17 44.56
CA VAL A 132 121.08 -53.50 44.65
C VAL A 132 121.22 -54.27 43.41
N ILE A 133 121.23 -55.67 43.45
CA ILE A 133 121.13 -56.56 42.27
C ILE A 133 119.66 -57.07 42.35
N LEU A 134 118.93 -57.03 41.21
CA LEU A 134 117.55 -57.46 41.13
C LEU A 134 117.64 -58.63 40.23
N THR A 135 117.04 -59.77 40.64
CA THR A 135 117.05 -60.98 39.85
C THR A 135 115.57 -61.20 39.69
N PHE A 136 115.12 -61.09 38.43
CA PHE A 136 113.73 -61.18 38.12
C PHE A 136 113.50 -62.62 37.78
N VAL A 137 112.31 -63.17 38.16
CA VAL A 137 111.87 -64.58 37.94
C VAL A 137 110.41 -64.42 37.48
N SER A 138 110.09 -65.14 36.39
CA SER A 138 108.75 -65.20 35.89
C SER A 138 108.77 -66.46 35.04
N VAL A 139 107.62 -67.01 34.80
CA VAL A 139 107.42 -68.01 33.77
C VAL A 139 106.69 -67.21 32.77
N ASP A 140 107.35 -67.08 31.62
CA ASP A 140 106.86 -66.34 30.48
C ASP A 140 105.93 -67.18 29.61
N GLU A 141 105.07 -66.46 28.80
CA GLU A 141 104.13 -67.13 27.94
C GLU A 141 104.73 -67.28 26.52
N GLU A 142 106.00 -66.74 26.41
CA GLU A 142 106.62 -66.63 25.08
C GLU A 142 107.93 -67.44 25.18
N LEU A 143 108.41 -67.90 26.38
CA LEU A 143 109.67 -68.53 26.55
C LEU A 143 109.69 -69.58 27.72
N GLY A 144 108.48 -69.74 28.42
CA GLY A 144 108.39 -70.52 29.68
C GLY A 144 109.40 -69.97 30.67
N PRO A 145 109.89 -70.76 31.57
CA PRO A 145 110.66 -70.40 32.76
C PRO A 145 111.85 -69.48 32.42
N SER A 146 112.04 -68.29 33.10
CA SER A 146 113.20 -67.47 32.84
C SER A 146 113.64 -66.77 34.11
N ILE A 147 115.03 -66.46 34.09
CA ILE A 147 115.75 -65.78 35.10
C ILE A 147 116.53 -64.78 34.26
N TYR A 148 116.33 -63.50 34.49
CA TYR A 148 117.17 -62.45 34.01
C TYR A 148 117.59 -61.67 35.27
N LYS A 149 118.93 -61.37 35.42
CA LYS A 149 119.53 -60.70 36.50
C LYS A 149 119.93 -59.38 35.88
N THR A 150 119.64 -58.31 36.66
CA THR A 150 120.03 -56.99 36.22
C THR A 150 120.92 -56.58 37.40
N ASP A 151 122.09 -56.00 36.95
CA ASP A 151 123.30 -55.67 37.69
C ASP A 151 123.17 -54.14 37.98
N PRO A 152 123.90 -53.64 38.96
CA PRO A 152 123.80 -52.20 39.39
C PRO A 152 124.43 -51.31 38.40
N ALA A 153 125.13 -51.86 37.34
CA ALA A 153 125.67 -51.19 36.18
C ALA A 153 124.60 -50.86 35.08
N GLY A 154 123.64 -51.82 34.91
CA GLY A 154 122.62 -51.74 33.77
C GLY A 154 122.98 -52.76 32.73
N TYR A 155 123.75 -53.73 33.14
CA TYR A 155 123.92 -54.93 32.43
C TYR A 155 122.79 -55.83 32.81
N TYR A 156 122.36 -56.57 31.82
CA TYR A 156 121.40 -57.65 32.17
C TYR A 156 121.69 -58.76 31.25
N VAL A 157 121.67 -60.00 31.74
CA VAL A 157 121.94 -61.18 30.91
C VAL A 157 121.17 -62.27 31.53
N GLY A 158 120.74 -63.20 30.67
CA GLY A 158 120.11 -64.40 31.15
C GLY A 158 120.95 -65.38 31.85
N TYR A 159 120.33 -66.34 32.58
CA TYR A 159 121.04 -67.33 33.36
C TYR A 159 120.25 -68.61 33.48
N LYS A 160 120.88 -69.80 33.39
CA LYS A 160 120.45 -71.10 33.67
C LYS A 160 120.03 -71.12 35.07
N ALA A 161 120.90 -70.65 35.90
CA ALA A 161 120.71 -70.38 37.23
C ALA A 161 121.73 -69.39 37.51
N THR A 162 121.50 -68.64 38.65
CA THR A 162 122.38 -67.53 39.06
C THR A 162 122.23 -67.51 40.57
N ALA A 163 123.18 -66.84 41.17
CA ALA A 163 123.38 -66.76 42.55
C ALA A 163 123.85 -65.32 42.73
N THR A 164 123.74 -64.77 43.96
CA THR A 164 124.34 -63.45 44.24
C THR A 164 124.62 -63.52 45.73
N GLY A 165 125.51 -62.63 46.24
CA GLY A 165 125.92 -62.49 47.65
C GLY A 165 127.44 -62.41 47.79
N PRO A 166 128.00 -62.48 49.00
CA PRO A 166 129.45 -62.43 49.24
C PRO A 166 130.09 -63.76 49.05
N LYS A 167 129.27 -64.79 49.22
CA LYS A 167 129.71 -66.20 49.10
C LYS A 167 129.10 -66.87 47.87
N GLN A 168 128.72 -65.99 46.92
CA GLN A 168 128.07 -66.22 45.63
C GLN A 168 128.73 -67.29 44.82
N GLN A 169 130.06 -67.25 44.76
CA GLN A 169 130.96 -68.17 44.07
C GLN A 169 130.76 -69.54 44.44
N GLU A 170 130.54 -69.80 45.75
CA GLU A 170 130.58 -71.19 46.24
C GLU A 170 129.40 -72.01 45.76
N ILE A 171 128.23 -71.27 45.64
CA ILE A 171 126.96 -71.72 45.02
C ILE A 171 127.07 -71.84 43.53
N THR A 172 127.84 -70.93 42.92
CA THR A 172 127.95 -70.99 41.48
C THR A 172 128.54 -72.22 40.98
N THR A 173 129.61 -72.69 41.67
CA THR A 173 130.43 -73.82 41.38
C THR A 173 129.57 -75.12 41.52
N ASN A 174 128.67 -75.21 42.55
CA ASN A 174 127.76 -76.25 42.84
C ASN A 174 126.72 -76.40 41.69
N LEU A 175 126.24 -75.30 41.13
CA LEU A 175 125.28 -75.33 40.05
C LEU A 175 125.95 -75.72 38.75
N GLU A 176 127.24 -75.30 38.62
CA GLU A 176 128.03 -75.69 37.44
C GLU A 176 128.09 -77.24 37.27
N ASN A 177 128.46 -77.97 38.33
CA ASN A 177 128.58 -79.43 38.39
C ASN A 177 127.28 -80.15 38.01
N HIS A 178 126.16 -79.56 38.56
CA HIS A 178 124.88 -80.14 38.49
C HIS A 178 124.35 -80.19 37.07
N PHE A 179 124.38 -78.98 36.36
CA PHE A 179 123.75 -78.89 34.97
C PHE A 179 124.56 -79.48 33.88
N LYS A 180 125.91 -79.42 34.07
CA LYS A 180 126.95 -79.90 33.24
C LYS A 180 127.02 -81.37 33.08
N LYS A 181 126.92 -82.16 34.27
CA LYS A 181 126.91 -83.59 34.32
C LYS A 181 125.66 -84.15 33.73
N SER A 182 124.44 -83.49 33.98
CA SER A 182 123.13 -84.06 33.65
C SER A 182 122.91 -83.84 32.15
N LYS A 183 123.42 -82.68 31.69
CA LYS A 183 123.38 -82.18 30.28
C LYS A 183 121.99 -81.52 29.96
N ILE A 184 121.37 -81.03 31.05
CA ILE A 184 120.17 -80.24 30.99
C ILE A 184 120.28 -79.03 31.80
N ASP A 185 119.60 -77.88 31.48
CA ASP A 185 119.80 -76.67 32.21
C ASP A 185 118.73 -76.39 33.21
N HIS A 186 117.92 -77.45 33.52
CA HIS A 186 116.80 -77.43 34.43
C HIS A 186 117.01 -78.46 35.55
N ILE A 187 116.17 -78.45 36.64
CA ILE A 187 116.11 -79.50 37.63
C ILE A 187 115.04 -80.37 37.12
N ASN A 188 115.36 -81.65 36.93
CA ASN A 188 114.69 -82.56 36.09
C ASN A 188 113.28 -82.75 36.50
N GLU A 189 113.03 -82.94 37.84
CA GLU A 189 111.60 -83.12 38.30
C GLU A 189 110.62 -82.11 37.83
N GLU A 190 109.36 -82.56 37.57
CA GLU A 190 108.40 -81.62 37.10
C GLU A 190 107.52 -80.86 38.09
N SER A 191 107.41 -81.35 39.32
CA SER A 191 106.57 -80.76 40.40
C SER A 191 107.31 -79.58 41.01
N TRP A 192 106.69 -78.39 41.21
CA TRP A 192 107.44 -77.23 41.72
C TRP A 192 107.91 -77.51 43.12
N GLU A 193 107.16 -78.27 43.90
CA GLU A 193 107.58 -78.59 45.26
C GLU A 193 108.88 -79.40 45.38
N LYS A 194 109.09 -80.33 44.46
CA LYS A 194 110.21 -81.22 44.48
C LYS A 194 111.36 -80.53 43.85
N VAL A 195 111.17 -79.43 43.07
CA VAL A 195 112.28 -78.70 42.51
C VAL A 195 112.95 -77.88 43.64
N VAL A 196 112.07 -77.29 44.52
CA VAL A 196 112.35 -76.43 45.69
C VAL A 196 113.17 -77.26 46.69
N GLU A 197 112.88 -78.57 46.84
CA GLU A 197 113.72 -79.53 47.67
C GLU A 197 115.12 -79.66 47.30
N PHE A 198 115.43 -79.72 46.00
CA PHE A 198 116.72 -79.83 45.29
C PHE A 198 117.47 -78.56 45.46
N ALA A 199 116.81 -77.43 45.27
CA ALA A 199 117.41 -76.10 45.36
C ALA A 199 117.84 -75.70 46.75
N ILE A 200 117.04 -76.03 47.77
CA ILE A 200 117.30 -75.97 49.21
C ILE A 200 118.50 -76.86 49.53
N THR A 201 118.56 -78.10 49.01
CA THR A 201 119.72 -79.02 49.31
C THR A 201 121.02 -78.48 48.83
N HIS A 202 121.10 -77.93 47.57
CA HIS A 202 122.32 -77.36 46.96
C HIS A 202 122.87 -76.24 47.74
N MET A 203 121.97 -75.44 48.33
CA MET A 203 122.36 -74.28 49.13
C MET A 203 122.96 -74.65 50.51
N ILE A 204 122.40 -75.59 51.20
CA ILE A 204 122.86 -76.07 52.48
C ILE A 204 124.19 -76.76 52.45
N ASP A 205 124.49 -77.58 51.41
CA ASP A 205 125.80 -78.05 51.16
C ASP A 205 126.78 -76.91 50.87
N ALA A 206 126.39 -76.01 49.96
CA ALA A 206 127.29 -75.01 49.34
C ALA A 206 127.78 -73.96 50.22
N LEU A 207 126.87 -73.41 51.05
CA LEU A 207 127.21 -72.45 52.10
C LEU A 207 127.80 -73.15 53.29
N GLY A 208 127.42 -74.41 53.56
CA GLY A 208 127.95 -75.26 54.63
C GLY A 208 127.02 -75.19 55.80
N THR A 209 126.00 -74.27 55.70
CA THR A 209 125.09 -73.93 56.80
C THR A 209 123.68 -74.40 56.58
N GLU A 210 123.15 -75.22 57.54
CA GLU A 210 121.76 -75.66 57.51
C GLU A 210 120.85 -74.49 57.78
N PHE A 211 119.79 -74.44 57.02
CA PHE A 211 118.85 -73.34 57.16
C PHE A 211 117.61 -73.84 57.81
N SER A 212 116.81 -72.80 58.29
CA SER A 212 115.56 -72.96 59.04
C SER A 212 114.45 -72.30 58.24
N LYS A 213 113.24 -72.30 58.75
CA LYS A 213 112.05 -71.76 58.11
C LYS A 213 112.02 -70.25 58.18
N ASN A 214 112.72 -69.67 59.20
CA ASN A 214 112.82 -68.28 59.48
C ASN A 214 114.31 -67.82 59.19
N ASP A 215 114.88 -68.58 58.23
CA ASP A 215 116.18 -68.23 57.71
C ASP A 215 116.13 -68.42 56.21
N LEU A 216 114.91 -68.75 55.72
CA LEU A 216 114.56 -68.68 54.28
C LEU A 216 113.28 -67.85 54.08
N GLU A 217 113.27 -67.32 52.85
CA GLU A 217 112.01 -66.96 52.24
C GLU A 217 112.03 -67.40 50.83
N VAL A 218 110.97 -68.04 50.28
CA VAL A 218 110.98 -68.71 49.02
C VAL A 218 109.84 -68.12 48.28
N GLY A 219 110.06 -67.68 47.04
CA GLY A 219 109.03 -67.38 46.02
C GLY A 219 109.12 -68.36 44.90
N VAL A 220 107.94 -68.69 44.49
CA VAL A 220 107.83 -69.63 43.44
C VAL A 220 106.93 -69.12 42.38
N ALA A 221 107.59 -69.00 41.19
CA ALA A 221 106.88 -68.59 40.01
C ALA A 221 106.48 -69.85 39.24
N THR A 222 105.18 -69.91 38.95
CA THR A 222 104.52 -70.98 38.14
C THR A 222 103.92 -70.24 36.92
N LYS A 223 103.19 -70.99 36.02
CA LYS A 223 102.70 -70.58 34.74
C LYS A 223 101.65 -69.52 35.04
N ASP A 224 101.99 -68.26 34.72
CA ASP A 224 101.30 -67.00 34.80
C ASP A 224 100.90 -66.51 36.21
N LYS A 225 101.81 -66.73 37.20
CA LYS A 225 101.53 -66.33 38.51
C LYS A 225 102.79 -66.37 39.26
N PHE A 226 102.76 -65.77 40.43
CA PHE A 226 103.81 -65.77 41.42
C PHE A 226 103.16 -65.79 42.76
N PHE A 227 103.80 -66.37 43.81
CA PHE A 227 103.29 -66.34 45.15
C PHE A 227 104.50 -66.55 45.94
N THR A 228 104.52 -65.99 47.17
CA THR A 228 105.65 -66.13 48.05
C THR A 228 105.26 -67.05 49.21
N LEU A 229 106.12 -68.04 49.59
CA LEU A 229 105.76 -68.97 50.61
C LEU A 229 105.97 -68.42 52.00
N SER A 230 104.97 -68.82 52.91
CA SER A 230 105.03 -68.55 54.31
C SER A 230 105.87 -69.55 54.98
N ALA A 231 106.35 -69.33 56.26
CA ALA A 231 107.37 -70.11 56.97
C ALA A 231 107.03 -71.57 57.20
N GLU A 232 105.73 -71.87 57.49
CA GLU A 232 105.30 -73.25 57.70
C GLU A 232 105.24 -74.09 56.46
N ASN A 233 105.18 -73.39 55.31
CA ASN A 233 105.16 -74.09 54.00
C ASN A 233 106.59 -74.42 53.65
N ILE A 234 107.50 -73.47 54.06
CA ILE A 234 108.92 -73.59 53.84
C ILE A 234 109.50 -74.71 54.68
N GLU A 235 109.05 -74.93 55.94
CA GLU A 235 109.39 -75.95 56.84
C GLU A 235 109.13 -77.34 56.39
N GLU A 236 107.99 -77.50 55.70
CA GLU A 236 107.54 -78.73 55.03
C GLU A 236 108.50 -79.23 53.96
N ARG A 237 109.02 -78.36 53.12
CA ARG A 237 110.09 -78.57 52.19
C ARG A 237 111.43 -78.84 52.77
N LEU A 238 111.75 -78.24 53.93
CA LEU A 238 113.04 -78.44 54.61
C LEU A 238 113.22 -79.79 55.24
N VAL A 239 112.17 -80.26 55.90
CA VAL A 239 112.09 -81.54 56.56
C VAL A 239 111.89 -82.67 55.51
N ALA A 240 111.48 -82.35 54.27
CA ALA A 240 111.30 -83.21 53.15
C ALA A 240 112.61 -83.81 52.87
N ILE A 241 113.69 -82.91 52.85
CA ILE A 241 115.14 -83.21 52.65
C ILE A 241 115.61 -84.07 53.85
N ALA A 242 115.33 -83.59 55.08
CA ALA A 242 116.00 -84.04 56.34
C ALA A 242 115.80 -85.47 56.71
N GLU A 243 114.58 -85.97 56.46
CA GLU A 243 114.18 -87.34 56.71
C GLU A 243 113.93 -87.82 55.29
N GLN A 244 114.58 -88.89 54.76
CA GLN A 244 114.24 -89.53 53.46
C GLN A 244 113.05 -90.52 53.68
N ASP B 1 144.70 -33.84 32.50
CA ASP B 1 144.47 -33.45 33.90
C ASP B 1 143.16 -32.74 33.91
N ARG B 2 143.12 -31.35 33.76
CA ARG B 2 141.94 -30.48 33.72
C ARG B 2 141.27 -30.53 32.42
N TYR B 3 141.74 -31.42 31.47
CA TYR B 3 141.11 -31.44 30.13
C TYR B 3 140.21 -32.66 30.01
N SER B 4 139.76 -33.13 31.20
CA SER B 4 138.90 -34.25 31.42
C SER B 4 138.69 -34.26 32.96
N PHE B 5 138.73 -33.04 33.56
CA PHE B 5 137.84 -32.76 34.65
C PHE B 5 136.83 -31.72 34.23
N SER B 6 136.99 -31.23 33.02
CA SER B 6 136.18 -30.29 32.42
C SER B 6 136.20 -30.77 30.99
N LEU B 7 135.17 -30.38 30.19
CA LEU B 7 134.95 -30.73 28.81
C LEU B 7 134.98 -29.46 27.99
N THR B 8 135.18 -28.32 28.58
CA THR B 8 135.15 -27.07 27.92
C THR B 8 136.40 -26.75 27.17
N THR B 9 137.51 -26.97 27.92
CA THR B 9 138.89 -26.70 27.54
C THR B 9 139.35 -27.94 26.81
N PHE B 10 140.49 -27.83 25.99
CA PHE B 10 141.07 -28.92 25.20
C PHE B 10 142.55 -29.05 25.60
N SER B 11 143.15 -30.24 25.26
CA SER B 11 144.58 -30.47 25.31
C SER B 11 145.27 -29.49 24.34
N PRO B 12 146.46 -29.04 24.44
CA PRO B 12 147.06 -28.07 23.48
C PRO B 12 147.59 -28.78 22.28
N SER B 13 147.49 -30.09 22.31
CA SER B 13 147.79 -30.98 21.27
C SER B 13 146.53 -31.48 20.67
N GLY B 14 145.28 -31.03 21.08
CA GLY B 14 144.02 -31.26 20.52
C GLY B 14 143.37 -32.36 21.26
N LYS B 15 142.00 -32.23 21.21
CA LYS B 15 141.06 -33.23 21.74
C LYS B 15 141.02 -33.29 23.25
N LEU B 16 139.79 -33.69 23.88
CA LEU B 16 139.56 -33.89 25.25
C LEU B 16 140.06 -35.24 25.56
N GLY B 17 140.48 -35.37 26.81
CA GLY B 17 140.93 -36.54 27.53
C GLY B 17 139.79 -37.58 27.60
N GLN B 18 138.61 -37.01 27.60
CA GLN B 18 137.39 -37.82 27.66
C GLN B 18 137.23 -38.70 26.40
N ILE B 19 137.62 -38.20 25.22
CA ILE B 19 137.47 -38.87 23.97
C ILE B 19 138.49 -40.05 23.90
N ASP B 20 139.77 -39.77 24.31
CA ASP B 20 140.87 -40.71 24.33
C ASP B 20 140.61 -41.81 25.32
N TYR B 21 139.94 -41.51 26.49
CA TYR B 21 139.40 -42.47 27.44
C TYR B 21 138.22 -43.20 26.89
N ALA B 22 137.37 -42.60 26.06
CA ALA B 22 136.22 -43.27 25.48
C ALA B 22 136.65 -44.38 24.51
N LEU B 23 137.81 -44.11 23.81
CA LEU B 23 138.44 -45.12 22.97
C LEU B 23 139.05 -46.21 23.85
N THR B 24 139.65 -45.92 24.99
CA THR B 24 140.15 -46.94 25.87
C THR B 24 138.96 -47.84 26.29
N ALA B 25 137.80 -47.23 26.58
CA ALA B 25 136.58 -47.95 26.98
C ALA B 25 136.11 -48.93 25.84
N VAL B 26 136.26 -48.51 24.58
CA VAL B 26 135.97 -49.39 23.38
C VAL B 26 136.75 -50.69 23.43
N LYS B 27 138.12 -50.64 23.75
CA LYS B 27 139.02 -51.72 23.62
C LYS B 27 138.85 -52.63 24.76
N GLN B 28 138.10 -52.22 25.81
CA GLN B 28 137.97 -53.08 26.93
C GLN B 28 136.85 -54.08 26.71
N GLY B 29 136.19 -53.87 25.52
CA GLY B 29 135.04 -54.65 25.04
C GLY B 29 135.38 -55.92 24.34
N VAL B 30 134.41 -56.71 23.88
CA VAL B 30 134.57 -57.81 22.89
C VAL B 30 135.18 -57.33 21.55
N THR B 31 135.57 -58.21 20.60
CA THR B 31 136.11 -57.67 19.29
C THR B 31 134.95 -57.75 18.29
N SER B 32 134.71 -56.69 17.51
CA SER B 32 133.74 -56.69 16.44
C SER B 32 134.42 -56.15 15.26
N LEU B 33 133.99 -56.57 14.05
CA LEU B 33 134.61 -56.31 12.78
C LEU B 33 133.50 -56.42 11.72
N GLY B 34 133.73 -55.80 10.52
CA GLY B 34 132.88 -55.84 9.33
C GLY B 34 133.80 -55.81 8.10
N ILE B 35 133.35 -56.48 7.04
CA ILE B 35 133.98 -56.56 5.77
C ILE B 35 132.90 -56.42 4.78
N LYS B 36 133.15 -55.47 3.89
CA LYS B 36 132.33 -55.23 2.77
C LYS B 36 132.85 -55.94 1.54
N ALA B 37 131.98 -56.51 0.76
CA ALA B 37 132.21 -57.12 -0.50
C ALA B 37 131.22 -56.38 -1.39
N THR B 38 131.21 -56.82 -2.66
CA THR B 38 130.43 -56.20 -3.69
C THR B 38 129.07 -56.98 -3.96
N ASN B 39 128.74 -57.98 -3.05
CA ASN B 39 127.52 -58.70 -3.25
C ASN B 39 127.17 -59.05 -1.81
N GLY B 40 127.61 -58.28 -0.78
CA GLY B 40 127.36 -58.70 0.56
C GLY B 40 128.25 -57.89 1.48
N VAL B 41 127.96 -58.11 2.79
CA VAL B 41 128.56 -57.48 3.95
C VAL B 41 128.34 -58.52 5.08
N VAL B 42 129.43 -58.84 5.75
CA VAL B 42 129.51 -59.71 6.88
C VAL B 42 129.88 -58.76 8.01
N ILE B 43 129.41 -59.15 9.24
CA ILE B 43 129.46 -58.46 10.45
C ILE B 43 129.64 -59.67 11.36
N ALA B 44 130.60 -59.53 12.26
CA ALA B 44 130.99 -60.66 13.14
C ALA B 44 131.51 -60.18 14.48
N THR B 45 131.33 -60.91 15.62
CA THR B 45 131.62 -60.48 16.93
C THR B 45 131.81 -61.74 17.73
N GLU B 46 132.29 -61.65 18.97
CA GLU B 46 132.46 -62.75 19.83
C GLU B 46 131.58 -62.37 20.99
N LYS B 47 131.25 -63.38 21.80
CA LYS B 47 130.49 -62.99 23.00
C LYS B 47 131.08 -63.65 24.14
N LYS B 48 131.55 -62.89 25.13
CA LYS B 48 132.11 -63.41 26.33
C LYS B 48 130.91 -63.83 27.22
N SER B 49 130.94 -65.12 27.62
CA SER B 49 129.91 -65.70 28.52
C SER B 49 130.10 -65.14 29.90
N SER B 50 131.28 -65.05 30.39
CA SER B 50 131.66 -64.48 31.64
C SER B 50 130.94 -65.04 32.85
N SER B 51 130.89 -66.38 32.85
CA SER B 51 130.30 -67.32 33.79
C SER B 51 130.05 -68.54 32.96
N PRO B 52 130.35 -69.77 33.40
CA PRO B 52 129.91 -70.98 32.69
C PRO B 52 128.38 -71.05 32.63
N LEU B 53 127.71 -70.36 33.53
CA LEU B 53 126.35 -70.42 33.58
C LEU B 53 125.65 -69.32 32.87
N ALA B 54 126.37 -68.25 32.41
CA ALA B 54 125.73 -67.25 31.69
C ALA B 54 125.24 -67.63 30.32
N MET B 55 123.94 -67.22 29.93
CA MET B 55 123.40 -67.53 28.64
C MET B 55 123.52 -66.20 27.82
N SER B 56 124.43 -66.29 26.75
CA SER B 56 124.70 -65.20 25.84
C SER B 56 124.01 -65.55 24.57
N GLU B 57 123.22 -66.63 24.64
CA GLU B 57 122.56 -67.12 23.47
C GLU B 57 121.23 -66.37 23.60
N THR B 58 120.80 -66.08 24.83
CA THR B 58 119.50 -65.51 25.02
C THR B 58 119.58 -64.03 24.61
N LEU B 59 120.73 -63.31 24.82
CA LEU B 59 120.91 -62.00 24.30
C LEU B 59 122.07 -62.05 23.37
N SER B 60 121.84 -61.72 22.08
CA SER B 60 122.89 -61.68 21.12
C SER B 60 123.39 -60.28 20.97
N LYS B 61 124.63 -60.14 20.44
CA LYS B 61 125.29 -58.86 20.46
C LYS B 61 125.26 -58.29 19.05
N VAL B 62 124.41 -58.89 18.21
CA VAL B 62 124.02 -58.45 16.89
C VAL B 62 122.53 -58.27 16.76
N SER B 63 122.25 -56.97 16.59
CA SER B 63 120.91 -56.48 16.82
C SER B 63 120.55 -55.59 15.66
N LEU B 64 119.36 -55.85 15.12
CA LEU B 64 118.78 -55.09 14.01
C LEU B 64 118.29 -53.82 14.60
N LEU B 65 118.72 -52.74 13.98
CA LEU B 65 118.25 -51.43 14.27
C LEU B 65 116.92 -51.29 13.51
N THR B 66 116.94 -51.63 12.21
CA THR B 66 115.77 -51.66 11.41
C THR B 66 116.00 -53.01 10.67
N PRO B 67 115.07 -53.65 10.01
CA PRO B 67 115.25 -54.91 9.22
C PRO B 67 116.33 -54.97 8.21
N ASP B 68 116.88 -53.85 7.64
CA ASP B 68 117.84 -53.92 6.60
C ASP B 68 119.16 -53.47 7.14
N ILE B 69 119.27 -53.11 8.38
CA ILE B 69 120.45 -52.53 8.94
C ILE B 69 120.64 -53.19 10.31
N GLY B 70 121.71 -54.04 10.53
CA GLY B 70 122.10 -54.41 11.84
C GLY B 70 123.34 -53.66 12.25
N ALA B 71 123.66 -53.75 13.56
CA ALA B 71 124.79 -53.04 14.21
C ALA B 71 125.31 -53.98 15.27
N VAL B 72 126.58 -53.81 15.62
CA VAL B 72 127.31 -54.34 16.73
C VAL B 72 127.95 -53.21 17.48
N TYR B 73 128.78 -53.53 18.48
CA TYR B 73 129.48 -52.53 19.24
C TYR B 73 130.80 -53.15 19.64
N SER B 74 131.65 -52.31 20.18
CA SER B 74 132.77 -52.77 21.05
C SER B 74 132.77 -51.60 22.05
N GLY B 75 132.89 -52.02 23.35
CA GLY B 75 132.90 -51.08 24.43
C GLY B 75 131.89 -51.52 25.52
N MET B 76 131.43 -50.57 26.40
CA MET B 76 130.59 -50.82 27.55
C MET B 76 129.22 -51.43 27.15
N GLY B 77 128.80 -52.53 27.86
CA GLY B 77 127.56 -53.26 27.67
C GLY B 77 126.38 -52.40 27.98
N PRO B 78 126.21 -51.66 29.05
CA PRO B 78 124.94 -50.89 29.36
C PRO B 78 124.62 -49.74 28.36
N ASP B 79 125.74 -49.10 27.96
CA ASP B 79 125.74 -47.98 27.11
C ASP B 79 125.15 -48.27 25.66
N TYR B 80 125.43 -49.52 25.14
CA TYR B 80 124.90 -50.04 23.92
C TYR B 80 123.39 -50.12 23.88
N ARG B 81 122.66 -50.53 24.94
CA ARG B 81 121.28 -50.89 24.88
C ARG B 81 120.30 -49.75 24.64
N VAL B 82 120.41 -48.52 25.35
CA VAL B 82 119.69 -47.32 25.27
C VAL B 82 120.00 -46.72 23.95
N LEU B 83 121.27 -46.76 23.49
CA LEU B 83 121.68 -46.19 22.26
C LEU B 83 121.02 -46.81 21.04
N VAL B 84 120.86 -48.15 20.98
CA VAL B 84 120.08 -48.99 20.11
C VAL B 84 118.66 -48.66 20.16
N ASP B 85 118.11 -48.19 21.32
CA ASP B 85 116.68 -47.94 21.51
C ASP B 85 116.26 -46.73 20.76
N LYS B 86 117.17 -45.73 20.82
CA LYS B 86 116.98 -44.49 20.22
C LYS B 86 117.13 -44.63 18.73
N SER B 87 117.97 -45.65 18.22
CA SER B 87 118.14 -45.93 16.81
C SER B 87 116.88 -46.37 16.15
N ARG B 88 116.11 -47.26 16.79
CA ARG B 88 114.83 -47.81 16.28
C ARG B 88 113.80 -46.73 16.16
N LYS B 89 113.62 -45.84 17.18
CA LYS B 89 112.62 -44.70 17.24
C LYS B 89 112.84 -43.59 16.20
N VAL B 90 114.02 -43.02 16.03
CA VAL B 90 114.39 -41.95 15.19
C VAL B 90 114.28 -42.35 13.79
N ALA B 91 114.56 -43.67 13.45
CA ALA B 91 114.48 -44.21 12.16
C ALA B 91 113.11 -44.16 11.56
N HIS B 92 112.04 -44.50 12.39
CA HIS B 92 110.72 -44.40 11.87
C HIS B 92 110.23 -43.01 11.58
N THR B 93 110.54 -42.08 12.50
CA THR B 93 110.21 -40.72 12.47
C THR B 93 110.81 -40.06 11.29
N SER B 94 112.15 -40.29 11.09
CA SER B 94 112.97 -39.49 10.20
C SER B 94 112.80 -39.82 8.75
N TYR B 95 112.35 -41.12 8.39
CA TYR B 95 112.30 -41.49 7.07
C TYR B 95 111.19 -42.48 6.76
N LYS B 96 110.30 -42.97 7.68
CA LYS B 96 109.30 -43.95 7.42
C LYS B 96 108.00 -43.17 7.30
N ARG B 97 108.08 -41.84 6.97
CA ARG B 97 106.97 -41.03 6.69
C ARG B 97 107.38 -40.18 5.51
N ILE B 98 108.71 -40.17 5.19
CA ILE B 98 109.33 -39.39 4.11
C ILE B 98 109.49 -40.28 2.96
N TYR B 99 109.52 -41.61 3.16
CA TYR B 99 109.87 -42.53 2.16
C TYR B 99 109.05 -43.80 2.44
N GLY B 100 108.50 -43.89 3.68
CA GLY B 100 107.35 -44.76 4.00
C GLY B 100 107.76 -46.23 4.18
N GLU B 101 109.07 -46.43 4.23
CA GLU B 101 109.82 -47.67 4.34
C GLU B 101 111.03 -47.15 4.95
N TYR B 102 111.86 -48.03 5.50
CA TYR B 102 112.98 -47.81 6.41
C TYR B 102 114.12 -47.01 5.68
N PRO B 103 114.94 -46.28 6.40
CA PRO B 103 115.88 -45.38 5.86
C PRO B 103 116.96 -45.98 5.05
N PRO B 104 117.65 -45.21 4.27
CA PRO B 104 119.06 -45.39 3.84
C PRO B 104 120.03 -45.70 5.01
N THR B 105 121.13 -46.46 4.72
CA THR B 105 122.10 -46.72 5.80
C THR B 105 122.69 -45.31 6.20
N LYS B 106 123.10 -44.59 5.16
CA LYS B 106 123.82 -43.35 5.18
C LYS B 106 123.13 -42.35 6.08
N LEU B 107 121.79 -42.22 5.91
CA LEU B 107 121.04 -41.30 6.73
C LEU B 107 121.05 -41.46 8.26
N LEU B 108 120.91 -42.75 8.68
CA LEU B 108 120.78 -43.16 10.09
C LEU B 108 122.09 -42.92 10.72
N VAL B 109 123.27 -43.04 10.05
CA VAL B 109 124.55 -42.72 10.57
C VAL B 109 124.70 -41.25 10.91
N SER B 110 124.24 -40.28 10.01
CA SER B 110 124.30 -38.89 10.30
C SER B 110 123.47 -38.51 11.47
N GLU B 111 122.33 -39.22 11.77
CA GLU B 111 121.49 -39.00 12.93
C GLU B 111 122.13 -39.40 14.23
N VAL B 112 122.74 -40.58 14.28
CA VAL B 112 123.39 -41.24 15.40
C VAL B 112 124.48 -40.42 15.88
N ALA B 113 125.25 -39.81 14.89
CA ALA B 113 126.34 -38.99 15.12
C ALA B 113 126.08 -37.79 15.91
N LYS B 114 124.91 -37.14 15.70
CA LYS B 114 124.54 -35.94 16.42
C LYS B 114 124.38 -36.15 17.95
N ILE B 115 123.86 -37.33 18.28
CA ILE B 115 123.60 -37.83 19.69
C ILE B 115 124.91 -38.02 20.49
N MET B 116 126.00 -38.61 19.83
CA MET B 116 127.30 -38.91 20.35
C MET B 116 127.98 -37.62 20.55
N GLN B 117 127.77 -36.66 19.55
CA GLN B 117 128.39 -35.36 19.52
C GLN B 117 127.98 -34.50 20.72
N GLU B 118 126.67 -34.52 21.05
CA GLU B 118 126.01 -33.72 22.05
C GLU B 118 126.54 -34.13 23.37
N ALA B 119 127.09 -35.39 23.59
CA ALA B 119 127.63 -35.81 24.91
C ALA B 119 129.06 -35.50 25.01
N THR B 120 129.68 -34.87 24.03
CA THR B 120 131.12 -34.43 24.00
C THR B 120 131.10 -32.97 24.18
N GLN B 121 129.85 -32.36 24.12
CA GLN B 121 129.74 -30.90 24.00
C GLN B 121 129.95 -30.17 25.31
N SER B 122 129.18 -30.58 26.35
CA SER B 122 129.10 -29.85 27.61
C SER B 122 129.52 -30.79 28.76
N GLY B 123 130.03 -30.12 29.83
CA GLY B 123 130.21 -30.62 31.20
C GLY B 123 128.90 -31.05 31.85
N GLY B 124 129.07 -32.10 32.69
CA GLY B 124 128.02 -32.74 33.38
C GLY B 124 127.31 -33.72 32.59
N VAL B 125 128.03 -34.21 31.55
CA VAL B 125 127.68 -35.26 30.63
C VAL B 125 129.00 -35.94 30.23
N ARG B 126 128.84 -37.22 29.99
CA ARG B 126 129.96 -38.04 29.62
C ARG B 126 129.65 -38.57 28.24
N PRO B 127 130.68 -38.76 27.35
CA PRO B 127 130.65 -39.68 26.18
C PRO B 127 130.04 -41.00 26.41
N PHE B 128 129.55 -41.66 25.34
CA PHE B 128 129.06 -43.03 25.36
C PHE B 128 130.31 -43.95 25.43
N GLY B 129 130.22 -45.18 25.98
CA GLY B 129 131.34 -46.08 26.17
C GLY B 129 131.70 -46.90 24.92
N VAL B 130 131.02 -46.67 23.76
CA VAL B 130 131.16 -47.61 22.66
C VAL B 130 131.52 -46.86 21.46
N SER B 131 132.08 -47.65 20.48
CA SER B 131 132.08 -47.28 19.08
C SER B 131 131.30 -48.34 18.48
N LEU B 132 130.45 -47.97 17.56
CA LEU B 132 129.52 -48.92 16.97
C LEU B 132 130.08 -49.25 15.64
N LEU B 133 129.57 -50.29 14.95
CA LEU B 133 129.72 -50.47 13.47
C LEU B 133 128.30 -50.59 13.09
N ILE B 134 127.92 -49.90 11.98
CA ILE B 134 126.58 -49.96 11.36
C ILE B 134 126.81 -50.32 9.94
N ALA B 135 126.17 -51.43 9.65
CA ALA B 135 126.23 -51.98 8.34
C ALA B 135 124.86 -52.11 7.91
N GLY B 136 124.69 -51.84 6.58
CA GLY B 136 123.41 -52.01 6.03
C GLY B 136 123.35 -52.04 4.55
N HIS B 137 122.14 -52.05 3.95
CA HIS B 137 122.05 -52.17 2.54
C HIS B 137 120.85 -51.37 2.20
N ASP B 138 121.04 -50.51 1.13
CA ASP B 138 120.00 -49.68 0.49
C ASP B 138 120.41 -49.71 -0.97
N GLU B 139 119.59 -49.16 -1.88
CA GLU B 139 119.64 -49.33 -3.25
C GLU B 139 120.17 -48.00 -3.87
N PHE B 140 120.39 -46.98 -3.01
CA PHE B 140 120.74 -45.64 -3.41
C PHE B 140 122.13 -45.31 -3.36
N ASN B 141 122.95 -46.18 -2.75
CA ASN B 141 124.37 -46.05 -2.47
C ASN B 141 124.82 -47.48 -2.31
N GLY B 142 123.99 -48.49 -2.43
CA GLY B 142 124.36 -49.88 -2.41
C GLY B 142 124.72 -50.30 -1.04
N PHE B 143 125.49 -51.37 -0.95
CA PHE B 143 126.10 -51.87 0.26
C PHE B 143 127.02 -50.79 0.79
N SER B 144 127.10 -50.70 2.13
CA SER B 144 127.89 -49.74 2.90
C SER B 144 128.21 -50.42 4.21
N LEU B 145 129.25 -49.85 4.96
CA LEU B 145 129.74 -50.19 6.27
C LEU B 145 130.21 -48.86 6.86
N TYR B 146 130.17 -48.67 8.19
CA TYR B 146 130.54 -47.47 8.83
C TYR B 146 130.97 -47.82 10.18
N GLN B 147 131.73 -46.85 10.74
CA GLN B 147 132.21 -46.90 12.12
C GLN B 147 131.74 -45.55 12.64
N VAL B 148 131.14 -45.57 13.84
CA VAL B 148 130.53 -44.45 14.43
C VAL B 148 131.14 -44.35 15.83
N ASP B 149 131.90 -43.23 15.94
CA ASP B 149 132.84 -42.93 17.04
C ASP B 149 132.04 -42.08 18.12
N PRO B 150 132.42 -42.12 19.44
CA PRO B 150 131.54 -41.55 20.47
C PRO B 150 132.05 -40.12 20.69
N SER B 151 132.88 -39.59 19.76
CA SER B 151 133.46 -38.31 19.72
C SER B 151 132.44 -37.45 19.09
N GLY B 152 131.68 -38.04 18.12
CA GLY B 152 130.59 -37.38 17.36
C GLY B 152 130.93 -37.26 15.95
N SER B 153 131.88 -38.05 15.53
CA SER B 153 132.31 -38.17 14.13
C SER B 153 132.11 -39.61 13.69
N TYR B 154 131.96 -39.78 12.38
CA TYR B 154 131.64 -41.11 11.83
C TYR B 154 132.53 -41.20 10.57
N PHE B 155 132.92 -42.40 10.11
CA PHE B 155 133.76 -42.58 8.96
C PHE B 155 133.21 -43.81 8.16
N PRO B 156 133.03 -43.79 6.90
CA PRO B 156 132.70 -44.99 6.15
C PRO B 156 134.02 -45.72 5.87
N TRP B 157 133.92 -47.05 5.80
CA TRP B 157 135.06 -47.93 5.61
C TRP B 157 134.67 -49.11 4.71
N LYS B 158 135.76 -49.77 4.18
CA LYS B 158 135.56 -50.97 3.41
C LYS B 158 135.65 -52.18 4.33
N ALA B 159 136.70 -52.18 5.19
CA ALA B 159 136.65 -53.10 6.30
C ALA B 159 137.44 -52.43 7.39
N THR B 160 137.02 -52.67 8.64
CA THR B 160 137.68 -52.05 9.75
C THR B 160 137.26 -52.95 10.82
N ALA B 161 137.93 -52.72 11.91
CA ALA B 161 137.65 -53.37 13.19
C ALA B 161 138.03 -52.51 14.39
N ILE B 162 137.49 -52.92 15.55
CA ILE B 162 137.51 -52.13 16.76
C ILE B 162 137.44 -53.20 17.77
N GLY B 163 137.83 -52.83 19.02
CA GLY B 163 137.72 -53.69 20.21
C GLY B 163 139.08 -53.90 20.78
N LYS B 164 139.28 -55.09 21.49
CA LYS B 164 140.47 -55.40 22.23
C LYS B 164 141.58 -55.83 21.31
N GLY B 165 141.19 -56.57 20.27
CA GLY B 165 142.04 -57.12 19.24
C GLY B 165 142.15 -56.37 17.95
N SER B 166 141.66 -55.08 17.99
CA SER B 166 141.61 -54.21 16.79
C SER B 166 142.89 -54.06 15.93
N VAL B 167 144.05 -53.84 16.59
CA VAL B 167 145.36 -53.51 16.11
C VAL B 167 145.94 -54.75 15.35
N ALA B 168 145.66 -56.00 15.88
CA ALA B 168 145.97 -57.25 15.22
C ALA B 168 145.06 -57.47 14.00
N ALA B 169 143.69 -57.26 14.12
CA ALA B 169 142.69 -57.43 13.09
C ALA B 169 142.92 -56.57 11.94
N LYS B 170 143.30 -55.33 12.13
CA LYS B 170 143.50 -54.33 11.02
C LYS B 170 144.57 -54.69 10.02
N THR B 171 145.79 -55.15 10.42
CA THR B 171 146.82 -55.57 9.49
C THR B 171 146.46 -56.84 8.73
N PHE B 172 145.73 -57.75 9.47
CA PHE B 172 145.20 -58.93 8.91
C PHE B 172 144.24 -58.62 7.82
N LEU B 173 143.30 -57.67 7.99
CA LEU B 173 142.32 -57.44 6.98
C LEU B 173 142.92 -56.87 5.70
N GLU B 174 144.03 -56.08 5.85
CA GLU B 174 144.73 -55.37 4.75
C GLU B 174 145.23 -56.36 3.71
N LYS B 175 145.94 -57.39 4.24
CA LYS B 175 146.47 -58.58 3.48
C LYS B 175 145.42 -59.34 2.84
N ARG B 176 144.35 -59.74 3.49
CA ARG B 176 143.46 -60.76 2.90
C ARG B 176 142.42 -60.07 2.05
N TRP B 177 142.14 -58.77 2.17
CA TRP B 177 141.10 -58.01 1.42
C TRP B 177 141.61 -57.99 -0.05
N ASN B 178 140.62 -58.14 -0.99
CA ASN B 178 140.79 -57.99 -2.44
C ASN B 178 139.62 -57.08 -2.88
N ASP B 179 139.75 -56.69 -4.17
CA ASP B 179 138.99 -55.73 -4.97
C ASP B 179 137.64 -56.36 -5.18
N GLU B 180 137.52 -57.73 -5.46
CA GLU B 180 136.21 -58.40 -5.58
C GLU B 180 136.34 -59.51 -4.63
N LEU B 181 135.40 -59.63 -3.76
CA LEU B 181 135.26 -60.73 -2.80
C LEU B 181 133.82 -61.09 -3.00
N GLU B 182 133.51 -62.29 -2.60
CA GLU B 182 132.17 -62.82 -2.53
C GLU B 182 131.76 -62.66 -1.07
N LEU B 183 130.47 -62.87 -0.84
CA LEU B 183 129.94 -62.89 0.53
C LEU B 183 130.46 -64.03 1.37
N GLU B 184 130.51 -65.23 0.74
CA GLU B 184 131.08 -66.42 1.27
C GLU B 184 132.52 -66.28 1.57
N ASP B 185 133.25 -65.63 0.65
CA ASP B 185 134.71 -65.37 0.80
C ASP B 185 134.87 -64.47 1.95
N ALA B 186 134.05 -63.35 2.09
CA ALA B 186 134.22 -62.39 3.20
C ALA B 186 133.92 -63.03 4.52
N ILE B 187 133.05 -64.06 4.66
CA ILE B 187 132.74 -64.82 5.88
C ILE B 187 133.93 -65.63 6.20
N HIS B 188 134.67 -66.13 5.16
CA HIS B 188 135.80 -66.96 5.42
C HIS B 188 136.93 -66.15 5.90
N ILE B 189 137.13 -64.90 5.48
CA ILE B 189 138.12 -63.91 6.11
C ILE B 189 137.69 -63.60 7.54
N ALA B 190 136.41 -63.36 7.82
CA ALA B 190 135.87 -62.78 9.06
C ALA B 190 136.17 -63.73 10.25
N LEU B 191 136.02 -65.09 10.12
CA LEU B 191 136.25 -66.11 11.10
C LEU B 191 137.66 -66.20 11.52
N LEU B 192 138.63 -66.09 10.60
CA LEU B 192 140.07 -66.17 10.82
C LEU B 192 140.60 -65.00 11.60
N THR B 193 140.14 -63.83 11.21
CA THR B 193 140.51 -62.59 11.90
C THR B 193 140.09 -62.53 13.40
N LEU B 194 138.87 -62.99 13.62
CA LEU B 194 138.34 -62.96 15.00
C LEU B 194 138.92 -64.07 15.79
N LYS B 195 139.42 -65.14 15.18
CA LYS B 195 139.98 -66.28 15.86
C LYS B 195 141.34 -65.95 16.36
N GLU B 196 142.06 -64.91 15.82
CA GLU B 196 143.32 -64.51 16.30
C GLU B 196 143.17 -63.99 17.68
N SER B 197 142.04 -63.29 17.91
CA SER B 197 141.69 -62.70 19.17
C SER B 197 141.46 -63.65 20.23
N VAL B 198 140.55 -64.69 19.92
CA VAL B 198 140.18 -65.69 20.99
C VAL B 198 140.38 -67.04 20.36
N GLU B 199 141.06 -67.93 21.08
CA GLU B 199 141.29 -69.21 20.60
C GLU B 199 141.22 -70.11 21.89
N GLY B 200 140.66 -71.33 21.72
CA GLY B 200 140.49 -72.23 22.88
C GLY B 200 139.02 -72.15 23.33
N GLU B 201 138.11 -71.55 22.51
CA GLU B 201 136.78 -71.46 22.87
C GLU B 201 136.05 -71.25 21.50
N PHE B 202 136.80 -71.15 20.33
CA PHE B 202 136.16 -70.68 19.14
C PHE B 202 135.23 -71.78 18.78
N ASN B 203 133.87 -71.52 18.63
CA ASN B 203 132.86 -72.39 18.07
C ASN B 203 131.75 -71.45 17.77
N GLY B 204 130.73 -71.87 16.97
CA GLY B 204 129.62 -70.90 16.61
C GLY B 204 128.58 -70.71 17.68
N ASP B 205 128.78 -71.37 18.83
CA ASP B 205 127.96 -71.18 20.02
C ASP B 205 128.40 -69.87 20.66
N THR B 206 129.72 -69.54 20.54
CA THR B 206 130.38 -68.48 21.33
C THR B 206 130.72 -67.38 20.42
N ILE B 207 130.68 -67.65 19.13
CA ILE B 207 130.94 -66.66 18.11
C ILE B 207 129.74 -66.56 17.32
N GLU B 208 129.33 -65.29 17.12
CA GLU B 208 128.15 -64.93 16.41
C GLU B 208 128.64 -64.18 15.19
N LEU B 209 128.11 -64.59 14.02
CA LEU B 209 128.52 -64.11 12.69
C LEU B 209 127.21 -64.12 11.90
N ALA B 210 126.95 -63.06 11.11
CA ALA B 210 125.71 -62.89 10.43
C ALA B 210 125.98 -61.99 9.24
N ILE B 211 125.03 -61.77 8.33
CA ILE B 211 125.29 -61.20 7.03
C ILE B 211 124.15 -60.24 6.73
N ILE B 212 124.48 -59.31 5.85
CA ILE B 212 123.59 -58.44 5.15
C ILE B 212 123.91 -58.66 3.71
N GLY B 213 122.95 -59.22 2.91
CA GLY B 213 123.15 -59.70 1.57
C GLY B 213 121.94 -59.27 0.82
N ASP B 214 121.05 -60.28 0.55
CA ASP B 214 119.84 -60.10 -0.20
C ASP B 214 118.64 -60.35 0.75
N GLU B 215 117.46 -59.90 0.26
CA GLU B 215 116.15 -60.08 0.91
C GLU B 215 115.83 -61.47 1.33
N ASN B 216 114.98 -61.59 2.37
CA ASN B 216 114.52 -62.83 2.93
C ASN B 216 113.04 -62.58 3.04
N PRO B 217 112.19 -63.20 2.27
CA PRO B 217 110.76 -62.92 2.36
C PRO B 217 110.25 -63.77 3.46
N ASP B 218 111.16 -64.71 3.99
CA ASP B 218 111.00 -65.65 4.99
C ASP B 218 111.14 -65.00 6.36
N LEU B 219 111.71 -63.76 6.37
CA LEU B 219 111.90 -63.04 7.63
C LEU B 219 111.13 -61.80 7.55
N LEU B 220 110.39 -61.71 6.43
CA LEU B 220 109.51 -60.67 6.14
C LEU B 220 108.17 -61.00 6.74
N GLY B 221 107.74 -62.25 6.63
CA GLY B 221 106.49 -62.58 7.28
C GLY B 221 105.29 -62.40 6.33
N TYR B 222 105.58 -62.12 5.02
CA TYR B 222 104.56 -62.07 4.08
C TYR B 222 105.15 -62.20 2.77
N THR B 223 104.25 -62.61 1.77
CA THR B 223 104.61 -62.86 0.39
C THR B 223 103.33 -62.65 -0.38
N GLY B 224 103.45 -62.37 -1.68
CA GLY B 224 102.27 -62.29 -2.53
C GLY B 224 102.28 -60.95 -3.08
N ILE B 225 103.41 -60.16 -2.88
CA ILE B 225 103.44 -58.78 -3.40
C ILE B 225 104.68 -58.81 -4.38
N PRO B 226 104.51 -58.29 -5.66
CA PRO B 226 105.53 -58.29 -6.67
C PRO B 226 106.69 -57.34 -6.42
N THR B 227 106.69 -56.50 -5.30
CA THR B 227 107.60 -55.43 -5.09
C THR B 227 108.22 -55.53 -3.73
N ASP B 228 107.82 -56.55 -2.93
CA ASP B 228 108.21 -56.67 -1.58
C ASP B 228 109.68 -56.92 -1.45
N LYS B 229 110.33 -56.41 -0.41
CA LYS B 229 111.76 -56.57 -0.22
C LYS B 229 111.75 -56.98 1.21
N GLY B 230 112.22 -58.21 1.55
CA GLY B 230 112.32 -58.62 2.90
C GLY B 230 113.62 -58.26 3.48
N PRO B 231 113.86 -58.44 4.78
CA PRO B 231 115.03 -58.03 5.54
C PRO B 231 116.34 -58.41 4.82
N ARG B 232 117.16 -57.42 4.47
CA ARG B 232 118.43 -57.54 3.95
C ARG B 232 119.28 -58.19 5.01
N PHE B 233 119.00 -57.80 6.35
CA PHE B 233 119.62 -58.45 7.49
C PHE B 233 119.19 -59.90 7.53
N ARG B 234 120.11 -60.81 7.96
CA ARG B 234 119.87 -62.24 8.11
C ARG B 234 120.82 -62.68 9.16
N LYS B 235 120.26 -63.55 10.13
CA LYS B 235 121.01 -64.25 11.14
C LYS B 235 121.26 -65.62 10.72
N LEU B 236 122.54 -66.02 10.80
CA LEU B 236 122.90 -67.46 10.68
C LEU B 236 122.72 -68.04 12.09
N THR B 237 122.35 -69.29 12.26
CA THR B 237 122.17 -70.02 13.48
C THR B 237 123.55 -70.52 13.85
N SER B 238 123.57 -71.17 15.03
CA SER B 238 124.75 -71.81 15.51
C SER B 238 125.28 -72.86 14.61
N GLN B 239 124.37 -73.66 13.96
CA GLN B 239 124.68 -74.74 13.06
C GLN B 239 125.30 -74.25 11.75
N GLU B 240 124.81 -73.06 11.28
CA GLU B 240 125.32 -72.56 9.95
C GLU B 240 126.68 -72.06 9.98
N ILE B 241 127.09 -71.39 11.09
CA ILE B 241 128.40 -70.87 11.45
C ILE B 241 129.36 -71.98 11.48
N ASN B 242 128.95 -73.17 12.14
CA ASN B 242 129.81 -74.35 12.16
C ASN B 242 130.15 -74.84 10.71
N ASP B 243 129.17 -74.79 9.76
CA ASP B 243 129.41 -75.26 8.38
C ASP B 243 130.53 -74.38 7.75
N ARG B 244 130.56 -73.08 7.92
CA ARG B 244 131.58 -72.13 7.49
C ARG B 244 132.86 -72.28 8.24
N LEU B 245 132.90 -72.80 9.48
CA LEU B 245 133.98 -72.78 10.42
C LEU B 245 134.88 -74.01 10.26
N GLU B 246 134.25 -75.01 9.68
CA GLU B 246 134.80 -76.24 9.09
C GLU B 246 135.45 -75.92 7.73
N ALA B 247 134.97 -74.91 7.02
CA ALA B 247 135.35 -74.77 5.67
C ALA B 247 136.78 -74.24 5.58
N LEU B 248 137.30 -73.56 6.68
CA LEU B 248 138.59 -72.97 6.84
C LEU B 248 139.66 -74.13 6.66
N ARG C 1 144.49 -21.13 37.38
CA ARG C 1 144.12 -21.32 35.96
C ARG C 1 142.75 -20.86 35.68
N TYR C 2 142.35 -20.57 34.41
CA TYR C 2 141.03 -20.19 33.96
C TYR C 2 140.63 -21.39 33.08
N ASP C 3 139.61 -22.20 33.47
CA ASP C 3 139.34 -23.40 32.71
C ASP C 3 137.98 -23.93 33.08
N SER C 4 137.46 -23.49 34.18
CA SER C 4 136.26 -23.90 34.80
C SER C 4 134.94 -23.58 34.04
N ARG C 5 134.77 -22.34 33.54
CA ARG C 5 133.61 -21.92 32.78
C ARG C 5 134.19 -20.97 31.79
N THR C 6 133.41 -20.57 30.77
CA THR C 6 133.87 -19.63 29.69
C THR C 6 133.36 -18.22 30.12
N THR C 7 132.83 -18.11 31.33
CA THR C 7 132.27 -16.87 31.87
C THR C 7 133.40 -16.08 32.53
N ILE C 8 134.71 -16.32 32.21
CA ILE C 8 135.89 -15.74 32.92
C ILE C 8 136.77 -15.25 31.86
N PHE C 9 137.85 -14.56 32.32
CA PHE C 9 138.82 -13.95 31.40
C PHE C 9 140.17 -14.16 31.98
N SER C 10 141.14 -14.50 31.13
CA SER C 10 142.53 -14.48 31.40
C SER C 10 143.12 -13.02 31.36
N PRO C 11 144.36 -12.82 31.84
CA PRO C 11 144.92 -11.45 31.90
C PRO C 11 145.32 -10.82 30.56
N GLU C 12 145.17 -11.53 29.41
CA GLU C 12 145.32 -10.94 28.04
C GLU C 12 143.98 -10.30 27.60
N GLY C 13 142.90 -10.59 28.29
CA GLY C 13 141.59 -9.98 28.13
C GLY C 13 140.81 -10.65 27.12
N ARG C 14 141.30 -11.85 26.71
CA ARG C 14 140.81 -12.92 25.91
C ARG C 14 140.51 -14.05 26.85
N LEU C 15 140.44 -15.32 26.38
CA LEU C 15 140.31 -16.48 27.25
C LEU C 15 141.18 -17.58 26.71
N TYR C 16 141.70 -18.38 27.62
CA TYR C 16 142.62 -19.43 27.39
C TYR C 16 142.03 -20.52 26.53
N GLN C 17 140.66 -20.66 26.62
CA GLN C 17 139.74 -21.49 25.98
C GLN C 17 139.74 -21.28 24.52
N VAL C 18 139.80 -19.93 24.15
CA VAL C 18 139.87 -19.50 22.76
C VAL C 18 141.23 -20.04 22.28
N GLU C 19 142.37 -19.94 23.08
CA GLU C 19 143.66 -20.38 22.61
C GLU C 19 143.67 -21.86 22.35
N TYR C 20 143.05 -22.60 23.24
CA TYR C 20 142.93 -24.07 23.10
C TYR C 20 142.17 -24.41 21.81
N ALA C 21 141.13 -23.70 21.37
CA ALA C 21 140.40 -23.98 20.14
C ALA C 21 141.23 -23.65 18.96
N LEU C 22 142.13 -22.70 19.13
CA LEU C 22 142.96 -22.30 18.03
C LEU C 22 143.87 -23.42 17.56
N GLU C 23 144.48 -24.06 18.58
CA GLU C 23 145.47 -25.12 18.51
C GLU C 23 144.80 -26.38 17.90
N SER C 24 143.49 -26.61 18.15
CA SER C 24 142.77 -27.74 17.58
C SER C 24 142.85 -27.81 16.05
N ILE C 25 143.06 -26.66 15.39
CA ILE C 25 143.09 -26.55 13.94
C ILE C 25 144.38 -27.07 13.47
N SER C 26 145.47 -26.84 14.32
CA SER C 26 146.81 -27.05 13.81
C SER C 26 147.25 -28.44 14.10
N HIS C 27 146.27 -29.35 14.43
CA HIS C 27 146.52 -30.81 14.44
C HIS C 27 145.52 -31.52 13.49
N ALA C 28 144.80 -30.75 12.71
CA ALA C 28 143.92 -31.37 11.72
C ALA C 28 144.62 -31.18 10.40
N GLY C 29 143.89 -31.46 9.26
CA GLY C 29 144.36 -31.31 7.90
C GLY C 29 144.51 -29.85 7.50
N THR C 30 145.05 -29.65 6.27
CA THR C 30 145.33 -28.31 5.77
C THR C 30 144.17 -27.92 4.75
N ALA C 31 143.80 -26.58 4.70
CA ALA C 31 142.66 -26.24 3.88
C ALA C 31 142.95 -24.95 3.22
N ILE C 32 142.60 -24.82 1.91
CA ILE C 32 142.96 -23.73 1.07
C ILE C 32 141.88 -23.43 0.17
N GLY C 33 141.44 -22.18 0.16
CA GLY C 33 140.51 -21.68 -0.82
C GLY C 33 141.12 -20.50 -1.43
N ILE C 34 141.22 -20.58 -2.81
CA ILE C 34 141.80 -19.48 -3.62
C ILE C 34 140.75 -19.01 -4.51
N MET C 35 140.42 -17.76 -4.48
CA MET C 35 139.46 -17.08 -5.27
C MET C 35 140.06 -16.51 -6.51
N ALA C 36 139.36 -16.55 -7.65
CA ALA C 36 139.73 -15.92 -8.85
C ALA C 36 138.52 -15.35 -9.36
N SER C 37 138.57 -14.37 -10.40
CA SER C 37 137.43 -13.79 -11.04
C SER C 37 136.57 -14.72 -11.86
N ASP C 38 137.13 -15.94 -12.07
CA ASP C 38 136.60 -16.84 -13.02
C ASP C 38 136.14 -18.12 -12.39
N GLY C 39 136.26 -18.15 -11.01
CA GLY C 39 135.78 -19.25 -10.19
C GLY C 39 136.57 -19.32 -8.94
N ILE C 40 136.04 -19.96 -7.90
CA ILE C 40 136.71 -20.09 -6.64
C ILE C 40 136.94 -21.57 -6.53
N VAL C 41 138.15 -22.03 -6.14
CA VAL C 41 138.42 -23.41 -5.77
C VAL C 41 138.37 -23.64 -4.25
N LEU C 42 137.85 -24.74 -3.65
CA LEU C 42 137.94 -25.16 -2.24
C LEU C 42 138.72 -26.51 -2.26
N ALA C 43 139.58 -26.64 -1.26
CA ALA C 43 140.44 -27.81 -1.26
C ALA C 43 140.56 -28.15 0.25
N ALA C 44 140.55 -29.53 0.51
CA ALA C 44 140.93 -30.00 1.83
C ALA C 44 141.72 -31.24 1.72
N GLU C 45 142.39 -31.58 2.82
CA GLU C 45 143.35 -32.66 2.92
C GLU C 45 142.73 -33.54 3.97
N ARG C 46 142.88 -34.91 3.80
CA ARG C 46 142.42 -35.91 4.65
C ARG C 46 143.43 -36.17 5.71
N LYS C 47 142.96 -36.34 6.95
CA LYS C 47 143.74 -36.50 8.14
C LYS C 47 143.70 -37.84 8.67
N VAL C 48 143.06 -38.78 7.93
CA VAL C 48 143.15 -40.22 8.14
C VAL C 48 143.15 -40.83 6.79
N THR C 49 143.73 -42.05 6.69
CA THR C 49 143.79 -42.68 5.42
C THR C 49 144.14 -44.10 5.64
N SER C 50 143.54 -44.91 4.83
CA SER C 50 143.94 -46.31 4.77
C SER C 50 143.50 -46.76 3.36
N THR C 51 143.75 -48.06 3.05
CA THR C 51 143.49 -48.56 1.74
C THR C 51 142.20 -49.36 1.75
N LEU C 52 141.71 -49.57 3.04
CA LEU C 52 140.44 -50.23 3.46
C LEU C 52 139.60 -49.07 4.06
N LEU C 53 140.07 -47.83 3.87
CA LEU C 53 139.23 -46.65 4.19
C LEU C 53 138.50 -46.34 2.90
N GLU C 54 137.17 -46.02 3.01
CA GLU C 54 136.33 -45.66 1.87
C GLU C 54 136.57 -44.14 1.84
N GLN C 55 137.01 -43.66 0.72
CA GLN C 55 137.33 -42.27 0.60
C GLN C 55 137.35 -41.98 -0.83
N ASP C 56 136.92 -42.92 -1.72
CA ASP C 56 136.92 -42.86 -3.15
C ASP C 56 135.54 -42.76 -3.68
N THR C 57 134.54 -42.90 -2.80
CA THR C 57 133.14 -42.85 -3.12
C THR C 57 132.44 -41.94 -2.25
N SER C 58 133.19 -41.04 -1.54
CA SER C 58 132.77 -40.16 -0.49
C SER C 58 133.73 -39.00 -0.32
N THR C 59 133.30 -37.93 0.43
CA THR C 59 134.02 -36.85 0.97
C THR C 59 133.42 -36.61 2.38
N GLU C 60 134.05 -35.73 3.15
CA GLU C 60 133.83 -35.66 4.59
C GLU C 60 134.16 -34.26 5.17
N LYS C 61 134.78 -33.41 4.32
CA LYS C 61 135.42 -32.15 4.73
C LYS C 61 134.99 -31.27 3.60
N LEU C 62 133.93 -31.65 2.84
CA LEU C 62 133.41 -30.85 1.81
C LEU C 62 131.91 -31.04 1.82
N TYR C 63 131.14 -29.96 2.06
CA TYR C 63 129.66 -29.98 2.06
C TYR C 63 129.29 -28.75 1.26
N LYS C 64 128.29 -28.86 0.35
CA LYS C 64 127.51 -27.86 -0.23
C LYS C 64 126.30 -27.57 0.71
N LEU C 65 126.03 -26.30 1.09
CA LEU C 65 124.99 -25.88 2.04
C LEU C 65 123.86 -25.35 1.25
N ASN C 66 124.06 -25.13 -0.06
CA ASN C 66 123.01 -24.69 -0.98
C ASN C 66 123.78 -24.79 -2.24
N ASP C 67 123.12 -24.64 -3.43
CA ASP C 67 123.70 -24.98 -4.71
C ASP C 67 124.46 -23.87 -5.29
N LYS C 68 124.91 -22.91 -4.49
CA LYS C 68 125.62 -21.77 -4.92
C LYS C 68 126.78 -21.44 -3.99
N ILE C 69 126.79 -22.09 -2.80
CA ILE C 69 127.76 -21.85 -1.73
C ILE C 69 128.18 -23.28 -1.20
N ALA C 70 129.54 -23.36 -0.88
CA ALA C 70 130.19 -24.62 -0.46
C ALA C 70 131.14 -24.18 0.60
N VAL C 71 131.47 -25.17 1.45
CA VAL C 71 132.46 -25.08 2.55
C VAL C 71 133.37 -26.27 2.60
N ALA C 72 134.64 -25.98 3.10
CA ALA C 72 135.73 -26.78 3.50
C ALA C 72 135.82 -26.68 4.97
N VAL C 73 136.45 -27.78 5.59
CA VAL C 73 136.58 -27.97 7.00
C VAL C 73 138.13 -28.15 7.31
N ALA C 74 138.58 -27.54 8.39
CA ALA C 74 139.78 -27.78 9.14
C ALA C 74 139.42 -27.60 10.66
N GLY C 75 139.84 -28.63 11.49
CA GLY C 75 139.56 -28.75 12.89
C GLY C 75 139.23 -30.11 13.22
N LEU C 76 138.66 -30.42 14.35
CA LEU C 76 138.14 -31.72 14.62
C LEU C 76 136.88 -31.85 13.77
N THR C 77 136.54 -33.08 13.37
CA THR C 77 135.40 -33.38 12.58
C THR C 77 134.18 -33.54 13.43
N ALA C 78 134.33 -33.82 14.78
CA ALA C 78 133.25 -34.08 15.68
C ALA C 78 132.51 -32.84 15.96
N ASP C 79 133.26 -31.71 16.13
CA ASP C 79 132.81 -30.35 16.27
C ASP C 79 132.04 -29.87 15.06
N ALA C 80 132.42 -30.29 13.84
CA ALA C 80 132.00 -29.74 12.54
C ALA C 80 130.54 -29.95 12.21
N GLU C 81 130.11 -31.23 12.44
CA GLU C 81 128.84 -31.78 11.97
C GLU C 81 127.60 -30.88 12.34
N ILE C 82 127.49 -30.40 13.63
CA ILE C 82 126.45 -29.68 14.23
C ILE C 82 126.22 -28.38 13.61
N LEU C 83 127.36 -27.63 13.35
CA LEU C 83 127.32 -26.24 12.83
C LEU C 83 127.06 -26.09 11.34
N ILE C 84 127.41 -27.11 10.48
CA ILE C 84 127.13 -27.30 9.09
C ILE C 84 125.76 -27.43 8.83
N ASN C 85 125.08 -28.21 9.71
CA ASN C 85 123.69 -28.55 9.58
C ASN C 85 122.89 -27.27 9.84
N THR C 86 123.28 -26.41 10.78
CA THR C 86 122.66 -25.17 11.18
C THR C 86 122.86 -24.13 10.09
N ALA C 87 123.98 -24.00 9.38
CA ALA C 87 124.26 -23.04 8.36
C ALA C 87 123.37 -23.36 7.24
N ARG C 88 123.25 -24.69 6.92
CA ARG C 88 122.43 -25.12 5.78
C ARG C 88 120.95 -24.83 6.00
N ILE C 89 120.45 -24.97 7.28
CA ILE C 89 119.09 -24.68 7.73
C ILE C 89 118.80 -23.18 7.62
N HIS C 90 119.80 -22.35 8.01
CA HIS C 90 119.72 -20.92 7.89
C HIS C 90 119.60 -20.54 6.41
N ALA C 91 120.29 -21.17 5.44
CA ALA C 91 120.26 -20.91 4.01
C ALA C 91 118.82 -21.16 3.53
N GLN C 92 118.12 -22.21 3.99
CA GLN C 92 116.91 -22.60 3.39
C GLN C 92 115.79 -21.77 4.07
N ASN C 93 116.14 -21.11 5.15
CA ASN C 93 115.20 -20.19 5.71
C ASN C 93 115.15 -18.95 4.80
N TYR C 94 116.36 -18.50 4.37
CA TYR C 94 116.62 -17.35 3.52
C TYR C 94 115.86 -17.48 2.21
N LEU C 95 115.91 -18.75 1.61
CA LEU C 95 115.30 -19.15 0.41
C LEU C 95 113.83 -19.16 0.53
N LYS C 96 113.29 -19.61 1.72
CA LYS C 96 111.89 -19.70 1.98
C LYS C 96 111.28 -18.32 2.10
N THR C 97 111.96 -17.37 2.81
CA THR C 97 111.60 -16.05 3.35
C THR C 97 111.67 -14.95 2.31
N TYR C 98 112.75 -14.85 1.53
CA TYR C 98 113.11 -13.70 0.76
C TYR C 98 112.94 -14.13 -0.70
N ASN C 99 112.70 -15.43 -1.02
CA ASN C 99 112.74 -16.01 -2.38
C ASN C 99 114.04 -15.75 -3.10
N GLU C 100 115.19 -15.96 -2.41
CA GLU C 100 116.46 -15.90 -3.06
C GLU C 100 117.49 -16.46 -2.14
N ASP C 101 118.72 -16.65 -2.69
CA ASP C 101 119.85 -17.28 -1.99
C ASP C 101 120.48 -16.30 -1.09
N ILE C 102 121.02 -16.85 0.06
CA ILE C 102 121.57 -15.95 1.10
C ILE C 102 122.82 -15.15 0.68
N PRO C 103 123.19 -13.97 1.09
CA PRO C 103 124.54 -13.39 0.87
C PRO C 103 125.52 -14.17 1.76
N VAL C 104 126.76 -14.19 1.28
CA VAL C 104 127.90 -14.75 1.92
C VAL C 104 128.22 -14.15 3.27
N GLU C 105 128.15 -12.80 3.33
CA GLU C 105 128.43 -12.00 4.54
C GLU C 105 127.50 -12.29 5.72
N ILE C 106 126.18 -12.43 5.50
CA ILE C 106 125.29 -12.80 6.55
C ILE C 106 125.48 -14.22 7.08
N LEU C 107 125.67 -15.20 6.14
CA LEU C 107 125.54 -16.62 6.43
C LEU C 107 126.62 -17.00 7.40
N VAL C 108 127.82 -16.37 7.11
CA VAL C 108 129.06 -16.43 7.87
C VAL C 108 128.92 -15.65 9.17
N ARG C 109 128.30 -14.47 9.09
CA ARG C 109 128.09 -13.60 10.18
C ARG C 109 127.27 -14.23 11.29
N ARG C 110 126.25 -15.00 10.97
CA ARG C 110 125.32 -15.73 11.85
C ARG C 110 126.04 -16.72 12.60
N LEU C 111 126.87 -17.49 11.89
CA LEU C 111 127.57 -18.63 12.29
C LEU C 111 128.61 -18.20 13.32
N SER C 112 129.19 -17.03 13.05
CA SER C 112 130.15 -16.36 13.89
C SER C 112 129.57 -15.83 15.24
N ASP C 113 128.32 -15.38 15.24
CA ASP C 113 127.57 -14.97 16.39
C ASP C 113 127.30 -16.16 17.30
N ILE C 114 127.03 -17.35 16.69
CA ILE C 114 126.58 -18.59 17.33
C ILE C 114 127.79 -19.11 18.12
N LYS C 115 129.05 -19.17 17.52
CA LYS C 115 130.34 -19.56 18.19
C LYS C 115 130.72 -18.74 19.36
N GLN C 116 130.57 -17.42 19.18
CA GLN C 116 130.72 -16.43 20.21
C GLN C 116 129.66 -16.58 21.28
N GLY C 117 128.41 -16.87 20.94
CA GLY C 117 127.36 -17.15 21.89
C GLY C 117 127.73 -18.27 22.88
N TYR C 118 128.43 -19.35 22.48
CA TYR C 118 128.82 -20.43 23.39
C TYR C 118 130.01 -20.03 24.24
N THR C 119 130.68 -18.89 23.83
CA THR C 119 131.80 -18.34 24.64
C THR C 119 131.14 -17.46 25.61
N GLN C 120 130.16 -16.66 25.17
CA GLN C 120 129.54 -15.55 25.81
C GLN C 120 128.74 -16.04 26.95
N HIS C 121 127.92 -17.14 26.67
CA HIS C 121 126.92 -17.67 27.53
C HIS C 121 127.47 -19.08 27.93
N GLY C 122 127.19 -19.32 29.23
CA GLY C 122 127.37 -20.66 29.83
C GLY C 122 128.85 -21.09 29.95
N GLY C 123 128.99 -22.28 30.50
CA GLY C 123 130.30 -23.01 30.62
C GLY C 123 130.47 -24.01 29.55
N LEU C 124 130.03 -23.73 28.34
CA LEU C 124 129.95 -24.63 27.25
C LEU C 124 131.13 -24.28 26.42
N ARG C 125 131.86 -25.29 25.88
CA ARG C 125 132.92 -25.04 24.98
C ARG C 125 132.85 -23.92 23.96
N PRO C 126 133.98 -23.37 23.44
CA PRO C 126 134.13 -22.79 22.11
C PRO C 126 134.35 -23.99 21.26
N PHE C 127 133.94 -23.84 20.00
CA PHE C 127 134.00 -24.85 18.99
C PHE C 127 135.14 -24.53 18.14
N GLY C 128 136.24 -25.31 18.18
CA GLY C 128 137.48 -25.13 17.52
C GLY C 128 137.41 -25.60 16.13
N VAL C 129 136.87 -24.76 15.22
CA VAL C 129 136.70 -25.06 13.85
C VAL C 129 136.90 -23.82 13.09
N SER C 130 137.61 -24.00 11.94
CA SER C 130 137.74 -22.96 10.94
C SER C 130 137.14 -23.43 9.67
N PHE C 131 136.17 -22.72 9.11
CA PHE C 131 135.52 -23.12 7.87
C PHE C 131 135.95 -22.15 6.80
N ILE C 132 136.22 -22.55 5.50
CA ILE C 132 136.54 -21.62 4.39
C ILE C 132 135.21 -21.59 3.68
N TYR C 133 134.62 -20.37 3.54
CA TYR C 133 133.43 -20.07 2.78
C TYR C 133 133.77 -19.55 1.44
N ALA C 134 133.29 -20.21 0.40
CA ALA C 134 133.41 -19.74 -1.01
C ALA C 134 132.01 -19.74 -1.54
N GLY C 135 131.49 -18.56 -2.00
CA GLY C 135 130.07 -18.26 -2.23
C GLY C 135 130.01 -17.38 -3.41
N TYR C 136 128.73 -17.13 -3.81
CA TYR C 136 128.33 -16.18 -4.84
C TYR C 136 127.10 -15.46 -4.44
N ASP C 137 127.09 -14.12 -4.65
CA ASP C 137 125.92 -13.33 -4.58
C ASP C 137 126.07 -12.29 -5.60
N ASP C 138 124.98 -11.74 -6.11
CA ASP C 138 124.99 -10.90 -7.26
C ASP C 138 125.09 -9.46 -6.76
N ARG C 139 125.72 -9.27 -5.53
CA ARG C 139 125.87 -8.00 -5.00
C ARG C 139 127.35 -7.78 -4.98
N TYR C 140 128.23 -8.74 -4.58
CA TYR C 140 129.71 -8.50 -4.52
C TYR C 140 130.38 -9.64 -5.21
N GLY C 141 129.61 -10.35 -6.07
CA GLY C 141 130.15 -11.33 -7.00
C GLY C 141 130.60 -12.57 -6.25
N TYR C 142 131.78 -13.12 -6.66
CA TYR C 142 132.51 -14.01 -5.84
C TYR C 142 132.93 -13.43 -4.54
N GLN C 143 132.86 -14.23 -3.40
CA GLN C 143 133.26 -13.78 -2.10
C GLN C 143 133.86 -14.97 -1.41
N LEU C 144 135.07 -14.68 -0.85
CA LEU C 144 135.85 -15.65 -0.12
C LEU C 144 136.00 -15.03 1.19
N TYR C 145 135.67 -15.79 2.26
CA TYR C 145 135.84 -15.38 3.61
C TYR C 145 136.30 -16.63 4.24
N THR C 146 136.67 -16.53 5.58
CA THR C 146 136.85 -17.61 6.45
C THR C 146 136.32 -17.12 7.72
N SER C 147 135.96 -18.08 8.59
CA SER C 147 135.42 -17.85 9.90
C SER C 147 136.40 -18.38 10.93
N ASN C 148 136.68 -17.57 11.97
CA ASN C 148 137.61 -17.84 13.06
C ASN C 148 136.96 -18.81 14.04
N PRO C 149 137.66 -19.64 14.84
CA PRO C 149 137.06 -20.34 15.95
C PRO C 149 136.55 -19.34 17.02
N SER C 150 137.09 -18.05 17.13
CA SER C 150 136.66 -17.01 18.10
C SER C 150 135.32 -16.45 17.71
N GLY C 151 135.10 -16.40 16.39
CA GLY C 151 133.85 -16.17 15.83
C GLY C 151 133.84 -14.80 15.24
N ASN C 152 134.73 -14.56 14.16
CA ASN C 152 134.67 -13.32 13.45
C ASN C 152 135.05 -13.78 12.08
N TYR C 153 134.81 -12.88 11.08
CA TYR C 153 135.04 -13.23 9.67
C TYR C 153 135.83 -12.14 9.08
N THR C 154 136.65 -12.43 8.02
CA THR C 154 137.40 -11.46 7.31
C THR C 154 137.42 -11.90 5.90
N GLY C 155 137.24 -10.98 4.99
CA GLY C 155 137.17 -11.16 3.57
C GLY C 155 138.58 -11.52 3.06
N TRP C 156 138.64 -12.05 1.82
CA TRP C 156 139.86 -12.58 1.24
C TRP C 156 139.77 -12.65 -0.28
N LYS C 157 140.96 -12.96 -0.90
CA LYS C 157 141.16 -13.34 -2.28
C LYS C 157 141.99 -14.69 -2.21
N ALA C 158 142.71 -14.97 -1.14
CA ALA C 158 143.24 -16.33 -0.89
C ALA C 158 143.51 -16.39 0.64
N ILE C 159 143.48 -17.61 1.17
CA ILE C 159 143.64 -17.82 2.59
C ILE C 159 144.01 -19.35 2.65
N SER C 160 144.69 -19.71 3.74
CA SER C 160 144.98 -21.00 4.19
C SER C 160 144.79 -21.03 5.68
N VAL C 161 144.29 -22.16 6.18
CA VAL C 161 144.12 -22.42 7.58
C VAL C 161 144.66 -23.78 7.71
N GLY C 162 144.43 -24.43 8.86
CA GLY C 162 144.68 -25.80 9.04
C GLY C 162 146.05 -25.85 9.64
N ALA C 163 146.82 -26.82 9.18
CA ALA C 163 148.17 -27.01 9.71
C ALA C 163 149.20 -26.28 8.87
N ASN C 164 150.04 -25.39 9.54
CA ASN C 164 151.17 -24.77 8.96
C ASN C 164 150.69 -23.66 8.04
N THR C 165 149.75 -22.81 8.56
CA THR C 165 149.07 -21.66 8.04
C THR C 165 150.01 -20.63 7.56
N SER C 166 151.01 -20.30 8.37
CA SER C 166 152.09 -19.35 8.09
C SER C 166 153.00 -19.68 6.91
N ALA C 167 153.41 -20.95 6.83
CA ALA C 167 154.19 -21.55 5.80
C ALA C 167 153.49 -21.51 4.53
N ALA C 168 152.20 -21.89 4.56
CA ALA C 168 151.23 -21.96 3.41
C ALA C 168 150.94 -20.62 2.87
N GLN C 169 150.77 -19.58 3.79
CA GLN C 169 150.21 -18.23 3.46
C GLN C 169 151.32 -17.61 2.60
N THR C 170 152.64 -17.71 2.99
CA THR C 170 153.69 -16.93 2.39
C THR C 170 153.75 -17.41 0.92
N LEU C 171 153.69 -18.75 0.77
CA LEU C 171 153.69 -19.47 -0.51
C LEU C 171 152.51 -19.09 -1.39
N LEU C 172 151.26 -18.91 -0.97
CA LEU C 172 150.11 -18.48 -1.69
C LEU C 172 150.17 -17.09 -2.18
N GLN C 173 150.73 -16.14 -1.37
CA GLN C 173 150.64 -14.71 -1.70
C GLN C 173 151.73 -14.35 -2.67
N MET C 174 152.79 -15.19 -2.72
CA MET C 174 153.92 -15.08 -3.64
C MET C 174 153.46 -15.33 -5.10
N ASP C 175 152.67 -16.38 -5.23
CA ASP C 175 152.38 -16.84 -6.58
C ASP C 175 151.01 -16.37 -7.03
N TYR C 176 150.45 -15.29 -6.37
CA TYR C 176 149.12 -14.81 -6.72
C TYR C 176 149.23 -13.83 -7.80
N LYS C 177 148.61 -14.19 -8.95
CA LYS C 177 148.54 -13.42 -10.20
C LYS C 177 147.22 -12.65 -10.01
N ASP C 178 147.25 -11.38 -10.44
CA ASP C 178 146.40 -10.32 -9.95
C ASP C 178 144.94 -10.36 -10.59
N ASP C 179 144.81 -10.73 -11.90
CA ASP C 179 143.51 -11.03 -12.46
C ASP C 179 143.05 -12.40 -11.91
N MET C 180 143.98 -13.38 -11.89
CA MET C 180 143.84 -14.74 -11.47
C MET C 180 142.95 -15.46 -12.46
N LYS C 181 143.04 -16.82 -12.40
CA LYS C 181 142.12 -17.73 -13.14
C LYS C 181 141.76 -18.89 -12.23
N VAL C 182 140.56 -19.50 -12.42
CA VAL C 182 140.06 -20.72 -11.79
C VAL C 182 141.02 -21.78 -12.13
N ASP C 183 141.55 -21.86 -13.37
CA ASP C 183 142.56 -22.93 -13.76
C ASP C 183 143.82 -22.77 -12.98
N ASP C 184 144.31 -21.56 -12.69
CA ASP C 184 145.51 -21.26 -11.87
C ASP C 184 145.27 -21.49 -10.37
N ALA C 185 143.99 -21.35 -9.93
CA ALA C 185 143.62 -21.63 -8.56
C ALA C 185 143.84 -23.06 -8.31
N ILE C 186 143.33 -23.84 -9.28
CA ILE C 186 143.33 -25.28 -9.18
C ILE C 186 144.79 -25.75 -9.16
N GLU C 187 145.64 -25.19 -10.07
CA GLU C 187 147.04 -25.46 -10.16
C GLU C 187 147.88 -25.13 -8.99
N LEU C 188 147.65 -23.92 -8.33
CA LEU C 188 148.29 -23.44 -7.14
C LEU C 188 148.00 -24.13 -5.91
N ALA C 189 146.77 -24.56 -5.74
CA ALA C 189 146.32 -25.29 -4.64
C ALA C 189 147.03 -26.60 -4.53
N LEU C 190 147.26 -27.40 -5.58
CA LEU C 190 147.86 -28.68 -5.47
C LEU C 190 149.26 -28.48 -4.99
N LYS C 191 149.98 -27.52 -5.51
CA LYS C 191 151.45 -27.23 -5.27
C LYS C 191 151.63 -26.89 -3.83
N THR C 192 150.71 -26.04 -3.28
CA THR C 192 150.80 -25.53 -1.94
C THR C 192 150.46 -26.69 -1.02
N LEU C 193 149.41 -27.52 -1.34
CA LEU C 193 149.01 -28.60 -0.52
C LEU C 193 150.11 -29.56 -0.26
N SER C 194 151.07 -29.72 -1.25
CA SER C 194 152.08 -30.75 -1.25
C SER C 194 153.13 -30.62 -0.23
N LYS C 195 153.56 -29.34 -0.09
CA LYS C 195 154.71 -29.01 0.68
C LYS C 195 154.36 -29.09 2.16
N THR C 196 153.13 -28.65 2.60
CA THR C 196 152.67 -28.79 3.98
C THR C 196 152.47 -30.22 4.40
N THR C 197 151.90 -31.05 3.50
CA THR C 197 151.52 -32.41 3.75
C THR C 197 152.82 -33.18 3.88
N ASP C 198 152.75 -34.29 4.57
CA ASP C 198 153.95 -35.03 5.05
C ASP C 198 154.26 -36.23 4.16
N SER C 199 153.51 -36.34 3.05
CA SER C 199 153.70 -37.16 1.96
C SER C 199 154.39 -36.38 0.91
N SER C 200 155.15 -37.07 0.09
CA SER C 200 156.01 -36.38 -0.89
C SER C 200 155.27 -36.56 -2.22
N ALA C 201 154.29 -37.48 -2.36
CA ALA C 201 153.56 -37.68 -3.59
C ALA C 201 152.16 -37.51 -3.17
N LEU C 202 151.52 -36.35 -3.47
CA LEU C 202 150.09 -36.07 -3.15
C LEU C 202 149.25 -36.76 -4.13
N THR C 203 148.12 -37.26 -3.70
CA THR C 203 147.32 -38.17 -4.50
C THR C 203 145.89 -37.78 -4.33
N TYR C 204 144.98 -38.16 -5.28
CA TYR C 204 143.62 -37.84 -5.44
C TYR C 204 142.61 -38.48 -4.45
N ASP C 205 142.95 -39.70 -4.00
CA ASP C 205 142.27 -40.36 -2.91
C ASP C 205 142.63 -39.74 -1.55
N ARG C 206 143.66 -38.88 -1.51
CA ARG C 206 144.11 -38.06 -0.45
C ARG C 206 143.69 -36.62 -0.59
N LEU C 207 142.91 -36.38 -1.66
CA LEU C 207 142.41 -35.08 -2.01
C LEU C 207 140.92 -34.93 -1.96
N GLU C 208 140.42 -33.74 -1.46
CA GLU C 208 139.08 -33.30 -1.69
C GLU C 208 139.16 -31.95 -2.35
N PHE C 209 138.19 -31.78 -3.28
CA PHE C 209 138.27 -30.65 -4.25
C PHE C 209 136.84 -30.37 -4.62
N ALA C 210 136.56 -29.09 -4.84
CA ALA C 210 135.34 -28.54 -5.43
C ALA C 210 135.84 -27.25 -6.10
N THR C 211 135.33 -26.98 -7.27
CA THR C 211 135.59 -25.80 -8.04
C THR C 211 134.17 -25.46 -8.30
N ILE C 212 133.95 -24.11 -8.25
CA ILE C 212 132.78 -23.31 -8.46
C ILE C 212 132.99 -22.40 -9.67
N ARG C 213 132.10 -22.58 -10.61
CA ARG C 213 132.11 -21.77 -11.85
C ARG C 213 130.77 -21.29 -12.41
N LYS C 214 130.74 -20.03 -12.84
CA LYS C 214 129.73 -19.35 -13.52
C LYS C 214 130.35 -18.81 -14.82
N GLY C 215 131.73 -18.91 -14.99
CA GLY C 215 132.39 -18.47 -16.13
C GLY C 215 132.29 -19.47 -17.34
N ALA C 216 131.72 -20.68 -17.15
CA ALA C 216 131.39 -21.54 -18.23
C ALA C 216 130.16 -22.08 -17.72
N ASN C 217 129.08 -22.07 -18.61
CA ASN C 217 127.63 -22.39 -18.38
C ASN C 217 127.16 -21.23 -17.53
N ASP C 218 127.34 -20.00 -18.21
CA ASP C 218 126.93 -18.67 -17.78
C ASP C 218 125.54 -18.50 -17.55
N GLY C 219 125.21 -17.46 -16.65
CA GLY C 219 123.87 -17.00 -16.25
C GLY C 219 123.23 -17.75 -15.12
N GLU C 220 124.10 -18.55 -14.49
CA GLU C 220 123.70 -19.54 -13.54
C GLU C 220 125.04 -19.96 -13.03
N VAL C 221 125.03 -20.42 -11.74
CA VAL C 221 126.18 -20.93 -11.07
C VAL C 221 126.06 -22.39 -10.84
N TYR C 222 127.12 -23.10 -11.17
CA TYR C 222 127.20 -24.52 -11.02
C TYR C 222 128.45 -24.73 -10.27
N GLN C 223 128.28 -25.42 -9.15
CA GLN C 223 129.30 -25.84 -8.20
C GLN C 223 129.51 -27.32 -8.34
N LYS C 224 130.76 -27.84 -8.43
CA LYS C 224 131.05 -29.23 -8.74
C LYS C 224 132.09 -29.61 -7.76
N ILE C 225 131.77 -30.64 -6.93
CA ILE C 225 132.78 -31.39 -6.18
C ILE C 225 133.26 -32.35 -7.27
N PHE C 226 134.59 -32.35 -7.45
CA PHE C 226 135.30 -33.24 -8.40
C PHE C 226 135.22 -34.65 -8.03
N LYS C 227 135.23 -35.53 -9.01
CA LYS C 227 135.26 -37.01 -8.87
C LYS C 227 136.74 -37.39 -8.92
N PRO C 228 137.15 -38.65 -8.40
CA PRO C 228 138.53 -38.96 -8.09
C PRO C 228 139.41 -38.93 -9.30
N GLN C 229 138.88 -39.31 -10.51
CA GLN C 229 139.70 -39.47 -11.69
C GLN C 229 140.01 -38.14 -12.28
N GLU C 230 139.17 -37.10 -11.96
CA GLU C 230 139.36 -35.73 -12.48
C GLU C 230 140.46 -34.97 -11.78
N ILE C 231 140.51 -35.29 -10.48
CA ILE C 231 141.52 -34.84 -9.53
C ILE C 231 142.85 -35.34 -9.93
N LYS C 232 142.90 -36.58 -10.44
CA LYS C 232 144.03 -37.24 -11.02
C LYS C 232 144.42 -36.42 -12.22
N ASP C 233 143.57 -35.93 -13.10
CA ASP C 233 143.98 -35.20 -14.31
C ASP C 233 144.79 -33.94 -13.97
N ILE C 234 144.31 -33.20 -12.92
CA ILE C 234 144.91 -31.92 -12.52
C ILE C 234 146.22 -32.08 -11.81
N LEU C 235 146.38 -33.29 -11.19
CA LEU C 235 147.63 -33.67 -10.53
C LEU C 235 148.73 -33.92 -11.58
N VAL C 236 148.34 -34.51 -12.77
CA VAL C 236 149.22 -34.86 -13.80
C VAL C 236 149.77 -33.61 -14.41
N LYS C 237 149.00 -32.48 -14.53
CA LYS C 237 149.42 -31.15 -15.02
C LYS C 237 150.42 -30.50 -14.09
N THR C 238 150.26 -30.65 -12.76
CA THR C 238 151.17 -30.00 -11.84
C THR C 238 152.44 -30.84 -11.73
N GLY C 239 152.41 -32.09 -12.38
CA GLY C 239 153.64 -32.85 -12.49
C GLY C 239 153.93 -33.64 -11.21
N ILE C 240 152.94 -33.77 -10.32
CA ILE C 240 153.11 -34.50 -9.07
C ILE C 240 152.96 -35.94 -9.41
N THR C 241 151.95 -36.27 -10.27
CA THR C 241 151.79 -37.60 -10.76
C THR C 241 152.04 -37.61 -12.29
N GLY D 1 139.69 -17.00 44.39
CA GLY D 1 140.10 -15.61 44.41
C GLY D 1 138.89 -14.78 44.59
N TYR D 2 138.68 -13.80 43.65
CA TYR D 2 137.46 -13.02 43.52
C TYR D 2 137.22 -12.82 42.06
N ASP D 3 137.87 -13.68 41.24
CA ASP D 3 137.94 -13.69 39.84
C ASP D 3 137.36 -14.91 39.34
N ARG D 4 136.64 -15.64 40.13
CA ARG D 4 136.04 -16.89 39.81
C ARG D 4 134.73 -16.70 39.23
N ALA D 5 134.04 -15.55 39.59
CA ALA D 5 132.71 -15.32 39.01
C ALA D 5 132.50 -13.85 39.18
N LEU D 6 131.41 -13.32 38.72
CA LEU D 6 130.95 -11.99 38.64
C LEU D 6 130.10 -11.74 39.92
N SER D 7 130.05 -12.77 40.81
CA SER D 7 129.26 -12.69 42.00
C SER D 7 130.22 -12.38 43.09
N ILE D 8 131.48 -11.97 42.75
CA ILE D 8 132.47 -11.68 43.78
C ILE D 8 133.24 -10.50 43.24
N PHE D 9 133.37 -9.52 44.14
CA PHE D 9 134.18 -8.34 44.02
C PHE D 9 135.36 -8.62 44.82
N SER D 10 136.48 -7.79 44.61
CA SER D 10 137.72 -7.86 45.31
C SER D 10 137.54 -6.83 46.46
N PRO D 11 138.36 -6.79 47.50
CA PRO D 11 138.07 -5.89 48.60
C PRO D 11 138.32 -4.41 48.34
N ASP D 12 138.85 -4.06 47.12
CA ASP D 12 139.09 -2.72 46.68
C ASP D 12 137.82 -2.20 46.10
N GLY D 13 136.95 -3.11 45.61
CA GLY D 13 135.68 -2.78 45.07
C GLY D 13 135.67 -3.09 43.57
N HIS D 14 136.70 -3.78 43.06
CA HIS D 14 136.96 -4.07 41.66
C HIS D 14 136.49 -5.46 41.37
N ILE D 15 136.27 -5.73 40.07
CA ILE D 15 135.91 -7.14 39.68
C ILE D 15 136.87 -7.39 38.58
N PHE D 16 137.72 -8.44 38.69
CA PHE D 16 138.85 -8.62 37.86
C PHE D 16 138.47 -8.92 36.37
N GLN D 17 137.34 -9.61 36.14
CA GLN D 17 136.73 -9.72 34.77
C GLN D 17 136.67 -8.40 33.97
N VAL D 18 136.28 -7.31 34.64
CA VAL D 18 136.15 -5.93 34.13
C VAL D 18 137.57 -5.42 33.93
N GLU D 19 138.52 -5.61 34.88
CA GLU D 19 139.83 -5.08 34.76
C GLU D 19 140.57 -5.73 33.61
N TYR D 20 140.43 -7.07 33.37
CA TYR D 20 140.98 -7.77 32.20
C TYR D 20 140.24 -7.35 30.94
N ALA D 21 138.90 -6.91 31.04
CA ALA D 21 138.19 -6.38 29.91
C ALA D 21 138.87 -5.07 29.44
N LEU D 22 139.39 -4.23 30.41
CA LEU D 22 139.98 -2.96 30.03
C LEU D 22 141.24 -3.19 29.22
N GLU D 23 142.09 -4.24 29.58
CA GLU D 23 143.32 -4.75 28.84
C GLU D 23 142.85 -5.29 27.55
N ALA D 24 141.67 -5.90 27.40
CA ALA D 24 141.14 -6.39 26.14
C ALA D 24 140.99 -5.36 25.11
N VAL D 25 140.62 -4.11 25.53
CA VAL D 25 140.33 -3.01 24.64
C VAL D 25 141.55 -2.74 23.82
N LYS D 26 142.74 -2.80 24.54
CA LYS D 26 144.01 -2.44 24.02
C LYS D 26 144.58 -3.36 22.95
N ARG D 27 144.08 -4.61 22.96
CA ARG D 27 144.38 -5.63 21.94
C ARG D 27 143.99 -5.34 20.49
N GLY D 28 142.67 -4.95 20.30
CA GLY D 28 142.15 -4.71 19.01
C GLY D 28 142.43 -3.30 18.51
N THR D 29 141.93 -2.87 17.32
CA THR D 29 142.17 -1.59 16.70
C THR D 29 141.69 -0.37 17.48
N CYS D 30 142.44 0.72 17.36
CA CYS D 30 142.28 2.09 17.88
C CYS D 30 141.08 2.81 17.16
N ALA D 31 140.52 3.83 17.97
CA ALA D 31 139.42 4.68 17.61
C ALA D 31 139.61 5.99 18.23
N VAL D 32 139.21 7.08 17.52
CA VAL D 32 139.42 8.45 17.96
C VAL D 32 138.10 9.06 17.68
N GLY D 33 137.62 9.93 18.61
CA GLY D 33 136.46 10.74 18.35
C GLY D 33 136.93 12.09 18.71
N VAL D 34 136.45 13.05 17.90
CA VAL D 34 136.90 14.40 17.94
C VAL D 34 135.62 15.11 17.40
N LYS D 35 135.07 16.08 18.18
CA LYS D 35 133.92 16.90 17.86
C LYS D 35 134.30 18.23 17.28
N GLY D 36 133.43 18.76 16.42
CA GLY D 36 133.59 20.10 15.94
C GLY D 36 132.48 20.93 16.51
N LYS D 37 131.85 21.81 15.71
CA LYS D 37 130.71 22.50 16.21
C LYS D 37 129.60 22.17 15.28
N ASN D 38 129.84 21.74 13.98
CA ASN D 38 128.76 21.31 13.07
C ASN D 38 129.04 19.89 12.66
N CYS D 39 130.04 19.25 13.33
CA CYS D 39 130.36 17.94 12.93
C CYS D 39 130.76 17.11 14.10
N VAL D 40 130.90 15.74 13.87
CA VAL D 40 131.70 14.99 14.69
C VAL D 40 132.35 14.12 13.67
N VAL D 41 133.69 13.92 13.83
CA VAL D 41 134.37 13.09 12.83
C VAL D 41 134.70 11.90 13.73
N LEU D 42 134.39 10.69 13.24
CA LEU D 42 134.55 9.49 13.98
C LEU D 42 135.37 8.65 13.10
N GLY D 43 136.64 8.33 13.51
CA GLY D 43 137.67 7.74 12.66
C GLY D 43 138.22 6.57 13.36
N CYS D 44 138.71 5.57 12.67
CA CYS D 44 139.08 4.33 13.35
C CYS D 44 140.22 3.72 12.49
N GLU D 45 141.06 2.89 13.15
CA GLU D 45 142.14 2.14 12.47
C GLU D 45 141.55 0.94 11.78
N ARG D 46 141.81 0.70 10.44
CA ARG D 46 141.49 -0.40 9.67
C ARG D 46 142.65 -1.24 9.57
N ARG D 47 142.53 -2.56 9.99
CA ARG D 47 143.58 -3.56 10.04
C ARG D 47 143.63 -4.29 8.68
N SER D 48 144.88 -4.23 8.06
CA SER D 48 145.15 -4.98 6.85
C SER D 48 146.61 -5.54 7.04
N THR D 49 146.94 -6.69 6.42
CA THR D 49 148.18 -7.37 6.68
C THR D 49 148.68 -7.70 5.34
N LEU D 50 147.83 -8.35 4.58
CA LEU D 50 148.14 -9.09 3.36
C LEU D 50 147.34 -8.48 2.28
N LYS D 51 147.85 -8.72 1.02
CA LYS D 51 147.32 -8.02 -0.07
C LYS D 51 145.98 -8.64 -0.38
N LEU D 52 145.84 -9.97 -0.21
CA LEU D 52 144.71 -10.86 -0.42
C LEU D 52 143.51 -10.30 0.21
N GLN D 53 143.70 -9.87 1.51
CA GLN D 53 142.75 -9.21 2.35
C GLN D 53 142.24 -7.94 1.57
N ASP D 54 140.93 -7.96 1.43
CA ASP D 54 140.14 -7.06 0.71
C ASP D 54 139.81 -5.92 1.67
N THR D 55 139.20 -4.87 1.10
CA THR D 55 138.62 -3.80 1.86
C THR D 55 137.31 -3.47 1.08
N ARG D 56 136.69 -4.49 0.38
CA ARG D 56 135.40 -4.38 -0.22
C ARG D 56 134.30 -5.01 0.58
N ILE D 57 134.42 -6.36 0.72
CA ILE D 57 133.49 -7.35 1.36
C ILE D 57 133.88 -7.42 2.80
N THR D 58 135.22 -7.16 3.18
CA THR D 58 135.72 -7.32 4.53
C THR D 58 134.98 -6.49 5.46
N PRO D 59 134.72 -6.91 6.66
CA PRO D 59 133.91 -6.18 7.62
C PRO D 59 134.42 -4.83 7.97
N SER D 60 133.58 -3.81 7.73
CA SER D 60 133.91 -2.38 8.10
C SER D 60 134.01 -2.19 9.57
N LYS D 61 134.90 -1.24 10.02
CA LYS D 61 135.15 -0.91 11.43
C LYS D 61 134.25 0.18 11.96
N VAL D 62 133.53 0.89 11.02
CA VAL D 62 132.42 1.79 11.26
C VAL D 62 131.21 1.01 10.86
N SER D 63 130.11 0.99 11.70
CA SER D 63 128.83 0.29 11.35
C SER D 63 127.91 1.48 11.51
N LYS D 64 126.88 1.56 10.59
CA LYS D 64 125.82 2.58 10.64
C LYS D 64 124.73 1.98 11.56
N ILE D 65 124.48 2.72 12.66
CA ILE D 65 123.45 2.26 13.56
C ILE D 65 122.13 2.73 13.00
N ASP D 66 122.10 4.03 12.48
CA ASP D 66 120.92 4.53 11.87
C ASP D 66 121.47 5.40 10.85
N SER D 67 120.71 6.39 10.36
CA SER D 67 121.09 7.30 9.25
C SER D 67 121.58 8.64 9.69
N HIS D 68 121.85 8.75 11.05
CA HIS D 68 122.24 9.94 11.69
C HIS D 68 123.08 9.60 12.89
N VAL D 69 123.25 8.33 13.28
CA VAL D 69 124.06 8.00 14.45
C VAL D 69 124.90 6.86 13.96
N VAL D 70 126.17 6.88 14.36
CA VAL D 70 127.09 5.88 13.90
C VAL D 70 127.83 5.41 15.16
N LEU D 71 128.57 4.27 15.06
CA LEU D 71 129.30 3.58 16.11
C LEU D 71 130.46 2.94 15.45
N SER D 72 131.64 3.17 16.07
CA SER D 72 132.86 2.53 15.73
C SER D 72 133.23 1.91 16.99
N PHE D 73 134.14 0.95 17.02
CA PHE D 73 134.40 0.15 18.27
C PHE D 73 135.83 -0.32 18.50
N SER D 74 136.08 -0.79 19.71
CA SER D 74 137.44 -1.16 20.07
C SER D 74 137.41 -2.25 21.06
N GLY D 75 138.11 -3.39 20.79
CA GLY D 75 138.12 -4.56 21.60
C GLY D 75 138.22 -5.64 20.67
N LEU D 76 137.71 -6.86 21.11
CA LEU D 76 137.52 -8.05 20.36
C LEU D 76 136.44 -7.85 19.34
N ASN D 77 136.75 -8.23 18.11
CA ASN D 77 135.97 -7.98 16.90
C ASN D 77 134.83 -8.95 16.81
N ALA D 78 135.10 -10.18 17.28
CA ALA D 78 134.18 -11.33 17.43
C ALA D 78 133.13 -10.95 18.47
N ASP D 79 133.54 -10.32 19.63
CA ASP D 79 132.65 -9.92 20.67
C ASP D 79 131.67 -8.83 20.31
N SER D 80 132.23 -7.85 19.62
CA SER D 80 131.59 -6.66 19.12
C SER D 80 130.54 -6.98 18.09
N ARG D 81 130.53 -8.18 17.41
CA ARG D 81 129.51 -8.58 16.42
C ARG D 81 128.17 -8.66 16.99
N ILE D 82 128.03 -9.27 18.20
CA ILE D 82 126.70 -9.44 18.79
C ILE D 82 126.13 -8.07 19.15
N LEU D 83 127.01 -7.21 19.62
CA LEU D 83 126.80 -5.84 20.10
C LEU D 83 126.35 -5.01 18.92
N ILE D 84 126.92 -5.22 17.67
CA ILE D 84 126.58 -4.42 16.54
C ILE D 84 125.15 -4.73 16.13
N GLU D 85 124.71 -6.04 16.00
CA GLU D 85 123.40 -6.21 15.50
C GLU D 85 122.32 -5.70 16.46
N LYS D 86 122.58 -5.88 17.75
CA LYS D 86 121.65 -5.57 18.82
C LYS D 86 121.31 -4.16 18.82
N ALA D 87 122.31 -3.30 18.66
CA ALA D 87 122.18 -1.88 18.69
C ALA D 87 121.36 -1.32 17.54
N ARG D 88 121.46 -1.88 16.34
CA ARG D 88 120.61 -1.62 15.19
C ARG D 88 119.16 -2.09 15.28
N VAL D 89 118.89 -3.24 15.84
CA VAL D 89 117.49 -3.71 15.93
C VAL D 89 116.76 -2.74 16.92
N GLU D 90 117.41 -2.41 18.08
CA GLU D 90 116.94 -1.48 19.09
C GLU D 90 116.69 -0.12 18.42
N ALA D 91 117.52 0.32 17.51
CA ALA D 91 117.47 1.51 16.79
C ALA D 91 116.26 1.68 16.02
N GLN D 92 115.80 0.57 15.32
CA GLN D 92 114.62 0.58 14.55
C GLN D 92 113.38 0.55 15.40
N SER D 93 113.50 -0.26 16.53
CA SER D 93 112.40 -0.53 17.42
C SER D 93 111.96 0.71 18.15
N HIS D 94 112.85 1.73 18.37
CA HIS D 94 112.55 3.00 19.02
C HIS D 94 111.57 3.76 18.16
N ARG D 95 111.84 3.67 16.86
CA ARG D 95 111.09 4.32 15.89
C ARG D 95 109.77 3.62 15.56
N LEU D 96 109.68 2.28 15.84
CA LEU D 96 108.45 1.53 15.70
C LEU D 96 107.40 1.96 16.74
N THR D 97 107.78 2.11 18.00
CA THR D 97 106.96 2.34 19.15
C THR D 97 106.50 3.83 19.24
N LEU D 98 107.44 4.72 19.00
CA LEU D 98 107.31 6.11 19.35
C LEU D 98 106.97 6.84 18.15
N GLU D 99 107.52 6.40 17.02
CA GLU D 99 107.68 7.15 15.83
C GLU D 99 108.58 8.37 15.92
N ASP D 100 109.72 8.22 16.62
CA ASP D 100 110.59 9.41 16.65
C ASP D 100 112.00 9.03 16.16
N PRO D 101 112.76 9.83 15.52
CA PRO D 101 114.22 9.72 15.44
C PRO D 101 114.98 9.22 16.69
N VAL D 102 116.13 8.52 16.45
CA VAL D 102 116.94 7.82 17.46
C VAL D 102 117.78 8.83 18.17
N THR D 103 117.34 9.16 19.41
CA THR D 103 118.01 10.02 20.41
C THR D 103 119.34 9.40 20.74
N VAL D 104 120.44 10.17 20.66
CA VAL D 104 121.77 9.71 21.09
C VAL D 104 121.96 9.30 22.57
N GLU D 105 121.36 10.08 23.53
CA GLU D 105 121.51 9.92 24.94
C GLU D 105 120.77 8.62 25.36
N TYR D 106 119.63 8.34 24.72
CA TYR D 106 118.93 7.10 24.92
C TYR D 106 119.70 5.92 24.38
N LEU D 107 120.31 6.15 23.20
CA LEU D 107 120.95 5.11 22.49
C LEU D 107 122.09 4.60 23.29
N THR D 108 123.04 5.40 23.82
CA THR D 108 124.15 4.95 24.65
C THR D 108 123.68 4.34 25.89
N ARG D 109 122.61 4.79 26.45
CA ARG D 109 122.20 4.40 27.73
C ARG D 109 121.69 2.96 27.74
N TYR D 110 120.92 2.59 26.71
CA TYR D 110 120.38 1.24 26.41
C TYR D 110 121.48 0.23 26.02
N VAL D 111 122.47 0.68 25.20
CA VAL D 111 123.49 -0.11 24.70
C VAL D 111 124.46 -0.58 25.73
N ALA D 112 124.80 0.36 26.69
CA ALA D 112 125.58 0.14 27.92
C ALA D 112 124.79 -0.61 28.92
N GLY D 113 123.43 -0.59 28.75
CA GLY D 113 122.43 -1.41 29.52
C GLY D 113 122.54 -2.87 29.20
N VAL D 114 122.87 -3.24 27.93
CA VAL D 114 123.01 -4.61 27.52
C VAL D 114 124.20 -5.26 28.21
N GLN D 115 125.34 -4.49 28.18
CA GLN D 115 126.53 -4.83 28.85
C GLN D 115 126.36 -4.95 30.29
N GLN D 116 125.63 -4.02 31.06
CA GLN D 116 125.36 -4.01 32.43
C GLN D 116 124.58 -5.23 32.89
N ARG D 117 123.61 -5.64 32.13
CA ARG D 117 122.71 -6.74 32.47
C ARG D 117 123.50 -8.02 32.63
N TYR D 118 124.45 -8.29 31.62
CA TYR D 118 125.36 -9.41 31.77
C TYR D 118 126.22 -9.33 32.91
N THR D 119 126.76 -8.11 33.20
CA THR D 119 127.64 -7.94 34.40
C THR D 119 126.98 -8.21 35.75
N GLN D 120 125.67 -7.79 35.86
CA GLN D 120 124.75 -7.98 36.96
C GLN D 120 124.54 -9.49 37.23
N SER D 121 124.33 -10.26 36.11
CA SER D 121 124.26 -11.68 36.16
C SER D 121 125.61 -12.30 36.32
N GLY D 122 125.69 -13.57 36.76
CA GLY D 122 126.90 -14.21 37.03
C GLY D 122 127.01 -15.34 36.01
N GLY D 123 125.90 -15.82 35.37
CA GLY D 123 125.86 -17.00 34.59
C GLY D 123 126.32 -16.77 33.14
N VAL D 124 126.54 -15.45 32.78
CA VAL D 124 126.85 -14.93 31.49
C VAL D 124 127.93 -13.84 31.77
N ARG D 125 128.83 -13.52 30.81
CA ARG D 125 129.92 -12.55 30.99
C ARG D 125 129.59 -11.42 29.99
N PRO D 126 129.89 -10.14 30.22
CA PRO D 126 129.75 -9.18 29.18
C PRO D 126 130.82 -9.26 28.17
N PHE D 127 130.66 -8.50 27.07
CA PHE D 127 131.64 -8.18 26.04
C PHE D 127 132.84 -7.36 26.65
N GLY D 128 134.03 -7.55 26.01
CA GLY D 128 135.21 -6.78 26.37
C GLY D 128 135.33 -5.75 25.35
N VAL D 129 134.33 -4.81 25.16
CA VAL D 129 134.32 -3.90 24.01
C VAL D 129 133.85 -2.73 24.69
N SER D 130 134.50 -1.61 24.24
CA SER D 130 134.18 -0.26 24.57
C SER D 130 133.92 0.35 23.27
N THR D 131 132.92 1.22 23.16
CA THR D 131 132.57 1.81 21.87
C THR D 131 132.69 3.29 21.99
N LEU D 132 132.74 3.98 20.87
CA LEU D 132 132.52 5.38 20.61
C LEU D 132 131.30 5.47 19.83
N ILE D 133 130.33 6.30 20.15
CA ILE D 133 129.05 6.51 19.48
C ILE D 133 128.89 8.01 19.36
N ALA D 134 128.90 8.52 18.04
CA ALA D 134 128.90 9.94 17.81
C ALA D 134 127.65 10.13 16.95
N GLY D 135 127.01 11.34 16.95
CA GLY D 135 125.80 11.63 16.21
C GLY D 135 125.27 12.91 16.53
N PHE D 136 124.24 13.17 15.81
CA PHE D 136 123.37 14.26 15.85
C PHE D 136 121.97 13.72 15.60
N ASP D 137 120.91 14.54 15.85
CA ASP D 137 119.57 14.21 15.72
C ASP D 137 119.09 15.37 14.79
N PRO D 138 117.92 15.39 14.19
CA PRO D 138 117.44 16.44 13.33
C PRO D 138 117.07 17.58 14.21
N ARG D 139 117.00 17.47 15.59
CA ARG D 139 116.45 18.48 16.45
C ARG D 139 117.62 19.18 17.09
N ASP D 140 118.87 18.87 16.66
CA ASP D 140 120.02 19.36 17.39
C ASP D 140 121.01 19.65 16.36
N ASP D 141 121.74 20.76 16.61
CA ASP D 141 122.83 21.09 15.80
C ASP D 141 124.01 21.24 16.82
N GLU D 142 123.83 20.69 18.01
CA GLU D 142 124.83 20.70 19.04
C GLU D 142 125.31 19.24 19.19
N PRO D 143 126.60 18.98 18.99
CA PRO D 143 127.04 17.63 18.78
C PRO D 143 127.22 16.95 20.10
N LYS D 144 127.10 15.58 20.09
CA LYS D 144 127.15 14.67 21.23
C LYS D 144 128.12 13.55 20.74
N LEU D 145 128.88 12.99 21.66
CA LEU D 145 129.90 12.07 21.56
C LEU D 145 129.77 11.32 22.85
N TYR D 146 129.73 9.93 22.77
CA TYR D 146 129.56 9.10 23.89
C TYR D 146 130.51 7.95 23.80
N GLN D 147 130.60 7.31 24.95
CA GLN D 147 131.53 6.19 25.21
C GLN D 147 130.75 5.18 26.02
N THR D 148 131.09 3.92 25.88
CA THR D 148 130.56 2.88 26.73
C THR D 148 131.81 2.20 27.23
N GLU D 149 131.63 1.40 28.26
CA GLU D 149 132.74 0.70 28.94
C GLU D 149 132.26 -0.70 29.23
N PRO D 150 133.17 -1.76 29.41
CA PRO D 150 132.73 -3.09 29.42
C PRO D 150 131.98 -3.36 30.78
N SER D 151 132.00 -2.43 31.71
CA SER D 151 131.31 -2.54 33.01
C SER D 151 129.84 -2.32 32.96
N GLY D 152 129.42 -1.20 32.29
CA GLY D 152 128.03 -0.80 32.27
C GLY D 152 128.02 0.58 32.78
N ILE D 153 128.99 1.39 32.29
CA ILE D 153 129.17 2.75 32.62
C ILE D 153 128.99 3.51 31.30
N TYR D 154 128.30 4.63 31.35
CA TYR D 154 128.25 5.44 30.11
C TYR D 154 128.85 6.81 30.55
N SER D 155 129.61 7.44 29.64
CA SER D 155 130.32 8.68 29.92
C SER D 155 130.27 9.48 28.70
N SER D 156 130.51 10.79 28.83
CA SER D 156 130.54 11.77 27.80
C SER D 156 131.92 12.37 27.91
N TRP D 157 132.59 12.51 26.76
CA TRP D 157 133.92 13.13 26.62
C TRP D 157 133.83 13.99 25.46
N SER D 158 134.56 15.08 25.46
CA SER D 158 134.66 16.01 24.36
C SER D 158 135.28 15.33 23.18
N ALA D 159 136.43 14.66 23.46
CA ALA D 159 137.34 14.07 22.52
C ALA D 159 137.94 12.83 23.17
N GLN D 160 138.27 11.74 22.42
CA GLN D 160 138.63 10.51 23.09
C GLN D 160 139.53 9.68 22.26
N THR D 161 140.51 8.90 22.80
CA THR D 161 141.15 7.76 22.10
C THR D 161 140.91 6.55 23.02
N ILE D 162 140.64 5.39 22.31
CA ILE D 162 140.55 4.11 23.01
C ILE D 162 141.22 3.15 22.09
N GLY D 163 141.50 1.91 22.61
CA GLY D 163 142.05 0.81 21.75
C GLY D 163 143.56 0.84 21.69
N ARG D 164 144.16 0.36 20.54
CA ARG D 164 145.58 0.10 20.42
C ARG D 164 146.48 1.33 20.52
N ASN D 165 147.29 1.40 21.66
CA ASN D 165 148.24 2.51 22.01
C ASN D 165 147.55 3.88 22.01
N SER D 166 146.51 3.97 22.78
CA SER D 166 145.69 5.11 23.01
C SER D 166 146.44 6.23 23.67
N LYS D 167 147.31 5.79 24.60
CA LYS D 167 147.98 6.67 25.54
C LYS D 167 148.72 7.86 24.98
N THR D 168 149.51 7.67 23.91
CA THR D 168 150.34 8.74 23.39
C THR D 168 149.49 9.76 22.64
N VAL D 169 148.44 9.28 21.90
CA VAL D 169 147.45 10.02 21.10
C VAL D 169 146.60 10.85 21.91
N ARG D 170 146.30 10.32 23.15
CA ARG D 170 145.45 10.85 24.16
C ARG D 170 146.00 12.22 24.58
N GLU D 171 147.40 12.35 24.88
CA GLU D 171 147.99 13.63 25.26
C GLU D 171 148.10 14.68 24.11
N PHE D 172 148.38 14.13 22.91
CA PHE D 172 148.42 14.98 21.69
C PHE D 172 147.07 15.73 21.44
N LEU D 173 145.99 14.97 21.66
CA LEU D 173 144.60 15.32 21.40
C LEU D 173 144.20 16.47 22.29
N GLU D 174 144.56 16.41 23.64
CA GLU D 174 144.27 17.35 24.71
C GLU D 174 144.69 18.78 24.29
N LYS D 175 146.02 18.93 23.93
CA LYS D 175 146.66 20.21 23.58
C LYS D 175 145.96 20.87 22.47
N ASN D 176 145.74 20.19 21.31
CA ASN D 176 145.18 20.72 20.13
C ASN D 176 143.75 21.05 20.33
N TYR D 177 142.95 20.21 20.99
CA TYR D 177 141.58 20.36 21.24
C TYR D 177 141.46 21.58 22.10
N ASP D 178 140.50 22.44 21.79
CA ASP D 178 140.13 23.53 22.61
C ASP D 178 138.61 23.29 22.81
N ARG D 179 138.21 23.57 24.02
CA ARG D 179 136.80 23.57 24.50
C ARG D 179 136.23 24.94 24.41
N LYS D 180 137.11 25.93 24.06
CA LYS D 180 136.81 27.27 23.72
C LYS D 180 136.03 27.30 22.46
N GLU D 181 136.69 26.74 21.42
CA GLU D 181 136.21 26.57 20.09
C GLU D 181 136.75 25.29 19.71
N PRO D 182 136.04 24.20 19.81
CA PRO D 182 136.29 22.94 19.08
C PRO D 182 136.35 23.25 17.60
N PRO D 183 137.16 22.49 16.70
CA PRO D 183 137.26 22.77 15.27
C PRO D 183 135.97 23.04 14.58
N ALA D 184 135.75 24.33 14.24
CA ALA D 184 134.59 24.71 13.47
C ALA D 184 134.74 24.31 12.05
N THR D 185 135.93 24.32 11.41
CA THR D 185 136.15 23.78 10.12
C THR D 185 136.00 22.31 10.15
N VAL D 186 135.29 21.75 9.13
CA VAL D 186 134.92 20.42 9.06
C VAL D 186 136.14 19.67 8.62
N GLU D 187 136.83 20.23 7.55
CA GLU D 187 138.08 19.71 7.06
C GLU D 187 139.23 19.57 7.97
N GLU D 188 139.34 20.48 8.91
CA GLU D 188 140.31 20.53 9.99
C GLU D 188 139.96 19.52 11.06
N CYS D 189 138.67 19.29 11.34
CA CYS D 189 138.29 18.18 12.24
C CYS D 189 138.73 16.82 11.76
N VAL D 190 138.57 16.60 10.45
CA VAL D 190 138.98 15.36 9.77
C VAL D 190 140.50 15.31 9.82
N LYS D 191 141.17 16.46 9.56
CA LYS D 191 142.62 16.52 9.49
C LYS D 191 143.26 16.15 10.89
N LEU D 192 142.58 16.55 12.02
CA LEU D 192 143.08 16.33 13.35
C LEU D 192 143.01 14.86 13.64
N THR D 193 141.83 14.29 13.28
CA THR D 193 141.52 12.88 13.38
C THR D 193 142.47 12.03 12.64
N VAL D 194 142.96 12.45 11.41
CA VAL D 194 144.04 11.84 10.59
C VAL D 194 145.36 11.92 11.25
N ARG D 195 145.77 13.04 11.90
CA ARG D 195 147.02 13.25 12.66
C ARG D 195 147.15 12.30 13.91
N SER D 196 146.03 12.13 14.68
CA SER D 196 145.82 11.27 15.81
C SER D 196 145.95 9.83 15.53
N LEU D 197 145.23 9.38 14.44
CA LEU D 197 145.27 8.01 13.98
C LEU D 197 146.63 7.77 13.31
N LEU D 198 147.39 8.84 12.76
CA LEU D 198 148.59 8.71 12.08
C LEU D 198 149.63 8.02 12.97
N GLU D 199 149.73 8.34 14.24
CA GLU D 199 150.60 7.92 15.31
C GLU D 199 150.61 6.44 15.58
N VAL D 200 149.38 5.83 15.54
CA VAL D 200 149.15 4.41 15.81
C VAL D 200 149.26 3.43 14.61
N VAL D 201 149.11 3.93 13.33
CA VAL D 201 149.14 3.12 12.15
C VAL D 201 150.52 2.87 11.70
N GLN D 202 151.37 3.89 11.95
CA GLN D 202 152.72 3.97 11.52
C GLN D 202 152.70 4.65 10.13
N THR D 203 152.65 3.86 9.04
CA THR D 203 152.43 4.40 7.69
C THR D 203 151.07 3.88 7.36
N GLY D 204 150.24 4.76 6.80
CA GLY D 204 148.97 4.25 6.26
C GLY D 204 148.03 5.39 6.00
N ALA D 205 147.16 5.13 4.97
CA ALA D 205 146.02 5.95 4.67
C ALA D 205 145.16 4.99 3.88
N LYS D 206 145.58 3.67 3.74
CA LYS D 206 144.59 2.65 3.37
C LYS D 206 144.23 1.86 4.61
N ASN D 207 144.92 2.19 5.71
CA ASN D 207 144.67 1.61 7.04
C ASN D 207 144.05 2.63 7.98
N ILE D 208 143.65 3.85 7.47
CA ILE D 208 142.97 4.95 8.20
C ILE D 208 141.66 4.93 7.56
N GLU D 209 140.65 4.88 8.45
CA GLU D 209 139.24 4.95 8.05
C GLU D 209 138.74 6.13 8.72
N ILE D 210 138.19 6.94 7.90
CA ILE D 210 137.59 8.23 8.41
C ILE D 210 136.18 8.08 7.90
N THR D 211 135.21 8.54 8.71
CA THR D 211 133.88 8.64 8.45
C THR D 211 133.41 9.91 9.16
N VAL D 212 132.36 10.63 8.61
CA VAL D 212 131.99 11.96 9.06
C VAL D 212 130.48 11.95 9.24
N VAL D 213 129.97 12.59 10.33
CA VAL D 213 128.58 12.70 10.56
C VAL D 213 128.29 14.16 10.68
N LYS D 214 127.18 14.74 10.01
CA LYS D 214 126.81 16.14 10.13
C LYS D 214 125.32 16.08 10.39
N PRO D 215 124.69 17.18 10.75
CA PRO D 215 123.26 17.18 11.09
C PRO D 215 122.36 16.83 10.01
N ASP D 216 121.06 16.64 10.40
CA ASP D 216 119.90 16.39 9.59
C ASP D 216 120.13 15.20 8.74
N SER D 217 120.56 14.10 9.35
CA SER D 217 120.76 12.79 8.72
C SER D 217 121.66 12.71 7.55
N ASP D 218 122.86 13.31 7.54
CA ASP D 218 123.91 13.24 6.48
C ASP D 218 125.02 12.39 7.11
N ILE D 219 125.26 11.23 6.42
CA ILE D 219 126.35 10.40 6.76
C ILE D 219 127.14 10.14 5.50
N VAL D 220 128.51 10.17 5.66
CA VAL D 220 129.48 9.81 4.60
C VAL D 220 130.55 8.97 5.15
N ALA D 221 131.17 8.15 4.19
CA ALA D 221 132.28 7.26 4.37
C ALA D 221 133.17 7.87 3.38
N LEU D 222 134.44 8.16 3.84
CA LEU D 222 135.29 8.88 2.94
C LEU D 222 136.18 8.01 2.20
N SER D 223 136.10 8.14 0.84
CA SER D 223 136.93 7.37 -0.11
C SER D 223 138.42 7.37 0.24
N SER D 224 139.18 6.41 -0.32
CA SER D 224 140.64 6.21 -0.06
C SER D 224 141.43 7.44 -0.58
N GLU D 225 141.02 8.10 -1.72
CA GLU D 225 141.71 9.26 -2.35
C GLU D 225 141.76 10.45 -1.45
N GLU D 226 140.67 10.74 -0.78
CA GLU D 226 140.52 11.82 0.17
C GLU D 226 141.33 11.58 1.44
N ILE D 227 141.52 10.29 1.88
CA ILE D 227 142.25 10.05 3.10
C ILE D 227 143.77 10.26 2.88
N ASN D 228 144.18 9.94 1.67
CA ASN D 228 145.53 10.11 1.17
C ASN D 228 145.78 11.57 0.94
N GLN D 229 144.78 12.43 0.61
CA GLN D 229 145.02 13.88 0.39
C GLN D 229 145.42 14.58 1.62
N TYR D 230 144.87 14.19 2.83
CA TYR D 230 145.13 14.75 4.13
C TYR D 230 146.61 14.54 4.45
N VAL D 231 147.18 13.36 4.17
CA VAL D 231 148.50 12.87 4.62
C VAL D 231 149.58 13.78 3.97
N THR D 232 149.38 14.11 2.69
CA THR D 232 150.32 14.98 1.96
C THR D 232 150.50 16.36 2.41
N GLN D 233 149.34 16.93 2.86
CA GLN D 233 149.21 18.24 3.49
C GLN D 233 149.71 18.19 4.94
N ILE D 234 149.43 17.05 5.68
CA ILE D 234 149.78 16.90 7.08
C ILE D 234 151.21 16.64 7.31
N GLU D 235 151.89 15.90 6.42
CA GLU D 235 153.34 15.72 6.39
C GLU D 235 154.06 16.96 6.01
N GLN D 236 153.44 17.79 5.09
CA GLN D 236 154.07 19.00 4.75
C GLN D 236 154.07 19.96 5.89
N GLU D 237 153.01 20.06 6.71
CA GLU D 237 153.05 20.98 7.81
C GLU D 237 153.96 20.48 8.99
N LYS D 238 154.06 19.15 9.29
CA LYS D 238 154.74 18.61 10.46
C LYS D 238 156.22 18.85 10.26
N GLN D 239 156.72 18.52 9.06
CA GLN D 239 158.04 18.68 8.61
C GLN D 239 158.38 20.14 8.59
N GLU D 240 157.43 20.96 8.05
CA GLU D 240 157.74 22.37 8.01
C GLU D 240 158.04 22.99 9.40
N GLN D 241 157.25 22.67 10.39
CA GLN D 241 157.30 23.06 11.78
C GLN D 241 158.52 22.70 12.51
N GLN D 242 158.98 21.48 12.20
CA GLN D 242 160.22 20.87 12.65
C GLN D 242 161.42 21.63 12.11
N GLU D 243 161.42 22.05 10.83
CA GLU D 243 162.57 22.74 10.25
C GLU D 243 162.72 24.07 10.91
N GLN D 244 161.61 24.71 11.19
CA GLN D 244 161.53 25.96 11.83
C GLN D 244 162.02 25.99 13.24
N ASP D 245 161.75 24.91 13.99
CA ASP D 245 162.14 24.83 15.34
C ASP D 245 163.67 24.86 15.43
N LYS D 246 164.34 24.14 14.47
CA LYS D 246 165.77 24.08 14.40
C LYS D 246 166.36 25.43 13.97
N LYS D 247 165.65 26.27 13.12
CA LYS D 247 166.00 27.65 12.82
C LYS D 247 166.02 28.65 13.98
N LYS D 248 165.05 28.49 15.07
CA LYS D 248 164.97 29.27 16.23
C LYS D 248 166.20 29.11 17.06
N LYS D 249 166.74 27.84 17.01
CA LYS D 249 167.98 27.43 17.60
C LYS D 249 169.21 28.04 16.94
N SER D 250 169.17 28.08 15.64
CA SER D 250 170.25 28.74 14.89
C SER D 250 170.35 30.21 15.12
N ASN D 251 169.17 30.90 15.20
CA ASN D 251 169.08 32.32 15.42
C ASN D 251 169.78 32.73 16.67
N HIS D 252 169.61 31.94 17.82
CA HIS D 252 170.28 32.23 19.11
C HIS D 252 171.67 31.61 19.14
N SER E 1 138.38 -18.64 50.50
CA SER E 1 138.54 -20.17 50.49
C SER E 1 137.18 -20.69 49.90
N GLU E 2 136.28 -21.20 50.76
CA GLU E 2 134.98 -21.74 50.36
C GLU E 2 133.97 -20.77 50.93
N TYR E 3 134.44 -19.68 51.59
CA TYR E 3 133.66 -18.51 52.21
C TYR E 3 133.51 -17.36 51.33
N ASP E 4 134.50 -17.11 50.40
CA ASP E 4 134.33 -15.96 49.48
C ASP E 4 133.88 -16.47 48.11
N ARG E 5 133.69 -17.78 47.98
CA ARG E 5 133.17 -18.38 46.82
C ARG E 5 131.91 -19.00 47.34
N GLY E 6 130.77 -18.35 46.94
CA GLY E 6 129.43 -18.75 47.38
C GLY E 6 128.72 -17.69 48.09
N VAL E 7 127.34 -17.62 47.86
CA VAL E 7 126.37 -16.64 48.35
C VAL E 7 125.47 -17.39 49.31
N SER E 8 125.71 -18.69 49.53
CA SER E 8 124.91 -19.54 50.31
C SER E 8 125.76 -20.08 51.44
N THR E 9 126.99 -19.57 51.66
CA THR E 9 127.96 -19.94 52.68
C THR E 9 128.15 -18.69 53.59
N PHE E 10 127.83 -18.88 54.91
CA PHE E 10 128.14 -17.99 55.98
C PHE E 10 129.51 -18.37 56.55
N SER E 11 130.16 -17.44 57.26
CA SER E 11 131.46 -17.56 57.85
C SER E 11 131.29 -17.57 59.34
N PRO E 12 132.31 -17.65 60.21
CA PRO E 12 132.19 -17.60 61.68
C PRO E 12 131.58 -16.32 62.20
N GLU E 13 131.16 -15.24 61.42
CA GLU E 13 130.53 -14.02 61.94
C GLU E 13 129.05 -14.28 61.77
N GLY E 14 128.64 -15.30 61.00
CA GLY E 14 127.26 -15.51 60.62
C GLY E 14 126.82 -14.56 59.52
N ARG E 15 127.81 -14.15 58.66
CA ARG E 15 127.58 -13.23 57.60
C ARG E 15 128.12 -13.81 56.31
N LEU E 16 127.68 -13.14 55.21
CA LEU E 16 128.26 -13.29 53.89
C LEU E 16 129.43 -12.28 53.80
N PHE E 17 130.48 -12.60 53.05
CA PHE E 17 131.59 -11.77 52.73
C PHE E 17 131.39 -11.13 51.33
N GLN E 18 130.19 -11.40 50.72
CA GLN E 18 129.77 -10.90 49.42
C GLN E 18 129.33 -9.51 49.76
N VAL E 19 128.55 -9.43 50.85
CA VAL E 19 127.87 -8.30 51.43
C VAL E 19 128.85 -7.27 52.01
N GLU E 20 129.94 -7.75 52.66
CA GLU E 20 131.01 -7.01 53.20
C GLU E 20 131.75 -6.25 52.13
N TYR E 21 132.07 -6.90 50.99
CA TYR E 21 132.96 -6.34 50.06
C TYR E 21 132.43 -5.17 49.37
N SER E 22 131.11 -5.08 49.16
CA SER E 22 130.31 -4.08 48.54
C SER E 22 130.25 -2.81 49.22
N LEU E 23 130.62 -2.76 50.50
CA LEU E 23 130.75 -1.50 51.25
C LEU E 23 131.97 -0.77 50.72
N GLU E 24 132.99 -1.49 50.20
CA GLU E 24 134.29 -0.95 50.04
C GLU E 24 134.37 -0.31 48.64
N ALA E 25 133.40 -0.78 47.78
CA ALA E 25 132.97 -0.23 46.51
C ALA E 25 132.42 1.13 46.58
N ILE E 26 131.61 1.46 47.65
CA ILE E 26 131.08 2.76 47.85
C ILE E 26 132.22 3.72 48.18
N LYS E 27 133.25 3.33 49.05
CA LYS E 27 134.37 4.06 49.47
C LYS E 27 135.31 4.29 48.37
N LEU E 28 135.27 3.44 47.36
CA LEU E 28 135.98 3.71 46.11
C LEU E 28 135.43 4.88 45.42
N GLY E 29 134.12 4.93 45.22
CA GLY E 29 133.37 6.04 44.68
C GLY E 29 133.68 7.33 45.26
N SER E 30 133.39 8.46 44.53
CA SER E 30 133.53 9.90 44.87
C SER E 30 132.63 10.23 46.03
N THR E 31 132.97 11.31 46.76
CA THR E 31 132.36 11.83 47.95
C THR E 31 131.02 12.43 47.62
N ALA E 32 129.98 12.05 48.45
CA ALA E 32 128.69 12.68 48.26
C ALA E 32 128.10 12.91 49.64
N ILE E 33 127.45 14.06 49.75
CA ILE E 33 127.03 14.54 51.08
C ILE E 33 125.61 14.96 50.86
N GLY E 34 124.83 14.62 51.86
CA GLY E 34 123.50 15.13 51.97
C GLY E 34 123.34 15.64 53.41
N ILE E 35 122.58 16.75 53.61
CA ILE E 35 122.35 17.43 54.86
C ILE E 35 120.92 17.88 54.85
N ALA E 36 120.19 17.40 55.83
CA ALA E 36 118.80 17.69 55.96
C ALA E 36 118.66 18.98 56.78
N THR E 37 117.67 19.89 56.49
CA THR E 37 117.28 21.02 57.29
C THR E 37 115.78 20.94 57.07
N LYS E 38 114.98 21.89 57.62
CA LYS E 38 113.52 21.80 57.72
C LYS E 38 112.99 22.72 56.70
N GLU E 39 113.93 23.21 55.85
CA GLU E 39 113.74 24.19 54.82
C GLU E 39 113.80 23.51 53.50
N GLY E 40 114.41 22.26 53.44
CA GLY E 40 114.64 21.57 52.20
C GLY E 40 115.90 20.75 52.49
N VAL E 41 116.24 19.72 51.63
CA VAL E 41 117.37 18.89 51.85
C VAL E 41 118.29 19.24 50.77
N VAL E 42 119.58 19.27 51.04
CA VAL E 42 120.56 19.78 50.11
C VAL E 42 121.47 18.60 49.82
N LEU E 43 121.71 18.25 48.51
CA LEU E 43 122.38 17.04 48.00
C LEU E 43 123.49 17.52 47.18
N GLY E 44 124.70 17.32 47.65
CA GLY E 44 125.88 17.73 47.03
C GLY E 44 126.72 16.52 46.61
N VAL E 45 127.61 16.69 45.62
CA VAL E 45 128.36 15.59 45.12
C VAL E 45 129.68 16.13 44.69
N GLU E 46 130.59 15.18 44.38
CA GLU E 46 131.94 15.40 44.01
C GLU E 46 131.96 14.74 42.64
N LYS E 47 132.70 15.36 41.74
CA LYS E 47 133.06 14.66 40.59
C LYS E 47 134.57 14.85 40.45
N ARG E 48 135.20 14.08 39.51
CA ARG E 48 136.61 14.13 39.39
C ARG E 48 136.94 14.49 37.97
N ALA E 49 138.21 14.91 37.80
CA ALA E 49 138.75 15.51 36.58
C ALA E 49 140.24 15.08 36.67
N THR E 50 140.70 14.50 35.60
CA THR E 50 141.98 13.98 35.42
C THR E 50 142.37 14.27 34.00
N SER E 51 141.39 14.79 33.22
CA SER E 51 141.60 15.09 31.80
C SER E 51 140.89 16.40 31.57
N PRO E 52 141.36 17.20 30.66
CA PRO E 52 140.66 18.42 30.22
C PRO E 52 139.65 18.12 29.20
N LEU E 53 139.60 16.94 28.64
CA LEU E 53 138.65 16.42 27.74
C LEU E 53 137.49 15.81 28.38
N LEU E 54 137.54 15.55 29.70
CA LEU E 54 136.43 14.87 30.34
C LEU E 54 135.30 15.88 30.58
N GLU E 55 134.16 15.60 30.00
CA GLU E 55 133.01 16.42 30.19
C GLU E 55 132.35 15.78 31.32
N SER E 56 132.19 16.46 32.45
CA SER E 56 131.64 15.88 33.65
C SER E 56 130.34 16.59 33.96
N ASP E 57 129.96 17.62 33.25
CA ASP E 57 128.79 18.44 33.41
C ASP E 57 127.73 18.04 32.42
N SER E 58 128.05 17.11 31.53
CA SER E 58 127.18 16.50 30.53
C SER E 58 126.72 15.14 30.82
N ILE E 59 127.05 14.56 32.11
CA ILE E 59 126.54 13.28 32.59
C ILE E 59 126.15 13.57 33.99
N GLU E 60 125.33 12.65 34.61
CA GLU E 60 124.63 13.03 35.88
C GLU E 60 125.24 12.23 36.93
N LYS E 61 124.94 12.72 38.19
CA LYS E 61 125.30 12.03 39.47
C LYS E 61 124.33 12.41 40.51
N ILE E 62 123.44 13.40 40.18
CA ILE E 62 122.28 13.69 40.96
C ILE E 62 121.21 13.58 39.97
N VAL E 63 120.09 12.88 40.34
CA VAL E 63 119.07 12.37 39.35
C VAL E 63 117.73 12.58 40.03
N GLU E 64 116.72 12.72 39.18
CA GLU E 64 115.42 12.94 39.68
C GLU E 64 114.71 11.65 39.57
N ILE E 65 114.16 11.16 40.71
CA ILE E 65 113.40 9.91 40.87
C ILE E 65 111.91 10.15 40.84
N ASP E 66 111.46 11.39 41.13
CA ASP E 66 110.06 11.77 40.94
C ASP E 66 110.18 13.33 40.79
N ARG E 67 109.10 14.07 41.22
CA ARG E 67 108.86 15.49 41.00
C ARG E 67 109.02 16.30 42.25
N HIS E 68 109.72 15.67 43.23
CA HIS E 68 109.97 16.22 44.59
C HIS E 68 110.97 15.32 45.22
N ILE E 69 111.38 14.22 44.55
CA ILE E 69 112.41 13.23 44.97
C ILE E 69 113.61 13.40 44.16
N GLY E 70 114.82 13.43 44.80
CA GLY E 70 116.07 13.46 44.13
C GLY E 70 116.90 12.46 44.84
N CYS E 71 118.07 12.09 44.34
CA CYS E 71 118.94 11.08 45.02
C CYS E 71 120.29 11.55 44.67
N ALA E 72 121.25 11.32 45.55
CA ALA E 72 122.68 11.45 45.19
C ALA E 72 123.15 10.03 45.17
N MET E 73 124.39 9.68 44.71
CA MET E 73 124.86 8.30 44.61
C MET E 73 126.31 8.26 44.75
N SER E 74 126.86 7.05 45.01
CA SER E 74 128.27 6.76 45.06
C SER E 74 128.45 5.34 44.81
N GLY E 75 129.53 4.98 44.04
CA GLY E 75 129.85 3.58 43.78
C GLY E 75 129.83 3.47 42.26
N LEU E 76 129.57 2.26 41.72
CA LEU E 76 129.62 1.94 40.31
C LEU E 76 128.36 2.43 39.74
N THR E 77 128.38 2.83 38.48
CA THR E 77 127.23 3.39 37.78
C THR E 77 126.40 2.23 37.22
N ALA E 78 127.07 1.05 37.09
CA ALA E 78 126.46 -0.17 36.60
C ALA E 78 125.42 -0.65 37.53
N ASP E 79 125.76 -0.69 38.82
CA ASP E 79 124.95 -1.04 39.99
C ASP E 79 123.95 0.07 40.29
N ALA E 80 124.32 1.29 39.89
CA ALA E 80 123.46 2.46 40.08
C ALA E 80 122.36 2.52 39.00
N ARG E 81 122.67 1.99 37.75
CA ARG E 81 121.79 2.11 36.63
C ARG E 81 120.51 1.38 36.92
N SER E 82 120.68 0.09 37.47
CA SER E 82 119.62 -0.89 37.80
C SER E 82 118.62 -0.42 38.92
N MET E 83 119.30 0.19 39.95
CA MET E 83 118.80 0.78 41.17
C MET E 83 117.86 2.01 40.93
N ILE E 84 118.27 2.96 39.99
CA ILE E 84 117.58 4.20 39.69
C ILE E 84 116.49 3.95 38.70
N GLU E 85 116.67 3.02 37.70
CA GLU E 85 115.61 2.66 36.79
C GLU E 85 114.44 2.02 37.54
N HIS E 86 114.83 1.22 38.51
CA HIS E 86 113.90 0.60 39.46
C HIS E 86 113.09 1.55 40.31
N ALA E 87 113.85 2.51 40.82
CA ALA E 87 113.33 3.51 41.72
C ALA E 87 112.41 4.57 41.01
N ARG E 88 112.70 4.86 39.72
CA ARG E 88 111.88 5.63 38.83
C ARG E 88 110.42 4.92 38.74
N THR E 89 110.47 3.53 38.46
CA THR E 89 109.24 2.77 38.29
C THR E 89 108.44 2.83 39.57
N ALA E 90 109.04 2.78 40.79
CA ALA E 90 108.27 2.68 42.03
C ALA E 90 107.48 3.89 42.29
N ALA E 91 108.04 5.08 42.07
CA ALA E 91 107.33 6.34 42.30
C ALA E 91 106.20 6.52 41.30
N VAL E 92 106.50 6.23 40.01
CA VAL E 92 105.59 6.36 38.87
C VAL E 92 104.34 5.45 39.09
N THR E 93 104.64 4.20 39.57
CA THR E 93 103.57 3.20 39.75
C THR E 93 102.62 3.65 40.88
N HIS E 94 103.15 4.41 41.89
CA HIS E 94 102.43 4.92 43.01
C HIS E 94 101.38 5.91 42.65
N ASN E 95 101.83 6.84 41.67
CA ASN E 95 100.91 7.87 41.19
C ASN E 95 99.76 7.20 40.45
N LEU E 96 99.98 6.00 39.87
CA LEU E 96 98.97 5.30 39.12
C LEU E 96 97.90 4.80 40.03
N TYR E 97 98.34 4.25 41.14
CA TYR E 97 97.47 3.42 41.93
C TYR E 97 96.61 4.14 42.88
N TYR E 98 96.97 5.38 43.25
CA TYR E 98 96.38 6.05 44.42
C TYR E 98 96.03 7.47 44.01
N ASP E 99 96.90 8.03 43.09
CA ASP E 99 96.87 9.35 42.50
C ASP E 99 97.31 10.35 43.53
N GLU E 100 98.47 10.01 44.17
CA GLU E 100 98.99 10.74 45.36
C GLU E 100 100.53 10.64 45.21
N ASP E 101 101.25 11.52 45.96
CA ASP E 101 102.71 11.47 46.07
C ASP E 101 103.17 10.24 46.70
N ILE E 102 104.30 9.68 46.30
CA ILE E 102 104.94 8.61 47.06
C ILE E 102 105.52 9.08 48.40
N ASN E 103 105.43 8.30 49.48
CA ASN E 103 105.98 8.77 50.73
C ASN E 103 107.49 8.53 50.74
N VAL E 104 108.36 9.29 51.54
CA VAL E 104 109.75 9.07 51.47
C VAL E 104 110.24 7.71 51.91
N GLU E 105 109.68 7.18 53.04
CA GLU E 105 110.07 5.93 53.66
C GLU E 105 109.84 4.71 52.81
N SER E 106 108.72 4.69 52.01
CA SER E 106 108.31 3.54 51.26
C SER E 106 109.22 3.39 50.01
N LEU E 107 109.71 4.45 49.41
CA LEU E 107 110.67 4.47 48.31
C LEU E 107 111.96 3.84 48.77
N THR E 108 112.38 4.13 50.04
CA THR E 108 113.53 3.48 50.58
C THR E 108 113.40 1.96 50.67
N GLN E 109 112.28 1.40 51.03
CA GLN E 109 112.06 0.01 51.19
C GLN E 109 112.23 -0.75 49.89
N SER E 110 111.68 -0.15 48.80
CA SER E 110 111.78 -0.76 47.51
C SER E 110 113.19 -0.94 46.99
N VAL E 111 114.06 0.06 47.18
CA VAL E 111 115.46 0.11 46.71
C VAL E 111 116.25 -0.95 47.43
N CYS E 112 116.02 -1.22 48.77
CA CYS E 112 116.74 -2.16 49.66
C CYS E 112 116.21 -3.57 49.40
N ASP E 113 115.00 -3.72 48.84
CA ASP E 113 114.38 -4.95 48.44
C ASP E 113 115.06 -5.55 47.15
N LEU E 114 115.48 -4.71 46.17
CA LEU E 114 116.38 -5.05 45.06
C LEU E 114 117.70 -5.42 45.50
N ALA E 115 118.18 -4.60 46.56
CA ALA E 115 119.51 -4.81 47.08
C ALA E 115 119.73 -6.21 47.60
N LEU E 116 118.64 -6.82 48.11
CA LEU E 116 118.67 -8.06 48.75
C LEU E 116 119.18 -9.18 47.81
N ARG E 117 118.75 -9.16 46.55
CA ARG E 117 119.26 -10.16 45.53
C ARG E 117 120.79 -10.19 45.45
N PHE E 118 121.47 -11.33 45.76
CA PHE E 118 122.90 -11.38 45.69
C PHE E 118 123.21 -12.66 44.93
N GLY E 119 122.19 -13.55 44.69
CA GLY E 119 122.41 -14.91 44.29
C GLY E 119 121.46 -15.34 43.24
N GLU E 120 121.00 -16.55 43.28
CA GLU E 120 120.11 -17.17 42.33
C GLU E 120 119.16 -17.92 43.12
N GLY E 121 117.94 -17.39 43.13
CA GLY E 121 116.73 -17.93 43.83
C GLY E 121 116.86 -18.04 45.36
N ALA E 122 115.69 -18.30 45.96
CA ALA E 122 115.39 -18.35 47.32
C ALA E 122 113.94 -18.48 47.40
N SER E 123 113.46 -19.00 48.52
CA SER E 123 112.04 -19.18 48.81
C SER E 123 111.58 -17.85 49.44
N GLY E 124 110.61 -17.23 48.80
CA GLY E 124 110.08 -15.93 49.25
C GLY E 124 110.83 -14.78 48.60
N GLU E 125 111.82 -15.12 47.77
CA GLU E 125 112.45 -14.11 46.92
C GLU E 125 113.18 -14.76 45.80
N GLU E 126 112.69 -14.53 44.55
CA GLU E 126 113.35 -14.84 43.32
C GLU E 126 114.46 -13.81 43.06
N ARG E 127 115.62 -14.43 42.69
CA ARG E 127 116.79 -13.66 42.61
C ARG E 127 117.23 -13.87 41.21
N LEU E 128 117.66 -12.79 40.56
CA LEU E 128 117.93 -12.94 39.10
C LEU E 128 119.18 -12.13 38.99
N MET E 129 119.62 -11.42 40.05
CA MET E 129 120.65 -10.43 40.02
C MET E 129 121.61 -11.02 40.95
N SER E 130 122.83 -11.32 40.41
CA SER E 130 123.68 -12.37 40.87
C SER E 130 124.87 -11.85 41.50
N ARG E 131 124.95 -10.59 41.93
CA ARG E 131 126.06 -10.04 42.63
C ARG E 131 125.46 -9.07 43.63
N PRO E 132 126.24 -8.68 44.67
CA PRO E 132 126.07 -7.47 45.42
C PRO E 132 126.04 -6.21 44.69
N PHE E 133 125.39 -5.18 45.23
CA PHE E 133 125.22 -3.91 44.61
C PHE E 133 126.31 -3.08 45.32
N GLY E 134 127.09 -2.38 44.45
CA GLY E 134 128.33 -1.79 44.82
C GLY E 134 128.03 -0.36 44.64
N VAL E 135 126.82 0.02 45.06
CA VAL E 135 126.27 1.39 44.95
C VAL E 135 125.39 1.56 46.11
N ALA E 136 125.36 2.71 46.70
CA ALA E 136 124.34 3.19 47.60
C ALA E 136 123.75 4.45 47.04
N LEU E 137 122.60 4.96 47.60
CA LEU E 137 122.04 6.19 47.25
C LEU E 137 121.73 6.93 48.59
N LEU E 138 121.82 8.26 48.67
CA LEU E 138 121.15 9.03 49.69
C LEU E 138 119.85 9.32 49.11
N ILE E 139 118.74 9.04 49.77
CA ILE E 139 117.38 9.21 49.25
C ILE E 139 116.75 10.34 50.04
N ALA E 140 116.38 11.43 49.36
CA ALA E 140 115.81 12.60 50.02
C ALA E 140 114.54 12.95 49.34
N GLY E 141 113.50 13.36 50.07
CA GLY E 141 112.25 13.90 49.50
C GLY E 141 111.49 14.56 50.53
N HIS E 142 110.16 14.59 50.31
CA HIS E 142 109.28 15.30 51.15
C HIS E 142 108.05 14.42 51.14
N ASP E 143 107.51 14.06 52.33
CA ASP E 143 106.08 13.69 52.44
C ASP E 143 105.54 14.70 53.33
N ALA E 144 104.19 14.72 53.29
CA ALA E 144 103.48 15.75 53.96
C ALA E 144 103.14 15.31 55.38
N ASP E 145 103.22 13.99 55.66
CA ASP E 145 102.66 13.44 56.83
C ASP E 145 103.70 13.51 57.87
N ASP E 146 105.04 13.52 57.46
CA ASP E 146 106.17 13.93 58.29
C ASP E 146 106.58 15.28 57.78
N GLY E 147 107.73 15.42 57.14
CA GLY E 147 108.23 16.59 56.57
C GLY E 147 109.15 16.24 55.44
N TYR E 148 110.37 16.82 55.57
CA TYR E 148 111.43 16.48 54.71
C TYR E 148 112.14 15.33 55.36
N GLN E 149 112.45 14.20 54.61
CA GLN E 149 113.15 13.12 55.30
C GLN E 149 114.29 12.68 54.38
N LEU E 150 115.36 12.20 55.02
CA LEU E 150 116.58 11.96 54.35
C LEU E 150 116.96 10.58 54.90
N PHE E 151 117.26 9.69 54.00
CA PHE E 151 117.51 8.31 54.29
C PHE E 151 118.75 7.82 53.59
N HIS E 152 119.34 6.71 54.06
CA HIS E 152 120.44 6.15 53.38
C HIS E 152 119.94 4.75 53.10
N ALA E 153 119.95 4.47 51.80
CA ALA E 153 119.55 3.13 51.37
C ALA E 153 120.85 2.32 51.32
N GLU E 154 120.88 1.19 52.05
CA GLU E 154 122.07 0.43 52.29
C GLU E 154 121.88 -0.74 51.42
N PRO E 155 122.91 -1.21 50.72
CA PRO E 155 122.79 -2.31 49.82
C PRO E 155 123.04 -3.58 50.53
N SER E 156 123.44 -3.42 51.77
CA SER E 156 123.95 -4.54 52.52
C SER E 156 123.15 -4.84 53.75
N GLY E 157 122.21 -3.97 54.07
CA GLY E 157 121.35 -4.24 55.15
C GLY E 157 120.15 -3.51 54.90
N THR E 158 119.35 -3.26 56.04
CA THR E 158 118.21 -2.38 55.94
C THR E 158 118.67 -0.93 56.22
N PHE E 159 117.81 -0.13 55.78
CA PHE E 159 117.89 1.29 55.71
C PHE E 159 117.88 2.04 56.96
N TYR E 160 118.70 3.08 57.04
CA TYR E 160 118.99 3.82 58.27
C TYR E 160 118.65 5.26 57.85
N ARG E 161 117.76 5.93 58.61
CA ARG E 161 117.48 7.30 58.47
C ARG E 161 118.58 8.14 59.08
N TYR E 162 118.88 9.28 58.38
CA TYR E 162 119.89 10.16 58.91
C TYR E 162 119.32 11.50 58.81
N ASN E 163 119.97 12.47 59.50
CA ASN E 163 119.70 13.92 59.41
C ASN E 163 120.80 14.58 58.62
N ALA E 164 121.96 13.79 58.47
CA ALA E 164 122.96 14.19 57.52
C ALA E 164 123.97 13.07 57.43
N LYS E 165 124.41 12.68 56.18
CA LYS E 165 125.09 11.46 56.05
C LYS E 165 126.00 11.71 54.90
N ALA E 166 127.22 11.27 54.96
CA ALA E 166 128.21 11.28 53.93
C ALA E 166 128.57 9.92 53.55
N ILE E 167 128.88 9.73 52.23
CA ILE E 167 129.24 8.45 51.60
C ILE E 167 130.40 8.78 50.68
N GLY E 168 131.18 7.74 50.27
CA GLY E 168 132.25 7.81 49.38
C GLY E 168 133.62 7.81 50.04
N SER E 169 134.66 8.24 49.30
CA SER E 169 135.97 8.15 49.73
C SER E 169 136.22 9.01 50.99
N GLY E 170 135.64 10.19 50.96
CA GLY E 170 135.84 11.26 51.94
C GLY E 170 134.69 11.25 52.99
N SER E 171 133.99 10.08 53.02
CA SER E 171 132.86 9.97 53.91
C SER E 171 133.24 10.15 55.34
N GLU E 172 134.46 9.60 55.75
CA GLU E 172 134.98 9.48 57.09
C GLU E 172 135.18 10.72 57.79
N GLY E 173 135.78 11.73 57.06
CA GLY E 173 136.13 12.99 57.74
C GLY E 173 134.92 13.88 57.78
N ALA E 174 133.98 13.70 56.82
CA ALA E 174 132.75 14.45 56.68
C ALA E 174 131.79 14.23 57.71
N GLN E 175 131.68 12.93 58.20
CA GLN E 175 130.80 12.49 59.23
C GLN E 175 131.05 13.15 60.57
N ALA E 176 132.37 13.32 60.98
CA ALA E 176 132.77 13.98 62.21
C ALA E 176 132.38 15.41 62.19
N GLU E 177 132.72 16.10 61.09
CA GLU E 177 132.39 17.50 60.84
C GLU E 177 130.96 17.79 60.83
N LEU E 178 130.01 16.92 60.31
CA LEU E 178 128.60 17.14 60.37
C LEU E 178 128.06 17.06 61.76
N LEU E 179 128.63 16.49 62.80
CA LEU E 179 128.02 16.30 64.10
C LEU E 179 128.04 17.65 64.83
N ASN E 180 129.16 18.32 64.54
CA ASN E 180 129.64 19.57 65.18
C ASN E 180 129.16 20.73 64.36
N GLU E 181 128.40 20.52 63.27
CA GLU E 181 127.98 21.53 62.36
C GLU E 181 126.64 21.23 61.76
N TRP E 182 125.88 20.22 62.21
CA TRP E 182 124.50 20.11 61.79
C TRP E 182 123.69 20.49 63.03
N HIS E 183 122.68 21.33 62.84
CA HIS E 183 121.96 21.95 63.78
C HIS E 183 120.68 22.23 63.11
N SER E 184 119.60 22.47 64.00
CA SER E 184 118.23 22.68 63.52
C SER E 184 117.99 24.20 63.41
N SER E 185 119.02 25.08 63.35
CA SER E 185 118.83 26.49 63.34
C SER E 185 119.32 27.08 62.10
N LEU E 186 119.58 26.13 61.15
CA LEU E 186 120.38 26.50 59.97
C LEU E 186 119.43 26.43 58.80
N THR E 187 119.43 27.58 58.06
CA THR E 187 118.50 28.05 57.00
C THR E 187 118.97 27.34 55.72
N LEU E 188 118.34 27.56 54.55
CA LEU E 188 118.54 26.91 53.20
C LEU E 188 119.82 27.26 52.63
N LYS E 189 120.19 28.49 52.75
CA LYS E 189 121.44 29.08 52.20
C LYS E 189 122.72 28.64 52.88
N GLU E 190 122.61 28.46 54.22
CA GLU E 190 123.65 27.98 55.08
C GLU E 190 123.98 26.53 54.81
N ALA E 191 122.94 25.71 54.50
CA ALA E 191 122.97 24.37 54.12
C ALA E 191 123.84 24.23 52.86
N GLU E 192 123.70 25.10 51.81
CA GLU E 192 124.58 25.05 50.68
C GLU E 192 126.03 25.28 50.88
N LEU E 193 126.34 26.33 51.61
CA LEU E 193 127.76 26.65 51.90
C LEU E 193 128.38 25.68 52.88
N LEU E 194 127.54 24.92 53.69
CA LEU E 194 128.11 23.90 54.57
C LEU E 194 128.61 22.78 53.78
N VAL E 195 127.83 22.24 52.74
CA VAL E 195 128.22 21.11 52.01
C VAL E 195 129.61 21.42 51.33
N LEU E 196 129.80 22.68 50.71
CA LEU E 196 130.97 23.01 49.93
C LEU E 196 132.19 23.14 50.88
N LYS E 197 131.97 23.57 52.09
CA LYS E 197 133.00 23.71 53.12
C LYS E 197 133.67 22.37 53.45
N ILE E 198 132.91 21.22 53.66
CA ILE E 198 133.31 19.85 53.90
C ILE E 198 133.85 19.22 52.62
N LEU E 199 133.23 19.51 51.49
CA LEU E 199 133.42 18.90 50.24
C LEU E 199 134.89 19.01 49.83
N LYS E 200 135.45 20.30 49.93
CA LYS E 200 136.86 20.63 49.49
C LYS E 200 138.00 19.94 50.21
N GLN E 201 137.78 19.70 51.49
CA GLN E 201 138.69 19.17 52.59
C GLN E 201 139.21 17.78 52.35
N VAL E 202 138.39 16.95 51.80
CA VAL E 202 138.62 15.57 51.45
C VAL E 202 138.76 15.47 49.88
N MET E 203 138.54 16.62 49.12
CA MET E 203 138.78 16.64 47.68
C MET E 203 140.31 16.76 47.56
N GLU E 204 140.93 16.18 46.53
CA GLU E 204 142.38 16.21 46.33
C GLU E 204 142.62 17.13 45.21
N GLU E 205 141.57 18.02 45.00
CA GLU E 205 141.55 18.90 43.91
C GLU E 205 140.95 20.08 44.52
N LYS E 206 141.13 21.23 43.89
CA LYS E 206 140.57 22.52 44.25
C LYS E 206 139.05 22.50 44.19
N LEU E 207 138.41 23.32 45.05
CA LEU E 207 137.01 23.56 45.05
C LEU E 207 136.63 24.37 43.81
N ASP E 208 135.87 23.75 42.87
CA ASP E 208 135.39 24.38 41.66
C ASP E 208 134.19 23.59 41.34
N GLU E 209 133.39 24.09 40.35
CA GLU E 209 132.06 23.60 40.05
C GLU E 209 132.20 22.58 38.98
N ASN E 210 133.36 22.25 38.43
CA ASN E 210 133.39 21.28 37.33
C ASN E 210 133.58 19.89 38.03
N ASN E 211 133.86 19.93 39.35
CA ASN E 211 133.95 18.82 40.22
C ASN E 211 132.86 18.88 41.31
N ALA E 212 131.93 19.72 41.10
CA ALA E 212 130.78 19.82 42.07
C ALA E 212 129.43 20.06 41.53
N GLN E 213 128.38 19.80 42.34
CA GLN E 213 127.02 19.87 41.91
C GLN E 213 126.24 19.71 43.15
N LEU E 214 125.54 20.90 43.45
CA LEU E 214 124.52 20.93 44.44
C LEU E 214 123.11 20.83 43.85
N SER E 215 122.15 20.50 44.77
CA SER E 215 120.73 20.41 44.47
C SER E 215 120.04 20.50 45.83
N CYS E 216 118.73 20.84 45.74
CA CYS E 216 117.84 20.92 46.86
C CYS E 216 116.52 20.25 46.59
N ILE E 217 115.84 19.83 47.66
CA ILE E 217 114.42 19.38 47.62
C ILE E 217 113.70 20.45 48.39
N THR E 218 112.90 21.22 47.63
CA THR E 218 112.03 22.15 48.16
C THR E 218 110.83 21.63 47.44
N LYS E 219 109.71 21.44 48.13
CA LYS E 219 108.45 20.93 47.66
C LYS E 219 107.85 22.03 46.84
N GLN E 220 107.89 23.28 47.31
CA GLN E 220 107.42 24.52 46.72
C GLN E 220 108.11 24.57 45.32
N ASP E 221 109.40 24.23 45.17
CA ASP E 221 110.12 24.37 43.93
C ASP E 221 110.10 23.20 43.04
N GLY E 222 109.69 22.01 43.62
CA GLY E 222 109.84 20.73 42.96
C GLY E 222 111.24 20.37 43.12
N PHE E 223 111.65 19.20 42.67
CA PHE E 223 113.10 18.92 42.84
C PHE E 223 113.93 19.70 41.83
N LYS E 224 114.85 20.58 42.27
CA LYS E 224 115.64 21.45 41.40
C LYS E 224 117.07 21.07 41.48
N ILE E 225 117.59 20.68 40.23
CA ILE E 225 118.98 20.63 40.02
C ILE E 225 119.45 21.97 39.52
N TYR E 226 120.57 22.45 40.10
CA TYR E 226 121.10 23.81 40.00
C TYR E 226 121.83 24.03 38.70
N ASP E 227 122.14 25.29 38.43
CA ASP E 227 122.87 25.76 37.29
C ASP E 227 124.29 25.78 37.63
N ASN E 228 125.26 26.05 36.67
CA ASN E 228 126.65 26.12 37.08
C ASN E 228 127.05 27.40 37.71
N GLU E 229 126.39 28.53 37.28
CA GLU E 229 126.61 29.87 37.69
C GLU E 229 126.28 30.11 39.14
N LYS E 230 125.21 29.59 39.61
CA LYS E 230 124.84 29.66 40.99
C LYS E 230 125.90 29.05 41.91
N THR E 231 126.48 27.86 41.51
CA THR E 231 127.43 27.09 42.37
C THR E 231 128.73 27.98 42.39
N ALA E 232 129.13 28.63 41.27
CA ALA E 232 130.41 29.28 41.05
C ALA E 232 130.44 30.44 41.98
N GLU E 233 129.26 31.17 42.04
CA GLU E 233 129.03 32.27 42.89
C GLU E 233 129.26 31.98 44.36
N LEU E 234 128.83 30.79 44.76
CA LEU E 234 128.81 30.34 46.12
C LEU E 234 130.21 29.89 46.61
N ILE E 235 131.07 29.44 45.69
CA ILE E 235 132.47 29.11 46.02
C ILE E 235 133.16 30.39 46.42
N LYS E 236 132.89 31.49 45.67
CA LYS E 236 133.36 32.76 46.02
C LYS E 236 132.88 33.32 47.38
N GLU E 237 131.57 33.28 47.74
CA GLU E 237 131.05 33.69 49.07
C GLU E 237 131.65 32.92 50.24
N LEU E 238 131.93 31.58 50.01
CA LEU E 238 132.53 30.66 50.97
C LEU E 238 133.88 31.07 51.34
N LYS E 239 134.77 31.29 50.40
CA LYS E 239 136.11 31.81 50.59
C LYS E 239 136.21 33.23 51.18
N GLU E 240 135.27 34.20 50.78
CA GLU E 240 135.27 35.56 51.34
C GLU E 240 134.90 35.56 52.77
N LYS E 241 133.93 34.69 53.18
CA LYS E 241 133.47 34.48 54.59
C LYS E 241 134.60 33.93 55.46
N GLU E 242 135.33 32.94 54.95
CA GLU E 242 136.35 32.36 55.73
C GLU E 242 137.62 33.17 55.72
N ALA E 243 137.90 34.06 54.78
CA ALA E 243 139.03 34.99 54.60
C ALA E 243 139.03 36.02 55.75
N ALA E 244 137.83 36.64 56.01
CA ALA E 244 137.58 37.53 57.01
C ALA E 244 137.58 37.06 58.45
N GLU E 245 137.09 35.73 58.69
CA GLU E 245 137.02 35.22 60.07
C GLU E 245 138.42 34.62 60.33
N ARG F 1 138.66 -30.94 60.16
CA ARG F 1 137.98 -30.82 58.81
C ARG F 1 136.46 -30.67 59.02
N ASN F 2 135.87 -29.52 58.61
CA ASN F 2 136.21 -28.36 57.86
C ASN F 2 136.68 -28.83 56.48
N ASN F 3 135.82 -29.65 55.86
CA ASN F 3 135.51 -29.49 54.47
C ASN F 3 134.06 -29.12 54.30
N TYR F 4 133.45 -28.94 55.47
CA TYR F 4 132.04 -28.76 55.53
C TYR F 4 131.73 -27.36 55.81
N ASP F 5 132.75 -26.45 55.80
CA ASP F 5 132.56 -25.05 56.16
C ASP F 5 131.98 -24.28 54.95
N GLY F 6 131.79 -24.97 53.77
CA GLY F 6 131.35 -24.44 52.54
C GLY F 6 130.07 -25.04 52.14
N ASP F 7 129.76 -26.32 52.63
CA ASP F 7 128.62 -27.13 52.14
C ASP F 7 127.56 -27.05 53.17
N THR F 8 126.34 -26.83 52.67
CA THR F 8 125.13 -26.72 53.50
C THR F 8 124.17 -27.84 53.13
N VAL F 9 124.62 -28.59 52.15
CA VAL F 9 123.99 -29.78 51.66
C VAL F 9 124.74 -31.01 52.07
N THR F 10 125.87 -30.83 52.87
CA THR F 10 126.68 -31.95 53.24
C THR F 10 126.95 -31.89 54.76
N PHE F 11 126.46 -33.00 55.48
CA PHE F 11 126.68 -33.14 56.95
C PHE F 11 128.13 -33.06 57.34
N SER F 12 128.34 -32.41 58.48
CA SER F 12 129.60 -32.21 59.18
C SER F 12 129.74 -33.40 60.10
N PRO F 13 130.97 -33.84 60.46
CA PRO F 13 131.04 -35.09 61.21
C PRO F 13 130.22 -35.06 62.53
N THR F 14 130.00 -33.94 63.22
CA THR F 14 129.19 -33.84 64.42
C THR F 14 127.71 -34.13 64.22
N GLY F 15 127.12 -33.97 62.98
CA GLY F 15 125.75 -34.22 62.73
C GLY F 15 125.02 -32.93 62.58
N ARG F 16 125.80 -31.78 62.64
CA ARG F 16 125.24 -30.50 62.51
C ARG F 16 125.36 -30.04 61.07
N LEU F 17 125.38 -28.73 60.79
CA LEU F 17 126.12 -28.01 59.75
C LEU F 17 126.69 -26.89 60.60
N PHE F 18 127.83 -26.40 60.08
CA PHE F 18 128.58 -25.22 60.53
C PHE F 18 127.79 -24.02 60.17
N GLN F 19 126.94 -24.07 59.06
CA GLN F 19 126.25 -22.90 58.60
C GLN F 19 125.19 -22.50 59.54
N VAL F 20 124.59 -23.47 60.18
CA VAL F 20 123.50 -23.32 61.14
C VAL F 20 124.12 -22.83 62.42
N GLU F 21 125.37 -23.33 62.64
CA GLU F 21 126.04 -22.90 63.85
C GLU F 21 126.46 -21.45 63.83
N TYR F 22 126.94 -20.97 62.64
CA TYR F 22 127.42 -19.58 62.39
C TYR F 22 126.23 -18.69 62.49
N ALA F 23 125.00 -19.24 62.15
CA ALA F 23 123.78 -18.45 62.12
C ALA F 23 123.41 -17.97 63.53
N LEU F 24 123.74 -18.80 64.55
CA LEU F 24 123.63 -18.47 66.00
C LEU F 24 124.58 -17.30 66.34
N GLU F 25 125.79 -17.25 65.68
CA GLU F 25 126.75 -16.18 65.87
C GLU F 25 126.12 -14.82 65.48
N ALA F 26 125.26 -14.96 64.43
CA ALA F 26 124.81 -13.71 63.75
C ALA F 26 123.92 -12.96 64.68
N ILE F 27 123.17 -13.75 65.50
CA ILE F 27 122.19 -13.38 66.54
C ILE F 27 122.93 -12.67 67.63
N LYS F 28 124.05 -13.21 68.16
CA LYS F 28 124.99 -12.62 69.10
C LYS F 28 125.53 -11.19 68.70
N GLN F 29 125.88 -10.96 67.40
CA GLN F 29 126.29 -9.68 66.95
C GLN F 29 125.10 -8.75 66.74
N GLY F 30 123.90 -9.33 66.60
CA GLY F 30 122.57 -8.81 66.50
C GLY F 30 122.05 -7.92 67.72
N SER F 31 120.93 -7.24 67.50
CA SER F 31 120.46 -6.35 68.60
C SER F 31 119.47 -6.94 69.49
N VAL F 32 119.72 -6.73 70.83
CA VAL F 32 119.00 -7.34 71.98
C VAL F 32 117.53 -7.03 71.98
N THR F 33 116.69 -8.03 72.37
CA THR F 33 115.27 -7.93 72.64
C THR F 33 115.00 -8.93 73.70
N VAL F 34 114.03 -8.51 74.55
CA VAL F 34 113.54 -9.30 75.68
C VAL F 34 112.10 -9.42 75.44
N GLY F 35 111.63 -10.67 75.55
CA GLY F 35 110.21 -11.04 75.54
C GLY F 35 109.77 -11.41 76.92
N LEU F 36 108.47 -11.22 77.11
CA LEU F 36 107.89 -11.88 78.21
C LEU F 36 106.42 -11.80 78.00
N ARG F 37 105.67 -12.62 78.82
CA ARG F 37 104.22 -12.75 78.67
C ARG F 37 103.60 -13.25 79.95
N SER F 38 102.25 -13.08 79.85
CA SER F 38 101.34 -13.37 80.85
C SER F 38 100.17 -13.93 80.05
N ASN F 39 99.12 -14.33 80.72
CA ASN F 39 97.91 -14.87 80.10
C ASN F 39 97.13 -13.85 79.29
N THR F 40 97.19 -12.55 79.68
CA THR F 40 96.28 -11.57 79.10
C THR F 40 97.08 -10.55 78.43
N HIS F 41 98.42 -10.59 78.49
CA HIS F 41 99.31 -9.67 77.72
C HIS F 41 100.54 -10.30 77.28
N ALA F 42 101.23 -9.74 76.25
CA ALA F 42 102.56 -10.07 75.86
C ALA F 42 103.26 -8.81 75.39
N VAL F 43 104.59 -8.71 75.73
CA VAL F 43 105.35 -7.47 75.51
C VAL F 43 106.66 -7.85 74.85
N LEU F 44 107.11 -7.02 73.97
CA LEU F 44 108.49 -7.07 73.32
C LEU F 44 109.09 -5.76 73.65
N VAL F 45 110.32 -5.78 74.13
CA VAL F 45 111.12 -4.61 74.42
C VAL F 45 112.40 -4.88 73.67
N ALA F 46 112.83 -3.86 72.87
CA ALA F 46 113.93 -4.02 71.98
C ALA F 46 114.83 -2.85 72.00
N LEU F 47 116.12 -3.02 71.78
CA LEU F 47 117.06 -1.88 71.72
C LEU F 47 117.27 -1.37 70.34
N LYS F 48 117.07 -0.02 70.14
CA LYS F 48 117.40 0.57 68.91
C LYS F 48 118.83 0.88 68.90
N ARG F 49 119.37 0.72 67.70
CA ARG F 49 120.76 1.00 67.44
C ARG F 49 120.93 2.16 66.53
N ASN F 50 122.13 2.68 66.57
CA ASN F 50 122.45 3.86 65.87
C ASN F 50 123.92 3.70 65.39
N ALA F 51 124.49 4.43 64.44
CA ALA F 51 125.90 4.38 64.17
C ALA F 51 126.49 5.68 64.58
N ASP F 52 125.60 6.68 64.77
CA ASP F 52 126.00 7.98 65.23
C ASP F 52 124.79 8.71 65.72
N GLU F 53 125.03 9.97 66.11
CA GLU F 53 124.13 10.83 66.74
C GLU F 53 123.45 11.81 65.74
N LEU F 54 123.47 11.44 64.45
CA LEU F 54 122.74 12.05 63.39
C LEU F 54 121.92 10.99 62.76
N SER F 55 121.91 9.75 63.39
CA SER F 55 121.03 8.66 63.03
C SER F 55 119.75 8.77 63.83
N SER F 56 118.60 8.37 63.25
CA SER F 56 117.31 8.54 63.86
C SER F 56 116.77 7.17 64.23
N TYR F 57 117.77 6.17 64.30
CA TYR F 57 117.65 4.83 64.93
C TYR F 57 116.80 3.87 64.14
N GLN F 58 117.11 2.60 64.23
CA GLN F 58 116.59 1.47 63.44
C GLN F 58 115.34 0.96 64.18
N LYS F 59 114.22 0.87 63.37
CA LYS F 59 113.03 0.14 63.78
C LYS F 59 113.41 -1.32 64.04
N LYS F 60 113.09 -1.85 65.29
CA LYS F 60 113.37 -3.20 65.74
C LYS F 60 112.01 -3.80 66.02
N ILE F 61 110.89 -3.04 65.74
CA ILE F 61 109.59 -3.56 65.92
C ILE F 61 108.96 -3.35 64.50
N ILE F 62 108.45 -4.45 63.95
CA ILE F 62 107.66 -4.53 62.76
C ILE F 62 106.34 -5.12 63.16
N LYS F 63 105.29 -4.36 62.80
CA LYS F 63 103.95 -4.72 62.88
C LYS F 63 103.58 -5.63 61.79
N CYS F 64 103.18 -6.87 62.29
CA CYS F 64 102.91 -7.88 61.33
C CYS F 64 101.38 -7.80 61.04
N ASP F 65 100.60 -7.55 62.14
CA ASP F 65 99.16 -7.48 62.13
C ASP F 65 98.80 -6.53 63.20
N GLU F 66 97.53 -6.37 63.56
CA GLU F 66 97.00 -5.50 64.54
C GLU F 66 96.75 -6.26 65.84
N HIS F 67 97.45 -7.38 66.01
CA HIS F 67 97.14 -8.23 67.15
C HIS F 67 98.38 -9.10 67.27
N MET F 68 99.44 -8.95 66.37
CA MET F 68 100.57 -9.85 66.31
C MET F 68 101.64 -8.99 65.79
N GLY F 69 102.87 -9.40 66.11
CA GLY F 69 103.94 -8.45 65.81
C GLY F 69 105.14 -9.27 66.27
N LEU F 70 106.32 -8.77 65.82
CA LEU F 70 107.56 -9.38 66.01
C LEU F 70 108.68 -8.41 66.16
N SER F 71 109.74 -8.97 66.72
CA SER F 71 110.93 -8.20 66.88
C SER F 71 112.08 -9.05 66.36
N LEU F 72 113.30 -8.49 66.22
CA LEU F 72 114.36 -9.08 65.58
C LEU F 72 115.59 -8.92 66.33
N ALA F 73 116.62 -9.71 66.05
CA ALA F 73 117.89 -9.70 66.68
C ALA F 73 118.67 -10.54 65.71
N GLY F 74 119.62 -9.92 64.95
CA GLY F 74 120.42 -10.61 63.92
C GLY F 74 120.18 -9.90 62.58
N LEU F 75 120.41 -10.64 61.44
CA LEU F 75 120.46 -10.18 60.05
C LEU F 75 119.12 -9.61 59.66
N ALA F 76 119.22 -8.32 59.25
CA ALA F 76 118.13 -7.56 58.79
C ALA F 76 117.73 -7.88 57.40
N PRO F 77 118.54 -8.15 56.42
CA PRO F 77 118.15 -8.74 55.22
C PRO F 77 117.34 -10.03 55.33
N ASP F 78 117.71 -11.01 56.17
CA ASP F 78 117.05 -12.25 56.30
C ASP F 78 115.74 -11.98 56.96
N ALA F 79 115.62 -10.95 57.88
CA ALA F 79 114.48 -10.59 58.71
C ALA F 79 113.43 -10.11 57.76
N ARG F 80 113.85 -9.38 56.64
CA ARG F 80 112.87 -8.84 55.69
C ARG F 80 112.12 -9.90 54.93
N VAL F 81 112.78 -11.01 54.46
CA VAL F 81 112.18 -12.00 53.58
C VAL F 81 111.15 -12.68 54.48
N LEU F 82 111.55 -13.01 55.78
CA LEU F 82 110.60 -13.73 56.61
C LEU F 82 109.47 -12.88 57.11
N SER F 83 109.58 -11.53 57.23
CA SER F 83 108.52 -10.66 57.62
C SER F 83 107.48 -10.58 56.58
N ASN F 84 107.86 -10.63 55.31
CA ASN F 84 107.00 -10.54 54.16
C ASN F 84 106.10 -11.69 54.17
N TYR F 85 106.70 -12.88 54.37
CA TYR F 85 106.11 -14.17 54.32
C TYR F 85 105.06 -14.16 55.48
N LEU F 86 105.47 -13.71 56.66
CA LEU F 86 104.70 -13.84 57.84
C LEU F 86 103.36 -13.01 57.77
N ARG F 87 103.44 -11.81 57.27
CA ARG F 87 102.23 -10.99 57.04
C ARG F 87 101.33 -11.58 56.07
N GLN F 88 101.88 -12.28 54.97
CA GLN F 88 101.11 -12.91 53.94
C GLN F 88 100.25 -14.03 54.51
N GLN F 89 100.87 -14.81 55.47
CA GLN F 89 100.06 -15.87 56.14
C GLN F 89 98.96 -15.34 57.04
N CYS F 90 99.10 -14.27 57.85
CA CYS F 90 98.11 -13.74 58.83
C CYS F 90 96.93 -13.11 58.14
N ASN F 91 97.21 -12.44 57.04
CA ASN F 91 96.18 -11.88 56.18
C ASN F 91 95.39 -12.95 55.46
N TYR F 92 96.04 -14.06 55.05
CA TYR F 92 95.40 -15.20 54.43
C TYR F 92 94.35 -15.79 55.32
N SER F 93 94.69 -16.00 56.64
CA SER F 93 93.80 -16.56 57.71
C SER F 93 92.63 -15.56 57.88
N SER F 94 92.80 -14.22 57.93
CA SER F 94 91.71 -13.26 58.02
C SER F 94 90.87 -13.21 56.72
N LEU F 95 91.41 -13.47 55.53
CA LEU F 95 90.67 -13.49 54.33
C LEU F 95 89.72 -14.72 54.22
N VAL F 96 90.21 -15.95 54.52
CA VAL F 96 89.49 -17.09 53.90
C VAL F 96 88.68 -17.65 54.99
N PHE F 97 89.19 -17.62 56.29
CA PHE F 97 88.62 -18.37 57.36
C PHE F 97 88.08 -17.37 58.39
N ASN F 98 88.22 -15.94 58.19
CA ASN F 98 87.80 -14.93 59.18
C ASN F 98 88.25 -15.29 60.50
N ARG F 99 89.60 -15.48 60.64
CA ARG F 99 90.15 -16.26 61.72
C ARG F 99 91.46 -15.46 62.07
N LYS F 100 91.84 -15.45 63.32
CA LYS F 100 93.19 -15.01 63.76
C LYS F 100 94.07 -16.23 63.62
N LEU F 101 95.32 -16.09 63.11
CA LEU F 101 96.30 -17.22 63.01
C LEU F 101 96.85 -17.31 64.37
N ALA F 102 96.81 -18.54 64.91
CA ALA F 102 97.42 -18.83 66.20
C ALA F 102 98.90 -18.56 66.21
N VAL F 103 99.50 -18.13 67.42
CA VAL F 103 100.94 -17.90 67.47
C VAL F 103 101.66 -19.12 67.08
N GLU F 104 101.25 -20.29 67.58
CA GLU F 104 101.93 -21.58 67.46
C GLU F 104 101.91 -22.10 66.07
N ARG F 105 100.74 -21.96 65.36
CA ARG F 105 100.47 -22.38 64.00
C ARG F 105 101.27 -21.63 62.98
N ALA F 106 101.45 -20.31 63.16
CA ALA F 106 102.31 -19.49 62.29
C ALA F 106 103.73 -19.91 62.19
N GLY F 107 104.20 -20.32 63.38
CA GLY F 107 105.57 -20.73 63.68
C GLY F 107 106.03 -22.02 62.96
N HIS F 108 105.06 -22.93 62.64
CA HIS F 108 105.27 -24.20 61.99
C HIS F 108 105.44 -24.09 60.52
N LEU F 109 104.96 -22.99 59.94
CA LEU F 109 105.08 -22.58 58.54
C LEU F 109 106.44 -21.96 58.31
N LEU F 110 106.83 -21.11 59.27
CA LEU F 110 108.17 -20.50 59.29
C LEU F 110 109.21 -21.63 59.41
N CYS F 111 108.93 -22.73 60.09
CA CYS F 111 109.85 -23.82 60.31
C CYS F 111 110.18 -24.46 59.02
N ASP F 112 109.12 -24.78 58.24
CA ASP F 112 109.42 -25.47 56.95
C ASP F 112 110.28 -24.57 56.06
N LYS F 113 110.04 -23.26 56.09
CA LYS F 113 110.70 -22.22 55.31
C LYS F 113 112.20 -22.07 55.66
N ALA F 114 112.65 -22.26 56.95
CA ALA F 114 114.06 -22.24 57.30
C ALA F 114 114.82 -23.43 56.67
N GLN F 115 114.25 -24.64 56.95
CA GLN F 115 114.81 -25.92 56.61
C GLN F 115 114.78 -26.09 55.07
N LYS F 116 113.93 -25.27 54.29
CA LYS F 116 113.93 -25.37 52.82
C LYS F 116 115.24 -24.93 52.20
N ASN F 117 115.83 -23.91 52.86
CA ASN F 117 117.01 -23.28 52.45
C ASN F 117 118.18 -24.08 52.92
N THR F 118 118.04 -24.95 53.90
CA THR F 118 119.05 -25.82 54.42
C THR F 118 119.12 -26.97 53.42
N GLN F 119 117.90 -27.51 53.02
CA GLN F 119 117.85 -28.59 52.10
C GLN F 119 118.51 -28.17 50.73
N SER F 120 118.20 -26.92 50.27
CA SER F 120 118.64 -26.38 48.98
C SER F 120 120.03 -25.96 48.99
N TYR F 121 120.58 -25.72 47.80
CA TYR F 121 121.87 -25.11 47.62
C TYR F 121 121.80 -23.76 47.04
N GLY F 122 120.64 -23.13 47.25
CA GLY F 122 120.33 -21.91 46.54
C GLY F 122 119.74 -20.90 47.48
N GLY F 123 120.26 -19.62 47.41
CA GLY F 123 119.98 -18.57 48.35
C GLY F 123 120.58 -18.81 49.69
N ARG F 124 120.64 -17.68 50.55
CA ARG F 124 121.26 -17.66 51.88
C ARG F 124 120.39 -18.45 52.78
N PRO F 125 121.00 -19.22 53.70
CA PRO F 125 120.29 -19.61 54.85
C PRO F 125 120.12 -18.51 55.88
N TYR F 126 119.20 -18.64 56.88
CA TYR F 126 118.82 -17.57 57.77
C TYR F 126 119.74 -17.51 58.86
N GLY F 127 119.73 -16.24 59.44
CA GLY F 127 120.68 -15.93 60.50
C GLY F 127 120.10 -14.82 61.39
N VAL F 128 118.82 -14.85 61.72
CA VAL F 128 118.20 -13.90 62.57
C VAL F 128 117.28 -14.82 63.43
N GLY F 129 117.06 -14.45 64.73
CA GLY F 129 116.16 -14.98 65.66
C GLY F 129 114.96 -14.01 65.68
N LEU F 130 113.72 -14.39 65.82
CA LEU F 130 112.59 -13.47 65.91
C LEU F 130 111.95 -13.84 67.22
N LEU F 131 111.64 -12.83 68.08
CA LEU F 131 110.78 -13.02 69.15
C LEU F 131 109.35 -12.58 68.67
N ILE F 132 108.35 -13.55 68.66
CA ILE F 132 106.99 -13.44 68.15
C ILE F 132 106.01 -13.32 69.34
N ILE F 133 105.08 -12.31 69.32
CA ILE F 133 103.94 -12.21 70.25
C ILE F 133 102.71 -12.17 69.48
N GLY F 134 101.65 -12.72 70.14
CA GLY F 134 100.38 -12.53 69.54
C GLY F 134 99.46 -12.72 70.67
N TYR F 135 98.17 -12.41 70.34
CA TYR F 135 97.15 -12.76 71.26
C TYR F 135 96.09 -13.33 70.38
N ASP F 136 95.79 -14.66 70.62
CA ASP F 136 94.73 -15.43 69.90
C ASP F 136 93.74 -15.87 70.95
N LYS F 137 92.88 -16.91 70.63
CA LYS F 137 91.83 -17.56 71.42
C LYS F 137 92.48 -18.17 72.65
N SER F 138 93.79 -18.50 72.63
CA SER F 138 94.48 -19.27 73.62
C SER F 138 95.40 -18.34 74.43
N GLY F 139 95.00 -17.05 74.46
CA GLY F 139 95.58 -16.01 75.15
C GLY F 139 96.92 -15.68 74.52
N ALA F 140 97.64 -14.74 75.14
CA ALA F 140 99.00 -14.39 74.71
C ALA F 140 100.01 -15.45 74.75
N HIS F 141 100.90 -15.56 73.75
CA HIS F 141 101.89 -16.65 73.67
C HIS F 141 103.12 -15.94 73.18
N LEU F 142 104.28 -16.54 73.53
CA LEU F 142 105.56 -16.04 73.21
C LEU F 142 106.35 -17.16 72.62
N LEU F 143 106.76 -17.05 71.35
CA LEU F 143 107.59 -18.00 70.68
C LEU F 143 108.94 -17.35 70.41
N GLU F 144 109.97 -18.27 70.43
CA GLU F 144 111.30 -17.88 70.07
C GLU F 144 111.54 -18.65 68.87
N PHE F 145 111.74 -17.94 67.72
CA PHE F 145 111.96 -18.53 66.46
C PHE F 145 113.48 -18.40 66.31
N GLN F 146 114.11 -19.46 65.78
CA GLN F 146 115.48 -19.64 65.62
C GLN F 146 115.66 -19.74 64.12
N PRO F 147 116.85 -19.46 63.54
CA PRO F 147 117.02 -19.57 62.12
C PRO F 147 117.14 -21.02 61.68
N SER F 148 117.27 -21.99 62.60
CA SER F 148 117.13 -23.39 62.32
C SER F 148 115.73 -23.75 61.92
N GLY F 149 114.75 -23.23 62.73
CA GLY F 149 113.30 -23.26 62.45
C GLY F 149 112.67 -23.78 63.72
N ASN F 150 113.39 -24.16 64.75
CA ASN F 150 112.96 -24.62 66.03
C ASN F 150 112.21 -23.50 66.66
N VAL F 151 110.97 -23.80 67.21
CA VAL F 151 110.07 -22.77 67.69
C VAL F 151 109.78 -23.20 69.09
N THR F 152 109.90 -22.30 70.11
CA THR F 152 109.96 -22.76 71.47
C THR F 152 108.99 -21.78 72.17
N GLU F 153 107.95 -22.30 72.92
CA GLU F 153 106.97 -21.56 73.66
C GLU F 153 107.51 -21.47 75.12
N LEU F 154 107.70 -20.24 75.63
CA LEU F 154 108.28 -20.01 76.94
C LEU F 154 107.39 -19.04 77.70
N TYR F 155 107.67 -18.69 78.96
CA TYR F 155 106.99 -17.56 79.64
C TYR F 155 107.79 -16.28 79.49
N GLY F 156 109.09 -16.39 79.03
CA GLY F 156 110.03 -15.28 78.83
C GLY F 156 111.24 -15.82 78.28
N THR F 157 111.82 -15.05 77.33
CA THR F 157 113.05 -15.39 76.62
C THR F 157 113.58 -14.15 75.98
N ALA F 158 114.85 -14.25 75.45
CA ALA F 158 115.64 -13.10 74.98
C ALA F 158 116.54 -13.57 73.93
N ILE F 159 116.84 -12.76 72.87
CA ILE F 159 117.85 -13.11 71.96
C ILE F 159 118.64 -11.83 71.69
N GLY F 160 119.93 -11.92 71.13
CA GLY F 160 120.63 -10.73 70.68
C GLY F 160 121.82 -10.60 71.50
N ALA F 161 122.39 -9.44 71.56
CA ALA F 161 123.69 -9.28 72.21
C ALA F 161 123.54 -9.05 73.65
N ARG F 162 124.19 -10.08 74.28
CA ARG F 162 124.38 -10.09 75.74
C ARG F 162 123.11 -10.37 76.54
N SER F 163 122.42 -11.41 76.02
CA SER F 163 121.06 -11.81 76.25
C SER F 163 121.00 -12.78 77.37
N GLN F 164 122.15 -13.18 77.97
CA GLN F 164 122.18 -14.15 79.03
C GLN F 164 121.72 -13.49 80.40
N GLY F 165 121.81 -12.13 80.55
CA GLY F 165 121.29 -11.45 81.69
C GLY F 165 119.82 -11.23 81.68
N ALA F 166 119.13 -11.36 80.48
CA ALA F 166 117.73 -11.22 80.41
C ALA F 166 117.01 -12.44 80.92
N LYS F 167 117.58 -13.63 80.64
CA LYS F 167 117.21 -14.91 81.12
C LYS F 167 117.39 -14.99 82.60
N THR F 168 118.38 -14.34 83.22
CA THR F 168 118.55 -14.34 84.62
C THR F 168 117.51 -13.42 85.31
N TYR F 169 117.05 -12.26 84.71
CA TYR F 169 116.03 -11.42 85.28
C TYR F 169 114.75 -12.24 85.35
N LEU F 170 114.45 -12.91 84.26
CA LEU F 170 113.19 -13.61 83.94
C LEU F 170 112.99 -14.82 84.75
N GLU F 171 114.04 -15.55 85.06
CA GLU F 171 114.05 -16.73 85.89
C GLU F 171 113.68 -16.42 87.30
N ARG F 172 114.29 -15.33 87.89
CA ARG F 172 113.97 -14.93 89.20
C ARG F 172 112.61 -14.46 89.42
N THR F 173 112.01 -13.70 88.50
CA THR F 173 110.79 -12.97 88.58
C THR F 173 109.77 -13.73 87.79
N LEU F 174 109.98 -15.06 87.39
CA LEU F 174 109.13 -15.89 86.55
C LEU F 174 107.71 -15.86 86.97
N ASP F 175 107.48 -15.98 88.29
CA ASP F 175 106.18 -16.07 88.90
C ASP F 175 105.49 -14.79 89.18
N THR F 176 106.28 -13.70 89.28
CA THR F 176 105.75 -12.36 89.66
C THR F 176 104.76 -12.01 88.59
N PHE F 177 105.14 -12.16 87.34
CA PHE F 177 104.39 -11.74 86.17
C PHE F 177 103.34 -12.75 85.66
N ILE F 178 103.25 -14.03 86.11
CA ILE F 178 102.17 -14.93 85.94
C ILE F 178 100.94 -14.50 86.74
N LYS F 179 101.17 -14.07 87.96
CA LYS F 179 100.16 -13.50 88.91
C LYS F 179 99.63 -12.19 88.37
N ILE F 180 100.40 -11.33 87.66
CA ILE F 180 99.82 -10.05 87.20
C ILE F 180 99.10 -10.31 85.98
N ASP F 181 97.80 -9.98 86.03
CA ASP F 181 97.01 -9.97 84.82
C ASP F 181 96.16 -8.82 84.84
N GLY F 182 95.88 -8.21 83.66
CA GLY F 182 95.11 -7.07 83.44
C GLY F 182 95.77 -5.72 83.67
N ASN F 183 97.09 -5.60 83.88
CA ASN F 183 97.85 -4.43 84.20
C ASN F 183 98.85 -4.46 83.09
N PRO F 184 98.71 -3.70 82.02
CA PRO F 184 99.73 -3.60 80.98
C PRO F 184 100.96 -2.89 81.52
N ASP F 185 100.80 -2.01 82.53
CA ASP F 185 101.82 -1.08 83.03
C ASP F 185 103.00 -1.93 83.59
N GLU F 186 102.60 -3.03 84.34
CA GLU F 186 103.49 -3.82 85.12
C GLU F 186 104.37 -4.62 84.15
N LEU F 187 103.74 -5.09 83.09
CA LEU F 187 104.47 -6.03 82.25
C LEU F 187 105.51 -5.32 81.44
N ILE F 188 105.17 -4.07 81.08
CA ILE F 188 106.08 -3.20 80.33
C ILE F 188 107.32 -2.90 81.16
N LYS F 189 107.19 -2.52 82.45
CA LYS F 189 108.25 -2.17 83.42
C LYS F 189 109.29 -3.27 83.65
N ALA F 190 108.85 -4.54 83.72
CA ALA F 190 109.56 -5.76 83.84
C ALA F 190 110.51 -5.99 82.72
N GLY F 191 110.20 -5.73 81.41
CA GLY F 191 111.18 -5.81 80.29
C GLY F 191 112.27 -4.80 80.29
N VAL F 192 111.98 -3.58 80.80
CA VAL F 192 112.84 -2.47 80.90
C VAL F 192 113.94 -2.79 81.93
N GLU F 193 113.60 -3.38 83.09
CA GLU F 193 114.57 -3.84 84.10
C GLU F 193 115.46 -4.90 83.62
N ALA F 194 114.81 -5.75 82.77
CA ALA F 194 115.40 -6.87 82.19
C ALA F 194 116.53 -6.47 81.32
N ILE F 195 116.44 -5.44 80.45
CA ILE F 195 117.37 -5.14 79.38
C ILE F 195 118.47 -4.16 79.77
N SER F 196 118.30 -3.61 81.07
CA SER F 196 119.38 -2.86 81.64
C SER F 196 120.57 -3.72 82.00
N GLN F 197 120.23 -4.93 82.57
CA GLN F 197 121.18 -5.95 83.02
C GLN F 197 121.82 -6.66 81.84
N SER F 198 121.05 -6.93 80.80
CA SER F 198 121.47 -7.56 79.58
C SER F 198 122.59 -6.82 78.99
N LEU F 199 122.43 -5.51 78.86
CA LEU F 199 123.40 -4.66 78.35
C LEU F 199 124.54 -4.49 79.31
N ARG F 200 125.73 -4.22 78.76
CA ARG F 200 126.96 -3.96 79.53
C ARG F 200 127.68 -2.95 78.72
N ASP F 201 128.20 -1.90 79.42
CA ASP F 201 128.94 -0.78 78.94
C ASP F 201 128.09 0.07 78.00
N GLU F 202 126.81 0.29 78.37
CA GLU F 202 125.80 0.97 77.65
C GLU F 202 124.92 1.38 78.85
N SER F 203 123.99 2.37 78.54
CA SER F 203 122.86 2.71 79.35
C SER F 203 121.68 2.87 78.50
N LEU F 204 120.45 2.69 78.90
CA LEU F 204 119.26 3.01 78.15
C LEU F 204 119.02 4.52 78.00
N THR F 205 118.41 4.91 76.85
CA THR F 205 117.97 6.29 76.65
C THR F 205 116.49 6.14 76.16
N VAL F 206 115.75 7.23 76.09
CA VAL F 206 114.38 7.36 75.79
C VAL F 206 114.06 6.79 74.45
N ASP F 207 114.87 7.16 73.49
CA ASP F 207 114.67 6.88 72.08
C ASP F 207 115.45 5.60 71.62
N ASN F 208 115.88 4.72 72.70
CA ASN F 208 116.54 3.44 72.51
C ASN F 208 115.48 2.38 72.84
N LEU F 209 114.34 2.78 73.50
CA LEU F 209 113.26 2.00 73.96
C LEU F 209 112.18 1.92 72.88
N SER F 210 111.78 0.74 72.48
CA SER F 210 110.61 0.68 71.59
C SER F 210 109.91 -0.51 72.26
N ILE F 211 108.66 -0.32 72.77
CA ILE F 211 107.87 -1.30 73.50
C ILE F 211 106.54 -1.43 72.79
N ALA F 212 106.30 -2.71 72.51
CA ALA F 212 105.23 -3.15 71.67
C ALA F 212 104.40 -4.12 72.49
N ILE F 213 103.12 -3.81 72.49
CA ILE F 213 102.24 -4.50 73.46
C ILE F 213 100.92 -4.85 72.81
N VAL F 214 100.39 -6.05 73.13
CA VAL F 214 99.11 -6.60 72.67
C VAL F 214 98.64 -7.45 73.80
N GLY F 215 97.33 -7.59 74.04
CA GLY F 215 96.86 -8.46 75.07
C GLY F 215 95.40 -8.66 74.77
N LYS F 216 94.56 -8.51 75.82
CA LYS F 216 93.18 -8.97 75.69
C LYS F 216 92.33 -7.68 75.79
N ASP F 217 93.01 -6.57 76.13
CA ASP F 217 92.34 -5.38 76.50
C ASP F 217 93.15 -4.29 75.95
N THR F 218 94.40 -4.57 75.59
CA THR F 218 95.25 -3.61 75.09
C THR F 218 95.30 -3.88 73.60
N PRO F 219 94.92 -2.97 72.63
CA PRO F 219 95.15 -3.21 71.22
C PRO F 219 96.67 -3.27 70.88
N PHE F 220 97.12 -3.86 69.72
CA PHE F 220 98.42 -3.73 69.28
C PHE F 220 98.78 -2.28 69.06
N THR F 221 99.68 -1.70 69.93
CA THR F 221 100.21 -0.32 69.95
C THR F 221 101.70 -0.32 70.26
N ILE F 222 102.43 0.60 69.60
CA ILE F 222 103.82 0.83 69.80
C ILE F 222 103.98 2.09 70.53
N TYR F 223 104.76 2.10 71.66
CA TYR F 223 105.01 3.32 72.45
C TYR F 223 106.42 3.72 72.25
N ASP F 224 106.61 5.10 72.02
CA ASP F 224 107.84 5.78 71.73
C ASP F 224 107.71 7.06 72.50
N GLY F 225 108.87 7.86 72.59
CA GLY F 225 109.04 9.11 73.31
C GLY F 225 108.37 9.09 74.58
N GLU F 226 107.38 9.97 74.78
CA GLU F 226 106.81 10.30 76.05
C GLU F 226 105.99 9.14 76.61
N ALA F 227 105.74 8.09 75.90
CA ALA F 227 104.99 6.93 76.21
C ALA F 227 105.85 5.81 76.70
N VAL F 228 107.24 6.10 76.70
CA VAL F 228 108.27 5.15 77.18
C VAL F 228 109.28 5.85 78.04
N ALA F 229 109.00 7.14 78.36
CA ALA F 229 109.83 7.88 79.34
C ALA F 229 109.07 7.85 80.66
N LYS F 230 108.01 6.98 80.71
CA LYS F 230 107.24 6.78 81.89
C LYS F 230 107.56 5.50 82.58
N TYR F 231 108.46 4.69 81.94
CA TYR F 231 108.87 3.39 82.40
C TYR F 231 110.36 3.21 82.33
N ILE F 232 111.09 4.34 81.99
CA ILE F 232 112.50 4.28 82.11
C ILE F 232 112.90 4.56 83.57
N ILE G 1 139.27 -38.53 55.65
CA ILE G 1 138.98 -39.57 54.61
C ILE G 1 139.36 -39.03 53.25
N GLY G 2 138.47 -38.33 52.54
CA GLY G 2 138.80 -37.70 51.33
C GLY G 2 138.45 -38.69 50.20
N THR G 3 138.72 -38.21 49.03
CA THR G 3 138.53 -38.99 47.77
C THR G 3 137.05 -39.23 47.57
N GLY G 4 136.16 -38.25 47.88
CA GLY G 4 134.76 -38.35 47.70
C GLY G 4 134.22 -39.08 48.83
N TYR G 5 133.09 -39.76 48.58
CA TYR G 5 132.62 -40.84 49.35
C TYR G 5 131.76 -40.41 50.53
N ASP G 6 131.64 -39.10 50.74
CA ASP G 6 130.92 -38.51 51.81
C ASP G 6 130.77 -37.11 51.51
N LEU G 7 131.56 -36.67 50.50
CA LEU G 7 131.66 -35.34 50.05
C LEU G 7 130.41 -35.12 49.16
N SER G 8 129.77 -36.21 48.67
CA SER G 8 128.53 -36.11 47.93
C SER G 8 127.81 -37.37 48.30
N ASN G 9 126.48 -37.45 47.95
CA ASN G 9 125.67 -38.54 48.33
C ASN G 9 125.44 -39.50 47.22
N SER G 10 125.81 -39.08 46.02
CA SER G 10 125.82 -39.88 44.86
C SER G 10 126.92 -40.87 44.88
N VAL G 11 128.13 -40.37 45.20
CA VAL G 11 129.41 -41.10 45.23
C VAL G 11 129.29 -42.16 46.28
N PHE G 12 129.88 -43.36 46.06
CA PHE G 12 129.83 -44.50 46.94
C PHE G 12 131.21 -44.95 47.36
N SER G 13 131.34 -45.48 48.60
CA SER G 13 132.62 -45.97 49.13
C SER G 13 132.92 -47.43 48.71
N PRO G 14 134.11 -48.02 48.86
CA PRO G 14 134.37 -49.38 48.47
C PRO G 14 133.96 -50.32 49.56
N ASP G 15 133.45 -49.84 50.71
CA ASP G 15 133.13 -50.59 51.89
C ASP G 15 131.67 -51.12 51.82
N GLY G 16 130.69 -50.36 51.21
CA GLY G 16 129.34 -50.69 51.16
C GLY G 16 128.46 -49.75 52.10
N ARG G 17 129.05 -48.59 52.45
CA ARG G 17 128.30 -47.63 53.30
C ARG G 17 128.55 -46.26 52.68
N ASN G 18 127.99 -45.19 53.35
CA ASN G 18 128.20 -43.82 52.99
C ASN G 18 128.34 -43.02 54.32
N PHE G 19 129.49 -42.39 54.44
CA PHE G 19 130.01 -41.84 55.76
C PHE G 19 129.27 -40.52 55.96
N GLN G 20 128.66 -39.92 54.90
CA GLN G 20 127.80 -38.77 55.12
C GLN G 20 126.47 -39.24 55.81
N VAL G 21 125.95 -40.43 55.48
CA VAL G 21 124.73 -41.03 56.07
C VAL G 21 125.05 -41.45 57.53
N GLU G 22 126.31 -41.87 57.80
CA GLU G 22 126.71 -42.17 59.18
C GLU G 22 126.66 -41.00 60.19
N TYR G 23 126.97 -39.72 59.78
CA TYR G 23 126.93 -38.53 60.57
C TYR G 23 125.44 -38.12 60.77
N ALA G 24 124.54 -38.54 59.83
CA ALA G 24 123.11 -38.25 60.01
C ALA G 24 122.54 -39.11 61.07
N VAL G 25 122.99 -40.41 61.10
CA VAL G 25 122.58 -41.34 62.16
C VAL G 25 123.11 -40.72 63.45
N LYS G 26 124.37 -40.16 63.58
CA LYS G 26 124.89 -39.56 64.79
C LYS G 26 123.96 -38.41 65.24
N ALA G 27 123.34 -37.69 64.33
CA ALA G 27 122.44 -36.68 64.76
C ALA G 27 121.17 -37.13 65.42
N VAL G 28 120.71 -38.40 65.15
CA VAL G 28 119.51 -39.05 65.77
C VAL G 28 119.81 -39.45 67.19
N GLU G 29 121.05 -39.87 67.39
CA GLU G 29 121.60 -40.24 68.66
C GLU G 29 121.69 -39.13 69.65
N ASN G 30 122.05 -37.93 69.12
CA ASN G 30 122.21 -36.72 69.93
C ASN G 30 120.80 -36.25 70.41
N GLY G 31 119.76 -36.36 69.50
CA GLY G 31 118.43 -35.99 69.88
C GLY G 31 117.84 -36.77 71.10
N THR G 32 116.69 -36.29 71.67
CA THR G 32 116.03 -36.71 72.89
C THR G 32 115.21 -38.02 72.66
N THR G 33 115.26 -39.00 73.69
CA THR G 33 114.76 -40.35 73.62
C THR G 33 113.21 -40.28 73.30
N SER G 34 112.85 -41.19 72.36
CA SER G 34 111.50 -41.49 71.92
C SER G 34 111.43 -43.00 71.89
N ILE G 35 110.28 -43.53 72.29
CA ILE G 35 110.13 -45.04 72.14
C ILE G 35 108.78 -45.21 71.55
N GLY G 36 108.49 -46.36 70.94
CA GLY G 36 107.14 -46.79 70.55
C GLY G 36 106.98 -48.24 70.95
N ILE G 37 105.81 -48.72 71.45
CA ILE G 37 105.72 -50.14 71.93
C ILE G 37 104.48 -50.65 71.22
N LYS G 38 104.60 -51.66 70.38
CA LYS G 38 103.52 -52.38 69.69
C LYS G 38 102.83 -53.39 70.71
N CYS G 39 101.52 -53.57 70.48
CA CYS G 39 100.70 -54.24 71.42
C CYS G 39 99.80 -55.08 70.57
N ASN G 40 99.05 -55.95 71.21
CA ASN G 40 98.21 -56.93 70.51
C ASN G 40 96.84 -56.24 70.26
N ASP G 41 96.72 -54.95 70.58
CA ASP G 41 95.50 -54.16 70.34
C ASP G 41 95.77 -52.67 70.34
N GLY G 42 97.04 -52.20 70.19
CA GLY G 42 97.23 -50.83 69.98
C GLY G 42 98.64 -50.59 69.77
N VAL G 43 99.01 -49.30 69.99
CA VAL G 43 100.40 -48.78 69.93
C VAL G 43 100.33 -47.68 70.98
N VAL G 44 101.51 -47.48 71.65
CA VAL G 44 101.69 -46.42 72.66
C VAL G 44 102.97 -45.72 72.09
N PHE G 45 103.02 -44.38 72.09
CA PHE G 45 104.20 -43.56 71.80
C PHE G 45 104.45 -42.69 73.01
N ALA G 46 105.77 -42.52 73.34
CA ALA G 46 106.19 -41.73 74.43
C ALA G 46 107.35 -41.00 73.91
N VAL G 47 107.76 -39.87 74.58
CA VAL G 47 108.86 -39.05 74.20
C VAL G 47 109.26 -38.38 75.49
N GLU G 48 110.57 -38.16 75.54
CA GLU G 48 111.27 -37.43 76.47
C GLU G 48 111.51 -36.12 75.73
N LYS G 49 111.01 -35.01 76.31
CA LYS G 49 111.23 -33.63 75.95
C LYS G 49 111.87 -33.14 77.19
N LEU G 50 113.14 -32.81 77.17
CA LEU G 50 113.85 -32.42 78.31
C LEU G 50 113.55 -30.97 78.62
N ILE G 51 113.62 -30.69 79.94
CA ILE G 51 113.56 -29.38 80.44
C ILE G 51 114.92 -28.89 80.78
N THR G 52 115.26 -27.76 80.10
CA THR G 52 116.61 -27.15 80.21
C THR G 52 116.60 -26.00 81.12
N SER G 53 115.38 -25.29 81.30
CA SER G 53 115.28 -24.16 82.14
C SER G 53 113.75 -24.18 82.55
N LYS G 54 113.33 -23.42 83.62
CA LYS G 54 111.92 -23.55 83.95
C LYS G 54 111.13 -22.46 83.31
N LEU G 55 111.78 -21.72 82.41
CA LEU G 55 111.25 -20.67 81.56
C LEU G 55 110.33 -21.30 80.55
N LEU G 56 110.54 -22.58 80.14
CA LEU G 56 109.56 -23.30 79.33
C LEU G 56 108.26 -23.40 80.09
N VAL G 57 107.21 -23.58 79.28
CA VAL G 57 105.84 -23.76 79.71
C VAL G 57 105.62 -25.28 79.62
N PRO G 58 105.08 -25.94 80.75
CA PRO G 58 104.95 -27.41 80.78
C PRO G 58 103.72 -27.86 79.99
N GLN G 59 103.95 -28.91 79.23
CA GLN G 59 102.95 -29.56 78.32
C GLN G 59 102.60 -28.72 77.12
N LYS G 60 103.61 -28.22 76.42
CA LYS G 60 103.41 -27.25 75.38
C LYS G 60 104.44 -27.42 74.35
N ASN G 61 105.49 -28.24 74.62
CA ASN G 61 106.50 -28.47 73.60
C ASN G 61 106.67 -29.98 73.74
N VAL G 62 106.84 -30.67 72.64
CA VAL G 62 106.61 -32.11 72.68
C VAL G 62 107.32 -32.49 71.39
N LYS G 63 107.41 -33.82 71.07
CA LYS G 63 107.74 -34.28 69.77
C LYS G 63 106.62 -35.22 69.22
N ILE G 64 105.46 -35.25 69.96
CA ILE G 64 104.33 -36.05 69.51
C ILE G 64 103.47 -35.10 68.65
N GLN G 65 103.17 -35.63 67.44
CA GLN G 65 102.31 -34.91 66.45
C GLN G 65 101.54 -35.98 65.78
N VAL G 66 100.28 -35.66 65.42
CA VAL G 66 99.31 -36.57 64.81
C VAL G 66 99.14 -36.28 63.35
N VAL G 67 98.75 -37.42 62.70
CA VAL G 67 98.62 -37.49 61.24
C VAL G 67 97.25 -38.11 61.09
N ASP G 68 96.34 -37.59 60.25
CA ASP G 68 94.93 -37.92 60.22
C ASP G 68 94.45 -37.77 61.70
N ARG G 69 93.64 -38.77 62.18
CA ARG G 69 93.17 -38.74 63.59
C ARG G 69 93.49 -40.11 64.08
N HIS G 70 94.54 -40.86 63.55
CA HIS G 70 94.62 -42.29 63.98
C HIS G 70 95.98 -42.87 63.61
N ILE G 71 96.88 -42.04 63.18
CA ILE G 71 98.28 -42.38 62.94
C ILE G 71 99.09 -41.39 63.77
N GLY G 72 99.80 -41.93 64.76
CA GLY G 72 100.72 -41.15 65.56
C GLY G 72 102.06 -41.36 65.08
N CYS G 73 102.92 -40.33 65.17
CA CYS G 73 104.29 -40.25 64.68
C CYS G 73 104.87 -39.38 65.74
N VAL G 74 106.15 -39.68 65.96
CA VAL G 74 107.01 -39.01 66.93
C VAL G 74 108.41 -39.16 66.35
N TYR G 75 109.31 -38.14 66.46
CA TYR G 75 110.59 -37.97 65.84
C TYR G 75 111.67 -37.65 66.85
N SER G 76 112.93 -38.13 66.52
CA SER G 76 114.14 -37.73 67.29
C SER G 76 115.15 -37.22 66.32
N GLY G 77 116.05 -36.25 66.73
CA GLY G 77 117.26 -35.89 66.07
C GLY G 77 117.25 -34.42 66.13
N LEU G 78 117.44 -33.81 64.92
CA LEU G 78 117.25 -32.38 64.68
C LEU G 78 115.76 -32.12 64.75
N ILE G 79 115.41 -31.23 65.77
CA ILE G 79 114.02 -30.95 66.06
C ILE G 79 113.25 -30.34 64.83
N PRO G 80 113.61 -29.28 64.05
CA PRO G 80 112.73 -28.71 63.06
C PRO G 80 112.71 -29.64 61.87
N ASP G 81 113.79 -30.49 61.66
CA ASP G 81 113.90 -31.41 60.63
C ASP G 81 112.98 -32.56 60.72
N GLY G 82 112.62 -33.03 61.93
CA GLY G 82 111.64 -34.10 62.21
C GLY G 82 110.23 -33.53 61.98
N ARG G 83 110.05 -32.20 62.30
CA ARG G 83 108.77 -31.54 62.17
C ARG G 83 108.48 -31.66 60.67
N HIS G 84 109.43 -31.37 59.78
CA HIS G 84 109.18 -31.20 58.36
C HIS G 84 108.77 -32.50 57.64
N LEU G 85 109.36 -33.63 58.13
CA LEU G 85 109.06 -34.89 57.57
C LEU G 85 107.62 -35.21 57.90
N VAL G 86 107.07 -34.73 59.03
CA VAL G 86 105.68 -34.90 59.48
C VAL G 86 104.75 -33.98 58.61
N ASN G 87 105.23 -32.79 58.24
CA ASN G 87 104.49 -31.75 57.49
C ASN G 87 104.22 -32.16 56.04
N ARG G 88 105.24 -32.82 55.44
CA ARG G 88 105.10 -33.44 54.16
C ARG G 88 104.29 -34.71 54.28
N GLY G 89 104.54 -35.50 55.34
CA GLY G 89 103.79 -36.67 55.65
C GLY G 89 102.29 -36.53 55.71
N ARG G 90 101.87 -35.40 56.32
CA ARG G 90 100.51 -34.91 56.47
C ARG G 90 99.92 -34.65 55.09
N GLU G 91 100.70 -34.10 54.10
CA GLU G 91 100.26 -33.77 52.73
C GLU G 91 99.93 -34.95 51.89
N GLU G 92 100.82 -35.99 52.04
CA GLU G 92 100.81 -37.34 51.44
C GLU G 92 99.57 -38.02 51.95
N ALA G 93 99.25 -37.86 53.29
CA ALA G 93 98.10 -38.50 53.96
C ALA G 93 96.75 -38.11 53.39
N ALA G 94 96.61 -36.79 53.18
CA ALA G 94 95.45 -36.13 52.64
C ALA G 94 95.16 -36.63 51.19
N SER G 95 96.21 -36.76 50.39
CA SER G 95 96.00 -37.16 48.99
C SER G 95 95.30 -38.47 48.77
N PHE G 96 95.70 -39.44 49.53
CA PHE G 96 95.27 -40.76 49.62
C PHE G 96 93.75 -40.82 50.07
N LYS G 97 93.33 -39.94 51.10
CA LYS G 97 92.01 -39.88 51.62
C LYS G 97 90.97 -39.37 50.60
N LYS G 98 91.31 -38.32 49.85
CA LYS G 98 90.57 -37.65 48.87
C LYS G 98 90.40 -38.67 47.84
N LEU G 99 91.48 -39.31 47.28
CA LEU G 99 91.32 -40.18 46.06
C LEU G 99 90.57 -41.47 46.28
N TYR G 100 90.76 -42.16 47.45
CA TYR G 100 90.27 -43.52 47.64
C TYR G 100 89.15 -43.57 48.63
N LYS G 101 88.76 -42.41 49.28
CA LYS G 101 87.65 -42.28 50.24
C LYS G 101 87.73 -43.25 51.38
N THR G 102 89.00 -43.42 51.89
CA THR G 102 89.28 -44.46 52.89
C THR G 102 90.41 -43.86 53.69
N PRO G 103 90.52 -44.09 54.98
CA PRO G 103 91.74 -43.95 55.74
C PRO G 103 92.87 -44.71 55.36
N ILE G 104 94.13 -44.12 55.40
CA ILE G 104 95.31 -44.71 55.00
C ILE G 104 95.70 -45.93 55.90
N PRO G 105 95.90 -47.14 55.34
CA PRO G 105 96.65 -48.20 56.04
C PRO G 105 98.02 -47.83 56.40
N ILE G 106 98.51 -48.20 57.55
CA ILE G 106 99.80 -47.84 58.14
C ILE G 106 100.95 -48.36 57.25
N PRO G 107 100.95 -49.55 56.60
CA PRO G 107 102.07 -49.94 55.76
C PRO G 107 102.19 -49.16 54.43
N ALA G 108 101.04 -48.56 54.04
CA ALA G 108 100.91 -47.71 52.90
C ALA G 108 101.62 -46.44 53.14
N PHE G 109 101.39 -45.80 54.33
CA PHE G 109 102.10 -44.65 54.87
C PHE G 109 103.50 -44.99 54.98
N ALA G 110 103.86 -46.21 55.43
CA ALA G 110 105.19 -46.58 55.64
C ALA G 110 106.02 -46.50 54.34
N ASP G 111 105.42 -46.90 53.17
CA ASP G 111 106.09 -46.85 51.84
C ASP G 111 106.41 -45.48 51.40
N ARG G 112 105.45 -44.57 51.59
CA ARG G 112 105.33 -43.21 51.06
C ARG G 112 106.32 -42.28 51.77
N LEU G 113 106.48 -42.37 53.11
CA LEU G 113 107.48 -41.52 53.87
C LEU G 113 108.98 -41.68 53.55
N GLY G 114 109.40 -42.93 53.40
CA GLY G 114 110.67 -43.42 52.98
C GLY G 114 111.07 -43.20 51.55
N GLN G 115 110.10 -42.84 50.70
CA GLN G 115 110.37 -42.38 49.39
C GLN G 115 110.81 -40.89 49.44
N TYR G 116 110.36 -40.07 50.44
CA TYR G 116 110.82 -38.74 50.61
C TYR G 116 112.28 -38.64 51.02
N VAL G 117 112.73 -39.53 51.93
CA VAL G 117 114.11 -39.59 52.42
C VAL G 117 114.98 -40.03 51.31
N GLN G 118 114.62 -41.00 50.45
CA GLN G 118 115.38 -41.50 49.43
C GLN G 118 115.67 -40.59 48.30
N ALA G 119 114.66 -39.69 47.92
CA ALA G 119 114.78 -38.63 46.99
C ALA G 119 115.80 -37.59 47.37
N HIS G 120 115.95 -37.45 48.72
CA HIS G 120 116.99 -36.52 49.26
C HIS G 120 118.41 -37.07 49.37
N THR G 121 118.62 -38.31 48.83
CA THR G 121 119.96 -38.79 48.63
C THR G 121 120.31 -38.98 47.23
N LEU G 122 119.40 -38.80 46.23
CA LEU G 122 119.72 -38.95 44.86
C LEU G 122 120.29 -37.69 44.31
N TYR G 123 120.42 -36.58 45.04
CA TYR G 123 120.78 -35.33 44.51
C TYR G 123 121.72 -34.78 45.52
N ASN G 124 122.87 -34.18 44.99
CA ASN G 124 124.02 -33.70 45.71
C ASN G 124 123.67 -32.25 46.20
N SER G 125 122.57 -31.77 45.65
CA SER G 125 122.03 -30.46 45.99
C SER G 125 120.88 -30.55 46.91
N VAL G 126 120.67 -31.73 47.51
CA VAL G 126 119.69 -31.91 48.56
C VAL G 126 120.47 -32.69 49.66
N ARG G 127 120.53 -32.02 50.86
CA ARG G 127 120.99 -32.55 52.14
C ARG G 127 120.05 -33.67 52.53
N PRO G 128 120.47 -34.96 52.88
CA PRO G 128 119.53 -35.93 53.43
C PRO G 128 118.79 -35.39 54.64
N PHE G 129 117.91 -36.29 55.19
CA PHE G 129 117.28 -36.20 56.50
C PHE G 129 118.23 -36.80 57.50
N GLY G 130 118.03 -36.58 58.81
CA GLY G 130 118.91 -36.90 59.90
C GLY G 130 118.05 -37.12 61.09
N VAL G 131 116.98 -37.83 60.94
CA VAL G 131 115.91 -38.02 61.89
C VAL G 131 115.47 -39.48 61.60
N SER G 132 115.17 -40.19 62.70
CA SER G 132 114.39 -41.39 62.71
C SER G 132 113.03 -41.10 63.10
N THR G 133 112.06 -41.90 62.68
CA THR G 133 110.66 -41.56 62.93
C THR G 133 110.03 -42.87 63.30
N ILE G 134 109.51 -43.01 64.61
CA ILE G 134 108.73 -44.09 65.17
C ILE G 134 107.39 -43.86 64.78
N PHE G 135 106.49 -44.78 64.36
CA PHE G 135 105.20 -44.42 63.86
C PHE G 135 104.38 -45.65 64.01
N GLY G 136 103.04 -45.55 63.79
CA GLY G 136 102.10 -46.65 63.77
C GLY G 136 100.74 -46.21 64.21
N GLY G 137 99.80 -47.19 64.29
CA GLY G 137 98.40 -46.90 64.63
C GLY G 137 97.63 -48.18 64.65
N VAL G 138 96.32 -48.10 64.37
CA VAL G 138 95.37 -49.24 64.26
C VAL G 138 94.74 -49.02 62.89
N ASP G 139 94.64 -50.10 62.07
CA ASP G 139 93.93 -50.00 60.81
C ASP G 139 93.13 -51.25 60.58
N LYS G 140 92.95 -51.64 59.31
CA LYS G 140 92.15 -52.78 58.77
C LYS G 140 92.66 -54.10 59.26
N ASN G 141 93.96 -54.12 59.53
CA ASN G 141 94.63 -55.33 59.83
C ASN G 141 94.98 -55.29 61.29
N GLY G 142 94.53 -54.30 62.05
CA GLY G 142 94.91 -54.13 63.37
C GLY G 142 96.10 -53.27 63.48
N ALA G 143 96.78 -53.42 64.66
CA ALA G 143 97.82 -52.48 65.07
C ALA G 143 99.22 -52.90 64.45
N HIS G 144 99.97 -51.92 64.15
CA HIS G 144 101.28 -52.11 63.46
C HIS G 144 102.13 -50.96 64.03
N LEU G 145 103.46 -51.22 64.15
CA LEU G 145 104.46 -50.30 64.65
C LEU G 145 105.56 -50.44 63.70
N TYR G 146 106.11 -49.30 63.26
CA TYR G 146 107.19 -49.14 62.31
C TYR G 146 108.14 -48.17 62.82
N MET G 147 109.30 -48.20 62.28
CA MET G 147 110.33 -47.12 62.43
C MET G 147 111.13 -47.02 61.17
N LEU G 148 111.53 -45.75 60.84
CA LEU G 148 112.16 -45.34 59.63
C LEU G 148 113.48 -44.69 59.99
N GLU G 149 114.58 -44.97 59.31
CA GLU G 149 115.90 -44.54 59.49
C GLU G 149 116.14 -43.38 58.57
N PRO G 150 117.09 -42.56 58.88
CA PRO G 150 117.49 -41.47 57.95
C PRO G 150 118.32 -41.92 56.75
N SER G 151 118.74 -43.22 56.70
CA SER G 151 119.24 -43.92 55.54
C SER G 151 118.22 -44.05 54.44
N GLY G 152 117.01 -44.37 54.90
CA GLY G 152 115.94 -44.56 54.02
C GLY G 152 115.63 -45.98 53.97
N SER G 153 115.89 -46.65 55.11
CA SER G 153 115.68 -48.03 55.43
C SER G 153 114.59 -48.03 56.40
N TYR G 154 113.65 -49.01 56.37
CA TYR G 154 112.63 -49.11 57.37
C TYR G 154 112.22 -50.55 57.53
N TRP G 155 111.70 -50.91 58.71
CA TRP G 155 111.18 -52.22 58.92
C TRP G 155 110.18 -52.07 60.03
N GLY G 156 109.30 -53.11 60.17
CA GLY G 156 108.37 -53.24 61.24
C GLY G 156 108.93 -53.64 62.56
N TYR G 157 108.31 -53.36 63.72
CA TYR G 157 109.00 -53.60 65.02
C TYR G 157 107.93 -54.01 65.98
N LYS G 158 108.33 -54.60 67.16
CA LYS G 158 107.47 -54.99 68.24
C LYS G 158 107.76 -53.94 69.27
N GLY G 159 108.98 -53.47 69.26
CA GLY G 159 109.34 -52.40 70.16
C GLY G 159 110.47 -51.77 69.46
N ALA G 160 110.37 -50.43 69.52
CA ALA G 160 111.26 -49.56 68.81
C ALA G 160 111.78 -48.49 69.76
N ALA G 161 112.99 -47.94 69.39
CA ALA G 161 113.58 -46.95 70.28
C ALA G 161 114.58 -46.16 69.52
N THR G 162 114.76 -44.89 69.86
CA THR G 162 115.69 -44.01 69.23
C THR G 162 116.02 -42.91 70.17
N GLY G 163 117.10 -42.17 69.92
CA GLY G 163 117.54 -40.97 70.67
C GLY G 163 118.75 -41.26 71.49
N LYS G 164 119.06 -40.41 72.49
CA LYS G 164 120.18 -40.44 73.35
C LYS G 164 120.05 -41.56 74.45
N GLY G 165 118.92 -41.62 75.16
CA GLY G 165 118.74 -42.64 76.19
C GLY G 165 118.21 -43.97 75.67
N ARG G 166 118.45 -44.27 74.36
CA ARG G 166 117.89 -45.44 73.67
C ARG G 166 118.55 -46.77 74.16
N GLN G 167 119.70 -46.72 74.93
CA GLN G 167 120.45 -47.80 75.44
C GLN G 167 119.73 -48.56 76.56
N SER G 168 119.02 -47.78 77.42
CA SER G 168 118.06 -48.27 78.41
C SER G 168 116.82 -48.83 77.83
N ALA G 169 116.28 -48.11 76.85
CA ALA G 169 114.92 -48.41 76.28
C ALA G 169 114.94 -49.75 75.67
N LYS G 170 116.08 -50.07 75.00
CA LYS G 170 116.23 -51.22 74.14
C LYS G 170 116.17 -52.41 75.06
N ALA G 171 116.75 -52.31 76.28
CA ALA G 171 116.89 -53.29 77.27
C ALA G 171 115.50 -53.64 77.92
N GLU G 172 114.71 -52.59 78.18
CA GLU G 172 113.35 -52.71 78.79
C GLU G 172 112.36 -53.35 77.84
N LEU G 173 112.51 -53.03 76.52
CA LEU G 173 111.73 -53.57 75.41
C LEU G 173 111.93 -55.14 75.35
N GLU G 174 113.16 -55.64 75.64
CA GLU G 174 113.58 -57.00 75.50
C GLU G 174 112.98 -57.81 76.61
N LYS G 175 112.97 -57.21 77.83
CA LYS G 175 112.41 -57.75 79.08
C LYS G 175 110.90 -58.01 78.86
N LEU G 176 110.28 -57.11 78.13
CA LEU G 176 108.94 -57.16 77.66
C LEU G 176 108.62 -58.31 76.71
N VAL G 177 109.51 -58.72 75.74
CA VAL G 177 109.22 -59.84 74.80
C VAL G 177 109.03 -61.04 75.64
N ASP G 178 109.99 -61.16 76.65
CA ASP G 178 109.94 -62.33 77.53
C ASP G 178 108.72 -62.28 78.46
N HIS G 179 108.43 -61.15 79.01
CA HIS G 179 107.42 -60.99 79.99
C HIS G 179 105.99 -61.24 79.40
N HIS G 180 105.77 -60.79 78.15
CA HIS G 180 104.56 -60.81 77.53
C HIS G 180 104.95 -61.19 76.10
N PRO G 181 104.44 -62.25 75.45
CA PRO G 181 104.77 -62.58 74.15
C PRO G 181 103.59 -62.05 73.28
N GLU G 182 102.85 -61.19 73.85
CA GLU G 182 101.81 -60.46 73.10
C GLU G 182 102.37 -59.03 72.90
N GLY G 183 103.55 -58.73 73.55
CA GLY G 183 104.22 -57.42 73.51
C GLY G 183 103.56 -56.47 74.49
N LEU G 184 102.61 -56.97 75.39
CA LEU G 184 101.87 -56.27 76.38
C LEU G 184 100.59 -55.73 75.76
N SER G 185 99.45 -55.67 76.53
CA SER G 185 98.22 -55.05 76.13
C SER G 185 98.27 -53.64 76.23
N ALA G 186 97.34 -53.01 75.42
CA ALA G 186 97.54 -51.55 75.20
C ALA G 186 97.32 -50.72 76.46
N ARG G 187 96.38 -51.13 77.35
CA ARG G 187 96.11 -50.37 78.59
C ARG G 187 97.32 -50.34 79.49
N GLU G 188 97.97 -51.48 79.73
CA GLU G 188 99.05 -51.56 80.72
C GLU G 188 100.40 -51.02 80.16
N ALA G 189 100.46 -50.83 78.85
CA ALA G 189 101.60 -50.33 78.06
C ALA G 189 101.82 -48.80 78.13
N VAL G 190 100.76 -48.06 78.58
CA VAL G 190 100.88 -46.65 78.85
C VAL G 190 101.71 -46.42 80.08
N LYS G 191 101.48 -47.22 81.14
CA LYS G 191 102.33 -47.31 82.29
C LYS G 191 103.68 -47.91 82.03
N GLN G 192 103.78 -48.94 81.12
CA GLN G 192 105.05 -49.49 80.74
C GLN G 192 105.91 -48.51 80.06
N ALA G 193 105.33 -47.59 79.22
CA ALA G 193 106.03 -46.57 78.45
C ALA G 193 106.68 -45.58 79.42
N ALA G 194 105.91 -45.21 80.56
CA ALA G 194 106.47 -44.16 81.42
C ALA G 194 107.79 -44.61 82.14
N LYS G 195 107.81 -45.84 82.66
CA LYS G 195 108.90 -46.50 83.38
C LYS G 195 110.13 -46.66 82.59
N ILE G 196 109.95 -46.90 81.28
CA ILE G 196 111.02 -47.04 80.31
C ILE G 196 111.79 -45.71 80.16
N ILE G 197 111.01 -44.53 80.06
CA ILE G 197 111.57 -43.28 79.79
C ILE G 197 112.29 -42.77 81.01
N TYR G 198 111.83 -43.13 82.21
CA TYR G 198 112.58 -42.82 83.43
C TYR G 198 113.99 -43.39 83.61
N LEU G 199 114.22 -44.69 83.10
CA LEU G 199 115.56 -45.32 83.11
C LEU G 199 116.45 -44.73 82.07
N ALA G 200 115.82 -44.29 80.96
CA ALA G 200 116.41 -43.53 79.95
C ALA G 200 116.74 -42.18 80.36
N HIS G 201 116.14 -41.64 81.42
CA HIS G 201 116.42 -40.27 81.80
C HIS G 201 117.58 -40.22 82.79
N GLU G 202 118.14 -41.44 83.09
CA GLU G 202 119.30 -41.62 83.96
C GLU G 202 120.57 -41.44 83.18
N ASP G 203 120.39 -41.43 81.88
CA ASP G 203 121.46 -41.22 80.95
C ASP G 203 121.47 -39.78 80.52
N ASN G 204 120.46 -38.98 81.00
CA ASN G 204 120.40 -37.57 80.67
C ASN G 204 120.47 -36.78 81.92
N LYS G 205 120.81 -37.46 83.04
CA LYS G 205 120.69 -36.84 84.30
C LYS G 205 121.73 -35.77 84.50
N GLU G 206 121.18 -34.55 84.75
CA GLU G 206 121.87 -33.32 85.11
C GLU G 206 120.73 -32.30 84.94
N LYS G 207 119.45 -32.84 84.61
CA LYS G 207 118.37 -31.96 84.03
C LYS G 207 117.14 -32.72 84.34
N ASP G 208 115.99 -32.11 83.98
CA ASP G 208 114.65 -32.57 84.37
C ASP G 208 114.20 -32.80 82.96
N PHE G 209 113.04 -33.49 82.85
CA PHE G 209 112.26 -33.87 81.70
C PHE G 209 110.84 -33.63 81.91
N GLU G 210 110.08 -33.67 80.76
CA GLU G 210 108.67 -33.64 80.66
C GLU G 210 108.38 -34.75 79.77
N LEU G 211 107.41 -35.60 80.20
CA LEU G 211 106.93 -36.77 79.62
C LEU G 211 105.60 -36.50 79.10
N GLU G 212 105.53 -36.77 77.76
CA GLU G 212 104.27 -36.87 77.03
C GLU G 212 104.08 -38.24 76.46
N ILE G 213 102.87 -38.78 76.69
CA ILE G 213 102.44 -40.02 76.25
C ILE G 213 101.25 -39.75 75.43
N SER G 214 101.08 -40.52 74.28
CA SER G 214 99.89 -40.59 73.48
C SER G 214 99.71 -42.05 73.18
N TRP G 215 98.52 -42.37 72.62
CA TRP G 215 98.15 -43.72 72.33
C TRP G 215 97.22 -43.75 71.21
N CYS G 216 96.89 -44.92 70.60
CA CYS G 216 95.78 -45.19 69.69
C CYS G 216 95.50 -46.65 69.92
N SER G 217 94.20 -46.98 70.27
CA SER G 217 93.89 -48.31 70.69
C SER G 217 92.56 -48.53 70.17
N LEU G 218 92.38 -49.80 69.72
CA LEU G 218 91.31 -50.41 69.00
C LEU G 218 89.97 -50.17 69.63
N SER G 219 89.89 -50.37 71.02
CA SER G 219 88.57 -50.26 71.59
C SER G 219 88.75 -49.53 72.94
N GLU G 220 89.93 -48.91 73.31
CA GLU G 220 90.21 -48.28 74.63
C GLU G 220 90.63 -46.91 74.23
N THR G 221 90.57 -46.49 72.92
CA THR G 221 90.72 -45.10 72.41
C THR G 221 89.84 -45.08 71.19
N ASN G 222 89.13 -46.17 70.88
CA ASN G 222 88.14 -46.36 69.82
C ASN G 222 88.62 -46.11 68.37
N GLY G 223 89.78 -46.75 67.98
CA GLY G 223 90.25 -46.72 66.61
C GLY G 223 90.85 -45.47 66.23
N LEU G 224 90.93 -44.49 67.17
CA LEU G 224 91.30 -43.14 66.95
C LEU G 224 92.43 -42.96 67.86
N HIS G 225 93.25 -42.00 67.53
CA HIS G 225 94.41 -41.65 68.34
C HIS G 225 93.90 -40.47 69.14
N LYS G 226 94.30 -40.46 70.44
CA LYS G 226 94.14 -39.30 71.31
C LYS G 226 95.25 -39.28 72.30
N PHE G 227 95.54 -38.07 72.81
CA PHE G 227 96.63 -37.74 73.68
C PHE G 227 96.31 -38.24 75.03
N VAL G 228 97.31 -38.84 75.74
CA VAL G 228 97.18 -39.30 77.12
C VAL G 228 97.60 -38.10 77.94
N LYS G 229 96.69 -37.61 78.75
CA LYS G 229 96.73 -36.41 79.45
C LYS G 229 95.83 -36.71 80.58
N GLY G 230 95.80 -35.87 81.58
CA GLY G 230 94.73 -35.83 82.64
C GLY G 230 95.13 -36.72 83.78
N ASP G 231 94.20 -37.39 84.38
CA ASP G 231 94.37 -38.29 85.47
C ASP G 231 95.06 -39.57 84.92
N LEU G 232 94.94 -39.84 83.61
CA LEU G 232 95.56 -40.98 82.95
C LEU G 232 97.05 -40.90 83.02
N LEU G 233 97.58 -39.71 82.68
CA LEU G 233 99.04 -39.51 82.57
C LEU G 233 99.69 -39.56 83.92
N GLN G 234 98.94 -39.07 84.97
CA GLN G 234 99.48 -38.97 86.32
C GLN G 234 99.60 -40.34 86.96
N GLU G 235 98.67 -41.27 86.68
CA GLU G 235 98.76 -42.66 87.03
C GLU G 235 99.95 -43.31 86.39
N ALA G 236 100.32 -43.03 85.13
CA ALA G 236 101.43 -43.53 84.40
C ALA G 236 102.71 -43.06 85.10
N ILE G 237 102.69 -41.79 85.59
CA ILE G 237 103.82 -41.15 86.28
C ILE G 237 104.07 -41.78 87.62
N ASP G 238 103.04 -42.11 88.35
CA ASP G 238 103.12 -42.73 89.64
C ASP G 238 103.65 -44.14 89.61
N PHE G 239 103.25 -44.97 88.58
CA PHE G 239 103.74 -46.29 88.37
C PHE G 239 105.24 -46.23 88.13
N ALA G 240 105.69 -45.26 87.27
CA ALA G 240 107.10 -45.20 86.90
C ALA G 240 108.06 -44.94 88.02
N GLN G 241 107.70 -43.98 88.88
CA GLN G 241 108.43 -43.49 90.02
C GLN G 241 108.51 -44.61 91.05
N LYS G 242 107.41 -45.29 91.36
CA LYS G 242 107.33 -46.39 92.27
C LYS G 242 108.38 -47.51 91.88
N GLU G 243 108.43 -47.98 90.62
CA GLU G 243 109.10 -49.21 90.33
C GLU G 243 110.56 -49.02 90.03
N ILE G 244 110.85 -47.68 89.71
CA ILE G 244 112.24 -47.23 89.58
C ILE G 244 112.86 -47.22 90.91
N ASN G 245 112.09 -46.83 91.97
CA ASN G 245 112.57 -46.83 93.34
C ASN G 245 112.68 -48.28 93.83
N THR H 1 69.39 -51.28 27.07
CA THR H 1 70.46 -52.08 27.73
C THR H 1 70.33 -51.98 29.30
N SER H 2 70.50 -53.05 30.04
CA SER H 2 70.24 -53.04 31.48
C SER H 2 71.31 -53.78 32.24
N ILE H 3 71.73 -53.35 33.45
CA ILE H 3 72.82 -53.97 34.20
C ILE H 3 72.35 -54.00 35.60
N MET H 4 72.79 -54.98 36.41
CA MET H 4 72.37 -55.03 37.80
C MET H 4 73.48 -55.81 38.46
N ALA H 5 73.49 -55.75 39.82
CA ALA H 5 74.32 -56.74 40.58
C ALA H 5 73.40 -56.73 41.84
N VAL H 6 73.21 -57.91 42.47
CA VAL H 6 72.47 -58.13 43.58
C VAL H 6 73.37 -58.87 44.56
N THR H 7 73.61 -58.43 45.81
CA THR H 7 74.35 -59.18 46.82
C THR H 7 73.59 -60.40 47.21
N PHE H 8 74.29 -61.44 47.70
CA PHE H 8 73.68 -62.63 48.30
C PHE H 8 74.61 -63.03 49.42
N LYS H 9 74.28 -64.22 50.01
CA LYS H 9 74.94 -64.63 51.20
C LYS H 9 76.37 -65.11 50.91
N ASP H 10 76.82 -65.38 49.65
CA ASP H 10 78.14 -65.86 49.57
C ASP H 10 78.86 -65.13 48.50
N GLY H 11 78.24 -64.08 48.06
CA GLY H 11 78.92 -63.44 46.95
C GLY H 11 78.06 -62.39 46.41
N VAL H 12 78.20 -62.18 45.09
CA VAL H 12 77.56 -61.06 44.41
C VAL H 12 77.47 -61.70 43.05
N ILE H 13 76.31 -61.43 42.38
CA ILE H 13 76.18 -61.97 41.07
C ILE H 13 75.91 -60.75 40.19
N LEU H 14 76.64 -60.56 39.06
CA LEU H 14 76.54 -59.51 38.15
C LEU H 14 75.66 -60.12 37.13
N GLY H 15 74.80 -59.25 36.52
CA GLY H 15 73.84 -59.65 35.54
C GLY H 15 73.95 -58.54 34.59
N ALA H 16 73.82 -58.83 33.26
CA ALA H 16 73.84 -57.81 32.30
C ALA H 16 73.33 -58.39 31.02
N ASP H 17 72.79 -57.50 30.14
CA ASP H 17 72.33 -57.80 28.73
C ASP H 17 73.46 -57.40 27.81
N SER H 18 73.70 -58.23 26.78
CA SER H 18 74.72 -58.18 25.84
C SER H 18 74.58 -57.33 24.58
N ARG H 19 73.37 -56.90 24.19
CA ARG H 19 73.20 -56.05 23.00
C ARG H 19 73.75 -54.68 23.25
N THR H 20 74.51 -54.20 22.31
CA THR H 20 75.07 -52.87 22.31
C THR H 20 74.54 -52.32 21.08
N THR H 21 74.00 -51.10 21.25
CA THR H 21 73.30 -50.37 20.24
C THR H 21 73.84 -48.98 20.00
N THR H 22 74.10 -48.70 18.69
CA THR H 22 74.25 -47.40 18.12
C THR H 22 73.04 -47.19 17.29
N GLY H 23 72.21 -46.18 17.64
CA GLY H 23 70.88 -45.89 17.09
C GLY H 23 70.05 -47.11 17.13
N ALA H 24 69.26 -47.43 16.13
CA ALA H 24 68.30 -48.56 16.11
C ALA H 24 68.93 -49.81 15.46
N TYR H 25 70.19 -49.70 15.10
CA TYR H 25 70.92 -50.78 14.47
C TYR H 25 71.65 -51.41 15.69
N ILE H 26 71.94 -52.72 15.71
CA ILE H 26 72.60 -53.27 16.91
C ILE H 26 74.02 -53.34 16.32
N ALA H 27 75.02 -52.83 17.09
CA ALA H 27 76.35 -53.00 16.71
C ALA H 27 76.81 -54.42 16.84
N ASN H 28 76.60 -55.04 17.98
CA ASN H 28 77.09 -56.40 18.30
C ASN H 28 76.27 -56.83 19.46
N ARG H 29 75.90 -58.11 19.50
CA ARG H 29 74.87 -58.72 20.23
C ARG H 29 75.48 -59.69 21.21
N VAL H 30 76.81 -59.62 21.42
CA VAL H 30 77.59 -60.50 22.13
C VAL H 30 78.75 -59.84 22.80
N THR H 31 78.70 -58.48 22.88
CA THR H 31 79.70 -57.68 23.67
C THR H 31 79.71 -58.13 25.12
N ASP H 32 80.86 -58.33 25.75
CA ASP H 32 80.89 -58.74 27.15
C ASP H 32 80.91 -57.45 27.86
N LYS H 33 79.94 -57.18 28.73
CA LYS H 33 79.79 -55.92 29.34
C LYS H 33 80.30 -56.03 30.73
N LEU H 34 80.71 -57.27 31.16
CA LEU H 34 81.15 -57.50 32.46
C LEU H 34 82.66 -57.76 32.36
N THR H 35 83.41 -56.76 32.92
CA THR H 35 84.82 -56.60 32.49
C THR H 35 85.63 -56.62 33.78
N ARG H 36 86.68 -57.41 33.73
CA ARG H 36 87.56 -57.56 34.86
C ARG H 36 88.38 -56.33 35.05
N VAL H 37 88.54 -55.88 36.32
CA VAL H 37 89.41 -54.79 36.64
C VAL H 37 90.34 -55.33 37.69
N HIS H 38 90.05 -56.45 38.32
CA HIS H 38 90.89 -56.99 39.32
C HIS H 38 90.38 -58.32 39.60
N ASP H 39 91.25 -59.06 40.21
CA ASP H 39 90.97 -60.45 40.60
C ASP H 39 89.65 -60.75 41.20
N LYS H 40 89.18 -60.01 42.19
CA LYS H 40 87.98 -60.30 42.96
C LYS H 40 86.92 -59.27 42.67
N ILE H 41 87.27 -58.30 41.78
CA ILE H 41 86.43 -57.08 41.53
C ILE H 41 86.35 -56.86 40.03
N TRP H 42 85.12 -56.76 39.56
CA TRP H 42 84.74 -56.57 38.20
C TRP H 42 83.75 -55.45 38.11
N CYS H 43 83.65 -54.80 36.94
CA CYS H 43 82.75 -53.71 36.74
C CYS H 43 81.78 -54.11 35.64
N CYS H 44 80.64 -53.39 35.63
CA CYS H 44 79.57 -53.62 34.67
C CYS H 44 79.65 -52.33 33.92
N ARG H 45 79.37 -52.45 32.61
CA ARG H 45 79.49 -51.28 31.70
C ARG H 45 78.10 -51.05 31.15
N SER H 46 77.55 -49.82 31.22
CA SER H 46 76.35 -49.51 30.48
C SER H 46 76.44 -48.14 29.91
N GLY H 47 75.46 -47.80 28.98
CA GLY H 47 75.46 -46.48 28.43
C GLY H 47 76.05 -46.48 27.07
N SER H 48 77.26 -45.81 26.92
CA SER H 48 78.04 -45.71 25.75
C SER H 48 79.16 -46.70 25.99
N ALA H 49 79.35 -47.55 25.00
CA ALA H 49 80.39 -48.57 25.03
C ALA H 49 81.77 -48.03 25.14
N ALA H 50 81.97 -46.94 24.35
CA ALA H 50 83.25 -46.28 24.21
C ALA H 50 83.79 -45.57 25.43
N ASP H 51 82.89 -44.82 26.17
CA ASP H 51 83.26 -44.09 27.36
C ASP H 51 83.55 -44.94 28.54
N THR H 52 82.65 -46.02 28.74
CA THR H 52 82.73 -47.02 29.76
C THR H 52 83.88 -48.00 29.59
N GLN H 53 84.32 -48.32 28.30
CA GLN H 53 85.47 -49.08 28.04
C GLN H 53 86.79 -48.42 28.46
N ALA H 54 86.96 -47.12 28.11
CA ALA H 54 88.08 -46.30 28.51
C ALA H 54 88.18 -46.04 30.00
N ILE H 55 87.05 -45.73 30.67
CA ILE H 55 87.15 -45.51 32.10
C ILE H 55 87.47 -46.74 32.92
N ALA H 56 86.98 -47.91 32.47
CA ALA H 56 87.43 -49.17 33.11
C ALA H 56 88.87 -49.42 32.96
N ASP H 57 89.58 -49.09 31.82
CA ASP H 57 90.96 -49.45 31.53
C ASP H 57 91.89 -48.74 32.39
N ILE H 58 91.58 -47.46 32.70
CA ILE H 58 92.38 -46.55 33.43
C ILE H 58 92.44 -47.10 34.86
N VAL H 59 91.29 -47.49 35.36
CA VAL H 59 91.12 -48.01 36.70
C VAL H 59 91.71 -49.39 36.81
N GLN H 60 91.73 -50.15 35.63
CA GLN H 60 92.27 -51.46 35.72
C GLN H 60 93.75 -51.45 36.11
N TYR H 61 94.60 -50.58 35.44
CA TYR H 61 96.04 -50.54 35.75
C TYR H 61 96.28 -49.97 37.10
N HIS H 62 95.43 -49.00 37.52
CA HIS H 62 95.55 -48.39 38.85
C HIS H 62 95.31 -49.36 39.95
N LEU H 63 94.41 -50.38 39.82
CA LEU H 63 94.05 -51.22 40.96
C LEU H 63 95.00 -52.39 40.99
N GLU H 64 95.69 -52.64 39.86
CA GLU H 64 96.83 -53.54 39.83
C GLU H 64 97.96 -53.02 40.63
N LEU H 65 98.23 -51.73 40.51
CA LEU H 65 99.33 -51.12 41.19
C LEU H 65 99.02 -51.04 42.69
N TYR H 66 97.75 -50.82 43.04
CA TYR H 66 97.24 -50.79 44.42
C TYR H 66 97.45 -52.12 45.13
N THR H 67 97.28 -53.25 44.35
CA THR H 67 97.42 -54.57 44.93
C THR H 67 98.87 -54.92 45.30
N SER H 68 99.81 -54.48 44.38
CA SER H 68 101.19 -54.61 44.66
C SER H 68 101.66 -53.80 45.77
N GLN H 69 101.35 -52.53 45.81
CA GLN H 69 102.02 -51.67 46.86
C GLN H 69 101.29 -51.60 48.17
N TYR H 70 99.93 -51.50 48.08
CA TYR H 70 99.09 -50.91 49.14
C TYR H 70 98.20 -52.04 49.56
N GLY H 71 98.56 -53.31 49.19
CA GLY H 71 97.72 -54.40 49.67
C GLY H 71 96.48 -54.58 48.93
N THR H 72 95.60 -55.56 49.29
CA THR H 72 94.53 -56.00 48.48
C THR H 72 93.41 -54.95 48.36
N PRO H 73 92.96 -54.47 47.19
CA PRO H 73 91.87 -53.52 47.07
C PRO H 73 90.60 -54.16 47.48
N SER H 74 89.62 -53.30 47.84
CA SER H 74 88.20 -53.48 48.15
C SER H 74 87.37 -52.94 47.04
N THR H 75 86.12 -53.29 46.99
CA THR H 75 85.09 -52.82 46.11
C THR H 75 84.89 -51.37 46.38
N GLU H 76 84.99 -51.03 47.67
CA GLU H 76 84.79 -49.65 48.17
C GLU H 76 85.81 -48.76 47.55
N THR H 77 87.10 -49.23 47.50
CA THR H 77 88.19 -48.52 47.06
C THR H 77 87.93 -48.34 45.64
N ALA H 78 87.52 -49.43 44.88
CA ALA H 78 87.41 -49.38 43.43
C ALA H 78 86.44 -48.36 42.96
N ALA H 79 85.25 -48.38 43.67
CA ALA H 79 84.18 -47.47 43.36
C ALA H 79 84.62 -46.03 43.45
N SER H 80 85.42 -45.62 44.48
CA SER H 80 85.81 -44.22 44.45
C SER H 80 86.64 -43.83 43.30
N VAL H 81 87.50 -44.81 42.84
CA VAL H 81 88.47 -44.53 41.78
C VAL H 81 87.80 -44.15 40.54
N PHE H 82 86.69 -44.94 40.22
CA PHE H 82 85.83 -44.57 39.16
C PHE H 82 85.16 -43.22 39.38
N LYS H 83 84.80 -42.81 40.63
CA LYS H 83 84.20 -41.50 40.88
C LYS H 83 85.02 -40.35 40.31
N GLU H 84 86.38 -40.38 40.45
CA GLU H 84 87.27 -39.21 40.12
C GLU H 84 87.33 -39.00 38.63
N LEU H 85 87.36 -40.16 37.93
CA LEU H 85 87.28 -40.06 36.47
C LEU H 85 85.90 -39.47 36.06
N CYS H 86 84.78 -39.92 36.72
CA CYS H 86 83.41 -39.61 36.33
C CYS H 86 83.14 -38.13 36.62
N TYR H 87 83.62 -37.51 37.78
CA TYR H 87 83.34 -36.18 38.26
C TYR H 87 83.94 -35.12 37.52
N GLU H 88 85.21 -35.31 37.11
CA GLU H 88 85.91 -34.29 36.29
C GLU H 88 85.42 -34.34 34.88
N ASN H 89 85.15 -35.48 34.33
CA ASN H 89 84.66 -35.69 32.96
C ASN H 89 83.22 -36.02 32.98
N LYS H 90 82.32 -35.24 33.67
CA LYS H 90 80.87 -35.34 33.83
C LYS H 90 80.22 -34.66 32.65
N ASP H 91 81.02 -34.00 31.80
CA ASP H 91 80.50 -33.22 30.69
C ASP H 91 81.22 -33.66 29.40
N ASN H 92 82.49 -34.13 29.56
CA ASN H 92 83.16 -34.78 28.51
C ASN H 92 82.66 -36.19 28.24
N LEU H 93 82.49 -36.96 29.29
CA LEU H 93 82.19 -38.35 29.31
C LEU H 93 80.98 -38.72 30.10
N THR H 94 80.30 -39.79 29.64
CA THR H 94 79.08 -40.23 30.21
C THR H 94 79.37 -41.69 30.46
N ALA H 95 79.39 -42.13 31.70
CA ALA H 95 79.95 -43.40 32.10
C ALA H 95 79.02 -43.90 33.14
N GLY H 96 78.41 -45.06 32.79
CA GLY H 96 77.58 -45.81 33.72
C GLY H 96 78.33 -47.02 34.21
N ILE H 97 78.56 -47.13 35.55
CA ILE H 97 79.31 -48.24 36.12
C ILE H 97 78.55 -48.65 37.44
N ILE H 98 78.33 -49.99 37.48
CA ILE H 98 78.01 -50.72 38.64
C ILE H 98 79.26 -51.45 38.98
N VAL H 99 79.77 -51.31 40.25
CA VAL H 99 81.08 -51.74 40.68
C VAL H 99 80.80 -52.76 41.81
N ALA H 100 80.98 -54.05 41.51
CA ALA H 100 80.60 -55.26 42.22
C ALA H 100 81.86 -55.99 42.45
N GLY H 101 82.02 -56.53 43.67
CA GLY H 101 83.23 -57.22 44.00
C GLY H 101 82.97 -58.15 45.05
N TYR H 102 83.99 -58.96 45.40
CA TYR H 102 83.85 -59.96 46.42
C TYR H 102 85.05 -59.92 47.33
N ASP H 103 84.73 -59.71 48.66
CA ASP H 103 85.75 -59.86 49.67
C ASP H 103 85.47 -61.01 50.55
N ASP H 104 86.55 -61.58 51.18
CA ASP H 104 86.39 -62.60 52.15
C ASP H 104 86.24 -62.02 53.60
N LYS H 105 85.77 -60.75 53.61
CA LYS H 105 85.86 -59.95 54.89
C LYS H 105 84.82 -58.85 54.87
N ASN H 106 84.20 -58.79 53.68
CA ASN H 106 83.14 -57.84 53.51
C ASN H 106 82.07 -58.40 52.61
N LYS H 107 82.12 -59.67 52.23
CA LYS H 107 81.28 -60.47 51.32
C LYS H 107 81.12 -59.63 50.02
N GLY H 108 80.02 -59.91 49.22
CA GLY H 108 79.78 -59.27 47.96
C GLY H 108 79.30 -57.87 48.25
N GLU H 109 79.60 -56.95 47.34
CA GLU H 109 79.29 -55.58 47.53
C GLU H 109 78.82 -55.17 46.18
N VAL H 110 77.84 -54.16 46.20
CA VAL H 110 77.37 -53.56 45.04
C VAL H 110 77.26 -52.08 45.38
N TYR H 111 77.92 -51.29 44.51
CA TYR H 111 78.11 -49.87 44.62
C TYR H 111 77.75 -49.45 43.24
N THR H 112 77.11 -48.28 43.10
CA THR H 112 76.66 -47.79 41.80
C THR H 112 77.05 -46.34 41.76
N ILE H 113 77.61 -45.98 40.60
CA ILE H 113 78.24 -44.68 40.27
C ILE H 113 77.36 -44.19 39.14
N PRO H 114 76.63 -43.10 39.38
CA PRO H 114 75.94 -42.42 38.25
C PRO H 114 76.91 -41.91 37.24
N LEU H 115 76.37 -41.11 36.35
CA LEU H 115 77.04 -40.32 35.27
C LEU H 115 78.01 -39.31 35.89
N GLY H 116 77.50 -38.59 36.92
CA GLY H 116 78.23 -37.63 37.64
C GLY H 116 79.12 -38.37 38.52
N GLY H 117 78.60 -39.53 39.02
CA GLY H 117 79.22 -40.30 40.01
C GLY H 117 78.90 -39.79 41.37
N SER H 118 79.29 -40.63 42.40
CA SER H 118 79.03 -40.52 43.77
C SER H 118 79.04 -41.97 44.08
N VAL H 119 79.50 -42.40 45.32
CA VAL H 119 79.63 -43.76 45.74
C VAL H 119 78.43 -43.93 46.67
N HIS H 120 77.57 -44.95 46.33
CA HIS H 120 76.34 -45.22 47.02
C HIS H 120 76.29 -46.77 47.22
N LYS H 121 75.98 -47.17 48.42
CA LYS H 121 75.81 -48.53 48.89
C LYS H 121 74.35 -48.93 48.77
N LEU H 122 74.10 -50.11 48.23
CA LEU H 122 72.66 -50.47 47.95
C LEU H 122 72.62 -51.97 48.09
N PRO H 123 71.49 -52.60 48.47
CA PRO H 123 71.46 -54.02 48.36
C PRO H 123 71.40 -54.59 47.04
N TYR H 124 71.01 -53.74 46.07
CA TYR H 124 71.18 -54.06 44.71
C TYR H 124 71.19 -52.77 43.97
N ALA H 125 71.82 -52.65 42.76
CA ALA H 125 71.69 -51.43 42.01
C ALA H 125 71.38 -51.97 40.64
N ILE H 126 70.77 -51.04 39.78
CA ILE H 126 70.24 -51.35 38.50
C ILE H 126 70.46 -50.03 37.74
N ALA H 127 70.97 -50.02 36.49
CA ALA H 127 71.45 -48.91 35.86
C ALA H 127 71.36 -49.15 34.36
N GLY H 128 71.33 -48.03 33.60
CA GLY H 128 71.11 -48.20 32.14
C GLY H 128 69.88 -47.46 31.60
N SER H 129 69.34 -47.81 30.35
CA SER H 129 68.09 -47.26 29.93
C SER H 129 67.04 -48.43 29.91
N GLY H 130 67.49 -49.67 30.35
CA GLY H 130 66.64 -50.85 30.41
C GLY H 130 66.32 -51.10 31.83
N SER H 131 66.90 -50.29 32.77
CA SER H 131 66.75 -50.46 34.24
C SER H 131 65.44 -49.91 34.70
N THR H 132 64.82 -49.02 33.94
CA THR H 132 63.61 -48.26 34.33
C THR H 132 62.40 -49.06 34.59
N PHE H 133 62.11 -49.95 33.65
CA PHE H 133 61.06 -51.00 33.65
C PHE H 133 61.08 -52.05 34.71
N ILE H 134 62.28 -52.60 35.12
CA ILE H 134 62.42 -53.72 36.03
C ILE H 134 62.57 -53.36 37.50
N TYR H 135 62.44 -52.10 37.86
CA TYR H 135 62.68 -51.59 39.19
C TYR H 135 61.70 -52.14 40.14
N GLY H 136 60.38 -52.15 39.73
CA GLY H 136 59.33 -52.46 40.64
C GLY H 136 59.22 -53.93 40.97
N TYR H 137 59.71 -54.68 39.99
CA TYR H 137 59.80 -56.08 39.98
C TYR H 137 60.78 -56.51 41.05
N CYS H 138 61.98 -55.86 41.02
CA CYS H 138 63.10 -56.26 41.85
C CYS H 138 62.97 -55.77 43.25
N ASP H 139 62.21 -54.61 43.44
CA ASP H 139 61.86 -54.03 44.69
C ASP H 139 61.04 -54.92 45.61
N LYS H 140 59.99 -55.62 44.99
CA LYS H 140 59.14 -56.47 45.74
C LYS H 140 59.84 -57.74 45.92
N ASN H 141 60.62 -58.25 44.94
CA ASN H 141 60.96 -59.72 44.91
C ASN H 141 62.44 -59.97 45.31
N PHE H 142 62.98 -58.97 46.00
CA PHE H 142 64.26 -59.05 46.64
C PHE H 142 64.00 -59.80 47.94
N ARG H 143 64.64 -60.95 48.06
CA ARG H 143 64.72 -61.68 49.29
C ARG H 143 66.19 -61.46 49.54
N GLU H 144 66.54 -61.32 50.86
CA GLU H 144 67.86 -60.95 51.31
C GLU H 144 68.47 -62.26 51.84
N ASN H 145 69.75 -62.45 51.65
CA ASN H 145 70.49 -63.60 52.10
C ASN H 145 69.91 -64.98 51.60
N MET H 146 69.71 -64.94 50.28
CA MET H 146 69.05 -66.06 49.61
C MET H 146 70.29 -66.72 49.00
N SER H 147 70.06 -68.01 48.71
CA SER H 147 70.96 -69.04 48.18
C SER H 147 71.56 -68.57 46.83
N LYS H 148 72.68 -69.18 46.33
CA LYS H 148 73.39 -68.96 45.10
C LYS H 148 72.41 -69.17 43.91
N GLU H 149 71.58 -70.25 43.99
CA GLU H 149 70.64 -70.65 43.00
C GLU H 149 69.43 -69.68 42.84
N GLU H 150 68.98 -69.18 43.98
CA GLU H 150 67.98 -68.23 44.17
C GLU H 150 68.27 -66.85 43.64
N THR H 151 69.57 -66.47 43.66
CA THR H 151 70.08 -65.27 43.06
C THR H 151 70.06 -65.27 41.53
N VAL H 152 70.58 -66.40 40.98
CA VAL H 152 70.68 -66.59 39.54
C VAL H 152 69.37 -66.68 38.83
N ASP H 153 68.38 -67.36 39.43
CA ASP H 153 67.03 -67.44 38.98
C ASP H 153 66.25 -66.11 39.02
N PHE H 154 66.52 -65.29 40.10
CA PHE H 154 65.91 -63.98 40.31
C PHE H 154 66.28 -62.99 39.22
N ILE H 155 67.59 -62.98 38.90
CA ILE H 155 68.26 -62.08 37.99
C ILE H 155 67.77 -62.41 36.61
N LYS H 156 67.65 -63.67 36.29
CA LYS H 156 67.26 -64.25 35.02
C LYS H 156 65.88 -63.80 34.74
N HIS H 157 64.93 -63.89 35.67
CA HIS H 157 63.58 -63.48 35.37
C HIS H 157 63.49 -61.91 35.16
N SER H 158 64.25 -61.12 35.94
CA SER H 158 64.22 -59.61 35.95
C SER H 158 64.71 -59.08 34.66
N LEU H 159 65.75 -59.70 34.16
CA LEU H 159 66.36 -59.24 32.95
C LEU H 159 65.50 -59.68 31.72
N SER H 160 64.77 -60.80 31.82
CA SER H 160 63.83 -61.26 30.84
C SER H 160 62.79 -60.18 30.53
N GLN H 161 62.31 -59.51 31.60
CA GLN H 161 61.36 -58.51 31.53
C GLN H 161 61.93 -57.25 30.88
N ALA H 162 63.26 -56.89 31.16
CA ALA H 162 63.97 -55.84 30.55
C ALA H 162 64.07 -55.99 29.05
N ILE H 163 64.21 -57.21 28.51
CA ILE H 163 64.37 -57.61 27.12
C ILE H 163 63.02 -57.48 26.41
N LYS H 164 61.92 -57.74 27.17
CA LYS H 164 60.58 -57.63 26.61
C LYS H 164 60.17 -56.17 26.35
N TRP H 165 60.80 -55.23 27.07
CA TRP H 165 60.36 -53.83 27.09
C TRP H 165 61.55 -53.03 26.66
N ASP H 166 62.67 -53.68 26.16
CA ASP H 166 63.66 -52.94 25.46
C ASP H 166 64.26 -53.85 24.50
N GLY H 167 64.55 -53.39 23.28
CA GLY H 167 65.19 -54.18 22.27
C GLY H 167 66.62 -53.94 22.28
N SER H 168 67.16 -53.15 23.18
CA SER H 168 68.59 -52.94 23.27
C SER H 168 69.17 -53.78 24.40
N SER H 169 68.29 -54.61 24.93
CA SER H 169 68.57 -55.52 26.04
C SER H 169 68.20 -56.71 25.23
N GLY H 170 68.86 -57.90 25.43
CA GLY H 170 68.67 -58.98 24.64
C GLY H 170 69.94 -59.58 24.30
N GLY H 171 69.91 -60.75 23.76
CA GLY H 171 71.15 -61.35 23.27
C GLY H 171 71.19 -62.57 24.09
N VAL H 172 72.26 -62.69 24.96
CA VAL H 172 72.43 -63.76 25.88
C VAL H 172 72.63 -63.03 27.18
N ILE H 173 72.20 -63.66 28.30
CA ILE H 173 72.41 -63.05 29.56
C ILE H 173 73.63 -63.62 30.15
N ARG H 174 74.66 -62.80 30.29
CA ARG H 174 75.93 -63.20 30.79
C ARG H 174 75.93 -62.81 32.23
N MET H 175 76.69 -63.59 33.03
CA MET H 175 76.75 -63.50 34.46
C MET H 175 78.13 -63.85 34.80
N VAL H 176 78.66 -63.21 35.82
CA VAL H 176 79.96 -63.38 36.48
C VAL H 176 79.49 -63.55 37.92
N VAL H 177 79.90 -64.65 38.54
CA VAL H 177 79.48 -65.04 39.95
C VAL H 177 80.82 -64.89 40.61
N LEU H 178 80.96 -63.92 41.57
CA LEU H 178 82.21 -63.75 42.31
C LEU H 178 81.87 -64.10 43.63
N THR H 179 82.59 -65.21 44.05
CA THR H 179 82.34 -66.11 45.13
C THR H 179 83.69 -66.65 45.44
N ALA H 180 83.68 -67.58 46.44
CA ALA H 180 84.84 -68.26 46.86
C ALA H 180 85.08 -69.59 46.16
N ALA H 181 84.25 -69.87 45.15
CA ALA H 181 84.34 -71.05 44.24
C ALA H 181 84.98 -70.68 42.94
N GLY H 182 85.58 -69.48 42.84
CA GLY H 182 86.23 -69.04 41.60
C GLY H 182 85.46 -67.96 40.87
N VAL H 183 85.69 -67.98 39.52
CA VAL H 183 85.07 -67.07 38.63
C VAL H 183 84.32 -67.97 37.69
N GLU H 184 82.96 -67.84 37.71
CA GLU H 184 82.26 -68.71 36.82
C GLU H 184 81.43 -67.83 35.99
N ARG H 185 81.74 -67.88 34.71
CA ARG H 185 80.81 -67.27 33.75
C ARG H 185 79.60 -68.26 33.50
N LEU H 186 78.46 -67.67 33.09
CA LEU H 186 77.23 -68.38 32.79
C LEU H 186 76.81 -67.59 31.55
N ILE H 187 75.89 -68.23 30.76
CA ILE H 187 75.39 -67.66 29.52
C ILE H 187 74.05 -68.35 29.52
N PHE H 188 73.00 -67.62 29.01
CA PHE H 188 71.69 -68.03 28.97
C PHE H 188 71.11 -67.70 27.57
N TYR H 189 70.62 -68.74 26.91
CA TYR H 189 70.06 -68.64 25.62
C TYR H 189 68.73 -68.09 25.65
N PRO H 190 68.19 -67.46 24.57
CA PRO H 190 66.81 -66.93 24.50
C PRO H 190 65.81 -68.04 24.61
N ASP H 191 66.20 -69.30 24.25
CA ASP H 191 65.29 -70.44 24.40
C ASP H 191 65.02 -70.65 25.83
N GLU H 192 66.00 -70.39 26.77
CA GLU H 192 65.80 -70.80 28.15
C GLU H 192 64.92 -69.75 28.79
N TYR H 193 65.32 -68.48 28.60
CA TYR H 193 64.98 -67.27 29.34
C TYR H 193 63.59 -66.67 29.12
N GLU H 194 63.14 -66.65 27.84
CA GLU H 194 61.93 -66.00 27.44
C GLU H 194 60.70 -66.70 27.97
N GLN H 195 60.61 -68.03 28.06
CA GLN H 195 59.45 -68.67 28.57
C GLN H 195 59.31 -68.27 29.99
N LEU H 196 60.46 -68.20 30.67
CA LEU H 196 60.47 -67.76 32.06
C LEU H 196 60.04 -66.32 32.17
N THR I 1 82.18 -49.03 0.74
CA THR I 1 83.29 -49.99 0.63
C THR I 1 82.77 -51.13 1.54
N THR I 2 82.94 -52.48 1.13
CA THR I 2 82.48 -53.53 2.04
C THR I 2 83.74 -53.97 2.67
N ILE I 3 83.74 -54.14 4.03
CA ILE I 3 84.96 -54.66 4.65
C ILE I 3 84.38 -55.87 5.40
N VAL I 4 85.12 -57.03 5.29
CA VAL I 4 84.73 -58.17 6.12
C VAL I 4 85.92 -58.75 6.82
N GLY I 5 85.82 -59.22 8.10
CA GLY I 5 86.94 -59.88 8.72
C GLY I 5 86.29 -61.13 9.19
N VAL I 6 86.94 -62.27 9.01
CA VAL I 6 86.29 -63.53 9.36
C VAL I 6 87.42 -64.35 10.05
N LYS I 7 87.20 -64.64 11.37
CA LYS I 7 88.04 -65.54 12.09
C LYS I 7 87.80 -66.95 11.74
N PHE I 8 88.81 -67.91 11.85
CA PHE I 8 88.58 -69.28 11.66
C PHE I 8 89.53 -70.01 12.53
N ASN I 9 89.46 -71.32 12.56
CA ASN I 9 90.10 -72.17 13.57
C ASN I 9 91.52 -72.48 13.10
N ASN I 10 92.24 -71.63 12.25
CA ASN I 10 93.55 -71.86 11.77
C ASN I 10 94.17 -70.49 11.57
N GLY I 11 93.38 -69.35 11.69
CA GLY I 11 93.93 -68.05 11.33
C GLY I 11 92.78 -67.12 11.34
N VAL I 12 92.85 -66.16 10.34
CA VAL I 12 91.86 -65.08 10.07
C VAL I 12 92.08 -64.76 8.61
N VAL I 13 91.03 -64.30 7.87
CA VAL I 13 91.14 -63.76 6.58
C VAL I 13 90.36 -62.49 6.67
N ILE I 14 90.90 -61.40 6.08
CA ILE I 14 90.22 -60.10 5.99
C ILE I 14 90.13 -59.80 4.50
N ALA I 15 89.03 -59.27 4.00
CA ALA I 15 88.89 -58.95 2.57
C ALA I 15 88.16 -57.64 2.40
N ALA I 16 88.35 -57.01 1.21
CA ALA I 16 87.76 -55.72 0.93
C ALA I 16 87.93 -55.61 -0.43
N ASP I 17 87.18 -54.74 -1.13
CA ASP I 17 87.32 -54.30 -2.45
C ASP I 17 88.50 -53.29 -2.55
N THR I 18 88.96 -53.02 -3.81
CA THR I 18 90.13 -52.29 -4.12
C THR I 18 89.74 -50.86 -4.45
N ARG I 19 88.42 -50.51 -4.62
CA ARG I 19 87.90 -49.29 -5.17
C ARG I 19 87.72 -48.29 -4.10
N SER I 20 88.28 -47.13 -4.35
CA SER I 20 88.26 -45.99 -3.45
C SER I 20 87.10 -45.17 -3.93
N THR I 21 86.19 -44.87 -3.05
CA THR I 21 85.00 -43.99 -3.32
C THR I 21 85.21 -42.94 -2.26
N GLN I 22 85.36 -41.66 -2.71
CA GLN I 22 85.36 -40.50 -1.85
C GLN I 22 84.22 -39.74 -2.43
N GLY I 23 83.08 -39.50 -1.73
CA GLY I 23 81.90 -38.88 -2.28
C GLY I 23 81.43 -39.53 -3.50
N PRO I 24 80.63 -38.87 -4.39
CA PRO I 24 79.98 -39.42 -5.53
C PRO I 24 80.84 -39.72 -6.74
N ILE I 25 82.17 -39.36 -6.60
CA ILE I 25 83.25 -39.63 -7.51
C ILE I 25 84.15 -40.75 -7.09
N VAL I 26 84.37 -41.76 -7.95
CA VAL I 26 85.31 -42.77 -7.77
C VAL I 26 86.72 -42.25 -7.88
N ALA I 27 87.51 -42.39 -6.77
CA ALA I 27 88.70 -41.68 -6.64
C ALA I 27 89.78 -42.48 -7.37
N ASP I 28 89.84 -43.83 -7.15
CA ASP I 28 90.75 -44.75 -7.85
C ASP I 28 90.05 -46.03 -8.03
N LYS I 29 90.19 -46.63 -9.24
CA LYS I 29 89.61 -47.92 -9.53
C LYS I 29 90.29 -49.01 -8.68
N ASN I 30 91.66 -49.07 -8.60
CA ASN I 30 92.39 -49.98 -7.77
C ASN I 30 93.32 -49.11 -6.91
N CYS I 31 93.66 -49.59 -5.69
CA CYS I 31 94.42 -48.84 -4.68
C CYS I 31 94.62 -50.00 -3.71
N ALA I 32 95.65 -50.04 -2.84
CA ALA I 32 95.67 -51.15 -1.85
C ALA I 32 94.94 -50.53 -0.77
N LYS I 33 93.87 -51.20 -0.26
CA LYS I 33 93.08 -50.74 0.87
C LYS I 33 93.46 -51.56 2.14
N LEU I 34 94.32 -52.61 1.93
CA LEU I 34 94.78 -53.31 3.12
C LEU I 34 96.02 -52.58 3.54
N HIS I 35 95.95 -52.10 4.78
CA HIS I 35 97.00 -51.27 5.38
C HIS I 35 97.70 -52.16 6.27
N ARG I 36 99.05 -51.96 6.32
CA ARG I 36 99.90 -52.71 7.19
C ARG I 36 99.98 -52.03 8.54
N ILE I 37 99.67 -52.79 9.64
CA ILE I 37 100.14 -52.31 10.97
C ILE I 37 101.51 -52.89 11.13
N SER I 38 101.62 -54.19 10.87
CA SER I 38 102.76 -54.98 11.29
C SER I 38 102.75 -56.08 10.22
N PRO I 39 103.80 -56.95 10.11
CA PRO I 39 103.77 -57.96 9.01
C PRO I 39 102.75 -59.12 9.13
N LYS I 40 101.94 -59.29 10.25
CA LYS I 40 100.96 -60.37 10.36
C LYS I 40 99.74 -59.76 10.92
N ILE I 41 99.61 -58.43 10.87
CA ILE I 41 98.54 -57.68 11.32
C ILE I 41 98.27 -56.78 10.11
N TRP I 42 97.07 -57.05 9.47
CA TRP I 42 96.60 -56.32 8.37
C TRP I 42 95.21 -55.97 8.65
N CYS I 43 94.81 -54.82 8.09
CA CYS I 43 93.68 -54.18 8.63
C CYS I 43 93.18 -53.43 7.45
N ALA I 44 91.94 -52.90 7.49
CA ALA I 44 91.24 -52.23 6.36
C ALA I 44 90.53 -51.04 6.96
N GLY I 45 90.38 -49.93 6.13
CA GLY I 45 89.86 -48.72 6.57
C GLY I 45 88.51 -48.30 6.08
N ALA I 46 87.78 -47.55 6.91
CA ALA I 46 86.43 -47.11 6.68
C ALA I 46 86.43 -45.76 7.25
N GLY I 47 85.30 -44.99 7.18
CA GLY I 47 85.18 -43.60 7.60
C GLY I 47 86.08 -42.86 6.76
N THR I 48 86.81 -41.88 7.38
CA THR I 48 87.79 -41.10 6.65
C THR I 48 88.90 -41.96 6.05
N ALA I 49 89.25 -41.74 4.74
CA ALA I 49 90.32 -42.48 4.11
C ALA I 49 91.65 -41.93 4.63
N ALA I 50 91.88 -40.61 4.80
CA ALA I 50 93.11 -39.97 5.09
C ALA I 50 93.51 -40.27 6.52
N ASP I 51 92.57 -40.30 7.46
CA ASP I 51 92.76 -40.56 8.86
C ASP I 51 93.10 -42.01 9.21
N THR I 52 92.47 -43.03 8.52
CA THR I 52 92.77 -44.44 8.76
C THR I 52 94.19 -44.80 8.18
N GLU I 53 94.60 -44.16 7.10
CA GLU I 53 95.86 -44.33 6.55
C GLU I 53 96.90 -43.79 7.39
N ALA I 54 96.72 -42.52 7.87
CA ALA I 54 97.63 -41.74 8.64
C ALA I 54 97.92 -42.42 9.95
N VAL I 55 96.87 -42.95 10.73
CA VAL I 55 97.00 -43.53 12.04
C VAL I 55 97.76 -44.87 12.04
N THR I 56 97.45 -45.75 11.04
CA THR I 56 97.98 -47.09 11.01
C THR I 56 99.53 -47.05 10.90
N GLN I 57 100.17 -46.04 10.18
CA GLN I 57 101.60 -45.96 10.16
C GLN I 57 102.28 -45.59 11.49
N LEU I 58 101.77 -44.61 12.28
CA LEU I 58 102.33 -44.15 13.55
C LEU I 58 102.34 -45.19 14.65
N ILE I 59 101.15 -45.84 14.84
CA ILE I 59 100.86 -46.84 15.76
C ILE I 59 101.79 -48.00 15.46
N GLY I 60 101.90 -48.42 14.18
CA GLY I 60 102.33 -49.64 13.68
C GLY I 60 103.83 -49.75 13.87
N SER I 61 104.54 -48.60 13.86
CA SER I 61 105.86 -48.33 14.22
C SER I 61 106.17 -48.68 15.68
N ASN I 62 105.22 -48.34 16.64
CA ASN I 62 105.30 -48.58 18.12
C ASN I 62 105.18 -50.09 18.41
N ILE I 63 104.37 -50.85 17.58
CA ILE I 63 104.15 -52.25 17.69
C ILE I 63 105.37 -52.97 17.14
N GLU I 64 106.06 -52.37 16.11
CA GLU I 64 107.28 -52.86 15.49
C GLU I 64 108.47 -52.79 16.39
N LEU I 65 108.60 -51.78 17.26
CA LEU I 65 109.69 -51.61 18.25
C LEU I 65 109.53 -52.72 19.26
N HIS I 66 108.24 -52.99 19.61
CA HIS I 66 107.82 -53.87 20.61
C HIS I 66 107.95 -55.26 20.20
N SER I 67 107.81 -55.44 18.85
CA SER I 67 108.10 -56.68 18.18
C SER I 67 109.54 -57.05 18.25
N LEU I 68 110.51 -56.11 18.13
CA LEU I 68 111.94 -56.35 18.39
C LEU I 68 112.26 -56.52 19.84
N TYR I 69 111.51 -55.77 20.79
CA TYR I 69 111.87 -55.78 22.18
C TYR I 69 111.59 -57.12 22.76
N THR I 70 110.43 -57.70 22.42
CA THR I 70 109.98 -58.94 22.94
C THR I 70 110.67 -60.01 22.15
N SER I 71 111.24 -59.68 21.01
CA SER I 71 111.93 -60.62 20.10
C SER I 71 110.90 -61.70 19.73
N ARG I 72 109.62 -61.37 19.43
CA ARG I 72 108.56 -62.33 19.22
C ARG I 72 107.83 -61.80 18.04
N GLU I 73 106.81 -62.62 17.54
CA GLU I 73 105.90 -62.32 16.54
C GLU I 73 104.94 -61.25 17.15
N PRO I 74 104.45 -60.25 16.43
CA PRO I 74 103.77 -59.01 16.93
C PRO I 74 102.36 -59.32 17.40
N ARG I 75 101.78 -58.60 18.39
CA ARG I 75 100.55 -59.02 19.04
C ARG I 75 99.53 -57.89 18.83
N VAL I 76 98.30 -58.38 18.52
CA VAL I 76 97.07 -57.74 18.04
C VAL I 76 96.40 -57.04 19.12
N VAL I 77 96.66 -57.50 20.33
CA VAL I 77 96.17 -56.79 21.53
C VAL I 77 96.91 -55.59 21.76
N SER I 78 98.24 -55.61 21.51
CA SER I 78 99.06 -54.44 21.59
C SER I 78 98.73 -53.35 20.60
N ALA I 79 98.32 -53.69 19.33
CA ALA I 79 98.00 -52.84 18.26
C ALA I 79 96.71 -52.14 18.58
N LEU I 80 95.72 -52.96 19.02
CA LEU I 80 94.35 -52.57 19.28
C LEU I 80 94.37 -51.75 20.49
N GLN I 81 95.14 -52.13 21.52
CA GLN I 81 95.03 -51.43 22.75
C GLN I 81 95.56 -50.04 22.65
N MET I 82 96.68 -49.83 21.87
CA MET I 82 97.25 -48.47 21.50
C MET I 82 96.27 -47.58 20.67
N LEU I 83 95.51 -48.10 19.68
CA LEU I 83 94.48 -47.41 18.89
C LEU I 83 93.37 -47.06 19.82
N LYS I 84 92.94 -47.93 20.74
CA LYS I 84 91.91 -47.76 21.63
C LYS I 84 92.03 -46.63 22.59
N GLN I 85 93.19 -46.37 23.16
CA GLN I 85 93.51 -45.14 24.01
C GLN I 85 93.78 -43.93 23.22
N HIS I 86 94.28 -44.09 21.99
CA HIS I 86 94.77 -42.98 21.19
C HIS I 86 93.59 -42.15 20.58
N LEU I 87 92.58 -42.82 19.93
CA LEU I 87 91.42 -42.32 19.31
C LEU I 87 90.50 -41.60 20.27
N PHE I 88 90.63 -41.96 21.53
CA PHE I 88 89.81 -41.40 22.59
C PHE I 88 90.07 -39.91 22.89
N LYS I 89 91.38 -39.55 22.88
CA LYS I 89 91.88 -38.27 23.32
C LYS I 89 91.35 -37.03 22.62
N TYR I 90 91.10 -37.12 21.32
CA TYR I 90 90.68 -35.98 20.52
C TYR I 90 89.23 -36.02 20.35
N GLN I 91 88.55 -37.05 20.94
CA GLN I 91 87.16 -37.21 21.12
C GLN I 91 86.32 -37.19 19.84
N GLY I 92 86.79 -37.98 18.88
CA GLY I 92 86.19 -38.16 17.54
C GLY I 92 86.63 -37.10 16.58
N HIS I 93 87.49 -36.11 16.92
CA HIS I 93 87.89 -35.04 16.02
C HIS I 93 88.91 -35.54 15.03
N ILE I 94 89.64 -36.61 15.43
CA ILE I 94 90.23 -37.52 14.49
C ILE I 94 89.61 -38.87 14.70
N GLY I 95 88.79 -39.31 13.74
CA GLY I 95 88.25 -40.64 13.61
C GLY I 95 89.13 -41.58 12.81
N ALA I 96 88.80 -42.94 12.83
CA ALA I 96 89.46 -44.04 12.13
C ALA I 96 88.67 -45.27 12.49
N TYR I 97 88.24 -46.00 11.43
CA TYR I 97 87.19 -47.00 11.57
C TYR I 97 87.81 -48.11 10.81
N LEU I 98 88.08 -49.21 11.50
CA LEU I 98 88.97 -50.21 11.10
C LEU I 98 88.44 -51.57 11.51
N ILE I 99 88.64 -52.69 10.72
CA ILE I 99 88.59 -54.04 11.12
C ILE I 99 90.13 -54.27 11.28
N VAL I 100 90.47 -54.60 12.52
CA VAL I 100 91.78 -55.08 12.84
C VAL I 100 91.68 -56.51 12.95
N ALA I 101 92.72 -57.25 12.36
CA ALA I 101 92.72 -58.68 12.29
C ALA I 101 94.19 -58.86 12.44
N GLY I 102 94.60 -59.98 13.05
CA GLY I 102 96.01 -60.41 13.16
C GLY I 102 96.04 -61.67 13.90
N VAL I 103 97.29 -62.18 13.92
CA VAL I 103 97.52 -63.46 14.55
C VAL I 103 98.66 -63.34 15.55
N ASP I 104 98.72 -64.27 16.54
CA ASP I 104 99.68 -64.14 17.63
C ASP I 104 100.00 -65.52 18.11
N PRO I 105 101.01 -65.79 18.90
CA PRO I 105 101.19 -67.16 19.39
C PRO I 105 100.20 -67.45 20.46
N THR I 106 99.30 -66.51 20.90
CA THR I 106 98.29 -66.76 21.92
C THR I 106 97.00 -67.16 21.19
N GLY I 107 96.98 -66.91 19.88
CA GLY I 107 95.94 -67.48 18.99
C GLY I 107 95.62 -66.44 18.01
N SER I 108 94.41 -66.50 17.38
CA SER I 108 93.87 -65.57 16.45
C SER I 108 92.81 -64.80 17.13
N HIS I 109 92.79 -63.56 16.66
CA HIS I 109 91.96 -62.52 17.24
C HIS I 109 91.37 -61.68 16.21
N LEU I 110 90.32 -60.91 16.54
CA LEU I 110 89.56 -60.15 15.59
C LEU I 110 88.99 -59.06 16.44
N PHE I 111 88.96 -57.84 15.88
CA PHE I 111 88.53 -56.66 16.62
C PHE I 111 87.86 -55.83 15.67
N SER I 112 87.09 -54.91 16.23
CA SER I 112 86.60 -53.65 15.59
C SER I 112 87.10 -52.44 16.32
N ILE I 113 87.18 -51.20 15.64
CA ILE I 113 87.49 -49.92 16.35
C ILE I 113 86.57 -48.80 15.72
N HIS I 114 86.28 -47.80 16.62
CA HIS I 114 85.37 -46.70 16.41
C HIS I 114 86.26 -45.55 16.41
N ALA I 115 85.67 -44.33 16.33
CA ALA I 115 86.27 -43.00 16.37
C ALA I 115 86.84 -42.54 17.62
N HIS I 116 86.31 -43.09 18.75
CA HIS I 116 86.55 -42.80 20.09
C HIS I 116 87.22 -44.03 20.54
N GLY I 117 86.61 -45.23 20.11
CA GLY I 117 87.13 -46.53 20.18
C GLY I 117 86.49 -47.24 21.35
N SER I 118 86.18 -48.50 21.08
CA SER I 118 85.64 -49.45 22.05
C SER I 118 85.99 -50.84 21.40
N THR I 119 86.01 -51.94 22.21
CA THR I 119 86.32 -53.21 21.75
C THR I 119 85.00 -53.92 21.41
N ASP I 120 85.05 -54.74 20.33
CA ASP I 120 83.96 -55.61 20.09
C ASP I 120 84.66 -56.88 19.67
N VAL I 121 84.37 -58.04 20.36
CA VAL I 121 85.15 -59.20 20.00
C VAL I 121 84.09 -60.11 19.41
N GLY I 122 84.25 -60.32 18.12
CA GLY I 122 83.42 -61.11 17.29
C GLY I 122 84.05 -62.38 16.90
N TYR I 123 83.41 -63.24 16.08
CA TYR I 123 83.84 -64.38 15.42
C TYR I 123 83.80 -63.96 13.99
N TYR I 124 82.81 -63.17 13.57
CA TYR I 124 82.79 -62.68 12.22
C TYR I 124 82.21 -61.27 12.32
N LEU I 125 82.78 -60.32 11.50
CA LEU I 125 82.42 -58.94 11.53
C LEU I 125 82.54 -58.40 10.17
N SER I 126 81.75 -57.26 10.09
CA SER I 126 81.84 -56.51 8.89
C SER I 126 81.63 -55.13 9.35
N LEU I 127 82.24 -54.14 8.60
CA LEU I 127 82.20 -52.73 8.95
C LEU I 127 82.22 -51.91 7.67
N GLY I 128 81.85 -50.63 7.83
CA GLY I 128 81.79 -49.67 6.71
C GLY I 128 80.36 -49.40 6.30
N SER I 129 80.24 -48.99 5.06
CA SER I 129 79.06 -48.68 4.29
C SER I 129 78.34 -49.98 4.01
N GLY I 130 79.17 -50.97 3.68
CA GLY I 130 78.67 -52.31 3.47
C GLY I 130 78.64 -53.27 4.64
N SER I 131 78.42 -52.73 5.90
CA SER I 131 78.18 -53.46 7.10
C SER I 131 76.77 -54.08 7.02
N LEU I 132 75.73 -53.20 6.66
CA LEU I 132 74.42 -53.72 6.66
C LEU I 132 74.24 -54.84 5.53
N ALA I 133 74.86 -54.60 4.33
CA ALA I 133 74.82 -55.62 3.32
C ALA I 133 75.54 -56.96 3.67
N ALA I 134 76.77 -56.90 4.17
CA ALA I 134 77.53 -58.02 4.54
C ALA I 134 76.96 -58.84 5.65
N MET I 135 76.38 -58.22 6.69
CA MET I 135 75.95 -58.89 7.88
C MET I 135 75.13 -60.12 7.63
N ALA I 136 74.08 -60.00 6.76
CA ALA I 136 73.11 -61.09 6.59
C ALA I 136 73.69 -62.32 6.02
N VAL I 137 74.73 -62.11 5.18
CA VAL I 137 75.53 -63.23 4.68
C VAL I 137 76.41 -63.89 5.74
N LEU I 138 77.15 -63.08 6.63
CA LEU I 138 77.98 -63.63 7.64
C LEU I 138 77.25 -64.44 8.68
N GLU I 139 76.01 -64.01 9.08
CA GLU I 139 75.20 -64.63 10.05
C GLU I 139 74.71 -65.97 9.63
N SER I 140 74.27 -66.08 8.32
CA SER I 140 73.31 -67.11 7.99
C SER I 140 73.92 -68.19 7.19
N HIS I 141 75.19 -67.97 6.83
CA HIS I 141 75.90 -68.87 5.95
C HIS I 141 77.05 -69.34 6.74
N TRP I 142 76.87 -69.23 8.07
CA TRP I 142 77.79 -69.53 9.08
C TRP I 142 77.57 -70.84 9.75
N LYS I 143 78.62 -71.64 9.89
CA LYS I 143 78.69 -72.98 10.43
C LYS I 143 79.55 -72.81 11.63
N GLN I 144 79.27 -73.55 12.71
CA GLN I 144 80.00 -73.58 13.90
C GLN I 144 81.35 -74.28 13.63
N ASP I 145 82.45 -73.52 13.82
CA ASP I 145 83.85 -73.94 13.47
C ASP I 145 84.04 -73.82 11.96
N LEU I 146 84.88 -72.81 11.58
CA LEU I 146 85.33 -72.70 10.16
C LEU I 146 86.79 -73.16 9.97
N THR I 147 87.18 -73.45 8.76
CA THR I 147 88.55 -73.73 8.41
C THR I 147 89.01 -72.75 7.36
N LYS I 148 90.23 -72.92 6.82
CA LYS I 148 90.71 -71.94 5.79
C LYS I 148 89.94 -71.75 4.55
N GLU I 149 89.49 -72.83 3.85
CA GLU I 149 88.90 -72.72 2.55
C GLU I 149 87.47 -72.20 2.67
N GLU I 150 86.73 -72.69 3.74
CA GLU I 150 85.42 -72.28 4.13
C GLU I 150 85.31 -70.81 4.47
N ALA I 151 86.32 -70.30 5.24
CA ALA I 151 86.27 -68.99 5.75
C ALA I 151 86.35 -67.99 4.67
N ILE I 152 87.10 -68.26 3.60
CA ILE I 152 87.26 -67.43 2.50
C ILE I 152 86.05 -67.57 1.55
N LYS I 153 85.36 -68.69 1.28
CA LYS I 153 84.23 -68.73 0.42
C LYS I 153 83.16 -67.87 1.06
N LEU I 154 82.95 -67.90 2.43
CA LEU I 154 81.94 -67.13 3.09
C LEU I 154 82.32 -65.66 2.98
N ALA I 155 83.58 -65.28 3.08
CA ALA I 155 84.06 -63.96 3.05
C ALA I 155 83.91 -63.31 1.64
N SER I 156 84.22 -64.07 0.61
CA SER I 156 84.19 -63.63 -0.80
C SER I 156 82.73 -63.41 -1.27
N ASP I 157 81.85 -64.27 -0.84
CA ASP I 157 80.47 -64.18 -1.17
C ASP I 157 79.83 -62.87 -0.64
N ALA I 158 80.31 -62.55 0.49
CA ALA I 158 79.82 -61.42 1.28
C ALA I 158 80.28 -60.13 0.62
N ILE I 159 81.57 -60.11 0.04
CA ILE I 159 82.03 -58.99 -0.72
C ILE I 159 81.25 -58.95 -2.00
N GLN I 160 80.89 -60.09 -2.72
CA GLN I 160 80.37 -60.04 -4.05
C GLN I 160 78.96 -59.65 -4.05
N ALA I 161 78.24 -60.07 -3.00
CA ALA I 161 76.86 -59.69 -2.63
C ALA I 161 76.78 -58.21 -2.32
N GLY I 162 77.77 -57.62 -1.60
CA GLY I 162 77.81 -56.17 -1.29
C GLY I 162 78.26 -55.34 -2.39
N ILE I 163 78.89 -55.93 -3.47
CA ILE I 163 79.21 -55.34 -4.79
C ILE I 163 77.93 -55.12 -5.61
N TRP I 164 77.02 -56.12 -5.38
CA TRP I 164 75.69 -55.94 -6.06
C TRP I 164 74.84 -54.93 -5.39
N ASN I 165 74.77 -54.87 -4.07
CA ASN I 165 73.75 -54.17 -3.35
C ASN I 165 74.28 -52.81 -3.07
N ASP I 166 75.60 -52.67 -2.71
CA ASP I 166 76.21 -51.40 -2.46
C ASP I 166 76.82 -50.90 -3.69
N LEU I 167 77.02 -49.61 -3.68
CA LEU I 167 77.66 -48.90 -4.75
C LEU I 167 78.83 -48.17 -4.27
N GLY I 168 79.24 -48.43 -2.99
CA GLY I 168 80.49 -47.93 -2.42
C GLY I 168 81.58 -48.92 -2.63
N SER I 169 81.16 -50.12 -3.15
CA SER I 169 82.08 -51.22 -3.40
C SER I 169 81.91 -51.55 -4.87
N GLY I 170 82.86 -52.42 -5.32
CA GLY I 170 82.99 -52.83 -6.70
C GLY I 170 84.49 -52.94 -6.98
N SER I 171 84.77 -53.44 -8.22
CA SER I 171 86.12 -53.69 -8.79
C SER I 171 86.50 -55.01 -8.24
N ASN I 172 87.78 -55.28 -8.10
CA ASN I 172 88.39 -56.52 -7.76
C ASN I 172 88.45 -56.61 -6.30
N VAL I 173 88.46 -57.87 -5.72
CA VAL I 173 88.41 -58.10 -4.32
C VAL I 173 89.85 -58.46 -4.02
N ASP I 174 90.43 -57.84 -3.01
CA ASP I 174 91.79 -57.98 -2.58
C ASP I 174 91.55 -58.67 -1.28
N VAL I 175 92.47 -59.62 -0.94
CA VAL I 175 92.30 -60.56 0.13
C VAL I 175 93.65 -60.63 0.86
N CYS I 176 93.68 -60.94 2.20
CA CYS I 176 94.93 -61.23 2.88
C CYS I 176 94.64 -62.41 3.88
N VAL I 177 95.26 -63.62 3.71
CA VAL I 177 95.08 -64.67 4.70
C VAL I 177 96.24 -64.70 5.68
N MET I 178 95.95 -64.78 7.00
CA MET I 178 97.00 -64.74 8.03
C MET I 178 96.65 -65.94 8.81
N GLU I 179 97.56 -66.92 8.79
CA GLU I 179 97.44 -68.21 9.38
C GLU I 179 98.59 -68.28 10.44
N ILE I 180 98.23 -68.77 11.64
CA ILE I 180 98.96 -68.66 12.85
C ILE I 180 100.38 -69.28 12.76
N GLY I 181 101.47 -68.52 12.85
CA GLY I 181 102.83 -68.96 12.82
C GLY I 181 103.35 -69.24 11.36
N LYS I 182 102.47 -68.91 10.34
CA LYS I 182 102.71 -69.21 8.97
C LYS I 182 102.59 -67.90 8.25
N ASP I 183 103.31 -67.70 7.09
CA ASP I 183 103.48 -66.41 6.35
C ASP I 183 102.07 -65.94 6.02
N ALA I 184 101.91 -64.55 5.76
CA ALA I 184 100.65 -63.93 5.41
C ALA I 184 100.75 -63.89 3.91
N GLU I 185 99.84 -64.66 3.21
CA GLU I 185 99.80 -64.75 1.79
C GLU I 185 98.69 -63.80 1.40
N TYR I 186 99.15 -62.79 0.63
CA TYR I 186 98.37 -61.69 0.17
C TYR I 186 97.87 -62.09 -1.18
N LEU I 187 96.55 -62.17 -1.30
CA LEU I 187 95.90 -62.58 -2.58
C LEU I 187 95.15 -61.47 -3.11
N ARG I 188 95.82 -60.51 -3.77
CA ARG I 188 95.18 -59.37 -4.38
C ARG I 188 94.61 -59.83 -5.67
N ASN I 189 93.37 -59.40 -6.03
CA ASN I 189 92.62 -59.83 -7.22
C ASN I 189 92.24 -61.30 -7.06
N TYR I 190 91.71 -61.66 -5.90
CA TYR I 190 91.40 -63.09 -5.51
C TYR I 190 90.22 -63.50 -6.33
N LEU I 191 89.17 -62.66 -6.19
CA LEU I 191 87.89 -62.84 -6.84
C LEU I 191 87.71 -61.55 -7.54
N THR I 192 87.45 -61.64 -8.85
CA THR I 192 87.31 -60.48 -9.74
C THR I 192 85.92 -60.57 -10.27
N PRO I 193 84.94 -59.79 -9.90
CA PRO I 193 83.60 -59.91 -10.43
C PRO I 193 83.45 -58.77 -11.45
N ASN I 194 84.53 -57.98 -11.62
CA ASN I 194 84.51 -56.82 -12.44
C ASN I 194 84.55 -57.15 -13.87
N VAL I 195 83.50 -56.90 -14.60
CA VAL I 195 83.43 -57.12 -15.94
C VAL I 195 83.91 -55.81 -16.52
N ARG I 196 84.03 -55.71 -17.87
CA ARG I 196 84.55 -54.38 -18.39
C ARG I 196 83.84 -54.27 -19.67
N GLU I 197 83.63 -53.05 -20.14
CA GLU I 197 83.01 -52.74 -21.38
C GLU I 197 83.98 -51.71 -22.04
N GLU I 198 84.43 -52.02 -23.27
CA GLU I 198 85.29 -51.29 -24.11
C GLU I 198 84.56 -50.23 -24.89
N LYS I 199 85.35 -49.13 -25.25
CA LYS I 199 84.92 -48.02 -26.06
C LYS I 199 84.63 -48.48 -27.52
N GLN I 200 83.67 -47.81 -28.18
CA GLN I 200 83.37 -48.29 -29.56
C GLN I 200 84.16 -47.42 -30.55
N LYS I 201 85.04 -46.43 -30.11
CA LYS I 201 85.66 -45.48 -30.96
C LYS I 201 87.04 -45.18 -30.39
N SER I 202 87.97 -44.68 -31.30
CA SER I 202 89.31 -44.15 -30.94
C SER I 202 89.23 -42.77 -30.56
N TYR I 203 90.32 -42.28 -29.88
CA TYR I 203 90.26 -40.94 -29.34
C TYR I 203 91.68 -40.33 -29.40
N LYS I 204 92.48 -40.84 -30.29
CA LYS I 204 93.77 -40.34 -30.49
C LYS I 204 93.63 -39.69 -31.90
N PHE I 205 94.42 -38.61 -32.05
CA PHE I 205 94.42 -37.64 -33.16
C PHE I 205 95.83 -37.36 -33.54
N PRO I 206 96.02 -36.99 -34.82
CA PRO I 206 97.31 -36.43 -35.24
C PRO I 206 97.33 -35.01 -34.64
N ARG I 207 98.57 -34.55 -34.47
CA ARG I 207 98.96 -33.26 -33.99
C ARG I 207 98.53 -32.20 -34.95
N GLY I 208 98.21 -31.03 -34.38
CA GLY I 208 97.77 -29.86 -35.11
C GLY I 208 96.28 -29.77 -35.00
N THR I 209 95.65 -30.67 -34.26
CA THR I 209 94.23 -30.84 -33.89
C THR I 209 94.21 -30.23 -32.52
N THR I 210 95.39 -30.01 -31.88
CA THR I 210 95.56 -29.10 -30.77
C THR I 210 96.44 -27.96 -31.31
N ALA I 211 96.26 -26.79 -30.74
CA ALA I 211 96.85 -25.55 -31.25
C ALA I 211 97.90 -25.16 -30.26
N VAL I 212 98.99 -24.57 -30.74
CA VAL I 212 100.23 -24.33 -30.04
C VAL I 212 100.48 -22.91 -30.31
N LEU I 213 100.38 -22.17 -29.20
CA LEU I 213 100.71 -20.70 -29.15
C LEU I 213 102.16 -20.46 -29.30
N LYS I 214 102.94 -21.16 -28.43
CA LYS I 214 104.43 -21.17 -28.52
C LYS I 214 104.93 -22.40 -27.79
N GLU I 215 106.23 -22.73 -27.99
CA GLU I 215 106.87 -23.79 -27.24
C GLU I 215 108.13 -23.18 -26.62
N SER I 216 108.67 -23.95 -25.62
CA SER I 216 109.64 -23.57 -24.61
C SER I 216 110.35 -24.91 -24.24
N ILE I 217 111.62 -24.84 -23.67
CA ILE I 217 112.31 -26.11 -23.21
C ILE I 217 112.90 -25.76 -21.88
N VAL I 218 112.46 -26.55 -20.82
CA VAL I 218 112.97 -26.41 -19.48
C VAL I 218 113.70 -27.69 -19.23
N ASN I 219 114.75 -27.61 -18.34
CA ASN I 219 115.64 -28.70 -17.93
C ASN I 219 115.13 -29.14 -16.59
N ILE I 220 115.64 -30.32 -16.18
CA ILE I 220 115.40 -30.95 -14.87
C ILE I 220 116.52 -31.81 -14.52
N CYS I 221 117.62 -31.59 -15.32
CA CYS I 221 118.92 -32.19 -15.30
C CYS I 221 119.92 -31.13 -15.16
N ASP I 222 120.83 -31.27 -14.23
CA ASP I 222 121.69 -30.14 -13.93
C ASP I 222 122.75 -29.85 -14.96
N ILE I 223 123.32 -28.63 -14.87
CA ILE I 223 124.36 -28.13 -15.73
C ILE I 223 125.76 -28.66 -15.35
N GLN I 224 126.80 -28.42 -16.21
CA GLN I 224 128.14 -28.79 -15.98
C GLN I 224 128.80 -27.53 -15.88
N GLU I 225 130.12 -27.58 -16.15
CA GLU I 225 130.93 -26.37 -15.96
C GLU I 225 132.22 -26.62 -16.74
N GLU I 226 132.15 -27.70 -17.48
CA GLU I 226 133.33 -28.24 -18.15
C GLU I 226 132.90 -28.58 -19.57
N SER J 1 82.02 -24.88 -2.19
CA SER J 1 82.00 -25.37 -0.85
C SER J 1 83.09 -24.78 0.05
N ASP J 2 84.25 -25.52 0.16
CA ASP J 2 85.49 -25.27 0.87
C ASP J 2 86.10 -24.06 0.25
N PRO J 3 87.16 -23.49 0.77
CA PRO J 3 88.02 -22.51 0.10
C PRO J 3 88.73 -22.92 -1.21
N SER J 4 89.03 -24.20 -1.38
CA SER J 4 89.62 -24.76 -2.50
C SER J 4 88.62 -24.51 -3.69
N SER J 5 87.27 -24.63 -3.43
CA SER J 5 86.25 -24.43 -4.42
C SER J 5 86.11 -22.97 -4.80
N ILE J 6 86.36 -21.97 -3.87
CA ILE J 6 86.15 -20.52 -4.13
C ILE J 6 87.19 -20.10 -5.14
N ASN J 7 88.52 -20.34 -4.88
CA ASN J 7 89.57 -19.87 -5.73
C ASN J 7 89.69 -20.68 -6.98
N GLY J 8 89.57 -22.01 -6.89
CA GLY J 8 89.67 -22.95 -7.97
C GLY J 8 90.99 -22.98 -8.66
N GLY J 9 90.89 -23.74 -9.77
CA GLY J 9 92.01 -23.89 -10.66
C GLY J 9 92.32 -25.36 -10.76
N ILE J 10 92.90 -25.78 -11.90
CA ILE J 10 92.97 -27.19 -12.21
C ILE J 10 94.38 -27.48 -12.51
N VAL J 11 94.81 -28.68 -12.18
CA VAL J 11 96.15 -29.29 -12.44
C VAL J 11 95.61 -30.71 -12.65
N VAL J 12 96.10 -31.35 -13.74
CA VAL J 12 95.69 -32.66 -14.20
C VAL J 12 97.01 -33.21 -14.54
N ALA J 13 97.33 -34.53 -14.20
CA ALA J 13 98.54 -35.19 -14.58
C ALA J 13 98.06 -36.50 -14.98
N MET J 14 98.90 -37.16 -15.86
CA MET J 14 98.47 -38.34 -16.55
C MET J 14 99.67 -39.17 -16.86
N THR J 15 99.44 -40.43 -17.28
CA THR J 15 100.52 -41.38 -17.53
C THR J 15 100.25 -41.85 -18.96
N GLY J 16 101.29 -42.17 -19.71
CA GLY J 16 101.13 -42.90 -20.98
C GLY J 16 101.90 -44.21 -20.91
N LYS J 17 103.16 -44.18 -21.34
CA LYS J 17 104.00 -45.39 -21.33
C LYS J 17 105.41 -44.93 -21.35
N ASP J 18 106.10 -45.03 -20.21
CA ASP J 18 107.40 -44.42 -19.99
C ASP J 18 107.46 -42.96 -20.22
N CYS J 19 106.40 -42.30 -19.78
CA CYS J 19 106.22 -40.83 -19.87
C CYS J 19 105.18 -40.35 -18.96
N VAL J 20 105.13 -39.06 -18.67
CA VAL J 20 104.04 -38.40 -18.00
C VAL J 20 103.83 -37.07 -18.66
N ALA J 21 102.54 -36.58 -18.47
CA ALA J 21 102.27 -35.20 -18.75
C ALA J 21 101.68 -34.64 -17.49
N ILE J 22 102.06 -33.38 -17.12
CA ILE J 22 101.34 -32.67 -16.03
C ILE J 22 101.18 -31.27 -16.48
N ALA J 23 99.96 -30.80 -16.39
CA ALA J 23 99.57 -29.62 -17.17
C ALA J 23 98.69 -28.89 -16.20
N CYS J 24 98.39 -27.57 -16.54
CA CYS J 24 97.66 -26.75 -15.57
C CYS J 24 97.05 -25.61 -16.39
N ASP J 25 96.21 -24.88 -15.70
CA ASP J 25 95.69 -23.70 -16.23
C ASP J 25 96.47 -22.56 -15.65
N LEU J 26 96.26 -21.36 -16.31
CA LEU J 26 96.96 -20.17 -15.96
C LEU J 26 96.09 -19.29 -15.22
N ARG J 27 94.79 -19.65 -14.89
CA ARG J 27 93.85 -18.83 -14.17
C ARG J 27 94.25 -18.89 -12.77
N LEU J 28 94.48 -17.72 -12.16
CA LEU J 28 94.27 -17.61 -10.70
C LEU J 28 93.20 -16.57 -10.66
N GLY J 29 92.14 -16.90 -9.89
CA GLY J 29 91.17 -16.03 -9.46
C GLY J 29 91.07 -16.19 -7.99
N SER J 30 90.59 -15.03 -7.44
CA SER J 30 90.19 -14.90 -6.04
C SER J 30 88.77 -14.55 -6.25
N GLN J 31 87.86 -15.55 -5.96
CA GLN J 31 86.43 -15.47 -6.20
C GLN J 31 86.08 -15.03 -7.61
N SER J 32 85.13 -14.11 -7.68
CA SER J 32 84.50 -13.55 -8.89
C SER J 32 85.65 -12.80 -9.62
N LEU J 33 86.59 -12.10 -8.99
CA LEU J 33 87.60 -11.29 -9.59
C LEU J 33 88.65 -12.33 -10.18
N GLY J 34 89.03 -12.08 -11.45
CA GLY J 34 90.11 -12.76 -12.04
C GLY J 34 91.29 -11.90 -11.77
N VAL J 35 92.45 -12.52 -11.40
CA VAL J 35 93.60 -11.92 -10.73
C VAL J 35 94.78 -11.95 -11.58
N SER J 36 95.05 -13.08 -12.31
CA SER J 36 96.25 -13.24 -13.14
C SER J 36 95.75 -14.18 -14.12
N ASN J 37 96.30 -14.02 -15.34
CA ASN J 37 95.94 -14.78 -16.55
C ASN J 37 97.18 -15.53 -16.83
N LYS J 38 98.13 -15.63 -15.83
CA LYS J 38 99.42 -16.14 -16.22
C LYS J 38 100.15 -16.83 -15.18
N PHE J 39 99.63 -16.98 -13.93
CA PHE J 39 100.18 -17.74 -12.84
C PHE J 39 100.13 -19.20 -13.09
N GLU J 40 101.34 -19.76 -13.37
CA GLU J 40 101.63 -21.13 -13.57
C GLU J 40 101.54 -21.91 -12.22
N LYS J 41 100.99 -23.14 -12.22
CA LYS J 41 100.67 -23.90 -11.05
C LYS J 41 101.57 -25.02 -11.00
N ILE J 42 102.48 -25.19 -12.01
CA ILE J 42 103.50 -26.18 -12.07
C ILE J 42 104.73 -25.61 -11.49
N PHE J 43 105.35 -26.36 -10.56
CA PHE J 43 106.62 -26.10 -9.89
C PHE J 43 107.32 -27.39 -9.92
N HIS J 44 108.61 -27.51 -9.46
CA HIS J 44 109.38 -28.71 -9.53
C HIS J 44 110.49 -28.64 -8.50
N TYR J 45 110.95 -29.79 -7.94
CA TYR J 45 112.09 -29.97 -7.05
C TYR J 45 112.80 -31.15 -7.76
N GLY J 46 113.88 -30.92 -8.53
CA GLY J 46 114.52 -31.88 -9.40
C GLY J 46 113.65 -32.25 -10.57
N HIS J 47 113.22 -33.56 -10.68
CA HIS J 47 112.43 -34.12 -11.75
C HIS J 47 111.03 -34.25 -11.23
N VAL J 48 110.78 -34.06 -9.94
CA VAL J 48 109.42 -34.32 -9.37
C VAL J 48 108.78 -33.00 -9.56
N PHE J 49 107.51 -33.01 -10.11
CA PHE J 49 106.74 -31.89 -10.41
C PHE J 49 105.66 -31.97 -9.44
N LEU J 50 105.36 -30.73 -8.93
CA LEU J 50 104.30 -30.58 -7.91
C LEU J 50 103.42 -29.58 -8.59
N GLY J 51 102.07 -29.95 -8.70
CA GLY J 51 101.03 -29.04 -9.05
C GLY J 51 100.41 -28.74 -7.78
N ILE J 52 99.75 -27.59 -7.76
CA ILE J 52 98.95 -27.19 -6.66
C ILE J 52 97.73 -26.53 -7.13
N THR J 53 96.54 -27.06 -6.64
CA THR J 53 95.27 -26.43 -6.74
C THR J 53 94.92 -25.93 -5.36
N GLY J 54 93.90 -25.00 -5.30
CA GLY J 54 93.23 -24.56 -4.14
C GLY J 54 93.47 -23.11 -4.03
N LEU J 55 93.25 -22.65 -2.75
CA LEU J 55 93.33 -21.29 -2.36
C LEU J 55 94.70 -20.75 -2.68
N ALA J 56 94.70 -19.49 -3.07
CA ALA J 56 95.85 -18.83 -3.68
C ALA J 56 97.01 -18.67 -2.87
N THR J 57 96.78 -18.41 -1.51
CA THR J 57 97.84 -18.37 -0.52
C THR J 57 98.66 -19.66 -0.38
N ASP J 58 97.93 -20.81 -0.43
CA ASP J 58 98.54 -22.08 -0.07
C ASP J 58 99.31 -22.57 -1.30
N VAL J 59 98.96 -22.06 -2.50
CA VAL J 59 99.74 -22.33 -3.71
C VAL J 59 101.15 -21.80 -3.59
N THR J 60 101.27 -20.57 -2.98
CA THR J 60 102.58 -19.93 -2.84
C THR J 60 103.31 -20.41 -1.56
N THR J 61 102.61 -20.51 -0.45
CA THR J 61 103.15 -20.90 0.78
C THR J 61 103.64 -22.27 0.90
N LEU J 62 102.86 -23.33 0.42
CA LEU J 62 103.26 -24.72 0.32
C LEU J 62 104.34 -24.96 -0.64
N ASN J 63 104.46 -24.07 -1.64
CA ASN J 63 105.52 -24.26 -2.53
C ASN J 63 106.87 -24.02 -1.81
N GLU J 64 106.95 -22.98 -0.98
CA GLU J 64 108.08 -22.64 -0.20
C GLU J 64 108.44 -23.76 0.83
N MET J 65 107.31 -24.33 1.35
CA MET J 65 107.31 -25.39 2.32
C MET J 65 107.93 -26.71 1.98
N PHE J 66 107.63 -27.15 0.70
CA PHE J 66 108.12 -28.38 0.13
C PHE J 66 109.43 -28.29 -0.56
N ARG J 67 109.82 -27.03 -1.00
CA ARG J 67 111.10 -26.65 -1.43
C ARG J 67 112.10 -26.83 -0.29
N TYR J 68 111.76 -26.38 0.88
CA TYR J 68 112.61 -26.43 2.04
C TYR J 68 113.04 -27.83 2.41
N LYS J 69 112.08 -28.72 2.38
CA LYS J 69 112.31 -30.15 2.74
C LYS J 69 113.01 -30.92 1.68
N THR J 70 112.78 -30.64 0.34
CA THR J 70 113.49 -31.32 -0.72
C THR J 70 114.95 -30.91 -0.90
N ASN J 71 115.29 -29.62 -0.57
CA ASN J 71 116.62 -29.14 -0.50
C ASN J 71 117.50 -29.77 0.64
N LEU J 72 116.99 -30.05 1.86
CA LEU J 72 117.77 -30.74 2.82
C LEU J 72 118.01 -32.18 2.45
N TYR J 73 117.03 -32.83 1.80
CA TYR J 73 116.98 -34.24 1.30
C TYR J 73 118.03 -34.42 0.23
N LYS J 74 118.11 -33.46 -0.72
CA LYS J 74 119.04 -33.45 -1.87
C LYS J 74 120.47 -33.36 -1.61
N LEU J 75 120.86 -32.48 -0.70
CA LEU J 75 122.21 -32.17 -0.22
C LEU J 75 122.69 -33.34 0.57
N LYS J 76 121.92 -33.80 1.54
CA LYS J 76 122.48 -34.84 2.53
C LYS J 76 122.81 -36.17 1.81
N GLU J 77 121.82 -36.60 0.94
CA GLU J 77 121.85 -37.92 0.33
C GLU J 77 122.54 -37.94 -1.00
N GLU J 78 122.80 -36.74 -1.60
CA GLU J 78 123.38 -36.49 -2.90
C GLU J 78 122.69 -37.21 -4.02
N ARG J 79 121.33 -37.16 -4.13
CA ARG J 79 120.55 -37.70 -5.21
C ARG J 79 119.33 -36.85 -5.30
N ALA J 80 118.49 -37.08 -6.31
CA ALA J 80 117.27 -36.35 -6.52
C ALA J 80 116.22 -37.06 -5.72
N ILE J 81 115.26 -36.18 -5.25
CA ILE J 81 114.05 -36.64 -4.62
C ILE J 81 113.24 -37.38 -5.59
N GLU J 82 112.58 -38.43 -5.12
CA GLU J 82 111.84 -39.34 -6.03
C GLU J 82 110.36 -39.08 -5.83
N PRO J 83 109.58 -39.19 -6.82
CA PRO J 83 108.06 -39.03 -6.82
C PRO J 83 107.44 -40.09 -5.96
N GLU J 84 108.07 -41.27 -5.85
CA GLU J 84 107.58 -42.38 -5.04
C GLU J 84 107.66 -41.98 -3.56
N THR J 85 108.77 -41.37 -3.20
CA THR J 85 109.04 -40.93 -1.86
C THR J 85 108.36 -39.58 -1.57
N PHE J 86 108.15 -38.73 -2.60
CA PHE J 86 107.55 -37.39 -2.36
C PHE J 86 106.08 -37.54 -2.02
N THR J 87 105.43 -38.63 -2.51
CA THR J 87 103.99 -38.91 -2.27
C THR J 87 103.83 -39.12 -0.81
N GLN J 88 104.76 -39.85 -0.13
CA GLN J 88 104.78 -40.09 1.34
C GLN J 88 104.84 -38.78 2.13
N LEU J 89 105.72 -37.98 1.57
CA LEU J 89 105.99 -36.73 2.24
C LEU J 89 104.85 -35.79 2.21
N VAL J 90 104.12 -35.61 1.08
CA VAL J 90 103.08 -34.61 0.87
C VAL J 90 102.04 -34.94 1.80
N SER J 91 101.63 -36.25 1.96
CA SER J 91 100.55 -36.70 2.76
C SER J 91 100.86 -36.44 4.20
N SER J 92 102.03 -36.77 4.78
CA SER J 92 102.35 -36.45 6.19
C SER J 92 102.44 -34.99 6.50
N SER J 93 103.01 -34.16 5.56
CA SER J 93 103.28 -32.76 5.81
C SER J 93 101.98 -31.92 5.97
N LEU J 94 100.96 -32.23 5.09
CA LEU J 94 99.68 -31.62 5.09
C LEU J 94 98.92 -32.07 6.30
N TYR J 95 99.19 -33.28 6.85
CA TYR J 95 98.50 -33.97 7.97
C TYR J 95 98.97 -33.39 9.29
N GLU J 96 100.10 -32.62 9.28
CA GLU J 96 100.75 -32.00 10.42
C GLU J 96 99.84 -30.97 11.05
N ARG J 97 98.99 -30.45 10.13
CA ARG J 97 97.99 -29.54 10.44
C ARG J 97 96.81 -30.26 10.04
N ARG J 98 95.93 -30.24 11.00
CA ARG J 98 94.70 -31.03 10.93
C ARG J 98 93.69 -30.24 11.61
N PHE J 99 94.15 -29.40 12.49
CA PHE J 99 93.42 -28.43 13.32
C PHE J 99 93.67 -27.01 12.75
N GLY J 100 94.45 -26.97 11.69
CA GLY J 100 94.52 -25.86 10.85
C GLY J 100 94.91 -26.35 9.50
N PRO J 101 94.10 -27.18 8.83
CA PRO J 101 94.59 -27.98 7.73
C PRO J 101 94.68 -27.08 6.51
N TYR J 102 95.72 -27.23 5.62
CA TYR J 102 95.86 -26.54 4.41
C TYR J 102 94.82 -27.00 3.40
N PHE J 103 94.16 -26.06 2.69
CA PHE J 103 93.03 -26.23 1.87
C PHE J 103 93.53 -26.17 0.48
N VAL J 104 93.88 -27.38 -0.12
CA VAL J 104 94.50 -27.59 -1.40
C VAL J 104 94.18 -28.94 -1.78
N GLY J 105 94.37 -29.27 -3.13
CA GLY J 105 94.35 -30.59 -3.67
C GLY J 105 95.51 -30.84 -4.58
N PRO J 106 96.73 -31.07 -4.13
CA PRO J 106 97.86 -31.30 -4.99
C PRO J 106 97.84 -32.47 -5.96
N VAL J 107 98.78 -32.46 -6.87
CA VAL J 107 99.00 -33.61 -7.75
C VAL J 107 100.46 -33.74 -7.78
N VAL J 108 100.95 -34.95 -7.55
CA VAL J 108 102.37 -35.18 -7.70
C VAL J 108 102.54 -35.96 -8.93
N ALA J 109 103.52 -35.65 -9.79
CA ALA J 109 103.93 -36.51 -10.88
C ALA J 109 105.43 -36.40 -11.07
N GLY J 110 106.06 -37.47 -11.54
CA GLY J 110 107.49 -37.46 -11.89
C GLY J 110 107.64 -38.86 -12.49
N ILE J 111 108.94 -39.20 -12.87
CA ILE J 111 109.24 -40.58 -13.35
C ILE J 111 110.48 -40.94 -12.39
N ASN J 112 110.35 -42.11 -11.66
CA ASN J 112 111.43 -42.69 -10.84
C ASN J 112 112.62 -42.98 -11.66
N SER J 113 113.85 -42.84 -11.19
CA SER J 113 115.09 -43.04 -12.05
C SER J 113 115.62 -44.34 -11.65
N LYS J 114 115.06 -44.99 -10.58
CA LYS J 114 115.59 -46.24 -10.10
C LYS J 114 114.81 -47.41 -10.66
N SER J 115 113.99 -47.10 -11.70
CA SER J 115 113.37 -48.12 -12.45
C SER J 115 112.84 -47.53 -13.73
N GLY J 116 112.66 -46.20 -13.86
CA GLY J 116 112.07 -45.61 -15.07
C GLY J 116 110.57 -45.70 -15.14
N LYS J 117 109.86 -46.12 -14.08
CA LYS J 117 108.46 -46.31 -14.13
C LYS J 117 107.75 -44.97 -13.88
N PRO J 118 106.63 -44.67 -14.44
CA PRO J 118 105.99 -43.39 -14.32
C PRO J 118 105.06 -43.40 -13.04
N PHE J 119 105.03 -42.21 -12.34
CA PHE J 119 104.36 -42.21 -11.08
C PHE J 119 103.53 -40.98 -11.16
N ILE J 120 102.21 -41.11 -10.69
CA ILE J 120 101.32 -40.01 -10.48
C ILE J 120 100.56 -40.41 -9.27
N ALA J 121 100.25 -39.36 -8.46
CA ALA J 121 99.54 -39.58 -7.19
C ALA J 121 98.73 -38.34 -6.87
N GLY J 122 97.61 -38.58 -6.11
CA GLY J 122 96.53 -37.65 -5.93
C GLY J 122 96.46 -37.55 -4.48
N PHE J 123 95.90 -36.40 -4.04
CA PHE J 123 95.87 -35.98 -2.66
C PHE J 123 94.59 -35.18 -2.55
N ASP J 124 94.25 -34.77 -1.35
CA ASP J 124 93.05 -33.92 -0.99
C ASP J 124 93.52 -32.90 0.03
N LEU J 125 92.63 -32.39 0.93
CA LEU J 125 93.07 -31.45 1.97
C LEU J 125 94.25 -31.83 2.81
N ILE J 126 94.27 -33.08 3.36
CA ILE J 126 95.32 -33.44 4.33
C ILE J 126 96.04 -34.65 3.78
N GLY J 127 95.59 -35.10 2.61
CA GLY J 127 96.27 -35.89 1.68
C GLY J 127 96.21 -37.36 2.12
N CYS J 128 96.12 -38.24 1.10
CA CYS J 128 96.08 -39.64 1.34
C CYS J 128 96.82 -40.24 0.24
N ILE J 129 97.33 -41.51 0.27
CA ILE J 129 97.78 -42.20 -0.98
C ILE J 129 96.60 -42.47 -1.83
N ASP J 130 96.68 -41.92 -3.08
CA ASP J 130 95.75 -42.30 -4.12
C ASP J 130 96.62 -42.70 -5.30
N GLU J 131 96.61 -44.06 -5.66
CA GLU J 131 97.61 -44.53 -6.63
C GLU J 131 96.78 -44.72 -7.86
N ALA J 132 97.40 -44.33 -9.02
CA ALA J 132 96.98 -44.35 -10.35
C ALA J 132 98.23 -44.65 -11.17
N LYS J 133 97.94 -45.19 -12.41
CA LYS J 133 98.78 -45.41 -13.52
C LYS J 133 97.96 -44.97 -14.73
N ASP J 134 96.96 -44.15 -14.44
CA ASP J 134 96.05 -43.65 -15.46
C ASP J 134 96.06 -42.09 -15.36
N PHE J 135 95.36 -41.52 -14.37
CA PHE J 135 95.40 -40.09 -14.35
C PHE J 135 94.88 -39.73 -13.00
N ILE J 136 95.25 -38.46 -12.57
CA ILE J 136 94.85 -37.89 -11.35
C ILE J 136 94.53 -36.59 -11.93
N VAL J 137 93.30 -36.08 -11.60
CA VAL J 137 92.83 -34.79 -11.88
C VAL J 137 92.41 -34.11 -10.56
N SER J 138 92.37 -32.73 -10.50
CA SER J 138 92.16 -32.06 -9.24
C SER J 138 91.47 -30.74 -9.55
N GLY J 139 90.79 -30.08 -8.55
CA GLY J 139 90.20 -28.72 -8.74
C GLY J 139 88.65 -28.74 -8.76
N THR J 140 88.16 -27.55 -9.31
CA THR J 140 86.76 -27.25 -9.26
C THR J 140 86.09 -27.80 -10.45
N ALA J 141 86.83 -28.21 -11.51
CA ALA J 141 86.37 -28.85 -12.64
C ALA J 141 86.90 -30.25 -12.62
N SER J 142 87.20 -30.88 -11.47
CA SER J 142 87.76 -32.15 -11.36
C SER J 142 86.73 -33.21 -11.81
N ASP J 143 85.45 -33.02 -11.52
CA ASP J 143 84.31 -33.94 -11.81
C ASP J 143 84.07 -34.02 -13.28
N GLN J 144 84.23 -32.90 -14.03
CA GLN J 144 84.28 -32.90 -15.48
C GLN J 144 85.46 -33.66 -16.05
N LEU J 145 86.70 -33.35 -15.49
CA LEU J 145 87.96 -33.90 -15.96
C LEU J 145 88.11 -35.42 -15.73
N PHE J 146 87.53 -36.00 -14.68
CA PHE J 146 87.62 -37.39 -14.25
C PHE J 146 87.09 -38.35 -15.28
N GLY J 147 85.94 -37.94 -15.82
CA GLY J 147 85.28 -38.50 -17.00
C GLY J 147 85.87 -38.16 -18.29
N MET J 148 86.37 -36.90 -18.48
CA MET J 148 86.91 -36.43 -19.80
C MET J 148 88.23 -37.18 -20.15
N CYS J 149 89.12 -37.32 -19.16
CA CYS J 149 90.35 -37.99 -19.24
C CYS J 149 90.11 -39.44 -19.43
N GLU J 150 89.08 -40.16 -18.80
CA GLU J 150 88.83 -41.59 -18.85
C GLU J 150 88.38 -41.86 -20.27
N SER J 151 87.51 -41.05 -20.81
CA SER J 151 86.92 -41.16 -22.06
C SER J 151 87.88 -41.09 -23.18
N LEU J 152 88.89 -40.20 -23.06
CA LEU J 152 89.85 -40.11 -24.14
C LEU J 152 91.06 -41.04 -24.00
N TYR J 153 91.29 -41.53 -22.72
CA TYR J 153 92.43 -42.40 -22.48
C TYR J 153 92.34 -43.69 -23.18
N GLU J 154 93.45 -44.04 -23.89
CA GLU J 154 93.53 -45.39 -24.45
C GLU J 154 94.81 -45.93 -23.81
N PRO J 155 94.83 -47.06 -23.09
CA PRO J 155 95.97 -47.55 -22.33
C PRO J 155 97.13 -47.82 -23.30
N ASN J 156 98.34 -47.38 -22.86
CA ASN J 156 99.58 -47.64 -23.48
C ASN J 156 99.73 -46.74 -24.68
N LEU J 157 100.56 -45.64 -24.56
CA LEU J 157 100.64 -44.54 -25.45
C LEU J 157 102.08 -44.15 -25.48
N GLU J 158 102.50 -43.51 -26.61
CA GLU J 158 103.72 -42.85 -26.97
C GLU J 158 103.83 -41.50 -26.22
N PRO J 159 105.01 -40.84 -26.07
CA PRO J 159 105.17 -39.53 -25.53
C PRO J 159 104.42 -38.51 -26.34
N GLU J 160 104.28 -38.75 -27.67
CA GLU J 160 103.61 -37.87 -28.59
C GLU J 160 102.12 -38.06 -28.60
N ASP J 161 101.67 -39.18 -28.15
CA ASP J 161 100.26 -39.62 -28.12
C ASP J 161 99.61 -39.02 -26.88
N LEU J 162 100.47 -38.92 -25.80
CA LEU J 162 100.03 -38.47 -24.55
C LEU J 162 99.75 -37.00 -24.53
N PHE J 163 100.38 -36.21 -25.44
CA PHE J 163 100.20 -34.79 -25.58
C PHE J 163 98.82 -34.57 -25.96
N GLU J 164 98.26 -35.28 -27.04
CA GLU J 164 97.05 -35.14 -27.67
C GLU J 164 95.90 -35.36 -26.71
N THR J 165 96.01 -36.43 -25.85
CA THR J 165 95.07 -36.88 -24.94
C THR J 165 94.84 -35.85 -23.81
N ILE J 166 96.00 -35.33 -23.19
CA ILE J 166 95.89 -34.35 -22.11
C ILE J 166 95.43 -32.95 -22.64
N SER J 167 95.75 -32.58 -23.88
CA SER J 167 95.42 -31.28 -24.47
C SER J 167 93.90 -31.19 -24.70
N GLN J 168 93.26 -32.17 -25.33
CA GLN J 168 91.83 -32.15 -25.64
C GLN J 168 90.98 -32.20 -24.43
N ALA J 169 91.47 -32.91 -23.45
CA ALA J 169 91.00 -32.97 -22.12
C ALA J 169 90.85 -31.71 -21.36
N LEU J 170 91.92 -30.93 -21.28
CA LEU J 170 92.02 -29.64 -20.66
C LEU J 170 91.21 -28.67 -21.40
N LEU J 171 91.24 -28.68 -22.78
CA LEU J 171 90.69 -27.67 -23.65
C LEU J 171 89.25 -27.42 -23.41
N ASN J 172 88.37 -28.40 -23.24
CA ASN J 172 86.96 -28.21 -23.19
C ASN J 172 86.48 -28.15 -21.79
N ALA J 173 87.10 -28.88 -20.88
CA ALA J 173 86.75 -29.00 -19.51
C ALA J 173 86.99 -27.73 -18.69
N ALA J 174 88.12 -27.09 -18.96
CA ALA J 174 88.49 -25.80 -18.36
C ALA J 174 87.60 -24.73 -18.85
N ASP J 175 87.24 -24.77 -20.17
CA ASP J 175 86.47 -23.75 -20.84
C ASP J 175 85.03 -23.74 -20.25
N ARG J 176 84.50 -24.96 -20.05
CA ARG J 176 83.13 -25.14 -19.58
C ARG J 176 83.05 -25.25 -18.10
N ASP J 177 83.91 -24.49 -17.39
CA ASP J 177 84.00 -24.30 -15.97
C ASP J 177 84.16 -22.83 -15.73
N ALA J 178 83.50 -22.24 -14.79
CA ALA J 178 83.47 -20.83 -14.45
C ALA J 178 84.80 -20.25 -14.02
N LEU J 179 85.49 -20.97 -13.13
CA LEU J 179 86.52 -20.58 -12.19
C LEU J 179 87.83 -21.17 -12.70
N SER J 180 87.81 -21.72 -13.96
CA SER J 180 88.96 -22.33 -14.49
C SER J 180 89.10 -21.69 -15.92
N GLY J 181 90.31 -21.94 -16.47
CA GLY J 181 90.72 -21.66 -17.79
C GLY J 181 91.77 -20.57 -17.95
N TRP J 182 91.57 -19.64 -18.95
CA TRP J 182 92.31 -18.42 -19.07
C TRP J 182 93.78 -18.71 -19.38
N GLY J 183 93.93 -19.70 -20.34
CA GLY J 183 95.27 -20.13 -20.75
C GLY J 183 95.65 -21.43 -20.18
N ALA J 184 96.61 -22.15 -20.83
CA ALA J 184 97.07 -23.46 -20.27
C ALA J 184 98.42 -23.74 -20.73
N VAL J 185 99.14 -24.64 -19.98
CA VAL J 185 100.52 -24.96 -20.30
C VAL J 185 100.65 -26.43 -19.90
N VAL J 186 101.41 -27.20 -20.70
CA VAL J 186 101.48 -28.60 -20.77
C VAL J 186 102.89 -28.87 -20.67
N TYR J 187 103.34 -29.78 -19.80
CA TYR J 187 104.74 -30.17 -19.66
C TYR J 187 104.70 -31.63 -20.01
N ILE J 188 105.52 -32.08 -21.01
CA ILE J 188 105.59 -33.43 -21.41
C ILE J 188 106.94 -33.84 -20.97
N ILE J 189 106.99 -34.73 -19.95
CA ILE J 189 108.29 -35.27 -19.51
C ILE J 189 108.32 -36.50 -20.31
N LYS J 190 109.13 -36.52 -21.35
CA LYS J 190 109.43 -37.60 -22.23
C LYS J 190 110.21 -38.71 -21.53
N LYS J 191 111.34 -38.45 -20.77
CA LYS J 191 111.88 -39.38 -19.91
C LYS J 191 112.54 -38.55 -18.88
N ASP J 192 113.41 -37.68 -19.38
CA ASP J 192 114.28 -36.80 -18.60
C ASP J 192 114.35 -35.53 -19.39
N GLU J 193 113.91 -35.49 -20.64
CA GLU J 193 113.70 -34.32 -21.46
C GLU J 193 112.37 -33.79 -21.09
N VAL J 194 112.19 -32.49 -20.90
CA VAL J 194 110.89 -31.83 -20.74
C VAL J 194 110.70 -30.79 -21.80
N VAL J 195 109.64 -30.99 -22.61
CA VAL J 195 109.30 -30.02 -23.58
C VAL J 195 108.04 -29.36 -22.97
N LYS J 196 107.92 -28.06 -23.27
CA LYS J 196 106.94 -27.18 -22.69
C LYS J 196 106.19 -26.72 -23.92
N ARG J 197 104.89 -26.90 -23.99
CA ARG J 197 104.06 -26.57 -25.16
C ARG J 197 102.94 -25.81 -24.55
N TYR J 198 102.74 -24.58 -24.99
CA TYR J 198 101.69 -23.67 -24.51
C TYR J 198 100.62 -23.97 -25.37
N LEU J 199 99.41 -24.09 -24.83
CA LEU J 199 98.17 -24.34 -25.47
C LEU J 199 97.59 -23.01 -25.93
N LYS J 200 97.37 -22.82 -27.24
CA LYS J 200 96.55 -21.69 -27.63
C LYS J 200 95.12 -22.13 -27.40
N MET J 201 94.48 -21.39 -26.50
CA MET J 201 93.13 -21.56 -26.12
C MET J 201 92.61 -20.18 -25.79
N ARG J 202 91.30 -20.02 -25.63
CA ARG J 202 90.75 -18.74 -25.36
C ARG J 202 90.98 -18.34 -23.91
N GLN J 203 90.67 -17.05 -23.64
CA GLN J 203 90.79 -16.44 -22.40
C GLN J 203 89.45 -16.72 -21.80
N ASP J 204 89.33 -17.36 -20.59
CA ASP J 204 88.07 -17.69 -19.94
C ASP J 204 87.95 -16.65 -18.75
N MET K 1 84.77 1.24 -0.20
CA MET K 1 85.65 2.18 0.55
C MET K 1 87.05 1.66 0.76
N ASP K 2 88.06 2.53 0.39
CA ASP K 2 89.51 2.25 0.48
C ASP K 2 89.89 1.54 -0.77
N ILE K 3 90.58 2.36 -1.73
CA ILE K 3 91.08 1.85 -2.98
C ILE K 3 92.56 2.09 -3.09
N ILE K 4 93.26 1.18 -3.88
CA ILE K 4 94.68 1.33 -4.14
C ILE K 4 94.74 0.91 -5.59
N LEU K 5 95.54 1.73 -6.28
CA LEU K 5 95.76 1.67 -7.74
C LEU K 5 97.23 1.49 -8.02
N GLY K 6 97.53 0.89 -9.20
CA GLY K 6 98.87 0.62 -9.62
C GLY K 6 98.96 0.51 -11.08
N ILE K 7 100.07 1.11 -11.63
CA ILE K 7 100.44 0.99 -13.04
C ILE K 7 102.00 0.90 -13.03
N ARG K 8 102.54 0.07 -13.97
CA ARG K 8 103.98 -0.08 -14.15
C ARG K 8 104.12 0.49 -15.51
N VAL K 9 104.97 1.47 -15.65
CA VAL K 9 105.41 2.16 -16.85
C VAL K 9 106.85 1.68 -16.96
N GLN K 10 107.50 2.04 -18.01
CA GLN K 10 108.75 1.31 -18.38
C GLN K 10 109.93 2.03 -17.80
N ASP K 11 109.70 2.83 -16.72
CA ASP K 11 110.80 3.55 -16.16
C ASP K 11 110.47 3.96 -14.72
N SER K 12 109.21 3.71 -14.31
CA SER K 12 108.69 4.12 -12.99
C SER K 12 107.53 3.11 -12.60
N VAL K 13 107.21 3.07 -11.34
CA VAL K 13 106.05 2.43 -10.95
C VAL K 13 105.27 3.59 -10.33
N ILE K 14 103.98 3.80 -10.68
CA ILE K 14 103.07 4.86 -10.17
C ILE K 14 102.00 4.20 -9.32
N LEU K 15 101.99 4.42 -7.95
CA LEU K 15 101.00 3.86 -6.99
C LEU K 15 100.13 4.98 -6.63
N ALA K 16 98.88 4.75 -6.52
CA ALA K 16 98.00 5.75 -5.99
C ALA K 16 97.23 5.14 -4.88
N SER K 17 96.81 5.98 -3.95
CA SER K 17 96.10 5.55 -2.74
C SER K 17 95.18 6.65 -2.38
N SER K 18 93.92 6.35 -1.95
CA SER K 18 92.90 7.29 -1.44
C SER K 18 93.38 8.10 -0.23
N LYS K 19 92.87 9.40 -0.14
CA LYS K 19 93.11 10.23 1.04
C LYS K 19 92.00 10.09 2.02
N ALA K 20 91.05 9.16 1.76
CA ALA K 20 89.91 9.12 2.62
C ALA K 20 89.90 8.04 3.57
N VAL K 21 89.53 8.27 4.84
CA VAL K 21 89.43 7.24 5.83
C VAL K 21 88.11 7.42 6.50
N THR K 22 87.26 6.29 6.53
CA THR K 22 85.89 6.30 7.13
C THR K 22 85.78 5.28 8.16
N ARG K 23 85.46 5.71 9.46
CA ARG K 23 85.17 4.77 10.54
C ARG K 23 83.74 5.14 11.03
N GLY K 24 82.81 4.20 11.09
CA GLY K 24 81.34 4.57 11.19
C GLY K 24 80.79 5.10 9.86
N ILE K 25 79.94 6.15 9.91
CA ILE K 25 79.28 6.76 8.80
C ILE K 25 79.96 8.15 8.56
N SER K 26 81.09 8.28 9.31
CA SER K 26 81.82 9.52 9.38
C SER K 26 83.15 9.32 8.66
N VAL K 27 83.42 10.32 7.76
CA VAL K 27 84.66 10.56 7.15
C VAL K 27 85.50 11.33 8.18
N LEU K 28 86.63 10.84 8.67
CA LEU K 28 87.26 11.48 9.79
C LEU K 28 88.05 12.66 9.34
N LYS K 29 88.75 12.58 8.24
CA LYS K 29 89.46 13.69 7.68
C LYS K 29 89.48 13.52 6.24
N ASP K 30 89.64 14.66 5.46
CA ASP K 30 89.74 14.65 4.02
C ASP K 30 91.16 14.67 3.57
N SER K 31 92.13 14.42 4.51
CA SER K 31 93.55 14.38 4.24
C SER K 31 93.99 13.28 5.16
N ASP K 32 94.48 12.16 4.69
CA ASP K 32 94.88 11.06 5.45
C ASP K 32 95.97 10.38 4.67
N ASP K 33 97.04 9.90 5.41
CA ASP K 33 98.22 9.38 4.78
C ASP K 33 97.99 7.95 4.95
N LYS K 34 98.22 7.27 3.79
CA LYS K 34 97.71 5.92 3.67
C LYS K 34 98.66 5.19 2.75
N THR K 35 99.90 5.82 2.67
CA THR K 35 100.95 5.24 1.96
C THR K 35 102.25 5.60 2.60
N ARG K 36 103.15 4.60 2.70
CA ARG K 36 104.34 4.77 3.46
C ARG K 36 105.40 4.24 2.57
N GLN K 37 106.67 4.80 2.78
CA GLN K 37 107.85 4.43 2.08
C GLN K 37 108.55 3.38 2.85
N LEU K 38 108.87 2.26 2.29
CA LEU K 38 109.50 1.23 3.06
C LEU K 38 110.97 1.54 3.21
N SER K 39 111.54 1.98 2.11
CA SER K 39 112.93 2.45 1.99
C SER K 39 112.69 3.63 0.95
N PRO K 40 113.69 4.50 0.74
CA PRO K 40 113.69 5.64 -0.18
C PRO K 40 113.52 5.36 -1.63
N HIS K 41 113.27 4.12 -2.13
CA HIS K 41 113.11 3.78 -3.53
C HIS K 41 112.16 2.58 -3.62
N THR K 42 111.37 2.27 -2.57
CA THR K 42 110.42 1.23 -2.68
C THR K 42 109.25 1.76 -1.76
N LEU K 43 108.00 1.67 -2.28
CA LEU K 43 106.89 2.36 -1.69
C LEU K 43 105.84 1.31 -1.59
N MET K 44 105.08 1.41 -0.51
CA MET K 44 104.02 0.49 -0.30
C MET K 44 102.86 1.39 -0.18
N SER K 45 101.87 1.24 -1.18
CA SER K 45 100.53 1.67 -0.91
C SER K 45 99.69 0.56 -0.30
N PHE K 46 98.70 0.81 0.60
CA PHE K 46 98.09 -0.24 1.34
C PHE K 46 96.66 0.22 1.56
N ALA K 47 95.74 -0.73 1.71
CA ALA K 47 94.30 -0.42 2.00
C ALA K 47 93.82 -1.64 2.65
N GLY K 48 92.62 -1.76 3.28
CA GLY K 48 92.21 -3.02 3.77
C GLY K 48 91.27 -2.77 4.95
N GLU K 49 91.34 -3.66 5.97
CA GLU K 49 90.45 -3.77 7.14
C GLU K 49 90.78 -2.74 8.24
N ALA K 50 89.67 -2.19 8.93
CA ALA K 50 89.64 -1.19 10.02
C ALA K 50 90.68 -1.34 11.14
N GLY K 51 91.67 -0.34 11.03
CA GLY K 51 92.82 -0.14 11.86
C GLY K 51 93.89 -1.17 11.75
N ASP K 52 93.69 -2.22 10.88
CA ASP K 52 94.71 -3.18 10.64
C ASP K 52 95.70 -2.55 9.73
N THR K 53 95.25 -1.60 8.87
CA THR K 53 96.13 -0.94 7.88
C THR K 53 97.21 -0.16 8.55
N VAL K 54 96.94 0.46 9.72
CA VAL K 54 97.85 1.29 10.45
C VAL K 54 98.88 0.45 11.14
N GLN K 55 98.46 -0.58 11.94
CA GLN K 55 99.35 -1.48 12.67
C GLN K 55 100.26 -2.21 11.74
N PHE K 56 99.75 -2.74 10.61
CA PHE K 56 100.45 -3.51 9.64
C PHE K 56 101.39 -2.73 8.80
N ALA K 57 101.04 -1.49 8.38
CA ALA K 57 101.89 -0.62 7.66
C ALA K 57 103.15 -0.27 8.33
N GLU K 58 103.11 0.15 9.57
CA GLU K 58 104.26 0.53 10.45
C GLU K 58 105.06 -0.70 10.74
N TYR K 59 104.50 -1.92 10.93
CA TYR K 59 105.19 -3.17 11.22
C TYR K 59 106.08 -3.63 10.08
N ILE K 60 105.55 -3.52 8.87
CA ILE K 60 106.22 -3.89 7.62
C ILE K 60 107.31 -2.98 7.18
N GLN K 61 107.04 -1.59 7.32
CA GLN K 61 107.98 -0.50 7.09
C GLN K 61 109.21 -0.60 7.95
N ALA K 62 109.05 -0.96 9.22
CA ALA K 62 110.15 -1.08 10.14
C ALA K 62 111.11 -2.21 9.84
N ASN K 63 110.60 -3.36 9.42
CA ASN K 63 111.32 -4.60 9.02
C ASN K 63 112.12 -4.41 7.77
N ILE K 64 111.54 -3.74 6.75
CA ILE K 64 112.25 -3.54 5.51
C ILE K 64 113.40 -2.56 5.76
N GLN K 65 113.12 -1.49 6.64
CA GLN K 65 114.14 -0.58 6.96
C GLN K 65 115.27 -1.19 7.71
N LEU K 66 114.94 -2.17 8.63
CA LEU K 66 115.99 -2.86 9.31
C LEU K 66 116.88 -3.65 8.40
N TYR K 67 116.29 -4.37 7.33
CA TYR K 67 117.06 -5.24 6.48
C TYR K 67 117.93 -4.45 5.46
N SER K 68 117.41 -3.28 5.02
CA SER K 68 118.11 -2.35 4.12
C SER K 68 119.28 -1.78 4.77
N ILE K 69 119.15 -1.42 6.07
CA ILE K 69 120.12 -0.78 6.94
C ILE K 69 121.20 -1.88 7.35
N ARG K 70 120.80 -3.15 7.51
CA ARG K 70 121.56 -4.30 7.99
C ARG K 70 122.52 -4.90 7.05
N GLU K 71 121.97 -4.82 5.78
CA GLU K 71 122.76 -5.27 4.66
C GLU K 71 123.74 -4.24 4.18
N ASP K 72 123.26 -2.96 4.31
CA ASP K 72 124.00 -1.77 4.07
C ASP K 72 123.97 -1.45 2.61
N TYR K 73 122.74 -1.65 2.02
CA TYR K 73 122.44 -1.56 0.64
C TYR K 73 120.93 -2.02 0.69
N GLU K 74 119.99 -1.17 0.12
CA GLU K 74 118.54 -1.51 0.11
C GLU K 74 118.21 -2.75 -0.80
N LEU K 75 117.44 -3.64 -0.17
CA LEU K 75 116.94 -4.79 -0.77
C LEU K 75 116.06 -4.51 -2.00
N SER K 76 116.20 -5.50 -2.91
CA SER K 76 115.39 -5.53 -4.13
C SER K 76 113.87 -5.52 -3.87
N PRO K 77 113.04 -4.93 -4.66
CA PRO K 77 111.60 -5.19 -4.67
C PRO K 77 111.16 -6.65 -4.69
N GLN K 78 112.08 -7.53 -5.32
CA GLN K 78 111.80 -9.01 -5.29
C GLN K 78 111.89 -9.57 -3.92
N ALA K 79 112.95 -9.26 -3.08
CA ALA K 79 113.08 -9.71 -1.64
C ALA K 79 111.94 -9.20 -0.75
N VAL K 80 111.55 -7.91 -1.01
CA VAL K 80 110.63 -7.19 -0.19
C VAL K 80 109.24 -7.83 -0.33
N SER K 81 108.77 -8.06 -1.55
CA SER K 81 107.45 -8.53 -1.82
C SER K 81 107.18 -9.98 -1.21
N SER K 82 108.18 -10.92 -1.20
CA SER K 82 107.93 -12.25 -0.54
C SER K 82 107.78 -12.15 0.92
N PHE K 83 108.59 -11.25 1.49
CA PHE K 83 108.61 -11.14 2.94
C PHE K 83 107.16 -10.72 3.44
N VAL K 84 106.58 -9.67 2.88
CA VAL K 84 105.26 -9.04 3.24
C VAL K 84 104.25 -10.07 3.05
N ARG K 85 104.30 -10.80 1.96
CA ARG K 85 103.35 -11.86 1.66
C ARG K 85 103.34 -12.99 2.67
N GLN K 86 104.59 -13.41 3.10
CA GLN K 86 104.82 -14.42 4.09
C GLN K 86 104.32 -14.08 5.51
N GLU K 87 104.36 -12.74 5.88
CA GLU K 87 103.76 -12.37 7.14
C GLU K 87 102.28 -12.64 7.19
N LEU K 88 101.59 -12.31 6.06
CA LEU K 88 100.19 -12.50 5.90
C LEU K 88 99.74 -13.92 5.86
N ALA K 89 100.62 -14.80 5.23
CA ALA K 89 100.32 -16.22 5.08
C ALA K 89 100.36 -17.00 6.40
N LYS K 90 101.27 -16.54 7.35
CA LYS K 90 101.36 -17.02 8.72
C LYS K 90 100.14 -16.57 9.44
N SER K 91 99.73 -15.22 9.26
CA SER K 91 98.71 -14.68 10.10
C SER K 91 97.39 -15.32 10.01
N ILE K 92 96.99 -15.83 8.79
CA ILE K 92 95.60 -16.41 8.57
C ILE K 92 95.62 -17.83 9.15
N ARG K 93 96.89 -18.40 9.29
CA ARG K 93 97.00 -19.71 9.99
C ARG K 93 97.21 -19.58 11.52
N SER K 94 97.50 -18.37 12.02
CA SER K 94 97.63 -17.95 13.46
C SER K 94 96.27 -17.58 14.06
N ARG K 95 96.32 -17.34 15.38
CA ARG K 95 95.22 -17.05 16.11
C ARG K 95 94.82 -15.62 16.09
N ARG K 96 95.65 -14.77 15.39
CA ARG K 96 95.32 -13.39 15.18
C ARG K 96 95.64 -13.18 13.74
N PRO K 97 94.77 -12.49 13.03
CA PRO K 97 94.94 -12.20 11.60
C PRO K 97 95.50 -10.75 11.45
N TYR K 98 95.92 -10.47 10.24
CA TYR K 98 95.96 -9.13 9.65
C TYR K 98 95.48 -9.43 8.29
N GLN K 99 94.51 -8.61 7.71
CA GLN K 99 93.99 -8.82 6.35
C GLN K 99 94.16 -7.47 5.73
N VAL K 100 95.27 -7.20 5.06
CA VAL K 100 95.70 -5.93 4.56
C VAL K 100 96.20 -6.33 3.24
N ASN K 101 95.65 -5.70 2.18
CA ASN K 101 96.19 -5.88 0.84
C ASN K 101 97.08 -4.79 0.57
N VAL K 102 98.12 -5.06 -0.24
CA VAL K 102 99.17 -4.07 -0.48
C VAL K 102 99.66 -4.22 -1.93
N LEU K 103 100.35 -3.16 -2.45
CA LEU K 103 101.11 -3.13 -3.73
C LEU K 103 102.57 -2.79 -3.43
N ILE K 104 103.63 -3.40 -4.07
CA ILE K 104 104.95 -2.94 -3.80
C ILE K 104 105.26 -2.44 -5.14
N GLY K 105 105.70 -1.21 -5.24
CA GLY K 105 106.20 -0.57 -6.40
C GLY K 105 107.50 -0.02 -5.99
N GLY K 106 108.55 -0.70 -6.60
CA GLY K 106 109.95 -0.37 -6.29
C GLY K 106 110.52 -0.15 -7.67
N TYR K 107 111.67 0.44 -7.60
CA TYR K 107 112.51 0.57 -8.72
C TYR K 107 113.61 -0.36 -8.31
N ASP K 108 113.81 -1.44 -9.10
CA ASP K 108 114.86 -2.43 -8.88
C ASP K 108 116.14 -1.96 -9.58
N LYS K 109 117.20 -1.81 -8.79
CA LYS K 109 118.44 -1.25 -9.26
C LYS K 109 119.44 -2.36 -9.68
N LYS K 110 119.00 -3.59 -9.34
CA LYS K 110 119.76 -4.80 -9.30
C LYS K 110 119.83 -5.34 -10.73
N LYS K 111 118.77 -4.96 -11.59
CA LYS K 111 118.66 -5.44 -12.91
C LYS K 111 118.09 -4.37 -13.65
N ASN K 112 117.81 -3.16 -13.12
CA ASN K 112 117.30 -1.98 -13.85
C ASN K 112 116.00 -2.16 -14.57
N LYS K 113 114.92 -2.50 -13.81
CA LYS K 113 113.56 -2.55 -14.41
C LYS K 113 112.71 -2.09 -13.23
N PRO K 114 111.62 -1.34 -13.53
CA PRO K 114 110.62 -0.96 -12.56
C PRO K 114 109.88 -2.29 -12.18
N GLU K 115 109.36 -2.41 -10.92
CA GLU K 115 108.64 -3.63 -10.57
C GLU K 115 107.45 -3.35 -9.71
N LEU K 116 106.30 -3.73 -10.30
CA LEU K 116 104.98 -3.61 -9.62
C LEU K 116 104.70 -5.08 -9.41
N TYR K 117 104.40 -5.36 -8.10
CA TYR K 117 103.78 -6.56 -7.58
C TYR K 117 102.43 -6.27 -6.94
N GLN K 118 101.59 -7.36 -6.96
CA GLN K 118 100.27 -7.31 -6.45
C GLN K 118 100.39 -8.33 -5.33
N ILE K 119 100.07 -7.97 -4.08
CA ILE K 119 100.14 -8.85 -2.91
C ILE K 119 98.77 -8.80 -2.36
N ASP K 120 98.18 -9.98 -2.17
CA ASP K 120 96.77 -10.11 -1.74
C ASP K 120 96.64 -10.02 -0.21
N TYR K 121 95.47 -9.71 0.23
CA TYR K 121 95.08 -9.71 1.66
C TYR K 121 95.14 -11.16 2.23
N LEU K 122 94.77 -12.11 1.31
CA LEU K 122 94.90 -13.52 1.47
C LEU K 122 96.42 -13.83 1.75
N GLY K 123 97.30 -13.25 0.93
CA GLY K 123 98.71 -13.38 1.10
C GLY K 123 99.18 -14.18 -0.08
N THR K 124 99.06 -13.56 -1.25
CA THR K 124 99.39 -14.18 -2.48
C THR K 124 100.22 -13.22 -3.26
N LYS K 125 101.51 -13.56 -3.55
CA LYS K 125 102.43 -12.71 -4.31
C LYS K 125 102.37 -13.23 -5.72
N VAL K 126 101.92 -12.25 -6.57
CA VAL K 126 101.88 -12.48 -8.04
C VAL K 126 102.28 -11.14 -8.63
N GLU K 127 103.06 -11.22 -9.69
CA GLU K 127 103.48 -10.05 -10.41
C GLU K 127 102.49 -9.72 -11.53
N LEU K 128 102.05 -8.47 -11.63
CA LEU K 128 101.09 -7.97 -12.57
C LEU K 128 101.42 -6.47 -12.71
N PRO K 129 101.43 -5.86 -13.89
CA PRO K 129 101.79 -4.43 -14.05
C PRO K 129 100.50 -3.61 -14.17
N TYR K 130 99.37 -4.04 -13.58
CA TYR K 130 98.12 -3.30 -13.64
C TYR K 130 97.28 -3.72 -12.42
N GLY K 131 97.86 -4.36 -11.43
CA GLY K 131 97.26 -4.86 -10.17
C GLY K 131 96.53 -3.87 -9.39
N ALA K 132 95.65 -4.29 -8.47
CA ALA K 132 94.67 -3.42 -7.86
C ALA K 132 93.80 -4.33 -7.12
N HIS K 133 93.23 -3.89 -6.07
CA HIS K 133 92.57 -4.64 -5.02
C HIS K 133 91.33 -3.95 -4.57
N GLY K 134 90.48 -4.64 -3.74
CA GLY K 134 89.17 -4.25 -3.20
C GLY K 134 88.20 -4.14 -4.32
N TYR K 135 87.64 -2.88 -4.53
CA TYR K 135 86.63 -2.63 -5.55
C TYR K 135 87.14 -1.84 -6.65
N SER K 136 88.46 -1.50 -6.58
CA SER K 136 89.08 -0.72 -7.65
C SER K 136 89.30 -1.53 -8.83
N GLY K 137 89.70 -2.82 -8.63
CA GLY K 137 90.21 -3.73 -9.65
C GLY K 137 89.10 -4.27 -10.49
N PHE K 138 87.84 -3.94 -10.03
CA PHE K 138 86.67 -4.26 -10.80
C PHE K 138 86.50 -3.33 -11.93
N TYR K 139 87.16 -2.15 -11.94
CA TYR K 139 86.99 -1.13 -12.96
C TYR K 139 88.27 -0.82 -13.72
N THR K 140 89.44 -1.08 -13.07
CA THR K 140 90.68 -0.59 -13.61
C THR K 140 91.50 -1.69 -14.17
N PHE K 141 90.99 -3.02 -14.05
CA PHE K 141 91.67 -4.13 -14.72
C PHE K 141 91.51 -3.96 -16.18
N SER K 142 90.30 -3.57 -16.58
CA SER K 142 89.84 -3.26 -17.89
C SER K 142 90.20 -1.86 -18.41
N LEU K 143 90.04 -0.77 -17.60
CA LEU K 143 90.43 0.54 -18.09
C LEU K 143 91.90 0.68 -18.43
N LEU K 144 92.83 0.18 -17.54
CA LEU K 144 94.26 0.35 -17.83
C LEU K 144 94.64 -0.38 -19.06
N ASP K 145 94.20 -1.68 -19.13
CA ASP K 145 94.65 -2.56 -20.16
C ASP K 145 94.04 -2.21 -21.52
N HIS K 146 92.86 -1.51 -21.64
CA HIS K 146 92.23 -1.08 -22.95
C HIS K 146 93.20 -0.09 -23.53
N HIS K 147 93.73 0.88 -22.74
CA HIS K 147 94.33 2.00 -23.35
C HIS K 147 95.84 1.76 -23.45
N TYR K 148 96.27 0.63 -22.81
CA TYR K 148 97.61 0.24 -22.52
C TYR K 148 98.33 0.07 -23.84
N ARG K 149 99.48 0.71 -24.01
CA ARG K 149 100.32 0.77 -25.23
C ARG K 149 101.47 -0.02 -24.60
N PRO K 150 102.11 -0.91 -25.36
CA PRO K 150 103.01 -1.92 -24.82
C PRO K 150 104.24 -1.32 -24.21
N ASP K 151 104.63 -0.08 -24.63
CA ASP K 151 105.67 0.73 -24.02
C ASP K 151 104.97 1.92 -23.49
N MET K 152 105.56 2.30 -22.42
CA MET K 152 104.92 3.35 -21.59
C MET K 152 106.02 4.27 -21.03
N THR K 153 105.60 5.51 -20.62
CA THR K 153 106.41 6.50 -20.02
C THR K 153 105.58 7.08 -18.85
N THR K 154 106.21 7.95 -17.95
CA THR K 154 105.65 8.54 -16.76
C THR K 154 104.51 9.45 -17.11
N GLU K 155 104.64 10.13 -18.26
CA GLU K 155 103.70 11.15 -18.86
C GLU K 155 102.39 10.51 -19.25
N GLU K 156 102.53 9.36 -20.01
CA GLU K 156 101.43 8.61 -20.56
C GLU K 156 100.59 7.98 -19.56
N GLY K 157 101.22 7.47 -18.44
CA GLY K 157 100.58 6.65 -17.45
C GLY K 157 99.77 7.55 -16.53
N LEU K 158 100.26 8.79 -16.23
CA LEU K 158 99.59 9.72 -15.33
C LEU K 158 98.20 10.18 -15.82
N ASP K 159 98.05 10.44 -17.19
CA ASP K 159 96.75 10.90 -17.77
C ASP K 159 95.77 9.83 -17.81
N LEU K 160 96.28 8.61 -17.92
CA LEU K 160 95.44 7.45 -17.98
C LEU K 160 94.91 7.04 -16.53
N LEU K 161 95.79 7.27 -15.54
CA LEU K 161 95.44 7.05 -14.18
C LEU K 161 94.39 8.03 -13.70
N LYS K 162 94.45 9.32 -14.15
CA LYS K 162 93.65 10.45 -13.69
C LYS K 162 92.29 10.14 -14.14
N LEU K 163 92.15 9.61 -15.39
CA LEU K 163 90.97 9.19 -16.05
C LEU K 163 90.30 8.07 -15.26
N CYS K 164 91.13 7.11 -14.76
CA CYS K 164 90.64 6.01 -14.01
C CYS K 164 89.94 6.39 -12.79
N VAL K 165 90.48 7.40 -12.11
CA VAL K 165 89.99 7.93 -10.91
C VAL K 165 88.58 8.59 -11.13
N GLN K 166 88.44 9.37 -12.25
CA GLN K 166 87.35 10.11 -12.73
C GLN K 166 86.15 9.19 -12.97
N GLU K 167 86.30 7.94 -13.49
CA GLU K 167 85.33 6.82 -13.59
C GLU K 167 84.88 6.34 -12.20
N LEU K 168 85.87 6.19 -11.24
CA LEU K 168 85.56 5.55 -9.90
C LEU K 168 84.61 6.38 -9.15
N GLU K 169 84.79 7.74 -9.06
CA GLU K 169 83.94 8.59 -8.29
C GLU K 169 82.48 8.50 -8.80
N LYS K 170 82.34 8.41 -10.18
CA LYS K 170 81.11 8.42 -10.94
C LYS K 170 80.26 7.19 -10.71
N ARG K 171 80.87 6.01 -10.56
CA ARG K 171 80.17 4.68 -10.54
C ARG K 171 80.30 3.96 -9.21
N MET K 172 80.91 4.62 -8.20
CA MET K 172 80.82 4.17 -6.86
C MET K 172 80.12 5.26 -6.10
N PRO K 173 79.46 5.07 -5.01
CA PRO K 173 78.77 6.12 -4.28
C PRO K 173 79.70 6.81 -3.28
N MET K 174 80.97 6.46 -3.44
CA MET K 174 82.14 6.73 -2.65
C MET K 174 82.70 8.06 -2.99
N ASP K 175 83.63 8.44 -2.17
CA ASP K 175 84.33 9.69 -2.19
C ASP K 175 85.72 9.24 -1.74
N PHE K 176 86.77 9.66 -2.43
CA PHE K 176 88.17 9.28 -2.15
C PHE K 176 88.81 10.49 -1.96
N LYS K 177 88.15 11.65 -2.20
CA LYS K 177 88.67 12.91 -1.84
C LYS K 177 89.95 13.21 -2.53
N GLY K 178 89.93 12.83 -3.82
CA GLY K 178 91.04 12.72 -4.70
C GLY K 178 91.97 11.59 -4.29
N VAL K 179 93.13 11.51 -4.89
CA VAL K 179 94.17 10.50 -4.61
C VAL K 179 95.47 11.20 -4.79
N ILE K 180 96.44 10.80 -3.94
CA ILE K 180 97.74 11.25 -3.97
C ILE K 180 98.52 10.20 -4.76
N VAL K 181 99.45 10.72 -5.54
CA VAL K 181 100.15 9.97 -6.50
C VAL K 181 101.50 10.30 -6.19
N LYS K 182 102.22 9.24 -5.82
CA LYS K 182 103.61 9.28 -5.47
C LYS K 182 104.29 8.33 -6.56
N ILE K 183 105.46 8.85 -7.13
CA ILE K 183 106.03 8.29 -8.29
C ILE K 183 107.36 7.73 -7.80
N VAL K 184 107.68 6.49 -8.14
CA VAL K 184 108.79 5.68 -7.70
C VAL K 184 109.69 5.59 -8.87
N ASP K 185 110.88 6.09 -8.79
CA ASP K 185 111.79 6.05 -9.90
C ASP K 185 113.19 5.81 -9.37
N LYS K 186 114.20 5.92 -10.28
CA LYS K 186 115.60 5.72 -9.99
C LYS K 186 116.27 6.83 -9.23
N ASP K 187 115.48 7.93 -9.05
CA ASP K 187 115.91 9.15 -8.33
C ASP K 187 115.22 9.23 -6.95
N GLY K 188 114.47 8.25 -6.56
CA GLY K 188 113.85 8.05 -5.32
C GLY K 188 112.39 8.23 -5.59
N ILE K 189 111.63 8.65 -4.53
CA ILE K 189 110.23 8.70 -4.45
C ILE K 189 109.83 10.14 -4.22
N ARG K 190 108.75 10.54 -5.01
CA ARG K 190 108.27 11.94 -4.97
C ARG K 190 106.77 11.96 -5.03
N GLN K 191 106.05 13.13 -4.53
CA GLN K 191 104.63 13.37 -4.52
C GLN K 191 104.37 14.31 -5.67
N VAL K 192 103.34 14.09 -6.48
CA VAL K 192 102.99 14.87 -7.60
C VAL K 192 101.48 14.88 -7.52
N ASP K 193 100.84 16.14 -7.70
CA ASP K 193 99.36 16.35 -7.59
C ASP K 193 98.56 15.84 -8.83
N ASP K 194 97.27 15.39 -8.61
CA ASP K 194 96.50 14.73 -9.68
C ASP K 194 95.18 14.96 -9.19
N PHE K 195 94.17 14.61 -10.03
CA PHE K 195 92.73 14.47 -9.65
C PHE K 195 92.64 13.23 -8.75
N THR L 1 77.33 11.33 24.13
CA THR L 1 78.67 12.07 24.23
C THR L 1 78.93 12.86 23.02
N THR L 2 79.31 14.18 23.22
CA THR L 2 79.94 15.00 22.22
C THR L 2 81.16 15.62 22.79
N THR L 3 82.33 15.23 22.27
CA THR L 3 83.60 15.82 22.57
C THR L 3 84.05 16.27 21.19
N LEU L 4 84.83 17.41 21.14
CA LEU L 4 85.36 17.89 19.88
C LEU L 4 86.58 18.68 20.19
N ALA L 5 87.49 18.85 19.19
CA ALA L 5 88.64 19.65 19.31
C ALA L 5 89.15 20.19 18.03
N PHE L 6 89.77 21.38 18.06
CA PHE L 6 90.30 21.95 16.80
C PHE L 6 91.43 22.81 17.10
N ARG L 7 92.47 22.78 16.18
CA ARG L 7 93.64 23.57 16.35
C ARG L 7 93.37 24.97 15.79
N PHE L 8 93.99 25.99 16.37
CA PHE L 8 94.00 27.33 15.83
C PHE L 8 95.37 27.92 16.08
N GLN L 9 95.65 29.13 15.61
CA GLN L 9 96.98 29.66 15.74
C GLN L 9 97.43 29.86 17.11
N GLY L 10 96.58 30.27 18.01
CA GLY L 10 96.88 30.52 19.38
C GLY L 10 96.80 29.28 20.33
N GLY L 11 96.57 28.07 19.80
CA GLY L 11 96.60 26.89 20.50
C GLY L 11 95.51 25.95 20.09
N ILE L 12 94.97 25.17 21.02
CA ILE L 12 93.99 24.09 20.61
C ILE L 12 92.87 24.41 21.61
N ILE L 13 91.63 24.49 21.11
CA ILE L 13 90.42 24.56 21.96
C ILE L 13 89.77 23.20 21.96
N VAL L 14 89.49 22.70 23.17
CA VAL L 14 88.91 21.40 23.51
C VAL L 14 87.71 21.71 24.24
N ALA L 15 86.52 21.41 23.71
CA ALA L 15 85.29 21.71 24.30
C ALA L 15 84.66 20.36 24.47
N VAL L 16 83.99 20.15 25.68
CA VAL L 16 83.38 18.92 25.98
C VAL L 16 82.09 19.07 26.59
N ASP L 17 81.30 17.95 26.64
CA ASP L 17 80.08 17.87 27.41
C ASP L 17 80.41 17.42 28.81
N SER L 18 79.30 16.99 29.47
CA SER L 18 79.42 16.66 30.91
C SER L 18 78.35 15.60 31.07
N ARG L 19 77.59 15.34 30.02
CA ARG L 19 76.47 14.42 30.15
C ARG L 19 76.97 13.01 29.94
N ALA L 20 76.64 12.18 30.97
CA ALA L 20 76.79 10.78 30.91
C ALA L 20 75.47 10.15 30.90
N THR L 21 75.31 9.17 30.02
CA THR L 21 74.00 8.51 29.71
C THR L 21 74.32 7.07 29.82
N ALA L 22 73.44 6.29 30.40
CA ALA L 22 73.55 4.87 30.47
C ALA L 22 72.08 4.57 30.31
N GLY L 23 71.77 3.78 29.24
CA GLY L 23 70.41 3.52 28.86
C GLY L 23 69.67 4.69 28.36
N ASN L 24 68.34 4.77 28.70
CA ASN L 24 67.53 5.95 28.43
C ASN L 24 67.47 6.82 29.69
N TRP L 25 68.30 6.52 30.73
CA TRP L 25 68.40 7.15 32.04
C TRP L 25 69.61 7.93 31.92
N VAL L 26 69.80 8.93 32.82
CA VAL L 26 71.07 9.69 32.90
C VAL L 26 71.82 9.36 34.14
N ALA L 27 73.03 8.85 33.83
CA ALA L 27 73.95 8.24 34.75
C ALA L 27 74.50 9.16 35.64
N SER L 28 74.92 10.33 35.12
CA SER L 28 75.43 11.54 35.76
C SER L 28 75.23 12.80 34.90
N GLN L 29 75.18 14.00 35.49
CA GLN L 29 75.22 15.24 34.80
C GLN L 29 76.45 16.12 35.08
N THR L 30 77.21 15.54 35.96
CA THR L 30 78.57 15.94 36.28
C THR L 30 79.52 14.76 36.16
N VAL L 31 80.40 14.96 35.16
CA VAL L 31 81.49 14.08 34.91
C VAL L 31 82.27 14.92 33.98
N LYS L 32 83.52 15.12 34.28
CA LYS L 32 84.47 15.86 33.43
C LYS L 32 84.83 14.78 32.38
N LYS L 33 84.82 15.19 31.10
CA LYS L 33 85.09 14.26 30.04
C LYS L 33 86.39 14.56 29.45
N VAL L 34 87.24 15.26 30.18
CA VAL L 34 88.65 15.52 29.80
C VAL L 34 89.40 14.89 30.88
N ILE L 35 90.32 14.01 30.48
CA ILE L 35 91.27 13.46 31.41
C ILE L 35 92.53 14.33 31.20
N GLU L 36 93.12 14.77 32.32
CA GLU L 36 94.31 15.62 32.29
C GLU L 36 95.50 14.68 32.43
N ILE L 37 96.19 14.36 31.28
CA ILE L 37 97.23 13.35 31.15
C ILE L 37 98.48 13.79 31.88
N ASN L 38 98.85 15.05 31.72
CA ASN L 38 99.89 15.72 32.47
C ASN L 38 99.64 17.19 32.19
N PRO L 39 100.36 18.13 32.81
CA PRO L 39 100.08 19.54 32.62
C PRO L 39 100.38 20.18 31.25
N PHE L 40 100.36 19.38 30.09
CA PHE L 40 100.68 19.86 28.76
C PHE L 40 99.78 19.09 27.85
N LEU L 41 99.17 17.95 28.22
CA LEU L 41 98.55 17.02 27.31
C LEU L 41 97.17 16.91 27.87
N LEU L 42 96.16 16.92 27.01
CA LEU L 42 94.82 16.59 27.45
C LEU L 42 94.39 15.44 26.51
N GLY L 43 93.67 14.44 27.05
CA GLY L 43 93.01 13.40 26.31
C GLY L 43 91.58 13.58 26.58
N THR L 44 90.68 12.76 25.97
CA THR L 44 89.20 12.96 26.22
C THR L 44 88.64 11.65 26.46
N MET L 45 87.36 11.67 27.01
CA MET L 45 86.72 10.47 27.44
C MET L 45 85.46 10.49 26.61
N ALA L 46 85.51 9.55 25.61
CA ALA L 46 84.33 9.17 24.88
C ALA L 46 84.57 7.77 24.45
N GLY L 47 83.50 6.98 24.07
CA GLY L 47 83.46 5.50 24.12
C GLY L 47 83.15 5.13 25.56
N GLY L 48 83.67 3.88 25.92
CA GLY L 48 83.72 3.35 27.28
C GLY L 48 84.40 4.38 28.19
N ALA L 49 83.62 4.52 29.28
CA ALA L 49 83.91 5.37 30.40
C ALA L 49 85.20 4.82 31.13
N ALA L 50 85.29 3.51 31.35
CA ALA L 50 86.23 2.83 32.19
C ALA L 50 87.60 2.80 31.48
N ASP L 51 87.54 2.42 30.20
CA ASP L 51 88.66 2.23 29.34
C ASP L 51 89.51 3.48 29.22
N CYS L 52 88.80 4.61 28.95
CA CYS L 52 89.37 5.91 28.66
C CYS L 52 89.99 6.46 29.91
N GLN L 53 89.38 6.25 31.06
CA GLN L 53 89.85 6.74 32.27
C GLN L 53 91.22 6.02 32.66
N PHE L 54 91.35 4.70 32.77
CA PHE L 54 92.44 3.90 33.24
C PHE L 54 93.60 4.07 32.35
N TRP L 55 93.43 3.94 31.04
CA TRP L 55 94.48 3.87 30.07
C TRP L 55 95.16 5.18 29.76
N GLU L 56 94.41 6.28 29.97
CA GLU L 56 94.90 7.61 29.85
C GLU L 56 95.68 7.98 31.09
N THR L 57 95.42 7.46 32.33
CA THR L 57 96.19 7.79 33.46
C THR L 57 97.45 6.99 33.44
N TRP L 58 97.33 5.73 32.87
CA TRP L 58 98.37 4.81 32.60
C TRP L 58 99.26 5.37 31.60
N LEU L 59 98.64 6.10 30.69
CA LEU L 59 99.29 6.90 29.69
C LEU L 59 100.17 8.01 30.24
N GLY L 60 99.62 8.54 31.34
CA GLY L 60 100.24 9.46 32.25
C GLY L 60 101.44 8.90 32.97
N SER L 61 101.46 7.53 33.20
CA SER L 61 102.58 6.83 33.87
C SER L 61 103.68 6.72 32.86
N GLN L 62 103.37 6.47 31.59
CA GLN L 62 104.36 6.44 30.57
C GLN L 62 104.91 7.77 30.32
N CYS L 63 104.08 8.83 30.34
CA CYS L 63 104.56 10.21 30.10
C CYS L 63 105.55 10.62 31.17
N ARG L 64 105.21 10.26 32.43
CA ARG L 64 106.03 10.67 33.57
C ARG L 64 107.36 9.92 33.55
N LEU L 65 107.35 8.63 33.28
CA LEU L 65 108.47 7.78 33.15
C LEU L 65 109.39 8.19 32.09
N HIS L 66 108.86 8.67 30.92
CA HIS L 66 109.68 9.24 29.86
C HIS L 66 110.44 10.44 30.31
N GLU L 67 109.83 11.45 31.01
CA GLU L 67 110.52 12.68 31.41
C GLU L 67 111.64 12.34 32.44
N LEU L 68 111.39 11.33 33.34
CA LEU L 68 112.31 10.99 34.30
C LEU L 68 113.55 10.32 33.71
N ARG L 69 113.35 9.49 32.69
CA ARG L 69 114.40 8.70 32.07
C ARG L 69 115.32 9.51 31.24
N GLU L 70 114.78 10.48 30.42
CA GLU L 70 115.59 11.17 29.36
C GLU L 70 115.72 12.65 29.60
N LYS L 71 114.84 13.24 30.45
CA LYS L 71 114.83 14.64 30.73
C LYS L 71 114.64 15.53 29.44
N GLU L 72 113.52 15.19 28.68
CA GLU L 72 113.08 15.85 27.53
C GLU L 72 111.62 15.61 27.68
N ARG L 73 110.87 16.68 27.41
CA ARG L 73 109.41 16.79 27.35
C ARG L 73 108.95 15.84 26.23
N ILE L 74 107.91 14.95 26.49
CA ILE L 74 107.39 13.99 25.45
C ILE L 74 106.76 14.79 24.35
N SER L 75 106.77 14.11 23.14
CA SER L 75 106.21 14.59 21.86
C SER L 75 104.77 14.27 21.97
N VAL L 76 103.97 14.96 21.22
CA VAL L 76 102.50 14.64 21.07
C VAL L 76 102.36 13.30 20.34
N ALA L 77 103.18 13.15 19.31
CA ALA L 77 103.31 11.96 18.53
C ALA L 77 103.77 10.73 19.33
N ALA L 78 104.64 10.84 20.34
CA ALA L 78 105.20 9.74 21.11
C ALA L 78 104.11 9.04 21.99
N ALA L 79 103.27 9.87 22.63
CA ALA L 79 102.17 9.46 23.39
C ALA L 79 101.07 8.79 22.68
N SER L 80 100.57 9.37 21.56
CA SER L 80 99.53 8.72 20.75
C SER L 80 99.89 7.37 20.19
N LYS L 81 101.13 7.30 19.71
CA LYS L 81 101.60 6.10 19.08
C LYS L 81 101.74 5.00 20.01
N ILE L 82 102.13 5.33 21.27
CA ILE L 82 102.19 4.37 22.36
C ILE L 82 100.86 3.87 22.80
N LEU L 83 99.82 4.71 22.82
CA LEU L 83 98.44 4.30 23.09
C LEU L 83 97.93 3.53 21.96
N SER L 84 98.43 3.66 20.71
CA SER L 84 98.11 2.80 19.59
C SER L 84 98.53 1.36 19.69
N ASN L 85 99.69 1.10 20.20
CA ASN L 85 100.32 -0.21 20.50
C ASN L 85 99.56 -0.91 21.60
N LEU L 86 99.22 -0.11 22.72
CA LEU L 86 98.61 -0.58 23.97
C LEU L 86 97.18 -1.05 23.68
N VAL L 87 96.40 -0.27 23.00
CA VAL L 87 95.00 -0.67 22.67
C VAL L 87 94.92 -1.85 21.72
N TYR L 88 95.82 -2.08 20.81
CA TYR L 88 95.80 -3.20 19.91
C TYR L 88 95.97 -4.61 20.65
N GLN L 89 96.84 -4.61 21.73
CA GLN L 89 97.04 -5.82 22.47
C GLN L 89 95.80 -6.30 23.18
N TYR L 90 95.10 -5.31 23.75
CA TYR L 90 93.91 -5.60 24.44
C TYR L 90 92.72 -5.60 23.50
N LYS L 91 92.90 -5.52 22.13
CA LYS L 91 91.88 -5.72 21.08
C LYS L 91 91.38 -7.14 21.16
N GLY L 92 89.99 -7.26 20.96
CA GLY L 92 89.30 -8.46 20.98
C GLY L 92 88.80 -8.85 22.39
N ALA L 93 88.97 -7.89 23.42
CA ALA L 93 88.60 -8.02 24.78
C ALA L 93 87.50 -7.10 25.24
N GLY L 94 86.80 -6.52 24.22
CA GLY L 94 85.59 -5.68 24.55
C GLY L 94 86.03 -4.32 24.90
N LEU L 95 87.23 -3.89 24.43
CA LEU L 95 87.90 -2.66 24.82
C LEU L 95 87.33 -1.57 24.09
N SER L 96 87.29 -0.35 24.66
CA SER L 96 86.86 0.77 23.83
C SER L 96 87.82 1.96 23.98
N MET L 97 87.89 2.88 22.96
CA MET L 97 88.73 4.04 22.94
C MET L 97 88.26 4.95 21.91
N GLY L 98 88.04 6.19 22.32
CA GLY L 98 87.53 7.24 21.54
C GLY L 98 88.00 8.46 22.18
N THR L 99 89.39 8.64 22.12
CA THR L 99 90.20 9.68 22.75
C THR L 99 91.01 10.49 21.66
N MET L 100 91.12 11.83 21.92
CA MET L 100 91.92 12.74 21.10
C MET L 100 92.98 13.22 21.94
N ILE L 101 94.29 12.96 21.59
CA ILE L 101 95.37 13.51 22.34
C ILE L 101 95.79 14.85 21.78
N CYS L 102 95.76 15.97 22.60
CA CYS L 102 96.04 17.23 22.05
C CYS L 102 97.10 17.80 22.88
N GLY L 103 98.09 18.44 22.14
CA GLY L 103 99.04 19.34 22.78
C GLY L 103 99.79 20.08 21.76
N TYR L 104 100.29 21.20 22.20
CA TYR L 104 100.99 22.15 21.41
C TYR L 104 102.35 22.44 22.12
N THR L 105 103.49 22.08 21.45
CA THR L 105 104.87 22.10 21.93
C THR L 105 105.66 22.89 20.95
N ARG L 106 106.88 23.38 21.31
CA ARG L 106 107.71 24.26 20.60
C ARG L 106 108.42 23.55 19.45
N LYS L 107 108.29 22.18 19.25
CA LYS L 107 109.05 21.36 18.35
C LYS L 107 108.12 20.66 17.33
N GLU L 108 106.79 21.15 17.13
CA GLU L 108 105.93 20.26 16.43
C GLU L 108 104.73 21.10 16.14
N GLY L 109 104.58 22.34 16.69
CA GLY L 109 103.36 23.15 16.54
C GLY L 109 102.14 22.56 17.22
N PRO L 110 100.92 23.04 17.13
CA PRO L 110 99.77 22.32 17.63
C PRO L 110 99.54 21.04 16.81
N THR L 111 99.22 19.96 17.54
CA THR L 111 99.04 18.66 16.95
C THR L 111 97.96 17.98 17.74
N ILE L 112 97.11 17.20 17.01
CA ILE L 112 96.05 16.42 17.55
C ILE L 112 96.11 15.11 16.85
N TYR L 113 96.13 14.09 17.60
CA TYR L 113 95.94 12.69 17.05
C TYR L 113 94.70 12.07 17.66
N TYR L 114 93.93 11.39 16.77
CA TYR L 114 92.84 10.51 17.03
C TYR L 114 93.48 9.15 17.29
N VAL L 115 93.07 8.51 18.34
CA VAL L 115 93.28 7.12 18.67
C VAL L 115 91.97 6.33 18.80
N ASP L 116 91.88 5.22 18.24
CA ASP L 116 90.77 4.34 18.12
C ASP L 116 91.31 3.02 18.65
N SER L 117 90.40 2.10 19.10
CA SER L 117 90.79 0.90 19.77
C SER L 117 91.13 -0.22 18.83
N ASP L 118 91.13 0.09 17.52
CA ASP L 118 91.34 -0.86 16.48
C ASP L 118 92.80 -0.74 15.96
N GLY L 119 93.54 0.22 16.58
CA GLY L 119 94.97 0.35 16.39
C GLY L 119 95.30 1.49 15.52
N THR L 120 94.29 2.27 15.17
CA THR L 120 94.16 3.42 14.30
C THR L 120 94.91 4.61 14.96
N ARG L 121 95.78 5.25 14.26
CA ARG L 121 96.27 6.53 14.61
C ARG L 121 96.08 7.22 13.32
N LEU L 122 95.19 8.32 13.47
CA LEU L 122 94.76 9.17 12.44
C LEU L 122 95.19 10.60 12.71
N LYS L 123 95.95 11.21 11.76
CA LYS L 123 96.33 12.63 11.77
C LYS L 123 95.19 13.49 11.31
N GLY L 124 94.98 14.72 11.90
CA GLY L 124 93.98 15.61 11.38
C GLY L 124 94.35 17.02 11.82
N ASP L 125 93.33 17.91 11.85
CA ASP L 125 93.47 19.25 12.38
C ASP L 125 92.11 19.38 13.17
N ILE L 126 91.02 18.84 12.63
CA ILE L 126 89.71 18.98 13.29
C ILE L 126 89.33 17.52 13.41
N PHE L 127 88.89 17.18 14.64
CA PHE L 127 88.35 15.90 15.04
C PHE L 127 87.17 16.19 15.91
N CYS L 128 86.23 15.20 15.94
CA CYS L 128 85.08 15.10 16.82
C CYS L 128 84.87 13.63 17.05
N VAL L 129 84.63 13.28 18.33
CA VAL L 129 84.50 11.89 18.68
C VAL L 129 83.42 11.81 19.73
N GLY L 130 82.67 10.68 19.63
CA GLY L 130 81.49 10.36 20.35
C GLY L 130 80.43 9.78 19.48
N SER L 131 79.15 9.75 20.05
CA SER L 131 77.99 9.38 19.29
C SER L 131 77.55 10.58 18.44
N GLY L 132 77.50 11.77 19.10
CA GLY L 132 77.05 13.05 18.54
C GLY L 132 78.20 13.85 17.96
N GLN L 133 79.25 13.12 17.39
CA GLN L 133 80.43 13.77 16.79
C GLN L 133 80.09 14.51 15.45
N THR L 134 79.00 14.08 14.88
CA THR L 134 78.45 14.46 13.62
C THR L 134 77.86 15.84 13.61
N PHE L 135 77.09 16.07 14.66
CA PHE L 135 76.55 17.40 14.91
C PHE L 135 77.63 18.42 15.16
N ALA L 136 78.74 18.03 15.86
CA ALA L 136 79.91 18.78 16.23
C ALA L 136 80.65 19.20 15.00
N TYR L 137 80.83 18.30 14.00
CA TYR L 137 81.41 18.66 12.71
C TYR L 137 80.68 19.68 11.91
N GLY L 138 79.25 19.68 11.80
CA GLY L 138 78.48 20.48 10.89
C GLY L 138 78.70 21.97 11.11
N VAL L 139 78.56 22.46 12.40
CA VAL L 139 78.64 23.82 12.81
C VAL L 139 80.07 24.22 12.78
N LEU L 140 80.96 23.41 13.29
CA LEU L 140 82.36 23.77 13.61
C LEU L 140 83.11 23.93 12.31
N ASP L 141 82.96 23.08 11.25
CA ASP L 141 83.71 23.06 9.99
C ASP L 141 83.50 24.28 9.25
N SER L 142 82.21 24.75 9.21
CA SER L 142 81.76 25.89 8.47
C SER L 142 82.08 27.28 8.98
N ASN L 143 82.35 27.41 10.24
CA ASN L 143 82.77 28.61 10.90
C ASN L 143 84.24 28.61 11.33
N TYR L 144 84.98 27.60 10.80
CA TYR L 144 86.36 27.27 11.16
C TYR L 144 87.22 28.24 10.49
N LYS L 145 88.07 28.88 11.29
CA LYS L 145 89.08 29.74 10.80
C LYS L 145 90.32 29.51 11.61
N TRP L 146 91.43 29.31 10.91
CA TRP L 146 92.77 29.15 11.48
C TRP L 146 93.22 30.43 12.07
N ASP L 147 92.92 31.56 11.40
CA ASP L 147 93.28 32.87 11.88
C ASP L 147 92.11 33.32 12.74
N LEU L 148 92.23 33.18 14.06
CA LEU L 148 91.15 33.35 14.87
C LEU L 148 91.64 33.69 16.25
N SER L 149 90.86 34.41 17.02
CA SER L 149 91.31 35.04 18.22
C SER L 149 90.89 34.03 19.27
N VAL L 150 91.43 34.20 20.45
CA VAL L 150 91.26 33.30 21.58
C VAL L 150 89.88 33.41 22.09
N GLU L 151 89.32 34.68 22.13
CA GLU L 151 88.05 34.94 22.70
C GLU L 151 86.93 34.37 21.87
N ASP L 152 87.05 34.48 20.58
CA ASP L 152 86.31 33.98 19.45
C ASP L 152 86.46 32.43 19.19
N ALA L 153 87.65 31.86 19.41
CA ALA L 153 87.94 30.45 19.25
C ALA L 153 87.19 29.69 20.28
N LEU L 154 87.20 30.25 21.51
CA LEU L 154 86.49 29.83 22.64
C LEU L 154 85.05 29.80 22.41
N TYR L 155 84.49 30.89 21.76
CA TYR L 155 83.11 31.10 21.47
C TYR L 155 82.62 30.04 20.52
N LEU L 156 83.49 29.71 19.53
CA LEU L 156 83.23 28.75 18.52
C LEU L 156 83.07 27.36 19.03
N GLY L 157 83.92 26.85 19.94
CA GLY L 157 83.85 25.53 20.52
C GLY L 157 82.67 25.42 21.39
N LYS L 158 82.28 26.54 22.06
CA LYS L 158 81.18 26.61 22.99
C LYS L 158 79.87 26.33 22.27
N ARG L 159 79.80 27.03 21.08
CA ARG L 159 78.60 27.05 20.30
C ARG L 159 78.44 25.67 19.64
N SER L 160 79.53 24.89 19.46
CA SER L 160 79.63 23.59 18.86
C SER L 160 79.07 22.57 19.83
N ILE L 161 79.40 22.72 21.18
CA ILE L 161 78.73 22.04 22.24
C ILE L 161 77.23 22.43 22.31
N LEU L 162 76.76 23.69 22.20
CA LEU L 162 75.42 24.13 22.41
C LEU L 162 74.47 23.57 21.34
N ALA L 163 74.85 23.64 20.04
CA ALA L 163 74.01 23.08 18.99
C ALA L 163 74.03 21.53 18.95
N ALA L 164 75.26 20.96 19.21
CA ALA L 164 75.34 19.53 19.31
C ALA L 164 74.55 18.88 20.43
N ALA L 165 74.56 19.56 21.64
CA ALA L 165 73.85 19.20 22.90
C ALA L 165 72.36 19.19 22.66
N HIS L 166 71.89 20.21 21.95
CA HIS L 166 70.47 20.50 21.79
C HIS L 166 69.86 19.44 21.02
N ARG L 167 70.42 18.99 19.83
CA ARG L 167 69.71 18.15 18.88
C ARG L 167 70.02 16.69 19.04
N ASP L 168 71.07 16.32 19.81
CA ASP L 168 71.39 14.99 20.21
C ASP L 168 70.62 14.62 21.46
N ALA L 169 70.63 13.32 21.81
CA ALA L 169 69.75 12.84 22.79
C ALA L 169 70.60 12.40 23.93
N TYR L 170 71.95 12.50 23.76
CA TYR L 170 72.85 11.91 24.81
C TYR L 170 73.83 12.96 25.35
N SER L 171 73.52 14.28 25.29
CA SER L 171 74.53 15.25 25.50
C SER L 171 73.95 16.44 26.15
N GLY L 172 74.80 17.33 26.73
CA GLY L 172 74.45 18.50 27.44
C GLY L 172 75.17 18.55 28.71
N GLY L 173 74.44 18.81 29.86
CA GLY L 173 75.01 18.95 31.15
C GLY L 173 75.53 20.33 31.34
N SER L 174 76.86 20.39 30.93
CA SER L 174 77.60 21.62 31.09
C SER L 174 78.70 21.54 30.12
N VAL L 175 79.32 22.73 29.84
CA VAL L 175 80.30 23.01 28.83
C VAL L 175 81.54 23.33 29.49
N ASN L 176 82.58 22.50 29.38
CA ASN L 176 83.83 22.62 30.13
C ASN L 176 84.82 23.01 29.10
N LEU L 177 85.54 24.19 29.31
CA LEU L 177 86.42 24.70 28.35
C LEU L 177 87.79 24.65 28.92
N TYR L 178 88.78 24.25 27.98
CA TYR L 178 90.18 24.05 28.24
C TYR L 178 90.75 24.57 26.95
N HIS L 179 91.85 25.31 27.10
CA HIS L 179 92.64 25.84 25.99
C HIS L 179 94.06 25.42 26.35
N VAL L 180 94.67 24.74 25.41
CA VAL L 180 96.04 24.26 25.54
C VAL L 180 96.83 25.31 24.81
N THR L 181 97.83 25.98 25.58
CA THR L 181 98.78 26.90 25.14
C THR L 181 100.07 26.09 25.10
N GLU L 182 101.22 26.70 24.91
CA GLU L 182 102.50 26.06 25.01
C GLU L 182 102.91 25.63 26.34
N ASP L 183 102.30 26.26 27.33
CA ASP L 183 102.38 26.02 28.77
C ASP L 183 101.14 25.26 29.22
N GLY L 184 100.63 24.45 28.37
CA GLY L 184 99.63 23.48 28.83
C GLY L 184 98.22 24.04 28.89
N TRP L 185 97.29 23.12 29.31
CA TRP L 185 95.87 23.39 29.44
C TRP L 185 95.63 24.43 30.50
N ILE L 186 94.64 25.29 30.23
CA ILE L 186 94.21 26.32 31.15
C ILE L 186 92.81 26.13 31.18
N TYR L 187 92.23 26.08 32.39
CA TYR L 187 90.79 25.96 32.59
C TYR L 187 90.21 27.31 32.36
N HIS L 188 89.01 27.33 31.75
CA HIS L 188 88.21 28.51 31.32
C HIS L 188 86.83 28.41 31.79
N GLY L 189 86.60 27.61 32.88
CA GLY L 189 85.36 27.56 33.55
C GLY L 189 84.30 26.70 32.88
N ASN L 190 83.14 26.63 33.69
CA ASN L 190 82.16 25.58 33.52
C ASN L 190 81.01 26.42 33.29
N HIS L 191 80.26 26.14 32.25
CA HIS L 191 79.11 26.89 31.80
C HIS L 191 78.08 25.94 31.66
N ASP L 192 77.04 26.03 32.46
CA ASP L 192 75.87 25.18 32.39
C ASP L 192 75.17 25.34 31.07
N VAL L 193 74.76 24.16 30.40
CA VAL L 193 74.13 24.32 29.09
C VAL L 193 72.75 25.02 29.18
N GLY L 194 71.94 24.70 30.17
CA GLY L 194 70.63 25.18 30.49
C GLY L 194 70.37 26.64 30.44
N GLU L 195 71.13 27.45 31.19
CA GLU L 195 71.06 28.88 31.20
C GLU L 195 71.65 29.48 29.94
N LEU L 196 72.78 28.88 29.51
CA LEU L 196 73.70 29.34 28.53
C LEU L 196 72.99 29.40 27.24
N PHE L 197 72.17 28.43 26.90
CA PHE L 197 71.42 28.20 25.74
C PHE L 197 70.57 29.36 25.39
N TRP L 198 69.92 29.92 26.45
CA TRP L 198 69.02 31.05 26.34
C TRP L 198 69.75 32.36 25.99
N LYS L 199 70.94 32.74 26.63
CA LYS L 199 71.62 33.96 26.30
C LYS L 199 72.09 33.89 24.84
N VAL L 200 72.68 32.73 24.41
CA VAL L 200 73.18 32.51 23.01
C VAL L 200 72.03 32.57 22.02
N LYS L 201 70.82 32.07 22.39
CA LYS L 201 69.59 32.11 21.47
C LYS L 201 69.31 33.45 20.98
N GLU L 202 69.32 34.49 21.91
CA GLU L 202 69.11 35.90 21.65
C GLU L 202 70.18 36.55 20.82
N GLU L 203 71.49 36.23 21.12
CA GLU L 203 72.64 36.96 20.66
C GLU L 203 72.83 36.77 19.26
N GLU L 204 72.64 35.51 18.87
CA GLU L 204 72.81 35.04 17.51
C GLU L 204 71.60 35.21 16.68
N GLY L 205 70.38 35.03 17.27
CA GLY L 205 69.18 34.91 16.52
C GLY L 205 68.91 33.49 16.03
N SER L 206 69.52 32.44 16.65
CA SER L 206 69.44 31.10 16.29
C SER L 206 68.46 30.40 17.16
N PHE L 207 68.34 29.02 17.00
CA PHE L 207 67.56 28.10 17.79
C PHE L 207 66.17 28.55 17.94
N ASN L 208 65.48 28.64 16.80
CA ASN L 208 64.18 29.29 16.59
C ASN L 208 63.03 28.34 16.79
N ASN L 209 62.94 27.68 17.94
CA ASN L 209 61.91 26.64 18.13
C ASN L 209 61.21 26.81 19.45
N VAL L 210 61.91 27.51 20.34
CA VAL L 210 61.50 27.71 21.67
C VAL L 210 61.67 29.15 21.81
N ILE L 211 60.97 29.79 22.82
CA ILE L 211 61.09 31.19 23.04
C ILE L 211 61.59 31.30 24.46
N GLY L 212 61.64 30.26 25.30
CA GLY L 212 62.32 30.24 26.57
C GLY L 212 62.20 28.79 27.06
N GLN M 1 72.48 -23.37 30.18
CA GLN M 1 73.81 -23.77 30.72
C GLN M 1 73.95 -23.12 32.08
N PHE M 2 75.05 -22.32 32.31
CA PHE M 2 75.18 -21.60 33.55
C PHE M 2 75.35 -20.23 33.13
N ASN M 3 74.92 -19.35 34.08
CA ASN M 3 75.36 -17.95 33.95
C ASN M 3 75.82 -17.66 35.32
N PRO M 4 76.93 -16.96 35.55
CA PRO M 4 77.47 -16.89 36.90
C PRO M 4 76.92 -15.63 37.57
N TYR M 5 76.00 -14.87 36.88
CA TYR M 5 75.71 -13.51 37.35
C TYR M 5 74.27 -13.40 37.67
N GLY M 6 73.94 -12.39 38.54
CA GLY M 6 72.53 -12.33 38.94
C GLY M 6 72.41 -11.08 39.77
N ASP M 7 71.24 -10.98 40.41
CA ASP M 7 70.98 -9.71 41.15
C ASP M 7 70.61 -10.22 42.54
N ASN M 8 70.53 -9.25 43.48
CA ASN M 8 70.15 -9.38 44.83
C ASN M 8 69.59 -8.08 45.38
N GLY M 9 69.58 -7.07 44.49
CA GLY M 9 68.90 -5.82 44.75
C GLY M 9 69.49 -4.93 45.84
N GLY M 10 68.62 -4.08 46.49
CA GLY M 10 68.97 -3.10 47.41
C GLY M 10 69.14 -1.76 46.68
N THR M 11 69.13 -0.69 47.49
CA THR M 11 69.22 0.68 46.99
C THR M 11 69.99 1.39 48.07
N ILE M 12 70.91 2.30 47.62
CA ILE M 12 71.83 3.01 48.53
C ILE M 12 71.84 4.43 48.15
N LEU M 13 72.37 5.26 49.06
CA LEU M 13 72.38 6.69 48.80
C LEU M 13 73.46 7.27 49.64
N GLY M 14 74.47 7.92 48.91
CA GLY M 14 75.49 8.67 49.52
C GLY M 14 75.26 10.05 49.28
N ILE M 15 75.56 10.91 50.23
CA ILE M 15 75.50 12.36 50.15
C ILE M 15 76.68 12.78 50.95
N ALA M 16 77.42 13.80 50.44
CA ALA M 16 78.56 14.46 51.04
C ALA M 16 77.93 15.59 51.78
N GLY M 17 78.28 15.72 53.08
CA GLY M 17 77.95 16.78 53.90
C GLY M 17 78.96 17.87 53.74
N GLU M 18 78.94 18.88 54.64
CA GLU M 18 79.93 19.98 54.65
C GLU M 18 80.85 19.70 55.76
N ASP M 19 80.50 18.73 56.67
CA ASP M 19 81.36 18.44 57.76
C ASP M 19 80.95 16.99 58.10
N PHE M 20 80.23 16.29 57.19
CA PHE M 20 79.69 15.05 57.52
C PHE M 20 79.52 14.31 56.28
N ALA M 21 79.18 13.07 56.37
CA ALA M 21 78.88 12.29 55.24
C ALA M 21 77.92 11.17 55.69
N VAL M 22 77.03 10.62 54.78
CA VAL M 22 76.06 9.61 55.28
C VAL M 22 76.27 8.55 54.16
N LEU M 23 75.94 7.21 54.49
CA LEU M 23 75.77 6.18 53.54
C LEU M 23 74.77 5.24 54.10
N ALA M 24 73.79 4.83 53.27
CA ALA M 24 72.56 4.37 53.75
C ALA M 24 72.23 3.15 52.93
N GLY M 25 71.37 2.30 53.46
CA GLY M 25 70.87 1.22 52.72
C GLY M 25 69.92 0.42 53.53
N ASP M 26 68.89 -0.15 52.75
CA ASP M 26 67.83 -1.09 53.05
C ASP M 26 68.40 -2.43 53.54
N THR M 27 67.64 -3.28 54.31
CA THR M 27 68.14 -4.47 54.90
C THR M 27 67.63 -5.60 54.03
N ARG M 28 66.90 -5.37 52.86
CA ARG M 28 66.30 -6.45 52.12
C ARG M 28 67.31 -7.01 51.16
N ASN M 29 67.40 -8.39 51.04
CA ASN M 29 68.11 -9.06 50.00
C ASN M 29 67.10 -9.95 49.43
N ILE M 30 67.28 -10.19 48.12
CA ILE M 30 66.26 -10.83 47.35
C ILE M 30 66.88 -11.82 46.48
N THR M 31 65.99 -12.84 46.05
CA THR M 31 66.30 -13.69 44.93
C THR M 31 64.95 -13.90 44.37
N ASP M 32 64.73 -13.56 43.10
CA ASP M 32 63.50 -13.58 42.37
C ASP M 32 62.40 -12.89 43.17
N TYR M 33 61.21 -13.55 43.38
CA TYR M 33 60.17 -12.96 44.17
C TYR M 33 60.08 -13.49 45.61
N SER M 34 61.23 -13.94 46.21
CA SER M 34 61.32 -14.29 47.62
C SER M 34 62.19 -13.21 48.20
N ILE M 35 62.22 -13.23 49.55
CA ILE M 35 63.05 -12.31 50.29
C ILE M 35 64.08 -13.22 51.05
N ASN M 36 65.41 -13.00 50.79
CA ASN M 36 66.48 -13.69 51.43
C ASN M 36 66.64 -13.14 52.83
N SER M 37 66.65 -11.82 52.98
CA SER M 37 66.89 -11.31 54.32
C SER M 37 66.19 -10.06 54.51
N ARG M 38 65.72 -9.85 55.78
CA ARG M 38 64.89 -8.81 56.31
C ARG M 38 65.67 -8.02 57.28
N TYR M 39 66.98 -8.34 57.48
CA TYR M 39 67.73 -7.65 58.48
C TYR M 39 69.27 -7.92 58.21
N GLU M 40 69.66 -7.74 56.87
CA GLU M 40 71.09 -7.70 56.46
C GLU M 40 71.31 -6.43 55.57
N PRO M 41 72.02 -5.46 56.07
CA PRO M 41 72.38 -4.33 55.23
C PRO M 41 73.63 -4.70 54.34
N LYS M 42 74.09 -3.84 53.38
CA LYS M 42 75.27 -3.98 52.64
C LYS M 42 76.18 -2.76 52.89
N VAL M 43 75.94 -1.80 53.79
CA VAL M 43 76.95 -0.80 54.20
C VAL M 43 77.75 -1.40 55.24
N PHE M 44 79.07 -1.41 55.01
CA PHE M 44 80.00 -2.15 55.81
C PHE M 44 81.10 -1.26 56.22
N ASP M 45 81.64 -1.56 57.40
CA ASP M 45 82.68 -0.73 57.96
C ASP M 45 83.99 -1.28 57.55
N CYS M 46 84.93 -0.41 57.03
CA CYS M 46 86.19 -0.79 56.48
C CYS M 46 87.23 -0.02 57.24
N GLY M 47 86.84 1.10 57.93
CA GLY M 47 87.71 1.90 58.72
C GLY M 47 88.45 2.91 57.96
N ASP M 48 89.08 3.85 58.80
CA ASP M 48 89.88 5.01 58.39
C ASP M 48 89.01 5.96 57.66
N ASN M 49 87.75 6.10 58.04
CA ASN M 49 86.73 6.96 57.55
C ASN M 49 86.26 6.51 56.27
N ILE M 50 86.05 5.18 56.09
CA ILE M 50 85.65 4.65 54.77
C ILE M 50 84.53 3.80 55.15
N VAL M 51 83.23 4.05 54.67
CA VAL M 51 82.11 3.11 54.84
C VAL M 51 81.90 2.70 53.36
N MET M 52 81.78 1.40 53.05
CA MET M 52 81.67 0.97 51.70
C MET M 52 80.55 0.04 51.53
N SER M 53 79.75 0.25 50.43
CA SER M 53 78.63 -0.56 50.14
C SER M 53 78.83 -0.77 48.69
N ALA M 54 78.84 -2.05 48.29
CA ALA M 54 78.85 -2.43 46.91
C ALA M 54 77.50 -3.06 46.71
N ASN M 55 76.58 -2.26 46.14
CA ASN M 55 75.17 -2.67 46.09
C ASN M 55 74.91 -3.01 44.68
N GLY M 56 74.34 -4.18 44.51
CA GLY M 56 74.10 -4.84 43.22
C GLY M 56 73.88 -6.28 43.66
N PHE M 57 74.63 -7.20 42.99
CA PHE M 57 74.80 -8.60 43.24
C PHE M 57 75.51 -8.79 44.59
N ALA M 58 75.09 -9.76 45.49
CA ALA M 58 75.66 -9.88 46.85
C ALA M 58 77.02 -10.52 46.64
N ALA M 59 77.18 -11.46 45.66
CA ALA M 59 78.42 -12.22 45.52
C ALA M 59 79.54 -11.33 45.06
N ASP M 60 79.28 -10.46 44.12
CA ASP M 60 80.32 -9.58 43.56
C ASP M 60 80.78 -8.64 44.70
N GLY M 61 79.85 -8.25 45.57
CA GLY M 61 80.22 -7.26 46.54
C GLY M 61 81.05 -7.78 47.72
N ASP M 62 80.76 -9.01 48.09
CA ASP M 62 81.23 -9.58 49.27
C ASP M 62 82.74 -9.92 49.13
N ALA M 63 83.20 -10.24 47.91
CA ALA M 63 84.54 -10.41 47.48
C ALA M 63 85.31 -9.15 47.40
N LEU M 64 84.73 -8.04 46.82
CA LEU M 64 85.47 -6.83 46.55
C LEU M 64 85.77 -6.19 47.91
N VAL M 65 84.78 -6.20 48.89
CA VAL M 65 84.79 -5.56 50.14
C VAL M 65 85.94 -6.03 51.02
N LYS M 66 86.12 -7.37 50.97
CA LYS M 66 87.26 -8.01 51.65
C LYS M 66 88.59 -7.77 51.11
N ARG M 67 88.73 -7.70 49.77
CA ARG M 67 89.90 -7.47 49.07
C ARG M 67 90.26 -6.03 49.28
N PHE M 68 89.30 -5.10 49.32
CA PHE M 68 89.60 -3.71 49.56
C PHE M 68 90.11 -3.55 50.93
N LYS M 69 89.49 -4.26 51.93
CA LYS M 69 89.86 -4.14 53.32
C LYS M 69 91.26 -4.59 53.54
N ASN M 70 91.62 -5.71 52.89
CA ASN M 70 92.98 -6.27 52.90
C ASN M 70 93.95 -5.24 52.29
N SER M 71 93.64 -4.49 51.23
CA SER M 71 94.49 -3.51 50.61
C SER M 71 94.81 -2.38 51.59
N VAL M 72 93.79 -2.00 52.49
CA VAL M 72 93.96 -0.99 53.51
C VAL M 72 95.04 -1.46 54.47
N LYS M 73 95.01 -2.77 54.78
CA LYS M 73 95.98 -3.39 55.69
C LYS M 73 97.40 -3.32 55.16
N TRP M 74 97.55 -3.54 53.87
CA TRP M 74 98.86 -3.52 53.25
C TRP M 74 99.37 -2.15 53.02
N TYR M 75 98.51 -1.11 53.13
CA TYR M 75 98.90 0.30 53.21
C TYR M 75 99.67 0.59 54.46
N HIS M 76 99.11 0.10 55.63
CA HIS M 76 99.73 0.30 56.91
C HIS M 76 101.03 -0.40 56.94
N PHE M 77 101.18 -1.56 56.32
CA PHE M 77 102.42 -2.31 56.41
C PHE M 77 103.57 -1.74 55.64
N ASP M 78 103.32 -1.17 54.43
CA ASP M 78 104.31 -0.81 53.48
C ASP M 78 104.69 0.59 53.79
N HIS M 79 103.67 1.38 54.30
CA HIS M 79 103.77 2.80 54.39
C HIS M 79 103.85 3.20 55.85
N ASN M 80 104.01 2.23 56.83
CA ASN M 80 104.45 2.38 58.26
C ASN M 80 103.47 3.22 59.00
N ASP M 81 102.15 2.88 58.91
CA ASP M 81 101.07 3.45 59.69
C ASP M 81 100.82 4.88 59.25
N LYS M 82 100.55 5.05 57.94
CA LYS M 82 100.07 6.34 57.38
C LYS M 82 98.63 6.10 57.01
N LYS M 83 97.75 7.12 57.06
CA LYS M 83 96.35 6.88 56.65
C LYS M 83 96.24 6.81 55.19
N LEU M 84 95.54 5.83 54.63
CA LEU M 84 95.27 5.87 53.23
C LEU M 84 94.02 6.62 53.21
N SER M 85 94.13 7.87 52.65
CA SER M 85 93.04 8.81 52.70
C SER M 85 92.01 8.37 51.79
N ILE M 86 90.76 8.93 51.96
CA ILE M 86 89.60 8.56 51.20
C ILE M 86 89.73 8.77 49.70
N ASN M 87 90.31 9.86 49.24
CA ASN M 87 90.47 10.24 47.80
C ASN M 87 91.36 9.22 47.05
N SER M 88 92.40 8.81 47.79
CA SER M 88 93.44 8.03 47.24
C SER M 88 92.92 6.57 47.13
N ALA M 89 92.09 6.18 48.10
CA ALA M 89 91.36 4.96 48.23
C ALA M 89 90.47 4.65 47.04
N ALA M 90 89.92 5.71 46.48
CA ALA M 90 89.07 5.76 45.31
C ALA M 90 89.76 5.26 44.04
N ARG M 91 91.03 5.64 43.75
CA ARG M 91 91.94 5.22 42.61
C ARG M 91 92.26 3.82 42.72
N ASN M 92 92.41 3.26 44.01
CA ASN M 92 92.67 1.92 44.36
C ASN M 92 91.57 1.07 43.92
N ILE M 93 90.34 1.49 44.31
CA ILE M 93 89.14 0.72 44.08
C ILE M 93 88.88 0.57 42.62
N GLN M 94 89.12 1.68 41.87
CA GLN M 94 88.92 1.71 40.45
C GLN M 94 89.79 0.65 39.75
N HIS M 95 91.02 0.47 40.23
CA HIS M 95 91.99 -0.46 39.75
C HIS M 95 91.59 -1.89 40.09
N LEU M 96 90.96 -2.25 41.21
CA LEU M 96 90.48 -3.56 41.50
C LEU M 96 89.35 -4.04 40.58
N LEU M 97 88.46 -3.04 40.30
CA LEU M 97 87.34 -3.17 39.36
C LEU M 97 87.74 -3.40 37.94
N TYR M 98 88.83 -2.76 37.52
CA TYR M 98 89.48 -2.87 36.30
C TYR M 98 90.16 -4.23 36.21
N GLY M 99 90.48 -4.80 37.38
CA GLY M 99 91.01 -6.12 37.51
C GLY M 99 90.04 -7.12 37.03
N LYS M 100 88.72 -6.80 36.98
CA LYS M 100 87.64 -7.67 36.77
C LYS M 100 86.77 -6.98 35.79
N ARG M 101 87.47 -6.31 34.78
CA ARG M 101 86.87 -6.01 33.48
C ARG M 101 87.25 -7.16 32.50
N PHE M 102 87.58 -8.37 33.10
CA PHE M 102 88.03 -9.56 32.41
C PHE M 102 87.28 -10.69 33.07
N PHE M 103 86.28 -10.33 33.96
CA PHE M 103 85.38 -11.23 34.48
C PHE M 103 84.33 -10.37 35.13
N PRO M 104 83.31 -9.83 34.41
CA PRO M 104 82.70 -8.61 34.86
C PRO M 104 81.67 -8.67 36.00
N TYR M 105 81.70 -7.66 36.88
CA TYR M 105 81.00 -7.52 38.12
C TYR M 105 79.90 -6.65 37.83
N TYR M 106 78.96 -6.58 38.77
CA TYR M 106 77.65 -5.99 38.53
C TYR M 106 77.21 -5.42 39.87
N VAL M 107 77.86 -4.28 40.24
CA VAL M 107 77.67 -3.61 41.52
C VAL M 107 77.99 -2.18 41.13
N HIS M 108 77.17 -1.33 41.85
CA HIS M 108 77.41 0.07 41.97
C HIS M 108 77.92 0.23 43.36
N THR M 109 79.28 0.46 43.59
CA THR M 109 79.95 0.73 44.81
C THR M 109 79.80 2.24 44.98
N ILE M 110 79.59 2.61 46.23
CA ILE M 110 79.76 3.97 46.69
C ILE M 110 80.57 3.74 47.94
N ILE M 111 81.62 4.63 48.00
CA ILE M 111 82.26 4.90 49.29
C ILE M 111 81.89 6.31 49.58
N ALA M 112 81.96 6.69 50.86
CA ALA M 112 81.56 7.88 51.38
C ALA M 112 82.45 8.03 52.62
N GLY M 113 82.75 9.26 52.96
CA GLY M 113 83.56 9.43 54.06
C GLY M 113 84.15 10.78 54.14
N LEU M 114 85.07 11.01 55.13
CA LEU M 114 85.54 12.31 55.51
C LEU M 114 86.81 12.56 54.89
N ASP M 115 87.08 13.81 54.42
CA ASP M 115 88.37 14.09 53.65
C ASP M 115 89.34 14.63 54.65
N GLU M 116 90.53 15.23 54.19
CA GLU M 116 91.45 15.92 55.06
C GLU M 116 91.09 17.37 55.14
N ASP M 117 90.13 17.85 54.41
CA ASP M 117 89.60 19.24 54.41
C ASP M 117 88.47 19.48 55.34
N GLY M 118 88.08 18.43 56.12
CA GLY M 118 87.06 18.56 57.17
C GLY M 118 85.71 18.62 56.60
N LYS M 119 85.55 18.08 55.36
CA LYS M 119 84.41 18.21 54.56
C LYS M 119 84.38 16.88 53.92
N GLY M 120 83.13 16.38 53.84
CA GLY M 120 82.93 15.10 53.23
C GLY M 120 83.05 15.06 51.66
N ALA M 121 82.96 13.82 51.05
CA ALA M 121 83.15 13.63 49.59
C ALA M 121 82.49 12.32 49.37
N VAL M 122 81.94 12.08 48.08
CA VAL M 122 81.24 10.88 47.78
C VAL M 122 81.95 10.64 46.51
N TYR M 123 82.42 9.39 46.41
CA TYR M 123 83.04 8.92 45.15
C TYR M 123 82.23 7.69 44.80
N SER M 124 81.78 7.60 43.51
CA SER M 124 80.88 6.51 43.11
C SER M 124 81.35 5.90 41.80
N PHE M 125 81.24 4.56 41.68
CA PHE M 125 82.06 3.75 40.78
C PHE M 125 81.16 3.08 39.70
N ASP M 126 81.81 2.69 38.57
CA ASP M 126 81.32 1.85 37.47
C ASP M 126 81.78 0.41 37.73
N PRO M 127 81.07 -0.66 37.34
CA PRO M 127 81.28 -2.00 37.90
C PRO M 127 82.51 -2.65 37.18
N VAL M 128 83.25 -1.84 36.37
CA VAL M 128 84.29 -2.25 35.44
C VAL M 128 85.48 -1.31 35.58
N GLY M 129 85.36 -0.18 36.33
CA GLY M 129 86.49 0.59 36.64
C GLY M 129 86.06 1.94 37.16
N SER M 130 86.22 2.97 36.28
CA SER M 130 86.18 4.40 36.50
C SER M 130 85.30 4.96 37.59
N TYR M 131 85.61 6.20 38.07
CA TYR M 131 84.83 6.88 39.05
C TYR M 131 84.87 8.40 38.78
N GLU M 132 84.00 9.17 39.52
CA GLU M 132 83.91 10.59 39.47
C GLU M 132 83.49 10.92 40.84
N ARG M 133 83.80 12.15 41.16
CA ARG M 133 83.58 12.86 42.39
C ARG M 133 82.11 13.36 42.31
N GLU M 134 81.17 12.99 43.17
CA GLU M 134 79.77 13.41 43.23
C GLU M 134 79.36 13.96 44.50
N GLN M 135 78.25 14.79 44.46
CA GLN M 135 77.67 15.43 45.62
C GLN M 135 76.52 14.54 46.15
N CYS M 136 75.79 13.83 45.23
CA CYS M 136 74.69 13.02 45.43
C CYS M 136 74.89 11.99 44.33
N ARG M 137 74.80 10.68 44.72
CA ARG M 137 74.63 9.61 43.81
C ARG M 137 73.78 8.58 44.56
N ALA M 138 72.69 8.00 43.95
CA ALA M 138 72.03 6.82 44.40
C ALA M 138 72.49 5.70 43.41
N GLY M 139 72.81 4.54 43.98
CA GLY M 139 73.14 3.39 43.30
C GLY M 139 72.06 2.40 43.50
N GLY M 140 72.12 1.19 42.94
CA GLY M 140 71.12 0.18 43.21
C GLY M 140 69.97 0.30 42.33
N ALA M 141 68.90 -0.60 42.51
CA ALA M 141 67.79 -0.82 41.71
C ALA M 141 66.89 0.37 41.51
N ALA M 142 66.59 1.10 42.63
CA ALA M 142 65.52 2.13 42.57
C ALA M 142 66.19 3.39 42.46
N ALA M 143 67.43 3.42 41.75
CA ALA M 143 68.19 4.60 41.55
C ALA M 143 67.47 5.63 40.83
N SER M 144 66.64 5.23 39.85
CA SER M 144 65.90 6.08 38.98
C SER M 144 64.97 6.97 39.77
N LEU M 145 64.32 6.45 40.85
CA LEU M 145 63.43 7.21 41.73
C LEU M 145 64.10 8.39 42.46
N ILE M 146 65.23 8.07 43.04
CA ILE M 146 65.66 8.81 44.21
C ILE M 146 66.35 10.14 43.68
N MET M 147 67.02 10.13 42.50
CA MET M 147 67.66 11.27 41.90
C MET M 147 66.83 12.55 41.51
N PRO M 148 65.64 12.63 40.94
CA PRO M 148 64.93 13.91 40.61
C PRO M 148 64.63 14.67 41.85
N PHE M 149 64.41 13.96 42.95
CA PHE M 149 64.19 14.45 44.30
C PHE M 149 65.49 15.01 44.95
N LEU M 150 66.65 14.30 44.70
CA LEU M 150 67.93 14.69 45.34
C LEU M 150 68.42 15.98 44.73
N ASP M 151 68.22 16.21 43.42
CA ASP M 151 68.66 17.38 42.74
C ASP M 151 67.93 18.63 43.20
N ASN M 152 66.58 18.51 43.40
CA ASN M 152 65.66 19.48 43.81
C ASN M 152 66.08 20.03 45.21
N GLN M 153 66.58 19.09 46.08
CA GLN M 153 66.74 19.48 47.51
C GLN M 153 68.11 19.41 48.10
N VAL M 154 69.14 19.06 47.34
CA VAL M 154 70.47 19.03 47.86
C VAL M 154 71.40 19.77 46.93
N ASN M 155 70.97 20.30 45.71
CA ASN M 155 71.76 21.13 44.90
C ASN M 155 70.84 22.34 44.43
N PHE M 156 69.53 22.20 44.69
CA PHE M 156 68.49 23.19 44.49
C PHE M 156 68.38 23.62 43.09
N LYS M 157 68.37 22.56 42.21
CA LYS M 157 68.53 22.63 40.80
C LYS M 157 67.17 22.37 40.20
N ASN M 158 66.86 22.94 38.97
CA ASN M 158 65.52 23.04 38.40
C ASN M 158 64.61 23.66 39.37
N GLN M 159 64.98 24.88 39.79
CA GLN M 159 64.22 25.68 40.71
C GLN M 159 64.68 27.05 40.36
N TYR M 160 63.84 28.01 40.80
CA TYR M 160 64.00 29.40 40.43
C TYR M 160 63.51 30.18 41.68
N GLU M 161 63.40 31.52 41.59
CA GLU M 161 62.98 32.55 42.52
C GLU M 161 61.85 33.28 41.95
N PRO M 162 60.75 33.50 42.72
CA PRO M 162 59.60 34.33 42.33
C PRO M 162 59.95 35.76 42.08
N GLY M 163 59.16 36.49 41.31
CA GLY M 163 59.32 37.95 41.10
C GLY M 163 60.31 38.35 40.00
N THR M 164 60.96 37.36 39.39
CA THR M 164 61.84 37.53 38.27
C THR M 164 61.40 36.54 37.18
N ASN M 165 60.52 35.55 37.57
CA ASN M 165 60.01 34.59 36.68
C ASN M 165 61.08 33.88 35.81
N GLY M 166 61.95 33.26 36.57
CA GLY M 166 63.00 32.24 36.15
C GLY M 166 64.28 32.86 35.65
N LYS M 167 64.35 34.18 35.80
CA LYS M 167 65.47 35.04 35.42
C LYS M 167 66.52 35.22 36.67
N VAL M 168 66.27 34.61 37.81
CA VAL M 168 67.14 34.34 38.89
C VAL M 168 66.92 32.92 39.28
N LYS M 169 68.04 32.15 39.48
CA LYS M 169 67.96 30.84 39.99
C LYS M 169 68.12 30.80 41.48
N LYS M 170 67.64 29.69 42.10
CA LYS M 170 67.64 29.40 43.56
C LYS M 170 69.07 28.91 43.79
N PRO M 171 69.90 29.55 44.64
CA PRO M 171 71.26 29.20 44.86
C PRO M 171 71.45 28.12 45.93
N LEU M 172 72.68 27.60 46.02
CA LEU M 172 73.07 26.62 46.94
C LEU M 172 72.73 27.06 48.38
N LYS M 173 72.34 26.13 49.30
CA LYS M 173 72.02 26.54 50.63
C LYS M 173 72.84 25.56 51.47
N TYR M 174 73.48 26.04 52.60
CA TYR M 174 74.37 25.28 53.50
C TYR M 174 73.75 24.11 54.15
N LEU M 175 74.20 22.94 53.78
CA LEU M 175 73.57 21.72 54.22
C LEU M 175 74.02 21.31 55.61
N SER M 176 73.01 20.77 56.31
CA SER M 176 73.20 20.52 57.73
C SER M 176 72.84 19.01 57.91
N VAL M 177 73.39 18.46 58.96
CA VAL M 177 73.28 17.07 59.28
C VAL M 177 71.82 16.75 59.48
N GLU M 178 70.98 17.59 60.19
CA GLU M 178 69.53 17.41 60.40
C GLU M 178 68.65 17.45 59.19
N GLU M 179 68.95 18.37 58.30
CA GLU M 179 68.38 18.55 57.00
C GLU M 179 68.46 17.31 56.05
N VAL M 180 69.64 16.71 55.88
CA VAL M 180 69.87 15.50 55.10
C VAL M 180 69.20 14.34 55.81
N ILE M 181 69.15 14.23 57.18
CA ILE M 181 68.59 13.12 57.99
C ILE M 181 67.17 13.04 57.61
N LYS M 182 66.36 14.09 57.71
CA LYS M 182 64.97 14.17 57.38
C LYS M 182 64.79 13.75 55.93
N LEU M 183 65.69 14.24 55.00
CA LEU M 183 65.66 13.98 53.57
C LEU M 183 65.79 12.46 53.35
N VAL M 184 66.73 11.87 54.13
CA VAL M 184 67.07 10.51 53.98
C VAL M 184 65.93 9.62 54.45
N ARG M 185 65.25 10.04 55.53
CA ARG M 185 64.05 9.35 56.06
C ARG M 185 62.93 9.23 55.12
N ASP M 186 62.57 10.25 54.36
CA ASP M 186 61.46 10.27 53.42
C ASP M 186 61.83 9.75 52.08
N SER M 187 63.12 9.88 51.66
CA SER M 187 63.59 9.32 50.41
C SER M 187 63.55 7.83 50.34
N PHE M 188 63.98 7.16 51.39
CA PHE M 188 63.95 5.71 51.46
C PHE M 188 62.48 5.13 51.65
N THR M 189 61.57 5.99 52.21
CA THR M 189 60.20 5.67 52.46
C THR M 189 59.34 5.69 51.17
N SER M 190 59.53 6.72 50.37
CA SER M 190 58.98 6.95 49.05
C SER M 190 59.36 5.78 48.17
N ALA M 191 60.61 5.30 48.32
CA ALA M 191 61.17 4.19 47.68
C ALA M 191 60.40 2.91 48.01
N THR M 192 60.06 2.73 49.31
CA THR M 192 59.35 1.57 49.82
C THR M 192 57.99 1.43 49.13
N GLU M 193 57.31 2.57 48.94
CA GLU M 193 55.97 2.55 48.51
C GLU M 193 55.84 2.38 46.98
N ARG M 194 56.81 2.88 46.24
CA ARG M 194 56.78 2.81 44.78
C ARG M 194 57.82 1.93 44.10
N HIS M 195 58.48 1.00 44.84
CA HIS M 195 59.42 0.07 44.31
C HIS M 195 59.26 -1.13 45.18
N ILE M 196 59.80 -2.32 44.87
CA ILE M 196 59.48 -3.50 45.58
C ILE M 196 60.74 -4.29 45.87
N GLN M 197 61.96 -3.66 45.89
CA GLN M 197 63.22 -4.26 46.12
C GLN M 197 63.80 -3.58 47.35
N VAL M 198 63.11 -2.53 47.84
CA VAL M 198 63.61 -1.77 48.96
C VAL M 198 62.60 -2.04 50.04
N GLY M 199 63.01 -2.33 51.32
CA GLY M 199 62.07 -2.62 52.31
C GLY M 199 62.72 -3.06 53.65
N ASP M 200 61.94 -3.01 54.73
CA ASP M 200 62.10 -3.57 55.99
C ASP M 200 62.84 -2.75 57.02
N GLY M 201 63.98 -2.15 56.67
CA GLY M 201 64.73 -1.41 57.58
C GLY M 201 65.62 -0.49 56.82
N LEU M 202 66.27 0.33 57.62
CA LEU M 202 67.20 1.32 57.10
C LEU M 202 68.33 1.41 58.10
N GLU M 203 69.56 1.40 57.56
CA GLU M 203 70.78 1.38 58.33
C GLU M 203 71.55 2.43 57.71
N ILE M 204 71.98 3.48 58.52
CA ILE M 204 72.61 4.65 58.00
C ILE M 204 73.82 4.71 58.95
N LEU M 205 75.02 4.71 58.36
CA LEU M 205 76.26 4.99 59.04
C LEU M 205 76.56 6.35 58.68
N ILE M 206 77.03 7.16 59.65
CA ILE M 206 77.33 8.52 59.59
C ILE M 206 78.78 8.70 59.85
N VAL M 207 79.50 9.46 58.97
CA VAL M 207 80.91 9.59 59.08
C VAL M 207 81.14 10.95 59.44
N THR M 208 81.88 11.06 60.57
CA THR M 208 82.35 12.34 61.14
C THR M 208 83.74 12.12 61.48
N LYS M 209 84.38 13.10 62.19
CA LYS M 209 85.81 13.21 62.46
C LYS M 209 85.90 12.79 63.86
N ASP M 210 84.70 12.48 64.53
CA ASP M 210 84.53 11.93 65.82
C ASP M 210 83.81 10.64 65.67
N GLY M 211 84.27 9.79 64.80
CA GLY M 211 83.83 8.40 64.72
C GLY M 211 82.70 8.11 63.86
N VAL M 212 82.34 6.76 63.90
CA VAL M 212 81.32 6.19 63.09
C VAL M 212 80.02 6.03 64.01
N ARG M 213 78.85 6.58 63.57
CA ARG M 213 77.61 6.54 64.31
C ARG M 213 76.60 5.79 63.48
N LYS M 214 75.72 5.03 64.15
CA LYS M 214 74.67 4.20 63.54
C LYS M 214 73.42 4.82 63.96
N GLU M 215 72.52 4.89 63.00
CA GLU M 215 71.18 5.34 63.14
C GLU M 215 70.34 4.50 62.30
N PHE M 216 69.34 3.96 62.96
CA PHE M 216 68.44 2.91 62.41
C PHE M 216 67.03 3.48 62.40
N TYR M 217 66.39 3.35 61.20
CA TYR M 217 64.97 3.74 61.00
C TYR M 217 64.28 2.60 60.31
N GLU M 218 63.11 2.15 60.92
CA GLU M 218 62.47 0.99 60.29
C GLU M 218 61.63 1.37 59.06
N LEU M 219 61.49 0.40 58.15
CA LEU M 219 60.64 0.68 56.97
C LEU M 219 59.60 -0.42 57.03
N LYS M 220 58.61 -0.21 56.12
CA LYS M 220 57.47 -1.02 55.86
C LYS M 220 57.92 -2.26 55.14
N ARG M 221 57.07 -3.28 55.36
CA ARG M 221 57.36 -4.59 54.93
C ARG M 221 56.49 -4.78 53.69
N ASP M 222 56.34 -3.84 52.76
CA ASP M 222 55.44 -4.08 51.64
C ASP M 222 56.30 -4.48 50.36
N THR N 1 80.86 -25.96 31.34
CA THR N 1 80.51 -25.57 32.76
C THR N 1 79.73 -26.76 33.35
N GLN N 2 79.86 -27.03 34.68
CA GLN N 2 79.22 -28.11 35.40
C GLN N 2 77.75 -27.86 35.50
N GLN N 3 76.98 -28.83 35.32
CA GLN N 3 75.53 -28.67 35.39
C GLN N 3 75.06 -29.84 36.25
N PRO N 4 73.86 -29.84 36.92
CA PRO N 4 73.41 -30.84 37.87
C PRO N 4 73.10 -32.12 37.14
N ILE N 5 73.25 -33.32 37.78
CA ILE N 5 72.92 -34.58 37.24
C ILE N 5 71.93 -35.14 38.28
N VAL N 6 72.09 -34.85 39.60
CA VAL N 6 71.06 -35.21 40.61
C VAL N 6 70.93 -33.91 41.33
N THR N 7 69.92 -33.76 42.27
CA THR N 7 69.74 -32.67 43.15
C THR N 7 69.09 -33.21 44.32
N GLY N 8 69.39 -32.59 45.51
CA GLY N 8 68.67 -32.71 46.73
C GLY N 8 67.89 -31.43 46.73
N THR N 9 66.72 -31.41 47.40
CA THR N 9 65.75 -30.27 47.37
C THR N 9 65.15 -30.07 48.70
N SER N 10 65.28 -28.87 49.20
CA SER N 10 64.72 -28.40 50.45
C SER N 10 65.48 -28.85 51.68
N VAL N 11 65.88 -27.74 52.41
CA VAL N 11 66.37 -27.78 53.77
C VAL N 11 65.60 -26.74 54.49
N ILE N 12 65.10 -26.97 55.75
CA ILE N 12 64.48 -25.97 56.53
C ILE N 12 65.24 -25.83 57.74
N SER N 13 65.37 -24.59 58.31
CA SER N 13 66.07 -24.38 59.52
C SER N 13 65.58 -23.12 60.15
N MET N 14 65.87 -22.97 61.47
CA MET N 14 65.48 -21.77 62.20
C MET N 14 66.21 -21.60 63.47
N LYS N 15 66.17 -20.35 64.06
CA LYS N 15 66.69 -20.05 65.38
C LYS N 15 65.66 -20.06 66.52
N TYR N 16 66.06 -20.44 67.76
CA TYR N 16 65.17 -20.32 68.92
C TYR N 16 66.19 -19.86 69.97
N ASP N 17 65.80 -19.70 71.25
CA ASP N 17 66.52 -18.98 72.25
C ASP N 17 67.85 -19.53 72.57
N ASN N 18 67.97 -20.89 72.62
CA ASN N 18 69.22 -21.46 73.14
C ASN N 18 69.91 -22.31 72.05
N GLY N 19 69.43 -22.19 70.84
CA GLY N 19 70.17 -22.90 69.80
C GLY N 19 69.46 -22.84 68.46
N VAL N 20 69.68 -23.85 67.60
CA VAL N 20 69.10 -23.97 66.30
C VAL N 20 68.55 -25.35 66.12
N ILE N 21 67.70 -25.55 65.05
CA ILE N 21 67.21 -26.82 64.59
C ILE N 21 67.52 -26.82 63.04
N ILE N 22 68.19 -27.90 62.52
CA ILE N 22 68.39 -27.97 61.07
C ILE N 22 67.92 -29.29 60.77
N ALA N 23 67.08 -29.34 59.75
CA ALA N 23 66.25 -30.50 59.38
C ALA N 23 66.02 -30.44 57.89
N ALA N 24 65.68 -31.63 57.22
CA ALA N 24 65.58 -31.76 55.79
C ALA N 24 65.15 -33.15 55.58
N ASP N 25 64.44 -33.32 54.41
CA ASP N 25 64.16 -34.57 53.90
C ASP N 25 65.32 -35.30 53.31
N ASN N 26 65.29 -36.68 53.26
CA ASN N 26 66.35 -37.51 52.76
C ASN N 26 65.98 -38.22 51.45
N LEU N 27 66.56 -37.79 50.32
CA LEU N 27 66.07 -38.24 49.07
C LEU N 27 67.14 -37.86 48.07
N GLY N 28 67.38 -38.70 47.05
CA GLY N 28 68.29 -38.38 45.99
C GLY N 28 67.61 -38.56 44.64
N SER N 29 67.15 -37.38 44.13
CA SER N 29 66.39 -37.25 42.96
C SER N 29 67.28 -36.97 41.73
N TYR N 30 67.16 -37.83 40.63
CA TYR N 30 67.81 -37.71 39.31
C TYR N 30 66.74 -37.02 38.46
N GLY N 31 66.32 -35.75 38.77
CA GLY N 31 65.17 -35.05 38.22
C GLY N 31 63.87 -35.74 38.58
N SER N 32 63.15 -36.22 37.55
CA SER N 32 61.83 -36.81 37.70
C SER N 32 61.93 -38.29 38.09
N LEU N 33 63.16 -38.92 37.86
CA LEU N 33 63.46 -40.30 38.28
C LEU N 33 63.91 -40.27 39.69
N LEU N 34 63.26 -41.00 40.58
CA LEU N 34 63.63 -40.98 42.04
C LEU N 34 64.57 -42.13 42.35
N ARG N 35 65.88 -41.90 42.04
CA ARG N 35 66.92 -42.87 41.81
C ARG N 35 67.35 -43.35 43.18
N PHE N 36 67.41 -42.54 44.21
CA PHE N 36 68.04 -42.89 45.50
C PHE N 36 67.02 -42.38 46.38
N ASN N 37 66.67 -43.18 47.37
CA ASN N 37 65.64 -42.87 48.34
C ASN N 37 66.25 -43.19 49.57
N GLY N 38 66.30 -42.21 50.45
CA GLY N 38 67.09 -42.24 51.62
C GLY N 38 68.55 -41.82 51.42
N VAL N 39 68.78 -40.46 51.19
CA VAL N 39 70.12 -39.99 50.98
C VAL N 39 70.27 -38.83 51.87
N GLU N 40 71.40 -38.79 52.66
CA GLU N 40 71.78 -37.80 53.64
C GLU N 40 71.93 -36.47 53.03
N ARG N 41 71.68 -35.45 53.83
CA ARG N 41 71.95 -34.05 53.53
C ARG N 41 72.84 -33.52 54.62
N LEU N 42 72.51 -33.86 55.89
CA LEU N 42 73.02 -33.25 57.06
C LEU N 42 74.13 -34.14 57.54
N ILE N 43 75.32 -33.52 57.48
CA ILE N 43 76.58 -34.00 57.87
C ILE N 43 77.15 -33.22 59.05
N PRO N 44 77.24 -33.84 60.18
CA PRO N 44 77.89 -33.18 61.31
C PRO N 44 79.30 -32.85 61.09
N VAL N 45 79.80 -31.74 61.66
CA VAL N 45 81.19 -31.32 61.68
C VAL N 45 81.42 -30.99 63.20
N GLY N 46 82.14 -31.94 63.93
CA GLY N 46 82.04 -32.18 65.30
C GLY N 46 80.57 -32.22 65.78
N ASP N 47 80.31 -31.67 67.00
CA ASP N 47 78.99 -31.69 67.52
C ASP N 47 78.43 -30.28 67.57
N ASN N 48 79.30 -29.30 67.22
CA ASN N 48 78.96 -27.95 67.50
C ASN N 48 78.51 -27.28 66.23
N THR N 49 78.59 -27.95 65.05
CA THR N 49 78.09 -27.43 63.80
C THR N 49 77.63 -28.68 63.08
N VAL N 50 76.48 -28.48 62.42
CA VAL N 50 76.00 -29.40 61.49
C VAL N 50 75.82 -28.52 60.25
N VAL N 51 76.38 -28.95 59.16
CA VAL N 51 76.25 -28.30 57.93
C VAL N 51 75.37 -29.22 57.12
N GLY N 52 74.24 -28.68 56.61
CA GLY N 52 73.32 -29.30 55.70
C GLY N 52 73.54 -28.85 54.26
N ILE N 53 73.41 -29.82 53.31
CA ILE N 53 73.84 -29.58 51.95
C ILE N 53 72.80 -30.28 51.14
N SER N 54 72.14 -29.53 50.20
CA SER N 54 71.23 -29.94 49.21
C SER N 54 71.96 -29.55 47.95
N GLY N 55 71.40 -29.94 46.75
CA GLY N 55 71.99 -29.82 45.45
C GLY N 55 72.84 -30.98 45.13
N ASP N 56 73.38 -30.99 43.93
CA ASP N 56 74.17 -32.14 43.38
C ASP N 56 75.00 -33.01 44.34
N ILE N 57 74.82 -34.33 44.43
CA ILE N 57 75.51 -35.16 45.39
C ILE N 57 76.97 -35.33 45.08
N SER N 58 77.40 -35.13 43.76
CA SER N 58 78.79 -35.22 43.35
C SER N 58 79.64 -34.20 44.06
N ASP N 59 79.01 -32.97 44.15
CA ASP N 59 79.60 -31.81 44.80
C ASP N 59 79.35 -31.89 46.27
N MET N 60 78.32 -32.57 46.74
CA MET N 60 78.26 -32.81 48.15
C MET N 60 79.38 -33.64 48.67
N GLN N 61 79.77 -34.73 47.95
CA GLN N 61 80.85 -35.59 48.34
C GLN N 61 82.18 -34.83 48.49
N HIS N 62 82.41 -33.85 47.61
CA HIS N 62 83.65 -33.06 47.60
C HIS N 62 83.79 -32.23 48.84
N ILE N 63 82.66 -31.61 49.20
CA ILE N 63 82.57 -30.77 50.39
C ILE N 63 82.69 -31.62 51.58
N GLU N 64 82.07 -32.84 51.50
CA GLU N 64 82.05 -33.81 52.64
C GLU N 64 83.42 -34.24 53.12
N ARG N 65 84.24 -34.57 52.14
CA ARG N 65 85.57 -35.07 52.43
C ARG N 65 86.49 -33.95 52.98
N LEU N 66 86.31 -32.74 52.45
CA LEU N 66 87.02 -31.52 52.94
C LEU N 66 86.67 -31.23 54.36
N LEU N 67 85.41 -31.51 54.72
CA LEU N 67 84.82 -31.24 56.02
C LEU N 67 85.52 -32.03 57.06
N LYS N 68 85.70 -33.39 56.83
CA LYS N 68 86.50 -34.24 57.75
C LYS N 68 87.88 -33.70 57.87
N ASP N 69 88.48 -33.26 56.73
CA ASP N 69 89.88 -32.84 56.83
C ASP N 69 90.10 -31.52 57.43
N LEU N 70 88.97 -30.78 57.50
CA LEU N 70 88.90 -29.54 58.19
C LEU N 70 88.99 -29.59 59.72
N VAL N 71 88.49 -30.69 60.32
CA VAL N 71 88.54 -30.97 61.69
C VAL N 71 89.90 -31.35 62.11
N THR N 72 90.57 -32.11 61.19
CA THR N 72 91.97 -32.50 61.24
C THR N 72 92.87 -31.35 61.05
N GLU N 73 92.45 -30.33 60.24
CA GLU N 73 93.24 -29.12 60.02
C GLU N 73 93.40 -28.41 61.29
N ASN N 74 92.29 -28.47 62.05
CA ASN N 74 92.13 -27.83 63.36
C ASN N 74 93.14 -28.43 64.41
N ALA N 75 93.28 -29.74 64.44
CA ALA N 75 94.09 -30.61 65.28
C ALA N 75 95.50 -30.50 64.93
N TYR N 76 95.80 -30.32 63.62
CA TYR N 76 97.13 -30.18 63.08
C TYR N 76 97.85 -28.99 63.51
N ASP N 77 99.18 -29.14 63.74
CA ASP N 77 100.16 -28.13 64.06
C ASP N 77 99.80 -27.63 65.44
N ASN N 78 99.52 -28.57 66.39
CA ASN N 78 99.15 -28.24 67.67
C ASN N 78 99.44 -29.45 68.52
N PRO N 79 99.62 -29.43 69.82
CA PRO N 79 99.71 -30.61 70.75
C PRO N 79 98.37 -31.05 71.31
N LEU N 80 97.41 -30.18 71.50
CA LEU N 80 96.09 -30.42 71.88
C LEU N 80 95.33 -29.26 71.23
N ALA N 81 94.14 -29.50 70.73
CA ALA N 81 93.47 -28.50 69.85
C ALA N 81 91.98 -28.68 70.12
N ASP N 82 91.69 -29.15 71.37
CA ASP N 82 90.34 -29.32 71.80
C ASP N 82 90.29 -28.57 73.12
N ALA N 83 91.39 -27.98 73.72
CA ALA N 83 91.28 -27.14 74.87
C ALA N 83 92.08 -25.91 74.66
N GLU N 84 93.03 -25.97 73.67
CA GLU N 84 93.93 -24.89 73.26
C GLU N 84 93.52 -24.15 71.95
N GLU N 85 92.66 -24.86 71.14
CA GLU N 85 92.22 -24.28 69.93
C GLU N 85 90.85 -24.85 69.79
N ALA N 86 89.98 -24.20 68.96
CA ALA N 86 88.61 -24.57 68.79
C ALA N 86 88.24 -24.24 67.32
N LEU N 87 87.22 -24.97 66.92
CA LEU N 87 86.58 -24.81 65.60
C LEU N 87 85.24 -24.08 65.89
N GLU N 88 85.09 -22.91 65.21
CA GLU N 88 83.89 -22.16 65.07
C GLU N 88 83.00 -22.63 63.97
N PRO N 89 81.71 -22.44 63.96
CA PRO N 89 80.82 -22.45 62.76
C PRO N 89 81.23 -21.35 61.85
N SER N 90 81.81 -20.24 62.33
CA SER N 90 82.16 -19.06 61.61
C SER N 90 83.31 -19.44 60.72
N TYR N 91 84.23 -20.33 61.21
CA TYR N 91 85.42 -20.67 60.47
C TYR N 91 85.02 -21.50 59.26
N ILE N 92 84.09 -22.53 59.50
CA ILE N 92 83.64 -23.43 58.42
C ILE N 92 82.92 -22.71 57.30
N PHE N 93 82.01 -21.72 57.60
CA PHE N 93 81.18 -21.04 56.67
C PHE N 93 81.91 -20.31 55.59
N GLU N 94 83.02 -19.70 56.11
CA GLU N 94 83.80 -18.82 55.33
C GLU N 94 84.73 -19.54 54.47
N TYR N 95 85.22 -20.71 54.91
CA TYR N 95 85.94 -21.61 53.99
C TYR N 95 85.13 -21.97 52.80
N LEU N 96 83.83 -22.33 53.05
CA LEU N 96 82.90 -22.62 51.91
C LEU N 96 82.63 -21.43 50.96
N ALA N 97 82.39 -20.20 51.43
CA ALA N 97 82.17 -19.09 50.65
C ALA N 97 83.29 -18.79 49.62
N THR N 98 84.55 -18.81 50.06
CA THR N 98 85.77 -18.45 49.35
C THR N 98 86.08 -19.28 48.20
N VAL N 99 85.84 -20.61 48.45
CA VAL N 99 86.22 -21.68 47.55
C VAL N 99 85.29 -21.81 46.37
N MET N 100 83.99 -21.76 46.65
CA MET N 100 82.87 -21.80 45.75
C MET N 100 82.87 -20.63 44.89
N TYR N 101 83.17 -19.42 45.44
CA TYR N 101 83.30 -18.19 44.65
C TYR N 101 84.42 -18.31 43.68
N GLN N 102 85.59 -18.95 44.00
CA GLN N 102 86.71 -19.22 43.07
C GLN N 102 86.43 -20.16 41.92
N ARG N 103 85.68 -21.28 42.25
CA ARG N 103 85.38 -22.30 41.32
C ARG N 103 84.24 -21.86 40.40
N ARG N 104 83.29 -20.99 40.87
CA ARG N 104 82.17 -20.36 40.14
C ARG N 104 82.71 -19.41 39.12
N SER N 105 83.88 -18.75 39.47
CA SER N 105 84.65 -17.84 38.62
C SER N 105 85.59 -18.55 37.68
N LYS N 106 85.77 -19.84 37.78
CA LYS N 106 86.50 -20.64 36.74
C LYS N 106 85.54 -21.22 35.68
N MET N 107 84.27 -21.11 35.96
CA MET N 107 83.15 -21.61 35.20
C MET N 107 83.10 -23.12 35.17
N ASN N 108 83.24 -23.69 36.42
CA ASN N 108 83.24 -25.10 36.60
C ASN N 108 82.82 -25.09 38.04
N PRO N 109 81.63 -24.67 38.45
CA PRO N 109 81.22 -24.33 39.87
C PRO N 109 81.05 -25.56 40.74
N LEU N 110 81.08 -25.41 42.06
CA LEU N 110 80.66 -26.48 42.91
C LEU N 110 79.23 -26.21 43.21
N TRP N 111 78.31 -27.18 42.92
CA TRP N 111 76.89 -26.93 42.60
C TRP N 111 76.15 -27.37 43.84
N ASN N 112 76.01 -26.50 44.89
CA ASN N 112 75.24 -26.88 46.08
C ASN N 112 74.56 -25.61 46.52
N ALA N 113 73.51 -25.71 47.37
CA ALA N 113 72.91 -24.72 48.17
C ALA N 113 72.88 -25.34 49.57
N ILE N 114 73.50 -24.55 50.53
CA ILE N 114 74.08 -25.00 51.85
C ILE N 114 73.55 -24.08 52.94
N ILE N 115 73.25 -24.61 54.16
CA ILE N 115 72.99 -23.77 55.34
C ILE N 115 74.00 -24.29 56.33
N VAL N 116 74.83 -23.45 56.99
CA VAL N 116 75.58 -23.80 58.11
C VAL N 116 74.75 -23.35 59.24
N ALA N 117 74.46 -24.29 60.17
CA ALA N 117 73.70 -23.99 61.39
C ALA N 117 74.66 -24.41 62.42
N GLY N 118 74.67 -23.66 63.58
CA GLY N 118 75.62 -23.95 64.63
C GLY N 118 75.31 -23.20 65.81
N VAL N 119 76.29 -23.32 66.78
CA VAL N 119 76.38 -22.56 68.04
C VAL N 119 77.93 -22.35 68.26
N GLN N 120 78.28 -21.07 68.62
CA GLN N 120 79.68 -20.66 68.75
C GLN N 120 80.31 -21.23 70.03
N SER N 121 81.65 -21.32 70.20
CA SER N 121 82.25 -21.72 71.41
C SER N 121 82.51 -20.49 72.22
N ASN N 122 82.05 -19.37 71.70
CA ASN N 122 82.06 -18.08 72.44
C ASN N 122 80.64 -17.90 73.00
N GLY N 123 79.61 -18.55 72.36
CA GLY N 123 78.21 -18.73 72.80
C GLY N 123 77.19 -17.79 72.14
N ASP N 124 76.65 -18.18 70.97
CA ASP N 124 75.77 -17.41 70.15
C ASP N 124 75.18 -18.34 69.13
N GLN N 125 73.92 -18.16 68.79
CA GLN N 125 73.17 -18.78 67.77
C GLN N 125 73.68 -18.38 66.42
N PHE N 126 73.91 -19.34 65.52
CA PHE N 126 74.48 -19.23 64.21
C PHE N 126 73.54 -19.88 63.25
N LEU N 127 73.20 -19.11 62.23
CA LEU N 127 72.42 -19.53 61.13
C LEU N 127 72.64 -18.64 59.87
N ARG N 128 73.16 -19.19 58.77
CA ARG N 128 73.65 -18.38 57.64
C ARG N 128 73.61 -19.32 56.38
N TYR N 129 73.46 -18.66 55.24
CA TYR N 129 73.23 -19.25 53.94
C TYR N 129 74.48 -19.10 53.10
N VAL N 130 74.87 -20.05 52.28
CA VAL N 130 75.94 -19.96 51.32
C VAL N 130 75.52 -20.90 50.26
N ASN N 131 75.92 -20.58 48.97
CA ASN N 131 75.53 -21.32 47.82
C ASN N 131 76.60 -21.07 46.72
N LEU N 132 76.39 -21.67 45.49
CA LEU N 132 77.33 -21.81 44.39
C LEU N 132 77.72 -20.49 43.72
N LEU N 133 76.83 -19.47 43.77
CA LEU N 133 77.00 -18.20 43.23
C LEU N 133 77.79 -17.38 44.21
N GLY N 134 78.04 -17.94 45.41
CA GLY N 134 78.80 -17.31 46.53
C GLY N 134 78.11 -16.14 47.24
N VAL N 135 76.77 -16.10 47.03
CA VAL N 135 75.82 -15.14 47.77
C VAL N 135 75.72 -15.61 49.20
N THR N 136 75.92 -14.78 50.21
CA THR N 136 75.97 -15.04 51.58
C THR N 136 75.24 -14.00 52.36
N TYR N 137 74.47 -14.46 53.36
CA TYR N 137 73.65 -13.63 54.23
C TYR N 137 73.25 -14.36 55.44
N SER N 138 72.94 -13.65 56.55
CA SER N 138 72.38 -14.05 57.86
C SER N 138 70.98 -13.59 57.83
N SER N 139 70.06 -14.44 58.26
CA SER N 139 68.67 -14.21 58.50
C SER N 139 68.34 -15.33 59.52
N PRO N 140 67.35 -15.05 60.46
CA PRO N 140 67.15 -15.80 61.72
C PRO N 140 66.36 -17.10 61.29
N THR N 141 65.77 -17.03 60.07
CA THR N 141 65.17 -18.20 59.49
C THR N 141 65.78 -18.44 58.10
N LEU N 142 65.97 -19.74 57.69
CA LEU N 142 66.55 -20.09 56.42
C LEU N 142 65.92 -21.23 55.97
N ALA N 143 66.11 -21.35 54.63
CA ALA N 143 65.82 -22.61 53.90
C ALA N 143 66.38 -22.50 52.57
N THR N 144 66.53 -23.66 51.91
CA THR N 144 67.17 -23.66 50.52
C THR N 144 66.12 -24.20 49.56
N GLY N 145 66.37 -23.87 48.23
CA GLY N 145 65.64 -24.48 47.14
C GLY N 145 64.22 -23.98 47.13
N PHE N 146 63.33 -24.93 46.92
CA PHE N 146 61.94 -24.92 46.81
C PHE N 146 61.35 -24.49 48.14
N GLY N 147 61.98 -24.94 49.25
CA GLY N 147 61.59 -24.80 50.66
C GLY N 147 61.81 -23.37 51.01
N ALA N 148 62.68 -22.56 50.35
CA ALA N 148 62.88 -21.17 50.58
C ALA N 148 61.63 -20.36 50.26
N HIS N 149 60.90 -20.89 49.25
CA HIS N 149 59.68 -20.33 48.73
C HIS N 149 58.56 -20.79 49.65
N MET N 150 58.48 -22.11 49.97
CA MET N 150 57.23 -22.70 50.38
C MET N 150 57.15 -22.64 51.90
N ALA N 151 58.15 -23.22 52.67
CA ALA N 151 58.12 -23.49 54.04
C ALA N 151 58.63 -22.38 54.86
N ASN N 152 59.51 -21.61 54.29
CA ASN N 152 60.18 -20.53 54.98
C ASN N 152 59.18 -19.39 55.38
N PRO N 153 58.20 -18.87 54.68
CA PRO N 153 57.16 -18.03 55.22
C PRO N 153 56.49 -18.51 56.49
N LEU N 154 56.44 -19.85 56.73
CA LEU N 154 55.71 -20.41 57.81
C LEU N 154 56.62 -20.19 58.98
N LEU N 155 57.96 -20.28 58.82
CA LEU N 155 58.90 -20.21 59.89
C LEU N 155 59.08 -18.71 60.32
N ARG N 156 58.66 -17.74 59.37
CA ARG N 156 58.62 -16.29 59.54
C ARG N 156 57.47 -15.77 60.28
N LYS N 157 56.44 -16.66 60.41
CA LYS N 157 55.37 -16.45 61.45
C LYS N 157 56.01 -16.47 62.79
N VAL N 158 56.83 -17.54 63.00
CA VAL N 158 57.30 -17.88 64.32
C VAL N 158 58.32 -16.85 64.83
N VAL N 159 59.29 -16.48 63.94
CA VAL N 159 60.32 -15.51 64.29
C VAL N 159 60.07 -14.43 63.21
N ASP N 160 59.58 -13.26 63.55
CA ASP N 160 59.34 -12.15 62.70
C ASP N 160 60.69 -11.48 62.49
N ARG N 161 61.50 -11.20 63.57
CA ARG N 161 62.70 -10.40 63.53
C ARG N 161 63.57 -10.85 64.61
N GLU N 162 64.77 -10.23 64.78
CA GLU N 162 65.84 -10.78 65.60
C GLU N 162 65.65 -10.38 67.12
N SER N 163 64.37 -10.03 67.51
CA SER N 163 63.98 -9.79 68.85
C SER N 163 62.86 -10.79 69.27
N ASP N 164 62.39 -11.72 68.35
CA ASP N 164 61.37 -12.71 68.59
C ASP N 164 62.06 -14.01 68.88
N ILE N 165 63.42 -14.00 68.67
CA ILE N 165 64.36 -15.13 69.05
C ILE N 165 64.14 -15.61 70.48
N PRO N 166 64.09 -14.85 71.60
CA PRO N 166 63.95 -15.50 72.87
C PRO N 166 62.53 -15.69 73.31
N LYS N 167 61.58 -15.44 72.40
CA LYS N 167 60.15 -15.68 72.60
C LYS N 167 59.74 -16.93 71.76
N THR N 168 60.82 -17.63 71.25
CA THR N 168 60.83 -18.95 70.72
C THR N 168 61.66 -19.84 71.63
N THR N 169 61.24 -21.16 71.83
CA THR N 169 61.90 -22.18 72.64
C THR N 169 62.04 -23.31 71.75
N VAL N 170 62.74 -24.34 72.36
CA VAL N 170 63.06 -25.59 71.80
C VAL N 170 61.90 -26.36 71.32
N GLN N 171 60.75 -26.35 72.13
CA GLN N 171 59.60 -27.06 71.71
C GLN N 171 58.84 -26.35 70.49
N VAL N 172 58.76 -24.99 70.54
CA VAL N 172 57.93 -24.26 69.63
C VAL N 172 58.59 -24.50 68.28
N ALA N 173 59.94 -24.44 68.23
CA ALA N 173 60.72 -24.54 67.03
C ALA N 173 60.62 -25.86 66.40
N GLU N 174 60.61 -26.93 67.23
CA GLU N 174 60.52 -28.28 66.68
C GLU N 174 59.18 -28.55 66.04
N GLU N 175 58.11 -28.05 66.63
CA GLU N 175 56.73 -28.22 66.16
C GLU N 175 56.68 -27.49 64.81
N ALA N 176 57.30 -26.32 64.67
CA ALA N 176 57.16 -25.44 63.48
C ALA N 176 57.75 -26.04 62.23
N ILE N 177 58.88 -26.73 62.46
CA ILE N 177 59.74 -27.57 61.56
C ILE N 177 58.94 -28.83 61.22
N VAL N 178 58.26 -29.50 62.18
CA VAL N 178 57.56 -30.77 61.88
C VAL N 178 56.35 -30.43 60.97
N ASN N 179 55.59 -29.29 61.26
CA ASN N 179 54.53 -28.81 60.36
C ASN N 179 55.06 -28.46 59.01
N ALA N 180 56.26 -27.86 58.88
CA ALA N 180 56.96 -27.45 57.65
C ALA N 180 57.34 -28.58 56.87
N MET N 181 57.72 -29.79 57.45
CA MET N 181 58.06 -30.97 56.79
C MET N 181 56.83 -31.55 56.17
N ARG N 182 55.56 -31.57 56.87
CA ARG N 182 54.34 -32.18 56.41
C ARG N 182 53.91 -31.45 55.15
N VAL N 183 54.08 -30.08 55.11
CA VAL N 183 53.71 -29.15 54.06
C VAL N 183 54.55 -29.40 52.81
N LEU N 184 55.88 -29.72 52.98
CA LEU N 184 56.75 -30.19 51.92
C LEU N 184 56.32 -31.54 51.24
N TYR N 185 56.01 -32.55 52.07
CA TYR N 185 55.65 -33.87 51.59
C TYR N 185 54.36 -33.75 50.75
N TYR N 186 53.35 -32.97 51.22
CA TYR N 186 52.12 -32.86 50.56
C TYR N 186 52.24 -32.26 49.20
N ARG N 187 52.88 -31.10 49.10
CA ARG N 187 52.85 -30.26 47.89
C ARG N 187 54.16 -30.02 47.14
N ASP N 188 55.18 -30.90 47.35
CA ASP N 188 56.37 -30.89 46.59
C ASP N 188 56.60 -32.30 46.11
N ALA N 189 57.07 -32.39 44.88
CA ALA N 189 57.28 -33.72 44.29
C ALA N 189 58.70 -34.15 44.46
N ARG N 190 59.40 -33.47 45.35
CA ARG N 190 60.85 -33.59 45.53
C ARG N 190 61.11 -33.73 47.01
N SER N 191 60.13 -34.30 47.79
CA SER N 191 60.36 -34.59 49.18
C SER N 191 60.06 -36.08 49.41
N SER N 192 60.41 -36.60 50.57
CA SER N 192 60.07 -37.94 51.04
C SER N 192 59.65 -37.90 52.50
N ARG N 193 58.88 -38.94 52.88
CA ARG N 193 58.31 -39.07 54.23
C ARG N 193 59.36 -38.99 55.38
N ASN N 194 60.49 -39.77 55.16
CA ASN N 194 61.69 -39.80 55.96
C ASN N 194 62.31 -38.42 55.90
N PHE N 195 62.93 -38.10 57.00
CA PHE N 195 63.60 -36.79 57.13
C PHE N 195 64.56 -36.97 58.33
N SER N 196 65.61 -36.04 58.49
CA SER N 196 66.53 -35.98 59.62
C SER N 196 66.37 -34.61 60.20
N LEU N 197 66.68 -34.54 61.49
CA LEU N 197 66.37 -33.45 62.43
C LEU N 197 67.46 -33.56 63.54
N ALA N 198 68.20 -32.40 63.60
CA ALA N 198 69.24 -32.08 64.60
C ALA N 198 68.77 -30.88 65.36
N ILE N 199 68.92 -30.92 66.72
CA ILE N 199 68.72 -29.80 67.62
C ILE N 199 70.15 -29.61 68.08
N ILE N 200 70.82 -28.39 67.78
CA ILE N 200 72.19 -28.11 68.24
C ILE N 200 71.91 -27.11 69.30
N ASP N 201 72.29 -27.34 70.58
CA ASP N 201 72.04 -26.46 71.70
C ASP N 201 73.41 -26.22 72.27
N LYS N 202 73.53 -25.05 72.89
CA LYS N 202 74.81 -24.54 73.32
C LYS N 202 75.10 -24.91 74.83
N ASN N 203 74.37 -25.90 75.31
CA ASN N 203 74.38 -26.47 76.68
C ASN N 203 73.85 -27.90 76.65
N THR N 204 73.76 -28.58 75.53
CA THR N 204 73.33 -29.95 75.44
C THR N 204 74.14 -30.62 74.44
N GLY N 205 74.74 -29.82 73.51
CA GLY N 205 75.46 -30.34 72.39
C GLY N 205 74.52 -30.58 71.29
N LEU N 206 74.85 -31.69 70.60
CA LEU N 206 74.10 -32.21 69.42
C LEU N 206 73.22 -33.29 69.88
N THR N 207 71.90 -33.21 69.49
CA THR N 207 70.99 -34.29 69.58
C THR N 207 70.73 -34.49 68.11
N PHE N 208 71.06 -35.69 67.52
CA PHE N 208 70.91 -35.92 66.10
C PHE N 208 70.18 -37.20 65.87
N LYS N 209 68.92 -36.91 65.40
CA LYS N 209 67.86 -37.88 65.08
C LYS N 209 67.67 -38.07 63.59
N LYS N 210 67.58 -39.37 63.05
CA LYS N 210 67.48 -39.74 61.64
C LYS N 210 66.18 -40.48 61.36
N ASN N 211 65.62 -40.22 60.15
CA ASN N 211 64.53 -41.03 59.56
C ASN N 211 63.24 -41.00 60.38
N LEU N 212 62.79 -39.83 60.82
CA LEU N 212 61.60 -39.54 61.55
C LEU N 212 60.49 -39.35 60.53
N GLN N 213 59.19 -39.54 60.95
CA GLN N 213 58.15 -39.50 59.90
C GLN N 213 57.25 -38.39 60.19
N VAL N 214 56.68 -37.80 59.10
CA VAL N 214 55.50 -36.94 59.14
C VAL N 214 54.28 -37.64 59.66
N GLU N 215 53.49 -36.93 60.49
CA GLU N 215 52.41 -37.66 61.18
C GLU N 215 51.26 -36.80 61.00
N ASN N 216 50.11 -37.41 61.47
CA ASN N 216 48.81 -36.68 61.47
C ASN N 216 48.39 -36.27 60.14
N MET N 217 48.38 -37.22 59.19
CA MET N 217 48.28 -37.02 57.78
C MET N 217 46.85 -36.67 57.42
N LYS N 218 46.70 -35.90 56.28
CA LYS N 218 45.41 -35.44 55.76
C LYS N 218 45.30 -35.98 54.37
N TRP N 219 44.24 -36.77 54.15
CA TRP N 219 43.95 -37.47 52.91
C TRP N 219 42.53 -37.79 52.82
N ASP N 220 41.75 -37.52 53.93
CA ASP N 220 40.42 -38.02 54.08
C ASP N 220 39.44 -36.89 53.64
N PHE N 221 39.92 -35.77 53.05
CA PHE N 221 39.09 -34.69 52.60
C PHE N 221 38.70 -34.93 51.11
N ALA N 222 39.15 -35.99 50.49
CA ALA N 222 39.28 -36.20 49.08
C ALA N 222 38.31 -37.32 48.60
N LYS N 223 37.49 -37.86 49.45
CA LYS N 223 36.44 -38.77 49.14
C LYS N 223 35.24 -38.03 48.53
N ASP N 224 35.13 -36.66 48.66
CA ASP N 224 34.06 -35.88 48.03
C ASP N 224 34.55 -35.05 46.87
N ILE N 225 35.90 -35.18 46.55
CA ILE N 225 36.42 -34.82 45.23
C ILE N 225 36.04 -35.87 44.29
N LYS N 226 35.00 -35.65 43.46
CA LYS N 226 34.41 -36.56 42.50
C LYS N 226 34.34 -35.70 41.28
N GLY N 227 34.82 -36.14 40.16
CA GLY N 227 34.89 -35.39 38.94
C GLY N 227 35.98 -34.33 39.04
N TYR N 228 36.36 -33.73 37.80
CA TYR N 228 37.39 -32.71 37.68
C TYR N 228 36.87 -31.40 38.39
N GLY N 229 35.56 -31.20 38.23
CA GLY N 229 35.00 -30.17 38.91
C GLY N 229 33.55 -30.28 38.52
N THR N 230 33.24 -31.13 37.46
CA THR N 230 31.96 -31.36 36.91
C THR N 230 31.74 -32.78 37.11
N GLN N 231 30.77 -33.16 37.89
CA GLN N 231 30.35 -34.53 37.97
C GLN N 231 28.88 -34.39 37.92
N LYS N 232 28.24 -35.00 36.94
CA LYS N 232 26.78 -34.89 36.78
C LYS N 232 25.87 -35.79 37.67
N SER O 1 -9.49 -13.88 3.36
CA SER O 1 -9.71 -14.99 2.34
C SER O 1 -8.38 -15.64 2.00
N ALA O 2 -7.71 -15.06 0.99
CA ALA O 2 -6.51 -15.53 0.39
C ALA O 2 -6.26 -14.63 -0.63
N ALA O 3 -5.03 -14.07 -0.82
CA ALA O 3 -4.69 -13.24 -1.95
C ALA O 3 -3.25 -13.13 -2.10
N GLY O 4 -2.57 -13.87 -1.23
CA GLY O 4 -1.16 -13.88 -1.36
C GLY O 4 -0.60 -14.77 -0.30
N TYR O 5 -1.46 -15.06 0.77
CA TYR O 5 -1.12 -14.54 2.09
C TYR O 5 -0.37 -15.66 2.82
N ASP O 6 -1.21 -16.70 3.21
CA ASP O 6 -1.16 -18.16 3.24
C ASP O 6 -0.13 -18.86 2.30
N ARG O 7 0.46 -18.16 1.29
CA ARG O 7 1.52 -18.71 0.37
C ARG O 7 2.87 -18.35 0.94
N HIS O 8 2.84 -17.64 2.08
CA HIS O 8 4.01 -16.94 2.70
C HIS O 8 3.77 -16.78 4.11
N ILE O 9 4.86 -16.48 4.87
CA ILE O 9 4.89 -16.36 6.29
C ILE O 9 5.43 -15.04 6.65
N THR O 10 5.77 -14.18 5.66
CA THR O 10 6.27 -12.85 5.81
C THR O 10 5.18 -11.94 5.30
N ILE O 11 3.97 -12.47 4.97
CA ILE O 11 2.80 -11.74 4.60
C ILE O 11 1.77 -11.86 5.60
N PHE O 12 1.38 -10.65 6.09
CA PHE O 12 0.38 -10.52 7.09
C PHE O 12 -0.93 -10.22 6.38
N SER O 13 -2.06 -10.30 7.13
CA SER O 13 -3.36 -10.12 6.47
C SER O 13 -3.75 -8.73 6.96
N PRO O 14 -4.90 -8.25 6.64
CA PRO O 14 -5.39 -7.03 7.22
C PRO O 14 -5.41 -7.00 8.69
N GLU O 15 -5.74 -8.17 9.31
CA GLU O 15 -5.79 -8.53 10.68
C GLU O 15 -4.42 -8.73 11.30
N GLY O 16 -3.29 -8.77 10.52
CA GLY O 16 -1.97 -8.99 11.11
C GLY O 16 -1.65 -10.32 11.37
N ARG O 17 -2.46 -11.25 10.92
CA ARG O 17 -2.40 -12.65 11.18
C ARG O 17 -1.50 -13.19 10.14
N LEU O 18 -0.71 -14.18 10.52
CA LEU O 18 0.10 -14.96 9.62
C LEU O 18 -0.58 -16.30 9.51
N TYR O 19 -1.25 -16.53 8.40
CA TYR O 19 -2.14 -17.70 8.16
C TYR O 19 -1.49 -19.02 8.05
N GLN O 20 -0.26 -19.03 7.49
CA GLN O 20 0.35 -20.27 7.19
C GLN O 20 0.67 -21.05 8.52
N VAL O 21 1.01 -20.27 9.57
CA VAL O 21 1.31 -20.70 10.90
C VAL O 21 0.17 -21.40 11.61
N GLU O 22 -1.02 -20.80 11.45
CA GLU O 22 -2.27 -21.42 11.86
C GLU O 22 -2.57 -22.80 11.20
N TYR O 23 -1.99 -22.97 10.00
CA TYR O 23 -2.23 -24.26 9.33
C TYR O 23 -1.45 -25.34 9.96
N ALA O 24 -0.36 -25.02 10.66
CA ALA O 24 0.39 -26.04 11.36
C ALA O 24 -0.28 -26.45 12.69
N PHE O 25 -1.09 -25.58 13.37
CA PHE O 25 -1.98 -25.99 14.43
C PHE O 25 -3.09 -26.92 13.89
N LYS O 26 -3.10 -27.31 12.62
CA LYS O 26 -4.14 -28.15 12.04
C LYS O 26 -3.47 -29.34 11.43
N ALA O 27 -2.13 -29.25 11.46
CA ALA O 27 -1.26 -30.13 10.82
C ALA O 27 -0.69 -31.02 11.89
N THR O 28 -0.98 -30.79 13.13
CA THR O 28 -0.41 -31.51 14.24
C THR O 28 -1.36 -32.49 14.82
N ASN O 29 -2.57 -32.63 14.15
CA ASN O 29 -3.61 -33.50 14.52
C ASN O 29 -3.67 -34.47 13.46
N GLN O 30 -2.68 -34.60 12.63
CA GLN O 30 -2.65 -35.32 11.40
C GLN O 30 -2.15 -36.76 11.68
N THR O 31 -1.59 -37.08 12.88
CA THR O 31 -1.19 -38.37 13.35
C THR O 31 -2.33 -39.07 14.12
N ASN O 32 -3.28 -38.27 14.71
CA ASN O 32 -4.60 -38.73 15.23
C ASN O 32 -4.43 -39.31 16.62
N ILE O 33 -3.25 -39.19 17.17
CA ILE O 33 -2.88 -39.64 18.43
C ILE O 33 -3.35 -38.56 19.35
N ASN O 34 -3.36 -38.87 20.62
CA ASN O 34 -3.63 -37.91 21.62
C ASN O 34 -2.60 -38.23 22.68
N SER O 35 -2.13 -37.22 23.44
CA SER O 35 -1.15 -37.30 24.55
C SER O 35 -1.77 -36.79 25.81
N LEU O 36 -1.17 -37.14 26.95
CA LEU O 36 -1.57 -36.73 28.25
C LEU O 36 -0.21 -36.63 28.87
N ALA O 37 0.11 -35.55 29.52
CA ALA O 37 1.24 -35.51 30.42
C ALA O 37 0.60 -35.00 31.72
N VAL O 38 0.95 -35.54 32.98
CA VAL O 38 0.42 -35.21 34.29
C VAL O 38 1.61 -35.04 35.22
N ARG O 39 1.47 -34.35 36.35
CA ARG O 39 2.48 -34.24 37.38
C ARG O 39 2.07 -34.91 38.66
N GLY O 40 3.04 -35.58 39.33
CA GLY O 40 2.95 -36.05 40.68
C GLY O 40 3.80 -35.14 41.45
N LYS O 41 4.43 -35.69 42.54
CA LYS O 41 5.33 -35.06 43.51
C LYS O 41 6.67 -35.72 43.58
N ASP O 42 7.06 -36.49 42.54
CA ASP O 42 8.39 -36.94 42.35
C ASP O 42 8.58 -37.43 40.89
N CYS O 43 7.59 -37.13 40.02
CA CYS O 43 7.68 -37.58 38.66
C CYS O 43 6.80 -36.72 37.76
N THR O 44 7.01 -36.85 36.44
CA THR O 44 6.12 -36.36 35.47
C THR O 44 5.96 -37.59 34.62
N VAL O 45 4.77 -37.75 34.07
CA VAL O 45 4.40 -38.94 33.27
C VAL O 45 4.01 -38.35 32.05
N VAL O 46 4.26 -38.96 30.85
CA VAL O 46 3.74 -38.44 29.67
C VAL O 46 3.29 -39.66 28.96
N ILE O 47 2.12 -39.69 28.28
CA ILE O 47 1.51 -40.90 27.75
C ILE O 47 0.99 -40.46 26.47
N SER O 48 1.21 -41.17 25.35
CA SER O 48 0.64 -40.99 24.14
C SER O 48 0.03 -42.29 23.61
N GLN O 49 -0.96 -42.22 22.65
CA GLN O 49 -1.60 -43.37 21.96
C GLN O 49 -0.53 -43.97 21.05
N LYS O 50 -0.66 -45.31 20.77
CA LYS O 50 0.20 -46.13 19.92
C LYS O 50 -0.73 -46.80 19.00
N LYS O 51 -0.59 -46.38 17.79
CA LYS O 51 -1.37 -46.89 16.67
C LYS O 51 -0.51 -47.73 15.92
N VAL O 52 -0.91 -49.05 15.81
CA VAL O 52 -0.24 -50.02 14.95
C VAL O 52 -1.34 -50.51 14.05
N PRO O 53 -1.72 -49.82 12.98
CA PRO O 53 -2.98 -50.10 12.33
C PRO O 53 -2.82 -51.18 11.34
N ASP O 54 -1.62 -51.41 10.75
CA ASP O 54 -1.31 -52.53 9.86
C ASP O 54 -0.36 -53.36 10.75
N LYS O 55 -0.47 -54.75 10.73
CA LYS O 55 0.36 -55.67 11.36
C LYS O 55 1.52 -55.99 10.51
N LEU O 56 1.76 -55.17 9.48
CA LEU O 56 2.84 -55.24 8.53
C LEU O 56 4.01 -54.39 9.11
N LEU O 57 3.81 -53.70 10.18
CA LEU O 57 4.76 -52.83 10.82
C LEU O 57 5.17 -53.59 12.08
N ASP O 58 6.19 -53.13 12.75
CA ASP O 58 6.62 -53.73 13.98
C ASP O 58 6.18 -52.83 15.08
N PRO O 59 5.44 -53.36 16.02
CA PRO O 59 4.72 -52.55 17.00
C PRO O 59 5.67 -51.93 17.91
N THR O 60 6.89 -52.43 17.95
CA THR O 60 8.02 -51.93 18.80
C THR O 60 8.53 -50.56 18.43
N THR O 61 8.75 -50.36 17.14
CA THR O 61 9.42 -49.23 16.67
C THR O 61 8.51 -48.01 16.83
N VAL O 62 7.22 -48.20 16.64
CA VAL O 62 6.13 -47.26 16.79
C VAL O 62 6.24 -46.56 18.08
N SER O 63 6.29 -45.20 18.10
CA SER O 63 6.31 -44.37 19.23
C SER O 63 6.57 -43.00 18.75
N TYR O 64 6.41 -42.01 19.67
CA TYR O 64 6.49 -40.61 19.25
C TYR O 64 7.08 -40.04 20.50
N ILE O 65 7.23 -40.77 21.61
CA ILE O 65 7.98 -40.33 22.79
C ILE O 65 9.43 -40.67 22.45
N PHE O 66 10.39 -39.73 22.53
CA PHE O 66 11.80 -39.91 22.20
C PHE O 66 12.51 -39.43 23.41
N CYS O 67 13.63 -40.14 23.71
CA CYS O 67 14.55 -39.77 24.77
C CYS O 67 15.43 -38.70 24.17
N ILE O 68 15.43 -37.42 24.78
CA ILE O 68 16.21 -36.35 24.08
C ILE O 68 17.56 -36.32 24.67
N SER O 69 17.53 -36.55 26.06
CA SER O 69 18.75 -36.53 26.87
C SER O 69 18.37 -37.18 28.17
N ARG O 70 19.32 -37.28 29.12
CA ARG O 70 19.25 -38.16 30.28
C ARG O 70 17.96 -37.80 31.04
N THR O 71 17.84 -36.56 31.35
CA THR O 71 16.87 -36.01 32.17
C THR O 71 15.76 -35.49 31.35
N ILE O 72 15.73 -35.48 29.94
CA ILE O 72 14.67 -34.86 29.21
C ILE O 72 13.98 -35.84 28.32
N GLY O 73 12.66 -36.03 28.50
CA GLY O 73 11.78 -36.73 27.47
C GLY O 73 10.96 -35.78 26.63
N MET O 74 10.37 -36.25 25.56
CA MET O 74 9.56 -35.38 24.78
C MET O 74 8.51 -36.19 24.03
N VAL O 75 7.30 -35.69 23.90
CA VAL O 75 6.29 -36.38 23.13
C VAL O 75 6.09 -35.57 21.91
N VAL O 76 5.87 -36.18 20.77
CA VAL O 76 5.65 -35.49 19.54
C VAL O 76 4.26 -35.84 19.12
N ASN O 77 3.43 -34.85 18.76
CA ASN O 77 2.16 -35.14 18.13
C ASN O 77 2.31 -34.42 16.84
N GLY O 78 1.88 -35.02 15.79
CA GLY O 78 2.00 -34.58 14.44
C GLY O 78 3.13 -35.24 13.69
N PRO O 79 3.27 -34.94 12.34
CA PRO O 79 3.96 -35.72 11.31
C PRO O 79 5.33 -36.36 11.65
N ILE O 80 5.50 -37.58 11.10
CA ILE O 80 6.75 -38.34 11.26
C ILE O 80 8.02 -37.63 10.69
N PRO O 81 8.01 -36.99 9.53
CA PRO O 81 9.16 -36.20 9.00
C PRO O 81 9.58 -35.07 9.89
N ASP O 82 8.57 -34.31 10.41
CA ASP O 82 8.78 -33.18 11.28
C ASP O 82 9.10 -33.68 12.69
N ALA O 83 8.71 -34.94 13.04
CA ALA O 83 9.06 -35.54 14.38
C ALA O 83 10.46 -35.71 14.53
N ARG O 84 11.15 -36.42 13.60
CA ARG O 84 12.53 -36.67 13.56
C ARG O 84 13.36 -35.42 13.52
N ASN O 85 12.89 -34.45 12.64
CA ASN O 85 13.54 -33.18 12.31
C ASN O 85 13.67 -32.22 13.59
N ALA O 86 12.56 -32.10 14.37
CA ALA O 86 12.49 -31.44 15.63
C ALA O 86 13.31 -32.15 16.67
N ALA O 87 13.36 -33.53 16.70
CA ALA O 87 14.20 -34.30 17.55
C ALA O 87 15.61 -34.06 17.28
N LEU O 88 16.01 -33.79 16.02
CA LEU O 88 17.43 -33.56 15.67
C LEU O 88 18.01 -32.28 16.34
N ARG O 89 17.21 -31.22 16.25
CA ARG O 89 17.46 -29.89 16.82
C ARG O 89 17.52 -29.95 18.31
N ALA O 90 16.57 -30.73 18.89
CA ALA O 90 16.47 -30.90 20.33
C ALA O 90 17.56 -31.64 21.04
N LYS O 91 18.04 -32.70 20.37
CA LYS O 91 19.13 -33.60 20.71
C LYS O 91 20.46 -32.90 20.66
N ALA O 92 20.61 -32.17 19.56
CA ALA O 92 21.71 -31.32 19.31
C ALA O 92 21.95 -30.07 20.13
N GLU O 93 20.83 -29.34 20.37
CA GLU O 93 20.88 -28.18 21.26
C GLU O 93 21.09 -28.65 22.69
N ALA O 94 20.46 -29.78 23.08
CA ALA O 94 20.65 -30.33 24.42
C ALA O 94 22.08 -30.71 24.60
N ALA O 95 22.74 -31.41 23.70
CA ALA O 95 24.21 -31.78 23.79
C ALA O 95 25.15 -30.63 23.81
N GLU O 96 24.90 -29.57 22.97
CA GLU O 96 25.73 -28.40 22.78
C GLU O 96 25.75 -27.55 23.96
N PHE O 97 24.61 -27.37 24.60
CA PHE O 97 24.34 -26.62 25.82
C PHE O 97 25.13 -27.20 27.00
N ARG O 98 25.06 -28.60 27.10
CA ARG O 98 25.69 -29.39 28.08
C ARG O 98 27.12 -29.17 28.16
N TYR O 99 27.77 -29.13 26.97
CA TYR O 99 29.15 -28.79 26.75
C TYR O 99 29.57 -27.33 26.72
N LYS O 100 28.67 -26.44 26.30
CA LYS O 100 28.94 -24.98 26.29
C LYS O 100 29.01 -24.45 27.70
N TYR O 101 27.98 -24.86 28.50
CA TYR O 101 27.74 -24.29 29.82
C TYR O 101 28.13 -25.31 30.85
N GLY O 102 28.41 -26.56 30.42
CA GLY O 102 29.07 -27.53 31.33
C GLY O 102 28.11 -28.27 32.16
N TYR O 103 26.84 -27.94 32.01
CA TYR O 103 25.80 -28.37 32.89
C TYR O 103 24.61 -28.52 32.05
N ASP O 104 23.80 -29.46 32.53
CA ASP O 104 22.53 -29.83 31.97
C ASP O 104 21.59 -28.73 31.69
N MET O 105 20.73 -28.93 30.61
CA MET O 105 19.74 -28.00 30.11
C MET O 105 18.35 -28.27 30.60
N PRO O 106 17.69 -27.32 31.33
CA PRO O 106 16.43 -27.48 31.94
C PRO O 106 15.38 -27.55 30.85
N CYS O 107 14.20 -28.10 31.25
CA CYS O 107 12.96 -28.39 30.44
C CYS O 107 12.60 -27.07 29.79
N ASP O 108 12.65 -25.96 30.57
CA ASP O 108 12.30 -24.64 30.22
C ASP O 108 13.25 -24.06 29.22
N VAL O 109 14.58 -24.26 29.37
CA VAL O 109 15.54 -23.63 28.49
C VAL O 109 15.52 -24.38 27.16
N LEU O 110 15.16 -25.70 27.09
CA LEU O 110 15.19 -26.47 25.88
C LEU O 110 13.96 -25.93 25.12
N ALA O 111 12.81 -25.76 25.83
CA ALA O 111 11.50 -25.28 25.37
C ALA O 111 11.55 -23.91 24.82
N LYS O 112 12.50 -23.07 25.40
CA LYS O 112 12.65 -21.65 25.07
C LYS O 112 13.35 -21.41 23.77
N ARG O 113 14.48 -22.10 23.60
CA ARG O 113 15.27 -22.06 22.42
C ARG O 113 14.80 -22.70 21.12
N MET O 114 14.05 -23.77 21.14
CA MET O 114 13.33 -24.41 20.17
C MET O 114 12.28 -23.54 19.63
N ALA O 115 11.58 -22.85 20.53
CA ALA O 115 10.64 -21.82 20.05
C ALA O 115 11.23 -20.66 19.32
N ASN O 116 12.45 -20.16 19.71
CA ASN O 116 13.03 -18.93 19.15
C ASN O 116 13.43 -19.15 17.70
N LEU O 117 14.01 -20.38 17.54
CA LEU O 117 14.59 -20.98 16.36
C LEU O 117 13.47 -21.11 15.37
N SER O 118 12.27 -21.56 15.89
CA SER O 118 11.02 -21.71 15.12
C SER O 118 10.55 -20.39 14.67
N GLN O 119 10.70 -19.36 15.56
CA GLN O 119 10.25 -17.98 15.31
C GLN O 119 11.01 -17.39 14.15
N ILE O 120 12.34 -17.63 14.11
CA ILE O 120 13.25 -17.21 13.07
C ILE O 120 12.81 -17.94 11.79
N TYR O 121 12.33 -19.20 11.84
CA TYR O 121 11.79 -19.87 10.70
C TYR O 121 10.49 -19.25 10.10
N THR O 122 9.77 -18.41 10.92
CA THR O 122 8.58 -17.69 10.58
C THR O 122 8.98 -16.32 10.13
N GLN O 123 10.16 -15.82 10.64
CA GLN O 123 10.66 -14.49 10.27
C GLN O 123 11.15 -14.58 8.86
N ARG O 124 11.81 -15.70 8.45
CA ARG O 124 12.47 -15.84 7.16
C ARG O 124 11.56 -16.58 6.16
N ALA O 125 11.85 -16.62 4.83
CA ALA O 125 10.96 -17.24 3.84
C ALA O 125 11.66 -18.06 2.88
N TYR O 126 12.75 -18.69 3.44
CA TYR O 126 13.32 -19.85 2.92
C TYR O 126 13.16 -21.05 3.86
N MET O 127 12.43 -20.92 5.01
CA MET O 127 12.14 -21.97 5.92
C MET O 127 10.67 -21.98 6.08
N ARG O 128 10.12 -22.84 7.01
CA ARG O 128 8.72 -23.04 7.16
C ARG O 128 8.49 -23.46 8.55
N PRO O 129 7.24 -23.50 9.09
CA PRO O 129 7.04 -23.99 10.51
C PRO O 129 7.10 -25.50 10.44
N LEU O 130 7.76 -26.18 11.47
CA LEU O 130 7.71 -27.63 11.67
C LEU O 130 6.46 -27.88 12.40
N GLY O 131 5.48 -28.57 11.79
CA GLY O 131 4.09 -28.68 12.30
C GLY O 131 3.86 -29.83 13.18
N VAL O 132 4.30 -29.62 14.44
CA VAL O 132 4.33 -30.58 15.50
C VAL O 132 4.13 -29.75 16.72
N ILE O 133 3.48 -30.43 17.72
CA ILE O 133 3.48 -29.93 19.08
C ILE O 133 4.51 -30.83 19.74
N LEU O 134 5.40 -30.25 20.53
CA LEU O 134 6.38 -30.92 21.30
C LEU O 134 6.14 -30.64 22.76
N THR O 135 6.11 -31.73 23.54
CA THR O 135 5.83 -31.49 24.92
C THR O 135 6.96 -32.13 25.58
N PHE O 136 7.74 -31.27 26.25
CA PHE O 136 8.95 -31.69 26.97
C PHE O 136 8.54 -31.90 28.39
N VAL O 137 9.12 -32.97 29.01
CA VAL O 137 8.92 -33.33 30.43
C VAL O 137 10.21 -33.60 31.03
N SER O 138 10.44 -33.05 32.26
CA SER O 138 11.63 -33.32 33.00
C SER O 138 11.23 -32.96 34.36
N VAL O 139 12.05 -33.59 35.26
CA VAL O 139 12.01 -33.28 36.63
C VAL O 139 13.23 -32.57 36.72
N ASP O 140 13.15 -31.36 37.18
CA ASP O 140 14.18 -30.33 37.12
C ASP O 140 15.12 -30.65 38.23
N GLU O 141 16.38 -30.07 38.07
CA GLU O 141 17.45 -30.26 39.07
C GLU O 141 17.37 -29.12 40.01
N GLU O 142 16.25 -28.32 39.97
CA GLU O 142 16.16 -27.14 40.77
C GLU O 142 14.72 -26.76 40.90
N LEU O 143 13.74 -27.19 40.07
CA LEU O 143 12.31 -26.76 40.15
C LEU O 143 11.40 -27.98 40.17
N GLY O 144 11.94 -29.23 40.37
CA GLY O 144 11.15 -30.45 40.42
C GLY O 144 10.27 -30.69 39.24
N PRO O 145 9.17 -31.40 39.37
CA PRO O 145 8.31 -31.79 38.24
C PRO O 145 7.88 -30.62 37.31
N SER O 146 8.07 -30.81 36.03
CA SER O 146 7.74 -29.81 35.11
C SER O 146 7.27 -30.32 33.80
N ILE O 147 6.36 -29.54 33.18
CA ILE O 147 5.84 -29.78 31.83
C ILE O 147 5.85 -28.44 31.14
N TYR O 148 6.52 -28.41 29.97
CA TYR O 148 6.45 -27.25 29.08
C TYR O 148 6.01 -27.75 27.79
N LYS O 149 4.93 -27.14 27.20
CA LYS O 149 4.38 -27.52 25.90
C LYS O 149 4.81 -26.46 24.96
N THR O 150 5.30 -26.82 23.75
CA THR O 150 5.78 -25.90 22.80
C THR O 150 4.85 -26.06 21.60
N ASP O 151 4.34 -24.91 21.11
CA ASP O 151 3.33 -24.98 20.11
C ASP O 151 3.98 -24.62 18.85
N PRO O 152 3.37 -24.90 17.68
CA PRO O 152 4.12 -24.73 16.42
C PRO O 152 4.44 -23.38 16.01
N ALA O 153 3.79 -22.37 16.62
CA ALA O 153 4.10 -20.99 16.36
C ALA O 153 5.38 -20.57 17.02
N GLY O 154 5.57 -21.20 18.24
CA GLY O 154 6.69 -21.07 19.06
C GLY O 154 6.21 -20.29 20.33
N TYR O 155 5.03 -20.62 20.84
CA TYR O 155 4.60 -20.17 22.17
C TYR O 155 4.98 -21.23 23.14
N TYR O 156 5.31 -20.86 24.37
CA TYR O 156 5.57 -21.86 25.35
C TYR O 156 5.07 -21.38 26.63
N VAL O 157 4.42 -22.26 27.39
CA VAL O 157 3.91 -22.00 28.72
C VAL O 157 4.00 -23.29 29.54
N GLY O 158 4.10 -23.22 30.87
CA GLY O 158 4.21 -24.43 31.60
C GLY O 158 2.85 -24.90 31.89
N TYR O 159 2.78 -25.95 32.72
CA TYR O 159 1.46 -26.58 32.94
C TYR O 159 1.58 -27.36 34.22
N LYS O 160 0.37 -27.73 34.79
CA LYS O 160 0.21 -28.71 35.81
C LYS O 160 0.09 -30.09 35.21
N ALA O 161 -0.75 -30.11 34.15
CA ALA O 161 -1.05 -31.21 33.37
C ALA O 161 -1.47 -30.68 32.02
N THR O 162 -1.44 -31.49 30.93
CA THR O 162 -1.79 -30.95 29.64
C THR O 162 -2.31 -32.13 28.79
N ALA O 163 -3.00 -31.80 27.71
CA ALA O 163 -3.38 -32.78 26.70
C ALA O 163 -3.21 -32.12 25.39
N THR O 164 -3.08 -32.98 24.34
CA THR O 164 -2.81 -32.57 22.93
C THR O 164 -3.46 -33.69 22.12
N GLY O 165 -3.70 -33.30 20.81
CA GLY O 165 -4.24 -34.12 19.81
C GLY O 165 -5.61 -33.61 19.50
N PRO O 166 -6.38 -34.24 18.63
CA PRO O 166 -7.63 -33.80 18.14
C PRO O 166 -8.74 -33.79 19.17
N LYS O 167 -8.67 -34.67 20.17
CA LYS O 167 -9.64 -35.08 21.13
C LYS O 167 -9.28 -34.57 22.51
N GLN O 168 -8.42 -33.49 22.49
CA GLN O 168 -7.93 -32.65 23.52
C GLN O 168 -9.01 -32.08 24.43
N GLN O 169 -10.14 -31.53 23.91
CA GLN O 169 -11.19 -30.93 24.67
C GLN O 169 -11.74 -31.72 25.78
N GLU O 170 -11.90 -33.02 25.67
CA GLU O 170 -12.45 -33.94 26.67
C GLU O 170 -11.46 -34.21 27.77
N ILE O 171 -10.15 -34.29 27.36
CA ILE O 171 -9.07 -34.41 28.28
C ILE O 171 -8.83 -33.16 29.07
N THR O 172 -9.04 -31.96 28.47
CA THR O 172 -8.91 -30.69 29.19
C THR O 172 -9.87 -30.66 30.36
N THR O 173 -11.13 -31.14 30.13
CA THR O 173 -12.27 -31.02 30.99
C THR O 173 -12.06 -31.89 32.25
N ASN O 174 -11.47 -33.09 32.01
CA ASN O 174 -11.25 -34.11 33.01
C ASN O 174 -10.26 -33.62 34.00
N LEU O 175 -9.23 -33.04 33.43
CA LEU O 175 -8.07 -32.62 34.16
C LEU O 175 -8.38 -31.33 34.97
N GLU O 176 -9.24 -30.47 34.41
CA GLU O 176 -9.76 -29.34 35.16
C GLU O 176 -10.49 -29.77 36.44
N ASN O 177 -11.39 -30.84 36.30
CA ASN O 177 -12.26 -31.45 37.36
C ASN O 177 -11.34 -31.92 38.46
N HIS O 178 -10.23 -32.54 38.08
CA HIS O 178 -9.27 -33.20 39.00
C HIS O 178 -8.60 -32.30 39.91
N PHE O 179 -7.97 -31.20 39.38
CA PHE O 179 -7.18 -30.31 40.25
C PHE O 179 -8.00 -29.31 40.99
N LYS O 180 -9.20 -28.98 40.43
CA LYS O 180 -10.07 -28.10 41.04
C LYS O 180 -10.59 -28.61 42.36
N LYS O 181 -10.96 -29.95 42.19
CA LYS O 181 -11.60 -30.81 43.22
C LYS O 181 -10.60 -31.07 44.35
N SER O 182 -9.23 -31.22 44.09
CA SER O 182 -8.24 -31.35 45.10
C SER O 182 -7.80 -30.12 45.76
N LYS O 183 -7.69 -29.02 44.97
CA LYS O 183 -7.31 -27.68 45.44
C LYS O 183 -5.82 -27.73 45.65
N ILE O 184 -5.14 -28.69 45.00
CA ILE O 184 -3.72 -28.77 44.97
C ILE O 184 -3.49 -29.04 43.51
N ASP O 185 -2.18 -28.82 43.06
CA ASP O 185 -1.78 -28.56 41.69
C ASP O 185 -1.16 -29.79 41.12
N HIS O 186 -1.20 -30.90 41.85
CA HIS O 186 -0.50 -32.09 41.53
C HIS O 186 -1.33 -33.23 42.04
N ILE O 187 -1.07 -34.44 41.54
CA ILE O 187 -1.48 -35.72 42.01
C ILE O 187 -0.85 -35.98 43.30
N ASN O 188 -1.55 -36.61 44.29
CA ASN O 188 -0.94 -36.63 45.64
C ASN O 188 0.04 -37.79 46.03
N GLU O 189 0.10 -38.95 45.25
CA GLU O 189 0.90 -40.08 45.46
C GLU O 189 2.35 -39.75 45.39
N GLU O 190 3.11 -40.55 46.22
CA GLU O 190 4.53 -40.43 46.29
C GLU O 190 5.18 -41.73 45.76
N SER O 191 4.26 -42.56 45.22
CA SER O 191 4.70 -43.76 44.49
C SER O 191 4.39 -43.39 43.05
N TRP O 192 5.41 -43.40 42.19
CA TRP O 192 5.38 -43.04 40.85
C TRP O 192 4.53 -44.07 40.04
N GLU O 193 4.45 -45.39 40.51
CA GLU O 193 3.71 -46.43 39.87
C GLU O 193 2.25 -46.19 39.83
N LYS O 194 1.68 -45.59 40.98
CA LYS O 194 0.28 -45.35 41.00
C LYS O 194 -0.04 -44.09 40.27
N VAL O 195 0.93 -43.24 40.01
CA VAL O 195 0.70 -41.99 39.29
C VAL O 195 0.56 -42.33 37.86
N VAL O 196 1.36 -43.35 37.41
CA VAL O 196 1.29 -43.88 36.00
C VAL O 196 -0.08 -44.60 35.80
N GLU O 197 -0.47 -45.35 36.86
CA GLU O 197 -1.77 -45.93 36.88
C GLU O 197 -2.89 -44.95 36.83
N PHE O 198 -2.78 -43.85 37.58
CA PHE O 198 -3.74 -42.78 37.67
C PHE O 198 -3.84 -42.01 36.33
N ALA O 199 -2.67 -41.85 35.65
CA ALA O 199 -2.60 -41.15 34.40
C ALA O 199 -3.37 -41.89 33.36
N ILE O 200 -3.31 -43.27 33.36
CA ILE O 200 -3.89 -44.23 32.57
C ILE O 200 -5.34 -44.07 32.73
N THR O 201 -5.86 -44.02 34.00
CA THR O 201 -7.30 -43.96 34.30
C THR O 201 -7.95 -42.72 33.76
N HIS O 202 -7.25 -41.61 33.93
CA HIS O 202 -7.73 -40.36 33.45
C HIS O 202 -7.95 -40.35 31.95
N MET O 203 -6.99 -41.05 31.29
CA MET O 203 -6.90 -41.10 29.90
C MET O 203 -8.08 -41.91 29.25
N ILE O 204 -8.41 -43.03 29.90
CA ILE O 204 -9.53 -43.84 29.58
C ILE O 204 -10.87 -43.14 29.78
N ASP O 205 -10.97 -42.36 30.83
CA ASP O 205 -12.13 -41.47 31.21
C ASP O 205 -12.39 -40.42 30.19
N ALA O 206 -11.31 -39.67 29.87
CA ALA O 206 -11.40 -38.51 29.04
C ALA O 206 -11.81 -38.89 27.62
N LEU O 207 -11.14 -39.98 27.02
CA LEU O 207 -11.36 -40.44 25.68
C LEU O 207 -12.58 -41.23 25.54
N GLY O 208 -12.92 -42.02 26.60
CA GLY O 208 -14.11 -42.95 26.67
C GLY O 208 -13.75 -44.34 26.19
N THR O 209 -12.43 -44.52 25.87
CA THR O 209 -12.00 -45.67 25.17
C THR O 209 -11.12 -46.42 26.11
N GLU O 210 -11.40 -47.73 26.36
CA GLU O 210 -10.53 -48.55 27.08
C GLU O 210 -9.27 -48.91 26.30
N PHE O 211 -8.17 -49.16 26.99
CA PHE O 211 -6.91 -49.36 26.30
C PHE O 211 -6.37 -50.66 26.52
N SER O 212 -5.32 -50.90 25.73
CA SER O 212 -4.57 -52.11 25.76
C SER O 212 -3.16 -51.66 25.68
N LYS O 213 -2.11 -52.57 25.89
CA LYS O 213 -0.68 -52.32 25.89
C LYS O 213 -0.22 -52.15 24.51
N ASN O 214 -1.12 -52.38 23.49
CA ASN O 214 -0.84 -52.11 22.05
C ASN O 214 -1.36 -50.73 21.66
N ASP O 215 -1.98 -49.99 22.60
CA ASP O 215 -2.65 -48.74 22.32
C ASP O 215 -2.14 -47.66 23.27
N LEU O 216 -1.14 -48.04 24.09
CA LEU O 216 -0.42 -47.07 24.91
C LEU O 216 1.05 -47.21 24.66
N GLU O 217 1.74 -46.06 24.80
CA GLU O 217 3.10 -45.98 25.09
C GLU O 217 3.35 -44.91 26.18
N VAL O 218 4.19 -45.19 27.20
CA VAL O 218 4.32 -44.41 28.35
C VAL O 218 5.77 -44.01 28.55
N GLY O 219 5.99 -42.65 28.77
CA GLY O 219 7.32 -42.18 29.15
C GLY O 219 7.26 -41.73 30.55
N VAL O 220 8.33 -41.95 31.40
CA VAL O 220 8.31 -41.54 32.74
C VAL O 220 9.60 -40.87 32.94
N ALA O 221 9.60 -39.50 33.31
CA ALA O 221 10.77 -38.70 33.76
C ALA O 221 10.59 -38.73 35.23
N THR O 222 11.70 -39.16 36.01
CA THR O 222 11.74 -39.13 37.46
C THR O 222 12.97 -38.27 37.67
N LYS O 223 13.41 -37.97 38.93
CA LYS O 223 14.49 -37.13 39.18
C LYS O 223 15.70 -37.84 38.90
N ASP O 224 16.47 -37.31 37.96
CA ASP O 224 17.78 -37.79 37.53
C ASP O 224 17.80 -38.99 36.60
N LYS O 225 16.73 -39.43 36.00
CA LYS O 225 16.66 -40.46 35.01
C LYS O 225 15.32 -40.42 34.33
N PHE O 226 15.22 -41.16 33.19
CA PHE O 226 14.13 -41.17 32.28
C PHE O 226 14.15 -42.64 31.83
N PHE O 227 12.92 -43.07 31.53
CA PHE O 227 12.78 -44.39 30.96
C PHE O 227 11.47 -44.45 30.30
N THR O 228 11.39 -45.23 29.24
CA THR O 228 10.14 -45.48 28.48
C THR O 228 9.88 -46.93 28.86
N LEU O 229 8.62 -47.13 29.24
CA LEU O 229 8.19 -48.45 29.68
C LEU O 229 7.88 -49.25 28.54
N SER O 230 8.26 -50.57 28.59
CA SER O 230 7.95 -51.48 27.53
C SER O 230 6.52 -51.92 27.73
N ALA O 231 6.10 -52.71 26.78
CA ALA O 231 4.78 -53.14 26.64
C ALA O 231 4.29 -54.02 27.77
N GLU O 232 5.17 -54.91 28.28
CA GLU O 232 4.88 -55.82 29.39
C GLU O 232 4.97 -55.03 30.70
N ASN O 233 5.66 -53.82 30.74
CA ASN O 233 5.82 -53.10 31.95
C ASN O 233 4.54 -52.37 32.17
N ILE O 234 3.90 -51.90 30.98
CA ILE O 234 2.58 -51.15 30.99
C ILE O 234 1.56 -52.04 31.49
N GLU O 235 1.63 -53.30 30.97
CA GLU O 235 0.63 -54.32 31.11
C GLU O 235 0.23 -54.64 32.61
N GLU O 236 1.34 -54.66 33.38
CA GLU O 236 1.36 -54.82 34.85
C GLU O 236 0.55 -53.83 35.49
N ARG O 237 0.68 -52.58 35.02
CA ARG O 237 -0.08 -51.44 35.52
C ARG O 237 -1.60 -51.55 35.30
N LEU O 238 -2.03 -52.09 34.19
CA LEU O 238 -3.41 -52.09 33.75
C LEU O 238 -4.11 -53.09 34.67
N VAL O 239 -3.52 -54.27 34.97
CA VAL O 239 -4.12 -55.25 35.85
C VAL O 239 -4.19 -54.89 37.37
N ALA O 240 -3.40 -53.92 37.87
CA ALA O 240 -3.66 -53.21 39.14
C ALA O 240 -4.98 -52.47 39.17
N ILE O 241 -5.33 -51.69 38.08
CA ILE O 241 -6.56 -50.89 37.99
C ILE O 241 -7.73 -51.80 37.96
N ALA O 242 -7.71 -52.78 37.03
CA ALA O 242 -8.89 -53.49 36.61
C ALA O 242 -9.44 -54.27 37.77
N GLU O 243 -8.59 -54.77 38.64
CA GLU O 243 -8.91 -55.33 39.88
C GLU O 243 -7.95 -54.63 40.83
N GLN O 244 -8.45 -53.70 41.73
CA GLN O 244 -7.54 -52.99 42.63
C GLN O 244 -7.49 -53.91 43.83
N ASP P 1 -3.48 -4.82 -1.65
CA ASP P 1 -3.20 -3.77 -2.69
C ASP P 1 -2.21 -4.34 -3.72
N ARG P 2 -1.03 -3.70 -3.86
CA ARG P 2 -0.01 -4.18 -4.68
C ARG P 2 1.26 -3.65 -4.06
N TYR P 3 1.07 -3.10 -2.81
CA TYR P 3 2.16 -2.55 -2.02
C TYR P 3 2.16 -3.25 -0.63
N SER P 4 1.26 -4.28 -0.54
CA SER P 4 1.00 -5.06 0.66
C SER P 4 1.21 -6.47 0.39
N PHE P 5 2.06 -6.82 -0.57
CA PHE P 5 2.82 -8.05 -0.54
C PHE P 5 4.34 -7.66 -0.56
N SER P 6 4.54 -6.33 -0.71
CA SER P 6 5.86 -5.78 -0.86
C SER P 6 6.30 -5.26 0.49
N LEU P 7 7.56 -5.60 0.78
CA LEU P 7 8.40 -5.31 1.96
C LEU P 7 9.45 -4.35 1.44
N THR P 8 9.32 -3.87 0.17
CA THR P 8 10.37 -3.12 -0.57
C THR P 8 9.82 -1.70 -1.01
N THR P 9 9.12 -1.72 -2.15
CA THR P 9 8.44 -0.56 -2.75
C THR P 9 7.49 0.17 -1.78
N PHE P 10 7.63 1.51 -1.62
CA PHE P 10 6.66 2.34 -0.90
C PHE P 10 5.50 2.43 -1.76
N SER P 11 4.35 2.99 -1.18
CA SER P 11 3.24 3.33 -2.00
C SER P 11 3.36 4.71 -2.50
N PRO P 12 2.52 5.22 -3.40
CA PRO P 12 2.52 6.62 -3.75
C PRO P 12 1.89 7.37 -2.65
N SER P 13 1.18 6.63 -1.71
CA SER P 13 0.66 7.12 -0.45
C SER P 13 1.53 6.73 0.76
N GLY P 14 2.79 6.30 0.47
CA GLY P 14 3.71 6.20 1.62
C GLY P 14 3.67 4.89 2.36
N LYS P 15 4.90 4.46 2.82
CA LYS P 15 5.13 3.31 3.66
C LYS P 15 4.68 2.04 2.99
N LEU P 16 4.52 1.00 3.87
CA LEU P 16 4.19 -0.30 3.49
C LEU P 16 2.93 -0.58 4.20
N GLY P 17 1.99 -1.35 3.58
CA GLY P 17 0.81 -1.95 4.13
C GLY P 17 1.21 -2.89 5.20
N GLN P 18 2.43 -3.51 5.11
CA GLN P 18 3.01 -4.52 5.97
C GLN P 18 3.35 -3.98 7.32
N ILE P 19 3.71 -2.69 7.42
CA ILE P 19 3.99 -2.03 8.68
C ILE P 19 2.65 -1.87 9.32
N ASP P 20 1.66 -1.36 8.55
CA ASP P 20 0.30 -0.99 8.98
C ASP P 20 -0.43 -2.12 9.51
N TYR P 21 -0.29 -3.28 8.88
CA TYR P 21 -0.74 -4.55 9.30
C TYR P 21 0.01 -5.04 10.52
N ALA P 22 1.34 -4.69 10.65
CA ALA P 22 2.10 -5.02 11.84
C ALA P 22 1.48 -4.25 12.97
N LEU P 23 1.00 -3.02 12.73
CA LEU P 23 0.45 -2.20 13.83
C LEU P 23 -0.84 -2.83 14.33
N THR P 24 -1.63 -3.40 13.41
CA THR P 24 -2.78 -4.18 13.76
C THR P 24 -2.53 -5.38 14.64
N ALA P 25 -1.45 -6.04 14.29
CA ALA P 25 -0.95 -7.24 14.95
C ALA P 25 -0.60 -7.01 16.39
N VAL P 26 0.02 -5.86 16.63
CA VAL P 26 0.24 -5.27 17.90
C VAL P 26 -1.13 -5.13 18.61
N LYS P 27 -2.13 -4.62 17.89
CA LYS P 27 -3.39 -4.30 18.58
C LYS P 27 -4.22 -5.55 18.90
N GLN P 28 -3.79 -6.80 18.42
CA GLN P 28 -4.49 -8.02 18.76
C GLN P 28 -4.04 -8.49 20.10
N GLY P 29 -2.78 -8.15 20.50
CA GLY P 29 -2.22 -8.42 21.73
C GLY P 29 -2.94 -7.93 23.02
N VAL P 30 -2.46 -8.26 24.23
CA VAL P 30 -3.04 -7.86 25.51
C VAL P 30 -2.77 -6.36 25.80
N THR P 31 -3.57 -5.60 26.66
CA THR P 31 -3.26 -4.21 26.99
C THR P 31 -2.16 -4.20 28.00
N SER P 32 -1.19 -3.35 27.72
CA SER P 32 -0.02 -3.05 28.52
C SER P 32 0.03 -1.58 28.58
N LEU P 33 0.68 -1.10 29.67
CA LEU P 33 0.83 0.32 29.85
C LEU P 33 1.95 0.65 30.74
N GLY P 34 2.48 1.86 30.65
CA GLY P 34 3.47 2.32 31.54
C GLY P 34 3.23 3.73 31.79
N ILE P 35 3.53 4.21 33.04
CA ILE P 35 3.24 5.50 33.56
C ILE P 35 4.50 5.89 34.26
N LYS P 36 4.93 7.12 33.90
CA LYS P 36 6.12 7.77 34.34
C LYS P 36 5.82 8.64 35.60
N ALA P 37 6.64 8.64 36.61
CA ALA P 37 6.47 9.46 37.80
C ALA P 37 7.74 10.25 37.93
N THR P 38 7.88 11.07 39.02
CA THR P 38 8.95 12.02 39.28
C THR P 38 9.89 11.38 40.26
N ASN P 39 9.67 10.05 40.53
CA ASN P 39 10.54 9.42 41.39
C ASN P 39 10.44 7.97 41.00
N GLY P 40 9.88 7.62 39.77
CA GLY P 40 9.67 6.23 39.50
C GLY P 40 8.99 6.04 38.11
N VAL P 41 8.66 4.82 37.82
CA VAL P 41 8.02 4.30 36.71
C VAL P 41 7.34 3.04 37.13
N VAL P 42 6.01 2.90 36.83
CA VAL P 42 5.38 1.69 37.09
C VAL P 42 5.02 1.02 35.77
N ILE P 43 4.92 -0.27 35.65
CA ILE P 43 4.84 -0.98 34.39
C ILE P 43 3.84 -2.05 34.69
N ALA P 44 2.85 -2.21 33.83
CA ALA P 44 1.77 -3.18 34.21
C ALA P 44 1.20 -3.72 32.92
N THR P 45 0.75 -4.96 33.01
CA THR P 45 0.23 -5.70 31.93
C THR P 45 -0.61 -6.76 32.61
N GLU P 46 -1.32 -7.58 31.82
CA GLU P 46 -2.24 -8.57 32.29
C GLU P 46 -1.83 -9.83 31.82
N LYS P 47 -2.31 -10.92 32.39
CA LYS P 47 -1.92 -12.22 31.99
C LYS P 47 -3.23 -12.89 31.86
N LYS P 48 -3.40 -13.55 30.74
CA LYS P 48 -4.40 -14.52 30.49
C LYS P 48 -3.59 -15.81 30.23
N SER P 49 -4.21 -16.98 30.31
CA SER P 49 -3.52 -18.26 30.30
C SER P 49 -4.14 -19.21 29.31
N SER P 50 -5.44 -19.03 28.93
CA SER P 50 -6.22 -19.88 28.04
C SER P 50 -6.32 -21.31 28.45
N SER P 51 -6.31 -21.50 29.78
CA SER P 51 -6.54 -22.77 30.44
C SER P 51 -6.15 -22.33 31.84
N PRO P 52 -6.91 -22.73 32.89
CA PRO P 52 -6.56 -22.60 34.29
C PRO P 52 -5.39 -23.59 34.55
N LEU P 53 -5.28 -24.72 33.82
CA LEU P 53 -4.19 -25.65 33.91
C LEU P 53 -2.91 -25.01 33.49
N ALA P 54 -2.90 -24.02 32.64
CA ALA P 54 -1.67 -23.39 32.22
C ALA P 54 -1.06 -22.68 33.39
N MET P 55 0.27 -22.56 33.31
CA MET P 55 1.06 -21.95 34.37
C MET P 55 1.88 -20.91 33.64
N SER P 56 1.40 -19.64 33.51
CA SER P 56 2.11 -18.51 32.88
C SER P 56 2.77 -17.64 33.95
N GLU P 57 2.93 -18.34 35.12
CA GLU P 57 3.64 -17.80 36.25
C GLU P 57 5.12 -17.78 35.98
N THR P 58 5.62 -18.84 35.29
CA THR P 58 6.94 -18.97 34.81
C THR P 58 7.29 -18.03 33.67
N LEU P 59 6.33 -17.71 32.75
CA LEU P 59 6.40 -16.73 31.70
C LEU P 59 6.52 -15.46 32.29
N SER P 60 7.46 -14.61 31.69
CA SER P 60 7.52 -13.19 31.90
C SER P 60 7.23 -12.29 30.69
N LYS P 61 6.50 -11.11 30.95
CA LYS P 61 5.95 -10.22 29.92
C LYS P 61 6.45 -8.86 30.26
N VAL P 62 6.72 -8.73 31.58
CA VAL P 62 7.55 -7.61 32.01
C VAL P 62 8.86 -8.31 32.22
N SER P 63 9.90 -7.85 31.51
CA SER P 63 11.15 -8.52 31.45
C SER P 63 12.25 -7.51 31.54
N LEU P 64 13.22 -7.77 32.49
CA LEU P 64 14.38 -6.88 32.62
C LEU P 64 15.40 -7.17 31.55
N LEU P 65 15.78 -6.10 30.74
CA LEU P 65 16.81 -6.22 29.76
C LEU P 65 18.16 -6.02 30.38
N THR P 66 18.27 -4.94 31.23
CA THR P 66 19.42 -4.61 31.97
C THR P 66 18.79 -4.37 33.31
N PRO P 67 19.58 -4.29 34.38
CA PRO P 67 19.06 -4.05 35.68
C PRO P 67 18.49 -2.70 35.87
N ASP P 68 18.76 -1.79 34.85
CA ASP P 68 18.36 -0.43 35.01
C ASP P 68 17.31 -0.20 33.93
N ILE P 69 16.90 -1.15 33.01
CA ILE P 69 16.07 -0.87 31.85
C ILE P 69 15.18 -2.14 31.76
N GLY P 70 13.84 -1.97 32.00
CA GLY P 70 12.88 -3.07 31.74
C GLY P 70 12.11 -2.75 30.55
N ALA P 71 11.36 -3.72 30.08
CA ALA P 71 10.52 -3.53 28.90
C ALA P 71 9.27 -4.32 29.00
N VAL P 72 8.19 -3.98 28.30
CA VAL P 72 7.01 -4.87 27.97
C VAL P 72 6.76 -4.84 26.50
N TYR P 73 5.62 -5.50 26.05
CA TYR P 73 5.18 -5.57 24.69
C TYR P 73 3.71 -5.60 24.72
N SER P 74 3.19 -5.48 23.44
CA SER P 74 1.87 -5.85 23.01
C SER P 74 2.23 -6.37 21.63
N GLY P 75 1.70 -7.54 21.21
CA GLY P 75 1.76 -8.14 19.95
C GLY P 75 2.15 -9.53 20.15
N MET P 76 2.81 -10.12 19.10
CA MET P 76 3.01 -11.57 19.05
C MET P 76 3.89 -12.02 20.17
N GLY P 77 3.57 -13.05 20.88
CA GLY P 77 4.25 -13.54 22.02
C GLY P 77 5.66 -14.08 21.68
N PRO P 78 5.99 -14.92 20.70
CA PRO P 78 7.31 -15.45 20.38
C PRO P 78 8.32 -14.43 19.91
N ASP P 79 7.89 -13.40 19.09
CA ASP P 79 8.71 -12.40 18.47
C ASP P 79 9.32 -11.61 19.54
N TYR P 80 8.60 -11.38 20.69
CA TYR P 80 9.12 -10.60 21.77
C TYR P 80 10.34 -11.20 22.37
N ARG P 81 10.37 -12.52 22.60
CA ARG P 81 11.40 -13.16 23.44
C ARG P 81 12.73 -13.13 22.72
N VAL P 82 12.71 -13.43 21.37
CA VAL P 82 13.95 -13.36 20.53
C VAL P 82 14.57 -11.98 20.41
N LEU P 83 13.67 -10.96 20.21
CA LEU P 83 14.08 -9.60 20.01
C LEU P 83 14.76 -9.12 21.31
N VAL P 84 14.25 -9.52 22.49
CA VAL P 84 14.78 -9.31 23.77
C VAL P 84 16.08 -9.98 23.95
N ASP P 85 16.28 -11.14 23.39
CA ASP P 85 17.49 -11.93 23.56
C ASP P 85 18.55 -11.14 22.93
N LYS P 86 18.23 -10.60 21.74
CA LYS P 86 19.22 -9.93 20.96
C LYS P 86 19.51 -8.60 21.57
N SER P 87 18.50 -8.00 22.26
CA SER P 87 18.64 -6.68 22.90
C SER P 87 19.73 -6.63 23.92
N ARG P 88 19.76 -7.69 24.81
CA ARG P 88 20.72 -7.83 25.86
C ARG P 88 22.12 -7.99 25.32
N LYS P 89 22.27 -8.79 24.22
CA LYS P 89 23.58 -9.12 23.67
C LYS P 89 24.13 -7.74 23.10
N VAL P 90 23.35 -6.99 22.31
CA VAL P 90 23.69 -5.79 21.66
C VAL P 90 23.97 -4.75 22.72
N ALA P 91 23.31 -4.75 23.86
CA ALA P 91 23.49 -3.92 25.01
C ALA P 91 24.86 -4.15 25.61
N HIS P 92 25.32 -5.43 25.70
CA HIS P 92 26.65 -5.77 26.26
C HIS P 92 27.70 -5.23 25.30
N THR P 93 27.46 -5.37 23.97
CA THR P 93 28.36 -4.93 22.95
C THR P 93 28.62 -3.40 22.97
N SER P 94 27.54 -2.61 22.98
CA SER P 94 27.50 -1.24 22.67
C SER P 94 27.94 -0.33 23.83
N TYR P 95 27.90 -0.77 25.14
CA TYR P 95 28.23 0.19 26.16
C TYR P 95 28.78 -0.45 27.39
N LYS P 96 28.84 -1.79 27.41
CA LYS P 96 29.35 -2.62 28.47
C LYS P 96 30.74 -3.03 28.01
N ARG P 97 31.31 -2.23 27.09
CA ARG P 97 32.60 -2.44 26.45
C ARG P 97 33.20 -1.05 26.33
N ILE P 98 32.38 -0.01 26.77
CA ILE P 98 32.77 1.35 26.56
C ILE P 98 32.90 1.95 27.94
N TYR P 99 32.02 1.53 28.84
CA TYR P 99 31.92 2.03 30.21
C TYR P 99 31.92 0.76 31.03
N GLY P 100 31.73 -0.35 30.36
CA GLY P 100 32.03 -1.64 31.06
C GLY P 100 30.87 -1.99 31.97
N GLU P 101 29.74 -1.21 31.80
CA GLU P 101 28.55 -1.37 32.49
C GLU P 101 27.42 -0.85 31.66
N TYR P 102 26.20 -1.32 31.98
CA TYR P 102 24.90 -1.21 31.36
C TYR P 102 24.63 0.21 30.68
N PRO P 103 24.00 0.39 29.53
CA PRO P 103 24.09 1.65 28.76
C PRO P 103 23.13 2.65 29.42
N PRO P 104 23.17 3.97 29.07
CA PRO P 104 22.00 4.86 29.30
C PRO P 104 20.69 4.29 28.76
N THR P 105 19.51 4.80 29.18
CA THR P 105 18.15 4.43 28.64
C THR P 105 18.11 4.85 27.13
N LYS P 106 18.54 6.09 26.81
CA LYS P 106 18.60 6.69 25.45
C LYS P 106 19.40 5.73 24.54
N LEU P 107 20.65 5.30 24.91
CA LEU P 107 21.49 4.45 24.13
C LEU P 107 20.79 3.16 23.79
N LEU P 108 20.15 2.48 24.78
CA LEU P 108 19.60 1.14 24.47
C LEU P 108 18.40 1.20 23.53
N VAL P 109 17.65 2.24 23.61
CA VAL P 109 16.33 2.42 22.94
C VAL P 109 16.61 2.50 21.48
N SER P 110 17.60 3.30 21.11
CA SER P 110 17.89 3.54 19.73
C SER P 110 18.48 2.29 19.06
N GLU P 111 19.25 1.54 19.85
CA GLU P 111 19.84 0.30 19.40
C GLU P 111 18.87 -0.78 19.22
N VAL P 112 17.90 -0.97 20.18
CA VAL P 112 16.84 -1.96 20.07
C VAL P 112 16.06 -1.74 18.83
N ALA P 113 15.79 -0.41 18.62
CA ALA P 113 15.09 0.18 17.54
C ALA P 113 15.85 -0.17 16.24
N LYS P 114 17.17 -0.23 16.28
CA LYS P 114 18.01 -0.55 15.14
C LYS P 114 17.73 -1.94 14.72
N ILE P 115 17.46 -2.91 15.61
CA ILE P 115 17.17 -4.26 15.31
C ILE P 115 15.88 -4.30 14.46
N MET P 116 14.83 -3.47 14.73
CA MET P 116 13.50 -3.48 14.11
C MET P 116 13.67 -3.05 12.67
N GLN P 117 14.58 -2.09 12.48
CA GLN P 117 14.97 -1.41 11.28
C GLN P 117 15.60 -2.36 10.32
N GLU P 118 16.40 -3.31 10.75
CA GLU P 118 16.95 -4.37 9.99
C GLU P 118 15.94 -5.35 9.50
N ALA P 119 14.80 -5.50 10.22
CA ALA P 119 13.85 -6.48 9.72
C ALA P 119 12.83 -5.80 8.75
N THR P 120 13.02 -4.51 8.46
CA THR P 120 12.31 -3.74 7.56
C THR P 120 13.23 -3.33 6.45
N GLN P 121 14.54 -3.33 6.80
CA GLN P 121 15.61 -2.80 5.91
C GLN P 121 15.74 -3.68 4.69
N SER P 122 15.44 -5.00 4.92
CA SER P 122 15.53 -6.07 4.01
C SER P 122 14.23 -6.69 3.85
N GLY P 123 13.82 -6.72 2.59
CA GLY P 123 12.74 -7.47 2.02
C GLY P 123 13.00 -8.92 2.01
N GLY P 124 11.88 -9.68 2.22
CA GLY P 124 11.99 -11.09 2.40
C GLY P 124 12.08 -11.32 3.93
N VAL P 125 12.21 -10.31 4.78
CA VAL P 125 12.18 -10.43 6.18
C VAL P 125 11.05 -9.49 6.44
N ARG P 126 10.17 -9.98 7.33
CA ARG P 126 9.04 -9.25 7.83
C ARG P 126 9.48 -8.49 9.03
N PRO P 127 9.07 -7.27 9.35
CA PRO P 127 9.18 -6.75 10.69
C PRO P 127 8.79 -7.63 11.86
N PHE P 128 9.32 -7.33 13.04
CA PHE P 128 9.02 -8.04 14.32
C PHE P 128 7.58 -7.72 14.67
N GLY P 129 6.88 -8.65 15.32
CA GLY P 129 5.49 -8.60 15.52
C GLY P 129 4.96 -7.70 16.59
N VAL P 130 5.90 -7.01 17.32
CA VAL P 130 5.59 -6.41 18.57
C VAL P 130 6.05 -4.97 18.54
N SER P 131 5.41 -4.15 19.41
CA SER P 131 5.82 -2.84 19.76
C SER P 131 6.08 -3.02 21.23
N LEU P 132 7.18 -2.35 21.69
CA LEU P 132 7.64 -2.43 23.03
C LEU P 132 7.26 -1.13 23.69
N LEU P 133 7.35 -1.05 25.02
CA LEU P 133 7.51 0.17 25.78
C LEU P 133 8.78 -0.12 26.52
N ILE P 134 9.75 0.83 26.61
CA ILE P 134 11.03 0.62 27.29
C ILE P 134 11.09 1.78 28.27
N ALA P 135 11.22 1.47 29.56
CA ALA P 135 11.35 2.43 30.65
C ALA P 135 12.55 1.99 31.36
N GLY P 136 13.34 3.00 31.81
CA GLY P 136 14.63 2.84 32.49
C GLY P 136 14.87 4.18 33.17
N HIS P 137 16.12 4.28 33.73
CA HIS P 137 16.60 5.40 34.49
C HIS P 137 18.03 5.45 34.21
N ASP P 138 18.53 6.68 33.98
CA ASP P 138 19.94 7.05 33.92
C ASP P 138 20.08 8.34 34.59
N GLU P 139 21.30 8.80 34.80
CA GLU P 139 21.45 9.96 35.68
C GLU P 139 21.55 11.24 34.90
N PHE P 140 21.72 11.13 33.57
CA PHE P 140 22.00 12.22 32.75
C PHE P 140 20.77 12.81 32.17
N ASN P 141 19.69 12.04 32.27
CA ASN P 141 18.39 12.37 31.75
C ASN P 141 17.26 11.96 32.67
N GLY P 142 17.56 11.32 33.74
CA GLY P 142 16.60 10.84 34.70
C GLY P 142 15.84 9.64 34.31
N PHE P 143 14.66 9.47 35.00
CA PHE P 143 13.56 8.55 34.64
C PHE P 143 13.09 8.94 33.24
N SER P 144 12.78 7.91 32.40
CA SER P 144 12.32 8.08 31.08
C SER P 144 11.59 6.82 30.76
N LEU P 145 10.77 6.91 29.69
CA LEU P 145 9.72 6.05 29.14
C LEU P 145 9.65 6.25 27.67
N TYR P 146 9.35 5.14 26.90
CA TYR P 146 9.54 5.07 25.46
C TYR P 146 8.59 4.06 24.97
N GLN P 147 8.30 4.20 23.68
CA GLN P 147 7.56 3.25 22.86
C GLN P 147 8.55 3.03 21.77
N VAL P 148 8.81 1.79 21.42
CA VAL P 148 9.66 1.39 20.28
C VAL P 148 8.88 0.53 19.40
N ASP P 149 8.61 1.12 18.16
CA ASP P 149 7.68 0.66 17.22
C ASP P 149 8.40 -0.23 16.24
N PRO P 150 7.80 -1.24 15.57
CA PRO P 150 8.45 -2.18 14.68
C PRO P 150 8.92 -1.52 13.43
N SER P 151 8.42 -0.28 13.18
CA SER P 151 8.77 0.54 12.09
C SER P 151 10.21 0.97 12.10
N GLY P 152 10.75 1.21 13.32
CA GLY P 152 12.15 1.46 13.53
C GLY P 152 12.24 2.85 14.04
N SER P 153 11.14 3.34 14.54
CA SER P 153 11.03 4.68 15.12
C SER P 153 10.60 4.52 16.48
N TYR P 154 10.98 5.53 17.32
CA TYR P 154 10.81 5.47 18.77
C TYR P 154 10.39 6.80 19.12
N PHE P 155 9.62 6.82 20.26
CA PHE P 155 8.99 8.04 20.75
C PHE P 155 9.08 8.07 22.27
N PRO P 156 9.51 9.19 22.93
CA PRO P 156 9.53 9.37 24.37
C PRO P 156 8.11 9.74 24.85
N TRP P 157 7.56 9.40 26.05
CA TRP P 157 6.26 9.73 26.48
C TRP P 157 6.30 9.87 28.00
N LYS P 158 5.37 10.73 28.52
CA LYS P 158 5.01 10.84 29.84
C LYS P 158 4.29 9.64 30.40
N ALA P 159 3.15 9.24 29.71
CA ALA P 159 2.45 7.92 29.94
C ALA P 159 1.85 7.49 28.64
N THR P 160 1.73 6.19 28.49
CA THR P 160 1.22 5.69 27.24
C THR P 160 0.78 4.29 27.54
N ALA P 161 0.11 3.71 26.50
CA ALA P 161 -0.41 2.38 26.56
C ALA P 161 -0.36 1.89 25.11
N ILE P 162 -0.52 0.57 24.93
CA ILE P 162 -0.50 -0.05 23.67
C ILE P 162 -1.29 -1.37 23.86
N GLY P 163 -1.72 -2.12 22.86
CA GLY P 163 -2.43 -3.30 23.09
C GLY P 163 -3.86 -2.97 22.66
N LYS P 164 -4.86 -3.82 23.08
CA LYS P 164 -6.22 -3.80 22.54
C LYS P 164 -7.07 -2.65 23.08
N GLY P 165 -6.90 -2.31 24.42
CA GLY P 165 -7.70 -1.38 25.14
C GLY P 165 -6.97 -0.07 25.20
N SER P 166 -5.95 0.04 24.30
CA SER P 166 -5.06 1.21 24.18
C SER P 166 -5.66 2.56 24.13
N VAL P 167 -6.72 2.75 23.33
CA VAL P 167 -7.38 4.02 23.05
C VAL P 167 -8.16 4.48 24.31
N ALA P 168 -8.77 3.58 25.11
CA ALA P 168 -9.37 3.89 26.36
C ALA P 168 -8.43 4.17 27.49
N ALA P 169 -7.39 3.41 27.61
CA ALA P 169 -6.25 3.58 28.61
C ALA P 169 -5.57 4.93 28.37
N LYS P 170 -5.36 5.34 27.06
CA LYS P 170 -4.70 6.58 26.71
C LYS P 170 -5.34 7.78 27.26
N THR P 171 -6.77 7.83 27.19
CA THR P 171 -7.55 8.95 27.68
C THR P 171 -7.53 9.03 29.23
N PHE P 172 -7.54 7.80 29.80
CA PHE P 172 -7.52 7.65 31.31
C PHE P 172 -6.33 8.34 31.84
N LEU P 173 -5.23 8.02 31.17
CA LEU P 173 -3.96 8.51 31.62
C LEU P 173 -3.86 9.98 31.49
N GLU P 174 -4.49 10.61 30.49
CA GLU P 174 -4.30 12.01 30.35
C GLU P 174 -4.74 12.80 31.56
N LYS P 175 -6.00 12.57 31.98
CA LYS P 175 -6.68 13.30 33.07
C LYS P 175 -6.04 13.08 34.36
N ARG P 176 -5.75 11.76 34.63
CA ARG P 176 -5.50 11.36 35.96
C ARG P 176 -4.02 11.56 36.27
N TRP P 177 -3.14 11.68 35.23
CA TRP P 177 -1.77 12.06 35.35
C TRP P 177 -1.61 13.54 35.83
N ASN P 178 -0.67 13.87 36.75
CA ASN P 178 -0.45 15.17 37.27
C ASN P 178 1.06 15.49 37.11
N ASP P 179 1.44 16.80 37.31
CA ASP P 179 2.74 17.36 37.00
C ASP P 179 3.69 16.63 37.91
N GLU P 180 3.23 16.27 39.19
CA GLU P 180 3.91 15.52 40.17
C GLU P 180 2.99 14.43 40.56
N LEU P 181 3.57 13.22 40.39
CA LEU P 181 2.91 11.96 40.86
C LEU P 181 3.96 11.20 41.66
N GLU P 182 3.53 10.44 42.68
CA GLU P 182 4.42 9.65 43.47
C GLU P 182 4.39 8.32 42.81
N LEU P 183 5.26 7.35 43.24
CA LEU P 183 5.29 6.01 42.79
C LEU P 183 4.01 5.28 43.11
N GLU P 184 3.50 5.48 44.39
CA GLU P 184 2.25 4.85 44.86
C GLU P 184 1.11 5.32 43.97
N ASP P 185 1.11 6.64 43.68
CA ASP P 185 0.05 7.26 42.88
C ASP P 185 -0.02 6.74 41.48
N ALA P 186 1.13 6.57 40.66
CA ALA P 186 1.07 5.88 39.39
C ALA P 186 0.64 4.45 39.54
N ILE P 187 0.95 3.80 40.58
CA ILE P 187 0.57 2.40 40.77
C ILE P 187 -1.00 2.42 40.83
N HIS P 188 -1.53 3.54 41.43
CA HIS P 188 -2.99 3.57 41.71
C HIS P 188 -3.83 3.84 40.43
N ILE P 189 -3.29 4.71 39.55
CA ILE P 189 -3.84 5.02 38.23
C ILE P 189 -3.77 3.75 37.42
N ALA P 190 -2.69 3.00 37.48
CA ALA P 190 -2.39 1.89 36.66
C ALA P 190 -3.33 0.75 36.83
N LEU P 191 -3.65 0.45 38.13
CA LEU P 191 -4.57 -0.55 38.42
C LEU P 191 -5.95 -0.26 37.89
N LEU P 192 -6.42 0.97 38.00
CA LEU P 192 -7.79 1.31 37.60
C LEU P 192 -7.91 1.18 36.12
N THR P 193 -6.90 1.66 35.37
CA THR P 193 -6.77 1.57 33.95
C THR P 193 -6.73 0.11 33.39
N LEU P 194 -6.03 -0.79 34.06
CA LEU P 194 -5.97 -2.18 33.68
C LEU P 194 -7.22 -3.01 33.94
N LYS P 195 -8.04 -2.55 34.86
CA LYS P 195 -9.25 -3.22 35.29
C LYS P 195 -10.33 -2.99 34.29
N GLU P 196 -10.16 -1.94 33.45
CA GLU P 196 -11.05 -1.66 32.32
C GLU P 196 -10.90 -2.77 31.37
N SER P 197 -9.66 -3.27 31.22
CA SER P 197 -9.40 -4.32 30.25
C SER P 197 -10.16 -5.60 30.47
N VAL P 198 -10.11 -6.13 31.73
CA VAL P 198 -10.86 -7.28 32.02
C VAL P 198 -11.47 -7.10 33.42
N GLU P 199 -12.74 -7.58 33.64
CA GLU P 199 -13.40 -7.64 34.87
C GLU P 199 -14.01 -9.00 34.99
N GLY P 200 -14.10 -9.47 36.32
CA GLY P 200 -14.43 -10.84 36.72
C GLY P 200 -13.31 -11.78 36.54
N GLU P 201 -12.06 -11.27 36.30
CA GLU P 201 -10.94 -12.11 36.06
C GLU P 201 -9.78 -11.34 36.62
N PHE P 202 -10.08 -10.22 37.33
CA PHE P 202 -9.17 -9.19 37.74
C PHE P 202 -8.88 -9.64 39.20
N ASN P 203 -7.58 -9.90 39.45
CA ASN P 203 -7.07 -10.09 40.77
C ASN P 203 -5.62 -9.77 40.50
N GLY P 204 -4.86 -9.34 41.45
CA GLY P 204 -3.55 -8.83 41.20
C GLY P 204 -2.53 -9.98 40.98
N ASP P 205 -2.92 -11.30 40.96
CA ASP P 205 -1.99 -12.35 40.73
C ASP P 205 -1.95 -12.74 39.27
N THR P 206 -3.07 -12.32 38.54
CA THR P 206 -3.13 -12.47 37.15
C THR P 206 -2.72 -11.22 36.39
N ILE P 207 -2.23 -10.23 37.15
CA ILE P 207 -1.83 -9.00 36.71
C ILE P 207 -0.40 -8.91 37.10
N GLU P 208 0.49 -8.55 36.20
CA GLU P 208 1.90 -8.52 36.46
C GLU P 208 2.20 -7.03 36.48
N LEU P 209 2.81 -6.71 37.54
CA LEU P 209 3.06 -5.39 37.87
C LEU P 209 4.38 -5.46 38.50
N ALA P 210 5.22 -4.54 38.07
CA ALA P 210 6.64 -4.33 38.40
C ALA P 210 6.89 -2.90 38.11
N ILE P 211 8.12 -2.50 38.49
CA ILE P 211 8.47 -1.13 38.56
C ILE P 211 9.86 -0.93 38.03
N ILE P 212 10.17 0.31 37.72
CA ILE P 212 11.55 0.75 37.52
C ILE P 212 11.45 1.89 38.52
N GLY P 213 12.18 1.80 39.64
CA GLY P 213 12.11 2.83 40.68
C GLY P 213 13.51 3.11 41.04
N ASP P 214 13.75 3.00 42.33
CA ASP P 214 14.96 3.40 42.98
C ASP P 214 15.84 2.25 43.10
N GLU P 215 17.16 2.45 43.34
CA GLU P 215 18.10 1.43 43.63
C GLU P 215 17.69 0.54 44.75
N ASN P 216 18.06 -0.71 44.62
CA ASN P 216 17.77 -1.73 45.60
C ASN P 216 19.08 -2.37 45.95
N PRO P 217 19.71 -2.27 47.12
CA PRO P 217 21.02 -2.84 47.33
C PRO P 217 20.80 -4.10 48.17
N ASP P 218 19.55 -4.54 48.21
CA ASP P 218 19.08 -5.76 48.85
C ASP P 218 19.03 -6.99 47.92
N LEU P 219 18.71 -6.69 46.63
CA LEU P 219 18.58 -7.60 45.48
C LEU P 219 19.76 -7.38 44.57
N LEU P 220 20.82 -6.67 45.00
CA LEU P 220 22.09 -6.54 44.35
C LEU P 220 22.82 -7.79 44.27
N GLY P 221 22.80 -8.63 45.32
CA GLY P 221 23.46 -9.91 45.24
C GLY P 221 24.87 -9.94 45.87
N TYR P 222 25.24 -8.76 46.40
CA TYR P 222 26.45 -8.44 47.09
C TYR P 222 26.28 -7.18 47.82
N THR P 223 27.25 -6.95 48.71
CA THR P 223 27.12 -5.96 49.73
C THR P 223 28.47 -5.75 50.21
N GLY P 224 28.70 -4.60 50.97
CA GLY P 224 29.86 -4.17 51.64
C GLY P 224 30.63 -3.27 50.76
N ILE P 225 30.05 -2.79 49.65
CA ILE P 225 30.54 -1.83 48.73
C ILE P 225 29.43 -0.84 48.64
N PRO P 226 29.51 0.35 49.29
CA PRO P 226 28.48 1.34 49.18
C PRO P 226 28.75 2.21 48.00
N THR P 227 29.94 2.09 47.33
CA THR P 227 30.39 2.92 46.19
C THR P 227 29.86 2.36 44.89
N ASP P 228 28.57 1.87 44.85
CA ASP P 228 27.89 1.35 43.75
C ASP P 228 26.45 1.59 44.00
N LYS P 229 25.62 1.50 42.93
CA LYS P 229 24.20 1.73 43.06
C LYS P 229 23.60 0.39 42.62
N GLY P 230 22.61 -0.06 43.35
CA GLY P 230 21.83 -1.29 43.10
C GLY P 230 20.80 -1.12 42.02
N PRO P 231 20.10 -2.30 41.58
CA PRO P 231 19.21 -2.27 40.41
C PRO P 231 18.06 -1.34 40.55
N ARG P 232 17.85 -0.52 39.56
CA ARG P 232 16.71 0.38 39.60
C ARG P 232 15.38 -0.27 39.36
N PHE P 233 15.41 -1.36 38.61
CA PHE P 233 14.38 -2.35 38.41
C PHE P 233 14.07 -3.08 39.64
N ARG P 234 12.73 -3.38 39.84
CA ARG P 234 12.27 -4.32 40.89
C ARG P 234 10.96 -5.02 40.40
N LYS P 235 10.82 -6.35 40.67
CA LYS P 235 9.55 -7.01 40.55
C LYS P 235 9.00 -7.00 41.95
N LEU P 236 7.76 -6.49 42.03
CA LEU P 236 6.93 -6.56 43.18
C LEU P 236 6.21 -7.89 43.09
N THR P 237 5.97 -8.49 44.26
CA THR P 237 5.41 -9.75 44.43
C THR P 237 3.95 -9.72 44.26
N SER P 238 3.28 -10.96 44.20
CA SER P 238 1.88 -11.16 44.12
C SER P 238 1.22 -10.59 45.38
N GLN P 239 1.84 -10.78 46.60
CA GLN P 239 1.20 -10.26 47.74
C GLN P 239 1.18 -8.82 47.79
N GLU P 240 2.20 -8.14 47.27
CA GLU P 240 2.33 -6.72 47.33
C GLU P 240 1.30 -6.09 46.38
N ILE P 241 1.05 -6.70 45.25
CA ILE P 241 0.09 -6.34 44.29
C ILE P 241 -1.32 -6.38 44.83
N ASN P 242 -1.62 -7.45 45.59
CA ASN P 242 -2.83 -7.84 46.23
C ASN P 242 -3.20 -6.80 47.25
N ASP P 243 -2.16 -6.28 47.93
CA ASP P 243 -2.24 -5.20 48.88
C ASP P 243 -2.78 -3.97 48.23
N ARG P 244 -2.31 -3.56 47.08
CA ARG P 244 -2.75 -2.35 46.33
C ARG P 244 -4.12 -2.52 45.78
N LEU P 245 -4.54 -3.78 45.53
CA LEU P 245 -5.87 -4.01 44.95
C LEU P 245 -6.86 -4.13 46.07
N GLU P 246 -6.38 -4.51 47.25
CA GLU P 246 -7.18 -4.43 48.51
C GLU P 246 -7.40 -3.02 48.92
N ALA P 247 -6.38 -2.15 48.63
CA ALA P 247 -6.41 -0.74 49.03
C ALA P 247 -7.38 0.00 48.11
N LEU P 248 -7.69 -0.59 46.99
CA LEU P 248 -8.57 0.05 45.97
C LEU P 248 -9.73 -0.93 45.72
N ARG Q 1 1.18 -2.55 -14.53
CA ARG Q 1 2.16 -1.54 -13.96
C ARG Q 1 3.52 -2.10 -13.89
N TYR Q 2 4.56 -1.19 -13.77
CA TYR Q 2 6.02 -1.42 -13.84
C TYR Q 2 6.60 -0.81 -12.60
N ASP Q 3 5.89 -1.03 -11.48
CA ASP Q 3 6.36 -0.47 -10.23
C ASP Q 3 6.89 -1.54 -9.38
N SER Q 4 7.17 -2.75 -10.00
CA SER Q 4 7.52 -3.98 -9.33
C SER Q 4 8.93 -3.86 -8.85
N ARG Q 5 9.83 -3.18 -9.54
CA ARG Q 5 11.18 -3.00 -9.02
C ARG Q 5 11.88 -1.98 -9.81
N THR Q 6 12.99 -1.49 -9.24
CA THR Q 6 13.85 -0.41 -9.67
C THR Q 6 14.52 -0.59 -10.99
N THR Q 7 14.79 -1.89 -11.27
CA THR Q 7 15.34 -2.31 -12.51
C THR Q 7 14.49 -1.97 -13.68
N ILE Q 8 13.15 -2.10 -13.49
CA ILE Q 8 12.22 -2.06 -14.63
C ILE Q 8 11.73 -0.69 -14.81
N PHE Q 9 11.75 -0.28 -16.12
CA PHE Q 9 11.23 1.00 -16.60
C PHE Q 9 9.93 0.80 -17.31
N SER Q 10 9.02 1.78 -17.19
CA SER Q 10 7.89 2.11 -18.11
C SER Q 10 8.32 2.40 -19.54
N PRO Q 11 7.34 2.41 -20.46
CA PRO Q 11 7.59 2.80 -21.86
C PRO Q 11 8.35 4.10 -22.02
N GLU Q 12 7.97 5.14 -21.19
CA GLU Q 12 8.51 6.44 -21.13
C GLU Q 12 9.74 6.61 -20.37
N GLY Q 13 10.20 5.56 -19.62
CA GLY Q 13 11.58 5.58 -19.08
C GLY Q 13 11.60 6.26 -17.76
N ARG Q 14 10.43 6.43 -17.14
CA ARG Q 14 10.41 6.94 -15.81
C ARG Q 14 10.33 5.80 -14.88
N LEU Q 15 10.69 6.02 -13.57
CA LEU Q 15 10.66 4.98 -12.61
C LEU Q 15 9.82 5.52 -11.49
N TYR Q 16 8.69 4.82 -11.21
CA TYR Q 16 7.63 5.10 -10.25
C TYR Q 16 8.11 5.13 -8.83
N GLN Q 17 9.17 4.37 -8.53
CA GLN Q 17 9.75 4.21 -7.18
C GLN Q 17 10.29 5.52 -6.67
N VAL Q 18 10.94 6.26 -7.61
CA VAL Q 18 11.48 7.60 -7.36
C VAL Q 18 10.39 8.56 -7.03
N GLU Q 19 9.31 8.41 -7.85
CA GLU Q 19 8.13 9.24 -7.69
C GLU Q 19 7.40 9.08 -6.34
N TYR Q 20 7.27 7.86 -5.86
CA TYR Q 20 6.64 7.54 -4.60
C TYR Q 20 7.49 8.11 -3.53
N ALA Q 21 8.86 8.07 -3.69
CA ALA Q 21 9.79 8.41 -2.66
C ALA Q 21 9.77 9.92 -2.53
N LEU Q 22 9.50 10.72 -3.58
CA LEU Q 22 9.32 12.16 -3.45
C LEU Q 22 8.04 12.44 -2.65
N GLU Q 23 6.98 11.70 -2.97
CA GLU Q 23 5.74 11.95 -2.32
C GLU Q 23 5.78 11.64 -0.78
N SER Q 24 6.64 10.64 -0.37
CA SER Q 24 6.90 10.35 0.99
C SER Q 24 7.38 11.45 1.85
N ILE Q 25 8.07 12.43 1.24
CA ILE Q 25 8.63 13.48 2.00
C ILE Q 25 7.53 14.44 2.40
N SER Q 26 6.50 14.58 1.54
CA SER Q 26 5.47 15.59 1.79
C SER Q 26 4.32 15.05 2.53
N HIS Q 27 4.51 13.87 3.12
CA HIS Q 27 3.46 13.33 4.03
C HIS Q 27 3.95 13.40 5.48
N ALA Q 28 5.09 14.15 5.70
CA ALA Q 28 5.61 14.51 6.94
C ALA Q 28 5.90 15.98 6.86
N GLY Q 29 5.89 16.66 8.03
CA GLY Q 29 5.67 18.05 8.07
C GLY Q 29 6.71 18.89 7.41
N THR Q 30 6.31 20.19 7.18
CA THR Q 30 7.08 21.21 6.55
C THR Q 30 8.46 21.34 7.24
N ALA Q 31 9.49 21.61 6.45
CA ALA Q 31 10.80 21.83 6.87
C ALA Q 31 11.30 22.91 5.96
N ILE Q 32 12.01 23.86 6.55
CA ILE Q 32 12.42 25.07 5.96
C ILE Q 32 13.73 25.30 6.51
N GLY Q 33 14.63 25.56 5.52
CA GLY Q 33 15.92 26.07 5.73
C GLY Q 33 16.08 27.28 4.93
N ILE Q 34 16.55 28.36 5.56
CA ILE Q 34 16.87 29.63 5.06
C ILE Q 34 18.32 29.91 5.28
N MET Q 35 19.09 30.27 4.20
CA MET Q 35 20.38 30.82 4.35
C MET Q 35 20.24 32.37 4.34
N ALA Q 36 21.00 33.11 5.16
CA ALA Q 36 21.16 34.52 5.31
C ALA Q 36 22.61 34.78 5.38
N SER Q 37 22.95 36.05 5.21
CA SER Q 37 24.34 36.47 5.15
C SER Q 37 24.93 36.18 6.51
N ASP Q 38 24.10 36.26 7.62
CA ASP Q 38 24.80 36.37 8.89
C ASP Q 38 24.62 35.01 9.59
N GLY Q 39 24.16 33.93 8.90
CA GLY Q 39 23.89 32.66 9.49
C GLY Q 39 22.92 31.93 8.62
N ILE Q 40 22.83 30.57 8.86
CA ILE Q 40 21.85 29.81 8.14
C ILE Q 40 21.01 29.33 9.34
N VAL Q 41 19.65 29.57 9.25
CA VAL Q 41 18.64 29.09 10.24
C VAL Q 41 18.02 27.87 9.67
N LEU Q 42 17.78 26.86 10.54
CA LEU Q 42 17.01 25.64 10.20
C LEU Q 42 15.84 25.66 11.09
N ALA Q 43 14.70 25.23 10.56
CA ALA Q 43 13.45 25.15 11.33
C ALA Q 43 12.68 24.03 10.73
N ALA Q 44 12.02 23.24 11.62
CA ALA Q 44 11.22 22.17 11.19
C ALA Q 44 10.03 22.05 12.02
N GLU Q 45 9.07 21.24 11.60
CA GLU Q 45 7.78 21.03 12.04
C GLU Q 45 7.52 19.65 12.57
N ARG Q 46 6.73 19.52 13.66
CA ARG Q 46 6.41 18.25 14.28
C ARG Q 46 5.10 17.80 13.63
N LYS Q 47 5.19 16.60 13.02
CA LYS Q 47 4.07 15.89 12.44
C LYS Q 47 3.29 15.15 13.50
N VAL Q 48 3.92 14.88 14.66
CA VAL Q 48 3.31 14.25 15.75
C VAL Q 48 3.06 15.22 16.89
N THR Q 49 1.97 14.99 17.73
CA THR Q 49 1.74 15.70 18.91
C THR Q 49 0.66 14.94 19.45
N SER Q 50 0.81 14.47 20.73
CA SER Q 50 -0.24 13.97 21.49
C SER Q 50 -0.12 14.75 22.73
N THR Q 51 -1.07 14.71 23.71
CA THR Q 51 -1.14 15.58 24.84
C THR Q 51 -0.15 15.04 25.89
N LEU Q 52 0.30 13.81 25.72
CA LEU Q 52 1.11 13.06 26.65
C LEU Q 52 2.32 12.72 25.94
N LEU Q 53 2.37 13.08 24.68
CA LEU Q 53 3.66 13.03 23.95
C LEU Q 53 4.67 13.99 24.51
N GLU Q 54 5.95 13.58 24.59
CA GLU Q 54 7.06 14.35 25.01
C GLU Q 54 7.92 14.49 23.85
N GLN Q 55 8.67 15.58 23.79
CA GLN Q 55 9.48 15.81 22.63
C GLN Q 55 10.60 16.69 23.09
N ASP Q 56 10.90 16.64 24.43
CA ASP Q 56 11.80 17.53 25.10
C ASP Q 56 13.12 16.86 25.35
N THR Q 57 13.05 15.45 25.23
CA THR Q 57 14.31 14.65 25.32
C THR Q 57 15.23 14.76 24.08
N SER Q 58 14.62 15.12 22.90
CA SER Q 58 15.29 15.05 21.61
C SER Q 58 14.39 15.72 20.62
N THR Q 59 15.01 16.18 19.50
CA THR Q 59 14.43 16.60 18.23
C THR Q 59 14.51 15.41 17.34
N GLU Q 60 13.34 15.05 16.75
CA GLU Q 60 13.16 13.78 16.03
C GLU Q 60 13.50 13.94 14.44
N LYS Q 61 13.83 15.22 14.08
CA LYS Q 61 14.08 15.64 12.68
C LYS Q 61 15.24 16.58 12.66
N LEU Q 62 16.20 16.53 13.65
CA LEU Q 62 17.36 17.35 13.58
C LEU Q 62 18.45 16.51 14.19
N TYR Q 63 19.48 16.24 13.37
CA TYR Q 63 20.70 15.68 13.84
C TYR Q 63 21.92 16.40 13.34
N LYS Q 64 22.93 16.67 14.16
CA LYS Q 64 24.28 17.17 13.86
C LYS Q 64 25.07 16.00 13.51
N LEU Q 65 25.70 15.98 12.31
CA LEU Q 65 26.44 14.89 11.77
C LEU Q 65 27.94 15.10 11.91
N ASN Q 66 28.20 16.37 12.28
CA ASN Q 66 29.52 16.80 12.56
C ASN Q 66 29.26 18.11 13.12
N ASP Q 67 30.40 18.63 13.72
CA ASP Q 67 30.46 19.68 14.67
C ASP Q 67 30.37 21.00 13.91
N LYS Q 68 30.24 20.91 12.57
CA LYS Q 68 30.15 22.00 11.70
C LYS Q 68 28.98 21.80 10.71
N ILE Q 69 28.36 20.65 10.57
CA ILE Q 69 27.29 20.51 9.51
C ILE Q 69 26.24 19.62 10.20
N ALA Q 70 24.96 20.00 9.91
CA ALA Q 70 23.80 19.40 10.60
C ALA Q 70 22.68 19.31 9.62
N VAL Q 71 21.69 18.42 9.88
CA VAL Q 71 20.72 18.18 8.92
C VAL Q 71 19.38 18.15 9.52
N ALA Q 72 18.42 18.62 8.74
CA ALA Q 72 17.06 18.63 9.07
C ALA Q 72 16.54 17.63 8.16
N VAL Q 73 15.43 17.00 8.61
CA VAL Q 73 15.01 15.63 8.14
C VAL Q 73 13.64 15.71 7.72
N ALA Q 74 13.27 15.08 6.61
CA ALA Q 74 11.95 15.03 6.12
C ALA Q 74 11.87 13.67 5.54
N GLY Q 75 10.84 12.88 5.91
CA GLY Q 75 10.59 11.56 5.35
C GLY Q 75 10.21 10.73 6.52
N LEU Q 76 10.18 9.39 6.21
CA LEU Q 76 9.99 8.34 7.22
C LEU Q 76 11.22 8.32 8.05
N THR Q 77 11.05 8.16 9.36
CA THR Q 77 12.05 8.30 10.33
C THR Q 77 12.86 7.06 10.56
N ALA Q 78 12.38 5.86 10.21
CA ALA Q 78 13.20 4.75 10.35
C ALA Q 78 14.22 4.68 9.34
N ASP Q 79 13.80 5.02 8.07
CA ASP Q 79 14.67 5.25 6.94
C ASP Q 79 15.69 6.31 7.15
N ALA Q 80 15.27 7.34 7.93
CA ALA Q 80 16.09 8.46 8.22
C ALA Q 80 17.22 8.02 9.08
N GLU Q 81 16.92 7.25 10.11
CA GLU Q 81 17.81 6.81 11.17
C GLU Q 81 19.12 6.21 10.61
N ILE Q 82 18.94 5.32 9.64
CA ILE Q 82 20.04 4.49 9.14
C ILE Q 82 21.08 5.43 8.52
N LEU Q 83 20.58 6.41 7.74
CA LEU Q 83 21.37 7.28 6.93
C LEU Q 83 22.03 8.36 7.63
N ILE Q 84 21.43 8.79 8.79
CA ILE Q 84 21.92 9.86 9.63
C ILE Q 84 23.17 9.40 10.22
N ASN Q 85 23.17 8.15 10.68
CA ASN Q 85 24.31 7.45 11.23
C ASN Q 85 25.37 7.25 10.12
N THR Q 86 25.06 6.93 8.83
CA THR Q 86 25.99 6.63 7.79
C THR Q 86 26.76 7.87 7.45
N ALA Q 87 26.09 9.02 7.38
CA ALA Q 87 26.66 10.26 7.12
C ALA Q 87 27.63 10.85 8.11
N ARG Q 88 27.19 10.66 9.44
CA ARG Q 88 28.00 11.10 10.55
C ARG Q 88 29.28 10.37 10.77
N ILE Q 89 29.30 9.07 10.52
CA ILE Q 89 30.40 8.15 10.46
C ILE Q 89 31.33 8.43 9.35
N HIS Q 90 30.84 8.77 8.13
CA HIS Q 90 31.56 9.12 6.98
C HIS Q 90 32.25 10.46 7.24
N ALA Q 91 31.58 11.44 7.98
CA ALA Q 91 32.10 12.68 8.34
C ALA Q 91 33.38 12.66 9.14
N GLN Q 92 33.36 11.77 10.11
CA GLN Q 92 34.46 11.60 11.00
C GLN Q 92 35.52 10.72 10.34
N ASN Q 93 35.17 9.99 9.26
CA ASN Q 93 36.13 9.18 8.61
C ASN Q 93 37.03 10.20 7.91
N TYR Q 94 36.46 11.24 7.32
CA TYR Q 94 37.13 12.34 6.70
C TYR Q 94 38.04 13.05 7.69
N LEU Q 95 37.54 13.28 8.92
CA LEU Q 95 38.24 13.96 10.00
C LEU Q 95 39.45 13.12 10.41
N LYS Q 96 39.36 11.78 10.46
CA LYS Q 96 40.39 10.91 10.88
C LYS Q 96 41.48 11.01 9.84
N THR Q 97 41.07 10.96 8.52
CA THR Q 97 41.94 10.76 7.41
C THR Q 97 42.62 12.05 7.16
N TYR Q 98 41.99 13.22 7.19
CA TYR Q 98 42.58 14.44 6.66
C TYR Q 98 42.84 15.41 7.74
N ASN Q 99 42.39 15.15 9.00
CA ASN Q 99 42.60 16.04 10.16
C ASN Q 99 41.98 17.38 10.00
N GLU Q 100 40.87 17.46 9.18
CA GLU Q 100 40.04 18.62 9.02
C GLU Q 100 38.70 18.12 8.66
N ASP Q 101 37.65 18.99 8.89
CA ASP Q 101 36.25 18.62 8.74
C ASP Q 101 35.79 18.57 7.24
N ILE Q 102 34.76 17.77 6.91
CA ILE Q 102 34.29 17.37 5.60
C ILE Q 102 33.72 18.65 4.97
N PRO Q 103 34.02 19.06 3.73
CA PRO Q 103 33.30 20.02 2.86
C PRO Q 103 31.90 19.54 2.54
N VAL Q 104 30.94 20.46 2.39
CA VAL Q 104 29.52 20.17 2.31
C VAL Q 104 29.23 19.23 1.16
N GLU Q 105 29.82 19.56 0.00
CA GLU Q 105 29.42 18.98 -1.35
C GLU Q 105 29.72 17.47 -1.40
N ILE Q 106 30.85 17.02 -0.77
CA ILE Q 106 31.24 15.67 -0.60
C ILE Q 106 30.27 14.86 0.22
N LEU Q 107 29.80 15.50 1.28
CA LEU Q 107 28.90 14.88 2.27
C LEU Q 107 27.60 14.58 1.67
N VAL Q 108 27.04 15.49 0.81
CA VAL Q 108 25.79 15.32 0.19
C VAL Q 108 25.94 14.26 -0.88
N ARG Q 109 27.08 14.35 -1.60
CA ARG Q 109 27.35 13.54 -2.78
C ARG Q 109 27.39 12.07 -2.46
N ARG Q 110 28.03 11.71 -1.31
CA ARG Q 110 28.12 10.43 -0.65
C ARG Q 110 26.82 9.87 -0.36
N LEU Q 111 25.85 10.61 0.23
CA LEU Q 111 24.57 10.01 0.54
C LEU Q 111 23.69 9.82 -0.68
N SER Q 112 23.66 10.74 -1.70
CA SER Q 112 22.89 10.60 -2.91
C SER Q 112 23.44 9.43 -3.67
N ASP Q 113 24.74 9.14 -3.63
CA ASP Q 113 25.33 7.99 -4.30
C ASP Q 113 24.88 6.71 -3.75
N ILE Q 114 24.77 6.65 -2.40
CA ILE Q 114 24.35 5.46 -1.66
C ILE Q 114 22.89 5.22 -2.02
N LYS Q 115 22.05 6.30 -1.94
CA LYS Q 115 20.67 6.22 -2.28
C LYS Q 115 20.41 5.79 -3.71
N GLN Q 116 21.20 6.35 -4.69
CA GLN Q 116 21.13 5.89 -6.10
C GLN Q 116 21.55 4.54 -6.35
N GLY Q 117 22.59 4.05 -5.68
CA GLY Q 117 23.18 2.76 -5.70
C GLY Q 117 22.19 1.60 -5.41
N TYR Q 118 21.14 1.86 -4.55
CA TYR Q 118 20.01 1.06 -4.20
C TYR Q 118 18.94 0.93 -5.24
N THR Q 119 19.02 1.95 -6.11
CA THR Q 119 18.18 1.96 -7.32
C THR Q 119 18.92 1.23 -8.42
N GLN Q 120 20.20 1.45 -8.66
CA GLN Q 120 21.06 0.93 -9.73
C GLN Q 120 21.29 -0.60 -9.70
N HIS Q 121 21.53 -1.12 -8.46
CA HIS Q 121 21.64 -2.49 -8.25
C HIS Q 121 20.70 -3.05 -7.25
N GLY Q 122 20.51 -4.38 -7.28
CA GLY Q 122 19.88 -5.23 -6.30
C GLY Q 122 18.46 -5.01 -6.12
N GLY Q 123 18.09 -5.77 -5.06
CA GLY Q 123 16.77 -5.91 -4.60
C GLY Q 123 16.44 -4.92 -3.62
N LEU Q 124 17.52 -4.25 -2.94
CA LEU Q 124 17.25 -3.30 -1.88
C LEU Q 124 16.39 -2.16 -2.24
N ARG Q 125 15.56 -1.70 -1.23
CA ARG Q 125 14.65 -0.58 -1.42
C ARG Q 125 15.33 0.79 -1.63
N PRO Q 126 14.82 1.79 -2.30
CA PRO Q 126 15.30 3.15 -2.21
C PRO Q 126 14.81 3.61 -0.93
N PHE Q 127 15.41 4.67 -0.30
CA PHE Q 127 15.10 5.11 1.02
C PHE Q 127 14.69 6.62 0.95
N GLY Q 128 13.40 7.00 0.93
CA GLY Q 128 12.94 8.33 0.59
C GLY Q 128 13.17 9.26 1.72
N VAL Q 129 14.30 9.91 1.80
CA VAL Q 129 14.60 10.86 2.90
C VAL Q 129 15.32 11.97 2.20
N SER Q 130 14.84 13.21 2.57
CA SER Q 130 15.33 14.48 2.04
C SER Q 130 15.93 15.13 3.27
N PHE Q 131 17.27 15.45 3.20
CA PHE Q 131 18.04 16.14 4.23
C PHE Q 131 18.33 17.49 3.67
N ILE Q 132 18.23 18.51 4.51
CA ILE Q 132 18.62 19.80 4.21
C ILE Q 132 19.94 19.89 4.95
N TYR Q 133 21.05 20.06 4.17
CA TYR Q 133 22.41 20.11 4.72
C TYR Q 133 22.71 21.53 4.85
N ALA Q 134 23.06 22.03 6.07
CA ALA Q 134 23.48 23.39 6.26
C ALA Q 134 24.83 23.28 6.96
N GLY Q 135 25.82 23.95 6.30
CA GLY Q 135 27.17 23.68 6.64
C GLY Q 135 27.91 24.98 6.42
N TYR Q 136 29.26 24.96 6.71
CA TYR Q 136 30.18 26.08 6.42
C TYR Q 136 31.41 25.33 5.97
N ASP Q 137 32.03 25.70 4.84
CA ASP Q 137 33.33 25.20 4.49
C ASP Q 137 33.98 26.43 3.81
N ASP Q 138 35.30 26.51 3.69
CA ASP Q 138 36.10 27.62 3.18
C ASP Q 138 35.96 27.68 1.72
N ARG Q 139 35.31 26.71 1.04
CA ARG Q 139 35.06 26.77 -0.38
C ARG Q 139 34.07 27.77 -0.75
N TYR Q 140 32.94 27.89 -0.04
CA TYR Q 140 31.94 28.87 -0.53
C TYR Q 140 31.21 29.45 0.62
N GLY Q 141 31.91 29.38 1.79
CA GLY Q 141 31.44 30.01 2.99
C GLY Q 141 30.24 29.30 3.52
N TYR Q 142 29.13 29.98 3.96
CA TYR Q 142 27.87 29.33 4.23
C TYR Q 142 27.39 28.74 2.97
N GLN Q 143 26.79 27.54 3.12
CA GLN Q 143 26.20 26.73 2.05
C GLN Q 143 25.08 26.00 2.53
N LEU Q 144 23.90 26.06 1.79
CA LEU Q 144 22.71 25.46 2.20
C LEU Q 144 22.41 24.57 1.00
N TYR Q 145 22.09 23.24 1.23
CA TYR Q 145 21.81 22.33 0.14
C TYR Q 145 20.56 21.62 0.60
N THR Q 146 19.98 20.76 -0.33
CA THR Q 146 19.09 19.78 0.04
C THR Q 146 19.45 18.65 -0.85
N SER Q 147 19.04 17.45 -0.48
CA SER Q 147 19.22 16.22 -1.22
C SER Q 147 17.85 15.76 -1.58
N ASN Q 148 17.69 15.34 -2.86
CA ASN Q 148 16.60 14.73 -3.43
C ASN Q 148 16.43 13.27 -3.06
N PRO Q 149 15.32 12.62 -3.10
CA PRO Q 149 15.10 11.21 -2.77
C PRO Q 149 15.23 10.55 -4.09
N SER Q 150 15.57 11.33 -5.17
CA SER Q 150 15.85 10.90 -6.48
C SER Q 150 17.37 10.73 -6.56
N GLY Q 151 18.09 11.15 -5.52
CA GLY Q 151 19.45 10.76 -5.39
C GLY Q 151 20.40 11.73 -6.06
N ASN Q 152 20.17 13.12 -6.06
CA ASN Q 152 21.03 14.19 -6.49
C ASN Q 152 20.73 15.43 -5.61
N TYR Q 153 21.58 16.48 -5.67
CA TYR Q 153 21.55 17.62 -4.77
C TYR Q 153 21.59 18.89 -5.60
N THR Q 154 21.13 20.03 -4.99
CA THR Q 154 21.10 21.32 -5.60
C THR Q 154 21.35 22.29 -4.49
N GLY Q 155 22.16 23.33 -4.77
CA GLY Q 155 22.50 24.38 -3.88
C GLY Q 155 21.35 25.34 -3.71
N TRP Q 156 21.35 26.18 -2.70
CA TRP Q 156 20.22 26.98 -2.32
C TRP Q 156 20.54 28.15 -1.52
N LYS Q 157 19.58 29.10 -1.45
CA LYS Q 157 19.63 30.22 -0.57
C LYS Q 157 18.40 30.09 0.21
N ALA Q 158 17.35 29.26 -0.30
CA ALA Q 158 16.27 28.82 0.57
C ALA Q 158 15.73 27.65 -0.22
N ILE Q 159 15.11 26.75 0.54
CA ILE Q 159 14.45 25.56 0.00
C ILE Q 159 13.49 25.16 1.09
N SER Q 160 12.36 24.48 0.71
CA SER Q 160 11.46 23.97 1.71
C SER Q 160 11.22 22.55 1.16
N VAL Q 161 11.11 21.53 2.03
CA VAL Q 161 10.74 20.19 1.58
C VAL Q 161 9.68 19.99 2.62
N GLY Q 162 9.20 18.73 2.74
CA GLY Q 162 8.14 18.35 3.72
C GLY Q 162 6.84 18.90 3.20
N ALA Q 163 5.80 18.98 4.08
CA ALA Q 163 4.43 19.28 3.68
C ALA Q 163 4.32 20.72 3.10
N ASN Q 164 3.38 20.96 2.19
CA ASN Q 164 3.13 22.30 1.58
C ASN Q 164 4.26 22.95 0.90
N THR Q 165 5.04 22.22 0.09
CA THR Q 165 6.29 22.60 -0.54
C THR Q 165 6.10 23.84 -1.39
N SER Q 166 5.04 23.92 -2.29
CA SER Q 166 4.66 25.05 -3.12
C SER Q 166 4.39 26.26 -2.33
N ALA Q 167 3.58 26.15 -1.18
CA ALA Q 167 3.15 27.17 -0.27
C ALA Q 167 4.31 27.84 0.46
N ALA Q 168 5.20 26.93 0.94
CA ALA Q 168 6.39 27.39 1.66
C ALA Q 168 7.30 28.09 0.73
N GLN Q 169 7.49 27.61 -0.51
CA GLN Q 169 8.47 28.16 -1.41
C GLN Q 169 8.23 29.59 -1.86
N THR Q 170 6.98 29.92 -2.29
CA THR Q 170 6.60 31.28 -2.75
C THR Q 170 6.63 32.21 -1.59
N LEU Q 171 6.05 31.81 -0.45
CA LEU Q 171 6.08 32.70 0.71
C LEU Q 171 7.46 33.16 1.21
N LEU Q 172 8.42 32.16 1.22
CA LEU Q 172 9.83 32.40 1.58
C LEU Q 172 10.50 33.32 0.57
N GLN Q 173 10.25 33.14 -0.75
CA GLN Q 173 10.99 33.89 -1.65
C GLN Q 173 10.46 35.29 -1.87
N MET Q 174 9.16 35.45 -1.46
CA MET Q 174 8.57 36.75 -1.59
C MET Q 174 9.24 37.65 -0.56
N ASP Q 175 9.53 37.14 0.66
CA ASP Q 175 10.03 38.02 1.70
C ASP Q 175 11.51 37.82 1.82
N TYR Q 176 12.22 37.31 0.77
CA TYR Q 176 13.62 37.16 0.66
C TYR Q 176 14.16 38.50 0.12
N LYS Q 177 15.36 38.81 0.67
CA LYS Q 177 16.16 39.93 0.36
C LYS Q 177 17.47 39.25 0.38
N ASP Q 178 18.41 39.65 -0.57
CA ASP Q 178 19.68 38.97 -0.87
C ASP Q 178 20.55 38.88 0.38
N ASP Q 179 20.55 39.95 1.19
CA ASP Q 179 21.24 40.08 2.40
C ASP Q 179 20.52 39.19 3.45
N MET Q 180 19.52 39.66 4.21
CA MET Q 180 18.79 38.93 5.32
C MET Q 180 19.63 38.91 6.55
N LYS Q 181 19.06 39.41 7.63
CA LYS Q 181 19.54 39.35 9.01
C LYS Q 181 19.04 38.06 9.51
N VAL Q 182 19.91 37.46 10.40
CA VAL Q 182 19.68 36.18 11.10
C VAL Q 182 18.42 36.27 11.97
N ASP Q 183 18.10 37.42 12.63
CA ASP Q 183 16.85 37.65 13.37
C ASP Q 183 15.61 37.68 12.54
N ASP Q 184 15.73 38.18 11.33
CA ASP Q 184 14.64 38.26 10.38
C ASP Q 184 14.43 36.88 9.78
N ALA Q 185 15.55 36.07 9.64
CA ALA Q 185 15.59 34.73 9.12
C ALA Q 185 14.77 33.85 10.03
N ILE Q 186 15.00 34.04 11.33
CA ILE Q 186 14.17 33.36 12.38
C ILE Q 186 12.67 33.73 12.31
N GLU Q 187 12.42 35.03 12.17
CA GLU Q 187 11.04 35.69 12.22
C GLU Q 187 10.17 35.15 11.04
N LEU Q 188 10.85 35.06 9.85
CA LEU Q 188 10.31 34.55 8.64
C LEU Q 188 9.99 33.09 8.70
N ALA Q 189 10.88 32.33 9.36
CA ALA Q 189 10.61 30.94 9.44
C ALA Q 189 9.31 30.60 10.16
N LEU Q 190 9.10 31.30 11.22
CA LEU Q 190 7.96 31.04 12.09
C LEU Q 190 6.61 31.41 11.40
N LYS Q 191 6.61 32.57 10.68
CA LYS Q 191 5.50 33.08 9.95
C LYS Q 191 5.03 32.17 8.81
N THR Q 192 5.97 31.59 7.96
CA THR Q 192 5.65 30.69 6.88
C THR Q 192 5.17 29.37 7.54
N LEU Q 193 5.79 28.89 8.64
CA LEU Q 193 5.38 27.64 9.34
C LEU Q 193 4.00 27.65 9.88
N SER Q 194 3.47 28.80 10.35
CA SER Q 194 2.13 28.89 10.87
C SER Q 194 1.12 28.67 9.79
N LYS Q 195 1.33 29.26 8.56
CA LYS Q 195 0.35 29.26 7.52
C LYS Q 195 0.16 27.96 6.87
N THR Q 196 1.31 27.24 6.76
CA THR Q 196 1.35 25.95 6.15
C THR Q 196 0.67 24.91 6.95
N THR Q 197 0.89 24.98 8.25
CA THR Q 197 0.54 24.04 9.35
C THR Q 197 -0.98 24.19 9.67
N ASP Q 198 -1.71 23.12 9.98
CA ASP Q 198 -3.13 23.16 10.12
C ASP Q 198 -3.47 23.35 11.58
N SER Q 199 -2.40 23.32 12.52
CA SER Q 199 -2.55 23.69 13.93
C SER Q 199 -2.44 25.18 14.00
N SER Q 200 -3.55 25.77 14.41
CA SER Q 200 -3.79 27.18 14.38
C SER Q 200 -2.84 27.89 15.27
N ALA Q 201 -2.58 27.33 16.46
CA ALA Q 201 -1.74 27.93 17.49
C ALA Q 201 -0.36 27.22 17.33
N LEU Q 202 0.67 27.94 16.79
CA LEU Q 202 1.98 27.39 16.57
C LEU Q 202 2.64 27.77 17.89
N THR Q 203 3.04 26.70 18.61
CA THR Q 203 3.58 26.74 19.93
C THR Q 203 4.96 26.14 19.66
N TYR Q 204 5.79 26.33 20.70
CA TYR Q 204 7.17 26.05 20.71
C TYR Q 204 7.54 24.54 20.60
N ASP Q 205 6.62 23.71 21.10
CA ASP Q 205 6.63 22.29 21.07
C ASP Q 205 6.28 21.74 19.74
N ARG Q 206 5.81 22.53 18.74
CA ARG Q 206 5.51 22.16 17.35
C ARG Q 206 6.67 22.56 16.48
N LEU Q 207 7.67 23.19 17.13
CA LEU Q 207 8.84 23.73 16.51
C LEU Q 207 10.11 22.98 16.96
N GLU Q 208 11.06 22.79 15.95
CA GLU Q 208 12.43 22.37 16.15
C GLU Q 208 13.22 23.58 15.63
N PHE Q 209 14.41 23.96 16.15
CA PHE Q 209 15.09 25.15 15.70
C PHE Q 209 16.50 24.99 16.06
N ALA Q 210 17.36 25.49 15.15
CA ALA Q 210 18.73 25.67 15.27
C ALA Q 210 19.07 26.84 14.41
N THR Q 211 20.09 27.55 14.88
CA THR Q 211 20.69 28.58 14.04
C THR Q 211 22.18 28.27 14.07
N ILE Q 212 22.86 28.41 12.94
CA ILE Q 212 24.17 28.05 12.65
C ILE Q 212 24.91 29.24 12.29
N ARG Q 213 25.99 29.67 13.05
CA ARG Q 213 26.65 30.92 12.75
C ARG Q 213 28.13 30.79 12.92
N LYS Q 214 28.95 31.44 12.06
CA LYS Q 214 30.39 31.71 12.25
C LYS Q 214 30.55 33.22 12.43
N GLY Q 215 29.33 33.92 12.41
CA GLY Q 215 29.41 35.34 12.69
C GLY Q 215 29.24 35.48 14.16
N ALA Q 216 28.76 34.44 14.87
CA ALA Q 216 28.85 34.43 16.28
C ALA Q 216 29.91 33.41 16.65
N ASN Q 217 30.82 33.82 17.57
CA ASN Q 217 32.00 33.12 18.06
C ASN Q 217 32.94 32.91 16.92
N ASP Q 218 33.50 34.03 16.33
CA ASP Q 218 34.37 34.02 15.16
C ASP Q 218 35.56 33.06 15.26
N GLY Q 219 35.96 32.53 14.05
CA GLY Q 219 36.96 31.50 13.83
C GLY Q 219 36.40 30.11 14.13
N GLU Q 220 35.11 30.13 14.50
CA GLU Q 220 34.49 28.87 14.87
C GLU Q 220 33.09 28.79 14.39
N VAL Q 221 32.89 27.67 13.59
CA VAL Q 221 31.55 27.28 13.12
C VAL Q 221 30.84 26.68 14.32
N TYR Q 222 29.71 27.38 14.63
CA TYR Q 222 29.09 27.00 15.87
C TYR Q 222 27.66 26.82 15.52
N GLN Q 223 27.10 25.64 15.78
CA GLN Q 223 25.71 25.29 15.57
C GLN Q 223 25.10 25.25 16.93
N LYS Q 224 23.99 25.97 17.10
CA LYS Q 224 23.33 26.03 18.36
C LYS Q 224 21.83 25.79 18.16
N ILE Q 225 21.33 24.72 18.87
CA ILE Q 225 19.94 24.41 19.07
C ILE Q 225 19.36 25.31 20.10
N PHE Q 226 18.25 26.03 19.83
CA PHE Q 226 17.46 26.78 20.81
C PHE Q 226 16.72 25.86 21.72
N LYS Q 227 16.63 26.23 23.02
CA LYS Q 227 15.83 25.51 24.00
C LYS Q 227 14.36 25.99 23.97
N PRO Q 228 13.41 25.30 24.58
CA PRO Q 228 12.01 25.60 24.52
C PRO Q 228 11.65 26.92 25.04
N GLN Q 229 12.45 27.40 26.00
CA GLN Q 229 12.13 28.59 26.71
C GLN Q 229 12.53 29.77 25.90
N GLU Q 230 13.52 29.58 24.92
CA GLU Q 230 13.96 30.61 24.00
C GLU Q 230 12.96 30.70 22.86
N ILE Q 231 12.47 29.50 22.38
CA ILE Q 231 11.45 29.40 21.28
C ILE Q 231 10.12 30.01 21.62
N LYS Q 232 9.83 29.87 22.97
CA LYS Q 232 8.66 30.42 23.60
C LYS Q 232 8.66 31.90 23.54
N ASP Q 233 9.86 32.51 23.81
CA ASP Q 233 9.95 33.95 23.68
C ASP Q 233 9.70 34.49 22.33
N ILE Q 234 10.25 33.86 21.27
CA ILE Q 234 10.24 34.46 19.89
C ILE Q 234 8.86 34.35 19.32
N LEU Q 235 8.05 33.44 19.81
CA LEU Q 235 6.74 33.39 19.33
C LEU Q 235 5.94 34.63 19.74
N VAL Q 236 6.29 35.16 20.95
CA VAL Q 236 5.58 36.38 21.44
C VAL Q 236 6.04 37.57 20.62
N LYS Q 237 7.40 37.67 20.22
CA LYS Q 237 7.80 38.69 19.29
C LYS Q 237 7.09 38.66 17.88
N THR Q 238 6.83 37.51 17.31
CA THR Q 238 6.04 37.35 16.10
C THR Q 238 4.57 37.36 16.25
N GLY Q 239 4.09 37.37 17.51
CA GLY Q 239 2.69 37.63 17.86
C GLY Q 239 1.71 36.52 17.65
N ILE Q 240 2.27 35.31 17.51
CA ILE Q 240 1.49 34.04 17.45
C ILE Q 240 0.84 33.60 18.74
N THR Q 241 1.75 33.57 19.80
CA THR Q 241 1.32 33.51 21.08
C THR Q 241 1.30 34.92 21.57
N GLY R 1 5.04 -8.81 -23.27
CA GLY R 1 5.94 -8.44 -22.14
C GLY R 1 7.29 -9.16 -22.07
N TYR R 2 8.34 -8.37 -22.42
CA TYR R 2 9.67 -8.91 -22.49
C TYR R 2 10.57 -7.78 -21.98
N ASP R 3 9.99 -6.73 -21.32
CA ASP R 3 10.59 -5.51 -20.83
C ASP R 3 10.57 -5.64 -19.33
N ARG R 4 10.99 -6.80 -18.82
CA ARG R 4 10.95 -7.03 -17.40
C ARG R 4 12.32 -7.42 -16.89
N ALA R 5 13.25 -7.76 -17.76
CA ALA R 5 14.56 -8.11 -17.38
C ALA R 5 15.46 -7.96 -18.49
N LEU R 6 16.83 -7.96 -18.23
CA LEU R 6 17.75 -7.85 -19.31
C LEU R 6 18.22 -9.21 -19.63
N SER R 7 17.43 -10.26 -19.23
CA SER R 7 17.83 -11.67 -19.52
C SER R 7 16.74 -12.21 -20.36
N ILE R 8 15.76 -11.37 -20.82
CA ILE R 8 14.59 -11.82 -21.62
C ILE R 8 14.64 -10.90 -22.69
N PHE R 9 14.47 -11.41 -23.93
CA PHE R 9 14.49 -10.74 -25.19
C PHE R 9 13.14 -10.86 -25.79
N SER R 10 12.84 -9.96 -26.71
CA SER R 10 11.71 -9.89 -27.56
C SER R 10 12.01 -10.65 -28.80
N PRO R 11 11.06 -11.01 -29.59
CA PRO R 11 11.33 -11.71 -30.91
C PRO R 11 12.05 -10.86 -31.91
N ASP R 12 12.39 -9.54 -31.58
CA ASP R 12 13.09 -8.67 -32.55
C ASP R 12 14.50 -8.50 -32.02
N GLY R 13 14.72 -8.87 -30.72
CA GLY R 13 16.05 -9.01 -30.23
C GLY R 13 16.42 -7.86 -29.32
N HIS R 14 15.49 -6.95 -29.04
CA HIS R 14 15.69 -5.81 -28.21
C HIS R 14 15.55 -6.19 -26.66
N ILE R 15 16.11 -5.29 -25.77
CA ILE R 15 15.95 -5.27 -24.38
C ILE R 15 15.41 -3.87 -24.34
N PHE R 16 14.11 -3.72 -24.05
CA PHE R 16 13.38 -2.44 -24.09
C PHE R 16 13.89 -1.51 -23.15
N GLN R 17 14.39 -1.92 -21.94
CA GLN R 17 15.26 -1.11 -21.00
C GLN R 17 16.32 -0.12 -21.59
N VAL R 18 16.99 -0.53 -22.64
CA VAL R 18 17.97 0.27 -23.32
C VAL R 18 17.24 1.42 -24.14
N GLU R 19 16.09 0.97 -24.86
CA GLU R 19 15.19 1.73 -25.69
C GLU R 19 14.51 2.76 -24.79
N TYR R 20 14.06 2.32 -23.58
CA TYR R 20 13.47 3.27 -22.60
C TYR R 20 14.47 4.14 -21.96
N ALA R 21 15.77 3.71 -21.85
CA ALA R 21 16.90 4.52 -21.41
C ALA R 21 17.23 5.70 -22.35
N LEU R 22 17.07 5.45 -23.66
CA LEU R 22 17.28 6.48 -24.66
C LEU R 22 16.23 7.56 -24.55
N GLU R 23 14.93 7.12 -24.27
CA GLU R 23 13.90 8.11 -23.98
C GLU R 23 14.22 8.88 -22.67
N ALA R 24 14.83 8.22 -21.65
CA ALA R 24 15.30 8.91 -20.40
C ALA R 24 16.27 10.05 -20.62
N VAL R 25 17.18 9.95 -21.66
CA VAL R 25 18.09 11.01 -22.03
C VAL R 25 17.39 12.25 -22.33
N LYS R 26 16.23 12.11 -22.93
CA LYS R 26 15.54 13.21 -23.43
C LYS R 26 14.94 14.14 -22.37
N ARG R 27 14.73 13.63 -21.17
CA ARG R 27 14.35 14.28 -19.94
C ARG R 27 15.41 15.31 -19.56
N GLY R 28 16.69 14.88 -19.51
CA GLY R 28 17.86 15.75 -19.29
C GLY R 28 18.02 16.62 -20.51
N THR R 29 18.44 17.86 -20.19
CA THR R 29 18.76 18.92 -21.21
C THR R 29 19.78 18.55 -22.22
N CYS R 30 19.88 19.32 -23.38
CA CYS R 30 20.72 19.02 -24.52
C CYS R 30 22.10 19.33 -24.17
N ALA R 31 23.07 18.65 -24.88
CA ALA R 31 24.44 18.85 -24.94
C ALA R 31 24.86 18.66 -26.37
N VAL R 32 25.90 19.46 -26.84
CA VAL R 32 26.29 19.57 -28.20
C VAL R 32 27.84 19.56 -28.06
N GLY R 33 28.41 18.75 -29.02
CA GLY R 33 29.82 18.72 -29.23
C GLY R 33 29.98 18.85 -30.70
N VAL R 34 31.09 19.65 -31.01
CA VAL R 34 31.47 20.04 -32.34
C VAL R 34 33.02 20.17 -32.33
N LYS R 35 33.70 19.50 -33.19
CA LYS R 35 35.12 19.70 -33.29
C LYS R 35 35.44 20.67 -34.41
N GLY R 36 36.60 21.31 -34.25
CA GLY R 36 37.25 22.19 -35.26
C GLY R 36 38.54 21.48 -35.79
N LYS R 37 39.51 22.25 -36.20
CA LYS R 37 40.74 21.82 -36.80
C LYS R 37 41.81 21.73 -35.76
N ASN R 38 41.56 22.29 -34.56
CA ASN R 38 42.62 22.38 -33.58
C ASN R 38 42.00 22.50 -32.17
N CYS R 39 40.73 22.10 -32.06
CA CYS R 39 40.00 22.22 -30.87
C CYS R 39 38.83 21.38 -30.95
N VAL R 40 38.21 21.29 -29.76
CA VAL R 40 36.93 20.78 -29.70
C VAL R 40 36.26 21.80 -28.74
N VAL R 41 35.01 22.29 -29.00
CA VAL R 41 34.19 23.09 -28.09
C VAL R 41 33.12 22.16 -27.66
N LEU R 42 32.82 22.14 -26.34
CA LEU R 42 31.89 21.19 -25.82
C LEU R 42 31.02 22.20 -25.11
N GLY R 43 29.77 22.32 -25.64
CA GLY R 43 28.84 23.29 -25.20
C GLY R 43 27.54 22.75 -24.89
N CYS R 44 26.85 23.36 -23.97
CA CYS R 44 25.69 22.69 -23.32
C CYS R 44 24.67 23.65 -22.92
N GLU R 45 23.37 23.22 -22.78
CA GLU R 45 22.28 24.00 -22.14
C GLU R 45 22.39 23.81 -20.66
N ARG R 46 22.30 25.00 -19.97
CA ARG R 46 22.42 25.09 -18.54
C ARG R 46 21.06 25.55 -18.12
N ARG R 47 20.74 25.29 -16.81
CA ARG R 47 19.42 25.63 -16.34
C ARG R 47 19.53 26.68 -15.25
N SER R 48 18.66 27.76 -15.28
CA SER R 48 18.54 28.77 -14.27
C SER R 48 17.09 28.73 -13.95
N THR R 49 16.84 28.18 -12.66
CA THR R 49 15.50 27.99 -12.33
C THR R 49 14.93 29.15 -11.52
N LEU R 50 15.71 29.51 -10.42
CA LEU R 50 15.24 30.52 -9.47
C LEU R 50 16.34 31.38 -8.96
N LYS R 51 15.97 32.46 -8.25
CA LYS R 51 16.97 33.38 -7.69
C LYS R 51 17.69 32.73 -6.56
N LEU R 52 16.97 31.79 -5.81
CA LEU R 52 17.45 31.08 -4.66
C LEU R 52 18.53 30.14 -5.14
N GLN R 53 18.27 29.47 -6.34
CA GLN R 53 19.23 28.49 -6.80
C GLN R 53 20.50 29.21 -7.07
N ASP R 54 21.71 28.61 -6.93
CA ASP R 54 22.97 29.26 -7.24
C ASP R 54 23.52 28.60 -8.46
N THR R 55 24.85 28.77 -8.67
CA THR R 55 25.60 28.27 -9.76
C THR R 55 26.87 27.71 -9.25
N ARG R 56 27.39 28.30 -8.08
CA ARG R 56 28.56 27.92 -7.42
C ARG R 56 28.39 26.60 -6.94
N ILE R 57 27.25 26.31 -6.25
CA ILE R 57 26.94 25.12 -5.47
C ILE R 57 25.95 24.25 -6.09
N THR R 58 25.52 24.63 -7.29
CA THR R 58 24.46 24.00 -8.02
C THR R 58 25.21 23.33 -9.17
N PRO R 59 25.25 21.98 -9.31
CA PRO R 59 26.05 21.24 -10.33
C PRO R 59 26.17 21.80 -11.73
N SER R 60 27.37 21.65 -12.43
CA SER R 60 27.56 22.04 -13.80
C SER R 60 27.28 20.82 -14.61
N LYS R 61 26.96 21.10 -15.92
CA LYS R 61 26.61 20.07 -16.79
C LYS R 61 27.76 19.56 -17.48
N VAL R 62 28.88 20.31 -17.35
CA VAL R 62 30.21 19.86 -17.76
C VAL R 62 30.87 19.49 -16.54
N SER R 63 31.54 18.26 -16.51
CA SER R 63 32.47 17.95 -15.49
C SER R 63 33.77 17.56 -16.27
N LYS R 64 34.93 17.98 -15.77
CA LYS R 64 36.27 17.74 -16.30
C LYS R 64 36.70 16.51 -15.68
N ILE R 65 36.99 15.45 -16.46
CA ILE R 65 37.51 14.24 -16.01
C ILE R 65 38.85 14.45 -15.49
N ASP R 66 39.70 15.22 -16.23
CA ASP R 66 41.10 15.36 -15.88
C ASP R 66 41.46 16.66 -16.61
N SER R 67 42.76 16.84 -16.97
CA SER R 67 43.33 18.08 -17.52
C SER R 67 43.47 18.03 -19.04
N HIS R 68 42.95 16.91 -19.64
CA HIS R 68 43.11 16.72 -21.03
C HIS R 68 41.99 15.86 -21.59
N VAL R 69 41.09 15.52 -20.67
CA VAL R 69 39.82 14.90 -21.04
C VAL R 69 38.77 15.63 -20.25
N VAL R 70 37.56 15.83 -20.94
CA VAL R 70 36.43 16.57 -20.42
C VAL R 70 35.28 15.62 -20.79
N LEU R 71 34.16 15.88 -20.13
CA LEU R 71 33.01 15.02 -20.27
C LEU R 71 31.78 15.96 -20.03
N SER R 72 30.74 15.82 -20.92
CA SER R 72 29.43 16.41 -20.80
C SER R 72 28.42 15.23 -20.69
N PHE R 73 27.23 15.47 -20.18
CA PHE R 73 26.26 14.47 -20.07
C PHE R 73 24.94 15.01 -20.12
N SER R 74 23.94 14.11 -20.38
CA SER R 74 22.50 14.33 -20.53
C SER R 74 21.87 13.07 -20.04
N GLY R 75 20.78 13.11 -19.22
CA GLY R 75 20.16 11.94 -18.63
C GLY R 75 19.65 12.35 -17.33
N LEU R 76 19.47 11.42 -16.35
CA LEU R 76 19.22 11.75 -14.98
C LEU R 76 20.51 12.15 -14.33
N ASN R 77 20.39 13.13 -13.44
CA ASN R 77 21.56 13.73 -12.81
C ASN R 77 22.17 12.72 -11.80
N ALA R 78 21.46 11.94 -11.04
CA ALA R 78 21.95 10.99 -10.08
C ALA R 78 22.76 9.90 -10.69
N ASP R 79 22.30 9.35 -11.84
CA ASP R 79 22.94 8.25 -12.51
C ASP R 79 24.34 8.64 -13.04
N SER R 80 24.42 9.86 -13.59
CA SER R 80 25.69 10.36 -14.16
C SER R 80 26.74 10.65 -13.08
N ARG R 81 26.25 10.85 -11.84
CA ARG R 81 27.09 11.23 -10.78
C ARG R 81 28.11 10.15 -10.43
N ILE R 82 27.54 8.86 -10.34
CA ILE R 82 28.34 7.66 -9.97
C ILE R 82 29.22 7.37 -11.16
N LEU R 83 28.74 7.61 -12.40
CA LEU R 83 29.47 7.39 -13.53
C LEU R 83 30.68 8.31 -13.71
N ILE R 84 30.56 9.56 -13.34
CA ILE R 84 31.61 10.56 -13.45
C ILE R 84 32.75 10.24 -12.47
N GLU R 85 32.44 9.92 -11.19
CA GLU R 85 33.54 9.72 -10.23
C GLU R 85 34.24 8.46 -10.61
N LYS R 86 33.46 7.45 -11.10
CA LYS R 86 33.89 6.20 -11.57
C LYS R 86 34.82 6.38 -12.77
N ALA R 87 34.47 7.27 -13.64
CA ALA R 87 35.20 7.69 -14.83
C ALA R 87 36.46 8.38 -14.54
N ARG R 88 36.38 9.24 -13.46
CA ARG R 88 37.56 9.90 -13.02
C ARG R 88 38.61 9.05 -12.47
N VAL R 89 38.24 7.99 -11.67
CA VAL R 89 39.14 7.05 -11.08
C VAL R 89 39.76 6.23 -12.16
N GLU R 90 38.96 5.76 -13.19
CA GLU R 90 39.46 4.97 -14.26
C GLU R 90 40.53 5.60 -15.07
N ALA R 91 40.26 6.89 -15.27
CA ALA R 91 41.17 7.84 -15.82
C ALA R 91 42.52 7.96 -14.99
N GLN R 92 42.38 7.95 -13.67
CA GLN R 92 43.60 7.99 -12.88
C GLN R 92 44.39 6.65 -12.96
N SER R 93 43.63 5.53 -12.94
CA SER R 93 44.17 4.18 -12.92
C SER R 93 44.94 3.88 -14.17
N HIS R 94 44.65 4.60 -15.24
CA HIS R 94 45.47 4.52 -16.45
C HIS R 94 46.88 4.90 -16.21
N ARG R 95 47.11 6.04 -15.50
CA ARG R 95 48.37 6.62 -15.23
C ARG R 95 49.10 5.86 -14.15
N LEU R 96 48.32 5.22 -13.23
CA LEU R 96 48.84 4.49 -12.18
C LEU R 96 49.53 3.31 -12.73
N THR R 97 48.88 2.61 -13.74
CA THR R 97 49.43 1.39 -14.27
C THR R 97 50.63 1.62 -15.22
N LEU R 98 50.41 2.63 -16.17
CA LEU R 98 51.15 2.77 -17.42
C LEU R 98 52.23 3.86 -17.15
N GLU R 99 51.81 4.87 -16.33
CA GLU R 99 52.37 6.14 -16.23
C GLU R 99 52.45 6.94 -17.53
N ASP R 100 51.24 7.32 -18.01
CA ASP R 100 51.03 8.20 -19.11
C ASP R 100 49.71 8.83 -18.80
N PRO R 101 49.59 10.11 -19.21
CA PRO R 101 48.26 10.81 -19.44
C PRO R 101 47.30 9.88 -20.19
N VAL R 102 46.00 9.88 -19.75
CA VAL R 102 44.85 9.04 -20.15
C VAL R 102 44.57 9.20 -21.66
N THR R 103 44.38 8.07 -22.37
CA THR R 103 43.93 8.14 -23.76
C THR R 103 42.48 8.27 -23.74
N VAL R 104 41.94 9.15 -24.71
CA VAL R 104 40.57 9.31 -24.99
C VAL R 104 39.87 8.14 -25.48
N GLU R 105 40.47 7.28 -26.31
CA GLU R 105 39.96 5.97 -26.74
C GLU R 105 39.83 5.07 -25.56
N TYR R 106 40.86 5.16 -24.63
CA TYR R 106 40.89 4.21 -23.52
C TYR R 106 39.67 4.58 -22.66
N LEU R 107 39.43 5.85 -22.43
CA LEU R 107 38.40 6.42 -21.61
C LEU R 107 37.06 6.17 -22.12
N THR R 108 36.64 6.39 -23.40
CA THR R 108 35.30 6.10 -23.88
C THR R 108 35.02 4.56 -23.83
N ARG R 109 36.04 3.73 -24.10
CA ARG R 109 35.87 2.33 -24.21
C ARG R 109 35.59 1.68 -22.82
N TYR R 110 36.26 2.13 -21.73
CA TYR R 110 36.11 1.62 -20.35
C TYR R 110 34.82 2.16 -19.77
N VAL R 111 34.54 3.45 -20.07
CA VAL R 111 33.41 4.08 -19.34
C VAL R 111 32.03 3.56 -19.66
N ALA R 112 31.84 3.33 -20.98
CA ALA R 112 30.74 2.57 -21.64
C ALA R 112 30.92 1.13 -21.39
N GLY R 113 32.17 0.65 -21.05
CA GLY R 113 32.36 -0.69 -20.65
C GLY R 113 31.68 -0.98 -19.34
N VAL R 114 31.60 0.02 -18.42
CA VAL R 114 30.93 -0.05 -17.10
C VAL R 114 29.47 -0.18 -17.33
N GLN R 115 28.94 0.65 -18.29
CA GLN R 115 27.58 0.54 -18.81
C GLN R 115 27.32 -0.78 -19.38
N GLN R 116 28.25 -1.35 -20.18
CA GLN R 116 28.11 -2.61 -20.89
C GLN R 116 27.97 -3.81 -19.98
N ARG R 117 28.81 -3.73 -18.93
CA ARG R 117 28.87 -4.73 -17.84
C ARG R 117 27.57 -4.89 -17.13
N TYR R 118 26.90 -3.77 -16.82
CA TYR R 118 25.57 -3.68 -16.22
C TYR R 118 24.51 -4.21 -17.10
N THR R 119 24.53 -3.82 -18.47
CA THR R 119 23.55 -4.25 -19.47
C THR R 119 23.66 -5.80 -19.65
N GLN R 120 24.89 -6.37 -19.66
CA GLN R 120 25.09 -7.72 -19.80
C GLN R 120 24.44 -8.54 -18.69
N SER R 121 24.60 -8.03 -17.45
CA SER R 121 23.95 -8.53 -16.25
C SER R 121 22.42 -8.35 -16.40
N GLY R 122 21.66 -9.23 -15.78
CA GLY R 122 20.18 -9.35 -15.88
C GLY R 122 19.58 -8.96 -14.54
N GLY R 123 20.44 -8.96 -13.52
CA GLY R 123 19.86 -8.71 -12.16
C GLY R 123 19.98 -7.24 -11.88
N VAL R 124 20.57 -6.33 -12.71
CA VAL R 124 20.77 -4.90 -12.32
C VAL R 124 20.59 -4.23 -13.63
N ARG R 125 19.97 -2.98 -13.58
CA ARG R 125 19.89 -2.07 -14.68
C ARG R 125 21.24 -1.41 -14.86
N PRO R 126 21.51 -0.96 -15.99
CA PRO R 126 22.66 -0.04 -16.29
C PRO R 126 22.13 1.32 -16.13
N PHE R 127 23.03 2.32 -16.29
CA PHE R 127 22.65 3.78 -16.34
C PHE R 127 21.70 4.19 -17.48
N GLY R 128 21.08 5.38 -17.30
CA GLY R 128 20.27 6.04 -18.29
C GLY R 128 20.85 7.39 -18.63
N VAL R 129 21.98 7.44 -19.25
CA VAL R 129 22.76 8.57 -19.51
C VAL R 129 23.43 8.32 -20.83
N SER R 130 23.49 9.39 -21.69
CA SER R 130 24.38 9.30 -22.87
C SER R 130 25.35 10.51 -22.62
N THR R 131 26.71 10.32 -22.92
CA THR R 131 27.78 11.29 -22.57
C THR R 131 28.48 11.62 -23.87
N LEU R 132 29.28 12.74 -23.79
CA LEU R 132 30.23 13.06 -24.78
C LEU R 132 31.54 12.96 -24.03
N ILE R 133 32.62 12.34 -24.59
CA ILE R 133 33.86 12.29 -24.01
C ILE R 133 34.71 12.80 -25.12
N ALA R 134 35.26 14.01 -24.78
CA ALA R 134 36.02 14.71 -25.73
C ALA R 134 37.40 14.92 -25.12
N GLY R 135 38.44 15.11 -25.97
CA GLY R 135 39.78 15.25 -25.53
C GLY R 135 40.83 15.20 -26.59
N PHE R 136 42.03 15.41 -26.11
CA PHE R 136 43.28 15.40 -26.80
C PHE R 136 44.27 14.62 -25.96
N ASP R 137 45.46 14.58 -26.52
CA ASP R 137 46.55 13.75 -25.89
C ASP R 137 47.76 14.62 -26.14
N PRO R 138 48.95 14.52 -25.35
CA PRO R 138 50.07 15.36 -25.60
C PRO R 138 50.95 14.98 -26.79
N ARG R 139 50.64 13.81 -27.41
CA ARG R 139 51.43 13.09 -28.39
C ARG R 139 50.74 13.23 -29.74
N ASP R 140 49.35 13.17 -29.61
CA ASP R 140 48.48 13.17 -30.77
C ASP R 140 47.93 14.52 -30.80
N ASP R 141 47.86 15.13 -31.96
CA ASP R 141 47.29 16.45 -32.16
C ASP R 141 45.88 16.35 -32.77
N GLU R 142 45.43 15.07 -32.99
CA GLU R 142 44.17 14.86 -33.68
C GLU R 142 43.05 15.08 -32.74
N PRO R 143 41.94 15.86 -32.94
CA PRO R 143 41.02 16.21 -31.88
C PRO R 143 40.02 15.10 -31.92
N LYS R 144 39.43 14.65 -30.81
CA LYS R 144 38.64 13.40 -30.76
C LYS R 144 37.46 13.80 -29.94
N LEU R 145 36.27 13.23 -30.36
CA LEU R 145 34.95 13.45 -29.75
C LEU R 145 34.33 12.13 -29.96
N TYR R 146 33.83 11.60 -28.82
CA TYR R 146 33.36 10.20 -28.68
C TYR R 146 32.04 10.41 -27.96
N GLN R 147 31.28 9.30 -27.94
CA GLN R 147 29.89 9.20 -27.48
C GLN R 147 29.76 7.98 -26.71
N THR R 148 28.83 7.95 -25.74
CA THR R 148 28.47 6.67 -25.13
C THR R 148 27.01 6.73 -25.25
N GLU R 149 26.34 5.59 -25.12
CA GLU R 149 24.97 5.30 -25.17
C GLU R 149 24.78 4.29 -24.10
N PRO R 150 23.51 4.18 -23.55
CA PRO R 150 23.12 3.46 -22.37
C PRO R 150 23.18 1.98 -22.50
N SER R 151 23.54 1.45 -23.70
CA SER R 151 23.66 0.07 -24.07
C SER R 151 25.04 -0.31 -23.74
N GLY R 152 25.96 0.66 -23.57
CA GLY R 152 27.35 0.44 -23.31
C GLY R 152 28.08 0.28 -24.56
N ILE R 153 27.62 1.07 -25.61
CA ILE R 153 28.16 1.05 -27.00
C ILE R 153 28.81 2.48 -27.13
N TYR R 154 30.01 2.59 -27.74
CA TYR R 154 30.65 3.83 -27.84
C TYR R 154 30.93 3.88 -29.25
N SER R 155 30.87 5.13 -29.74
CA SER R 155 30.85 5.41 -31.14
C SER R 155 31.59 6.61 -31.21
N SER R 156 32.18 6.93 -32.39
CA SER R 156 32.85 8.17 -32.55
C SER R 156 32.13 8.98 -33.64
N TRP R 157 32.00 10.34 -33.43
CA TRP R 157 31.33 11.21 -34.35
C TRP R 157 32.10 12.54 -34.24
N SER R 158 32.19 13.19 -35.42
CA SER R 158 32.85 14.47 -35.75
C SER R 158 32.11 15.52 -34.95
N ALA R 159 30.79 15.58 -34.98
CA ALA R 159 29.94 16.50 -34.26
C ALA R 159 28.67 15.70 -33.96
N GLN R 160 28.01 15.92 -32.72
CA GLN R 160 26.87 15.27 -32.27
C GLN R 160 26.14 16.10 -31.29
N THR R 161 24.81 15.86 -31.32
CA THR R 161 23.92 16.37 -30.39
C THR R 161 23.30 15.16 -29.77
N ILE R 162 23.09 15.22 -28.43
CA ILE R 162 22.34 14.28 -27.69
C ILE R 162 21.60 15.05 -26.62
N GLY R 163 20.62 14.43 -25.93
CA GLY R 163 19.83 15.19 -24.97
C GLY R 163 18.53 15.62 -25.58
N ARG R 164 17.96 16.73 -25.03
CA ARG R 164 16.60 17.20 -25.19
C ARG R 164 16.41 17.93 -26.54
N ASN R 165 15.51 17.38 -27.27
CA ASN R 165 15.20 17.68 -28.66
C ASN R 165 16.41 17.69 -29.52
N SER R 166 17.29 16.67 -29.40
CA SER R 166 18.61 16.62 -30.03
C SER R 166 18.44 16.57 -31.56
N LYS R 167 17.45 15.78 -32.02
CA LYS R 167 17.23 15.50 -33.40
C LYS R 167 17.15 16.71 -34.25
N THR R 168 16.47 17.78 -33.72
CA THR R 168 16.20 19.05 -34.43
C THR R 168 17.44 19.94 -34.58
N VAL R 169 18.23 19.92 -33.54
CA VAL R 169 19.52 20.55 -33.41
C VAL R 169 20.55 19.87 -34.36
N ARG R 170 20.39 18.54 -34.55
CA ARG R 170 21.22 17.72 -35.41
C ARG R 170 21.17 18.09 -36.79
N GLU R 171 19.99 18.38 -37.33
CA GLU R 171 19.80 18.60 -38.74
C GLU R 171 20.45 19.89 -39.21
N PHE R 172 20.32 20.94 -38.45
CA PHE R 172 21.05 22.20 -38.62
C PHE R 172 22.60 22.08 -38.67
N LEU R 173 23.12 21.25 -37.77
CA LEU R 173 24.59 20.97 -37.64
C LEU R 173 25.19 20.21 -38.80
N GLU R 174 24.50 19.21 -39.38
CA GLU R 174 24.85 18.52 -40.56
C GLU R 174 25.28 19.44 -41.70
N LYS R 175 24.35 20.38 -42.02
CA LYS R 175 24.45 21.35 -43.11
C LYS R 175 25.69 22.23 -43.02
N ASN R 176 25.85 22.86 -41.83
CA ASN R 176 26.98 23.86 -41.70
C ASN R 176 28.30 23.20 -41.63
N TYR R 177 28.44 22.04 -40.93
CA TYR R 177 29.56 21.22 -40.67
C TYR R 177 29.94 20.43 -41.90
N ASP R 178 31.24 20.26 -42.18
CA ASP R 178 31.71 19.38 -43.28
C ASP R 178 32.89 18.68 -42.69
N ARG R 179 33.05 17.42 -43.10
CA ARG R 179 34.14 16.52 -42.70
C ARG R 179 35.42 17.00 -43.43
N LYS R 180 35.19 17.78 -44.54
CA LYS R 180 36.15 18.38 -45.35
C LYS R 180 36.53 19.72 -44.79
N GLU R 181 35.64 20.38 -44.07
CA GLU R 181 35.93 21.60 -43.35
C GLU R 181 35.17 21.80 -42.14
N PRO R 182 35.80 21.47 -41.07
CA PRO R 182 35.34 21.88 -39.74
C PRO R 182 35.78 23.32 -39.50
N PRO R 183 35.27 24.06 -38.49
CA PRO R 183 35.75 25.39 -38.09
C PRO R 183 37.22 25.50 -37.76
N ALA R 184 37.96 26.39 -38.54
CA ALA R 184 39.40 26.75 -38.66
C ALA R 184 39.91 27.46 -37.40
N THR R 185 39.12 28.40 -36.88
CA THR R 185 39.50 29.14 -35.76
C THR R 185 38.60 28.68 -34.68
N VAL R 186 38.98 28.99 -33.43
CA VAL R 186 38.36 28.57 -32.17
C VAL R 186 37.12 29.31 -31.94
N GLU R 187 37.20 30.59 -32.16
CA GLU R 187 36.11 31.60 -32.04
C GLU R 187 34.92 31.27 -32.96
N GLU R 188 35.22 30.72 -34.23
CA GLU R 188 34.34 30.25 -35.17
C GLU R 188 33.71 28.96 -34.85
N CYS R 189 34.46 28.07 -34.17
CA CYS R 189 33.97 26.84 -33.56
C CYS R 189 32.98 27.07 -32.55
N VAL R 190 33.22 28.10 -31.73
CA VAL R 190 32.28 28.64 -30.74
C VAL R 190 31.13 29.25 -31.38
N LYS R 191 31.19 29.97 -32.53
CA LYS R 191 30.02 30.58 -33.06
C LYS R 191 28.93 29.66 -33.53
N LEU R 192 29.32 28.55 -34.09
CA LEU R 192 28.50 27.45 -34.58
C LEU R 192 27.88 26.71 -33.41
N THR R 193 28.62 26.42 -32.34
CA THR R 193 28.20 25.73 -31.18
C THR R 193 27.05 26.52 -30.49
N VAL R 194 27.19 27.89 -30.46
CA VAL R 194 26.21 28.81 -29.97
C VAL R 194 24.97 28.83 -30.87
N ARG R 195 25.15 28.81 -32.24
CA ARG R 195 24.08 28.93 -33.20
C ARG R 195 23.21 27.75 -33.05
N SER R 196 23.80 26.48 -32.83
CA SER R 196 23.10 25.34 -32.56
C SER R 196 22.30 25.41 -31.31
N LEU R 197 22.95 25.97 -30.20
CA LEU R 197 22.26 25.99 -28.87
C LEU R 197 21.15 26.95 -28.67
N LEU R 198 21.10 28.03 -29.49
CA LEU R 198 20.14 29.08 -29.45
C LEU R 198 18.78 28.50 -29.56
N GLU R 199 18.70 27.48 -30.48
CA GLU R 199 17.52 26.74 -30.74
C GLU R 199 16.85 26.05 -29.57
N VAL R 200 17.64 25.45 -28.63
CA VAL R 200 17.17 24.70 -27.46
C VAL R 200 16.88 25.56 -26.28
N VAL R 201 17.51 26.78 -26.26
CA VAL R 201 17.41 27.60 -25.03
C VAL R 201 16.12 28.37 -25.13
N GLN R 202 15.76 28.75 -26.34
CA GLN R 202 14.76 29.70 -26.77
C GLN R 202 15.38 31.03 -26.60
N THR R 203 15.37 31.68 -25.39
CA THR R 203 16.17 32.84 -25.07
C THR R 203 16.85 32.47 -23.76
N GLY R 204 18.07 32.99 -23.44
CA GLY R 204 18.75 32.79 -22.27
C GLY R 204 20.20 32.70 -22.75
N ALA R 205 20.96 33.78 -22.43
CA ALA R 205 22.36 33.86 -22.71
C ALA R 205 23.13 33.59 -21.46
N LYS R 206 22.50 33.36 -20.26
CA LYS R 206 23.13 32.85 -19.05
C LYS R 206 22.87 31.37 -19.08
N ASN R 207 21.98 30.91 -19.99
CA ASN R 207 21.59 29.52 -20.08
C ASN R 207 22.33 28.77 -21.18
N ILE R 208 23.39 29.38 -21.77
CA ILE R 208 24.19 28.78 -22.76
C ILE R 208 25.56 28.72 -21.98
N GLU R 209 26.19 27.54 -21.95
CA GLU R 209 27.43 27.24 -21.23
C GLU R 209 28.43 26.79 -22.24
N ILE R 210 29.64 27.37 -22.32
CA ILE R 210 30.66 27.06 -23.36
C ILE R 210 31.87 26.64 -22.53
N THR R 211 32.68 25.65 -23.03
CA THR R 211 33.94 25.13 -22.49
C THR R 211 34.71 24.87 -23.77
N VAL R 212 36.03 25.02 -23.76
CA VAL R 212 36.91 24.78 -24.83
C VAL R 212 38.02 23.94 -24.38
N VAL R 213 38.45 22.93 -25.10
CA VAL R 213 39.54 22.06 -24.89
C VAL R 213 40.37 22.06 -26.17
N LYS R 214 41.72 22.23 -25.96
CA LYS R 214 42.70 22.28 -27.08
C LYS R 214 43.77 21.29 -26.54
N PRO R 215 44.72 20.91 -27.40
CA PRO R 215 45.81 20.06 -26.99
C PRO R 215 46.71 20.84 -26.02
N ASP R 216 47.64 20.03 -25.42
CA ASP R 216 48.69 20.28 -24.54
C ASP R 216 48.04 20.72 -23.28
N SER R 217 46.97 19.98 -22.88
CA SER R 217 46.28 20.00 -21.63
C SER R 217 45.68 21.36 -21.31
N ASP R 218 45.00 22.03 -22.27
CA ASP R 218 44.38 23.29 -22.23
C ASP R 218 42.97 22.93 -22.17
N ILE R 219 42.38 23.23 -21.04
CA ILE R 219 40.95 23.29 -20.79
C ILE R 219 40.80 24.58 -20.16
N VAL R 220 39.69 25.29 -20.59
CA VAL R 220 39.24 26.60 -20.09
C VAL R 220 37.73 26.45 -20.12
N ALA R 221 37.17 27.24 -19.16
CA ALA R 221 35.73 27.39 -19.06
C ALA R 221 35.50 28.84 -19.12
N LEU R 222 34.68 29.31 -20.04
CA LEU R 222 34.55 30.66 -20.45
C LEU R 222 33.69 31.39 -19.48
N SER R 223 34.17 32.67 -19.16
CA SER R 223 33.50 33.62 -18.29
C SER R 223 32.10 33.99 -18.78
N SER R 224 31.18 34.56 -17.94
CA SER R 224 29.81 34.74 -18.46
C SER R 224 29.76 35.72 -19.59
N GLU R 225 30.73 36.72 -19.39
CA GLU R 225 30.86 37.91 -20.18
C GLU R 225 31.21 37.52 -21.68
N GLU R 226 32.16 36.57 -21.79
CA GLU R 226 32.65 35.99 -23.05
C GLU R 226 31.54 35.21 -23.78
N ILE R 227 30.61 34.59 -23.04
CA ILE R 227 29.64 33.75 -23.69
C ILE R 227 28.68 34.67 -24.35
N ASN R 228 28.41 35.87 -23.72
CA ASN R 228 27.52 36.89 -24.06
C ASN R 228 27.89 37.66 -25.35
N GLN R 229 29.18 37.78 -25.67
CA GLN R 229 29.69 38.52 -26.86
C GLN R 229 29.26 37.72 -28.09
N TYR R 230 29.28 36.33 -28.00
CA TYR R 230 28.88 35.48 -29.10
C TYR R 230 27.43 35.72 -29.35
N VAL R 231 26.56 35.72 -28.36
CA VAL R 231 25.09 35.73 -28.51
C VAL R 231 24.65 36.95 -29.26
N THR R 232 25.19 38.17 -28.90
CA THR R 232 25.07 39.44 -29.47
C THR R 232 25.69 39.50 -30.84
N GLN R 233 26.78 38.74 -31.09
CA GLN R 233 27.38 38.68 -32.39
C GLN R 233 26.59 37.92 -33.32
N ILE R 234 25.89 36.82 -32.82
CA ILE R 234 25.05 36.03 -33.63
C ILE R 234 23.73 36.75 -33.94
N GLU R 235 23.18 37.56 -32.98
CA GLU R 235 21.98 38.34 -33.31
C GLU R 235 22.21 39.47 -34.39
N GLN R 236 23.39 40.10 -34.53
CA GLN R 236 23.71 41.15 -35.53
C GLN R 236 23.77 40.56 -36.87
N GLU R 237 24.33 39.34 -37.05
CA GLU R 237 24.34 38.66 -38.30
C GLU R 237 23.00 38.09 -38.69
N LYS R 238 22.18 37.67 -37.65
CA LYS R 238 20.88 37.04 -37.78
C LYS R 238 19.97 38.10 -38.34
N SER S 1 4.97 -15.91 -25.51
CA SER S 1 4.12 -17.11 -25.14
C SER S 1 4.29 -17.32 -23.63
N GLU S 2 5.14 -18.32 -23.19
CA GLU S 2 5.35 -18.58 -21.80
C GLU S 2 6.74 -19.24 -21.66
N TYR S 3 7.38 -19.56 -22.79
CA TYR S 3 8.63 -20.32 -22.80
C TYR S 3 9.78 -19.52 -23.19
N ASP S 4 9.50 -18.19 -23.03
CA ASP S 4 10.43 -17.10 -23.37
C ASP S 4 10.50 -16.22 -22.13
N ARG S 5 10.09 -16.76 -20.99
CA ARG S 5 10.21 -16.19 -19.69
C ARG S 5 11.03 -17.16 -18.83
N GLY S 6 11.60 -18.22 -19.40
CA GLY S 6 12.52 -19.08 -18.66
C GLY S 6 13.55 -19.51 -19.67
N VAL S 7 14.79 -19.65 -19.08
CA VAL S 7 16.07 -19.93 -19.67
C VAL S 7 16.58 -21.26 -19.29
N SER S 8 15.75 -22.03 -18.62
CA SER S 8 15.90 -23.38 -18.18
C SER S 8 14.56 -24.00 -18.37
N THR S 9 13.60 -23.25 -19.02
CA THR S 9 12.26 -23.71 -19.18
C THR S 9 12.14 -24.06 -20.62
N PHE S 10 11.71 -25.27 -21.03
CA PHE S 10 11.68 -25.59 -22.47
C PHE S 10 10.26 -25.45 -22.94
N SER S 11 10.08 -25.31 -24.29
CA SER S 11 8.84 -25.27 -25.03
C SER S 11 8.34 -26.65 -25.19
N PRO S 12 7.12 -26.90 -25.64
CA PRO S 12 6.63 -28.26 -25.84
C PRO S 12 7.15 -28.95 -27.08
N GLU S 13 8.07 -28.21 -27.79
CA GLU S 13 8.92 -28.59 -28.87
C GLU S 13 10.28 -29.04 -28.31
N GLY S 14 10.68 -28.77 -27.07
CA GLY S 14 11.96 -29.28 -26.53
C GLY S 14 13.00 -28.15 -26.66
N ARG S 15 12.53 -26.88 -27.00
CA ARG S 15 13.49 -25.84 -27.34
C ARG S 15 13.40 -24.76 -26.38
N LEU S 16 14.38 -23.88 -26.46
CA LEU S 16 14.51 -22.62 -25.77
C LEU S 16 14.31 -21.51 -26.72
N PHE S 17 13.25 -20.66 -26.46
CA PHE S 17 12.68 -19.56 -27.27
C PHE S 17 13.29 -18.24 -26.82
N GLN S 18 14.22 -18.33 -25.77
CA GLN S 18 14.99 -17.20 -25.35
C GLN S 18 16.14 -17.07 -26.30
N VAL S 19 16.72 -18.26 -26.57
CA VAL S 19 17.78 -18.58 -27.52
C VAL S 19 17.40 -18.43 -28.95
N GLU S 20 16.17 -18.82 -29.28
CA GLU S 20 15.63 -18.74 -30.64
C GLU S 20 15.61 -17.36 -31.04
N TYR S 21 15.12 -16.50 -30.11
CA TYR S 21 14.95 -15.14 -30.28
C TYR S 21 16.25 -14.42 -30.53
N SER S 22 17.40 -14.85 -29.96
CA SER S 22 18.72 -14.23 -30.00
C SER S 22 19.18 -14.42 -31.44
N LEU S 23 18.57 -15.41 -32.24
CA LEU S 23 18.94 -15.60 -33.64
C LEU S 23 18.48 -14.42 -34.49
N GLU S 24 17.42 -13.72 -33.98
CA GLU S 24 16.73 -12.66 -34.69
C GLU S 24 17.38 -11.34 -34.37
N ALA S 25 18.14 -11.32 -33.24
CA ALA S 25 19.02 -10.23 -32.92
C ALA S 25 20.20 -10.15 -33.86
N ILE S 26 20.69 -11.33 -34.30
CA ILE S 26 21.84 -11.57 -35.21
C ILE S 26 21.49 -11.10 -36.61
N LYS S 27 20.25 -11.40 -37.00
CA LYS S 27 19.64 -11.01 -38.20
C LYS S 27 19.33 -9.58 -38.21
N LEU S 28 19.06 -8.95 -37.05
CA LEU S 28 18.72 -7.55 -37.01
C LEU S 28 19.84 -6.57 -37.44
N GLY S 29 21.06 -6.81 -36.87
CA GLY S 29 22.32 -6.14 -37.18
C GLY S 29 22.65 -6.25 -38.72
N SER S 30 23.50 -5.38 -39.22
CA SER S 30 23.71 -5.33 -40.62
C SER S 30 24.66 -6.41 -41.08
N THR S 31 24.29 -6.88 -42.26
CA THR S 31 24.91 -7.88 -43.14
C THR S 31 26.46 -7.85 -43.12
N ALA S 32 26.88 -9.11 -43.11
CA ALA S 32 28.31 -9.44 -43.20
C ALA S 32 28.49 -10.63 -44.08
N ILE S 33 29.55 -10.64 -44.96
CA ILE S 33 29.69 -11.69 -45.88
C ILE S 33 31.11 -12.12 -45.81
N GLY S 34 31.29 -13.45 -45.81
CA GLY S 34 32.59 -13.99 -45.81
C GLY S 34 32.59 -15.05 -46.88
N ILE S 35 33.73 -15.19 -47.56
CA ILE S 35 33.86 -16.13 -48.63
C ILE S 35 35.24 -16.64 -48.52
N ALA S 36 35.40 -17.99 -48.30
CA ALA S 36 36.68 -18.60 -48.17
C ALA S 36 37.12 -19.01 -49.56
N THR S 37 38.46 -18.91 -49.78
CA THR S 37 39.08 -19.34 -51.00
C THR S 37 40.31 -19.98 -50.57
N LYS S 38 41.00 -20.47 -51.56
CA LYS S 38 42.13 -21.42 -51.43
C LYS S 38 43.37 -20.60 -51.39
N GLU S 39 43.18 -19.25 -51.45
CA GLU S 39 44.14 -18.22 -51.44
C GLU S 39 43.91 -17.29 -50.26
N GLY S 40 42.83 -17.38 -49.56
CA GLY S 40 42.48 -16.50 -48.45
C GLY S 40 41.01 -16.32 -48.39
N VAL S 41 40.49 -15.75 -47.28
CA VAL S 41 39.05 -15.47 -47.04
C VAL S 41 38.95 -13.97 -46.95
N VAL S 42 37.92 -13.49 -47.55
CA VAL S 42 37.78 -12.11 -47.84
C VAL S 42 36.58 -11.81 -47.01
N LEU S 43 36.67 -10.86 -46.13
CA LEU S 43 35.59 -10.50 -45.21
C LEU S 43 35.16 -9.06 -45.36
N GLY S 44 33.88 -8.91 -45.82
CA GLY S 44 33.26 -7.74 -46.20
C GLY S 44 32.08 -7.46 -45.35
N VAL S 45 31.68 -6.19 -45.21
CA VAL S 45 30.60 -5.78 -44.38
C VAL S 45 29.88 -4.66 -44.89
N GLU S 46 28.75 -4.35 -44.16
CA GLU S 46 27.81 -3.32 -44.41
C GLU S 46 27.90 -2.53 -43.10
N LYS S 47 27.75 -1.18 -43.25
CA LYS S 47 27.60 -0.23 -42.17
C LYS S 47 26.44 0.67 -42.53
N ARG S 48 25.98 1.59 -41.65
CA ARG S 48 24.85 2.47 -42.01
C ARG S 48 25.15 3.72 -41.23
N ALA S 49 24.84 4.84 -41.95
CA ALA S 49 24.98 6.17 -41.38
C ALA S 49 23.73 6.91 -41.58
N THR S 50 23.45 7.88 -40.73
CA THR S 50 22.22 8.63 -40.78
C THR S 50 22.55 10.08 -40.89
N SER S 51 23.76 10.38 -40.36
CA SER S 51 24.38 11.60 -40.51
C SER S 51 25.71 11.44 -41.15
N PRO S 52 26.18 12.42 -42.01
CA PRO S 52 27.59 12.35 -42.56
C PRO S 52 28.55 12.71 -41.45
N LEU S 53 28.08 13.24 -40.31
CA LEU S 53 28.92 13.57 -39.16
C LEU S 53 29.55 12.37 -38.42
N LEU S 54 28.96 11.17 -38.63
CA LEU S 54 29.49 9.89 -38.20
C LEU S 54 30.82 9.61 -38.79
N GLU S 55 31.85 9.43 -37.94
CA GLU S 55 33.14 9.03 -38.40
C GLU S 55 33.15 7.54 -38.79
N SER S 56 33.29 7.26 -40.09
CA SER S 56 33.03 5.91 -40.62
C SER S 56 34.31 5.14 -40.84
N ASP S 57 35.42 5.77 -40.45
CA ASP S 57 36.81 5.50 -40.62
C ASP S 57 37.43 5.16 -39.28
N SER S 58 36.58 5.12 -38.25
CA SER S 58 37.02 5.00 -36.85
C SER S 58 35.94 4.28 -36.16
N ILE S 59 35.13 3.51 -36.88
CA ILE S 59 34.18 2.54 -36.34
C ILE S 59 34.62 1.21 -36.73
N GLU S 60 34.35 0.15 -35.90
CA GLU S 60 34.77 -1.27 -36.01
C GLU S 60 33.50 -2.08 -36.33
N LYS S 61 33.59 -3.07 -37.21
CA LYS S 61 32.58 -4.13 -37.33
C LYS S 61 33.31 -5.29 -38.04
N ILE S 62 34.57 -5.01 -38.54
CA ILE S 62 35.56 -6.07 -38.84
C ILE S 62 36.61 -5.63 -37.84
N VAL S 63 37.12 -6.62 -37.08
CA VAL S 63 37.97 -6.50 -35.91
C VAL S 63 39.01 -7.58 -36.06
N GLU S 64 40.18 -7.25 -35.49
CA GLU S 64 41.36 -8.10 -35.52
C GLU S 64 41.42 -8.83 -34.20
N ILE S 65 41.50 -10.16 -34.32
CA ILE S 65 41.55 -10.98 -33.13
C ILE S 65 42.96 -11.51 -32.95
N ASP S 66 43.78 -11.42 -33.98
CA ASP S 66 45.10 -11.90 -34.02
C ASP S 66 45.61 -11.32 -35.28
N ARG S 67 46.79 -11.57 -35.59
CA ARG S 67 47.43 -11.04 -36.81
C ARG S 67 47.32 -11.98 -37.94
N HIS S 68 46.37 -12.94 -37.79
CA HIS S 68 46.15 -13.93 -38.78
C HIS S 68 44.76 -14.51 -38.56
N ILE S 69 44.08 -14.09 -37.47
CA ILE S 69 42.73 -14.45 -37.22
C ILE S 69 42.05 -13.09 -37.13
N GLY S 70 40.91 -12.98 -37.89
CA GLY S 70 40.08 -11.79 -38.03
C GLY S 70 38.75 -12.31 -37.88
N CYS S 71 37.79 -11.40 -37.67
CA CYS S 71 36.38 -11.74 -37.62
C CYS S 71 35.48 -10.63 -38.10
N ALA S 72 34.28 -11.02 -38.67
CA ALA S 72 33.17 -10.11 -38.84
C ALA S 72 32.10 -10.45 -37.86
N MET S 73 31.07 -9.59 -37.65
CA MET S 73 30.04 -9.77 -36.63
C MET S 73 28.79 -9.25 -37.15
N SER S 74 27.66 -9.61 -36.57
CA SER S 74 26.40 -8.99 -36.88
C SER S 74 25.50 -9.23 -35.62
N GLY S 75 24.72 -8.22 -35.30
CA GLY S 75 23.81 -8.30 -34.20
C GLY S 75 24.14 -7.17 -33.29
N LEU S 76 23.85 -7.20 -31.96
CA LEU S 76 24.02 -6.25 -30.89
C LEU S 76 25.48 -6.13 -30.69
N THR S 77 26.02 -4.92 -30.63
CA THR S 77 27.47 -4.51 -30.42
C THR S 77 27.85 -4.36 -28.93
N ALA S 78 26.78 -4.27 -28.08
CA ALA S 78 26.86 -4.32 -26.62
C ALA S 78 27.37 -5.62 -26.16
N ASP S 79 26.85 -6.63 -26.76
CA ASP S 79 27.22 -8.08 -26.70
C ASP S 79 28.48 -8.37 -27.46
N ALA S 80 28.75 -7.62 -28.46
CA ALA S 80 29.88 -7.90 -29.25
C ALA S 80 31.21 -7.49 -28.72
N ARG S 81 31.17 -6.46 -27.78
CA ARG S 81 32.38 -5.94 -27.20
C ARG S 81 32.92 -7.06 -26.39
N SER S 82 32.04 -7.72 -25.61
CA SER S 82 32.38 -8.75 -24.75
C SER S 82 32.87 -9.97 -25.57
N MET S 83 32.18 -10.37 -26.62
CA MET S 83 32.40 -11.56 -27.48
C MET S 83 33.80 -11.51 -28.11
N ILE S 84 34.21 -10.30 -28.53
CA ILE S 84 35.37 -10.10 -29.32
C ILE S 84 36.46 -10.12 -28.24
N GLU S 85 36.17 -9.60 -26.96
CA GLU S 85 37.15 -9.53 -25.92
C GLU S 85 37.72 -10.82 -25.46
N HIS S 86 36.82 -11.80 -25.33
CA HIS S 86 37.09 -13.19 -24.88
C HIS S 86 38.07 -13.85 -25.88
N ALA S 87 37.77 -13.62 -27.19
CA ALA S 87 38.36 -14.29 -28.32
C ALA S 87 39.75 -13.88 -28.68
N ARG S 88 40.08 -12.60 -28.38
CA ARG S 88 41.40 -11.98 -28.27
C ARG S 88 42.19 -12.63 -27.15
N THR S 89 41.55 -12.81 -26.01
CA THR S 89 42.30 -13.41 -24.92
C THR S 89 42.81 -14.80 -25.21
N ALA S 90 42.03 -15.63 -25.88
CA ALA S 90 42.28 -17.02 -26.22
C ALA S 90 43.42 -17.16 -27.15
N ALA S 91 43.45 -16.25 -28.20
CA ALA S 91 44.54 -16.32 -29.17
C ALA S 91 45.85 -16.02 -28.55
N VAL S 92 45.95 -14.98 -27.72
CA VAL S 92 47.07 -14.57 -26.94
C VAL S 92 47.49 -15.59 -25.91
N THR S 93 46.56 -16.24 -25.15
CA THR S 93 46.87 -17.21 -24.15
C THR S 93 47.39 -18.45 -24.86
N HIS S 94 46.98 -18.73 -26.09
CA HIS S 94 47.52 -19.89 -26.84
C HIS S 94 48.99 -19.69 -27.09
N ASN S 95 49.43 -18.51 -27.64
CA ASN S 95 50.83 -18.19 -27.90
C ASN S 95 51.56 -18.13 -26.56
N LEU S 96 50.89 -17.83 -25.39
CA LEU S 96 51.46 -17.75 -24.07
C LEU S 96 51.89 -19.07 -23.66
N TYR S 97 51.00 -20.08 -23.95
CA TYR S 97 51.07 -21.43 -23.49
C TYR S 97 51.96 -22.18 -24.42
N TYR S 98 52.11 -21.74 -25.69
CA TYR S 98 52.49 -22.65 -26.74
C TYR S 98 53.53 -22.06 -27.70
N ASP S 99 53.51 -20.75 -28.02
CA ASP S 99 54.43 -20.12 -28.92
C ASP S 99 54.09 -20.55 -30.32
N GLU S 100 52.80 -20.72 -30.70
CA GLU S 100 52.43 -21.33 -31.95
C GLU S 100 51.02 -20.77 -32.03
N ASP S 101 50.61 -20.68 -33.31
CA ASP S 101 49.32 -20.13 -33.77
C ASP S 101 48.27 -21.04 -33.28
N ILE S 102 47.18 -20.38 -32.83
CA ILE S 102 45.97 -20.96 -32.47
C ILE S 102 45.39 -21.65 -33.67
N ASN S 103 44.56 -22.67 -33.60
CA ASN S 103 43.82 -23.23 -34.75
C ASN S 103 42.55 -22.42 -34.90
N VAL S 104 42.08 -22.31 -36.19
CA VAL S 104 40.84 -21.54 -36.50
C VAL S 104 39.74 -22.25 -35.85
N GLU S 105 39.69 -23.58 -36.01
CA GLU S 105 38.63 -24.39 -35.45
C GLU S 105 38.60 -24.28 -33.92
N SER S 106 39.77 -24.16 -33.30
CA SER S 106 39.89 -24.30 -31.88
C SER S 106 39.39 -23.06 -31.16
N LEU S 107 39.68 -21.91 -31.86
CA LEU S 107 39.23 -20.62 -31.52
C LEU S 107 37.71 -20.60 -31.55
N THR S 108 37.14 -21.22 -32.59
CA THR S 108 35.67 -21.29 -32.88
C THR S 108 35.01 -21.95 -31.69
N GLN S 109 35.58 -23.03 -31.14
CA GLN S 109 35.00 -23.70 -30.03
C GLN S 109 35.00 -22.82 -28.81
N SER S 110 36.16 -22.10 -28.48
CA SER S 110 36.34 -21.40 -27.26
C SER S 110 35.36 -20.31 -27.11
N VAL S 111 34.99 -19.66 -28.27
CA VAL S 111 34.10 -18.58 -28.40
C VAL S 111 32.76 -19.09 -28.03
N CYS S 112 32.46 -20.38 -28.47
CA CYS S 112 31.13 -20.88 -28.36
C CYS S 112 30.97 -21.28 -26.89
N ASP S 113 32.06 -21.46 -26.14
CA ASP S 113 32.03 -21.84 -24.74
C ASP S 113 31.51 -20.71 -23.87
N LEU S 114 31.94 -19.47 -24.17
CA LEU S 114 31.48 -18.24 -23.59
C LEU S 114 30.09 -18.00 -23.99
N ALA S 115 29.72 -18.34 -25.23
CA ALA S 115 28.32 -18.30 -25.68
C ALA S 115 27.34 -19.17 -24.89
N LEU S 116 27.83 -20.34 -24.46
CA LEU S 116 27.02 -21.33 -23.71
C LEU S 116 26.46 -20.73 -22.42
N ARG S 117 27.26 -19.88 -21.69
CA ARG S 117 26.98 -19.21 -20.49
C ARG S 117 25.65 -18.44 -20.65
N PHE S 118 24.56 -18.73 -19.92
CA PHE S 118 23.28 -18.05 -20.00
C PHE S 118 22.84 -17.74 -18.56
N GLY S 119 23.49 -18.32 -17.54
CA GLY S 119 22.92 -18.14 -16.21
C GLY S 119 24.25 -18.06 -15.39
N GLU S 120 24.30 -18.86 -14.31
CA GLU S 120 25.42 -18.95 -13.49
C GLU S 120 25.66 -20.43 -13.18
N GLY S 121 26.96 -20.77 -12.88
CA GLY S 121 27.36 -22.02 -12.35
C GLY S 121 27.66 -22.97 -13.48
N ALA S 122 27.31 -24.30 -13.30
CA ALA S 122 27.53 -25.35 -14.26
C ALA S 122 28.89 -25.83 -14.16
N SER S 123 29.13 -27.16 -14.12
CA SER S 123 30.51 -27.67 -14.00
C SER S 123 31.23 -27.56 -15.30
N GLY S 124 32.58 -27.46 -15.19
CA GLY S 124 33.56 -27.45 -16.24
C GLY S 124 33.44 -26.25 -17.12
N GLU S 125 32.75 -25.24 -16.67
CA GLU S 125 32.71 -24.01 -17.34
C GLU S 125 31.82 -23.30 -16.40
N GLU S 126 32.42 -22.47 -15.54
CA GLU S 126 31.81 -21.59 -14.59
C GLU S 126 31.35 -20.39 -15.38
N ARG S 127 29.97 -20.20 -15.35
CA ARG S 127 29.14 -19.32 -16.10
C ARG S 127 29.06 -17.98 -15.42
N LEU S 128 29.23 -16.80 -16.11
CA LEU S 128 29.43 -15.50 -15.43
C LEU S 128 28.63 -14.49 -16.24
N MET S 129 28.10 -14.95 -17.42
CA MET S 129 27.38 -14.07 -18.35
C MET S 129 25.88 -14.36 -18.15
N SER S 130 25.05 -13.40 -18.10
CA SER S 130 23.82 -13.58 -17.48
C SER S 130 22.71 -13.69 -18.43
N ARG S 131 22.84 -13.26 -19.73
CA ARG S 131 21.83 -13.36 -20.68
C ARG S 131 22.42 -14.02 -21.88
N PRO S 132 21.58 -14.52 -22.81
CA PRO S 132 21.90 -14.84 -24.15
C PRO S 132 22.72 -13.81 -24.87
N PHE S 133 23.79 -14.23 -25.66
CA PHE S 133 24.63 -13.41 -26.52
C PHE S 133 23.73 -13.18 -27.70
N GLY S 134 23.83 -11.95 -28.28
CA GLY S 134 22.97 -11.38 -29.38
C GLY S 134 23.78 -10.99 -30.54
N VAL S 135 24.84 -11.70 -30.69
CA VAL S 135 25.90 -11.41 -31.59
C VAL S 135 26.29 -12.79 -32.10
N ALA S 136 26.56 -12.85 -33.43
CA ALA S 136 27.28 -13.98 -34.07
C ALA S 136 28.59 -13.50 -34.62
N LEU S 137 29.55 -14.40 -34.95
CA LEU S 137 30.74 -14.02 -35.65
C LEU S 137 30.83 -14.92 -36.83
N LEU S 138 31.35 -14.40 -37.92
CA LEU S 138 31.97 -15.14 -39.02
C LEU S 138 33.39 -15.12 -38.59
N ILE S 139 33.97 -16.26 -38.47
CA ILE S 139 35.33 -16.48 -38.03
C ILE S 139 36.15 -16.98 -39.18
N ALA S 140 37.14 -16.18 -39.56
CA ALA S 140 37.92 -16.55 -40.70
C ALA S 140 39.33 -16.46 -40.20
N GLY S 141 40.17 -17.41 -40.58
CA GLY S 141 41.59 -17.28 -40.36
C GLY S 141 42.22 -18.37 -41.16
N HIS S 142 43.42 -18.63 -40.72
CA HIS S 142 44.33 -19.55 -41.31
C HIS S 142 45.10 -20.25 -40.21
N ASP S 143 45.11 -21.57 -40.09
CA ASP S 143 46.19 -22.32 -39.48
C ASP S 143 46.63 -23.08 -40.71
N ALA S 144 47.96 -23.52 -40.72
CA ALA S 144 48.51 -24.22 -41.83
C ALA S 144 47.75 -25.48 -42.03
N ASP S 145 47.37 -26.09 -40.89
CA ASP S 145 47.09 -27.52 -40.90
C ASP S 145 45.80 -27.81 -41.56
N ASP S 146 44.85 -26.84 -41.51
CA ASP S 146 43.60 -26.87 -42.16
C ASP S 146 43.39 -25.75 -43.13
N GLY S 147 44.45 -25.04 -43.39
CA GLY S 147 44.53 -23.97 -44.36
C GLY S 147 43.65 -22.89 -43.90
N TYR S 148 42.96 -22.29 -44.87
CA TYR S 148 42.02 -21.17 -44.68
C TYR S 148 40.63 -21.78 -44.46
N GLN S 149 40.02 -21.33 -43.35
CA GLN S 149 38.75 -21.84 -42.98
C GLN S 149 37.89 -20.70 -42.57
N LEU S 150 36.58 -20.95 -42.75
CA LEU S 150 35.48 -20.03 -42.52
C LEU S 150 34.54 -20.85 -41.77
N PHE S 151 34.12 -20.35 -40.64
CA PHE S 151 33.14 -20.91 -39.79
C PHE S 151 32.24 -19.75 -39.47
N HIS S 152 31.02 -20.12 -38.96
CA HIS S 152 30.11 -19.19 -38.46
C HIS S 152 29.92 -19.77 -37.12
N ALA S 153 30.25 -18.96 -36.08
CA ALA S 153 30.07 -19.31 -34.69
C ALA S 153 28.71 -18.78 -34.27
N GLU S 154 27.86 -19.68 -33.69
CA GLU S 154 26.48 -19.55 -33.51
C GLU S 154 26.38 -19.77 -32.04
N PRO S 155 26.00 -18.75 -31.27
CA PRO S 155 25.93 -18.85 -29.84
C PRO S 155 24.82 -19.80 -29.43
N SER S 156 23.66 -19.83 -30.19
CA SER S 156 22.41 -20.60 -30.00
C SER S 156 22.73 -22.05 -30.15
N GLY S 157 23.36 -22.36 -31.31
CA GLY S 157 23.77 -23.71 -31.55
C GLY S 157 25.15 -23.80 -31.15
N THR S 158 25.95 -24.41 -32.02
CA THR S 158 27.36 -24.52 -31.99
C THR S 158 27.78 -24.30 -33.41
N PHE S 159 29.16 -24.35 -33.53
CA PHE S 159 29.80 -23.92 -34.76
C PHE S 159 29.54 -24.74 -35.94
N TYR S 160 29.34 -24.19 -37.15
CA TYR S 160 29.19 -24.90 -38.37
C TYR S 160 30.22 -24.36 -39.29
N ARG S 161 31.07 -25.16 -39.96
CA ARG S 161 32.03 -24.80 -41.02
C ARG S 161 31.27 -24.58 -42.28
N TYR S 162 31.73 -23.56 -43.04
CA TYR S 162 31.08 -23.09 -44.21
C TYR S 162 32.19 -23.00 -45.15
N ASN S 163 31.92 -22.99 -46.46
CA ASN S 163 32.91 -22.66 -47.50
C ASN S 163 32.60 -21.30 -48.02
N ALA S 164 31.47 -20.73 -47.57
CA ALA S 164 31.05 -19.38 -47.85
C ALA S 164 29.77 -19.20 -47.02
N LYS S 165 29.58 -18.03 -46.38
CA LYS S 165 28.49 -17.85 -45.46
C LYS S 165 28.15 -16.36 -45.53
N ALA S 166 26.86 -15.97 -45.52
CA ALA S 166 26.32 -14.66 -45.29
C ALA S 166 25.45 -14.76 -44.12
N ILE S 167 25.58 -13.70 -43.26
CA ILE S 167 24.74 -13.59 -42.08
C ILE S 167 24.26 -12.20 -42.16
N GLY S 168 23.25 -11.95 -41.32
CA GLY S 168 22.69 -10.65 -41.02
C GLY S 168 21.30 -10.63 -41.63
N SER S 169 20.90 -9.43 -42.01
CA SER S 169 19.69 -9.02 -42.63
C SER S 169 19.52 -9.67 -43.99
N GLY S 170 20.60 -9.76 -44.83
CA GLY S 170 20.46 -10.09 -46.22
C GLY S 170 20.80 -11.51 -46.57
N SER S 171 20.85 -12.30 -45.47
CA SER S 171 21.28 -13.63 -45.54
C SER S 171 20.57 -14.60 -46.47
N GLU S 172 19.22 -14.60 -46.57
CA GLU S 172 18.39 -15.52 -47.35
C GLU S 172 18.63 -15.34 -48.83
N GLY S 173 18.69 -14.03 -49.26
CA GLY S 173 18.93 -13.95 -50.72
C GLY S 173 20.40 -14.20 -51.21
N ALA S 174 21.32 -13.96 -50.31
CA ALA S 174 22.76 -14.14 -50.46
C ALA S 174 23.18 -15.52 -50.51
N GLN S 175 22.55 -16.35 -49.68
CA GLN S 175 22.89 -17.78 -49.53
C GLN S 175 22.70 -18.58 -50.82
N ALA S 176 21.61 -18.30 -51.46
CA ALA S 176 21.22 -18.77 -52.82
C ALA S 176 22.15 -18.23 -53.77
N GLU S 177 22.48 -16.91 -53.74
CA GLU S 177 23.47 -16.42 -54.73
C GLU S 177 24.82 -17.08 -54.60
N LEU S 178 25.28 -17.29 -53.35
CA LEU S 178 26.50 -17.90 -52.85
C LEU S 178 26.51 -19.39 -53.16
N LEU S 179 25.37 -20.02 -53.48
CA LEU S 179 25.38 -21.39 -53.90
C LEU S 179 25.86 -21.44 -55.36
N ASN S 180 25.47 -20.44 -56.11
CA ASN S 180 25.55 -20.41 -57.56
C ASN S 180 26.88 -19.72 -57.93
N GLU S 181 27.65 -19.29 -56.87
CA GLU S 181 28.76 -18.42 -57.09
C GLU S 181 29.75 -18.70 -56.12
N TRP S 182 29.71 -19.86 -55.33
CA TRP S 182 30.86 -20.39 -54.63
C TRP S 182 31.30 -21.50 -55.54
N HIS S 183 32.63 -21.62 -55.76
CA HIS S 183 33.17 -22.53 -56.70
C HIS S 183 34.38 -23.07 -55.92
N SER S 184 35.05 -24.04 -56.48
CA SER S 184 36.29 -24.66 -55.96
C SER S 184 37.41 -24.06 -56.87
N SER S 185 37.15 -23.08 -57.66
CA SER S 185 37.93 -22.40 -58.68
C SER S 185 38.02 -20.88 -58.44
N LEU S 186 37.67 -20.37 -57.21
CA LEU S 186 37.81 -18.97 -56.90
C LEU S 186 39.28 -18.53 -56.67
N THR S 187 39.54 -17.34 -57.14
CA THR S 187 40.86 -16.64 -57.01
C THR S 187 40.55 -15.50 -55.93
N LEU S 188 41.59 -15.01 -55.28
CA LEU S 188 41.45 -13.99 -54.23
C LEU S 188 41.02 -12.64 -54.73
N LYS S 189 41.49 -12.21 -55.95
CA LYS S 189 41.10 -10.93 -56.51
C LYS S 189 39.69 -11.02 -56.91
N GLU S 190 39.30 -12.19 -57.49
CA GLU S 190 37.89 -12.38 -57.93
C GLU S 190 36.91 -12.48 -56.83
N ALA S 191 37.28 -13.11 -55.73
CA ALA S 191 36.51 -13.14 -54.51
C ALA S 191 36.19 -11.75 -53.99
N GLU S 192 37.24 -10.82 -54.06
CA GLU S 192 37.04 -9.47 -53.62
C GLU S 192 35.96 -8.74 -54.36
N LEU S 193 35.97 -8.84 -55.67
CA LEU S 193 34.91 -8.16 -56.39
C LEU S 193 33.55 -8.86 -56.22
N LEU S 194 33.50 -10.16 -55.88
CA LEU S 194 32.34 -11.03 -55.65
C LEU S 194 31.56 -10.63 -54.48
N VAL S 195 32.24 -10.34 -53.35
CA VAL S 195 31.68 -9.95 -52.10
C VAL S 195 30.86 -8.65 -52.38
N LEU S 196 31.45 -7.68 -53.17
CA LEU S 196 30.81 -6.37 -53.37
C LEU S 196 29.64 -6.50 -54.17
N LYS S 197 29.68 -7.41 -55.11
CA LYS S 197 28.67 -7.76 -56.07
C LYS S 197 27.47 -8.35 -55.35
N ILE S 198 27.65 -9.20 -54.32
CA ILE S 198 26.57 -9.79 -53.58
C ILE S 198 26.04 -8.71 -52.63
N LEU S 199 26.93 -7.95 -51.95
CA LEU S 199 26.48 -6.87 -51.01
C LEU S 199 25.50 -5.87 -51.55
N LYS S 200 25.74 -5.36 -52.76
CA LYS S 200 24.97 -4.37 -53.45
C LYS S 200 23.63 -4.76 -53.75
N GLN S 201 23.48 -6.07 -54.05
CA GLN S 201 22.22 -6.67 -54.45
C GLN S 201 21.21 -6.55 -53.35
N VAL S 202 21.64 -6.81 -52.09
CA VAL S 202 20.73 -6.82 -50.94
C VAL S 202 20.83 -5.55 -50.07
N MET S 203 21.71 -4.58 -50.50
CA MET S 203 21.92 -3.36 -49.79
C MET S 203 21.04 -2.36 -50.53
N GLU S 204 20.18 -1.67 -49.72
CA GLU S 204 19.30 -0.70 -50.21
C GLU S 204 19.83 0.64 -49.97
N GLU S 205 21.17 0.69 -50.09
CA GLU S 205 21.95 1.87 -49.88
C GLU S 205 22.76 2.10 -51.08
N LYS S 206 23.78 2.92 -51.01
CA LYS S 206 24.73 3.28 -52.04
C LYS S 206 25.93 2.60 -51.69
N LEU S 207 26.58 2.03 -52.76
CA LEU S 207 27.87 1.31 -52.60
C LEU S 207 29.00 2.23 -52.64
N ASP S 208 29.78 2.26 -51.55
CA ASP S 208 30.85 3.19 -51.30
C ASP S 208 31.68 2.53 -50.21
N GLU S 209 32.83 3.08 -50.01
CA GLU S 209 33.78 2.50 -49.14
C GLU S 209 33.42 2.95 -47.75
N ASN S 210 32.44 3.90 -47.53
CA ASN S 210 32.04 4.55 -46.29
C ASN S 210 31.06 3.67 -45.51
N ASN S 211 30.60 2.66 -46.20
CA ASN S 211 29.67 1.79 -45.52
C ASN S 211 30.05 0.36 -45.85
N ALA S 212 31.32 0.16 -46.37
CA ALA S 212 31.75 -1.11 -46.74
C ALA S 212 33.08 -1.19 -46.15
N GLN S 213 33.60 -2.43 -46.08
CA GLN S 213 35.00 -2.56 -45.63
C GLN S 213 35.36 -3.98 -45.93
N LEU S 214 36.33 -4.09 -46.89
CA LEU S 214 36.91 -5.37 -47.14
C LEU S 214 38.10 -5.56 -46.20
N SER S 215 38.50 -6.83 -46.13
CA SER S 215 39.63 -7.24 -45.39
C SER S 215 39.88 -8.64 -45.95
N CYS S 216 41.12 -9.20 -45.77
CA CYS S 216 41.53 -10.49 -46.15
C CYS S 216 42.24 -11.03 -45.00
N ILE S 217 42.29 -12.33 -45.02
CA ILE S 217 43.19 -13.19 -44.26
C ILE S 217 43.93 -13.75 -45.41
N THR S 218 45.23 -13.40 -45.53
CA THR S 218 46.21 -14.12 -46.32
C THR S 218 47.32 -14.35 -45.43
N LYS S 219 47.77 -15.61 -45.33
CA LYS S 219 48.79 -16.01 -44.32
C LYS S 219 50.15 -15.44 -44.68
N GLN S 220 50.40 -15.07 -45.91
CA GLN S 220 51.70 -14.50 -46.38
C GLN S 220 51.70 -13.01 -46.31
N ASP S 221 50.54 -12.36 -46.19
CA ASP S 221 50.41 -10.89 -46.16
C ASP S 221 50.00 -10.55 -44.77
N GLY S 222 49.69 -11.46 -43.76
CA GLY S 222 49.22 -11.07 -42.43
C GLY S 222 47.73 -10.74 -42.52
N PHE S 223 47.00 -10.39 -41.39
CA PHE S 223 45.68 -9.87 -41.46
C PHE S 223 45.74 -8.37 -41.83
N LYS S 224 45.19 -8.03 -42.98
CA LYS S 224 45.23 -6.66 -43.51
C LYS S 224 43.74 -6.24 -43.58
N ILE S 225 43.35 -5.20 -42.80
CA ILE S 225 42.11 -4.47 -42.98
C ILE S 225 42.45 -3.42 -43.99
N TYR S 226 41.60 -3.24 -45.04
CA TYR S 226 41.93 -2.52 -46.17
C TYR S 226 41.74 -1.02 -45.92
N ASP S 227 42.37 -0.24 -46.82
CA ASP S 227 42.36 1.21 -46.87
C ASP S 227 41.15 1.74 -47.54
N ASN S 228 40.89 3.06 -47.48
CA ASN S 228 39.71 3.58 -48.24
C ASN S 228 40.01 3.72 -49.71
N GLU S 229 41.23 4.07 -50.05
CA GLU S 229 41.61 4.11 -51.43
C GLU S 229 41.53 2.74 -52.11
N LYS S 230 41.96 1.67 -51.39
CA LYS S 230 42.14 0.32 -51.84
C LYS S 230 40.83 -0.29 -52.25
N THR S 231 39.83 -0.10 -51.32
CA THR S 231 38.44 -0.56 -51.45
C THR S 231 37.73 0.25 -52.55
N ALA S 232 38.16 1.58 -52.69
CA ALA S 232 37.64 2.44 -53.66
C ALA S 232 37.95 2.01 -55.06
N GLU S 233 39.22 1.52 -55.23
CA GLU S 233 39.75 0.92 -56.41
C GLU S 233 39.00 -0.37 -56.90
N LEU S 234 38.56 -1.17 -55.88
CA LEU S 234 37.78 -2.36 -56.08
C LEU S 234 36.36 -2.03 -56.43
N ILE S 235 35.77 -0.92 -55.92
CA ILE S 235 34.45 -0.41 -56.31
C ILE S 235 34.53 0.01 -57.76
N LYS S 236 35.65 0.64 -58.15
CA LYS S 236 35.80 1.17 -59.53
C LYS S 236 35.92 0.06 -60.49
N GLU S 237 36.68 -1.04 -60.32
CA GLU S 237 36.87 -2.12 -61.24
C GLU S 237 35.60 -2.94 -61.59
N LEU S 238 34.81 -3.00 -60.46
CA LEU S 238 33.54 -3.73 -60.41
C LEU S 238 32.59 -3.21 -61.40
N LYS S 239 32.43 -1.84 -61.39
CA LYS S 239 31.55 -1.02 -62.26
C LYS S 239 31.96 -1.07 -63.76
N GLU S 240 33.29 -1.03 -64.17
CA GLU S 240 33.73 -1.12 -65.53
C GLU S 240 33.36 -2.56 -66.11
N LYS S 241 33.57 -3.59 -65.22
CA LYS S 241 33.30 -5.01 -65.53
C LYS S 241 31.83 -5.24 -65.91
N GLU S 242 30.89 -4.72 -65.09
CA GLU S 242 29.50 -4.93 -65.26
C GLU S 242 28.95 -3.93 -66.26
N ALA S 243 29.61 -2.78 -66.61
CA ALA S 243 29.23 -1.88 -67.70
C ALA S 243 29.28 -2.57 -69.06
N ALA S 244 30.35 -3.40 -69.34
CA ALA S 244 30.63 -4.08 -70.62
C ALA S 244 29.60 -5.10 -70.91
N GLU S 245 29.10 -5.67 -69.79
CA GLU S 245 28.15 -6.79 -69.82
C GLU S 245 26.75 -6.15 -69.96
N ARG T 1 -3.42 -28.33 -17.12
CA ARG T 1 -2.39 -27.47 -16.47
C ARG T 1 -1.23 -28.35 -16.01
N ASN T 2 0.04 -28.23 -16.52
CA ASN T 2 0.69 -27.11 -17.25
C ASN T 2 0.36 -25.84 -16.50
N ASN T 3 0.52 -25.78 -15.19
CA ASN T 3 1.14 -24.65 -14.55
C ASN T 3 2.24 -25.15 -13.68
N TYR T 4 2.68 -26.42 -13.99
CA TYR T 4 3.70 -27.15 -13.24
C TYR T 4 4.88 -27.18 -14.25
N ASP T 5 4.67 -26.63 -15.47
CA ASP T 5 5.56 -26.54 -16.61
C ASP T 5 6.43 -25.29 -16.42
N GLY T 6 6.15 -24.46 -15.38
CA GLY T 6 6.88 -23.19 -15.07
C GLY T 6 8.13 -23.45 -14.23
N ASP T 7 8.54 -24.62 -13.80
CA ASP T 7 9.57 -24.88 -12.82
C ASP T 7 10.19 -26.21 -13.21
N THR T 8 11.28 -26.53 -12.50
CA THR T 8 12.02 -27.75 -12.62
C THR T 8 12.01 -28.37 -11.24
N VAL T 9 11.40 -27.70 -10.24
CA VAL T 9 11.46 -28.17 -8.83
C VAL T 9 10.07 -28.53 -8.45
N THR T 10 9.07 -28.53 -9.49
CA THR T 10 7.67 -28.71 -9.15
C THR T 10 7.12 -29.81 -9.91
N PHE T 11 6.80 -30.99 -9.28
CA PHE T 11 6.15 -32.13 -9.84
C PHE T 11 4.70 -31.91 -10.17
N SER T 12 4.17 -32.55 -11.28
CA SER T 12 2.77 -32.39 -11.61
C SER T 12 1.98 -33.27 -10.70
N PRO T 13 0.63 -33.06 -10.61
CA PRO T 13 -0.35 -33.95 -9.95
C PRO T 13 -0.33 -35.36 -10.29
N THR T 14 0.12 -35.73 -11.50
CA THR T 14 0.23 -37.14 -11.83
C THR T 14 1.62 -37.65 -11.48
N GLY T 15 2.53 -36.78 -10.95
CA GLY T 15 3.89 -37.20 -10.54
C GLY T 15 4.88 -37.19 -11.64
N ARG T 16 4.63 -36.50 -12.79
CA ARG T 16 5.49 -36.33 -13.93
C ARG T 16 6.30 -35.08 -13.78
N LEU T 17 7.36 -34.92 -14.56
CA LEU T 17 7.80 -33.63 -14.95
C LEU T 17 7.69 -33.41 -16.40
N PHE T 18 7.10 -32.21 -16.70
CA PHE T 18 6.90 -31.75 -18.03
C PHE T 18 8.23 -31.43 -18.66
N GLN T 19 9.25 -31.04 -17.87
CA GLN T 19 10.57 -30.57 -18.32
C GLN T 19 11.39 -31.64 -18.94
N VAL T 20 11.26 -32.83 -18.37
CA VAL T 20 11.91 -34.05 -18.76
C VAL T 20 11.21 -34.67 -19.98
N GLU T 21 9.84 -34.57 -20.04
CA GLU T 21 9.07 -34.94 -21.12
C GLU T 21 9.33 -34.11 -22.38
N TYR T 22 9.48 -32.72 -22.35
CA TYR T 22 9.77 -31.86 -23.49
C TYR T 22 11.15 -32.12 -24.04
N ALA T 23 12.06 -32.51 -23.13
CA ALA T 23 13.37 -32.92 -23.48
C ALA T 23 13.42 -34.15 -24.30
N LEU T 24 12.47 -35.12 -24.11
CA LEU T 24 12.30 -36.29 -24.99
C LEU T 24 11.97 -35.89 -26.40
N GLU T 25 11.19 -34.74 -26.53
CA GLU T 25 10.74 -34.23 -27.83
C GLU T 25 11.93 -33.69 -28.67
N ALA T 26 12.94 -33.21 -27.85
CA ALA T 26 14.11 -32.60 -28.43
C ALA T 26 15.00 -33.69 -29.05
N ILE T 27 15.00 -34.97 -28.54
CA ILE T 27 15.76 -36.11 -29.10
C ILE T 27 15.24 -36.40 -30.42
N LYS T 28 13.83 -36.49 -30.48
CA LYS T 28 13.11 -36.74 -31.66
C LYS T 28 13.48 -35.71 -32.74
N GLN T 29 13.65 -34.38 -32.40
CA GLN T 29 13.95 -33.41 -33.36
C GLN T 29 15.39 -33.43 -33.78
N GLY T 30 16.30 -34.01 -32.83
CA GLY T 30 17.70 -34.33 -33.08
C GLY T 30 18.01 -35.37 -34.10
N SER T 31 19.25 -35.46 -34.60
CA SER T 31 19.63 -36.30 -35.72
C SER T 31 19.73 -37.82 -35.28
N VAL T 32 19.28 -38.72 -36.13
CA VAL T 32 19.31 -40.18 -35.87
C VAL T 32 20.70 -40.71 -35.87
N THR T 33 20.88 -41.71 -34.93
CA THR T 33 22.05 -42.50 -34.77
C THR T 33 21.69 -43.80 -34.26
N VAL T 34 22.45 -44.94 -34.55
CA VAL T 34 22.14 -46.33 -34.21
C VAL T 34 23.35 -46.77 -33.33
N GLY T 35 23.11 -47.35 -32.16
CA GLY T 35 24.22 -48.17 -31.45
C GLY T 35 23.94 -49.64 -31.57
N LEU T 36 24.98 -50.49 -31.53
CA LEU T 36 24.86 -51.92 -31.45
C LEU T 36 26.20 -52.46 -31.09
N ARG T 37 26.28 -53.77 -30.70
CA ARG T 37 27.50 -54.36 -30.26
C ARG T 37 27.40 -55.87 -30.26
N SER T 38 28.54 -56.44 -30.01
CA SER T 38 28.93 -57.88 -30.12
C SER T 38 29.76 -57.97 -28.95
N ASN T 39 30.16 -59.18 -28.59
CA ASN T 39 30.91 -59.42 -27.36
C ASN T 39 32.18 -58.76 -27.47
N THR T 40 32.78 -58.72 -28.63
CA THR T 40 34.09 -58.13 -28.85
C THR T 40 34.21 -56.82 -29.53
N HIS T 41 33.12 -56.19 -30.02
CA HIS T 41 33.11 -54.93 -30.76
C HIS T 41 31.91 -54.13 -30.38
N ALA T 42 32.03 -52.74 -30.47
CA ALA T 42 30.89 -51.92 -30.32
C ALA T 42 31.09 -50.79 -31.36
N VAL T 43 29.96 -50.35 -31.94
CA VAL T 43 29.83 -49.35 -32.99
C VAL T 43 28.66 -48.41 -32.66
N LEU T 44 28.89 -47.10 -33.10
CA LEU T 44 27.92 -46.10 -33.32
C LEU T 44 28.12 -45.82 -34.77
N VAL T 45 26.96 -45.64 -35.49
CA VAL T 45 26.85 -45.13 -36.87
C VAL T 45 25.82 -44.05 -36.61
N ALA T 46 26.11 -42.90 -37.15
CA ALA T 46 25.41 -41.62 -36.97
C ALA T 46 25.28 -40.91 -38.28
N LEU T 47 24.17 -40.15 -38.50
CA LEU T 47 23.92 -39.43 -39.68
C LEU T 47 24.43 -38.03 -39.44
N LYS T 48 25.39 -37.64 -40.31
CA LYS T 48 26.03 -36.31 -40.19
C LYS T 48 25.24 -35.29 -41.07
N ARG T 49 24.59 -34.38 -40.39
CA ARG T 49 23.70 -33.37 -40.93
C ARG T 49 24.41 -32.15 -41.01
N ASN T 50 24.14 -31.47 -42.20
CA ASN T 50 24.69 -30.21 -42.60
C ASN T 50 23.52 -29.28 -42.49
N ALA T 51 23.69 -27.92 -42.47
CA ALA T 51 22.55 -27.01 -42.52
C ALA T 51 22.17 -26.68 -43.90
N ASP T 52 23.05 -26.94 -44.88
CA ASP T 52 22.93 -26.64 -46.35
C ASP T 52 24.19 -27.20 -46.99
N GLU T 53 24.42 -26.80 -48.25
CA GLU T 53 25.45 -27.53 -49.02
C GLU T 53 26.66 -26.64 -49.19
N LEU T 54 26.62 -25.46 -48.57
CA LEU T 54 27.76 -24.57 -48.36
C LEU T 54 28.19 -24.90 -46.99
N SER T 55 27.43 -25.73 -46.26
CA SER T 55 27.82 -26.10 -44.93
C SER T 55 28.47 -27.42 -45.01
N SER T 56 29.64 -27.52 -44.40
CA SER T 56 30.44 -28.72 -44.35
C SER T 56 30.18 -29.43 -43.04
N TYR T 57 28.90 -29.81 -42.76
CA TYR T 57 28.56 -30.81 -41.81
C TYR T 57 28.90 -30.47 -40.41
N GLN T 58 28.63 -31.43 -39.50
CA GLN T 58 28.77 -31.31 -38.18
C GLN T 58 29.10 -32.67 -37.62
N LYS T 59 30.11 -32.73 -36.70
CA LYS T 59 30.44 -33.93 -36.01
C LYS T 59 29.47 -34.32 -35.00
N LYS T 60 28.95 -35.53 -35.09
CA LYS T 60 27.94 -35.99 -34.19
C LYS T 60 28.62 -36.97 -33.18
N ILE T 61 30.00 -37.16 -33.23
CA ILE T 61 30.73 -38.15 -32.42
C ILE T 61 31.72 -37.34 -31.62
N ILE T 62 31.75 -37.50 -30.31
CA ILE T 62 32.78 -36.79 -29.56
C ILE T 62 33.56 -37.90 -28.92
N LYS T 63 34.93 -37.81 -29.10
CA LYS T 63 35.75 -38.75 -28.48
C LYS T 63 35.93 -38.42 -27.07
N CYS T 64 35.51 -39.38 -26.20
CA CYS T 64 35.62 -39.09 -24.74
C CYS T 64 37.00 -39.45 -24.34
N ASP T 65 37.42 -40.65 -24.77
CA ASP T 65 38.69 -41.15 -24.35
C ASP T 65 39.10 -42.20 -25.29
N GLU T 66 40.10 -43.09 -24.93
CA GLU T 66 40.69 -43.98 -25.86
C GLU T 66 40.00 -45.32 -25.83
N HIS T 67 38.96 -45.43 -24.98
CA HIS T 67 38.23 -46.61 -24.67
C HIS T 67 36.78 -46.28 -24.43
N MET T 68 36.44 -44.98 -24.69
CA MET T 68 35.12 -44.46 -24.51
C MET T 68 34.85 -43.35 -25.50
N GLY T 69 33.53 -43.11 -25.74
CA GLY T 69 33.13 -42.13 -26.66
C GLY T 69 31.65 -42.24 -26.64
N LEU T 70 31.05 -41.20 -27.21
CA LEU T 70 29.63 -41.05 -27.16
C LEU T 70 29.26 -40.42 -28.47
N SER T 71 28.00 -40.44 -28.78
CA SER T 71 27.41 -39.86 -29.94
C SER T 71 26.28 -39.09 -29.43
N LEU T 72 25.58 -38.34 -30.25
CA LEU T 72 24.47 -37.49 -29.76
C LEU T 72 23.27 -37.48 -30.55
N ALA T 73 22.16 -36.96 -29.95
CA ALA T 73 20.91 -36.89 -30.59
C ALA T 73 20.20 -35.80 -29.72
N GLY T 74 20.00 -34.56 -30.27
CA GLY T 74 19.28 -33.56 -29.48
C GLY T 74 20.30 -32.51 -29.44
N LEU T 75 20.19 -31.65 -28.43
CA LEU T 75 20.95 -30.44 -28.21
C LEU T 75 22.38 -30.61 -28.31
N ALA T 76 23.03 -29.77 -29.17
CA ALA T 76 24.48 -29.64 -29.29
C ALA T 76 25.20 -28.90 -28.13
N PRO T 77 24.82 -27.77 -27.51
CA PRO T 77 25.35 -27.17 -26.31
C PRO T 77 25.28 -28.15 -25.17
N ASP T 78 24.19 -28.91 -25.04
CA ASP T 78 24.01 -29.82 -23.96
C ASP T 78 24.92 -30.98 -24.00
N ALA T 79 25.27 -31.46 -25.18
CA ALA T 79 26.20 -32.57 -25.43
C ALA T 79 27.59 -32.17 -25.12
N ARG T 80 27.93 -30.94 -25.43
CA ARG T 80 29.18 -30.32 -25.08
C ARG T 80 29.53 -30.16 -23.60
N VAL T 81 28.63 -29.74 -22.73
CA VAL T 81 28.92 -29.61 -21.29
C VAL T 81 29.12 -31.01 -20.69
N LEU T 82 28.20 -31.95 -21.03
CA LEU T 82 28.27 -33.25 -20.43
C LEU T 82 29.39 -34.07 -20.98
N SER T 83 29.87 -33.74 -22.22
CA SER T 83 31.09 -34.38 -22.69
C SER T 83 32.29 -33.92 -21.90
N ASN T 84 32.39 -32.62 -21.47
CA ASN T 84 33.49 -32.07 -20.73
C ASN T 84 33.53 -32.75 -19.39
N TYR T 85 32.34 -32.88 -18.77
CA TYR T 85 32.30 -33.51 -17.47
C TYR T 85 32.66 -34.99 -17.47
N LEU T 86 32.20 -35.69 -18.50
CA LEU T 86 32.49 -37.08 -18.68
C LEU T 86 34.07 -37.26 -18.94
N ARG T 87 34.75 -36.35 -19.78
CA ARG T 87 36.17 -36.47 -20.13
C ARG T 87 37.07 -36.34 -18.98
N GLN T 88 36.74 -35.42 -18.04
CA GLN T 88 37.34 -35.17 -16.75
C GLN T 88 37.30 -36.39 -15.90
N GLN T 89 36.20 -37.10 -15.90
CA GLN T 89 36.04 -38.30 -15.14
C GLN T 89 36.97 -39.44 -15.63
N CYS T 90 37.18 -39.55 -16.99
CA CYS T 90 38.05 -40.54 -17.62
C CYS T 90 39.52 -40.25 -17.33
N ASN T 91 39.80 -38.91 -17.33
CA ASN T 91 41.14 -38.47 -16.94
C ASN T 91 41.42 -38.76 -15.48
N TYR T 92 40.41 -38.53 -14.72
CA TYR T 92 40.50 -38.67 -13.26
C TYR T 92 40.81 -40.07 -12.89
N SER T 93 40.03 -40.95 -13.54
CA SER T 93 40.13 -42.37 -13.28
C SER T 93 41.46 -42.92 -13.60
N SER T 94 42.01 -42.47 -14.75
CA SER T 94 43.31 -42.85 -15.27
C SER T 94 44.50 -42.28 -14.44
N LEU T 95 44.35 -41.02 -13.90
CA LEU T 95 45.31 -40.26 -13.05
C LEU T 95 45.45 -40.93 -11.72
N VAL T 96 44.29 -41.30 -11.09
CA VAL T 96 44.24 -41.54 -9.61
C VAL T 96 44.23 -43.01 -9.46
N PHE T 97 43.57 -43.79 -10.30
CA PHE T 97 43.40 -45.25 -10.09
C PHE T 97 44.05 -46.17 -11.10
N ASN T 98 44.74 -45.63 -12.11
CA ASN T 98 45.51 -46.39 -13.12
C ASN T 98 44.62 -47.22 -14.04
N ARG T 99 43.28 -46.77 -14.15
CA ARG T 99 42.21 -47.67 -14.58
C ARG T 99 41.30 -47.07 -15.69
N LYS T 100 40.89 -47.92 -16.63
CA LYS T 100 39.80 -47.68 -17.57
C LYS T 100 38.48 -47.95 -16.80
N LEU T 101 37.82 -46.85 -16.38
CA LEU T 101 36.59 -46.94 -15.60
C LEU T 101 35.46 -47.58 -16.46
N ALA T 102 34.60 -48.48 -15.81
CA ALA T 102 33.65 -49.28 -16.57
C ALA T 102 32.59 -48.33 -16.99
N VAL T 103 32.08 -48.64 -18.18
CA VAL T 103 31.17 -47.82 -18.92
C VAL T 103 29.95 -47.47 -18.13
N GLU T 104 29.44 -48.52 -17.44
CA GLU T 104 28.28 -48.54 -16.65
C GLU T 104 28.55 -47.69 -15.37
N ARG T 105 29.75 -47.79 -14.75
CA ARG T 105 30.21 -47.07 -13.57
C ARG T 105 30.31 -45.60 -13.89
N ALA T 106 30.83 -45.28 -15.12
CA ALA T 106 30.89 -43.96 -15.74
C ALA T 106 29.53 -43.30 -15.94
N GLY T 107 28.58 -44.12 -16.41
CA GLY T 107 27.24 -43.72 -16.69
C GLY T 107 26.38 -43.28 -15.48
N HIS T 108 26.67 -43.77 -14.21
CA HIS T 108 25.98 -43.40 -12.99
C HIS T 108 26.40 -42.00 -12.59
N LEU T 109 27.62 -41.58 -13.01
CA LEU T 109 28.12 -40.21 -12.67
C LEU T 109 27.49 -39.17 -13.60
N LEU T 110 27.38 -39.45 -14.86
CA LEU T 110 26.71 -38.63 -15.83
C LEU T 110 25.17 -38.56 -15.49
N CYS T 111 24.54 -39.63 -14.93
CA CYS T 111 23.17 -39.66 -14.57
C CYS T 111 22.94 -38.69 -13.47
N ASP T 112 23.80 -38.61 -12.44
CA ASP T 112 23.66 -37.70 -11.38
C ASP T 112 23.71 -36.30 -11.74
N LYS T 113 24.64 -35.98 -12.73
CA LYS T 113 24.97 -34.72 -13.19
C LYS T 113 23.75 -34.02 -13.78
N ALA T 114 22.94 -34.85 -14.47
CA ALA T 114 21.72 -34.49 -15.08
C ALA T 114 20.70 -34.08 -14.06
N GLN T 115 20.61 -34.96 -13.00
CA GLN T 115 19.66 -34.85 -11.93
C GLN T 115 19.97 -33.75 -11.01
N LYS T 116 21.19 -33.16 -11.08
CA LYS T 116 21.56 -32.00 -10.35
C LYS T 116 20.76 -30.87 -10.80
N ASN T 117 20.52 -30.73 -12.11
CA ASN T 117 19.90 -29.60 -12.73
C ASN T 117 18.43 -29.76 -12.70
N THR T 118 17.99 -31.04 -12.42
CA THR T 118 16.59 -31.40 -12.20
C THR T 118 16.21 -30.98 -10.80
N GLN T 119 17.06 -31.33 -9.79
CA GLN T 119 16.83 -30.94 -8.37
C GLN T 119 16.78 -29.44 -8.24
N SER T 120 17.72 -28.76 -8.85
CA SER T 120 18.00 -27.35 -8.41
C SER T 120 16.98 -26.36 -9.01
N TYR T 121 16.87 -25.07 -8.61
CA TYR T 121 16.17 -23.94 -9.13
C TYR T 121 17.34 -23.31 -9.89
N GLY T 122 17.13 -22.99 -11.16
CA GLY T 122 18.10 -22.69 -12.23
C GLY T 122 18.78 -23.97 -12.56
N GLY T 123 19.65 -23.91 -13.64
CA GLY T 123 20.35 -25.01 -14.15
C GLY T 123 19.44 -25.46 -15.21
N ARG T 124 19.88 -25.54 -16.48
CA ARG T 124 18.96 -25.91 -17.55
C ARG T 124 18.93 -27.37 -17.51
N PRO T 125 17.78 -28.00 -17.60
CA PRO T 125 17.84 -29.42 -17.83
C PRO T 125 18.60 -29.84 -19.14
N TYR T 126 18.71 -31.18 -19.39
CA TYR T 126 19.44 -31.60 -20.55
C TYR T 126 18.43 -32.29 -21.33
N GLY T 127 18.45 -32.07 -22.69
CA GLY T 127 17.50 -32.50 -23.66
C GLY T 127 18.13 -33.11 -24.77
N VAL T 128 19.10 -34.03 -24.47
CA VAL T 128 19.92 -34.76 -25.39
C VAL T 128 19.91 -36.14 -24.89
N GLY T 129 19.97 -37.18 -25.82
CA GLY T 129 20.39 -38.51 -25.50
C GLY T 129 21.78 -38.67 -26.08
N LEU T 130 22.61 -39.42 -25.38
CA LEU T 130 23.93 -39.79 -25.74
C LEU T 130 23.94 -41.28 -25.77
N LEU T 131 24.48 -41.84 -26.80
CA LEU T 131 24.78 -43.27 -26.83
C LEU T 131 26.20 -43.42 -26.48
N ILE T 132 26.46 -44.18 -25.35
CA ILE T 132 27.75 -44.40 -24.85
C ILE T 132 28.29 -45.78 -25.25
N ILE T 133 29.56 -45.81 -25.74
CA ILE T 133 30.19 -47.05 -25.99
C ILE T 133 31.44 -47.06 -25.28
N GLY T 134 31.96 -48.31 -24.88
CA GLY T 134 33.33 -48.50 -24.49
C GLY T 134 33.67 -49.96 -24.49
N TYR T 135 34.97 -50.31 -24.33
CA TYR T 135 35.46 -51.67 -24.32
C TYR T 135 36.42 -51.64 -23.20
N ASP T 136 36.09 -52.34 -22.13
CA ASP T 136 37.02 -52.54 -21.01
C ASP T 136 37.30 -54.08 -20.97
N LYS T 137 37.77 -54.55 -19.71
CA LYS T 137 38.03 -55.99 -19.44
C LYS T 137 36.69 -56.76 -19.52
N SER T 138 35.54 -56.11 -19.20
CA SER T 138 34.24 -56.69 -19.20
C SER T 138 33.49 -56.54 -20.54
N GLY T 139 34.28 -56.37 -21.57
CA GLY T 139 33.87 -56.34 -22.91
C GLY T 139 33.10 -55.12 -23.28
N ALA T 140 32.53 -55.18 -24.50
CA ALA T 140 31.79 -54.12 -24.98
C ALA T 140 30.57 -53.85 -24.19
N HIS T 141 30.20 -52.52 -24.09
CA HIS T 141 28.99 -52.12 -23.45
C HIS T 141 28.40 -51.01 -24.30
N LEU T 142 27.05 -50.87 -24.14
CA LEU T 142 26.20 -49.87 -24.77
C LEU T 142 25.22 -49.29 -23.90
N LEU T 143 25.33 -48.01 -23.63
CA LEU T 143 24.40 -47.34 -22.76
C LEU T 143 23.67 -46.36 -23.59
N GLU T 144 22.41 -46.20 -23.17
CA GLU T 144 21.46 -45.25 -23.71
C GLU T 144 21.13 -44.30 -22.54
N PHE T 145 21.40 -43.03 -22.72
CA PHE T 145 21.25 -41.96 -21.83
C PHE T 145 20.06 -41.28 -22.30
N GLN T 146 19.28 -40.83 -21.27
CA GLN T 146 17.99 -40.26 -21.34
C GLN T 146 18.15 -38.87 -20.93
N PRO T 147 17.24 -38.01 -21.13
CA PRO T 147 17.26 -36.63 -20.65
C PRO T 147 16.77 -36.71 -19.24
N SER T 148 16.15 -37.77 -18.71
CA SER T 148 15.86 -37.96 -17.32
C SER T 148 17.27 -38.09 -16.70
N GLY T 149 18.12 -38.95 -17.33
CA GLY T 149 19.48 -39.32 -17.00
C GLY T 149 19.61 -40.77 -16.72
N ASN T 150 18.59 -41.55 -16.91
CA ASN T 150 18.54 -42.99 -16.70
C ASN T 150 19.47 -43.64 -17.58
N VAL T 151 20.03 -44.80 -17.17
CA VAL T 151 21.02 -45.51 -17.89
C VAL T 151 20.47 -46.93 -18.15
N THR T 152 20.62 -47.38 -19.42
CA THR T 152 20.01 -48.62 -19.88
C THR T 152 21.06 -49.27 -20.65
N GLU T 153 21.36 -50.50 -20.28
CA GLU T 153 22.37 -51.32 -20.88
C GLU T 153 21.60 -52.20 -21.93
N LEU T 154 21.89 -52.13 -23.21
CA LEU T 154 21.28 -52.87 -24.25
C LEU T 154 22.32 -53.46 -25.10
N TYR T 155 21.88 -54.49 -25.89
CA TYR T 155 22.72 -55.01 -26.92
C TYR T 155 22.61 -54.18 -28.15
N GLY T 156 21.61 -53.25 -28.23
CA GLY T 156 21.36 -52.63 -29.43
C GLY T 156 20.25 -51.67 -29.17
N THR T 157 20.30 -50.52 -29.85
CA THR T 157 19.38 -49.43 -29.72
C THR T 157 19.50 -48.49 -30.96
N ALA T 158 18.53 -47.55 -31.09
CA ALA T 158 18.64 -46.43 -31.98
C ALA T 158 17.88 -45.30 -31.35
N ILE T 159 18.30 -44.08 -31.57
CA ILE T 159 17.52 -42.89 -31.15
C ILE T 159 17.64 -41.88 -32.17
N GLY T 160 16.66 -40.94 -32.14
CA GLY T 160 16.63 -39.78 -33.00
C GLY T 160 15.35 -39.85 -33.78
N ALA T 161 15.33 -39.20 -34.96
CA ALA T 161 14.22 -39.07 -35.85
C ALA T 161 14.21 -40.22 -36.85
N ARG T 162 13.10 -40.96 -36.88
CA ARG T 162 12.83 -42.08 -37.80
C ARG T 162 13.63 -43.26 -37.44
N SER T 163 13.91 -43.39 -36.10
CA SER T 163 14.78 -44.35 -35.58
C SER T 163 14.18 -45.64 -35.17
N GLN T 164 12.86 -45.78 -35.33
CA GLN T 164 12.08 -46.92 -34.92
C GLN T 164 12.18 -48.03 -35.89
N GLY T 165 12.51 -47.74 -37.13
CA GLY T 165 12.63 -48.79 -38.16
C GLY T 165 13.96 -49.47 -37.94
N ALA T 166 14.94 -48.74 -37.23
CA ALA T 166 16.29 -49.30 -37.04
C ALA T 166 16.20 -50.28 -35.85
N LYS T 167 15.36 -50.00 -34.80
CA LYS T 167 15.05 -50.91 -33.67
C LYS T 167 14.37 -52.18 -34.15
N THR T 168 13.56 -52.11 -35.17
CA THR T 168 12.81 -53.33 -35.69
C THR T 168 13.81 -54.17 -36.48
N TYR T 169 14.76 -53.55 -37.23
CA TYR T 169 15.82 -54.24 -37.86
C TYR T 169 16.75 -54.98 -36.91
N LEU T 170 17.24 -54.30 -35.85
CA LEU T 170 18.15 -54.84 -34.96
C LEU T 170 17.60 -56.02 -34.20
N GLU T 171 16.27 -56.00 -33.81
CA GLU T 171 15.56 -56.97 -33.02
C GLU T 171 15.64 -58.24 -33.79
N ARG T 172 15.37 -58.22 -35.10
CA ARG T 172 15.38 -59.41 -35.93
C ARG T 172 16.81 -60.03 -36.04
N THR T 173 17.82 -59.20 -36.11
CA THR T 173 19.18 -59.62 -36.43
C THR T 173 19.95 -59.62 -35.16
N LEU T 174 19.23 -59.57 -33.95
CA LEU T 174 19.85 -59.43 -32.67
C LEU T 174 20.92 -60.41 -32.31
N ASP T 175 20.65 -61.68 -32.61
CA ASP T 175 21.45 -62.79 -32.16
C ASP T 175 22.54 -63.07 -33.20
N THR T 176 22.28 -62.57 -34.43
CA THR T 176 23.20 -62.71 -35.52
C THR T 176 24.45 -61.99 -35.26
N PHE T 177 24.41 -60.70 -34.85
CA PHE T 177 25.60 -59.89 -34.86
C PHE T 177 26.38 -59.98 -33.67
N ILE T 178 25.80 -60.50 -32.59
CA ILE T 178 26.52 -60.83 -31.38
C ILE T 178 27.49 -61.96 -31.49
N LYS T 179 27.00 -63.04 -32.19
CA LYS T 179 27.82 -64.19 -32.36
C LYS T 179 28.98 -63.84 -33.23
N ILE T 180 28.86 -62.96 -34.25
CA ILE T 180 30.02 -62.53 -34.96
C ILE T 180 30.90 -61.74 -34.00
N ASP T 181 32.09 -62.35 -33.72
CA ASP T 181 33.17 -61.79 -32.92
C ASP T 181 34.41 -62.01 -33.71
N GLY T 182 35.32 -61.03 -33.66
CA GLY T 182 36.58 -60.95 -34.25
C GLY T 182 36.53 -60.49 -35.71
N ASN T 183 35.34 -59.92 -36.11
CA ASN T 183 35.06 -59.51 -37.47
C ASN T 183 34.42 -58.17 -37.42
N PRO T 184 35.11 -57.02 -37.41
CA PRO T 184 34.47 -55.73 -37.33
C PRO T 184 33.63 -55.37 -38.55
N ASP T 185 33.92 -55.93 -39.74
CA ASP T 185 33.33 -55.50 -41.02
C ASP T 185 31.81 -55.67 -41.05
N GLU T 186 31.35 -56.79 -40.45
CA GLU T 186 30.02 -57.20 -40.37
C GLU T 186 29.23 -56.33 -39.39
N LEU T 187 29.87 -55.94 -38.32
CA LEU T 187 29.12 -55.15 -37.38
C LEU T 187 28.90 -53.82 -37.85
N ILE T 188 29.88 -53.34 -38.66
CA ILE T 188 29.92 -52.07 -39.26
C ILE T 188 28.82 -52.02 -40.25
N LYS T 189 28.64 -53.11 -41.03
CA LYS T 189 27.80 -53.37 -42.16
C LYS T 189 26.36 -53.19 -41.77
N ALA T 190 25.98 -53.76 -40.60
CA ALA T 190 24.70 -53.82 -39.89
C ALA T 190 24.18 -52.48 -39.50
N GLY T 191 25.13 -51.65 -38.94
CA GLY T 191 24.84 -50.25 -38.62
C GLY T 191 24.55 -49.40 -39.79
N VAL T 192 25.11 -49.73 -40.99
CA VAL T 192 24.79 -49.04 -42.21
C VAL T 192 23.38 -49.42 -42.63
N GLU T 193 23.07 -50.78 -42.65
CA GLU T 193 21.67 -51.16 -43.05
C GLU T 193 20.63 -50.58 -42.24
N ALA T 194 20.82 -50.41 -40.92
CA ALA T 194 19.83 -49.87 -40.00
C ALA T 194 19.36 -48.46 -40.30
N ILE T 195 20.40 -47.67 -40.65
CA ILE T 195 20.31 -46.22 -40.87
C ILE T 195 20.01 -45.86 -42.25
N SER T 196 19.96 -46.80 -43.19
CA SER T 196 19.41 -46.73 -44.50
C SER T 196 17.90 -46.59 -44.45
N GLN T 197 17.26 -47.32 -43.48
CA GLN T 197 15.90 -47.51 -43.29
C GLN T 197 15.31 -46.25 -42.76
N SER T 198 16.03 -45.57 -41.92
CA SER T 198 15.64 -44.29 -41.31
C SER T 198 15.24 -43.25 -42.31
N LEU T 199 16.15 -43.04 -43.31
CA LEU T 199 16.12 -42.00 -44.28
C LEU T 199 14.82 -41.45 -44.76
N ARG T 200 14.78 -40.12 -44.87
CA ARG T 200 13.70 -39.35 -45.49
C ARG T 200 14.26 -38.01 -45.74
N ASP T 201 14.33 -37.62 -47.08
CA ASP T 201 14.75 -36.32 -47.57
C ASP T 201 16.22 -36.35 -47.58
N GLU T 202 16.86 -37.51 -47.63
CA GLU T 202 18.30 -37.65 -47.43
C GLU T 202 18.57 -38.95 -48.20
N SER T 203 19.86 -39.07 -48.68
CA SER T 203 20.47 -40.25 -49.19
C SER T 203 21.76 -40.15 -48.58
N LEU T 204 22.25 -41.32 -48.12
CA LEU T 204 23.61 -41.50 -47.73
C LEU T 204 24.60 -41.09 -48.76
N THR T 205 25.64 -40.43 -48.19
CA THR T 205 26.79 -40.07 -49.06
C THR T 205 27.97 -40.55 -48.31
N VAL T 206 29.18 -40.31 -48.91
CA VAL T 206 30.41 -40.55 -48.19
C VAL T 206 30.43 -39.82 -46.85
N ASP T 207 30.03 -38.49 -46.86
CA ASP T 207 30.22 -37.61 -45.77
C ASP T 207 29.09 -37.42 -44.89
N ASN T 208 28.14 -38.42 -44.89
CA ASN T 208 27.01 -38.57 -43.94
C ASN T 208 27.39 -39.71 -43.00
N LEU T 209 28.40 -40.49 -43.48
CA LEU T 209 28.84 -41.61 -42.70
C LEU T 209 29.93 -41.22 -41.79
N SER T 210 29.63 -41.52 -40.47
CA SER T 210 30.65 -41.42 -39.45
C SER T 210 30.42 -42.66 -38.64
N ILE T 211 31.43 -43.43 -38.48
CA ILE T 211 31.44 -44.75 -37.84
C ILE T 211 32.47 -44.58 -36.88
N ALA T 212 32.15 -44.97 -35.60
CA ALA T 212 32.90 -44.91 -34.40
C ALA T 212 32.93 -46.27 -33.91
N ILE T 213 34.12 -46.79 -33.65
CA ILE T 213 34.33 -48.21 -33.34
C ILE T 213 35.47 -48.29 -32.28
N VAL T 214 35.28 -49.24 -31.29
CA VAL T 214 36.18 -49.64 -30.21
C VAL T 214 35.92 -51.09 -30.03
N GLY T 215 36.96 -51.85 -29.64
CA GLY T 215 36.78 -53.28 -29.57
C GLY T 215 37.95 -53.96 -28.88
N LYS T 216 38.16 -55.26 -29.27
CA LYS T 216 38.92 -56.18 -28.59
C LYS T 216 40.44 -55.86 -28.88
N ASP T 217 40.71 -55.13 -30.00
CA ASP T 217 42.02 -54.93 -30.51
C ASP T 217 41.94 -53.60 -31.15
N THR T 218 40.87 -52.78 -30.88
CA THR T 218 40.73 -51.52 -31.55
C THR T 218 40.72 -50.35 -30.46
N PRO T 219 41.53 -49.32 -30.54
CA PRO T 219 41.31 -48.03 -29.83
C PRO T 219 39.95 -47.45 -30.22
N PHE T 220 39.34 -46.50 -29.39
CA PHE T 220 38.25 -45.60 -29.86
C PHE T 220 38.79 -44.89 -31.02
N THR T 221 38.18 -45.05 -32.25
CA THR T 221 38.64 -44.53 -33.49
C THR T 221 37.34 -44.09 -34.09
N ILE T 222 37.34 -42.90 -34.79
CA ILE T 222 36.24 -42.42 -35.54
C ILE T 222 36.82 -42.49 -36.92
N TYR T 223 36.06 -43.13 -37.84
CA TYR T 223 36.29 -43.32 -39.23
C TYR T 223 35.44 -42.43 -40.05
N ASP T 224 36.03 -41.81 -41.10
CA ASP T 224 35.40 -40.84 -41.93
C ASP T 224 36.06 -41.09 -43.28
N GLY T 225 35.61 -40.33 -44.34
CA GLY T 225 36.08 -40.25 -45.71
C GLY T 225 36.48 -41.51 -46.37
N GLU T 226 37.80 -41.61 -46.77
CA GLU T 226 38.17 -42.77 -47.67
C GLU T 226 38.10 -44.08 -46.97
N ALA T 227 37.91 -44.06 -45.63
CA ALA T 227 37.83 -45.27 -44.86
C ALA T 227 36.46 -45.79 -44.57
N VAL T 228 35.41 -45.05 -45.04
CA VAL T 228 34.02 -45.38 -45.00
C VAL T 228 33.59 -45.49 -46.43
N ALA T 229 34.61 -45.55 -47.37
CA ALA T 229 34.37 -45.69 -48.76
C ALA T 229 34.21 -47.06 -49.09
N LYS T 230 34.40 -48.00 -48.10
CA LYS T 230 34.35 -49.41 -48.19
C LYS T 230 33.02 -49.80 -47.51
N TYR T 231 32.16 -48.87 -47.17
CA TYR T 231 30.99 -49.14 -46.39
C TYR T 231 29.96 -48.06 -46.80
N ILE T 232 30.21 -47.26 -47.83
CA ILE T 232 29.12 -46.50 -48.38
C ILE T 232 28.22 -47.40 -49.23
N ILE U 1 -6.10 -26.85 -7.99
CA ILE U 1 -6.06 -26.29 -6.60
C ILE U 1 -5.39 -24.94 -6.64
N GLY U 2 -3.98 -24.92 -6.85
CA GLY U 2 -3.27 -23.67 -7.05
C GLY U 2 -3.16 -22.92 -5.75
N THR U 3 -2.69 -21.71 -5.75
CA THR U 3 -2.53 -20.78 -4.66
C THR U 3 -1.52 -21.42 -3.74
N GLY U 4 -0.27 -21.69 -4.17
CA GLY U 4 0.71 -22.39 -3.34
C GLY U 4 0.27 -23.79 -3.36
N TYR U 5 0.73 -24.59 -2.33
CA TYR U 5 0.03 -25.76 -1.91
C TYR U 5 0.41 -26.98 -2.76
N ASP U 6 1.07 -26.78 -3.89
CA ASP U 6 1.20 -27.73 -4.94
C ASP U 6 2.09 -27.13 -6.02
N LEU U 7 2.39 -25.86 -5.84
CA LEU U 7 3.28 -25.01 -6.60
C LEU U 7 4.53 -24.78 -5.84
N SER U 8 4.59 -25.07 -4.59
CA SER U 8 5.77 -24.80 -3.80
C SER U 8 5.68 -25.90 -2.88
N ASN U 9 6.84 -26.36 -2.23
CA ASN U 9 6.77 -27.57 -1.52
C ASN U 9 7.10 -27.22 -0.03
N SER U 10 7.07 -25.94 0.48
CA SER U 10 7.29 -25.59 1.90
C SER U 10 6.08 -24.85 2.40
N VAL U 11 5.08 -24.70 1.52
CA VAL U 11 3.88 -23.95 1.77
C VAL U 11 2.72 -24.87 2.12
N PHE U 12 1.99 -24.50 3.14
CA PHE U 12 1.12 -25.50 3.67
C PHE U 12 -0.22 -25.13 3.25
N SER U 13 -1.19 -26.15 3.15
CA SER U 13 -2.58 -25.81 2.69
C SER U 13 -3.36 -25.72 3.98
N PRO U 14 -4.64 -25.27 4.01
CA PRO U 14 -5.50 -25.27 5.18
C PRO U 14 -5.72 -26.66 5.66
N ASP U 15 -5.33 -27.67 4.94
CA ASP U 15 -5.59 -29.03 5.28
C ASP U 15 -4.45 -29.53 6.08
N GLY U 16 -3.41 -28.75 6.19
CA GLY U 16 -2.34 -29.07 7.17
C GLY U 16 -1.34 -30.00 6.57
N ARG U 17 -1.29 -29.99 5.20
CA ARG U 17 -0.54 -30.94 4.52
C ARG U 17 -0.07 -30.28 3.28
N ASN U 18 0.66 -31.07 2.43
CA ASN U 18 1.18 -30.61 1.12
C ASN U 18 0.89 -31.70 0.09
N PHE U 19 0.30 -31.17 -0.97
CA PHE U 19 -0.35 -31.99 -2.01
C PHE U 19 0.74 -32.45 -2.97
N GLN U 20 1.91 -31.69 -2.99
CA GLN U 20 3.04 -32.16 -3.84
C GLN U 20 3.62 -33.40 -3.34
N VAL U 21 3.60 -33.63 -1.97
CA VAL U 21 4.18 -34.84 -1.40
C VAL U 21 3.34 -36.04 -1.71
N GLU U 22 1.94 -35.83 -1.87
CA GLU U 22 1.00 -36.85 -2.36
C GLU U 22 1.37 -37.21 -3.78
N TYR U 23 1.83 -36.26 -4.62
CA TYR U 23 2.20 -36.41 -5.95
C TYR U 23 3.51 -37.10 -6.12
N ALA U 24 4.32 -36.98 -5.01
CA ALA U 24 5.61 -37.66 -4.94
C ALA U 24 5.36 -39.14 -4.81
N VAL U 25 4.32 -39.47 -3.95
CA VAL U 25 3.83 -40.80 -3.72
C VAL U 25 3.24 -41.35 -5.04
N LYS U 26 2.51 -40.54 -5.79
CA LYS U 26 1.81 -41.03 -6.99
C LYS U 26 2.85 -41.58 -7.98
N ALA U 27 4.04 -40.94 -7.99
CA ALA U 27 5.11 -41.44 -8.85
C ALA U 27 5.69 -42.76 -8.49
N VAL U 28 5.54 -43.11 -7.22
CA VAL U 28 5.85 -44.43 -6.63
C VAL U 28 4.86 -45.50 -7.09
N GLU U 29 3.58 -45.12 -7.27
CA GLU U 29 2.48 -45.97 -7.68
C GLU U 29 2.78 -46.51 -9.05
N ASN U 30 3.40 -45.58 -9.90
CA ASN U 30 3.71 -45.69 -11.35
C ASN U 30 4.90 -46.56 -11.46
N GLY U 31 5.79 -46.54 -10.39
CA GLY U 31 6.99 -47.40 -10.32
C GLY U 31 6.57 -48.84 -10.08
N THR U 32 7.52 -49.77 -10.02
CA THR U 32 7.24 -51.21 -10.11
C THR U 32 7.43 -51.87 -8.73
N THR U 33 6.75 -53.10 -8.54
CA THR U 33 6.67 -53.93 -7.30
C THR U 33 8.12 -54.18 -6.78
N SER U 34 8.41 -53.78 -5.50
CA SER U 34 9.60 -54.13 -4.80
C SER U 34 9.04 -54.47 -3.44
N ILE U 35 9.57 -55.57 -2.77
CA ILE U 35 9.24 -56.09 -1.49
C ILE U 35 10.56 -56.24 -0.77
N GLY U 36 10.41 -56.27 0.56
CA GLY U 36 11.46 -56.65 1.41
C GLY U 36 10.83 -57.59 2.41
N ILE U 37 11.45 -58.68 2.82
CA ILE U 37 10.71 -59.63 3.60
C ILE U 37 11.64 -59.68 4.76
N LYS U 38 11.20 -59.29 5.91
CA LYS U 38 11.97 -59.38 7.11
C LYS U 38 11.95 -60.82 7.55
N CYS U 39 13.04 -61.28 8.23
CA CYS U 39 13.18 -62.65 8.66
C CYS U 39 13.90 -62.46 9.97
N ASN U 40 13.96 -63.59 10.65
CA ASN U 40 14.48 -63.78 11.98
C ASN U 40 15.93 -64.18 11.90
N ASP U 41 16.62 -64.24 10.73
CA ASP U 41 17.98 -64.61 10.60
C ASP U 41 18.39 -63.94 9.28
N GLY U 42 17.57 -63.06 8.70
CA GLY U 42 18.10 -62.31 7.62
C GLY U 42 17.06 -61.34 7.18
N VAL U 43 17.31 -60.88 5.98
CA VAL U 43 16.46 -60.01 5.22
C VAL U 43 16.62 -60.34 3.80
N VAL U 44 15.54 -60.26 3.03
CA VAL U 44 15.46 -60.62 1.62
C VAL U 44 14.87 -59.41 0.87
N PHE U 45 15.41 -59.05 -0.31
CA PHE U 45 14.91 -58.02 -1.20
C PHE U 45 14.63 -58.67 -2.53
N ALA U 46 13.50 -58.30 -3.21
CA ALA U 46 13.16 -58.83 -4.56
C ALA U 46 12.68 -57.62 -5.26
N VAL U 47 12.71 -57.65 -6.59
CA VAL U 47 12.24 -56.45 -7.31
C VAL U 47 11.84 -56.98 -8.56
N GLU U 48 10.78 -56.33 -9.17
CA GLU U 48 10.41 -56.55 -10.51
C GLU U 48 11.03 -55.41 -11.37
N LYS U 49 11.80 -55.84 -12.43
CA LYS U 49 12.48 -54.89 -13.33
C LYS U 49 11.86 -55.34 -14.65
N LEU U 50 11.02 -54.55 -15.27
CA LEU U 50 10.39 -54.84 -16.48
C LEU U 50 11.24 -54.77 -17.69
N ILE U 51 10.92 -55.63 -18.67
CA ILE U 51 11.60 -55.73 -19.92
C ILE U 51 10.79 -55.09 -20.96
N THR U 52 11.32 -53.94 -21.54
CA THR U 52 10.60 -53.07 -22.47
C THR U 52 10.55 -53.66 -23.88
N SER U 53 11.70 -54.26 -24.19
CA SER U 53 11.88 -54.91 -25.48
C SER U 53 13.00 -55.88 -25.18
N LYS U 54 13.40 -56.76 -26.10
CA LYS U 54 14.25 -57.92 -25.81
C LYS U 54 15.57 -57.57 -26.32
N LEU U 55 15.92 -56.25 -26.54
CA LEU U 55 17.20 -55.81 -27.01
C LEU U 55 18.02 -55.51 -25.82
N LEU U 56 17.37 -55.39 -24.65
CA LEU U 56 17.89 -55.17 -23.32
C LEU U 56 18.81 -56.26 -22.94
N VAL U 57 19.82 -56.07 -22.03
CA VAL U 57 20.70 -57.22 -21.70
C VAL U 57 20.19 -57.84 -20.47
N PRO U 58 20.25 -59.16 -20.35
CA PRO U 58 19.75 -59.87 -19.19
C PRO U 58 20.71 -59.77 -17.99
N GLN U 59 20.11 -59.63 -16.75
CA GLN U 59 20.66 -59.43 -15.47
C GLN U 59 21.79 -58.42 -15.50
N LYS U 60 21.59 -57.13 -15.90
CA LYS U 60 22.75 -56.19 -16.08
C LYS U 60 22.35 -54.78 -15.67
N ASN U 61 21.01 -54.69 -15.43
CA ASN U 61 20.47 -53.48 -14.85
C ASN U 61 19.66 -53.94 -13.69
N VAL U 62 19.57 -53.17 -12.56
CA VAL U 62 18.86 -53.61 -11.34
C VAL U 62 18.19 -52.37 -10.69
N LYS U 63 17.81 -52.52 -9.42
CA LYS U 63 17.52 -51.35 -8.58
C LYS U 63 18.05 -51.72 -7.23
N ILE U 64 18.81 -52.86 -7.22
CA ILE U 64 19.41 -53.30 -5.97
C ILE U 64 20.81 -52.71 -5.98
N GLN U 65 21.14 -52.01 -4.89
CA GLN U 65 22.40 -51.31 -4.72
C GLN U 65 22.76 -51.57 -3.29
N VAL U 66 24.08 -51.64 -3.00
CA VAL U 66 24.53 -51.90 -1.69
C VAL U 66 25.18 -50.68 -0.98
N VAL U 67 25.18 -50.54 0.36
CA VAL U 67 25.81 -49.47 1.08
C VAL U 67 26.53 -50.24 2.06
N ASP U 68 27.84 -49.94 2.27
CA ASP U 68 28.76 -50.75 3.02
C ASP U 68 28.93 -52.01 2.29
N ARG U 69 28.65 -53.11 3.05
CA ARG U 69 28.71 -54.45 2.61
C ARG U 69 27.76 -55.28 3.39
N HIS U 70 26.70 -54.58 3.83
CA HIS U 70 25.80 -55.31 4.61
C HIS U 70 24.51 -54.56 4.57
N ILE U 71 24.29 -53.48 3.81
CA ILE U 71 22.99 -52.87 3.89
C ILE U 71 22.58 -52.92 2.43
N GLY U 72 21.43 -53.58 2.13
CA GLY U 72 20.84 -53.63 0.84
C GLY U 72 19.75 -52.58 0.82
N CYS U 73 19.58 -52.06 -0.39
CA CYS U 73 18.55 -51.05 -0.66
C CYS U 73 18.02 -51.23 -2.00
N VAL U 74 16.71 -50.92 -2.22
CA VAL U 74 16.08 -51.00 -3.49
C VAL U 74 15.07 -49.95 -3.31
N TYR U 75 14.78 -49.23 -4.44
CA TYR U 75 13.89 -48.07 -4.51
C TYR U 75 12.89 -48.33 -5.59
N SER U 76 11.66 -47.79 -5.51
CA SER U 76 10.68 -47.84 -6.60
C SER U 76 10.15 -46.42 -6.80
N GLY U 77 9.82 -46.06 -8.06
CA GLY U 77 9.29 -44.73 -8.41
C GLY U 77 10.09 -44.22 -9.63
N LEU U 78 10.67 -43.05 -9.37
CA LEU U 78 11.50 -42.50 -10.38
C LEU U 78 12.91 -43.00 -10.15
N ILE U 79 13.33 -43.78 -11.14
CA ILE U 79 14.61 -44.46 -11.24
C ILE U 79 15.87 -43.61 -11.06
N PRO U 80 16.16 -42.47 -11.72
CA PRO U 80 17.43 -41.80 -11.58
C PRO U 80 17.50 -41.02 -10.29
N ASP U 81 16.29 -40.67 -9.72
CA ASP U 81 16.11 -39.90 -8.53
C ASP U 81 16.43 -40.76 -7.32
N GLY U 82 16.02 -42.07 -7.53
CA GLY U 82 16.11 -43.13 -6.49
C GLY U 82 17.59 -43.48 -6.44
N ARG U 83 18.35 -43.41 -7.56
CA ARG U 83 19.74 -43.72 -7.48
C ARG U 83 20.52 -42.83 -6.58
N HIS U 84 20.18 -41.51 -6.75
CA HIS U 84 20.84 -40.37 -6.08
C HIS U 84 20.60 -40.38 -4.51
N LEU U 85 19.50 -40.81 -4.02
CA LEU U 85 19.26 -40.93 -2.56
C LEU U 85 20.08 -42.01 -1.93
N VAL U 86 20.38 -43.10 -2.72
CA VAL U 86 21.15 -44.16 -2.20
C VAL U 86 22.57 -43.67 -2.21
N ASN U 87 22.92 -42.92 -3.25
CA ASN U 87 24.26 -42.37 -3.46
C ASN U 87 24.55 -41.43 -2.33
N ARG U 88 23.54 -40.62 -1.91
CA ARG U 88 23.64 -39.65 -0.83
C ARG U 88 23.80 -40.43 0.52
N GLY U 89 23.03 -41.53 0.67
CA GLY U 89 23.21 -42.55 1.73
C GLY U 89 24.62 -43.07 1.87
N ARG U 90 25.32 -43.37 0.73
CA ARG U 90 26.72 -43.74 0.76
C ARG U 90 27.68 -42.71 1.30
N GLU U 91 27.48 -41.46 0.95
CA GLU U 91 28.34 -40.46 1.34
C GLU U 91 28.23 -40.31 2.86
N GLU U 92 26.97 -40.39 3.41
CA GLU U 92 26.60 -40.37 4.83
C GLU U 92 27.18 -41.54 5.59
N ALA U 93 27.11 -42.77 5.02
CA ALA U 93 27.52 -44.03 5.54
C ALA U 93 29.03 -43.94 5.73
N ALA U 94 29.73 -43.39 4.72
CA ALA U 94 31.15 -43.30 4.69
C ALA U 94 31.60 -42.48 5.90
N SER U 95 30.92 -41.29 6.17
CA SER U 95 31.24 -40.42 7.25
C SER U 95 31.20 -41.15 8.64
N PHE U 96 30.18 -42.06 8.89
CA PHE U 96 29.93 -42.86 10.06
C PHE U 96 31.13 -43.82 10.26
N LYS U 97 31.57 -44.46 9.22
CA LYS U 97 32.66 -45.42 9.17
C LYS U 97 33.97 -44.66 9.51
N LYS U 98 34.18 -43.40 9.01
CA LYS U 98 35.34 -42.59 9.34
C LYS U 98 35.48 -42.20 10.81
N LEU U 99 34.42 -41.63 11.34
CA LEU U 99 34.40 -41.15 12.68
C LEU U 99 34.32 -42.23 13.75
N TYR U 100 33.55 -43.31 13.55
CA TYR U 100 33.17 -44.26 14.60
C TYR U 100 33.81 -45.63 14.37
N LYS U 101 34.51 -45.78 13.17
CA LYS U 101 35.25 -47.00 12.87
C LYS U 101 34.41 -48.18 12.96
N THR U 102 33.20 -48.23 12.30
CA THR U 102 32.32 -49.36 12.55
C THR U 102 31.30 -49.17 11.44
N PRO U 103 30.72 -50.22 10.89
CA PRO U 103 29.47 -50.13 10.17
C PRO U 103 28.34 -49.39 10.89
N ILE U 104 27.42 -48.90 10.10
CA ILE U 104 26.31 -48.16 10.47
C ILE U 104 25.32 -49.14 11.03
N PRO U 105 24.60 -48.76 12.11
CA PRO U 105 23.37 -49.49 12.49
C PRO U 105 22.30 -49.20 11.52
N ILE U 106 21.42 -50.18 11.22
CA ILE U 106 20.30 -49.95 10.32
C ILE U 106 19.34 -48.88 10.91
N PRO U 107 19.06 -48.74 12.19
CA PRO U 107 18.21 -47.67 12.67
C PRO U 107 18.98 -46.30 12.57
N ALA U 108 20.34 -46.25 12.56
CA ALA U 108 21.13 -45.09 12.38
C ALA U 108 20.93 -44.60 10.93
N PHE U 109 21.01 -45.51 9.92
CA PHE U 109 20.76 -45.23 8.54
C PHE U 109 19.41 -44.73 8.29
N ALA U 110 18.41 -45.30 8.99
CA ALA U 110 17.03 -44.88 8.79
C ALA U 110 16.79 -43.47 9.17
N ASP U 111 17.44 -42.97 10.32
CA ASP U 111 17.43 -41.59 10.78
C ASP U 111 18.11 -40.61 9.88
N ARG U 112 19.30 -40.90 9.31
CA ARG U 112 20.02 -40.03 8.50
C ARG U 112 19.27 -39.88 7.17
N LEU U 113 18.69 -40.94 6.52
CA LEU U 113 18.00 -40.85 5.24
C LEU U 113 16.75 -39.90 5.27
N GLY U 114 16.00 -40.05 6.40
CA GLY U 114 14.82 -39.32 6.70
C GLY U 114 15.20 -37.87 6.97
N GLN U 115 16.41 -37.49 7.32
CA GLN U 115 16.69 -36.13 7.43
C GLN U 115 16.91 -35.49 6.08
N TYR U 116 17.49 -36.27 5.11
CA TYR U 116 17.82 -35.82 3.80
C TYR U 116 16.53 -35.52 3.01
N VAL U 117 15.49 -36.37 3.04
CA VAL U 117 14.20 -36.27 2.37
C VAL U 117 13.47 -35.03 2.93
N GLN U 118 13.53 -34.91 4.29
CA GLN U 118 12.76 -33.89 5.00
C GLN U 118 13.35 -32.58 4.66
N ALA U 119 14.68 -32.45 4.43
CA ALA U 119 15.31 -31.20 4.01
C ALA U 119 14.83 -30.66 2.68
N HIS U 120 14.45 -31.57 1.76
CA HIS U 120 14.00 -31.24 0.41
C HIS U 120 12.61 -30.81 0.43
N THR U 121 12.01 -30.64 1.65
CA THR U 121 10.74 -30.00 1.79
C THR U 121 10.77 -28.73 2.52
N LEU U 122 12.00 -28.20 2.82
CA LEU U 122 12.15 -27.00 3.62
C LEU U 122 12.54 -25.87 2.82
N TYR U 123 12.93 -26.04 1.57
CA TYR U 123 13.48 -25.04 0.72
C TYR U 123 12.54 -25.19 -0.48
N ASN U 124 12.69 -24.38 -1.54
CA ASN U 124 11.72 -24.23 -2.65
C ASN U 124 12.66 -24.03 -3.81
N SER U 125 14.02 -24.03 -3.53
CA SER U 125 14.98 -24.11 -4.64
C SER U 125 15.36 -25.54 -4.74
N VAL U 126 14.63 -26.40 -4.03
CA VAL U 126 14.88 -27.82 -4.10
C VAL U 126 13.57 -28.51 -4.58
N ARG U 127 13.64 -29.70 -5.16
CA ARG U 127 12.56 -30.68 -5.42
C ARG U 127 12.62 -31.74 -4.37
N PRO U 128 11.48 -32.26 -3.88
CA PRO U 128 11.42 -33.50 -3.15
C PRO U 128 11.85 -34.71 -3.88
N PHE U 129 12.07 -35.84 -3.22
CA PHE U 129 12.21 -37.12 -3.77
C PHE U 129 10.94 -37.67 -4.07
N GLY U 130 10.92 -38.73 -4.94
CA GLY U 130 9.60 -39.29 -5.41
C GLY U 130 9.82 -40.75 -5.51
N VAL U 131 10.37 -41.29 -4.38
CA VAL U 131 10.74 -42.65 -4.30
C VAL U 131 10.56 -43.10 -2.86
N SER U 132 10.20 -44.39 -2.75
CA SER U 132 10.26 -45.13 -1.53
C SER U 132 11.45 -45.90 -1.69
N THR U 133 11.98 -46.35 -0.51
CA THR U 133 13.23 -47.12 -0.49
C THR U 133 13.09 -48.10 0.60
N ILE U 134 12.97 -49.40 0.31
CA ILE U 134 13.02 -50.54 1.22
C ILE U 134 14.50 -50.74 1.42
N PHE U 135 14.92 -50.97 2.69
CA PHE U 135 16.31 -51.14 3.00
C PHE U 135 16.42 -51.85 4.22
N GLY U 136 17.61 -52.32 4.61
CA GLY U 136 17.89 -52.87 5.90
C GLY U 136 18.93 -53.94 5.67
N GLY U 137 19.17 -54.72 6.73
CA GLY U 137 20.34 -55.60 6.71
C GLY U 137 20.30 -56.33 7.97
N VAL U 138 21.56 -56.67 8.50
CA VAL U 138 21.89 -57.34 9.78
C VAL U 138 22.94 -56.53 10.46
N ASP U 139 22.76 -56.31 11.77
CA ASP U 139 23.80 -55.66 12.49
C ASP U 139 23.90 -56.47 13.76
N LYS U 140 24.39 -55.71 14.82
CA LYS U 140 24.69 -56.17 16.16
C LYS U 140 23.52 -56.84 16.82
N ASN U 141 22.38 -56.20 16.64
CA ASN U 141 21.17 -56.36 17.37
C ASN U 141 20.28 -57.10 16.52
N GLY U 142 20.86 -57.77 15.46
CA GLY U 142 20.16 -58.58 14.50
C GLY U 142 19.71 -57.86 13.34
N ALA U 143 18.76 -58.51 12.65
CA ALA U 143 18.23 -58.09 11.41
C ALA U 143 17.08 -57.18 11.68
N HIS U 144 16.94 -56.17 10.80
CA HIS U 144 16.08 -55.01 10.89
C HIS U 144 15.82 -54.77 9.45
N LEU U 145 14.59 -54.34 9.15
CA LEU U 145 14.10 -53.93 7.79
C LEU U 145 13.31 -52.73 8.18
N TYR U 146 13.50 -51.72 7.33
CA TYR U 146 12.82 -50.45 7.42
C TYR U 146 12.32 -50.10 5.95
N MET U 147 11.37 -49.13 5.83
CA MET U 147 11.00 -48.71 4.53
C MET U 147 10.60 -47.32 4.77
N LEU U 148 10.97 -46.50 3.75
CA LEU U 148 10.99 -45.09 3.80
C LEU U 148 10.09 -44.75 2.73
N GLU U 149 9.19 -43.81 3.06
CA GLU U 149 8.26 -43.23 2.21
C GLU U 149 8.89 -41.99 1.72
N PRO U 150 8.44 -41.49 0.56
CA PRO U 150 8.87 -40.13 0.00
C PRO U 150 8.34 -38.99 0.88
N SER U 151 7.53 -39.37 1.93
CA SER U 151 6.92 -38.58 2.90
C SER U 151 7.89 -38.20 4.03
N GLY U 152 8.90 -39.11 4.18
CA GLY U 152 9.86 -39.08 5.19
C GLY U 152 9.33 -39.70 6.42
N SER U 153 8.51 -40.76 6.27
CA SER U 153 7.95 -41.53 7.30
C SER U 153 8.54 -42.86 7.20
N TYR U 154 8.84 -43.47 8.40
CA TYR U 154 9.28 -44.81 8.48
C TYR U 154 8.90 -45.34 9.77
N TRP U 155 8.88 -46.66 9.75
CA TRP U 155 8.47 -47.51 10.83
C TRP U 155 9.18 -48.80 10.49
N GLY U 156 9.29 -49.71 11.50
CA GLY U 156 9.83 -51.02 11.36
C GLY U 156 8.79 -51.74 10.53
N TYR U 157 9.19 -52.83 9.81
CA TYR U 157 8.27 -53.55 8.93
C TYR U 157 8.65 -55.05 9.08
N LYS U 158 7.67 -55.89 9.25
CA LYS U 158 7.70 -57.33 9.15
C LYS U 158 7.50 -57.61 7.67
N GLY U 159 6.91 -56.71 6.89
CA GLY U 159 6.84 -56.84 5.46
C GLY U 159 6.71 -55.45 4.90
N ALA U 160 7.35 -55.12 3.79
CA ALA U 160 7.27 -53.82 3.23
C ALA U 160 7.00 -54.08 1.81
N ALA U 161 6.31 -53.17 1.21
CA ALA U 161 5.92 -53.32 -0.15
C ALA U 161 5.67 -52.02 -0.65
N THR U 162 5.96 -51.87 -1.99
CA THR U 162 5.75 -50.69 -2.75
C THR U 162 5.67 -51.09 -4.14
N GLY U 163 5.21 -50.11 -4.96
CA GLY U 163 5.05 -50.17 -6.39
C GLY U 163 3.64 -50.45 -6.66
N LYS U 164 3.33 -50.74 -7.90
CA LYS U 164 1.96 -50.71 -8.34
C LYS U 164 1.13 -51.84 -7.75
N GLY U 165 1.67 -53.14 -7.76
CA GLY U 165 1.01 -54.40 -7.47
C GLY U 165 1.13 -54.63 -6.01
N ARG U 166 1.32 -53.55 -5.15
CA ARG U 166 1.59 -53.76 -3.75
C ARG U 166 0.34 -54.28 -3.01
N GLN U 167 -0.88 -54.23 -3.57
CA GLN U 167 -2.06 -54.70 -2.89
C GLN U 167 -2.00 -56.13 -2.75
N SER U 168 -1.61 -56.84 -3.77
CA SER U 168 -1.44 -58.24 -3.70
C SER U 168 -0.28 -58.60 -2.78
N ALA U 169 0.76 -57.78 -2.90
CA ALA U 169 2.00 -58.00 -2.14
C ALA U 169 1.86 -57.94 -0.60
N LYS U 170 1.04 -57.00 -0.14
CA LYS U 170 0.84 -56.81 1.31
C LYS U 170 0.07 -57.92 1.98
N ALA U 171 -0.91 -58.44 1.21
CA ALA U 171 -1.81 -59.56 1.61
C ALA U 171 -1.02 -60.86 1.72
N GLU U 172 -0.08 -61.10 0.70
CA GLU U 172 0.74 -62.27 0.72
C GLU U 172 1.73 -62.25 1.91
N LEU U 173 2.28 -61.09 2.24
CA LEU U 173 3.14 -60.89 3.44
C LEU U 173 2.43 -61.23 4.73
N GLU U 174 1.15 -60.90 4.86
CA GLU U 174 0.40 -61.07 6.07
C GLU U 174 0.05 -62.49 6.21
N LYS U 175 -0.21 -63.20 5.11
CA LYS U 175 -0.30 -64.63 5.09
C LYS U 175 0.91 -65.30 5.51
N LEU U 176 2.10 -64.74 5.10
CA LEU U 176 3.40 -65.25 5.53
C LEU U 176 3.65 -65.19 6.99
N VAL U 177 3.17 -64.10 7.73
CA VAL U 177 3.21 -64.06 9.19
C VAL U 177 2.35 -65.19 9.72
N ASP U 178 1.12 -65.46 9.19
CA ASP U 178 0.22 -66.39 9.79
C ASP U 178 0.68 -67.86 9.68
N HIS U 179 1.17 -68.23 8.48
CA HIS U 179 1.63 -69.58 8.13
C HIS U 179 2.85 -70.02 8.86
N HIS U 180 3.81 -69.11 9.14
CA HIS U 180 5.03 -69.25 9.88
C HIS U 180 5.13 -68.20 10.84
N PRO U 181 5.16 -68.35 12.16
CA PRO U 181 4.98 -67.18 13.03
C PRO U 181 6.34 -66.68 13.32
N GLU U 182 7.37 -67.19 12.66
CA GLU U 182 8.76 -66.62 12.80
C GLU U 182 9.11 -65.90 11.55
N GLY U 183 8.20 -65.96 10.51
CA GLY U 183 8.39 -65.23 9.29
C GLY U 183 9.19 -66.00 8.26
N LEU U 184 9.53 -67.25 8.61
CA LEU U 184 10.20 -68.24 7.80
C LEU U 184 11.68 -67.85 7.69
N SER U 185 12.51 -68.89 7.23
CA SER U 185 13.98 -68.78 7.02
C SER U 185 14.18 -67.96 5.80
N ALA U 186 15.40 -67.43 5.73
CA ALA U 186 15.77 -66.47 4.68
C ALA U 186 15.93 -67.09 3.30
N ARG U 187 16.34 -68.39 3.23
CA ARG U 187 16.45 -69.24 2.15
C ARG U 187 15.08 -69.39 1.52
N GLU U 188 14.03 -69.73 2.27
CA GLU U 188 12.75 -69.96 1.75
C GLU U 188 11.94 -68.66 1.55
N ALA U 189 12.31 -67.57 2.20
CA ALA U 189 11.77 -66.23 2.02
C ALA U 189 12.20 -65.63 0.74
N VAL U 190 13.29 -66.14 0.08
CA VAL U 190 13.72 -65.85 -1.31
C VAL U 190 12.73 -66.46 -2.29
N LYS U 191 12.33 -67.74 -2.06
CA LYS U 191 11.41 -68.39 -2.86
C LYS U 191 10.04 -67.75 -2.71
N GLN U 192 9.71 -67.40 -1.45
CA GLN U 192 8.52 -66.74 -1.14
C GLN U 192 8.37 -65.35 -1.86
N ALA U 193 9.51 -64.62 -2.07
CA ALA U 193 9.57 -63.38 -2.74
C ALA U 193 9.29 -63.57 -4.21
N ALA U 194 9.69 -64.68 -4.88
CA ALA U 194 9.52 -64.94 -6.25
C ALA U 194 8.06 -65.16 -6.55
N LYS U 195 7.35 -66.00 -5.67
CA LYS U 195 5.89 -66.21 -5.82
C LYS U 195 5.13 -64.89 -5.70
N ILE U 196 5.62 -63.94 -4.84
CA ILE U 196 4.91 -62.68 -4.68
C ILE U 196 4.95 -61.88 -6.00
N ILE U 197 6.13 -61.75 -6.64
CA ILE U 197 6.47 -60.77 -7.64
C ILE U 197 5.78 -61.15 -8.99
N TYR U 198 5.64 -62.51 -9.23
CA TYR U 198 4.97 -63.12 -10.31
C TYR U 198 3.43 -62.77 -10.25
N LEU U 199 2.83 -62.72 -9.02
CA LEU U 199 1.47 -62.35 -8.87
C LEU U 199 1.30 -60.93 -9.04
N ALA U 200 2.30 -60.18 -8.72
CA ALA U 200 2.40 -58.76 -8.92
C ALA U 200 2.61 -58.38 -10.30
N HIS U 201 3.01 -59.36 -11.14
CA HIS U 201 3.20 -59.19 -12.56
C HIS U 201 1.89 -59.50 -13.32
N GLU U 202 0.78 -59.79 -12.59
CA GLU U 202 -0.51 -59.97 -13.20
C GLU U 202 -1.09 -58.61 -13.30
N ASP U 203 -0.45 -57.60 -12.55
CA ASP U 203 -0.85 -56.15 -12.54
C ASP U 203 -0.04 -55.43 -13.50
N ASN U 204 1.07 -56.02 -13.92
CA ASN U 204 1.92 -55.40 -14.82
C ASN U 204 1.95 -56.07 -16.21
N LYS U 205 0.87 -56.87 -16.52
CA LYS U 205 0.83 -57.82 -17.59
C LYS U 205 0.55 -57.08 -18.83
N GLU U 206 1.63 -56.97 -19.67
CA GLU U 206 1.51 -56.35 -20.95
C GLU U 206 2.92 -56.54 -21.58
N LYS U 207 3.89 -56.85 -20.72
CA LYS U 207 5.28 -56.88 -21.04
C LYS U 207 5.81 -57.99 -20.18
N ASP U 208 7.19 -58.14 -20.12
CA ASP U 208 7.86 -59.26 -19.55
C ASP U 208 8.62 -58.66 -18.38
N PHE U 209 9.15 -59.51 -17.51
CA PHE U 209 9.86 -59.09 -16.30
C PHE U 209 11.11 -59.86 -16.15
N GLU U 210 11.91 -59.33 -15.24
CA GLU U 210 13.19 -59.92 -14.90
C GLU U 210 13.09 -59.82 -13.36
N LEU U 211 13.45 -60.94 -12.73
CA LEU U 211 13.33 -61.09 -11.35
C LEU U 211 14.80 -60.98 -10.89
N GLU U 212 15.12 -60.03 -10.02
CA GLU U 212 16.35 -59.94 -9.34
C GLU U 212 16.07 -59.94 -7.91
N ILE U 213 16.78 -60.81 -7.17
CA ILE U 213 16.59 -61.07 -5.80
C ILE U 213 17.93 -60.88 -5.19
N SER U 214 18.07 -60.30 -3.97
CA SER U 214 19.33 -60.19 -3.28
C SER U 214 19.01 -60.51 -1.88
N TRP U 215 20.05 -60.74 -1.03
CA TRP U 215 19.83 -61.05 0.31
C TRP U 215 21.03 -60.56 1.07
N CYS U 216 20.91 -60.60 2.37
CA CYS U 216 21.94 -60.32 3.30
C CYS U 216 21.34 -61.09 4.42
N SER U 217 22.13 -62.10 4.99
CA SER U 217 21.63 -63.00 6.02
C SER U 217 22.73 -63.33 6.91
N LEU U 218 22.37 -63.47 8.25
CA LEU U 218 23.21 -63.66 9.46
C LEU U 218 24.15 -64.76 9.28
N SER U 219 23.80 -65.96 8.70
CA SER U 219 24.71 -67.06 8.50
C SER U 219 24.53 -67.72 7.12
N GLU U 220 23.71 -67.21 6.24
CA GLU U 220 23.41 -67.82 4.99
C GLU U 220 24.05 -66.97 3.95
N THR U 221 24.71 -65.89 4.45
CA THR U 221 25.47 -65.06 3.56
C THR U 221 26.58 -64.58 4.45
N ASN U 222 26.61 -65.10 5.71
CA ASN U 222 27.66 -64.86 6.59
C ASN U 222 27.86 -63.43 6.98
N GLY U 223 26.75 -62.76 7.13
CA GLY U 223 26.55 -61.42 7.66
C GLY U 223 26.78 -60.32 6.57
N LEU U 224 26.97 -60.72 5.28
CA LEU U 224 27.34 -59.81 4.22
C LEU U 224 26.22 -59.83 3.23
N HIS U 225 26.12 -58.82 2.36
CA HIS U 225 25.21 -58.64 1.33
C HIS U 225 25.88 -59.24 0.07
N LYS U 226 25.15 -59.95 -0.79
CA LYS U 226 25.59 -60.59 -2.01
C LYS U 226 24.35 -60.55 -2.74
N PHE U 227 24.39 -60.70 -4.06
CA PHE U 227 23.32 -60.96 -4.91
C PHE U 227 22.89 -62.44 -4.78
N VAL U 228 21.52 -62.80 -4.85
CA VAL U 228 21.04 -64.14 -4.88
C VAL U 228 21.07 -64.47 -6.39
N LYS U 229 21.86 -65.49 -6.84
CA LYS U 229 22.14 -65.77 -8.23
C LYS U 229 22.50 -67.17 -8.32
N GLY U 230 22.34 -67.68 -9.54
CA GLY U 230 22.81 -69.05 -9.84
C GLY U 230 21.77 -69.99 -9.28
N ASP U 231 22.15 -71.14 -8.56
CA ASP U 231 21.25 -72.25 -8.31
C ASP U 231 20.19 -71.87 -7.24
N LEU U 232 20.58 -70.89 -6.40
CA LEU U 232 19.65 -70.29 -5.50
C LEU U 232 18.54 -69.58 -6.24
N LEU U 233 18.92 -68.76 -7.24
CA LEU U 233 17.98 -67.96 -8.03
C LEU U 233 17.19 -68.82 -8.92
N GLN U 234 17.81 -69.91 -9.43
CA GLN U 234 17.12 -70.81 -10.35
C GLN U 234 16.07 -71.57 -9.69
N GLU U 235 16.35 -71.88 -8.44
CA GLU U 235 15.34 -72.42 -7.59
C GLU U 235 14.07 -71.57 -7.40
N ALA U 236 14.31 -70.25 -7.18
CA ALA U 236 13.25 -69.31 -6.90
C ALA U 236 12.31 -69.18 -8.04
N ILE U 237 12.96 -69.26 -9.23
CA ILE U 237 12.28 -69.18 -10.52
C ILE U 237 11.42 -70.33 -10.63
N ASP U 238 11.95 -71.55 -10.36
CA ASP U 238 11.19 -72.74 -10.47
C ASP U 238 10.10 -72.94 -9.50
N PHE U 239 10.27 -72.55 -8.23
CA PHE U 239 9.26 -72.62 -7.25
C PHE U 239 8.11 -71.72 -7.64
N ALA U 240 8.46 -70.50 -8.12
CA ALA U 240 7.51 -69.46 -8.41
C ALA U 240 6.64 -69.91 -9.62
N GLN U 241 7.28 -70.55 -10.61
CA GLN U 241 6.65 -70.97 -11.85
C GLN U 241 5.59 -72.03 -11.57
N LYS U 242 5.99 -72.96 -10.74
CA LYS U 242 5.23 -74.12 -10.26
C LYS U 242 3.91 -73.56 -9.63
N GLU U 243 4.04 -72.54 -8.76
CA GLU U 243 3.03 -72.18 -7.78
C GLU U 243 2.03 -71.22 -8.34
N ILE U 244 2.34 -70.38 -9.46
CA ILE U 244 1.30 -69.66 -10.19
C ILE U 244 0.46 -70.61 -10.92
N ASN U 245 1.07 -71.72 -11.47
CA ASN U 245 0.30 -72.71 -12.34
C ASN U 245 -0.26 -73.94 -11.56
N THR V 1 52.74 -39.27 35.88
CA THR V 1 51.49 -39.77 36.44
C THR V 1 51.24 -41.12 35.70
N SER V 2 51.03 -42.17 36.52
CA SER V 2 50.89 -43.52 35.96
C SER V 2 49.46 -43.79 36.01
N ILE V 3 48.88 -44.45 34.98
CA ILE V 3 47.48 -44.75 34.95
C ILE V 3 47.40 -46.11 34.33
N MET V 4 46.29 -46.83 34.53
CA MET V 4 46.20 -48.16 33.97
C MET V 4 44.76 -48.60 33.87
N ALA V 5 44.42 -49.69 33.13
CA ALA V 5 43.07 -50.34 33.01
C ALA V 5 43.26 -51.81 32.71
N VAL V 6 42.66 -52.74 33.50
CA VAL V 6 43.02 -54.11 33.44
C VAL V 6 41.74 -54.85 33.53
N THR V 7 41.44 -55.78 32.54
CA THR V 7 40.33 -56.67 32.59
C THR V 7 40.49 -57.82 33.50
N PHE V 8 39.31 -58.32 33.86
CA PHE V 8 39.11 -59.46 34.75
C PHE V 8 37.82 -60.09 34.21
N LYS V 9 37.36 -61.14 34.91
CA LYS V 9 36.22 -61.94 34.55
C LYS V 9 34.89 -61.22 34.46
N ASP V 10 34.57 -60.32 35.41
CA ASP V 10 33.28 -59.75 35.51
C ASP V 10 33.20 -58.34 34.97
N GLY V 11 34.38 -57.88 34.42
CA GLY V 11 34.38 -56.47 33.93
C GLY V 11 35.81 -55.95 33.80
N VAL V 12 36.09 -54.63 34.05
CA VAL V 12 37.32 -53.92 33.92
C VAL V 12 37.31 -53.02 35.05
N ILE V 13 38.52 -52.79 35.65
CA ILE V 13 38.82 -51.77 36.70
C ILE V 13 39.88 -50.87 36.15
N LEU V 14 39.57 -49.53 36.19
CA LEU V 14 40.53 -48.52 35.83
C LEU V 14 41.22 -48.00 37.07
N GLY V 15 42.64 -47.86 37.11
CA GLY V 15 43.37 -47.32 38.21
C GLY V 15 44.21 -46.15 37.84
N ALA V 16 44.43 -45.23 38.79
CA ALA V 16 45.20 -44.13 38.50
C ALA V 16 45.83 -43.47 39.63
N ASP V 17 46.81 -42.52 39.36
CA ASP V 17 47.46 -41.63 40.31
C ASP V 17 46.92 -40.29 39.92
N SER V 18 46.53 -39.52 40.96
CA SER V 18 45.73 -38.36 40.89
C SER V 18 46.60 -37.06 41.10
N ARG V 19 47.92 -37.27 41.28
CA ARG V 19 48.84 -36.17 41.33
C ARG V 19 48.87 -35.42 40.07
N THR V 20 48.97 -34.08 40.10
CA THR V 20 49.04 -33.23 38.99
C THR V 20 50.30 -32.41 39.22
N THR V 21 51.30 -32.29 38.27
CA THR V 21 52.62 -31.73 38.55
C THR V 21 52.81 -30.73 37.42
N THR V 22 53.26 -29.55 37.80
CA THR V 22 53.77 -28.57 36.96
C THR V 22 55.19 -28.41 37.53
N GLY V 23 56.24 -28.94 36.74
CA GLY V 23 57.59 -28.84 37.24
C GLY V 23 57.79 -29.68 38.51
N ALA V 24 58.45 -29.02 39.52
CA ALA V 24 58.58 -29.60 40.89
C ALA V 24 57.58 -28.97 41.84
N TYR V 25 56.76 -28.04 41.34
CA TYR V 25 55.51 -27.74 42.10
C TYR V 25 54.45 -28.76 41.77
N ILE V 26 53.76 -29.25 42.89
CA ILE V 26 52.61 -30.16 42.70
C ILE V 26 51.46 -29.16 42.63
N ALA V 27 50.74 -29.12 41.45
CA ALA V 27 49.59 -28.29 41.09
C ALA V 27 48.33 -28.65 41.93
N ASN V 28 48.02 -29.94 42.10
CA ASN V 28 47.09 -30.39 43.12
C ASN V 28 47.53 -31.86 43.38
N ARG V 29 47.50 -32.22 44.70
CA ARG V 29 48.04 -33.48 45.20
C ARG V 29 47.12 -34.64 44.96
N VAL V 30 45.90 -34.37 44.72
CA VAL V 30 44.77 -35.24 44.58
C VAL V 30 44.12 -34.68 43.37
N THR V 31 42.94 -35.23 43.06
CA THR V 31 41.96 -34.70 42.15
C THR V 31 42.19 -35.72 41.05
N ASP V 32 41.09 -36.54 40.72
CA ASP V 32 41.04 -37.51 39.65
C ASP V 32 41.67 -37.19 38.28
N LYS V 33 41.93 -38.32 37.63
CA LYS V 33 42.42 -38.33 36.28
C LYS V 33 41.59 -39.36 35.54
N LEU V 34 40.59 -39.92 36.30
CA LEU V 34 39.64 -40.90 35.87
C LEU V 34 38.52 -39.92 35.65
N THR V 35 38.12 -39.85 34.32
CA THR V 35 37.17 -38.92 33.72
C THR V 35 36.21 -39.72 32.94
N ARG V 36 34.91 -39.66 33.28
CA ARG V 36 33.82 -40.30 32.61
C ARG V 36 33.60 -39.58 31.36
N VAL V 37 33.34 -40.39 30.28
CA VAL V 37 32.76 -39.83 29.10
C VAL V 37 31.43 -40.46 28.93
N HIS V 38 31.13 -41.48 29.77
CA HIS V 38 29.86 -42.14 29.73
C HIS V 38 29.72 -42.86 31.06
N ASP V 39 28.54 -43.54 31.38
CA ASP V 39 28.18 -44.17 32.59
C ASP V 39 29.06 -45.43 32.68
N LYS V 40 29.24 -46.05 31.48
CA LYS V 40 29.95 -47.37 31.39
C LYS V 40 31.17 -47.28 30.53
N ILE V 41 31.59 -46.04 30.22
CA ILE V 41 32.81 -45.79 29.57
C ILE V 41 33.42 -44.73 30.45
N TRP V 42 34.64 -45.04 30.89
CA TRP V 42 35.47 -43.97 31.57
C TRP V 42 36.79 -44.01 30.91
N CYS V 43 37.61 -42.94 31.12
CA CYS V 43 38.86 -42.73 30.37
C CYS V 43 39.86 -42.29 31.45
N CYS V 44 41.13 -42.48 31.05
CA CYS V 44 42.35 -42.22 31.90
C CYS V 44 43.11 -41.20 31.11
N ARG V 45 43.69 -40.18 31.85
CA ARG V 45 44.37 -39.03 31.32
C ARG V 45 45.77 -39.02 31.86
N SER V 46 46.73 -38.81 30.89
CA SER V 46 48.04 -38.52 31.33
C SER V 46 48.73 -37.69 30.24
N GLY V 47 49.97 -37.09 30.50
CA GLY V 47 50.60 -36.19 29.67
C GLY V 47 50.28 -34.79 30.16
N SER V 48 50.31 -33.90 29.21
CA SER V 48 49.86 -32.56 29.33
C SER V 48 48.47 -32.42 29.83
N ALA V 49 48.17 -31.73 30.97
CA ALA V 49 46.93 -31.70 31.72
C ALA V 49 45.80 -31.02 30.99
N ALA V 50 46.14 -29.97 30.28
CA ALA V 50 45.32 -29.04 29.68
C ALA V 50 44.63 -29.67 28.50
N ASP V 51 45.52 -30.42 27.77
CA ASP V 51 45.29 -31.04 26.51
C ASP V 51 44.32 -32.12 26.74
N THR V 52 44.63 -32.85 27.77
CA THR V 52 43.95 -34.07 28.16
C THR V 52 42.57 -33.63 28.72
N GLN V 53 42.36 -32.50 29.43
CA GLN V 53 41.08 -32.04 29.95
C GLN V 53 40.12 -31.67 28.87
N ALA V 54 40.62 -30.88 27.85
CA ALA V 54 39.92 -30.37 26.77
C ALA V 54 39.49 -31.37 25.80
N ILE V 55 40.39 -32.31 25.50
CA ILE V 55 40.05 -33.35 24.55
C ILE V 55 38.93 -34.26 24.92
N ALA V 56 38.89 -34.71 26.19
CA ALA V 56 37.79 -35.42 26.79
C ALA V 56 36.42 -34.71 26.71
N ASP V 57 36.33 -33.39 27.04
CA ASP V 57 35.12 -32.61 26.94
C ASP V 57 34.52 -32.62 25.56
N ILE V 58 35.34 -32.52 24.44
CA ILE V 58 34.94 -32.55 23.01
C ILE V 58 34.31 -33.89 22.74
N VAL V 59 34.91 -34.92 23.24
CA VAL V 59 34.46 -36.29 23.05
C VAL V 59 33.14 -36.51 23.64
N GLN V 60 32.88 -35.88 24.84
CA GLN V 60 31.58 -35.96 25.47
C GLN V 60 30.52 -35.28 24.73
N TYR V 61 30.83 -34.30 23.86
CA TYR V 61 29.82 -33.59 23.01
C TYR V 61 29.39 -34.65 21.96
N HIS V 62 30.31 -35.38 21.40
CA HIS V 62 30.11 -36.37 20.34
C HIS V 62 29.31 -37.54 20.88
N LEU V 63 29.68 -38.04 22.05
CA LEU V 63 29.02 -39.26 22.60
C LEU V 63 27.72 -39.00 23.28
N GLU V 64 27.40 -37.71 23.51
CA GLU V 64 26.06 -37.27 23.96
C GLU V 64 25.07 -37.41 22.91
N LEU V 65 25.50 -36.95 21.72
CA LEU V 65 24.70 -37.14 20.56
C LEU V 65 24.56 -38.65 20.27
N TYR V 66 25.66 -39.39 20.47
CA TYR V 66 25.69 -40.77 20.01
C TYR V 66 24.69 -41.58 20.67
N THR V 67 24.64 -41.44 21.99
CA THR V 67 23.67 -42.11 22.92
C THR V 67 22.23 -41.68 22.55
N SER V 68 22.02 -40.41 22.27
CA SER V 68 20.65 -39.91 22.14
C SER V 68 19.91 -40.50 20.89
N GLN V 69 20.68 -40.63 19.79
CA GLN V 69 20.06 -40.84 18.52
C GLN V 69 20.19 -42.26 18.16
N TYR V 70 21.42 -42.84 18.29
CA TYR V 70 21.87 -43.93 17.52
C TYR V 70 22.29 -45.09 18.44
N GLY V 71 21.87 -45.12 19.77
CA GLY V 71 22.15 -46.14 20.74
C GLY V 71 23.34 -45.82 21.58
N THR V 72 23.70 -46.71 22.50
CA THR V 72 24.86 -46.75 23.33
C THR V 72 26.04 -46.81 22.44
N PRO V 73 27.16 -46.15 22.70
CA PRO V 73 28.42 -46.35 22.03
C PRO V 73 29.09 -47.48 22.85
N SER V 74 29.96 -48.22 22.21
CA SER V 74 30.85 -49.23 22.65
C SER V 74 32.11 -48.45 23.08
N THR V 75 32.99 -49.24 23.76
CA THR V 75 34.35 -48.84 24.12
C THR V 75 35.15 -48.56 22.86
N GLU V 76 34.93 -49.30 21.72
CA GLU V 76 35.62 -49.10 20.42
C GLU V 76 35.34 -47.73 19.83
N THR V 77 33.94 -47.47 19.87
CA THR V 77 33.30 -46.30 19.33
C THR V 77 33.82 -45.03 20.01
N ALA V 78 33.93 -45.05 21.37
CA ALA V 78 34.45 -43.89 22.11
C ALA V 78 35.90 -43.69 21.77
N ALA V 79 36.66 -44.82 21.59
CA ALA V 79 38.07 -44.79 21.28
C ALA V 79 38.39 -44.27 19.90
N SER V 80 37.52 -44.66 18.83
CA SER V 80 37.63 -44.21 17.52
C SER V 80 37.48 -42.61 17.36
N VAL V 81 36.64 -41.95 18.19
CA VAL V 81 36.51 -40.56 18.28
C VAL V 81 37.69 -39.89 18.95
N PHE V 82 38.27 -40.46 20.05
CA PHE V 82 39.53 -39.97 20.61
C PHE V 82 40.60 -39.99 19.61
N LYS V 83 40.70 -41.14 18.86
CA LYS V 83 41.71 -41.55 17.87
C LYS V 83 41.66 -40.50 16.77
N GLU V 84 40.42 -40.05 16.28
CA GLU V 84 40.42 -39.02 15.29
C GLU V 84 40.98 -37.69 15.80
N LEU V 85 40.65 -37.27 17.03
CA LEU V 85 41.06 -35.97 17.62
C LEU V 85 42.50 -35.91 17.83
N CYS V 86 43.14 -37.00 18.42
CA CYS V 86 44.52 -37.16 18.59
C CYS V 86 45.22 -37.26 17.25
N TYR V 87 44.62 -37.74 16.15
CA TYR V 87 45.23 -37.90 14.87
C TYR V 87 45.45 -36.60 14.17
N GLU V 88 44.43 -35.70 14.35
CA GLU V 88 44.30 -34.40 13.74
C GLU V 88 45.03 -33.35 14.55
N ASN V 89 45.53 -33.78 15.72
CA ASN V 89 46.25 -32.93 16.68
C ASN V 89 47.49 -33.72 16.96
N LYS V 90 48.06 -34.45 16.00
CA LYS V 90 49.19 -35.28 16.10
C LYS V 90 50.37 -34.32 16.29
N ASP V 91 50.25 -33.22 15.53
CA ASP V 91 51.36 -32.20 15.47
C ASP V 91 51.13 -31.00 16.29
N ASN V 92 49.98 -30.93 17.11
CA ASN V 92 49.60 -29.73 17.80
C ASN V 92 49.54 -29.97 19.32
N LEU V 93 49.38 -31.27 19.71
CA LEU V 93 49.11 -31.59 21.08
C LEU V 93 49.87 -32.94 21.34
N THR V 94 49.95 -33.37 22.63
CA THR V 94 50.22 -34.72 22.95
C THR V 94 49.39 -35.09 24.28
N ALA V 95 48.68 -36.27 24.03
CA ALA V 95 47.74 -36.85 25.00
C ALA V 95 47.90 -38.35 24.96
N GLY V 96 47.97 -38.94 26.12
CA GLY V 96 48.20 -40.36 26.35
C GLY V 96 47.00 -40.80 27.13
N ILE V 97 46.02 -41.49 26.43
CA ILE V 97 44.74 -41.80 26.97
C ILE V 97 44.45 -43.24 26.79
N ILE V 98 44.00 -43.89 27.93
CA ILE V 98 43.58 -45.27 27.95
C ILE V 98 42.08 -45.22 27.96
N VAL V 99 41.33 -45.95 27.07
CA VAL V 99 39.88 -45.97 26.96
C VAL V 99 39.56 -47.34 27.39
N ALA V 100 38.60 -47.52 28.36
CA ALA V 100 38.17 -48.81 28.79
C ALA V 100 36.78 -48.58 29.15
N GLY V 101 35.95 -49.65 28.91
CA GLY V 101 34.60 -49.63 29.17
C GLY V 101 33.95 -50.96 29.28
N TYR V 102 32.64 -50.98 29.84
CA TYR V 102 31.93 -52.17 30.19
C TYR V 102 30.68 -52.35 29.34
N ASP V 103 30.60 -53.58 28.76
CA ASP V 103 29.57 -53.95 27.84
C ASP V 103 28.77 -55.13 28.31
N ASP V 104 27.61 -55.29 27.64
CA ASP V 104 26.51 -56.26 27.75
C ASP V 104 26.60 -57.18 26.58
N LYS V 105 27.80 -57.20 25.86
CA LYS V 105 28.02 -58.15 24.78
C LYS V 105 29.49 -58.38 24.57
N ASN V 106 30.37 -57.81 25.51
CA ASN V 106 31.77 -58.01 25.42
C ASN V 106 32.31 -58.13 26.77
N LYS V 107 31.66 -57.69 27.82
CA LYS V 107 32.18 -57.45 29.15
C LYS V 107 33.27 -56.36 29.13
N GLY V 108 34.18 -56.38 30.10
CA GLY V 108 35.18 -55.38 30.17
C GLY V 108 36.16 -55.44 28.96
N GLU V 109 36.51 -54.24 28.34
CA GLU V 109 37.33 -54.09 27.21
C GLU V 109 38.21 -52.94 27.46
N VAL V 110 39.40 -52.97 26.79
CA VAL V 110 40.51 -52.10 26.97
C VAL V 110 40.96 -51.78 25.53
N TYR V 111 41.08 -50.50 25.18
CA TYR V 111 41.74 -50.16 23.99
C TYR V 111 42.58 -49.00 24.29
N THR V 112 43.94 -49.04 24.18
CA THR V 112 44.79 -47.86 24.55
C THR V 112 45.15 -47.09 23.31
N ILE V 113 45.28 -45.73 23.50
CA ILE V 113 45.56 -44.71 22.52
C ILE V 113 46.92 -44.25 22.94
N PRO V 114 48.01 -44.51 22.15
CA PRO V 114 49.33 -43.87 22.40
C PRO V 114 49.29 -42.39 22.18
N LEU V 115 50.52 -41.73 22.15
CA LEU V 115 50.66 -40.27 22.10
C LEU V 115 50.30 -39.75 20.73
N GLY V 116 50.45 -40.69 19.69
CA GLY V 116 49.85 -40.50 18.43
C GLY V 116 48.46 -41.08 18.33
N GLY V 117 47.96 -41.05 17.09
CA GLY V 117 46.56 -41.41 16.67
C GLY V 117 46.41 -42.85 16.34
N SER V 118 47.01 -43.80 17.12
CA SER V 118 46.80 -45.20 16.77
C SER V 118 45.64 -45.74 17.62
N VAL V 119 45.25 -47.02 17.34
CA VAL V 119 44.29 -47.69 18.16
C VAL V 119 44.82 -49.05 18.26
N HIS V 120 44.88 -49.57 19.54
CA HIS V 120 45.53 -50.82 19.83
C HIS V 120 44.79 -51.47 20.92
N LYS V 121 43.95 -52.52 20.65
CA LYS V 121 43.27 -53.35 21.56
C LYS V 121 44.23 -54.23 22.32
N LEU V 122 44.09 -54.18 23.67
CA LEU V 122 44.94 -54.98 24.52
C LEU V 122 43.92 -55.29 25.55
N PRO V 123 44.20 -56.16 26.47
CA PRO V 123 43.35 -56.63 27.61
C PRO V 123 43.86 -55.99 28.91
N TYR V 124 44.91 -55.21 28.82
CA TYR V 124 45.39 -54.46 29.88
C TYR V 124 46.16 -53.31 29.26
N ALA V 125 46.28 -52.16 29.95
CA ALA V 125 47.04 -51.07 29.45
C ALA V 125 47.70 -50.28 30.52
N ILE V 126 48.89 -49.72 30.29
CA ILE V 126 49.71 -48.85 31.08
C ILE V 126 50.10 -47.65 30.30
N ALA V 127 49.96 -46.42 30.81
CA ALA V 127 50.46 -45.30 30.06
C ALA V 127 50.75 -44.10 31.02
N GLY V 128 51.38 -43.07 30.45
CA GLY V 128 51.81 -41.81 31.06
C GLY V 128 53.29 -41.65 31.03
N SER V 129 53.72 -40.86 32.06
CA SER V 129 55.17 -40.65 32.35
C SER V 129 55.70 -41.44 33.48
N GLY V 130 54.76 -41.86 34.33
CA GLY V 130 54.99 -42.67 35.53
C GLY V 130 54.98 -44.17 35.17
N SER V 131 54.61 -44.61 33.90
CA SER V 131 54.37 -46.00 33.65
C SER V 131 55.58 -46.74 33.27
N THR V 132 56.67 -46.00 32.87
CA THR V 132 57.83 -46.44 32.26
C THR V 132 58.75 -47.06 33.28
N PHE V 133 58.25 -47.37 34.47
CA PHE V 133 59.10 -47.87 35.56
C PHE V 133 58.46 -49.09 36.16
N ILE V 134 57.23 -49.40 35.67
CA ILE V 134 56.45 -50.53 36.24
C ILE V 134 56.05 -51.50 35.15
N TYR V 135 56.62 -51.40 33.94
CA TYR V 135 56.27 -52.22 32.80
C TYR V 135 56.67 -53.74 33.07
N GLY V 136 57.84 -53.90 33.74
CA GLY V 136 58.38 -55.26 33.95
C GLY V 136 57.63 -55.96 35.03
N TYR V 137 57.06 -55.12 35.99
CA TYR V 137 56.42 -55.59 37.17
C TYR V 137 54.98 -56.07 36.83
N CYS V 138 54.29 -55.25 36.01
CA CYS V 138 52.86 -55.55 35.77
C CYS V 138 52.75 -56.81 34.98
N ASP V 139 53.80 -57.05 34.07
CA ASP V 139 53.87 -58.11 33.10
C ASP V 139 53.89 -59.44 33.83
N LYS V 140 54.66 -59.60 34.95
CA LYS V 140 54.74 -60.87 35.65
C LYS V 140 53.31 -61.30 36.17
N ASN V 141 52.59 -60.33 36.79
CA ASN V 141 51.44 -60.64 37.64
C ASN V 141 50.15 -60.53 36.86
N PHE V 142 50.25 -60.29 35.47
CA PHE V 142 49.01 -60.27 34.66
C PHE V 142 48.60 -61.70 34.39
N ARG V 143 47.32 -62.05 34.54
CA ARG V 143 46.76 -63.26 34.14
C ARG V 143 45.39 -62.86 33.83
N GLU V 144 44.75 -63.72 33.03
CA GLU V 144 43.41 -63.63 32.53
C GLU V 144 42.39 -64.09 33.63
N ASN V 145 41.25 -63.39 33.62
CA ASN V 145 39.99 -63.46 34.36
C ASN V 145 40.22 -63.72 35.77
N MET V 146 40.63 -62.65 36.49
CA MET V 146 40.88 -62.71 37.88
C MET V 146 39.56 -62.48 38.53
N SER V 147 39.62 -62.61 39.89
CA SER V 147 38.44 -62.33 40.78
C SER V 147 38.64 -60.86 41.00
N LYS V 148 37.57 -60.17 41.44
CA LYS V 148 37.58 -58.75 41.65
C LYS V 148 38.68 -58.28 42.67
N GLU V 149 38.82 -58.99 43.82
CA GLU V 149 39.74 -58.71 44.87
C GLU V 149 41.15 -58.77 44.51
N GLU V 150 41.56 -59.78 43.67
CA GLU V 150 42.88 -59.88 43.24
C GLU V 150 43.32 -58.81 42.30
N THR V 151 42.36 -58.33 41.47
CA THR V 151 42.53 -57.33 40.46
C THR V 151 42.87 -56.08 41.21
N VAL V 152 42.17 -55.76 42.29
CA VAL V 152 42.23 -54.55 42.98
C VAL V 152 43.58 -54.45 43.67
N ASP V 153 44.02 -55.61 44.24
CA ASP V 153 45.26 -55.78 45.05
C ASP V 153 46.49 -55.54 44.15
N PHE V 154 46.37 -56.09 42.90
CA PHE V 154 47.34 -55.98 41.82
C PHE V 154 47.62 -54.57 41.28
N ILE V 155 46.55 -53.74 41.08
CA ILE V 155 46.53 -52.38 40.64
C ILE V 155 47.11 -51.54 41.78
N LYS V 156 46.72 -51.76 43.07
CA LYS V 156 47.15 -50.97 44.19
C LYS V 156 48.64 -50.98 44.26
N HIS V 157 49.22 -52.23 44.18
CA HIS V 157 50.64 -52.38 44.31
C HIS V 157 51.51 -51.73 43.22
N SER V 158 51.08 -51.94 41.99
CA SER V 158 51.72 -51.51 40.75
C SER V 158 51.83 -50.01 40.67
N LEU V 159 50.78 -49.29 41.09
CA LEU V 159 50.77 -47.85 41.13
C LEU V 159 51.66 -47.26 42.26
N SER V 160 51.74 -47.99 43.43
CA SER V 160 52.61 -47.58 44.52
C SER V 160 54.02 -47.57 44.05
N GLN V 161 54.39 -48.53 43.19
CA GLN V 161 55.71 -48.63 42.62
C GLN V 161 56.08 -47.47 41.78
N ALA V 162 55.14 -46.88 41.06
CA ALA V 162 55.33 -45.81 40.14
C ALA V 162 55.57 -44.59 40.94
N ILE V 163 55.00 -44.45 42.15
CA ILE V 163 55.26 -43.27 43.01
C ILE V 163 56.69 -43.36 43.56
N LYS V 164 57.15 -44.59 43.88
CA LYS V 164 58.41 -44.89 44.50
C LYS V 164 59.52 -44.52 43.58
N TRP V 165 59.26 -44.70 42.25
CA TRP V 165 60.19 -44.50 41.24
C TRP V 165 60.00 -43.27 40.37
N ASP V 166 58.89 -42.49 40.60
CA ASP V 166 58.66 -41.34 39.66
C ASP V 166 57.87 -40.32 40.57
N GLY V 167 58.27 -39.04 40.42
CA GLY V 167 57.81 -37.90 41.14
C GLY V 167 56.59 -37.29 40.64
N SER V 168 56.19 -37.67 39.40
CA SER V 168 54.97 -37.10 38.86
C SER V 168 53.74 -37.96 39.13
N SER V 169 53.94 -39.13 39.70
CA SER V 169 52.93 -40.02 40.15
C SER V 169 52.71 -39.78 41.65
N GLY V 170 51.41 -39.96 42.22
CA GLY V 170 51.27 -39.76 43.64
C GLY V 170 49.88 -39.66 44.02
N GLY V 171 49.68 -39.10 45.25
CA GLY V 171 48.37 -38.93 45.87
C GLY V 171 47.62 -40.29 45.90
N VAL V 172 46.33 -40.25 46.13
CA VAL V 172 45.53 -41.46 46.29
C VAL V 172 45.40 -42.31 45.12
N ILE V 173 45.37 -43.64 45.29
CA ILE V 173 45.02 -44.58 44.21
C ILE V 173 43.56 -44.72 44.22
N ARG V 174 43.02 -44.12 43.17
CA ARG V 174 41.59 -44.10 42.93
C ARG V 174 41.36 -45.29 42.07
N MET V 175 40.21 -45.94 42.14
CA MET V 175 39.88 -46.96 41.23
C MET V 175 38.50 -46.81 40.89
N VAL V 176 38.09 -47.13 39.57
CA VAL V 176 36.76 -47.05 39.05
C VAL V 176 36.48 -48.42 38.60
N VAL V 177 35.55 -49.05 39.31
CA VAL V 177 35.18 -50.40 39.03
C VAL V 177 34.04 -50.21 38.05
N LEU V 178 34.14 -50.85 36.88
CA LEU V 178 33.01 -51.04 35.98
C LEU V 178 32.62 -52.42 35.67
N THR V 179 31.40 -52.73 36.14
CA THR V 179 30.84 -54.13 36.24
C THR V 179 29.43 -54.03 35.77
N ALA V 180 28.76 -55.16 35.72
CA ALA V 180 27.31 -55.26 35.55
C ALA V 180 26.61 -54.76 36.77
N ALA V 181 27.30 -54.67 37.95
CA ALA V 181 26.79 -54.26 39.21
C ALA V 181 26.41 -52.81 39.09
N GLY V 182 27.21 -51.99 38.48
CA GLY V 182 27.13 -50.58 38.51
C GLY V 182 28.55 -50.06 38.47
N VAL V 183 28.66 -48.88 39.13
CA VAL V 183 29.90 -48.02 39.16
C VAL V 183 30.24 -47.89 40.58
N GLU V 184 31.45 -48.30 41.01
CA GLU V 184 32.00 -48.06 42.33
C GLU V 184 33.22 -47.24 42.21
N ARG V 185 33.23 -46.14 43.04
CA ARG V 185 34.46 -45.38 43.29
C ARG V 185 35.23 -46.04 44.40
N LEU V 186 36.62 -46.05 44.40
CA LEU V 186 37.32 -46.71 45.44
C LEU V 186 38.50 -45.78 45.62
N ILE V 187 38.96 -45.68 46.82
CA ILE V 187 40.00 -44.75 47.22
C ILE V 187 40.73 -45.46 48.30
N PHE V 188 42.01 -45.10 48.43
CA PHE V 188 42.87 -45.77 49.39
C PHE V 188 43.87 -44.71 49.81
N TYR V 189 44.48 -44.84 51.03
CA TYR V 189 45.35 -43.73 51.44
C TYR V 189 46.71 -44.27 51.48
N PRO V 190 47.72 -43.39 51.40
CA PRO V 190 49.13 -43.78 51.40
C PRO V 190 49.75 -44.61 52.42
N ASP V 191 49.19 -44.62 53.68
CA ASP V 191 49.68 -45.25 54.89
C ASP V 191 49.63 -46.74 54.78
N GLU V 192 48.55 -47.22 54.12
CA GLU V 192 48.24 -48.66 53.92
C GLU V 192 49.14 -49.27 52.81
N TYR V 193 49.26 -48.49 51.65
CA TYR V 193 49.80 -49.14 50.46
C TYR V 193 51.24 -48.82 50.37
N GLU V 194 51.82 -47.99 51.26
CA GLU V 194 53.22 -47.74 51.24
C GLU V 194 53.87 -49.04 51.59
N GLN V 195 53.31 -49.71 52.59
CA GLN V 195 53.77 -51.01 53.13
C GLN V 195 53.67 -52.06 52.00
N LEU V 196 52.55 -52.08 51.27
CA LEU V 196 52.22 -53.02 50.27
C LEU V 196 52.58 -52.47 48.90
N THR W 1 51.38 -10.69 43.20
CA THR W 1 50.05 -11.03 43.68
C THR W 1 50.00 -12.22 44.57
N THR W 2 48.96 -12.38 45.51
CA THR W 2 48.67 -13.60 46.29
C THR W 2 47.14 -13.72 46.23
N ILE W 3 46.68 -14.95 46.15
CA ILE W 3 45.25 -15.15 45.98
C ILE W 3 45.09 -16.47 46.69
N VAL W 4 44.04 -16.57 47.52
CA VAL W 4 43.79 -17.77 48.23
C VAL W 4 42.26 -17.97 48.14
N GLY W 5 41.79 -19.22 48.43
CA GLY W 5 40.43 -19.54 48.56
C GLY W 5 40.42 -20.66 49.55
N VAL W 6 39.44 -20.55 50.51
CA VAL W 6 39.12 -21.58 51.56
C VAL W 6 37.67 -21.91 51.39
N LYS W 7 37.29 -23.24 51.16
CA LYS W 7 35.97 -23.81 51.42
C LYS W 7 35.68 -23.93 52.89
N PHE W 8 34.45 -23.48 53.32
CA PHE W 8 34.03 -23.75 54.72
C PHE W 8 32.68 -24.42 54.55
N ASN W 9 31.97 -24.85 55.69
CA ASN W 9 30.76 -25.69 55.60
C ASN W 9 29.65 -24.96 54.96
N ASN W 10 29.48 -23.65 55.27
CA ASN W 10 28.34 -22.87 54.97
C ASN W 10 28.65 -21.89 53.85
N GLY W 11 29.83 -22.12 53.24
CA GLY W 11 30.04 -21.28 52.14
C GLY W 11 31.44 -21.36 51.72
N VAL W 12 31.96 -20.30 51.09
CA VAL W 12 33.28 -20.30 50.52
C VAL W 12 33.71 -18.81 50.64
N VAL W 13 35.06 -18.63 50.98
CA VAL W 13 35.73 -17.36 51.10
C VAL W 13 36.87 -17.45 50.07
N ILE W 14 37.16 -16.22 49.49
CA ILE W 14 38.16 -15.97 48.47
C ILE W 14 38.70 -14.65 48.84
N ALA W 15 40.06 -14.46 48.89
CA ALA W 15 40.69 -13.18 49.31
C ALA W 15 41.86 -12.82 48.40
N ALA W 16 42.29 -11.51 48.40
CA ALA W 16 43.53 -11.14 47.69
C ALA W 16 44.03 -9.74 48.02
N ASP W 17 45.40 -9.52 47.97
CA ASP W 17 46.04 -8.21 48.23
C ASP W 17 45.70 -7.21 47.20
N THR W 18 45.79 -5.89 47.51
CA THR W 18 45.35 -4.81 46.65
C THR W 18 46.50 -4.21 45.87
N ARG W 19 47.74 -4.79 46.06
CA ARG W 19 48.87 -4.18 45.43
C ARG W 19 48.87 -4.82 44.01
N SER W 20 49.31 -4.00 43.00
CA SER W 20 49.33 -4.25 41.59
C SER W 20 50.68 -3.67 41.17
N THR W 21 51.47 -4.48 40.48
CA THR W 21 52.87 -4.20 40.11
C THR W 21 52.84 -4.52 38.61
N GLN W 22 53.31 -3.56 37.84
CA GLN W 22 53.59 -3.56 36.39
C GLN W 22 54.98 -3.07 36.44
N GLY W 23 55.95 -3.99 36.13
CA GLY W 23 57.35 -3.81 36.21
C GLY W 23 57.77 -3.79 37.69
N PRO W 24 58.97 -3.31 37.97
CA PRO W 24 59.63 -3.40 39.30
C PRO W 24 59.14 -2.23 40.17
N ILE W 25 58.24 -1.36 39.70
CA ILE W 25 57.61 -0.23 40.23
C ILE W 25 56.24 -0.73 40.60
N VAL W 26 55.63 0.00 41.61
CA VAL W 26 54.32 -0.21 42.10
C VAL W 26 53.46 0.68 41.33
N ALA W 27 52.55 0.04 40.59
CA ALA W 27 51.74 0.72 39.58
C ALA W 27 50.57 1.36 40.26
N ASP W 28 50.07 0.65 41.33
CA ASP W 28 48.97 1.19 42.15
C ASP W 28 49.18 0.75 43.48
N LYS W 29 48.76 1.56 44.47
CA LYS W 29 48.89 1.20 45.83
C LYS W 29 47.70 0.28 46.12
N ASN W 30 46.47 0.74 45.73
CA ASN W 30 45.22 0.17 45.97
C ASN W 30 44.63 -0.04 44.53
N CYS W 31 44.48 -1.31 44.21
CA CYS W 31 43.90 -1.75 42.96
C CYS W 31 42.85 -2.81 43.34
N ALA W 32 41.93 -3.07 42.34
CA ALA W 32 40.95 -4.19 42.39
C ALA W 32 41.60 -5.43 41.80
N LYS W 33 41.82 -6.48 42.64
CA LYS W 33 42.47 -7.67 42.29
C LYS W 33 41.43 -8.76 42.43
N LEU W 34 40.12 -8.41 42.72
CA LEU W 34 39.00 -9.31 42.93
C LEU W 34 37.99 -8.68 42.02
N HIS W 35 37.49 -9.47 41.05
CA HIS W 35 36.61 -9.06 39.95
C HIS W 35 35.31 -9.88 40.12
N ARG W 36 34.21 -9.34 39.54
CA ARG W 36 32.84 -9.83 39.64
C ARG W 36 32.49 -10.40 38.24
N ILE W 37 32.34 -11.69 38.18
CA ILE W 37 31.86 -12.34 36.91
C ILE W 37 30.38 -12.18 36.86
N SER W 38 29.71 -12.43 37.99
CA SER W 38 28.29 -12.48 38.14
C SER W 38 28.01 -12.07 39.52
N PRO W 39 26.83 -11.72 40.07
CA PRO W 39 26.67 -11.14 41.40
C PRO W 39 27.05 -12.19 42.50
N LYS W 40 27.06 -13.53 42.31
CA LYS W 40 27.47 -14.47 43.34
C LYS W 40 28.77 -15.21 42.97
N ILE W 41 29.41 -14.82 41.82
CA ILE W 41 30.53 -15.45 41.26
C ILE W 41 31.53 -14.30 41.29
N TRP W 42 32.68 -14.58 41.99
CA TRP W 42 33.79 -13.59 42.06
C TRP W 42 35.08 -14.35 41.84
N CYS W 43 36.17 -13.73 41.44
CA CYS W 43 37.30 -14.42 40.97
C CYS W 43 38.41 -13.47 41.18
N ALA W 44 39.63 -13.97 41.18
CA ALA W 44 40.81 -13.13 41.21
C ALA W 44 41.63 -13.68 40.14
N GLY W 45 42.51 -12.81 39.62
CA GLY W 45 43.30 -13.04 38.44
C GLY W 45 44.74 -12.94 38.81
N ALA W 46 45.56 -13.75 38.06
CA ALA W 46 46.94 -13.81 38.17
C ALA W 46 47.49 -13.89 36.78
N GLY W 47 48.87 -13.87 36.71
CA GLY W 47 49.63 -13.87 35.45
C GLY W 47 49.68 -12.42 34.99
N THR W 48 49.55 -12.17 33.69
CA THR W 48 49.47 -10.91 33.05
C THR W 48 48.20 -10.23 33.40
N ALA W 49 48.29 -9.05 34.10
CA ALA W 49 47.20 -8.37 34.81
C ALA W 49 46.16 -7.86 33.82
N ALA W 50 46.77 -7.46 32.70
CA ALA W 50 46.02 -6.93 31.54
C ALA W 50 45.19 -8.01 30.85
N ASP W 51 45.75 -9.30 30.78
CA ASP W 51 45.13 -10.44 30.11
C ASP W 51 43.89 -10.90 30.84
N THR W 52 43.99 -10.94 32.19
CA THR W 52 42.92 -11.22 33.13
C THR W 52 41.80 -10.18 33.22
N GLU W 53 42.07 -8.81 33.25
CA GLU W 53 41.21 -7.68 33.37
C GLU W 53 40.29 -7.73 32.22
N ALA W 54 40.81 -8.02 31.03
CA ALA W 54 40.02 -8.12 29.84
C ALA W 54 39.24 -9.32 29.75
N VAL W 55 39.80 -10.50 30.20
CA VAL W 55 39.10 -11.77 30.13
C VAL W 55 37.83 -11.66 31.01
N THR W 56 37.90 -11.00 32.27
CA THR W 56 36.81 -11.02 33.21
C THR W 56 35.62 -10.23 32.71
N GLN W 57 35.82 -9.09 31.97
CA GLN W 57 34.64 -8.39 31.39
C GLN W 57 33.92 -9.26 30.33
N LEU W 58 34.74 -9.87 29.43
CA LEU W 58 34.25 -10.56 28.26
C LEU W 58 33.41 -11.73 28.67
N ILE W 59 33.92 -12.52 29.57
CA ILE W 59 33.39 -13.79 30.06
C ILE W 59 32.27 -13.41 30.99
N GLY W 60 32.39 -12.34 31.78
CA GLY W 60 31.36 -11.98 32.75
C GLY W 60 30.01 -11.82 32.06
N SER W 61 30.02 -11.03 30.94
CA SER W 61 28.88 -10.57 30.13
C SER W 61 28.17 -11.71 29.53
N ASN W 62 28.84 -12.81 29.23
CA ASN W 62 28.33 -13.96 28.61
C ASN W 62 27.49 -14.83 29.55
N ILE W 63 27.94 -14.96 30.84
CA ILE W 63 27.18 -15.67 31.86
C ILE W 63 25.92 -14.89 32.17
N GLU W 64 26.04 -13.51 32.24
CA GLU W 64 24.93 -12.73 32.86
C GLU W 64 23.74 -12.81 31.93
N LEU W 65 24.00 -12.76 30.62
CA LEU W 65 23.07 -12.88 29.53
C LEU W 65 22.41 -14.23 29.66
N HIS W 66 23.23 -15.27 29.89
CA HIS W 66 22.55 -16.57 29.89
C HIS W 66 21.70 -16.80 31.11
N SER W 67 22.13 -16.13 32.21
CA SER W 67 21.34 -16.08 33.44
C SER W 67 19.97 -15.42 33.49
N LEU W 68 19.82 -14.23 32.81
CA LEU W 68 18.57 -13.53 32.59
C LEU W 68 17.59 -14.37 31.66
N TYR W 69 18.18 -15.03 30.67
CA TYR W 69 17.63 -15.85 29.62
C TYR W 69 16.98 -17.05 30.13
N THR W 70 17.58 -17.70 31.11
CA THR W 70 17.22 -19.03 31.53
C THR W 70 16.17 -18.76 32.67
N SER W 71 16.09 -17.50 33.17
CA SER W 71 15.29 -17.06 34.21
C SER W 71 15.56 -17.87 35.44
N ARG W 72 16.83 -17.79 35.97
CA ARG W 72 17.28 -18.55 37.06
C ARG W 72 18.69 -18.27 37.20
N GLU W 73 19.16 -18.30 38.47
CA GLU W 73 20.46 -17.89 38.95
C GLU W 73 21.61 -18.46 38.15
N PRO W 74 22.82 -17.77 38.23
CA PRO W 74 24.01 -18.31 37.59
C PRO W 74 24.52 -19.62 38.18
N ARG W 75 25.41 -20.25 37.45
CA ARG W 75 26.12 -21.41 37.92
C ARG W 75 27.57 -21.08 38.06
N VAL W 76 28.38 -21.72 39.01
CA VAL W 76 29.81 -21.65 38.99
C VAL W 76 30.47 -22.47 37.86
N VAL W 77 29.76 -23.57 37.54
CA VAL W 77 30.13 -24.48 36.56
C VAL W 77 30.20 -23.80 35.25
N SER W 78 29.14 -22.93 34.88
CA SER W 78 29.00 -22.17 33.66
C SER W 78 30.19 -21.24 33.46
N ALA W 79 30.70 -20.51 34.51
CA ALA W 79 31.77 -19.49 34.44
C ALA W 79 33.00 -20.28 34.12
N LEU W 80 33.22 -21.45 34.80
CA LEU W 80 34.38 -22.33 34.64
C LEU W 80 34.42 -22.88 33.22
N GLN W 81 33.25 -23.38 32.72
CA GLN W 81 33.28 -24.00 31.47
C GLN W 81 33.51 -23.15 30.28
N MET W 82 32.78 -22.02 30.29
CA MET W 82 32.90 -21.02 29.26
C MET W 82 34.35 -20.52 29.23
N LEU W 83 34.94 -20.25 30.48
CA LEU W 83 36.27 -19.79 30.56
C LEU W 83 37.24 -20.79 30.00
N LYS W 84 37.09 -22.07 30.21
CA LYS W 84 37.98 -23.08 29.75
C LYS W 84 38.11 -23.14 28.24
N GLN W 85 36.98 -23.04 27.56
CA GLN W 85 36.90 -23.03 26.11
C GLN W 85 37.62 -21.92 25.48
N HIS W 86 37.55 -20.73 26.17
CA HIS W 86 38.09 -19.46 25.73
C HIS W 86 39.54 -19.42 25.75
N LEU W 87 40.17 -19.90 26.80
CA LEU W 87 41.62 -20.02 26.90
C LEU W 87 42.21 -21.04 25.85
N PHE W 88 41.50 -22.10 25.71
CA PHE W 88 41.76 -23.15 24.73
C PHE W 88 41.88 -22.72 23.26
N LYS W 89 41.08 -21.70 22.89
CA LYS W 89 40.90 -21.23 21.53
C LYS W 89 42.21 -20.72 20.97
N TYR W 90 43.02 -20.06 21.79
CA TYR W 90 44.37 -19.45 21.57
C TYR W 90 45.50 -20.39 21.77
N GLN W 91 45.19 -21.52 22.49
CA GLN W 91 46.05 -22.73 22.76
C GLN W 91 46.76 -22.37 24.01
N GLY W 92 46.28 -21.37 24.73
CA GLY W 92 46.96 -20.92 26.03
C GLY W 92 48.08 -19.94 25.76
N HIS W 93 48.01 -19.21 24.66
CA HIS W 93 48.86 -18.09 24.31
C HIS W 93 48.43 -16.97 25.09
N ILE W 94 47.08 -16.83 25.39
CA ILE W 94 46.53 -15.89 26.32
C ILE W 94 47.05 -16.32 27.72
N GLY W 95 47.44 -15.32 28.57
CA GLY W 95 48.20 -15.54 29.78
C GLY W 95 47.41 -14.98 30.92
N ALA W 96 46.16 -15.60 31.02
CA ALA W 96 45.33 -15.33 32.13
C ALA W 96 45.27 -16.57 33.00
N TYR W 97 45.39 -16.41 34.30
CA TYR W 97 45.22 -17.49 35.26
C TYR W 97 44.23 -17.06 36.20
N LEU W 98 43.23 -17.93 36.62
CA LEU W 98 42.10 -17.47 37.39
C LEU W 98 41.74 -18.44 38.55
N ILE W 99 41.23 -17.88 39.69
CA ILE W 99 40.72 -18.69 40.75
C ILE W 99 39.30 -18.20 40.62
N VAL W 100 38.35 -19.15 40.29
CA VAL W 100 36.99 -18.84 40.06
C VAL W 100 36.43 -19.50 41.28
N ALA W 101 35.54 -18.75 41.98
CA ALA W 101 34.85 -19.23 43.20
C ALA W 101 33.49 -18.69 43.06
N GLY W 102 32.56 -19.31 43.74
CA GLY W 102 31.23 -18.83 43.68
C GLY W 102 30.22 -19.57 44.48
N VAL W 103 28.95 -19.12 44.44
CA VAL W 103 28.01 -19.83 45.22
C VAL W 103 26.81 -19.91 44.35
N ASP W 104 26.16 -21.06 44.32
CA ASP W 104 25.11 -21.18 43.40
C ASP W 104 24.09 -21.99 44.09
N PRO W 105 22.89 -22.35 43.51
CA PRO W 105 21.81 -23.05 44.22
C PRO W 105 22.13 -24.57 44.31
N THR W 106 23.28 -25.06 43.68
CA THR W 106 23.65 -26.42 43.76
C THR W 106 24.72 -26.54 44.87
N GLY W 107 25.14 -25.41 45.33
CA GLY W 107 25.98 -25.30 46.49
C GLY W 107 27.24 -24.45 46.23
N SER W 108 28.28 -24.53 47.08
CA SER W 108 29.56 -23.84 47.00
C SER W 108 30.64 -24.55 46.24
N HIS W 109 31.42 -23.76 45.45
CA HIS W 109 32.45 -24.23 44.59
C HIS W 109 33.63 -23.32 44.54
N LEU W 110 34.80 -23.85 44.20
CA LEU W 110 36.08 -23.22 44.29
C LEU W 110 36.93 -24.01 43.32
N PHE W 111 37.35 -23.28 42.26
CA PHE W 111 38.16 -23.91 41.19
C PHE W 111 39.31 -23.07 41.00
N SER W 112 40.28 -23.76 40.34
CA SER W 112 41.53 -23.23 39.84
C SER W 112 41.58 -23.66 38.40
N ILE W 113 41.86 -22.65 37.53
CA ILE W 113 41.99 -22.91 36.14
C ILE W 113 43.20 -22.17 35.76
N HIS W 114 44.06 -22.88 35.07
CA HIS W 114 45.45 -22.47 34.70
C HIS W 114 45.38 -21.88 33.32
N ALA W 115 46.45 -21.20 32.87
CA ALA W 115 46.43 -20.53 31.60
C ALA W 115 46.36 -21.54 30.46
N HIS W 116 46.77 -22.75 30.73
CA HIS W 116 46.79 -23.77 29.70
C HIS W 116 45.44 -24.42 29.49
N GLY W 117 44.67 -24.63 30.58
CA GLY W 117 43.36 -25.17 30.48
C GLY W 117 43.16 -26.37 31.36
N SER W 118 44.21 -26.70 32.18
CA SER W 118 44.13 -27.54 33.40
C SER W 118 43.14 -26.92 34.35
N THR W 119 42.42 -27.80 35.05
CA THR W 119 41.39 -27.39 35.99
C THR W 119 41.52 -28.39 37.15
N ASP W 120 41.17 -27.95 38.34
CA ASP W 120 41.26 -28.59 39.64
C ASP W 120 40.00 -28.09 40.44
N VAL W 121 39.59 -29.02 41.37
CA VAL W 121 38.62 -28.73 42.39
C VAL W 121 39.26 -29.03 43.71
N GLY W 122 39.16 -28.12 44.70
CA GLY W 122 39.80 -28.32 45.95
C GLY W 122 38.90 -27.81 47.10
N TYR W 123 39.68 -27.41 48.20
CA TYR W 123 39.18 -26.90 49.37
C TYR W 123 40.11 -25.84 49.78
N TYR W 124 41.29 -25.80 49.24
CA TYR W 124 42.26 -24.80 49.52
C TYR W 124 43.15 -24.76 48.29
N LEU W 125 43.33 -23.55 47.73
CA LEU W 125 44.16 -23.37 46.51
C LEU W 125 44.67 -21.92 46.55
N SER W 126 45.60 -21.65 45.64
CA SER W 126 46.22 -20.29 45.59
C SER W 126 46.75 -20.14 44.14
N LEU W 127 46.88 -18.88 43.78
CA LEU W 127 47.54 -18.50 42.53
C LEU W 127 48.21 -17.24 42.88
N GLY W 128 48.99 -16.72 41.94
CA GLY W 128 49.74 -15.50 42.00
C GLY W 128 51.17 -15.94 42.14
N SER W 129 52.08 -14.91 42.27
CA SER W 129 53.48 -15.31 42.41
C SER W 129 53.74 -15.62 43.82
N GLY W 130 52.79 -15.25 44.72
CA GLY W 130 52.98 -15.42 46.16
C GLY W 130 52.20 -16.66 46.69
N SER W 131 51.90 -17.67 45.76
CA SER W 131 51.17 -18.90 45.86
C SER W 131 51.82 -19.90 46.83
N LEU W 132 53.14 -19.99 46.82
CA LEU W 132 53.81 -20.95 47.69
C LEU W 132 53.65 -20.47 49.14
N ALA W 133 53.80 -19.17 49.33
CA ALA W 133 53.81 -18.59 50.64
C ALA W 133 52.49 -18.66 51.37
N ALA W 134 51.40 -18.54 50.57
CA ALA W 134 50.09 -18.79 51.14
C ALA W 134 49.82 -20.19 51.45
N MET W 135 50.21 -21.13 50.51
CA MET W 135 49.84 -22.48 50.51
C MET W 135 50.27 -23.13 51.75
N ALA W 136 51.44 -22.85 52.32
CA ALA W 136 51.94 -23.59 53.45
C ALA W 136 51.08 -23.31 54.64
N VAL W 137 50.62 -22.06 54.80
CA VAL W 137 49.72 -21.66 55.91
C VAL W 137 48.43 -22.39 55.75
N LEU W 138 47.94 -22.50 54.54
CA LEU W 138 46.64 -23.13 54.20
C LEU W 138 46.63 -24.65 54.46
N GLU W 139 47.68 -25.39 54.08
CA GLU W 139 47.71 -26.87 54.22
C GLU W 139 47.66 -27.36 55.65
N SER W 140 48.51 -26.67 56.52
CA SER W 140 48.61 -27.03 57.91
C SER W 140 47.38 -26.71 58.71
N HIS W 141 46.90 -25.49 58.55
CA HIS W 141 45.90 -24.85 59.45
C HIS W 141 44.50 -25.19 59.06
N TRP W 142 44.30 -25.66 57.79
CA TRP W 142 43.02 -26.20 57.29
C TRP W 142 42.76 -27.58 57.95
N LYS W 143 41.47 -27.84 58.31
CA LYS W 143 41.01 -29.09 58.79
C LYS W 143 39.53 -29.04 58.34
N GLN W 144 38.86 -30.23 58.31
CA GLN W 144 37.57 -30.55 57.89
C GLN W 144 36.55 -29.68 58.56
N ASP W 145 35.49 -29.17 57.75
CA ASP W 145 34.27 -28.63 58.31
C ASP W 145 34.48 -27.41 59.18
N LEU W 146 35.10 -26.37 58.50
CA LEU W 146 35.31 -25.03 59.10
C LEU W 146 34.03 -24.33 59.16
N THR W 147 33.95 -23.26 60.02
CA THR W 147 32.82 -22.39 60.10
C THR W 147 33.32 -21.16 59.43
N LYS W 148 32.48 -20.18 59.14
CA LYS W 148 32.75 -18.95 58.54
C LYS W 148 33.77 -18.24 59.35
N GLU W 149 33.72 -18.15 60.72
CA GLU W 149 34.56 -17.36 61.56
C GLU W 149 35.97 -17.78 61.42
N GLU W 150 36.11 -19.10 61.51
CA GLU W 150 37.39 -19.76 61.33
C GLU W 150 38.02 -19.61 59.97
N ALA W 151 37.15 -19.64 58.89
CA ALA W 151 37.56 -19.29 57.49
C ALA W 151 38.09 -17.88 57.33
N ILE W 152 37.51 -16.86 57.98
CA ILE W 152 37.90 -15.44 57.81
C ILE W 152 39.37 -15.36 58.39
N LYS W 153 39.57 -15.93 59.55
CA LYS W 153 40.80 -15.97 60.31
C LYS W 153 41.90 -16.74 59.50
N LEU W 154 41.51 -17.92 58.90
CA LEU W 154 42.46 -18.67 58.11
C LEU W 154 42.92 -17.87 56.92
N ALA W 155 41.97 -17.19 56.31
CA ALA W 155 42.23 -16.46 55.09
C ALA W 155 43.10 -15.33 55.29
N SER W 156 42.90 -14.52 56.40
CA SER W 156 43.64 -13.34 56.63
C SER W 156 45.09 -13.57 56.99
N ASP W 157 45.49 -14.83 57.43
CA ASP W 157 46.82 -15.23 57.77
C ASP W 157 47.61 -15.47 56.56
N ALA W 158 46.86 -16.12 55.63
CA ALA W 158 47.41 -16.64 54.46
C ALA W 158 47.81 -15.52 53.52
N ILE W 159 47.14 -14.34 53.48
CA ILE W 159 47.51 -13.17 52.70
C ILE W 159 48.59 -12.42 53.36
N GLN W 160 48.54 -12.37 54.69
CA GLN W 160 49.49 -11.65 55.47
C GLN W 160 50.93 -12.21 55.31
N ALA W 161 51.00 -13.55 55.29
CA ALA W 161 52.26 -14.26 55.09
C ALA W 161 52.78 -14.08 53.68
N GLY W 162 51.78 -14.11 52.69
CA GLY W 162 52.00 -13.78 51.33
C GLY W 162 52.77 -12.57 51.07
N ILE W 163 52.40 -11.38 51.68
CA ILE W 163 52.98 -10.06 51.55
C ILE W 163 54.44 -10.12 52.03
N TRP W 164 54.70 -10.72 53.19
CA TRP W 164 55.95 -10.67 53.88
C TRP W 164 57.06 -11.28 53.12
N ASN W 165 56.79 -12.33 52.25
CA ASN W 165 57.83 -12.91 51.48
C ASN W 165 57.77 -12.53 49.96
N ASP W 166 56.68 -11.87 49.47
CA ASP W 166 56.47 -11.70 48.10
C ASP W 166 56.48 -10.22 47.86
N LEU W 167 57.35 -9.87 46.86
CA LEU W 167 57.58 -8.51 46.51
C LEU W 167 56.34 -7.83 45.87
N GLY W 168 55.67 -8.54 45.00
CA GLY W 168 54.61 -8.10 44.13
C GLY W 168 53.35 -8.04 44.92
N SER W 169 53.37 -8.57 46.18
CA SER W 169 52.22 -8.62 47.07
C SER W 169 52.53 -7.59 48.20
N GLY W 170 51.57 -6.75 48.59
CA GLY W 170 51.85 -5.72 49.55
C GLY W 170 50.59 -5.01 49.73
N SER W 171 50.64 -3.79 50.28
CA SER W 171 49.53 -2.94 50.59
C SER W 171 48.35 -3.61 51.34
N ASN W 172 47.16 -3.18 51.14
CA ASN W 172 46.01 -3.62 52.01
C ASN W 172 45.56 -4.99 51.53
N VAL W 173 44.64 -5.58 52.26
CA VAL W 173 44.20 -6.89 51.93
C VAL W 173 42.71 -6.75 51.82
N ASP W 174 42.07 -7.42 50.86
CA ASP W 174 40.65 -7.36 50.68
C ASP W 174 40.23 -8.78 50.95
N VAL W 175 38.96 -9.01 51.40
CA VAL W 175 38.40 -10.32 51.67
C VAL W 175 37.03 -10.32 51.15
N CYS W 176 36.60 -11.44 50.61
CA CYS W 176 35.33 -11.61 50.14
C CYS W 176 34.84 -12.93 50.63
N VAL W 177 33.82 -12.85 51.48
CA VAL W 177 33.09 -13.98 52.12
C VAL W 177 31.79 -14.19 51.44
N MET W 178 31.56 -15.32 50.77
CA MET W 178 30.34 -15.61 50.16
C MET W 178 29.71 -16.82 50.77
N GLU W 179 28.56 -16.61 51.41
CA GLU W 179 27.85 -17.55 52.14
C GLU W 179 26.79 -18.13 51.24
N ILE W 180 26.36 -19.44 51.43
CA ILE W 180 25.36 -20.16 50.55
C ILE W 180 23.96 -19.61 50.85
N GLY W 181 23.22 -19.37 49.79
CA GLY W 181 21.91 -18.82 49.79
C GLY W 181 21.74 -17.35 50.13
N LYS W 182 22.87 -16.63 50.01
CA LYS W 182 22.89 -15.30 50.51
C LYS W 182 23.92 -14.60 49.62
N ASP W 183 23.95 -13.27 49.82
CA ASP W 183 24.69 -12.19 49.18
C ASP W 183 26.21 -12.46 49.48
N ALA W 184 26.99 -11.77 48.60
CA ALA W 184 28.46 -11.80 48.78
C ALA W 184 28.87 -10.55 49.51
N GLU W 185 29.70 -10.75 50.59
CA GLU W 185 30.18 -9.71 51.52
C GLU W 185 31.58 -9.46 51.34
N TYR W 186 31.77 -8.39 50.57
CA TYR W 186 33.00 -7.78 50.07
C TYR W 186 33.49 -6.88 51.09
N LEU W 187 34.62 -7.15 51.66
CA LEU W 187 35.28 -6.50 52.73
C LEU W 187 36.48 -5.83 52.13
N ARG W 188 36.20 -4.65 51.45
CA ARG W 188 37.20 -3.77 50.84
C ARG W 188 38.04 -3.36 52.00
N ASN W 189 39.39 -3.38 51.82
CA ASN W 189 40.46 -2.99 52.75
C ASN W 189 40.13 -3.51 54.19
N TYR W 190 40.00 -4.84 54.33
CA TYR W 190 39.79 -5.54 55.60
C TYR W 190 40.98 -5.33 56.61
N LEU W 191 42.22 -5.31 56.09
CA LEU W 191 43.40 -5.14 56.96
C LEU W 191 44.32 -4.22 56.23
N THR W 192 44.93 -3.30 57.00
CA THR W 192 46.06 -2.48 56.63
C THR W 192 47.09 -3.01 57.56
N PRO W 193 47.89 -3.93 57.13
CA PRO W 193 49.07 -4.33 57.92
C PRO W 193 50.30 -3.48 57.75
N ASN W 194 50.26 -2.44 56.92
CA ASN W 194 51.45 -1.63 56.73
C ASN W 194 50.85 -0.29 56.55
N VAL W 195 51.22 0.64 57.51
CA VAL W 195 50.73 1.94 57.62
C VAL W 195 51.78 2.84 57.12
N ARG W 196 51.34 3.81 56.30
CA ARG W 196 52.10 4.86 55.65
C ARG W 196 52.59 5.81 56.72
N GLU W 197 53.84 6.32 56.45
CA GLU W 197 54.64 7.03 57.42
C GLU W 197 54.76 8.31 56.79
N GLU W 198 54.42 9.37 57.65
CA GLU W 198 54.18 10.70 57.29
C GLU W 198 55.47 11.47 56.93
N LYS W 199 55.36 12.49 56.06
CA LYS W 199 56.54 13.08 55.58
C LYS W 199 57.01 14.18 56.47
N GLN W 200 58.33 14.18 56.79
CA GLN W 200 58.90 14.98 57.87
C GLN W 200 58.74 16.45 57.67
N LYS W 201 58.99 17.02 56.44
CA LYS W 201 58.88 18.48 56.23
C LYS W 201 58.40 18.64 54.80
N SER W 202 57.70 19.78 54.47
CA SER W 202 57.34 20.02 53.16
C SER W 202 58.46 20.10 52.20
N TYR W 203 58.04 19.65 51.01
CA TYR W 203 58.79 19.46 49.83
C TYR W 203 57.96 20.11 48.74
N LYS W 204 57.27 21.23 49.06
CA LYS W 204 56.52 22.07 48.19
C LYS W 204 57.06 23.45 48.54
N PHE W 205 56.86 24.45 47.59
CA PHE W 205 57.49 25.79 47.68
C PHE W 205 56.50 26.86 47.23
N PRO W 206 56.66 28.18 47.47
CA PRO W 206 55.80 29.24 46.90
C PRO W 206 55.70 29.12 45.36
N ARG W 207 54.64 29.66 44.77
CA ARG W 207 54.37 29.81 43.34
C ARG W 207 55.37 30.79 42.70
N GLY W 208 55.76 30.48 41.46
CA GLY W 208 56.69 31.28 40.74
C GLY W 208 58.06 30.79 40.97
N THR W 209 58.34 29.71 41.74
CA THR W 209 59.58 29.01 41.95
C THR W 209 59.71 28.02 40.77
N THR W 210 58.55 27.74 40.13
CA THR W 210 58.39 27.06 38.88
C THR W 210 57.64 28.15 38.09
N ALA W 211 58.23 28.55 36.96
CA ALA W 211 57.95 29.74 36.17
C ALA W 211 57.09 29.33 34.99
N VAL W 212 56.53 30.36 34.31
CA VAL W 212 55.60 30.25 33.22
C VAL W 212 56.40 30.74 32.03
N LEU W 213 55.98 30.46 30.79
CA LEU W 213 56.42 30.97 29.58
C LEU W 213 55.21 31.68 28.98
N LYS W 214 54.09 30.97 28.87
CA LYS W 214 52.88 31.46 28.28
C LYS W 214 51.72 30.98 29.23
N GLU W 215 50.47 31.40 28.89
CA GLU W 215 49.30 31.12 29.66
C GLU W 215 48.16 31.55 28.70
N SER W 216 47.18 30.66 28.47
CA SER W 216 46.12 30.80 27.56
C SER W 216 44.89 30.08 28.17
N ILE W 217 43.62 30.48 27.89
CA ILE W 217 42.40 29.74 28.38
C ILE W 217 41.98 28.85 27.19
N VAL W 218 41.47 27.55 27.39
CA VAL W 218 40.91 26.64 26.39
C VAL W 218 39.60 26.53 26.98
N ASN W 219 38.56 26.72 26.13
CA ASN W 219 37.14 26.62 26.54
C ASN W 219 36.48 25.59 25.68
N ILE W 220 35.45 25.05 26.25
CA ILE W 220 34.68 23.99 25.59
C ILE W 220 33.32 24.46 25.45
N CYS W 221 33.02 25.68 25.61
CA CYS W 221 31.76 26.32 25.53
C CYS W 221 32.04 27.58 24.79
N ASP W 222 30.90 28.20 24.44
CA ASP W 222 30.85 29.44 23.71
C ASP W 222 29.65 30.19 24.34
N ILE W 223 29.46 31.51 24.14
CA ILE W 223 28.26 32.17 24.58
C ILE W 223 27.22 31.98 23.43
N GLN W 224 25.90 32.33 23.68
CA GLN W 224 24.84 32.11 22.72
C GLN W 224 24.93 33.16 21.62
N GLU W 225 24.50 32.65 20.46
CA GLU W 225 24.37 33.36 19.19
C GLU W 225 23.51 34.66 19.35
N GLU W 226 22.28 34.46 19.97
CA GLU W 226 21.43 35.57 20.37
C GLU W 226 21.84 36.27 21.74
N SER X 1 64.61 0.31 22.40
CA SER X 1 64.55 -1.09 21.97
C SER X 1 63.19 -1.54 21.51
N ASP X 2 62.31 -1.82 22.45
CA ASP X 2 60.89 -1.94 22.33
C ASP X 2 60.31 -0.61 21.81
N PRO X 3 59.30 -0.49 20.90
CA PRO X 3 59.02 0.79 20.13
C PRO X 3 58.49 1.96 20.97
N SER X 4 58.08 1.68 22.25
CA SER X 4 57.68 2.69 23.21
C SER X 4 58.79 3.59 23.46
N SER X 5 59.95 2.96 23.69
CA SER X 5 61.10 3.53 24.30
C SER X 5 62.18 3.92 23.36
N ILE X 6 61.88 3.74 22.04
CA ILE X 6 62.59 4.41 20.95
C ILE X 6 62.22 5.90 20.94
N ASN X 7 60.89 6.19 21.13
CA ASN X 7 60.34 7.56 20.78
C ASN X 7 60.14 8.52 21.88
N GLY X 8 60.32 8.09 23.18
CA GLY X 8 60.37 9.07 24.31
C GLY X 8 59.03 9.58 24.68
N GLY X 9 58.94 10.35 25.77
CA GLY X 9 57.68 11.02 26.11
C GLY X 9 57.50 10.67 27.56
N ILE X 10 57.01 11.68 28.29
CA ILE X 10 56.70 11.53 29.70
C ILE X 10 55.44 12.28 30.03
N VAL X 11 54.60 11.65 30.89
CA VAL X 11 53.35 12.33 31.35
C VAL X 11 53.25 12.12 32.83
N VAL X 12 52.77 13.08 33.58
CA VAL X 12 52.72 13.03 35.05
C VAL X 12 51.36 13.61 35.25
N ALA X 13 50.50 12.89 36.01
CA ALA X 13 49.09 13.26 36.28
C ALA X 13 49.03 13.11 37.83
N MET X 14 48.29 14.00 38.43
CA MET X 14 47.98 14.22 39.76
C MET X 14 46.52 14.53 40.07
N THR X 15 46.09 14.50 41.33
CA THR X 15 44.75 14.94 41.82
C THR X 15 45.03 16.11 42.86
N GLY X 16 43.96 16.96 43.03
CA GLY X 16 44.01 18.14 43.84
C GLY X 16 42.67 18.14 44.56
N LYS X 17 42.31 19.39 45.06
CA LYS X 17 41.17 19.70 45.84
C LYS X 17 40.27 20.25 44.85
N ASP X 18 39.43 19.45 44.26
CA ASP X 18 38.40 19.71 43.23
C ASP X 18 39.09 20.08 41.87
N CYS X 19 40.32 19.57 41.63
CA CYS X 19 41.00 19.75 40.38
C CYS X 19 41.87 18.55 40.13
N VAL X 20 42.30 18.40 38.84
CA VAL X 20 43.26 17.46 38.42
C VAL X 20 44.17 18.34 37.62
N ALA X 21 45.43 17.81 37.53
CA ALA X 21 46.46 18.32 36.73
C ALA X 21 47.04 17.27 35.92
N ILE X 22 47.48 17.60 34.68
CA ILE X 22 48.17 16.57 33.87
C ILE X 22 49.13 17.48 33.11
N ALA X 23 50.38 16.91 32.91
CA ALA X 23 51.46 17.69 32.30
C ALA X 23 52.35 16.70 31.58
N CYS X 24 53.10 17.18 30.59
CA CYS X 24 53.87 16.41 29.68
C CYS X 24 55.05 17.20 29.25
N ASP X 25 56.07 16.52 28.65
CA ASP X 25 57.09 17.07 27.85
C ASP X 25 56.55 17.01 26.42
N LEU X 26 57.07 17.92 25.63
CA LEU X 26 56.64 18.09 24.26
C LEU X 26 57.62 17.46 23.30
N ARG X 27 58.67 16.73 23.76
CA ARG X 27 59.73 16.27 22.96
C ARG X 27 59.36 15.08 22.12
N LEU X 28 59.81 15.16 20.87
CA LEU X 28 59.75 13.99 20.07
C LEU X 28 61.15 13.77 19.79
N GLY X 29 61.62 12.56 20.07
CA GLY X 29 62.93 12.10 19.67
C GLY X 29 62.79 10.71 19.05
N SER X 30 63.80 10.30 18.30
CA SER X 30 63.91 8.90 17.67
C SER X 30 65.35 8.63 17.67
N GLN X 31 65.77 7.76 18.59
CA GLN X 31 67.23 7.34 18.66
C GLN X 31 68.02 8.57 18.96
N SER X 32 69.13 8.72 18.17
CA SER X 32 70.06 9.85 18.27
C SER X 32 69.38 11.19 18.08
N LEU X 33 68.52 11.26 17.07
CA LEU X 33 68.05 12.56 16.64
C LEU X 33 66.79 12.85 17.27
N GLY X 34 66.81 14.02 17.87
CA GLY X 34 65.73 14.77 18.46
C GLY X 34 65.02 15.39 17.27
N VAL X 35 63.71 15.16 17.20
CA VAL X 35 63.05 15.47 15.96
C VAL X 35 62.34 16.80 15.97
N SER X 36 61.33 17.05 16.89
CA SER X 36 60.40 18.12 16.78
C SER X 36 60.29 18.50 18.20
N ASN X 37 60.26 19.82 18.40
CA ASN X 37 60.43 20.44 19.68
C ASN X 37 59.10 20.83 20.24
N LYS X 38 58.09 20.54 19.45
CA LYS X 38 56.67 20.80 19.84
C LYS X 38 55.87 19.65 19.19
N PHE X 39 55.01 18.95 19.98
CA PHE X 39 54.40 17.69 19.78
C PHE X 39 53.78 17.47 21.08
N GLU X 40 52.50 17.88 21.32
CA GLU X 40 51.84 17.72 22.62
C GLU X 40 51.45 16.30 22.74
N LYS X 41 51.66 15.69 23.91
CA LYS X 41 51.18 14.36 24.14
C LYS X 41 49.69 14.45 24.66
N ILE X 42 49.23 15.59 25.17
CA ILE X 42 47.89 15.74 25.79
C ILE X 42 46.96 16.25 24.69
N PHE X 43 45.73 15.74 24.60
CA PHE X 43 44.74 16.33 23.71
C PHE X 43 43.49 16.16 24.58
N HIS X 44 42.35 16.78 24.26
CA HIS X 44 41.13 16.65 25.09
C HIS X 44 39.94 16.57 24.19
N TYR X 45 38.85 15.97 24.62
CA TYR X 45 37.63 15.85 23.91
C TYR X 45 36.65 16.23 24.90
N GLY X 46 35.90 17.32 24.73
CA GLY X 46 35.16 17.91 25.80
C GLY X 46 36.12 18.21 27.03
N HIS X 47 35.65 17.81 28.29
CA HIS X 47 36.36 18.05 29.55
C HIS X 47 37.11 16.81 29.93
N VAL X 48 37.34 15.87 29.00
CA VAL X 48 38.17 14.68 29.42
C VAL X 48 39.49 14.95 28.67
N PHE X 49 40.65 14.75 29.41
CA PHE X 49 42.02 14.87 28.97
C PHE X 49 42.60 13.53 28.74
N LEU X 50 43.53 13.40 27.78
CA LEU X 50 44.20 12.11 27.54
C LEU X 50 45.61 12.46 27.13
N GLY X 51 46.62 11.99 27.87
CA GLY X 51 47.98 12.06 27.39
C GLY X 51 48.39 10.72 26.91
N ILE X 52 49.31 10.61 25.93
CA ILE X 52 49.66 9.28 25.37
C ILE X 52 51.15 9.32 25.16
N THR X 53 51.95 8.50 25.82
CA THR X 53 53.39 8.33 25.72
C THR X 53 53.50 7.07 24.87
N GLY X 54 54.71 6.83 24.42
CA GLY X 54 55.09 5.66 23.71
C GLY X 54 55.72 5.94 22.37
N LEU X 55 55.48 5.00 21.46
CA LEU X 55 55.65 5.09 20.02
C LEU X 55 54.85 6.17 19.44
N ALA X 56 55.64 7.05 18.72
CA ALA X 56 55.01 8.22 18.19
C ALA X 56 53.95 7.96 17.11
N THR X 57 54.22 6.98 16.13
CA THR X 57 53.25 6.57 15.15
C THR X 57 51.96 6.08 15.84
N ASP X 58 51.92 5.28 16.89
CA ASP X 58 50.69 4.92 17.62
C ASP X 58 50.11 6.01 18.45
N VAL X 59 50.91 7.05 18.82
CA VAL X 59 50.44 8.23 19.51
C VAL X 59 49.55 9.02 18.59
N THR X 60 49.94 9.08 17.29
CA THR X 60 49.33 9.88 16.28
C THR X 60 48.04 9.14 15.93
N THR X 61 48.09 7.74 15.83
CA THR X 61 46.99 6.97 15.43
C THR X 61 45.89 6.93 16.48
N LEU X 62 46.23 6.82 17.78
CA LEU X 62 45.17 6.67 18.75
C LEU X 62 44.44 7.97 19.00
N ASN X 63 45.16 9.19 18.81
CA ASN X 63 44.57 10.50 18.95
C ASN X 63 43.44 10.59 17.94
N GLU X 64 43.76 10.10 16.72
CA GLU X 64 42.79 10.04 15.70
C GLU X 64 41.58 9.18 16.00
N MET X 65 41.75 7.90 16.61
CA MET X 65 40.75 6.99 16.93
C MET X 65 39.89 7.47 18.04
N PHE X 66 40.43 8.07 19.11
CA PHE X 66 39.74 8.36 20.27
C PHE X 66 38.85 9.56 19.96
N ARG X 67 39.42 10.52 19.15
CA ARG X 67 38.66 11.65 18.72
C ARG X 67 37.38 11.24 17.98
N TYR X 68 37.55 10.22 17.14
CA TYR X 68 36.55 9.65 16.24
C TYR X 68 35.35 9.19 17.03
N LYS X 69 35.62 8.39 18.06
CA LYS X 69 34.66 7.76 18.95
C LYS X 69 33.97 8.65 19.82
N THR X 70 34.65 9.63 20.47
CA THR X 70 34.05 10.68 21.28
C THR X 70 33.07 11.50 20.42
N ASN X 71 33.37 11.70 19.15
CA ASN X 71 32.46 12.46 18.32
C ASN X 71 31.11 11.73 18.01
N LEU X 72 31.10 10.39 17.85
CA LEU X 72 29.86 9.74 17.76
C LEU X 72 28.95 9.77 18.99
N TYR X 73 29.54 9.61 20.23
CA TYR X 73 28.87 9.57 21.52
C TYR X 73 28.28 10.93 21.85
N LYS X 74 29.07 12.02 21.63
CA LYS X 74 28.58 13.37 21.86
C LYS X 74 27.45 13.76 21.04
N LEU X 75 27.41 13.48 19.75
CA LEU X 75 26.37 13.92 18.88
C LEU X 75 25.13 13.08 19.04
N LYS X 76 25.28 11.74 19.31
CA LYS X 76 24.18 10.79 19.44
C LYS X 76 23.38 11.00 20.72
N GLU X 77 23.99 11.19 21.92
CA GLU X 77 23.21 11.38 23.15
C GLU X 77 23.06 12.86 23.53
N GLU X 78 23.70 13.78 22.75
CA GLU X 78 23.64 15.19 23.02
C GLU X 78 24.26 15.65 24.39
N ARG X 79 25.44 15.12 24.76
CA ARG X 79 26.10 15.45 25.95
C ARG X 79 27.55 15.01 25.88
N ALA X 80 28.43 15.55 26.75
CA ALA X 80 29.80 15.22 26.88
C ALA X 80 29.97 13.82 27.37
N ILE X 81 31.06 13.25 26.95
CA ILE X 81 31.76 12.08 27.43
C ILE X 81 32.34 12.45 28.83
N GLU X 82 32.19 11.57 29.79
CA GLU X 82 32.62 11.79 31.16
C GLU X 82 33.93 11.25 31.33
N PRO X 83 34.74 11.53 32.40
CA PRO X 83 36.04 10.92 32.56
C PRO X 83 35.86 9.48 32.97
N GLU X 84 34.77 9.14 33.75
CA GLU X 84 34.40 7.82 34.24
C GLU X 84 34.03 6.95 33.06
N THR X 85 33.30 7.45 32.04
CA THR X 85 32.97 6.64 30.90
C THR X 85 34.14 6.24 30.03
N PHE X 86 35.01 7.21 29.89
CA PHE X 86 36.12 7.15 28.98
C PHE X 86 37.23 6.18 29.38
N THR X 87 37.33 5.86 30.68
CA THR X 87 38.32 4.99 31.36
C THR X 87 38.32 3.67 30.72
N GLN X 88 37.10 3.15 30.60
CA GLN X 88 36.90 1.81 30.07
C GLN X 88 36.93 1.69 28.56
N LEU X 89 36.60 2.80 27.90
CA LEU X 89 36.59 2.96 26.42
C LEU X 89 38.05 2.73 25.91
N VAL X 90 39.02 3.27 26.62
CA VAL X 90 40.40 3.19 26.36
C VAL X 90 40.91 1.79 26.45
N SER X 91 40.56 1.08 27.50
CA SER X 91 41.10 -0.29 27.76
C SER X 91 40.67 -1.21 26.66
N SER X 92 39.44 -1.15 26.28
CA SER X 92 38.85 -1.92 25.19
C SER X 92 39.47 -1.69 23.90
N SER X 93 39.75 -0.40 23.52
CA SER X 93 40.35 -0.03 22.25
C SER X 93 41.73 -0.66 22.02
N LEU X 94 42.57 -0.61 23.05
CA LEU X 94 43.91 -1.20 23.06
C LEU X 94 43.94 -2.67 22.90
N TYR X 95 42.99 -3.32 23.61
CA TYR X 95 42.93 -4.75 23.60
C TYR X 95 42.53 -5.36 22.33
N GLU X 96 41.93 -4.53 21.42
CA GLU X 96 41.50 -4.91 20.06
C GLU X 96 42.64 -5.53 19.26
N ARG X 97 43.81 -4.94 19.33
CA ARG X 97 44.98 -5.56 18.70
C ARG X 97 45.92 -6.06 19.73
N ARG X 98 46.21 -7.35 19.76
CA ARG X 98 47.18 -7.93 20.73
C ARG X 98 48.35 -8.58 19.93
N PHE X 99 48.16 -8.78 18.62
CA PHE X 99 48.99 -9.39 17.61
C PHE X 99 49.40 -8.20 16.75
N GLY X 100 50.75 -7.92 16.71
CA GLY X 100 51.15 -6.63 16.25
C GLY X 100 50.60 -5.58 17.17
N PRO X 101 50.90 -5.46 18.48
CA PRO X 101 50.14 -4.74 19.50
C PRO X 101 50.35 -3.25 19.36
N TYR X 102 49.88 -2.46 20.30
CA TYR X 102 50.23 -1.07 20.54
C TYR X 102 51.46 -1.08 21.40
N PHE X 103 52.07 0.09 21.48
CA PHE X 103 53.26 0.24 22.31
C PHE X 103 53.22 1.62 22.85
N VAL X 104 52.18 1.85 23.77
CA VAL X 104 51.78 3.19 24.25
C VAL X 104 51.46 2.97 25.73
N GLY X 105 51.37 4.13 26.47
CA GLY X 105 50.95 4.32 27.83
C GLY X 105 50.04 5.52 27.97
N PRO X 106 48.71 5.44 27.71
CA PRO X 106 47.76 6.48 27.96
C PRO X 106 47.53 6.82 29.45
N VAL X 107 47.12 8.09 29.69
CA VAL X 107 46.80 8.55 31.01
C VAL X 107 45.51 9.23 30.82
N VAL X 108 44.42 8.77 31.49
CA VAL X 108 43.19 9.52 31.40
C VAL X 108 43.18 10.45 32.67
N ALA X 109 42.58 11.64 32.56
CA ALA X 109 42.57 12.62 33.59
C ALA X 109 41.31 13.31 33.26
N GLY X 110 40.63 13.86 34.31
CA GLY X 110 39.42 14.61 34.10
C GLY X 110 38.65 14.76 35.40
N ILE X 111 37.60 15.57 35.37
CA ILE X 111 36.85 15.94 36.56
C ILE X 111 35.45 15.77 36.07
N ASN X 112 34.62 14.97 36.78
CA ASN X 112 33.21 14.86 36.45
C ASN X 112 32.50 16.15 36.62
N SER X 113 31.47 16.38 35.79
CA SER X 113 30.51 17.43 35.90
C SER X 113 29.27 16.99 36.68
N LYS X 114 29.32 15.67 36.98
CA LYS X 114 28.08 14.99 37.39
C LYS X 114 28.23 14.50 38.73
N SER X 115 29.55 14.39 39.20
CA SER X 115 29.83 14.06 40.58
C SER X 115 30.62 15.14 41.16
N GLY X 116 31.38 15.96 40.43
CA GLY X 116 32.29 16.98 40.93
C GLY X 116 33.50 16.45 41.61
N LYS X 117 34.02 15.40 41.04
CA LYS X 117 35.07 14.50 41.67
C LYS X 117 36.18 14.19 40.67
N PRO X 118 37.46 14.39 41.03
CA PRO X 118 38.60 14.14 40.14
C PRO X 118 38.76 12.66 39.95
N PHE X 119 39.19 12.22 38.73
CA PHE X 119 39.27 10.88 38.35
C PHE X 119 40.54 10.76 37.50
N ILE X 120 41.43 9.83 37.87
CA ILE X 120 42.56 9.59 37.03
C ILE X 120 42.74 8.08 36.85
N ALA X 121 43.42 7.62 35.78
CA ALA X 121 43.63 6.26 35.59
C ALA X 121 44.77 6.23 34.65
N GLY X 122 45.43 5.07 34.60
CA GLY X 122 46.52 4.81 33.69
C GLY X 122 46.27 3.59 32.81
N PHE X 123 47.00 3.55 31.73
CA PHE X 123 46.84 2.54 30.65
C PHE X 123 48.19 2.26 30.05
N ASP X 124 48.38 1.00 29.55
CA ASP X 124 49.65 0.54 29.03
C ASP X 124 49.55 -0.08 27.60
N LEU X 125 50.28 -1.17 27.30
CA LEU X 125 50.44 -1.74 25.95
C LEU X 125 49.19 -2.38 25.34
N ILE X 126 48.49 -3.18 26.19
CA ILE X 126 47.17 -3.63 25.75
C ILE X 126 46.25 -3.06 26.74
N GLY X 127 46.72 -2.24 27.75
CA GLY X 127 45.87 -1.61 28.70
C GLY X 127 45.62 -2.42 29.99
N CYS X 128 45.54 -1.75 31.18
CA CYS X 128 45.16 -2.38 32.41
C CYS X 128 44.56 -1.29 33.14
N ILE X 129 43.57 -1.59 33.98
CA ILE X 129 42.92 -0.59 34.89
C ILE X 129 43.91 -0.34 36.04
N ASP X 130 44.34 1.01 36.12
CA ASP X 130 45.09 1.47 37.24
C ASP X 130 44.15 2.45 37.83
N GLU X 131 43.75 2.20 39.14
CA GLU X 131 42.58 2.92 39.61
C GLU X 131 42.93 3.66 40.85
N ALA X 132 44.23 3.77 41.22
CA ALA X 132 44.71 4.67 42.28
C ALA X 132 44.65 6.15 41.93
N LYS X 133 44.12 6.96 42.88
CA LYS X 133 43.79 8.32 42.69
C LYS X 133 44.77 9.23 43.48
N ASP X 134 45.94 8.66 43.92
CA ASP X 134 47.02 9.48 44.43
C ASP X 134 47.70 10.39 43.41
N PHE X 135 48.08 9.66 42.29
CA PHE X 135 48.75 10.29 41.16
C PHE X 135 48.99 9.06 40.33
N ILE X 136 49.13 9.29 39.02
CA ILE X 136 49.43 8.27 38.00
C ILE X 136 50.40 8.91 37.12
N VAL X 137 51.47 8.13 36.80
CA VAL X 137 52.51 8.54 35.93
C VAL X 137 52.82 7.46 34.92
N SER X 138 53.41 7.96 33.78
CA SER X 138 53.78 7.06 32.63
C SER X 138 54.88 7.79 31.95
N GLY X 139 55.57 7.02 31.02
CA GLY X 139 56.62 7.46 30.07
C GLY X 139 57.87 6.68 30.28
N THR X 140 58.91 7.23 29.74
CA THR X 140 60.26 6.65 29.96
C THR X 140 60.71 6.90 31.34
N ALA X 141 60.08 7.99 31.97
CA ALA X 141 60.41 8.45 33.35
C ALA X 141 59.44 7.94 34.32
N SER X 142 58.77 6.75 34.05
CA SER X 142 57.69 6.25 34.89
C SER X 142 58.22 6.03 36.24
N ASP X 143 59.42 5.38 36.27
CA ASP X 143 60.14 4.95 37.45
C ASP X 143 60.52 6.19 38.20
N GLN X 144 61.12 7.14 37.53
CA GLN X 144 61.46 8.44 38.13
C GLN X 144 60.29 9.27 38.78
N LEU X 145 59.16 9.47 38.01
CA LEU X 145 58.02 10.21 38.37
C LEU X 145 57.35 9.64 39.52
N PHE X 146 57.25 8.32 39.61
CA PHE X 146 56.56 7.70 40.61
C PHE X 146 57.07 8.04 42.03
N GLY X 147 58.44 8.01 42.09
CA GLY X 147 59.26 8.33 43.20
C GLY X 147 59.17 9.76 43.63
N MET X 148 59.39 10.66 42.66
CA MET X 148 59.48 12.07 42.90
C MET X 148 58.12 12.59 43.40
N CYS X 149 57.04 12.11 42.78
CA CYS X 149 55.73 12.50 43.05
C CYS X 149 55.35 12.16 44.43
N GLU X 150 55.82 10.91 44.95
CA GLU X 150 55.46 10.41 46.26
C GLU X 150 56.00 11.38 47.33
N SER X 151 57.25 11.92 47.13
CA SER X 151 57.91 12.75 48.18
C SER X 151 57.20 13.98 48.33
N LEU X 152 57.00 14.65 47.18
CA LEU X 152 56.35 15.98 47.16
C LEU X 152 54.87 15.93 47.63
N TYR X 153 54.09 14.88 47.22
CA TYR X 153 52.59 14.94 47.29
C TYR X 153 52.26 14.95 48.77
N GLU X 154 51.41 15.97 49.03
CA GLU X 154 50.73 15.96 50.32
C GLU X 154 49.33 16.04 49.87
N PRO X 155 48.46 15.12 50.20
CA PRO X 155 47.19 15.02 49.58
C PRO X 155 46.29 16.18 49.56
N ASN X 156 45.70 16.42 48.38
CA ASN X 156 44.80 17.55 48.20
C ASN X 156 45.53 18.88 48.17
N LEU X 157 45.47 19.55 46.99
CA LEU X 157 46.16 20.74 46.78
C LEU X 157 45.29 21.63 45.92
N GLU X 158 45.02 22.87 46.37
CA GLU X 158 44.40 23.94 45.61
C GLU X 158 45.16 24.16 44.21
N PRO X 159 44.53 24.61 43.13
CA PRO X 159 45.04 24.63 41.82
C PRO X 159 46.36 25.33 41.56
N GLU X 160 46.76 26.53 42.09
CA GLU X 160 48.01 27.10 41.89
C GLU X 160 49.06 26.43 42.73
N ASP X 161 48.68 25.94 43.86
CA ASP X 161 49.60 25.14 44.70
C ASP X 161 49.99 23.79 44.02
N LEU X 162 49.02 23.12 43.25
CA LEU X 162 49.24 21.90 42.48
C LEU X 162 50.18 22.16 41.32
N PHE X 163 50.09 23.39 40.73
CA PHE X 163 50.79 23.89 39.64
C PHE X 163 52.30 23.89 39.98
N GLU X 164 52.68 24.35 41.14
CA GLU X 164 54.02 24.20 41.54
C GLU X 164 54.47 22.76 41.48
N THR X 165 53.65 21.86 42.08
CA THR X 165 54.13 20.51 42.43
C THR X 165 54.39 19.71 41.15
N ILE X 166 53.48 19.82 40.15
CA ILE X 166 53.64 19.12 39.01
C ILE X 166 54.77 19.61 38.15
N SER X 167 54.97 20.94 38.09
CA SER X 167 55.94 21.51 37.30
C SER X 167 57.32 21.02 37.72
N GLN X 168 57.57 20.97 39.06
CA GLN X 168 58.83 20.70 39.73
C GLN X 168 59.27 19.31 39.56
N ALA X 169 58.22 18.39 39.63
CA ALA X 169 58.39 17.00 39.56
C ALA X 169 58.92 16.75 38.15
N LEU X 170 58.35 17.42 37.10
CA LEU X 170 58.66 17.23 35.74
C LEU X 170 59.95 17.76 35.39
N LEU X 171 60.41 19.00 35.86
CA LEU X 171 61.53 19.72 35.36
C LEU X 171 62.80 18.98 35.69
N ASN X 172 62.84 18.41 36.91
CA ASN X 172 63.91 17.70 37.53
C ASN X 172 64.14 16.36 36.82
N ALA X 173 62.99 15.67 36.58
CA ALA X 173 62.80 14.38 35.99
C ALA X 173 63.18 14.44 34.50
N ALA X 174 62.88 15.54 33.80
CA ALA X 174 63.10 15.68 32.42
C ALA X 174 64.62 15.68 32.00
N ASP X 175 65.44 16.36 32.82
CA ASP X 175 66.92 16.46 32.75
C ASP X 175 67.58 15.06 33.08
N ARG X 176 66.88 14.28 33.93
CA ARG X 176 67.36 13.01 34.43
C ARG X 176 66.80 11.91 33.51
N ASP X 177 66.05 12.32 32.43
CA ASP X 177 65.69 11.43 31.36
C ASP X 177 66.54 11.76 30.18
N ALA X 178 66.67 10.98 29.14
CA ALA X 178 67.58 11.20 28.05
C ALA X 178 66.80 11.44 26.72
N LEU X 179 65.47 11.14 26.75
CA LEU X 179 64.66 11.22 25.52
C LEU X 179 63.63 12.31 25.76
N SER X 180 63.70 13.05 26.89
CA SER X 180 62.78 14.15 27.23
C SER X 180 63.73 15.33 27.53
N GLY X 181 63.45 16.48 26.96
CA GLY X 181 64.27 17.64 27.22
C GLY X 181 63.73 18.97 26.63
N TRP X 182 62.68 18.96 25.74
CA TRP X 182 62.16 20.05 25.00
C TRP X 182 60.78 20.36 25.34
N GLY X 183 60.55 21.52 26.05
CA GLY X 183 59.35 22.19 26.57
C GLY X 183 58.46 21.34 27.36
N ALA X 184 57.47 21.92 27.99
CA ALA X 184 56.56 21.18 28.84
C ALA X 184 55.37 22.15 28.90
N VAL X 185 54.14 21.53 29.05
CA VAL X 185 52.82 22.14 29.08
C VAL X 185 52.14 21.45 30.27
N VAL X 186 51.47 22.36 31.06
CA VAL X 186 50.78 22.03 32.24
C VAL X 186 49.36 22.48 32.03
N TYR X 187 48.40 21.59 32.41
CA TYR X 187 46.95 21.76 32.35
C TYR X 187 46.53 21.73 33.75
N ILE X 188 45.82 22.80 34.14
CA ILE X 188 45.23 23.01 35.42
C ILE X 188 43.75 22.94 35.04
N ILE X 189 43.06 21.96 35.64
CA ILE X 189 41.77 21.68 35.10
C ILE X 189 40.98 21.88 36.28
N LYS X 190 39.95 22.76 36.15
CA LYS X 190 38.98 22.96 37.10
C LYS X 190 37.70 23.07 36.32
N LYS X 191 36.56 22.91 37.01
CA LYS X 191 35.29 23.04 36.36
C LYS X 191 34.98 24.42 35.75
N ASP X 192 35.51 25.48 36.37
CA ASP X 192 35.25 26.81 35.89
C ASP X 192 35.88 26.93 34.59
N GLU X 193 37.19 26.58 34.44
CA GLU X 193 37.84 26.98 33.23
C GLU X 193 39.05 26.05 33.22
N VAL X 194 39.76 25.92 32.00
CA VAL X 194 40.96 25.21 32.03
C VAL X 194 42.06 26.08 31.44
N VAL X 195 43.21 26.27 32.13
CA VAL X 195 44.28 27.03 31.69
C VAL X 195 45.31 26.08 31.22
N LYS X 196 45.95 26.43 30.07
CA LYS X 196 47.12 25.74 29.53
C LYS X 196 48.22 26.68 29.69
N ARG X 197 49.35 26.20 30.37
CA ARG X 197 50.53 27.05 30.75
C ARG X 197 51.80 26.26 30.36
N TYR X 198 52.56 26.91 29.45
CA TYR X 198 53.81 26.34 28.97
C TYR X 198 54.89 26.79 29.98
N LEU X 199 55.84 25.91 30.27
CA LEU X 199 56.83 26.19 31.27
C LEU X 199 58.02 26.83 30.68
N LYS X 200 58.63 27.86 31.44
CA LYS X 200 59.97 28.34 31.06
C LYS X 200 60.97 27.28 31.65
N MET X 201 61.50 26.44 30.69
CA MET X 201 62.46 25.37 31.01
C MET X 201 63.53 25.22 30.00
N ARG X 202 64.60 24.52 30.52
CA ARG X 202 65.79 24.24 29.71
C ARG X 202 65.69 23.16 28.64
N GLN X 203 66.44 23.35 27.48
CA GLN X 203 66.65 22.46 26.42
C GLN X 203 67.86 21.67 26.81
N ASP X 204 68.15 20.73 25.86
CA ASP X 204 69.14 19.73 26.04
C ASP X 204 70.50 20.34 25.76
N MET Y 1 67.44 8.04 -1.41
CA MET Y 1 68.69 7.28 -1.20
C MET Y 1 69.31 7.36 0.17
N ASP Y 2 69.82 8.54 0.58
CA ASP Y 2 70.50 8.69 1.93
C ASP Y 2 70.59 10.13 2.25
N ILE Y 3 70.16 11.06 1.37
CA ILE Y 3 70.30 12.48 1.68
C ILE Y 3 69.01 13.18 1.37
N ILE Y 4 68.50 13.98 2.38
CA ILE Y 4 67.31 14.78 2.11
C ILE Y 4 67.47 15.88 3.07
N LEU Y 5 67.07 17.10 2.62
CA LEU Y 5 67.32 18.31 3.35
C LEU Y 5 66.04 19.08 3.09
N GLY Y 6 65.65 19.97 4.07
CA GLY Y 6 64.38 20.67 4.10
C GLY Y 6 64.66 21.95 4.82
N ILE Y 7 64.31 23.08 4.24
CA ILE Y 7 64.37 24.42 4.84
C ILE Y 7 63.11 25.13 4.51
N ARG Y 8 62.47 25.79 5.47
CA ARG Y 8 61.27 26.59 5.26
C ARG Y 8 61.74 28.00 5.53
N VAL Y 9 61.51 28.88 4.50
CA VAL Y 9 61.76 30.24 4.54
C VAL Y 9 60.41 30.93 4.80
N GLN Y 10 60.45 32.30 4.74
CA GLN Y 10 59.41 33.27 5.17
C GLN Y 10 58.18 33.02 4.26
N ASP Y 11 58.31 32.75 2.97
CA ASP Y 11 57.12 32.66 2.02
C ASP Y 11 57.23 31.57 1.05
N SER Y 12 58.15 30.59 1.21
CA SER Y 12 58.45 29.47 0.28
C SER Y 12 58.88 28.33 1.16
N VAL Y 13 58.94 27.13 0.56
CA VAL Y 13 59.51 25.90 1.15
C VAL Y 13 60.46 25.32 0.10
N ILE Y 14 61.64 24.98 0.66
CA ILE Y 14 62.72 24.57 -0.18
C ILE Y 14 63.17 23.20 0.28
N LEU Y 15 63.18 22.19 -0.76
CA LEU Y 15 63.41 20.80 -0.51
C LEU Y 15 64.60 20.47 -1.33
N ALA Y 16 65.37 19.44 -0.83
CA ALA Y 16 66.52 18.94 -1.51
C ALA Y 16 66.23 17.45 -1.59
N SER Y 17 66.57 16.80 -2.78
CA SER Y 17 66.43 15.41 -3.01
C SER Y 17 67.69 14.99 -3.77
N SER Y 18 68.11 13.75 -3.44
CA SER Y 18 69.22 13.08 -4.20
C SER Y 18 68.96 12.88 -5.66
N LYS Y 19 69.97 13.17 -6.49
CA LYS Y 19 70.09 12.77 -7.83
C LYS Y 19 70.54 11.30 -8.04
N ALA Y 20 71.68 10.87 -7.53
CA ALA Y 20 72.24 9.50 -7.81
C ALA Y 20 71.51 8.35 -7.16
N VAL Y 21 71.48 7.22 -7.91
CA VAL Y 21 70.66 6.07 -7.51
C VAL Y 21 71.54 4.89 -7.40
N THR Y 22 71.78 4.42 -6.16
CA THR Y 22 72.68 3.37 -5.88
C THR Y 22 71.89 2.11 -6.04
N ARG Y 23 72.42 1.21 -6.87
CA ARG Y 23 71.74 -0.08 -7.03
C ARG Y 23 72.77 -1.15 -6.77
N GLY Y 24 72.99 -1.46 -5.45
CA GLY Y 24 74.13 -2.23 -5.03
C GLY Y 24 75.26 -1.28 -4.71
N ILE Y 25 76.46 -1.49 -5.33
CA ILE Y 25 77.68 -0.75 -5.04
C ILE Y 25 78.04 0.06 -6.26
N SER Y 26 77.12 -0.04 -7.25
CA SER Y 26 77.34 0.66 -8.49
C SER Y 26 76.13 1.60 -8.68
N VAL Y 27 76.44 2.87 -9.05
CA VAL Y 27 75.49 3.93 -9.16
C VAL Y 27 75.15 3.80 -10.59
N LEU Y 28 73.91 3.21 -10.89
CA LEU Y 28 73.58 2.89 -12.30
C LEU Y 28 73.12 4.09 -13.07
N LYS Y 29 72.75 5.14 -12.40
CA LYS Y 29 72.22 6.34 -13.08
C LYS Y 29 72.48 7.49 -12.10
N ASP Y 30 73.06 8.59 -12.64
CA ASP Y 30 73.64 9.54 -11.73
C ASP Y 30 72.69 10.73 -11.54
N SER Y 31 71.74 10.81 -12.49
CA SER Y 31 70.77 11.89 -12.61
C SER Y 31 69.47 11.27 -12.89
N ASP Y 32 68.61 10.92 -11.85
CA ASP Y 32 67.29 10.43 -11.94
C ASP Y 32 66.62 10.94 -10.72
N ASP Y 33 65.41 11.63 -10.91
CA ASP Y 33 64.59 12.22 -9.80
C ASP Y 33 64.30 11.20 -8.74
N LYS Y 34 64.05 11.76 -7.50
CA LYS Y 34 63.72 11.09 -6.22
C LYS Y 34 62.67 11.94 -5.44
N THR Y 35 61.89 12.65 -6.25
CA THR Y 35 60.87 13.57 -5.82
C THR Y 35 59.73 13.53 -6.86
N ARG Y 36 58.48 13.95 -6.50
CA ARG Y 36 57.38 13.90 -7.43
C ARG Y 36 56.47 15.08 -7.11
N GLN Y 37 55.80 15.76 -8.12
CA GLN Y 37 54.73 16.70 -7.72
C GLN Y 37 53.47 15.93 -7.44
N LEU Y 38 52.76 16.31 -6.36
CA LEU Y 38 51.45 15.74 -5.96
C LEU Y 38 50.37 16.65 -6.50
N SER Y 39 50.57 17.96 -6.41
CA SER Y 39 49.66 19.00 -6.72
C SER Y 39 50.63 20.02 -7.31
N PRO Y 40 50.19 21.06 -7.99
CA PRO Y 40 50.99 22.17 -8.35
C PRO Y 40 51.50 23.03 -7.22
N HIS Y 41 51.30 22.73 -5.92
CA HIS Y 41 51.65 23.49 -4.79
C HIS Y 41 51.94 22.48 -3.65
N THR Y 42 52.13 21.17 -3.95
CA THR Y 42 52.59 20.27 -2.81
C THR Y 42 53.60 19.41 -3.55
N LEU Y 43 54.81 19.28 -2.94
CA LEU Y 43 55.93 18.62 -3.59
C LEU Y 43 56.31 17.74 -2.56
N MET Y 44 56.47 16.42 -2.87
CA MET Y 44 56.98 15.43 -1.94
C MET Y 44 58.34 15.08 -2.52
N SER Y 45 59.40 15.37 -1.71
CA SER Y 45 60.74 14.76 -1.92
C SER Y 45 60.61 13.55 -1.08
N PHE Y 46 61.36 12.43 -1.34
CA PHE Y 46 61.33 11.24 -0.56
C PHE Y 46 62.68 10.58 -0.59
N ALA Y 47 63.00 9.65 0.37
CA ALA Y 47 64.16 8.93 0.38
C ALA Y 47 63.81 7.71 1.12
N GLY Y 48 64.71 6.67 1.03
CA GLY Y 48 64.58 5.46 1.75
C GLY Y 48 65.13 4.44 0.82
N GLU Y 49 64.54 3.28 0.86
CA GLU Y 49 65.12 2.22 0.11
C GLU Y 49 64.58 2.26 -1.25
N ALA Y 50 65.56 2.06 -2.23
CA ALA Y 50 65.29 2.14 -3.70
C ALA Y 50 64.34 1.03 -4.04
N GLY Y 51 63.17 1.39 -4.78
CA GLY Y 51 62.24 0.46 -5.33
C GLY Y 51 60.94 0.43 -4.57
N ASP Y 52 61.01 0.55 -3.22
CA ASP Y 52 59.78 0.79 -2.43
C ASP Y 52 59.36 2.25 -2.61
N THR Y 53 60.41 3.09 -2.69
CA THR Y 53 60.24 4.54 -2.94
C THR Y 53 59.41 4.86 -4.16
N VAL Y 54 59.67 4.11 -5.29
CA VAL Y 54 59.16 4.38 -6.59
C VAL Y 54 57.66 4.06 -6.62
N GLN Y 55 57.28 2.84 -6.16
CA GLN Y 55 55.96 2.33 -6.20
C GLN Y 55 55.02 3.05 -5.20
N PHE Y 56 55.56 3.45 -4.00
CA PHE Y 56 54.82 4.24 -3.00
C PHE Y 56 54.44 5.59 -3.56
N ALA Y 57 55.37 6.27 -4.32
CA ALA Y 57 55.27 7.63 -4.72
C ALA Y 57 54.11 7.68 -5.71
N GLU Y 58 53.92 6.65 -6.61
CA GLU Y 58 53.01 6.79 -7.73
C GLU Y 58 51.59 6.49 -7.28
N TYR Y 59 51.41 5.68 -6.18
CA TYR Y 59 50.14 5.40 -5.59
C TYR Y 59 49.61 6.67 -4.96
N ILE Y 60 50.50 7.40 -4.12
CA ILE Y 60 50.20 8.66 -3.57
C ILE Y 60 49.98 9.73 -4.59
N GLN Y 61 50.68 9.70 -5.75
CA GLN Y 61 50.55 10.71 -6.72
C GLN Y 61 49.18 10.66 -7.37
N ALA Y 62 48.73 9.37 -7.64
CA ALA Y 62 47.47 8.99 -8.09
C ALA Y 62 46.32 9.42 -7.20
N ASN Y 63 46.44 9.18 -5.90
CA ASN Y 63 45.44 9.47 -4.96
C ASN Y 63 45.21 10.97 -4.73
N ILE Y 64 46.28 11.80 -4.61
CA ILE Y 64 46.24 13.20 -4.32
C ILE Y 64 45.76 13.92 -5.47
N GLN Y 65 46.17 13.42 -6.69
CA GLN Y 65 45.69 14.02 -7.95
C GLN Y 65 44.21 13.91 -8.08
N LEU Y 66 43.74 12.73 -7.65
CA LEU Y 66 42.36 12.40 -7.80
C LEU Y 66 41.45 13.29 -6.99
N TYR Y 67 41.77 13.55 -5.70
CA TYR Y 67 40.93 14.43 -4.89
C TYR Y 67 40.80 15.79 -5.34
N SER Y 68 41.91 16.32 -5.89
CA SER Y 68 42.01 17.73 -6.28
C SER Y 68 41.16 18.03 -7.40
N ILE Y 69 41.15 17.13 -8.43
CA ILE Y 69 40.34 17.23 -9.65
C ILE Y 69 38.91 17.04 -9.28
N ARG Y 70 38.66 16.10 -8.35
CA ARG Y 70 37.34 15.68 -7.95
C ARG Y 70 36.58 16.76 -7.16
N GLU Y 71 37.17 17.51 -6.20
CA GLU Y 71 36.46 18.53 -5.43
C GLU Y 71 36.41 19.79 -6.20
N ASP Y 72 37.27 19.89 -7.25
CA ASP Y 72 37.36 21.06 -8.09
C ASP Y 72 37.80 22.21 -7.13
N TYR Y 73 38.87 21.95 -6.30
CA TYR Y 73 39.21 22.65 -5.17
C TYR Y 73 40.35 21.85 -4.73
N GLU Y 74 41.43 22.54 -4.51
CA GLU Y 74 42.70 22.03 -4.10
C GLU Y 74 42.64 21.68 -2.59
N LEU Y 75 43.51 20.75 -2.11
CA LEU Y 75 43.66 20.24 -0.74
C LEU Y 75 44.92 20.96 -0.31
N SER Y 76 44.93 21.24 1.01
CA SER Y 76 45.92 21.99 1.63
C SER Y 76 47.10 21.05 2.05
N PRO Y 77 48.32 21.52 2.28
CA PRO Y 77 49.47 20.79 2.78
C PRO Y 77 49.10 20.07 4.08
N GLN Y 78 48.13 20.63 4.92
CA GLN Y 78 47.80 20.07 6.17
C GLN Y 78 47.25 18.73 5.94
N ALA Y 79 46.34 18.70 5.00
CA ALA Y 79 45.60 17.54 4.62
C ALA Y 79 46.44 16.39 3.95
N VAL Y 80 47.27 16.88 3.04
CA VAL Y 80 48.14 16.08 2.07
C VAL Y 80 49.03 15.24 2.95
N SER Y 81 49.59 16.00 3.94
CA SER Y 81 50.58 15.43 4.87
C SER Y 81 50.02 14.28 5.70
N SER Y 82 48.73 14.51 6.22
CA SER Y 82 48.02 13.52 7.02
C SER Y 82 47.70 12.29 6.30
N PHE Y 83 47.38 12.36 4.98
CA PHE Y 83 46.99 11.21 4.17
C PHE Y 83 48.15 10.15 4.02
N VAL Y 84 49.32 10.70 3.69
CA VAL Y 84 50.51 9.85 3.46
C VAL Y 84 51.00 9.18 4.72
N ARG Y 85 50.89 9.93 5.82
CA ARG Y 85 51.23 9.42 7.10
C ARG Y 85 50.31 8.23 7.46
N GLN Y 86 49.03 8.31 7.02
CA GLN Y 86 47.94 7.34 7.33
C GLN Y 86 48.30 6.01 6.71
N GLU Y 87 48.86 5.98 5.45
CA GLU Y 87 49.26 4.85 4.69
C GLU Y 87 50.58 4.20 5.21
N LEU Y 88 51.51 5.05 5.74
CA LEU Y 88 52.80 4.57 6.29
C LEU Y 88 52.56 3.82 7.57
N ALA Y 89 51.65 4.32 8.44
CA ALA Y 89 51.31 3.80 9.73
C ALA Y 89 50.62 2.44 9.57
N LYS Y 90 49.74 2.34 8.51
CA LYS Y 90 49.29 1.02 8.10
C LYS Y 90 50.36 0.13 7.66
N SER Y 91 51.40 0.61 6.89
CA SER Y 91 52.33 -0.23 6.21
C SER Y 91 53.06 -1.05 7.20
N ILE Y 92 53.32 -0.49 8.37
CA ILE Y 92 54.06 -1.27 9.31
C ILE Y 92 53.39 -2.37 10.09
N ARG Y 93 52.04 -2.31 10.06
CA ARG Y 93 51.30 -3.37 10.64
C ARG Y 93 50.65 -4.20 9.53
N SER Y 94 51.01 -3.95 8.24
CA SER Y 94 50.70 -4.74 7.13
C SER Y 94 51.80 -5.70 6.81
N ARG Y 95 51.59 -6.60 5.79
CA ARG Y 95 52.49 -7.64 5.31
C ARG Y 95 53.94 -7.26 5.10
N ARG Y 96 54.16 -6.18 4.34
CA ARG Y 96 55.47 -5.73 4.06
C ARG Y 96 55.50 -4.27 4.67
N PRO Y 97 56.43 -3.91 5.50
CA PRO Y 97 56.75 -2.48 5.74
C PRO Y 97 57.58 -1.91 4.53
N TYR Y 98 57.45 -0.60 4.25
CA TYR Y 98 58.31 0.12 3.37
C TYR Y 98 59.17 1.09 4.23
N GLN Y 99 60.33 1.58 3.69
CA GLN Y 99 61.12 2.57 4.35
C GLN Y 99 61.05 3.67 3.39
N VAL Y 100 59.97 4.49 3.55
CA VAL Y 100 59.78 5.72 2.72
C VAL Y 100 59.50 6.85 3.71
N ASN Y 101 60.38 7.79 3.72
CA ASN Y 101 60.45 8.95 4.60
C ASN Y 101 60.23 9.97 3.64
N VAL Y 102 59.46 10.99 4.03
CA VAL Y 102 58.93 11.88 3.08
C VAL Y 102 59.21 13.16 3.67
N LEU Y 103 59.39 14.25 2.87
CA LEU Y 103 59.28 15.54 3.31
C LEU Y 103 58.27 16.07 2.36
N ILE Y 104 57.29 16.76 2.86
CA ILE Y 104 56.17 17.17 2.08
C ILE Y 104 56.18 18.58 2.48
N GLY Y 105 56.67 19.43 1.52
CA GLY Y 105 56.62 20.86 1.61
C GLY Y 105 55.45 21.24 0.71
N GLY Y 106 54.66 22.21 1.14
CA GLY Y 106 53.55 22.68 0.36
C GLY Y 106 53.40 24.13 0.60
N TYR Y 107 52.91 24.98 -0.36
CA TYR Y 107 52.66 26.35 -0.13
C TYR Y 107 51.15 26.50 0.02
N ASP Y 108 50.77 26.69 1.28
CA ASP Y 108 49.49 27.02 1.62
C ASP Y 108 49.15 28.48 1.04
N LYS Y 109 48.14 28.61 0.10
CA LYS Y 109 47.74 29.82 -0.63
C LYS Y 109 46.48 30.38 0.07
N LYS Y 110 45.86 29.57 0.89
CA LYS Y 110 44.65 29.85 1.61
C LYS Y 110 44.88 30.48 2.90
N LYS Y 111 46.05 30.09 3.50
CA LYS Y 111 46.54 30.77 4.67
C LYS Y 111 47.71 31.67 4.32
N ASN Y 112 48.27 31.53 3.07
CA ASN Y 112 49.40 32.25 2.60
C ASN Y 112 50.55 32.02 3.50
N LYS Y 113 50.92 30.75 3.68
CA LYS Y 113 51.79 30.41 4.67
C LYS Y 113 52.58 29.30 4.15
N PRO Y 114 53.92 29.13 4.20
CA PRO Y 114 54.62 27.85 3.94
C PRO Y 114 54.44 26.97 5.12
N GLU Y 115 54.34 25.66 4.78
CA GLU Y 115 54.20 24.69 5.79
C GLU Y 115 55.16 23.51 5.39
N LEU Y 116 56.07 22.99 6.30
CA LEU Y 116 56.93 21.88 5.95
C LEU Y 116 56.50 20.93 7.01
N TYR Y 117 56.24 19.69 6.59
CA TYR Y 117 55.91 18.61 7.46
C TYR Y 117 56.97 17.61 7.23
N GLN Y 118 57.66 17.28 8.37
CA GLN Y 118 58.53 16.12 8.39
C GLN Y 118 57.72 14.90 8.77
N ILE Y 119 57.84 13.84 7.96
CA ILE Y 119 57.19 12.59 8.29
C ILE Y 119 58.18 11.51 8.03
N ASP Y 120 58.51 10.73 9.09
CA ASP Y 120 59.42 9.66 9.08
C ASP Y 120 58.69 8.39 8.58
N TYR Y 121 59.49 7.27 8.37
CA TYR Y 121 59.08 6.07 7.71
C TYR Y 121 57.91 5.42 8.35
N LEU Y 122 57.90 5.38 9.72
CA LEU Y 122 56.88 4.73 10.59
C LEU Y 122 55.52 5.46 10.43
N GLY Y 123 55.66 6.81 10.27
CA GLY Y 123 54.53 7.61 10.00
C GLY Y 123 54.21 8.59 11.10
N THR Y 124 55.03 9.62 11.46
CA THR Y 124 54.63 10.49 12.49
C THR Y 124 54.67 11.91 11.79
N LYS Y 125 53.41 12.52 11.59
CA LYS Y 125 53.31 13.84 11.01
C LYS Y 125 53.49 14.84 12.09
N VAL Y 126 54.40 15.87 11.83
CA VAL Y 126 54.78 16.93 12.75
C VAL Y 126 55.02 18.13 11.92
N GLU Y 127 54.63 19.28 12.40
CA GLU Y 127 54.82 20.55 11.79
C GLU Y 127 56.10 21.14 12.37
N LEU Y 128 57.09 21.42 11.45
CA LEU Y 128 58.41 21.88 11.78
C LEU Y 128 59.02 22.69 10.64
N PRO Y 129 59.71 23.78 10.87
CA PRO Y 129 60.28 24.61 9.83
C PRO Y 129 61.52 23.95 9.21
N TYR Y 130 61.94 22.78 9.68
CA TYR Y 130 63.15 22.21 9.25
C TYR Y 130 62.74 20.76 8.86
N GLY Y 131 63.53 20.15 7.96
CA GLY Y 131 63.28 18.73 7.70
C GLY Y 131 64.54 18.07 7.19
N ALA Y 132 64.72 16.74 7.55
CA ALA Y 132 65.87 15.96 7.11
C ALA Y 132 65.78 14.64 7.81
N HIS Y 133 66.26 13.59 7.04
CA HIS Y 133 66.27 12.21 7.45
C HIS Y 133 67.53 11.68 6.99
N GLY Y 134 67.83 10.44 7.58
CA GLY Y 134 69.00 9.71 7.39
C GLY Y 134 70.09 10.23 8.29
N TYR Y 135 71.35 9.77 8.00
CA TYR Y 135 72.57 10.06 8.73
C TYR Y 135 73.13 11.33 8.14
N SER Y 136 72.57 11.92 7.09
CA SER Y 136 72.78 13.28 6.56
C SER Y 136 72.23 14.27 7.48
N GLY Y 137 71.10 13.88 8.14
CA GLY Y 137 70.29 14.83 8.92
C GLY Y 137 70.90 15.00 10.28
N PHE Y 138 72.05 14.48 10.61
CA PHE Y 138 72.62 14.53 11.88
C PHE Y 138 73.85 15.41 11.87
N TYR Y 139 74.28 15.94 10.70
CA TYR Y 139 75.39 16.83 10.48
C TYR Y 139 74.79 18.13 10.18
N THR Y 140 73.60 18.14 9.58
CA THR Y 140 72.98 19.38 9.12
C THR Y 140 71.89 19.85 10.08
N PHE Y 141 71.46 19.03 11.10
CA PHE Y 141 70.30 19.44 11.88
C PHE Y 141 70.74 20.61 12.78
N SER Y 142 71.95 20.56 13.38
CA SER Y 142 72.66 21.55 14.25
C SER Y 142 72.97 22.74 13.31
N LEU Y 143 73.25 22.53 11.98
CA LEU Y 143 73.60 23.63 11.09
C LEU Y 143 72.53 24.60 10.76
N LEU Y 144 71.27 24.08 10.52
CA LEU Y 144 70.04 24.79 10.22
C LEU Y 144 69.58 25.67 11.45
N ASP Y 145 69.71 25.11 12.74
CA ASP Y 145 69.32 25.81 13.96
C ASP Y 145 70.15 27.11 14.03
N HIS Y 146 71.53 26.96 13.84
CA HIS Y 146 72.49 28.04 13.96
C HIS Y 146 72.26 29.09 12.95
N HIS Y 147 72.12 28.82 11.61
CA HIS Y 147 72.18 29.87 10.63
C HIS Y 147 70.80 30.32 10.29
N TYR Y 148 69.70 29.60 10.64
CA TYR Y 148 68.35 30.14 10.34
C TYR Y 148 68.10 31.37 11.18
N ARG Y 149 67.63 32.49 10.54
CA ARG Y 149 67.10 33.58 11.36
C ARG Y 149 65.62 33.33 11.28
N PRO Y 150 64.78 33.79 12.28
CA PRO Y 150 63.36 33.66 12.34
C PRO Y 150 62.58 33.80 11.08
N ASP Y 151 62.98 34.72 10.15
CA ASP Y 151 62.25 35.04 8.94
C ASP Y 151 63.38 35.25 8.02
N MET Y 152 63.18 35.29 6.69
CA MET Y 152 64.24 35.67 5.71
C MET Y 152 63.77 35.22 4.36
N THR Y 153 64.23 36.01 3.34
CA THR Y 153 64.01 35.88 1.99
C THR Y 153 64.41 34.51 1.45
N THR Y 154 63.89 34.13 0.22
CA THR Y 154 64.13 32.85 -0.34
C THR Y 154 65.51 32.80 -0.87
N GLU Y 155 66.15 33.99 -1.05
CA GLU Y 155 67.50 34.12 -1.61
C GLU Y 155 68.53 33.78 -0.54
N GLU Y 156 68.30 34.22 0.72
CA GLU Y 156 69.01 33.87 1.92
C GLU Y 156 68.87 32.39 2.19
N GLY Y 157 67.69 31.81 1.95
CA GLY Y 157 67.37 30.50 2.27
C GLY Y 157 67.91 29.55 1.29
N LEU Y 158 68.39 30.08 0.10
CA LEU Y 158 68.94 29.36 -1.05
C LEU Y 158 70.38 29.19 -0.65
N ASP Y 159 70.92 30.31 -0.07
CA ASP Y 159 72.27 30.45 0.47
C ASP Y 159 72.46 29.50 1.64
N LEU Y 160 71.46 29.34 2.57
CA LEU Y 160 71.53 28.39 3.62
C LEU Y 160 71.66 26.99 3.11
N LEU Y 161 70.84 26.54 2.13
CA LEU Y 161 70.68 25.18 1.72
C LEU Y 161 71.92 24.73 1.04
N LYS Y 162 72.47 25.65 0.20
CA LYS Y 162 73.66 25.33 -0.56
C LYS Y 162 74.92 25.24 0.37
N LEU Y 163 74.98 26.03 1.52
CA LEU Y 163 75.98 25.86 2.57
C LEU Y 163 75.97 24.42 3.28
N CYS Y 164 74.78 23.80 3.50
CA CYS Y 164 74.63 22.44 3.98
C CYS Y 164 75.12 21.47 2.97
N VAL Y 165 74.90 21.75 1.70
CA VAL Y 165 75.43 20.79 0.65
C VAL Y 165 76.92 20.63 0.75
N GLN Y 166 77.63 21.72 0.98
CA GLN Y 166 79.04 21.67 1.01
C GLN Y 166 79.57 20.88 2.20
N GLU Y 167 79.01 21.12 3.38
CA GLU Y 167 79.30 20.52 4.61
C GLU Y 167 79.13 19.05 4.65
N LEU Y 168 78.02 18.58 4.03
CA LEU Y 168 77.61 17.14 3.91
C LEU Y 168 78.62 16.34 3.12
N GLU Y 169 79.15 16.94 1.99
CA GLU Y 169 80.17 16.42 1.12
C GLU Y 169 81.45 16.16 1.93
N LYS Y 170 81.79 16.98 3.01
CA LYS Y 170 83.04 16.83 3.78
C LYS Y 170 82.95 15.62 4.61
N ARG Y 171 81.86 15.30 5.25
CA ARG Y 171 81.92 14.42 6.33
C ARG Y 171 81.02 13.14 6.07
N MET Y 172 80.70 12.81 4.79
CA MET Y 172 79.76 11.70 4.53
C MET Y 172 80.45 10.99 3.47
N PRO Y 173 80.28 9.58 3.34
CA PRO Y 173 81.06 8.79 2.37
C PRO Y 173 80.10 8.49 1.29
N MET Y 174 79.04 9.39 1.17
CA MET Y 174 77.97 9.34 0.15
C MET Y 174 78.06 10.51 -0.72
N ASP Y 175 78.28 10.23 -2.02
CA ASP Y 175 78.07 11.09 -3.12
C ASP Y 175 76.62 10.94 -3.59
N PHE Y 176 76.20 12.04 -4.30
CA PHE Y 176 74.87 12.15 -4.85
C PHE Y 176 74.93 13.26 -5.90
N LYS Y 177 76.14 13.72 -6.24
CA LYS Y 177 76.51 14.60 -7.30
C LYS Y 177 75.61 15.73 -7.30
N GLY Y 178 75.46 16.44 -6.14
CA GLY Y 178 74.62 17.62 -6.09
C GLY Y 178 73.14 17.14 -5.88
N VAL Y 179 72.19 18.09 -5.67
CA VAL Y 179 70.84 17.69 -5.36
C VAL Y 179 69.98 18.59 -6.28
N ILE Y 180 68.76 18.05 -6.58
CA ILE Y 180 67.70 18.71 -7.27
C ILE Y 180 67.06 19.43 -6.13
N VAL Y 181 66.97 20.78 -6.18
CA VAL Y 181 66.52 21.78 -5.26
C VAL Y 181 65.29 22.29 -6.07
N LYS Y 182 64.07 22.14 -5.49
CA LYS Y 182 62.92 22.74 -5.98
C LYS Y 182 62.37 23.63 -4.95
N ILE Y 183 61.85 24.82 -5.40
CA ILE Y 183 61.16 25.85 -4.55
C ILE Y 183 59.77 25.48 -4.73
N VAL Y 184 59.00 25.58 -3.66
CA VAL Y 184 57.59 25.32 -3.60
C VAL Y 184 57.05 26.67 -3.11
N ASP Y 185 56.33 27.40 -3.93
CA ASP Y 185 55.94 28.78 -3.68
C ASP Y 185 54.58 29.01 -4.28
N LYS Y 186 54.13 30.31 -4.15
CA LYS Y 186 52.90 30.88 -4.59
C LYS Y 186 52.74 31.04 -6.08
N ASP Y 187 53.89 30.89 -6.81
CA ASP Y 187 54.02 31.13 -8.20
C ASP Y 187 54.09 29.75 -8.90
N GLY Y 188 54.14 28.61 -8.12
CA GLY Y 188 54.13 27.31 -8.73
C GLY Y 188 55.28 26.53 -8.21
N ILE Y 189 55.81 25.61 -9.00
CA ILE Y 189 57.07 24.90 -8.63
C ILE Y 189 58.08 25.11 -9.76
N ARG Y 190 59.31 25.42 -9.28
CA ARG Y 190 60.39 25.77 -10.20
C ARG Y 190 61.49 24.94 -9.58
N GLN Y 191 62.55 24.62 -10.35
CA GLN Y 191 63.75 23.96 -10.01
C GLN Y 191 64.86 24.97 -10.26
N VAL Y 192 65.74 25.12 -9.23
CA VAL Y 192 66.96 25.93 -9.07
C VAL Y 192 68.08 25.00 -8.94
N ASP Y 193 68.91 25.02 -10.00
CA ASP Y 193 70.22 24.35 -10.10
C ASP Y 193 71.18 24.59 -8.93
N ASP Y 194 72.02 23.57 -8.58
CA ASP Y 194 72.69 23.52 -7.30
C ASP Y 194 74.05 24.14 -7.52
N PHE Y 195 74.59 24.82 -6.46
CA PHE Y 195 75.90 25.49 -6.63
C PHE Y 195 76.79 24.72 -5.69
N THR Z 1 77.74 -13.27 -16.56
CA THR Z 1 76.51 -12.54 -17.11
C THR Z 1 76.94 -11.15 -17.10
N THR Z 2 76.71 -10.46 -18.23
CA THR Z 2 76.85 -9.04 -18.54
C THR Z 2 75.88 -8.64 -19.53
N THR Z 3 74.98 -7.66 -19.27
CA THR Z 3 74.09 -7.26 -20.30
C THR Z 3 74.22 -5.75 -20.26
N LEU Z 4 74.22 -5.06 -21.41
CA LEU Z 4 74.28 -3.64 -21.35
C LEU Z 4 73.55 -3.20 -22.55
N ALA Z 5 73.16 -1.94 -22.47
CA ALA Z 5 72.40 -1.33 -23.56
C ALA Z 5 72.77 0.03 -23.33
N PHE Z 6 72.92 0.81 -24.45
CA PHE Z 6 73.06 2.26 -24.47
C PHE Z 6 72.46 2.79 -25.71
N ARG Z 7 71.87 4.01 -25.57
CA ARG Z 7 71.32 4.86 -26.63
C ARG Z 7 72.44 5.75 -27.12
N PHE Z 8 72.28 6.08 -28.48
CA PHE Z 8 73.11 6.97 -29.23
C PHE Z 8 72.19 7.52 -30.24
N GLN Z 9 72.69 8.37 -31.17
CA GLN Z 9 71.84 9.06 -32.13
C GLN Z 9 71.19 8.10 -33.14
N GLY Z 10 71.78 6.97 -33.61
CA GLY Z 10 71.25 6.00 -34.49
C GLY Z 10 70.04 5.19 -33.94
N GLY Z 11 70.05 4.92 -32.55
CA GLY Z 11 69.07 3.97 -32.11
C GLY Z 11 69.63 3.57 -30.76
N ILE Z 12 69.44 2.33 -30.38
CA ILE Z 12 69.89 1.69 -29.10
C ILE Z 12 70.74 0.50 -29.55
N ILE Z 13 71.82 0.17 -28.88
CA ILE Z 13 72.52 -1.08 -29.10
C ILE Z 13 72.25 -1.92 -27.87
N VAL Z 14 71.85 -3.21 -28.12
CA VAL Z 14 71.81 -4.13 -27.03
C VAL Z 14 72.95 -5.08 -27.45
N ALA Z 15 73.67 -5.48 -26.35
CA ALA Z 15 74.69 -6.48 -26.41
C ALA Z 15 74.60 -7.32 -25.18
N VAL Z 16 74.64 -8.66 -25.38
CA VAL Z 16 74.52 -9.55 -24.20
C VAL Z 16 75.51 -10.68 -24.56
N ASP Z 17 75.75 -11.60 -23.62
CA ASP Z 17 76.75 -12.64 -23.66
C ASP Z 17 75.88 -13.96 -23.60
N SER Z 18 76.48 -15.09 -23.06
CA SER Z 18 75.77 -16.37 -23.20
C SER Z 18 76.26 -17.37 -22.18
N ARG Z 19 77.24 -17.02 -21.27
CA ARG Z 19 77.66 -17.88 -20.27
C ARG Z 19 76.72 -17.79 -19.12
N ALA Z 20 76.26 -19.02 -18.66
CA ALA Z 20 75.33 -19.09 -17.56
C ALA Z 20 75.87 -20.23 -16.79
N THR Z 21 76.25 -19.99 -15.52
CA THR Z 21 76.85 -20.93 -14.64
C THR Z 21 75.84 -21.61 -13.77
N ALA Z 22 76.23 -22.78 -13.10
CA ALA Z 22 75.37 -23.52 -12.25
C ALA Z 22 75.61 -23.00 -10.91
N GLY Z 23 76.91 -23.04 -10.47
CA GLY Z 23 77.23 -22.45 -9.20
C GLY Z 23 78.69 -22.45 -9.02
N ASN Z 24 79.45 -23.33 -9.82
CA ASN Z 24 80.93 -23.36 -9.77
C ASN Z 24 81.42 -23.77 -11.12
N TRP Z 25 80.46 -24.05 -12.04
CA TRP Z 25 80.85 -24.59 -13.42
C TRP Z 25 79.83 -24.11 -14.40
N VAL Z 26 80.11 -24.25 -15.71
CA VAL Z 26 79.25 -23.73 -16.77
C VAL Z 26 78.27 -24.79 -17.32
N ALA Z 27 77.01 -24.52 -17.12
CA ALA Z 27 75.90 -25.32 -17.50
C ALA Z 27 75.62 -25.22 -19.00
N SER Z 28 75.56 -23.95 -19.53
CA SER Z 28 75.40 -23.77 -20.92
C SER Z 28 76.15 -22.45 -21.38
N GLN Z 29 76.62 -22.50 -22.60
CA GLN Z 29 77.33 -21.37 -23.26
C GLN Z 29 76.42 -21.01 -24.40
N THR Z 30 75.21 -21.54 -24.48
CA THR Z 30 74.34 -21.40 -25.61
C THR Z 30 73.07 -20.72 -25.21
N VAL Z 31 73.10 -20.19 -23.96
CA VAL Z 31 72.02 -19.33 -23.50
C VAL Z 31 71.86 -18.10 -24.32
N LYS Z 32 70.55 -17.89 -24.75
CA LYS Z 32 70.10 -16.61 -25.34
C LYS Z 32 69.63 -15.75 -24.18
N LYS Z 33 70.30 -14.58 -23.98
CA LYS Z 33 70.08 -13.60 -22.90
C LYS Z 33 69.35 -12.37 -23.39
N VAL Z 34 68.80 -12.48 -24.65
CA VAL Z 34 67.87 -11.51 -25.16
C VAL Z 34 66.55 -12.15 -25.51
N ILE Z 35 65.49 -11.51 -24.91
CA ILE Z 35 64.17 -12.04 -25.16
C ILE Z 35 63.57 -11.11 -26.09
N GLU Z 36 63.08 -11.66 -27.23
CA GLU Z 36 62.31 -10.94 -28.21
C GLU Z 36 60.90 -10.96 -27.70
N ILE Z 37 60.49 -9.83 -27.03
CA ILE Z 37 59.26 -9.58 -26.32
C ILE Z 37 58.15 -9.55 -27.21
N ASN Z 38 58.31 -8.72 -28.30
CA ASN Z 38 57.46 -8.76 -29.43
C ASN Z 38 58.44 -8.34 -30.48
N PRO Z 39 58.16 -8.18 -31.77
CA PRO Z 39 59.14 -7.65 -32.69
C PRO Z 39 59.69 -6.27 -32.50
N PHE Z 40 59.10 -5.48 -31.54
CA PHE Z 40 59.48 -4.13 -31.35
C PHE Z 40 60.15 -3.75 -30.11
N LEU Z 41 60.24 -4.78 -29.26
CA LEU Z 41 60.77 -4.75 -27.97
C LEU Z 41 61.77 -5.87 -27.78
N LEU Z 42 62.88 -5.55 -27.10
CA LEU Z 42 63.87 -6.45 -26.57
C LEU Z 42 63.76 -6.23 -25.07
N GLY Z 43 64.18 -7.37 -24.48
CA GLY Z 43 64.45 -7.36 -23.12
C GLY Z 43 65.78 -8.05 -22.98
N THR Z 44 66.41 -7.83 -21.85
CA THR Z 44 67.71 -8.38 -21.60
C THR Z 44 67.49 -9.24 -20.39
N MET Z 45 68.32 -10.25 -20.11
CA MET Z 45 68.23 -11.21 -19.05
C MET Z 45 69.48 -11.22 -18.47
N ALA Z 46 69.58 -10.79 -17.19
CA ALA Z 46 70.68 -10.87 -16.25
C ALA Z 46 69.94 -11.18 -14.97
N GLY Z 47 70.70 -11.74 -13.99
CA GLY Z 47 70.12 -12.40 -12.88
C GLY Z 47 69.34 -13.65 -13.18
N GLY Z 48 68.55 -14.10 -12.17
CA GLY Z 48 67.87 -15.39 -12.21
C GLY Z 48 67.06 -15.69 -13.52
N ALA Z 49 67.57 -16.70 -14.29
CA ALA Z 49 67.01 -17.07 -15.61
C ALA Z 49 65.64 -17.49 -15.74
N ALA Z 50 65.15 -18.25 -14.75
CA ALA Z 50 63.83 -18.79 -14.84
C ALA Z 50 62.77 -17.70 -14.79
N ASP Z 51 62.92 -16.64 -13.91
CA ASP Z 51 61.82 -15.74 -13.69
C ASP Z 51 61.63 -14.83 -14.86
N CYS Z 52 62.77 -14.41 -15.47
CA CYS Z 52 62.78 -13.47 -16.54
C CYS Z 52 62.13 -14.01 -17.77
N GLN Z 53 62.51 -15.32 -18.18
CA GLN Z 53 62.01 -15.92 -19.38
C GLN Z 53 60.45 -15.86 -19.32
N PHE Z 54 59.84 -16.38 -18.18
CA PHE Z 54 58.46 -16.60 -17.94
C PHE Z 54 57.69 -15.27 -18.06
N TRP Z 55 58.10 -14.20 -17.35
CA TRP Z 55 57.24 -13.04 -17.17
C TRP Z 55 57.49 -11.91 -18.18
N GLU Z 56 58.59 -12.05 -18.96
CA GLU Z 56 58.77 -11.19 -20.11
C GLU Z 56 58.02 -11.68 -21.31
N THR Z 57 57.81 -13.05 -21.35
CA THR Z 57 56.81 -13.73 -22.23
C THR Z 57 55.42 -13.38 -21.81
N TRP Z 58 55.15 -13.31 -20.47
CA TRP Z 58 53.98 -12.73 -20.07
C TRP Z 58 53.80 -11.28 -20.39
N LEU Z 59 54.83 -10.48 -20.40
CA LEU Z 59 54.75 -9.06 -20.72
C LEU Z 59 54.40 -9.04 -22.17
N GLY Z 60 54.98 -9.87 -22.99
CA GLY Z 60 54.60 -9.92 -24.43
C GLY Z 60 53.17 -10.26 -24.62
N SER Z 61 52.55 -11.03 -23.67
CA SER Z 61 51.11 -11.31 -23.81
C SER Z 61 50.27 -10.06 -23.64
N GLN Z 62 50.51 -9.19 -22.60
CA GLN Z 62 49.87 -7.98 -22.39
C GLN Z 62 50.12 -6.96 -23.42
N CYS Z 63 51.36 -6.93 -23.97
CA CYS Z 63 51.76 -6.09 -25.09
C CYS Z 63 50.97 -6.39 -26.28
N ARG Z 64 50.89 -7.66 -26.71
CA ARG Z 64 50.06 -8.08 -27.88
C ARG Z 64 48.60 -7.82 -27.64
N LEU Z 65 48.13 -8.04 -26.42
CA LEU Z 65 46.74 -7.93 -26.01
C LEU Z 65 46.26 -6.51 -26.18
N HIS Z 66 47.18 -5.57 -25.76
CA HIS Z 66 47.01 -4.14 -25.85
C HIS Z 66 47.00 -3.60 -27.25
N GLU Z 67 47.95 -4.15 -28.08
CA GLU Z 67 48.06 -3.75 -29.50
C GLU Z 67 46.70 -4.11 -30.16
N LEU Z 68 46.02 -5.17 -29.72
CA LEU Z 68 44.73 -5.59 -30.26
C LEU Z 68 43.55 -4.80 -29.89
N ARG Z 69 43.45 -4.43 -28.57
CA ARG Z 69 42.37 -3.64 -27.98
C ARG Z 69 42.36 -2.28 -28.51
N GLU Z 70 43.50 -1.61 -28.77
CA GLU Z 70 43.54 -0.22 -29.07
C GLU Z 70 43.80 0.08 -30.55
N LYS Z 71 44.34 -0.92 -31.30
CA LYS Z 71 44.88 -0.71 -32.63
C LYS Z 71 46.04 0.26 -32.73
N GLU Z 72 46.83 0.32 -31.64
CA GLU Z 72 48.01 1.18 -31.48
C GLU Z 72 49.18 0.31 -31.21
N ARG Z 73 50.36 0.86 -31.50
CA ARG Z 73 51.75 0.42 -31.07
C ARG Z 73 51.90 0.70 -29.52
N ILE Z 74 52.43 -0.35 -28.68
CA ILE Z 74 52.60 -0.19 -27.31
C ILE Z 74 53.87 0.66 -27.09
N SER Z 75 53.71 1.69 -26.15
CA SER Z 75 54.81 2.55 -25.80
C SER Z 75 55.84 1.75 -25.02
N VAL Z 76 57.12 2.21 -24.96
CA VAL Z 76 58.19 1.46 -24.26
C VAL Z 76 57.95 1.66 -22.81
N ALA Z 77 57.62 2.92 -22.37
CA ALA Z 77 57.28 3.31 -21.05
C ALA Z 77 56.08 2.62 -20.59
N ALA Z 78 55.05 2.38 -21.44
CA ALA Z 78 53.75 1.74 -21.15
C ALA Z 78 53.98 0.26 -20.80
N ALA Z 79 54.74 -0.49 -21.66
CA ALA Z 79 55.00 -1.92 -21.39
C ALA Z 79 55.85 -2.14 -20.08
N SER Z 80 56.78 -1.23 -19.79
CA SER Z 80 57.74 -1.44 -18.72
C SER Z 80 57.09 -1.44 -17.38
N LYS Z 81 56.04 -0.62 -17.15
CA LYS Z 81 55.51 -0.41 -15.82
C LYS Z 81 54.43 -1.50 -15.41
N ILE Z 82 53.90 -2.17 -16.45
CA ILE Z 82 53.18 -3.36 -16.22
C ILE Z 82 54.08 -4.43 -15.63
N LEU Z 83 55.28 -4.55 -16.20
CA LEU Z 83 56.26 -5.47 -15.63
C LEU Z 83 56.84 -5.11 -14.23
N SER Z 84 57.02 -3.81 -13.95
CA SER Z 84 57.61 -3.29 -12.69
C SER Z 84 56.54 -3.55 -11.59
N ASN Z 85 55.19 -3.31 -11.85
CA ASN Z 85 54.13 -3.51 -10.98
C ASN Z 85 53.94 -4.96 -10.63
N LEU Z 86 54.09 -5.89 -11.62
CA LEU Z 86 53.96 -7.32 -11.50
C LEU Z 86 54.92 -7.96 -10.44
N VAL Z 87 56.21 -7.76 -10.62
CA VAL Z 87 57.29 -8.27 -9.82
C VAL Z 87 57.26 -7.72 -8.44
N TYR Z 88 56.78 -6.48 -8.25
CA TYR Z 88 56.65 -5.82 -7.00
C TYR Z 88 55.75 -6.52 -6.07
N GLN Z 89 54.65 -7.11 -6.62
CA GLN Z 89 53.62 -7.78 -5.86
C GLN Z 89 54.21 -9.01 -5.17
N TYR Z 90 55.10 -9.72 -5.85
CA TYR Z 90 55.60 -10.99 -5.46
C TYR Z 90 56.88 -10.84 -4.76
N LYS Z 91 57.27 -9.64 -4.34
CA LYS Z 91 58.62 -9.30 -3.90
C LYS Z 91 58.94 -10.12 -2.65
N GLY Z 92 60.19 -10.68 -2.57
CA GLY Z 92 60.66 -11.38 -1.44
C GLY Z 92 60.11 -12.79 -1.55
N ALA Z 93 59.60 -13.28 -2.72
CA ALA Z 93 59.28 -14.75 -2.81
C ALA Z 93 60.38 -15.36 -3.53
N GLY Z 94 61.47 -14.67 -3.95
CA GLY Z 94 62.74 -15.15 -4.54
C GLY Z 94 62.69 -14.94 -6.03
N LEU Z 95 62.19 -13.72 -6.44
CA LEU Z 95 62.23 -13.20 -7.79
C LEU Z 95 63.54 -12.51 -7.86
N SER Z 96 64.23 -12.57 -9.03
CA SER Z 96 65.46 -11.82 -9.31
C SER Z 96 65.45 -11.51 -10.81
N MET Z 97 65.47 -10.18 -11.17
CA MET Z 97 65.12 -9.72 -12.51
C MET Z 97 66.13 -8.66 -12.79
N GLY Z 98 66.44 -8.46 -14.06
CA GLY Z 98 67.53 -7.54 -14.50
C GLY Z 98 67.30 -7.47 -15.97
N THR Z 99 66.59 -6.41 -16.43
CA THR Z 99 66.13 -6.40 -17.78
C THR Z 99 66.01 -4.98 -18.14
N MET Z 100 66.18 -4.68 -19.39
CA MET Z 100 66.19 -3.36 -20.00
C MET Z 100 65.16 -3.46 -21.12
N ILE Z 101 64.24 -2.45 -21.14
CA ILE Z 101 63.15 -2.40 -22.03
C ILE Z 101 63.60 -1.48 -23.15
N CYS Z 102 63.79 -1.99 -24.42
CA CYS Z 102 64.31 -1.19 -25.42
C CYS Z 102 63.29 -1.21 -26.50
N GLY Z 103 62.98 0.04 -26.94
CA GLY Z 103 62.03 0.24 -27.99
C GLY Z 103 62.28 1.72 -28.36
N TYR Z 104 62.05 2.00 -29.68
CA TYR Z 104 62.32 3.27 -30.25
C TYR Z 104 61.03 3.39 -31.04
N THR Z 105 60.13 4.18 -30.41
CA THR Z 105 58.76 4.48 -30.84
C THR Z 105 58.74 5.79 -31.41
N ARG Z 106 57.59 6.12 -32.12
CA ARG Z 106 57.33 7.40 -32.69
C ARG Z 106 56.58 8.24 -31.65
N LYS Z 107 56.28 7.57 -30.51
CA LYS Z 107 55.49 8.13 -29.46
C LYS Z 107 56.39 8.60 -28.28
N GLU Z 108 57.73 8.40 -28.30
CA GLU Z 108 58.56 8.70 -27.20
C GLU Z 108 59.97 8.77 -27.56
N GLY Z 109 60.30 8.55 -28.83
CA GLY Z 109 61.63 8.46 -29.21
C GLY Z 109 62.21 7.12 -28.84
N PRO Z 110 63.57 6.88 -28.95
CA PRO Z 110 64.39 5.71 -28.39
C PRO Z 110 64.27 5.95 -26.87
N THR Z 111 64.03 4.84 -26.07
CA THR Z 111 63.86 4.91 -24.62
C THR Z 111 64.42 3.61 -24.08
N ILE Z 112 65.10 3.77 -22.88
CA ILE Z 112 65.55 2.58 -22.21
C ILE Z 112 65.08 2.74 -20.77
N TYR Z 113 64.34 1.74 -20.15
CA TYR Z 113 64.08 1.66 -18.72
C TYR Z 113 64.73 0.36 -18.29
N TYR Z 114 65.60 0.43 -17.30
CA TYR Z 114 66.05 -0.61 -16.44
C TYR Z 114 64.92 -0.88 -15.53
N VAL Z 115 64.61 -2.23 -15.43
CA VAL Z 115 63.50 -2.78 -14.63
C VAL Z 115 64.11 -3.70 -13.61
N ASP Z 116 63.77 -3.68 -12.25
CA ASP Z 116 64.37 -4.51 -11.27
C ASP Z 116 63.19 -5.24 -10.60
N SER Z 117 63.50 -6.38 -9.94
CA SER Z 117 62.61 -7.21 -9.23
C SER Z 117 61.91 -6.52 -8.14
N ASP Z 118 62.59 -5.46 -7.49
CA ASP Z 118 62.14 -4.70 -6.36
C ASP Z 118 61.09 -3.60 -6.80
N GLY Z 119 60.63 -3.61 -8.04
CA GLY Z 119 59.65 -2.63 -8.64
C GLY Z 119 60.41 -1.35 -8.98
N THR Z 120 61.81 -1.34 -8.91
CA THR Z 120 62.62 -0.24 -9.32
C THR Z 120 62.53 0.04 -10.83
N ARG Z 121 62.04 1.23 -11.31
CA ARG Z 121 62.04 1.51 -12.76
C ARG Z 121 62.70 2.81 -13.05
N LEU Z 122 63.81 2.76 -13.79
CA LEU Z 122 64.68 3.87 -13.88
C LEU Z 122 64.90 4.06 -15.36
N LYS Z 123 64.54 5.26 -15.81
CA LYS Z 123 64.87 5.75 -17.11
C LYS Z 123 66.28 6.11 -17.08
N GLY Z 124 67.04 5.87 -18.17
CA GLY Z 124 68.47 6.25 -18.31
C GLY Z 124 68.73 6.24 -19.78
N ASP Z 125 70.06 6.33 -20.16
CA ASP Z 125 70.57 6.43 -21.50
C ASP Z 125 71.65 5.37 -21.55
N ILE Z 126 72.25 4.97 -20.42
CA ILE Z 126 73.25 3.92 -20.24
C ILE Z 126 72.84 3.14 -19.05
N PHE Z 127 72.91 1.81 -19.20
CA PHE Z 127 72.54 0.87 -18.10
C PHE Z 127 73.42 -0.31 -18.44
N CYS Z 128 74.00 -0.89 -17.33
CA CYS Z 128 74.72 -2.11 -17.41
C CYS Z 128 74.53 -2.81 -16.15
N VAL Z 129 74.07 -4.13 -16.20
CA VAL Z 129 73.97 -4.91 -14.98
C VAL Z 129 74.42 -6.25 -15.25
N GLY Z 130 74.63 -7.09 -14.20
CA GLY Z 130 75.14 -8.41 -14.27
C GLY Z 130 76.16 -8.53 -13.22
N SER Z 131 77.10 -9.52 -13.40
CA SER Z 131 78.16 -9.84 -12.48
C SER Z 131 79.46 -9.15 -12.87
N GLY Z 132 79.64 -9.02 -14.24
CA GLY Z 132 80.76 -8.50 -15.01
C GLY Z 132 80.48 -7.11 -15.47
N GLN Z 133 79.52 -6.50 -14.77
CA GLN Z 133 79.05 -5.21 -15.16
C GLN Z 133 80.10 -4.03 -15.05
N THR Z 134 80.99 -4.06 -14.11
CA THR Z 134 81.95 -3.08 -13.66
C THR Z 134 83.09 -2.98 -14.73
N PHE Z 135 83.50 -4.20 -15.22
CA PHE Z 135 84.53 -4.38 -16.22
C PHE Z 135 84.08 -3.82 -17.55
N ALA Z 136 82.86 -4.14 -17.94
CA ALA Z 136 82.25 -3.63 -19.13
C ALA Z 136 81.97 -2.14 -19.07
N TYR Z 137 81.58 -1.62 -17.89
CA TYR Z 137 81.12 -0.26 -17.62
C TYR Z 137 82.31 0.67 -18.00
N GLY Z 138 83.56 0.25 -17.62
CA GLY Z 138 84.86 0.93 -17.73
C GLY Z 138 85.07 1.21 -19.18
N VAL Z 139 85.01 0.20 -20.05
CA VAL Z 139 85.26 0.38 -21.50
C VAL Z 139 84.21 1.22 -22.22
N LEU Z 140 82.94 1.04 -21.84
CA LEU Z 140 81.76 1.72 -22.40
C LEU Z 140 81.75 3.18 -22.11
N ASP Z 141 82.05 3.63 -20.84
CA ASP Z 141 82.02 5.02 -20.42
C ASP Z 141 82.92 5.91 -21.17
N SER Z 142 84.14 5.49 -21.47
CA SER Z 142 85.24 6.33 -21.85
C SER Z 142 85.11 6.45 -23.36
N ASN Z 143 84.36 5.54 -24.00
CA ASN Z 143 84.06 5.57 -25.39
C ASN Z 143 82.58 5.90 -25.69
N TYR Z 144 81.84 6.28 -24.57
CA TYR Z 144 80.46 6.81 -24.63
C TYR Z 144 80.37 8.04 -25.50
N LYS Z 145 79.61 7.96 -26.60
CA LYS Z 145 79.34 9.08 -27.41
C LYS Z 145 77.91 9.01 -27.84
N TRP Z 146 77.30 10.21 -27.94
CA TRP Z 146 76.02 10.34 -28.52
C TRP Z 146 76.05 10.29 -30.05
N ASP Z 147 77.00 10.98 -30.68
CA ASP Z 147 77.25 10.90 -32.07
C ASP Z 147 78.37 9.94 -32.14
N LEU Z 148 77.97 8.66 -32.46
CA LEU Z 148 78.86 7.50 -32.48
C LEU Z 148 78.43 6.88 -33.85
N SER Z 149 79.37 6.07 -34.40
CA SER Z 149 79.20 5.27 -35.60
C SER Z 149 78.38 4.06 -35.21
N VAL Z 150 77.53 3.67 -36.19
CA VAL Z 150 76.58 2.60 -36.01
C VAL Z 150 77.38 1.29 -35.97
N GLU Z 151 78.40 1.22 -36.87
CA GLU Z 151 79.43 0.27 -37.09
C GLU Z 151 80.27 0.16 -35.80
N ASP Z 152 80.59 1.36 -35.17
CA ASP Z 152 81.46 1.29 -34.07
C ASP Z 152 80.59 0.94 -32.89
N ALA Z 153 79.31 1.15 -32.85
CA ALA Z 153 78.44 0.90 -31.77
C ALA Z 153 78.21 -0.56 -31.61
N LEU Z 154 78.03 -1.33 -32.75
CA LEU Z 154 78.05 -2.76 -32.78
C LEU Z 154 79.35 -3.29 -32.24
N TYR Z 155 80.50 -2.73 -32.57
CA TYR Z 155 81.83 -3.13 -32.17
C TYR Z 155 82.08 -2.84 -30.71
N LEU Z 156 81.41 -1.83 -30.08
CA LEU Z 156 81.59 -1.39 -28.74
C LEU Z 156 81.02 -2.50 -27.88
N GLY Z 157 79.84 -3.11 -28.32
CA GLY Z 157 79.31 -4.13 -27.54
C GLY Z 157 80.18 -5.38 -27.51
N LYS Z 158 81.15 -5.56 -28.49
CA LYS Z 158 82.11 -6.59 -28.66
C LYS Z 158 83.28 -6.35 -27.75
N ARG Z 159 83.69 -5.07 -27.65
CA ARG Z 159 84.89 -4.72 -26.92
C ARG Z 159 84.73 -4.82 -25.41
N SER Z 160 83.59 -4.28 -24.94
CA SER Z 160 83.20 -4.24 -23.51
C SER Z 160 83.01 -5.62 -23.00
N ILE Z 161 82.32 -6.43 -23.84
CA ILE Z 161 82.03 -7.83 -23.56
C ILE Z 161 83.26 -8.66 -23.48
N LEU Z 162 84.30 -8.39 -24.33
CA LEU Z 162 85.46 -9.22 -24.46
C LEU Z 162 86.31 -9.06 -23.18
N ALA Z 163 86.32 -7.81 -22.65
CA ALA Z 163 87.06 -7.49 -21.41
C ALA Z 163 86.29 -8.08 -20.24
N ALA Z 164 84.98 -8.08 -20.13
CA ALA Z 164 84.19 -8.54 -19.03
C ALA Z 164 84.31 -10.03 -18.80
N ALA Z 165 84.34 -10.74 -19.97
CA ALA Z 165 84.56 -12.20 -20.05
C ALA Z 165 85.80 -12.67 -19.44
N HIS Z 166 86.90 -11.87 -19.54
CA HIS Z 166 88.22 -12.26 -19.08
C HIS Z 166 88.27 -12.28 -17.58
N ARG Z 167 87.83 -11.22 -16.93
CA ARG Z 167 87.95 -11.04 -15.52
C ARG Z 167 86.91 -11.82 -14.78
N ASP Z 168 85.68 -11.72 -15.26
CA ASP Z 168 84.50 -12.29 -14.66
C ASP Z 168 84.42 -13.72 -14.97
N ALA Z 169 84.21 -14.44 -13.80
CA ALA Z 169 84.16 -15.89 -13.82
C ALA Z 169 82.91 -16.41 -14.48
N TYR Z 170 81.84 -15.52 -14.53
CA TYR Z 170 80.54 -15.97 -14.87
C TYR Z 170 80.14 -15.51 -16.19
N SER Z 171 81.01 -14.71 -16.81
CA SER Z 171 80.90 -14.10 -18.12
C SER Z 171 81.79 -14.73 -19.10
N GLY Z 172 81.27 -14.85 -20.30
CA GLY Z 172 82.01 -15.29 -21.45
C GLY Z 172 80.88 -15.85 -22.35
N GLY Z 173 81.22 -16.89 -23.19
CA GLY Z 173 80.25 -17.58 -24.05
C GLY Z 173 80.40 -16.96 -25.40
N SER Z 174 79.43 -16.16 -25.85
CA SER Z 174 79.45 -15.58 -27.11
C SER Z 174 78.74 -14.32 -27.07
N VAL Z 175 78.96 -13.39 -27.91
CA VAL Z 175 78.31 -12.05 -27.92
C VAL Z 175 77.18 -11.92 -28.95
N ASN Z 176 75.96 -11.41 -28.58
CA ASN Z 176 74.89 -11.22 -29.50
C ASN Z 176 74.68 -9.76 -29.60
N LEU Z 177 74.58 -9.27 -30.85
CA LEU Z 177 74.52 -7.90 -31.10
C LEU Z 177 73.32 -7.71 -31.92
N TYR Z 178 72.67 -6.48 -31.71
CA TYR Z 178 71.34 -6.24 -32.18
C TYR Z 178 71.38 -4.74 -32.31
N HIS Z 179 70.66 -4.24 -33.28
CA HIS Z 179 70.48 -2.79 -33.28
C HIS Z 179 68.97 -2.57 -33.26
N VAL Z 180 68.48 -1.64 -32.39
CA VAL Z 180 67.07 -1.36 -32.28
C VAL Z 180 66.91 0.03 -32.92
N THR Z 181 66.34 -0.01 -34.11
CA THR Z 181 65.93 1.11 -34.94
C THR Z 181 64.51 1.40 -34.62
N GLU Z 182 63.93 2.45 -35.27
CA GLU Z 182 62.63 3.00 -34.87
C GLU Z 182 61.53 2.02 -35.32
N ASP Z 183 61.83 1.05 -36.26
CA ASP Z 183 60.91 0.12 -36.82
C ASP Z 183 60.97 -1.24 -36.15
N GLY Z 184 61.82 -1.47 -35.11
CA GLY Z 184 61.86 -2.76 -34.56
C GLY Z 184 63.33 -2.93 -34.20
N TRP Z 185 63.63 -4.15 -33.69
CA TRP Z 185 64.99 -4.73 -33.57
C TRP Z 185 65.47 -5.53 -34.82
N ILE Z 186 66.81 -5.48 -35.02
CA ILE Z 186 67.46 -6.09 -36.15
C ILE Z 186 68.66 -6.85 -35.58
N TYR Z 187 68.84 -8.18 -36.05
CA TYR Z 187 69.78 -9.14 -35.45
C TYR Z 187 71.10 -8.92 -36.28
N HIS Z 188 72.32 -8.85 -35.71
CA HIS Z 188 73.62 -8.66 -36.27
C HIS Z 188 74.46 -9.81 -35.93
N GLY Z 189 73.88 -10.96 -35.62
CA GLY Z 189 74.59 -12.25 -35.55
C GLY Z 189 75.22 -12.62 -34.22
N ASN Z 190 75.73 -13.83 -34.06
CA ASN Z 190 76.46 -14.26 -32.87
C ASN Z 190 77.84 -14.55 -33.25
N HIS Z 191 78.76 -14.05 -32.42
CA HIS Z 191 80.19 -14.16 -32.67
C HIS Z 191 80.80 -14.52 -31.37
N ASP Z 192 81.61 -15.55 -31.38
CA ASP Z 192 82.27 -16.14 -30.19
C ASP Z 192 83.30 -15.14 -29.69
N VAL Z 193 83.37 -15.11 -28.35
CA VAL Z 193 84.36 -14.40 -27.61
C VAL Z 193 85.82 -14.82 -27.78
N GLY Z 194 86.02 -16.13 -27.83
CA GLY Z 194 87.38 -16.61 -27.81
C GLY Z 194 88.21 -16.30 -29.03
N GLU Z 195 87.66 -16.44 -30.21
CA GLU Z 195 88.15 -16.23 -31.54
C GLU Z 195 88.36 -14.79 -31.73
N LEU Z 196 87.43 -14.01 -31.20
CA LEU Z 196 87.47 -12.57 -31.26
C LEU Z 196 88.69 -11.93 -30.66
N PHE Z 197 89.23 -12.47 -29.48
CA PHE Z 197 90.33 -11.95 -28.72
C PHE Z 197 91.54 -11.58 -29.53
N TRP Z 198 91.95 -12.40 -30.46
CA TRP Z 198 93.13 -12.34 -31.29
C TRP Z 198 92.98 -11.20 -32.31
N LYS Z 199 91.74 -11.00 -32.81
CA LYS Z 199 91.53 -9.97 -33.78
C LYS Z 199 91.73 -8.54 -33.18
N VAL Z 200 91.11 -8.34 -31.98
CA VAL Z 200 91.06 -7.08 -31.36
C VAL Z 200 92.36 -6.67 -30.71
N LYS Z 201 93.05 -7.74 -30.31
CA LYS Z 201 94.35 -7.64 -29.72
C LYS Z 201 95.40 -7.16 -30.75
N GLU Z 202 95.22 -7.65 -31.99
CA GLU Z 202 96.02 -7.08 -33.14
C GLU Z 202 95.56 -5.67 -33.51
N GLU Z 203 94.24 -5.46 -33.67
CA GLU Z 203 93.64 -4.30 -34.29
C GLU Z 203 93.70 -2.97 -33.49
N GLU Z 204 93.51 -3.01 -32.17
CA GLU Z 204 93.44 -1.89 -31.27
C GLU Z 204 94.80 -1.79 -30.58
N GLY Z 205 95.68 -2.81 -30.61
CA GLY Z 205 97.04 -2.85 -30.00
C GLY Z 205 96.96 -2.77 -28.57
N SER Z 206 96.10 -3.59 -27.94
CA SER Z 206 95.97 -3.61 -26.49
C SER Z 206 95.77 -5.05 -26.19
N PHE Z 207 95.81 -5.34 -24.85
CA PHE Z 207 95.53 -6.54 -24.19
C PHE Z 207 96.75 -7.42 -24.52
N ASN Z 208 97.95 -6.81 -24.29
CA ASN Z 208 99.18 -7.62 -24.48
C ASN Z 208 99.73 -8.06 -23.20
N ASN Z 209 99.10 -7.59 -22.05
CA ASN Z 209 99.45 -8.01 -20.74
C ASN Z 209 98.70 -9.33 -20.57
N VAL Z 210 97.58 -9.39 -21.33
CA VAL Z 210 96.74 -10.51 -21.35
C VAL Z 210 97.24 -11.39 -22.47
N ILE Z 211 97.29 -12.72 -22.25
CA ILE Z 211 97.82 -13.72 -23.15
C ILE Z 211 97.83 -15.08 -22.42
N GLY Z 212 97.53 -16.18 -23.19
CA GLY Z 212 97.38 -17.48 -22.60
C GLY Z 212 97.23 -18.58 -23.63
N GLN AA 1 63.41 -31.42 10.40
CA GLN AA 1 62.01 -31.41 9.83
C GLN AA 1 61.87 -32.19 8.64
N PHE AA 2 60.63 -32.33 8.13
CA PHE AA 2 60.36 -33.00 6.93
C PHE AA 2 60.91 -32.20 5.82
N ASN AA 3 61.91 -32.73 5.16
CA ASN AA 3 62.49 -32.21 3.90
C ASN AA 3 61.77 -33.06 2.91
N PRO AA 4 60.85 -32.50 2.02
CA PRO AA 4 59.99 -33.29 1.13
C PRO AA 4 60.77 -33.73 -0.14
N TYR AA 5 62.04 -33.30 -0.23
CA TYR AA 5 62.80 -33.59 -1.37
C TYR AA 5 64.00 -34.41 -0.97
N GLY AA 6 63.94 -35.67 -1.40
CA GLY AA 6 65.01 -36.65 -1.31
C GLY AA 6 65.81 -36.52 -2.55
N ASP AA 7 66.48 -37.60 -2.95
CA ASP AA 7 67.33 -37.63 -4.14
C ASP AA 7 67.37 -39.08 -4.58
N ASN AA 8 67.49 -39.33 -5.88
CA ASN AA 8 67.50 -40.65 -6.42
C ASN AA 8 68.42 -40.67 -7.62
N GLY AA 9 69.38 -39.72 -7.75
CA GLY AA 9 70.53 -39.75 -8.66
C GLY AA 9 70.12 -39.92 -10.13
N GLY AA 10 70.76 -40.84 -10.92
CA GLY AA 10 70.57 -41.09 -12.34
C GLY AA 10 71.20 -40.08 -13.21
N THR AA 11 71.42 -40.41 -14.51
CA THR AA 11 72.02 -39.58 -15.48
C THR AA 11 71.28 -39.99 -16.75
N ILE AA 12 70.85 -38.97 -17.59
CA ILE AA 12 70.15 -39.01 -18.83
C ILE AA 12 70.98 -38.16 -19.66
N LEU AA 13 70.83 -38.37 -21.02
CA LEU AA 13 71.61 -37.64 -21.94
C LEU AA 13 70.73 -37.52 -23.14
N GLY AA 14 70.73 -36.23 -23.73
CA GLY AA 14 69.98 -35.98 -24.98
C GLY AA 14 70.92 -35.60 -26.06
N ILE AA 15 70.69 -36.17 -27.31
CA ILE AA 15 71.46 -35.76 -28.52
C ILE AA 15 70.49 -35.49 -29.57
N ALA AA 16 70.62 -34.27 -30.12
CA ALA AA 16 69.81 -33.94 -31.29
C ALA AA 16 70.68 -34.22 -32.49
N GLY AA 17 70.16 -35.06 -33.41
CA GLY AA 17 70.70 -35.37 -34.69
C GLY AA 17 70.16 -34.28 -35.57
N GLU AA 18 69.75 -34.69 -36.77
CA GLU AA 18 69.25 -33.74 -37.78
C GLU AA 18 68.20 -34.51 -38.58
N ASP AA 19 67.71 -35.68 -38.10
CA ASP AA 19 66.55 -36.29 -38.66
C ASP AA 19 66.14 -37.33 -37.56
N PHE AA 20 66.93 -37.39 -36.47
CA PHE AA 20 66.65 -38.36 -35.39
C PHE AA 20 66.99 -37.77 -34.05
N ALA AA 21 66.52 -38.33 -32.98
CA ALA AA 21 66.86 -37.76 -31.72
C ALA AA 21 66.90 -38.91 -30.70
N VAL AA 22 67.86 -38.94 -29.81
CA VAL AA 22 67.89 -40.02 -28.84
C VAL AA 22 67.73 -39.41 -27.50
N LEU AA 23 67.08 -40.18 -26.54
CA LEU AA 23 67.03 -39.80 -25.18
C LEU AA 23 67.41 -41.12 -24.61
N ALA AA 24 68.42 -41.04 -23.81
CA ALA AA 24 69.05 -42.16 -23.21
C ALA AA 24 69.18 -41.92 -21.83
N GLY AA 25 69.27 -43.10 -21.11
CA GLY AA 25 69.56 -42.91 -19.74
C GLY AA 25 69.62 -44.18 -18.97
N ASP AA 26 70.41 -44.19 -17.90
CA ASP AA 26 70.69 -45.37 -17.08
C ASP AA 26 69.53 -45.77 -16.30
N THR AA 27 69.37 -47.08 -15.97
CA THR AA 27 68.31 -47.72 -15.29
C THR AA 27 68.59 -47.87 -13.75
N ARG AA 28 69.73 -47.49 -13.24
CA ARG AA 28 70.13 -47.64 -11.84
C ARG AA 28 69.41 -46.49 -11.12
N ASN AA 29 68.70 -46.98 -10.01
CA ASN AA 29 67.99 -46.15 -9.20
C ASN AA 29 68.46 -46.51 -7.82
N ILE AA 30 68.72 -45.47 -6.99
CA ILE AA 30 69.32 -45.52 -5.71
C ILE AA 30 68.52 -44.86 -4.69
N THR AA 31 68.75 -45.32 -3.38
CA THR AA 31 68.38 -44.47 -2.35
C THR AA 31 69.54 -44.71 -1.40
N ASP AA 32 70.39 -43.70 -1.12
CA ASP AA 32 71.67 -43.82 -0.36
C ASP AA 32 72.50 -44.79 -1.17
N TYR AA 33 73.15 -45.76 -0.44
CA TYR AA 33 74.24 -46.65 -1.00
C TYR AA 33 73.66 -48.03 -1.21
N SER AA 34 72.35 -48.08 -1.45
CA SER AA 34 71.68 -49.18 -1.95
C SER AA 34 71.30 -48.86 -3.40
N ILE AA 35 71.36 -49.92 -4.29
CA ILE AA 35 70.73 -50.00 -5.57
C ILE AA 35 69.41 -50.66 -5.33
N ASN AA 36 68.34 -49.93 -5.63
CA ASN AA 36 66.94 -50.27 -5.39
C ASN AA 36 66.42 -51.38 -6.38
N SER AA 37 66.70 -51.10 -7.75
CA SER AA 37 66.06 -51.76 -8.89
C SER AA 37 67.10 -51.90 -9.81
N ARG AA 38 67.07 -53.06 -10.49
CA ARG AA 38 68.06 -53.31 -11.51
C ARG AA 38 67.63 -52.75 -12.90
N TYR AA 39 66.37 -52.42 -12.96
CA TYR AA 39 65.79 -51.93 -14.23
C TYR AA 39 64.72 -50.93 -13.69
N GLU AA 40 64.82 -49.67 -14.17
CA GLU AA 40 63.93 -48.59 -13.81
C GLU AA 40 63.83 -47.76 -15.05
N PRO AA 41 62.78 -47.69 -15.90
CA PRO AA 41 62.57 -46.71 -16.91
C PRO AA 41 62.71 -45.27 -16.44
N LYS AA 42 63.03 -44.39 -17.42
CA LYS AA 42 63.38 -43.07 -17.10
C LYS AA 42 62.96 -42.19 -18.20
N VAL AA 43 62.95 -42.69 -19.42
CA VAL AA 43 62.53 -41.89 -20.57
C VAL AA 43 61.23 -42.55 -20.89
N PHE AA 44 60.12 -41.74 -20.87
CA PHE AA 44 58.84 -42.24 -21.07
C PHE AA 44 58.25 -41.64 -22.31
N ASP AA 45 57.74 -42.45 -23.31
CA ASP AA 45 56.96 -41.93 -24.44
C ASP AA 45 55.73 -41.28 -23.95
N CYS AA 46 55.39 -40.25 -24.67
CA CYS AA 46 54.23 -39.43 -24.40
C CYS AA 46 53.50 -39.19 -25.71
N GLY AA 47 54.07 -39.67 -26.85
CA GLY AA 47 53.42 -39.55 -28.18
C GLY AA 47 53.55 -38.23 -28.84
N ASP AA 48 53.10 -38.11 -30.08
CA ASP AA 48 53.30 -36.92 -30.92
C ASP AA 48 54.79 -36.83 -31.29
N ASN AA 49 55.59 -37.89 -31.04
CA ASN AA 49 56.99 -37.85 -31.35
C ASN AA 49 57.67 -37.10 -30.27
N ILE AA 50 57.15 -37.26 -28.99
CA ILE AA 50 57.78 -36.61 -27.83
C ILE AA 50 58.16 -37.73 -26.84
N VAL AA 51 59.42 -37.81 -26.35
CA VAL AA 51 59.75 -38.65 -25.21
C VAL AA 51 60.18 -37.54 -24.22
N MET AA 52 59.89 -37.78 -22.88
CA MET AA 52 60.14 -36.81 -21.84
C MET AA 52 60.87 -37.53 -20.76
N SER AA 53 61.82 -36.89 -20.12
CA SER AA 53 62.46 -37.50 -19.02
C SER AA 53 62.72 -36.40 -18.09
N ALA AA 54 62.45 -36.63 -16.79
CA ALA AA 54 62.62 -35.60 -15.82
C ALA AA 54 63.28 -36.30 -14.64
N ASN AA 55 64.65 -36.15 -14.43
CA ASN AA 55 65.50 -37.02 -13.62
C ASN AA 55 66.20 -36.22 -12.59
N GLY AA 56 66.30 -36.81 -11.34
CA GLY AA 56 66.93 -36.22 -10.25
C GLY AA 56 66.38 -36.94 -9.07
N PHE AA 57 65.42 -36.28 -8.42
CA PHE AA 57 64.59 -37.00 -7.44
C PHE AA 57 63.38 -37.51 -8.16
N ALA AA 58 63.19 -38.84 -8.04
CA ALA AA 58 62.30 -39.61 -8.86
C ALA AA 58 60.83 -39.32 -8.52
N ALA AA 59 60.45 -39.05 -7.26
CA ALA AA 59 59.04 -38.75 -7.06
C ALA AA 59 58.58 -37.55 -7.78
N ASP AA 60 59.34 -36.45 -7.75
CA ASP AA 60 58.98 -35.11 -8.24
C ASP AA 60 58.82 -35.25 -9.76
N GLY AA 61 59.63 -36.09 -10.34
CA GLY AA 61 59.77 -36.31 -11.69
C GLY AA 61 58.65 -37.11 -12.29
N ASP AA 62 58.15 -38.15 -11.62
CA ASP AA 62 57.05 -38.99 -12.15
C ASP AA 62 55.81 -38.18 -12.21
N ALA AA 63 55.73 -37.32 -11.16
CA ALA AA 63 54.66 -36.46 -11.04
C ALA AA 63 54.66 -35.46 -12.13
N LEU AA 64 55.88 -34.94 -12.55
CA LEU AA 64 56.02 -33.91 -13.61
C LEU AA 64 55.60 -34.49 -14.99
N VAL AA 65 56.17 -35.67 -15.22
CA VAL AA 65 55.98 -36.45 -16.43
C VAL AA 65 54.52 -36.79 -16.56
N LYS AA 66 53.86 -37.25 -15.51
CA LYS AA 66 52.41 -37.61 -15.46
C LYS AA 66 51.50 -36.48 -15.72
N ARG AA 67 51.83 -35.26 -15.23
CA ARG AA 67 50.96 -34.15 -15.39
C ARG AA 67 51.01 -33.72 -16.86
N PHE AA 68 52.20 -33.82 -17.46
CA PHE AA 68 52.35 -33.59 -18.89
C PHE AA 68 51.62 -34.54 -19.83
N LYS AA 69 51.54 -35.91 -19.49
CA LYS AA 69 50.80 -36.99 -20.16
C LYS AA 69 49.32 -36.66 -20.07
N ASN AA 70 48.80 -36.06 -19.01
CA ASN AA 70 47.41 -35.55 -19.01
C ASN AA 70 47.24 -34.42 -19.93
N SER AA 71 48.27 -33.50 -20.07
CA SER AA 71 48.26 -32.45 -20.89
C SER AA 71 48.20 -32.78 -22.40
N VAL AA 72 48.71 -33.95 -22.85
CA VAL AA 72 48.60 -34.46 -24.19
C VAL AA 72 47.18 -34.83 -24.44
N LYS AA 73 46.52 -35.49 -23.48
CA LYS AA 73 45.18 -36.02 -23.65
C LYS AA 73 44.22 -34.88 -23.91
N TRP AA 74 44.29 -33.79 -23.10
CA TRP AA 74 43.51 -32.61 -23.28
C TRP AA 74 43.82 -31.77 -24.46
N TYR AA 75 45.05 -31.85 -25.00
CA TYR AA 75 45.48 -31.16 -26.18
C TYR AA 75 44.88 -31.68 -27.41
N HIS AA 76 44.82 -33.01 -27.53
CA HIS AA 76 44.12 -33.66 -28.70
C HIS AA 76 42.67 -33.30 -28.61
N PHE AA 77 42.11 -33.41 -27.47
CA PHE AA 77 40.70 -33.34 -27.22
C PHE AA 77 40.15 -32.03 -27.56
N ASP AA 78 40.84 -30.89 -27.25
CA ASP AA 78 40.26 -29.62 -27.41
C ASP AA 78 40.68 -28.92 -28.71
N HIS AA 79 41.60 -29.58 -29.47
CA HIS AA 79 42.18 -29.02 -30.66
C HIS AA 79 41.82 -29.89 -31.82
N ASN AA 80 40.91 -30.89 -31.67
CA ASN AA 80 40.43 -31.64 -32.80
C ASN AA 80 41.51 -32.41 -33.51
N ASP AA 81 42.35 -33.02 -32.60
CA ASP AA 81 43.47 -33.83 -32.85
C ASP AA 81 44.52 -33.02 -33.72
N LYS AA 82 45.20 -32.12 -32.99
CA LYS AA 82 46.22 -31.35 -33.50
C LYS AA 82 47.42 -32.03 -32.90
N LYS AA 83 48.55 -32.20 -33.60
CA LYS AA 83 49.67 -32.88 -33.07
C LYS AA 83 50.49 -31.80 -32.36
N LEU AA 84 51.08 -32.22 -31.27
CA LEU AA 84 51.85 -31.31 -30.46
C LEU AA 84 53.28 -31.33 -30.92
N SER AA 85 53.86 -30.18 -31.29
CA SER AA 85 55.27 -30.01 -31.67
C SER AA 85 56.16 -29.98 -30.47
N ILE AA 86 57.48 -30.17 -30.69
CA ILE AA 86 58.55 -30.24 -29.67
C ILE AA 86 58.73 -28.84 -29.02
N ASN AA 87 58.54 -27.79 -29.80
CA ASN AA 87 58.58 -26.43 -29.23
C ASN AA 87 57.43 -25.99 -28.44
N SER AA 88 56.20 -26.52 -28.82
CA SER AA 88 54.98 -26.28 -28.09
C SER AA 88 55.02 -27.09 -26.76
N ALA AA 89 55.60 -28.31 -26.83
CA ALA AA 89 55.83 -29.10 -25.64
C ALA AA 89 56.77 -28.55 -24.60
N ALA AA 90 57.88 -27.91 -25.06
CA ALA AA 90 58.84 -27.25 -24.28
C ALA AA 90 58.31 -26.09 -23.46
N ARG AA 91 57.50 -25.27 -24.13
CA ARG AA 91 56.83 -24.18 -23.51
C ARG AA 91 55.78 -24.65 -22.51
N ASN AA 92 55.15 -25.78 -22.86
CA ASN AA 92 54.10 -26.35 -22.07
C ASN AA 92 54.52 -26.85 -20.74
N ILE AA 93 55.76 -27.44 -20.69
CA ILE AA 93 56.49 -27.88 -19.51
C ILE AA 93 56.85 -26.73 -18.70
N GLN AA 94 57.15 -25.55 -19.31
CA GLN AA 94 57.53 -24.35 -18.58
C GLN AA 94 56.39 -23.83 -17.67
N HIS AA 95 55.11 -24.06 -18.13
CA HIS AA 95 53.96 -23.77 -17.43
C HIS AA 95 53.68 -24.66 -16.29
N LEU AA 96 54.24 -25.94 -16.37
CA LEU AA 96 54.06 -26.92 -15.31
C LEU AA 96 55.15 -26.61 -14.26
N LEU AA 97 56.33 -26.15 -14.67
CA LEU AA 97 57.40 -25.77 -13.79
C LEU AA 97 57.13 -24.49 -13.00
N TYR AA 98 56.38 -23.57 -13.59
CA TYR AA 98 56.05 -22.26 -12.97
C TYR AA 98 54.82 -22.34 -12.07
N GLY AA 99 53.99 -23.44 -12.21
CA GLY AA 99 52.84 -23.79 -11.56
C GLY AA 99 53.26 -24.67 -10.35
N LYS AA 100 54.56 -24.89 -10.17
CA LYS AA 100 55.12 -25.65 -9.03
C LYS AA 100 56.42 -24.93 -8.79
N ARG AA 101 56.30 -23.54 -8.73
CA ARG AA 101 57.50 -22.71 -8.65
C ARG AA 101 57.82 -22.42 -7.22
N PHE AA 102 56.74 -22.39 -6.38
CA PHE AA 102 56.88 -22.05 -4.97
C PHE AA 102 56.52 -23.28 -4.17
N PHE AA 103 56.67 -24.43 -4.93
CA PHE AA 103 56.69 -25.79 -4.48
C PHE AA 103 57.68 -26.36 -5.53
N PRO AA 104 58.96 -25.88 -5.47
CA PRO AA 104 59.82 -26.01 -6.57
C PRO AA 104 60.20 -27.46 -6.80
N TYR AA 105 60.40 -27.91 -8.07
CA TYR AA 105 60.75 -29.25 -8.39
C TYR AA 105 62.12 -29.31 -8.77
N TYR AA 106 62.69 -30.48 -8.44
CA TYR AA 106 64.12 -30.68 -8.30
C TYR AA 106 64.46 -31.81 -9.20
N VAL AA 107 64.32 -31.58 -10.49
CA VAL AA 107 64.60 -32.46 -11.62
C VAL AA 107 65.11 -31.65 -12.70
N HIS AA 108 66.13 -32.14 -13.41
CA HIS AA 108 66.68 -31.62 -14.65
C HIS AA 108 65.90 -32.35 -15.74
N THR AA 109 65.24 -31.49 -16.54
CA THR AA 109 64.35 -32.13 -17.50
C THR AA 109 65.06 -32.06 -18.84
N ILE AA 110 64.95 -33.15 -19.65
CA ILE AA 110 65.40 -33.28 -20.97
C ILE AA 110 64.31 -33.94 -21.71
N ILE AA 111 63.97 -33.34 -22.87
CA ILE AA 111 62.91 -33.80 -23.78
C ILE AA 111 63.64 -33.96 -25.08
N ALA AA 112 63.24 -34.93 -25.94
CA ALA AA 112 63.84 -35.18 -27.25
C ALA AA 112 62.73 -35.59 -28.12
N GLY AA 113 62.89 -35.36 -29.49
CA GLY AA 113 61.93 -35.60 -30.51
C GLY AA 113 62.49 -35.02 -31.82
N LEU AA 114 61.49 -34.70 -32.66
CA LEU AA 114 61.70 -34.17 -33.99
C LEU AA 114 60.93 -32.87 -34.12
N ASP AA 115 61.53 -31.75 -34.64
CA ASP AA 115 60.85 -30.56 -35.09
C ASP AA 115 60.08 -30.81 -36.34
N GLU AA 116 59.43 -29.76 -36.89
CA GLU AA 116 58.50 -29.97 -37.99
C GLU AA 116 59.18 -29.59 -39.26
N ASP AA 117 60.48 -29.29 -39.22
CA ASP AA 117 61.16 -29.15 -40.50
C ASP AA 117 61.97 -30.37 -40.82
N GLY AA 118 61.64 -31.50 -40.10
CA GLY AA 118 62.19 -32.82 -40.44
C GLY AA 118 63.62 -32.99 -39.93
N LYS AA 119 63.88 -32.39 -38.74
CA LYS AA 119 65.20 -32.36 -38.16
C LYS AA 119 65.08 -32.82 -36.79
N GLY AA 120 66.11 -33.39 -36.12
CA GLY AA 120 66.27 -33.65 -34.70
C GLY AA 120 66.08 -32.46 -33.83
N ALA AA 121 65.56 -32.61 -32.60
CA ALA AA 121 65.56 -31.53 -31.64
C ALA AA 121 65.62 -32.00 -30.22
N VAL AA 122 66.23 -31.25 -29.29
CA VAL AA 122 66.32 -31.62 -27.91
C VAL AA 122 66.26 -30.27 -27.27
N TYR AA 123 65.36 -30.20 -26.30
CA TYR AA 123 65.30 -29.12 -25.26
C TYR AA 123 65.59 -29.49 -23.82
N SER AA 124 66.52 -28.73 -23.17
CA SER AA 124 66.99 -29.05 -21.92
C SER AA 124 66.61 -27.88 -21.08
N PHE AA 125 66.24 -28.16 -19.81
CA PHE AA 125 65.63 -27.21 -18.92
C PHE AA 125 66.52 -27.09 -17.78
N ASP AA 126 66.79 -25.93 -17.24
CA ASP AA 126 67.28 -25.70 -15.89
C ASP AA 126 66.06 -25.98 -15.02
N PRO AA 127 66.27 -26.57 -13.79
CA PRO AA 127 65.20 -27.21 -13.06
C PRO AA 127 64.09 -26.39 -12.58
N VAL AA 128 64.30 -25.10 -12.23
CA VAL AA 128 63.37 -24.21 -11.72
C VAL AA 128 62.58 -23.50 -12.82
N GLY AA 129 62.88 -23.62 -14.07
CA GLY AA 129 62.29 -22.97 -15.14
C GLY AA 129 63.52 -22.38 -15.89
N SER AA 130 63.29 -22.10 -17.23
CA SER AA 130 64.25 -21.61 -18.21
C SER AA 130 64.69 -22.85 -19.07
N TYR AA 131 64.56 -22.72 -20.40
CA TYR AA 131 64.94 -23.81 -21.30
C TYR AA 131 65.76 -23.21 -22.41
N GLU AA 132 66.57 -24.11 -23.08
CA GLU AA 132 67.25 -23.71 -24.22
C GLU AA 132 67.25 -24.95 -25.12
N ARG AA 133 67.35 -24.64 -26.42
CA ARG AA 133 67.59 -25.62 -27.42
C ARG AA 133 69.07 -25.98 -27.32
N GLU AA 134 69.48 -27.31 -27.35
CA GLU AA 134 70.85 -27.81 -27.13
C GLU AA 134 71.01 -28.86 -28.19
N GLN AA 135 72.29 -29.10 -28.55
CA GLN AA 135 72.70 -30.07 -29.57
C GLN AA 135 73.10 -31.21 -28.70
N CYS AA 136 73.84 -30.95 -27.64
CA CYS AA 136 74.29 -31.95 -26.76
C CYS AA 136 74.38 -31.39 -25.34
N ARG AA 137 73.62 -32.03 -24.48
CA ARG AA 137 73.61 -31.80 -23.04
C ARG AA 137 73.19 -32.93 -22.33
N ALA AA 138 73.80 -33.22 -21.15
CA ALA AA 138 73.46 -34.35 -20.33
C ALA AA 138 72.77 -33.71 -19.11
N GLY AA 139 71.77 -34.44 -18.59
CA GLY AA 139 71.01 -34.14 -17.38
C GLY AA 139 71.50 -35.10 -16.26
N GLY AA 140 71.05 -34.88 -15.04
CA GLY AA 140 71.38 -35.79 -13.93
C GLY AA 140 72.67 -35.44 -13.26
N ALA AA 141 73.10 -36.29 -12.24
CA ALA AA 141 74.26 -36.06 -11.43
C ALA AA 141 75.56 -36.16 -12.23
N ALA AA 142 75.73 -37.17 -13.11
CA ALA AA 142 77.00 -37.39 -13.72
C ALA AA 142 77.04 -36.68 -15.07
N ALA AA 143 76.19 -35.60 -15.20
CA ALA AA 143 76.21 -34.71 -16.32
C ALA AA 143 77.46 -33.99 -16.66
N SER AA 144 78.24 -33.70 -15.64
CA SER AA 144 79.48 -32.99 -15.62
C SER AA 144 80.51 -33.64 -16.42
N LEU AA 145 80.62 -34.98 -16.22
CA LEU AA 145 81.59 -35.95 -16.69
C LEU AA 145 81.53 -36.04 -18.11
N ILE AA 146 80.29 -36.15 -18.64
CA ILE AA 146 79.82 -36.48 -19.96
C ILE AA 146 79.99 -35.22 -20.87
N MET AA 147 79.67 -33.97 -20.40
CA MET AA 147 79.51 -32.80 -21.24
C MET AA 147 80.75 -32.35 -21.93
N PRO AA 148 82.03 -32.24 -21.55
CA PRO AA 148 83.05 -31.63 -22.48
C PRO AA 148 83.47 -32.66 -23.52
N PHE AA 149 83.06 -33.91 -23.32
CA PHE AA 149 83.41 -34.95 -24.20
C PHE AA 149 82.54 -34.96 -25.44
N LEU AA 150 81.21 -34.74 -25.31
CA LEU AA 150 80.44 -34.78 -26.46
C LEU AA 150 80.22 -33.48 -27.15
N ASP AA 151 80.74 -32.42 -26.57
CA ASP AA 151 80.83 -31.05 -27.13
C ASP AA 151 82.21 -31.02 -27.87
N ASN AA 152 82.88 -32.18 -28.06
CA ASN AA 152 84.15 -32.24 -28.71
C ASN AA 152 84.01 -33.25 -29.84
N GLN AA 153 83.22 -34.27 -29.59
CA GLN AA 153 83.05 -35.32 -30.54
C GLN AA 153 81.79 -35.12 -31.36
N VAL AA 154 80.83 -34.32 -30.85
CA VAL AA 154 79.68 -33.96 -31.68
C VAL AA 154 79.89 -32.61 -32.24
N ASN AA 155 80.23 -31.52 -31.42
CA ASN AA 155 80.11 -30.16 -31.91
C ASN AA 155 81.40 -29.72 -32.59
N PHE AA 156 82.46 -30.48 -32.44
CA PHE AA 156 83.83 -30.29 -32.93
C PHE AA 156 84.43 -28.96 -32.53
N LYS AA 157 84.21 -28.61 -31.24
CA LYS AA 157 84.61 -27.42 -30.52
C LYS AA 157 85.98 -27.66 -29.84
N ASN AA 158 86.94 -26.70 -30.04
CA ASN AA 158 88.24 -26.62 -29.45
C ASN AA 158 89.11 -27.68 -29.97
N GLN AA 159 89.04 -27.85 -31.26
CA GLN AA 159 89.86 -28.73 -32.10
C GLN AA 159 90.14 -27.94 -33.33
N TYR AA 160 91.12 -28.42 -34.13
CA TYR AA 160 91.69 -27.64 -35.20
C TYR AA 160 92.10 -28.59 -36.28
N GLU AA 161 92.56 -28.06 -37.41
CA GLU AA 161 92.96 -28.81 -38.57
C GLU AA 161 94.48 -29.19 -38.51
N PRO AA 162 94.87 -30.47 -38.66
CA PRO AA 162 96.33 -30.77 -38.49
C PRO AA 162 97.07 -30.19 -39.66
N GLY AA 163 98.30 -29.67 -39.50
CA GLY AA 163 99.06 -29.20 -40.56
C GLY AA 163 98.79 -27.73 -40.84
N THR AA 164 97.85 -27.05 -40.11
CA THR AA 164 97.67 -25.62 -40.09
C THR AA 164 98.59 -25.08 -39.06
N ASN AA 165 98.73 -25.86 -37.93
CA ASN AA 165 99.36 -25.60 -36.67
C ASN AA 165 98.36 -24.85 -35.81
N GLY AA 166 97.06 -25.24 -35.85
CA GLY AA 166 96.07 -24.81 -34.87
C GLY AA 166 95.41 -23.47 -35.12
N LYS AA 167 95.31 -23.06 -36.40
CA LYS AA 167 95.10 -21.66 -36.72
C LYS AA 167 93.73 -21.48 -37.15
N VAL AA 168 93.16 -22.59 -37.56
CA VAL AA 168 91.81 -22.70 -37.98
C VAL AA 168 91.12 -23.88 -37.28
N LYS AA 169 89.83 -23.69 -36.94
CA LYS AA 169 89.07 -24.79 -36.40
C LYS AA 169 88.65 -25.88 -37.34
N LYS AA 170 88.40 -27.08 -36.77
CA LYS AA 170 88.15 -28.31 -37.48
C LYS AA 170 86.74 -28.37 -37.90
N PRO AA 171 86.41 -28.53 -39.21
CA PRO AA 171 85.00 -28.39 -39.63
C PRO AA 171 84.18 -29.47 -39.15
N LEU AA 172 82.93 -29.13 -38.80
CA LEU AA 172 81.95 -30.06 -38.34
C LEU AA 172 81.58 -31.17 -39.34
N LYS AA 173 81.49 -32.36 -38.71
CA LYS AA 173 81.10 -33.50 -39.38
C LYS AA 173 79.73 -33.83 -38.95
N TYR AA 174 78.85 -34.21 -39.88
CA TYR AA 174 77.56 -34.81 -39.61
C TYR AA 174 77.72 -36.21 -39.19
N LEU AA 175 76.79 -36.65 -38.36
CA LEU AA 175 76.87 -37.96 -37.79
C LEU AA 175 75.72 -38.73 -38.23
N SER AA 176 75.93 -40.05 -38.43
CA SER AA 176 74.91 -40.96 -38.71
C SER AA 176 74.25 -41.36 -37.44
N VAL AA 177 73.11 -42.08 -37.60
CA VAL AA 177 72.19 -42.53 -36.60
C VAL AA 177 72.93 -43.48 -35.67
N GLU AA 178 73.70 -44.38 -36.32
CA GLU AA 178 74.61 -45.33 -35.76
C GLU AA 178 75.83 -44.61 -35.09
N GLU AA 179 76.36 -43.45 -35.52
CA GLU AA 179 77.57 -42.92 -34.91
C GLU AA 179 77.10 -42.37 -33.54
N VAL AA 180 75.91 -41.78 -33.45
CA VAL AA 180 75.43 -41.20 -32.19
C VAL AA 180 75.26 -42.21 -31.13
N ILE AA 181 74.72 -43.44 -31.55
CA ILE AA 181 74.54 -44.56 -30.67
C ILE AA 181 75.88 -44.99 -30.07
N LYS AA 182 76.93 -45.06 -30.91
CA LYS AA 182 78.23 -45.55 -30.52
C LYS AA 182 78.82 -44.55 -29.46
N LEU AA 183 78.77 -43.20 -29.68
CA LEU AA 183 79.24 -42.13 -28.81
C LEU AA 183 78.50 -42.13 -27.48
N VAL AA 184 77.16 -42.29 -27.54
CA VAL AA 184 76.25 -42.18 -26.40
C VAL AA 184 76.56 -43.36 -25.49
N ARG AA 185 76.93 -44.56 -26.01
CA ARG AA 185 77.28 -45.69 -25.17
C ARG AA 185 78.61 -45.47 -24.43
N ASP AA 186 79.56 -44.85 -25.13
CA ASP AA 186 80.92 -44.70 -24.70
C ASP AA 186 81.11 -43.78 -23.54
N SER AA 187 80.31 -42.64 -23.63
CA SER AA 187 80.26 -41.74 -22.58
C SER AA 187 79.66 -42.26 -21.32
N PHE AA 188 78.51 -43.02 -21.34
CA PHE AA 188 77.95 -43.61 -20.20
C PHE AA 188 78.73 -44.77 -19.56
N THR AA 189 79.42 -45.56 -20.40
CA THR AA 189 80.36 -46.55 -19.98
C THR AA 189 81.52 -46.04 -19.12
N SER AA 190 82.09 -44.87 -19.50
CA SER AA 190 83.13 -44.16 -18.78
C SER AA 190 82.59 -43.68 -17.47
N ALA AA 191 81.32 -43.19 -17.43
CA ALA AA 191 80.64 -42.74 -16.22
C ALA AA 191 80.09 -43.69 -15.29
N THR AA 192 80.06 -45.02 -15.65
CA THR AA 192 79.92 -46.04 -14.67
C THR AA 192 81.25 -46.15 -13.97
N GLU AA 193 82.38 -46.05 -14.70
CA GLU AA 193 83.70 -46.22 -14.10
C GLU AA 193 83.97 -45.17 -13.08
N ARG AA 194 83.65 -43.88 -13.49
CA ARG AA 194 84.03 -42.76 -12.56
C ARG AA 194 82.92 -42.26 -11.69
N HIS AA 195 81.72 -42.82 -11.79
CA HIS AA 195 80.58 -42.30 -11.00
C HIS AA 195 79.71 -43.43 -10.58
N ILE AA 196 79.14 -43.39 -9.33
CA ILE AA 196 78.61 -44.61 -8.82
C ILE AA 196 77.10 -44.69 -8.90
N GLN AA 197 76.39 -43.74 -9.55
CA GLN AA 197 74.90 -43.67 -9.66
C GLN AA 197 74.46 -43.99 -11.06
N VAL AA 198 75.42 -44.25 -11.94
CA VAL AA 198 75.11 -44.61 -13.34
C VAL AA 198 75.38 -46.08 -13.34
N GLY AA 199 74.74 -46.89 -14.17
CA GLY AA 199 75.13 -48.26 -14.28
C GLY AA 199 73.86 -48.99 -14.43
N ASP AA 200 74.04 -50.32 -14.34
CA ASP AA 200 73.11 -51.39 -14.40
C ASP AA 200 72.70 -51.65 -15.84
N GLY AA 201 72.34 -50.57 -16.49
CA GLY AA 201 72.01 -50.72 -17.90
C GLY AA 201 71.69 -49.36 -18.39
N LEU AA 202 71.75 -49.26 -19.73
CA LEU AA 202 71.45 -48.12 -20.53
C LEU AA 202 70.39 -48.55 -21.51
N GLU AA 203 69.36 -47.70 -21.55
CA GLU AA 203 68.28 -47.82 -22.49
C GLU AA 203 68.36 -46.69 -23.31
N ILE AA 204 68.17 -46.84 -24.64
CA ILE AA 204 68.22 -45.73 -25.53
C ILE AA 204 66.95 -45.89 -26.25
N LEU AA 205 66.26 -44.78 -26.40
CA LEU AA 205 65.04 -44.67 -27.16
C LEU AA 205 65.36 -43.76 -28.26
N ILE AA 206 65.02 -44.22 -29.55
CA ILE AA 206 65.34 -43.43 -30.71
C ILE AA 206 64.02 -43.08 -31.20
N VAL AA 207 63.84 -41.74 -31.37
CA VAL AA 207 62.64 -41.21 -31.89
C VAL AA 207 62.93 -40.84 -33.34
N THR AA 208 62.18 -41.63 -34.15
CA THR AA 208 62.19 -41.40 -35.63
C THR AA 208 60.70 -41.30 -35.94
N LYS AA 209 60.44 -40.92 -37.17
CA LYS AA 209 59.14 -40.87 -37.72
C LYS AA 209 58.77 -42.26 -38.24
N ASP AA 210 59.56 -43.32 -37.89
CA ASP AA 210 59.30 -44.67 -38.14
C ASP AA 210 58.96 -45.37 -36.85
N GLY AA 211 58.82 -44.60 -35.70
CA GLY AA 211 58.30 -45.03 -34.44
C GLY AA 211 59.32 -44.60 -33.41
N VAL AA 212 59.13 -45.18 -32.22
CA VAL AA 212 60.11 -45.15 -31.14
C VAL AA 212 60.50 -46.54 -30.84
N ARG AA 213 61.82 -46.90 -31.21
CA ARG AA 213 62.36 -48.27 -31.08
C ARG AA 213 63.16 -48.06 -29.82
N LYS AA 214 63.44 -49.21 -29.24
CA LYS AA 214 64.03 -49.38 -27.92
C LYS AA 214 65.31 -50.24 -28.16
N GLU AA 215 66.41 -49.79 -27.54
CA GLU AA 215 67.70 -50.44 -27.54
C GLU AA 215 67.99 -50.65 -26.13
N PHE AA 216 68.43 -51.89 -25.73
CA PHE AA 216 68.79 -52.11 -24.40
C PHE AA 216 70.14 -52.75 -24.52
N TYR AA 217 71.14 -52.22 -23.77
CA TYR AA 217 72.43 -52.69 -23.70
C TYR AA 217 72.70 -52.81 -22.19
N GLU AA 218 73.22 -54.01 -21.70
CA GLU AA 218 73.68 -54.09 -20.30
C GLU AA 218 74.89 -53.21 -20.05
N LEU AA 219 74.97 -52.73 -18.78
CA LEU AA 219 76.00 -51.92 -18.15
C LEU AA 219 76.33 -52.58 -16.88
N LYS AA 220 77.49 -52.16 -16.42
CA LYS AA 220 78.09 -52.74 -15.26
C LYS AA 220 77.23 -52.69 -14.03
N ARG AA 221 77.28 -53.77 -13.26
CA ARG AA 221 76.53 -54.01 -12.05
C ARG AA 221 77.39 -53.63 -10.83
N ASP AA 222 78.70 -53.24 -11.03
CA ASP AA 222 79.66 -52.96 -10.00
C ASP AA 222 79.47 -51.58 -9.44
N THR BA 1 53.83 -31.01 11.26
CA THR BA 1 54.84 -31.71 10.43
C THR BA 1 55.17 -32.95 11.19
N GLN BA 2 54.78 -34.12 10.69
CA GLN BA 2 54.92 -35.42 11.28
C GLN BA 2 56.33 -35.70 11.54
N GLN BA 3 56.60 -36.15 12.77
CA GLN BA 3 57.86 -36.60 13.20
C GLN BA 3 57.69 -38.01 13.55
N PRO BA 4 58.73 -38.85 13.53
CA PRO BA 4 58.58 -40.25 13.97
C PRO BA 4 57.99 -40.27 15.35
N ILE BA 5 56.87 -41.06 15.66
CA ILE BA 5 56.36 -41.15 17.00
C ILE BA 5 56.56 -42.65 17.35
N VAL BA 6 55.43 -43.47 17.08
CA VAL BA 6 55.36 -44.94 17.18
C VAL BA 6 55.68 -45.40 15.75
N THR BA 7 56.52 -46.39 15.67
CA THR BA 7 57.28 -46.90 14.56
C THR BA 7 57.26 -48.35 14.60
N GLY BA 8 57.39 -49.00 13.43
CA GLY BA 8 57.57 -50.37 13.29
C GLY BA 8 58.94 -50.64 12.81
N THR BA 9 59.12 -51.56 11.74
CA THR BA 9 60.44 -51.94 11.37
C THR BA 9 60.39 -52.16 9.85
N SER BA 10 60.10 -53.39 9.43
CA SER BA 10 60.45 -53.75 8.05
C SER BA 10 59.43 -54.72 7.61
N VAL BA 11 59.16 -54.61 6.34
CA VAL BA 11 58.20 -55.41 5.60
C VAL BA 11 59.19 -56.02 4.65
N ILE BA 12 59.11 -57.33 4.30
CA ILE BA 12 60.04 -58.01 3.44
C ILE BA 12 59.12 -58.79 2.52
N SER BA 13 59.50 -58.83 1.25
CA SER BA 13 58.84 -59.44 0.08
C SER BA 13 59.81 -59.88 -1.03
N MET BA 14 59.31 -60.81 -1.88
CA MET BA 14 59.94 -61.25 -3.08
C MET BA 14 58.84 -61.77 -4.01
N LYS BA 15 59.26 -62.18 -5.22
CA LYS BA 15 58.49 -62.78 -6.31
C LYS BA 15 59.00 -64.10 -6.67
N TYR BA 16 58.09 -65.05 -6.93
CA TYR BA 16 58.39 -66.33 -7.57
C TYR BA 16 57.36 -66.53 -8.68
N ASP BA 17 57.59 -67.65 -9.38
CA ASP BA 17 56.92 -68.01 -10.64
C ASP BA 17 55.41 -67.80 -10.67
N ASN BA 18 54.60 -68.22 -9.63
CA ASN BA 18 53.16 -68.30 -9.67
C ASN BA 18 52.58 -67.29 -8.70
N GLY BA 19 53.44 -66.56 -7.92
CA GLY BA 19 52.90 -65.70 -6.92
C GLY BA 19 53.91 -64.84 -6.37
N VAL BA 20 53.63 -64.27 -5.18
CA VAL BA 20 54.57 -63.46 -4.38
C VAL BA 20 54.33 -63.86 -2.94
N ILE BA 21 55.36 -63.63 -2.03
CA ILE BA 21 55.22 -63.72 -0.60
C ILE BA 21 55.62 -62.42 -0.09
N ILE BA 22 54.75 -61.97 0.85
CA ILE BA 22 54.99 -60.73 1.60
C ILE BA 22 54.86 -61.19 3.00
N ALA BA 23 55.73 -60.77 3.86
CA ALA BA 23 55.74 -61.05 5.25
C ALA BA 23 56.31 -59.89 6.09
N ALA BA 24 55.95 -59.81 7.39
CA ALA BA 24 56.36 -58.68 8.22
C ALA BA 24 56.36 -59.13 9.65
N ASP BA 25 57.33 -58.55 10.42
CA ASP BA 25 57.19 -58.54 11.88
C ASP BA 25 55.89 -57.94 12.39
N ASN BA 26 55.58 -58.18 13.67
CA ASN BA 26 54.51 -57.58 14.38
C ASN BA 26 55.10 -56.74 15.56
N LEU BA 27 55.23 -55.42 15.48
CA LEU BA 27 55.95 -54.60 16.50
C LEU BA 27 55.36 -53.18 16.45
N GLY BA 28 55.34 -52.50 17.68
CA GLY BA 28 54.99 -51.10 17.75
C GLY BA 28 55.74 -50.41 18.78
N SER BA 29 56.95 -49.98 18.39
CA SER BA 29 57.87 -49.32 19.25
C SER BA 29 57.67 -47.80 19.30
N TYR BA 30 57.66 -47.27 20.50
CA TYR BA 30 57.75 -45.88 20.84
C TYR BA 30 59.18 -45.71 21.32
N GLY BA 31 60.00 -44.99 20.54
CA GLY BA 31 61.37 -44.74 20.82
C GLY BA 31 62.14 -45.93 20.56
N SER BA 32 62.78 -46.41 21.62
CA SER BA 32 63.44 -47.70 21.59
C SER BA 32 62.69 -48.69 22.50
N LEU BA 33 61.60 -48.19 23.08
CA LEU BA 33 60.84 -48.94 24.06
C LEU BA 33 59.87 -49.73 23.26
N LEU BA 34 59.80 -51.10 23.46
CA LEU BA 34 58.97 -51.98 22.62
C LEU BA 34 57.62 -51.97 23.36
N ARG BA 35 56.69 -51.03 22.99
CA ARG BA 35 55.52 -50.58 23.75
C ARG BA 35 54.46 -51.58 23.49
N PHE BA 36 54.41 -51.99 22.21
CA PHE BA 36 53.41 -52.87 21.77
C PHE BA 36 54.11 -53.95 21.19
N ASN BA 37 53.72 -55.21 21.53
CA ASN BA 37 54.19 -56.39 20.85
C ASN BA 37 52.94 -56.95 20.29
N GLY BA 38 53.13 -57.39 19.00
CA GLY BA 38 52.15 -58.15 18.29
C GLY BA 38 51.11 -57.36 17.61
N VAL BA 39 51.58 -56.33 16.95
CA VAL BA 39 50.73 -55.36 16.26
C VAL BA 39 50.68 -55.90 14.87
N GLU BA 40 49.49 -56.22 14.34
CA GLU BA 40 49.29 -56.57 12.96
C GLU BA 40 49.62 -55.48 12.03
N ARG BA 41 50.39 -55.75 10.89
CA ARG BA 41 50.90 -54.74 10.01
C ARG BA 41 50.68 -55.07 8.58
N LEU BA 42 50.18 -56.30 8.30
CA LEU BA 42 49.73 -56.71 6.99
C LEU BA 42 48.20 -56.63 7.04
N ILE BA 43 47.70 -56.02 5.95
CA ILE BA 43 46.34 -55.68 5.77
C ILE BA 43 46.06 -56.22 4.42
N PRO BA 44 45.14 -57.22 4.36
CA PRO BA 44 44.60 -57.73 3.10
C PRO BA 44 43.62 -56.68 2.51
N VAL BA 45 43.64 -56.58 1.17
CA VAL BA 45 42.77 -55.85 0.40
C VAL BA 45 42.22 -56.84 -0.57
N GLY BA 46 40.96 -57.22 -0.45
CA GLY BA 46 40.38 -58.34 -1.19
C GLY BA 46 41.16 -59.63 -0.83
N ASP BA 47 41.72 -60.35 -1.89
CA ASP BA 47 42.50 -61.58 -1.58
C ASP BA 47 43.48 -61.80 -2.67
N ASN BA 48 43.58 -60.81 -3.53
CA ASN BA 48 44.48 -60.74 -4.57
C ASN BA 48 45.62 -59.95 -4.20
N THR BA 49 45.50 -59.23 -3.03
CA THR BA 49 46.42 -58.23 -2.57
C THR BA 49 46.43 -58.20 -1.05
N VAL BA 50 47.68 -58.01 -0.59
CA VAL BA 50 48.04 -57.62 0.74
C VAL BA 50 48.93 -56.44 0.58
N VAL BA 51 48.62 -55.37 1.34
CA VAL BA 51 49.48 -54.23 1.38
C VAL BA 51 50.08 -54.29 2.83
N GLY BA 52 51.42 -54.14 2.91
CA GLY BA 52 52.07 -54.22 4.15
C GLY BA 52 52.63 -52.89 4.44
N ILE BA 53 52.52 -52.47 5.75
CA ILE BA 53 52.86 -51.11 6.13
C ILE BA 53 53.61 -51.24 7.34
N SER BA 54 54.82 -50.64 7.35
CA SER BA 54 55.58 -50.33 8.50
C SER BA 54 55.83 -48.83 8.32
N GLY BA 55 56.62 -48.14 9.20
CA GLY BA 55 56.76 -46.68 9.29
C GLY BA 55 55.89 -46.32 10.44
N ASP BA 56 55.24 -45.14 10.46
CA ASP BA 56 54.47 -44.62 11.57
C ASP BA 56 53.19 -45.41 11.74
N ILE BA 57 52.87 -45.85 13.01
CA ILE BA 57 51.66 -46.71 13.19
C ILE BA 57 50.38 -45.89 13.09
N SER BA 58 50.32 -44.54 13.49
CA SER BA 58 49.12 -43.74 13.50
C SER BA 58 48.66 -43.60 12.05
N ASP BA 59 49.65 -43.44 11.12
CA ASP BA 59 49.36 -43.26 9.72
C ASP BA 59 49.04 -44.63 9.07
N MET BA 60 49.38 -45.76 9.70
CA MET BA 60 48.98 -47.07 9.19
C MET BA 60 47.48 -47.22 9.31
N GLN BA 61 46.95 -46.82 10.43
CA GLN BA 61 45.58 -46.71 10.72
C GLN BA 61 44.80 -45.77 9.81
N HIS BA 62 45.40 -44.63 9.39
CA HIS BA 62 44.66 -43.77 8.51
C HIS BA 62 44.45 -44.39 7.23
N ILE BA 63 45.53 -45.13 6.74
CA ILE BA 63 45.55 -45.78 5.41
C ILE BA 63 44.69 -47.10 5.48
N GLU BA 64 44.57 -47.69 6.65
CA GLU BA 64 43.78 -48.86 6.92
C GLU BA 64 42.35 -48.57 6.53
N ARG BA 65 41.87 -47.34 6.89
CA ARG BA 65 40.53 -46.95 6.72
C ARG BA 65 40.27 -46.56 5.32
N LEU BA 66 41.31 -46.02 4.58
CA LEU BA 66 41.29 -45.77 3.16
C LEU BA 66 41.21 -47.05 2.38
N LEU BA 67 41.86 -48.20 2.77
CA LEU BA 67 41.80 -49.41 2.03
C LEU BA 67 40.57 -50.18 2.20
N LYS BA 68 40.04 -50.03 3.43
CA LYS BA 68 38.71 -50.50 3.70
C LYS BA 68 37.66 -49.80 2.83
N ASP BA 69 37.79 -48.44 2.60
CA ASP BA 69 36.93 -47.62 1.75
C ASP BA 69 37.12 -47.81 0.27
N LEU BA 70 38.27 -48.49 -0.04
CA LEU BA 70 38.65 -48.82 -1.42
C LEU BA 70 37.87 -49.94 -1.97
N VAL BA 71 37.62 -50.93 -1.05
CA VAL BA 71 36.85 -52.12 -1.38
C VAL BA 71 35.34 -51.80 -1.48
N THR BA 72 34.82 -50.90 -0.62
CA THR BA 72 33.48 -50.37 -0.51
C THR BA 72 33.17 -49.64 -1.75
N GLU BA 73 34.15 -48.87 -2.28
CA GLU BA 73 34.08 -48.05 -3.46
C GLU BA 73 33.97 -48.89 -4.65
N ASN BA 74 34.80 -49.95 -4.73
CA ASN BA 74 34.74 -51.00 -5.76
C ASN BA 74 33.49 -51.78 -5.75
N ALA BA 75 32.92 -52.08 -4.56
CA ALA BA 75 31.80 -52.94 -4.31
C ALA BA 75 30.46 -52.34 -4.70
N TYR BA 76 30.45 -51.01 -4.79
CA TYR BA 76 29.31 -50.37 -5.31
C TYR BA 76 29.16 -50.70 -6.75
N ASP BA 77 27.90 -51.02 -7.13
CA ASP BA 77 27.29 -51.44 -8.42
C ASP BA 77 28.02 -52.58 -9.06
N ASN BA 78 27.41 -53.04 -10.20
CA ASN BA 78 27.99 -54.00 -11.15
C ASN BA 78 28.04 -55.42 -10.56
N PRO BA 79 27.56 -56.51 -11.25
CA PRO BA 79 27.66 -57.88 -10.76
C PRO BA 79 29.04 -58.46 -11.09
N LEU BA 80 29.80 -57.53 -11.72
CA LEU BA 80 31.15 -57.76 -12.26
C LEU BA 80 31.95 -56.63 -11.76
N ALA BA 81 32.11 -56.56 -10.46
CA ALA BA 81 32.99 -55.61 -9.74
C ALA BA 81 33.81 -56.51 -8.75
N ASP BA 82 34.05 -57.84 -9.07
CA ASP BA 82 34.60 -58.66 -8.02
C ASP BA 82 35.37 -59.80 -8.48
N ALA BA 83 35.54 -59.98 -9.78
CA ALA BA 83 36.20 -61.20 -10.32
C ALA BA 83 36.68 -61.04 -11.71
N GLU BA 84 36.48 -59.85 -12.37
CA GLU BA 84 36.87 -59.49 -13.67
C GLU BA 84 37.25 -58.03 -13.53
N GLU BA 85 36.91 -57.50 -12.37
CA GLU BA 85 37.00 -56.10 -12.07
C GLU BA 85 37.20 -56.03 -10.59
N ALA BA 86 37.75 -57.19 -10.05
CA ALA BA 86 38.46 -57.25 -8.80
C ALA BA 86 39.71 -56.29 -8.78
N LEU BA 87 39.98 -55.79 -7.54
CA LEU BA 87 40.99 -54.76 -7.31
C LEU BA 87 42.26 -55.21 -7.64
N GLU BA 88 42.96 -54.66 -8.66
CA GLU BA 88 44.19 -55.21 -9.15
C GLU BA 88 45.18 -54.46 -8.33
N PRO BA 89 46.41 -54.97 -8.03
CA PRO BA 89 47.30 -54.34 -7.04
C PRO BA 89 47.82 -53.00 -7.52
N SER BA 90 47.90 -52.84 -8.86
CA SER BA 90 48.32 -51.76 -9.68
C SER BA 90 47.40 -50.54 -9.39
N TYR BA 91 46.10 -50.79 -9.31
CA TYR BA 91 45.15 -49.80 -8.93
C TYR BA 91 45.31 -49.31 -7.53
N ILE BA 92 45.57 -50.25 -6.58
CA ILE BA 92 45.73 -50.03 -5.17
C ILE BA 92 46.93 -49.16 -4.91
N PHE BA 93 47.96 -49.50 -5.64
CA PHE BA 93 49.27 -48.93 -5.68
C PHE BA 93 49.21 -47.48 -6.01
N GLU BA 94 48.42 -47.14 -7.01
CA GLU BA 94 48.38 -45.80 -7.55
C GLU BA 94 47.65 -44.84 -6.58
N TYR BA 95 46.60 -45.39 -5.97
CA TYR BA 95 45.74 -44.64 -5.02
C TYR BA 95 46.55 -44.19 -3.90
N LEU BA 96 47.43 -45.04 -3.31
CA LEU BA 96 48.33 -44.64 -2.25
C LEU BA 96 49.28 -43.61 -2.74
N ALA BA 97 49.84 -43.80 -3.93
CA ALA BA 97 50.80 -42.95 -4.49
C ALA BA 97 50.36 -41.54 -4.69
N THR BA 98 49.08 -41.33 -5.16
CA THR BA 98 48.55 -40.05 -5.46
C THR BA 98 48.38 -39.24 -4.19
N VAL BA 99 47.89 -39.82 -3.10
CA VAL BA 99 47.65 -39.28 -1.80
C VAL BA 99 48.97 -38.94 -1.07
N MET BA 100 50.10 -39.68 -1.24
CA MET BA 100 51.37 -39.31 -0.75
C MET BA 100 51.87 -38.04 -1.32
N TYR BA 101 51.72 -37.82 -2.73
CA TYR BA 101 52.27 -36.60 -3.44
C TYR BA 101 51.63 -35.42 -2.86
N GLN BA 102 50.28 -35.55 -2.67
CA GLN BA 102 49.45 -34.41 -2.23
C GLN BA 102 49.68 -34.09 -0.77
N ARG BA 103 49.81 -35.10 0.11
CA ARG BA 103 50.02 -34.97 1.54
C ARG BA 103 51.36 -34.43 1.77
N ARG BA 104 52.32 -34.86 0.93
CA ARG BA 104 53.67 -34.39 0.95
C ARG BA 104 53.78 -32.90 0.62
N SER BA 105 52.75 -32.52 -0.23
CA SER BA 105 52.62 -31.25 -0.80
C SER BA 105 52.09 -30.35 0.25
N LYS BA 106 51.67 -30.86 1.38
CA LYS BA 106 51.15 -30.01 2.39
C LYS BA 106 52.00 -29.90 3.61
N MET BA 107 53.23 -30.39 3.47
CA MET BA 107 54.24 -30.42 4.48
C MET BA 107 53.78 -31.21 5.70
N ASN BA 108 53.01 -32.28 5.38
CA ASN BA 108 52.20 -33.00 6.39
C ASN BA 108 52.07 -34.37 5.77
N PRO BA 109 53.09 -35.15 5.64
CA PRO BA 109 52.94 -36.41 4.97
C PRO BA 109 52.34 -37.45 5.96
N LEU BA 110 51.74 -38.53 5.33
CA LEU BA 110 51.50 -39.78 5.93
C LEU BA 110 52.84 -40.49 5.97
N TRP BA 111 53.38 -40.67 7.24
CA TRP BA 111 54.73 -41.06 7.38
C TRP BA 111 54.69 -42.62 7.32
N ASN BA 112 55.16 -43.18 6.24
CA ASN BA 112 55.09 -44.62 6.05
C ASN BA 112 56.12 -45.13 5.05
N ALA BA 113 56.34 -46.48 5.15
CA ALA BA 113 57.11 -47.18 4.16
C ALA BA 113 56.09 -48.25 3.74
N ILE BA 114 55.85 -48.42 2.40
CA ILE BA 114 54.72 -49.19 1.92
C ILE BA 114 55.31 -50.06 0.81
N ILE BA 115 54.85 -51.33 0.84
CA ILE BA 115 55.14 -52.30 -0.17
C ILE BA 115 53.76 -52.88 -0.36
N VAL BA 116 53.29 -52.83 -1.68
CA VAL BA 116 52.10 -53.40 -2.17
C VAL BA 116 52.53 -54.64 -2.89
N ALA BA 117 51.95 -55.82 -2.49
CA ALA BA 117 52.29 -57.10 -3.20
C ALA BA 117 51.00 -57.74 -3.59
N GLY BA 118 50.95 -58.26 -4.85
CA GLY BA 118 49.82 -59.03 -5.19
C GLY BA 118 49.90 -59.50 -6.60
N VAL BA 119 48.83 -60.28 -7.07
CA VAL BA 119 48.85 -60.92 -8.45
C VAL BA 119 47.66 -60.26 -9.14
N GLN BA 120 47.84 -59.88 -10.39
CA GLN BA 120 46.76 -59.23 -11.05
C GLN BA 120 45.62 -60.14 -11.36
N SER BA 121 44.46 -59.69 -11.90
CA SER BA 121 43.42 -60.43 -12.49
C SER BA 121 43.67 -60.63 -13.96
N ASN BA 122 44.99 -60.40 -14.42
CA ASN BA 122 45.46 -60.75 -15.72
C ASN BA 122 46.43 -61.93 -15.51
N GLY BA 123 46.84 -62.08 -14.22
CA GLY BA 123 47.67 -63.23 -13.84
C GLY BA 123 49.09 -62.92 -13.62
N ASP BA 124 49.45 -61.66 -13.69
CA ASP BA 124 50.83 -61.16 -13.68
C ASP BA 124 51.22 -60.59 -12.38
N GLN BA 125 52.36 -61.11 -11.81
CA GLN BA 125 52.87 -60.70 -10.48
C GLN BA 125 53.21 -59.23 -10.45
N PHE BA 126 52.87 -58.62 -9.35
CA PHE BA 126 53.10 -57.22 -9.11
C PHE BA 126 53.66 -57.05 -7.75
N LEU BA 127 54.79 -56.40 -7.71
CA LEU BA 127 55.42 -56.17 -6.44
C LEU BA 127 55.99 -54.85 -6.66
N ARG BA 128 55.62 -53.81 -5.83
CA ARG BA 128 56.09 -52.43 -6.03
C ARG BA 128 56.11 -51.63 -4.78
N TYR BA 129 56.98 -50.58 -4.76
CA TYR BA 129 57.36 -49.81 -3.64
C TYR BA 129 56.79 -48.45 -3.82
N VAL BA 130 56.37 -47.95 -2.61
CA VAL BA 130 55.84 -46.60 -2.46
C VAL BA 130 56.22 -46.23 -1.02
N ASN BA 131 56.27 -44.87 -0.78
CA ASN BA 131 56.74 -44.42 0.51
C ASN BA 131 56.26 -43.04 0.71
N LEU BA 132 56.56 -42.36 1.87
CA LEU BA 132 56.15 -41.07 2.40
C LEU BA 132 56.62 -40.00 1.43
N LEU BA 133 57.77 -40.21 0.72
CA LEU BA 133 58.47 -39.24 -0.06
C LEU BA 133 57.95 -39.38 -1.41
N GLY BA 134 57.11 -40.37 -1.76
CA GLY BA 134 56.41 -40.55 -3.07
C GLY BA 134 57.23 -41.23 -4.06
N VAL BA 135 58.38 -41.85 -3.66
CA VAL BA 135 59.32 -42.49 -4.65
C VAL BA 135 58.70 -43.81 -5.00
N THR BA 136 58.70 -44.04 -6.29
CA THR BA 136 58.08 -45.14 -6.91
C THR BA 136 59.11 -45.88 -7.75
N TYR BA 137 59.24 -47.24 -7.56
CA TYR BA 137 60.06 -48.07 -8.46
C TYR BA 137 59.58 -49.40 -8.20
N SER BA 138 59.80 -50.27 -9.24
CA SER BA 138 59.45 -51.61 -9.26
C SER BA 138 60.73 -52.31 -9.32
N SER BA 139 60.84 -53.34 -8.51
CA SER BA 139 61.98 -54.17 -8.31
C SER BA 139 61.28 -55.38 -7.82
N PRO BA 140 61.84 -56.63 -8.01
CA PRO BA 140 61.28 -57.96 -7.65
C PRO BA 140 61.71 -58.27 -6.22
N THR BA 141 62.74 -57.51 -5.68
CA THR BA 141 63.29 -57.85 -4.36
C THR BA 141 63.19 -56.57 -3.61
N LEU BA 142 62.23 -56.51 -2.68
CA LEU BA 142 61.92 -55.32 -1.98
C LEU BA 142 61.88 -55.53 -0.54
N ALA BA 143 62.33 -54.48 0.22
CA ALA BA 143 62.34 -54.46 1.58
C ALA BA 143 62.42 -53.07 1.89
N THR BA 144 62.13 -52.76 3.13
CA THR BA 144 61.92 -51.43 3.68
C THR BA 144 62.73 -51.24 4.88
N GLY BA 145 62.96 -49.89 5.11
CA GLY BA 145 63.67 -49.42 6.29
C GLY BA 145 65.05 -49.91 6.26
N PHE BA 146 65.42 -50.54 7.44
CA PHE BA 146 66.72 -51.15 7.65
C PHE BA 146 67.00 -52.24 6.67
N GLY BA 147 66.01 -53.08 6.33
CA GLY BA 147 66.19 -54.29 5.55
C GLY BA 147 66.34 -54.03 4.09
N ALA BA 148 66.04 -52.81 3.64
CA ALA BA 148 66.25 -52.31 2.30
C ALA BA 148 67.72 -52.35 1.99
N HIS BA 149 68.61 -52.04 2.92
CA HIS BA 149 70.01 -52.14 2.80
C HIS BA 149 70.46 -53.53 3.30
N MET BA 150 69.86 -54.00 4.41
CA MET BA 150 70.38 -55.04 5.30
C MET BA 150 70.05 -56.40 4.88
N ALA BA 151 68.76 -56.78 4.57
CA ALA BA 151 68.28 -58.12 4.37
C ALA BA 151 67.78 -58.41 2.96
N ASN BA 152 67.86 -57.31 2.24
CA ASN BA 152 67.70 -57.28 0.76
C ASN BA 152 68.77 -58.09 -0.05
N PRO BA 153 70.07 -58.27 0.26
CA PRO BA 153 70.99 -59.18 -0.49
C PRO BA 153 70.60 -60.59 -0.57
N LEU BA 154 69.97 -61.16 0.53
CA LEU BA 154 69.66 -62.59 0.69
C LEU BA 154 68.72 -63.04 -0.30
N LEU BA 155 67.66 -62.18 -0.48
CA LEU BA 155 66.56 -62.36 -1.38
C LEU BA 155 67.08 -62.12 -2.81
N ARG BA 156 68.17 -61.33 -2.99
CA ARG BA 156 68.79 -61.03 -4.28
C ARG BA 156 69.68 -62.11 -4.83
N LYS BA 157 70.19 -62.99 -4.00
CA LYS BA 157 70.92 -64.20 -4.43
C LYS BA 157 69.96 -65.06 -5.12
N VAL BA 158 68.76 -65.16 -4.52
CA VAL BA 158 67.63 -65.85 -5.12
C VAL BA 158 67.16 -65.25 -6.37
N VAL BA 159 66.82 -63.94 -6.37
CA VAL BA 159 66.29 -63.28 -7.53
C VAL BA 159 67.19 -62.09 -7.82
N ASP BA 160 68.08 -62.25 -8.84
CA ASP BA 160 69.10 -61.32 -9.20
C ASP BA 160 68.48 -60.14 -9.95
N ARG BA 161 67.55 -60.46 -10.84
CA ARG BA 161 67.00 -59.67 -11.89
C ARG BA 161 65.61 -60.28 -12.29
N GLU BA 162 65.08 -59.67 -13.37
CA GLU BA 162 63.71 -59.83 -13.88
C GLU BA 162 63.45 -61.20 -14.50
N SER BA 163 64.51 -61.97 -14.88
CA SER BA 163 64.47 -63.22 -15.57
C SER BA 163 64.70 -64.42 -14.62
N ASP BA 164 64.86 -64.08 -13.31
CA ASP BA 164 65.13 -65.00 -12.24
C ASP BA 164 63.90 -65.27 -11.40
N ILE BA 165 62.83 -64.48 -11.57
CA ILE BA 165 61.54 -64.67 -11.03
C ILE BA 165 60.98 -66.03 -11.49
N PRO BA 166 61.01 -66.48 -12.80
CA PRO BA 166 60.55 -67.83 -13.18
C PRO BA 166 61.38 -68.99 -12.58
N LYS BA 167 62.65 -68.71 -12.20
CA LYS BA 167 63.53 -69.80 -11.77
C LYS BA 167 63.40 -70.18 -10.32
N THR BA 168 62.71 -69.28 -9.64
CA THR BA 168 62.32 -69.40 -8.27
C THR BA 168 60.95 -69.95 -8.15
N THR BA 169 60.82 -70.90 -7.26
CA THR BA 169 59.65 -71.68 -6.90
C THR BA 169 59.20 -71.28 -5.60
N VAL BA 170 57.98 -71.70 -5.19
CA VAL BA 170 57.36 -71.28 -3.96
C VAL BA 170 58.19 -71.64 -2.74
N GLN BA 171 58.77 -72.82 -2.68
CA GLN BA 171 59.59 -73.46 -1.61
C GLN BA 171 60.82 -72.57 -1.36
N VAL BA 172 61.54 -72.23 -2.44
CA VAL BA 172 62.74 -71.41 -2.39
C VAL BA 172 62.48 -70.06 -1.95
N ALA BA 173 61.33 -69.54 -2.39
CA ALA BA 173 60.92 -68.23 -1.90
C ALA BA 173 60.57 -68.19 -0.46
N GLU BA 174 59.85 -69.22 0.00
CA GLU BA 174 59.27 -69.25 1.30
C GLU BA 174 60.35 -69.35 2.40
N GLU BA 175 61.38 -70.26 2.16
CA GLU BA 175 62.48 -70.42 3.04
C GLU BA 175 63.40 -69.16 3.12
N ALA BA 176 63.45 -68.32 2.05
CA ALA BA 176 64.41 -67.26 1.88
C ALA BA 176 64.12 -66.08 2.81
N ILE BA 177 62.74 -65.89 2.99
CA ILE BA 177 61.87 -65.06 3.81
C ILE BA 177 62.10 -65.43 5.24
N VAL BA 178 62.11 -66.70 5.59
CA VAL BA 178 62.62 -67.19 6.91
C VAL BA 178 64.05 -66.98 7.26
N ASN BA 179 65.01 -67.18 6.38
CA ASN BA 179 66.41 -66.94 6.67
C ASN BA 179 66.69 -65.46 7.00
N ALA BA 180 66.01 -64.56 6.29
CA ALA BA 180 66.05 -63.10 6.49
C ALA BA 180 65.39 -62.62 7.71
N MET BA 181 64.36 -63.35 8.20
CA MET BA 181 63.65 -62.98 9.43
C MET BA 181 64.59 -63.06 10.67
N ARG BA 182 65.48 -64.03 10.63
CA ARG BA 182 66.48 -64.21 11.63
C ARG BA 182 67.45 -63.08 11.69
N VAL BA 183 67.83 -62.59 10.52
CA VAL BA 183 68.70 -61.45 10.51
C VAL BA 183 68.12 -60.18 11.24
N LEU BA 184 66.77 -60.00 11.16
CA LEU BA 184 66.17 -58.79 11.59
C LEU BA 184 65.95 -58.86 13.07
N TYR BA 185 65.70 -60.09 13.63
CA TYR BA 185 65.52 -60.40 15.07
C TYR BA 185 66.84 -60.10 15.71
N TYR BA 186 67.90 -60.67 15.14
CA TYR BA 186 69.32 -60.69 15.64
C TYR BA 186 69.95 -59.28 15.73
N ARG BA 187 69.81 -58.41 14.74
CA ARG BA 187 70.73 -57.35 14.45
C ARG BA 187 70.04 -56.10 14.10
N ASP BA 188 68.80 -55.92 14.61
CA ASP BA 188 68.15 -54.61 14.52
C ASP BA 188 67.46 -54.54 15.82
N ALA BA 189 67.51 -53.39 16.52
CA ALA BA 189 66.96 -53.25 17.84
C ALA BA 189 65.41 -53.39 17.84
N ARG BA 190 64.79 -52.96 16.71
CA ARG BA 190 63.46 -53.17 16.32
C ARG BA 190 63.30 -54.62 15.96
N SER BA 191 62.83 -55.45 16.92
CA SER BA 191 62.74 -56.88 16.77
C SER BA 191 61.51 -57.33 17.47
N SER BA 192 61.10 -58.63 17.17
CA SER BA 192 59.83 -59.19 17.56
C SER BA 192 60.07 -60.64 17.24
N ARG BA 193 59.74 -61.62 18.02
CA ARG BA 193 60.02 -62.99 17.65
C ARG BA 193 58.82 -63.54 16.86
N ASN BA 194 57.76 -62.71 16.75
CA ASN BA 194 56.66 -62.96 15.93
C ASN BA 194 56.88 -62.44 14.58
N PHE BA 195 56.29 -63.13 13.61
CA PHE BA 195 56.12 -62.57 12.30
C PHE BA 195 54.89 -63.18 11.64
N SER BA 196 54.40 -62.52 10.55
CA SER BA 196 53.27 -63.03 9.80
C SER BA 196 53.83 -63.23 8.44
N LEU BA 197 53.24 -64.20 7.67
CA LEU BA 197 53.59 -64.51 6.33
C LEU BA 197 52.32 -64.78 5.57
N ALA BA 198 52.19 -64.24 4.40
CA ALA BA 198 50.97 -64.28 3.58
C ALA BA 198 51.46 -64.74 2.25
N ILE BA 199 50.74 -65.79 1.81
CA ILE BA 199 51.05 -66.36 0.50
C ILE BA 199 49.97 -65.90 -0.39
N ILE BA 200 50.31 -65.26 -1.53
CA ILE BA 200 49.35 -65.01 -2.56
C ILE BA 200 49.77 -65.73 -3.75
N ASP BA 201 48.91 -66.69 -4.12
CA ASP BA 201 49.20 -67.63 -5.20
C ASP BA 201 48.00 -67.49 -6.07
N LYS BA 202 48.24 -67.76 -7.39
CA LYS BA 202 47.22 -67.71 -8.45
C LYS BA 202 46.31 -68.86 -8.50
N ASN BA 203 46.63 -69.95 -7.77
CA ASN BA 203 45.91 -71.20 -7.92
C ASN BA 203 45.38 -71.58 -6.54
N THR BA 204 45.37 -70.61 -5.56
CA THR BA 204 45.07 -70.97 -4.17
C THR BA 204 44.45 -69.81 -3.42
N GLY BA 205 44.86 -68.62 -3.85
CA GLY BA 205 44.50 -67.30 -3.38
C GLY BA 205 45.37 -66.99 -2.27
N LEU BA 206 44.77 -66.14 -1.39
CA LEU BA 206 45.47 -65.60 -0.22
C LEU BA 206 45.37 -66.65 0.87
N THR BA 207 46.53 -67.00 1.46
CA THR BA 207 46.61 -67.94 2.60
C THR BA 207 47.43 -67.08 3.59
N PHE BA 208 46.73 -66.74 4.68
CA PHE BA 208 47.33 -65.91 5.74
C PHE BA 208 47.72 -66.83 6.93
N LYS BA 209 49.04 -66.61 7.32
CA LYS BA 209 49.61 -67.29 8.42
C LYS BA 209 50.01 -66.29 9.46
N LYS BA 210 49.50 -66.33 10.73
CA LYS BA 210 49.76 -65.30 11.77
C LYS BA 210 50.61 -65.93 12.87
N ASN BA 211 51.55 -65.08 13.43
CA ASN BA 211 52.45 -65.55 14.56
C ASN BA 211 53.34 -66.79 14.25
N LEU BA 212 54.09 -66.78 13.13
CA LEU BA 212 55.08 -67.81 13.00
C LEU BA 212 56.30 -67.43 13.91
N GLN BA 213 57.02 -68.48 14.40
CA GLN BA 213 58.17 -68.24 15.27
C GLN BA 213 59.40 -68.49 14.49
N VAL BA 214 60.36 -67.59 14.69
CA VAL BA 214 61.70 -67.66 14.15
C VAL BA 214 62.46 -68.80 14.90
N GLU BA 215 63.43 -69.49 14.27
CA GLU BA 215 64.03 -70.73 14.68
C GLU BA 215 65.32 -70.84 13.92
N ASN BA 216 66.27 -71.75 14.23
CA ASN BA 216 67.69 -71.75 13.76
C ASN BA 216 68.53 -70.70 14.46
N MET BA 217 68.24 -70.46 15.77
CA MET BA 217 68.79 -69.55 16.76
C MET BA 217 70.22 -69.84 16.94
N LYS BA 218 71.09 -68.77 16.90
CA LYS BA 218 72.49 -69.01 16.86
C LYS BA 218 73.16 -68.03 17.83
N TRP BA 219 73.69 -68.67 18.93
CA TRP BA 219 74.18 -68.00 20.00
C TRP BA 219 75.21 -68.79 20.65
N ASP BA 220 75.91 -69.63 19.92
CA ASP BA 220 76.78 -70.61 20.56
C ASP BA 220 78.22 -70.17 20.23
N PHE BA 221 78.34 -69.15 19.35
CA PHE BA 221 79.61 -68.42 19.23
C PHE BA 221 79.71 -67.45 20.34
N ALA BA 222 78.59 -67.18 21.04
CA ALA BA 222 78.51 -66.40 22.27
C ALA BA 222 79.08 -67.17 23.40
N LYS BA 223 78.95 -68.48 23.32
CA LYS BA 223 79.48 -69.44 24.35
C LYS BA 223 80.96 -69.58 24.17
N ASP BA 224 81.38 -69.73 22.86
CA ASP BA 224 82.75 -69.84 22.30
C ASP BA 224 83.62 -68.71 22.76
N ILE BA 225 83.13 -67.39 22.70
CA ILE BA 225 83.89 -66.19 23.11
C ILE BA 225 83.77 -66.06 24.60
N LYS BA 226 84.89 -65.53 25.26
CA LYS BA 226 84.76 -64.94 26.61
C LYS BA 226 84.77 -63.43 26.43
N GLY BA 227 84.85 -63.01 25.11
CA GLY BA 227 85.02 -61.62 24.72
C GLY BA 227 86.34 -61.04 25.26
N TYR BA 228 86.44 -59.69 25.38
CA TYR BA 228 87.52 -58.94 26.04
C TYR BA 228 86.96 -58.64 27.40
N GLY BA 229 87.61 -59.19 28.45
CA GLY BA 229 87.30 -58.60 29.76
C GLY BA 229 87.58 -59.58 30.91
N MET CA 1 -115.16 -39.34 -41.03
CA MET CA 1 -114.19 -40.26 -40.48
C MET CA 1 -112.80 -39.71 -40.77
N VAL CA 2 -112.53 -39.50 -42.07
CA VAL CA 2 -111.26 -38.89 -42.49
C VAL CA 2 -111.37 -37.40 -42.42
N LEU CA 3 -110.23 -36.60 -42.55
CA LEU CA 3 -110.11 -35.18 -42.47
C LEU CA 3 -110.70 -34.63 -41.19
N GLU CA 4 -110.08 -35.03 -40.06
CA GLU CA 4 -110.73 -34.88 -38.78
C GLU CA 4 -109.60 -34.65 -37.77
N ALA CA 5 -109.92 -33.82 -36.75
CA ALA CA 5 -109.01 -33.52 -35.65
C ALA CA 5 -109.78 -33.87 -34.42
N THR CA 6 -109.16 -34.72 -33.57
CA THR CA 6 -109.90 -35.31 -32.42
C THR CA 6 -109.29 -34.89 -31.13
N VAL CA 7 -110.10 -34.32 -30.19
CA VAL CA 7 -109.61 -34.09 -28.84
C VAL CA 7 -110.18 -35.18 -27.95
N LEU CA 8 -109.27 -36.13 -27.43
CA LEU CA 8 -109.68 -37.22 -26.63
C LEU CA 8 -109.64 -36.84 -25.21
N VAL CA 9 -110.59 -37.41 -24.47
CA VAL CA 9 -110.70 -37.09 -23.07
C VAL CA 9 -110.61 -38.48 -22.60
N ILE CA 10 -109.53 -38.80 -21.95
CA ILE CA 10 -109.36 -40.14 -21.32
C ILE CA 10 -109.77 -39.85 -19.93
N ASP CA 11 -110.76 -40.62 -19.46
CA ASP CA 11 -111.21 -40.48 -18.06
C ASP CA 11 -110.30 -41.33 -17.17
N ASN CA 12 -109.81 -40.68 -16.12
CA ASN CA 12 -108.85 -41.20 -15.19
C ASN CA 12 -109.52 -40.96 -13.88
N SER CA 13 -109.91 -42.09 -13.32
CA SER CA 13 -110.59 -42.13 -12.03
C SER CA 13 -110.05 -43.22 -11.24
N GLU CA 14 -110.51 -43.37 -9.97
CA GLU CA 14 -110.12 -44.29 -8.90
C GLU CA 14 -111.09 -45.45 -9.02
N TYR CA 15 -111.55 -45.68 -10.29
CA TYR CA 15 -112.27 -46.88 -10.59
C TYR CA 15 -111.51 -47.63 -11.74
N SER CA 16 -110.24 -47.18 -12.01
CA SER CA 16 -109.51 -47.76 -13.08
C SER CA 16 -108.35 -48.53 -12.55
N ARG CA 17 -108.19 -48.64 -11.21
CA ARG CA 17 -107.07 -49.26 -10.60
C ARG CA 17 -107.42 -50.68 -10.29
N ASN CA 18 -108.72 -50.96 -10.39
CA ASN CA 18 -109.38 -52.23 -10.24
C ASN CA 18 -109.20 -53.00 -11.52
N GLY CA 19 -109.00 -54.33 -11.32
CA GLY CA 19 -109.16 -55.34 -12.35
C GLY CA 19 -110.60 -55.43 -12.80
N ASP CA 20 -110.91 -54.91 -14.02
CA ASP CA 20 -112.12 -55.00 -14.82
C ASP CA 20 -111.68 -55.28 -16.22
N PHE CA 21 -110.40 -54.94 -16.49
CA PHE CA 21 -109.80 -55.32 -17.72
C PHE CA 21 -108.37 -55.71 -17.37
N PRO CA 22 -107.69 -56.65 -17.90
CA PRO CA 22 -106.34 -57.04 -17.55
C PRO CA 22 -105.29 -56.06 -18.01
N ARG CA 23 -104.19 -55.74 -17.26
CA ARG CA 23 -103.99 -56.13 -15.84
C ARG CA 23 -104.92 -55.31 -14.92
N THR CA 24 -104.95 -53.93 -15.11
CA THR CA 24 -105.75 -52.96 -14.43
C THR CA 24 -106.41 -52.29 -15.62
N ARG CA 25 -107.46 -51.49 -15.32
CA ARG CA 25 -108.21 -50.85 -16.40
C ARG CA 25 -107.40 -49.75 -16.99
N PHE CA 26 -106.63 -49.05 -16.18
CA PHE CA 26 -105.84 -47.90 -16.58
C PHE CA 26 -104.91 -48.29 -17.77
N GLU CA 27 -104.21 -49.41 -17.59
CA GLU CA 27 -103.28 -49.88 -18.57
C GLU CA 27 -103.95 -50.24 -19.90
N ALA CA 28 -105.21 -50.78 -19.93
CA ALA CA 28 -105.98 -51.10 -21.14
C ALA CA 28 -106.36 -49.81 -21.87
N GLN CA 29 -106.42 -48.62 -21.16
CA GLN CA 29 -106.80 -47.37 -21.79
C GLN CA 29 -105.60 -46.89 -22.53
N ILE CA 30 -104.37 -47.25 -22.13
CA ILE CA 30 -103.23 -46.81 -22.81
C ILE CA 30 -103.23 -47.48 -24.12
N ASP CA 31 -103.65 -48.83 -24.16
CA ASP CA 31 -103.66 -49.74 -25.35
C ASP CA 31 -104.73 -49.24 -26.30
N SER CA 32 -105.93 -48.87 -25.82
CA SER CA 32 -107.07 -48.51 -26.66
C SER CA 32 -106.92 -47.14 -27.38
N VAL CA 33 -106.38 -46.08 -26.77
CA VAL CA 33 -106.14 -44.74 -27.35
C VAL CA 33 -105.09 -44.92 -28.44
N GLU CA 34 -104.09 -45.89 -28.28
CA GLU CA 34 -103.03 -46.08 -29.28
C GLU CA 34 -103.74 -46.58 -30.51
N PHE CA 35 -104.79 -47.43 -30.42
CA PHE CA 35 -105.60 -47.77 -31.52
C PHE CA 35 -106.27 -46.59 -32.29
N ILE CA 36 -106.83 -45.67 -31.51
CA ILE CA 36 -107.57 -44.56 -32.14
C ILE CA 36 -106.62 -43.61 -32.78
N PHE CA 37 -105.49 -43.26 -32.14
CA PHE CA 37 -104.46 -42.41 -32.56
C PHE CA 37 -103.86 -42.86 -33.93
N GLN CA 38 -103.52 -44.15 -34.02
CA GLN CA 38 -102.77 -44.71 -35.15
C GLN CA 38 -103.70 -44.99 -36.34
N ALA CA 39 -104.97 -45.32 -36.14
CA ALA CA 39 -105.91 -45.71 -37.10
C ALA CA 39 -106.32 -44.61 -38.01
N LYS CA 40 -106.63 -43.43 -37.40
CA LYS CA 40 -107.14 -42.24 -38.07
C LYS CA 40 -106.00 -41.63 -38.83
N ARG CA 41 -104.79 -41.66 -38.24
CA ARG CA 41 -103.58 -41.15 -38.91
C ARG CA 41 -103.18 -41.92 -40.18
N ASN CA 42 -103.39 -43.28 -40.06
CA ASN CA 42 -103.14 -44.12 -41.19
C ASN CA 42 -104.19 -43.84 -42.26
N SER CA 43 -105.48 -43.51 -41.92
CA SER CA 43 -106.53 -43.36 -42.88
C SER CA 43 -106.48 -41.96 -43.54
N ASN CA 44 -105.91 -40.94 -42.87
CA ASN CA 44 -105.66 -39.66 -43.49
C ASN CA 44 -104.45 -39.09 -42.71
N PRO CA 45 -103.34 -38.71 -43.31
CA PRO CA 45 -102.10 -38.36 -42.60
C PRO CA 45 -102.05 -36.82 -42.30
N GLU CA 46 -103.19 -36.08 -42.50
CA GLU CA 46 -103.36 -34.70 -42.15
C GLU CA 46 -104.31 -34.57 -40.88
N ASN CA 47 -104.64 -35.74 -40.20
CA ASN CA 47 -105.43 -35.98 -39.03
C ASN CA 47 -104.44 -36.01 -37.81
N THR CA 48 -104.75 -35.09 -36.87
CA THR CA 48 -103.91 -34.91 -35.71
C THR CA 48 -104.79 -34.89 -34.48
N VAL CA 49 -104.17 -35.28 -33.32
CA VAL CA 49 -104.99 -35.65 -32.17
C VAL CA 49 -104.45 -35.04 -30.94
N GLY CA 50 -105.36 -34.32 -30.19
CA GLY CA 50 -104.92 -33.83 -28.89
C GLY CA 50 -105.48 -34.62 -27.80
N LEU CA 51 -105.10 -34.25 -26.56
CA LEU CA 51 -105.34 -35.10 -25.38
C LEU CA 51 -105.53 -34.17 -24.17
N ILE CA 52 -106.64 -34.39 -23.46
CA ILE CA 52 -106.94 -33.77 -22.21
C ILE CA 52 -107.37 -34.85 -21.27
N SER CA 53 -107.48 -34.53 -19.93
CA SER CA 53 -107.80 -35.48 -18.91
C SER CA 53 -109.11 -35.07 -18.25
N GLY CA 54 -109.91 -36.17 -17.92
CA GLY CA 54 -111.11 -35.98 -17.12
C GLY CA 54 -110.68 -36.33 -15.70
N ALA CA 55 -109.68 -35.62 -15.10
CA ALA CA 55 -109.05 -35.93 -13.83
C ALA CA 55 -108.69 -34.59 -13.25
N GLY CA 56 -108.30 -34.58 -11.94
CA GLY CA 56 -107.87 -33.35 -11.32
C GLY CA 56 -109.00 -32.51 -10.78
N ALA CA 57 -108.77 -31.32 -10.17
CA ALA CA 57 -109.72 -30.39 -9.61
C ALA CA 57 -110.36 -29.71 -10.73
N ASN CA 58 -109.62 -29.63 -11.86
CA ASN CA 58 -110.10 -29.13 -13.05
C ASN CA 58 -109.35 -30.01 -14.08
N PRO CA 59 -109.83 -30.29 -15.27
CA PRO CA 59 -109.15 -30.82 -16.39
C PRO CA 59 -107.83 -30.11 -16.76
N ARG CA 60 -106.85 -31.00 -17.08
CA ARG CA 60 -105.56 -30.53 -17.56
C ARG CA 60 -105.29 -30.99 -18.97
N VAL CA 61 -104.29 -30.40 -19.60
CA VAL CA 61 -103.90 -30.64 -20.98
C VAL CA 61 -102.69 -31.52 -20.89
N LEU CA 62 -102.84 -32.80 -21.43
CA LEU CA 62 -101.83 -33.83 -21.50
C LEU CA 62 -101.01 -33.45 -22.74
N SER CA 63 -101.71 -33.20 -23.88
CA SER CA 63 -100.94 -33.06 -25.11
C SER CA 63 -101.65 -32.09 -26.04
N THR CA 64 -100.98 -31.48 -27.06
CA THR CA 64 -101.49 -30.58 -28.05
C THR CA 64 -101.66 -31.42 -29.30
N PHE CA 65 -102.13 -30.70 -30.38
CA PHE CA 65 -102.30 -31.37 -31.68
C PHE CA 65 -101.03 -32.03 -32.23
N THR CA 66 -101.06 -33.30 -32.63
CA THR CA 66 -99.80 -33.95 -32.88
C THR CA 66 -99.88 -35.14 -33.80
N ALA CA 67 -98.74 -35.48 -34.40
CA ALA CA 67 -98.59 -36.51 -35.40
C ALA CA 67 -97.59 -37.41 -34.75
N GLU CA 68 -97.27 -37.16 -33.41
CA GLU CA 68 -96.20 -37.92 -32.76
C GLU CA 68 -96.95 -38.73 -31.76
N PHE CA 69 -96.69 -40.14 -31.79
CA PHE CA 69 -97.19 -41.12 -30.95
C PHE CA 69 -96.30 -41.20 -29.77
N GLY CA 70 -95.13 -40.55 -29.83
CA GLY CA 70 -94.15 -40.49 -28.78
C GLY CA 70 -94.55 -39.57 -27.74
N LYS CA 71 -95.25 -38.46 -28.25
CA LYS CA 71 -95.77 -37.35 -27.48
C LYS CA 71 -97.05 -37.81 -26.80
N ILE CA 72 -97.92 -38.61 -27.55
CA ILE CA 72 -99.22 -39.08 -26.99
C ILE CA 72 -99.03 -40.06 -25.90
N LEU CA 73 -98.12 -41.07 -26.20
CA LEU CA 73 -97.96 -42.17 -25.33
C LEU CA 73 -97.19 -41.70 -24.06
N ALA CA 74 -96.43 -40.58 -24.09
CA ALA CA 74 -95.80 -40.02 -22.89
C ALA CA 74 -96.85 -39.55 -21.88
N GLY CA 75 -97.91 -38.96 -22.34
CA GLY CA 75 -99.01 -38.44 -21.58
C GLY CA 75 -99.98 -39.47 -21.17
N LEU CA 76 -100.27 -40.59 -21.89
CA LEU CA 76 -101.19 -41.65 -21.46
C LEU CA 76 -100.61 -42.41 -20.27
N HIS CA 77 -99.24 -42.71 -20.18
CA HIS CA 77 -98.71 -43.46 -19.08
C HIS CA 77 -98.74 -42.56 -17.90
N ASP CA 78 -98.30 -41.26 -18.15
CA ASP CA 78 -97.90 -40.42 -17.00
C ASP CA 78 -99.07 -39.61 -16.49
N THR CA 79 -100.32 -39.93 -16.96
CA THR CA 79 -101.49 -39.37 -16.28
C THR CA 79 -101.81 -40.26 -15.14
N GLN CA 80 -102.43 -39.70 -14.08
CA GLN CA 80 -102.65 -40.36 -12.84
C GLN CA 80 -104.10 -40.45 -12.71
N ILE CA 81 -104.57 -41.41 -11.85
CA ILE CA 81 -105.90 -41.90 -11.63
C ILE CA 81 -106.45 -41.38 -10.32
N GLU CA 82 -105.90 -40.33 -9.71
CA GLU CA 82 -106.20 -39.78 -8.43
C GLU CA 82 -107.21 -38.70 -8.58
N GLY CA 83 -107.60 -38.44 -9.90
CA GLY CA 83 -108.57 -37.45 -10.25
C GLY CA 83 -109.98 -38.02 -10.08
N LYS CA 84 -110.89 -37.38 -10.90
CA LYS CA 84 -112.32 -37.53 -10.84
C LYS CA 84 -112.74 -37.00 -12.20
N LEU CA 85 -113.78 -37.66 -12.74
CA LEU CA 85 -114.48 -37.13 -13.98
C LEU CA 85 -114.95 -35.75 -13.77
N HIS CA 86 -114.94 -34.92 -14.82
CA HIS CA 86 -115.49 -33.62 -14.85
C HIS CA 86 -115.80 -33.40 -16.30
N MET CA 87 -116.90 -34.08 -16.68
CA MET CA 87 -117.42 -34.21 -18.01
C MET CA 87 -117.82 -32.94 -18.71
N ALA CA 88 -118.57 -32.01 -18.07
CA ALA CA 88 -119.06 -30.74 -18.62
C ALA CA 88 -117.94 -29.79 -18.94
N THR CA 89 -117.05 -29.59 -17.97
CA THR CA 89 -115.93 -28.72 -18.02
C THR CA 89 -114.95 -29.29 -19.01
N ALA CA 90 -114.87 -30.59 -19.18
CA ALA CA 90 -114.04 -31.18 -20.23
C ALA CA 90 -114.55 -30.97 -21.62
N LEU CA 91 -115.90 -31.03 -21.94
CA LEU CA 91 -116.50 -30.86 -23.22
C LEU CA 91 -116.26 -29.46 -23.74
N GLN CA 92 -116.39 -28.39 -22.88
CA GLN CA 92 -116.14 -26.96 -23.12
C GLN CA 92 -114.74 -26.64 -23.37
N ILE CA 93 -113.78 -27.38 -22.72
CA ILE CA 93 -112.36 -27.17 -22.97
C ILE CA 93 -111.91 -27.65 -24.33
N ALA CA 94 -112.48 -28.80 -24.72
CA ALA CA 94 -112.34 -29.23 -26.08
C ALA CA 94 -112.86 -28.25 -27.10
N GLN CA 95 -113.95 -27.53 -26.79
CA GLN CA 95 -114.53 -26.56 -27.67
C GLN CA 95 -113.62 -25.39 -27.92
N LEU CA 96 -112.88 -24.91 -26.84
CA LEU CA 96 -111.81 -23.99 -26.99
C LEU CA 96 -110.63 -24.52 -27.83
N THR CA 97 -110.29 -25.85 -27.73
CA THR CA 97 -109.12 -26.39 -28.32
C THR CA 97 -109.38 -26.58 -29.82
N LEU CA 98 -110.58 -26.89 -30.22
CA LEU CA 98 -111.09 -27.24 -31.56
C LEU CA 98 -111.52 -25.96 -32.23
N LYS CA 99 -111.41 -24.78 -31.54
CA LYS CA 99 -111.63 -23.39 -32.03
C LYS CA 99 -110.54 -23.07 -33.05
N HIS CA 100 -109.29 -23.54 -32.69
CA HIS CA 100 -108.15 -23.43 -33.52
C HIS CA 100 -107.67 -24.81 -33.84
N ARG CA 101 -107.12 -25.00 -35.07
CA ARG CA 101 -106.66 -26.24 -35.58
C ARG CA 101 -105.50 -25.91 -36.48
N GLN CA 102 -104.86 -26.96 -37.00
CA GLN CA 102 -103.63 -26.83 -37.79
C GLN CA 102 -104.07 -26.43 -39.16
N ASN CA 103 -105.21 -27.05 -39.65
CA ASN CA 103 -105.79 -26.88 -40.97
C ASN CA 103 -107.23 -26.78 -40.62
N LYS CA 104 -107.88 -25.80 -41.16
CA LYS CA 104 -109.27 -25.38 -40.84
C LYS CA 104 -110.29 -26.07 -41.71
N VAL CA 105 -109.96 -27.28 -42.30
CA VAL CA 105 -110.80 -28.05 -43.21
C VAL CA 105 -111.08 -29.32 -42.53
N GLN CA 106 -110.65 -29.43 -41.24
CA GLN CA 106 -110.69 -30.65 -40.51
C GLN CA 106 -111.95 -30.58 -39.65
N HIS CA 107 -112.61 -31.78 -39.46
CA HIS CA 107 -113.79 -32.00 -38.78
C HIS CA 107 -113.55 -32.12 -37.28
N GLN CA 108 -114.61 -31.81 -36.46
CA GLN CA 108 -114.54 -31.66 -35.02
C GLN CA 108 -115.26 -32.84 -34.44
N ARG CA 109 -114.55 -33.56 -33.48
CA ARG CA 109 -114.87 -34.79 -32.84
C ARG CA 109 -114.36 -34.68 -31.41
N ILE CA 110 -115.13 -35.09 -30.42
CA ILE CA 110 -114.61 -35.35 -29.07
C ILE CA 110 -114.84 -36.82 -28.88
N VAL CA 111 -113.87 -37.65 -28.36
CA VAL CA 111 -114.23 -39.03 -27.95
C VAL CA 111 -113.91 -39.17 -26.47
N ALA CA 112 -114.87 -39.29 -25.63
CA ALA CA 112 -114.81 -39.20 -24.15
C ALA CA 112 -115.12 -40.57 -23.61
N PHE CA 113 -114.13 -41.06 -22.86
CA PHE CA 113 -114.22 -42.25 -22.07
C PHE CA 113 -114.91 -41.86 -20.81
N VAL CA 114 -115.70 -42.82 -20.41
CA VAL CA 114 -116.39 -42.70 -19.16
C VAL CA 114 -116.07 -44.05 -18.37
N CYS CA 115 -115.56 -43.97 -17.14
CA CYS CA 115 -114.96 -45.12 -16.48
C CYS CA 115 -115.57 -44.95 -15.12
N SER CA 116 -116.41 -43.90 -14.89
CA SER CA 116 -116.93 -43.58 -13.60
C SER CA 116 -118.22 -42.79 -13.58
N PRO CA 117 -119.01 -42.81 -12.48
CA PRO CA 117 -120.16 -41.97 -12.29
C PRO CA 117 -119.93 -40.53 -12.45
N ILE CA 118 -120.96 -39.77 -12.92
CA ILE CA 118 -120.91 -38.41 -13.32
C ILE CA 118 -120.93 -37.54 -12.15
N SER CA 119 -120.25 -36.33 -12.34
CA SER CA 119 -120.23 -35.37 -11.26
C SER CA 119 -120.95 -34.13 -11.61
N ASP CA 120 -121.58 -34.17 -12.73
CA ASP CA 120 -122.14 -33.06 -13.32
C ASP CA 120 -123.55 -33.49 -13.58
N SER CA 121 -124.49 -32.51 -13.48
CA SER CA 121 -125.93 -32.88 -13.60
C SER CA 121 -126.29 -33.21 -14.97
N ARG CA 122 -127.45 -34.03 -15.11
CA ARG CA 122 -128.00 -34.26 -16.38
C ARG CA 122 -128.51 -33.01 -17.06
N ASP CA 123 -129.25 -32.18 -16.32
CA ASP CA 123 -129.82 -30.95 -16.84
C ASP CA 123 -128.86 -29.97 -17.43
N GLU CA 124 -127.73 -29.73 -16.78
CA GLU CA 124 -126.62 -28.93 -17.25
C GLU CA 124 -126.16 -29.49 -18.58
N LEU CA 125 -125.94 -30.79 -18.72
CA LEU CA 125 -125.47 -31.51 -19.88
C LEU CA 125 -126.50 -31.55 -20.99
N ILE CA 126 -127.85 -31.38 -20.71
CA ILE CA 126 -128.86 -31.25 -21.68
C ILE CA 126 -128.62 -29.99 -22.45
N ARG CA 127 -128.44 -28.85 -21.78
CA ARG CA 127 -128.40 -27.49 -22.25
C ARG CA 127 -127.03 -27.36 -23.04
N LEU CA 128 -125.99 -28.20 -22.68
CA LEU CA 128 -124.70 -28.11 -23.24
C LEU CA 128 -124.68 -28.99 -24.51
N ALA CA 129 -125.70 -29.82 -24.72
CA ALA CA 129 -125.83 -30.65 -25.86
C ALA CA 129 -126.15 -29.89 -27.11
N LYS CA 130 -126.81 -28.78 -26.91
CA LYS CA 130 -127.31 -27.90 -27.96
C LYS CA 130 -126.19 -26.90 -28.33
N THR CA 131 -125.18 -26.79 -27.41
CA THR CA 131 -124.06 -25.86 -27.63
C THR CA 131 -123.09 -26.58 -28.53
N LEU CA 132 -122.99 -27.95 -28.37
CA LEU CA 132 -122.17 -28.82 -29.19
C LEU CA 132 -122.57 -28.81 -30.68
N LYS CA 133 -123.88 -28.86 -31.07
CA LYS CA 133 -124.30 -28.87 -32.47
C LYS CA 133 -124.42 -27.47 -33.00
N LYS CA 134 -124.32 -26.46 -32.06
CA LYS CA 134 -124.30 -25.01 -32.44
C LYS CA 134 -122.91 -24.63 -32.92
N ASN CA 135 -121.93 -25.46 -32.53
CA ASN CA 135 -120.57 -25.22 -32.92
C ASN CA 135 -120.17 -26.36 -33.79
N ASN CA 136 -121.13 -27.14 -34.29
CA ASN CA 136 -120.94 -28.21 -35.35
C ASN CA 136 -119.78 -29.15 -34.91
N VAL CA 137 -119.80 -29.64 -33.62
CA VAL CA 137 -118.95 -30.61 -33.17
C VAL CA 137 -119.93 -31.76 -32.84
N ALA CA 138 -119.49 -33.02 -33.18
CA ALA CA 138 -120.05 -34.26 -32.88
C ALA CA 138 -119.42 -34.75 -31.75
N VAL CA 139 -120.13 -35.50 -30.93
CA VAL CA 139 -119.62 -35.97 -29.65
C VAL CA 139 -119.85 -37.46 -29.64
N ASP CA 140 -118.84 -38.30 -29.19
CA ASP CA 140 -118.92 -39.75 -29.18
C ASP CA 140 -118.64 -40.08 -27.74
N ILE CA 141 -119.44 -40.92 -27.08
CA ILE CA 141 -119.34 -41.26 -25.69
C ILE CA 141 -119.07 -42.76 -25.84
N ILE CA 142 -118.00 -43.21 -25.14
CA ILE CA 142 -117.59 -44.59 -24.95
C ILE CA 142 -118.24 -44.97 -23.66
N ASN CA 143 -119.17 -45.84 -23.63
CA ASN CA 143 -119.93 -46.12 -22.47
C ASN CA 143 -119.50 -47.43 -21.83
N PHE CA 144 -119.10 -47.34 -20.50
CA PHE CA 144 -118.86 -48.50 -19.61
C PHE CA 144 -118.89 -48.00 -18.20
N GLY CA 145 -119.01 -46.67 -18.05
CA GLY CA 145 -118.93 -46.02 -16.73
C GLY CA 145 -120.26 -45.71 -16.17
N GLU CA 146 -121.33 -45.81 -16.93
CA GLU CA 146 -122.65 -45.31 -16.63
C GLU CA 146 -123.49 -46.44 -16.22
N ILE CA 147 -122.90 -47.66 -16.13
CA ILE CA 147 -123.63 -48.86 -16.02
C ILE CA 147 -122.97 -49.73 -15.08
N GLU CA 148 -122.52 -49.04 -14.00
CA GLU CA 148 -121.81 -49.62 -12.77
C GLU CA 148 -122.63 -49.33 -11.56
N GLN CA 149 -123.85 -48.65 -11.70
CA GLN CA 149 -124.75 -48.34 -10.59
C GLN CA 149 -125.65 -47.21 -10.97
N ASN CA 150 -125.90 -46.95 -12.30
CA ASN CA 150 -126.74 -45.89 -12.75
C ASN CA 150 -127.61 -46.41 -13.88
N THR CA 151 -128.70 -45.66 -14.20
CA THR CA 151 -129.38 -45.89 -15.41
C THR CA 151 -128.75 -44.99 -16.40
N GLU CA 152 -128.47 -45.43 -17.64
CA GLU CA 152 -127.79 -44.66 -18.63
C GLU CA 152 -128.47 -43.37 -19.06
N LEU CA 153 -127.80 -42.20 -19.03
CA LEU CA 153 -128.39 -40.92 -19.39
C LEU CA 153 -127.68 -40.34 -20.61
N LEU CA 154 -126.62 -41.00 -21.08
CA LEU CA 154 -125.75 -40.55 -22.16
C LEU CA 154 -126.53 -40.58 -23.51
N ASP CA 155 -127.50 -41.50 -23.69
CA ASP CA 155 -128.26 -41.68 -24.92
C ASP CA 155 -128.92 -40.40 -25.22
N GLU CA 156 -129.44 -39.73 -24.17
CA GLU CA 156 -130.11 -38.50 -24.24
C GLU CA 156 -129.27 -37.38 -24.87
N PHE CA 157 -127.98 -37.20 -24.52
CA PHE CA 157 -127.12 -36.03 -24.99
C PHE CA 157 -126.67 -36.28 -26.41
N ILE CA 158 -126.43 -37.51 -26.78
CA ILE CA 158 -126.19 -37.98 -28.15
C ILE CA 158 -127.34 -37.69 -29.11
N ALA CA 159 -128.58 -37.93 -28.70
CA ALA CA 159 -129.76 -37.84 -29.46
C ALA CA 159 -130.09 -36.41 -29.87
N ALA CA 160 -129.86 -35.49 -28.96
CA ALA CA 160 -129.97 -34.02 -29.08
C ALA CA 160 -128.95 -33.38 -29.99
N VAL CA 161 -127.69 -33.78 -29.86
CA VAL CA 161 -126.65 -33.47 -30.75
C VAL CA 161 -126.90 -33.95 -32.13
N ASN CA 162 -127.44 -35.17 -32.30
CA ASN CA 162 -127.44 -35.86 -33.54
C ASN CA 162 -128.34 -35.27 -34.60
N ASN CA 163 -127.69 -34.69 -35.61
CA ASN CA 163 -128.31 -34.19 -36.82
C ASN CA 163 -127.40 -34.50 -38.01
N PRO CA 164 -127.71 -34.08 -39.26
CA PRO CA 164 -126.76 -33.73 -40.20
C PRO CA 164 -126.02 -32.57 -39.65
N GLN CA 165 -124.69 -32.78 -39.53
CA GLN CA 165 -123.82 -31.87 -38.90
C GLN CA 165 -122.62 -31.61 -39.83
N GLU CA 166 -121.49 -32.21 -39.47
CA GLU CA 166 -120.27 -32.32 -40.25
C GLU CA 166 -119.72 -33.65 -39.85
N GLU CA 167 -120.39 -34.44 -38.95
CA GLU CA 167 -119.91 -35.65 -38.49
C GLU CA 167 -121.08 -36.29 -37.75
N THR CA 168 -120.98 -37.60 -37.65
CA THR CA 168 -121.88 -38.47 -37.02
C THR CA 168 -121.50 -38.55 -35.62
N SER CA 169 -122.51 -38.62 -34.83
CA SER CA 169 -122.38 -38.75 -33.45
C SER CA 169 -122.82 -40.18 -33.18
N HIS CA 170 -122.28 -40.80 -32.13
CA HIS CA 170 -122.46 -42.18 -31.94
C HIS CA 170 -122.28 -42.47 -30.56
N LEU CA 171 -122.93 -43.55 -30.11
CA LEU CA 171 -122.75 -44.08 -28.78
C LEU CA 171 -122.25 -45.42 -28.99
N LEU CA 172 -121.05 -45.59 -28.50
CA LEU CA 172 -120.38 -46.90 -28.44
C LEU CA 172 -120.77 -47.49 -27.13
N THR CA 173 -121.16 -48.73 -27.09
CA THR CA 173 -121.50 -49.53 -25.93
C THR CA 173 -120.39 -50.55 -25.85
N VAL CA 174 -119.59 -50.57 -24.74
CA VAL CA 174 -118.45 -51.44 -24.33
C VAL CA 174 -118.91 -52.18 -23.12
N THR CA 175 -118.43 -53.41 -22.95
CA THR CA 175 -118.80 -54.33 -21.84
C THR CA 175 -117.77 -53.91 -20.82
N PRO CA 176 -118.09 -53.53 -19.59
CA PRO CA 176 -117.11 -53.05 -18.65
C PRO CA 176 -116.30 -54.21 -18.09
N GLY CA 177 -116.83 -55.51 -18.09
CA GLY CA 177 -116.22 -56.73 -17.73
C GLY CA 177 -115.13 -57.02 -18.72
N PRO CA 178 -114.35 -58.08 -18.46
CA PRO CA 178 -113.02 -58.36 -18.98
C PRO CA 178 -113.39 -59.01 -20.38
N ARG CA 179 -112.97 -58.30 -21.40
CA ARG CA 179 -113.00 -58.80 -22.79
C ARG CA 179 -112.04 -57.99 -23.66
N LEU CA 180 -111.16 -57.15 -22.96
CA LEU CA 180 -110.02 -56.39 -23.43
C LEU CA 180 -110.55 -55.22 -24.19
N LEU CA 181 -110.10 -54.06 -23.61
CA LEU CA 181 -110.68 -52.78 -24.00
C LEU CA 181 -110.38 -52.36 -25.45
N TYR CA 182 -109.15 -52.50 -25.95
CA TYR CA 182 -108.75 -52.08 -27.28
C TYR CA 182 -109.52 -52.71 -28.43
N GLU CA 183 -109.85 -53.99 -28.20
CA GLU CA 183 -110.63 -54.82 -29.03
C GLU CA 183 -112.11 -54.39 -29.17
N ASN CA 184 -112.69 -54.03 -28.02
CA ASN CA 184 -114.05 -53.53 -27.94
C ASN CA 184 -114.29 -52.22 -28.76
N ILE CA 185 -113.32 -51.21 -28.78
CA ILE CA 185 -113.33 -50.08 -29.61
C ILE CA 185 -113.25 -50.39 -31.07
N ALA CA 186 -112.38 -51.37 -31.49
CA ALA CA 186 -112.19 -51.77 -32.84
C ALA CA 186 -113.49 -52.29 -33.47
N SER CA 187 -114.28 -53.12 -32.69
CA SER CA 187 -115.35 -53.87 -33.28
C SER CA 187 -116.63 -52.96 -33.34
N SER CA 188 -116.73 -51.99 -32.41
CA SER CA 188 -117.70 -50.88 -32.52
C SER CA 188 -117.23 -49.87 -33.61
N PRO CA 189 -118.06 -49.11 -34.30
CA PRO CA 189 -117.54 -48.05 -35.26
C PRO CA 189 -116.56 -47.11 -34.65
N ILE CA 190 -115.46 -46.87 -35.34
CA ILE CA 190 -114.48 -45.84 -34.88
C ILE CA 190 -113.80 -45.45 -36.20
N ILE CA 191 -113.86 -46.36 -37.21
CA ILE CA 191 -113.61 -46.06 -38.60
C ILE CA 191 -114.74 -46.68 -39.47
N LEU CA 192 -115.73 -47.28 -38.78
CA LEU CA 192 -116.91 -47.86 -39.48
C LEU CA 192 -118.01 -46.82 -39.53
N GLU CA 193 -117.94 -45.67 -38.81
CA GLU CA 193 -118.84 -44.50 -38.91
C GLU CA 193 -118.27 -43.62 -39.90
N GLU CA 194 -119.21 -43.05 -40.71
CA GLU CA 194 -118.95 -42.14 -41.83
C GLU CA 194 -119.63 -40.89 -41.59
N GLY CA 195 -118.87 -39.76 -41.63
CA GLY CA 195 -119.27 -38.45 -41.45
C GLY CA 195 -120.47 -38.11 -42.32
N SER CA 196 -121.45 -37.36 -41.76
CA SER CA 196 -122.61 -36.83 -42.49
C SER CA 196 -122.27 -35.52 -43.05
N SER CA 197 -123.06 -35.11 -44.10
CA SER CA 197 -122.94 -33.78 -44.61
C SER CA 197 -124.21 -33.05 -44.10
N THR DA 1 -86.54 6.47 -62.82
CA THR DA 1 -86.20 5.04 -62.46
C THR DA 1 -87.55 4.43 -62.16
N GLY DA 2 -87.56 3.45 -61.18
CA GLY DA 2 -88.70 2.65 -60.93
C GLY DA 2 -88.98 2.59 -59.50
N ARG DA 3 -88.23 3.39 -58.76
CA ARG DA 3 -88.45 3.56 -57.37
C ARG DA 3 -88.14 4.98 -57.22
N ASP DA 4 -88.58 5.52 -56.07
CA ASP DA 4 -88.33 6.89 -55.69
C ASP DA 4 -86.91 7.03 -55.13
N ASP DA 5 -86.27 5.92 -54.61
CA ASP DA 5 -85.00 5.80 -53.95
C ASP DA 5 -84.76 6.91 -53.01
N THR DA 6 -85.58 7.04 -52.01
CA THR DA 6 -85.54 8.11 -50.96
C THR DA 6 -85.49 7.33 -49.65
N LYS DA 7 -84.42 7.72 -48.93
CA LYS DA 7 -84.01 7.13 -47.70
C LYS DA 7 -85.06 7.32 -46.63
N GLU DA 8 -85.42 6.17 -45.98
CA GLU DA 8 -86.56 6.09 -45.10
C GLU DA 8 -86.23 6.72 -43.76
N THR DA 9 -87.15 7.48 -43.14
CA THR DA 9 -87.18 7.80 -41.67
C THR DA 9 -87.59 6.56 -40.86
N VAL DA 10 -86.62 6.17 -39.99
CA VAL DA 10 -86.67 4.98 -39.24
C VAL DA 10 -87.16 5.18 -37.86
N TYR DA 11 -88.33 4.64 -37.58
CA TYR DA 11 -88.96 4.88 -36.32
C TYR DA 11 -88.89 3.52 -35.66
N ILE DA 12 -88.00 3.44 -34.65
CA ILE DA 12 -87.78 2.17 -33.99
C ILE DA 12 -88.45 2.51 -32.72
N SER DA 13 -89.43 1.74 -32.29
CA SER DA 13 -90.12 1.90 -31.10
C SER DA 13 -89.27 1.79 -29.89
N SER DA 14 -89.84 2.24 -28.73
CA SER DA 14 -89.10 2.23 -27.54
C SER DA 14 -88.93 0.81 -27.01
N ILE DA 15 -89.95 -0.07 -27.22
CA ILE DA 15 -89.82 -1.52 -26.91
C ILE DA 15 -88.66 -2.20 -27.56
N ALA DA 16 -88.44 -1.94 -28.94
CA ALA DA 16 -87.45 -2.44 -29.85
C ALA DA 16 -86.05 -1.94 -29.46
N LEU DA 17 -85.99 -0.71 -28.98
CA LEU DA 17 -84.73 -0.06 -28.68
C LEU DA 17 -83.92 -0.73 -27.65
N LEU DA 18 -84.71 -1.12 -26.63
CA LEU DA 18 -84.29 -1.74 -25.41
C LEU DA 18 -83.73 -3.10 -25.59
N LYS DA 19 -84.36 -3.82 -26.56
CA LYS DA 19 -83.92 -5.10 -27.06
C LYS DA 19 -82.60 -5.13 -27.78
N MET DA 20 -82.44 -4.16 -28.75
CA MET DA 20 -81.36 -3.94 -29.57
C MET DA 20 -80.12 -3.56 -28.91
N LEU DA 21 -80.22 -2.64 -27.95
CA LEU DA 21 -79.09 -2.37 -27.08
C LEU DA 21 -78.56 -3.45 -26.19
N LYS DA 22 -79.52 -4.29 -25.73
CA LYS DA 22 -79.25 -5.32 -24.72
C LYS DA 22 -78.44 -6.45 -25.23
N HIS DA 23 -78.84 -6.85 -26.46
CA HIS DA 23 -78.25 -7.96 -27.19
C HIS DA 23 -76.79 -7.66 -27.63
N GLY DA 24 -76.51 -6.39 -28.09
CA GLY DA 24 -75.15 -5.95 -28.48
C GLY DA 24 -74.27 -5.67 -27.34
N ARG DA 25 -74.70 -5.09 -26.22
CA ARG DA 25 -73.88 -4.87 -25.04
C ARG DA 25 -73.48 -6.17 -24.42
N ALA DA 26 -74.37 -7.19 -24.49
CA ALA DA 26 -74.10 -8.58 -23.92
C ALA DA 26 -72.91 -9.17 -24.66
N GLY DA 27 -72.90 -9.00 -26.01
CA GLY DA 27 -72.09 -9.84 -26.83
C GLY DA 27 -70.93 -8.95 -27.09
N VAL DA 28 -69.96 -8.79 -26.10
CA VAL DA 28 -68.81 -7.87 -26.32
C VAL DA 28 -67.61 -8.55 -25.65
N PRO DA 29 -66.59 -8.93 -26.38
CA PRO DA 29 -66.46 -8.74 -27.82
C PRO DA 29 -67.29 -9.78 -28.54
N MET DA 30 -67.87 -9.51 -29.76
CA MET DA 30 -68.59 -10.33 -30.62
C MET DA 30 -69.49 -9.42 -31.35
N GLU DA 31 -69.88 -9.86 -32.56
CA GLU DA 31 -70.87 -9.31 -33.44
C GLU DA 31 -72.13 -10.12 -33.20
N VAL DA 32 -73.26 -9.43 -32.96
CA VAL DA 32 -74.54 -10.13 -32.72
C VAL DA 32 -75.34 -9.91 -34.00
N MET DA 33 -76.13 -10.87 -34.44
CA MET DA 33 -76.71 -10.98 -35.71
C MET DA 33 -78.13 -11.06 -35.40
N GLY DA 34 -78.93 -10.07 -35.93
CA GLY DA 34 -80.39 -10.06 -35.83
C GLY DA 34 -81.02 -9.58 -37.07
N LEU DA 35 -82.36 -9.52 -36.96
CA LEU DA 35 -83.26 -9.16 -38.06
C LEU DA 35 -84.23 -8.13 -37.50
N MET DA 36 -84.83 -7.23 -38.30
CA MET DA 36 -85.80 -6.20 -37.87
C MET DA 36 -87.17 -6.55 -38.47
N LEU DA 37 -88.12 -6.49 -37.61
CA LEU DA 37 -89.43 -7.02 -37.91
C LEU DA 37 -90.36 -5.83 -37.65
N GLY DA 38 -91.07 -5.45 -38.71
CA GLY DA 38 -91.96 -4.37 -38.58
C GLY DA 38 -92.82 -4.44 -39.70
N GLU DA 39 -93.14 -3.25 -40.22
CA GLU DA 39 -93.96 -3.18 -41.35
C GLU DA 39 -93.63 -1.92 -42.12
N PHE DA 40 -93.38 -2.07 -43.45
CA PHE DA 40 -92.98 -0.97 -44.23
C PHE DA 40 -94.23 -0.45 -44.92
N VAL DA 41 -94.37 0.88 -44.87
CA VAL DA 41 -95.49 1.59 -45.41
C VAL DA 41 -94.93 2.76 -46.12
N ASP DA 42 -95.79 3.38 -47.01
CA ASP DA 42 -95.37 4.54 -47.77
C ASP DA 42 -94.26 4.27 -48.73
N ASP DA 43 -93.28 5.16 -48.75
CA ASP DA 43 -92.11 5.12 -49.60
C ASP DA 43 -91.04 5.72 -48.78
N TYR DA 44 -91.24 5.89 -47.42
CA TYR DA 44 -90.30 6.64 -46.61
C TYR DA 44 -90.54 6.39 -45.16
N THR DA 45 -91.46 5.49 -44.73
CA THR DA 45 -91.69 5.36 -43.36
C THR DA 45 -91.65 3.83 -43.01
N VAL DA 46 -90.79 3.46 -42.09
CA VAL DA 46 -90.69 2.12 -41.55
C VAL DA 46 -90.97 2.23 -40.13
N ASN DA 47 -91.78 1.29 -39.58
CA ASN DA 47 -92.11 1.31 -38.21
C ASN DA 47 -91.65 -0.06 -37.69
N VAL DA 48 -90.72 -0.07 -36.75
CA VAL DA 48 -90.14 -1.27 -36.25
C VAL DA 48 -90.79 -1.65 -34.92
N VAL DA 49 -91.81 -2.59 -34.93
CA VAL DA 49 -92.45 -3.01 -33.69
C VAL DA 49 -91.47 -3.87 -32.81
N ASP DA 50 -90.61 -4.78 -33.37
CA ASP DA 50 -89.83 -5.67 -32.54
C ASP DA 50 -88.70 -6.15 -33.47
N VAL DA 51 -87.73 -6.85 -32.90
CA VAL DA 51 -86.47 -7.13 -33.52
C VAL DA 51 -86.28 -8.55 -32.97
N PHE DA 52 -85.31 -9.24 -33.53
CA PHE DA 52 -85.10 -10.61 -33.09
C PHE DA 52 -83.62 -10.65 -33.22
N ALA DA 53 -82.97 -11.17 -32.15
CA ALA DA 53 -81.66 -11.67 -32.16
C ALA DA 53 -81.76 -13.08 -32.66
N MET DA 54 -81.15 -13.31 -33.92
CA MET DA 54 -80.88 -14.63 -34.29
C MET DA 54 -79.60 -15.02 -33.60
N PRO DA 55 -79.53 -16.30 -32.99
CA PRO DA 55 -78.33 -16.92 -32.40
C PRO DA 55 -76.94 -16.58 -32.91
N GLN DA 56 -76.04 -16.27 -31.95
CA GLN DA 56 -74.69 -15.75 -32.11
C GLN DA 56 -73.79 -16.70 -32.83
N SER DA 57 -72.75 -16.24 -33.54
CA SER DA 57 -72.03 -17.11 -34.42
C SER DA 57 -70.59 -16.66 -34.37
N GLY DA 58 -69.68 -17.54 -34.81
CA GLY DA 58 -68.25 -17.33 -34.80
C GLY DA 58 -67.74 -17.13 -36.15
N THR DA 59 -68.58 -16.79 -37.14
CA THR DA 59 -68.13 -16.51 -38.56
C THR DA 59 -68.22 -15.02 -38.74
N GLY DA 60 -68.60 -14.22 -37.68
CA GLY DA 60 -68.93 -12.81 -37.77
C GLY DA 60 -70.16 -12.61 -38.56
N VAL DA 61 -70.15 -11.57 -39.47
CA VAL DA 61 -71.26 -11.10 -40.26
C VAL DA 61 -70.97 -11.65 -41.66
N SER DA 62 -71.90 -12.35 -42.31
CA SER DA 62 -71.75 -12.82 -43.70
C SER DA 62 -73.14 -13.31 -44.03
N VAL DA 63 -73.23 -13.81 -45.30
CA VAL DA 63 -74.49 -14.39 -45.89
C VAL DA 63 -74.52 -15.83 -45.42
N GLU DA 64 -73.38 -16.30 -44.90
CA GLU DA 64 -73.13 -17.57 -44.40
C GLU DA 64 -73.25 -17.55 -42.87
N ALA DA 65 -73.85 -16.42 -42.37
CA ALA DA 65 -74.30 -16.23 -41.05
C ALA DA 65 -75.75 -15.99 -40.95
N VAL DA 66 -76.53 -16.22 -41.99
CA VAL DA 66 -77.98 -16.11 -41.98
C VAL DA 66 -78.27 -17.55 -41.73
N ASP DA 67 -79.35 -17.87 -41.04
CA ASP DA 67 -79.71 -19.19 -40.71
C ASP DA 67 -81.18 -19.13 -40.96
N ASP DA 68 -81.64 -19.86 -41.93
CA ASP DA 68 -82.99 -19.82 -42.45
C ASP DA 68 -83.87 -20.76 -41.62
N VAL DA 69 -83.33 -21.69 -40.88
CA VAL DA 69 -84.05 -22.53 -39.98
C VAL DA 69 -84.42 -21.79 -38.85
N PHE DA 70 -83.43 -21.10 -38.32
CA PHE DA 70 -83.61 -20.24 -37.16
C PHE DA 70 -84.49 -19.04 -37.44
N GLN DA 71 -84.47 -18.38 -38.66
CA GLN DA 71 -85.29 -17.34 -39.19
C GLN DA 71 -86.73 -17.74 -39.24
N ALA DA 72 -87.02 -18.93 -39.86
CA ALA DA 72 -88.33 -19.43 -40.01
C ALA DA 72 -89.00 -19.75 -38.74
N LYS DA 73 -88.21 -20.28 -37.76
CA LYS DA 73 -88.68 -20.68 -36.50
C LYS DA 73 -89.24 -19.61 -35.79
N MET DA 74 -88.63 -18.45 -35.79
CA MET DA 74 -89.16 -17.19 -35.24
C MET DA 74 -90.48 -16.78 -35.84
N MET DA 75 -90.49 -16.79 -37.18
CA MET DA 75 -91.67 -16.39 -38.00
C MET DA 75 -92.93 -17.20 -37.72
N ASP DA 76 -92.81 -18.55 -37.69
CA ASP DA 76 -93.89 -19.40 -37.57
C ASP DA 76 -94.73 -19.28 -36.33
N MET DA 77 -94.01 -19.04 -35.18
CA MET DA 77 -94.52 -18.81 -33.83
C MET DA 77 -95.06 -17.41 -33.64
N LEU DA 78 -94.54 -16.33 -34.45
CA LEU DA 78 -95.26 -15.05 -34.35
C LEU DA 78 -96.69 -15.26 -34.91
N LYS DA 79 -96.86 -16.03 -36.02
CA LYS DA 79 -98.19 -16.22 -36.61
C LYS DA 79 -99.28 -16.81 -35.79
N GLN DA 80 -98.79 -17.75 -35.00
CA GLN DA 80 -99.56 -18.54 -34.09
C GLN DA 80 -100.07 -17.75 -32.86
N THR DA 81 -99.39 -16.62 -32.53
CA THR DA 81 -99.87 -15.78 -31.44
C THR DA 81 -100.58 -14.62 -32.08
N GLY DA 82 -100.45 -14.40 -33.42
CA GLY DA 82 -101.10 -13.35 -34.17
C GLY DA 82 -100.37 -12.05 -34.21
N ARG DA 83 -99.06 -12.02 -33.91
CA ARG DA 83 -98.23 -10.88 -33.70
C ARG DA 83 -97.37 -10.68 -34.90
N ASP DA 84 -97.82 -11.35 -36.10
CA ASP DA 84 -97.01 -11.54 -37.30
C ASP DA 84 -96.57 -10.17 -37.84
N GLN DA 85 -95.30 -10.17 -38.34
CA GLN DA 85 -94.67 -9.00 -38.91
C GLN DA 85 -93.69 -9.56 -39.88
N MET DA 86 -93.15 -8.68 -40.71
CA MET DA 86 -92.27 -9.11 -41.79
C MET DA 86 -91.04 -8.37 -41.71
N VAL DA 87 -89.89 -8.92 -42.16
CA VAL DA 87 -88.65 -8.16 -42.25
C VAL DA 87 -88.62 -6.94 -43.11
N VAL DA 88 -87.93 -5.90 -42.60
CA VAL DA 88 -87.73 -4.55 -43.16
C VAL DA 88 -86.23 -4.29 -43.15
N GLY DA 89 -85.38 -5.31 -42.85
CA GLY DA 89 -83.97 -5.19 -42.74
C GLY DA 89 -83.39 -6.06 -41.64
N TRP DA 90 -82.22 -5.66 -41.07
CA TRP DA 90 -81.46 -6.53 -40.17
C TRP DA 90 -80.55 -5.54 -39.46
N TYR DA 91 -80.03 -6.07 -38.28
CA TYR DA 91 -79.15 -5.26 -37.46
C TYR DA 91 -78.03 -6.08 -36.95
N HIS DA 92 -77.00 -5.37 -36.45
CA HIS DA 92 -75.78 -6.03 -35.97
C HIS DA 92 -75.02 -5.12 -35.19
N SER DA 93 -74.06 -5.66 -34.33
CA SER DA 93 -73.09 -4.94 -33.53
C SER DA 93 -71.75 -4.95 -34.20
N HIS DA 94 -71.04 -3.75 -34.05
CA HIS DA 94 -69.60 -3.58 -34.09
C HIS DA 94 -69.19 -3.50 -32.62
N PRO DA 95 -68.25 -4.26 -32.09
CA PRO DA 95 -67.97 -4.32 -30.66
C PRO DA 95 -67.02 -3.30 -30.28
N GLY DA 96 -66.44 -2.57 -31.26
CA GLY DA 96 -65.59 -1.51 -30.83
C GLY DA 96 -65.11 -0.72 -32.04
N PHE DA 97 -66.01 -0.36 -32.97
CA PHE DA 97 -65.71 0.41 -34.13
C PHE DA 97 -66.88 1.38 -34.36
N GLY DA 98 -66.81 2.37 -35.33
CA GLY DA 98 -67.84 3.27 -35.65
C GLY DA 98 -68.85 2.63 -36.51
N CYS DA 99 -69.80 3.37 -37.12
CA CYS DA 99 -70.93 2.87 -37.81
C CYS DA 99 -70.64 2.99 -39.26
N TRP DA 100 -70.46 1.84 -39.96
CA TRP DA 100 -70.41 1.84 -41.37
C TRP DA 100 -70.72 0.48 -41.76
N LEU DA 101 -71.02 0.25 -43.04
CA LEU DA 101 -71.12 -1.04 -43.58
C LEU DA 101 -69.83 -1.30 -44.31
N SER DA 102 -69.17 -2.49 -44.03
CA SER DA 102 -68.12 -3.06 -44.81
C SER DA 102 -68.65 -3.54 -46.14
N SER DA 103 -67.74 -3.89 -47.03
CA SER DA 103 -68.14 -4.59 -48.24
C SER DA 103 -69.00 -5.91 -48.04
N VAL DA 104 -68.52 -6.69 -47.01
CA VAL DA 104 -69.00 -8.01 -46.54
C VAL DA 104 -70.39 -7.79 -45.85
N ASP DA 105 -70.64 -6.68 -45.13
CA ASP DA 105 -71.88 -6.22 -44.56
C ASP DA 105 -72.79 -5.76 -45.64
N VAL DA 106 -72.28 -5.28 -46.75
CA VAL DA 106 -73.10 -4.82 -47.91
C VAL DA 106 -73.72 -6.01 -48.60
N ASN DA 107 -73.01 -7.12 -48.63
CA ASN DA 107 -73.58 -8.30 -49.20
C ASN DA 107 -74.64 -8.97 -48.29
N THR DA 108 -74.61 -8.82 -46.96
CA THR DA 108 -75.63 -9.33 -46.09
C THR DA 108 -76.90 -8.61 -46.30
N GLN DA 109 -76.68 -7.27 -46.43
CA GLN DA 109 -77.64 -6.24 -46.78
C GLN DA 109 -78.34 -6.53 -48.09
N LYS DA 110 -77.53 -7.06 -49.06
CA LYS DA 110 -77.99 -7.36 -50.39
C LYS DA 110 -79.08 -8.43 -50.49
N SER DA 111 -78.98 -9.49 -49.56
CA SER DA 111 -79.97 -10.55 -49.49
C SER DA 111 -81.35 -10.15 -49.19
N PHE DA 112 -81.55 -9.21 -48.26
CA PHE DA 112 -82.75 -8.55 -47.92
C PHE DA 112 -83.20 -7.57 -48.98
N GLU DA 113 -82.28 -6.98 -49.84
CA GLU DA 113 -82.53 -5.94 -50.83
C GLU DA 113 -83.26 -6.42 -52.02
N GLN DA 114 -83.03 -7.76 -52.29
CA GLN DA 114 -83.88 -8.58 -53.18
C GLN DA 114 -85.36 -8.56 -52.60
N LEU DA 115 -85.47 -8.74 -51.26
CA LEU DA 115 -86.85 -8.91 -50.63
C LEU DA 115 -87.63 -7.63 -50.73
N ASN DA 116 -86.95 -6.46 -50.56
CA ASN DA 116 -87.57 -5.19 -50.62
C ASN DA 116 -86.28 -4.33 -50.66
N SER DA 117 -86.39 -3.15 -51.33
CA SER DA 117 -85.18 -2.40 -51.69
C SER DA 117 -85.06 -1.32 -50.60
N ARG DA 118 -85.83 -1.32 -49.49
CA ARG DA 118 -85.79 -0.43 -48.38
C ARG DA 118 -85.40 -1.25 -47.21
N ALA DA 119 -84.21 -1.83 -47.32
CA ALA DA 119 -83.58 -2.66 -46.28
C ALA DA 119 -82.56 -1.87 -45.60
N VAL DA 120 -82.60 -1.91 -44.29
CA VAL DA 120 -81.78 -1.11 -43.51
C VAL DA 120 -80.86 -1.99 -42.78
N ALA DA 121 -79.65 -1.46 -42.64
CA ALA DA 121 -78.64 -2.13 -41.80
C ALA DA 121 -78.23 -1.16 -40.75
N VAL DA 122 -78.49 -1.63 -39.48
CA VAL DA 122 -78.30 -0.78 -38.34
C VAL DA 122 -77.08 -1.33 -37.55
N VAL DA 123 -76.07 -0.41 -37.25
CA VAL DA 123 -74.87 -0.70 -36.52
C VAL DA 123 -74.85 -0.13 -35.17
N VAL DA 124 -74.56 -0.94 -34.14
CA VAL DA 124 -74.73 -0.59 -32.74
C VAL DA 124 -73.37 -0.69 -32.23
N ASP DA 125 -72.97 0.35 -31.46
CA ASP DA 125 -71.69 0.19 -30.76
C ASP DA 125 -72.08 0.55 -29.30
N PRO DA 126 -72.06 -0.33 -28.34
CA PRO DA 126 -72.67 -0.10 -27.05
C PRO DA 126 -71.69 0.22 -25.93
N ILE DA 127 -70.42 0.54 -26.33
CA ILE DA 127 -69.33 0.95 -25.42
C ILE DA 127 -69.21 2.43 -25.42
N GLN DA 128 -69.96 3.06 -26.34
CA GLN DA 128 -69.97 4.45 -26.66
C GLN DA 128 -71.37 4.94 -26.66
N SER DA 129 -72.38 4.13 -26.19
CA SER DA 129 -73.68 4.58 -26.04
C SER DA 129 -73.92 4.77 -24.57
N VAL DA 130 -73.93 6.07 -24.22
CA VAL DA 130 -74.18 6.50 -22.90
C VAL DA 130 -75.45 7.32 -23.13
N LYS DA 131 -75.90 7.42 -24.44
CA LYS DA 131 -77.11 8.08 -24.83
C LYS DA 131 -77.70 7.22 -25.85
N GLY DA 132 -78.99 7.35 -26.13
CA GLY DA 132 -79.70 6.32 -26.80
C GLY DA 132 -79.66 6.35 -28.30
N LYS DA 133 -79.21 7.47 -28.84
CA LYS DA 133 -79.18 7.68 -30.31
C LYS DA 133 -77.79 7.58 -30.73
N VAL DA 134 -76.86 7.94 -29.90
CA VAL DA 134 -75.41 8.10 -30.24
C VAL DA 134 -74.69 6.82 -30.60
N VAL DA 135 -73.94 6.99 -31.75
CA VAL DA 135 -73.22 5.91 -32.34
C VAL DA 135 -74.12 4.74 -32.72
N ILE DA 136 -75.30 5.04 -33.36
CA ILE DA 136 -76.23 4.08 -33.97
C ILE DA 136 -76.61 4.85 -35.17
N ASP DA 137 -76.73 4.21 -36.36
CA ASP DA 137 -77.15 4.90 -37.53
C ASP DA 137 -77.62 3.87 -38.48
N ALA DA 138 -78.53 4.25 -39.40
CA ALA DA 138 -79.08 3.38 -40.31
C ALA DA 138 -78.65 3.70 -41.74
N PHE DA 139 -78.35 2.64 -42.47
CA PHE DA 139 -77.85 2.76 -43.83
C PHE DA 139 -78.74 1.95 -44.75
N ARG DA 140 -78.77 2.25 -46.10
CA ARG DA 140 -79.60 1.60 -47.10
C ARG DA 140 -78.90 1.63 -48.44
N LEU DA 141 -78.72 0.48 -49.15
CA LEU DA 141 -78.16 0.46 -50.45
C LEU DA 141 -78.88 1.41 -51.41
N ILE DA 142 -78.03 2.09 -52.16
CA ILE DA 142 -78.52 2.79 -53.35
C ILE DA 142 -78.17 1.94 -54.52
N ASP DA 143 -78.90 2.08 -55.67
CA ASP DA 143 -78.61 1.44 -56.94
C ASP DA 143 -77.24 1.83 -57.38
N THR DA 144 -76.42 0.85 -57.85
CA THR DA 144 -75.08 1.02 -58.34
C THR DA 144 -75.02 1.91 -59.59
N GLY DA 145 -75.94 1.76 -60.53
CA GLY DA 145 -76.05 2.53 -61.72
C GLY DA 145 -76.42 3.99 -61.53
N ALA DA 146 -77.08 4.35 -60.35
CA ALA DA 146 -77.44 5.77 -59.99
C ALA DA 146 -76.20 6.51 -59.67
N LEU DA 147 -75.21 5.78 -59.20
CA LEU DA 147 -73.92 6.33 -58.85
C LEU DA 147 -73.10 6.81 -60.04
N ILE DA 148 -73.11 6.02 -61.14
CA ILE DA 148 -72.28 6.18 -62.36
C ILE DA 148 -72.71 7.42 -63.06
N ASN DA 149 -74.04 7.68 -63.01
CA ASN DA 149 -74.64 8.73 -63.78
C ASN DA 149 -74.99 9.95 -63.01
N ASN DA 150 -74.69 9.92 -61.70
CA ASN DA 150 -74.78 10.96 -60.67
C ASN DA 150 -76.16 11.40 -60.26
N LEU DA 151 -77.12 10.44 -60.11
CA LEU DA 151 -78.40 10.65 -59.54
C LEU DA 151 -78.39 10.32 -58.05
N GLU DA 152 -77.16 10.18 -57.40
CA GLU DA 152 -76.94 9.74 -56.03
C GLU DA 152 -77.62 10.54 -54.94
N PRO DA 153 -77.69 11.87 -54.97
CA PRO DA 153 -78.56 12.59 -54.07
C PRO DA 153 -79.90 12.57 -54.75
N ARG DA 154 -80.97 12.22 -54.01
CA ARG DA 154 -82.40 12.19 -54.37
C ARG DA 154 -83.06 11.61 -53.17
N GLN DA 155 -82.49 11.85 -51.98
CA GLN DA 155 -82.98 11.46 -50.70
C GLN DA 155 -83.23 12.71 -49.92
N THR DA 156 -83.16 13.85 -50.66
CA THR DA 156 -83.01 15.21 -50.16
C THR DA 156 -84.41 15.85 -50.32
N THR DA 157 -85.39 15.01 -50.77
CA THR DA 157 -86.80 15.42 -50.94
C THR DA 157 -87.54 14.17 -50.59
N SER DA 158 -88.50 14.40 -49.65
CA SER DA 158 -89.30 13.43 -48.87
C SER DA 158 -88.72 13.24 -47.52
N ASN DA 159 -87.77 14.18 -47.17
CA ASN DA 159 -87.11 14.08 -45.90
C ASN DA 159 -86.91 15.45 -45.35
N THR DA 160 -86.26 15.57 -44.09
CA THR DA 160 -86.00 16.82 -43.37
C THR DA 160 -84.91 17.49 -44.16
N GLY DA 161 -84.00 16.71 -44.86
CA GLY DA 161 -82.93 17.30 -45.65
C GLY DA 161 -81.76 17.64 -44.81
N LEU DA 162 -81.82 17.41 -43.52
CA LEU DA 162 -80.73 17.43 -42.54
C LEU DA 162 -80.25 16.04 -42.52
N LEU DA 163 -78.94 15.92 -42.24
CA LEU DA 163 -78.31 14.64 -42.29
C LEU DA 163 -77.04 14.83 -41.39
N ASN DA 164 -77.01 14.20 -40.22
CA ASN DA 164 -75.96 14.21 -39.32
C ASN DA 164 -75.33 12.82 -39.55
N LYS DA 165 -74.05 12.84 -40.00
CA LYS DA 165 -73.16 11.74 -40.14
C LYS DA 165 -72.15 11.90 -38.99
N ALA DA 166 -71.42 10.80 -38.81
CA ALA DA 166 -70.37 10.69 -37.85
C ALA DA 166 -69.16 10.11 -38.53
N ASN DA 167 -68.02 10.77 -38.45
CA ASN DA 167 -66.75 10.30 -38.74
C ASN DA 167 -66.31 10.54 -40.21
N ILE DA 168 -65.04 10.49 -40.37
CA ILE DA 168 -64.24 10.48 -41.60
C ILE DA 168 -64.25 8.99 -41.97
N GLN DA 169 -63.03 8.39 -42.15
CA GLN DA 169 -62.87 6.95 -42.31
C GLN DA 169 -63.76 6.23 -43.28
N ALA DA 170 -64.16 4.95 -42.94
CA ALA DA 170 -64.93 3.99 -43.66
C ALA DA 170 -66.25 4.52 -44.07
N LEU DA 171 -66.82 5.44 -43.24
CA LEU DA 171 -68.15 6.03 -43.43
C LEU DA 171 -68.34 6.77 -44.76
N ILE DA 172 -67.38 7.74 -45.04
CA ILE DA 172 -67.53 8.55 -46.18
C ILE DA 172 -67.22 7.70 -47.38
N HIS DA 173 -66.28 6.64 -47.26
CA HIS DA 173 -65.78 5.75 -48.35
C HIS DA 173 -66.94 4.86 -48.85
N GLY DA 174 -67.77 4.24 -47.96
CA GLY DA 174 -69.04 3.47 -48.25
C GLY DA 174 -70.23 4.27 -48.55
N LEU DA 175 -70.33 5.50 -48.03
CA LEU DA 175 -71.42 6.42 -48.31
C LEU DA 175 -71.40 6.67 -49.77
N ASN DA 176 -70.17 6.95 -50.34
CA ASN DA 176 -69.99 7.32 -51.71
C ASN DA 176 -70.31 6.33 -52.72
N ARG DA 177 -69.91 5.06 -52.40
CA ARG DA 177 -69.94 4.05 -53.37
C ARG DA 177 -71.02 2.98 -53.13
N HIS DA 178 -71.81 3.07 -52.02
CA HIS DA 178 -72.69 1.90 -51.74
C HIS DA 178 -74.03 2.37 -51.27
N TYR DA 179 -73.98 3.10 -50.12
CA TYR DA 179 -75.20 3.32 -49.32
C TYR DA 179 -75.52 4.83 -49.10
N TYR DA 180 -76.77 5.09 -48.63
CA TYR DA 180 -77.11 6.39 -48.23
C TYR DA 180 -77.53 6.20 -46.79
N SER DA 181 -77.12 7.17 -45.92
CA SER DA 181 -77.18 7.19 -44.52
C SER DA 181 -78.34 8.08 -44.22
N LEU DA 182 -79.14 7.77 -43.10
CA LEU DA 182 -80.06 8.66 -42.52
C LEU DA 182 -80.36 8.20 -41.15
N ASN DA 183 -80.57 9.23 -40.25
CA ASN DA 183 -80.77 9.21 -38.83
C ASN DA 183 -81.95 8.33 -38.52
N ILE DA 184 -81.78 7.58 -37.41
CA ILE DA 184 -82.70 6.83 -36.66
C ILE DA 184 -83.30 7.74 -35.60
N ASP DA 185 -84.66 7.84 -35.61
CA ASP DA 185 -85.61 8.51 -34.79
C ASP DA 185 -86.13 7.39 -33.90
N TYR DA 186 -86.78 7.78 -32.79
CA TYR DA 186 -87.23 6.81 -31.82
C TYR DA 186 -88.60 7.17 -31.37
N HIS DA 187 -89.62 6.35 -31.39
CA HIS DA 187 -91.02 6.68 -31.28
C HIS DA 187 -91.66 5.94 -30.16
N LYS DA 188 -92.60 6.62 -29.46
CA LYS DA 188 -93.16 6.11 -28.23
C LYS DA 188 -94.53 6.61 -28.00
N THR DA 189 -95.32 5.85 -27.19
CA THR DA 189 -96.68 6.18 -26.74
C THR DA 189 -96.69 6.76 -25.35
N ALA DA 190 -97.92 7.18 -24.83
CA ALA DA 190 -98.01 7.85 -23.52
C ALA DA 190 -98.21 6.85 -22.43
N LYS DA 191 -98.55 5.55 -22.77
CA LYS DA 191 -98.69 4.47 -21.81
C LYS DA 191 -97.30 3.96 -21.39
N GLU DA 192 -96.40 3.89 -22.37
CA GLU DA 192 -95.02 3.61 -22.16
C GLU DA 192 -94.34 4.68 -21.33
N THR DA 193 -94.69 6.02 -21.60
CA THR DA 193 -94.13 7.25 -20.94
C THR DA 193 -94.31 7.17 -19.43
N LYS DA 194 -95.60 6.86 -19.07
CA LYS DA 194 -95.97 6.70 -17.61
C LYS DA 194 -95.29 5.56 -16.94
N MET DA 195 -95.12 4.44 -17.73
CA MET DA 195 -94.36 3.32 -17.23
C MET DA 195 -92.95 3.57 -16.85
N LEU DA 196 -92.17 4.27 -17.66
CA LEU DA 196 -90.79 4.61 -17.29
C LEU DA 196 -90.67 5.54 -16.04
N MET DA 197 -91.49 6.67 -16.00
CA MET DA 197 -91.37 7.74 -15.00
C MET DA 197 -91.74 7.29 -13.63
N ASN DA 198 -92.89 6.58 -13.55
CA ASN DA 198 -93.39 6.05 -12.34
C ASN DA 198 -92.45 5.00 -11.65
N LEU DA 199 -92.36 4.89 -10.32
CA LEU DA 199 -91.48 4.00 -9.58
C LEU DA 199 -92.26 3.47 -8.43
N HIS DA 200 -93.42 2.96 -8.79
CA HIS DA 200 -94.30 2.24 -7.85
C HIS DA 200 -94.88 3.13 -6.70
N LYS DA 201 -95.46 2.47 -5.61
CA LYS DA 201 -95.93 3.22 -4.50
C LYS DA 201 -94.83 3.49 -3.49
N GLU DA 202 -93.57 3.14 -3.79
CA GLU DA 202 -92.45 3.36 -2.94
C GLU DA 202 -91.68 4.59 -3.37
N GLN DA 203 -92.29 5.32 -4.35
CA GLN DA 203 -91.80 6.57 -4.85
C GLN DA 203 -92.21 7.63 -3.93
N TRP DA 204 -93.39 7.66 -3.31
CA TRP DA 204 -93.91 8.75 -2.50
C TRP DA 204 -93.32 8.52 -1.16
N GLN DA 205 -92.84 7.24 -0.85
CA GLN DA 205 -92.48 6.65 0.43
C GLN DA 205 -91.22 7.38 0.77
N SER DA 206 -90.36 7.65 -0.16
CA SER DA 206 -89.06 8.22 0.14
C SER DA 206 -89.20 9.61 0.73
N GLY DA 207 -90.34 10.31 0.33
CA GLY DA 207 -90.57 11.71 0.60
C GLY DA 207 -91.17 12.08 1.93
N LEU DA 208 -91.35 11.04 2.77
CA LEU DA 208 -91.82 11.32 4.20
C LEU DA 208 -90.81 10.69 5.13
N LYS DA 209 -89.70 10.10 4.58
CA LYS DA 209 -88.73 9.47 5.44
C LYS DA 209 -87.75 10.46 6.00
N MET DA 210 -87.33 10.25 7.26
CA MET DA 210 -86.41 11.11 8.01
C MET DA 210 -85.27 10.21 8.21
N TYR DA 211 -84.17 10.83 8.62
CA TYR DA 211 -82.91 10.15 8.63
C TYR DA 211 -82.27 10.39 9.91
N ASP DA 212 -81.20 9.55 10.23
CA ASP DA 212 -80.33 9.68 11.37
C ASP DA 212 -79.78 11.07 11.38
N TYR DA 213 -79.80 11.62 12.59
CA TYR DA 213 -79.55 13.06 12.86
C TYR DA 213 -78.09 13.32 13.15
N GLU DA 214 -77.38 12.25 13.29
CA GLU DA 214 -75.91 12.26 13.34
C GLU DA 214 -75.35 12.68 12.03
N GLU DA 215 -76.00 12.13 10.93
CA GLU DA 215 -75.63 12.45 9.51
C GLU DA 215 -76.14 13.81 9.08
N LYS DA 216 -77.30 14.26 9.64
CA LYS DA 216 -77.76 15.59 9.36
C LYS DA 216 -76.96 16.68 9.94
N GLU DA 217 -76.55 16.56 11.21
CA GLU DA 217 -75.73 17.50 11.96
C GLU DA 217 -74.30 17.59 11.47
N GLU DA 218 -73.85 16.36 10.93
CA GLU DA 218 -72.61 16.22 10.36
C GLU DA 218 -72.61 16.96 9.00
N SER DA 219 -73.71 16.94 8.22
CA SER DA 219 -73.79 17.50 6.94
C SER DA 219 -73.69 18.92 7.06
N ASN DA 220 -74.33 19.51 8.07
CA ASN DA 220 -74.31 20.92 8.33
C ASN DA 220 -73.01 21.53 8.66
N LEU DA 221 -72.23 20.89 9.59
CA LEU DA 221 -70.93 21.28 10.05
C LEU DA 221 -69.99 21.24 8.94
N ALA DA 222 -70.03 20.23 8.06
CA ALA DA 222 -69.02 20.09 7.02
C ALA DA 222 -69.03 21.38 6.09
N ALA DA 223 -70.19 21.75 5.61
CA ALA DA 223 -70.54 22.82 4.72
C ALA DA 223 -70.21 24.11 5.39
N THR DA 224 -70.54 24.24 6.67
CA THR DA 224 -70.27 25.40 7.41
C THR DA 224 -68.83 25.77 7.52
N LYS DA 225 -68.01 24.73 7.73
CA LYS DA 225 -66.59 24.83 7.96
C LYS DA 225 -65.94 25.13 6.66
N SER DA 226 -66.46 24.48 5.57
CA SER DA 226 -65.94 24.65 4.24
C SER DA 226 -66.02 26.12 3.84
N MET DA 227 -67.10 26.84 4.22
CA MET DA 227 -67.30 28.22 3.74
C MET DA 227 -66.46 29.11 4.52
N VAL DA 228 -65.90 28.76 5.72
CA VAL DA 228 -64.91 29.65 6.39
C VAL DA 228 -63.67 29.73 5.59
N LYS DA 229 -63.11 28.57 5.08
CA LYS DA 229 -61.84 28.37 4.45
C LYS DA 229 -61.64 28.94 3.08
N ILE DA 230 -62.76 28.88 2.26
CA ILE DA 230 -62.66 29.45 0.89
C ILE DA 230 -63.18 30.85 0.99
N ALA DA 231 -63.61 31.30 2.19
CA ALA DA 231 -64.05 32.64 2.38
C ALA DA 231 -62.90 33.53 2.87
N GLU DA 232 -61.69 32.97 3.23
CA GLU DA 232 -60.44 33.68 3.34
C GLU DA 232 -59.90 33.97 2.00
N GLN DA 233 -60.10 33.02 1.01
CA GLN DA 233 -59.80 33.25 -0.40
C GLN DA 233 -60.59 34.35 -0.99
N TYR DA 234 -61.89 34.47 -0.66
CA TYR DA 234 -62.82 35.48 -1.06
C TYR DA 234 -62.34 36.83 -0.53
N SER DA 235 -61.82 36.92 0.74
CA SER DA 235 -61.28 38.14 1.34
C SER DA 235 -60.16 38.79 0.61
N LYS DA 236 -59.25 37.97 0.10
CA LYS DA 236 -58.12 38.38 -0.73
C LYS DA 236 -58.49 39.00 -2.03
N ARG DA 237 -59.51 38.38 -2.69
CA ARG DA 237 -60.10 38.70 -3.98
C ARG DA 237 -60.71 40.10 -4.05
N ILE DA 238 -61.56 40.38 -3.05
CA ILE DA 238 -62.33 41.66 -2.99
C ILE DA 238 -61.60 42.74 -2.11
N GLU DA 239 -60.36 42.40 -1.55
CA GLU DA 239 -59.47 43.36 -1.02
C GLU DA 239 -58.83 44.07 -2.17
N GLU DA 240 -58.43 43.31 -3.22
CA GLU DA 240 -57.90 43.87 -4.41
C GLU DA 240 -58.96 44.06 -5.42
N GLU DA 241 -58.68 43.83 -6.74
CA GLU DA 241 -59.61 44.00 -7.82
C GLU DA 241 -59.87 45.45 -8.19
N LYS DA 242 -58.79 46.29 -8.09
CA LYS DA 242 -58.78 47.70 -8.37
C LYS DA 242 -57.92 47.86 -9.57
N GLU DA 243 -57.55 46.78 -10.34
CA GLU DA 243 -56.51 46.88 -11.37
C GLU DA 243 -57.17 46.37 -12.69
N LEU DA 244 -56.92 47.07 -13.79
CA LEU DA 244 -57.47 46.73 -15.14
C LEU DA 244 -56.83 45.46 -15.70
N THR DA 245 -57.56 44.78 -16.63
CA THR DA 245 -57.43 43.56 -17.36
C THR DA 245 -58.13 42.49 -16.61
N GLU DA 246 -59.25 42.07 -17.22
CA GLU DA 246 -60.06 40.96 -16.65
C GLU DA 246 -59.40 39.66 -16.45
N GLU DA 247 -58.56 39.30 -17.40
CA GLU DA 247 -57.81 38.03 -17.35
C GLU DA 247 -56.77 38.02 -16.29
N GLU DA 248 -56.11 39.16 -16.14
CA GLU DA 248 -55.02 39.40 -15.16
C GLU DA 248 -55.52 39.28 -13.75
N LEU DA 249 -56.83 39.66 -13.47
CA LEU DA 249 -57.51 39.56 -12.20
C LEU DA 249 -57.62 38.10 -11.81
N LYS DA 250 -58.00 37.26 -12.85
CA LYS DA 250 -58.27 35.82 -12.72
C LYS DA 250 -57.00 35.03 -12.40
N THR DA 251 -55.82 35.44 -12.78
CA THR DA 251 -54.52 34.79 -12.46
C THR DA 251 -54.08 35.18 -11.08
N ARG DA 252 -54.11 36.48 -10.82
CA ARG DA 252 -53.49 37.13 -9.63
C ARG DA 252 -54.25 36.86 -8.35
N TYR DA 253 -55.52 37.26 -8.31
CA TYR DA 253 -56.35 37.25 -7.10
C TYR DA 253 -57.40 36.23 -7.22
N VAL DA 254 -57.34 35.38 -8.30
CA VAL DA 254 -58.27 34.34 -8.61
C VAL DA 254 -59.50 34.90 -9.28
N GLY DA 255 -60.04 34.05 -10.15
CA GLY DA 255 -61.29 34.25 -10.89
C GLY DA 255 -61.47 32.99 -11.73
N ARG DA 256 -60.42 32.10 -11.74
CA ARG DA 256 -60.51 30.71 -12.18
C ARG DA 256 -60.75 29.77 -11.00
N GLN DA 257 -62.02 29.26 -10.78
CA GLN DA 257 -62.55 28.52 -9.67
C GLN DA 257 -62.77 29.52 -8.55
N ASP DA 258 -63.54 30.57 -8.96
CA ASP DA 258 -63.83 31.81 -8.32
C ASP DA 258 -64.41 31.59 -6.94
N PRO DA 259 -63.86 32.18 -5.83
CA PRO DA 259 -64.28 31.82 -4.52
C PRO DA 259 -65.69 32.19 -4.15
N LYS DA 260 -66.16 33.38 -4.68
CA LYS DA 260 -67.49 33.90 -4.43
C LYS DA 260 -68.48 32.96 -4.99
N LYS DA 261 -68.20 32.35 -6.19
CA LYS DA 261 -69.09 31.47 -6.90
C LYS DA 261 -69.23 30.12 -6.17
N HIS DA 262 -68.13 29.49 -5.69
CA HIS DA 262 -68.07 28.19 -5.11
C HIS DA 262 -68.78 28.20 -3.77
N LEU DA 263 -68.56 29.28 -2.98
CA LEU DA 263 -69.26 29.48 -1.75
C LEU DA 263 -70.69 29.59 -1.92
N SER DA 264 -71.19 30.30 -2.96
CA SER DA 264 -72.60 30.61 -3.10
C SER DA 264 -73.40 29.34 -3.38
N GLU DA 265 -72.82 28.39 -4.20
CA GLU DA 265 -73.47 27.16 -4.55
C GLU DA 265 -73.64 26.24 -3.40
N THR DA 266 -72.61 26.09 -2.55
CA THR DA 266 -72.55 25.20 -1.39
C THR DA 266 -73.48 25.73 -0.30
N ALA DA 267 -73.50 27.05 -0.08
CA ALA DA 267 -74.31 27.75 0.88
C ALA DA 267 -75.82 27.54 0.59
N ASP DA 268 -76.16 27.57 -0.69
CA ASP DA 268 -77.54 27.43 -1.23
C ASP DA 268 -77.93 25.92 -1.01
N GLU DA 269 -76.91 25.05 -1.31
CA GLU DA 269 -77.24 23.61 -1.29
C GLU DA 269 -77.67 23.19 0.11
N THR DA 270 -76.88 23.56 1.13
CA THR DA 270 -77.17 23.12 2.49
C THR DA 270 -78.35 23.85 3.07
N LEU DA 271 -78.61 25.11 2.65
CA LEU DA 271 -79.71 25.96 3.02
C LEU DA 271 -81.01 25.32 2.53
N GLU DA 272 -81.10 24.75 1.25
CA GLU DA 272 -82.22 24.06 0.63
C GLU DA 272 -82.51 22.73 1.36
N ASN DA 273 -81.43 22.05 1.82
CA ASN DA 273 -81.56 20.78 2.52
C ASN DA 273 -82.29 20.96 3.79
N ASN DA 274 -82.07 22.02 4.52
CA ASN DA 274 -82.39 22.17 5.87
C ASN DA 274 -83.78 22.80 5.94
N ILE DA 275 -84.21 23.46 4.82
CA ILE DA 275 -85.56 23.96 4.62
C ILE DA 275 -86.42 22.70 4.49
N VAL DA 276 -85.88 21.64 3.68
CA VAL DA 276 -86.52 20.38 3.48
C VAL DA 276 -86.54 19.67 4.81
N SER DA 277 -85.39 19.59 5.51
CA SER DA 277 -85.37 18.78 6.69
C SER DA 277 -86.46 19.20 7.77
N VAL DA 278 -86.56 20.42 8.11
CA VAL DA 278 -87.63 20.96 8.92
C VAL DA 278 -88.97 20.79 8.31
N LEU DA 279 -89.27 21.03 6.94
CA LEU DA 279 -90.56 20.76 6.40
C LEU DA 279 -91.04 19.39 6.49
N THR DA 280 -90.19 18.40 6.13
CA THR DA 280 -90.52 17.01 6.08
C THR DA 280 -90.74 16.56 7.48
N ALA DA 281 -89.97 16.93 8.52
CA ALA DA 281 -90.13 16.67 9.96
C ALA DA 281 -91.42 17.18 10.59
N GLY DA 282 -91.82 18.46 10.25
CA GLY DA 282 -92.92 19.11 10.89
C GLY DA 282 -94.21 18.45 10.32
N VAL DA 283 -94.09 18.01 9.00
CA VAL DA 283 -95.17 17.29 8.32
C VAL DA 283 -95.47 16.01 9.01
N ASN DA 284 -94.46 15.20 9.33
CA ASN DA 284 -94.65 13.93 9.96
C ASN DA 284 -95.24 14.02 11.38
N SER DA 285 -94.87 15.07 12.14
CA SER DA 285 -95.16 15.28 13.57
C SER DA 285 -96.68 15.47 13.76
N VAL DA 286 -97.19 16.31 12.82
CA VAL DA 286 -98.61 16.69 12.78
C VAL DA 286 -99.42 15.61 12.14
N ALA DA 287 -98.84 15.07 11.03
CA ALA DA 287 -99.55 14.15 10.14
C ALA DA 287 -99.78 12.88 10.78
N ILE DA 288 -98.77 12.21 11.37
CA ILE DA 288 -98.93 10.87 11.78
C ILE DA 288 -99.64 10.79 13.12
N LYS DA 289 -99.19 11.63 14.15
CA LYS DA 289 -99.88 11.74 15.40
C LYS DA 289 -101.13 12.50 15.12
N LEU EA 1 -133.58 86.42 26.59
CA LEU EA 1 -132.31 87.23 26.46
C LEU EA 1 -131.18 86.25 26.73
N THR EA 2 -129.93 86.71 26.68
CA THR EA 2 -128.64 86.04 26.80
C THR EA 2 -128.18 86.36 28.11
N LYS EA 3 -128.96 87.19 28.90
CA LYS EA 3 -128.60 87.51 30.24
C LYS EA 3 -129.17 86.55 31.21
N SER EA 4 -130.18 85.78 30.83
CA SER EA 4 -131.02 84.95 31.63
C SER EA 4 -130.30 83.67 32.05
N LEU EA 5 -129.32 83.12 31.31
CA LEU EA 5 -128.40 82.01 31.69
C LEU EA 5 -127.48 82.39 32.81
N SER EA 6 -126.91 83.69 32.73
CA SER EA 6 -125.95 84.32 33.60
C SER EA 6 -126.55 84.55 34.96
N ILE EA 7 -127.89 84.92 35.05
CA ILE EA 7 -128.56 85.31 36.29
C ILE EA 7 -129.05 84.08 37.02
N ALA EA 8 -129.13 82.90 36.39
CA ALA EA 8 -129.40 81.59 36.78
C ALA EA 8 -128.31 81.02 37.59
N PHE EA 9 -127.03 81.37 37.35
CA PHE EA 9 -125.88 80.95 38.14
C PHE EA 9 -125.80 81.63 39.47
N GLU EA 10 -126.40 82.86 39.45
CA GLU EA 10 -126.34 83.73 40.57
C GLU EA 10 -127.56 83.57 41.45
N ASN EA 11 -128.46 82.60 41.08
CA ASN EA 11 -129.57 82.24 41.94
C ASN EA 11 -129.11 81.04 42.69
N GLY EA 12 -128.00 80.39 42.18
CA GLY EA 12 -127.39 79.29 42.83
C GLY EA 12 -128.02 77.96 42.54
N ASP EA 13 -128.94 77.88 41.57
CA ASP EA 13 -129.56 76.67 41.02
C ASP EA 13 -128.98 76.64 39.67
N TYR EA 14 -128.15 75.59 39.44
CA TYR EA 14 -127.42 75.35 38.21
C TYR EA 14 -128.21 74.37 37.46
N ALA EA 15 -129.23 73.73 38.10
CA ALA EA 15 -130.24 72.91 37.38
C ALA EA 15 -131.09 73.73 36.41
N ALA EA 16 -131.42 75.02 36.78
CA ALA EA 16 -132.17 75.94 36.01
C ALA EA 16 -131.34 76.35 34.82
N CYS EA 17 -129.99 76.66 34.96
CA CYS EA 17 -129.11 77.01 33.86
C CYS EA 17 -129.04 75.98 32.76
N GLU EA 18 -129.12 74.73 33.25
CA GLU EA 18 -129.12 73.54 32.36
C GLU EA 18 -130.34 73.46 31.48
N LYS EA 19 -131.51 73.92 31.99
CA LYS EA 19 -132.79 73.84 31.37
C LYS EA 19 -133.01 74.99 30.42
N LEU EA 20 -132.12 75.98 30.60
CA LEU EA 20 -132.05 77.16 29.76
C LEU EA 20 -130.97 76.96 28.76
N LEU EA 21 -130.17 75.87 28.88
CA LEU EA 21 -129.21 75.64 27.76
C LEU EA 21 -129.81 75.35 26.36
N PRO EA 22 -130.83 74.45 26.07
CA PRO EA 22 -131.42 74.42 24.74
C PRO EA 22 -132.12 75.72 24.36
N PRO EA 23 -132.98 76.39 25.19
CA PRO EA 23 -133.68 77.54 24.68
C PRO EA 23 -132.79 78.80 24.35
N ILE EA 24 -131.58 78.89 25.00
CA ILE EA 24 -130.72 80.02 24.73
C ILE EA 24 -129.73 79.62 23.64
N LYS EA 25 -129.57 78.39 23.24
CA LYS EA 25 -128.53 77.89 22.33
C LYS EA 25 -128.75 78.40 20.91
N ILE EA 26 -130.08 78.47 20.71
CA ILE EA 26 -130.66 78.93 19.51
C ILE EA 26 -130.48 80.42 19.21
N GLU EA 27 -130.54 81.15 20.37
CA GLU EA 27 -130.08 82.48 20.35
C GLU EA 27 -128.54 82.72 20.37
N LEU EA 28 -127.76 81.70 20.82
CA LEU EA 28 -126.33 81.86 21.00
C LEU EA 28 -125.67 81.69 19.64
N ILE EA 29 -126.42 81.15 18.62
CA ILE EA 29 -126.03 80.93 17.19
C ILE EA 29 -125.74 82.30 16.51
N LYS EA 30 -126.54 83.32 16.83
CA LYS EA 30 -126.44 84.69 16.32
C LYS EA 30 -125.20 85.42 16.76
N ASN EA 31 -124.80 85.06 17.99
CA ASN EA 31 -123.58 85.52 18.66
C ASN EA 31 -122.38 84.76 18.28
N ASN EA 32 -122.44 83.43 18.06
CA ASN EA 32 -121.38 82.64 17.45
C ASN EA 32 -121.12 83.04 16.07
N LEU EA 33 -122.14 83.64 15.34
CA LEU EA 33 -121.95 84.08 13.96
C LEU EA 33 -121.08 85.36 13.98
N LEU EA 34 -121.29 86.27 15.02
CA LEU EA 34 -120.59 87.54 15.12
C LEU EA 34 -119.13 87.47 15.19
N ILE EA 35 -118.60 86.49 15.90
CA ILE EA 35 -117.28 86.18 16.20
C ILE EA 35 -116.78 85.17 15.17
N PRO EA 36 -115.59 85.33 14.59
CA PRO EA 36 -115.14 84.45 13.50
C PRO EA 36 -114.72 83.14 13.99
N ASP EA 37 -114.62 82.93 15.34
CA ASP EA 37 -114.19 81.76 16.09
C ASP EA 37 -112.80 81.51 15.86
N LEU EA 38 -111.96 82.60 16.00
CA LEU EA 38 -110.51 82.56 15.93
C LEU EA 38 -110.11 82.02 14.50
N SER EA 39 -110.67 82.69 13.47
CA SER EA 39 -110.23 82.55 12.11
C SER EA 39 -109.52 83.76 11.69
N ILE EA 40 -110.08 84.96 12.03
CA ILE EA 40 -109.43 86.20 11.94
C ILE EA 40 -109.63 86.84 13.30
N GLN EA 41 -108.92 87.93 13.55
CA GLN EA 41 -109.13 88.81 14.70
C GLN EA 41 -108.97 90.26 14.31
N ASN EA 42 -109.77 91.08 15.02
CA ASN EA 42 -109.86 92.50 14.84
C ASN EA 42 -110.44 92.90 16.20
N ASP EA 43 -110.34 94.24 16.44
CA ASP EA 43 -110.77 94.95 17.61
C ASP EA 43 -112.23 95.06 17.60
N ILE EA 44 -112.91 94.84 16.45
CA ILE EA 44 -114.34 94.72 16.22
C ILE EA 44 -114.76 93.49 17.10
N TYR EA 45 -114.00 92.42 16.98
CA TYR EA 45 -114.39 91.09 17.40
C TYR EA 45 -113.87 90.86 18.76
N LEU EA 46 -113.13 91.83 19.33
CA LEU EA 46 -112.73 91.85 20.73
C LEU EA 46 -113.88 92.19 21.70
N ASN EA 47 -114.80 93.04 21.22
CA ASN EA 47 -115.99 93.52 21.87
C ASN EA 47 -117.04 92.37 21.99
N ASP EA 48 -117.14 91.56 20.86
CA ASP EA 48 -117.93 90.31 20.73
C ASP EA 48 -117.32 89.19 21.45
N LEU EA 49 -115.99 89.22 21.69
CA LEU EA 49 -115.27 88.18 22.41
C LEU EA 49 -115.77 88.14 23.83
N MET EA 50 -115.97 89.34 24.52
CA MET EA 50 -116.52 89.52 25.86
C MET EA 50 -117.96 88.97 25.99
N ILE EA 51 -118.85 89.17 24.94
CA ILE EA 51 -120.15 88.67 24.94
C ILE EA 51 -120.21 87.11 24.95
N THR EA 52 -119.30 86.38 24.16
CA THR EA 52 -119.24 84.97 23.95
C THR EA 52 -118.58 84.37 25.13
N LYS EA 53 -117.54 85.00 25.71
CA LYS EA 53 -116.67 84.49 26.75
C LYS EA 53 -117.47 84.15 27.99
N ARG EA 54 -118.36 85.09 28.39
CA ARG EA 54 -119.03 85.05 29.66
C ARG EA 54 -120.10 84.00 29.63
N ILE EA 55 -120.83 83.89 28.49
CA ILE EA 55 -121.99 82.90 28.34
C ILE EA 55 -121.57 81.50 28.49
N LEU EA 56 -120.35 81.11 27.80
CA LEU EA 56 -119.82 79.80 27.69
C LEU EA 56 -119.32 79.40 29.03
N GLU EA 57 -118.63 80.26 29.76
CA GLU EA 57 -117.97 79.85 31.06
C GLU EA 57 -118.96 79.63 32.18
N VAL EA 58 -120.05 80.45 32.39
CA VAL EA 58 -121.04 80.24 33.48
C VAL EA 58 -121.86 78.91 33.34
N GLY EA 59 -122.17 78.50 32.03
CA GLY EA 59 -122.83 77.23 31.75
C GLY EA 59 -121.85 76.07 31.91
N ALA EA 60 -120.51 76.31 31.71
CA ALA EA 60 -119.49 75.28 31.79
C ALA EA 60 -119.34 74.84 33.22
N LEU EA 61 -119.34 75.77 34.19
CA LEU EA 61 -119.16 75.42 35.57
C LEU EA 61 -120.49 74.85 36.16
N ALA EA 62 -121.59 75.24 35.54
CA ALA EA 62 -122.93 74.91 35.95
C ALA EA 62 -123.27 73.48 35.85
N SER EA 63 -122.87 72.97 34.69
CA SER EA 63 -122.99 71.66 34.14
C SER EA 63 -122.39 70.66 35.07
N ILE EA 64 -121.18 71.06 35.58
CA ILE EA 64 -120.40 70.36 36.54
C ILE EA 64 -121.04 70.25 37.82
N GLN EA 65 -121.63 71.35 38.39
CA GLN EA 65 -122.20 71.45 39.74
C GLN EA 65 -123.49 70.73 39.79
N THR EA 66 -124.10 70.42 38.63
CA THR EA 66 -125.23 69.50 38.46
C THR EA 66 -124.65 68.16 38.24
N PHE EA 67 -124.88 67.37 39.31
CA PHE EA 67 -124.22 66.13 39.49
C PHE EA 67 -124.90 64.97 38.74
N ASN EA 68 -126.09 65.16 38.20
CA ASN EA 68 -126.69 64.19 37.26
C ASN EA 68 -125.87 63.96 36.05
N PHE EA 69 -125.84 62.69 35.56
CA PHE EA 69 -124.86 62.22 34.65
C PHE EA 69 -124.80 62.90 33.34
N ASP EA 70 -125.99 63.08 32.69
CA ASP EA 70 -126.15 63.74 31.41
C ASP EA 70 -125.66 65.19 31.49
N SER EA 71 -125.97 65.87 32.64
CA SER EA 71 -125.71 67.23 32.89
C SER EA 71 -124.22 67.46 33.05
N PHE EA 72 -123.51 66.54 33.75
CA PHE EA 72 -122.10 66.58 33.83
C PHE EA 72 -121.39 66.27 32.52
N GLU EA 73 -121.71 65.10 31.95
CA GLU EA 73 -120.80 64.54 30.89
C GLU EA 73 -121.01 65.26 29.59
N ASN EA 74 -122.28 65.40 29.14
CA ASN EA 74 -122.50 65.75 27.75
C ASN EA 74 -122.23 67.20 27.55
N TYR EA 75 -122.86 68.03 28.42
CA TYR EA 75 -122.91 69.44 28.23
C TYR EA 75 -121.55 69.98 28.45
N PHE EA 76 -120.72 69.43 29.43
CA PHE EA 76 -119.39 69.94 29.69
C PHE EA 76 -118.46 69.49 28.54
N ASN EA 77 -118.73 68.38 27.93
CA ASN EA 77 -117.94 67.83 26.79
C ASN EA 77 -117.96 68.84 25.69
N GLN EA 78 -119.15 69.52 25.46
CA GLN EA 78 -119.42 70.49 24.42
C GLN EA 78 -118.68 71.76 24.70
N LEU EA 79 -118.83 72.26 25.93
CA LEU EA 79 -118.51 73.66 26.33
C LEU EA 79 -116.93 73.78 26.40
N LYS EA 80 -116.27 72.71 26.95
CA LYS EA 80 -114.90 72.48 27.28
C LYS EA 80 -113.86 72.77 26.23
N PRO EA 81 -113.91 72.17 25.05
CA PRO EA 81 -112.90 72.37 24.01
C PRO EA 81 -113.20 73.73 23.37
N TYR EA 82 -114.48 74.25 23.54
CA TYR EA 82 -114.89 75.43 22.86
C TYR EA 82 -114.17 76.63 23.36
N TYR EA 83 -114.09 76.82 24.69
CA TYR EA 83 -113.84 78.14 25.26
C TYR EA 83 -112.42 78.50 25.11
N PHE EA 84 -111.48 77.52 24.88
CA PHE EA 84 -110.04 77.90 25.09
C PHE EA 84 -109.36 78.15 23.67
N SER EA 85 -110.20 78.20 22.67
CA SER EA 85 -109.76 78.35 21.30
C SER EA 85 -110.72 79.08 20.50
N ASN EA 86 -111.71 79.62 21.27
CA ASN EA 86 -112.53 80.67 20.77
C ASN EA 86 -111.70 81.94 21.00
N ASN EA 87 -111.17 82.05 22.29
CA ASN EA 87 -110.38 83.25 22.78
C ASN EA 87 -109.08 83.27 22.10
N HIS EA 88 -108.65 84.53 21.87
CA HIS EA 88 -107.54 85.11 21.10
C HIS EA 88 -106.24 84.53 21.49
N LYS EA 89 -105.45 84.09 20.50
CA LYS EA 89 -104.06 83.61 20.55
C LYS EA 89 -103.88 82.41 21.41
N LEU EA 90 -104.91 81.56 21.46
CA LEU EA 90 -105.06 80.38 22.27
C LEU EA 90 -105.21 80.71 23.73
N SER EA 91 -106.11 81.65 24.07
CA SER EA 91 -106.84 81.78 25.31
C SER EA 91 -106.27 82.76 26.17
N GLU EA 92 -107.03 83.85 26.48
CA GLU EA 92 -106.73 84.79 27.49
C GLU EA 92 -108.01 85.00 28.18
N SER EA 93 -108.15 84.38 29.29
CA SER EA 93 -109.37 84.43 30.11
C SER EA 93 -109.06 84.87 31.47
N ASP EA 94 -110.04 85.33 32.30
CA ASP EA 94 -109.79 85.47 33.69
C ASP EA 94 -109.87 84.15 34.45
N LYS EA 95 -110.85 83.29 34.09
CA LYS EA 95 -110.98 82.01 34.71
C LYS EA 95 -110.06 80.94 34.15
N LYS EA 96 -109.08 81.27 33.23
CA LYS EA 96 -108.28 80.38 32.43
C LYS EA 96 -107.66 79.33 33.34
N SER EA 97 -107.15 79.68 34.55
CA SER EA 97 -106.44 78.86 35.50
C SER EA 97 -107.30 77.65 35.98
N LYS EA 98 -108.59 77.88 36.36
CA LYS EA 98 -109.54 76.98 36.89
C LYS EA 98 -110.01 76.06 35.90
N LEU EA 99 -110.26 76.53 34.66
CA LEU EA 99 -110.83 75.82 33.62
C LEU EA 99 -109.87 74.76 33.00
N ILE EA 100 -108.51 75.09 32.86
CA ILE EA 100 -107.56 74.16 32.46
C ILE EA 100 -107.43 73.07 33.50
N SER EA 101 -107.58 73.44 34.73
CA SER EA 101 -107.59 72.45 35.86
C SER EA 101 -108.70 71.37 35.69
N LEU EA 102 -109.97 71.83 35.38
CA LEU EA 102 -111.17 71.04 35.08
C LEU EA 102 -110.94 70.26 33.82
N TYR EA 103 -110.14 70.81 32.85
CA TYR EA 103 -109.98 70.21 31.56
C TYR EA 103 -109.35 68.85 31.80
N LEU EA 104 -108.26 68.84 32.64
CA LEU EA 104 -107.41 67.69 32.83
C LEU EA 104 -108.04 66.61 33.66
N LEU EA 105 -108.88 66.98 34.63
CA LEU EA 105 -109.63 66.09 35.56
C LEU EA 105 -110.66 65.39 34.77
N ASN EA 106 -111.29 66.10 33.79
CA ASN EA 106 -112.28 65.48 32.92
C ASN EA 106 -111.71 64.41 32.05
N LEU EA 107 -110.44 64.50 31.57
CA LEU EA 107 -109.74 63.49 30.77
C LEU EA 107 -109.61 62.20 31.51
N LEU EA 108 -109.26 62.39 32.77
CA LEU EA 108 -109.02 61.34 33.73
C LEU EA 108 -110.27 60.58 34.11
N SER EA 109 -111.41 61.34 34.22
CA SER EA 109 -112.64 60.67 34.42
C SER EA 109 -113.19 59.74 33.32
N GLN EA 110 -112.78 60.03 32.05
CA GLN EA 110 -113.13 59.22 30.91
C GLN EA 110 -112.23 58.00 30.84
N ASN EA 111 -111.05 58.07 31.54
CA ASN EA 111 -110.08 56.98 31.92
C ASN EA 111 -109.02 56.73 30.91
N ASN EA 112 -108.81 57.66 29.97
CA ASN EA 112 -107.80 57.61 28.93
C ASN EA 112 -106.69 58.48 29.39
N THR EA 113 -105.59 57.90 29.85
CA THR EA 113 -104.28 58.50 30.13
C THR EA 113 -103.57 59.01 28.91
N THR EA 114 -103.85 58.36 27.72
CA THR EA 114 -103.43 58.74 26.40
C THR EA 114 -103.89 60.09 26.05
N LYS EA 115 -105.20 60.43 26.38
CA LYS EA 115 -105.73 61.72 26.13
C LYS EA 115 -105.20 62.80 26.99
N PHE EA 116 -104.73 62.44 28.22
CA PHE EA 116 -104.24 63.42 29.13
C PHE EA 116 -102.96 64.05 28.76
N HIS EA 117 -101.95 63.28 28.40
CA HIS EA 117 -100.62 63.57 27.96
C HIS EA 117 -100.54 64.19 26.59
N SER EA 118 -101.48 63.80 25.68
CA SER EA 118 -101.61 64.44 24.42
C SER EA 118 -101.92 65.91 24.58
N GLU EA 119 -102.87 66.26 25.54
CA GLU EA 119 -103.30 67.58 25.85
C GLU EA 119 -102.33 68.35 26.61
N LEU EA 120 -101.50 67.65 27.45
CA LEU EA 120 -100.61 68.28 28.38
C LEU EA 120 -99.58 69.09 27.63
N GLN EA 121 -99.08 68.52 26.52
CA GLN EA 121 -98.18 69.09 25.56
C GLN EA 121 -98.85 70.27 24.91
N TYR EA 122 -100.15 70.33 24.60
CA TYR EA 122 -100.75 71.43 23.89
C TYR EA 122 -100.89 72.63 24.87
N LEU EA 123 -101.26 72.43 26.15
CA LEU EA 123 -101.36 73.39 27.27
C LEU EA 123 -100.08 73.95 27.65
N ASP EA 124 -98.98 73.16 27.50
CA ASP EA 124 -97.68 73.43 27.93
C ASP EA 124 -97.16 74.71 27.40
N LYS EA 125 -97.62 75.02 26.13
CA LYS EA 125 -97.13 76.14 25.27
C LYS EA 125 -97.47 77.53 25.82
N HIS EA 126 -98.71 77.60 26.43
CA HIS EA 126 -99.34 78.75 26.88
C HIS EA 126 -99.26 78.88 28.37
N ILE EA 127 -98.44 77.98 29.12
CA ILE EA 127 -98.09 78.09 30.50
C ILE EA 127 -96.64 78.17 30.76
N LYS EA 128 -95.77 78.16 29.72
CA LYS EA 128 -94.36 77.88 29.66
C LYS EA 128 -93.58 78.71 30.63
N ASN EA 129 -93.95 80.05 30.67
CA ASN EA 129 -93.35 81.01 31.63
C ASN EA 129 -94.49 81.92 32.02
N LEU EA 130 -95.76 81.49 31.80
CA LEU EA 130 -96.90 82.39 31.77
C LEU EA 130 -98.05 81.91 32.67
N GLU EA 131 -97.89 80.82 33.53
CA GLU EA 131 -98.89 80.37 34.56
C GLU EA 131 -98.19 79.34 35.29
N ASP EA 132 -97.57 78.42 34.52
CA ASP EA 132 -96.94 77.21 35.04
C ASP EA 132 -97.91 76.42 35.84
N ASP EA 133 -97.60 76.03 37.17
CA ASP EA 133 -98.43 75.31 38.06
C ASP EA 133 -98.81 76.25 39.21
N SER EA 134 -100.08 76.42 39.53
CA SER EA 134 -100.62 77.33 40.50
C SER EA 134 -101.77 76.51 41.15
N LEU EA 135 -102.74 76.10 40.36
CA LEU EA 135 -103.78 75.19 40.81
C LEU EA 135 -103.92 74.07 39.88
N LEU EA 136 -103.06 74.10 38.79
CA LEU EA 136 -103.00 73.25 37.68
C LEU EA 136 -102.02 72.06 37.95
N SER EA 137 -101.36 72.03 39.19
CA SER EA 137 -100.51 71.00 39.80
C SER EA 137 -101.42 69.80 40.08
N TYR EA 138 -102.69 70.00 40.52
CA TYR EA 138 -103.60 68.99 41.05
C TYR EA 138 -103.77 67.88 40.14
N PRO EA 139 -103.96 67.99 38.79
CA PRO EA 139 -104.34 66.83 37.96
C PRO EA 139 -103.09 66.16 37.47
N ILE EA 140 -101.97 66.99 37.40
CA ILE EA 140 -100.72 66.39 36.99
C ILE EA 140 -100.21 65.50 38.03
N LYS EA 141 -100.34 65.88 39.35
CA LYS EA 141 -100.03 64.96 40.46
C LYS EA 141 -100.84 63.73 40.54
N LEU EA 142 -102.21 63.79 40.28
CA LEU EA 142 -102.98 62.59 40.28
C LEU EA 142 -102.49 61.60 39.25
N ASP EA 143 -102.22 62.08 38.02
CA ASP EA 143 -101.78 61.15 36.93
C ASP EA 143 -100.42 60.50 37.29
N ARG EA 144 -99.45 61.25 37.84
CA ARG EA 144 -98.11 60.92 38.23
C ARG EA 144 -98.14 59.84 39.30
N TRP EA 145 -99.05 60.02 40.30
CA TRP EA 145 -99.16 59.02 41.28
C TRP EA 145 -99.62 57.72 40.71
N LEU EA 146 -100.51 57.57 39.78
CA LEU EA 146 -101.03 56.32 39.22
C LEU EA 146 -100.04 55.68 38.31
N MET EA 147 -99.26 56.41 37.61
CA MET EA 147 -98.08 55.91 36.99
C MET EA 147 -96.93 55.39 37.87
N GLU EA 148 -96.61 56.12 38.95
CA GLU EA 148 -95.62 55.77 39.97
C GLU EA 148 -96.14 54.58 40.75
N GLY EA 149 -97.46 54.34 40.89
CA GLY EA 149 -97.98 53.23 41.63
C GLY EA 149 -98.05 53.65 43.07
N SER EA 150 -98.42 54.90 43.37
CA SER EA 150 -98.66 55.37 44.76
C SER EA 150 -100.12 55.64 44.86
N TYR EA 151 -100.93 54.53 44.94
CA TYR EA 151 -102.38 54.52 45.04
C TYR EA 151 -102.87 54.97 46.42
N GLN EA 152 -102.05 54.87 47.50
CA GLN EA 152 -102.18 55.43 48.82
C GLN EA 152 -102.37 56.87 48.74
N LYS EA 153 -101.46 57.54 47.99
CA LYS EA 153 -101.22 58.95 47.88
C LYS EA 153 -102.35 59.57 47.11
N ALA EA 154 -102.78 58.90 46.03
CA ALA EA 154 -103.80 59.38 45.13
C ALA EA 154 -105.15 59.53 45.75
N TRP EA 155 -105.42 58.61 46.63
CA TRP EA 155 -106.60 58.60 47.44
C TRP EA 155 -106.67 59.79 48.35
N ASP EA 156 -105.61 60.13 49.15
CA ASP EA 156 -105.58 61.32 50.05
C ASP EA 156 -105.67 62.59 49.31
N LEU EA 157 -105.11 62.57 48.07
CA LEU EA 157 -105.04 63.78 47.28
C LEU EA 157 -106.41 64.23 46.74
N LEU EA 158 -107.25 63.25 46.31
CA LEU EA 158 -108.59 63.57 45.81
C LEU EA 158 -109.42 64.16 46.90
N GLN EA 159 -109.29 63.64 48.13
CA GLN EA 159 -110.05 64.01 49.35
C GLN EA 159 -109.83 65.37 49.96
N SER EA 160 -108.54 65.81 49.93
CA SER EA 160 -108.12 67.15 50.37
C SER EA 160 -108.37 68.20 49.37
N GLY EA 161 -108.80 67.84 48.11
CA GLY EA 161 -109.27 68.67 47.19
C GLY EA 161 -110.70 69.14 47.40
N SER EA 162 -111.42 68.55 48.39
CA SER EA 162 -112.74 68.93 48.87
C SER EA 162 -112.58 69.75 50.22
N GLN EA 163 -111.46 70.48 50.42
CA GLN EA 163 -111.19 71.38 51.52
C GLN EA 163 -111.10 72.76 50.84
N ASN EA 164 -111.31 72.81 49.56
CA ASN EA 164 -111.31 73.98 48.69
C ASN EA 164 -112.33 73.71 47.67
N ILE EA 165 -113.32 72.84 47.99
CA ILE EA 165 -114.50 72.51 47.20
C ILE EA 165 -115.22 73.62 46.44
N SER EA 166 -115.50 73.52 45.19
CA SER EA 166 -116.41 74.37 44.45
C SER EA 166 -117.08 73.61 43.36
N GLU EA 167 -116.51 72.45 42.91
CA GLU EA 167 -117.05 71.47 41.92
C GLU EA 167 -115.97 70.43 41.72
N PHE EA 168 -115.02 70.42 42.68
CA PHE EA 168 -114.02 69.41 42.71
C PHE EA 168 -114.67 68.16 43.04
N ASP EA 169 -115.87 68.21 43.74
CA ASP EA 169 -116.52 66.96 44.13
C ASP EA 169 -117.12 66.13 43.07
N SER EA 170 -117.40 66.73 41.86
CA SER EA 170 -118.06 66.03 40.76
C SER EA 170 -117.02 65.16 40.04
N PHE EA 171 -115.68 65.40 40.29
CA PHE EA 171 -114.65 64.74 39.57
C PHE EA 171 -114.09 63.65 40.51
N THR EA 172 -114.25 63.89 41.84
CA THR EA 172 -113.73 63.05 42.94
C THR EA 172 -114.44 61.64 42.84
N ASP EA 173 -115.79 61.59 42.62
CA ASP EA 173 -116.54 60.34 42.60
C ASP EA 173 -116.07 59.36 41.55
N ILE EA 174 -115.80 59.81 40.30
CA ILE EA 174 -115.53 59.04 39.15
C ILE EA 174 -114.19 58.45 39.44
N LEU EA 175 -113.26 59.23 40.01
CA LEU EA 175 -111.88 58.85 40.19
C LEU EA 175 -111.74 57.93 41.44
N LYS EA 176 -112.76 57.81 42.32
CA LYS EA 176 -112.64 56.89 43.43
C LYS EA 176 -112.84 55.52 42.90
N SER EA 177 -113.82 55.39 41.97
CA SER EA 177 -114.11 54.09 41.29
C SER EA 177 -113.00 53.61 40.44
N ALA EA 178 -112.38 54.56 39.73
CA ALA EA 178 -111.32 54.35 38.81
C ALA EA 178 -110.05 53.67 39.47
N ILE EA 179 -109.68 54.23 40.67
CA ILE EA 179 -108.53 53.86 41.53
C ILE EA 179 -108.69 52.43 41.87
N ARG EA 180 -109.87 51.93 42.24
CA ARG EA 180 -110.09 50.57 42.61
C ARG EA 180 -109.86 49.56 41.48
N ASP EA 181 -110.30 49.97 40.28
CA ASP EA 181 -110.19 49.27 39.05
C ASP EA 181 -108.72 49.06 38.59
N GLU EA 182 -107.84 50.11 38.78
CA GLU EA 182 -106.45 50.04 38.34
C GLU EA 182 -105.68 49.09 39.13
N ILE EA 183 -105.97 49.07 40.44
CA ILE EA 183 -105.38 48.08 41.34
C ILE EA 183 -105.81 46.69 40.97
N ALA EA 184 -107.14 46.48 40.73
CA ALA EA 184 -107.59 45.16 40.35
C ALA EA 184 -106.83 44.61 39.14
N LYS EA 185 -106.49 45.43 38.07
CA LYS EA 185 -105.67 45.04 36.95
C LYS EA 185 -104.26 44.72 37.48
N ASN EA 186 -103.61 45.48 38.42
CA ASN EA 186 -102.23 45.11 38.77
C ASN EA 186 -102.14 43.86 39.61
N THR EA 187 -103.15 43.54 40.46
CA THR EA 187 -103.02 42.61 41.52
C THR EA 187 -103.48 41.16 41.11
N GLU EA 188 -103.87 41.07 39.77
CA GLU EA 188 -103.98 39.73 39.12
C GLU EA 188 -102.67 38.92 39.14
N LEU EA 189 -101.54 39.64 38.80
CA LEU EA 189 -100.25 39.10 38.43
C LEU EA 189 -99.34 39.11 39.65
N SER EA 190 -99.87 39.43 40.84
CA SER EA 190 -99.05 39.73 42.05
C SER EA 190 -99.44 38.76 43.21
N TYR EA 191 -100.46 37.95 42.95
CA TYR EA 191 -100.96 36.97 43.93
C TYR EA 191 -101.52 35.79 43.14
N ASP EA 192 -101.60 34.53 43.73
CA ASP EA 192 -102.28 33.37 43.29
C ASP EA 192 -103.51 33.20 44.20
N PHE EA 193 -103.32 33.78 45.42
CA PHE EA 193 -104.40 33.85 46.43
C PHE EA 193 -103.91 34.84 47.41
N LEU EA 194 -104.82 35.59 47.96
CA LEU EA 194 -104.51 36.54 48.93
C LEU EA 194 -105.73 36.56 49.88
N PRO EA 195 -105.64 36.68 51.19
CA PRO EA 195 -106.81 36.87 52.10
C PRO EA 195 -107.80 38.01 51.86
N LEU EA 196 -109.03 37.86 52.51
CA LEU EA 196 -110.00 38.95 52.51
C LEU EA 196 -109.56 40.18 53.20
N SER EA 197 -108.84 39.97 54.32
CA SER EA 197 -108.36 41.00 55.18
C SER EA 197 -107.29 41.87 54.42
N ASN EA 198 -106.31 41.28 53.72
CA ASN EA 198 -105.30 42.00 52.94
C ASN EA 198 -105.85 42.76 51.73
N ILE EA 199 -106.85 42.20 50.96
CA ILE EA 199 -107.43 42.86 49.77
C ILE EA 199 -108.19 44.04 50.19
N LYS EA 200 -108.86 43.94 51.38
CA LYS EA 200 -109.85 44.98 51.81
C LYS EA 200 -109.16 46.37 51.84
N ALA EA 201 -107.97 46.33 52.42
CA ALA EA 201 -107.06 47.35 52.65
C ALA EA 201 -106.61 48.01 51.40
N LEU EA 202 -106.33 47.13 50.36
CA LEU EA 202 -105.78 47.56 49.07
C LEU EA 202 -106.80 48.39 48.31
N LEU EA 203 -108.06 47.98 48.29
CA LEU EA 203 -109.07 48.57 47.47
C LEU EA 203 -109.87 49.54 48.29
N PHE EA 204 -109.44 49.80 49.54
CA PHE EA 204 -109.89 50.96 50.32
C PHE EA 204 -111.34 50.91 50.66
N PHE EA 205 -111.84 49.65 50.94
CA PHE EA 205 -113.21 49.46 51.40
C PHE EA 205 -113.20 49.56 52.96
N ASN EA 206 -114.38 49.97 53.55
CA ASN EA 206 -114.57 50.26 55.01
C ASN EA 206 -115.40 49.15 55.68
N ASN EA 207 -115.92 48.27 54.85
CA ASN EA 207 -116.95 47.32 55.24
C ASN EA 207 -116.97 46.26 54.13
N GLU EA 208 -117.40 45.05 54.52
CA GLU EA 208 -117.41 43.70 53.93
C GLU EA 208 -118.21 43.56 52.65
N LYS EA 209 -119.38 44.20 52.57
CA LYS EA 209 -120.41 44.21 51.55
C LYS EA 209 -119.84 44.82 50.31
N GLU EA 210 -118.98 45.88 50.53
CA GLU EA 210 -118.29 46.61 49.42
C GLU EA 210 -117.19 45.78 48.82
N THR EA 211 -116.54 44.93 49.72
CA THR EA 211 -115.42 44.14 49.33
C THR EA 211 -115.81 42.93 48.51
N GLU EA 212 -116.95 42.25 48.89
CA GLU EA 212 -117.32 41.00 48.35
C GLU EA 212 -117.91 41.24 46.99
N LYS EA 213 -118.56 42.38 46.78
CA LYS EA 213 -119.26 42.64 45.51
C LYS EA 213 -118.26 42.86 44.42
N PHE EA 214 -117.15 43.55 44.69
CA PHE EA 214 -116.16 43.85 43.67
C PHE EA 214 -115.45 42.57 43.29
N ALA EA 215 -115.31 41.65 44.27
CA ALA EA 215 -114.65 40.34 44.01
C ALA EA 215 -115.42 39.47 43.02
N LEU EA 216 -116.79 39.44 43.12
CA LEU EA 216 -117.70 38.66 42.25
C LEU EA 216 -117.80 39.10 40.77
N GLU EA 217 -117.63 40.43 40.54
CA GLU EA 217 -117.69 41.01 39.24
C GLU EA 217 -116.44 40.65 38.44
N ARG EA 218 -115.35 40.36 39.22
CA ARG EA 218 -114.10 39.97 38.66
C ARG EA 218 -113.98 38.55 38.69
N ASN EA 219 -114.98 37.75 39.18
CA ASN EA 219 -115.10 36.28 39.10
C ASN EA 219 -114.07 35.67 39.98
N TRP EA 220 -113.74 36.36 41.09
CA TRP EA 220 -112.75 35.84 42.06
C TRP EA 220 -113.56 35.25 43.19
N PRO EA 221 -113.61 33.99 43.46
CA PRO EA 221 -114.38 33.41 44.53
C PRO EA 221 -113.82 33.77 45.93
N ILE EA 222 -114.71 33.98 46.92
CA ILE EA 222 -114.31 34.16 48.27
C ILE EA 222 -114.71 32.86 49.02
N VAL EA 223 -113.71 32.03 49.55
CA VAL EA 223 -113.94 30.88 50.35
C VAL EA 223 -113.12 30.97 51.60
N ASN EA 224 -113.74 30.85 52.79
CA ASN EA 224 -113.18 30.92 54.11
C ASN EA 224 -112.32 32.25 54.18
N SER EA 225 -112.90 33.32 53.57
CA SER EA 225 -112.41 34.62 53.65
C SER EA 225 -111.05 34.67 52.89
N LYS EA 226 -110.90 34.00 51.76
CA LYS EA 226 -109.69 34.08 50.97
C LYS EA 226 -110.20 34.24 49.56
N VAL EA 227 -109.58 35.24 48.89
CA VAL EA 227 -109.96 35.68 47.56
C VAL EA 227 -108.93 35.18 46.57
N TYR EA 228 -109.33 34.51 45.42
CA TYR EA 228 -108.43 33.79 44.56
C TYR EA 228 -108.36 34.42 43.15
N PHE EA 229 -107.13 34.81 42.82
CA PHE EA 229 -106.75 35.36 41.53
C PHE EA 229 -106.52 34.25 40.47
N ASN EA 230 -106.36 32.96 40.95
CA ASN EA 230 -106.26 31.83 40.11
C ASN EA 230 -107.46 31.64 39.14
N ASN EA 231 -108.72 31.97 39.56
CA ASN EA 231 -110.01 31.83 38.81
C ASN EA 231 -110.07 32.76 37.64
N GLN EA 232 -109.73 34.05 37.80
CA GLN EA 232 -109.69 34.97 36.67
C GLN EA 232 -108.56 34.68 35.75
N SER EA 233 -107.41 34.43 36.26
CA SER EA 233 -106.20 34.20 35.48
C SER EA 233 -106.34 32.94 34.59
N LYS EA 234 -106.88 31.81 35.08
CA LYS EA 234 -107.16 30.58 34.33
C LYS EA 234 -108.25 30.85 33.28
N GLU EA 235 -109.30 31.60 33.69
CA GLU EA 235 -110.49 31.91 32.89
C GLU EA 235 -110.23 32.65 31.65
N LYS EA 236 -109.34 33.63 31.90
CA LYS EA 236 -108.89 34.50 30.77
C LYS EA 236 -108.07 33.73 29.85
N ALA EA 237 -107.22 32.82 30.37
CA ALA EA 237 -106.36 32.05 29.53
C ALA EA 237 -107.18 31.19 28.55
N ASP EA 238 -108.32 30.53 28.95
CA ASP EA 238 -109.08 29.64 28.11
C ASP EA 238 -109.79 30.41 26.98
N TYR EA 239 -110.28 31.66 27.29
CA TYR EA 239 -111.07 32.46 26.40
C TYR EA 239 -110.23 32.96 25.22
N GLU EA 240 -108.92 33.17 25.43
CA GLU EA 240 -107.97 33.38 24.38
C GLU EA 240 -107.76 32.25 23.39
N ASP EA 241 -107.77 30.96 23.88
CA ASP EA 241 -107.56 29.80 23.08
C ASP EA 241 -108.80 29.47 22.27
N GLU EA 242 -110.00 29.76 22.85
CA GLU EA 242 -111.29 29.68 22.22
C GLU EA 242 -111.43 30.45 20.98
N MET EA 243 -110.93 31.67 20.97
CA MET EA 243 -110.84 32.62 19.86
C MET EA 243 -109.72 32.24 18.91
N MET EA 244 -109.93 32.78 17.68
CA MET EA 244 -109.11 32.58 16.49
C MET EA 244 -108.40 33.87 16.29
N HIS EA 245 -107.08 33.85 16.28
CA HIS EA 245 -106.14 34.91 15.89
C HIS EA 245 -104.83 34.16 15.71
N GLU EA 246 -104.71 32.89 16.26
CA GLU EA 246 -103.53 32.52 16.95
C GLU EA 246 -102.70 31.56 16.09
N GLU EA 247 -103.25 31.07 14.95
CA GLU EA 247 -102.58 30.18 13.97
C GLU EA 247 -101.44 31.05 13.26
N ASP EA 248 -101.86 32.23 12.77
CA ASP EA 248 -100.93 33.05 12.10
C ASP EA 248 -100.05 33.86 12.99
N GLN EA 249 -100.64 34.34 14.15
CA GLN EA 249 -99.92 35.17 15.02
C GLN EA 249 -98.77 34.44 15.62
N LYS EA 250 -98.99 33.17 16.01
CA LYS EA 250 -97.96 32.33 16.52
C LYS EA 250 -96.98 31.86 15.47
N THR EA 251 -97.53 31.62 14.27
CA THR EA 251 -97.00 31.18 13.04
C THR EA 251 -96.89 29.67 13.22
N ASN EA 252 -97.40 28.88 12.31
CA ASN EA 252 -97.34 27.47 12.36
C ASN EA 252 -96.03 27.10 11.63
N ILE EA 253 -95.40 26.07 12.22
CA ILE EA 253 -94.06 25.78 11.99
C ILE EA 253 -93.85 25.27 10.53
N ILE EA 254 -94.88 24.48 10.01
CA ILE EA 254 -94.98 23.92 8.73
C ILE EA 254 -95.08 24.97 7.72
N GLU EA 255 -95.85 25.99 8.02
CA GLU EA 255 -95.98 27.17 7.20
C GLU EA 255 -94.73 28.00 7.14
N LYS EA 256 -93.90 27.99 8.22
CA LYS EA 256 -92.67 28.74 8.16
C LYS EA 256 -91.77 28.26 7.05
N ALA EA 257 -91.62 26.95 6.91
CA ALA EA 257 -90.70 26.36 5.91
C ALA EA 257 -91.04 26.56 4.51
N MET EA 258 -92.39 26.60 4.27
CA MET EA 258 -93.03 26.88 2.91
C MET EA 258 -92.60 28.24 2.36
N ASP EA 259 -92.54 29.23 3.27
CA ASP EA 259 -92.06 30.58 3.02
C ASP EA 259 -90.58 30.68 2.76
N TYR EA 260 -89.78 29.81 3.37
CA TYR EA 260 -88.36 29.69 3.18
C TYR EA 260 -88.03 29.28 1.84
N ALA EA 261 -88.79 28.23 1.36
CA ALA EA 261 -88.58 27.56 0.04
C ALA EA 261 -88.86 28.49 -1.08
N ILE EA 262 -89.99 29.26 -0.95
CA ILE EA 262 -90.56 29.83 -2.16
C ILE EA 262 -89.99 31.18 -2.45
N SER EA 263 -89.28 31.84 -1.53
CA SER EA 263 -88.46 32.99 -1.69
C SER EA 263 -87.26 32.74 -2.59
N ILE EA 264 -86.71 31.49 -2.50
CA ILE EA 264 -85.47 31.14 -3.23
C ILE EA 264 -85.82 30.86 -4.60
N GLU EA 265 -87.00 30.26 -4.84
CA GLU EA 265 -87.51 29.85 -6.12
C GLU EA 265 -88.13 31.00 -6.93
N ASN EA 266 -88.36 32.10 -6.25
CA ASN EA 266 -89.06 33.22 -6.85
C ASN EA 266 -88.09 34.01 -7.76
N VAL FA 1 -105.76 28.54 -99.47
CA VAL FA 1 -107.10 28.64 -98.85
C VAL FA 1 -106.93 29.37 -97.66
N ILE FA 2 -107.69 30.52 -97.56
CA ILE FA 2 -107.48 31.48 -96.57
C ILE FA 2 -108.81 31.69 -95.83
N LYS FA 3 -108.78 31.47 -94.52
CA LYS FA 3 -109.93 31.37 -93.65
C LYS FA 3 -109.76 32.26 -92.48
N PHE FA 4 -110.90 32.90 -92.07
CA PHE FA 4 -110.96 33.84 -91.02
C PHE FA 4 -112.24 33.75 -90.44
N ARG FA 5 -112.40 34.24 -89.15
CA ARG FA 5 -113.68 34.26 -88.43
C ARG FA 5 -114.59 35.21 -89.30
N ALA FA 6 -115.90 34.84 -89.49
CA ALA FA 6 -116.91 35.80 -90.00
C ALA FA 6 -118.28 35.35 -89.53
N GLY FA 7 -119.23 36.29 -89.41
CA GLY FA 7 -120.66 36.00 -89.16
C GLY FA 7 -121.40 36.25 -90.43
N VAL FA 8 -122.62 35.74 -90.53
CA VAL FA 8 -123.53 36.09 -91.58
C VAL FA 8 -124.07 37.47 -91.23
N CYS FA 9 -124.51 38.22 -92.25
CA CYS FA 9 -125.13 39.51 -92.11
C CYS FA 9 -126.26 39.72 -93.05
N GLU FA 10 -127.30 40.44 -92.48
CA GLU FA 10 -128.54 40.94 -93.21
C GLU FA 10 -128.33 42.27 -93.90
N TYR FA 11 -128.72 42.25 -95.18
CA TYR FA 11 -128.52 43.40 -95.98
C TYR FA 11 -129.73 44.26 -96.05
N ASN FA 12 -129.55 45.47 -96.63
CA ASN FA 12 -130.60 46.41 -96.90
C ASN FA 12 -130.32 47.21 -98.12
N GLU FA 13 -131.40 47.41 -98.92
CA GLU FA 13 -131.46 48.38 -99.98
C GLU FA 13 -132.41 49.42 -99.53
N ASP FA 14 -132.82 49.35 -98.24
CA ASP FA 14 -133.88 50.18 -97.74
C ASP FA 14 -133.33 51.64 -97.52
N SER FA 15 -132.08 51.76 -97.05
CA SER FA 15 -131.45 53.04 -96.83
C SER FA 15 -129.95 52.73 -96.71
N ARG FA 16 -129.64 51.49 -97.01
CA ARG FA 16 -128.34 50.91 -97.09
C ARG FA 16 -127.70 50.88 -95.75
N LEU FA 17 -128.36 50.41 -94.66
CA LEU FA 17 -127.81 50.41 -93.31
C LEU FA 17 -127.05 49.13 -93.04
N CYS FA 18 -127.69 48.02 -93.33
CA CYS FA 18 -127.11 46.71 -93.36
C CYS FA 18 -126.94 46.22 -91.92
N THR FA 19 -128.05 45.97 -91.13
CA THR FA 19 -127.98 45.66 -89.70
C THR FA 19 -127.57 44.16 -89.50
N PRO FA 20 -126.44 43.87 -88.85
CA PRO FA 20 -125.92 42.48 -88.65
C PRO FA 20 -126.79 41.68 -87.81
N ILE FA 21 -126.67 40.32 -87.93
CA ILE FA 21 -127.28 39.43 -87.03
C ILE FA 21 -126.04 38.52 -86.65
N PRO FA 22 -125.45 38.66 -85.46
CA PRO FA 22 -124.03 38.70 -85.25
C PRO FA 22 -123.42 37.35 -85.61
N VAL FA 23 -123.91 36.22 -84.96
CA VAL FA 23 -123.54 34.77 -85.13
C VAL FA 23 -122.13 34.53 -84.82
N GLN FA 24 -121.68 33.30 -85.15
CA GLN FA 24 -120.30 32.94 -85.05
C GLN FA 24 -120.10 31.91 -86.14
N GLY FA 25 -118.95 32.05 -86.79
CA GLY FA 25 -118.56 31.02 -87.75
C GLY FA 25 -117.28 31.43 -88.36
N GLU FA 26 -116.86 30.76 -89.49
CA GLU FA 26 -115.64 30.98 -90.27
C GLU FA 26 -116.08 31.22 -91.72
N ILE FA 27 -115.46 32.12 -92.40
CA ILE FA 27 -115.51 32.25 -93.82
C ILE FA 27 -114.35 31.46 -94.35
N GLU FA 28 -114.63 30.75 -95.48
CA GLU FA 28 -113.65 29.97 -96.11
C GLU FA 28 -113.67 30.67 -97.40
N ILE FA 29 -112.48 31.20 -97.78
CA ILE FA 29 -112.34 31.73 -99.10
C ILE FA 29 -111.30 30.89 -99.80
N LYS FA 30 -111.62 30.49 -101.11
CA LYS FA 30 -110.85 29.62 -101.90
C LYS FA 30 -110.12 30.44 -102.98
N PRO FA 31 -108.90 30.16 -103.37
CA PRO FA 31 -108.10 30.97 -104.17
C PRO FA 31 -108.35 30.51 -105.61
N ASN FA 32 -108.94 29.27 -105.86
CA ASN FA 32 -109.36 28.73 -107.10
C ASN FA 32 -108.29 28.64 -108.16
N GLU FA 33 -108.75 28.67 -109.44
CA GLU FA 33 -107.87 28.82 -110.54
C GLU FA 33 -108.72 29.55 -111.58
N GLU FA 34 -110.04 29.55 -111.50
CA GLU FA 34 -111.06 30.23 -112.29
C GLU FA 34 -110.63 31.64 -112.62
N GLU FA 35 -110.58 31.96 -113.92
CA GLU FA 35 -110.29 33.22 -114.60
C GLU FA 35 -108.97 33.87 -114.22
N GLU FA 36 -108.98 35.18 -114.34
CA GLU FA 36 -107.77 35.96 -114.39
C GLU FA 36 -108.18 37.32 -113.99
N LEU FA 37 -109.47 37.36 -113.43
CA LEU FA 37 -110.17 38.56 -112.98
C LEU FA 37 -111.42 38.11 -112.30
N GLY FA 38 -111.70 38.73 -111.16
CA GLY FA 38 -112.83 38.39 -110.30
C GLY FA 38 -112.80 36.93 -109.85
N PHE FA 39 -113.99 36.31 -109.60
CA PHE FA 39 -114.15 34.83 -109.45
C PHE FA 39 -113.40 34.23 -108.32
N TRP FA 40 -113.73 34.75 -107.13
CA TRP FA 40 -113.33 34.17 -105.88
C TRP FA 40 -114.52 33.67 -105.16
N ASP FA 41 -114.48 32.32 -104.79
CA ASP FA 41 -115.64 31.67 -104.14
C ASP FA 41 -115.76 32.07 -102.63
N PHE FA 42 -116.81 32.83 -102.30
CA PHE FA 42 -117.05 33.19 -100.92
C PHE FA 42 -118.10 32.21 -100.35
N GLU FA 43 -117.66 31.23 -99.54
CA GLU FA 43 -118.50 30.16 -98.97
C GLU FA 43 -118.46 30.46 -97.54
N TRP FA 44 -119.60 30.45 -96.84
CA TRP FA 44 -119.68 30.85 -95.40
C TRP FA 44 -120.20 29.65 -94.64
N ARG FA 45 -119.64 29.40 -93.40
CA ARG FA 45 -119.97 28.19 -92.66
C ARG FA 45 -120.22 28.60 -91.22
N PRO FA 46 -121.19 28.16 -90.53
CA PRO FA 46 -121.37 28.48 -89.11
C PRO FA 46 -120.41 27.50 -88.32
N THR FA 47 -120.05 27.90 -87.08
CA THR FA 47 -119.41 27.03 -86.09
C THR FA 47 -120.20 27.04 -84.85
N GLU FA 48 -120.85 28.22 -84.59
CA GLU FA 48 -121.50 28.36 -83.29
C GLU FA 48 -122.58 29.43 -83.39
N LYS FA 49 -123.49 29.60 -82.40
CA LYS FA 49 -124.59 30.52 -82.36
C LYS FA 49 -125.53 30.27 -83.50
N PRO FA 50 -126.47 29.29 -83.40
CA PRO FA 50 -127.54 29.02 -84.38
C PRO FA 50 -128.62 30.08 -84.19
N VAL FA 51 -128.55 30.96 -83.20
CA VAL FA 51 -129.56 31.96 -82.98
C VAL FA 51 -129.33 33.11 -83.93
N GLY FA 52 -130.41 33.84 -84.28
CA GLY FA 52 -130.55 34.67 -85.46
C GLY FA 52 -130.59 33.78 -86.69
N ARG FA 53 -130.50 34.37 -87.84
CA ARG FA 53 -130.59 33.78 -89.17
C ARG FA 53 -129.35 33.05 -89.42
N GLU FA 54 -129.40 32.03 -90.35
CA GLU FA 54 -128.22 31.14 -90.58
C GLU FA 54 -128.12 31.05 -92.10
N LEU FA 55 -126.89 30.77 -92.66
CA LEU FA 55 -126.72 30.68 -94.07
C LEU FA 55 -125.92 29.39 -94.22
N ASP FA 56 -126.49 28.33 -94.84
CA ASP FA 56 -125.88 27.08 -95.20
C ASP FA 56 -124.94 27.28 -96.39
N PRO FA 57 -123.96 26.43 -96.68
CA PRO FA 57 -123.02 26.87 -97.76
C PRO FA 57 -123.43 27.11 -99.16
N ILE FA 58 -122.98 28.37 -99.63
CA ILE FA 58 -123.32 28.91 -100.92
C ILE FA 58 -122.11 29.48 -101.46
N SER FA 59 -121.73 29.13 -102.66
CA SER FA 59 -120.58 29.77 -103.21
C SER FA 59 -121.11 31.02 -103.94
N LEU FA 60 -120.38 32.09 -103.86
CA LEU FA 60 -120.70 33.38 -104.30
C LEU FA 60 -119.50 33.82 -105.08
N ILE FA 61 -119.70 34.27 -106.31
CA ILE FA 61 -118.49 34.58 -107.07
C ILE FA 61 -118.24 36.08 -107.08
N LEU FA 62 -116.92 36.48 -107.16
CA LEU FA 62 -116.69 37.90 -107.21
C LEU FA 62 -116.96 38.46 -108.58
N ILE FA 63 -118.09 39.26 -108.66
CA ILE FA 63 -118.57 39.64 -109.97
C ILE FA 63 -118.08 41.09 -110.19
N PRO FA 64 -117.16 41.41 -111.11
CA PRO FA 64 -116.63 42.81 -111.16
C PRO FA 64 -117.76 43.66 -111.81
N GLY FA 65 -118.08 44.93 -111.32
CA GLY FA 65 -119.07 45.87 -111.86
C GLY FA 65 -120.41 45.77 -111.25
N GLU FA 66 -120.59 44.90 -110.30
CA GLU FA 66 -121.78 44.73 -109.54
C GLU FA 66 -121.50 44.68 -108.07
N THR FA 67 -120.28 44.19 -107.65
CA THR FA 67 -119.74 44.10 -106.31
C THR FA 67 -118.87 45.32 -106.01
N MET FA 68 -119.27 45.99 -104.86
CA MET FA 68 -118.51 47.10 -104.35
C MET FA 68 -118.46 46.92 -102.88
N TRP FA 69 -117.25 47.37 -102.39
CA TRP FA 69 -116.89 47.28 -101.02
C TRP FA 69 -116.80 48.69 -100.52
N VAL FA 70 -117.26 48.89 -99.29
CA VAL FA 70 -116.76 49.92 -98.48
C VAL FA 70 -116.89 49.37 -97.07
N PRO FA 71 -116.06 49.73 -96.07
CA PRO FA 71 -116.26 49.31 -94.75
C PRO FA 71 -117.30 49.89 -93.86
N ILE FA 72 -117.77 51.15 -94.14
CA ILE FA 72 -118.84 51.80 -93.42
C ILE FA 72 -119.82 52.04 -94.50
N LYS FA 73 -121.07 51.77 -94.09
CA LYS FA 73 -122.24 51.85 -94.89
C LYS FA 73 -123.29 52.48 -93.94
N SER FA 74 -122.90 52.51 -92.69
CA SER FA 74 -123.74 53.10 -91.68
C SER FA 74 -123.04 53.65 -90.48
N SER FA 75 -121.77 53.21 -90.16
CA SER FA 75 -121.05 53.68 -88.96
C SER FA 75 -121.71 53.29 -87.67
N LYS FA 76 -122.36 52.12 -87.69
CA LYS FA 76 -122.91 51.58 -86.51
C LYS FA 76 -122.06 50.29 -86.35
N SER FA 77 -121.38 49.85 -87.47
CA SER FA 77 -120.56 48.69 -87.43
C SER FA 77 -119.50 48.99 -88.50
N GLY FA 78 -118.39 48.33 -88.27
CA GLY FA 78 -117.26 48.33 -89.18
C GLY FA 78 -116.87 46.91 -89.32
N ARG FA 79 -115.84 46.61 -90.15
CA ARG FA 79 -115.29 45.27 -90.48
C ARG FA 79 -116.28 44.70 -91.46
N ILE FA 80 -117.00 45.44 -92.28
CA ILE FA 80 -118.00 44.83 -93.18
C ILE FA 80 -117.29 44.48 -94.46
N PHE FA 81 -117.65 43.30 -95.07
CA PHE FA 81 -117.16 42.86 -96.37
C PHE FA 81 -118.48 42.65 -97.10
N ALA FA 82 -118.67 43.46 -98.17
CA ALA FA 82 -119.93 43.61 -98.88
C ALA FA 82 -119.78 43.08 -100.24
N LEU FA 83 -120.85 42.34 -100.59
CA LEU FA 83 -120.84 41.63 -101.85
C LEU FA 83 -122.14 42.08 -102.34
N VAL FA 84 -122.11 42.92 -103.41
CA VAL FA 84 -123.32 43.58 -103.82
C VAL FA 84 -123.69 42.81 -105.07
N PHE FA 85 -124.94 42.30 -105.15
CA PHE FA 85 -125.33 41.49 -106.35
C PHE FA 85 -126.69 41.83 -106.82
N SER FA 86 -127.23 43.02 -106.35
CA SER FA 86 -128.54 43.55 -106.67
C SER FA 86 -129.70 42.64 -106.40
N SER FA 87 -129.62 41.83 -105.29
CA SER FA 87 -130.57 40.98 -104.75
C SER FA 87 -130.92 39.80 -105.68
N ASN FA 88 -129.90 39.36 -106.45
CA ASN FA 88 -130.05 38.23 -107.36
C ASN FA 88 -129.41 37.01 -106.71
N GLU FA 89 -128.52 37.27 -105.73
CA GLU FA 89 -128.00 36.27 -104.79
C GLU FA 89 -127.37 36.99 -103.61
N ARG FA 90 -127.75 38.23 -103.34
CA ARG FA 90 -127.10 39.05 -102.36
C ARG FA 90 -127.11 38.48 -100.92
N TYR FA 91 -125.96 38.54 -100.24
CA TYR FA 91 -125.84 38.23 -98.86
C TYR FA 91 -124.61 39.04 -98.56
N PHE FA 92 -124.55 39.46 -97.27
CA PHE FA 92 -123.51 40.36 -96.77
C PHE FA 92 -122.81 39.58 -95.71
N PHE FA 93 -121.54 39.99 -95.30
CA PHE FA 93 -120.86 39.25 -94.28
C PHE FA 93 -120.29 40.26 -93.40
N TRP FA 94 -120.10 39.87 -92.11
CA TRP FA 94 -119.58 40.71 -91.07
C TRP FA 94 -118.40 39.99 -90.47
N LEU FA 95 -117.15 40.46 -90.73
CA LEU FA 95 -115.99 39.87 -90.21
C LEU FA 95 -115.87 40.05 -88.78
N GLN FA 96 -115.31 39.04 -88.15
CA GLN FA 96 -115.25 38.92 -86.71
C GLN FA 96 -113.87 38.50 -86.30
N GLU FA 97 -112.84 38.92 -87.08
CA GLU FA 97 -111.47 38.63 -87.00
C GLU FA 97 -111.01 39.09 -85.66
N LYS FA 98 -110.45 38.16 -84.85
CA LYS FA 98 -109.93 38.37 -83.52
C LYS FA 98 -108.48 38.82 -83.60
N ASN FA 99 -108.26 40.03 -83.08
CA ASN FA 99 -106.96 40.66 -83.17
C ASN FA 99 -107.02 41.81 -82.18
N SER FA 100 -108.21 42.09 -81.58
CA SER FA 100 -108.63 43.31 -80.85
C SER FA 100 -110.05 43.05 -80.27
N GLY FA 101 -110.53 41.82 -80.42
CA GLY FA 101 -111.83 41.27 -80.04
C GLY FA 101 -112.65 40.78 -81.18
N ASN FA 102 -113.97 40.39 -80.89
CA ASN FA 102 -114.96 40.20 -81.93
C ASN FA 102 -115.86 41.45 -82.09
N LEU FA 103 -115.72 42.47 -81.17
CA LEU FA 103 -116.45 43.75 -81.34
C LEU FA 103 -116.07 44.46 -82.61
N PRO FA 104 -116.93 45.11 -83.35
CA PRO FA 104 -116.63 45.84 -84.54
C PRO FA 104 -115.76 47.04 -84.31
N LEU FA 105 -114.94 47.36 -85.24
CA LEU FA 105 -114.05 48.49 -85.22
C LEU FA 105 -114.20 49.08 -86.59
N ASN FA 106 -114.43 50.45 -86.70
CA ASN FA 106 -114.66 51.08 -88.02
C ASN FA 106 -113.39 51.28 -88.75
N GLU FA 107 -113.43 51.13 -90.12
CA GLU FA 107 -112.42 51.22 -91.14
C GLU FA 107 -111.65 49.98 -90.94
N LEU FA 108 -112.43 48.83 -90.96
CA LEU FA 108 -112.00 47.46 -90.71
C LEU FA 108 -111.22 47.31 -89.43
N SER FA 109 -110.43 46.24 -89.34
CA SER FA 109 -109.67 45.80 -88.21
C SER FA 109 -108.52 46.69 -87.85
N ALA FA 110 -107.84 46.28 -86.72
CA ALA FA 110 -106.77 47.02 -86.09
C ALA FA 110 -105.41 46.52 -86.51
N LYS FA 111 -105.39 45.76 -87.62
CA LYS FA 111 -104.26 45.23 -88.29
C LYS FA 111 -104.57 45.63 -89.70
N ASP FA 112 -104.56 46.99 -89.91
CA ASP FA 112 -105.07 47.62 -91.14
C ASP FA 112 -104.44 47.08 -92.44
N LYS FA 113 -103.06 47.07 -92.52
CA LYS FA 113 -102.35 46.86 -93.73
C LYS FA 113 -102.61 45.46 -94.22
N GLU FA 114 -102.60 44.47 -93.27
CA GLU FA 114 -102.89 43.10 -93.59
C GLU FA 114 -104.30 42.87 -94.16
N ILE FA 115 -105.40 43.50 -93.67
CA ILE FA 115 -106.72 43.22 -94.24
C ILE FA 115 -106.94 43.95 -95.53
N TYR FA 116 -106.36 45.16 -95.76
CA TYR FA 116 -106.49 46.03 -96.83
C TYR FA 116 -106.01 45.52 -98.19
N ASN FA 117 -104.91 44.80 -98.21
CA ASN FA 117 -104.34 44.16 -99.36
C ASN FA 117 -105.25 43.16 -100.06
N LYS FA 118 -106.04 42.50 -99.17
CA LYS FA 118 -107.01 41.46 -99.62
C LYS FA 118 -108.17 42.05 -100.26
N MET FA 119 -108.74 43.06 -99.57
CA MET FA 119 -109.98 43.64 -99.94
C MET FA 119 -109.86 44.26 -101.33
N ILE FA 120 -108.69 44.95 -101.60
CA ILE FA 120 -108.48 45.63 -102.87
C ILE FA 120 -108.21 44.56 -103.94
N GLY FA 121 -107.52 43.50 -103.52
CA GLY FA 121 -106.93 42.44 -104.29
C GLY FA 121 -107.85 41.48 -104.96
N VAL FA 122 -109.01 41.18 -104.35
CA VAL FA 122 -110.06 40.34 -104.90
C VAL FA 122 -110.71 40.98 -106.10
N LEU FA 123 -110.88 42.35 -106.12
CA LEU FA 123 -111.49 43.11 -107.21
C LEU FA 123 -110.57 43.15 -108.41
N ASN FA 124 -109.27 43.33 -108.19
CA ASN FA 124 -108.27 43.66 -109.17
C ASN FA 124 -107.74 42.57 -110.06
N ASN FA 125 -107.46 41.38 -109.38
CA ASN FA 125 -106.74 40.26 -109.90
C ASN FA 125 -107.35 38.95 -109.31
N SER FA 126 -106.80 37.81 -109.69
CA SER FA 126 -107.17 36.47 -109.26
C SER FA 126 -106.00 35.57 -109.51
N SER FA 127 -106.10 34.36 -109.01
CA SER FA 127 -104.98 33.37 -109.07
C SER FA 127 -105.19 32.58 -110.38
N MET GA 1 -71.58 60.30 20.35
CA MET GA 1 -71.91 59.09 19.56
C MET GA 1 -73.35 59.06 19.17
N SER GA 2 -73.81 57.91 18.66
CA SER GA 2 -75.06 57.83 17.99
C SER GA 2 -75.45 56.34 18.08
N THR GA 3 -76.70 56.03 17.75
CA THR GA 3 -77.29 54.67 17.78
C THR GA 3 -76.54 53.73 16.87
N ASP GA 4 -76.52 52.38 17.26
CA ASP GA 4 -75.85 51.30 16.55
C ASP GA 4 -74.37 51.60 16.54
N VAL GA 5 -73.65 51.04 15.52
CA VAL GA 5 -72.26 51.34 15.32
C VAL GA 5 -72.12 52.70 14.70
N ALA GA 6 -71.49 53.71 15.45
CA ALA GA 6 -71.48 55.12 15.00
C ALA GA 6 -70.67 55.33 13.69
N ALA GA 7 -69.58 54.59 13.67
CA ALA GA 7 -68.57 54.54 12.75
C ALA GA 7 -68.97 53.93 11.37
N ALA GA 8 -69.97 53.04 11.56
CA ALA GA 8 -70.67 52.33 10.46
C ALA GA 8 -71.68 53.22 9.81
N GLN GA 9 -72.32 54.14 10.58
CA GLN GA 9 -73.28 55.07 10.02
C GLN GA 9 -72.57 56.20 9.41
N ALA GA 10 -71.35 56.54 9.96
CA ALA GA 10 -70.50 57.66 9.61
C ALA GA 10 -69.90 57.37 8.19
N GLN GA 11 -69.47 56.06 7.98
CA GLN GA 11 -68.88 55.60 6.72
C GLN GA 11 -69.87 55.41 5.65
N SER GA 12 -71.08 54.89 5.90
CA SER GA 12 -72.19 54.73 4.99
C SER GA 12 -72.70 56.07 4.48
N LYS GA 13 -72.84 57.07 5.43
CA LYS GA 13 -73.57 58.30 5.15
C LYS GA 13 -72.59 59.40 5.34
N ILE GA 14 -72.25 60.03 4.22
CA ILE GA 14 -71.21 61.00 4.09
C ILE GA 14 -71.75 62.03 3.18
N ASP GA 15 -71.13 63.21 3.22
CA ASP GA 15 -71.42 64.37 2.42
C ASP GA 15 -71.14 64.17 0.95
N LEU GA 16 -72.07 64.71 0.13
CA LEU GA 16 -71.79 64.84 -1.27
C LEU GA 16 -72.22 66.33 -1.44
N THR GA 17 -72.01 66.89 -2.65
CA THR GA 17 -72.48 68.18 -2.98
C THR GA 17 -73.99 68.20 -3.22
N LYS GA 18 -74.56 67.06 -3.58
CA LYS GA 18 -75.99 66.87 -3.78
C LYS GA 18 -76.75 66.92 -2.41
N LYS GA 19 -76.19 66.30 -1.32
CA LYS GA 19 -76.68 66.20 0.01
C LYS GA 19 -76.41 67.44 0.76
N LYS GA 20 -75.47 68.34 0.24
CA LYS GA 20 -74.91 69.45 0.94
C LYS GA 20 -76.00 70.47 1.23
N ASN GA 21 -76.83 70.86 0.16
CA ASN GA 21 -77.97 71.79 0.27
C ASN GA 21 -78.96 71.25 1.29
N GLU GA 22 -79.22 69.94 1.22
CA GLU GA 22 -80.23 69.22 2.06
C GLU GA 22 -79.81 69.31 3.49
N GLU GA 23 -78.49 69.11 3.86
CA GLU GA 23 -77.98 68.99 5.18
C GLU GA 23 -78.06 70.23 5.91
N ILE GA 24 -77.87 71.42 5.24
CA ILE GA 24 -78.06 72.79 5.75
C ILE GA 24 -79.46 73.16 6.03
N ASN GA 25 -80.36 72.81 5.07
CA ASN GA 25 -81.79 73.15 5.04
C ASN GA 25 -82.56 72.43 6.16
N LYS GA 26 -82.17 71.14 6.44
CA LYS GA 26 -82.61 70.32 7.50
C LYS GA 26 -82.21 71.04 8.85
N LYS GA 27 -80.95 71.48 8.95
CA LYS GA 27 -80.40 72.14 10.19
C LYS GA 27 -81.05 73.33 10.54
N SER GA 28 -81.56 74.09 9.44
CA SER GA 28 -82.17 75.37 9.59
C SER GA 28 -83.53 75.17 10.15
N LEU GA 29 -84.13 73.95 9.96
CA LEU GA 29 -85.46 73.62 10.43
C LEU GA 29 -85.41 73.16 11.86
N GLU GA 30 -84.21 72.75 12.43
CA GLU GA 30 -84.04 72.40 13.82
C GLU GA 30 -83.63 73.63 14.59
N GLU GA 31 -83.83 74.84 14.00
CA GLU GA 31 -83.54 76.15 14.50
C GLU GA 31 -82.18 76.32 14.98
N ASP GA 32 -81.26 76.35 14.07
CA ASP GA 32 -79.78 76.35 14.29
C ASP GA 32 -79.40 75.09 15.04
N ASP GA 33 -78.10 75.01 15.46
CA ASP GA 33 -77.30 73.99 15.97
C ASP GA 33 -77.82 73.47 17.29
N GLU GA 34 -78.23 74.44 18.08
CA GLU GA 34 -78.73 74.35 19.40
C GLU GA 34 -77.67 73.67 20.28
N PHE GA 35 -76.40 74.20 20.24
CA PHE GA 35 -75.24 73.80 20.92
C PHE GA 35 -74.35 75.02 20.99
N GLU GA 36 -74.78 76.11 20.27
CA GLU GA 36 -74.30 77.45 20.46
C GLU GA 36 -75.31 78.40 21.04
N ASP GA 37 -76.46 77.76 21.46
CA ASP GA 37 -77.47 78.44 22.25
C ASP GA 37 -77.09 78.09 23.66
N PHE GA 38 -76.37 76.94 23.84
CA PHE GA 38 -76.15 76.37 25.12
C PHE GA 38 -75.16 77.15 25.93
N PRO GA 39 -73.90 77.50 25.53
CA PRO GA 39 -72.77 77.90 26.45
C PRO GA 39 -72.94 79.33 26.89
N ILE GA 40 -73.88 80.08 26.24
CA ILE GA 40 -74.21 81.46 26.49
C ILE GA 40 -74.81 81.73 27.86
N ASP GA 41 -75.81 80.89 28.31
CA ASP GA 41 -76.63 81.12 29.42
C ASP GA 41 -76.05 80.35 30.57
N THR GA 42 -75.07 79.45 30.35
CA THR GA 42 -74.45 78.73 31.41
C THR GA 42 -73.15 79.47 31.77
N TRP GA 43 -72.81 80.65 30.95
CA TRP GA 43 -71.46 81.19 30.83
C TRP GA 43 -70.31 80.20 31.14
N ALA GA 44 -70.14 79.08 30.36
CA ALA GA 44 -69.17 78.07 30.33
C ALA GA 44 -69.49 76.97 31.31
N ASN GA 45 -69.84 75.79 30.69
CA ASN GA 45 -70.10 74.45 31.29
C ASN GA 45 -68.74 73.97 31.90
N GLY GA 46 -68.83 73.26 33.03
CA GLY GA 46 -67.66 72.88 33.81
C GLY GA 46 -67.13 71.54 33.41
N GLU GA 47 -67.09 70.64 34.40
CA GLU GA 47 -66.66 69.24 34.18
C GLU GA 47 -67.48 68.41 35.11
N THR GA 48 -67.42 66.99 34.93
CA THR GA 48 -68.17 66.13 35.84
C THR GA 48 -66.99 65.67 36.66
N ILE GA 49 -67.19 65.75 37.99
CA ILE GA 49 -66.21 65.34 38.99
C ILE GA 49 -67.05 64.93 40.21
N LYS GA 50 -68.37 65.04 40.09
CA LYS GA 50 -69.32 64.81 41.19
C LYS GA 50 -69.45 63.39 41.52
N SER GA 51 -69.08 62.52 40.61
CA SER GA 51 -69.27 61.11 40.73
C SER GA 51 -68.36 60.43 39.75
N ASN GA 52 -67.45 61.24 39.13
CA ASN GA 52 -66.41 60.66 38.29
C ASN GA 52 -65.05 60.94 39.01
N ALA GA 53 -64.05 60.16 38.71
CA ALA GA 53 -62.80 60.25 39.45
C ALA GA 53 -61.71 60.32 38.39
N VAL GA 54 -62.02 59.68 37.18
CA VAL GA 54 -61.11 59.64 36.05
C VAL GA 54 -61.68 60.50 35.03
N THR GA 55 -62.61 61.36 35.49
CA THR GA 55 -63.42 62.37 34.79
C THR GA 55 -63.89 62.04 33.38
N GLN GA 56 -63.61 62.91 32.36
CA GLN GA 56 -64.01 62.67 30.99
C GLN GA 56 -62.94 63.25 29.99
N THR GA 57 -61.77 63.46 30.45
CA THR GA 57 -60.66 63.87 29.64
C THR GA 57 -59.61 62.74 29.48
N ASN GA 58 -60.00 61.52 29.72
CA ASN GA 58 -59.18 60.30 29.64
C ASN GA 58 -58.64 60.20 28.24
N ILE GA 59 -57.40 59.67 28.16
CA ILE GA 59 -56.69 59.64 26.89
C ILE GA 59 -56.63 58.17 26.45
N TRP GA 60 -57.20 57.33 27.34
CA TRP GA 60 -57.51 55.89 27.08
C TRP GA 60 -58.92 55.83 27.46
N GLU GA 61 -59.57 54.64 27.32
CA GLU GA 61 -60.97 54.32 27.50
C GLU GA 61 -61.52 54.51 28.89
N GLU GA 62 -62.74 55.12 29.12
CA GLU GA 62 -63.30 55.42 30.39
C GLU GA 62 -63.69 54.18 31.11
N ASN GA 63 -63.63 54.20 32.47
CA ASN GA 63 -63.98 53.13 33.33
C ASN GA 63 -65.51 53.13 33.68
N TRP GA 64 -65.85 52.79 34.96
CA TRP GA 64 -67.17 52.95 35.57
C TRP GA 64 -66.91 53.45 36.97
N ASP GA 65 -65.74 54.07 37.17
CA ASP GA 65 -65.44 54.95 38.24
C ASP GA 65 -65.94 56.34 37.84
N ASP GA 66 -66.79 56.44 36.78
CA ASP GA 66 -67.39 57.63 36.32
C ASP GA 66 -68.85 57.67 36.89
N VAL GA 67 -69.21 56.63 37.66
CA VAL GA 67 -70.62 56.60 38.22
C VAL GA 67 -70.45 56.16 39.67
N GLU GA 68 -69.24 55.79 40.01
CA GLU GA 68 -68.89 55.33 41.34
C GLU GA 68 -67.76 56.21 41.95
N VAL GA 69 -67.55 56.11 43.24
CA VAL GA 69 -66.64 56.93 43.93
C VAL GA 69 -65.62 55.92 44.55
N ASP GA 70 -64.53 56.34 45.24
CA ASP GA 70 -63.39 55.58 45.81
C ASP GA 70 -63.94 54.62 46.89
N ASP GA 71 -63.95 53.26 46.66
CA ASP GA 71 -64.51 52.26 47.60
C ASP GA 71 -63.40 51.53 48.35
N ASP GA 72 -62.13 51.93 48.19
CA ASP GA 72 -61.05 51.25 48.94
C ASP GA 72 -61.08 51.59 50.45
N PHE GA 73 -61.51 52.88 50.84
CA PHE GA 73 -61.60 53.31 52.20
C PHE GA 73 -62.65 52.54 52.98
N THR GA 74 -63.84 52.26 52.31
CA THR GA 74 -64.88 51.46 52.86
C THR GA 74 -64.48 50.04 53.10
N ASN GA 75 -63.66 49.47 52.25
CA ASN GA 75 -63.07 48.12 52.31
C ASN GA 75 -62.13 47.94 53.46
N GLU GA 76 -61.20 48.84 53.71
CA GLU GA 76 -60.27 48.95 54.78
C GLU GA 76 -61.06 48.89 56.10
N LEU GA 77 -62.18 49.65 56.15
CA LEU GA 77 -62.94 49.78 57.38
C LEU GA 77 -63.74 48.55 57.70
N LYS GA 78 -64.33 47.98 56.69
CA LYS GA 78 -65.15 46.74 56.80
C LYS GA 78 -64.36 45.63 57.31
N ALA GA 79 -63.13 45.55 56.82
CA ALA GA 79 -62.16 44.59 57.25
C ALA GA 79 -61.89 44.62 58.71
N GLU GA 80 -61.56 45.79 59.20
CA GLU GA 80 -61.25 46.04 60.59
C GLU GA 80 -62.46 45.79 61.53
N LEU GA 81 -63.70 46.17 61.12
CA LEU GA 81 -64.96 46.05 61.78
C LEU GA 81 -65.35 44.61 61.92
N ASP GA 82 -65.06 43.86 60.83
CA ASP GA 82 -65.36 42.47 60.78
C ASP GA 82 -64.52 41.68 61.76
N ARG GA 83 -63.25 42.07 61.95
CA ARG GA 83 -62.27 41.46 62.89
C ARG GA 83 -62.77 41.61 64.28
N TYR GA 84 -63.37 42.76 64.76
CA TYR GA 84 -63.95 42.79 66.13
C TYR GA 84 -65.14 41.86 66.34
N LYS GA 85 -66.02 41.76 65.27
CA LYS GA 85 -67.24 40.92 65.34
C LYS GA 85 -66.93 39.52 65.52
N ARG GA 86 -65.92 38.96 64.75
CA ARG GA 86 -65.47 37.59 64.76
C ARG GA 86 -64.72 37.27 66.06
N GLU GA 87 -63.90 38.25 66.59
CA GLU GA 87 -63.18 38.20 67.87
C GLU GA 87 -64.06 38.01 69.08
N ASN GA 88 -65.29 38.50 68.96
CA ASN GA 88 -66.22 38.59 69.97
C ASN GA 88 -67.48 38.00 69.47
N GLN GA 89 -67.32 36.86 68.80
CA GLN GA 89 -68.45 36.12 68.37
C GLN GA 89 -68.78 35.21 69.51
N MET HA 1 -14.45 57.82 -8.43
CA MET HA 1 -15.75 57.17 -8.07
C MET HA 1 -16.76 58.19 -7.64
N VAL HA 2 -16.43 59.02 -6.56
CA VAL HA 2 -17.37 59.94 -6.01
C VAL HA 2 -16.50 60.98 -5.36
N ASP HA 3 -17.07 62.06 -4.86
CA ASP HA 3 -16.51 63.18 -4.18
C ASP HA 3 -15.48 62.76 -3.14
N GLU HA 4 -14.24 63.30 -3.23
CA GLU HA 4 -13.03 62.90 -2.46
C GLU HA 4 -12.00 64.01 -2.46
N SER HA 5 -12.47 65.18 -2.85
CA SER HA 5 -11.80 66.53 -2.80
C SER HA 5 -10.47 66.65 -3.49
N ASP HA 6 -9.52 67.40 -2.90
CA ASP HA 6 -8.45 68.01 -3.66
C ASP HA 6 -7.15 67.57 -3.04
N LYS HA 7 -7.13 66.39 -2.33
CA LYS HA 7 -6.03 65.95 -1.48
C LYS HA 7 -4.78 65.68 -2.34
N LYS HA 8 -4.97 64.99 -3.44
CA LYS HA 8 -3.89 64.80 -4.42
C LYS HA 8 -4.56 64.88 -5.76
N GLN HA 9 -3.81 64.73 -6.90
CA GLN HA 9 -4.42 64.89 -8.19
C GLN HA 9 -5.46 63.83 -8.65
N GLN HA 10 -5.21 62.56 -8.18
CA GLN HA 10 -6.10 61.49 -8.40
C GLN HA 10 -7.46 61.82 -7.93
N THR HA 11 -7.52 62.34 -6.72
CA THR HA 11 -8.77 62.67 -6.09
C THR HA 11 -9.47 63.92 -6.62
N ILE HA 12 -8.80 64.83 -7.39
CA ILE HA 12 -9.47 65.92 -8.05
C ILE HA 12 -10.31 65.43 -9.16
N ASP HA 13 -9.80 64.41 -9.84
CA ASP HA 13 -10.56 63.80 -10.95
C ASP HA 13 -11.90 63.10 -10.56
N GLU HA 14 -11.81 62.40 -9.37
CA GLU HA 14 -12.94 61.67 -8.81
C GLU HA 14 -14.04 62.67 -8.37
N GLN HA 15 -13.64 63.91 -7.93
CA GLN HA 15 -14.52 64.95 -7.45
C GLN HA 15 -15.30 65.47 -8.68
N SER HA 16 -14.63 65.71 -9.85
CA SER HA 16 -15.29 66.38 -11.01
C SER HA 16 -16.09 65.48 -11.87
N GLN HA 17 -16.11 64.17 -11.66
CA GLN HA 17 -16.95 63.14 -12.24
C GLN HA 17 -18.33 63.38 -11.80
N ILE HA 18 -18.53 63.93 -10.57
CA ILE HA 18 -19.85 64.26 -9.91
C ILE HA 18 -20.08 65.69 -10.28
N SER HA 19 -19.20 66.65 -9.98
CA SER HA 19 -19.62 68.03 -10.22
C SER HA 19 -18.17 68.69 -10.27
N PRO HA 20 -17.70 69.29 -11.43
CA PRO HA 20 -16.47 70.03 -11.59
C PRO HA 20 -16.47 71.31 -10.76
N GLU HA 21 -15.24 71.95 -10.71
CA GLU HA 21 -14.99 73.13 -9.95
C GLU HA 21 -14.31 74.19 -10.76
N LYS HA 22 -13.23 73.75 -11.42
CA LYS HA 22 -12.26 74.56 -12.12
C LYS HA 22 -12.67 74.50 -13.65
N GLN HA 23 -13.66 73.62 -14.04
CA GLN HA 23 -14.11 73.47 -15.42
C GLN HA 23 -15.47 74.25 -15.64
N THR HA 24 -16.62 73.56 -15.50
CA THR HA 24 -17.96 74.11 -15.80
C THR HA 24 -18.27 75.32 -14.92
N PRO HA 25 -18.45 75.27 -13.52
CA PRO HA 25 -18.69 76.47 -12.64
C PRO HA 25 -17.92 77.75 -13.09
N ASN HA 26 -16.58 77.65 -12.77
CA ASN HA 26 -15.61 78.74 -12.79
C ASN HA 26 -15.65 79.59 -14.00
N LYS HA 27 -15.37 78.96 -15.25
CA LYS HA 27 -15.43 79.68 -16.47
C LYS HA 27 -16.80 80.37 -16.71
N LYS HA 28 -17.87 79.57 -16.50
CA LYS HA 28 -19.26 80.02 -16.80
C LYS HA 28 -19.61 81.26 -16.04
N ASP HA 29 -19.48 81.32 -14.72
CA ASP HA 29 -19.65 82.41 -13.79
C ASP HA 29 -18.75 83.55 -14.22
N LYS HA 30 -17.44 83.24 -14.51
CA LYS HA 30 -16.48 84.32 -14.86
C LYS HA 30 -16.94 85.15 -16.01
N LYS HA 31 -17.28 84.48 -17.10
CA LYS HA 31 -17.70 85.13 -18.38
C LYS HA 31 -18.97 85.92 -18.29
N LYS HA 32 -19.91 85.47 -17.47
CA LYS HA 32 -21.14 86.34 -17.34
C LYS HA 32 -21.11 87.34 -16.24
N GLU HA 33 -19.95 87.43 -15.50
CA GLU HA 33 -19.75 88.39 -14.42
C GLU HA 33 -18.91 89.57 -15.00
N GLU HA 34 -17.75 89.28 -15.58
CA GLU HA 34 -16.95 90.31 -16.17
C GLU HA 34 -16.50 89.83 -17.55
N GLU HA 35 -15.99 90.79 -18.41
CA GLU HA 35 -15.53 90.67 -19.76
C GLU HA 35 -14.04 91.09 -19.90
N GLU HA 36 -13.37 91.29 -18.72
CA GLU HA 36 -11.90 91.54 -18.58
C GLU HA 36 -11.24 90.35 -17.91
N GLN HA 37 -12.05 89.43 -17.39
CA GLN HA 37 -11.64 88.18 -16.71
C GLN HA 37 -11.41 87.15 -17.75
N LEU HA 38 -11.66 87.42 -19.03
CA LEU HA 38 -11.35 86.52 -20.16
C LEU HA 38 -9.87 86.13 -20.32
N SER HA 39 -8.95 87.02 -19.77
CA SER HA 39 -7.53 86.79 -19.61
C SER HA 39 -7.27 85.84 -18.50
N GLU HA 40 -8.13 85.81 -17.46
CA GLU HA 40 -7.97 84.74 -16.48
C GLU HA 40 -8.48 83.43 -17.04
N GLU HA 41 -9.58 83.40 -17.89
CA GLU HA 41 -10.15 82.19 -18.41
C GLU HA 41 -9.12 81.44 -19.24
N ASP HA 42 -8.30 82.24 -19.97
CA ASP HA 42 -7.29 81.73 -20.90
C ASP HA 42 -6.32 80.83 -20.28
N ALA HA 43 -5.87 81.19 -18.98
CA ALA HA 43 -5.02 80.34 -18.28
C ALA HA 43 -5.68 79.07 -17.74
N LYS HA 44 -6.94 79.22 -17.29
CA LYS HA 44 -7.76 78.20 -16.79
C LYS HA 44 -8.15 77.18 -17.92
N LEU HA 45 -7.83 77.44 -19.28
CA LEU HA 45 -8.04 76.55 -20.38
C LEU HA 45 -7.17 75.30 -20.27
N LYS HA 46 -5.87 75.50 -19.97
CA LYS HA 46 -4.85 74.46 -19.80
C LYS HA 46 -5.17 73.50 -18.69
N THR HA 47 -5.67 74.07 -17.52
CA THR HA 47 -6.04 73.41 -16.33
C THR HA 47 -7.18 72.50 -16.75
N ASP HA 48 -8.18 72.99 -17.49
CA ASP HA 48 -9.30 72.17 -18.02
C ASP HA 48 -8.87 71.07 -18.90
N LEU HA 49 -7.89 71.33 -19.77
CA LEU HA 49 -7.45 70.27 -20.69
C LEU HA 49 -6.95 68.98 -20.08
N GLU HA 50 -6.09 69.05 -19.05
CA GLU HA 50 -5.47 67.94 -18.35
C GLU HA 50 -6.51 67.21 -17.58
N LEU HA 51 -7.49 67.88 -16.93
CA LEU HA 51 -8.59 67.25 -16.18
C LEU HA 51 -9.53 66.49 -17.06
N LEU HA 52 -9.83 67.00 -18.31
CA LEU HA 52 -10.55 66.34 -19.36
C LEU HA 52 -9.88 65.03 -19.72
N VAL HA 53 -8.55 64.97 -19.88
CA VAL HA 53 -7.73 63.90 -20.35
C VAL HA 53 -7.78 62.79 -19.36
N GLU HA 54 -7.69 63.14 -18.07
CA GLU HA 54 -7.66 62.31 -16.90
C GLU HA 54 -8.96 61.55 -16.75
N ARG HA 55 -10.08 62.19 -17.04
CA ARG HA 55 -11.41 61.71 -16.89
C ARG HA 55 -11.94 61.13 -18.21
N LEU HA 56 -11.03 60.97 -19.25
CA LEU HA 56 -11.25 60.34 -20.51
C LEU HA 56 -10.54 59.08 -20.34
N LYS HA 57 -11.09 58.17 -19.54
CA LYS HA 57 -10.48 56.88 -19.22
C LYS HA 57 -11.47 56.11 -18.42
N GLU HA 58 -12.64 56.77 -18.23
CA GLU HA 58 -13.77 56.24 -17.46
C GLU HA 58 -14.80 55.87 -18.44
N ASP HA 59 -15.22 54.64 -18.32
CA ASP HA 59 -16.00 53.93 -19.34
C ASP HA 59 -17.44 54.20 -19.19
N ASP HA 60 -17.94 54.65 -18.01
CA ASP HA 60 -19.33 54.89 -17.84
C ASP HA 60 -19.68 56.23 -18.46
N SER HA 61 -20.73 56.38 -19.30
CA SER HA 61 -21.16 57.57 -20.03
C SER HA 61 -21.70 58.55 -19.03
N SER HA 62 -22.45 58.20 -17.89
CA SER HA 62 -23.18 59.07 -17.07
C SER HA 62 -22.36 60.11 -16.27
N LEU HA 63 -21.09 59.71 -15.92
CA LEU HA 63 -20.26 60.47 -15.02
C LEU HA 63 -19.25 61.27 -15.74
N TYR HA 64 -19.44 61.46 -17.04
CA TYR HA 64 -18.79 62.45 -17.85
C TYR HA 64 -19.90 63.30 -18.47
N GLU HA 65 -21.03 62.70 -18.93
CA GLU HA 65 -22.26 63.37 -19.46
C GLU HA 65 -22.77 64.54 -18.62
N ALA HA 66 -23.38 64.26 -17.48
CA ALA HA 66 -24.02 65.11 -16.60
C ALA HA 66 -23.03 66.19 -16.09
N SER HA 67 -21.72 65.81 -15.93
CA SER HA 67 -20.73 66.64 -15.31
C SER HA 67 -20.49 67.93 -16.09
N LEU HA 68 -20.43 67.83 -17.40
CA LEU HA 68 -20.13 68.85 -18.40
C LEU HA 68 -21.28 69.30 -19.26
N ASN HA 69 -22.51 69.04 -18.74
CA ASN HA 69 -23.79 69.16 -19.42
C ASN HA 69 -24.08 70.62 -19.70
N ALA HA 70 -23.79 71.39 -18.67
CA ALA HA 70 -24.17 72.73 -18.60
C ALA HA 70 -23.23 73.62 -19.36
N LEU HA 71 -22.02 73.13 -19.82
CA LEU HA 71 -21.05 73.70 -20.71
C LEU HA 71 -21.59 73.87 -22.05
N LYS HA 72 -22.46 72.90 -22.51
CA LYS HA 72 -23.18 72.80 -23.76
C LYS HA 72 -24.12 73.96 -23.86
N GLU HA 73 -24.70 74.37 -22.71
CA GLU HA 73 -25.59 75.55 -22.62
C GLU HA 73 -24.84 76.80 -22.89
N SER HA 74 -23.64 76.80 -22.25
CA SER HA 74 -22.80 77.99 -22.21
C SER HA 74 -22.41 78.51 -23.54
N ILE HA 75 -22.37 77.61 -24.60
CA ILE HA 75 -21.90 77.95 -25.97
C ILE HA 75 -22.54 79.13 -26.44
N LYS HA 76 -23.81 79.26 -26.34
CA LYS HA 76 -24.62 80.29 -26.86
C LYS HA 76 -25.18 81.20 -25.79
N ASN HA 77 -25.23 80.84 -24.44
CA ASN HA 77 -25.93 81.48 -23.37
C ASN HA 77 -25.11 82.61 -22.65
N SER HA 78 -23.72 82.43 -22.55
CA SER HA 78 -22.76 83.27 -21.83
C SER HA 78 -21.54 83.68 -22.65
N THR HA 79 -20.95 82.69 -23.40
CA THR HA 79 -19.77 82.92 -24.25
C THR HA 79 -20.18 83.78 -25.38
N SER HA 80 -21.36 83.39 -25.99
CA SER HA 80 -22.02 84.01 -27.07
C SER HA 80 -21.14 84.11 -28.40
N SER HA 81 -19.79 83.85 -28.35
CA SER HA 81 -18.97 83.62 -29.51
C SER HA 81 -18.76 84.93 -30.24
N MET HA 82 -18.68 86.19 -29.61
CA MET HA 82 -18.51 87.39 -30.41
C MET HA 82 -18.29 88.49 -29.47
N THR HA 83 -18.25 88.21 -28.17
CA THR HA 83 -17.93 89.26 -27.13
C THR HA 83 -16.58 89.84 -27.28
N ALA HA 84 -15.54 89.04 -27.63
CA ALA HA 84 -14.22 89.59 -27.74
C ALA HA 84 -13.60 88.71 -28.85
N VAL HA 85 -14.39 88.18 -29.85
CA VAL HA 85 -14.02 87.46 -31.02
C VAL HA 85 -12.90 86.45 -30.74
N PRO HA 86 -11.61 86.41 -31.05
CA PRO HA 86 -10.68 85.34 -30.78
C PRO HA 86 -10.84 84.61 -29.43
N LYS HA 87 -11.11 85.37 -28.32
CA LYS HA 87 -11.24 84.76 -26.95
C LYS HA 87 -12.44 83.86 -26.72
N PRO HA 88 -13.72 84.13 -27.07
CA PRO HA 88 -14.80 83.23 -26.91
C PRO HA 88 -14.70 82.03 -27.85
N LEU HA 89 -14.15 82.37 -29.04
CA LEU HA 89 -13.89 81.46 -30.14
C LEU HA 89 -12.99 80.31 -29.80
N LYS HA 90 -11.84 80.66 -29.06
CA LYS HA 90 -10.91 79.68 -28.58
C LYS HA 90 -11.37 79.01 -27.30
N PHE HA 91 -12.47 79.44 -26.62
CA PHE HA 91 -12.96 78.66 -25.46
C PHE HA 91 -14.13 77.66 -25.86
N LEU HA 92 -14.23 77.46 -27.14
CA LEU HA 92 -15.10 76.46 -27.61
C LEU HA 92 -14.33 75.09 -27.70
N ARG HA 93 -13.01 75.06 -27.20
CA ARG HA 93 -12.16 73.83 -27.14
C ARG HA 93 -12.76 72.86 -26.09
N PRO HA 94 -13.20 73.14 -24.83
CA PRO HA 94 -13.83 72.09 -23.93
C PRO HA 94 -15.21 71.75 -24.46
N THR HA 95 -15.89 72.65 -25.18
CA THR HA 95 -17.30 72.54 -25.44
C THR HA 95 -17.48 71.43 -26.52
N TYR HA 96 -16.47 71.07 -27.32
CA TYR HA 96 -16.69 70.09 -28.41
C TYR HA 96 -16.77 68.63 -28.03
N PRO HA 97 -15.97 68.06 -27.18
CA PRO HA 97 -16.37 66.78 -26.63
C PRO HA 97 -17.70 66.71 -25.90
N ASP HA 98 -18.06 67.83 -25.17
CA ASP HA 98 -19.24 67.88 -24.36
C ASP HA 98 -20.56 67.56 -25.19
N LEU HA 99 -20.62 68.10 -26.44
CA LEU HA 99 -21.62 67.91 -27.45
C LEU HA 99 -21.67 66.46 -27.89
N CYS HA 100 -20.43 65.87 -28.09
CA CYS HA 100 -20.28 64.52 -28.50
C CYS HA 100 -20.71 63.64 -27.43
N SER HA 101 -20.71 64.05 -26.10
CA SER HA 101 -21.05 63.17 -24.99
C SER HA 101 -22.45 62.89 -25.01
N ILE HA 102 -23.30 63.69 -25.72
CA ILE HA 102 -24.77 63.56 -25.72
C ILE HA 102 -25.13 62.86 -27.01
N TYR HA 103 -24.29 63.08 -28.04
CA TYR HA 103 -24.36 62.56 -29.39
C TYR HA 103 -24.22 61.05 -29.50
N ASP HA 104 -23.13 60.55 -28.96
CA ASP HA 104 -22.67 59.26 -29.26
C ASP HA 104 -22.62 58.46 -28.03
N LYS HA 105 -22.18 59.12 -26.90
CA LYS HA 105 -21.90 58.40 -25.67
C LYS HA 105 -23.17 58.03 -25.03
N TRP HA 106 -24.05 59.02 -25.05
CA TRP HA 106 -25.44 58.91 -24.70
C TRP HA 106 -26.17 58.66 -26.00
N THR HA 107 -27.01 57.61 -26.15
CA THR HA 107 -27.79 57.34 -27.28
C THR HA 107 -29.14 57.60 -26.98
N ASP HA 108 -29.60 58.84 -27.24
CA ASP HA 108 -31.02 59.22 -27.05
C ASP HA 108 -31.30 60.02 -28.35
N PRO HA 109 -32.29 59.63 -29.08
CA PRO HA 109 -32.55 60.02 -30.42
C PRO HA 109 -32.74 61.52 -30.62
N ASN HA 110 -33.37 62.14 -29.65
CA ASN HA 110 -33.88 63.51 -29.78
C ASN HA 110 -32.78 64.43 -29.82
N LEU HA 111 -31.77 64.12 -29.03
CA LEU HA 111 -30.71 64.95 -28.70
C LEU HA 111 -29.62 64.78 -29.75
N LYS HA 112 -29.50 63.56 -30.33
CA LYS HA 112 -28.60 63.11 -31.33
C LYS HA 112 -28.79 63.85 -32.60
N SER HA 113 -30.06 64.08 -32.99
CA SER HA 113 -30.51 64.82 -34.14
C SER HA 113 -30.08 66.27 -33.95
N SER HA 114 -30.48 66.89 -32.79
CA SER HA 114 -30.33 68.34 -32.51
C SER HA 114 -28.90 68.84 -32.40
N LEU HA 115 -28.00 68.05 -31.80
CA LEU HA 115 -26.70 68.52 -31.60
C LEU HA 115 -25.83 68.16 -32.80
N ALA HA 116 -26.28 67.33 -33.84
CA ALA HA 116 -25.54 67.09 -35.07
C ALA HA 116 -25.32 68.41 -35.82
N ASP HA 117 -26.45 69.27 -35.91
CA ASP HA 117 -26.35 70.46 -36.68
C ASP HA 117 -25.32 71.42 -36.11
N VAL HA 118 -25.34 71.51 -34.76
CA VAL HA 118 -24.51 72.42 -33.93
C VAL HA 118 -23.04 72.13 -34.03
N LEU HA 119 -22.62 70.85 -33.93
CA LEU HA 119 -21.26 70.28 -34.04
C LEU HA 119 -20.64 70.58 -35.32
N SER HA 120 -21.34 70.66 -36.42
CA SER HA 120 -20.89 70.97 -37.72
C SER HA 120 -20.46 72.44 -37.82
N ILE HA 121 -21.31 73.30 -37.22
CA ILE HA 121 -21.14 74.76 -37.20
C ILE HA 121 -19.97 75.13 -36.43
N LEU HA 122 -19.81 74.54 -35.17
CA LEU HA 122 -18.83 75.02 -34.16
C LEU HA 122 -17.52 74.48 -34.58
N ALA HA 123 -17.51 73.37 -35.33
CA ALA HA 123 -16.29 72.76 -35.95
C ALA HA 123 -15.62 73.58 -36.94
N MET HA 124 -16.43 74.20 -37.86
CA MET HA 124 -16.16 74.98 -39.01
C MET HA 124 -15.61 76.33 -38.65
N THR HA 125 -16.25 77.00 -37.74
CA THR HA 125 -15.91 78.28 -37.24
C THR HA 125 -14.62 78.23 -36.49
N TYR HA 126 -14.39 77.13 -35.72
CA TYR HA 126 -13.18 77.01 -34.96
C TYR HA 126 -12.03 76.45 -35.75
N SER HA 127 -12.20 75.96 -37.03
CA SER HA 127 -11.11 75.44 -37.96
C SER HA 127 -10.55 76.55 -38.74
N GLU HA 128 -11.15 77.77 -38.75
CA GLU HA 128 -10.54 78.91 -39.31
C GLU HA 128 -9.18 79.23 -38.73
N ASN HA 129 -9.17 79.23 -37.42
CA ASN HA 129 -8.00 79.26 -36.59
C ASN HA 129 -7.05 78.09 -36.76
N GLY HA 130 -7.68 76.86 -36.88
CA GLY HA 130 -6.89 75.70 -37.16
C GLY HA 130 -6.73 74.95 -35.83
N LYS HA 131 -7.34 75.35 -34.65
CA LYS HA 131 -7.02 74.71 -33.47
C LYS HA 131 -8.11 73.64 -33.36
N HIS HA 132 -9.22 73.72 -34.15
CA HIS HA 132 -10.18 72.64 -34.22
C HIS HA 132 -9.71 71.36 -34.91
N ASP HA 133 -8.83 71.54 -35.89
CA ASP HA 133 -8.10 70.48 -36.58
C ASP HA 133 -7.17 69.77 -35.63
N SER HA 134 -6.46 70.52 -34.78
CA SER HA 134 -5.52 70.05 -33.78
C SER HA 134 -6.26 69.35 -32.62
N LEU HA 135 -7.50 69.75 -32.35
CA LEU HA 135 -8.38 69.14 -31.39
C LEU HA 135 -8.73 67.76 -31.86
N ARG HA 136 -9.08 67.54 -33.14
CA ARG HA 136 -9.42 66.28 -33.82
C ARG HA 136 -8.30 65.30 -33.79
N TYR HA 137 -7.14 65.86 -34.06
CA TYR HA 137 -5.79 65.24 -34.17
C TYR HA 137 -5.23 64.62 -32.85
N ARG HA 138 -5.45 65.22 -31.70
CA ARG HA 138 -5.05 64.66 -30.39
C ARG HA 138 -5.85 63.36 -29.99
N LEU HA 139 -7.00 63.13 -30.69
CA LEU HA 139 -7.94 62.06 -30.59
C LEU HA 139 -7.71 61.03 -31.67
N LEU HA 140 -7.18 61.49 -32.82
CA LEU HA 140 -6.86 60.68 -33.97
C LEU HA 140 -5.69 59.81 -33.64
N SER HA 141 -4.69 60.42 -32.96
CA SER HA 141 -3.48 59.70 -32.58
C SER HA 141 -3.53 59.29 -31.07
N ASP HA 142 -4.60 59.67 -30.31
CA ASP HA 142 -4.83 59.39 -28.89
C ASP HA 142 -3.85 59.95 -27.86
N VAL HA 143 -4.27 60.10 -26.56
CA VAL HA 143 -3.63 60.73 -25.39
C VAL HA 143 -4.24 60.07 -24.19
N SER HA 144 -5.07 59.04 -24.40
CA SER HA 144 -5.90 58.43 -23.40
C SER HA 144 -5.89 57.00 -23.78
N ASP HA 145 -6.29 56.13 -22.89
CA ASP HA 145 -6.40 54.73 -23.26
C ASP HA 145 -7.71 54.43 -22.62
N PHE HA 146 -8.64 54.28 -23.55
CA PHE HA 146 -9.98 53.73 -23.30
C PHE HA 146 -10.74 53.70 -24.57
N GLU HA 147 -11.98 53.37 -24.40
CA GLU HA 147 -12.95 53.12 -25.35
C GLU HA 147 -13.27 54.44 -26.05
N GLY HA 148 -13.60 55.55 -25.24
CA GLY HA 148 -14.05 56.86 -25.60
C GLY HA 148 -13.43 57.48 -26.80
N TRP HA 149 -12.09 57.61 -26.93
CA TRP HA 149 -11.42 58.23 -27.98
C TRP HA 149 -11.63 57.42 -29.25
N GLY HA 150 -11.98 56.08 -29.11
CA GLY HA 150 -12.00 55.21 -30.28
C GLY HA 150 -13.18 55.44 -31.15
N HIS HA 151 -14.14 56.23 -30.68
CA HIS HA 151 -15.37 56.52 -31.48
C HIS HA 151 -15.42 58.01 -31.78
N GLU HA 152 -14.94 58.93 -30.87
CA GLU HA 152 -15.28 60.35 -31.02
C GLU HA 152 -14.72 60.96 -32.30
N TYR HA 153 -13.43 60.63 -32.78
CA TYR HA 153 -12.82 61.36 -33.84
C TYR HA 153 -13.55 60.86 -35.11
N ILE HA 154 -14.03 59.60 -35.06
CA ILE HA 154 -14.79 59.02 -36.12
C ILE HA 154 -16.09 59.74 -36.36
N ARG HA 155 -16.75 60.16 -35.23
CA ARG HA 155 -18.00 60.93 -35.27
C ARG HA 155 -17.90 62.26 -35.90
N HIS HA 156 -16.76 62.92 -35.66
CA HIS HA 156 -16.44 64.19 -36.36
C HIS HA 156 -16.43 64.08 -37.86
N LEU HA 157 -15.79 63.03 -38.37
CA LEU HA 157 -15.52 62.78 -39.78
C LEU HA 157 -16.79 62.51 -40.55
N ALA HA 158 -17.94 61.89 -39.93
CA ALA HA 158 -19.16 61.54 -40.56
C ALA HA 158 -20.02 62.73 -40.83
N LEU HA 159 -19.80 63.81 -39.96
CA LEU HA 159 -20.45 65.09 -39.92
C LEU HA 159 -20.29 65.87 -41.24
N GLU HA 160 -19.01 65.71 -41.68
CA GLU HA 160 -18.36 66.22 -42.92
C GLU HA 160 -19.02 65.50 -44.14
N ILE HA 161 -19.20 64.14 -44.09
CA ILE HA 161 -19.71 63.32 -45.18
C ILE HA 161 -21.14 63.64 -45.44
N GLY HA 162 -21.97 63.78 -44.35
CA GLY HA 162 -23.31 64.28 -44.34
C GLY HA 162 -23.51 65.59 -45.08
N GLU HA 163 -22.79 66.71 -44.67
CA GLU HA 163 -22.95 68.01 -45.26
C GLU HA 163 -22.61 68.05 -46.73
N VAL HA 164 -21.50 67.38 -47.17
CA VAL HA 164 -21.02 67.55 -48.53
C VAL HA 164 -22.06 67.01 -49.55
N TYR HA 165 -22.61 65.77 -49.18
CA TYR HA 165 -23.65 65.12 -49.86
C TYR HA 165 -24.90 65.91 -49.93
N ASN HA 166 -25.30 66.60 -48.83
CA ASN HA 166 -26.45 67.44 -48.90
C ASN HA 166 -26.43 68.60 -49.89
N ASP HA 167 -25.18 69.08 -50.27
CA ASP HA 167 -25.04 70.23 -51.21
C ASP HA 167 -25.32 69.84 -52.60
N GLN HA 168 -25.39 68.52 -52.83
CA GLN HA 168 -25.47 67.93 -54.19
C GLN HA 168 -26.91 67.91 -54.51
N VAL HA 169 -27.68 67.47 -53.54
CA VAL HA 169 -29.10 67.37 -53.58
C VAL HA 169 -29.75 68.71 -53.62
N GLU HA 170 -29.32 69.66 -52.78
CA GLU HA 170 -29.87 70.93 -52.60
C GLU HA 170 -29.44 71.87 -53.67
N LYS HA 171 -30.39 72.68 -54.17
CA LYS HA 171 -30.14 73.54 -55.33
C LYS HA 171 -29.81 74.93 -54.91
N ASP HA 172 -29.49 75.13 -53.60
CA ASP HA 172 -29.17 76.46 -53.09
C ASP HA 172 -27.69 76.58 -52.93
N ALA HA 173 -27.06 75.43 -52.51
CA ALA HA 173 -25.68 75.22 -52.23
C ALA HA 173 -25.16 76.18 -51.10
N GLU HA 174 -23.92 75.91 -50.63
CA GLU HA 174 -23.22 76.50 -49.52
C GLU HA 174 -24.05 76.38 -48.24
N ASP HA 175 -24.08 77.39 -47.43
CA ASP HA 175 -24.75 77.47 -46.16
C ASP HA 175 -26.08 78.13 -46.29
N GLU HA 176 -26.62 78.21 -47.51
CA GLU HA 176 -27.95 78.71 -47.83
C GLU HA 176 -28.82 77.43 -47.90
N THR HA 177 -28.26 76.19 -47.77
CA THR HA 177 -28.89 74.96 -47.40
C THR HA 177 -29.30 74.94 -45.93
N SER HA 178 -30.36 74.14 -45.61
CA SER HA 178 -30.88 74.16 -44.29
C SER HA 178 -30.52 72.83 -43.65
N SER HA 179 -29.60 72.01 -44.18
CA SER HA 179 -29.21 70.76 -43.63
C SER HA 179 -28.51 70.81 -42.28
N ASP HA 180 -27.63 71.81 -42.20
CA ASP HA 180 -26.83 72.04 -40.99
C ASP HA 180 -26.51 73.46 -40.72
N GLY HA 181 -26.73 74.31 -41.74
CA GLY HA 181 -26.29 75.70 -41.66
C GLY HA 181 -24.95 75.91 -42.10
N SER HA 182 -24.36 74.89 -42.77
CA SER HA 182 -22.94 74.85 -43.03
C SER HA 182 -22.69 74.68 -44.56
N LYS HA 183 -21.46 74.94 -45.00
CA LYS HA 183 -21.04 74.88 -46.38
C LYS HA 183 -19.94 73.92 -46.42
N SER HA 184 -19.51 73.52 -47.67
CA SER HA 184 -18.32 72.68 -47.92
C SER HA 184 -17.30 73.48 -48.71
N ASP HA 185 -17.60 74.81 -48.90
CA ASP HA 185 -16.87 75.78 -49.61
C ASP HA 185 -16.28 76.76 -48.59
N GLY HA 186 -16.03 77.98 -49.02
CA GLY HA 186 -15.50 79.10 -48.40
C GLY HA 186 -14.07 79.00 -48.05
N SER HA 187 -13.72 79.54 -46.84
CA SER HA 187 -12.37 79.46 -46.40
C SER HA 187 -12.44 78.79 -45.14
N ALA HA 188 -13.69 78.52 -44.56
CA ALA HA 188 -13.91 77.94 -43.26
C ALA HA 188 -14.02 76.44 -43.16
N ALA HA 189 -14.50 75.68 -44.21
CA ALA HA 189 -14.56 74.25 -44.11
C ALA HA 189 -13.75 73.54 -45.00
N THR HA 190 -13.28 74.24 -46.04
CA THR HA 190 -12.49 73.69 -47.07
C THR HA 190 -11.14 73.36 -46.54
N SER HA 191 -10.61 74.26 -45.69
CA SER HA 191 -9.31 74.13 -45.12
C SER HA 191 -9.16 73.07 -44.04
N GLY HA 192 -10.35 72.75 -43.48
CA GLY HA 192 -10.57 71.76 -42.46
C GLY HA 192 -10.40 70.38 -43.06
N PHE HA 193 -10.92 70.25 -44.28
CA PHE HA 193 -10.95 69.03 -45.11
C PHE HA 193 -9.57 68.76 -45.61
N GLU HA 194 -8.91 69.82 -46.04
CA GLU HA 194 -7.57 69.75 -46.59
C GLU HA 194 -6.62 69.14 -45.55
N PHE HA 195 -6.70 69.59 -44.28
CA PHE HA 195 -5.87 69.15 -43.27
C PHE HA 195 -6.21 67.63 -42.88
N SER HA 196 -7.56 67.39 -42.92
CA SER HA 196 -8.12 66.18 -42.56
C SER HA 196 -7.62 65.00 -43.45
N LYS HA 197 -7.60 65.24 -44.79
CA LYS HA 197 -7.15 64.39 -45.83
C LYS HA 197 -5.74 64.05 -45.65
N GLU HA 198 -4.84 65.06 -45.33
CA GLU HA 198 -3.48 64.76 -45.24
C GLU HA 198 -3.13 63.69 -44.26
N ASP HA 199 -3.65 63.91 -42.99
CA ASP HA 199 -3.32 63.00 -41.95
C ASP HA 199 -3.89 61.59 -42.06
N THR HA 200 -5.22 61.50 -42.49
CA THR HA 200 -5.93 60.20 -42.40
C THR HA 200 -5.48 59.23 -43.42
N LEU HA 201 -4.81 59.54 -44.57
CA LEU HA 201 -4.35 58.54 -45.53
C LEU HA 201 -3.09 57.91 -44.99
N ARG HA 202 -2.28 58.73 -44.31
CA ARG HA 202 -0.96 58.48 -43.74
C ARG HA 202 -1.11 57.42 -42.71
N LEU HA 203 -2.15 57.46 -41.84
CA LEU HA 203 -2.37 56.67 -40.68
C LEU HA 203 -3.54 55.75 -40.71
N CYS HA 204 -4.56 55.98 -41.55
CA CYS HA 204 -5.86 55.35 -41.46
C CYS HA 204 -6.35 55.16 -42.84
N LEU HA 205 -7.65 55.42 -43.14
CA LEU HA 205 -8.01 55.34 -44.54
C LEU HA 205 -9.45 55.88 -44.51
N ASP HA 206 -10.06 56.28 -43.38
CA ASP HA 206 -11.46 56.37 -43.15
C ASP HA 206 -12.32 57.37 -43.82
N ILE HA 207 -11.88 58.58 -43.98
CA ILE HA 207 -12.67 59.66 -44.60
C ILE HA 207 -12.28 59.82 -46.08
N VAL HA 208 -11.16 59.19 -46.44
CA VAL HA 208 -10.49 59.28 -47.67
C VAL HA 208 -11.31 58.85 -48.88
N PRO HA 209 -12.01 57.76 -48.96
CA PRO HA 209 -12.75 57.42 -50.17
C PRO HA 209 -14.06 58.32 -50.36
N TYR HA 210 -14.69 58.82 -49.26
CA TYR HA 210 -15.90 59.56 -49.25
C TYR HA 210 -15.65 60.96 -49.86
N PHE HA 211 -14.49 61.64 -49.57
CA PHE HA 211 -14.14 62.90 -50.16
C PHE HA 211 -14.01 62.81 -51.64
N LEU HA 212 -13.35 61.75 -52.10
CA LEU HA 212 -12.93 61.64 -53.48
C LEU HA 212 -14.06 61.55 -54.38
N LYS HA 213 -14.96 60.61 -54.10
CA LYS HA 213 -16.15 60.30 -54.88
C LYS HA 213 -17.12 61.35 -54.81
N HIS HA 214 -17.25 62.05 -53.66
CA HIS HA 214 -18.29 63.13 -53.57
C HIS HA 214 -18.06 64.31 -54.44
N ASN HA 215 -16.71 64.60 -54.53
CA ASN HA 215 -16.42 65.72 -55.41
C ASN HA 215 -16.65 65.38 -56.87
N GLY HA 216 -16.24 64.15 -57.31
CA GLY HA 216 -16.48 63.81 -58.75
C GLY HA 216 -15.64 64.48 -59.72
N GLU HA 217 -14.40 64.89 -59.32
CA GLU HA 217 -13.52 65.71 -59.99
C GLU HA 217 -12.18 65.06 -59.87
N GLU HA 218 -11.39 65.13 -61.00
CA GLU HA 218 -10.05 64.55 -61.12
C GLU HA 218 -9.05 65.33 -60.24
N ASP HA 219 -9.42 66.64 -59.89
CA ASP HA 219 -8.62 67.45 -58.98
C ASP HA 219 -8.36 66.85 -57.59
N ALA HA 220 -9.49 66.28 -57.02
CA ALA HA 220 -9.55 65.71 -55.66
C ALA HA 220 -8.55 64.58 -55.60
N VAL HA 221 -8.55 63.74 -56.72
CA VAL HA 221 -7.73 62.59 -57.06
C VAL HA 221 -6.23 62.99 -57.24
N ASP HA 222 -6.00 64.18 -57.84
CA ASP HA 222 -4.66 64.68 -57.88
C ASP HA 222 -4.09 65.15 -56.55
N LEU HA 223 -4.90 65.52 -55.54
CA LEU HA 223 -4.39 65.67 -54.14
C LEU HA 223 -3.95 64.34 -53.57
N LEU HA 224 -4.63 63.17 -53.87
CA LEU HA 224 -4.38 61.86 -53.36
C LEU HA 224 -2.99 61.48 -53.82
N LEU HA 225 -2.59 61.78 -55.07
CA LEU HA 225 -1.23 61.49 -55.64
C LEU HA 225 -0.09 61.99 -54.77
N GLU HA 226 -0.16 63.26 -54.38
CA GLU HA 226 0.90 64.05 -53.66
C GLU HA 226 1.29 63.33 -52.36
N ILE HA 227 0.21 62.96 -51.53
CA ILE HA 227 0.35 62.29 -50.23
C ILE HA 227 0.94 60.86 -50.40
N GLU HA 228 0.44 60.10 -51.45
CA GLU HA 228 0.86 58.74 -51.68
C GLU HA 228 2.31 58.62 -52.19
N SER HA 229 2.83 59.59 -53.01
CA SER HA 229 4.10 59.50 -53.66
C SER HA 229 5.17 59.69 -52.57
N ILE HA 230 4.83 60.32 -51.45
CA ILE HA 230 5.75 60.44 -50.35
C ILE HA 230 5.98 59.18 -49.63
N ASP HA 231 4.82 58.51 -49.41
CA ASP HA 231 4.71 57.25 -48.64
C ASP HA 231 5.32 56.00 -49.20
N LYS HA 232 5.78 56.04 -50.49
CA LYS HA 232 6.03 54.86 -51.27
C LYS HA 232 7.41 54.22 -50.98
N LEU HA 233 8.29 54.90 -50.22
CA LEU HA 233 9.66 54.39 -50.07
C LEU HA 233 9.98 54.46 -48.60
N PRO HA 234 9.65 55.45 -47.74
CA PRO HA 234 10.30 55.53 -46.44
C PRO HA 234 9.51 54.99 -45.26
N GLN HA 235 8.20 54.79 -45.56
CA GLN HA 235 7.21 54.47 -44.53
C GLN HA 235 6.65 53.03 -44.82
N PHE HA 236 6.72 52.58 -46.08
CA PHE HA 236 6.39 51.23 -46.55
C PHE HA 236 7.13 51.16 -47.83
N VAL HA 237 7.40 49.94 -48.31
CA VAL HA 237 8.15 49.66 -49.48
C VAL HA 237 7.34 49.90 -50.71
N ASP HA 238 8.08 49.89 -51.87
CA ASP HA 238 7.55 49.76 -53.21
C ASP HA 238 6.45 48.82 -53.48
N GLU HA 239 6.62 47.49 -53.11
CA GLU HA 239 5.62 46.41 -53.26
C GLU HA 239 4.28 46.69 -52.71
N ASN HA 240 4.25 47.22 -51.47
CA ASN HA 240 3.09 47.58 -50.67
C ASN HA 240 2.29 48.75 -51.32
N THR HA 241 3.08 49.70 -51.92
CA THR HA 241 2.55 50.83 -52.72
C THR HA 241 1.82 50.33 -53.98
N PHE HA 242 2.34 49.32 -54.72
CA PHE HA 242 1.72 48.74 -55.92
C PHE HA 242 0.34 48.11 -55.64
N GLN HA 243 0.29 47.50 -54.47
CA GLN HA 243 -0.95 46.92 -54.02
C GLN HA 243 -1.99 47.95 -53.71
N ARG HA 244 -1.63 49.17 -53.20
CA ARG HA 244 -2.55 50.26 -52.87
C ARG HA 244 -3.31 50.80 -54.06
N VAL HA 245 -2.48 51.14 -55.11
CA VAL HA 245 -2.99 51.70 -56.32
C VAL HA 245 -3.99 50.81 -57.06
N CYS HA 246 -3.68 49.47 -57.15
CA CYS HA 246 -4.61 48.62 -57.81
C CYS HA 246 -5.84 48.22 -56.97
N GLN HA 247 -5.69 48.30 -55.62
CA GLN HA 247 -6.82 48.02 -54.74
C GLN HA 247 -7.94 49.02 -54.97
N TYR HA 248 -7.47 50.30 -55.18
CA TYR HA 248 -8.24 51.45 -55.38
C TYR HA 248 -8.98 51.34 -56.73
N MET HA 249 -8.22 50.92 -57.75
CA MET HA 249 -8.78 50.82 -59.07
C MET HA 249 -9.75 49.64 -59.17
N VAL HA 250 -9.38 48.37 -58.65
CA VAL HA 250 -10.28 47.23 -58.85
C VAL HA 250 -11.58 47.38 -58.01
N ALA HA 251 -11.50 47.90 -56.75
CA ALA HA 251 -12.53 48.08 -55.78
C ALA HA 251 -13.61 49.03 -56.18
N CYS HA 252 -13.19 50.10 -56.89
CA CYS HA 252 -14.10 51.13 -57.20
C CYS HA 252 -14.63 51.03 -58.59
N VAL HA 253 -14.52 49.86 -59.29
CA VAL HA 253 -15.16 49.69 -60.55
C VAL HA 253 -16.68 49.78 -60.42
N PRO HA 254 -17.32 49.14 -59.38
CA PRO HA 254 -18.74 49.31 -59.22
C PRO HA 254 -18.95 50.33 -58.14
N LEU HA 255 -18.19 51.43 -58.19
CA LEU HA 255 -18.38 52.54 -57.26
C LEU HA 255 -18.05 53.76 -58.05
N LEU HA 256 -17.63 53.62 -59.34
CA LEU HA 256 -17.47 54.72 -60.25
C LEU HA 256 -18.15 54.33 -61.54
N PRO HA 257 -19.32 54.74 -61.88
CA PRO HA 257 -19.95 54.36 -63.16
C PRO HA 257 -19.24 55.08 -64.30
N PRO HA 258 -19.44 54.70 -65.55
CA PRO HA 258 -18.65 55.17 -66.68
C PRO HA 258 -18.19 56.59 -66.73
N PRO HA 259 -19.03 57.63 -66.69
CA PRO HA 259 -18.52 59.00 -66.90
C PRO HA 259 -17.58 59.46 -65.78
N GLU HA 260 -17.83 58.83 -64.67
CA GLU HA 260 -17.25 59.04 -63.35
C GLU HA 260 -15.85 58.46 -63.32
N ASP HA 261 -15.70 57.22 -63.94
CA ASP HA 261 -14.54 56.43 -64.03
C ASP HA 261 -13.52 57.03 -64.85
N VAL HA 262 -13.95 57.61 -65.99
CA VAL HA 262 -13.01 58.14 -67.03
C VAL HA 262 -12.19 59.24 -66.48
N ALA HA 263 -12.68 60.21 -65.65
CA ALA HA 263 -11.91 61.31 -65.13
C ALA HA 263 -10.89 60.79 -64.05
N PHE HA 264 -11.18 59.72 -63.39
CA PHE HA 264 -10.40 59.07 -62.37
C PHE HA 264 -9.24 58.23 -62.88
N LEU HA 265 -9.40 57.37 -64.00
CA LEU HA 265 -8.42 56.43 -64.50
C LEU HA 265 -7.28 57.28 -64.99
N LYS HA 266 -7.55 58.51 -65.38
CA LYS HA 266 -6.52 59.51 -65.79
C LYS HA 266 -5.46 59.78 -64.70
N THR HA 267 -5.88 60.02 -63.44
CA THR HA 267 -5.04 60.14 -62.30
C THR HA 267 -4.32 58.84 -61.98
N ALA HA 268 -5.04 57.64 -62.11
CA ALA HA 268 -4.49 56.39 -61.84
C ALA HA 268 -3.42 56.07 -62.76
N TYR HA 269 -3.52 56.38 -64.03
CA TYR HA 269 -2.47 56.26 -65.03
C TYR HA 269 -1.28 57.01 -64.55
N SER HA 270 -1.42 58.30 -64.10
CA SER HA 270 -0.21 59.05 -63.81
C SER HA 270 0.64 58.47 -62.71
N ILE HA 271 -0.11 57.90 -61.70
CA ILE HA 271 0.47 57.23 -60.61
C ILE HA 271 1.40 56.11 -61.00
N TYR HA 272 0.82 55.21 -61.87
CA TYR HA 272 1.53 54.14 -62.53
C TYR HA 272 2.73 54.47 -63.38
N LEU HA 273 2.59 55.53 -64.21
CA LEU HA 273 3.62 56.09 -65.09
C LEU HA 273 4.83 56.56 -64.30
N SER HA 274 4.62 57.23 -63.15
CA SER HA 274 5.71 57.69 -62.21
C SER HA 274 6.40 56.52 -61.60
N GLN HA 275 5.52 55.52 -61.25
CA GLN HA 275 5.94 54.32 -60.56
C GLN HA 275 6.77 53.34 -61.49
N ASN HA 276 7.47 52.43 -60.80
CA ASN HA 276 8.42 51.46 -61.28
C ASN HA 276 7.80 50.24 -62.07
N GLU HA 277 6.43 50.10 -61.92
CA GLU HA 277 5.65 49.07 -62.68
C GLU HA 277 4.97 49.82 -63.75
N LEU HA 278 5.52 49.78 -64.96
CA LEU HA 278 5.07 50.29 -66.20
C LEU HA 278 4.10 49.38 -66.83
N THR HA 279 4.09 48.09 -66.30
CA THR HA 279 3.19 47.02 -66.55
C THR HA 279 1.85 47.32 -66.10
N ASP HA 280 1.77 48.06 -64.97
CA ASP HA 280 0.54 48.55 -64.37
C ASP HA 280 0.08 49.74 -65.16
N ALA HA 281 1.02 50.54 -65.74
CA ALA HA 281 0.69 51.79 -66.46
C ALA HA 281 -0.15 51.42 -67.64
N ILE HA 282 0.37 50.45 -68.46
CA ILE HA 282 -0.11 49.94 -69.74
C ILE HA 282 -1.42 49.21 -69.59
N ALA HA 283 -1.53 48.38 -68.58
CA ALA HA 283 -2.68 47.60 -68.16
C ALA HA 283 -3.83 48.54 -67.91
N LEU HA 284 -3.52 49.70 -67.25
CA LEU HA 284 -4.53 50.64 -66.90
C LEU HA 284 -4.98 51.38 -68.15
N ALA HA 285 -4.05 51.61 -69.13
CA ALA HA 285 -4.21 52.35 -70.38
C ALA HA 285 -5.26 51.73 -71.31
N VAL HA 286 -5.41 50.42 -71.27
CA VAL HA 286 -6.40 49.63 -71.96
C VAL HA 286 -7.72 49.99 -71.46
N ARG HA 287 -7.86 50.18 -70.09
CA ARG HA 287 -9.14 50.57 -69.44
C ARG HA 287 -9.70 51.75 -70.05
N LEU HA 288 -8.88 52.84 -70.14
CA LEU HA 288 -9.31 54.16 -70.62
C LEU HA 288 -9.89 54.09 -72.05
N GLY HA 289 -9.29 53.16 -72.85
CA GLY HA 289 -9.61 52.85 -74.24
C GLY HA 289 -8.80 53.70 -75.22
N GLU HA 290 -8.03 54.63 -74.63
CA GLU HA 290 -7.11 55.54 -75.19
C GLU HA 290 -5.86 54.92 -75.72
N GLU HA 291 -5.71 54.93 -77.03
CA GLU HA 291 -4.53 54.66 -77.80
C GLU HA 291 -3.40 55.48 -77.42
N ASP HA 292 -3.66 56.78 -77.16
CA ASP HA 292 -2.76 57.84 -76.91
C ASP HA 292 -1.97 57.49 -75.67
N MET HA 293 -2.67 57.02 -74.66
CA MET HA 293 -2.08 56.68 -73.37
C MET HA 293 -1.14 55.51 -73.40
N ILE HA 294 -1.41 54.48 -74.26
CA ILE HA 294 -0.64 53.25 -74.54
C ILE HA 294 0.65 53.69 -75.19
N ARG HA 295 0.51 54.57 -76.18
CA ARG HA 295 1.59 55.09 -77.01
C ARG HA 295 2.56 55.85 -76.14
N SER HA 296 2.11 56.55 -75.11
CA SER HA 296 2.89 57.40 -74.25
C SER HA 296 3.82 56.62 -73.41
N VAL HA 297 3.41 55.38 -72.88
CA VAL HA 297 4.20 54.62 -72.00
C VAL HA 297 5.31 54.01 -72.85
N PHE HA 298 4.94 53.60 -74.12
CA PHE HA 298 5.97 53.05 -74.96
C PHE HA 298 7.06 54.02 -75.36
N ASP HA 299 6.68 55.30 -75.74
CA ASP HA 299 7.54 56.34 -76.15
C ASP HA 299 8.42 56.75 -75.00
N ALA HA 300 7.85 56.77 -73.75
CA ALA HA 300 8.64 57.08 -72.57
C ALA HA 300 9.80 56.19 -72.24
N THR HA 301 9.63 54.82 -72.48
CA THR HA 301 10.69 53.91 -72.30
C THR HA 301 11.58 53.91 -73.53
N SER HA 302 11.07 54.09 -74.74
CA SER HA 302 11.99 53.88 -75.87
C SER HA 302 12.96 55.01 -76.16
N ASP HA 303 12.42 56.24 -76.31
CA ASP HA 303 13.10 57.36 -76.77
C ASP HA 303 14.33 57.91 -75.96
N PRO HA 304 14.36 58.03 -74.61
CA PRO HA 304 15.49 58.65 -73.85
C PRO HA 304 16.50 57.63 -73.44
N VAL HA 305 16.64 56.54 -74.23
CA VAL HA 305 17.52 55.42 -73.87
C VAL HA 305 18.14 55.15 -75.24
N MET HA 306 19.44 54.81 -75.34
CA MET HA 306 19.99 54.49 -76.62
C MET HA 306 20.57 53.11 -76.66
N HIS HA 307 19.97 52.15 -75.95
CA HIS HA 307 20.50 50.87 -75.74
C HIS HA 307 19.36 49.96 -75.49
N LYS HA 308 19.54 48.62 -75.72
CA LYS HA 308 18.56 47.58 -75.45
C LYS HA 308 18.15 47.64 -74.03
N GLN HA 309 19.08 47.68 -73.09
CA GLN HA 309 18.87 47.91 -71.65
C GLN HA 309 17.72 47.05 -71.03
N LEU HA 310 17.12 47.41 -69.86
CA LEU HA 310 15.88 46.73 -69.56
C LEU HA 310 14.69 47.17 -70.47
N ALA HA 311 14.77 48.47 -70.90
CA ALA HA 311 13.65 49.26 -71.42
C ALA HA 311 12.96 48.79 -72.67
N TYR HA 312 13.79 48.33 -73.70
CA TYR HA 312 13.23 47.83 -74.94
C TYR HA 312 12.54 46.58 -74.76
N ILE HA 313 13.14 45.73 -73.90
CA ILE HA 313 12.59 44.37 -73.60
C ILE HA 313 11.24 44.36 -72.86
N LEU HA 314 11.09 45.25 -71.89
CA LEU HA 314 9.91 45.38 -71.07
C LEU HA 314 8.75 45.88 -71.90
N ALA HA 315 9.06 46.91 -72.78
CA ALA HA 315 8.08 47.37 -73.76
C ALA HA 315 7.51 46.27 -74.59
N ALA HA 316 8.30 45.32 -75.13
CA ALA HA 316 7.77 44.23 -75.93
C ALA HA 316 6.86 43.37 -75.20
N GLN HA 317 7.20 43.04 -73.96
CA GLN HA 317 6.44 42.21 -73.10
C GLN HA 317 5.04 42.75 -72.75
N LYS HA 318 4.93 44.02 -72.37
CA LYS HA 318 3.65 44.74 -72.01
C LYS HA 318 2.71 44.71 -73.10
N THR HA 319 3.19 44.95 -74.39
CA THR HA 319 2.32 45.05 -75.55
C THR HA 319 1.84 43.72 -76.02
N SER HA 320 2.75 42.72 -75.88
CA SER HA 320 2.57 41.26 -76.23
C SER HA 320 1.32 40.69 -75.47
N PHE HA 321 1.13 40.98 -74.20
CA PHE HA 321 0.14 40.46 -73.24
C PHE HA 321 -1.25 40.61 -73.83
N GLU HA 322 -1.71 41.67 -74.55
CA GLU HA 322 -3.05 41.69 -75.07
C GLU HA 322 -3.19 40.84 -76.32
N TYR HA 323 -4.26 40.03 -76.40
CA TYR HA 323 -4.45 39.16 -77.54
C TYR HA 323 -5.54 39.76 -78.36
N GLU HA 324 -5.81 41.07 -78.05
CA GLU HA 324 -6.52 42.05 -78.80
C GLU HA 324 -5.62 42.29 -80.09
N GLY HA 325 -4.27 42.45 -79.98
CA GLY HA 325 -3.30 42.71 -81.05
C GLY HA 325 -3.33 44.18 -81.40
N VAL HA 326 -4.08 44.98 -80.61
CA VAL HA 326 -4.13 46.43 -80.73
C VAL HA 326 -2.84 47.03 -80.31
N GLN HA 327 -2.32 46.53 -79.13
CA GLN HA 327 -1.07 46.85 -78.51
C GLN HA 327 0.06 46.35 -79.35
N ASP HA 328 -0.15 45.26 -80.08
CA ASP HA 328 0.80 44.72 -81.02
C ASP HA 328 1.17 45.71 -82.11
N ILE HA 329 0.15 46.40 -82.70
CA ILE HA 329 0.28 47.33 -83.79
C ILE HA 329 1.07 48.49 -83.34
N ILE HA 330 0.79 49.00 -82.14
CA ILE HA 330 1.27 50.26 -81.63
C ILE HA 330 2.77 50.11 -81.42
N GLY HA 331 3.08 48.92 -80.81
CA GLY HA 331 4.35 48.56 -80.30
C GLY HA 331 5.33 48.17 -81.37
N ASN HA 332 4.90 47.52 -82.47
CA ASN HA 332 5.73 47.29 -83.54
C ASN HA 332 5.62 48.56 -84.45
N GLY HA 333 6.67 48.77 -85.16
CA GLY HA 333 6.87 49.84 -86.03
C GLY HA 333 7.88 50.81 -85.56
N LYS HA 334 7.73 51.22 -84.30
CA LYS HA 334 8.69 52.02 -83.60
C LYS HA 334 9.95 51.22 -83.34
N LEU HA 335 9.80 49.91 -83.09
CA LEU HA 335 10.96 49.03 -82.99
C LEU HA 335 11.72 48.97 -84.34
N SER HA 336 10.95 48.99 -85.48
CA SER HA 336 11.55 48.89 -86.85
C SER HA 336 12.34 50.02 -87.16
N GLU HA 337 11.84 51.19 -86.78
CA GLU HA 337 12.51 52.47 -86.90
C GLU HA 337 13.77 52.68 -86.09
N HIS HA 338 13.75 52.38 -84.77
CA HIS HA 338 14.82 52.64 -83.81
C HIS HA 338 16.05 51.85 -84.21
N PHE HA 339 15.92 50.49 -84.62
CA PHE HA 339 16.89 49.48 -85.07
C PHE HA 339 17.82 49.23 -83.86
N LEU HA 340 17.29 48.40 -82.91
CA LEU HA 340 18.05 47.86 -81.76
C LEU HA 340 18.47 46.56 -82.23
N TYR HA 341 17.53 45.62 -81.98
CA TYR HA 341 17.46 44.27 -82.44
C TYR HA 341 16.15 44.18 -83.16
N LEU HA 342 16.15 43.59 -84.36
CA LEU HA 342 14.90 43.38 -85.00
C LEU HA 342 14.36 42.06 -84.51
N ALA HA 343 15.23 41.02 -84.58
CA ALA HA 343 15.00 39.61 -84.41
C ALA HA 343 14.41 39.25 -83.00
N LYS HA 344 14.88 39.86 -81.90
CA LYS HA 344 14.29 39.59 -80.62
C LYS HA 344 12.97 40.34 -80.41
N GLU HA 345 13.01 41.65 -80.80
CA GLU HA 345 12.00 42.65 -80.44
C GLU HA 345 10.67 42.51 -81.10
N LEU HA 346 10.71 42.39 -82.47
CA LEU HA 346 9.50 42.38 -83.31
C LEU HA 346 8.68 41.13 -83.07
N ASN HA 347 9.43 40.01 -82.97
CA ASN HA 347 8.82 38.78 -82.58
C ASN HA 347 8.24 38.81 -81.16
N LEU HA 348 8.89 39.48 -80.19
CA LEU HA 348 8.50 39.40 -78.81
C LEU HA 348 7.25 40.19 -78.61
N THR HA 349 7.04 41.35 -79.27
CA THR HA 349 5.88 42.16 -79.34
C THR HA 349 4.78 41.52 -80.02
N GLY HA 350 5.08 40.90 -81.21
CA GLY HA 350 4.05 40.20 -81.96
C GLY HA 350 3.79 38.77 -81.36
N PRO HA 351 2.86 37.98 -81.92
CA PRO HA 351 2.42 36.70 -81.33
C PRO HA 351 3.37 35.56 -81.78
N LYS HA 352 4.48 35.93 -82.32
CA LYS HA 352 5.56 34.98 -82.77
C LYS HA 352 6.31 34.14 -81.75
N VAL HA 353 6.71 34.73 -80.64
CA VAL HA 353 7.31 34.08 -79.49
C VAL HA 353 6.42 33.10 -78.77
N PRO HA 354 5.05 33.33 -78.50
CA PRO HA 354 4.12 32.31 -78.05
C PRO HA 354 4.14 30.97 -78.83
N GLU HA 355 4.52 30.92 -80.16
CA GLU HA 355 4.67 29.72 -80.95
C GLU HA 355 5.84 28.93 -80.42
N ASP HA 356 7.03 29.56 -80.13
CA ASP HA 356 8.14 28.73 -79.66
C ASP HA 356 7.94 28.01 -78.39
N ILE HA 357 7.38 28.69 -77.40
CA ILE HA 357 7.14 28.14 -76.11
C ILE HA 357 6.13 26.97 -76.00
N TYR HA 358 5.08 26.95 -76.91
CA TYR HA 358 4.07 25.95 -77.08
C TYR HA 358 4.84 24.63 -77.46
N LYS HA 359 5.99 24.73 -78.18
CA LYS HA 359 6.68 23.56 -78.71
C LYS HA 359 7.17 22.61 -77.66
N SER HA 360 7.69 23.16 -76.58
CA SER HA 360 8.19 22.49 -75.44
C SER HA 360 7.11 21.80 -74.65
N HIS HA 361 5.83 22.43 -74.56
CA HIS HA 361 4.70 21.88 -73.88
C HIS HA 361 4.15 20.69 -74.67
N LEU HA 362 4.10 20.83 -76.05
CA LEU HA 362 3.51 19.95 -76.97
C LEU HA 362 4.25 18.63 -77.02
N ASP HA 363 5.59 18.71 -76.91
CA ASP HA 363 6.58 17.65 -76.97
C ASP HA 363 6.38 16.62 -75.89
N ASN HA 364 6.12 17.15 -74.68
CA ASN HA 364 5.66 16.36 -73.51
C ASN HA 364 4.35 15.78 -73.78
N SER HA 365 3.38 16.55 -74.35
CA SER HA 365 1.98 16.16 -74.35
C SER HA 365 1.66 15.09 -75.35
N LYS HA 366 2.45 14.87 -76.50
CA LYS HA 366 2.16 13.88 -77.58
C LYS HA 366 0.91 14.34 -78.34
N SER HA 367 0.26 13.51 -79.11
CA SER HA 367 -0.94 13.75 -79.81
C SER HA 367 -1.79 12.53 -79.64
N VAL HA 368 -3.00 12.69 -78.98
CA VAL HA 368 -3.92 11.57 -78.73
C VAL HA 368 -4.89 11.45 -79.87
N PHE HA 369 -5.08 10.26 -80.41
CA PHE HA 369 -6.01 10.04 -81.54
C PHE HA 369 -7.06 9.08 -81.09
N SER HA 370 -8.31 9.66 -80.72
CA SER HA 370 -9.39 8.83 -80.26
C SER HA 370 -10.51 9.07 -81.21
N SER HA 371 -10.50 9.97 -82.15
CA SER HA 371 -11.50 10.30 -83.07
C SER HA 371 -11.96 9.18 -83.94
N ALA HA 372 -13.26 9.31 -84.34
CA ALA HA 372 -13.90 8.40 -85.27
C ALA HA 372 -13.62 8.88 -86.60
N GLY HA 373 -13.74 7.92 -87.55
CA GLY HA 373 -13.45 8.14 -88.97
C GLY HA 373 -14.40 7.34 -89.79
N LEU HA 374 -15.67 7.52 -89.34
CA LEU HA 374 -16.82 6.87 -89.83
C LEU HA 374 -17.07 7.51 -91.16
N ASP HA 375 -17.80 6.74 -92.02
CA ASP HA 375 -18.17 7.06 -93.37
C ASP HA 375 -19.64 6.66 -93.62
N SER HA 376 -20.37 7.40 -94.52
CA SER HA 376 -21.77 7.17 -94.99
C SER HA 376 -22.79 7.84 -94.07
N ALA HA 377 -23.66 8.63 -94.79
CA ALA HA 377 -24.73 9.42 -94.22
C ALA HA 377 -24.02 10.62 -93.62
N GLN HA 378 -24.67 11.12 -92.57
CA GLN HA 378 -24.28 12.10 -91.60
C GLN HA 378 -23.10 11.69 -90.78
N GLN HA 379 -22.76 10.38 -90.73
CA GLN HA 379 -21.69 9.90 -89.93
C GLN HA 379 -20.41 10.33 -90.58
N ASN HA 380 -20.39 10.61 -91.92
CA ASN HA 380 -19.22 11.09 -92.64
C ASN HA 380 -18.89 12.46 -92.22
N LEU HA 381 -20.00 13.27 -92.16
CA LEU HA 381 -20.00 14.63 -91.87
C LEU HA 381 -19.52 15.02 -90.45
N ALA HA 382 -19.94 14.16 -89.48
CA ALA HA 382 -19.69 14.21 -88.03
C ALA HA 382 -18.20 13.97 -87.75
N SER HA 383 -17.65 12.94 -88.37
CA SER HA 383 -16.40 12.42 -88.07
C SER HA 383 -15.24 13.39 -88.50
N SER HA 384 -15.44 13.99 -89.73
CA SER HA 384 -14.50 14.91 -90.39
C SER HA 384 -14.43 16.20 -89.68
N PHE HA 385 -15.47 16.68 -89.00
CA PHE HA 385 -15.36 17.85 -88.18
C PHE HA 385 -14.63 17.66 -86.82
N VAL HA 386 -14.87 16.50 -86.14
CA VAL HA 386 -14.39 15.99 -84.88
C VAL HA 386 -12.92 15.85 -84.89
N ASN HA 387 -12.40 15.49 -86.09
CA ASN HA 387 -10.98 15.40 -86.25
C ASN HA 387 -10.38 16.70 -86.01
N GLY HA 388 -10.93 17.88 -86.47
CA GLY HA 388 -10.36 19.22 -86.18
C GLY HA 388 -10.50 19.63 -84.77
N PHE HA 389 -11.69 19.35 -84.24
CA PHE HA 389 -12.12 19.61 -82.86
C PHE HA 389 -11.26 18.89 -81.78
N LEU HA 390 -10.58 17.80 -82.12
CA LEU HA 390 -9.77 17.08 -81.12
C LEU HA 390 -8.28 17.45 -81.04
N ASN HA 391 -7.79 18.07 -82.07
CA ASN HA 391 -6.40 18.62 -82.15
C ASN HA 391 -6.38 20.08 -82.32
N LEU HA 392 -7.27 20.74 -81.56
CA LEU HA 392 -7.21 22.22 -81.48
C LEU HA 392 -5.92 22.67 -80.75
N GLY HA 393 -5.53 23.95 -81.07
CA GLY HA 393 -4.24 24.55 -80.89
C GLY HA 393 -3.16 23.82 -81.66
N TYR HA 394 -1.87 24.28 -81.55
CA TYR HA 394 -0.71 23.76 -82.30
C TYR HA 394 -0.62 22.35 -81.85
N CYS HA 395 -0.95 21.43 -82.76
CA CYS HA 395 -0.85 20.02 -82.51
C CYS HA 395 -0.64 19.41 -83.88
N ASN HA 396 -0.20 18.09 -83.88
CA ASN HA 396 0.13 17.44 -85.10
C ASN HA 396 -0.94 16.49 -85.32
N ASP HA 397 -1.31 16.39 -86.59
CA ASP HA 397 -2.38 15.52 -87.08
C ASP HA 397 -2.16 15.39 -88.56
N LYS HA 398 -0.95 15.80 -89.02
CA LYS HA 398 -0.57 15.92 -90.42
C LYS HA 398 -0.72 14.77 -91.37
N LEU HA 399 -0.32 13.55 -90.99
CA LEU HA 399 -0.28 12.31 -91.72
C LEU HA 399 -1.69 11.89 -92.09
N ILE HA 400 -2.63 12.21 -91.13
CA ILE HA 400 -4.06 11.86 -91.29
C ILE HA 400 -4.63 12.67 -92.41
N VAL HA 401 -4.40 14.00 -92.53
CA VAL HA 401 -4.82 14.94 -93.52
C VAL HA 401 -4.26 14.54 -94.87
N ASP HA 402 -2.99 14.10 -94.92
CA ASP HA 402 -2.21 13.78 -96.13
C ASP HA 402 -2.86 12.67 -96.85
N ASN HA 403 -3.73 11.87 -96.19
CA ASN HA 403 -4.65 10.96 -96.87
C ASN HA 403 -5.88 11.76 -97.15
N ASP HA 404 -6.00 12.35 -98.34
CA ASP HA 404 -7.02 13.29 -98.79
C ASP HA 404 -8.30 12.65 -99.10
N ASN HA 405 -8.42 11.26 -99.06
CA ASN HA 405 -9.66 10.44 -99.17
C ASN HA 405 -10.84 10.91 -98.33
N TRP HA 406 -10.78 10.84 -97.00
CA TRP HA 406 -11.94 11.11 -96.15
C TRP HA 406 -12.41 12.48 -96.19
N VAL HA 407 -11.49 13.44 -96.52
CA VAL HA 407 -11.74 14.87 -96.81
C VAL HA 407 -12.59 15.07 -97.99
N TYR HA 408 -12.21 14.46 -99.15
CA TYR HA 408 -12.89 14.66 -100.43
C TYR HA 408 -14.25 13.98 -100.44
N LYS HA 409 -14.46 13.00 -99.55
CA LYS HA 409 -15.69 12.19 -99.48
C LYS HA 409 -16.84 12.95 -98.90
N THR HA 410 -16.63 14.16 -98.32
CA THR HA 410 -17.71 15.03 -97.90
C THR HA 410 -18.30 15.79 -99.00
N LYS HA 411 -19.56 16.31 -98.90
CA LYS HA 411 -20.18 17.01 -100.04
C LYS HA 411 -20.94 18.14 -99.44
N GLY HA 412 -21.52 19.03 -100.33
CA GLY HA 412 -22.37 20.07 -99.92
C GLY HA 412 -21.62 21.13 -99.12
N ASP HA 413 -22.37 21.73 -98.22
CA ASP HA 413 -21.94 22.66 -97.28
C ASP HA 413 -21.01 22.11 -96.21
N GLY HA 414 -21.10 20.79 -95.96
CA GLY HA 414 -20.14 19.99 -95.16
C GLY HA 414 -18.75 20.06 -95.71
N MET HA 415 -18.60 20.08 -97.08
CA MET HA 415 -17.36 20.01 -97.76
C MET HA 415 -16.47 21.15 -97.44
N THR HA 416 -17.14 22.34 -97.44
CA THR HA 416 -16.67 23.67 -97.09
C THR HA 416 -16.15 23.65 -95.64
N SER HA 417 -16.90 23.09 -94.67
CA SER HA 417 -16.46 23.04 -93.29
C SER HA 417 -15.33 22.05 -93.00
N ALA HA 418 -15.19 20.97 -93.91
CA ALA HA 418 -14.15 19.93 -93.80
C ALA HA 418 -12.79 20.53 -94.13
N VAL HA 419 -12.68 21.42 -95.20
CA VAL HA 419 -11.46 22.08 -95.55
C VAL HA 419 -11.11 23.04 -94.44
N ALA HA 420 -12.14 23.75 -93.90
CA ALA HA 420 -11.94 24.61 -92.77
C ALA HA 420 -11.37 24.06 -91.44
N SER HA 421 -11.76 22.81 -90.97
CA SER HA 421 -11.47 22.20 -89.74
C SER HA 421 -10.00 21.94 -89.70
N ILE HA 422 -9.37 21.72 -90.89
CA ILE HA 422 -7.96 21.31 -91.16
C ILE HA 422 -6.99 22.40 -90.64
N GLY HA 423 -7.38 23.68 -90.88
CA GLY HA 423 -6.66 24.85 -90.39
C GLY HA 423 -6.42 25.05 -88.92
N SER HA 424 -7.40 24.60 -88.06
CA SER HA 424 -7.39 24.66 -86.61
C SER HA 424 -6.49 23.66 -86.00
N ILE HA 425 -5.95 22.69 -86.83
CA ILE HA 425 -4.95 21.73 -86.41
C ILE HA 425 -3.70 22.42 -86.06
N TYR HA 426 -3.36 23.40 -86.90
CA TYR HA 426 -2.15 24.25 -86.79
C TYR HA 426 -2.74 25.62 -86.56
N GLN HA 427 -3.30 25.78 -85.34
CA GLN HA 427 -3.80 27.02 -84.94
C GLN HA 427 -2.74 27.68 -84.10
N TRP HA 428 -2.46 28.95 -84.38
CA TRP HA 428 -1.49 29.74 -83.68
C TRP HA 428 -0.12 29.13 -83.96
N ASN HA 429 0.21 29.12 -85.30
CA ASN HA 429 1.47 28.59 -85.68
C ASN HA 429 1.54 29.24 -87.02
N LEU HA 430 2.84 29.44 -87.48
CA LEU HA 430 3.21 29.98 -88.71
C LEU HA 430 2.73 29.05 -89.79
N ASP HA 431 3.15 27.77 -89.71
CA ASP HA 431 2.62 26.76 -90.64
C ASP HA 431 1.15 26.41 -90.45
N GLY HA 432 0.56 25.84 -91.52
CA GLY HA 432 -0.83 25.56 -91.56
C GLY HA 432 -1.20 25.69 -93.03
N LEU HA 433 -0.77 26.75 -93.68
CA LEU HA 433 -0.99 27.24 -95.02
C LEU HA 433 -0.81 26.13 -96.11
N GLN HA 434 0.03 25.08 -95.81
CA GLN HA 434 0.53 24.08 -96.70
C GLN HA 434 -0.60 23.14 -97.10
N GLN HA 435 -1.43 22.75 -96.11
CA GLN HA 435 -2.49 21.81 -96.24
C GLN HA 435 -3.63 22.39 -97.02
N LEU HA 436 -3.94 23.64 -96.69
CA LEU HA 436 -4.90 24.43 -97.26
C LEU HA 436 -4.65 24.78 -98.65
N ASP HA 437 -3.46 25.16 -99.15
CA ASP HA 437 -3.20 25.66 -100.51
C ASP HA 437 -3.60 24.61 -101.52
N LYS HA 438 -3.27 23.30 -101.26
CA LYS HA 438 -3.56 22.16 -102.10
C LYS HA 438 -5.05 22.13 -102.46
N TYR HA 439 -5.95 22.16 -101.42
CA TYR HA 439 -7.38 22.00 -101.68
C TYR HA 439 -7.96 23.13 -102.49
N LEU HA 440 -7.55 24.36 -102.21
CA LEU HA 440 -8.05 25.68 -102.60
C LEU HA 440 -8.01 25.89 -104.11
N TYR HA 441 -7.07 25.18 -104.90
CA TYR HA 441 -6.87 25.39 -106.34
C TYR HA 441 -7.41 24.31 -107.24
N VAL HA 442 -8.28 23.38 -106.65
CA VAL HA 442 -8.84 22.30 -107.43
C VAL HA 442 -10.32 22.13 -107.03
N ASP HA 443 -11.13 21.38 -107.79
CA ASP HA 443 -12.55 21.09 -107.71
C ASP HA 443 -13.47 22.24 -107.53
N GLU HA 444 -14.70 21.98 -106.99
CA GLU HA 444 -15.84 22.81 -106.74
C GLU HA 444 -15.47 24.04 -105.98
N PRO HA 445 -16.15 25.18 -106.14
CA PRO HA 445 -15.93 26.39 -105.33
C PRO HA 445 -16.05 26.19 -103.81
N GLU HA 446 -16.76 25.11 -103.36
CA GLU HA 446 -16.99 24.88 -101.92
C GLU HA 446 -15.72 24.67 -101.15
N VAL HA 447 -14.80 23.84 -101.70
CA VAL HA 447 -13.52 23.54 -101.14
C VAL HA 447 -12.52 24.68 -101.20
N LYS HA 448 -12.63 25.50 -102.23
CA LYS HA 448 -11.83 26.73 -102.28
C LYS HA 448 -12.15 27.68 -101.13
N ALA HA 449 -13.48 27.78 -100.86
CA ALA HA 449 -14.03 28.71 -99.89
C ALA HA 449 -13.56 28.39 -98.46
N GLY HA 450 -13.52 27.05 -98.13
CA GLY HA 450 -13.13 26.50 -96.90
C GLY HA 450 -11.71 26.68 -96.54
N ALA HA 451 -10.84 26.67 -97.54
CA ALA HA 451 -9.47 27.00 -97.43
C ALA HA 451 -9.19 28.36 -96.80
N LEU HA 452 -10.00 29.32 -97.21
CA LEU HA 452 -9.82 30.72 -96.83
C LEU HA 452 -10.03 31.05 -95.35
N LEU HA 453 -11.02 30.25 -94.80
CA LEU HA 453 -11.31 30.27 -93.40
C LEU HA 453 -10.13 29.78 -92.67
N GLY HA 454 -9.37 28.67 -93.05
CA GLY HA 454 -8.28 28.07 -92.40
C GLY HA 454 -7.11 28.91 -92.40
N ILE HA 455 -6.92 29.69 -93.50
CA ILE HA 455 -5.71 30.54 -93.59
C ILE HA 455 -5.76 31.65 -92.53
N GLY HA 456 -7.02 32.18 -92.39
CA GLY HA 456 -7.45 33.06 -91.33
C GLY HA 456 -7.10 32.61 -89.90
N ILE HA 457 -7.54 31.35 -89.49
CA ILE HA 457 -7.28 30.71 -88.20
C ILE HA 457 -5.77 30.58 -87.98
N SER HA 458 -4.92 30.17 -89.01
CA SER HA 458 -3.51 29.82 -88.81
C SER HA 458 -2.76 31.17 -88.56
N ALA HA 459 -3.18 32.14 -89.30
CA ALA HA 459 -2.65 33.48 -89.44
C ALA HA 459 -2.80 34.30 -88.15
N SER HA 460 -3.41 33.84 -87.02
CA SER HA 460 -3.45 34.46 -85.78
C SER HA 460 -2.09 34.32 -85.20
N GLY HA 461 -1.22 33.50 -85.76
CA GLY HA 461 0.09 33.23 -85.20
C GLY HA 461 1.10 34.20 -85.71
N VAL HA 462 0.90 34.91 -86.88
CA VAL HA 462 1.81 35.93 -87.35
C VAL HA 462 1.06 36.91 -88.20
N HIS HA 463 0.95 38.16 -87.71
CA HIS HA 463 0.16 39.13 -88.48
C HIS HA 463 0.65 40.53 -88.02
N ASP HA 464 1.78 40.61 -87.32
CA ASP HA 464 2.43 41.73 -86.83
C ASP HA 464 3.85 41.65 -87.10
N GLY HA 465 4.59 42.79 -86.92
CA GLY HA 465 6.00 43.02 -87.17
C GLY HA 465 6.22 43.32 -88.59
N GLU HA 466 5.07 43.47 -89.27
CA GLU HA 466 4.92 43.81 -90.71
C GLU HA 466 5.19 42.67 -91.55
N VAL HA 467 4.99 41.42 -91.00
CA VAL HA 467 5.41 40.22 -91.61
C VAL HA 467 4.20 39.39 -91.68
N GLU HA 468 3.98 38.66 -92.79
CA GLU HA 468 2.85 37.82 -93.20
C GLU HA 468 1.46 38.34 -92.99
N PRO HA 469 1.05 39.46 -93.69
CA PRO HA 469 -0.29 39.93 -93.63
C PRO HA 469 -1.20 39.03 -94.45
N ALA HA 470 -2.35 38.76 -93.79
CA ALA HA 470 -3.42 37.89 -94.33
C ALA HA 470 -4.02 38.57 -95.60
N LEU HA 471 -4.12 39.89 -95.60
CA LEU HA 471 -4.56 40.80 -96.59
C LEU HA 471 -3.97 40.53 -97.89
N LEU HA 472 -2.60 40.37 -97.98
CA LEU HA 472 -1.95 40.14 -99.22
C LEU HA 472 -2.54 39.01 -99.99
N LEU HA 473 -2.65 37.75 -99.39
CA LEU HA 473 -3.30 36.61 -99.95
C LEU HA 473 -4.79 36.72 -100.16
N LEU HA 474 -5.55 37.27 -99.11
CA LEU HA 474 -6.97 36.90 -99.06
C LEU HA 474 -7.81 37.80 -99.92
N GLN HA 475 -7.27 38.95 -100.41
CA GLN HA 475 -7.84 39.97 -101.18
C GLN HA 475 -8.38 39.54 -102.55
N ASP HA 476 -7.60 38.65 -103.14
CA ASP HA 476 -7.84 38.17 -104.51
C ASP HA 476 -9.14 37.45 -104.64
N TYR HA 477 -9.50 36.65 -103.63
CA TYR HA 477 -10.73 35.98 -103.31
C TYR HA 477 -11.90 36.94 -103.09
N VAL HA 478 -11.74 38.05 -102.40
CA VAL HA 478 -12.87 38.97 -102.13
C VAL HA 478 -13.41 39.50 -103.54
N THR HA 479 -12.41 39.76 -104.41
CA THR HA 479 -12.51 40.35 -105.73
C THR HA 479 -13.42 39.41 -106.54
N ASN HA 480 -13.24 38.03 -106.38
CA ASN HA 480 -13.83 36.94 -107.21
C ASN HA 480 -15.32 37.10 -107.13
N PRO HA 481 -16.19 36.82 -108.10
CA PRO HA 481 -17.61 37.31 -108.01
C PRO HA 481 -18.39 36.37 -107.17
N ASP HA 482 -18.03 35.07 -107.06
CA ASP HA 482 -18.81 34.15 -106.30
C ASP HA 482 -18.85 34.46 -104.85
N THR HA 483 -20.09 34.26 -104.31
CA THR HA 483 -20.60 34.70 -103.04
C THR HA 483 -19.91 33.91 -101.89
N LYS HA 484 -19.78 32.59 -102.10
CA LYS HA 484 -19.17 31.66 -101.14
C LYS HA 484 -17.72 31.97 -100.83
N ILE HA 485 -17.00 32.33 -101.96
CA ILE HA 485 -15.62 32.61 -101.97
C ILE HA 485 -15.38 33.99 -101.24
N SER HA 486 -16.15 35.03 -101.66
CA SER HA 486 -15.91 36.40 -101.23
C SER HA 486 -16.22 36.57 -99.77
N SER HA 487 -17.27 35.92 -99.26
CA SER HA 487 -17.71 35.91 -97.86
C SER HA 487 -16.70 35.28 -96.95
N ALA HA 488 -16.12 34.21 -97.45
CA ALA HA 488 -15.10 33.50 -96.76
C ALA HA 488 -13.80 34.27 -96.53
N ALA HA 489 -13.44 35.08 -97.51
CA ALA HA 489 -12.28 35.81 -97.58
C ALA HA 489 -12.20 36.91 -96.52
N ILE HA 490 -13.38 37.62 -96.33
CA ILE HA 490 -13.42 38.77 -95.46
C ILE HA 490 -13.65 38.38 -93.98
N LEU HA 491 -14.22 37.15 -93.74
CA LEU HA 491 -14.40 36.57 -92.39
C LEU HA 491 -13.04 36.15 -91.90
N GLY HA 492 -12.25 35.54 -92.79
CA GLY HA 492 -11.00 34.99 -92.34
C GLY HA 492 -10.00 35.95 -92.03
N LEU HA 493 -10.05 37.07 -92.79
CA LEU HA 493 -9.24 38.28 -92.72
C LEU HA 493 -9.45 38.98 -91.36
N GLY HA 494 -10.68 39.10 -90.86
CA GLY HA 494 -10.94 39.62 -89.55
C GLY HA 494 -10.35 38.89 -88.41
N ILE HA 495 -10.28 37.57 -88.46
CA ILE HA 495 -9.77 36.70 -87.45
C ILE HA 495 -8.30 36.83 -87.23
N ALA HA 496 -7.54 36.81 -88.36
CA ALA HA 496 -6.07 36.94 -88.55
C ALA HA 496 -5.58 38.21 -87.96
N PHE HA 497 -6.18 39.38 -88.30
CA PHE HA 497 -5.81 40.73 -87.83
C PHE HA 497 -6.30 40.93 -86.47
N ALA HA 498 -7.41 40.22 -86.05
CA ALA HA 498 -8.02 40.19 -84.75
C ALA HA 498 -8.64 41.52 -84.45
N GLY HA 499 -8.22 42.15 -83.35
CA GLY HA 499 -8.74 43.41 -82.86
C GLY HA 499 -8.15 44.63 -83.45
N SER HA 500 -7.11 44.40 -84.27
CA SER HA 500 -6.55 45.51 -84.95
C SER HA 500 -7.40 46.07 -85.99
N LYS HA 501 -7.50 47.41 -86.00
CA LYS HA 501 -8.12 48.19 -87.04
C LYS HA 501 -6.97 48.75 -87.77
N ASN HA 502 -6.12 47.84 -88.39
CA ASN HA 502 -5.08 48.12 -89.40
C ASN HA 502 -5.74 48.67 -90.61
N ASP HA 503 -5.04 49.59 -91.24
CA ASP HA 503 -5.71 50.51 -92.22
C ASP HA 503 -6.23 49.79 -93.43
N GLU HA 504 -5.43 48.85 -93.99
CA GLU HA 504 -5.59 48.11 -95.22
C GLU HA 504 -6.86 47.20 -95.04
N VAL HA 505 -6.96 46.63 -93.77
CA VAL HA 505 -7.92 45.60 -93.42
C VAL HA 505 -9.28 46.22 -93.38
N LEU HA 506 -9.32 47.34 -92.61
CA LEU HA 506 -10.43 48.23 -92.31
C LEU HA 506 -11.03 48.83 -93.54
N GLY HA 507 -10.13 49.20 -94.44
CA GLY HA 507 -10.46 49.98 -95.56
C GLY HA 507 -11.01 49.22 -96.70
N LEU HA 508 -10.70 47.89 -96.71
CA LEU HA 508 -11.40 46.82 -97.51
C LEU HA 508 -12.79 46.55 -97.09
N LEU HA 509 -13.07 46.52 -95.74
CA LEU HA 509 -14.37 46.37 -95.17
C LEU HA 509 -15.17 47.60 -95.07
N LEU HA 510 -14.75 48.72 -95.65
CA LEU HA 510 -15.49 49.94 -95.52
C LEU HA 510 -16.38 50.29 -96.63
N PRO HA 511 -16.04 50.13 -97.94
CA PRO HA 511 -16.92 50.30 -99.00
C PRO HA 511 -18.10 49.31 -98.99
N ILE HA 512 -17.92 48.03 -98.47
CA ILE HA 512 -18.82 47.00 -98.41
C ILE HA 512 -19.34 47.07 -97.03
N ALA HA 513 -20.43 46.25 -96.86
CA ALA HA 513 -21.35 46.26 -95.74
C ALA HA 513 -22.39 47.32 -96.10
N ALA HA 514 -22.65 47.52 -97.41
CA ALA HA 514 -23.55 48.54 -97.82
C ALA HA 514 -24.31 48.09 -99.02
N SER HA 515 -24.04 46.86 -99.51
CA SER HA 515 -24.85 46.08 -100.42
C SER HA 515 -25.12 44.77 -99.81
N THR HA 516 -26.38 44.73 -99.31
CA THR HA 516 -26.97 43.56 -98.69
C THR HA 516 -28.37 43.57 -99.20
N ASP HA 517 -28.63 44.27 -100.41
CA ASP HA 517 -29.81 44.21 -101.15
C ASP HA 517 -30.04 42.94 -101.76
N LEU HA 518 -28.97 42.30 -102.19
CA LEU HA 518 -28.89 40.93 -102.79
C LEU HA 518 -29.25 39.98 -101.68
N PRO HA 519 -30.21 39.12 -101.78
CA PRO HA 519 -30.57 38.20 -100.65
C PRO HA 519 -29.68 36.99 -100.54
N ILE HA 520 -28.70 37.09 -99.64
CA ILE HA 520 -27.64 36.14 -99.41
C ILE HA 520 -27.52 35.95 -97.93
N GLU HA 521 -28.01 34.80 -97.40
CA GLU HA 521 -28.07 34.21 -96.10
C GLU HA 521 -26.65 33.85 -95.55
N THR HA 522 -25.71 33.69 -96.50
CA THR HA 522 -24.34 33.41 -96.26
C THR HA 522 -23.56 34.75 -96.45
N ALA HA 523 -24.19 35.94 -96.25
CA ALA HA 523 -23.55 37.32 -96.37
C ALA HA 523 -23.48 38.05 -95.05
N ALA HA 524 -23.63 37.31 -93.95
CA ALA HA 524 -23.51 37.76 -92.58
C ALA HA 524 -22.22 38.28 -92.27
N MET HA 525 -21.23 37.52 -92.77
CA MET HA 525 -19.90 37.63 -92.65
C MET HA 525 -19.30 38.94 -93.07
N ALA HA 526 -20.09 39.74 -93.77
CA ALA HA 526 -19.74 41.13 -94.15
C ALA HA 526 -19.57 42.04 -92.86
N SER HA 527 -20.63 42.07 -92.02
CA SER HA 527 -20.68 42.86 -90.78
C SER HA 527 -19.99 42.00 -89.70
N LEU HA 528 -19.98 40.67 -89.73
CA LEU HA 528 -19.59 39.80 -88.62
C LEU HA 528 -18.11 40.06 -88.36
N ALA HA 529 -17.33 40.17 -89.47
CA ALA HA 529 -15.90 40.37 -89.54
C ALA HA 529 -15.50 41.76 -88.98
N LEU HA 530 -16.30 42.82 -89.39
CA LEU HA 530 -16.05 44.19 -88.98
C LEU HA 530 -16.24 44.31 -87.50
N ALA HA 531 -17.20 43.54 -86.86
CA ALA HA 531 -17.43 43.52 -85.40
C ALA HA 531 -16.28 43.05 -84.59
N HIS HA 532 -15.66 41.92 -85.06
CA HIS HA 532 -14.45 41.33 -84.51
C HIS HA 532 -13.27 42.29 -84.49
N VAL HA 533 -13.10 42.96 -85.65
CA VAL HA 533 -12.13 43.99 -85.82
C VAL HA 533 -12.26 45.16 -84.84
N PHE HA 534 -13.48 45.66 -84.52
CA PHE HA 534 -13.77 46.92 -83.85
C PHE HA 534 -13.34 46.82 -82.40
N VAL HA 535 -13.71 45.62 -81.76
CA VAL HA 535 -13.52 45.34 -80.34
C VAL HA 535 -12.04 45.25 -80.05
N GLY HA 536 -11.57 45.85 -78.90
CA GLY HA 536 -10.19 45.95 -78.52
C GLY HA 536 -9.81 47.37 -78.15
N THR HA 537 -10.60 48.37 -78.55
CA THR HA 537 -10.37 49.77 -78.35
C THR HA 537 -11.76 50.28 -78.24
N CYS HA 538 -11.86 51.62 -77.83
CA CYS HA 538 -13.06 52.39 -77.71
C CYS HA 538 -13.77 52.38 -79.12
N ASN HA 539 -15.16 52.13 -79.00
CA ASN HA 539 -15.82 51.74 -80.23
C ASN HA 539 -16.22 52.99 -80.90
N GLY HA 540 -16.11 52.99 -82.26
CA GLY HA 540 -16.62 54.03 -83.16
C GLY HA 540 -18.14 54.11 -83.06
N ASP HA 541 -18.78 52.91 -83.07
CA ASP HA 541 -20.24 52.75 -83.20
C ASP HA 541 -20.58 53.32 -84.54
N ILE HA 542 -19.92 52.79 -85.65
CA ILE HA 542 -19.84 53.30 -86.99
C ILE HA 542 -21.24 53.24 -87.61
N THR HA 543 -21.55 54.32 -88.43
CA THR HA 543 -22.87 54.49 -89.03
C THR HA 543 -23.07 53.58 -90.21
N THR HA 544 -21.97 53.02 -90.87
CA THR HA 544 -22.12 52.10 -92.01
C THR HA 544 -22.75 50.85 -91.57
N SER HA 545 -22.40 50.34 -90.41
CA SER HA 545 -22.77 48.99 -89.89
C SER HA 545 -24.24 49.00 -89.52
N ILE HA 546 -24.69 50.18 -88.98
CA ILE HA 546 -26.09 50.38 -88.58
C ILE HA 546 -27.01 50.48 -89.78
N MET HA 547 -26.64 51.15 -90.88
CA MET HA 547 -27.35 51.34 -92.14
C MET HA 547 -27.74 50.13 -92.91
N ASP HA 548 -26.86 49.13 -92.96
CA ASP HA 548 -27.07 48.02 -93.94
C ASP HA 548 -28.11 46.97 -93.55
N ASN HA 549 -28.38 46.79 -92.23
CA ASN HA 549 -29.33 45.90 -91.65
C ASN HA 549 -30.72 46.39 -92.06
N PHE HA 550 -30.95 47.72 -92.08
CA PHE HA 550 -32.18 48.36 -92.51
C PHE HA 550 -32.40 48.12 -94.01
N LEU HA 551 -31.31 48.25 -94.87
CA LEU HA 551 -31.34 47.95 -96.35
C LEU HA 551 -31.75 46.59 -96.57
N GLU HA 552 -31.36 45.59 -95.82
CA GLU HA 552 -31.74 44.23 -95.89
C GLU HA 552 -33.18 44.04 -95.73
N ARG HA 553 -33.84 44.79 -94.82
CA ARG HA 553 -35.27 44.75 -94.57
C ARG HA 553 -36.09 45.34 -95.76
N THR HA 554 -35.55 46.35 -96.47
CA THR HA 554 -36.18 46.90 -97.68
C THR HA 554 -36.31 45.88 -98.76
N ALA HA 555 -35.25 45.09 -99.05
CA ALA HA 555 -35.18 44.13 -100.14
C ALA HA 555 -36.05 42.95 -99.85
N ILE HA 556 -35.99 42.33 -98.59
CA ILE HA 556 -36.55 41.03 -98.26
C ILE HA 556 -36.82 41.03 -96.76
N GLU HA 557 -37.86 40.34 -96.38
CA GLU HA 557 -38.31 40.30 -95.03
C GLU HA 557 -39.10 39.02 -94.97
N LEU HA 558 -38.94 38.18 -96.02
CA LEU HA 558 -39.44 36.82 -96.08
C LEU HA 558 -38.45 35.87 -95.42
N LYS HA 559 -37.15 36.12 -95.53
CA LYS HA 559 -36.22 35.28 -94.91
C LYS HA 559 -35.73 36.03 -93.73
N THR HA 560 -36.29 35.72 -92.57
CA THR HA 560 -35.95 36.16 -91.24
C THR HA 560 -34.59 35.68 -90.83
N ASP HA 561 -34.17 34.49 -91.25
CA ASP HA 561 -33.06 33.76 -90.64
C ASP HA 561 -31.84 34.61 -90.74
N TRP HA 562 -31.64 35.20 -91.97
CA TRP HA 562 -30.56 36.16 -92.19
C TRP HA 562 -30.60 37.40 -91.30
N VAL HA 563 -31.81 38.00 -91.12
CA VAL HA 563 -31.91 39.30 -90.47
C VAL HA 563 -31.72 39.12 -88.97
N ARG HA 564 -31.88 37.89 -88.39
CA ARG HA 564 -31.68 37.64 -86.97
C ARG HA 564 -30.22 37.60 -86.66
N PHE HA 565 -29.41 36.96 -87.58
CA PHE HA 565 -27.96 36.81 -87.39
C PHE HA 565 -27.24 38.19 -87.45
N LEU HA 566 -27.70 39.16 -88.28
CA LEU HA 566 -27.20 40.56 -88.51
C LEU HA 566 -27.25 41.41 -87.30
N ALA HA 567 -28.37 41.29 -86.56
CA ALA HA 567 -28.80 42.11 -85.44
C ALA HA 567 -27.84 41.89 -84.30
N LEU HA 568 -27.51 40.55 -84.08
CA LEU HA 568 -26.49 40.17 -83.06
C LEU HA 568 -25.15 40.84 -83.36
N ALA HA 569 -24.77 41.00 -84.65
CA ALA HA 569 -23.48 41.43 -85.13
C ALA HA 569 -23.28 42.89 -84.70
N LEU HA 570 -24.35 43.69 -84.77
CA LEU HA 570 -24.29 45.12 -84.36
C LEU HA 570 -23.93 45.35 -82.85
N GLY HA 571 -24.57 44.63 -81.91
CA GLY HA 571 -24.35 44.64 -80.47
C GLY HA 571 -23.00 44.14 -80.07
N ILE HA 572 -22.39 43.20 -80.81
CA ILE HA 572 -21.08 42.61 -80.53
C ILE HA 572 -20.02 43.69 -80.96
N LEU HA 573 -20.36 44.51 -81.99
CA LEU HA 573 -19.51 45.60 -82.42
C LEU HA 573 -19.31 46.63 -81.36
N TYR HA 574 -20.28 47.02 -80.68
CA TYR HA 574 -20.38 47.98 -79.71
C TYR HA 574 -19.80 47.73 -78.33
N MET HA 575 -19.47 46.39 -77.90
CA MET HA 575 -18.71 45.88 -76.76
C MET HA 575 -17.29 46.35 -76.70
N GLY HA 576 -16.96 46.80 -75.43
CA GLY HA 576 -15.71 47.49 -75.11
C GLY HA 576 -15.99 48.96 -74.93
N GLN HA 577 -17.27 49.37 -75.00
CA GLN HA 577 -17.75 50.75 -74.81
C GLN HA 577 -19.05 50.61 -74.13
N GLY HA 578 -19.50 51.81 -73.63
CA GLY HA 578 -20.82 51.92 -72.98
C GLY HA 578 -21.27 53.33 -73.00
N GLU HA 579 -20.31 54.30 -73.03
CA GLU HA 579 -20.65 55.73 -73.00
C GLU HA 579 -21.41 56.19 -74.22
N GLN HA 580 -20.87 55.75 -75.39
CA GLN HA 580 -21.15 56.15 -76.73
C GLN HA 580 -22.39 55.32 -77.28
N VAL HA 581 -22.63 54.17 -76.67
CA VAL HA 581 -23.64 53.16 -77.06
C VAL HA 581 -25.01 53.62 -76.59
N ASP HA 582 -25.10 54.68 -75.66
CA ASP HA 582 -26.32 55.34 -75.29
C ASP HA 582 -26.83 56.12 -76.50
N ASP HA 583 -26.00 56.73 -77.33
CA ASP HA 583 -26.49 57.47 -78.46
C ASP HA 583 -27.21 56.64 -79.49
N VAL HA 584 -26.65 55.41 -79.77
CA VAL HA 584 -27.15 54.64 -80.91
C VAL HA 584 -28.41 53.91 -80.69
N LEU HA 585 -28.86 53.73 -79.44
CA LEU HA 585 -30.17 53.11 -79.18
C LEU HA 585 -31.23 53.95 -79.79
N GLU HA 586 -31.06 55.28 -79.73
CA GLU HA 586 -31.93 56.27 -80.32
C GLU HA 586 -31.98 56.24 -81.90
N THR HA 587 -30.76 55.97 -82.53
CA THR HA 587 -30.59 55.94 -84.01
C THR HA 587 -31.49 54.78 -84.56
N ILE HA 588 -31.37 53.64 -83.91
CA ILE HA 588 -32.21 52.47 -84.30
C ILE HA 588 -33.67 52.71 -84.05
N SER HA 589 -34.09 53.40 -82.98
CA SER HA 589 -35.42 53.57 -82.62
C SER HA 589 -36.16 54.61 -83.43
N ALA HA 590 -35.42 55.44 -84.14
CA ALA HA 590 -35.91 56.44 -85.09
C ALA HA 590 -36.87 55.89 -86.08
N ILE HA 591 -36.48 54.79 -86.79
CA ILE HA 591 -37.35 54.01 -87.73
C ILE HA 591 -38.19 53.11 -86.82
N GLU HA 592 -39.51 52.93 -87.16
CA GLU HA 592 -40.45 52.07 -86.44
C GLU HA 592 -40.87 51.09 -87.52
N HIS HA 593 -40.66 49.81 -87.23
CA HIS HA 593 -41.16 48.55 -87.95
C HIS HA 593 -41.12 47.58 -86.84
N PRO HA 594 -41.95 46.47 -86.81
CA PRO HA 594 -41.86 45.45 -85.83
C PRO HA 594 -40.55 44.77 -85.86
N MET HA 595 -39.86 44.69 -87.08
CA MET HA 595 -38.55 44.17 -87.30
C MET HA 595 -37.48 45.00 -86.68
N THR HA 596 -37.62 46.36 -86.69
CA THR HA 596 -36.65 47.29 -86.18
C THR HA 596 -36.59 47.35 -84.70
N SER HA 597 -37.74 47.13 -84.08
CA SER HA 597 -37.92 47.02 -82.65
C SER HA 597 -37.08 45.81 -82.08
N ALA HA 598 -36.80 44.81 -82.90
CA ALA HA 598 -36.01 43.62 -82.58
C ALA HA 598 -34.62 43.91 -82.42
N ILE HA 599 -34.20 44.82 -83.29
CA ILE HA 599 -32.83 45.36 -83.24
C ILE HA 599 -32.57 46.12 -81.96
N GLU HA 600 -33.54 47.02 -81.53
CA GLU HA 600 -33.41 47.89 -80.33
C GLU HA 600 -33.17 47.16 -79.00
N VAL HA 601 -33.89 46.05 -78.73
CA VAL HA 601 -33.77 45.40 -77.48
C VAL HA 601 -32.39 44.72 -77.34
N LEU HA 602 -31.76 44.20 -78.37
CA LEU HA 602 -30.39 43.72 -78.20
C LEU HA 602 -29.28 44.66 -77.75
N VAL HA 603 -29.33 45.85 -78.34
CA VAL HA 603 -28.31 46.86 -78.33
C VAL HA 603 -28.45 47.65 -77.05
N GLY HA 604 -29.62 47.62 -76.39
CA GLY HA 604 -29.94 48.13 -75.13
C GLY HA 604 -29.14 47.53 -73.98
N SER HA 605 -28.79 46.22 -74.17
CA SER HA 605 -28.03 45.41 -73.23
C SER HA 605 -26.66 45.96 -73.19
N CYS HA 606 -26.05 46.39 -74.36
CA CYS HA 606 -24.74 46.92 -74.44
C CYS HA 606 -24.64 48.42 -73.89
N ALA HA 607 -25.69 49.25 -74.12
CA ALA HA 607 -25.81 50.64 -73.75
C ALA HA 607 -25.79 50.83 -72.29
N TYR HA 608 -26.54 50.00 -71.53
CA TYR HA 608 -26.80 50.20 -70.08
C TYR HA 608 -25.85 49.53 -69.18
N THR HA 609 -24.92 48.76 -69.75
CA THR HA 609 -23.82 48.10 -69.00
C THR HA 609 -22.99 49.05 -68.13
N GLY HA 610 -22.44 48.46 -67.02
CA GLY HA 610 -21.52 49.06 -66.04
C GLY HA 610 -22.30 49.84 -64.99
N THR HA 611 -23.65 49.84 -65.13
CA THR HA 611 -24.71 50.28 -64.24
C THR HA 611 -25.82 49.34 -64.60
N GLY HA 612 -25.30 48.09 -64.52
CA GLY HA 612 -26.06 46.96 -65.00
C GLY HA 612 -27.01 46.36 -64.01
N ASP HA 613 -27.06 46.97 -62.77
CA ASP HA 613 -27.98 46.51 -61.69
C ASP HA 613 -29.34 47.04 -61.94
N VAL HA 614 -29.46 48.00 -62.90
CA VAL HA 614 -30.58 48.65 -63.42
C VAL HA 614 -31.06 47.88 -64.56
N LEU HA 615 -30.09 47.29 -65.31
CA LEU HA 615 -30.19 46.47 -66.47
C LEU HA 615 -30.90 45.21 -66.11
N LEU HA 616 -30.68 44.72 -64.88
CA LEU HA 616 -31.30 43.55 -64.36
C LEU HA 616 -32.74 43.74 -64.19
N ILE HA 617 -33.19 44.84 -63.60
CA ILE HA 617 -34.62 45.03 -63.28
C ILE HA 617 -35.42 45.19 -64.57
N GLN HA 618 -34.79 45.78 -65.60
CA GLN HA 618 -35.25 45.94 -66.91
C GLN HA 618 -35.46 44.66 -67.59
N ASP HA 619 -34.58 43.57 -67.39
CA ASP HA 619 -34.61 42.33 -68.15
C ASP HA 619 -35.60 41.32 -67.54
N LEU HA 620 -36.66 41.83 -66.96
CA LEU HA 620 -37.48 41.15 -65.98
C LEU HA 620 -38.84 41.84 -66.28
N LEU HA 621 -38.70 43.19 -66.50
CA LEU HA 621 -39.77 43.98 -67.08
C LEU HA 621 -40.09 43.35 -68.44
N HIS HA 622 -39.06 42.91 -69.16
CA HIS HA 622 -39.07 42.19 -70.45
C HIS HA 622 -39.93 40.90 -70.39
N ARG HA 623 -39.68 40.11 -69.31
CA ARG HA 623 -40.40 38.86 -69.11
C ARG HA 623 -41.87 38.99 -69.00
N LEU HA 624 -42.22 39.98 -68.12
CA LEU HA 624 -43.60 40.31 -67.75
C LEU HA 624 -44.46 40.75 -68.95
N THR HA 625 -43.91 41.61 -69.87
CA THR HA 625 -44.63 42.34 -70.91
C THR HA 625 -45.51 41.43 -71.80
N PRO HA 626 -45.24 40.36 -72.49
CA PRO HA 626 -46.20 39.56 -73.20
C PRO HA 626 -47.49 39.25 -72.50
N LYS HA 627 -47.39 38.70 -71.33
CA LYS HA 627 -48.53 38.37 -70.48
C LYS HA 627 -49.43 39.53 -70.03
N ASN HA 628 -48.88 40.68 -69.62
CA ASN HA 628 -49.51 41.87 -69.03
C ASN HA 628 -50.42 42.49 -70.06
N VAL HA 629 -49.85 42.60 -71.22
CA VAL HA 629 -50.59 43.15 -72.36
C VAL HA 629 -51.75 42.31 -72.74
N LYS HA 630 -51.52 40.97 -72.70
CA LYS HA 630 -52.58 40.05 -73.06
C LYS HA 630 -53.83 40.13 -72.17
N GLY HA 631 -53.58 40.30 -70.83
CA GLY HA 631 -54.55 40.38 -69.73
C GLY HA 631 -55.70 41.40 -69.96
N GLU HA 632 -55.30 42.64 -70.45
CA GLU HA 632 -56.15 43.75 -70.51
C GLU HA 632 -57.31 43.47 -71.55
N GLU HA 633 -56.97 42.95 -72.74
CA GLU HA 633 -57.66 42.54 -73.91
C GLU HA 633 -58.64 41.47 -73.65
N ASP HA 634 -58.37 40.48 -72.72
CA ASP HA 634 -59.28 39.32 -72.41
C ASP HA 634 -60.67 39.74 -71.75
N ALA HA 635 -60.58 40.76 -70.84
CA ALA HA 635 -61.75 41.30 -70.14
C ALA HA 635 -62.67 42.04 -71.16
N GLU HA 700 -45.95 36.61 -94.28
CA GLU HA 700 -45.28 37.95 -94.21
C GLU HA 700 -45.09 38.49 -92.81
N ILE HA 701 -46.22 38.55 -92.05
CA ILE HA 701 -46.32 38.91 -90.66
C ILE HA 701 -45.47 37.99 -89.75
N LYS HA 702 -45.41 36.64 -90.08
CA LYS HA 702 -44.91 35.53 -89.45
C LYS HA 702 -43.46 35.72 -89.08
N SER HA 703 -42.68 36.32 -90.01
CA SER HA 703 -41.25 36.58 -89.89
C SER HA 703 -40.93 37.61 -88.91
N GLU HA 704 -41.70 38.68 -88.95
CA GLU HA 704 -41.60 39.84 -88.03
C GLU HA 704 -41.88 39.53 -86.57
N GLU HA 705 -42.95 38.67 -86.36
CA GLU HA 705 -43.38 38.20 -85.05
C GLU HA 705 -42.37 37.35 -84.45
N LYS HA 706 -41.76 36.47 -85.26
CA LYS HA 706 -40.79 35.43 -84.75
C LYS HA 706 -39.47 36.08 -84.33
N LYS HA 707 -38.92 37.04 -85.14
CA LYS HA 707 -37.74 37.88 -84.85
C LYS HA 707 -37.95 38.65 -83.62
N GLY HA 708 -39.14 39.21 -83.45
CA GLY HA 708 -39.58 39.95 -82.24
C GLY HA 708 -39.35 39.33 -80.92
N LYS HA 709 -39.93 38.08 -80.85
CA LYS HA 709 -39.91 37.34 -79.63
C LYS HA 709 -38.54 36.92 -79.21
N SER HA 710 -37.87 36.36 -80.17
CA SER HA 710 -36.58 35.68 -79.97
C SER HA 710 -35.48 36.62 -79.52
N SER HA 711 -35.37 37.79 -80.14
CA SER HA 711 -34.48 38.87 -79.78
C SER HA 711 -34.56 39.21 -78.32
N ASP HA 712 -35.78 39.23 -77.82
CA ASP HA 712 -35.97 39.61 -76.41
C ASP HA 712 -35.22 38.71 -75.45
N LYS HA 713 -35.34 37.38 -75.71
CA LYS HA 713 -34.85 36.23 -74.91
C LYS HA 713 -33.34 36.23 -74.88
N ASP HA 714 -32.83 36.44 -76.09
CA ASP HA 714 -31.42 36.63 -76.41
C ASP HA 714 -30.81 37.74 -75.65
N ALA HA 715 -31.48 38.90 -75.69
CA ALA HA 715 -31.09 40.09 -74.91
C ALA HA 715 -31.00 39.98 -73.37
N THR HA 716 -31.98 39.26 -72.81
CA THR HA 716 -32.15 39.12 -71.41
C THR HA 716 -30.84 38.55 -70.83
N THR HA 717 -30.41 37.43 -71.43
CA THR HA 717 -29.15 36.75 -71.22
C THR HA 717 -27.92 37.52 -71.57
N ASP HA 718 -27.91 38.28 -72.74
CA ASP HA 718 -26.69 39.08 -73.30
C ASP HA 718 -26.45 40.11 -72.29
N GLY HA 719 -27.54 40.76 -71.82
CA GLY HA 719 -27.56 41.80 -70.82
C GLY HA 719 -26.74 41.40 -69.59
N LYS HA 720 -27.05 40.22 -69.04
CA LYS HA 720 -26.40 39.65 -67.91
C LYS HA 720 -24.93 39.46 -68.07
N ASN HA 721 -24.54 38.92 -69.30
CA ASN HA 721 -23.20 38.49 -69.59
C ASN HA 721 -22.23 39.58 -69.56
N ASP HA 722 -22.56 40.70 -70.18
CA ASP HA 722 -21.77 41.93 -70.33
C ASP HA 722 -21.50 42.61 -69.00
N ASP HA 723 -22.54 42.63 -68.11
CA ASP HA 723 -22.58 43.19 -66.79
C ASP HA 723 -21.65 42.44 -65.89
N GLU HA 724 -21.72 41.15 -65.82
CA GLU HA 724 -21.05 40.34 -64.78
C GLU HA 724 -19.58 40.42 -64.98
N GLU HA 725 -19.04 40.51 -66.19
CA GLU HA 725 -17.57 40.56 -66.28
C GLU HA 725 -16.97 41.84 -65.84
N GLU HA 726 -17.53 42.99 -66.37
CA GLU HA 726 -16.95 44.29 -66.18
C GLU HA 726 -17.05 44.90 -64.79
N GLU HA 727 -18.21 44.92 -64.08
CA GLU HA 727 -18.29 45.45 -62.77
C GLU HA 727 -17.71 44.52 -61.75
N LYS HA 728 -18.33 43.37 -61.43
CA LYS HA 728 -17.96 42.43 -60.37
C LYS HA 728 -17.00 41.43 -60.86
N GLU HA 729 -16.36 40.71 -59.88
CA GLU HA 729 -15.60 39.56 -60.27
C GLU HA 729 -15.87 38.45 -59.28
N ALA HA 730 -15.89 38.77 -57.96
CA ALA HA 730 -16.34 37.95 -56.87
C ALA HA 730 -17.84 37.67 -56.97
N GLY HA 731 -18.62 38.71 -57.43
CA GLY HA 731 -20.04 38.84 -57.43
C GLY HA 731 -20.69 37.95 -58.45
N ILE HA 732 -19.88 37.41 -59.42
CA ILE HA 732 -20.12 36.53 -60.61
C ILE HA 732 -20.78 35.29 -60.07
N VAL HA 733 -20.36 34.82 -58.87
CA VAL HA 733 -20.81 33.60 -58.18
C VAL HA 733 -22.23 33.68 -57.85
N ASP HA 734 -22.69 34.88 -57.34
CA ASP HA 734 -24.00 35.21 -56.95
C ASP HA 734 -24.90 35.32 -58.23
N GLU HA 735 -24.36 36.00 -59.28
CA GLU HA 735 -24.96 36.31 -60.57
C GLU HA 735 -25.35 35.09 -61.38
N LEU HA 736 -24.56 33.99 -61.15
CA LEU HA 736 -24.74 32.68 -61.59
C LEU HA 736 -26.06 32.11 -60.99
N ALA HA 737 -26.32 32.44 -59.74
CA ALA HA 737 -27.64 32.16 -59.16
C ALA HA 737 -28.80 32.86 -59.83
N TYR HA 738 -28.53 34.12 -60.19
CA TYR HA 738 -29.52 34.99 -60.87
C TYR HA 738 -29.96 34.37 -62.22
N ALA HA 739 -28.93 33.84 -62.99
CA ALA HA 739 -29.07 33.14 -64.22
C ALA HA 739 -29.84 31.85 -64.19
N VAL HA 740 -29.57 31.00 -63.16
CA VAL HA 740 -30.19 29.66 -63.26
C VAL HA 740 -31.68 29.60 -63.03
N LEU HA 741 -32.13 30.31 -62.01
CA LEU HA 741 -33.51 30.56 -61.80
C LEU HA 741 -34.14 31.45 -62.90
N GLY HA 742 -33.42 32.36 -63.55
CA GLY HA 742 -33.88 33.12 -64.67
C GLY HA 742 -34.17 32.24 -65.85
N ILE HA 743 -33.32 31.27 -66.17
CA ILE HA 743 -33.30 30.41 -67.30
C ILE HA 743 -34.48 29.52 -67.14
N ALA HA 744 -34.74 29.03 -65.92
CA ALA HA 744 -35.96 28.18 -65.68
C ALA HA 744 -37.21 28.87 -66.02
N LEU HA 745 -37.27 30.15 -65.62
CA LEU HA 745 -38.45 30.89 -65.87
C LEU HA 745 -38.81 30.97 -67.32
N ILE HA 746 -37.80 31.24 -68.25
CA ILE HA 746 -38.02 31.39 -69.71
C ILE HA 746 -38.31 30.02 -70.40
N ALA HA 747 -37.61 28.98 -69.96
CA ALA HA 747 -37.70 27.65 -70.46
C ALA HA 747 -39.03 27.04 -70.31
N LEU HA 748 -39.72 27.29 -69.11
CA LEU HA 748 -41.11 26.96 -68.77
C LEU HA 748 -42.03 27.89 -69.58
N GLY HA 749 -41.71 29.20 -69.74
CA GLY HA 749 -42.67 30.24 -70.05
C GLY HA 749 -43.18 30.24 -71.44
N GLU HA 750 -42.20 30.27 -72.41
CA GLU HA 750 -42.45 30.06 -73.82
C GLU HA 750 -41.58 28.86 -74.19
N ASP HA 751 -42.24 28.09 -75.12
CA ASP HA 751 -41.61 27.03 -75.77
C ASP HA 751 -40.50 27.45 -76.71
N ILE HA 752 -40.76 28.53 -77.48
CA ILE HA 752 -39.93 29.13 -78.54
C ILE HA 752 -38.73 29.77 -77.79
N GLY HA 753 -39.11 30.37 -76.60
CA GLY HA 753 -38.14 30.90 -75.69
C GLY HA 753 -37.15 29.93 -75.08
N LYS HA 754 -37.60 28.66 -74.85
CA LYS HA 754 -36.80 27.64 -74.33
C LYS HA 754 -35.61 27.20 -75.18
N GLU HA 755 -35.78 27.25 -76.50
CA GLU HA 755 -34.68 26.94 -77.40
C GLU HA 755 -33.48 27.86 -77.24
N MET HA 756 -33.68 29.20 -77.04
CA MET HA 756 -32.63 30.24 -76.99
C MET HA 756 -31.90 30.09 -75.75
N SER HA 757 -32.64 29.80 -74.66
CA SER HA 757 -32.05 29.69 -73.30
C SER HA 757 -31.23 28.47 -72.98
N LEU HA 758 -31.57 27.33 -73.62
CA LEU HA 758 -30.78 26.13 -73.48
C LEU HA 758 -29.31 26.38 -73.88
N ARG HA 759 -29.04 26.87 -75.10
CA ARG HA 759 -27.65 27.17 -75.64
C ARG HA 759 -26.96 28.28 -74.86
N HIS HA 760 -27.74 29.24 -74.39
CA HIS HA 760 -27.24 30.42 -73.75
C HIS HA 760 -26.55 30.18 -72.43
N PHE HA 761 -26.96 29.16 -71.67
CA PHE HA 761 -26.37 28.82 -70.37
C PHE HA 761 -24.88 28.57 -70.43
N GLY HA 762 -24.41 27.82 -71.43
CA GLY HA 762 -23.02 27.35 -71.59
C GLY HA 762 -22.13 28.48 -71.77
N HIS HA 763 -22.65 29.49 -72.62
CA HIS HA 763 -21.91 30.74 -72.90
C HIS HA 763 -22.02 31.74 -71.85
N LEU HA 764 -23.04 31.68 -70.93
CA LEU HA 764 -23.21 32.53 -69.77
C LEU HA 764 -22.11 32.33 -68.84
N MET HA 765 -21.78 31.06 -68.53
CA MET HA 765 -20.76 30.70 -67.60
C MET HA 765 -19.43 31.02 -68.16
N HIS HA 766 -19.21 30.80 -69.53
CA HIS HA 766 -17.94 31.02 -70.15
C HIS HA 766 -17.59 32.53 -70.14
N TYR HA 767 -18.59 33.44 -70.34
CA TYR HA 767 -18.37 34.91 -70.40
C TYR HA 767 -17.90 35.43 -69.08
N GLY HA 768 -18.54 34.86 -67.94
CA GLY HA 768 -18.25 35.26 -66.59
C GLY HA 768 -17.01 34.60 -66.06
N ASN HA 769 -16.64 33.42 -66.66
CA ASN HA 769 -15.55 32.57 -66.27
C ASN HA 769 -15.61 32.19 -64.79
N GLU HA 770 -16.74 31.58 -64.38
CA GLU HA 770 -17.04 31.17 -62.96
C GLU HA 770 -15.93 30.58 -62.13
N HIS HA 771 -16.00 30.69 -60.76
CA HIS HA 771 -14.97 30.19 -59.90
C HIS HA 771 -15.34 28.75 -59.46
N ILE HA 772 -16.62 28.38 -59.72
CA ILE HA 772 -17.13 27.14 -59.39
C ILE HA 772 -17.73 26.62 -60.74
N ARG HA 773 -17.19 25.54 -61.27
CA ARG HA 773 -17.43 24.99 -62.59
C ARG HA 773 -17.68 23.52 -62.41
N ARG HA 774 -17.92 23.12 -61.13
CA ARG HA 774 -18.08 21.74 -60.77
C ARG HA 774 -19.55 21.33 -61.03
N MET HA 775 -20.55 22.12 -60.54
CA MET HA 775 -21.93 21.76 -60.33
C MET HA 775 -22.71 21.98 -61.55
N VAL HA 776 -22.59 23.20 -62.05
CA VAL HA 776 -23.46 23.82 -63.01
C VAL HA 776 -23.45 23.13 -64.37
N PRO HA 777 -22.41 22.76 -65.11
CA PRO HA 777 -22.51 22.05 -66.33
C PRO HA 777 -23.23 20.78 -66.27
N LEU HA 778 -22.90 20.02 -65.22
CA LEU HA 778 -23.27 18.61 -65.02
C LEU HA 778 -24.72 18.54 -64.74
N ALA HA 779 -25.38 19.43 -63.93
CA ALA HA 779 -26.77 19.44 -63.56
C ALA HA 779 -27.65 19.66 -64.73
N MET HA 780 -27.25 20.65 -65.63
CA MET HA 780 -28.01 21.10 -66.76
C MET HA 780 -27.96 19.95 -67.70
N GLY HA 781 -26.83 19.27 -67.81
CA GLY HA 781 -26.70 18.24 -68.76
C GLY HA 781 -27.66 17.09 -68.78
N ILE HA 782 -28.01 16.52 -67.58
CA ILE HA 782 -28.90 15.44 -67.35
C ILE HA 782 -30.27 15.83 -67.82
N VAL HA 783 -30.71 17.12 -67.49
CA VAL HA 783 -32.02 17.61 -67.71
C VAL HA 783 -32.22 17.68 -69.25
N SER HA 784 -31.03 18.02 -69.93
CA SER HA 784 -31.09 18.40 -71.34
C SER HA 784 -31.08 17.25 -72.28
N VAL HA 785 -31.11 15.97 -71.79
CA VAL HA 785 -31.26 14.76 -72.60
C VAL HA 785 -32.70 14.72 -73.10
N SER HA 786 -33.60 14.98 -72.15
CA SER HA 786 -35.03 15.14 -72.49
C SER HA 786 -35.31 16.32 -73.34
N ASP HA 787 -34.61 17.45 -73.03
CA ASP HA 787 -34.91 18.78 -73.67
C ASP HA 787 -34.40 18.74 -75.09
N PRO HA 788 -35.03 19.38 -76.09
CA PRO HA 788 -34.59 19.33 -77.50
C PRO HA 788 -33.53 20.37 -77.77
N GLN HA 789 -32.96 20.28 -79.04
CA GLN HA 789 -31.82 21.06 -79.45
C GLN HA 789 -30.64 20.41 -78.71
N MET HA 790 -29.89 19.48 -79.43
CA MET HA 790 -28.80 18.78 -78.87
C MET HA 790 -27.58 19.65 -78.94
N LYS HA 791 -27.77 20.86 -79.48
CA LYS HA 791 -26.78 21.86 -79.50
C LYS HA 791 -26.43 22.41 -78.08
N VAL HA 792 -27.40 22.04 -77.17
CA VAL HA 792 -27.28 22.28 -75.73
C VAL HA 792 -26.01 21.75 -75.11
N PHE HA 793 -25.62 20.55 -75.60
CA PHE HA 793 -24.43 19.79 -75.25
C PHE HA 793 -23.16 20.42 -75.72
N ASP HA 794 -23.18 21.01 -76.99
CA ASP HA 794 -22.05 21.71 -77.52
C ASP HA 794 -21.70 22.89 -76.73
N THR HA 795 -22.67 23.67 -76.21
CA THR HA 795 -22.40 24.86 -75.48
C THR HA 795 -21.88 24.63 -74.07
N LEU HA 796 -22.25 23.56 -73.41
CA LEU HA 796 -21.78 23.26 -72.10
C LEU HA 796 -20.34 22.89 -72.24
N THR HA 797 -19.97 22.11 -73.22
CA THR HA 797 -18.59 21.61 -73.46
C THR HA 797 -17.60 22.68 -73.71
N ARG HA 798 -17.99 23.85 -74.33
CA ARG HA 798 -17.13 24.98 -74.64
C ARG HA 798 -16.60 25.71 -73.44
N PHE HA 799 -17.43 25.63 -72.37
CA PHE HA 799 -17.06 26.06 -71.00
C PHE HA 799 -16.22 25.04 -70.34
N SER HA 800 -16.61 23.69 -70.48
CA SER HA 800 -16.12 22.55 -69.70
C SER HA 800 -14.69 22.31 -70.18
N HIS HA 801 -14.32 22.74 -71.44
CA HIS HA 801 -12.99 22.63 -72.14
C HIS HA 801 -11.91 22.99 -71.22
N ASP HA 802 -12.16 24.11 -70.47
CA ASP HA 802 -11.32 24.64 -69.34
C ASP HA 802 -9.98 23.93 -69.07
N ALA HA 803 -9.79 23.60 -67.73
CA ALA HA 803 -8.91 22.73 -67.10
C ALA HA 803 -9.50 21.32 -67.14
N ASP HA 804 -8.95 20.54 -68.02
CA ASP HA 804 -9.38 19.19 -68.39
C ASP HA 804 -9.31 18.20 -67.22
N LEU HA 805 -10.42 17.40 -67.14
CA LEU HA 805 -10.62 16.26 -66.23
C LEU HA 805 -10.52 16.67 -64.77
N GLU HA 806 -11.46 17.69 -64.56
CA GLU HA 806 -11.86 18.21 -63.29
C GLU HA 806 -13.29 18.66 -63.52
N VAL HA 807 -13.51 19.64 -64.46
CA VAL HA 807 -14.79 19.93 -65.00
C VAL HA 807 -15.24 18.78 -65.96
N SER HA 808 -14.29 18.30 -66.79
CA SER HA 808 -14.58 17.45 -67.94
C SER HA 808 -14.75 16.00 -67.59
N MET HA 809 -14.60 15.48 -66.36
CA MET HA 809 -14.57 14.03 -66.14
C MET HA 809 -15.85 13.32 -66.31
N ASN HA 810 -16.94 13.83 -65.77
CA ASN HA 810 -18.35 13.44 -65.86
C ASN HA 810 -18.80 13.74 -67.24
N SER HA 811 -18.34 14.91 -67.79
CA SER HA 811 -18.85 15.46 -69.02
C SER HA 811 -18.64 14.54 -70.24
N ILE HA 812 -17.47 13.96 -70.52
CA ILE HA 812 -17.13 13.25 -71.71
C ILE HA 812 -18.03 12.05 -71.74
N PHE HA 813 -18.29 11.37 -70.55
CA PHE HA 813 -19.11 10.22 -70.55
C PHE HA 813 -20.55 10.57 -70.87
N ALA HA 814 -21.06 11.63 -70.26
CA ALA HA 814 -22.44 12.02 -70.33
C ALA HA 814 -22.97 12.41 -71.73
N MET HA 815 -22.12 13.16 -72.42
CA MET HA 815 -22.33 13.58 -73.78
C MET HA 815 -22.15 12.47 -74.81
N GLY HA 816 -21.18 11.51 -74.56
CA GLY HA 816 -20.97 10.35 -75.39
C GLY HA 816 -22.09 9.35 -75.25
N LEU HA 817 -22.72 9.31 -74.10
CA LEU HA 817 -23.77 8.37 -73.67
C LEU HA 817 -24.97 8.72 -74.42
N CYS HA 818 -25.29 10.06 -74.54
CA CYS HA 818 -26.58 10.38 -75.14
C CYS HA 818 -26.63 10.08 -76.61
N GLY HA 819 -25.49 10.30 -77.32
CA GLY HA 819 -25.40 10.12 -78.78
C GLY HA 819 -25.38 8.67 -79.02
N ALA HA 820 -24.50 7.91 -78.31
CA ALA HA 820 -24.22 6.54 -78.64
C ALA HA 820 -25.36 5.63 -78.29
N GLY HA 821 -25.95 5.83 -77.17
CA GLY HA 821 -26.96 5.04 -76.56
C GLY HA 821 -28.22 4.85 -77.36
N THR HA 822 -28.89 6.00 -77.65
CA THR HA 822 -30.08 6.13 -78.47
C THR HA 822 -29.85 7.04 -79.67
N ASN HA 823 -30.25 6.53 -80.88
CA ASN HA 823 -30.38 7.29 -82.09
C ASN HA 823 -31.79 7.38 -82.45
N ASN HA 824 -32.23 8.67 -82.28
CA ASN HA 824 -33.67 8.95 -82.52
C ASN HA 824 -33.81 9.80 -83.73
N ALA HA 825 -32.78 10.02 -84.50
CA ALA HA 825 -32.75 10.89 -85.68
C ALA HA 825 -31.33 11.06 -85.87
N ARG HA 826 -30.87 11.01 -87.20
CA ARG HA 826 -29.39 11.26 -87.50
C ARG HA 826 -29.14 12.72 -87.36
N LEU HA 827 -30.22 13.55 -87.36
CA LEU HA 827 -30.10 15.00 -87.11
C LEU HA 827 -29.72 15.38 -85.69
N ALA HA 828 -30.38 14.85 -84.69
CA ALA HA 828 -30.15 15.10 -83.29
C ALA HA 828 -28.81 14.65 -82.94
N GLN HA 829 -28.47 13.54 -83.50
CA GLN HA 829 -27.20 12.83 -83.27
C GLN HA 829 -25.90 13.56 -83.55
N LEU HA 830 -25.95 14.31 -84.67
CA LEU HA 830 -24.72 14.85 -85.18
C LEU HA 830 -23.98 15.76 -84.19
N LEU HA 831 -24.80 16.61 -83.52
CA LEU HA 831 -24.43 17.43 -82.38
C LEU HA 831 -23.89 16.65 -81.20
N ARG HA 832 -24.56 15.49 -80.83
CA ARG HA 832 -24.20 14.66 -79.67
C ARG HA 832 -22.79 14.13 -79.72
N GLN HA 833 -22.33 13.66 -80.92
CA GLN HA 833 -21.05 13.21 -81.24
C GLN HA 833 -19.95 14.29 -81.16
N LEU HA 834 -20.26 15.52 -81.70
CA LEU HA 834 -19.37 16.60 -81.95
C LEU HA 834 -18.86 17.09 -80.62
N ALA HA 835 -19.78 17.17 -79.65
CA ALA HA 835 -19.54 17.63 -78.27
C ALA HA 835 -18.54 17.04 -77.39
N SER HA 836 -18.45 15.71 -77.49
CA SER HA 836 -17.50 15.02 -76.64
C SER HA 836 -16.07 15.29 -76.97
N TYR HA 837 -15.75 15.22 -78.30
CA TYR HA 837 -14.45 15.40 -78.82
C TYR HA 837 -13.98 16.75 -78.72
N TYR HA 838 -14.89 17.75 -78.85
CA TYR HA 838 -14.71 19.14 -78.77
C TYR HA 838 -14.13 19.62 -77.44
N SER HA 839 -14.51 19.15 -76.28
CA SER HA 839 -14.02 19.59 -74.96
C SER HA 839 -12.54 19.37 -74.70
N ARG HA 840 -12.11 18.18 -75.15
CA ARG HA 840 -10.89 17.58 -74.78
C ARG HA 840 -9.76 18.45 -75.26
N GLU HA 841 -8.62 18.37 -74.58
CA GLU HA 841 -7.28 18.74 -75.04
C GLU HA 841 -6.51 17.73 -74.30
N GLN HA 842 -5.38 17.31 -74.94
CA GLN HA 842 -4.40 16.27 -74.62
C GLN HA 842 -3.45 16.79 -73.58
N ASP HA 843 -3.66 16.44 -72.28
CA ASP HA 843 -2.68 16.74 -71.25
C ASP HA 843 -2.64 18.11 -70.74
N ALA HA 844 -3.78 18.77 -70.84
CA ALA HA 844 -4.10 20.08 -70.38
C ALA HA 844 -3.31 21.15 -71.12
N LEU HA 845 -3.20 20.88 -72.42
CA LEU HA 845 -2.42 21.50 -73.39
C LEU HA 845 -2.64 23.07 -73.46
N PHE HA 846 -3.89 23.56 -73.38
CA PHE HA 846 -4.16 24.98 -73.42
C PHE HA 846 -5.45 24.96 -72.65
N ILE HA 847 -5.87 26.09 -72.17
CA ILE HA 847 -7.18 26.29 -71.67
C ILE HA 847 -7.90 27.12 -72.64
N THR HA 848 -9.16 27.39 -72.28
CA THR HA 848 -10.00 28.39 -72.97
C THR HA 848 -10.56 29.29 -71.89
N ARG HA 849 -10.82 30.61 -72.21
CA ARG HA 849 -11.42 31.68 -71.38
C ARG HA 849 -12.10 32.52 -72.44
N LEU HA 850 -13.19 33.19 -72.02
CA LEU HA 850 -13.88 34.19 -72.78
C LEU HA 850 -13.45 35.55 -72.20
N ALA HA 851 -12.15 35.68 -71.87
CA ALA HA 851 -11.55 36.80 -71.21
C ALA HA 851 -10.22 37.02 -71.79
N GLN HA 852 -9.74 38.29 -71.64
CA GLN HA 852 -8.40 38.83 -72.05
C GLN HA 852 -7.43 38.05 -71.28
N GLY HA 853 -7.67 37.97 -70.00
CA GLY HA 853 -6.78 37.29 -69.03
C GLY HA 853 -5.98 38.32 -68.41
N LEU HA 854 -5.45 39.31 -69.24
CA LEU HA 854 -4.67 40.37 -68.67
C LEU HA 854 -5.40 41.18 -67.57
N LEU HA 855 -6.66 41.50 -67.91
CA LEU HA 855 -7.65 41.92 -67.01
C LEU HA 855 -8.80 40.90 -67.02
N HIS HA 856 -9.38 40.63 -65.86
CA HIS HA 856 -10.51 39.75 -65.56
C HIS HA 856 -11.73 40.62 -65.31
N LEU HA 857 -11.50 41.94 -65.61
CA LEU HA 857 -12.50 42.94 -65.71
C LEU HA 857 -12.81 43.25 -67.15
N GLY HA 858 -12.05 42.63 -68.02
CA GLY HA 858 -12.06 42.83 -69.43
C GLY HA 858 -13.11 42.04 -70.10
N LYS HA 859 -12.75 41.75 -71.37
CA LYS HA 859 -13.55 40.82 -72.09
C LYS HA 859 -12.80 40.30 -73.32
N GLY HA 860 -13.14 39.07 -73.89
CA GLY HA 860 -12.58 38.48 -75.13
C GLY HA 860 -12.56 39.36 -76.29
N THR HA 861 -11.89 38.97 -77.35
CA THR HA 861 -11.72 39.77 -78.57
C THR HA 861 -11.54 38.85 -79.73
N MET HA 862 -11.08 37.59 -79.45
CA MET HA 862 -10.88 36.62 -80.52
C MET HA 862 -11.84 35.52 -80.38
N THR HA 863 -12.55 35.44 -79.24
CA THR HA 863 -13.48 34.45 -78.81
C THR HA 863 -14.93 34.82 -79.26
N MET HA 864 -15.12 35.91 -80.06
CA MET HA 864 -16.46 36.34 -80.36
C MET HA 864 -17.16 35.48 -81.40
N ASP HA 865 -16.41 34.70 -82.24
CA ASP HA 865 -16.96 33.74 -83.18
C ASP HA 865 -17.63 32.55 -82.38
N VAL HA 866 -17.02 32.25 -81.21
CA VAL HA 866 -17.53 31.24 -80.34
C VAL HA 866 -18.89 31.72 -79.78
N PHE HA 867 -18.77 32.99 -79.35
CA PHE HA 867 -19.81 33.58 -78.56
C PHE HA 867 -21.06 33.69 -79.38
N ASN HA 868 -20.97 33.89 -80.73
CA ASN HA 868 -22.03 34.18 -81.66
C ASN HA 868 -23.03 33.10 -81.81
N ASP HA 869 -22.59 31.87 -81.76
CA ASP HA 869 -23.39 30.77 -82.11
C ASP HA 869 -24.07 30.21 -80.84
N ALA HA 870 -25.27 30.71 -80.47
CA ALA HA 870 -26.13 30.40 -79.36
C ALA HA 870 -27.53 30.93 -79.47
N HIS HA 871 -27.81 31.58 -80.69
CA HIS HA 871 -29.15 32.14 -80.97
C HIS HA 871 -29.80 31.36 -82.10
N VAL HA 872 -29.09 30.30 -82.42
CA VAL HA 872 -29.11 29.65 -83.72
C VAL HA 872 -29.58 28.24 -83.48
N LEU HA 873 -30.57 27.82 -84.35
CA LEU HA 873 -30.97 26.48 -84.46
C LEU HA 873 -29.93 25.76 -85.24
N ASN HA 874 -29.80 24.44 -85.10
CA ASN HA 874 -28.64 23.73 -85.58
C ASN HA 874 -28.67 23.60 -87.05
N LYS HA 875 -27.49 23.65 -87.76
CA LYS HA 875 -27.41 23.57 -89.23
C LYS HA 875 -26.04 23.22 -89.69
N VAL HA 876 -25.99 22.81 -91.02
CA VAL HA 876 -24.76 22.66 -91.77
C VAL HA 876 -24.02 23.99 -91.96
N THR HA 877 -24.75 25.09 -92.15
CA THR HA 877 -24.21 26.40 -92.41
C THR HA 877 -23.39 26.89 -91.26
N LEU HA 878 -23.89 26.61 -90.02
CA LEU HA 878 -23.31 26.92 -88.77
C LEU HA 878 -21.99 26.28 -88.53
N ALA HA 879 -21.77 25.06 -89.04
CA ALA HA 879 -20.55 24.33 -88.91
C ALA HA 879 -19.31 25.00 -89.34
N SER HA 880 -19.46 25.82 -90.37
CA SER HA 880 -18.41 26.59 -91.01
C SER HA 880 -17.73 27.59 -90.11
N ILE HA 881 -18.61 28.25 -89.30
CA ILE HA 881 -18.22 29.24 -88.31
C ILE HA 881 -17.37 28.61 -87.20
N LEU HA 882 -17.80 27.43 -86.69
CA LEU HA 882 -17.42 26.82 -85.43
C LEU HA 882 -15.97 26.35 -85.40
N THR HA 883 -15.27 26.24 -86.61
CA THR HA 883 -13.93 25.74 -86.86
C THR HA 883 -12.96 26.71 -86.25
N THR HA 884 -13.38 27.99 -86.08
CA THR HA 884 -12.59 29.05 -85.55
C THR HA 884 -12.91 29.04 -84.01
N ALA HA 885 -11.91 29.22 -83.18
CA ALA HA 885 -12.16 29.33 -81.79
C ALA HA 885 -10.86 29.90 -81.22
N VAL HA 886 -10.08 30.72 -82.06
CA VAL HA 886 -8.89 31.40 -81.71
C VAL HA 886 -9.12 32.30 -80.57
N GLY HA 887 -8.06 32.52 -79.75
CA GLY HA 887 -8.04 33.19 -78.47
C GLY HA 887 -7.80 32.01 -77.62
N LEU HA 888 -6.51 31.86 -77.28
CA LEU HA 888 -6.04 30.74 -76.39
C LEU HA 888 -5.05 31.38 -75.50
N VAL HA 889 -5.18 30.98 -74.20
CA VAL HA 889 -4.23 31.49 -73.21
C VAL HA 889 -2.86 30.90 -73.37
N SER HA 890 -1.79 31.70 -73.47
CA SER HA 890 -0.44 31.26 -73.62
C SER HA 890 0.07 30.86 -72.23
N PRO HA 891 0.86 29.86 -72.03
CA PRO HA 891 1.35 29.54 -70.68
C PRO HA 891 2.34 30.53 -70.13
N SER HA 892 2.30 30.89 -68.79
CA SER HA 892 2.90 32.06 -68.24
C SER HA 892 4.19 31.64 -67.69
N PHE HA 893 5.12 31.28 -68.60
CA PHE HA 893 6.48 30.76 -68.40
C PHE HA 893 7.43 31.89 -68.16
N MET HA 894 8.68 31.63 -67.72
CA MET HA 894 9.70 32.57 -67.37
C MET HA 894 10.76 32.59 -68.45
N LEU HA 895 11.13 33.85 -68.75
CA LEU HA 895 11.94 34.27 -69.83
C LEU HA 895 13.22 34.89 -69.36
N LYS HA 896 14.27 34.76 -70.14
CA LYS HA 896 15.57 35.34 -69.89
C LYS HA 896 15.86 36.27 -71.02
N HIS HA 897 17.10 36.88 -71.07
CA HIS HA 897 17.50 37.78 -72.11
C HIS HA 897 17.95 37.06 -73.33
N HIS HA 898 18.24 35.76 -73.12
CA HIS HA 898 18.70 34.88 -74.15
C HIS HA 898 17.77 33.74 -74.22
N GLN HA 899 16.51 33.97 -73.79
CA GLN HA 899 15.34 33.08 -73.84
C GLN HA 899 15.45 31.80 -73.13
N LEU HA 900 14.45 31.50 -72.20
CA LEU HA 900 14.22 30.32 -71.44
C LEU HA 900 12.85 29.95 -71.90
N PHE HA 901 12.48 28.61 -72.01
CA PHE HA 901 11.22 28.20 -72.62
C PHE HA 901 10.39 27.38 -71.56
N TYR HA 902 10.60 27.56 -70.25
CA TYR HA 902 9.82 26.98 -69.22
C TYR HA 902 9.70 27.88 -67.98
N MET HA 903 8.76 27.53 -67.17
CA MET HA 903 8.49 28.16 -65.82
C MET HA 903 9.52 27.63 -64.78
N LEU HA 904 9.49 28.08 -63.49
CA LEU HA 904 10.32 27.61 -62.43
C LEU HA 904 9.35 27.20 -61.41
N ASN HA 905 8.59 28.11 -60.84
CA ASN HA 905 7.55 27.83 -59.81
C ASN HA 905 6.36 28.83 -59.91
N ALA HA 906 5.22 28.49 -59.39
CA ALA HA 906 4.16 29.44 -59.21
C ALA HA 906 3.46 29.13 -57.91
N GLY HA 907 2.73 30.11 -57.34
CA GLY HA 907 1.83 29.89 -56.21
C GLY HA 907 0.52 29.74 -56.91
N ILE HA 908 -0.30 28.84 -56.39
CA ILE HA 908 -1.70 28.73 -56.81
C ILE HA 908 -2.53 28.84 -55.53
N ARG HA 909 -3.76 29.44 -55.64
CA ARG HA 909 -4.70 29.38 -54.62
C ARG HA 909 -5.97 29.32 -55.40
N PRO HA 910 -6.87 28.31 -55.17
CA PRO HA 910 -8.09 28.08 -55.96
C PRO HA 910 -9.04 29.26 -55.99
N LYS HA 911 -9.09 29.94 -54.82
CA LYS HA 911 -10.01 31.14 -54.60
C LYS HA 911 -9.05 32.00 -53.76
N PHE HA 912 -8.88 33.19 -54.25
CA PHE HA 912 -8.22 34.29 -53.56
C PHE HA 912 -8.83 34.61 -52.27
N ILE HA 913 -8.02 35.16 -51.29
CA ILE HA 913 -8.52 35.37 -49.87
C ILE HA 913 -8.84 36.83 -49.61
N LEU HA 914 -8.41 37.69 -50.51
CA LEU HA 914 -8.48 39.08 -50.38
C LEU HA 914 -9.78 39.61 -50.79
N ALA HA 915 -10.24 40.74 -50.18
CA ALA HA 915 -11.53 41.32 -50.53
C ALA HA 915 -11.19 42.89 -50.58
N LEU HA 916 -9.94 43.22 -50.93
CA LEU HA 916 -9.46 44.59 -51.18
C LEU HA 916 -9.23 44.71 -52.63
N ASN HA 917 -8.88 43.52 -53.14
CA ASN HA 917 -8.73 43.22 -54.56
C ASN HA 917 -9.58 42.03 -54.59
N ASP HA 918 -10.12 41.76 -55.83
CA ASP HA 918 -10.85 40.56 -56.29
C ASP HA 918 -10.45 40.24 -57.68
N GLU HA 919 -9.45 40.91 -58.32
CA GLU HA 919 -8.91 40.61 -59.58
C GLU HA 919 -8.29 39.16 -59.57
N GLY HA 920 -7.47 38.80 -58.55
CA GLY HA 920 -6.82 37.53 -58.53
C GLY HA 920 -5.53 37.66 -57.79
N GLU HA 921 -5.57 38.24 -56.64
CA GLU HA 921 -4.46 38.29 -55.73
C GLU HA 921 -4.79 37.40 -54.62
N PRO HA 922 -4.04 36.34 -54.31
CA PRO HA 922 -4.04 35.60 -53.06
C PRO HA 922 -2.82 35.89 -52.24
N ILE HA 923 -2.70 35.38 -51.05
CA ILE HA 923 -1.57 35.49 -50.18
C ILE HA 923 -0.22 35.01 -50.77
N LYS HA 924 0.84 35.42 -50.07
CA LYS HA 924 2.21 35.04 -50.34
C LYS HA 924 2.45 33.51 -50.14
N VAL HA 925 1.66 32.75 -49.27
CA VAL HA 925 2.10 31.40 -48.96
C VAL HA 925 1.71 30.44 -50.08
N ASN HA 926 0.43 30.53 -50.53
CA ASN HA 926 -0.23 29.77 -51.56
C ASN HA 926 -0.08 28.32 -51.32
N VAL HA 927 -0.13 27.47 -52.40
CA VAL HA 927 0.21 26.06 -52.50
C VAL HA 927 1.12 26.08 -53.73
N ARG HA 928 2.28 25.38 -53.52
CA ARG HA 928 3.42 25.43 -54.38
C ARG HA 928 3.31 24.45 -55.36
N VAL HA 929 3.64 24.92 -56.66
CA VAL HA 929 3.52 24.09 -57.83
C VAL HA 929 4.82 24.27 -58.60
N GLY HA 930 5.08 23.36 -59.53
CA GLY HA 930 6.31 23.19 -60.25
C GLY HA 930 6.41 23.96 -61.52
N GLN HA 931 7.05 23.43 -62.61
CA GLN HA 931 7.16 24.07 -63.91
C GLN HA 931 6.45 23.28 -64.96
N ALA HA 932 6.31 23.99 -66.14
CA ALA HA 932 6.10 23.45 -67.46
C ALA HA 932 4.66 23.23 -67.72
N VAL HA 933 3.78 24.08 -67.23
CA VAL HA 933 2.37 23.87 -67.41
C VAL HA 933 1.60 25.10 -67.81
N GLU HA 934 0.54 24.93 -68.62
CA GLU HA 934 -0.49 25.94 -68.78
C GLU HA 934 -1.23 26.48 -67.57
N THR HA 935 -1.65 27.81 -67.58
CA THR HA 935 -2.42 28.51 -66.56
C THR HA 935 -3.72 27.87 -66.23
N VAL HA 936 -3.83 27.28 -64.96
CA VAL HA 936 -4.95 26.46 -64.45
C VAL HA 936 -6.16 27.35 -64.40
N GLY HA 937 -7.39 26.68 -64.55
CA GLY HA 937 -8.67 27.33 -64.65
C GLY HA 937 -9.58 26.94 -63.53
N GLN HA 938 -9.26 25.82 -62.81
CA GLN HA 938 -10.09 25.54 -61.66
C GLN HA 938 -9.04 24.97 -60.78
N ALA HA 939 -9.05 25.45 -59.57
CA ALA HA 939 -7.99 25.13 -58.56
C ALA HA 939 -6.77 25.94 -58.76
N GLY HA 940 -6.81 27.07 -59.49
CA GLY HA 940 -5.62 27.85 -59.63
C GLY HA 940 -5.96 28.82 -60.69
N ARG HA 941 -7.17 29.47 -60.63
CA ARG HA 941 -7.62 30.50 -61.51
C ARG HA 941 -6.88 31.74 -61.13
N PRO HA 942 -6.71 32.15 -59.90
CA PRO HA 942 -5.77 33.26 -59.66
C PRO HA 942 -4.40 32.69 -59.49
N LYS HA 943 -3.37 33.38 -59.93
CA LYS HA 943 -2.09 32.77 -59.87
C LYS HA 943 -1.10 33.75 -59.32
N LYS HA 944 -0.35 33.38 -58.31
CA LYS HA 944 0.49 34.41 -57.75
C LYS HA 944 1.90 33.97 -57.92
N ILE HA 945 2.82 34.97 -57.84
CA ILE HA 945 4.26 34.76 -58.19
C ILE HA 945 4.88 34.60 -56.80
N THR HA 946 5.68 33.53 -56.68
CA THR HA 946 6.16 32.95 -55.43
C THR HA 946 7.56 33.30 -55.49
N GLY HA 947 8.10 34.04 -54.44
CA GLY HA 947 9.42 34.57 -54.47
C GLY HA 947 9.83 34.92 -53.16
N TRP HA 948 8.89 35.20 -52.20
CA TRP HA 948 9.37 35.69 -50.94
C TRP HA 948 10.17 34.71 -50.14
N ILE HA 949 9.74 33.38 -50.12
CA ILE HA 949 10.50 32.23 -49.62
C ILE HA 949 11.76 31.75 -50.37
N THR HA 950 11.89 31.91 -51.71
CA THR HA 950 13.05 31.34 -52.51
C THR HA 950 14.27 32.17 -52.76
N GLN HA 951 14.37 33.35 -52.04
CA GLN HA 951 15.38 34.39 -52.22
C GLN HA 951 15.75 34.74 -53.61
N SER HA 952 14.73 34.95 -54.46
CA SER HA 952 14.98 35.07 -55.92
C SER HA 952 13.85 36.01 -56.24
N THR HA 953 13.91 36.96 -57.27
CA THR HA 953 12.86 37.93 -57.33
C THR HA 953 12.32 38.10 -58.73
N PRO HA 954 11.01 37.91 -58.93
CA PRO HA 954 10.30 38.32 -60.13
C PRO HA 954 10.21 39.81 -60.32
N VAL HA 955 10.27 40.33 -61.57
CA VAL HA 955 10.18 41.72 -62.00
C VAL HA 955 8.79 42.02 -62.45
N LEU HA 956 8.08 41.01 -63.00
CA LEU HA 956 6.76 41.15 -63.62
C LEU HA 956 5.72 40.45 -62.79
N LEU HA 957 4.95 41.26 -62.05
CA LEU HA 957 3.71 40.88 -61.37
C LEU HA 957 2.86 39.92 -62.24
N ASN HA 958 2.02 39.09 -61.57
CA ASN HA 958 1.17 38.08 -62.22
C ASN HA 958 0.06 37.94 -61.26
N HIS HA 959 -1.18 38.05 -61.73
CA HIS HA 959 -2.31 37.97 -60.89
C HIS HA 959 -3.42 37.13 -61.50
N GLY HA 960 -3.10 36.08 -62.27
CA GLY HA 960 -3.88 35.31 -63.20
C GLY HA 960 -3.96 35.92 -64.53
N GLU HA 961 -3.08 36.91 -64.81
CA GLU HA 961 -2.79 37.42 -66.16
C GLU HA 961 -2.53 36.37 -67.19
N ARG HA 962 -2.61 36.73 -68.50
CA ARG HA 962 -2.21 35.93 -69.60
C ARG HA 962 -0.70 35.95 -69.68
N ALA HA 963 -0.17 37.03 -69.06
CA ALA HA 963 1.15 37.52 -69.18
C ALA HA 963 2.16 36.55 -68.70
N GLU HA 964 3.31 36.44 -69.52
CA GLU HA 964 4.50 35.69 -69.19
C GLU HA 964 5.32 36.42 -68.20
N LEU HA 965 6.10 35.69 -67.39
CA LEU HA 965 6.81 36.30 -66.34
C LEU HA 965 8.29 36.49 -66.75
N GLU HA 966 8.97 37.27 -65.99
CA GLU HA 966 10.50 37.27 -66.09
C GLU HA 966 10.99 37.54 -64.68
N THR HA 967 12.11 36.81 -64.38
CA THR HA 967 12.63 36.71 -63.08
C THR HA 967 14.05 37.08 -63.30
N ASP HA 968 14.72 37.66 -62.26
CA ASP HA 968 16.12 37.96 -62.10
C ASP HA 968 16.33 37.16 -60.85
N GLU HA 969 17.30 36.28 -60.97
CA GLU HA 969 18.08 35.51 -60.04
C GLU HA 969 19.39 36.23 -59.82
N TYR HA 970 19.81 36.21 -58.53
CA TYR HA 970 21.13 36.85 -58.09
C TYR HA 970 22.13 35.71 -57.84
N THR IA 1 -108.56 77.82 15.04
CA THR IA 1 -107.20 77.09 14.95
C THR IA 1 -107.63 75.64 14.99
N THR IA 2 -108.11 75.11 16.19
CA THR IA 2 -108.65 73.81 16.30
C THR IA 2 -110.10 73.81 15.89
N ALA IA 3 -110.53 72.68 15.24
CA ALA IA 3 -111.87 72.61 14.80
C ALA IA 3 -112.69 71.79 15.77
N ALA IA 4 -112.06 71.37 16.84
CA ALA IA 4 -112.61 70.70 17.95
C ALA IA 4 -113.84 71.42 18.65
N PRO IA 5 -113.88 72.70 18.77
CA PRO IA 5 -115.08 73.50 19.06
C PRO IA 5 -116.17 73.15 18.12
N LEU IA 6 -115.93 73.00 16.77
CA LEU IA 6 -116.95 72.69 15.77
C LEU IA 6 -117.42 71.23 15.87
N LEU IA 7 -116.51 70.31 16.25
CA LEU IA 7 -116.81 68.92 16.56
C LEU IA 7 -117.71 68.75 17.70
N ALA IA 8 -117.49 69.63 18.72
CA ALA IA 8 -118.26 69.69 19.92
C ALA IA 8 -119.69 69.98 19.74
N LEU IA 9 -119.99 70.91 18.78
CA LEU IA 9 -121.31 71.19 18.26
C LEU IA 9 -122.01 70.03 17.57
N LEU IA 10 -121.26 69.16 16.89
CA LEU IA 10 -121.92 68.05 16.20
C LEU IA 10 -122.60 67.12 17.19
N ARG IA 11 -121.86 66.81 18.28
CA ARG IA 11 -122.25 65.71 19.22
C ARG IA 11 -123.46 66.19 20.07
N GLU IA 12 -123.62 67.50 20.33
CA GLU IA 12 -124.65 68.28 21.00
C GLU IA 12 -125.89 68.26 20.12
N ASN IA 13 -127.06 68.18 20.79
CA ASN IA 13 -128.34 67.85 20.19
C ASN IA 13 -129.18 69.01 20.39
N GLN IA 14 -130.04 69.26 19.41
CA GLN IA 14 -130.90 70.29 19.15
C GLN IA 14 -130.68 70.47 17.64
N ASP IA 15 -131.74 70.54 16.82
CA ASP IA 15 -131.59 70.61 15.38
C ASP IA 15 -130.94 72.00 15.04
N SER IA 16 -131.39 73.12 15.62
CA SER IA 16 -131.05 74.49 15.26
C SER IA 16 -129.51 74.70 15.43
N VAL IA 17 -128.95 74.12 16.50
CA VAL IA 17 -127.50 73.95 16.75
C VAL IA 17 -126.69 73.21 15.69
N LYS IA 18 -127.23 72.04 15.20
CA LYS IA 18 -126.62 71.16 14.22
C LYS IA 18 -126.63 71.86 12.87
N THR IA 19 -127.66 72.76 12.72
CA THR IA 19 -127.87 73.49 11.52
C THR IA 19 -126.74 74.43 11.28
N TYR IA 20 -126.30 75.06 12.37
CA TYR IA 20 -125.17 76.03 12.38
C TYR IA 20 -123.85 75.26 12.11
N ALA IA 21 -123.65 74.08 12.86
CA ALA IA 21 -122.50 73.26 13.02
C ALA IA 21 -122.05 72.65 11.70
N LEU IA 22 -122.97 72.19 10.82
CA LEU IA 22 -122.63 71.74 9.48
C LEU IA 22 -122.12 72.91 8.65
N GLU IA 23 -122.70 74.16 8.71
CA GLU IA 23 -122.32 75.21 7.89
C GLU IA 23 -120.94 75.70 8.26
N SER IA 24 -120.57 75.70 9.53
CA SER IA 24 -119.22 76.02 10.03
C SER IA 24 -118.19 75.13 9.47
N ILE IA 25 -118.43 73.79 9.47
CA ILE IA 25 -117.47 72.80 9.05
C ILE IA 25 -117.22 73.02 7.54
N ASN IA 26 -118.28 73.28 6.76
CA ASN IA 26 -118.36 73.32 5.30
C ASN IA 26 -117.54 74.40 4.72
N ASN IA 27 -117.36 75.57 5.44
CA ASN IA 27 -116.50 76.69 5.07
C ASN IA 27 -115.10 76.26 5.01
N VAL IA 28 -114.61 75.42 5.99
CA VAL IA 28 -113.26 75.06 6.21
C VAL IA 28 -113.04 73.59 5.91
N VAL IA 29 -114.04 72.97 5.20
CA VAL IA 29 -114.03 71.50 4.81
C VAL IA 29 -113.01 71.19 3.76
N ASP IA 30 -112.80 72.19 2.85
CA ASP IA 30 -111.75 72.07 1.81
C ASP IA 30 -110.39 72.35 2.30
N GLN IA 31 -110.26 73.03 3.47
CA GLN IA 31 -109.07 73.74 3.94
C GLN IA 31 -108.49 73.06 5.16
N LEU IA 32 -109.19 72.05 5.76
CA LEU IA 32 -108.91 71.41 6.99
C LEU IA 32 -109.44 70.06 6.89
N TRP IA 33 -108.70 69.02 7.23
CA TRP IA 33 -109.17 67.69 6.98
C TRP IA 33 -108.50 66.66 7.83
N SER IA 34 -108.02 67.03 9.02
CA SER IA 34 -107.39 66.08 9.94
C SER IA 34 -107.62 66.55 11.33
N GLU IA 35 -108.63 67.33 11.47
CA GLU IA 35 -109.13 67.95 12.71
C GLU IA 35 -110.63 67.58 12.84
N ILE IA 36 -111.17 66.84 11.90
CA ILE IA 36 -112.55 66.68 11.78
C ILE IA 36 -112.84 65.28 11.32
N SER IA 37 -111.88 64.33 11.38
CA SER IA 37 -112.06 63.03 10.70
C SER IA 37 -112.50 62.00 11.68
N ASN IA 38 -112.71 62.38 12.93
CA ASN IA 38 -113.07 61.56 14.04
C ASN IA 38 -114.63 61.51 14.21
N GLU IA 39 -115.30 62.55 13.63
CA GLU IA 39 -116.75 62.67 13.77
C GLU IA 39 -117.34 62.41 12.44
N LEU IA 40 -116.72 61.64 11.54
CA LEU IA 40 -117.33 61.31 10.34
C LEU IA 40 -118.61 60.42 10.57
N PRO IA 41 -118.70 59.42 11.50
CA PRO IA 41 -120.01 58.73 11.76
C PRO IA 41 -121.21 59.52 12.25
N ASP IA 42 -120.99 60.60 13.02
CA ASP IA 42 -122.05 61.47 13.37
C ASP IA 42 -122.66 62.17 12.10
N ILE IA 43 -121.74 62.51 11.21
CA ILE IA 43 -122.06 63.24 10.01
C ILE IA 43 -122.87 62.45 8.98
N GLU IA 44 -122.46 61.17 8.82
CA GLU IA 44 -123.07 60.14 8.02
C GLU IA 44 -124.46 59.91 8.60
N ALA IA 45 -124.63 59.85 10.00
CA ALA IA 45 -125.95 59.72 10.52
C ALA IA 45 -126.95 60.86 10.13
N LEU IA 46 -126.38 62.09 9.95
CA LEU IA 46 -127.23 63.16 9.57
C LEU IA 46 -127.72 63.01 8.21
N TYR IA 47 -126.86 62.53 7.28
CA TYR IA 47 -127.27 62.23 5.90
C TYR IA 47 -128.21 61.12 5.85
N ASP IA 48 -128.07 60.12 6.74
CA ASP IA 48 -128.90 58.95 6.66
C ASP IA 48 -130.41 59.36 7.01
N ASP IA 49 -130.56 60.31 8.01
CA ASP IA 49 -131.84 60.90 8.42
C ASP IA 49 -132.35 61.88 7.36
N ASP IA 50 -133.69 62.11 7.41
CA ASP IA 50 -134.31 62.92 6.43
C ASP IA 50 -135.27 63.85 7.23
N THR IA 51 -134.72 64.32 8.33
CA THR IA 51 -135.41 65.39 9.13
C THR IA 51 -134.59 66.71 8.99
N PHE IA 52 -133.70 66.65 8.00
CA PHE IA 52 -132.74 67.76 7.75
C PHE IA 52 -132.95 68.20 6.40
N SER IA 53 -132.73 69.50 6.27
CA SER IA 53 -132.61 70.18 4.98
C SER IA 53 -131.13 70.17 4.64
N ASP IA 54 -130.32 69.50 5.60
CA ASP IA 54 -128.89 69.64 5.68
C ASP IA 54 -128.17 68.39 5.46
N ARG IA 55 -128.94 67.38 4.94
CA ARG IA 55 -128.56 66.05 4.53
C ARG IA 55 -127.53 66.20 3.40
N GLU IA 56 -127.77 67.21 2.48
CA GLU IA 56 -127.00 67.42 1.29
C GLU IA 56 -125.61 67.89 1.68
N MET IA 57 -125.55 68.74 2.79
CA MET IA 57 -124.36 69.34 3.30
C MET IA 57 -123.50 68.36 4.02
N ALA IA 58 -124.25 67.53 4.83
CA ALA IA 58 -123.67 66.57 5.71
C ALA IA 58 -122.90 65.58 4.86
N ALA IA 59 -123.48 65.18 3.71
CA ALA IA 59 -122.86 64.24 2.91
C ALA IA 59 -121.66 64.73 2.12
N LEU IA 60 -121.62 66.06 1.88
CA LEU IA 60 -120.61 66.76 1.23
C LEU IA 60 -119.36 66.89 2.08
N ILE IA 61 -119.48 67.08 3.41
CA ILE IA 61 -118.38 67.11 4.33
C ILE IA 61 -117.77 65.80 4.33
N ALA IA 62 -118.56 64.76 4.28
CA ALA IA 62 -118.05 63.45 4.48
C ALA IA 62 -117.11 62.99 3.42
N SER IA 63 -117.52 63.20 2.12
CA SER IA 63 -116.85 63.01 0.83
C SER IA 63 -115.53 63.73 0.62
N LYS IA 64 -115.50 65.04 1.05
CA LYS IA 64 -114.31 65.90 0.90
C LYS IA 64 -113.23 65.42 1.81
N VAL IA 65 -113.52 65.07 3.02
CA VAL IA 65 -112.57 64.47 3.95
C VAL IA 65 -112.13 63.06 3.46
N TYR IA 66 -113.05 62.19 2.94
CA TYR IA 66 -112.72 60.87 2.61
C TYR IA 66 -111.81 60.71 1.46
N TYR IA 67 -111.82 61.52 0.30
CA TYR IA 67 -110.84 61.37 -0.75
C TYR IA 67 -109.45 61.71 -0.29
N ASN IA 68 -109.28 62.72 0.60
CA ASN IA 68 -108.03 63.16 1.11
C ASN IA 68 -107.37 62.08 1.94
N LEU IA 69 -108.16 61.33 2.74
CA LEU IA 69 -107.70 60.12 3.40
C LEU IA 69 -107.19 59.08 2.48
N GLY IA 70 -107.81 58.81 1.31
CA GLY IA 70 -107.39 57.84 0.30
C GLY IA 70 -108.59 57.06 -0.17
N GLU IA 71 -109.76 57.32 0.51
CA GLU IA 71 -110.92 56.39 0.34
C GLU IA 71 -111.83 57.03 -0.72
N TYR IA 72 -111.37 56.98 -1.97
CA TYR IA 72 -112.14 57.43 -3.11
C TYR IA 72 -113.44 56.58 -3.35
N GLU IA 73 -113.32 55.28 -3.10
CA GLU IA 73 -114.42 54.28 -3.06
C GLU IA 73 -115.55 54.50 -2.15
N SER IA 74 -115.28 54.99 -0.92
CA SER IA 74 -116.33 55.35 0.02
C SER IA 74 -116.91 56.64 -0.38
N ALA IA 75 -116.05 57.62 -0.71
CA ALA IA 75 -116.30 59.01 -0.99
C ALA IA 75 -117.40 59.19 -2.00
N VAL IA 76 -117.39 58.46 -3.05
CA VAL IA 76 -118.26 58.65 -4.16
C VAL IA 76 -119.73 58.37 -3.95
N LYS IA 77 -120.08 57.52 -2.91
CA LYS IA 77 -121.39 57.22 -2.49
C LYS IA 77 -122.08 58.43 -1.92
N TYR IA 78 -121.23 59.21 -1.24
CA TYR IA 78 -121.62 60.42 -0.51
C TYR IA 78 -121.73 61.55 -1.46
N ALA IA 79 -121.04 61.41 -2.67
CA ALA IA 79 -121.11 62.38 -3.71
C ALA IA 79 -122.55 62.53 -4.17
N LEU IA 80 -123.17 61.39 -4.35
CA LEU IA 80 -124.38 61.29 -5.15
C LEU IA 80 -125.49 61.33 -4.13
N ALA IA 81 -125.18 61.52 -2.80
CA ALA IA 81 -125.95 61.74 -1.64
C ALA IA 81 -126.10 63.17 -1.39
N ALA IA 82 -125.07 63.97 -1.64
CA ALA IA 82 -125.09 65.40 -1.60
C ALA IA 82 -125.98 65.94 -2.72
N LYS IA 83 -125.91 65.34 -3.95
CA LYS IA 83 -126.68 65.58 -5.15
C LYS IA 83 -126.52 66.93 -5.78
N ASP IA 84 -125.59 67.85 -5.30
CA ASP IA 84 -125.48 69.14 -5.94
C ASP IA 84 -124.10 69.66 -5.43
N ARG IA 85 -123.63 70.74 -6.10
CA ARG IA 85 -122.46 71.55 -5.65
C ARG IA 85 -121.17 70.87 -6.17
N PHE IA 86 -121.23 70.23 -7.40
CA PHE IA 86 -120.14 69.73 -8.14
C PHE IA 86 -120.06 70.55 -9.43
N ASP IA 87 -120.85 71.64 -9.62
CA ASP IA 87 -120.85 72.62 -10.69
C ASP IA 87 -119.56 73.40 -10.64
N ILE IA 88 -119.21 73.76 -9.35
CA ILE IA 88 -117.95 74.45 -9.06
C ILE IA 88 -116.72 73.63 -9.51
N ASP IA 89 -116.59 72.28 -9.22
CA ASP IA 89 -115.50 71.38 -9.35
C ASP IA 89 -115.06 71.35 -10.73
N GLU IA 90 -116.02 71.29 -11.66
CA GLU IA 90 -115.82 71.25 -13.06
C GLU IA 90 -115.03 72.48 -13.63
N LYS IA 91 -115.30 73.66 -13.07
CA LYS IA 91 -114.74 74.92 -13.52
C LYS IA 91 -113.53 75.18 -12.65
N SER IA 92 -113.11 74.18 -11.81
CA SER IA 92 -112.02 74.32 -10.84
C SER IA 92 -111.03 73.25 -11.18
N GLN IA 93 -109.80 73.68 -11.49
CA GLN IA 93 -108.65 72.79 -11.66
C GLN IA 93 -108.39 72.19 -10.27
N PHE IA 94 -108.53 73.02 -9.24
CA PHE IA 94 -108.20 72.95 -7.85
C PHE IA 94 -108.82 71.69 -7.26
N VAL IA 95 -110.10 71.50 -7.61
CA VAL IA 95 -110.87 70.27 -7.23
C VAL IA 95 -111.61 69.89 -8.43
N GLU IA 96 -111.45 68.60 -8.80
CA GLU IA 96 -112.26 67.96 -9.82
C GLU IA 96 -112.03 66.51 -9.37
N THR IA 97 -111.61 66.38 -8.05
CA THR IA 97 -111.20 65.18 -7.41
C THR IA 97 -112.34 64.22 -7.28
N ILE IA 98 -113.53 64.68 -6.86
CA ILE IA 98 -114.64 63.85 -6.61
C ILE IA 98 -115.32 63.44 -7.90
N VAL IA 99 -115.07 64.28 -9.07
CA VAL IA 99 -115.54 64.03 -10.37
C VAL IA 99 -114.82 62.86 -11.02
N SER IA 100 -113.47 62.68 -10.76
CA SER IA 100 -112.56 61.82 -11.46
C SER IA 100 -113.06 60.39 -11.24
N LYS IA 101 -113.23 60.08 -9.90
CA LYS IA 101 -113.58 58.78 -9.43
C LYS IA 101 -114.97 58.38 -9.89
N SER IA 102 -115.97 59.34 -10.03
CA SER IA 102 -117.31 59.06 -10.49
C SER IA 102 -117.31 58.57 -11.86
N ILE IA 103 -116.57 59.27 -12.74
CA ILE IA 103 -116.37 58.84 -14.20
C ILE IA 103 -115.67 57.50 -14.36
N GLU IA 104 -114.55 57.24 -13.62
CA GLU IA 104 -113.91 55.97 -13.51
C GLU IA 104 -114.78 54.82 -13.13
N MET IA 105 -115.66 55.08 -12.13
CA MET IA 105 -116.46 54.05 -11.56
C MET IA 105 -117.48 53.59 -12.53
N TYR IA 106 -117.97 54.60 -13.30
CA TYR IA 106 -118.97 54.44 -14.33
C TYR IA 106 -118.53 53.54 -15.47
N VAL IA 107 -117.32 53.67 -15.94
CA VAL IA 107 -116.72 52.95 -17.01
C VAL IA 107 -116.56 51.43 -16.66
N GLN IA 108 -116.04 51.12 -15.43
CA GLN IA 108 -115.92 49.75 -14.91
C GLN IA 108 -117.30 49.15 -14.80
N GLU IA 109 -118.26 49.84 -14.20
CA GLU IA 109 -119.54 49.29 -13.82
C GLU IA 109 -120.46 48.91 -15.09
N ALA IA 110 -120.65 49.96 -15.91
CA ALA IA 110 -121.39 49.86 -17.17
C ALA IA 110 -120.85 48.88 -18.19
N SER IA 111 -119.52 48.70 -18.32
CA SER IA 111 -119.00 47.68 -19.23
C SER IA 111 -119.44 46.32 -18.81
N LYS IA 112 -119.55 45.99 -17.48
CA LYS IA 112 -120.04 44.74 -16.96
C LYS IA 112 -121.44 44.53 -17.49
N GLN IA 113 -122.36 45.57 -17.54
CA GLN IA 113 -123.78 45.44 -17.76
C GLN IA 113 -124.05 45.43 -19.20
N TYR IA 114 -123.14 45.86 -20.20
CA TYR IA 114 -123.45 45.95 -21.62
C TYR IA 114 -123.64 44.58 -22.26
N THR IA 115 -122.78 43.66 -21.85
CA THR IA 115 -122.81 42.23 -22.26
C THR IA 115 -124.04 41.55 -21.89
N LYS IA 116 -124.55 41.76 -20.66
CA LYS IA 116 -125.76 41.19 -20.12
C LYS IA 116 -126.94 41.60 -20.88
N ASP IA 117 -127.16 42.96 -21.11
CA ASP IA 117 -128.19 43.50 -21.91
C ASP IA 117 -127.62 44.78 -22.40
N GLU IA 118 -127.86 45.09 -23.70
CA GLU IA 118 -127.28 46.31 -24.29
C GLU IA 118 -127.78 47.58 -23.61
N GLN IA 119 -129.09 47.66 -23.38
CA GLN IA 119 -129.73 48.74 -22.82
C GLN IA 119 -129.43 48.67 -21.34
N PHE IA 120 -129.28 49.89 -20.71
CA PHE IA 120 -129.05 50.07 -19.31
C PHE IA 120 -129.13 51.53 -19.16
N TYR IA 121 -129.37 52.32 -20.26
CA TYR IA 121 -129.34 53.74 -20.26
C TYR IA 121 -130.66 54.30 -19.78
N THR IA 122 -131.83 53.59 -19.91
CA THR IA 122 -133.14 54.02 -19.63
C THR IA 122 -133.72 52.96 -18.69
N LYS IA 123 -133.19 51.71 -18.59
CA LYS IA 123 -133.47 50.71 -17.57
C LYS IA 123 -132.93 51.07 -16.17
N ASP IA 124 -133.10 50.18 -15.15
CA ASP IA 124 -132.76 50.60 -13.79
C ASP IA 124 -131.50 50.00 -13.22
N ILE IA 125 -130.78 49.21 -14.06
CA ILE IA 125 -129.62 48.48 -13.80
C ILE IA 125 -128.51 49.43 -13.51
N ILE IA 126 -128.31 50.50 -14.26
CA ILE IA 126 -127.41 51.61 -13.84
C ILE IA 126 -128.45 52.69 -13.52
N ASP IA 127 -128.35 53.33 -12.33
CA ASP IA 127 -129.25 54.29 -11.66
C ASP IA 127 -129.28 55.47 -12.50
N PRO IA 128 -130.33 56.21 -12.55
CA PRO IA 128 -130.32 57.50 -13.25
C PRO IA 128 -129.44 58.56 -12.76
N LYS IA 129 -129.03 58.52 -11.43
CA LYS IA 129 -128.09 59.47 -10.91
C LYS IA 129 -126.73 59.13 -11.33
N LEU IA 130 -126.33 57.84 -11.43
CA LEU IA 130 -125.06 57.47 -11.94
C LEU IA 130 -124.91 57.87 -13.38
N THR IA 131 -126.01 57.77 -14.13
CA THR IA 131 -125.99 58.06 -15.57
C THR IA 131 -125.78 59.51 -15.84
N SER IA 132 -126.52 60.43 -15.08
CA SER IA 132 -126.62 61.84 -15.33
C SER IA 132 -125.29 62.50 -15.07
N ILE IA 133 -124.48 62.04 -14.04
CA ILE IA 133 -123.13 62.55 -13.75
C ILE IA 133 -122.09 62.30 -14.86
N PHE IA 134 -122.27 61.16 -15.58
CA PHE IA 134 -121.47 60.74 -16.73
C PHE IA 134 -121.66 61.72 -17.80
N GLU IA 135 -122.93 62.25 -18.04
CA GLU IA 135 -123.29 62.91 -19.27
C GLU IA 135 -122.92 64.37 -19.21
N ARG IA 136 -122.63 64.77 -17.93
CA ARG IA 136 -122.11 66.07 -17.57
C ARG IA 136 -120.72 66.32 -18.07
N MET IA 137 -119.88 65.27 -18.19
CA MET IA 137 -118.52 65.35 -18.71
C MET IA 137 -118.46 65.53 -20.25
N ILE IA 138 -119.48 64.99 -20.97
CA ILE IA 138 -119.74 65.06 -22.44
C ILE IA 138 -120.03 66.58 -22.76
N GLU IA 139 -120.88 67.29 -21.94
CA GLU IA 139 -121.34 68.63 -22.02
C GLU IA 139 -120.14 69.61 -21.89
N LYS IA 140 -119.14 69.23 -21.01
CA LYS IA 140 -117.88 69.96 -20.78
C LYS IA 140 -116.85 69.77 -21.95
N CYS IA 141 -116.73 68.54 -22.45
CA CYS IA 141 -115.88 68.30 -23.61
C CYS IA 141 -116.42 69.05 -24.87
N LEU IA 142 -117.74 69.08 -25.16
CA LEU IA 142 -118.27 69.85 -26.35
C LEU IA 142 -118.20 71.32 -26.05
N LYS IA 143 -118.04 71.82 -24.79
CA LYS IA 143 -117.91 73.22 -24.46
C LYS IA 143 -116.52 73.66 -24.86
N ALA IA 144 -115.59 72.67 -24.57
CA ALA IA 144 -114.18 72.85 -24.73
C ALA IA 144 -113.90 72.58 -26.17
N SER IA 145 -114.94 72.13 -26.96
CA SER IA 145 -114.88 71.95 -28.41
C SER IA 145 -113.85 70.98 -28.92
N GLU IA 146 -113.63 69.85 -28.19
CA GLU IA 146 -112.70 68.81 -28.67
C GLU IA 146 -113.56 67.57 -28.61
N LEU IA 147 -113.84 66.94 -29.76
CA LEU IA 147 -114.85 65.89 -29.87
C LEU IA 147 -114.28 64.47 -29.75
N LYS IA 148 -112.96 64.38 -29.80
CA LYS IA 148 -112.20 63.15 -29.82
C LYS IA 148 -112.24 62.68 -28.39
N LEU IA 149 -112.35 63.67 -27.42
CA LEU IA 149 -112.55 63.28 -25.99
C LEU IA 149 -113.82 62.54 -25.67
N ALA IA 150 -114.98 63.02 -26.17
CA ALA IA 150 -116.34 62.54 -25.88
C ALA IA 150 -116.58 61.26 -26.62
N LEU IA 151 -115.98 61.04 -27.81
CA LEU IA 151 -116.09 59.82 -28.55
C LEU IA 151 -115.29 58.72 -27.94
N GLY IA 152 -114.19 59.07 -27.30
CA GLY IA 152 -113.39 58.11 -26.56
C GLY IA 152 -113.99 57.60 -25.26
N ILE IA 153 -114.58 58.48 -24.46
CA ILE IA 153 -115.06 58.15 -23.14
C ILE IA 153 -116.30 57.29 -23.23
N ALA IA 154 -117.13 57.58 -24.30
CA ALA IA 154 -118.29 56.83 -24.58
C ALA IA 154 -117.98 55.47 -25.07
N LEU IA 155 -116.90 55.30 -25.83
CA LEU IA 155 -116.57 53.99 -26.29
C LEU IA 155 -116.05 53.11 -25.17
N GLU IA 156 -115.44 53.68 -24.05
CA GLU IA 156 -114.90 52.98 -22.97
C GLU IA 156 -115.97 52.29 -22.24
N GLY IA 157 -117.07 52.99 -21.92
CA GLY IA 157 -118.06 52.57 -21.00
C GLY IA 157 -119.12 51.90 -21.71
N TYR IA 158 -118.94 51.67 -23.03
CA TYR IA 158 -119.90 50.92 -23.89
C TYR IA 158 -121.24 51.61 -24.11
N ARG IA 159 -121.15 52.88 -24.58
CA ARG IA 159 -122.37 53.67 -24.84
C ARG IA 159 -122.53 53.90 -26.31
N LEU IA 160 -123.74 53.49 -26.87
CA LEU IA 160 -124.00 53.62 -28.27
C LEU IA 160 -124.62 55.01 -28.40
N ASP IA 161 -125.48 55.39 -27.44
CA ASP IA 161 -126.32 56.57 -27.51
C ASP IA 161 -125.56 57.83 -27.60
N ILE IA 162 -124.43 57.91 -26.83
CA ILE IA 162 -123.60 59.13 -26.80
C ILE IA 162 -122.96 59.39 -28.15
N ILE IA 163 -122.41 58.30 -28.77
CA ILE IA 163 -121.88 58.31 -30.14
C ILE IA 163 -122.83 58.89 -31.22
N GLU IA 164 -124.12 58.48 -31.11
CA GLU IA 164 -125.21 58.88 -31.92
C GLU IA 164 -125.43 60.37 -31.66
N SER IA 165 -125.46 60.95 -30.42
CA SER IA 165 -125.76 62.40 -30.28
C SER IA 165 -124.57 63.29 -30.73
N ALA IA 166 -123.31 62.83 -30.49
CA ALA IA 166 -122.00 63.50 -30.64
C ALA IA 166 -121.68 63.74 -32.11
N LEU IA 167 -122.00 62.70 -32.92
CA LEU IA 167 -121.75 62.74 -34.37
C LEU IA 167 -122.85 63.53 -35.06
N LYS IA 168 -124.08 63.56 -34.47
CA LYS IA 168 -125.21 64.26 -35.08
C LYS IA 168 -124.90 65.78 -34.96
N SER IA 169 -124.28 66.25 -33.87
CA SER IA 169 -124.05 67.68 -33.77
C SER IA 169 -122.90 68.23 -34.53
N LYS IA 170 -121.91 67.30 -34.89
CA LYS IA 170 -120.69 67.68 -35.65
C LYS IA 170 -121.17 67.82 -37.08
N LEU IA 171 -122.11 66.91 -37.46
CA LEU IA 171 -122.70 66.97 -38.82
C LEU IA 171 -123.53 68.23 -39.03
N ASP IA 172 -123.19 69.05 -39.99
CA ASP IA 172 -123.76 70.30 -40.42
C ASP IA 172 -122.86 70.70 -41.60
N GLN IA 173 -121.83 69.89 -42.00
CA GLN IA 173 -120.92 70.12 -43.10
C GLN IA 173 -120.20 71.50 -43.01
N ASP IA 174 -119.87 72.00 -41.74
CA ASP IA 174 -119.10 73.23 -41.41
C ASP IA 174 -117.72 73.17 -42.10
N SER IA 175 -117.15 71.96 -42.20
CA SER IA 175 -116.15 71.61 -43.20
C SER IA 175 -116.49 70.24 -43.59
N THR IA 176 -116.43 69.89 -44.87
CA THR IA 176 -116.60 68.54 -45.41
C THR IA 176 -115.48 67.66 -44.91
N SER IA 177 -114.19 68.10 -44.90
CA SER IA 177 -113.00 67.37 -44.56
C SER IA 177 -112.97 66.98 -43.14
N GLU IA 178 -113.40 67.82 -42.22
CA GLU IA 178 -113.38 67.58 -40.81
C GLU IA 178 -114.40 66.62 -40.32
N ASN IA 179 -115.61 66.51 -40.97
CA ASN IA 179 -116.53 65.45 -40.55
C ASN IA 179 -115.92 64.08 -40.75
N VAL IA 180 -115.32 63.86 -41.91
CA VAL IA 180 -114.76 62.63 -42.26
C VAL IA 180 -113.62 62.19 -41.42
N LYS IA 181 -112.74 63.20 -41.07
CA LYS IA 181 -111.51 62.97 -40.27
C LYS IA 181 -111.85 62.52 -38.95
N ILE IA 182 -112.86 63.13 -38.34
CA ILE IA 182 -113.42 62.74 -37.05
C ILE IA 182 -113.87 61.30 -37.10
N ILE IA 183 -114.57 60.90 -38.21
CA ILE IA 183 -115.05 59.59 -38.39
C ILE IA 183 -113.98 58.54 -38.48
N ASN IA 184 -112.78 58.82 -39.13
CA ASN IA 184 -111.64 57.98 -39.33
C ASN IA 184 -110.89 57.68 -38.06
N TYR IA 185 -110.89 58.64 -37.08
CA TYR IA 185 -110.34 58.53 -35.70
C TYR IA 185 -111.18 57.59 -34.91
N LEU IA 186 -112.54 57.70 -35.02
CA LEU IA 186 -113.36 56.73 -34.29
C LEU IA 186 -113.17 55.24 -34.78
N LEU IA 187 -112.97 55.19 -36.09
CA LEU IA 187 -112.73 53.94 -36.78
C LEU IA 187 -111.47 53.22 -36.40
N THR IA 188 -110.39 54.03 -36.29
CA THR IA 188 -109.07 53.45 -35.94
C THR IA 188 -109.15 52.95 -34.47
N LEU IA 189 -109.80 53.81 -33.70
CA LEU IA 189 -110.01 53.64 -32.26
C LEU IA 189 -110.80 52.37 -31.85
N ALA IA 190 -111.89 52.12 -32.56
CA ALA IA 190 -112.78 51.08 -32.35
C ALA IA 190 -112.14 49.74 -32.63
N ILE IA 191 -111.30 49.70 -33.75
CA ILE IA 191 -110.57 48.55 -34.21
C ILE IA 191 -109.75 48.00 -33.09
N THR IA 192 -109.00 48.90 -32.46
CA THR IA 192 -107.92 48.57 -31.55
C THR IA 192 -108.35 48.30 -30.09
N THR IA 193 -109.29 49.15 -29.52
CA THR IA 193 -109.51 49.24 -28.14
C THR IA 193 -110.51 48.28 -27.71
N VAL IA 194 -111.60 48.28 -28.47
CA VAL IA 194 -112.79 47.54 -28.25
C VAL IA 194 -112.53 46.13 -28.54
N THR IA 195 -112.75 45.19 -27.57
CA THR IA 195 -112.52 43.75 -27.72
C THR IA 195 -113.87 43.06 -27.55
N ASN IA 196 -114.95 43.88 -27.26
CA ASN IA 196 -116.29 43.38 -27.19
C ASN IA 196 -116.78 43.44 -28.61
N SER IA 197 -117.21 42.26 -29.04
CA SER IA 197 -117.47 41.89 -30.41
C SER IA 197 -118.62 42.66 -30.96
N LYS IA 198 -119.72 42.70 -30.17
CA LYS IA 198 -120.94 43.34 -30.55
C LYS IA 198 -120.81 44.78 -30.67
N PHE IA 199 -120.11 45.46 -29.75
CA PHE IA 199 -119.99 46.84 -29.69
C PHE IA 199 -119.19 47.39 -30.87
N ARG IA 200 -118.08 46.74 -31.26
CA ARG IA 200 -117.17 47.20 -32.31
C ARG IA 200 -118.05 47.16 -33.55
N SER IA 201 -118.89 46.09 -33.76
CA SER IA 201 -119.73 45.90 -34.91
C SER IA 201 -120.69 47.01 -35.08
N SER IA 202 -121.39 47.45 -34.03
CA SER IA 202 -122.44 48.45 -33.97
C SER IA 202 -121.99 49.77 -34.46
N ILE IA 203 -120.78 50.20 -34.01
CA ILE IA 203 -120.18 51.49 -34.30
C ILE IA 203 -119.63 51.57 -35.72
N LEU IA 204 -119.08 50.45 -36.30
CA LEU IA 204 -118.63 50.40 -37.66
C LEU IA 204 -119.71 50.44 -38.75
N ARG IA 205 -120.78 49.72 -38.52
CA ARG IA 205 -121.96 49.84 -39.42
C ARG IA 205 -122.62 51.24 -39.34
N LYS IA 206 -122.63 51.82 -38.08
CA LYS IA 206 -123.14 53.14 -37.90
C LYS IA 206 -122.40 54.19 -38.69
N SER IA 207 -121.04 54.16 -38.78
CA SER IA 207 -120.21 55.11 -39.54
C SER IA 207 -120.46 55.17 -41.02
N PHE IA 208 -120.80 54.04 -41.72
CA PHE IA 208 -121.25 53.92 -43.07
C PHE IA 208 -122.52 54.74 -43.33
N ASP IA 209 -123.42 54.72 -42.38
CA ASP IA 209 -124.66 55.43 -42.49
C ASP IA 209 -124.45 56.95 -42.48
N PHE IA 210 -123.59 57.39 -41.49
CA PHE IA 210 -123.32 58.82 -41.30
C PHE IA 210 -122.61 59.37 -42.57
N LEU IA 211 -121.54 58.69 -43.07
CA LEU IA 211 -120.78 59.11 -44.22
C LEU IA 211 -121.59 59.25 -45.46
N MET IA 212 -122.54 58.30 -45.68
CA MET IA 212 -123.38 58.14 -46.82
C MET IA 212 -124.36 59.28 -46.85
N ASN IA 213 -124.85 59.83 -45.68
CA ASN IA 213 -125.84 60.91 -45.56
C ASN IA 213 -125.34 62.15 -46.29
N MET IA 214 -124.03 62.57 -46.10
CA MET IA 214 -123.40 63.55 -46.91
C MET IA 214 -123.30 63.28 -48.35
N PRO IA 215 -123.42 64.27 -49.29
CA PRO IA 215 -123.52 63.98 -50.70
C PRO IA 215 -122.19 64.20 -51.26
N ASN IA 216 -121.29 64.86 -50.49
CA ASN IA 216 -119.92 65.21 -50.82
C ASN IA 216 -119.14 64.60 -49.70
N CYS IA 217 -118.40 63.49 -50.06
CA CYS IA 217 -117.67 62.73 -49.08
C CYS IA 217 -116.70 61.89 -49.95
N ASP IA 218 -115.69 61.37 -49.32
CA ASP IA 218 -114.88 60.33 -49.98
C ASP IA 218 -115.62 59.04 -49.93
N TYR IA 219 -115.56 58.28 -51.06
CA TYR IA 219 -116.16 57.00 -51.24
C TYR IA 219 -115.15 55.90 -50.97
N LEU IA 220 -113.84 56.31 -50.77
CA LEU IA 220 -112.76 55.44 -50.37
C LEU IA 220 -113.00 55.21 -48.89
N THR IA 221 -113.40 56.15 -48.05
CA THR IA 221 -113.70 56.00 -46.64
C THR IA 221 -114.94 55.19 -46.41
N LEU IA 222 -115.97 55.26 -47.24
CA LEU IA 222 -117.14 54.54 -47.24
C LEU IA 222 -116.88 53.07 -47.49
N ASN IA 223 -115.93 52.76 -48.42
CA ASN IA 223 -115.39 51.48 -48.84
C ASN IA 223 -114.66 50.81 -47.71
N LYS IA 224 -113.98 51.50 -46.77
CA LYS IA 224 -113.27 50.89 -45.67
C LYS IA 224 -114.27 50.18 -44.79
N VAL IA 225 -115.53 50.66 -44.58
CA VAL IA 225 -116.51 50.11 -43.68
C VAL IA 225 -116.86 48.78 -44.23
N VAL IA 226 -117.00 48.72 -45.55
CA VAL IA 226 -117.52 47.57 -46.31
C VAL IA 226 -116.75 46.33 -46.07
N VAL IA 227 -115.38 46.50 -46.24
CA VAL IA 227 -114.42 45.44 -46.23
C VAL IA 227 -114.31 44.96 -44.76
N ASN IA 228 -114.26 45.78 -43.70
CA ASN IA 228 -113.97 45.46 -42.31
C ASN IA 228 -115.11 44.53 -41.79
N LEU IA 229 -116.44 44.94 -42.04
CA LEU IA 229 -117.55 44.22 -41.57
C LEU IA 229 -117.89 43.09 -42.53
N ASN IA 230 -117.54 43.26 -43.79
CA ASN IA 230 -117.59 42.32 -44.87
C ASN IA 230 -118.98 41.87 -45.16
N ASP IA 231 -119.71 42.82 -45.73
CA ASP IA 231 -121.10 42.66 -45.98
C ASP IA 231 -121.22 43.13 -47.42
N ALA IA 232 -121.86 42.25 -48.13
CA ALA IA 232 -122.36 42.43 -49.44
C ALA IA 232 -123.48 43.46 -49.62
N GLY IA 233 -124.37 43.59 -48.58
CA GLY IA 233 -125.47 44.51 -48.60
C GLY IA 233 -125.08 45.93 -48.54
N LEU IA 234 -123.88 46.22 -47.88
CA LEU IA 234 -123.28 47.47 -47.72
C LEU IA 234 -122.74 47.90 -49.05
N ALA IA 235 -122.05 46.93 -49.73
CA ALA IA 235 -121.44 47.16 -51.04
C ALA IA 235 -122.47 47.44 -52.10
N LEU IA 236 -123.64 46.76 -52.00
CA LEU IA 236 -124.79 46.96 -52.96
C LEU IA 236 -125.23 48.32 -52.84
N GLN IA 237 -125.43 48.73 -51.58
CA GLN IA 237 -125.90 50.05 -51.17
C GLN IA 237 -125.06 51.16 -51.70
N LEU IA 238 -123.74 51.06 -51.70
CA LEU IA 238 -122.83 52.09 -52.07
C LEU IA 238 -122.93 52.41 -53.52
N PHE IA 239 -123.02 51.36 -54.41
CA PHE IA 239 -123.07 51.53 -55.89
C PHE IA 239 -124.39 51.99 -56.32
N LYS IA 240 -125.47 51.86 -55.47
CA LYS IA 240 -126.85 52.26 -55.81
C LYS IA 240 -126.91 53.79 -55.73
N LYS IA 241 -126.08 54.41 -54.82
CA LYS IA 241 -125.82 55.85 -54.66
C LYS IA 241 -125.15 56.41 -55.90
N LEU IA 242 -124.34 55.63 -56.62
CA LEU IA 242 -123.59 56.00 -57.80
C LEU IA 242 -124.32 55.45 -58.97
N LYS IA 243 -125.50 54.80 -58.87
CA LYS IA 243 -126.38 54.53 -59.93
C LYS IA 243 -127.20 55.74 -60.29
N GLU IA 244 -127.62 56.39 -59.14
CA GLU IA 244 -128.20 57.72 -59.08
C GLU IA 244 -127.33 58.80 -59.62
N GLU IA 245 -125.99 58.84 -59.34
CA GLU IA 245 -125.11 59.77 -60.04
C GLU IA 245 -124.91 59.52 -61.46
N ASN IA 246 -124.76 58.24 -61.80
CA ASN IA 246 -124.63 57.68 -63.15
C ASN IA 246 -123.22 57.90 -63.68
N ASP IA 247 -122.29 57.80 -62.75
CA ASP IA 247 -120.85 58.05 -62.88
C ASP IA 247 -120.07 56.74 -62.80
N GLU IA 248 -119.63 56.14 -63.92
CA GLU IA 248 -119.09 54.80 -64.14
C GLU IA 248 -117.65 54.82 -63.63
N GLY IA 249 -116.90 55.95 -63.84
CA GLY IA 249 -115.53 56.03 -63.56
C GLY IA 249 -115.17 56.16 -62.15
N LEU IA 250 -116.22 56.70 -61.46
CA LEU IA 250 -116.27 56.82 -60.09
C LEU IA 250 -116.33 55.46 -59.46
N SER IA 251 -117.20 54.65 -60.03
CA SER IA 251 -117.62 53.35 -59.59
C SER IA 251 -116.53 52.32 -59.76
N ALA IA 252 -115.80 52.48 -60.91
CA ALA IA 252 -114.61 51.77 -61.43
C ALA IA 252 -113.46 51.92 -60.45
N GLN IA 253 -113.17 53.14 -59.91
CA GLN IA 253 -112.18 53.41 -58.88
C GLN IA 253 -112.45 52.69 -57.57
N ILE IA 254 -113.78 52.63 -57.15
CA ILE IA 254 -114.19 52.09 -55.91
C ILE IA 254 -114.07 50.62 -55.92
N ALA IA 255 -114.37 50.07 -57.09
CA ALA IA 255 -114.33 48.67 -57.38
C ALA IA 255 -113.03 48.11 -57.37
N PHE IA 256 -112.00 48.83 -57.87
CA PHE IA 256 -110.64 48.40 -57.94
C PHE IA 256 -110.04 48.16 -56.56
N ASP IA 257 -110.35 49.05 -55.58
CA ASP IA 257 -109.95 48.87 -54.20
C ASP IA 257 -110.68 47.71 -53.62
N LEU IA 258 -112.00 47.63 -53.94
CA LEU IA 258 -112.82 46.65 -53.32
C LEU IA 258 -112.52 45.27 -53.84
N VAL IA 259 -112.25 45.05 -55.11
CA VAL IA 259 -112.13 43.69 -55.63
C VAL IA 259 -110.83 43.09 -55.01
N SER IA 260 -109.77 43.91 -54.84
CA SER IA 260 -108.46 43.63 -54.23
C SER IA 260 -108.54 43.22 -52.83
N SER IA 261 -109.31 43.98 -52.02
CA SER IA 261 -109.47 43.89 -50.62
C SER IA 261 -110.39 42.81 -50.15
N ALA IA 262 -111.60 42.70 -50.75
CA ALA IA 262 -112.69 41.99 -50.19
C ALA IA 262 -112.47 40.54 -50.36
N SER IA 263 -113.09 39.79 -49.43
CA SER IA 263 -113.08 38.30 -49.44
C SER IA 263 -113.72 37.80 -50.73
N GLN IA 264 -113.21 36.83 -51.47
CA GLN IA 264 -113.79 36.41 -52.72
C GLN IA 264 -115.18 35.84 -52.64
N GLN IA 265 -115.52 35.10 -51.55
CA GLN IA 265 -116.86 34.53 -51.40
C GLN IA 265 -117.94 35.63 -51.23
N LEU IA 266 -117.62 36.73 -50.50
CA LEU IA 266 -118.47 37.91 -50.30
C LEU IA 266 -118.79 38.56 -51.66
N LEU IA 267 -117.71 38.66 -52.51
CA LEU IA 267 -117.74 39.38 -53.78
C LEU IA 267 -118.56 38.72 -54.85
N GLU IA 268 -118.60 37.38 -54.82
CA GLU IA 268 -119.34 36.48 -55.71
C GLU IA 268 -120.86 36.75 -55.53
N ILE IA 269 -121.26 36.94 -54.25
CA ILE IA 269 -122.61 37.35 -53.88
C ILE IA 269 -122.96 38.67 -54.46
N LEU IA 270 -122.04 39.66 -54.28
CA LEU IA 270 -122.21 41.02 -54.68
C LEU IA 270 -122.48 41.20 -56.12
N VAL IA 271 -121.85 40.54 -57.03
CA VAL IA 271 -122.07 40.67 -58.46
C VAL IA 271 -123.41 40.16 -58.88
N THR IA 272 -123.83 39.03 -58.32
CA THR IA 272 -125.05 38.35 -58.64
C THR IA 272 -126.23 39.26 -58.34
N GLU IA 273 -126.12 39.91 -57.22
CA GLU IA 273 -126.97 40.90 -56.66
C GLU IA 273 -127.07 42.17 -57.52
N LEU IA 274 -126.02 42.61 -58.09
CA LEU IA 274 -125.94 43.85 -58.81
C LEU IA 274 -126.44 43.63 -60.23
N THR IA 275 -126.40 42.37 -60.68
CA THR IA 275 -126.93 41.81 -61.96
C THR IA 275 -128.51 41.83 -61.88
N ALA IA 276 -129.00 41.50 -60.66
CA ALA IA 276 -130.40 41.43 -60.32
C ALA IA 276 -131.04 42.81 -60.20
N GLN IA 277 -130.16 43.86 -59.85
CA GLN IA 277 -130.66 45.26 -59.74
C GLN IA 277 -130.60 45.84 -61.16
N GLY IA 278 -129.77 45.11 -62.02
CA GLY IA 278 -129.32 45.51 -63.37
C GLY IA 278 -128.26 46.50 -63.17
N TYR IA 279 -127.18 46.46 -63.95
CA TYR IA 279 -126.09 47.35 -63.97
C TYR IA 279 -125.33 47.10 -65.29
N ASP IA 280 -124.48 48.11 -65.59
CA ASP IA 280 -123.54 48.26 -66.68
C ASP IA 280 -122.35 47.30 -66.50
N PRO IA 281 -121.84 46.66 -67.49
CA PRO IA 281 -121.13 45.44 -67.28
C PRO IA 281 -119.75 45.81 -66.94
N ALA IA 282 -119.34 47.12 -67.11
CA ALA IA 282 -117.99 47.47 -66.89
C ALA IA 282 -117.62 47.37 -65.37
N LEU IA 283 -118.57 47.78 -64.46
CA LEU IA 283 -118.37 47.75 -63.01
C LEU IA 283 -118.27 46.30 -62.56
N LEU IA 284 -119.13 45.45 -63.07
CA LEU IA 284 -119.29 44.04 -62.81
C LEU IA 284 -117.99 43.37 -63.20
N ASN IA 285 -117.40 43.81 -64.33
CA ASN IA 285 -116.20 43.23 -64.90
C ASN IA 285 -115.02 43.33 -63.96
N ILE IA 286 -114.97 44.53 -63.37
CA ILE IA 286 -113.98 44.94 -62.32
C ILE IA 286 -114.11 44.10 -61.12
N LEU IA 287 -115.37 43.81 -60.72
CA LEU IA 287 -115.67 42.95 -59.56
C LEU IA 287 -115.37 41.52 -59.81
N SER IA 288 -115.14 41.16 -61.10
CA SER IA 288 -114.80 39.75 -61.47
C SER IA 288 -113.37 39.60 -61.10
N GLY IA 289 -112.57 40.70 -61.41
CA GLY IA 289 -111.17 40.68 -61.10
C GLY IA 289 -110.38 40.43 -62.32
N LEU IA 290 -111.07 40.11 -63.50
CA LEU IA 290 -110.39 39.87 -64.77
C LEU IA 290 -109.72 41.04 -65.45
N PRO IA 291 -110.24 42.25 -65.69
CA PRO IA 291 -109.52 43.38 -66.23
C PRO IA 291 -108.49 43.87 -65.26
N THR IA 292 -108.72 43.70 -63.94
CA THR IA 292 -107.92 44.07 -62.82
C THR IA 292 -106.67 43.31 -62.84
N CYS IA 293 -106.65 41.99 -63.33
CA CYS IA 293 -105.42 41.28 -63.45
C CYS IA 293 -104.64 41.88 -64.60
N ASP IA 294 -105.29 42.23 -65.75
CA ASP IA 294 -104.70 42.54 -67.01
C ASP IA 294 -104.00 43.89 -66.91
N TYR IA 295 -104.47 44.83 -66.07
CA TYR IA 295 -103.83 46.03 -65.84
C TYR IA 295 -102.54 45.86 -65.08
N TYR IA 296 -102.40 44.87 -64.23
CA TYR IA 296 -101.15 44.57 -63.64
C TYR IA 296 -100.23 43.81 -64.55
N ASN IA 297 -100.80 43.08 -65.47
CA ASN IA 297 -100.01 42.28 -66.42
C ASN IA 297 -99.29 43.16 -67.45
N THR IA 298 -99.96 44.30 -67.77
CA THR IA 298 -99.36 45.29 -68.65
C THR IA 298 -98.09 45.86 -67.99
N PHE IA 299 -98.23 46.10 -66.62
CA PHE IA 299 -97.16 46.64 -65.73
C PHE IA 299 -95.91 45.71 -65.79
N LEU IA 300 -96.21 44.41 -65.53
CA LEU IA 300 -95.19 43.50 -65.32
C LEU IA 300 -94.33 43.21 -66.57
N LEU IA 301 -95.04 43.09 -67.73
CA LEU IA 301 -94.50 42.90 -69.05
C LEU IA 301 -93.63 44.09 -69.41
N ASN IA 302 -94.00 45.39 -69.20
CA ASN IA 302 -93.29 46.51 -69.87
C ASN IA 302 -92.04 46.71 -69.07
N ASN IA 303 -92.12 46.62 -67.70
CA ASN IA 303 -91.19 47.20 -66.77
C ASN IA 303 -90.31 46.11 -66.18
N LYS IA 304 -90.29 44.90 -66.69
CA LYS IA 304 -89.41 43.82 -66.18
C LYS IA 304 -87.95 44.17 -66.31
N ASN IA 305 -87.11 43.87 -65.28
CA ASN IA 305 -85.64 43.94 -65.29
C ASN IA 305 -85.39 42.45 -65.07
N ILE IA 306 -84.91 41.72 -66.09
CA ILE IA 306 -84.41 40.35 -65.98
C ILE IA 306 -82.94 40.64 -65.96
N ASP IA 307 -82.19 40.06 -64.92
CA ASP IA 307 -80.81 40.13 -64.79
C ASP IA 307 -80.33 38.74 -65.12
N ILE IA 308 -79.44 38.63 -66.18
CA ILE IA 308 -78.95 37.36 -66.70
C ILE IA 308 -77.72 36.86 -65.99
N GLY IA 309 -77.09 37.77 -65.25
CA GLY IA 309 -75.87 37.47 -64.52
C GLY IA 309 -76.17 36.69 -63.32
N LEU IA 310 -77.29 36.96 -62.62
CA LEU IA 310 -77.77 36.19 -61.51
C LEU IA 310 -78.11 34.81 -61.92
N LEU IA 311 -78.77 34.69 -63.10
CA LEU IA 311 -79.24 33.47 -63.64
C LEU IA 311 -78.09 32.52 -63.95
N ASN IA 312 -77.00 33.06 -64.51
CA ASN IA 312 -75.99 32.35 -65.07
C ASN IA 312 -75.10 31.87 -63.95
N LYS IA 313 -74.93 32.65 -62.85
CA LYS IA 313 -74.02 32.36 -61.77
C LYS IA 313 -74.51 31.24 -60.89
N SER IA 314 -75.90 31.04 -60.96
CA SER IA 314 -76.69 29.98 -60.37
C SER IA 314 -76.56 28.76 -61.11
N LYS IA 315 -76.19 28.78 -62.39
CA LYS IA 315 -76.22 27.55 -63.20
C LYS IA 315 -74.98 26.77 -62.83
N SER IA 316 -73.84 27.50 -62.74
CA SER IA 316 -72.55 26.92 -62.52
C SER IA 316 -72.29 26.42 -61.08
N SER IA 317 -72.66 27.24 -60.03
CA SER IA 317 -72.24 26.87 -58.72
C SER IA 317 -73.15 25.86 -58.21
N LEU IA 318 -74.47 26.06 -58.42
CA LEU IA 318 -75.56 25.09 -57.98
C LEU IA 318 -76.02 24.37 -59.27
N ASP IA 319 -75.74 23.07 -59.30
CA ASP IA 319 -75.88 22.14 -60.35
C ASP IA 319 -77.31 21.58 -60.39
N GLY IA 320 -77.44 20.71 -61.37
CA GLY IA 320 -78.64 20.06 -61.64
C GLY IA 320 -78.62 18.57 -61.26
N LYS IA 321 -77.37 18.03 -61.21
CA LYS IA 321 -77.15 16.64 -60.93
C LYS IA 321 -76.93 16.52 -59.44
N PHE IA 322 -77.30 17.58 -58.69
CA PHE IA 322 -77.57 17.48 -57.29
C PHE IA 322 -78.98 17.90 -57.15
N SER IA 323 -79.85 17.19 -56.46
CA SER IA 323 -81.28 17.36 -56.40
C SER IA 323 -81.70 18.58 -55.66
N LEU IA 324 -80.97 18.90 -54.56
CA LEU IA 324 -81.20 19.95 -53.63
C LEU IA 324 -80.82 21.22 -54.30
N PHE IA 325 -79.66 21.20 -54.97
CA PHE IA 325 -79.13 22.33 -55.71
C PHE IA 325 -80.10 22.67 -56.86
N HIS IA 326 -80.62 21.69 -57.54
CA HIS IA 326 -81.53 21.95 -58.62
C HIS IA 326 -82.77 22.70 -58.14
N THR IA 327 -83.26 22.24 -57.02
CA THR IA 327 -84.51 22.67 -56.33
C THR IA 327 -84.53 24.09 -55.88
N ALA IA 328 -83.31 24.46 -55.40
CA ALA IA 328 -83.07 25.83 -54.90
C ALA IA 328 -83.16 26.84 -56.01
N VAL IA 329 -82.56 26.54 -57.17
CA VAL IA 329 -82.55 27.40 -58.34
C VAL IA 329 -83.80 27.47 -59.01
N SER IA 330 -84.57 26.33 -59.05
CA SER IA 330 -85.79 26.26 -59.80
C SER IA 330 -86.76 27.19 -59.16
N VAL IA 331 -86.81 27.11 -57.79
CA VAL IA 331 -87.70 27.97 -57.01
C VAL IA 331 -87.26 29.44 -57.21
N ALA IA 332 -85.99 29.72 -57.09
CA ALA IA 332 -85.45 31.09 -57.07
C ALA IA 332 -85.82 31.93 -58.31
N ASN IA 333 -85.73 31.22 -59.44
CA ASN IA 333 -85.83 31.83 -60.74
C ASN IA 333 -87.22 31.90 -61.23
N GLY IA 334 -88.11 31.24 -60.50
CA GLY IA 334 -89.53 31.23 -60.64
C GLY IA 334 -90.16 32.44 -60.01
N PHE IA 335 -89.56 32.83 -58.81
CA PHE IA 335 -89.92 33.95 -58.00
C PHE IA 335 -89.47 35.15 -58.78
N MET IA 336 -88.25 35.07 -59.32
CA MET IA 336 -87.58 36.17 -59.99
C MET IA 336 -88.26 36.68 -61.21
N HIS IA 337 -88.88 35.83 -62.10
CA HIS IA 337 -89.62 36.11 -63.29
C HIS IA 337 -91.04 35.99 -63.05
N ALA IA 338 -91.43 36.11 -61.75
CA ALA IA 338 -92.81 35.89 -61.29
C ALA IA 338 -93.83 36.90 -61.78
N GLY IA 339 -94.91 36.40 -62.47
CA GLY IA 339 -96.05 37.28 -62.81
C GLY IA 339 -95.94 37.84 -64.17
N THR IA 340 -94.80 37.63 -64.85
CA THR IA 340 -94.46 38.09 -66.12
C THR IA 340 -94.22 36.84 -66.82
N THR IA 341 -95.15 36.43 -67.73
CA THR IA 341 -94.87 35.24 -68.60
C THR IA 341 -93.52 35.42 -69.38
N ASP IA 342 -92.54 34.44 -69.31
CA ASP IA 342 -91.23 34.45 -70.03
C ASP IA 342 -90.86 33.08 -70.22
N ASN IA 343 -90.18 32.79 -71.37
CA ASN IA 343 -89.58 31.55 -71.81
C ASN IA 343 -88.10 31.68 -71.89
N SER IA 344 -87.60 32.90 -71.41
CA SER IA 344 -86.23 33.24 -71.41
C SER IA 344 -85.37 32.31 -70.56
N PHE IA 345 -85.97 32.02 -69.37
CA PHE IA 345 -85.50 31.06 -68.39
C PHE IA 345 -85.31 29.66 -68.96
N ILE IA 346 -86.38 29.22 -69.71
CA ILE IA 346 -86.49 27.85 -70.21
C ILE IA 346 -85.40 27.58 -71.27
N LYS IA 347 -85.15 28.51 -72.17
CA LYS IA 347 -84.25 28.55 -73.21
C LYS IA 347 -82.88 28.75 -72.66
N ALA IA 348 -82.75 29.52 -71.57
CA ALA IA 348 -81.47 29.75 -70.98
C ALA IA 348 -80.87 28.49 -70.36
N ASN IA 349 -81.67 27.75 -69.55
CA ASN IA 349 -81.32 26.68 -68.69
C ASN IA 349 -81.90 25.41 -69.28
N LEU IA 350 -81.70 25.33 -70.62
CA LEU IA 350 -82.21 24.26 -71.48
C LEU IA 350 -81.31 23.07 -71.17
N PRO IA 351 -79.94 23.07 -71.08
CA PRO IA 351 -79.11 21.83 -70.86
C PRO IA 351 -79.21 21.43 -69.42
N TRP IA 352 -79.56 22.40 -68.55
CA TRP IA 352 -79.79 22.24 -67.10
C TRP IA 352 -81.09 21.52 -66.81
N LEU IA 353 -82.11 21.71 -67.68
CA LEU IA 353 -83.34 21.01 -67.57
C LEU IA 353 -83.28 19.48 -67.68
N GLY IA 354 -82.36 18.97 -68.48
CA GLY IA 354 -82.22 17.60 -68.77
C GLY IA 354 -81.42 16.90 -67.69
N LYS IA 355 -80.90 17.72 -66.65
CA LYS IA 355 -80.17 17.20 -65.50
C LYS IA 355 -81.06 16.95 -64.33
N ALA IA 356 -82.36 17.44 -64.40
CA ALA IA 356 -83.36 17.23 -63.35
C ALA IA 356 -83.61 15.76 -63.08
N GLN IA 357 -84.10 15.48 -61.88
CA GLN IA 357 -84.31 14.15 -61.46
C GLN IA 357 -85.35 14.13 -60.39
N ASN IA 358 -86.05 12.98 -60.17
CA ASN IA 358 -86.85 12.73 -58.99
C ASN IA 358 -87.89 13.90 -58.70
N TRP IA 359 -88.02 14.28 -57.41
CA TRP IA 359 -88.91 15.29 -56.93
C TRP IA 359 -88.43 16.69 -57.18
N ALA IA 360 -87.17 16.82 -57.61
CA ALA IA 360 -86.57 18.10 -58.06
C ALA IA 360 -87.21 18.47 -59.38
N LYS IA 361 -87.46 17.43 -60.19
CA LYS IA 361 -88.10 17.52 -61.52
C LYS IA 361 -89.50 17.99 -61.28
N PHE IA 362 -90.12 17.58 -60.14
CA PHE IA 362 -91.49 18.05 -59.87
C PHE IA 362 -91.65 19.48 -59.63
N THR IA 363 -90.70 20.09 -58.85
CA THR IA 363 -90.55 21.48 -58.38
C THR IA 363 -90.27 22.37 -59.57
N ALA IA 364 -89.46 21.87 -60.50
CA ALA IA 364 -88.98 22.59 -61.70
C ALA IA 364 -90.14 22.93 -62.53
N THR IA 365 -91.12 21.96 -62.62
CA THR IA 365 -92.41 22.01 -63.30
C THR IA 365 -93.34 23.00 -62.62
N ALA IA 366 -93.41 22.92 -61.22
CA ALA IA 366 -94.21 23.77 -60.39
C ALA IA 366 -93.81 25.20 -60.52
N SER IA 367 -92.54 25.47 -60.67
CA SER IA 367 -92.01 26.85 -60.83
C SER IA 367 -92.43 27.68 -62.03
N LEU IA 368 -92.73 27.06 -63.13
CA LEU IA 368 -93.22 27.70 -64.31
C LEU IA 368 -94.55 28.42 -64.11
N GLY IA 369 -95.39 27.89 -63.16
CA GLY IA 369 -96.69 28.52 -62.94
C GLY IA 369 -96.48 29.84 -62.27
N VAL IA 370 -95.39 29.99 -61.51
CA VAL IA 370 -95.05 31.19 -60.90
C VAL IA 370 -94.57 32.17 -61.89
N ILE IA 371 -93.78 31.67 -62.90
CA ILE IA 371 -93.41 32.52 -64.00
C ILE IA 371 -94.59 33.03 -64.87
N HIS IA 372 -95.52 32.14 -65.11
CA HIS IA 372 -96.64 32.33 -66.06
C HIS IA 372 -97.83 32.76 -65.41
N LYS IA 373 -97.78 33.24 -64.14
CA LYS IA 373 -98.87 33.76 -63.38
C LYS IA 373 -99.41 35.01 -64.07
N GLY IA 374 -100.71 35.27 -64.01
CA GLY IA 374 -101.36 36.36 -64.67
C GLY IA 374 -101.65 35.84 -66.06
N ASN IA 375 -101.93 36.79 -66.98
CA ASN IA 375 -102.05 36.51 -68.38
C ASN IA 375 -103.04 35.43 -68.66
N LEU IA 376 -104.30 35.68 -68.34
CA LEU IA 376 -105.31 34.66 -68.12
C LEU IA 376 -105.86 34.13 -69.44
N LEU IA 377 -105.70 34.88 -70.52
CA LEU IA 377 -106.02 34.51 -71.85
C LEU IA 377 -105.00 33.46 -72.34
N GLU IA 378 -103.71 33.67 -72.04
CA GLU IA 378 -102.61 32.88 -72.51
C GLU IA 378 -102.12 31.93 -71.49
N GLY IA 379 -102.87 31.84 -70.37
CA GLY IA 379 -102.43 31.17 -69.14
C GLY IA 379 -102.40 29.74 -69.17
N LYS IA 380 -103.38 29.09 -69.86
CA LYS IA 380 -103.59 27.69 -70.06
C LYS IA 380 -102.59 27.14 -71.07
N LYS IA 381 -102.37 27.95 -72.11
CA LYS IA 381 -101.71 27.64 -73.36
C LYS IA 381 -100.24 27.25 -73.13
N VAL IA 382 -99.67 27.97 -72.15
CA VAL IA 382 -98.35 27.82 -71.69
C VAL IA 382 -98.08 26.57 -70.73
N MET IA 383 -99.09 26.08 -70.02
CA MET IA 383 -99.03 24.83 -69.32
C MET IA 383 -99.57 23.65 -70.22
N ALA IA 384 -99.99 23.98 -71.49
CA ALA IA 384 -100.66 23.00 -72.33
C ALA IA 384 -99.81 21.91 -72.73
N PRO IA 385 -98.51 21.99 -73.12
CA PRO IA 385 -97.84 20.78 -73.54
C PRO IA 385 -97.32 19.99 -72.39
N TYR IA 386 -97.38 20.52 -71.16
CA TYR IA 386 -96.81 19.87 -70.01
C TYR IA 386 -98.00 19.21 -69.25
N LEU IA 387 -99.22 19.55 -69.65
CA LEU IA 387 -100.45 18.89 -69.26
C LEU IA 387 -100.61 17.45 -69.62
N PRO IA 388 -100.92 16.41 -68.82
CA PRO IA 388 -101.23 15.02 -69.34
C PRO IA 388 -102.18 14.91 -70.54
N GLY IA 389 -102.06 13.70 -71.22
CA GLY IA 389 -102.97 13.36 -72.29
C GLY IA 389 -102.28 13.81 -73.57
N SER IA 390 -101.18 14.59 -73.38
CA SER IA 390 -100.43 15.31 -74.43
C SER IA 390 -99.02 15.39 -73.87
N ARG IA 391 -98.67 14.53 -72.83
CA ARG IA 391 -97.35 14.39 -72.27
C ARG IA 391 -97.34 12.97 -71.71
N ALA IA 392 -96.05 12.40 -71.62
CA ALA IA 392 -95.90 11.00 -71.27
C ALA IA 392 -94.42 10.73 -70.91
N SER IA 393 -93.51 11.76 -70.90
CA SER IA 393 -92.07 11.63 -70.61
C SER IA 393 -91.76 11.44 -69.19
N SER IA 394 -92.51 12.20 -68.32
CA SER IA 394 -92.21 11.93 -66.89
C SER IA 394 -93.58 12.17 -66.21
N ARG IA 395 -93.77 11.53 -64.99
CA ARG IA 395 -95.00 11.57 -64.13
C ARG IA 395 -94.99 12.89 -63.36
N PHE IA 396 -93.80 13.43 -62.99
CA PHE IA 396 -93.52 14.73 -62.38
C PHE IA 396 -93.86 15.93 -63.29
N ILE IA 397 -93.65 15.74 -64.62
CA ILE IA 397 -94.01 16.88 -65.49
C ILE IA 397 -95.44 17.05 -65.59
N LYS IA 398 -96.13 15.90 -65.57
CA LYS IA 398 -97.60 15.84 -65.71
C LYS IA 398 -98.35 16.25 -64.45
N GLY IA 399 -97.79 15.90 -63.23
CA GLY IA 399 -98.24 16.17 -61.91
C GLY IA 399 -98.03 17.61 -61.53
N GLY IA 400 -96.73 18.15 -61.71
CA GLY IA 400 -96.51 19.52 -61.29
C GLY IA 400 -97.03 20.54 -62.24
N SER IA 401 -97.58 20.10 -63.44
CA SER IA 401 -98.12 20.99 -64.45
C SER IA 401 -99.52 21.55 -64.03
N LEU IA 402 -100.21 20.61 -63.27
CA LEU IA 402 -101.52 20.82 -62.68
C LEU IA 402 -101.42 21.66 -61.45
N TYR IA 403 -100.26 21.62 -60.67
CA TYR IA 403 -100.03 22.55 -59.58
C TYR IA 403 -99.82 23.91 -60.17
N GLY IA 404 -99.09 23.93 -61.31
CA GLY IA 404 -98.66 25.17 -62.02
C GLY IA 404 -99.89 25.86 -62.64
N LEU IA 405 -100.91 25.06 -63.15
CA LEU IA 405 -102.13 25.58 -63.69
C LEU IA 405 -102.96 26.32 -62.68
N GLY IA 406 -103.02 25.75 -61.44
CA GLY IA 406 -103.69 26.42 -60.33
C GLY IA 406 -103.23 27.73 -59.74
N LEU IA 407 -101.90 27.91 -59.75
CA LEU IA 407 -101.31 29.15 -59.29
C LEU IA 407 -101.82 30.33 -60.16
N ILE IA 408 -101.95 30.16 -61.49
CA ILE IA 408 -102.20 31.29 -62.46
C ILE IA 408 -103.60 31.74 -62.33
N TYR IA 409 -104.60 30.83 -62.27
CA TYR IA 409 -106.03 31.00 -62.31
C TYR IA 409 -106.62 30.94 -60.94
N ALA IA 410 -105.76 31.26 -59.93
CA ALA IA 410 -106.16 31.35 -58.53
C ALA IA 410 -107.12 32.52 -58.36
N GLY IA 411 -108.45 32.22 -58.03
CA GLY IA 411 -109.32 33.32 -57.78
C GLY IA 411 -109.93 33.90 -59.01
N PHE IA 412 -109.70 33.30 -60.24
CA PHE IA 412 -110.02 33.90 -61.52
C PHE IA 412 -110.50 32.81 -62.46
N GLY IA 413 -110.93 31.64 -61.82
CA GLY IA 413 -111.28 30.48 -62.57
C GLY IA 413 -112.17 29.67 -61.62
N ARG IA 414 -113.49 29.57 -62.02
CA ARG IA 414 -114.44 28.82 -61.27
C ARG IA 414 -114.90 27.66 -62.12
N ASP IA 415 -114.41 27.65 -63.33
CA ASP IA 415 -114.47 26.66 -64.34
C ASP IA 415 -113.29 25.77 -64.24
N THR IA 416 -112.19 26.35 -63.71
CA THR IA 416 -110.87 25.75 -63.65
C THR IA 416 -110.85 24.60 -62.77
N THR IA 417 -111.60 24.82 -61.68
CA THR IA 417 -111.70 23.89 -60.58
C THR IA 417 -112.26 22.61 -61.01
N ASP IA 418 -113.34 22.68 -61.84
CA ASP IA 418 -114.01 21.49 -62.41
C ASP IA 418 -113.17 20.62 -63.31
N TYR IA 419 -112.26 21.21 -64.14
CA TYR IA 419 -111.55 20.43 -65.09
C TYR IA 419 -110.58 19.50 -64.45
N LEU IA 420 -109.97 20.01 -63.33
CA LEU IA 420 -109.04 19.42 -62.43
C LEU IA 420 -109.84 18.46 -61.54
N LYS IA 421 -111.16 18.81 -61.32
CA LYS IA 421 -112.11 18.05 -60.45
C LYS IA 421 -112.27 16.61 -60.92
N ASN IA 422 -112.27 16.43 -62.28
CA ASN IA 422 -112.35 15.20 -62.94
C ASN IA 422 -111.23 14.24 -62.58
N ILE IA 423 -109.97 14.78 -62.59
CA ILE IA 423 -108.78 14.04 -62.30
C ILE IA 423 -108.76 13.59 -60.82
N ILE IA 424 -109.33 14.35 -59.83
CA ILE IA 424 -109.32 13.97 -58.44
C ILE IA 424 -110.11 12.74 -58.22
N VAL IA 425 -111.34 12.69 -58.65
CA VAL IA 425 -112.24 11.58 -58.45
C VAL IA 425 -111.80 10.39 -59.27
N GLU IA 426 -111.16 10.60 -60.44
CA GLU IA 426 -110.70 9.62 -61.42
C GLU IA 426 -109.69 8.66 -60.83
N ASN IA 427 -108.71 9.18 -60.07
CA ASN IA 427 -107.56 8.42 -59.68
C ASN IA 427 -107.71 7.81 -58.33
N SER IA 428 -108.83 8.06 -57.61
CA SER IA 428 -109.13 7.74 -56.21
C SER IA 428 -109.54 6.29 -56.06
N GLY IA 429 -109.79 5.55 -57.17
CA GLY IA 429 -110.06 4.16 -57.11
C GLY IA 429 -108.99 3.18 -57.71
N THR IA 430 -107.79 3.79 -57.91
CA THR IA 430 -106.72 3.15 -58.69
C THR IA 430 -105.43 3.67 -58.06
N SER IA 431 -105.54 4.03 -56.73
CA SER IA 431 -104.53 4.82 -56.11
C SER IA 431 -103.50 3.97 -55.43
N GLY IA 432 -103.53 2.62 -55.65
CA GLY IA 432 -102.49 1.73 -55.19
C GLY IA 432 -101.29 1.74 -56.17
N ASP IA 433 -101.37 2.47 -57.26
CA ASP IA 433 -100.37 2.58 -58.36
C ASP IA 433 -99.70 3.93 -58.16
N GLU IA 434 -98.32 3.86 -58.02
CA GLU IA 434 -97.43 4.88 -57.58
C GLU IA 434 -97.26 5.96 -58.56
N ASP IA 435 -97.13 5.60 -59.84
CA ASP IA 435 -97.11 6.61 -60.92
C ASP IA 435 -98.32 7.46 -60.89
N VAL IA 436 -99.47 6.82 -60.77
CA VAL IA 436 -100.76 7.50 -60.77
C VAL IA 436 -100.87 8.45 -59.60
N ASP IA 437 -100.44 8.10 -58.42
CA ASP IA 437 -100.37 8.87 -57.20
C ASP IA 437 -99.64 10.13 -57.45
N VAL IA 438 -98.52 10.20 -58.24
CA VAL IA 438 -97.81 11.41 -58.49
C VAL IA 438 -98.56 12.42 -59.29
N LEU IA 439 -99.37 11.99 -60.30
CA LEU IA 439 -100.30 12.80 -61.08
C LEU IA 439 -101.38 13.48 -60.25
N LEU IA 440 -101.87 12.70 -59.29
CA LEU IA 440 -102.86 13.15 -58.36
C LEU IA 440 -102.37 14.08 -57.30
N HIS IA 441 -101.08 13.97 -56.90
CA HIS IA 441 -100.43 14.80 -55.90
C HIS IA 441 -100.49 16.21 -56.30
N GLY IA 442 -100.13 16.51 -57.55
CA GLY IA 442 -100.15 17.82 -58.08
C GLY IA 442 -101.51 18.35 -58.33
N ALA IA 443 -102.50 17.57 -58.78
CA ALA IA 443 -103.90 18.10 -59.10
C ALA IA 443 -104.58 18.62 -57.83
N SER IA 444 -104.47 17.95 -56.67
CA SER IA 444 -104.98 18.21 -55.43
C SER IA 444 -104.45 19.60 -54.91
N LEU IA 445 -103.15 19.99 -55.03
CA LEU IA 445 -102.61 21.33 -54.76
C LEU IA 445 -103.21 22.36 -55.68
N GLY IA 446 -103.34 22.03 -57.00
CA GLY IA 446 -103.81 22.95 -58.05
C GLY IA 446 -105.23 23.39 -57.86
N ILE IA 447 -106.15 22.45 -57.53
CA ILE IA 447 -107.60 22.62 -57.33
C ILE IA 447 -107.77 23.34 -56.06
N GLY IA 448 -106.77 23.38 -55.13
CA GLY IA 448 -106.78 23.96 -53.84
C GLY IA 448 -106.66 25.49 -53.93
N LEU IA 449 -105.70 25.89 -54.84
CA LEU IA 449 -105.49 27.30 -55.21
C LEU IA 449 -106.67 27.87 -55.94
N ALA IA 450 -107.30 27.06 -56.79
CA ALA IA 450 -108.33 27.53 -57.63
C ALA IA 450 -109.58 27.80 -57.00
N ALA IA 451 -109.94 26.94 -56.05
CA ALA IA 451 -111.16 26.96 -55.34
C ALA IA 451 -110.87 27.61 -54.04
N MET IA 452 -109.71 28.31 -53.82
CA MET IA 452 -109.45 28.95 -52.57
C MET IA 452 -110.46 30.09 -52.33
N GLY IA 453 -111.29 30.11 -51.29
CA GLY IA 453 -112.18 31.22 -51.09
C GLY IA 453 -113.33 31.19 -52.04
N SER IA 454 -113.97 30.06 -52.19
CA SER IA 454 -115.08 29.90 -52.99
C SER IA 454 -116.03 28.99 -52.40
N ALA IA 455 -115.42 28.12 -51.54
CA ALA IA 455 -116.02 27.16 -50.64
C ALA IA 455 -116.91 26.14 -51.38
N ASN IA 456 -116.32 25.38 -52.23
CA ASN IA 456 -117.12 24.44 -53.01
C ASN IA 456 -117.07 23.08 -52.38
N ILE IA 457 -118.25 22.51 -52.10
CA ILE IA 457 -118.45 21.31 -51.37
C ILE IA 457 -118.08 20.17 -52.35
N GLU IA 458 -118.08 20.40 -53.69
CA GLU IA 458 -117.76 19.43 -54.68
C GLU IA 458 -116.36 19.04 -54.65
N VAL IA 459 -115.52 20.08 -54.56
CA VAL IA 459 -114.14 20.03 -54.61
C VAL IA 459 -113.68 19.33 -53.34
N TYR IA 460 -114.42 19.60 -52.23
CA TYR IA 460 -114.12 19.14 -50.91
C TYR IA 460 -114.28 17.72 -50.81
N GLU IA 461 -115.38 17.28 -51.41
CA GLU IA 461 -115.85 15.90 -51.43
C GLU IA 461 -114.90 15.11 -52.19
N ALA IA 462 -114.34 15.67 -53.26
CA ALA IA 462 -113.26 15.00 -54.10
C ALA IA 462 -111.95 14.79 -53.35
N LEU IA 463 -111.48 15.79 -52.54
CA LEU IA 463 -110.18 15.64 -51.90
C LEU IA 463 -110.28 14.79 -50.64
N LYS IA 464 -111.53 14.58 -50.17
CA LYS IA 464 -111.86 13.78 -48.98
C LYS IA 464 -111.70 12.31 -49.32
N GLU IA 465 -111.85 11.91 -50.52
CA GLU IA 465 -111.72 10.47 -50.87
C GLU IA 465 -110.25 10.04 -50.98
N VAL IA 466 -109.30 10.96 -51.40
CA VAL IA 466 -107.85 10.75 -51.57
C VAL IA 466 -107.30 10.61 -50.22
N LEU IA 467 -107.78 11.37 -49.26
CA LEU IA 467 -107.52 11.39 -47.87
C LEU IA 467 -108.01 10.19 -47.19
N TYR IA 468 -109.23 9.65 -47.54
CA TYR IA 468 -109.79 8.52 -46.78
C TYR IA 468 -109.02 7.20 -47.27
N ASN IA 469 -108.39 7.20 -48.48
CA ASN IA 469 -107.57 6.15 -49.00
C ASN IA 469 -106.28 5.92 -48.12
N ASP IA 470 -105.65 7.07 -47.73
CA ASP IA 470 -104.46 7.20 -47.05
C ASP IA 470 -103.31 7.30 -48.07
N SER IA 471 -103.48 8.14 -49.17
CA SER IA 471 -102.56 8.21 -50.25
C SER IA 471 -101.25 8.77 -49.74
N ALA IA 472 -100.21 8.16 -50.37
CA ALA IA 472 -98.85 8.35 -49.80
C ALA IA 472 -98.38 9.81 -49.71
N THR IA 473 -98.52 10.59 -50.84
CA THR IA 473 -98.10 11.98 -50.83
C THR IA 473 -99.27 12.85 -51.13
N SER IA 474 -100.23 12.25 -51.81
CA SER IA 474 -101.38 12.99 -52.23
C SER IA 474 -102.45 13.19 -51.17
N GLY IA 475 -102.32 12.45 -49.96
CA GLY IA 475 -103.24 12.71 -48.92
C GLY IA 475 -102.79 13.95 -48.19
N GLU IA 476 -101.45 14.16 -48.24
CA GLU IA 476 -100.91 15.28 -47.63
C GLU IA 476 -101.34 16.55 -48.31
N ALA IA 477 -101.28 16.53 -49.68
CA ALA IA 477 -101.73 17.60 -50.62
C ALA IA 477 -103.22 17.91 -50.59
N ALA IA 478 -103.99 16.82 -50.51
CA ALA IA 478 -105.44 16.93 -50.42
C ALA IA 478 -106.01 17.59 -49.10
N ALA IA 479 -105.39 17.28 -47.90
CA ALA IA 479 -105.70 17.80 -46.54
C ALA IA 479 -105.46 19.31 -46.52
N LEU IA 480 -104.31 19.78 -47.14
CA LEU IA 480 -103.96 21.21 -47.25
C LEU IA 480 -105.03 21.83 -48.15
N GLY IA 481 -105.41 21.22 -49.29
CA GLY IA 481 -106.31 21.76 -50.24
C GLY IA 481 -107.70 21.99 -49.75
N MET IA 482 -108.15 21.23 -48.69
CA MET IA 482 -109.44 21.33 -48.06
C MET IA 482 -109.46 22.56 -47.23
N GLY IA 483 -108.33 22.93 -46.66
CA GLY IA 483 -108.30 24.16 -45.83
C GLY IA 483 -108.32 25.47 -46.57
N LEU IA 484 -107.63 25.41 -47.74
CA LEU IA 484 -107.54 26.52 -48.73
C LEU IA 484 -108.94 26.85 -49.23
N CYS IA 485 -109.73 25.78 -49.55
CA CYS IA 485 -111.02 25.87 -50.12
C CYS IA 485 -111.97 26.57 -49.21
N MET IA 486 -111.99 25.98 -47.98
CA MET IA 486 -113.02 26.32 -46.96
C MET IA 486 -112.37 27.32 -45.99
N LEU IA 487 -111.56 28.24 -46.49
CA LEU IA 487 -110.88 29.34 -45.84
C LEU IA 487 -111.81 30.41 -45.18
N GLY IA 488 -111.72 30.48 -43.83
CA GLY IA 488 -112.54 31.37 -43.02
C GLY IA 488 -113.91 30.92 -42.72
N THR IA 489 -114.38 29.73 -43.14
CA THR IA 489 -115.76 29.32 -43.02
C THR IA 489 -116.16 29.05 -41.57
N GLY IA 490 -115.33 28.23 -40.87
CA GLY IA 490 -115.47 27.88 -39.45
C GLY IA 490 -116.52 26.91 -39.24
N LYS IA 491 -117.02 26.24 -40.30
CA LYS IA 491 -118.14 25.32 -40.32
C LYS IA 491 -117.82 24.04 -39.59
N PRO IA 492 -118.66 23.46 -38.79
CA PRO IA 492 -118.32 22.31 -37.86
C PRO IA 492 -118.04 21.06 -38.53
N GLU IA 493 -118.64 20.86 -39.70
CA GLU IA 493 -118.61 19.71 -40.53
C GLU IA 493 -117.21 19.47 -41.00
N ALA IA 494 -116.51 20.57 -41.51
CA ALA IA 494 -115.13 20.56 -42.01
C ALA IA 494 -114.21 20.44 -40.88
N ILE IA 495 -114.55 21.13 -39.81
CA ILE IA 495 -113.83 21.06 -38.59
C ILE IA 495 -113.85 19.63 -38.01
N HIS IA 496 -114.98 18.91 -37.91
CA HIS IA 496 -115.01 17.53 -37.32
C HIS IA 496 -114.38 16.55 -38.19
N ASP IA 497 -114.55 16.68 -39.51
CA ASP IA 497 -114.18 15.76 -40.57
C ASP IA 497 -112.68 15.63 -40.63
N MET IA 498 -111.91 16.74 -40.76
CA MET IA 498 -110.42 16.75 -40.65
C MET IA 498 -109.94 16.38 -39.25
N PHE IA 499 -110.56 16.74 -38.14
CA PHE IA 499 -110.02 16.57 -36.78
C PHE IA 499 -109.90 15.20 -36.36
N THR IA 500 -111.01 14.44 -36.68
CA THR IA 500 -111.06 13.02 -36.34
C THR IA 500 -110.03 12.24 -37.15
N TYR IA 501 -109.87 12.61 -38.45
CA TYR IA 501 -109.09 11.89 -39.48
C TYR IA 501 -107.59 11.99 -39.06
N SER IA 502 -107.24 12.94 -38.21
CA SER IA 502 -105.86 13.16 -37.83
C SER IA 502 -105.40 12.15 -36.73
N GLN IA 503 -106.37 11.57 -36.04
CA GLN IA 503 -106.19 10.56 -35.04
C GLN IA 503 -106.11 9.25 -35.80
N GLU IA 504 -106.95 9.13 -36.89
CA GLU IA 504 -107.14 7.91 -37.60
C GLU IA 504 -105.89 7.56 -38.38
N THR IA 505 -105.26 8.61 -38.98
CA THR IA 505 -104.08 8.41 -39.74
C THR IA 505 -102.92 7.95 -38.96
N GLN IA 506 -101.99 7.23 -39.60
CA GLN IA 506 -100.84 6.71 -38.92
C GLN IA 506 -99.66 7.31 -39.78
N HIS IA 507 -99.93 8.30 -40.74
CA HIS IA 507 -98.82 8.85 -41.49
C HIS IA 507 -98.73 10.31 -41.18
N GLY IA 508 -97.54 10.76 -40.75
CA GLY IA 508 -97.33 12.03 -40.12
C GLY IA 508 -97.45 13.32 -41.05
N ASN IA 509 -97.26 13.05 -42.36
CA ASN IA 509 -97.43 14.07 -43.36
C ASN IA 509 -98.89 14.49 -43.45
N ILE IA 510 -99.75 13.47 -43.49
CA ILE IA 510 -101.14 13.58 -43.56
C ILE IA 510 -101.69 14.20 -42.40
N THR IA 511 -101.10 13.91 -41.22
CA THR IA 511 -101.54 14.44 -39.88
C THR IA 511 -101.21 15.99 -39.85
N ARG IA 512 -99.99 16.29 -40.29
CA ARG IA 512 -99.46 17.68 -40.48
C ARG IA 512 -100.24 18.54 -41.43
N GLY IA 513 -100.66 17.92 -42.55
CA GLY IA 513 -101.42 18.56 -43.57
C GLY IA 513 -102.84 18.94 -43.13
N LEU IA 514 -103.49 18.08 -42.28
CA LEU IA 514 -104.80 18.33 -41.73
C LEU IA 514 -104.66 19.35 -40.67
N ALA IA 515 -103.69 19.26 -39.79
CA ALA IA 515 -103.53 20.12 -38.67
C ALA IA 515 -103.28 21.56 -39.11
N VAL IA 516 -102.50 21.68 -40.19
CA VAL IA 516 -102.39 22.96 -40.89
C VAL IA 516 -103.65 23.43 -41.58
N GLY IA 517 -104.38 22.48 -42.19
CA GLY IA 517 -105.61 22.69 -42.91
C GLY IA 517 -106.74 23.17 -42.11
N LEU IA 518 -106.71 22.88 -40.81
CA LEU IA 518 -107.59 23.31 -39.83
C LEU IA 518 -107.35 24.69 -39.40
N ALA IA 519 -106.10 25.25 -39.44
CA ALA IA 519 -105.90 26.61 -39.12
C ALA IA 519 -106.55 27.56 -40.16
N LEU IA 520 -106.38 27.19 -41.46
CA LEU IA 520 -106.86 27.86 -42.62
C LEU IA 520 -108.39 28.00 -42.64
N ILE IA 521 -109.17 26.98 -42.25
CA ILE IA 521 -110.62 27.10 -42.04
C ILE IA 521 -111.07 28.18 -40.96
N ASN IA 522 -110.33 28.34 -39.91
CA ASN IA 522 -110.57 29.18 -38.74
C ASN IA 522 -109.94 30.53 -39.00
N TYR IA 523 -109.63 30.90 -40.22
CA TYR IA 523 -109.02 32.18 -40.65
C TYR IA 523 -109.87 33.25 -40.16
N GLY IA 524 -109.46 33.97 -39.09
CA GLY IA 524 -110.03 35.20 -38.68
C GLY IA 524 -111.17 35.08 -37.68
N ARG IA 525 -111.38 33.94 -37.05
CA ARG IA 525 -112.61 33.44 -36.40
C ARG IA 525 -112.52 33.69 -34.99
N GLN IA 526 -111.40 34.23 -34.54
CA GLN IA 526 -111.15 34.73 -33.14
C GLN IA 526 -111.42 33.69 -32.08
N GLU IA 527 -112.33 34.12 -31.14
CA GLU IA 527 -112.71 33.45 -29.89
C GLU IA 527 -113.88 32.49 -30.14
N LEU IA 528 -114.04 32.09 -31.40
CA LEU IA 528 -114.96 31.08 -31.71
C LEU IA 528 -114.13 29.95 -32.17
N ALA IA 529 -112.80 30.14 -32.21
CA ALA IA 529 -111.85 29.06 -32.70
C ALA IA 529 -111.21 28.61 -31.51
N ASP IA 530 -111.57 29.09 -30.27
CA ASP IA 530 -110.96 28.70 -29.03
C ASP IA 530 -111.14 27.22 -28.66
N ASP IA 531 -112.32 26.65 -29.07
CA ASP IA 531 -112.69 25.34 -28.84
C ASP IA 531 -111.74 24.39 -29.51
N LEU IA 532 -111.33 24.67 -30.80
CA LEU IA 532 -110.46 23.83 -31.54
C LEU IA 532 -109.07 23.84 -30.97
N ILE IA 533 -108.48 24.99 -30.59
CA ILE IA 533 -107.16 25.16 -30.14
C ILE IA 533 -106.85 24.22 -28.94
N THR IA 534 -107.83 24.20 -28.03
CA THR IA 534 -107.86 23.54 -26.76
C THR IA 534 -107.78 22.09 -26.92
N LYS IA 535 -108.66 21.54 -27.84
CA LYS IA 535 -108.72 20.14 -28.10
C LYS IA 535 -107.41 19.64 -28.78
N MET IA 536 -106.91 20.54 -29.68
CA MET IA 536 -105.70 20.31 -30.51
C MET IA 536 -104.42 20.35 -29.76
N LEU IA 537 -104.18 21.21 -28.75
CA LEU IA 537 -102.90 21.24 -28.11
C LEU IA 537 -102.88 20.27 -26.99
N ALA IA 538 -104.13 19.91 -26.60
CA ALA IA 538 -104.35 18.97 -25.50
C ALA IA 538 -104.06 17.52 -25.91
N SER IA 539 -104.20 17.17 -27.23
CA SER IA 539 -103.91 15.85 -27.80
C SER IA 539 -102.41 15.70 -27.85
N ASP IA 540 -101.89 14.42 -27.85
CA ASP IA 540 -100.57 14.06 -27.52
C ASP IA 540 -99.72 14.09 -28.71
N GLU IA 541 -100.26 14.15 -29.97
CA GLU IA 541 -99.44 14.28 -31.16
C GLU IA 541 -98.83 15.61 -31.48
N SER IA 542 -97.46 15.54 -31.82
CA SER IA 542 -96.56 16.61 -32.12
C SER IA 542 -96.95 17.42 -33.31
N LEU IA 543 -97.57 16.70 -34.31
CA LEU IA 543 -98.19 17.17 -35.53
C LEU IA 543 -99.42 18.02 -35.25
N LEU IA 544 -100.26 17.65 -34.22
CA LEU IA 544 -101.40 18.38 -33.99
C LEU IA 544 -101.00 19.72 -33.40
N ARG IA 545 -99.93 19.77 -32.56
CA ARG IA 545 -99.43 20.87 -31.81
C ARG IA 545 -98.73 21.82 -32.73
N TYR IA 546 -98.14 21.26 -33.81
CA TYR IA 546 -97.50 21.97 -34.83
C TYR IA 546 -98.43 22.92 -35.58
N GLY IA 547 -99.57 22.34 -35.92
CA GLY IA 547 -100.54 23.11 -36.67
C GLY IA 547 -101.45 23.91 -35.77
N GLY IA 548 -101.65 23.50 -34.48
CA GLY IA 548 -102.54 24.18 -33.62
C GLY IA 548 -101.97 25.54 -33.20
N ALA IA 549 -100.64 25.68 -33.39
CA ALA IA 549 -99.97 26.91 -33.14
C ALA IA 549 -100.34 27.91 -34.20
N PHE IA 550 -100.64 27.37 -35.43
CA PHE IA 550 -100.86 28.24 -36.55
C PHE IA 550 -102.41 28.50 -36.61
N THR IA 551 -103.22 27.75 -35.81
CA THR IA 551 -104.65 27.88 -35.65
C THR IA 551 -104.89 29.14 -34.83
N ILE IA 552 -104.03 29.33 -33.80
CA ILE IA 552 -103.94 30.55 -33.02
C ILE IA 552 -103.55 31.77 -33.84
N ALA IA 553 -102.55 31.51 -34.73
CA ALA IA 553 -101.93 32.53 -35.45
C ALA IA 553 -102.96 33.15 -36.46
N LEU IA 554 -103.78 32.39 -37.23
CA LEU IA 554 -104.72 32.83 -38.20
C LEU IA 554 -106.07 33.23 -37.60
N ALA IA 555 -106.50 32.61 -36.44
CA ALA IA 555 -107.73 32.91 -35.76
C ALA IA 555 -107.59 34.30 -35.22
N TYR IA 556 -106.45 34.73 -34.61
CA TYR IA 556 -106.41 35.98 -33.97
C TYR IA 556 -105.40 36.85 -34.68
N ALA IA 557 -105.21 36.70 -36.03
CA ALA IA 557 -104.33 37.57 -36.82
C ALA IA 557 -104.77 38.97 -36.73
N GLY IA 558 -103.72 39.84 -36.67
CA GLY IA 558 -103.82 41.32 -36.73
C GLY IA 558 -104.63 41.85 -35.58
N THR IA 559 -104.61 41.10 -34.44
CA THR IA 559 -105.18 41.50 -33.22
C THR IA 559 -104.30 40.93 -32.14
N GLY IA 560 -103.74 41.83 -31.28
CA GLY IA 560 -102.90 41.50 -30.12
C GLY IA 560 -103.69 41.08 -28.92
N ASN IA 561 -104.16 39.79 -28.86
CA ASN IA 561 -104.99 39.34 -27.77
C ASN IA 561 -103.94 38.69 -26.83
N ASN IA 562 -104.20 38.78 -25.48
CA ASN IA 562 -103.23 38.36 -24.54
C ASN IA 562 -103.29 36.91 -24.41
N SER IA 563 -104.51 36.31 -24.61
CA SER IA 563 -104.64 34.83 -24.61
C SER IA 563 -103.80 34.15 -25.65
N ALA IA 564 -103.86 34.79 -26.83
CA ALA IA 564 -103.28 34.20 -28.09
C ALA IA 564 -101.76 34.18 -27.94
N VAL IA 565 -101.29 35.35 -27.44
CA VAL IA 565 -99.88 35.62 -27.31
C VAL IA 565 -99.15 34.80 -26.20
N LYS IA 566 -99.82 34.74 -25.01
CA LYS IA 566 -99.28 34.02 -23.91
C LYS IA 566 -99.13 32.53 -24.17
N ARG IA 567 -100.21 31.91 -24.82
CA ARG IA 567 -100.33 30.54 -25.10
C ARG IA 567 -99.24 30.09 -26.06
N LEU IA 568 -98.86 30.87 -27.12
CA LEU IA 568 -97.81 30.63 -28.11
C LEU IA 568 -96.45 30.65 -27.47
N LEU IA 569 -96.23 31.58 -26.54
CA LEU IA 569 -95.03 31.68 -25.77
C LEU IA 569 -94.82 30.55 -24.77
N HIS IA 570 -95.91 30.11 -24.09
CA HIS IA 570 -95.95 29.13 -23.05
C HIS IA 570 -95.59 27.80 -23.59
N VAL IA 571 -96.16 27.44 -24.74
CA VAL IA 571 -95.86 26.18 -25.48
C VAL IA 571 -94.41 26.19 -26.00
N ALA IA 572 -93.84 27.31 -26.45
CA ALA IA 572 -92.51 27.37 -27.02
C ALA IA 572 -91.52 26.96 -25.95
N VAL IA 573 -91.65 27.52 -24.70
CA VAL IA 573 -90.77 27.10 -23.60
C VAL IA 573 -91.11 25.63 -23.20
N SER IA 574 -92.36 25.29 -22.83
CA SER IA 574 -92.77 24.09 -22.10
C SER IA 574 -92.62 22.80 -22.93
N ASP IA 575 -92.79 22.88 -24.29
CA ASP IA 575 -92.92 21.67 -25.14
C ASP IA 575 -91.57 21.73 -25.81
N SER IA 576 -90.86 20.61 -25.46
CA SER IA 576 -89.46 20.44 -25.69
C SER IA 576 -89.14 19.92 -27.07
N ASN IA 577 -90.13 19.43 -27.85
CA ASN IA 577 -89.85 18.94 -29.14
C ASN IA 577 -89.69 20.03 -30.13
N ASP IA 578 -88.89 19.68 -31.14
CA ASP IA 578 -88.34 20.64 -32.04
C ASP IA 578 -89.41 21.25 -32.99
N ASP IA 579 -90.42 20.48 -33.37
CA ASP IA 579 -91.44 20.98 -34.32
C ASP IA 579 -92.26 22.11 -33.63
N VAL IA 580 -92.70 21.73 -32.43
CA VAL IA 580 -93.62 22.47 -31.61
C VAL IA 580 -92.97 23.75 -31.19
N ARG IA 581 -91.65 23.68 -30.87
CA ARG IA 581 -90.77 24.82 -30.49
C ARG IA 581 -90.73 25.71 -31.65
N ARG IA 582 -90.54 25.23 -32.88
CA ARG IA 582 -90.23 26.11 -34.04
C ARG IA 582 -91.48 26.89 -34.49
N ALA IA 583 -92.65 26.21 -34.53
CA ALA IA 583 -93.93 26.63 -34.99
C ALA IA 583 -94.50 27.77 -34.22
N ALA IA 584 -94.31 27.67 -32.91
CA ALA IA 584 -94.98 28.65 -32.10
C ALA IA 584 -94.29 30.03 -32.18
N VAL IA 585 -92.93 30.06 -32.42
CA VAL IA 585 -92.22 31.31 -32.57
C VAL IA 585 -92.64 31.90 -33.91
N ILE IA 586 -92.83 31.18 -35.02
CA ILE IA 586 -93.25 31.64 -36.38
C ILE IA 586 -94.60 32.31 -36.28
N ALA IA 587 -95.50 31.60 -35.49
CA ALA IA 587 -96.89 31.96 -35.27
C ALA IA 587 -97.21 33.28 -34.60
N LEU IA 588 -96.20 33.82 -33.80
CA LEU IA 588 -96.40 35.11 -33.12
C LEU IA 588 -96.57 36.32 -33.94
N GLY IA 589 -95.81 36.49 -35.08
CA GLY IA 589 -95.81 37.64 -35.94
C GLY IA 589 -97.05 37.76 -36.78
N PHE IA 590 -97.84 36.63 -36.87
CA PHE IA 590 -99.15 36.71 -37.57
C PHE IA 590 -100.12 37.32 -36.69
N VAL IA 591 -100.01 37.03 -35.37
CA VAL IA 591 -100.89 37.65 -34.35
C VAL IA 591 -100.69 39.13 -34.18
N LEU IA 592 -99.42 39.54 -34.34
CA LEU IA 592 -98.89 40.89 -34.05
C LEU IA 592 -98.31 41.40 -35.29
N LEU IA 593 -99.09 41.22 -36.39
CA LEU IA 593 -98.74 41.66 -37.72
C LEU IA 593 -98.72 43.20 -37.85
N ARG IA 594 -99.69 43.84 -37.19
CA ARG IA 594 -99.90 45.18 -37.13
C ARG IA 594 -99.14 45.80 -35.94
N ASP IA 595 -98.48 44.99 -35.05
CA ASP IA 595 -97.78 45.48 -33.90
C ASP IA 595 -96.41 44.88 -34.04
N TYR IA 596 -95.77 45.19 -35.15
CA TYR IA 596 -94.58 44.60 -35.69
C TYR IA 596 -93.36 45.20 -35.01
N THR IA 597 -93.57 46.36 -34.35
CA THR IA 597 -92.50 47.01 -33.70
C THR IA 597 -92.00 46.47 -32.45
N THR IA 598 -92.91 45.75 -31.73
CA THR IA 598 -92.64 45.28 -30.39
C THR IA 598 -92.11 43.87 -30.48
N VAL IA 599 -92.32 43.20 -31.58
CA VAL IA 599 -91.85 41.85 -31.72
C VAL IA 599 -90.32 41.58 -31.55
N PRO IA 600 -89.43 42.44 -32.05
CA PRO IA 600 -87.98 42.36 -31.84
C PRO IA 600 -87.57 42.23 -30.43
N ARG IA 601 -88.27 42.91 -29.50
CA ARG IA 601 -88.07 42.81 -28.05
C ARG IA 601 -88.58 41.46 -27.56
N ILE IA 602 -89.75 40.98 -28.06
CA ILE IA 602 -90.21 39.82 -27.40
C ILE IA 602 -89.47 38.60 -27.80
N VAL IA 603 -88.92 38.47 -29.03
CA VAL IA 603 -88.25 37.25 -29.39
C VAL IA 603 -86.79 37.48 -29.31
N GLN IA 604 -86.40 38.60 -28.59
CA GLN IA 604 -85.01 38.94 -28.36
C GLN IA 604 -84.38 37.88 -27.59
N LEU IA 605 -85.13 37.34 -26.64
CA LEU IA 605 -84.74 36.33 -25.69
C LEU IA 605 -84.66 35.00 -26.37
N LEU IA 606 -85.53 34.72 -27.33
CA LEU IA 606 -85.49 33.48 -28.14
C LEU IA 606 -84.53 33.45 -29.29
N SER IA 607 -83.98 34.64 -29.70
CA SER IA 607 -82.91 34.74 -30.64
C SER IA 607 -81.68 34.23 -29.95
N LYS IA 608 -81.57 34.53 -28.69
CA LYS IA 608 -80.29 34.17 -28.06
C LYS IA 608 -80.19 32.74 -27.61
N SER IA 609 -81.39 32.04 -27.56
CA SER IA 609 -81.61 30.63 -27.13
C SER IA 609 -80.56 29.57 -27.46
N HIS IA 610 -80.39 28.59 -26.51
CA HIS IA 610 -79.37 27.57 -26.68
C HIS IA 610 -79.97 26.52 -27.53
N ASN IA 611 -81.22 26.67 -28.05
CA ASN IA 611 -81.96 25.67 -28.85
C ASN IA 611 -82.06 26.13 -30.22
N ALA IA 612 -81.47 25.38 -31.11
CA ALA IA 612 -81.32 25.73 -32.49
C ALA IA 612 -82.56 25.95 -33.22
N HIS IA 613 -83.59 25.11 -32.91
CA HIS IA 613 -84.88 25.06 -33.57
C HIS IA 613 -85.63 26.35 -33.41
N VAL IA 614 -85.52 26.85 -32.15
CA VAL IA 614 -86.21 28.01 -31.63
C VAL IA 614 -85.69 29.21 -32.40
N ARG IA 615 -84.43 29.32 -32.64
CA ARG IA 615 -83.78 30.34 -33.42
C ARG IA 615 -84.05 30.33 -34.89
N CYS IA 616 -84.35 29.15 -35.38
CA CYS IA 616 -84.75 28.98 -36.76
C CYS IA 616 -86.06 29.66 -36.99
N GLY IA 617 -87.01 29.39 -36.04
CA GLY IA 617 -88.38 29.92 -36.03
C GLY IA 617 -88.38 31.43 -35.76
N THR IA 618 -87.28 31.93 -35.11
CA THR IA 618 -87.15 33.35 -34.68
C THR IA 618 -86.99 34.12 -35.94
N ALA IA 619 -86.11 33.56 -36.78
CA ALA IA 619 -85.78 34.16 -38.01
C ALA IA 619 -86.91 34.28 -38.99
N PHE IA 620 -87.76 33.21 -39.12
CA PHE IA 620 -88.97 33.31 -40.05
C PHE IA 620 -89.95 34.37 -39.57
N ALA IA 621 -90.13 34.45 -38.19
CA ALA IA 621 -91.23 35.26 -37.57
C ALA IA 621 -90.97 36.68 -37.85
N LEU IA 622 -89.68 37.08 -37.67
CA LEU IA 622 -89.28 38.43 -37.96
C LEU IA 622 -89.38 38.84 -39.49
N GLY IA 623 -89.02 37.90 -40.39
CA GLY IA 623 -89.24 38.06 -41.81
C GLY IA 623 -90.67 38.39 -42.14
N ILE IA 624 -91.64 37.63 -41.63
CA ILE IA 624 -93.07 37.73 -41.91
C ILE IA 624 -93.55 38.98 -41.27
N ALA IA 625 -93.14 39.29 -40.05
CA ALA IA 625 -93.64 40.44 -39.33
C ALA IA 625 -93.36 41.76 -39.93
N CYS IA 626 -92.18 42.03 -40.40
CA CYS IA 626 -91.75 43.32 -40.92
C CYS IA 626 -91.52 43.37 -42.39
N ALA IA 627 -92.22 42.45 -43.13
CA ALA IA 627 -92.09 42.33 -44.56
C ALA IA 627 -92.58 43.58 -45.43
N GLY IA 628 -93.82 44.09 -45.08
CA GLY IA 628 -94.34 45.12 -45.95
C GLY IA 628 -94.31 46.49 -45.26
N LYS IA 629 -94.19 46.51 -43.96
CA LYS IA 629 -94.02 47.74 -43.28
C LYS IA 629 -92.69 47.54 -42.66
N GLY IA 630 -91.60 48.23 -43.14
CA GLY IA 630 -90.30 47.87 -42.61
C GLY IA 630 -90.03 48.25 -41.15
N LEU IA 631 -88.77 48.13 -40.73
CA LEU IA 631 -88.35 48.32 -39.35
C LEU IA 631 -86.97 47.80 -39.31
N GLN IA 632 -86.11 48.70 -38.74
CA GLN IA 632 -84.67 48.60 -38.69
C GLN IA 632 -84.33 47.51 -37.73
N SER IA 633 -85.06 47.32 -36.61
CA SER IA 633 -84.59 46.55 -35.42
C SER IA 633 -84.35 45.08 -35.88
N ALA IA 634 -85.37 44.54 -36.67
CA ALA IA 634 -85.37 43.21 -37.16
C ALA IA 634 -84.26 42.93 -38.04
N ILE IA 635 -83.83 43.87 -38.86
CA ILE IA 635 -82.77 43.63 -39.84
C ILE IA 635 -81.49 43.32 -39.05
N ASP IA 636 -81.26 44.14 -37.97
CA ASP IA 636 -80.18 43.97 -37.00
C ASP IA 636 -80.30 42.67 -36.25
N VAL IA 637 -81.44 42.28 -35.81
CA VAL IA 637 -81.58 40.97 -35.10
C VAL IA 637 -81.25 39.82 -36.00
N LEU IA 638 -81.60 39.91 -37.26
CA LEU IA 638 -81.51 38.85 -38.16
C LEU IA 638 -80.06 38.77 -38.61
N ASP IA 639 -79.17 39.78 -38.40
CA ASP IA 639 -77.83 39.59 -38.87
C ASP IA 639 -77.07 38.53 -38.09
N PRO IA 640 -77.11 38.36 -36.72
CA PRO IA 640 -76.39 37.32 -36.05
C PRO IA 640 -76.98 35.96 -36.35
N LEU IA 641 -78.20 35.89 -36.95
CA LEU IA 641 -78.84 34.65 -37.21
C LEU IA 641 -78.44 34.05 -38.48
N THR IA 642 -77.90 34.87 -39.40
CA THR IA 642 -77.21 34.51 -40.60
C THR IA 642 -75.95 33.76 -40.26
N LYS IA 643 -75.18 34.29 -39.28
CA LYS IA 643 -73.85 33.98 -38.90
C LYS IA 643 -73.85 32.96 -37.88
N ASP IA 644 -75.14 32.57 -37.35
CA ASP IA 644 -75.31 31.48 -36.35
C ASP IA 644 -74.83 30.14 -36.91
N PRO IA 645 -74.14 29.21 -36.22
CA PRO IA 645 -73.43 28.16 -36.89
C PRO IA 645 -74.29 27.04 -37.39
N VAL IA 646 -75.45 26.81 -36.71
CA VAL IA 646 -76.35 25.66 -37.11
C VAL IA 646 -76.91 25.86 -38.45
N ASP IA 647 -76.90 24.80 -39.28
CA ASP IA 647 -77.09 24.88 -40.73
C ASP IA 647 -78.33 25.50 -41.24
N PHE IA 648 -79.44 25.14 -40.68
CA PHE IA 648 -80.76 25.59 -41.00
C PHE IA 648 -81.20 26.92 -40.40
N VAL IA 649 -80.39 27.35 -39.38
CA VAL IA 649 -80.69 28.59 -38.66
C VAL IA 649 -80.33 29.72 -39.63
N ARG IA 650 -79.19 29.49 -40.25
CA ARG IA 650 -78.67 30.34 -41.28
C ARG IA 650 -79.60 30.38 -42.49
N GLN IA 651 -80.15 29.23 -42.92
CA GLN IA 651 -80.95 29.01 -44.08
C GLN IA 651 -82.16 29.86 -44.03
N ALA IA 652 -82.82 29.88 -42.82
CA ALA IA 652 -83.96 30.64 -42.44
C ALA IA 652 -83.71 32.09 -42.48
N ALA IA 653 -82.54 32.66 -41.92
CA ALA IA 653 -82.29 34.05 -41.85
C ALA IA 653 -82.16 34.72 -43.20
N MET IA 654 -81.53 34.05 -44.19
CA MET IA 654 -81.23 34.66 -45.52
C MET IA 654 -82.51 34.98 -46.26
N ILE IA 655 -83.46 34.05 -46.25
CA ILE IA 655 -84.74 34.14 -46.94
C ILE IA 655 -85.59 35.27 -46.40
N ALA IA 656 -85.46 35.46 -45.09
CA ALA IA 656 -86.23 36.33 -44.23
C ALA IA 656 -85.85 37.79 -44.47
N LEU IA 657 -84.52 38.01 -44.71
CA LEU IA 657 -83.99 39.39 -44.83
C LEU IA 657 -84.59 40.03 -46.08
N SER IA 658 -84.72 39.27 -47.14
CA SER IA 658 -85.22 39.72 -48.49
C SER IA 658 -86.74 39.96 -48.47
N MET IA 659 -87.45 39.47 -47.43
CA MET IA 659 -88.86 39.70 -47.28
C MET IA 659 -89.04 41.11 -46.79
N ILE IA 660 -88.21 41.49 -45.82
CA ILE IA 660 -88.22 42.80 -45.17
C ILE IA 660 -87.74 43.95 -46.07
N LEU IA 661 -86.64 43.69 -46.84
CA LEU IA 661 -85.93 44.74 -47.55
C LEU IA 661 -86.20 44.44 -49.05
N ILE IA 662 -87.37 43.73 -49.37
CA ILE IA 662 -88.07 43.90 -50.65
C ILE IA 662 -88.39 45.28 -50.91
N GLN IA 663 -88.24 45.82 -52.15
CA GLN IA 663 -88.19 47.31 -52.50
C GLN IA 663 -89.12 48.08 -51.65
N GLN IA 664 -88.55 48.99 -50.73
CA GLN IA 664 -89.27 49.99 -50.03
C GLN IA 664 -88.24 51.03 -50.00
N THR IA 665 -87.37 51.04 -48.97
CA THR IA 665 -86.44 52.08 -48.74
C THR IA 665 -85.10 51.37 -48.96
N GLU IA 666 -84.32 51.96 -49.90
CA GLU IA 666 -83.13 51.32 -50.42
C GLU IA 666 -82.32 52.40 -51.05
N LYS IA 667 -82.76 53.65 -50.91
CA LYS IA 667 -82.01 54.80 -51.36
C LYS IA 667 -81.39 55.48 -50.14
N LEU IA 668 -82.08 55.24 -48.94
CA LEU IA 668 -81.63 55.83 -47.73
C LEU IA 668 -80.81 54.68 -47.04
N ASN IA 669 -80.75 53.44 -47.71
CA ASN IA 669 -80.17 52.28 -47.12
C ASN IA 669 -79.07 51.63 -47.99
N PRO IA 670 -77.73 51.66 -47.53
CA PRO IA 670 -76.63 50.99 -48.21
C PRO IA 670 -76.79 49.42 -48.03
N GLN IA 671 -77.66 49.02 -47.04
CA GLN IA 671 -77.79 47.74 -46.41
C GLN IA 671 -78.25 46.75 -47.35
N VAL IA 672 -79.15 47.17 -48.25
CA VAL IA 672 -79.71 46.32 -49.27
C VAL IA 672 -78.67 45.74 -50.22
N ALA IA 673 -77.65 46.62 -50.58
CA ALA IA 673 -76.54 46.25 -51.46
C ALA IA 673 -75.66 45.25 -50.78
N ASP IA 674 -75.40 45.49 -49.50
CA ASP IA 674 -74.58 44.59 -48.68
C ASP IA 674 -75.14 43.20 -48.42
N ILE IA 675 -76.45 43.02 -48.10
CA ILE IA 675 -77.16 41.80 -47.92
C ILE IA 675 -77.31 41.02 -49.18
N ASN IA 676 -77.50 41.68 -50.31
CA ASN IA 676 -77.67 41.06 -51.57
C ASN IA 676 -76.41 40.28 -51.97
N LYS IA 677 -75.21 40.83 -51.66
CA LYS IA 677 -73.94 40.38 -52.24
C LYS IA 677 -73.42 39.38 -51.25
N ASN IA 678 -74.02 39.40 -50.00
CA ASN IA 678 -73.69 38.46 -48.92
C ASN IA 678 -74.23 37.09 -49.37
N PHE IA 679 -75.40 37.13 -50.07
CA PHE IA 679 -76.05 35.95 -50.67
C PHE IA 679 -75.16 35.41 -51.73
N LEU IA 680 -74.49 36.28 -52.56
CA LEU IA 680 -73.70 35.94 -53.70
C LEU IA 680 -72.49 35.17 -53.32
N SER IA 681 -71.88 35.58 -52.21
CA SER IA 681 -70.64 35.09 -51.77
C SER IA 681 -70.87 33.68 -51.31
N VAL IA 682 -72.05 33.42 -50.63
CA VAL IA 682 -72.37 32.15 -50.03
C VAL IA 682 -72.49 31.12 -51.14
N ILE IA 683 -73.00 31.49 -52.32
CA ILE IA 683 -73.19 30.65 -53.46
C ILE IA 683 -71.83 30.31 -54.08
N THR IA 684 -70.87 31.31 -54.09
CA THR IA 684 -69.57 31.21 -54.66
C THR IA 684 -68.79 30.25 -53.83
N ASN IA 685 -68.99 30.29 -52.51
CA ASN IA 685 -68.32 29.43 -51.55
C ASN IA 685 -68.70 28.01 -51.66
N LYS IA 686 -67.67 27.10 -51.52
CA LYS IA 686 -67.95 25.75 -51.79
C LYS IA 686 -68.03 25.03 -50.43
N HIS IA 687 -67.37 25.73 -49.42
CA HIS IA 687 -67.06 25.30 -48.13
C HIS IA 687 -68.29 25.36 -47.30
N GLN IA 688 -69.19 26.30 -47.70
CA GLN IA 688 -70.57 26.32 -47.21
C GLN IA 688 -71.25 25.07 -47.61
N GLU IA 689 -72.25 24.75 -46.75
CA GLU IA 689 -73.15 23.59 -46.93
C GLU IA 689 -74.26 23.98 -47.85
N GLY IA 690 -74.92 22.90 -48.37
CA GLY IA 690 -75.91 23.01 -49.29
C GLY IA 690 -77.07 23.85 -48.90
N LEU IA 691 -77.38 23.77 -47.63
CA LEU IA 691 -78.42 24.41 -46.87
C LEU IA 691 -78.15 25.92 -46.79
N ALA IA 692 -76.91 26.40 -46.55
CA ALA IA 692 -76.65 27.79 -46.67
C ALA IA 692 -76.83 28.27 -48.12
N LYS IA 693 -76.41 27.51 -49.08
CA LYS IA 693 -76.53 27.83 -50.50
C LYS IA 693 -77.97 27.92 -50.90
N PHE IA 694 -78.89 27.03 -50.35
CA PHE IA 694 -80.33 26.91 -50.67
C PHE IA 694 -80.93 28.25 -50.29
N GLY IA 695 -80.51 28.71 -49.08
CA GLY IA 695 -81.04 29.88 -48.39
C GLY IA 695 -80.66 31.12 -49.17
N ALA IA 696 -79.48 31.13 -49.83
CA ALA IA 696 -78.96 32.26 -50.60
C ALA IA 696 -79.68 32.38 -51.92
N CYS IA 697 -80.02 31.18 -52.54
CA CYS IA 697 -80.56 31.08 -53.79
C CYS IA 697 -81.86 31.66 -53.91
N VAL IA 698 -82.76 31.20 -52.97
CA VAL IA 698 -84.18 31.52 -52.83
C VAL IA 698 -84.37 32.93 -52.43
N ALA IA 699 -83.42 33.43 -51.53
CA ALA IA 699 -83.34 34.75 -51.04
C ALA IA 699 -82.99 35.80 -52.09
N GLN IA 700 -82.12 35.42 -53.04
CA GLN IA 700 -81.71 36.20 -54.18
C GLN IA 700 -82.85 36.23 -55.16
N GLY IA 701 -83.66 35.11 -55.32
CA GLY IA 701 -84.82 35.00 -56.06
C GLY IA 701 -85.94 35.98 -55.72
N ILE IA 702 -86.27 36.17 -54.37
CA ILE IA 702 -87.22 37.05 -53.76
C ILE IA 702 -86.84 38.43 -53.90
N MET IA 703 -85.63 38.80 -53.68
CA MET IA 703 -85.17 40.14 -53.74
C MET IA 703 -85.43 40.80 -55.07
N ASN IA 704 -85.30 40.03 -56.19
CA ASN IA 704 -85.33 40.51 -57.54
C ASN IA 704 -86.55 39.98 -58.19
N ALA IA 705 -87.52 39.45 -57.43
CA ALA IA 705 -88.89 39.06 -57.82
C ALA IA 705 -89.57 40.12 -58.56
N GLY IA 706 -90.26 39.69 -59.64
CA GLY IA 706 -91.27 40.47 -60.31
C GLY IA 706 -90.68 41.32 -61.43
N GLY IA 707 -89.35 41.37 -61.54
CA GLY IA 707 -88.64 42.20 -62.44
C GLY IA 707 -88.18 43.35 -61.61
N ARG IA 708 -87.98 43.17 -60.24
CA ARG IA 708 -87.57 44.15 -59.27
C ARG IA 708 -88.58 45.32 -59.06
N ASN IA 709 -89.84 45.03 -58.75
CA ASN IA 709 -90.91 46.00 -58.89
C ASN IA 709 -92.15 45.51 -58.15
N VAL IA 710 -92.12 44.36 -57.45
CA VAL IA 710 -93.17 43.92 -56.64
C VAL IA 710 -92.70 44.04 -55.22
N THR IA 711 -93.64 43.92 -54.28
CA THR IA 711 -93.35 43.88 -52.90
C THR IA 711 -94.21 42.79 -52.27
N ILE IA 712 -93.78 42.43 -51.04
CA ILE IA 712 -94.52 41.44 -50.19
C ILE IA 712 -95.28 42.36 -49.31
N GLN IA 713 -96.64 42.30 -49.40
CA GLN IA 713 -97.60 43.10 -48.63
C GLN IA 713 -98.23 42.00 -47.78
N LEU IA 714 -98.95 42.45 -46.75
CA LEU IA 714 -99.36 41.69 -45.62
C LEU IA 714 -100.81 42.17 -45.47
N GLU IA 715 -101.14 43.38 -45.98
CA GLU IA 715 -102.45 43.94 -45.92
C GLU IA 715 -102.58 45.00 -46.95
N ASN IA 716 -103.83 45.38 -47.24
CA ASN IA 716 -104.15 46.40 -48.21
C ASN IA 716 -104.07 47.72 -47.47
N ALA IA 717 -103.32 48.67 -48.07
CA ALA IA 717 -103.15 49.93 -47.34
C ALA IA 717 -104.25 50.86 -47.58
N ASP IA 718 -105.31 50.45 -48.35
CA ASP IA 718 -106.42 51.22 -48.78
C ASP IA 718 -107.69 50.99 -47.91
N THR IA 719 -107.65 49.96 -47.03
CA THR IA 719 -108.84 49.63 -46.23
C THR IA 719 -108.45 49.15 -44.86
N GLY IA 720 -107.15 48.93 -44.63
CA GLY IA 720 -106.68 48.57 -43.31
C GLY IA 720 -106.90 47.15 -42.91
N THR IA 721 -107.17 46.25 -43.92
CA THR IA 721 -107.66 44.90 -43.76
C THR IA 721 -106.70 43.92 -44.34
N LEU IA 722 -106.36 42.90 -43.56
CA LEU IA 722 -105.38 41.91 -43.87
C LEU IA 722 -105.76 41.23 -45.27
N ASP IA 723 -104.79 41.04 -46.16
CA ASP IA 723 -105.08 40.48 -47.47
C ASP IA 723 -105.08 38.95 -47.23
N THR IA 724 -106.12 38.27 -47.87
CA THR IA 724 -106.34 36.83 -47.67
C THR IA 724 -105.25 36.06 -48.32
N LYS IA 725 -104.84 36.55 -49.49
CA LYS IA 725 -103.90 35.87 -50.30
C LYS IA 725 -102.51 35.76 -49.64
N SER IA 726 -101.96 36.89 -49.05
CA SER IA 726 -100.64 37.03 -48.54
C SER IA 726 -100.39 36.25 -47.32
N VAL IA 727 -101.31 36.35 -46.35
CA VAL IA 727 -101.24 35.76 -45.01
C VAL IA 727 -101.33 34.24 -45.09
N VAL IA 728 -102.26 33.71 -45.90
CA VAL IA 728 -102.47 32.25 -46.05
C VAL IA 728 -101.27 31.58 -46.78
N GLY IA 729 -100.78 32.31 -47.87
CA GLY IA 729 -99.59 32.02 -48.71
C GLY IA 729 -98.42 31.77 -47.83
N LEU IA 730 -98.18 32.73 -46.86
CA LEU IA 730 -97.02 32.74 -45.96
C LEU IA 730 -96.80 31.45 -45.15
N VAL IA 731 -97.88 30.88 -44.65
CA VAL IA 731 -97.92 29.68 -43.90
C VAL IA 731 -97.53 28.46 -44.68
N MET IA 732 -97.94 28.46 -45.97
CA MET IA 732 -97.55 27.36 -46.84
C MET IA 732 -96.13 27.54 -47.21
N PHE IA 733 -95.69 28.80 -47.39
CA PHE IA 733 -94.28 28.99 -47.74
C PHE IA 733 -93.21 28.59 -46.65
N SER IA 734 -93.52 28.86 -45.37
CA SER IA 734 -92.64 28.75 -44.24
C SER IA 734 -92.17 27.43 -43.86
N GLN IA 735 -93.08 26.42 -44.07
CA GLN IA 735 -92.80 25.03 -44.04
C GLN IA 735 -92.45 24.55 -45.42
N PHE IA 736 -91.24 23.99 -45.66
CA PHE IA 736 -90.84 23.48 -46.96
C PHE IA 736 -89.75 22.51 -46.62
N TRP IA 737 -89.40 22.33 -45.30
CA TRP IA 737 -88.34 21.45 -44.83
C TRP IA 737 -88.74 20.02 -45.05
N TYR IA 738 -90.05 19.68 -44.89
CA TYR IA 738 -90.61 18.39 -44.88
C TYR IA 738 -91.28 18.02 -46.08
N TRP IA 739 -91.63 18.98 -46.91
CA TRP IA 739 -92.01 18.63 -48.26
C TRP IA 739 -91.57 19.84 -49.04
N PHE IA 740 -90.65 19.69 -50.00
CA PHE IA 740 -90.05 20.76 -50.69
C PHE IA 740 -90.90 21.36 -51.76
N PRO IA 741 -91.70 20.75 -52.46
CA PRO IA 741 -92.60 21.43 -53.38
C PRO IA 741 -93.66 22.28 -52.74
N LEU IA 742 -93.73 22.34 -51.40
CA LEU IA 742 -94.62 23.29 -50.72
C LEU IA 742 -93.99 24.60 -50.57
N ALA IA 743 -93.57 25.22 -51.72
CA ALA IA 743 -92.76 26.49 -51.64
C ALA IA 743 -92.87 27.29 -52.92
N HIS IA 744 -94.08 27.78 -53.22
CA HIS IA 744 -94.31 28.56 -54.34
C HIS IA 744 -95.54 29.46 -54.04
N PHE IA 745 -95.89 29.63 -52.72
CA PHE IA 745 -97.14 30.25 -52.38
C PHE IA 745 -96.95 31.70 -51.99
N LEU IA 746 -95.70 32.08 -52.00
CA LEU IA 746 -95.22 33.45 -51.84
C LEU IA 746 -95.45 34.29 -53.16
N SER IA 747 -95.81 33.51 -54.26
CA SER IA 747 -96.32 34.12 -55.47
C SER IA 747 -97.57 34.95 -55.26
N LEU IA 748 -98.37 34.53 -54.27
CA LEU IA 748 -99.63 35.11 -53.96
C LEU IA 748 -99.47 36.29 -53.05
N SER IA 749 -98.28 36.34 -52.34
CA SER IA 749 -97.89 37.36 -51.43
C SER IA 749 -97.28 38.46 -52.22
N PHE IA 750 -96.87 38.25 -53.53
CA PHE IA 750 -96.45 39.38 -54.27
C PHE IA 750 -97.65 40.21 -54.72
N THR IA 751 -97.52 41.54 -54.59
CA THR IA 751 -98.56 42.43 -55.12
C THR IA 751 -97.77 43.56 -55.85
N PRO IA 752 -98.00 43.94 -57.13
CA PRO IA 752 -97.29 45.07 -57.74
C PRO IA 752 -97.46 46.34 -57.02
N THR IA 753 -96.39 47.07 -56.93
CA THR IA 753 -96.37 48.42 -56.33
C THR IA 753 -96.16 49.30 -57.51
N THR IA 754 -97.12 50.21 -57.71
CA THR IA 754 -97.26 51.01 -58.88
C THR IA 754 -98.61 51.58 -58.78
N VAL IA 755 -98.71 52.86 -59.23
CA VAL IA 755 -99.98 53.55 -59.38
C VAL IA 755 -100.31 53.53 -60.83
N ILE IA 756 -101.50 52.95 -61.23
CA ILE IA 756 -101.82 52.82 -62.62
C ILE IA 756 -102.96 53.71 -62.81
N GLY IA 757 -102.81 54.66 -63.75
CA GLY IA 757 -103.93 55.55 -64.23
C GLY IA 757 -104.72 54.80 -65.31
N ILE IA 758 -106.03 54.91 -65.17
CA ILE IA 758 -106.98 54.38 -66.07
C ILE IA 758 -107.73 55.64 -66.46
N ARG IA 759 -108.07 55.74 -67.80
CA ARG IA 759 -108.95 56.75 -68.39
C ARG IA 759 -110.35 56.32 -68.16
N GLY IA 760 -111.23 57.35 -68.01
CA GLY IA 760 -112.57 57.18 -67.60
C GLY IA 760 -113.63 56.91 -68.62
N SER IA 761 -113.22 56.98 -69.91
CA SER IA 761 -114.11 56.99 -71.00
C SER IA 761 -113.46 56.35 -72.24
N ASP IA 762 -112.36 55.54 -71.98
CA ASP IA 762 -111.49 54.94 -72.96
C ASP IA 762 -110.65 53.82 -72.37
N GLN IA 763 -110.80 53.70 -71.00
CA GLN IA 763 -110.40 52.59 -70.19
C GLN IA 763 -109.05 52.06 -70.59
N ALA IA 764 -108.07 52.91 -70.78
CA ALA IA 764 -106.77 52.53 -71.21
C ALA IA 764 -105.78 53.36 -70.47
N ILE IA 765 -104.43 53.15 -70.44
CA ILE IA 765 -103.60 53.90 -69.52
C ILE IA 765 -103.11 55.17 -70.30
N PRO IA 766 -103.25 56.44 -69.80
CA PRO IA 766 -102.76 57.62 -70.49
C PRO IA 766 -101.37 57.87 -70.12
N LYS IA 767 -100.67 58.73 -70.87
CA LYS IA 767 -99.35 59.01 -70.53
C LYS IA 767 -99.46 60.36 -69.96
N PHE IA 768 -99.01 60.47 -68.70
CA PHE IA 768 -99.14 61.70 -67.96
C PHE IA 768 -98.03 61.70 -66.96
N GLN IA 769 -97.36 62.78 -66.68
CA GLN IA 769 -96.20 62.95 -65.86
C GLN IA 769 -96.49 63.82 -64.66
N MET IA 770 -96.02 63.41 -63.54
CA MET IA 770 -96.37 63.97 -62.25
C MET IA 770 -95.02 64.23 -61.61
N ASN IA 771 -95.02 65.33 -60.78
CA ASN IA 771 -93.81 65.76 -60.16
C ASN IA 771 -93.71 64.85 -59.01
N CYS IA 772 -92.48 64.31 -58.78
CA CYS IA 772 -92.28 63.36 -57.74
C CYS IA 772 -90.84 63.52 -57.33
N TYR IA 773 -90.55 63.67 -56.06
CA TYR IA 773 -89.29 63.44 -55.51
C TYR IA 773 -89.06 61.95 -55.51
N ALA IA 774 -87.95 61.50 -56.11
CA ALA IA 774 -87.76 60.07 -56.48
C ALA IA 774 -86.32 59.78 -56.77
N LYS IA 775 -85.90 58.58 -56.88
CA LYS IA 775 -85.92 57.50 -55.89
C LYS IA 775 -85.09 56.62 -56.62
N GLU IA 776 -83.70 56.86 -56.61
CA GLU IA 776 -82.80 56.04 -57.34
C GLU IA 776 -82.81 54.62 -56.79
N ASP IA 777 -82.88 53.62 -57.71
CA ASP IA 777 -82.84 52.27 -57.30
C ASP IA 777 -81.86 51.54 -58.16
N ALA IA 778 -80.82 51.05 -57.52
CA ALA IA 778 -79.84 50.19 -58.18
C ALA IA 778 -79.02 49.51 -57.15
N PHE IA 779 -79.67 49.08 -56.03
CA PHE IA 779 -79.06 48.62 -54.82
C PHE IA 779 -79.31 47.08 -54.73
N SER IA 780 -79.72 46.47 -55.86
CA SER IA 780 -79.81 45.02 -55.96
C SER IA 780 -79.50 44.51 -57.40
N TYR IA 781 -78.83 45.34 -58.22
CA TYR IA 781 -78.50 45.22 -59.60
C TYR IA 781 -77.22 44.37 -59.60
N PRO IA 782 -76.89 43.82 -60.81
CA PRO IA 782 -75.81 42.90 -60.99
C PRO IA 782 -74.50 43.55 -60.69
N ARG IA 783 -73.45 42.80 -60.34
CA ARG IA 783 -72.17 43.38 -59.88
C ARG IA 783 -71.19 43.00 -61.03
N MET IA 784 -69.86 43.20 -60.81
CA MET IA 784 -68.82 42.76 -61.70
C MET IA 784 -68.47 41.27 -61.23
N TYR IA 785 -68.38 40.41 -62.26
CA TYR IA 785 -68.30 38.99 -62.00
C TYR IA 785 -67.03 38.53 -62.66
N GLU IA 786 -66.17 39.52 -63.15
CA GLU IA 786 -64.88 39.18 -63.64
C GLU IA 786 -63.87 39.97 -62.91
N GLU IA 787 -62.80 39.23 -62.47
CA GLU IA 787 -61.70 39.85 -61.78
C GLU IA 787 -60.50 39.12 -62.19
N ALA IA 788 -60.57 38.32 -63.31
CA ALA IA 788 -59.48 37.50 -63.76
C ALA IA 788 -58.34 38.45 -64.15
N SER IA 789 -58.64 39.60 -64.77
CA SER IA 789 -57.63 40.42 -65.36
C SER IA 789 -57.04 41.30 -64.33
N GLY IA 790 -57.66 41.42 -63.15
CA GLY IA 790 -57.11 42.15 -62.05
C GLY IA 790 -55.95 41.42 -61.31
N LYS IA 791 -55.79 40.09 -61.54
CA LYS IA 791 -54.72 39.21 -61.06
C LYS IA 791 -53.43 39.55 -61.74
N GLU IA 792 -53.52 39.82 -63.08
CA GLU IA 792 -52.45 40.25 -63.95
C GLU IA 792 -51.88 41.57 -63.56
N VAL IA 793 -52.71 42.55 -63.19
CA VAL IA 793 -52.42 43.90 -62.64
C VAL IA 793 -51.65 43.79 -61.28
N GLU IA 794 -52.27 42.94 -60.44
CA GLU IA 794 -51.77 42.65 -59.12
C GLU IA 794 -50.42 42.00 -59.11
N LYS IA 795 -50.13 41.11 -60.09
CA LYS IA 795 -48.84 40.36 -60.20
C LYS IA 795 -47.71 41.26 -60.59
N VAL IA 796 -47.98 42.21 -61.63
CA VAL IA 796 -46.93 43.01 -62.17
C VAL IA 796 -46.77 44.24 -61.31
N ALA IA 797 -47.73 44.50 -60.39
CA ALA IA 797 -47.60 45.60 -59.46
C ALA IA 797 -46.53 45.24 -58.41
N THR IA 798 -46.54 43.99 -57.94
CA THR IA 798 -45.62 43.48 -56.95
C THR IA 798 -44.21 43.36 -57.50
N ALA IA 799 -44.09 43.11 -58.87
CA ALA IA 799 -42.72 42.97 -59.45
C ALA IA 799 -41.91 44.28 -59.42
N VAL IA 800 -42.55 45.39 -59.96
CA VAL IA 800 -41.87 46.60 -60.24
C VAL IA 800 -41.56 47.37 -58.99
N LEU IA 801 -42.60 47.51 -58.06
CA LEU IA 801 -42.43 48.11 -56.80
C LEU IA 801 -41.31 47.47 -55.91
N SER IA 802 -41.19 46.15 -55.81
CA SER IA 802 -40.21 45.52 -54.96
C SER IA 802 -38.74 45.78 -55.40
N THR IA 803 -38.48 45.63 -56.72
CA THR IA 803 -37.13 45.92 -57.26
C THR IA 803 -36.71 47.37 -56.98
N THR IA 804 -37.70 48.22 -57.02
CA THR IA 804 -37.47 49.64 -56.88
C THR IA 804 -36.84 49.94 -55.54
N ALA IA 805 -37.49 49.32 -54.47
CA ALA IA 805 -37.08 49.38 -53.09
C ALA IA 805 -35.68 48.81 -52.93
N ARG IA 806 -35.43 47.56 -53.58
CA ARG IA 806 -34.22 46.69 -53.48
C ARG IA 806 -33.03 47.53 -54.02
N ALA IA 807 -33.25 48.28 -55.12
CA ALA IA 807 -32.29 49.06 -55.81
C ALA IA 807 -31.68 50.24 -55.11
N LYS IA 808 -32.34 50.73 -54.00
CA LYS IA 808 -32.01 51.99 -53.34
C LYS IA 808 -30.61 52.22 -52.93
N ALA IA 809 -29.89 51.17 -52.55
CA ALA IA 809 -28.55 51.34 -52.19
C ALA IA 809 -27.66 51.81 -53.32
N ARG IA 810 -27.89 51.17 -54.53
CA ARG IA 810 -27.18 51.38 -55.80
C ARG IA 810 -27.65 52.67 -56.36
N ALA IA 811 -29.00 53.07 -56.06
CA ALA IA 811 -29.73 54.19 -56.54
C ALA IA 811 -29.12 55.48 -56.15
N LYS IA 812 -28.46 55.55 -55.01
CA LYS IA 812 -27.78 56.76 -54.62
C LYS IA 812 -26.78 57.29 -55.61
N LYS IA 813 -25.85 56.37 -56.18
CA LYS IA 813 -24.74 56.81 -57.00
C LYS IA 813 -25.26 57.03 -58.42
N THR IA 814 -26.41 56.32 -58.73
CA THR IA 814 -27.05 56.30 -60.02
C THR IA 814 -27.45 57.66 -60.38
N LYS IA 815 -27.94 58.43 -59.46
CA LYS IA 815 -28.32 59.84 -59.66
C LYS IA 815 -27.17 60.77 -60.08
N LYS IA 816 -25.94 60.52 -59.54
CA LYS IA 816 -24.75 61.39 -59.86
C LYS IA 816 -24.35 61.21 -61.32
N GLU IA 817 -24.43 59.93 -61.82
CA GLU IA 817 -24.04 59.51 -63.09
C GLU IA 817 -24.93 60.10 -64.08
N LYS IA 818 -26.22 60.03 -63.78
CA LYS IA 818 -27.33 60.38 -64.55
C LYS IA 818 -27.53 61.85 -64.92
N GLY IA 819 -27.38 62.74 -63.95
CA GLY IA 819 -27.69 64.13 -64.12
C GLY IA 819 -26.88 64.82 -65.24
N PRO IA 820 -25.56 64.60 -65.35
CA PRO IA 820 -24.83 65.03 -66.48
C PRO IA 820 -25.20 64.67 -67.89
N ASN IA 821 -25.78 63.46 -68.16
CA ASN IA 821 -26.06 62.97 -69.47
C ASN IA 821 -27.35 63.60 -69.87
N GLU IA 822 -28.18 63.92 -68.82
CA GLU IA 822 -29.43 64.67 -69.05
C GLU IA 822 -29.20 66.13 -69.48
N GLU IA 823 -28.07 66.70 -68.88
CA GLU IA 823 -27.60 68.02 -69.27
C GLU IA 823 -27.11 68.01 -70.71
N GLU IA 824 -26.46 66.94 -71.15
CA GLU IA 824 -25.84 66.75 -72.44
C GLU IA 824 -26.90 66.64 -73.49
N LYS IA 825 -27.98 65.86 -73.19
CA LYS IA 825 -29.07 65.55 -74.06
C LYS IA 825 -30.25 66.44 -73.79
N LYS IA 826 -31.17 65.87 -73.01
CA LYS IA 826 -32.40 66.52 -72.65
C LYS IA 826 -32.92 65.76 -71.41
N LYS IA 827 -33.93 66.44 -70.77
CA LYS IA 827 -34.57 65.87 -69.63
C LYS IA 827 -35.46 64.72 -69.93
N GLU IA 828 -36.37 65.03 -70.87
CA GLU IA 828 -37.31 64.05 -71.37
C GLU IA 828 -37.92 64.58 -72.61
N HIS IA 829 -37.76 65.83 -73.03
CA HIS IA 829 -38.15 66.27 -74.34
C HIS IA 829 -37.74 67.71 -74.52
N GLU IA 830 -37.26 68.42 -73.44
CA GLU IA 830 -36.86 69.84 -73.66
C GLU IA 830 -35.75 70.27 -72.73
N GLU IA 831 -34.92 71.25 -73.14
CA GLU IA 831 -33.83 71.75 -72.45
C GLU IA 831 -34.20 72.91 -71.55
N LYS IA 832 -35.50 73.13 -71.22
CA LYS IA 832 -35.93 74.32 -70.47
C LYS IA 832 -36.96 73.65 -69.64
N GLU IA 833 -37.49 74.37 -68.61
CA GLU IA 833 -38.21 73.68 -67.50
C GLU IA 833 -37.38 72.69 -66.78
N LYS IA 834 -36.13 72.98 -66.53
CA LYS IA 834 -35.11 72.36 -65.78
C LYS IA 834 -34.23 73.44 -65.32
N GLU IA 835 -34.76 74.70 -65.02
CA GLU IA 835 -33.89 75.64 -64.32
C GLU IA 835 -33.97 75.56 -62.80
N ARG IA 836 -34.80 74.62 -62.32
CA ARG IA 836 -34.84 74.24 -60.95
C ARG IA 836 -34.98 72.80 -61.17
N GLU IA 837 -35.69 72.02 -60.28
CA GLU IA 837 -36.05 70.64 -60.49
C GLU IA 837 -36.94 70.57 -61.67
N THR IA 838 -38.02 71.41 -61.76
CA THR IA 838 -38.80 71.53 -62.96
C THR IA 838 -39.03 73.00 -62.93
N ASN IA 839 -39.88 73.44 -61.92
CA ASN IA 839 -40.13 74.85 -61.57
C ASN IA 839 -40.85 74.96 -60.25
N LYS IA 840 -41.04 73.83 -59.49
CA LYS IA 840 -41.74 73.90 -58.20
C LYS IA 840 -41.09 72.95 -57.33
N LYS IA 841 -40.73 73.30 -56.05
CA LYS IA 841 -40.15 72.44 -55.02
C LYS IA 841 -41.16 71.42 -54.57
N GLY IA 842 -42.36 71.93 -54.31
CA GLY IA 842 -43.58 71.26 -53.71
C GLY IA 842 -44.19 70.54 -54.89
N ILE IA 843 -45.41 70.07 -54.70
CA ILE IA 843 -46.03 69.11 -55.61
C ILE IA 843 -47.47 69.36 -55.72
N LYS IA 844 -48.11 68.85 -56.77
CA LYS IA 844 -49.50 68.86 -57.11
C LYS IA 844 -50.01 67.49 -56.74
N GLU IA 845 -51.08 67.49 -55.90
CA GLU IA 845 -51.75 66.25 -55.52
C GLU IA 845 -53.19 66.64 -55.70
N THR IA 846 -54.08 65.66 -56.02
CA THR IA 846 -55.48 65.89 -56.19
C THR IA 846 -56.02 65.08 -55.08
N LYS IA 847 -56.94 65.62 -54.28
CA LYS IA 847 -57.67 65.06 -53.13
C LYS IA 847 -59.17 65.44 -53.15
N GLU IA 848 -60.06 64.44 -53.08
CA GLU IA 848 -61.53 64.41 -53.24
C GLU IA 848 -62.08 64.10 -51.91
N ASN IA 849 -62.77 65.07 -51.31
CA ASN IA 849 -63.26 64.97 -49.98
C ASN IA 849 -64.71 64.77 -49.95
N ASP IA 850 -65.36 64.34 -51.06
CA ASP IA 850 -66.82 64.07 -51.16
C ASP IA 850 -67.22 62.92 -50.24
N GLU IA 851 -68.44 62.98 -49.70
CA GLU IA 851 -68.81 61.92 -48.72
C GLU IA 851 -70.30 61.69 -48.99
N GLU IA 852 -70.99 62.66 -49.59
CA GLU IA 852 -72.43 62.79 -49.81
C GLU IA 852 -73.25 62.34 -48.60
N PHE IA 853 -74.47 61.95 -48.84
CA PHE IA 853 -75.45 61.75 -47.79
C PHE IA 853 -76.25 60.63 -48.41
N TYR IA 854 -77.13 60.09 -47.56
CA TYR IA 854 -78.04 59.09 -48.01
C TYR IA 854 -79.47 59.24 -47.50
N LYS IA 855 -79.62 59.59 -46.13
CA LYS IA 855 -80.84 59.66 -45.44
C LYS IA 855 -81.62 60.93 -45.80
N ASN IA 856 -80.92 62.06 -45.85
CA ASN IA 856 -81.52 63.30 -46.12
C ASN IA 856 -81.88 63.40 -47.56
N LYS IA 857 -80.88 63.10 -48.44
CA LYS IA 857 -80.92 63.26 -49.91
C LYS IA 857 -79.99 62.21 -50.45
N TYR IA 858 -80.19 61.99 -51.76
CA TYR IA 858 -79.23 61.19 -52.52
C TYR IA 858 -79.11 61.73 -53.94
N SER IA 859 -79.45 63.05 -54.05
CA SER IA 859 -79.13 63.87 -55.21
C SER IA 859 -80.21 63.93 -56.27
N SER IA 860 -80.65 65.17 -56.57
CA SER IA 860 -81.39 65.58 -57.74
C SER IA 860 -82.80 65.05 -57.71
N LYS IA 861 -83.48 65.11 -56.54
CA LYS IA 861 -84.68 64.37 -56.28
C LYS IA 861 -85.95 64.69 -57.15
N PRO IA 862 -86.45 65.85 -57.55
CA PRO IA 862 -87.50 65.98 -58.54
C PRO IA 862 -87.17 65.37 -59.90
N TYR IA 863 -88.11 64.61 -60.45
CA TYR IA 863 -88.21 64.07 -61.79
C TYR IA 863 -89.67 64.09 -62.15
N LYS IA 864 -90.05 64.05 -63.45
CA LYS IA 864 -91.28 63.82 -64.02
C LYS IA 864 -91.37 62.37 -64.32
N VAL IA 865 -92.42 61.69 -63.80
CA VAL IA 865 -92.51 60.27 -63.71
C VAL IA 865 -93.88 60.03 -64.29
N ASP IA 866 -93.93 59.03 -65.16
CA ASP IA 866 -95.14 58.75 -65.91
C ASP IA 866 -96.05 57.83 -65.13
N ASN IA 867 -97.19 57.51 -65.78
CA ASN IA 867 -98.18 56.58 -65.36
C ASN IA 867 -97.65 55.15 -65.63
N MET IA 868 -97.81 54.28 -64.66
CA MET IA 868 -97.55 52.90 -64.66
C MET IA 868 -96.13 52.51 -64.82
N THR IA 869 -95.26 52.97 -63.88
CA THR IA 869 -93.83 52.64 -63.82
C THR IA 869 -93.63 52.20 -62.40
N ARG IA 870 -92.44 51.63 -62.15
CA ARG IA 870 -91.98 51.30 -60.82
C ARG IA 870 -92.08 52.42 -59.79
N ILE IA 871 -93.07 52.41 -58.85
CA ILE IA 871 -93.39 53.52 -58.00
C ILE IA 871 -93.57 52.81 -56.65
N LEU IA 872 -92.80 53.27 -55.66
CA LEU IA 872 -92.69 52.64 -54.42
C LEU IA 872 -93.49 53.38 -53.44
N PRO IA 873 -93.66 52.76 -52.23
CA PRO IA 873 -94.45 53.38 -51.20
C PRO IA 873 -93.96 54.77 -50.82
N GLN IA 874 -92.62 55.01 -50.88
CA GLN IA 874 -92.03 56.23 -50.51
C GLN IA 874 -92.32 57.40 -51.50
N GLN IA 875 -92.08 57.07 -52.78
CA GLN IA 875 -92.22 57.82 -54.00
C GLN IA 875 -93.63 58.17 -54.29
N SER IA 876 -94.59 57.32 -53.82
CA SER IA 876 -96.03 57.48 -53.94
C SER IA 876 -96.66 58.62 -53.16
N ARG IA 877 -95.98 58.96 -52.01
CA ARG IA 877 -96.32 60.15 -51.23
C ARG IA 877 -96.27 61.44 -52.02
N TYR IA 878 -95.26 61.54 -52.88
CA TYR IA 878 -94.93 62.80 -53.42
C TYR IA 878 -95.55 63.11 -54.75
N ILE IA 879 -96.37 62.14 -55.25
CA ILE IA 879 -97.10 62.29 -56.47
C ILE IA 879 -98.09 63.45 -56.41
N SER IA 880 -98.04 64.36 -57.46
CA SER IA 880 -99.14 65.34 -57.57
C SER IA 880 -99.46 65.38 -59.05
N PHE IA 881 -100.77 65.20 -59.39
CA PHE IA 881 -101.24 65.34 -60.75
C PHE IA 881 -101.34 66.85 -60.93
N ILE IA 882 -101.16 67.40 -62.16
CA ILE IA 882 -101.24 68.83 -62.24
C ILE IA 882 -102.74 68.96 -62.49
N LYS IA 883 -103.34 69.99 -61.81
CA LYS IA 883 -104.79 70.17 -61.87
C LYS IA 883 -105.13 71.29 -62.87
N ASP IA 884 -104.13 71.65 -63.54
CA ASP IA 884 -104.18 72.52 -64.66
C ASP IA 884 -104.07 71.75 -65.99
N ASP IA 885 -104.03 70.42 -65.90
CA ASP IA 885 -103.85 69.52 -67.10
C ASP IA 885 -105.11 68.51 -67.14
N ARG IA 886 -105.33 67.84 -68.30
CA ARG IA 886 -106.48 67.02 -68.59
C ARG IA 886 -106.84 65.82 -67.56
N PHE IA 887 -105.80 65.08 -67.18
CA PHE IA 887 -105.95 63.85 -66.45
C PHE IA 887 -105.79 64.17 -65.06
N VAL IA 888 -106.88 63.97 -64.26
CA VAL IA 888 -106.84 64.19 -62.78
C VAL IA 888 -107.77 63.12 -62.25
N PRO IA 889 -107.47 62.57 -61.09
CA PRO IA 889 -108.35 61.62 -60.38
C PRO IA 889 -109.73 62.07 -60.29
N VAL IA 890 -110.67 61.08 -60.35
CA VAL IA 890 -112.07 61.25 -60.30
C VAL IA 890 -112.46 61.93 -58.97
N ARG IA 891 -111.86 61.35 -57.88
CA ARG IA 891 -111.88 61.89 -56.59
C ARG IA 891 -110.68 62.72 -56.39
N LYS IA 892 -109.65 62.09 -55.68
CA LYS IA 892 -108.36 62.67 -55.39
C LYS IA 892 -107.35 61.47 -55.26
N PHE IA 893 -106.07 61.73 -55.71
CA PHE IA 893 -105.04 60.75 -55.58
C PHE IA 893 -104.85 60.28 -54.18
N LYS IA 894 -104.65 58.86 -54.01
CA LYS IA 894 -104.65 58.23 -52.70
C LYS IA 894 -103.29 58.23 -52.05
N GLY IA 895 -102.23 58.66 -52.78
CA GLY IA 895 -100.99 58.89 -52.13
C GLY IA 895 -100.21 57.58 -51.84
N ASN IA 896 -100.74 56.39 -52.35
CA ASN IA 896 -100.11 55.12 -52.17
C ASN IA 896 -100.45 54.37 -53.39
N ASN IA 897 -99.85 53.16 -53.43
CA ASN IA 897 -100.06 52.16 -54.56
C ASN IA 897 -101.45 51.60 -54.73
N GLY IA 898 -101.77 51.12 -55.99
CA GLY IA 898 -103.00 50.51 -56.47
C GLY IA 898 -103.55 51.22 -57.64
N VAL IA 899 -104.72 50.66 -58.17
CA VAL IA 899 -105.33 51.11 -59.42
C VAL IA 899 -106.12 52.36 -59.11
N VAL IA 900 -105.89 53.46 -59.88
CA VAL IA 900 -106.51 54.77 -59.73
C VAL IA 900 -107.07 55.06 -61.12
N VAL IA 901 -108.16 55.81 -61.09
CA VAL IA 901 -108.88 56.18 -62.28
C VAL IA 901 -108.93 57.71 -62.22
N LEU IA 902 -108.68 58.22 -63.40
CA LEU IA 902 -108.38 59.63 -63.70
C LEU IA 902 -109.60 59.94 -64.61
N ARG IA 903 -110.26 61.09 -64.37
CA ARG IA 903 -111.32 61.64 -65.20
C ARG IA 903 -110.68 62.40 -66.33
N ASP IA 904 -111.20 62.26 -67.59
CA ASP IA 904 -110.62 62.83 -68.78
C ASP IA 904 -111.69 63.93 -69.14
N ARG IA 905 -111.16 65.21 -69.37
CA ARG IA 905 -111.93 66.39 -69.71
C ARG IA 905 -112.48 66.17 -71.18
N GLU IA 906 -111.58 65.80 -72.19
CA GLU IA 906 -111.99 65.80 -73.53
C GLU IA 906 -111.31 64.57 -74.09
N PRO IA 907 -112.09 63.54 -74.51
CA PRO IA 907 -111.61 62.37 -75.17
C PRO IA 907 -111.50 62.52 -76.61
N LYS IA 908 -112.07 63.62 -77.30
CA LYS IA 908 -112.14 63.89 -78.79
C LYS IA 908 -110.78 64.19 -79.27
N GLU IA 909 -110.05 64.88 -78.43
CA GLU IA 909 -108.62 65.24 -78.67
C GLU IA 909 -107.89 63.88 -78.56
N PRO IA 910 -106.99 63.47 -79.45
CA PRO IA 910 -106.03 62.39 -79.22
C PRO IA 910 -105.24 62.52 -78.03
N VAL IA 911 -104.87 61.39 -77.32
CA VAL IA 911 -103.79 61.38 -76.35
C VAL IA 911 -103.03 60.10 -76.58
N ALA IA 912 -101.74 60.06 -76.10
CA ALA IA 912 -100.97 58.94 -76.20
C ALA IA 912 -101.32 57.94 -75.08
N LEU IA 913 -101.46 56.66 -75.46
CA LEU IA 913 -101.93 55.54 -74.71
C LEU IA 913 -100.87 54.51 -74.76
N ILE IA 914 -101.21 53.45 -73.98
CA ILE IA 914 -100.47 52.25 -73.92
C ILE IA 914 -101.58 51.22 -74.22
N GLU IA 915 -101.38 50.21 -75.08
CA GLU IA 915 -102.38 49.22 -75.40
C GLU IA 915 -102.24 48.03 -74.51
N THR IA 916 -103.37 47.41 -74.09
CA THR IA 916 -103.41 46.29 -73.08
C THR IA 916 -103.16 44.94 -73.76
N VAL IA 917 -102.99 43.95 -72.89
CA VAL IA 917 -102.65 42.62 -73.25
C VAL IA 917 -103.94 41.98 -73.73
N ARG IA 918 -105.12 42.52 -73.33
CA ARG IA 918 -106.51 42.12 -73.67
C ARG IA 918 -106.79 42.30 -75.15
N GLN IA 919 -106.36 43.40 -75.74
CA GLN IA 919 -106.48 43.64 -77.17
C GLN IA 919 -105.61 42.82 -78.03
N MET IA 920 -104.34 42.65 -77.64
CA MET IA 920 -103.26 41.92 -78.33
C MET IA 920 -103.45 40.44 -78.46
N LYS IA 921 -103.94 39.76 -77.43
CA LYS IA 921 -103.98 38.28 -77.35
C LYS IA 921 -105.24 37.53 -77.78
N ASP IA 922 -106.40 38.18 -77.94
CA ASP IA 922 -107.52 37.57 -78.64
C ASP IA 922 -107.44 38.08 -80.02
N LEU JA 1 -67.25 99.96 -11.14
CA LEU JA 1 -68.18 99.77 -10.03
C LEU JA 1 -69.28 98.89 -10.31
N HIS JA 2 -70.39 99.53 -10.81
CA HIS JA 2 -71.68 99.04 -10.99
C HIS JA 2 -71.65 97.94 -11.96
N HIS JA 3 -71.02 98.21 -13.14
CA HIS JA 3 -71.06 97.45 -14.38
C HIS JA 3 -70.21 96.23 -14.14
N SER JA 4 -69.04 96.47 -13.42
CA SER JA 4 -68.05 95.47 -13.13
C SER JA 4 -68.50 94.22 -12.48
N GLU JA 5 -68.98 94.33 -11.23
CA GLU JA 5 -69.40 93.16 -10.40
C GLU JA 5 -70.65 92.40 -10.95
N LYS JA 6 -71.69 93.16 -11.39
CA LYS JA 6 -73.00 92.65 -11.81
C LYS JA 6 -72.86 91.82 -13.06
N LYS JA 7 -72.07 92.29 -14.08
CA LYS JA 7 -71.79 91.60 -15.31
C LYS JA 7 -71.08 90.27 -15.00
N TYR JA 8 -70.18 90.24 -14.04
CA TYR JA 8 -69.35 89.10 -13.78
C TYR JA 8 -70.16 87.99 -13.19
N ALA JA 9 -70.92 88.41 -12.24
CA ALA JA 9 -71.87 87.56 -11.46
C ALA JA 9 -72.98 86.94 -12.46
N GLU JA 10 -73.52 87.77 -13.34
CA GLU JA 10 -74.47 87.46 -14.38
C GLU JA 10 -74.12 86.28 -15.30
N GLU JA 11 -72.80 86.07 -15.60
CA GLU JA 11 -72.13 85.07 -16.44
C GLU JA 11 -72.44 83.67 -15.92
N ASP JA 12 -72.42 83.46 -14.59
CA ASP JA 12 -72.73 82.25 -13.86
C ASP JA 12 -74.21 82.01 -13.89
N GLN JA 13 -75.05 83.06 -13.72
CA GLN JA 13 -76.53 82.94 -13.68
C GLN JA 13 -77.00 82.50 -15.01
N VAL JA 14 -76.37 82.94 -16.15
CA VAL JA 14 -76.78 82.49 -17.46
C VAL JA 14 -76.50 80.98 -17.58
N GLN JA 15 -75.26 80.60 -17.13
CA GLN JA 15 -74.88 79.22 -17.26
C GLN JA 15 -75.83 78.24 -16.47
N GLU JA 16 -76.31 78.63 -15.29
CA GLU JA 16 -77.19 78.03 -14.32
C GLU JA 16 -78.58 77.83 -14.89
N LEU JA 17 -79.05 78.90 -15.60
CA LEU JA 17 -80.38 78.99 -16.15
C LEU JA 17 -80.55 77.86 -17.11
N LEU JA 18 -79.52 77.65 -18.01
CA LEU JA 18 -79.58 76.57 -19.00
C LEU JA 18 -79.58 75.20 -18.45
N LYS JA 19 -78.88 74.89 -17.27
CA LYS JA 19 -78.86 73.58 -16.59
C LYS JA 19 -80.24 73.15 -16.29
N VAL JA 20 -81.16 74.05 -15.81
CA VAL JA 20 -82.56 73.70 -15.47
C VAL JA 20 -83.27 73.46 -16.74
N LEU JA 21 -83.03 74.41 -17.71
CA LEU JA 21 -83.77 74.49 -18.98
C LEU JA 21 -83.74 73.18 -19.86
N ASN JA 22 -82.53 72.62 -20.03
CA ASN JA 22 -82.13 71.49 -20.86
C ASN JA 22 -82.67 70.21 -20.25
N GLU JA 23 -82.64 69.98 -18.96
CA GLU JA 23 -83.22 68.79 -18.43
C GLU JA 23 -84.71 68.66 -18.55
N ILE JA 24 -85.39 69.79 -18.26
CA ILE JA 24 -86.84 69.73 -18.20
C ILE JA 24 -87.50 69.77 -19.61
N SER JA 25 -86.82 70.35 -20.62
CA SER JA 25 -87.39 70.57 -21.92
C SER JA 25 -87.39 69.28 -22.72
N LYS JA 26 -86.54 68.33 -22.21
CA LYS JA 26 -86.36 67.00 -22.78
C LYS JA 26 -87.00 65.91 -21.88
N THR JA 27 -87.62 66.34 -20.75
CA THR JA 27 -88.39 65.54 -19.85
C THR JA 27 -87.53 64.84 -18.89
N THR JA 28 -87.92 64.97 -17.67
CA THR JA 28 -87.13 64.45 -16.52
C THR JA 28 -87.00 62.95 -16.34
N LEU JA 29 -85.90 62.52 -15.74
CA LEU JA 29 -85.71 61.14 -15.42
C LEU JA 29 -85.96 60.91 -13.97
N THR JA 30 -86.56 62.01 -13.26
CA THR JA 30 -87.10 62.02 -11.94
C THR JA 30 -85.97 62.37 -11.00
N LEU JA 31 -85.27 61.36 -10.46
CA LEU JA 31 -84.23 61.39 -9.46
C LEU JA 31 -82.97 62.10 -9.89
N ASP JA 32 -82.51 61.84 -11.11
CA ASP JA 32 -81.29 62.43 -11.62
C ASP JA 32 -81.37 63.94 -11.88
N PRO JA 33 -82.32 64.62 -12.55
CA PRO JA 33 -82.37 66.05 -12.73
C PRO JA 33 -82.42 66.84 -11.43
N ARG JA 34 -83.06 66.20 -10.44
CA ARG JA 34 -83.36 66.67 -9.11
C ARG JA 34 -82.21 67.01 -8.30
N TYR JA 35 -81.23 66.07 -8.30
CA TYR JA 35 -80.00 66.07 -7.64
C TYR JA 35 -79.11 67.23 -8.15
N ILE JA 36 -79.16 67.53 -9.47
CA ILE JA 36 -78.34 68.47 -10.08
C ILE JA 36 -78.60 69.86 -9.60
N TRP JA 37 -79.92 70.10 -9.46
CA TRP JA 37 -80.54 71.33 -9.02
C TRP JA 37 -80.23 71.70 -7.58
N ARG JA 38 -80.14 70.64 -6.75
CA ARG JA 38 -79.64 70.74 -5.38
C ARG JA 38 -78.18 71.23 -5.41
N SER JA 39 -77.31 70.64 -6.31
CA SER JA 39 -75.89 71.06 -6.39
C SER JA 39 -75.85 72.52 -6.82
N LEU JA 40 -76.81 72.99 -7.72
CA LEU JA 40 -76.86 74.26 -8.23
C LEU JA 40 -77.04 75.35 -7.16
N LYS JA 41 -77.90 75.03 -6.12
CA LYS JA 41 -78.25 75.96 -5.01
C LYS JA 41 -77.09 76.29 -4.10
N ASP JA 42 -76.15 75.33 -3.93
CA ASP JA 42 -74.95 75.52 -3.13
C ASP JA 42 -74.12 76.65 -3.68
N LEU JA 43 -74.07 76.64 -5.04
CA LEU JA 43 -73.40 77.75 -5.74
C LEU JA 43 -74.11 79.07 -5.67
N SER JA 44 -75.46 79.15 -6.00
CA SER JA 44 -76.21 80.36 -5.97
C SER JA 44 -76.23 81.18 -4.69
N SER JA 45 -76.30 80.55 -3.51
CA SER JA 45 -76.41 81.35 -2.31
C SER JA 45 -75.18 82.17 -2.08
N LEU JA 46 -73.97 81.66 -2.48
CA LEU JA 46 -72.75 82.33 -2.32
C LEU JA 46 -72.63 83.53 -3.18
N ARG JA 47 -72.99 83.31 -4.49
CA ARG JA 47 -72.91 84.32 -5.53
C ARG JA 47 -73.82 85.55 -5.25
N ASN JA 48 -75.03 85.32 -4.55
CA ASN JA 48 -76.09 86.29 -4.31
C ASN JA 48 -75.55 87.33 -3.38
N GLN JA 49 -74.74 86.94 -2.37
CA GLN JA 49 -74.08 87.79 -1.33
C GLN JA 49 -72.96 88.60 -1.86
N GLU JA 50 -72.21 87.97 -2.70
CA GLU JA 50 -70.99 88.41 -3.37
C GLU JA 50 -71.32 89.26 -4.60
N LEU JA 51 -70.44 90.16 -4.97
CA LEU JA 51 -70.51 90.99 -6.09
C LEU JA 51 -71.76 91.87 -6.33
N LEU JA 52 -72.00 92.80 -5.29
CA LEU JA 52 -73.27 93.56 -4.95
C LEU JA 52 -74.41 92.59 -4.80
N ASN JA 53 -75.59 93.07 -5.19
CA ASN JA 53 -76.78 92.32 -4.92
C ASN JA 53 -77.86 92.63 -5.96
N ALA JA 54 -77.43 93.39 -6.99
CA ALA JA 54 -78.27 93.82 -8.03
C ALA JA 54 -77.97 93.07 -9.22
N GLU JA 55 -77.23 91.96 -9.07
CA GLU JA 55 -76.78 91.02 -10.03
C GLU JA 55 -78.01 90.36 -10.63
N THR JA 56 -79.03 90.16 -9.77
CA THR JA 56 -80.30 89.62 -10.13
C THR JA 56 -81.22 90.57 -10.90
N LEU JA 57 -81.23 91.92 -10.55
CA LEU JA 57 -82.10 92.83 -11.28
C LEU JA 57 -81.62 93.05 -12.65
N CYS JA 58 -80.30 93.09 -12.80
CA CYS JA 58 -79.52 93.24 -13.98
C CYS JA 58 -79.91 92.17 -14.89
N PHE JA 59 -80.15 90.95 -14.31
CA PHE JA 59 -80.56 89.68 -14.98
C PHE JA 59 -82.00 89.69 -15.36
N THR JA 60 -82.94 90.28 -14.51
CA THR JA 60 -84.33 90.16 -14.62
C THR JA 60 -84.83 90.85 -15.88
N VAL JA 61 -84.26 92.03 -16.15
CA VAL JA 61 -84.37 92.82 -17.32
C VAL JA 61 -83.82 92.21 -18.61
N ASN JA 62 -82.74 91.44 -18.42
CA ASN JA 62 -82.15 90.62 -19.55
C ASN JA 62 -83.01 89.53 -20.13
N VAL JA 63 -83.81 88.89 -19.17
CA VAL JA 63 -84.69 87.77 -19.49
C VAL JA 63 -86.01 88.44 -19.65
N LEU JA 64 -86.98 87.67 -20.20
CA LEU JA 64 -88.26 88.21 -20.44
C LEU JA 64 -88.93 88.35 -19.10
N TYR JA 65 -89.19 89.60 -18.62
CA TYR JA 65 -89.91 89.77 -17.34
C TYR JA 65 -91.36 90.03 -17.73
N PRO JA 66 -92.42 89.53 -17.08
CA PRO JA 66 -93.83 89.80 -17.40
C PRO JA 66 -94.22 90.86 -16.38
N ASP JA 67 -93.55 90.93 -15.18
CA ASP JA 67 -93.89 91.89 -14.18
C ASP JA 67 -93.01 91.73 -12.98
N SER JA 68 -92.01 90.84 -13.17
CA SER JA 68 -91.08 90.32 -12.13
C SER JA 68 -90.08 91.36 -11.53
N SER JA 69 -89.91 92.48 -12.34
CA SER JA 69 -88.98 93.56 -12.13
C SER JA 69 -89.47 94.45 -10.99
N SER JA 70 -90.85 94.54 -10.80
CA SER JA 70 -91.51 95.34 -9.72
C SER JA 70 -91.18 94.84 -8.29
N PHE JA 71 -91.25 93.48 -8.19
CA PHE JA 71 -91.15 92.76 -6.96
C PHE JA 71 -89.67 92.82 -6.57
N LYS JA 72 -88.77 92.70 -7.63
CA LYS JA 72 -87.32 92.85 -7.40
C LYS JA 72 -86.90 94.14 -6.78
N LYS JA 73 -87.43 95.32 -7.25
CA LYS JA 73 -87.03 96.63 -6.86
C LYS JA 73 -87.31 96.84 -5.47
N ASN JA 74 -88.46 96.38 -4.91
CA ASN JA 74 -88.88 96.44 -3.53
C ASN JA 74 -87.94 95.69 -2.56
N LEU JA 75 -87.38 94.46 -2.95
CA LEU JA 75 -86.42 93.71 -2.20
C LEU JA 75 -85.18 94.54 -2.04
N LEU JA 76 -84.79 95.17 -3.16
CA LEU JA 76 -83.57 95.97 -3.35
C LEU JA 76 -83.40 97.26 -2.51
N LYS JA 77 -84.45 98.03 -2.26
CA LYS JA 77 -84.51 99.29 -1.52
C LYS JA 77 -84.16 99.10 -0.07
N PHE JA 78 -84.64 97.95 0.50
CA PHE JA 78 -84.38 97.58 1.86
C PHE JA 78 -82.93 97.40 2.18
N ILE JA 79 -82.11 96.79 1.31
CA ILE JA 79 -80.70 96.56 1.46
C ILE JA 79 -79.88 97.63 0.72
N THR JA 80 -80.55 98.80 0.41
CA THR JA 80 -79.99 100.01 -0.27
C THR JA 80 -80.10 99.79 -1.80
N SER JA 81 -80.92 100.68 -2.42
CA SER JA 81 -81.26 100.64 -3.88
C SER JA 81 -80.01 100.72 -4.76
N ASN JA 82 -79.97 99.87 -5.85
CA ASN JA 82 -78.98 99.97 -6.92
C ASN JA 82 -79.84 99.75 -8.14
N HIS JA 83 -79.40 100.42 -9.23
CA HIS JA 83 -80.35 100.46 -10.38
C HIS JA 83 -79.72 100.96 -11.65
N LYS JA 84 -78.45 101.47 -11.51
CA LYS JA 84 -77.55 101.83 -12.58
C LYS JA 84 -76.80 100.58 -13.07
N SER JA 85 -76.77 100.37 -14.44
CA SER JA 85 -76.30 99.22 -15.15
C SER JA 85 -77.16 98.05 -14.73
N SER JA 86 -78.47 98.37 -14.70
CA SER JA 86 -79.59 97.45 -14.58
C SER JA 86 -80.75 98.12 -15.25
N VAL JA 87 -80.51 99.09 -16.12
CA VAL JA 87 -81.58 99.58 -16.95
C VAL JA 87 -81.47 99.01 -18.33
N PRO JA 88 -82.56 99.10 -19.18
CA PRO JA 88 -82.53 98.72 -20.55
C PRO JA 88 -81.44 99.25 -21.37
N GLY JA 89 -80.95 98.59 -22.37
CA GLY JA 89 -80.02 99.21 -23.31
C GLY JA 89 -78.55 99.23 -22.71
N SER JA 90 -78.29 98.64 -21.55
CA SER JA 90 -77.06 98.59 -20.83
C SER JA 90 -77.09 97.34 -19.96
N ALA JA 91 -78.22 96.50 -20.05
CA ALA JA 91 -78.39 95.23 -19.31
C ALA JA 91 -79.40 94.36 -20.04
N GLU JA 92 -79.94 94.95 -21.18
CA GLU JA 92 -80.96 94.30 -21.96
C GLU JA 92 -80.41 93.81 -23.28
N LEU JA 93 -80.82 92.60 -23.53
CA LEU JA 93 -80.74 91.87 -24.66
C LEU JA 93 -81.89 90.94 -24.63
N ARG JA 94 -82.38 90.44 -25.78
CA ARG JA 94 -83.32 89.39 -25.75
C ARG JA 94 -82.78 88.28 -26.65
N ASN JA 95 -81.43 88.27 -26.75
CA ASN JA 95 -80.66 87.44 -27.64
C ASN JA 95 -79.60 86.95 -26.68
N SER JA 96 -78.99 85.85 -27.04
CA SER JA 96 -78.04 85.05 -26.31
C SER JA 96 -78.78 84.03 -25.46
N TYR JA 97 -80.12 83.83 -25.76
CA TYR JA 97 -80.88 82.97 -25.03
C TYR JA 97 -81.57 82.08 -25.98
N PRO JA 98 -81.76 80.81 -25.55
CA PRO JA 98 -82.68 79.87 -26.20
C PRO JA 98 -83.80 79.63 -25.27
N ALA JA 99 -83.85 80.39 -24.15
CA ALA JA 99 -84.60 80.31 -22.93
C ALA JA 99 -85.67 81.33 -23.02
N SER JA 100 -85.61 82.20 -24.09
CA SER JA 100 -86.45 83.39 -24.19
C SER JA 100 -86.50 83.57 -25.71
N PHE JA 101 -85.71 82.72 -26.44
CA PHE JA 101 -85.48 82.63 -27.90
C PHE JA 101 -84.71 83.83 -28.30
N TYR JA 102 -84.75 84.10 -29.60
CA TYR JA 102 -84.29 85.31 -30.23
C TYR JA 102 -85.35 86.35 -30.11
N SER JA 103 -85.12 87.56 -30.58
CA SER JA 103 -86.09 88.68 -30.47
C SER JA 103 -87.23 88.36 -31.35
N VAL JA 104 -87.01 87.67 -32.54
CA VAL JA 104 -87.99 87.68 -33.58
C VAL JA 104 -89.19 86.77 -33.12
N ASN JA 105 -88.88 85.70 -32.35
CA ASN JA 105 -89.78 84.72 -31.84
C ASN JA 105 -90.60 85.19 -30.69
N THR JA 106 -90.05 86.08 -29.86
CA THR JA 106 -90.77 86.78 -28.84
C THR JA 106 -91.84 87.68 -29.44
N GLU JA 107 -91.48 88.41 -30.49
CA GLU JA 107 -92.27 89.41 -31.21
C GLU JA 107 -93.47 88.77 -31.85
N LYS JA 108 -93.23 87.61 -32.58
CA LYS JA 108 -94.17 86.85 -33.36
C LYS JA 108 -95.11 86.08 -32.44
N LYS JA 109 -94.74 85.79 -31.22
CA LYS JA 109 -95.32 84.97 -30.22
C LYS JA 109 -95.25 83.49 -30.50
N THR JA 110 -94.93 82.76 -29.39
CA THR JA 110 -94.40 81.38 -29.48
C THR JA 110 -94.87 80.82 -28.11
N ILE JA 111 -94.47 79.48 -27.91
CA ILE JA 111 -94.75 78.86 -26.61
C ILE JA 111 -93.97 79.35 -25.39
N GLU JA 112 -94.68 79.36 -24.18
CA GLU JA 112 -94.23 79.72 -22.87
C GLU JA 112 -92.93 78.99 -22.53
N VAL JA 113 -91.88 79.74 -22.15
CA VAL JA 113 -90.69 79.37 -21.53
C VAL JA 113 -90.60 80.37 -20.44
N THR JA 114 -91.62 81.28 -20.30
CA THR JA 114 -91.70 82.26 -19.24
C THR JA 114 -92.08 81.61 -17.86
N ALA JA 115 -92.69 80.41 -17.88
CA ALA JA 115 -92.90 79.60 -16.69
C ALA JA 115 -91.54 79.33 -15.96
N GLU JA 116 -90.52 78.88 -16.68
CA GLU JA 116 -89.31 78.36 -16.09
C GLU JA 116 -88.42 79.51 -15.79
N ILE JA 117 -88.58 80.63 -16.56
CA ILE JA 117 -87.93 81.81 -16.16
C ILE JA 117 -88.45 82.31 -14.80
N ASN JA 118 -89.72 82.26 -14.53
CA ASN JA 118 -90.40 82.62 -13.34
C ASN JA 118 -90.14 81.78 -12.12
N CYS JA 119 -90.07 80.46 -12.38
CA CYS JA 119 -89.77 79.58 -11.26
C CYS JA 119 -88.42 79.83 -10.75
N PHE JA 120 -87.48 79.84 -11.75
CA PHE JA 120 -86.14 80.13 -11.48
C PHE JA 120 -86.00 81.57 -10.91
N MET JA 121 -86.81 82.60 -11.32
CA MET JA 121 -86.75 83.94 -10.70
C MET JA 121 -87.03 83.91 -9.18
N HIS JA 122 -88.07 83.09 -8.84
CA HIS JA 122 -88.61 82.90 -7.51
C HIS JA 122 -87.62 82.20 -6.67
N LEU JA 123 -86.65 81.35 -7.29
CA LEU JA 123 -85.52 80.73 -6.61
C LEU JA 123 -84.60 81.76 -5.97
N LEU JA 124 -84.30 82.79 -6.75
CA LEU JA 124 -83.30 83.82 -6.46
C LEU JA 124 -83.85 84.65 -5.33
N VAL JA 125 -85.25 84.90 -5.39
CA VAL JA 125 -85.97 85.57 -4.34
C VAL JA 125 -85.88 84.89 -3.03
N GLN JA 126 -86.18 83.51 -2.89
CA GLN JA 126 -86.27 82.72 -1.71
C GLN JA 126 -84.89 82.68 -1.01
N LEU JA 127 -83.89 82.61 -1.97
CA LEU JA 127 -82.55 82.74 -1.65
C LEU JA 127 -82.11 84.04 -1.04
N PHE JA 128 -82.59 85.13 -1.58
CA PHE JA 128 -82.25 86.43 -1.18
C PHE JA 128 -82.67 86.73 0.24
N LEU JA 129 -83.89 86.31 0.54
CA LEU JA 129 -84.44 86.51 1.84
C LEU JA 129 -83.59 85.85 2.97
N TRP JA 130 -83.17 84.61 2.81
CA TRP JA 130 -82.41 83.83 3.80
C TRP JA 130 -80.98 84.31 3.98
N ASP JA 131 -80.29 84.57 2.88
CA ASP JA 131 -78.99 85.05 2.86
C ASP JA 131 -78.84 86.33 3.54
N SER JA 132 -79.74 87.36 3.32
CA SER JA 132 -79.59 88.59 4.03
C SER JA 132 -80.02 88.57 5.47
N LYS JA 133 -81.10 87.80 5.67
CA LYS JA 133 -81.68 87.60 6.97
C LYS JA 133 -82.74 88.57 7.27
N GLU JA 134 -83.38 88.93 6.14
CA GLU JA 134 -84.43 89.95 6.19
C GLU JA 134 -85.60 89.39 6.93
N LEU JA 135 -86.27 90.27 7.70
CA LEU JA 135 -87.35 89.88 8.53
C LEU JA 135 -88.45 90.90 8.30
N GLU JA 136 -89.64 90.71 8.98
CA GLU JA 136 -90.77 91.60 8.87
C GLU JA 136 -91.51 91.56 7.59
N GLN JA 137 -91.44 92.61 6.74
CA GLN JA 137 -92.36 92.87 5.60
C GLN JA 137 -92.10 91.88 4.51
N LEU JA 138 -90.82 91.56 4.34
CA LEU JA 138 -90.37 90.71 3.26
C LEU JA 138 -90.93 89.32 3.29
N VAL JA 139 -91.22 88.84 4.48
CA VAL JA 139 -91.82 87.50 4.72
C VAL JA 139 -93.20 87.46 4.08
N GLU JA 140 -94.06 88.46 4.28
CA GLU JA 140 -95.38 88.57 3.71
C GLU JA 140 -95.37 88.76 2.22
N PHE JA 141 -94.43 89.63 1.79
CA PHE JA 141 -94.34 90.08 0.41
C PHE JA 141 -94.10 88.96 -0.62
N ASN JA 142 -93.13 88.19 -0.28
CA ASN JA 142 -92.65 87.09 -1.06
C ASN JA 142 -93.68 86.02 -1.09
N ARG JA 143 -94.31 85.67 0.09
CA ARG JA 143 -95.19 84.52 0.11
C ARG JA 143 -96.39 84.73 -0.74
N LYS JA 144 -96.98 85.98 -0.62
CA LYS JA 144 -98.22 86.39 -1.22
C LYS JA 144 -98.13 86.44 -2.74
N VAL JA 145 -97.01 86.90 -3.32
CA VAL JA 145 -96.72 86.87 -4.74
C VAL JA 145 -96.61 85.48 -5.35
N VAL JA 146 -95.82 84.62 -4.70
CA VAL JA 146 -95.18 83.48 -5.40
C VAL JA 146 -96.19 82.35 -5.69
N ILE JA 147 -97.00 81.99 -4.66
CA ILE JA 147 -97.87 80.85 -4.63
C ILE JA 147 -99.06 80.94 -5.66
N PRO JA 148 -99.67 82.08 -5.91
CA PRO JA 148 -100.71 82.24 -6.99
C PRO JA 148 -100.17 81.94 -8.38
N ASN JA 149 -98.86 82.23 -8.54
CA ASN JA 149 -98.20 82.05 -9.77
C ASN JA 149 -98.02 80.63 -10.05
N LEU JA 150 -97.84 79.78 -9.02
CA LEU JA 150 -97.50 78.36 -9.18
C LEU JA 150 -98.77 77.59 -9.57
N LEU JA 151 -99.91 78.24 -9.44
CA LEU JA 151 -101.19 77.71 -9.73
C LEU JA 151 -101.77 78.39 -10.98
N CYS JA 152 -100.97 79.19 -11.73
CA CYS JA 152 -101.47 79.83 -12.98
C CYS JA 152 -100.93 79.19 -14.17
N TYR JA 153 -100.23 78.07 -13.88
CA TYR JA 153 -99.66 77.18 -14.81
C TYR JA 153 -100.67 76.13 -15.14
N TYR JA 154 -100.26 74.91 -15.54
CA TYR JA 154 -101.05 73.84 -15.91
C TYR JA 154 -100.69 72.65 -14.98
N ASN JA 155 -99.91 72.97 -13.88
CA ASN JA 155 -99.61 72.06 -12.72
C ASN JA 155 -98.78 70.89 -13.24
N LEU JA 156 -97.86 71.12 -14.18
CA LEU JA 156 -97.00 70.17 -14.82
C LEU JA 156 -96.03 69.51 -13.80
N ARG JA 157 -95.76 68.21 -13.97
CA ARG JA 157 -94.78 67.50 -13.14
C ARG JA 157 -93.39 68.12 -13.36
N SER JA 158 -93.03 68.63 -14.58
CA SER JA 158 -91.69 69.17 -14.82
C SER JA 158 -91.55 70.36 -13.89
N LEU JA 159 -92.53 71.23 -13.79
CA LEU JA 159 -92.46 72.46 -13.05
C LEU JA 159 -92.71 72.16 -11.55
N ASN JA 160 -93.47 71.05 -11.18
CA ASN JA 160 -93.67 70.73 -9.80
C ASN JA 160 -92.42 70.43 -9.01
N LEU JA 161 -91.46 69.67 -9.77
CA LEU JA 161 -90.14 69.24 -9.23
C LEU JA 161 -89.31 70.35 -8.78
N ILE JA 162 -89.30 71.43 -9.60
CA ILE JA 162 -88.41 72.56 -9.39
C ILE JA 162 -89.00 73.36 -8.23
N ASN JA 163 -90.33 73.68 -8.22
CA ASN JA 163 -90.96 74.65 -7.32
C ASN JA 163 -91.14 74.05 -5.94
N ALA JA 164 -90.98 72.67 -5.75
CA ALA JA 164 -91.12 71.98 -4.55
C ALA JA 164 -90.08 72.35 -3.48
N LYS JA 165 -88.94 72.82 -3.98
CA LYS JA 165 -87.80 73.14 -3.22
C LYS JA 165 -87.96 74.57 -2.74
N LEU JA 166 -88.92 75.28 -3.30
CA LEU JA 166 -89.24 76.66 -2.96
C LEU JA 166 -90.04 76.62 -1.68
N TRP JA 167 -90.83 75.55 -1.42
CA TRP JA 167 -91.67 75.41 -0.26
C TRP JA 167 -90.92 75.42 1.10
N PHE JA 168 -89.65 74.98 1.12
CA PHE JA 168 -88.89 74.86 2.33
C PHE JA 168 -88.66 76.21 2.92
N TYR JA 169 -88.22 77.20 2.10
CA TYR JA 169 -87.95 78.56 2.42
C TYR JA 169 -89.09 79.45 2.77
N ILE JA 170 -90.22 79.27 2.09
CA ILE JA 170 -91.46 79.88 2.42
C ILE JA 170 -91.83 79.61 3.81
N TYR JA 171 -91.66 78.34 4.21
CA TYR JA 171 -91.90 77.94 5.53
C TYR JA 171 -90.93 78.45 6.53
N LEU JA 172 -89.58 78.61 6.20
CA LEU JA 172 -88.57 78.98 7.21
C LEU JA 172 -88.88 80.41 7.67
N SER JA 173 -89.15 81.38 6.78
CA SER JA 173 -89.22 82.72 7.18
C SER JA 173 -90.40 83.02 8.09
N HIS JA 174 -91.47 82.16 8.03
CA HIS JA 174 -92.74 82.36 8.75
C HIS JA 174 -92.52 82.05 10.21
N GLU JA 175 -91.71 80.96 10.51
CA GLU JA 175 -91.48 80.54 11.82
C GLU JA 175 -90.59 81.51 12.59
N THR JA 176 -89.66 82.18 11.88
CA THR JA 176 -88.57 82.99 12.36
C THR JA 176 -89.17 84.25 12.87
N LEU JA 177 -90.03 84.88 12.05
CA LEU JA 177 -90.86 86.00 12.39
C LEU JA 177 -91.77 85.74 13.63
N ALA JA 178 -92.38 84.53 13.68
CA ALA JA 178 -93.30 84.13 14.77
C ALA JA 178 -92.58 84.01 16.13
N ARG JA 179 -91.30 83.48 16.07
CA ARG JA 179 -90.44 83.22 17.23
C ARG JA 179 -89.97 84.55 17.73
N SER JA 180 -89.64 85.57 16.83
CA SER JA 180 -89.06 86.84 17.23
C SER JA 180 -90.06 87.80 17.96
N SER JA 181 -91.30 87.85 17.36
CA SER JA 181 -92.27 88.81 17.68
C SER JA 181 -93.55 88.10 18.03
N GLU JA 182 -94.12 88.47 19.28
CA GLU JA 182 -95.32 87.80 19.73
C GLU JA 182 -96.43 88.64 19.27
N GLU JA 183 -97.30 88.29 18.30
CA GLU JA 183 -98.28 89.23 17.79
C GLU JA 183 -99.39 88.43 17.23
N ILE JA 184 -100.60 89.06 17.23
CA ILE JA 184 -101.89 88.49 16.87
C ILE JA 184 -101.99 88.09 15.45
N ASN JA 185 -101.24 88.79 14.57
CA ASN JA 185 -101.16 88.71 13.12
C ASN JA 185 -100.47 87.37 12.75
N SER JA 186 -99.44 87.01 13.54
CA SER JA 186 -98.70 85.82 13.26
C SER JA 186 -99.44 84.51 13.53
N ASP JA 187 -100.31 84.49 14.60
CA ASP JA 187 -101.26 83.53 15.02
C ASP JA 187 -102.32 83.32 13.93
N ASN JA 188 -102.74 84.41 13.37
CA ASN JA 188 -103.86 84.57 12.40
C ASN JA 188 -103.55 84.01 11.07
N GLN JA 189 -102.31 84.13 10.60
CA GLN JA 189 -101.96 83.70 9.25
C GLN JA 189 -101.42 82.38 9.29
N ASN JA 190 -101.21 81.77 10.47
CA ASN JA 190 -100.70 80.41 10.61
C ASN JA 190 -101.79 79.49 10.15
N ILE JA 191 -103.05 79.86 10.41
CA ILE JA 191 -104.34 79.09 10.03
C ILE JA 191 -104.34 79.17 8.47
N ILE JA 192 -103.95 80.29 7.85
CA ILE JA 192 -103.91 80.35 6.40
C ILE JA 192 -102.91 79.44 5.89
N LEU JA 193 -101.69 79.36 6.48
CA LEU JA 193 -100.57 78.59 6.02
C LEU JA 193 -100.82 77.05 6.02
N ARG JA 194 -101.45 76.41 7.09
CA ARG JA 194 -101.79 75.01 7.13
C ARG JA 194 -102.76 74.68 6.00
N SER JA 195 -103.75 75.57 5.86
CA SER JA 195 -104.72 75.47 4.87
C SER JA 195 -104.08 75.37 3.44
N THR JA 196 -103.10 76.16 3.10
CA THR JA 196 -102.47 76.26 1.83
C THR JA 196 -101.68 75.03 1.45
N MET JA 197 -101.05 74.41 2.42
CA MET JA 197 -100.22 73.26 2.26
C MET JA 197 -100.96 71.96 1.95
N MET JA 198 -102.13 71.87 2.57
CA MET JA 198 -103.07 70.81 2.40
C MET JA 198 -103.60 70.97 1.00
N LYS JA 199 -103.91 72.25 0.57
CA LYS JA 199 -104.41 72.58 -0.79
C LYS JA 199 -103.49 72.17 -1.87
N PHE JA 200 -102.17 72.38 -1.73
CA PHE JA 200 -101.19 72.02 -2.69
C PHE JA 200 -101.06 70.46 -2.73
N LEU JA 201 -101.09 69.85 -1.51
CA LEU JA 201 -100.87 68.47 -1.30
C LEU JA 201 -101.93 67.64 -2.02
N LYS JA 202 -103.19 68.15 -2.11
CA LYS JA 202 -104.25 67.58 -2.90
C LYS JA 202 -103.92 67.69 -4.40
N ILE JA 203 -103.43 68.83 -4.82
CA ILE JA 203 -103.14 69.08 -6.15
C ILE JA 203 -102.09 68.12 -6.62
N ALA JA 204 -101.09 67.85 -5.76
CA ALA JA 204 -99.87 67.07 -6.08
C ALA JA 204 -100.15 65.60 -5.93
N SER JA 205 -101.35 65.13 -5.39
CA SER JA 205 -101.82 63.80 -5.43
C SER JA 205 -102.27 63.49 -6.77
N LEU JA 206 -103.01 64.47 -7.37
CA LEU JA 206 -103.68 64.37 -8.69
C LEU JA 206 -102.66 64.18 -9.74
N LYS JA 207 -101.59 64.94 -9.70
CA LYS JA 207 -100.57 65.08 -10.60
C LYS JA 207 -99.42 64.13 -10.26
N HIS JA 208 -99.56 63.34 -9.20
CA HIS JA 208 -98.70 62.30 -8.67
C HIS JA 208 -97.18 62.57 -8.57
N ASP JA 209 -96.76 63.73 -7.96
CA ASP JA 209 -95.36 64.10 -7.81
C ASP JA 209 -94.98 63.87 -6.41
N ASN JA 210 -94.00 63.02 -6.18
CA ASN JA 210 -93.71 62.38 -5.01
C ASN JA 210 -92.90 63.39 -4.17
N GLU JA 211 -91.97 64.20 -4.74
CA GLU JA 211 -91.19 65.22 -4.02
C GLU JA 211 -92.01 66.34 -3.32
N THR JA 212 -93.08 66.78 -4.02
CA THR JA 212 -93.98 67.82 -3.59
C THR JA 212 -94.77 67.31 -2.47
N LYS JA 213 -95.17 66.04 -2.52
CA LYS JA 213 -95.77 65.40 -1.43
C LYS JA 213 -94.87 65.16 -0.20
N ALA JA 214 -93.60 64.81 -0.33
CA ALA JA 214 -92.69 64.53 0.76
C ALA JA 214 -92.36 65.80 1.48
N MET JA 215 -92.14 66.92 0.80
CA MET JA 215 -91.76 68.15 1.41
C MET JA 215 -92.90 68.77 2.17
N LEU JA 216 -94.17 68.79 1.63
CA LEU JA 216 -95.39 69.41 2.16
C LEU JA 216 -95.81 68.68 3.41
N ILE JA 217 -95.60 67.37 3.52
CA ILE JA 217 -95.87 66.60 4.69
C ILE JA 217 -95.03 66.97 5.86
N ASN JA 218 -93.70 67.15 5.64
CA ASN JA 218 -92.78 67.42 6.76
C ASN JA 218 -92.98 68.81 7.45
N LEU JA 219 -93.31 69.88 6.67
CA LEU JA 219 -93.44 71.25 7.09
C LEU JA 219 -94.69 71.47 7.97
N ILE JA 220 -95.77 70.78 7.58
CA ILE JA 220 -96.97 70.96 8.28
C ILE JA 220 -96.96 70.03 9.53
N LEU JA 221 -96.24 68.91 9.54
CA LEU JA 221 -96.19 68.12 10.76
C LEU JA 221 -95.44 68.87 11.82
N ARG JA 222 -94.36 69.62 11.41
CA ARG JA 222 -93.54 70.34 12.30
C ARG JA 222 -94.34 71.50 13.00
N ASP JA 223 -95.18 72.25 12.26
CA ASP JA 223 -96.01 73.30 12.58
C ASP JA 223 -97.00 72.87 13.68
N PHE JA 224 -97.69 71.66 13.54
CA PHE JA 224 -98.72 71.26 14.46
C PHE JA 224 -98.07 71.08 15.80
N LEU JA 225 -96.92 70.40 15.91
CA LEU JA 225 -96.18 70.08 17.11
C LEU JA 225 -95.60 71.25 17.80
N ASN JA 226 -95.28 72.37 17.07
CA ASN JA 226 -94.72 73.61 17.65
C ASN JA 226 -95.87 74.27 18.42
N ASN JA 227 -97.09 74.17 17.93
CA ASN JA 227 -98.23 74.73 18.63
C ASN JA 227 -98.77 73.68 19.64
N GLY JA 228 -98.18 72.45 19.61
CA GLY JA 228 -98.28 71.44 20.66
C GLY JA 228 -99.44 70.52 20.58
N GLU JA 229 -100.33 70.62 19.58
CA GLU JA 229 -101.45 69.64 19.52
C GLU JA 229 -100.91 68.36 18.89
N VAL JA 230 -101.05 67.31 19.68
CA VAL JA 230 -100.70 65.97 19.18
C VAL JA 230 -101.63 65.39 18.10
N ASP JA 231 -102.93 65.47 18.42
CA ASP JA 231 -104.00 64.83 17.76
C ASP JA 231 -104.20 65.07 16.32
N SER JA 232 -103.96 66.31 15.83
CA SER JA 232 -104.06 66.65 14.44
C SER JA 232 -102.97 66.01 13.64
N ALA JA 233 -101.73 66.05 14.20
CA ALA JA 233 -100.57 65.45 13.59
C ALA JA 233 -100.77 63.93 13.47
N SER JA 234 -101.26 63.28 14.54
CA SER JA 234 -101.42 61.77 14.57
C SER JA 234 -102.46 61.26 13.56
N ASP JA 235 -103.55 62.02 13.40
CA ASP JA 235 -104.62 61.68 12.55
C ASP JA 235 -104.16 61.75 11.11
N PHE JA 236 -103.15 62.61 10.91
CA PHE JA 236 -102.77 62.96 9.53
C PHE JA 236 -101.91 61.81 9.00
N ILE JA 237 -101.03 61.31 9.86
CA ILE JA 237 -100.01 60.34 9.48
C ILE JA 237 -100.61 58.98 9.28
N SER JA 238 -101.86 58.62 9.83
CA SER JA 238 -102.36 57.31 9.87
C SER JA 238 -103.26 57.21 8.68
N LYS JA 239 -103.04 57.97 7.60
CA LYS JA 239 -103.74 57.91 6.33
C LYS JA 239 -102.78 57.29 5.39
N LEU JA 240 -101.48 57.20 5.78
CA LEU JA 240 -100.40 56.38 5.25
C LEU JA 240 -100.01 56.78 3.87
N GLU JA 241 -99.93 58.12 3.59
CA GLU JA 241 -99.78 58.63 2.31
C GLU JA 241 -98.35 59.15 2.05
N TYR JA 242 -97.39 59.05 2.99
CA TYR JA 242 -96.01 59.37 2.75
C TYR JA 242 -95.41 58.60 1.61
N PRO JA 243 -94.68 59.24 0.72
CA PRO JA 243 -94.09 58.59 -0.42
C PRO JA 243 -92.75 58.10 0.01
N HIS JA 244 -92.11 57.26 -0.85
CA HIS JA 244 -90.88 56.68 -0.74
C HIS JA 244 -90.23 56.65 -2.00
N THR JA 245 -90.74 57.19 -3.09
CA THR JA 245 -90.09 57.16 -4.41
C THR JA 245 -89.07 58.22 -4.55
N ASP JA 246 -89.48 59.52 -4.34
CA ASP JA 246 -88.62 60.69 -4.31
C ASP JA 246 -88.77 61.08 -2.91
N VAL JA 247 -87.72 60.85 -2.23
CA VAL JA 247 -87.47 61.06 -0.86
C VAL JA 247 -85.93 61.07 -0.81
N SER JA 248 -85.39 61.60 0.34
CA SER JA 248 -83.96 61.84 0.44
C SER JA 248 -83.49 61.51 1.82
N SER JA 249 -82.13 61.54 1.98
CA SER JA 249 -81.48 61.12 3.28
C SER JA 249 -81.94 61.96 4.41
N SER JA 250 -81.91 63.34 4.12
CA SER JA 250 -82.54 64.25 5.04
C SER JA 250 -84.01 64.09 5.17
N LEU JA 251 -84.76 63.87 4.01
CA LEU JA 251 -86.16 63.94 4.08
C LEU JA 251 -86.80 62.82 4.93
N GLU JA 252 -86.28 61.59 4.79
CA GLU JA 252 -86.71 60.46 5.57
C GLU JA 252 -86.26 60.48 7.03
N ALA JA 253 -85.05 60.92 7.31
CA ALA JA 253 -84.60 61.27 8.68
C ALA JA 253 -85.50 62.24 9.38
N ARG JA 254 -85.99 63.32 8.78
CA ARG JA 254 -86.90 64.23 9.32
C ARG JA 254 -88.26 63.72 9.72
N TYR JA 255 -88.93 62.84 8.83
CA TYR JA 255 -90.21 62.23 9.04
C TYR JA 255 -90.22 61.45 10.32
N PHE JA 256 -89.08 60.68 10.53
CA PHE JA 256 -88.99 59.70 11.61
C PHE JA 256 -88.91 60.37 12.88
N PHE JA 257 -88.28 61.54 12.86
CA PHE JA 257 -88.13 62.34 14.10
C PHE JA 257 -89.51 62.84 14.64
N TYR JA 258 -90.44 63.22 13.74
CA TYR JA 258 -91.82 63.58 14.02
C TYR JA 258 -92.48 62.42 14.54
N LEU JA 259 -92.32 61.18 13.92
CA LEU JA 259 -92.94 59.96 14.40
C LEU JA 259 -92.57 59.58 15.81
N SER JA 260 -91.32 59.83 16.17
CA SER JA 260 -90.82 59.60 17.57
C SER JA 260 -91.53 60.37 18.57
N LYS JA 261 -91.65 61.67 18.29
CA LYS JA 261 -92.06 62.67 19.23
C LYS JA 261 -93.51 62.45 19.55
N ILE JA 262 -94.37 62.03 18.57
CA ILE JA 262 -95.73 61.74 18.74
C ILE JA 262 -96.02 60.54 19.54
N ASN JA 263 -95.34 59.42 19.29
CA ASN JA 263 -95.62 58.17 19.92
C ASN JA 263 -95.14 58.07 21.40
N ALA JA 264 -94.00 58.70 21.75
CA ALA JA 264 -93.52 58.84 23.15
C ALA JA 264 -94.40 59.52 24.09
N ILE JA 265 -95.03 60.63 23.70
CA ILE JA 265 -95.84 61.46 24.52
C ILE JA 265 -97.24 60.86 24.59
N GLN JA 266 -97.49 59.82 23.72
CA GLN JA 266 -98.71 59.02 23.69
C GLN JA 266 -98.56 57.76 24.49
N LEU JA 267 -97.38 57.60 25.20
CA LEU JA 267 -97.12 56.66 26.30
C LEU JA 267 -96.80 55.26 25.73
N ASP JA 268 -96.20 55.17 24.54
CA ASP JA 268 -95.82 53.94 23.91
C ASP JA 268 -94.40 54.30 23.45
N TYR JA 269 -93.37 53.65 24.13
CA TYR JA 269 -91.97 54.06 23.99
C TYR JA 269 -91.23 53.12 23.17
N SER JA 270 -91.78 51.96 22.89
CA SER JA 270 -91.29 50.88 22.00
C SER JA 270 -91.45 51.37 20.59
N THR JA 271 -92.61 52.06 20.33
CA THR JA 271 -93.01 52.40 18.96
C THR JA 271 -92.22 53.69 18.56
N ALA JA 272 -92.05 54.52 19.61
CA ALA JA 272 -91.27 55.78 19.53
C ALA JA 272 -89.79 55.55 19.28
N ASN JA 273 -89.18 54.62 19.92
CA ASN JA 273 -87.83 54.25 19.80
C ASN JA 273 -87.51 53.67 18.47
N GLU JA 274 -88.43 52.93 17.83
CA GLU JA 274 -88.30 52.33 16.50
C GLU JA 274 -87.95 53.46 15.52
N TYR JA 275 -88.63 54.58 15.55
CA TYR JA 275 -88.46 55.67 14.64
C TYR JA 275 -87.16 56.38 14.85
N ILE JA 276 -86.74 56.63 16.15
CA ILE JA 276 -85.62 57.57 16.39
C ILE JA 276 -84.34 56.96 15.95
N ILE JA 277 -84.22 55.64 16.03
CA ILE JA 277 -83.05 54.88 15.69
C ILE JA 277 -82.91 55.03 14.16
N ALA JA 278 -84.08 54.96 13.38
CA ALA JA 278 -84.15 55.07 11.98
C ALA JA 278 -83.70 56.40 11.52
N ALA JA 279 -84.08 57.46 12.26
CA ALA JA 279 -83.76 58.86 11.95
C ALA JA 279 -82.31 59.19 11.93
N ILE JA 280 -81.52 58.80 13.03
CA ILE JA 280 -80.07 58.96 13.11
C ILE JA 280 -79.39 58.23 11.99
N ARG JA 281 -79.91 57.03 11.74
CA ARG JA 281 -79.39 56.16 10.72
C ARG JA 281 -79.39 56.65 9.27
N LYS JA 282 -80.46 57.33 8.79
CA LYS JA 282 -80.62 57.83 7.45
C LYS JA 282 -79.68 59.02 7.21
N ALA JA 283 -79.65 59.89 8.20
CA ALA JA 283 -78.95 61.14 8.17
C ALA JA 283 -77.46 61.13 7.99
N PRO JA 284 -76.79 62.05 7.24
CA PRO JA 284 -75.36 62.00 7.19
C PRO JA 284 -74.79 62.44 8.43
N HIS JA 285 -73.48 62.30 8.58
CA HIS JA 285 -72.81 62.70 9.75
C HIS JA 285 -71.79 63.77 9.26
N ASN JA 286 -72.04 65.11 9.60
CA ASN JA 286 -71.26 66.23 9.08
C ASN JA 286 -71.37 67.26 10.18
N SER JA 287 -70.70 68.46 9.97
CA SER JA 287 -70.78 69.66 10.77
C SER JA 287 -71.96 70.54 10.25
N LYS JA 288 -72.57 70.04 9.17
CA LYS JA 288 -73.72 70.71 8.58
C LYS JA 288 -74.97 69.98 8.92
N SER JA 289 -74.89 68.82 9.60
CA SER JA 289 -75.96 67.91 9.99
C SER JA 289 -76.05 67.91 11.51
N LEU JA 290 -75.28 68.80 12.14
CA LEU JA 290 -74.84 68.84 13.48
C LEU JA 290 -76.09 69.08 14.26
N GLY JA 291 -76.85 70.11 13.85
CA GLY JA 291 -78.13 70.43 14.44
C GLY JA 291 -79.08 69.28 14.55
N PHE JA 292 -79.27 68.53 13.42
CA PHE JA 292 -80.20 67.47 13.32
C PHE JA 292 -79.80 66.32 14.24
N LEU JA 293 -78.50 65.98 14.28
CA LEU JA 293 -77.95 64.92 15.04
C LEU JA 293 -78.05 65.14 16.51
N GLN JA 294 -77.85 66.48 16.85
CA GLN JA 294 -77.71 67.00 18.17
C GLN JA 294 -79.00 66.81 18.85
N GLN JA 295 -80.15 67.22 18.23
CA GLN JA 295 -81.50 67.07 18.71
C GLN JA 295 -81.99 65.66 18.73
N SER JA 296 -81.41 64.77 17.85
CA SER JA 296 -81.83 63.36 17.72
C SER JA 296 -81.36 62.59 18.90
N ASN JA 297 -80.09 62.94 19.35
CA ASN JA 297 -79.44 62.34 20.50
C ASN JA 297 -80.22 62.64 21.79
N LYS JA 298 -80.66 63.91 21.95
CA LYS JA 298 -81.32 64.42 23.12
C LYS JA 298 -82.63 63.65 23.38
N LEU JA 299 -83.41 63.43 22.29
CA LEU JA 299 -84.67 62.74 22.31
C LEU JA 299 -84.51 61.30 22.57
N HIS JA 300 -83.42 60.66 22.00
CA HIS JA 300 -83.11 59.25 22.12
C HIS JA 300 -82.87 58.77 23.53
N CYS JA 301 -82.20 59.56 24.33
CA CYS JA 301 -81.82 59.15 25.69
C CYS JA 301 -83.02 58.98 26.53
N CYS JA 302 -83.93 59.87 26.38
CA CYS JA 302 -85.11 59.93 27.23
C CYS JA 302 -86.05 58.87 26.83
N ILE JA 303 -86.21 58.55 25.47
CA ILE JA 303 -87.14 57.54 25.10
C ILE JA 303 -86.78 56.21 25.70
N GLN JA 304 -85.50 55.92 25.79
CA GLN JA 304 -84.82 54.72 26.27
C GLN JA 304 -84.95 54.60 27.76
N LEU JA 305 -84.83 55.72 28.60
CA LEU JA 305 -84.91 55.89 30.01
C LEU JA 305 -86.27 55.65 30.48
N LEU JA 306 -87.27 56.03 29.62
CA LEU JA 306 -88.67 55.81 29.86
C LEU JA 306 -88.93 54.33 29.82
N MET JA 307 -88.33 53.51 28.95
CA MET JA 307 -88.47 52.08 29.02
C MET JA 307 -87.98 51.45 30.37
N GLY JA 308 -86.86 51.95 30.85
CA GLY JA 308 -86.23 51.66 32.16
C GLY JA 308 -84.97 51.03 31.80
N ASP JA 309 -84.57 51.14 30.49
CA ASP JA 309 -83.33 50.63 30.06
C ASP JA 309 -82.46 51.84 29.84
N ILE JA 310 -81.11 51.61 30.07
CA ILE JA 310 -80.24 52.77 30.45
C ILE JA 310 -79.28 52.98 29.34
N PRO JA 311 -78.92 54.25 28.85
CA PRO JA 311 -77.78 54.32 27.89
C PRO JA 311 -76.39 54.24 28.54
N GLU JA 312 -75.37 53.67 27.86
CA GLU JA 312 -74.02 53.47 28.28
C GLU JA 312 -73.30 54.79 28.30
N LEU JA 313 -72.23 54.86 29.18
CA LEU JA 313 -71.39 55.97 29.58
C LEU JA 313 -70.47 56.39 28.46
N SER JA 314 -70.12 55.42 27.55
CA SER JA 314 -69.29 55.70 26.41
C SER JA 314 -69.99 56.60 25.45
N PHE JA 315 -71.34 56.67 25.39
CA PHE JA 315 -72.18 57.49 24.52
C PHE JA 315 -71.89 58.93 24.57
N PHE JA 316 -71.90 59.43 25.85
CA PHE JA 316 -71.70 60.78 26.23
C PHE JA 316 -70.27 61.20 26.18
N HIS JA 317 -69.36 60.31 26.60
CA HIS JA 317 -67.92 60.49 26.80
C HIS JA 317 -67.18 60.79 25.57
N GLN JA 318 -67.54 60.08 24.51
CA GLN JA 318 -66.77 60.13 23.24
C GLN JA 318 -67.49 61.02 22.23
N SER JA 319 -68.58 61.72 22.68
CA SER JA 319 -69.32 62.71 22.02
C SER JA 319 -68.50 63.95 21.97
N ASN JA 320 -68.66 64.60 20.76
CA ASN JA 320 -68.13 65.94 20.52
C ASN JA 320 -69.17 66.97 20.82
N MET JA 321 -70.35 66.45 21.32
CA MET JA 321 -71.63 67.13 21.50
C MET JA 321 -71.99 66.92 22.94
N GLN JA 322 -70.95 66.73 23.87
CA GLN JA 322 -71.13 66.18 25.19
C GLN JA 322 -71.44 67.31 26.11
N LYS JA 323 -71.19 68.59 25.81
CA LYS JA 323 -71.29 69.66 26.81
C LYS JA 323 -72.69 70.26 26.75
N SER JA 324 -73.58 69.70 25.85
CA SER JA 324 -75.01 70.01 25.75
C SER JA 324 -75.83 68.83 26.16
N LEU JA 325 -75.13 67.66 26.23
CA LEU JA 325 -75.79 66.47 26.70
C LEU JA 325 -75.46 66.29 28.13
N LEU JA 326 -74.99 67.28 28.90
CA LEU JA 326 -74.64 67.18 30.31
C LEU JA 326 -75.87 67.08 31.27
N PRO JA 327 -77.02 67.71 31.18
CA PRO JA 327 -78.20 67.42 31.92
C PRO JA 327 -78.65 66.02 31.56
N TYR JA 328 -78.39 65.50 30.30
CA TYR JA 328 -78.91 64.22 29.85
C TYR JA 328 -78.11 63.10 30.42
N TYR JA 329 -76.81 63.38 30.62
CA TYR JA 329 -75.89 62.38 31.22
C TYR JA 329 -76.33 62.15 32.68
N HIS JA 330 -76.65 63.25 33.41
CA HIS JA 330 -77.09 63.22 34.82
C HIS JA 330 -78.42 62.51 34.95
N LEU JA 331 -79.22 62.46 33.94
CA LEU JA 331 -80.51 61.77 33.85
C LEU JA 331 -80.36 60.29 33.89
N THR JA 332 -79.33 59.89 33.18
CA THR JA 332 -78.83 58.49 33.08
C THR JA 332 -78.37 58.04 34.42
N LYS JA 333 -77.49 58.83 35.09
CA LYS JA 333 -76.93 58.42 36.37
C LYS JA 333 -77.98 58.37 37.51
N ALA JA 334 -78.87 59.41 37.53
CA ALA JA 334 -79.85 59.61 38.58
C ALA JA 334 -80.89 58.60 38.62
N VAL JA 335 -81.40 58.17 37.35
CA VAL JA 335 -82.40 57.10 37.19
C VAL JA 335 -81.88 55.74 37.67
N LYS JA 336 -80.67 55.45 37.23
CA LYS JA 336 -79.97 54.21 37.50
C LYS JA 336 -79.72 53.93 38.94
N LEU JA 337 -79.34 55.00 39.72
CA LEU JA 337 -78.92 54.93 41.13
C LEU JA 337 -80.15 55.03 41.92
N GLY JA 338 -81.32 55.38 41.39
CA GLY JA 338 -82.65 55.27 42.04
C GLY JA 338 -82.87 56.33 43.05
N ASP JA 339 -82.25 57.57 43.00
CA ASP JA 339 -82.28 58.43 44.18
C ASP JA 339 -83.24 59.54 43.86
N LEU JA 340 -84.21 59.70 44.77
CA LEU JA 340 -85.40 60.61 44.52
C LEU JA 340 -85.03 62.10 44.47
N LYS JA 341 -84.10 62.43 45.32
CA LYS JA 341 -83.62 63.75 45.71
C LYS JA 341 -82.68 64.26 44.64
N LYS JA 342 -81.80 63.45 43.99
CA LYS JA 342 -80.98 63.82 42.82
C LYS JA 342 -81.80 64.18 41.66
N PHE JA 343 -82.94 63.41 41.51
CA PHE JA 343 -83.76 63.72 40.40
C PHE JA 343 -84.40 65.10 40.49
N THR JA 344 -84.85 65.41 41.71
CA THR JA 344 -85.54 66.59 42.13
C THR JA 344 -84.67 67.79 41.75
N SER JA 345 -83.38 67.66 42.11
CA SER JA 345 -82.37 68.74 41.95
C SER JA 345 -82.05 68.96 40.55
N THR JA 346 -81.83 67.86 39.75
CA THR JA 346 -81.42 67.84 38.32
C THR JA 346 -82.36 68.66 37.41
N ILE JA 347 -83.71 68.52 37.54
CA ILE JA 347 -84.70 69.04 36.63
C ILE JA 347 -85.06 70.38 37.15
N THR JA 348 -84.68 70.78 38.34
CA THR JA 348 -84.80 72.11 38.87
C THR JA 348 -83.57 72.94 38.47
N LYS JA 349 -82.33 72.40 38.56
CA LYS JA 349 -81.07 73.04 38.18
C LYS JA 349 -80.99 73.32 36.69
N TYR JA 350 -81.46 72.33 35.92
CA TYR JA 350 -81.37 72.33 34.52
C TYR JA 350 -82.69 72.53 33.91
N LYS JA 351 -83.64 73.15 34.65
CA LYS JA 351 -84.97 73.46 34.17
C LYS JA 351 -85.07 74.37 32.93
N GLN JA 352 -84.21 75.47 32.75
CA GLN JA 352 -84.31 76.31 31.65
C GLN JA 352 -83.94 75.57 30.41
N LEU JA 353 -82.91 74.69 30.55
CA LEU JA 353 -82.15 73.95 29.50
C LEU JA 353 -83.16 72.98 28.78
N LEU JA 354 -83.95 72.21 29.62
CA LEU JA 354 -84.88 71.15 29.38
C LEU JA 354 -86.10 71.70 28.81
N LEU JA 355 -86.51 72.87 29.35
CA LEU JA 355 -87.69 73.54 28.87
C LEU JA 355 -87.48 74.22 27.55
N LYS JA 356 -86.24 74.70 27.16
CA LYS JA 356 -85.85 75.36 25.90
C LYS JA 356 -86.00 74.40 24.72
N ASP JA 357 -85.57 73.16 24.98
CA ASP JA 357 -85.43 72.13 24.04
C ASP JA 357 -86.70 71.33 23.99
N ASP JA 358 -87.71 71.57 24.88
CA ASP JA 358 -89.05 70.95 24.90
C ASP JA 358 -89.10 69.54 25.44
N THR JA 359 -88.03 69.13 26.10
CA THR JA 359 -87.84 67.72 26.55
C THR JA 359 -88.19 67.53 27.97
N TYR JA 360 -88.54 68.61 28.67
CA TYR JA 360 -88.86 68.70 30.05
C TYR JA 360 -90.15 67.85 30.40
N GLN JA 361 -91.12 67.78 29.44
CA GLN JA 361 -92.41 67.02 29.67
C GLN JA 361 -92.18 65.54 29.80
N LEU JA 362 -91.21 64.96 29.00
CA LEU JA 362 -90.83 63.48 29.04
C LEU JA 362 -90.01 63.28 30.37
N CYS JA 363 -89.19 64.31 30.88
CA CYS JA 363 -88.49 64.23 32.12
C CYS JA 363 -89.33 64.13 33.33
N VAL JA 364 -90.57 64.68 33.27
CA VAL JA 364 -91.56 64.42 34.33
C VAL JA 364 -91.92 62.94 34.48
N ARG JA 365 -92.11 62.12 33.40
CA ARG JA 365 -92.57 60.75 33.49
C ARG JA 365 -91.37 59.94 33.93
N LEU JA 366 -90.08 60.48 33.85
CA LEU JA 366 -88.80 59.87 34.22
C LEU JA 366 -88.62 59.93 35.75
N ARG JA 367 -89.48 60.72 36.45
CA ARG JA 367 -89.56 60.71 37.85
C ARG JA 367 -89.98 59.35 38.32
N SER JA 368 -90.92 58.72 37.57
CA SER JA 368 -91.53 57.44 37.96
C SER JA 368 -90.61 56.30 37.90
N ASN JA 369 -89.76 56.43 36.84
CA ASN JA 369 -88.67 55.52 36.42
C ASN JA 369 -87.51 55.47 37.37
N VAL JA 370 -87.35 56.49 38.28
CA VAL JA 370 -86.36 56.44 39.28
C VAL JA 370 -86.62 55.23 40.17
N ILE JA 371 -87.87 55.05 40.63
CA ILE JA 371 -88.39 54.02 41.51
C ILE JA 371 -88.34 52.73 40.72
N LYS JA 372 -88.82 52.75 39.52
CA LYS JA 372 -89.00 51.61 38.76
C LYS JA 372 -87.66 50.86 38.40
N THR JA 373 -86.61 51.68 38.08
CA THR JA 373 -85.27 51.26 37.81
C THR JA 373 -84.63 50.73 39.08
N GLY JA 374 -84.87 51.45 40.24
CA GLY JA 374 -84.32 50.98 41.52
C GLY JA 374 -84.85 49.68 42.01
N ILE JA 375 -86.15 49.37 41.72
CA ILE JA 375 -86.83 48.13 42.13
C ILE JA 375 -86.37 47.00 41.21
N ARG JA 376 -86.06 47.36 39.99
CA ARG JA 376 -85.48 46.41 39.00
C ARG JA 376 -84.15 45.86 39.32
N ILE JA 377 -83.18 46.67 39.80
CA ILE JA 377 -81.91 46.29 40.23
C ILE JA 377 -81.98 45.36 41.36
N ILE JA 378 -82.98 45.67 42.30
CA ILE JA 378 -83.23 44.89 43.46
C ILE JA 378 -83.74 43.47 43.13
N SER JA 379 -84.60 43.30 42.10
CA SER JA 379 -85.13 42.00 41.51
C SER JA 379 -84.01 41.19 40.92
N LEU JA 380 -83.07 41.89 40.20
CA LEU JA 380 -81.86 41.19 39.75
C LEU JA 380 -80.85 40.64 40.82
N THR JA 381 -80.58 41.46 41.85
CA THR JA 381 -79.65 41.24 42.89
C THR JA 381 -80.16 40.29 43.95
N TYR JA 382 -81.49 40.33 44.29
CA TYR JA 382 -82.13 39.54 45.32
C TYR JA 382 -83.30 38.86 44.70
N LYS JA 383 -83.49 37.49 44.98
CA LYS JA 383 -84.63 36.72 44.55
C LYS JA 383 -85.65 36.71 45.61
N LYS JA 384 -85.30 36.52 46.91
CA LYS JA 384 -86.35 36.56 47.90
C LYS JA 384 -85.93 37.75 48.83
N ILE JA 385 -86.82 38.69 49.10
CA ILE JA 385 -86.38 39.78 49.98
C ILE JA 385 -87.63 40.27 50.67
N SER JA 386 -87.44 40.50 52.00
CA SER JA 386 -88.51 41.04 52.78
C SER JA 386 -88.93 42.36 52.37
N LEU JA 387 -90.24 42.61 52.66
CA LEU JA 387 -90.87 43.89 52.28
C LEU JA 387 -90.24 45.08 52.97
N ARG JA 388 -89.76 44.78 54.23
CA ARG JA 388 -89.14 45.74 55.08
C ARG JA 388 -87.89 46.27 54.55
N ASP JA 389 -86.99 45.39 54.03
CA ASP JA 389 -85.67 45.79 53.57
C ASP JA 389 -85.76 46.72 52.40
N ILE JA 390 -86.76 46.48 51.51
CA ILE JA 390 -87.07 47.27 50.33
C ILE JA 390 -87.44 48.63 50.77
N CYS JA 391 -88.23 48.78 51.82
CA CYS JA 391 -88.68 50.14 52.21
C CYS JA 391 -87.53 51.02 52.69
N LEU JA 392 -86.52 50.46 53.41
CA LEU JA 392 -85.30 51.17 53.74
C LEU JA 392 -84.40 51.59 52.53
N LYS JA 393 -84.30 50.74 51.51
CA LYS JA 393 -83.42 50.97 50.38
C LYS JA 393 -83.77 52.22 49.49
N LEU JA 394 -85.14 52.44 49.28
CA LEU JA 394 -85.64 53.54 48.47
C LEU JA 394 -86.27 54.56 49.34
N ASN JA 395 -86.22 54.36 50.70
CA ASN JA 395 -86.67 55.33 51.62
C ASN JA 395 -88.16 55.59 51.44
N LEU JA 396 -89.00 54.62 51.98
CA LEU JA 396 -90.45 54.63 51.77
C LEU JA 396 -90.84 54.30 53.19
N ASP JA 397 -92.12 54.60 53.51
CA ASP JA 397 -92.67 54.71 54.82
C ASP JA 397 -93.23 53.43 55.30
N SER JA 398 -94.26 52.87 54.56
CA SER JA 398 -95.00 51.74 54.90
C SER JA 398 -94.63 50.49 54.04
N GLU JA 399 -95.00 49.35 54.59
CA GLU JA 399 -95.03 48.13 53.90
C GLU JA 399 -96.00 48.19 52.72
N GLN JA 400 -97.12 48.90 52.99
CA GLN JA 400 -98.12 49.16 52.06
C GLN JA 400 -97.64 49.92 50.84
N THR JA 401 -96.73 50.98 50.94
CA THR JA 401 -96.26 51.77 49.93
C THR JA 401 -95.52 51.07 48.83
N VAL JA 402 -94.62 50.14 49.23
CA VAL JA 402 -93.78 49.36 48.33
C VAL JA 402 -94.71 48.36 47.50
N GLU JA 403 -95.67 47.75 48.18
CA GLU JA 403 -96.57 46.81 47.63
C GLU JA 403 -97.44 47.51 46.53
N TYR JA 404 -98.01 48.75 46.65
CA TYR JA 404 -98.66 49.41 45.59
C TYR JA 404 -97.71 49.62 44.31
N MET JA 405 -96.40 49.94 44.59
CA MET JA 405 -95.48 50.35 43.55
C MET JA 405 -95.05 49.19 42.65
N VAL JA 406 -94.67 48.07 43.37
CA VAL JA 406 -94.24 46.84 42.78
C VAL JA 406 -95.33 46.17 41.90
N SER JA 407 -96.59 46.12 42.37
CA SER JA 407 -97.62 45.51 41.61
C SER JA 407 -97.81 46.15 40.28
N ARG JA 408 -97.80 47.56 40.20
CA ARG JA 408 -98.07 48.30 39.03
C ARG JA 408 -97.00 48.06 38.01
N ALA JA 409 -95.73 48.07 38.51
CA ALA JA 409 -94.45 47.79 37.85
C ALA JA 409 -94.28 46.43 37.19
N ILE JA 410 -95.03 45.45 37.66
CA ILE JA 410 -95.05 44.10 37.13
C ILE JA 410 -96.30 43.93 36.39
N ARG JA 411 -97.26 44.92 36.36
CA ARG JA 411 -98.34 44.95 35.35
C ARG JA 411 -97.72 45.24 34.02
N ASP JA 412 -96.73 46.17 34.02
CA ASP JA 412 -95.90 46.43 32.83
C ASP JA 412 -94.89 45.38 32.52
N GLY JA 413 -94.47 44.53 33.51
CA GLY JA 413 -93.60 43.50 33.20
C GLY JA 413 -92.19 43.96 33.27
N VAL JA 414 -91.87 45.18 33.84
CA VAL JA 414 -90.49 45.79 33.86
C VAL JA 414 -89.66 44.98 34.84
N ILE JA 415 -90.17 44.71 36.01
CA ILE JA 415 -89.36 44.12 37.04
C ILE JA 415 -89.26 42.62 36.84
N GLU JA 416 -90.40 41.90 36.68
CA GLU JA 416 -90.37 40.43 36.42
C GLU JA 416 -90.39 39.73 37.72
N ALA JA 417 -91.47 39.97 38.51
CA ALA JA 417 -91.59 39.35 39.82
C ALA JA 417 -93.12 39.17 40.13
N LYS JA 418 -93.31 38.61 41.28
CA LYS JA 418 -94.57 38.35 41.87
C LYS JA 418 -94.43 38.52 43.41
N ILE JA 419 -95.49 39.12 44.05
CA ILE JA 419 -95.47 39.57 45.44
C ILE JA 419 -96.02 38.31 46.20
N ASN JA 420 -95.57 38.01 47.40
CA ASN JA 420 -96.16 36.98 48.20
C ASN JA 420 -96.40 37.69 49.48
N HIS JA 421 -97.61 38.21 49.67
CA HIS JA 421 -98.00 38.83 50.92
C HIS JA 421 -98.70 37.79 51.72
N GLU JA 422 -98.34 36.51 51.45
CA GLU JA 422 -98.79 35.39 52.29
C GLU JA 422 -97.69 34.97 53.22
N ASP JA 423 -96.44 35.50 53.01
CA ASP JA 423 -95.30 35.18 53.73
C ASP JA 423 -94.37 36.38 53.90
N GLY JA 424 -94.69 37.46 53.22
CA GLY JA 424 -94.07 38.76 53.37
C GLY JA 424 -92.71 38.82 52.76
N PHE JA 425 -92.61 38.41 51.44
CA PHE JA 425 -91.45 38.69 50.70
C PHE JA 425 -91.85 38.73 49.26
N ILE JA 426 -90.99 39.27 48.33
CA ILE JA 426 -91.22 39.41 46.89
C ILE JA 426 -90.31 38.38 46.26
N GLU JA 427 -90.86 37.62 45.29
CA GLU JA 427 -90.15 36.59 44.58
C GLU JA 427 -90.04 37.04 43.09
N THR JA 428 -88.77 37.04 42.59
CA THR JA 428 -88.33 37.14 41.24
C THR JA 428 -88.67 35.94 40.46
N THR JA 429 -89.28 36.11 39.24
CA THR JA 429 -89.99 35.11 38.42
C THR JA 429 -89.19 34.82 37.20
N GLU JA 430 -88.07 35.55 36.99
CA GLU JA 430 -87.30 35.23 35.78
C GLU JA 430 -86.51 34.02 36.00
N LEU JA 431 -86.78 33.00 35.11
CA LEU JA 431 -86.33 31.65 35.33
C LEU JA 431 -85.85 31.07 33.97
N LEU JA 432 -85.77 31.97 32.94
CA LEU JA 432 -85.30 31.69 31.63
C LEU JA 432 -85.96 30.53 30.99
N ASN JA 433 -85.16 29.60 30.36
CA ASN JA 433 -85.60 28.39 29.73
C ASN JA 433 -86.29 28.80 28.44
N ILE JA 434 -85.70 29.72 27.67
CA ILE JA 434 -86.31 30.27 26.47
C ILE JA 434 -85.87 29.40 25.27
N TYR JA 435 -84.86 28.51 25.36
CA TYR JA 435 -84.49 27.65 24.23
C TYR JA 435 -85.25 26.33 24.37
N ASP JA 436 -86.06 26.29 25.47
CA ASP JA 436 -86.86 25.11 25.80
C ASP JA 436 -88.35 25.37 25.64
N SER JA 437 -88.72 26.61 25.27
CA SER JA 437 -89.93 27.10 24.69
C SER JA 437 -89.94 26.83 23.21
N GLU JA 438 -91.12 27.20 22.62
CA GLU JA 438 -91.47 26.99 21.22
C GLU JA 438 -91.17 28.23 20.46
N ASP JA 439 -90.88 29.33 21.24
CA ASP JA 439 -90.62 30.70 20.63
C ASP JA 439 -89.46 30.85 19.73
N PRO JA 440 -88.31 30.19 19.83
CA PRO JA 440 -87.18 30.39 18.93
C PRO JA 440 -87.30 30.25 17.43
N GLN JA 441 -88.24 29.40 16.97
CA GLN JA 441 -88.46 29.28 15.54
C GLN JA 441 -88.93 30.60 14.97
N GLN JA 442 -89.89 31.22 15.77
CA GLN JA 442 -90.56 32.46 15.52
C GLN JA 442 -89.60 33.65 15.51
N VAL JA 443 -88.56 33.67 16.42
CA VAL JA 443 -87.51 34.68 16.52
C VAL JA 443 -86.69 34.65 15.28
N PHE JA 444 -86.27 33.48 14.70
CA PHE JA 444 -85.53 33.36 13.47
C PHE JA 444 -86.35 33.79 12.23
N ASP JA 445 -87.63 33.56 12.14
CA ASP JA 445 -88.44 33.81 11.06
C ASP JA 445 -88.48 35.28 10.63
N GLU JA 446 -88.46 36.25 11.64
CA GLU JA 446 -88.39 37.67 11.35
C GLU JA 446 -87.08 38.07 10.73
N ARG JA 447 -85.97 37.40 11.09
CA ARG JA 447 -84.59 37.78 10.62
C ARG JA 447 -84.41 37.40 9.18
N ILE JA 448 -84.95 36.22 8.78
CA ILE JA 448 -85.00 35.57 7.55
C ILE JA 448 -85.81 36.46 6.59
N LYS JA 449 -86.91 37.02 7.10
CA LYS JA 449 -87.78 37.86 6.42
C LYS JA 449 -87.15 39.20 6.06
N PHE JA 450 -86.27 39.81 6.93
CA PHE JA 450 -85.45 40.94 6.69
C PHE JA 450 -84.37 40.65 5.63
N ALA JA 451 -83.82 39.41 5.69
CA ALA JA 451 -82.82 39.10 4.62
C ALA JA 451 -83.39 38.97 3.22
N ASN JA 452 -84.59 38.43 3.07
CA ASN JA 452 -85.43 38.44 1.89
C ASN JA 452 -85.70 39.86 1.53
N GLN JA 453 -85.91 40.87 2.46
CA GLN JA 453 -86.23 42.17 2.07
C GLN JA 453 -85.04 42.86 1.30
N LEU JA 454 -83.79 42.67 1.73
CA LEU JA 454 -82.57 43.17 1.11
C LEU JA 454 -82.42 42.46 -0.19
N HIS JA 455 -82.80 41.10 -0.31
CA HIS JA 455 -82.61 40.35 -1.57
C HIS JA 455 -83.45 41.04 -2.69
N ASP JA 456 -84.66 41.57 -2.35
CA ASP JA 456 -85.55 42.17 -3.34
C ASP JA 456 -85.01 43.49 -3.70
N GLU JA 457 -84.63 44.28 -2.63
CA GLU JA 457 -84.20 45.64 -2.72
C GLU JA 457 -82.91 45.68 -3.56
N TYR JA 458 -82.03 44.67 -3.49
CA TYR JA 458 -80.84 44.64 -4.32
C TYR JA 458 -81.16 44.53 -5.81
N LEU JA 459 -82.07 43.57 -6.19
CA LEU JA 459 -82.35 43.11 -7.58
C LEU JA 459 -83.02 44.17 -8.39
N VAL JA 460 -84.09 44.79 -7.75
CA VAL JA 460 -84.85 45.87 -8.33
C VAL JA 460 -84.05 47.15 -8.48
N SER JA 461 -83.12 47.46 -7.55
CA SER JA 461 -82.37 48.69 -7.62
C SER JA 461 -81.37 48.68 -8.73
N MET JA 462 -80.70 47.48 -8.90
CA MET JA 462 -79.53 47.29 -9.75
C MET JA 462 -79.78 47.58 -11.19
N ARG JA 463 -81.01 47.16 -11.65
CA ARG JA 463 -81.40 47.23 -13.08
C ARG JA 463 -81.85 48.56 -13.49
N TYR JA 464 -82.27 49.39 -12.49
CA TYR JA 464 -82.83 50.71 -12.74
C TYR JA 464 -81.83 51.66 -13.33
N PRO JA 465 -80.57 51.82 -12.99
CA PRO JA 465 -79.70 52.68 -13.76
C PRO JA 465 -79.37 51.98 -15.04
N GLU JA 466 -79.29 50.63 -15.09
CA GLU JA 466 -78.71 49.96 -16.17
C GLU JA 466 -79.57 50.10 -17.46
N ASP JA 467 -80.91 50.36 -17.41
CA ASP JA 467 -81.69 50.52 -18.71
C ASP JA 467 -81.26 51.65 -19.49
N LYS JA 468 -81.04 52.72 -18.80
CA LYS JA 468 -80.68 54.00 -19.36
C LYS JA 468 -79.25 53.91 -19.89
N LYS JA 469 -78.36 53.12 -19.13
CA LYS JA 469 -76.96 53.17 -19.37
C LYS JA 469 -76.58 52.46 -20.65
N THR JA 470 -77.35 51.36 -21.00
CA THR JA 470 -77.21 50.55 -22.27
C THR JA 470 -77.76 51.32 -23.47
N GLN JA 471 -78.57 52.35 -23.18
CA GLN JA 471 -79.18 53.13 -24.23
C GLN JA 471 -78.33 54.33 -24.55
N GLN JA 472 -77.46 54.71 -23.62
CA GLN JA 472 -76.55 55.84 -23.59
C GLN JA 472 -75.50 55.57 -24.72
N ASN JA 473 -75.04 56.61 -25.43
CA ASN JA 473 -74.06 56.54 -26.54
C ASN JA 473 -72.79 56.12 -26.04
N GLU JA 474 -71.99 55.27 -26.81
CA GLU JA 474 -70.65 54.80 -26.44
C GLU JA 474 -69.87 54.43 -27.64
N LYS JA 475 -68.57 54.51 -27.59
CA LYS JA 475 -67.65 54.04 -28.59
C LYS JA 475 -67.39 52.54 -28.37
N MET KA 1 -19.66 -58.10 23.75
CA MET KA 1 -18.93 -57.07 22.93
C MET KA 1 -19.14 -57.30 21.46
N SER KA 2 -18.37 -56.49 20.63
CA SER KA 2 -18.38 -56.81 19.19
C SER KA 2 -17.61 -58.06 18.91
N ARG KA 3 -16.45 -58.32 19.60
CA ARG KA 3 -15.71 -59.49 19.40
C ARG KA 3 -16.29 -60.72 20.20
N ASP KA 4 -15.70 -61.95 19.93
CA ASP KA 4 -16.33 -63.21 20.36
C ASP KA 4 -15.72 -63.81 21.61
N ALA KA 5 -14.53 -63.20 22.07
CA ALA KA 5 -13.79 -63.85 23.14
C ALA KA 5 -14.30 -63.59 24.51
N PRO KA 6 -14.77 -62.48 24.89
CA PRO KA 6 -15.37 -62.27 26.20
C PRO KA 6 -16.79 -62.89 26.22
N ILE KA 7 -17.51 -62.95 25.07
CA ILE KA 7 -18.86 -63.46 25.06
C ILE KA 7 -18.88 -64.87 25.56
N LYS KA 8 -17.89 -65.77 25.13
CA LYS KA 8 -17.80 -67.13 25.56
C LYS KA 8 -17.16 -67.25 26.91
N ALA KA 9 -16.02 -66.56 27.13
CA ALA KA 9 -15.16 -66.92 28.29
C ALA KA 9 -15.92 -66.76 29.62
N ASP KA 10 -16.59 -65.61 29.77
CA ASP KA 10 -17.23 -65.17 31.06
C ASP KA 10 -18.47 -65.89 31.36
N LYS KA 11 -19.34 -66.19 30.39
CA LYS KA 11 -20.45 -67.04 30.45
C LYS KA 11 -19.98 -68.42 30.96
N ASP KA 12 -18.80 -68.98 30.53
CA ASP KA 12 -18.35 -70.24 30.98
C ASP KA 12 -18.06 -70.29 32.46
N TYR KA 13 -17.36 -69.23 32.99
CA TYR KA 13 -17.01 -69.18 34.35
C TYR KA 13 -18.24 -69.12 35.18
N SER KA 14 -19.20 -68.38 34.69
CA SER KA 14 -20.50 -68.05 35.35
C SER KA 14 -21.34 -69.27 35.61
N GLN KA 15 -21.37 -70.15 34.67
CA GLN KA 15 -22.14 -71.40 34.69
C GLN KA 15 -21.65 -72.40 35.68
N ILE KA 16 -20.31 -72.55 35.83
CA ILE KA 16 -19.57 -73.40 36.77
C ILE KA 16 -19.81 -72.93 38.24
N LEU KA 17 -19.92 -71.55 38.46
CA LEU KA 17 -20.18 -71.05 39.81
C LEU KA 17 -21.65 -70.79 40.04
N LYS KA 18 -22.59 -71.27 39.22
CA LYS KA 18 -23.97 -71.09 39.38
C LYS KA 18 -24.60 -72.47 39.70
N GLU KA 19 -23.64 -73.48 39.75
CA GLU KA 19 -23.97 -74.79 40.25
C GLU KA 19 -23.38 -74.85 41.62
N GLU KA 20 -22.55 -73.85 41.97
CA GLU KA 20 -21.91 -73.75 43.26
C GLU KA 20 -22.75 -72.89 44.11
N PHE KA 21 -23.93 -72.43 43.61
CA PHE KA 21 -24.85 -71.60 44.33
C PHE KA 21 -25.29 -72.15 45.68
N PRO KA 22 -25.68 -73.39 45.93
CA PRO KA 22 -26.08 -73.84 47.20
C PRO KA 22 -24.94 -73.85 48.30
N LYS KA 23 -23.68 -74.02 47.84
CA LYS KA 23 -22.41 -73.90 48.56
C LYS KA 23 -22.17 -72.42 48.95
N ILE KA 24 -22.40 -71.47 48.06
CA ILE KA 24 -22.28 -70.02 48.20
C ILE KA 24 -23.22 -69.55 49.29
N ASP KA 25 -24.53 -70.01 49.35
CA ASP KA 25 -25.40 -69.62 50.42
C ASP KA 25 -25.06 -70.25 51.73
N SER KA 26 -24.57 -71.51 51.80
CA SER KA 26 -24.08 -72.13 52.99
C SER KA 26 -22.88 -71.41 53.55
N LEU KA 27 -21.95 -70.98 52.63
CA LEU KA 27 -20.80 -70.20 52.97
C LEU KA 27 -21.17 -68.82 53.57
N ALA KA 28 -22.23 -68.08 53.00
CA ALA KA 28 -22.62 -66.74 53.31
C ALA KA 28 -23.03 -66.65 54.74
N GLN KA 29 -23.73 -67.67 55.32
CA GLN KA 29 -24.19 -67.67 56.70
C GLN KA 29 -23.07 -67.86 57.68
N ASN KA 30 -21.97 -68.51 57.23
CA ASN KA 30 -20.85 -68.78 58.07
C ASN KA 30 -20.11 -67.48 58.24
N ASP KA 31 -19.87 -66.76 57.06
CA ASP KA 31 -19.01 -65.63 56.87
C ASP KA 31 -19.50 -64.89 55.66
N CYS KA 32 -20.16 -63.71 55.79
CA CYS KA 32 -20.63 -63.01 54.67
C CYS KA 32 -19.52 -62.61 53.60
N ASN KA 33 -18.34 -62.19 54.07
CA ASN KA 33 -17.22 -61.72 53.17
C ASN KA 33 -16.70 -62.87 52.26
N SER KA 34 -16.61 -64.13 52.84
CA SER KA 34 -16.10 -65.26 52.07
C SER KA 34 -16.95 -65.63 50.86
N ALA KA 35 -18.29 -65.77 51.05
CA ALA KA 35 -19.13 -66.09 49.96
C ALA KA 35 -19.22 -65.03 48.91
N LEU KA 36 -19.19 -63.75 49.40
CA LEU KA 36 -19.26 -62.57 48.55
C LEU KA 36 -18.09 -62.44 47.68
N ASP KA 37 -16.88 -62.76 48.14
CA ASP KA 37 -15.58 -62.60 47.48
C ASP KA 37 -15.54 -63.48 46.21
N GLN KA 38 -16.24 -64.60 46.13
CA GLN KA 38 -16.31 -65.42 44.96
C GLN KA 38 -16.97 -64.69 43.78
N LEU KA 39 -18.10 -64.06 44.04
CA LEU KA 39 -18.95 -63.32 43.10
C LEU KA 39 -18.40 -61.96 42.86
N LEU KA 40 -17.56 -61.43 43.77
CA LEU KA 40 -16.85 -60.19 43.57
C LEU KA 40 -15.81 -60.42 42.47
N VAL KA 41 -15.11 -61.51 42.54
CA VAL KA 41 -14.15 -61.88 41.52
C VAL KA 41 -14.80 -62.07 40.20
N LEU KA 42 -15.96 -62.72 40.18
CA LEU KA 42 -16.78 -63.09 39.02
C LEU KA 42 -17.40 -61.94 38.31
N GLU KA 43 -17.83 -60.85 39.00
CA GLU KA 43 -18.51 -59.70 38.38
C GLU KA 43 -17.48 -58.59 38.15
N LYS KA 44 -16.16 -58.84 38.17
CA LYS KA 44 -15.15 -57.81 38.01
C LYS KA 44 -14.49 -58.22 36.73
N LYS KA 45 -14.96 -59.31 36.10
CA LYS KA 45 -14.62 -59.88 34.78
C LYS KA 45 -15.58 -59.27 33.83
N THR KA 46 -15.08 -58.91 32.67
CA THR KA 46 -15.75 -58.46 31.45
C THR KA 46 -17.02 -59.19 31.11
N ARG KA 47 -17.80 -58.60 30.13
CA ARG KA 47 -19.01 -59.19 29.58
C ARG KA 47 -20.18 -58.99 30.50
N GLN KA 48 -21.11 -58.12 30.10
CA GLN KA 48 -22.28 -57.75 30.83
C GLN KA 48 -23.23 -58.87 31.06
N ALA KA 49 -23.38 -59.76 30.04
CA ALA KA 49 -24.35 -60.83 29.94
C ALA KA 49 -24.26 -61.88 30.92
N SER KA 50 -23.05 -62.21 31.30
CA SER KA 50 -22.92 -63.20 32.41
C SER KA 50 -23.15 -62.62 33.70
N ASP KA 51 -22.82 -61.34 33.99
CA ASP KA 51 -22.89 -60.63 35.21
C ASP KA 51 -24.30 -60.52 35.75
N LEU KA 52 -25.25 -60.47 34.83
CA LEU KA 52 -26.68 -60.47 35.06
C LEU KA 52 -27.19 -61.56 35.86
N ALA KA 53 -26.67 -62.76 35.50
CA ALA KA 53 -26.92 -64.01 36.18
C ALA KA 53 -26.25 -64.10 37.51
N SER KA 54 -25.04 -63.47 37.54
CA SER KA 54 -24.05 -63.47 38.65
C SER KA 54 -24.50 -62.53 39.81
N SER KA 55 -25.39 -61.52 39.56
CA SER KA 55 -25.86 -60.52 40.52
C SER KA 55 -27.14 -60.95 41.18
N LYS KA 56 -27.70 -61.97 40.64
CA LYS KA 56 -28.85 -62.61 41.34
C LYS KA 56 -28.39 -63.40 42.54
N GLU KA 57 -27.14 -63.94 42.41
CA GLU KA 57 -26.55 -64.65 43.51
C GLU KA 57 -26.22 -63.71 44.65
N VAL KA 58 -25.75 -62.52 44.42
CA VAL KA 58 -25.53 -61.43 45.40
C VAL KA 58 -26.82 -61.01 46.04
N LEU KA 59 -27.93 -60.91 45.26
CA LEU KA 59 -29.26 -60.58 45.65
C LEU KA 59 -29.83 -61.61 46.63
N ALA KA 60 -29.41 -62.86 46.38
CA ALA KA 60 -30.01 -64.00 47.05
C ALA KA 60 -29.60 -64.03 48.50
N LYS KA 61 -28.28 -63.70 48.66
CA LYS KA 61 -27.58 -63.65 49.90
C LYS KA 61 -28.08 -62.59 50.85
N ILE KA 62 -28.58 -61.46 50.35
CA ILE KA 62 -29.18 -60.38 51.16
C ILE KA 62 -30.58 -60.73 51.75
N VAL KA 63 -31.40 -61.48 50.87
CA VAL KA 63 -32.69 -62.06 51.17
C VAL KA 63 -32.47 -63.06 52.32
N ASP KA 64 -31.44 -63.85 52.29
CA ASP KA 64 -31.27 -64.94 53.36
C ASP KA 64 -31.11 -64.34 54.75
N LEU KA 65 -30.39 -63.24 54.88
CA LEU KA 65 -30.23 -62.58 56.20
C LEU KA 65 -31.57 -62.01 56.75
N LEU KA 66 -32.30 -61.42 55.71
CA LEU KA 66 -33.60 -60.82 55.87
C LEU KA 66 -33.45 -59.60 56.86
N ALA KA 67 -32.72 -58.52 56.50
CA ALA KA 67 -31.87 -58.41 55.33
C ALA KA 67 -30.52 -57.91 55.81
N SER KA 68 -30.51 -57.49 57.09
CA SER KA 68 -29.40 -56.91 57.71
C SER KA 68 -29.25 -55.53 57.14
N ARG KA 69 -29.44 -54.51 57.97
CA ARG KA 69 -29.25 -53.23 57.50
C ARG KA 69 -27.86 -52.89 57.05
N ASN KA 70 -26.80 -53.49 57.77
CA ASN KA 70 -25.37 -53.38 57.60
C ASN KA 70 -25.02 -53.88 56.23
N LYS KA 71 -25.58 -55.02 55.77
CA LYS KA 71 -25.37 -55.51 54.43
C LYS KA 71 -25.82 -54.58 53.36
N TRP KA 72 -27.00 -53.92 53.55
CA TRP KA 72 -27.65 -53.09 52.57
C TRP KA 72 -26.85 -51.87 52.21
N ASP KA 73 -26.24 -51.32 53.26
CA ASP KA 73 -25.37 -50.23 53.29
C ASP KA 73 -24.09 -50.53 52.52
N ASP KA 74 -23.53 -51.73 52.76
CA ASP KA 74 -22.41 -52.40 52.09
C ASP KA 74 -22.72 -52.65 50.68
N LEU KA 75 -23.91 -53.11 50.31
CA LEU KA 75 -24.22 -53.50 48.87
C LEU KA 75 -24.26 -52.31 47.93
N ASN KA 76 -24.89 -51.25 48.41
CA ASN KA 76 -25.05 -49.98 47.69
C ASN KA 76 -23.75 -49.26 47.59
N GLU KA 77 -22.81 -49.25 48.59
CA GLU KA 77 -21.45 -48.71 48.45
C GLU KA 77 -20.65 -49.34 47.33
N GLN KA 78 -20.80 -50.65 47.26
CA GLN KA 78 -20.06 -51.51 46.33
C GLN KA 78 -20.43 -51.31 44.84
N LEU KA 79 -21.70 -51.20 44.48
CA LEU KA 79 -22.29 -50.96 43.22
C LEU KA 79 -21.71 -49.59 42.70
N THR KA 80 -21.70 -48.55 43.52
CA THR KA 80 -21.24 -47.21 43.19
C THR KA 80 -19.76 -47.29 42.88
N LEU KA 81 -18.98 -48.10 43.64
CA LEU KA 81 -17.55 -48.28 43.36
C LEU KA 81 -17.21 -49.07 42.13
N LEU KA 82 -18.05 -50.05 41.79
CA LEU KA 82 -17.85 -50.89 40.68
C LEU KA 82 -18.06 -50.12 39.31
N SER KA 83 -19.10 -49.26 39.22
CA SER KA 83 -19.39 -48.38 38.05
C SER KA 83 -18.25 -47.47 37.58
N LYS KA 84 -17.43 -47.08 38.59
CA LYS KA 84 -16.28 -46.22 38.40
C LYS KA 84 -15.18 -46.91 37.68
N LYS KA 85 -14.99 -48.22 37.99
CA LYS KA 85 -13.96 -49.04 37.43
C LYS KA 85 -14.17 -49.08 35.89
N HIS KA 86 -15.46 -49.21 35.62
CA HIS KA 86 -16.09 -49.18 34.30
C HIS KA 86 -17.46 -49.67 34.33
N GLY KA 87 -17.75 -50.61 35.31
CA GLY KA 87 -18.99 -51.25 35.56
C GLY KA 87 -19.23 -52.25 34.43
N GLN KA 88 -18.30 -52.61 33.50
CA GLN KA 88 -18.45 -53.46 32.33
C GLN KA 88 -19.45 -52.87 31.37
N LEU KA 89 -19.25 -51.52 31.24
CA LEU KA 89 -20.05 -50.53 30.61
C LEU KA 89 -20.82 -49.88 31.69
N LYS KA 90 -20.98 -48.57 31.59
CA LYS KA 90 -21.79 -47.84 32.58
C LYS KA 90 -23.27 -47.80 31.97
N LEU KA 91 -23.54 -48.61 30.92
CA LEU KA 91 -24.83 -48.75 30.30
C LEU KA 91 -25.35 -50.04 30.87
N SER KA 92 -24.68 -50.82 31.70
CA SER KA 92 -25.16 -52.09 32.06
C SER KA 92 -25.18 -52.28 33.57
N ILE KA 93 -24.41 -51.50 34.39
CA ILE KA 93 -24.27 -51.57 35.83
C ILE KA 93 -25.56 -51.17 36.52
N GLN KA 94 -26.40 -50.40 35.77
CA GLN KA 94 -27.65 -49.89 36.10
C GLN KA 94 -28.72 -50.91 36.17
N TYR KA 95 -28.56 -52.12 35.40
CA TYR KA 95 -29.46 -53.27 35.41
C TYR KA 95 -29.29 -53.96 36.69
N MET KA 96 -28.03 -54.04 37.18
CA MET KA 96 -27.68 -54.66 38.46
C MET KA 96 -28.25 -53.97 39.66
N ILE KA 97 -28.23 -52.58 39.70
CA ILE KA 97 -28.77 -51.74 40.71
C ILE KA 97 -30.28 -51.91 40.73
N GLN KA 98 -30.91 -52.03 39.55
CA GLN KA 98 -32.33 -52.11 39.24
C GLN KA 98 -33.02 -53.22 40.04
N LYS KA 99 -32.30 -54.41 40.18
CA LYS KA 99 -32.66 -55.53 41.05
C LYS KA 99 -32.72 -55.25 42.53
N VAL KA 100 -31.87 -54.31 43.08
CA VAL KA 100 -31.80 -54.01 44.48
C VAL KA 100 -33.19 -53.38 44.82
N MET KA 101 -33.68 -52.45 43.96
CA MET KA 101 -34.92 -51.78 44.09
C MET KA 101 -36.19 -52.53 43.98
N GLU KA 102 -36.21 -53.47 42.98
CA GLU KA 102 -37.23 -54.46 42.86
C GLU KA 102 -37.58 -55.27 44.10
N TYR KA 103 -36.61 -55.76 44.80
CA TYR KA 103 -36.71 -56.55 46.02
C TYR KA 103 -37.31 -55.71 47.06
N LEU KA 104 -36.87 -54.47 47.25
CA LEU KA 104 -37.35 -53.66 48.32
C LEU KA 104 -38.84 -53.42 48.21
N LYS KA 105 -39.24 -53.09 47.01
CA LYS KA 105 -40.63 -52.71 46.75
C LYS KA 105 -41.60 -53.78 46.97
N SER KA 106 -41.31 -55.05 46.62
CA SER KA 106 -42.29 -56.10 46.60
C SER KA 106 -42.20 -56.93 47.86
N SER KA 107 -41.29 -56.54 48.79
CA SER KA 107 -41.11 -57.31 50.02
C SER KA 107 -40.73 -56.41 51.10
N LYS KA 108 -41.57 -56.28 52.09
CA LYS KA 108 -41.34 -55.42 53.18
C LYS KA 108 -41.31 -56.29 54.47
N SER KA 109 -40.13 -56.61 54.98
CA SER KA 109 -39.83 -57.36 56.18
C SER KA 109 -40.22 -56.73 57.48
N LEU KA 110 -39.85 -55.44 57.66
CA LEU KA 110 -40.29 -54.61 58.77
C LEU KA 110 -40.51 -53.23 58.18
N ASP KA 111 -41.23 -52.41 59.01
CA ASP KA 111 -41.44 -50.97 58.89
C ASP KA 111 -40.18 -50.27 58.91
N LEU KA 112 -39.39 -50.55 59.97
CA LEU KA 112 -38.08 -49.94 60.21
C LEU KA 112 -37.03 -50.23 59.10
N ASN KA 113 -37.10 -51.45 58.53
CA ASN KA 113 -36.11 -51.89 57.51
C ASN KA 113 -36.31 -51.13 56.21
N THR KA 114 -37.61 -50.98 55.81
CA THR KA 114 -38.05 -50.35 54.59
C THR KA 114 -37.82 -48.87 54.51
N ARG KA 115 -38.06 -48.15 55.71
CA ARG KA 115 -37.69 -46.81 55.97
C ARG KA 115 -36.21 -46.56 55.68
N ILE KA 116 -35.27 -47.39 56.10
CA ILE KA 116 -33.88 -47.14 56.14
C ILE KA 116 -33.27 -47.34 54.79
N SER KA 117 -33.85 -48.32 54.01
CA SER KA 117 -33.48 -48.70 52.64
C SER KA 117 -33.62 -47.63 51.59
N VAL KA 118 -34.68 -46.78 51.66
CA VAL KA 118 -34.96 -45.84 50.63
C VAL KA 118 -33.83 -44.83 50.51
N ILE KA 119 -33.28 -44.42 51.68
CA ILE KA 119 -32.22 -43.41 51.77
C ILE KA 119 -31.01 -43.85 51.00
N GLU KA 120 -30.65 -45.13 51.12
CA GLU KA 120 -29.49 -45.71 50.44
C GLU KA 120 -29.74 -45.77 48.92
N THR KA 121 -30.95 -46.23 48.49
CA THR KA 121 -31.21 -46.53 47.07
C THR KA 121 -31.25 -45.34 46.19
N ILE KA 122 -31.89 -44.25 46.65
CA ILE KA 122 -32.12 -42.98 45.91
C ILE KA 122 -30.81 -42.27 45.64
N ARG KA 123 -29.92 -42.28 46.62
CA ARG KA 123 -28.56 -41.75 46.56
C ARG KA 123 -27.66 -42.41 45.54
N VAL KA 124 -27.76 -43.71 45.31
CA VAL KA 124 -27.06 -44.38 44.17
C VAL KA 124 -27.50 -43.98 42.80
N VAL KA 125 -28.82 -43.81 42.58
CA VAL KA 125 -29.37 -43.81 41.23
C VAL KA 125 -29.44 -42.39 40.73
N THR KA 126 -28.91 -41.41 41.45
CA THR KA 126 -28.76 -40.06 40.93
C THR KA 126 -28.00 -39.92 39.62
N GLU KA 127 -27.00 -40.79 39.46
CA GLU KA 127 -26.01 -40.83 38.37
C GLU KA 127 -26.31 -41.86 37.44
N ASN KA 128 -27.47 -42.48 37.59
CA ASN KA 128 -27.94 -43.44 36.68
C ASN KA 128 -29.14 -42.72 36.11
N LYS KA 129 -29.65 -43.18 34.95
CA LYS KA 129 -30.60 -42.43 34.15
C LYS KA 129 -31.59 -43.31 33.56
N ILE KA 130 -31.62 -44.65 33.79
CA ILE KA 130 -32.54 -45.48 33.04
C ILE KA 130 -33.76 -45.88 33.82
N PHE KA 131 -34.13 -47.18 33.87
CA PHE KA 131 -35.40 -47.68 34.45
C PHE KA 131 -35.33 -47.43 35.94
N VAL KA 132 -34.18 -47.37 36.55
CA VAL KA 132 -33.84 -46.91 37.89
C VAL KA 132 -34.58 -45.72 38.28
N GLU KA 133 -34.76 -44.71 37.46
CA GLU KA 133 -35.46 -43.48 37.58
C GLU KA 133 -36.94 -43.69 37.74
N VAL KA 134 -37.55 -44.61 36.94
CA VAL KA 134 -38.97 -45.02 37.01
C VAL KA 134 -39.29 -45.53 38.40
N GLU KA 135 -38.44 -46.47 38.89
CA GLU KA 135 -38.45 -47.20 40.14
C GLU KA 135 -38.16 -46.19 41.32
N ARG KA 136 -37.44 -45.14 40.95
CA ARG KA 136 -37.03 -44.15 41.87
C ARG KA 136 -38.25 -43.46 42.53
N ALA KA 137 -39.22 -43.16 41.72
CA ALA KA 137 -40.50 -42.47 42.08
C ALA KA 137 -41.40 -43.17 43.07
N ARG KA 138 -41.45 -44.48 42.97
CA ARG KA 138 -42.06 -45.45 43.84
C ARG KA 138 -41.31 -45.66 45.10
N VAL KA 139 -39.91 -45.70 45.09
CA VAL KA 139 -39.19 -45.93 46.35
C VAL KA 139 -39.24 -44.70 47.22
N THR KA 140 -39.34 -43.48 46.62
CA THR KA 140 -39.52 -42.24 47.30
C THR KA 140 -40.97 -42.15 47.87
N LYS KA 141 -41.97 -42.67 47.15
CA LYS KA 141 -43.34 -42.44 47.42
C LYS KA 141 -43.83 -43.37 48.54
N ASP KA 142 -43.13 -44.45 48.79
CA ASP KA 142 -43.23 -45.38 49.90
C ASP KA 142 -42.81 -44.65 51.13
N LEU KA 143 -41.83 -43.76 51.02
CA LEU KA 143 -41.32 -42.99 52.10
C LEU KA 143 -42.20 -41.80 52.23
N VAL KA 144 -42.99 -41.39 51.11
CA VAL KA 144 -44.01 -40.35 51.30
C VAL KA 144 -45.09 -40.88 52.11
N GLU KA 145 -45.56 -42.12 51.88
CA GLU KA 145 -46.56 -42.76 52.70
C GLU KA 145 -46.15 -42.89 54.12
N ILE KA 146 -44.84 -43.08 54.39
CA ILE KA 146 -44.40 -43.14 55.84
C ILE KA 146 -44.46 -41.78 56.43
N LYS KA 147 -44.15 -40.71 55.69
CA LYS KA 147 -43.92 -39.42 56.17
C LYS KA 147 -45.17 -38.51 56.02
N LYS KA 148 -46.30 -39.12 55.52
CA LYS KA 148 -47.62 -38.54 55.69
C LYS KA 148 -47.90 -38.57 57.09
N GLU KA 149 -47.57 -39.70 57.78
CA GLU KA 149 -47.84 -39.96 59.23
C GLU KA 149 -46.96 -38.99 60.09
N GLU KA 150 -45.70 -38.81 59.80
CA GLU KA 150 -44.77 -37.87 60.49
C GLU KA 150 -45.18 -36.44 60.16
N GLY KA 151 -44.51 -35.47 60.77
CA GLY KA 151 -44.81 -34.07 60.66
C GLY KA 151 -44.23 -33.42 59.43
N LYS KA 152 -43.66 -34.29 58.66
CA LYS KA 152 -42.79 -34.00 57.57
C LYS KA 152 -43.49 -34.28 56.31
N ILE KA 153 -44.87 -34.31 56.23
CA ILE KA 153 -45.57 -34.58 55.04
C ILE KA 153 -45.25 -33.50 53.97
N ASP KA 154 -45.03 -32.26 54.35
CA ASP KA 154 -44.76 -31.13 53.48
C ASP KA 154 -43.41 -31.31 52.80
N GLU KA 155 -42.40 -31.64 53.69
CA GLU KA 155 -41.02 -31.80 53.25
C GLU KA 155 -40.89 -32.93 52.29
N ALA KA 156 -41.63 -34.06 52.53
CA ALA KA 156 -41.53 -35.35 51.84
C ALA KA 156 -42.07 -35.20 50.44
N ALA KA 157 -43.21 -34.48 50.31
CA ALA KA 157 -43.88 -34.21 49.05
C ALA KA 157 -42.97 -33.35 48.21
N ASP KA 158 -42.29 -32.33 48.79
CA ASP KA 158 -41.49 -31.35 48.15
C ASP KA 158 -40.40 -32.06 47.42
N ILE KA 159 -39.69 -33.08 48.03
CA ILE KA 159 -38.57 -33.81 47.39
C ILE KA 159 -39.03 -34.47 46.19
N LEU KA 160 -40.14 -35.28 46.28
CA LEU KA 160 -40.65 -36.11 45.19
C LEU KA 160 -41.11 -35.23 44.04
N CYS KA 161 -41.77 -34.07 44.28
CA CYS KA 161 -42.19 -33.22 43.15
C CYS KA 161 -41.05 -32.69 42.36
N GLU KA 162 -39.88 -32.41 42.99
CA GLU KA 162 -38.71 -31.96 42.33
C GLU KA 162 -38.15 -32.96 41.31
N LEU KA 163 -38.18 -34.27 41.67
CA LEU KA 163 -37.88 -35.37 40.78
C LEU KA 163 -38.74 -35.46 39.56
N GLN KA 164 -40.12 -35.31 39.73
CA GLN KA 164 -41.09 -35.72 38.77
C GLN KA 164 -41.51 -34.69 37.86
N VAL KA 165 -40.91 -33.48 38.00
CA VAL KA 165 -41.12 -32.34 37.17
C VAL KA 165 -40.03 -32.31 36.16
N GLU KA 166 -39.28 -33.43 36.12
CA GLU KA 166 -38.26 -33.65 35.10
C GLU KA 166 -38.74 -34.83 34.43
N THR KA 167 -39.14 -34.74 33.10
CA THR KA 167 -39.70 -35.74 32.28
C THR KA 167 -38.63 -36.80 32.07
N TYR KA 168 -39.11 -38.07 31.85
CA TYR KA 168 -38.11 -39.04 31.59
C TYR KA 168 -38.64 -39.89 30.51
N GLY KA 169 -37.66 -40.30 29.64
CA GLY KA 169 -37.82 -41.10 28.47
C GLY KA 169 -37.84 -42.54 28.76
N SER KA 170 -37.37 -42.92 29.93
CA SER KA 170 -37.31 -44.33 30.45
C SER KA 170 -38.70 -44.68 30.95
N MET KA 171 -39.50 -43.63 31.27
CA MET KA 171 -40.89 -43.67 31.58
C MET KA 171 -41.70 -43.68 30.28
N GLU KA 172 -42.70 -44.62 30.32
CA GLU KA 172 -43.63 -44.86 29.24
C GLU KA 172 -44.74 -43.80 29.51
N MET KA 173 -45.59 -43.69 28.46
CA MET KA 173 -46.64 -42.67 28.42
C MET KA 173 -47.62 -42.83 29.53
N SER KA 174 -48.11 -44.02 29.85
CA SER KA 174 -49.15 -44.26 30.82
C SER KA 174 -48.66 -44.00 32.19
N GLU KA 175 -47.44 -44.45 32.52
CA GLU KA 175 -46.74 -44.31 33.79
C GLU KA 175 -46.48 -42.89 34.14
N LYS KA 176 -46.00 -42.06 33.18
CA LYS KA 176 -45.68 -40.68 33.44
C LYS KA 176 -46.92 -39.92 33.87
N ILE KA 177 -48.03 -40.23 33.16
CA ILE KA 177 -49.27 -39.46 33.24
C ILE KA 177 -49.86 -39.77 34.56
N GLN KA 178 -49.84 -41.11 34.96
CA GLN KA 178 -50.43 -41.56 36.23
C GLN KA 178 -49.59 -41.05 37.41
N PHE KA 179 -48.29 -41.00 37.26
CA PHE KA 179 -47.41 -40.61 38.35
C PHE KA 179 -47.66 -39.09 38.70
N ILE KA 180 -47.84 -38.24 37.64
CA ILE KA 180 -47.96 -36.79 37.88
C ILE KA 180 -49.18 -36.47 38.64
N LEU KA 181 -50.32 -37.15 38.37
CA LEU KA 181 -51.56 -36.93 39.05
C LEU KA 181 -51.42 -37.05 40.54
N GLU KA 182 -50.52 -37.92 41.05
CA GLU KA 182 -50.21 -38.10 42.43
C GLU KA 182 -49.52 -36.90 43.02
N GLN KA 183 -48.62 -36.32 42.25
CA GLN KA 183 -47.77 -35.18 42.71
C GLN KA 183 -48.63 -33.93 43.01
N MET KA 184 -49.73 -33.66 42.32
CA MET KA 184 -50.70 -32.54 42.46
C MET KA 184 -51.35 -32.62 43.85
N GLU KA 185 -51.73 -33.91 44.28
CA GLU KA 185 -52.51 -34.19 45.47
C GLU KA 185 -51.72 -33.86 46.62
N LEU KA 186 -50.37 -34.14 46.57
CA LEU KA 186 -49.43 -33.84 47.54
C LEU KA 186 -49.23 -32.33 47.68
N SER KA 187 -49.37 -31.43 46.71
CA SER KA 187 -49.18 -29.97 46.85
C SER KA 187 -50.28 -29.30 47.58
N ILE KA 188 -51.44 -30.00 47.64
CA ILE KA 188 -52.67 -29.54 48.30
C ILE KA 188 -52.46 -29.77 49.76
N LEU KA 189 -51.88 -30.86 50.19
CA LEU KA 189 -51.54 -31.31 51.50
C LEU KA 189 -50.52 -30.43 51.94
N LYS KA 190 -49.58 -29.84 51.12
CA LYS KA 190 -48.48 -28.95 51.46
C LYS KA 190 -49.09 -27.67 51.90
N GLY KA 191 -50.20 -27.30 51.17
CA GLY KA 191 -50.86 -26.03 51.46
C GLY KA 191 -50.54 -25.03 50.37
N ASP KA 192 -49.90 -25.41 49.26
CA ASP KA 192 -49.40 -24.52 48.22
C ASP KA 192 -50.09 -24.86 46.93
N TYR KA 193 -50.83 -23.87 46.44
CA TYR KA 193 -51.82 -24.06 45.42
C TYR KA 193 -51.18 -23.61 44.06
N SER KA 194 -50.14 -22.77 44.17
CA SER KA 194 -49.34 -22.31 43.00
C SER KA 194 -48.61 -23.49 42.30
N GLN KA 195 -47.99 -24.39 43.18
CA GLN KA 195 -47.18 -25.53 42.85
C GLN KA 195 -48.05 -26.50 42.07
N ALA KA 196 -49.33 -26.67 42.48
CA ALA KA 196 -50.40 -27.47 41.90
C ALA KA 196 -50.88 -27.03 40.51
N THR KA 197 -50.83 -25.70 40.24
CA THR KA 197 -51.17 -25.19 38.94
C THR KA 197 -50.14 -25.51 37.96
N VAL KA 198 -48.83 -25.49 38.41
CA VAL KA 198 -47.72 -25.81 37.56
C VAL KA 198 -47.70 -27.26 37.07
N LEU KA 199 -47.98 -28.25 38.00
CA LEU KA 199 -47.91 -29.70 37.80
C LEU KA 199 -49.03 -30.21 36.83
N SER KA 200 -50.24 -29.56 36.95
CA SER KA 200 -51.43 -29.67 36.18
C SER KA 200 -51.19 -29.41 34.65
N ARG KA 201 -50.39 -28.37 34.38
CA ARG KA 201 -50.09 -27.93 33.13
C ARG KA 201 -48.86 -28.55 32.58
N LYS KA 202 -48.10 -29.32 33.38
CA LYS KA 202 -46.96 -30.11 32.91
C LYS KA 202 -47.34 -31.19 31.95
N ILE KA 203 -48.47 -31.90 32.35
CA ILE KA 203 -49.17 -32.89 31.56
C ILE KA 203 -50.12 -32.16 30.78
N LEU KA 204 -50.41 -32.71 29.60
CA LEU KA 204 -51.16 -31.94 28.65
C LEU KA 204 -52.62 -32.40 28.75
N LYS KA 205 -53.56 -31.59 28.34
CA LYS KA 205 -55.03 -31.84 28.25
C LYS KA 205 -55.27 -32.79 27.07
N LYS KA 206 -54.53 -32.72 25.91
CA LYS KA 206 -54.91 -33.48 24.72
C LYS KA 206 -54.37 -34.85 24.71
N THR KA 207 -53.68 -35.27 25.82
CA THR KA 207 -53.19 -36.59 26.02
C THR KA 207 -54.27 -37.47 26.68
N PHE KA 208 -55.37 -36.83 27.16
CA PHE KA 208 -56.38 -37.54 27.92
C PHE KA 208 -57.60 -37.72 26.97
N LYS KA 209 -57.51 -37.33 25.73
CA LYS KA 209 -58.50 -37.52 24.71
C LYS KA 209 -58.28 -38.80 23.89
N ASN KA 210 -57.60 -39.75 24.44
CA ASN KA 210 -57.39 -41.09 23.87
C ASN KA 210 -58.25 -41.97 24.82
N PRO KA 211 -58.81 -43.13 24.43
CA PRO KA 211 -59.73 -43.95 25.17
C PRO KA 211 -58.96 -44.81 26.21
N LYS KA 212 -57.64 -45.00 25.95
CA LYS KA 212 -56.82 -45.83 26.81
C LYS KA 212 -56.50 -45.04 28.00
N TYR KA 213 -56.49 -43.68 27.94
CA TYR KA 213 -56.16 -42.82 29.01
C TYR KA 213 -57.35 -42.16 29.74
N GLU KA 214 -58.50 -42.79 29.43
CA GLU KA 214 -59.81 -42.45 30.05
C GLU KA 214 -59.87 -42.77 31.53
N SER KA 215 -59.17 -43.85 32.00
CA SER KA 215 -59.10 -44.15 33.45
C SER KA 215 -58.48 -43.01 34.24
N LEU KA 216 -57.42 -42.49 33.64
CA LEU KA 216 -56.64 -41.44 34.12
C LEU KA 216 -57.46 -40.16 33.99
N LYS KA 217 -58.30 -39.90 32.88
CA LYS KA 217 -58.97 -38.64 32.55
C LYS KA 217 -59.93 -38.23 33.64
N LEU KA 218 -60.67 -39.18 34.21
CA LEU KA 218 -61.53 -38.97 35.31
C LEU KA 218 -60.87 -38.63 36.55
N GLU KA 219 -59.76 -39.25 36.94
CA GLU KA 219 -59.04 -38.82 38.08
C GLU KA 219 -58.52 -37.39 37.97
N TYR KA 220 -58.05 -36.97 36.78
CA TYR KA 220 -57.38 -35.69 36.58
C TYR KA 220 -58.37 -34.50 36.74
N TYR KA 221 -59.58 -34.51 36.11
CA TYR KA 221 -60.49 -33.39 36.19
C TYR KA 221 -61.22 -33.26 37.55
N ASN KA 222 -61.35 -34.43 38.31
CA ASN KA 222 -61.84 -34.42 39.67
C ASN KA 222 -60.96 -33.73 40.67
N LEU KA 223 -59.60 -34.01 40.57
CA LEU KA 223 -58.54 -33.36 41.28
C LEU KA 223 -58.50 -31.94 41.05
N LEU KA 224 -58.70 -31.58 39.78
CA LEU KA 224 -58.40 -30.28 39.29
C LEU KA 224 -59.48 -29.29 39.80
N VAL KA 225 -60.70 -29.74 40.00
CA VAL KA 225 -61.76 -29.01 40.67
C VAL KA 225 -61.44 -28.63 42.04
N LYS KA 226 -60.82 -29.56 42.85
CA LYS KA 226 -60.53 -29.37 44.24
C LYS KA 226 -59.58 -28.18 44.40
N ILE KA 227 -58.54 -28.11 43.52
CA ILE KA 227 -57.53 -27.11 43.58
C ILE KA 227 -58.12 -25.75 43.35
N SER KA 228 -59.00 -25.70 42.32
CA SER KA 228 -59.73 -24.51 41.87
C SER KA 228 -60.72 -23.98 42.88
N LEU KA 229 -61.40 -24.93 43.49
CA LEU KA 229 -62.56 -24.58 44.33
C LEU KA 229 -62.16 -23.82 45.54
N HIS KA 230 -61.01 -24.29 46.07
CA HIS KA 230 -60.34 -23.62 47.17
C HIS KA 230 -59.94 -22.21 46.87
N LYS KA 231 -59.53 -21.94 45.60
CA LYS KA 231 -59.08 -20.67 45.15
C LYS KA 231 -60.28 -19.76 44.82
N ARG KA 232 -61.53 -20.38 44.80
CA ARG KA 232 -62.86 -19.77 44.76
C ARG KA 232 -63.07 -19.29 43.40
N GLU KA 233 -62.67 -20.11 42.42
CA GLU KA 233 -62.94 -19.82 41.10
C GLU KA 233 -64.08 -20.80 40.78
N TYR KA 234 -65.27 -20.27 40.52
CA TYR KA 234 -66.49 -20.98 40.40
C TYR KA 234 -66.80 -21.23 39.00
N LEU KA 235 -66.24 -20.42 38.02
CA LEU KA 235 -66.44 -20.59 36.65
C LEU KA 235 -65.68 -21.77 36.11
N GLU KA 236 -64.42 -21.94 36.56
CA GLU KA 236 -63.51 -22.95 36.05
C GLU KA 236 -64.02 -24.33 36.48
N VAL KA 237 -64.45 -24.43 37.74
CA VAL KA 237 -65.03 -25.66 38.27
C VAL KA 237 -66.20 -26.08 37.55
N ALA KA 238 -67.19 -25.19 37.25
CA ALA KA 238 -68.32 -25.66 36.57
C ALA KA 238 -67.92 -26.25 35.16
N GLN KA 239 -66.93 -25.59 34.47
CA GLN KA 239 -66.46 -26.02 33.15
C GLN KA 239 -65.68 -27.32 33.22
N TYR KA 240 -64.98 -27.68 34.27
CA TYR KA 240 -64.28 -28.96 34.60
C TYR KA 240 -65.17 -30.17 34.83
N LEU KA 241 -66.30 -29.94 35.52
CA LEU KA 241 -67.18 -30.94 35.95
C LEU KA 241 -67.94 -31.30 34.73
N GLN KA 242 -68.15 -30.39 33.75
CA GLN KA 242 -68.95 -30.58 32.56
C GLN KA 242 -68.20 -31.60 31.73
N GLU KA 243 -66.83 -31.57 31.76
CA GLU KA 243 -65.99 -32.49 30.99
C GLU KA 243 -66.23 -33.95 31.46
N ILE KA 244 -66.34 -34.05 32.81
CA ILE KA 244 -66.65 -35.33 33.39
C ILE KA 244 -68.05 -35.84 32.95
N TYR KA 245 -69.06 -34.87 32.94
CA TYR KA 245 -70.39 -35.11 32.55
C TYR KA 245 -70.43 -35.69 31.16
N GLN KA 246 -69.66 -35.17 30.19
CA GLN KA 246 -69.56 -35.74 28.92
C GLN KA 246 -68.91 -37.15 28.71
N THR KA 247 -68.19 -37.55 29.72
CA THR KA 247 -67.54 -38.82 29.71
C THR KA 247 -68.49 -39.91 29.76
N ASP KA 248 -68.14 -40.89 28.90
CA ASP KA 248 -68.96 -42.01 28.47
C ASP KA 248 -69.40 -42.91 29.65
N ALA KA 249 -68.37 -43.09 30.50
CA ALA KA 249 -68.40 -43.96 31.76
C ALA KA 249 -69.45 -43.44 32.72
N ILE KA 250 -69.37 -42.10 32.93
CA ILE KA 250 -70.26 -41.37 33.80
C ILE KA 250 -71.70 -41.34 33.29
N LYS KA 251 -71.88 -41.21 31.95
CA LYS KA 251 -73.13 -40.98 31.30
C LYS KA 251 -73.90 -42.31 31.25
N SER KA 252 -73.22 -43.46 30.89
CA SER KA 252 -73.83 -44.73 30.49
C SER KA 252 -74.64 -45.45 31.61
N ASP KA 253 -73.98 -45.45 32.75
CA ASP KA 253 -74.46 -46.08 33.93
C ASP KA 253 -75.40 -45.08 34.60
N GLU KA 254 -76.69 -45.46 34.96
CA GLU KA 254 -77.79 -44.58 35.19
C GLU KA 254 -77.81 -44.10 36.63
N ALA KA 255 -76.63 -43.80 37.19
CA ALA KA 255 -76.48 -43.35 38.56
C ALA KA 255 -75.16 -42.72 38.77
N LYS KA 256 -74.27 -42.88 37.75
CA LYS KA 256 -72.93 -42.29 37.80
C LYS KA 256 -73.04 -40.90 37.39
N TRP KA 257 -74.10 -40.54 36.54
CA TRP KA 257 -74.18 -39.20 35.99
C TRP KA 257 -74.86 -38.37 37.01
N LYS KA 258 -75.56 -38.99 38.02
CA LYS KA 258 -76.44 -38.21 38.88
C LYS KA 258 -75.79 -37.09 39.71
N PRO KA 259 -74.71 -37.21 40.54
CA PRO KA 259 -74.28 -36.20 41.41
C PRO KA 259 -73.45 -35.24 40.60
N VAL KA 260 -72.91 -35.71 39.42
CA VAL KA 260 -72.00 -34.92 38.55
C VAL KA 260 -72.75 -33.73 38.06
N LEU KA 261 -73.95 -33.89 37.54
CA LEU KA 261 -74.94 -32.86 37.23
C LEU KA 261 -75.36 -32.03 38.38
N SER KA 262 -75.55 -32.59 39.62
CA SER KA 262 -75.99 -31.78 40.68
C SER KA 262 -74.96 -30.72 40.98
N HIS KA 263 -73.70 -31.09 41.00
CA HIS KA 263 -72.53 -30.28 41.27
C HIS KA 263 -72.29 -29.11 40.30
N ILE KA 264 -72.45 -29.42 38.99
CA ILE KA 264 -72.45 -28.41 37.94
C ILE KA 264 -73.49 -27.29 38.14
N VAL KA 265 -74.68 -27.57 38.58
CA VAL KA 265 -75.68 -26.59 38.86
C VAL KA 265 -75.16 -25.57 39.97
N TYR KA 266 -74.55 -26.17 41.08
CA TYR KA 266 -74.25 -25.36 42.26
C TYR KA 266 -73.19 -24.33 41.88
N PHE KA 267 -72.18 -24.75 41.01
CA PHE KA 267 -71.07 -23.82 40.66
C PHE KA 267 -71.36 -22.89 39.52
N LEU KA 268 -72.36 -23.21 38.67
CA LEU KA 268 -72.73 -22.33 37.58
C LEU KA 268 -73.42 -21.07 38.09
N VAL KA 269 -74.27 -21.35 39.13
CA VAL KA 269 -74.99 -20.37 39.94
C VAL KA 269 -74.06 -19.56 40.80
N LEU KA 270 -73.02 -20.19 41.41
CA LEU KA 270 -72.10 -19.52 42.29
C LEU KA 270 -71.18 -18.63 41.57
N SER KA 271 -71.14 -18.77 40.21
CA SER KA 271 -70.24 -18.01 39.43
C SER KA 271 -70.81 -16.55 39.33
N PRO KA 272 -70.06 -15.49 39.19
CA PRO KA 272 -70.68 -14.19 39.42
C PRO KA 272 -70.87 -13.54 38.03
N TYR KA 273 -72.05 -13.79 37.42
CA TYR KA 273 -72.36 -13.35 36.04
C TYR KA 273 -71.24 -13.66 35.05
N GLY KA 274 -71.00 -12.80 34.06
CA GLY KA 274 -70.18 -13.15 32.90
C GLY KA 274 -71.03 -13.88 31.89
N ASN KA 275 -70.60 -13.70 30.63
CA ASN KA 275 -71.25 -14.19 29.44
C ASN KA 275 -70.86 -15.68 29.35
N LEU KA 276 -69.79 -16.18 30.08
CA LEU KA 276 -69.47 -17.66 30.13
C LEU KA 276 -70.56 -18.41 30.76
N GLN KA 277 -71.20 -17.79 31.83
CA GLN KA 277 -72.33 -18.24 32.63
C GLN KA 277 -73.55 -18.51 31.73
N ASN KA 278 -73.86 -17.53 30.82
CA ASN KA 278 -75.04 -17.57 30.03
C ASN KA 278 -75.01 -18.80 29.08
N ASP KA 279 -73.97 -19.01 28.28
CA ASP KA 279 -73.87 -20.23 27.41
C ASP KA 279 -73.81 -21.55 28.03
N LEU KA 280 -73.19 -21.61 29.22
CA LEU KA 280 -72.98 -22.85 29.91
C LEU KA 280 -74.24 -23.32 30.55
N ILE KA 281 -74.93 -22.34 31.12
CA ILE KA 281 -76.10 -22.65 31.91
C ILE KA 281 -77.31 -22.91 31.00
N HIS KA 282 -77.27 -22.38 29.75
CA HIS KA 282 -78.24 -22.62 28.78
C HIS KA 282 -78.11 -24.00 28.25
N LYS KA 283 -76.92 -24.66 28.18
CA LYS KA 283 -76.70 -26.04 27.77
C LYS KA 283 -77.35 -27.02 28.78
N ILE KA 284 -77.18 -26.81 30.12
CA ILE KA 284 -77.68 -27.70 31.14
C ILE KA 284 -79.20 -27.59 31.02
N GLN KA 285 -79.74 -26.41 30.78
CA GLN KA 285 -81.21 -26.28 30.69
C GLN KA 285 -81.80 -27.15 29.61
N ASN KA 286 -81.17 -27.27 28.37
CA ASN KA 286 -81.72 -28.08 27.25
C ASN KA 286 -81.64 -29.53 27.45
N ASP KA 287 -80.86 -29.98 28.46
CA ASP KA 287 -80.72 -31.38 28.69
C ASP KA 287 -81.98 -31.91 29.40
N ASN KA 288 -82.35 -33.23 29.20
CA ASN KA 288 -83.50 -33.90 29.91
C ASN KA 288 -82.99 -34.83 30.86
N ASN KA 289 -81.82 -34.57 31.43
CA ASN KA 289 -81.22 -35.39 32.46
C ASN KA 289 -81.21 -34.44 33.64
N LEU KA 290 -81.77 -33.26 33.45
CA LEU KA 290 -82.14 -32.29 34.45
C LEU KA 290 -83.62 -32.47 34.65
N LYS KA 291 -84.27 -33.37 33.90
CA LYS KA 291 -85.68 -33.72 34.09
C LYS KA 291 -85.69 -35.12 34.67
N LYS KA 292 -84.55 -35.59 35.23
CA LYS KA 292 -84.52 -36.81 35.95
C LYS KA 292 -84.35 -36.50 37.37
N LEU KA 293 -84.06 -35.20 37.76
CA LEU KA 293 -83.99 -34.78 39.13
C LEU KA 293 -84.92 -33.60 39.25
N GLU KA 294 -85.62 -33.50 40.41
CA GLU KA 294 -86.67 -32.52 40.60
C GLU KA 294 -86.23 -31.35 41.45
N SER KA 295 -84.99 -31.62 42.12
CA SER KA 295 -84.41 -30.62 43.02
C SER KA 295 -83.69 -29.59 42.19
N GLN KA 296 -82.99 -30.09 41.19
CA GLN KA 296 -82.00 -29.37 40.49
C GLN KA 296 -82.58 -28.49 39.47
N GLU KA 297 -83.75 -28.88 38.93
CA GLU KA 297 -84.41 -28.13 37.90
C GLU KA 297 -84.93 -26.84 38.42
N SER KA 298 -85.47 -26.90 39.63
CA SER KA 298 -86.03 -25.70 40.23
C SER KA 298 -84.99 -24.64 40.51
N LEU KA 299 -83.77 -25.06 41.01
CA LEU KA 299 -82.67 -24.13 41.34
C LEU KA 299 -82.05 -23.39 40.17
N VAL KA 300 -81.75 -24.11 39.08
CA VAL KA 300 -81.06 -23.56 37.89
C VAL KA 300 -82.08 -22.57 37.22
N LYS KA 301 -83.38 -22.98 37.14
CA LYS KA 301 -84.35 -22.21 36.37
C LYS KA 301 -84.63 -20.86 37.07
N LEU KA 302 -84.63 -20.86 38.38
CA LEU KA 302 -84.94 -19.75 39.33
C LEU KA 302 -83.76 -18.73 39.19
N PHE KA 303 -82.49 -19.23 38.92
CA PHE KA 303 -81.41 -18.30 38.75
C PHE KA 303 -81.40 -17.77 37.30
N THR KA 304 -82.01 -18.46 36.30
CA THR KA 304 -81.86 -18.13 34.88
C THR KA 304 -82.80 -17.16 34.44
N THR KA 305 -84.09 -17.30 34.78
CA THR KA 305 -85.21 -16.52 34.33
C THR KA 305 -85.34 -15.27 35.17
N ASN KA 306 -85.95 -14.21 34.60
CA ASN KA 306 -86.16 -12.91 35.08
C ASN KA 306 -87.36 -12.99 35.90
N GLU KA 307 -86.98 -12.89 37.21
CA GLU KA 307 -87.89 -12.97 38.28
C GLU KA 307 -87.41 -12.02 39.33
N LEU KA 308 -88.41 -11.37 40.02
CA LEU KA 308 -88.23 -10.50 41.14
C LEU KA 308 -88.61 -11.28 42.29
N MET KA 309 -87.59 -11.50 43.21
CA MET KA 309 -87.69 -12.34 44.35
C MET KA 309 -86.78 -11.91 45.35
N ARG KA 310 -87.11 -12.42 46.61
CA ARG KA 310 -86.38 -11.92 47.74
C ARG KA 310 -85.56 -12.98 48.36
N TRP KA 311 -84.57 -12.61 49.29
CA TRP KA 311 -83.73 -13.56 49.93
C TRP KA 311 -84.35 -14.63 50.77
N PRO KA 312 -85.36 -14.44 51.69
CA PRO KA 312 -85.59 -15.52 52.59
C PRO KA 312 -86.39 -16.59 51.89
N ILE KA 313 -86.99 -16.28 50.72
CA ILE KA 313 -87.96 -17.15 50.11
C ILE KA 313 -87.25 -18.20 49.41
N VAL KA 314 -86.21 -17.75 48.74
CA VAL KA 314 -85.24 -18.55 48.09
C VAL KA 314 -84.41 -19.35 49.21
N GLN KA 315 -83.98 -18.66 50.32
CA GLN KA 315 -83.08 -19.19 51.29
C GLN KA 315 -83.81 -20.40 51.86
N LYS KA 316 -85.13 -20.27 52.19
CA LYS KA 316 -85.98 -21.18 52.84
C LYS KA 316 -86.08 -22.38 51.99
N THR KA 317 -86.28 -22.27 50.65
CA THR KA 317 -86.46 -23.34 49.72
C THR KA 317 -85.27 -24.28 49.73
N TYR KA 318 -84.03 -23.67 49.84
CA TYR KA 318 -82.77 -24.43 49.67
C TYR KA 318 -81.99 -24.74 50.90
N GLU KA 319 -82.56 -24.35 52.09
CA GLU KA 319 -81.85 -24.54 53.38
C GLU KA 319 -81.73 -26.02 53.84
N PRO KA 320 -82.72 -26.98 53.79
CA PRO KA 320 -82.44 -28.36 54.16
C PRO KA 320 -81.89 -29.25 53.06
N VAL KA 321 -82.05 -28.78 51.80
CA VAL KA 321 -81.76 -29.58 50.61
C VAL KA 321 -80.31 -29.75 50.28
N LEU KA 322 -79.46 -28.73 50.36
CA LEU KA 322 -78.15 -28.72 49.75
C LEU KA 322 -77.11 -28.84 50.83
N ASN KA 323 -77.53 -28.84 52.16
CA ASN KA 323 -76.65 -28.87 53.33
C ASN KA 323 -76.19 -30.34 53.60
N GLU KA 324 -76.85 -31.40 53.01
CA GLU KA 324 -76.45 -32.80 53.20
C GLU KA 324 -75.64 -33.23 52.04
N ASP KA 325 -75.09 -32.26 51.32
CA ASP KA 325 -74.28 -32.47 50.05
C ASP KA 325 -73.06 -31.70 50.38
N ASP KA 326 -71.91 -32.33 50.39
CA ASP KA 326 -70.66 -31.70 50.72
C ASP KA 326 -70.04 -31.54 49.42
N LEU KA 327 -68.94 -30.71 49.32
CA LEU KA 327 -68.32 -30.35 48.11
C LEU KA 327 -69.28 -29.56 47.26
N ALA KA 328 -70.09 -28.70 47.99
CA ALA KA 328 -71.10 -27.93 47.50
C ALA KA 328 -71.37 -26.85 48.50
N PHE KA 329 -72.04 -27.14 49.66
CA PHE KA 329 -72.50 -26.18 50.63
C PHE KA 329 -72.42 -26.71 52.01
N GLY KA 330 -72.21 -28.05 52.10
CA GLY KA 330 -72.24 -28.78 53.32
C GLY KA 330 -70.98 -28.45 54.12
N GLY KA 331 -69.78 -28.24 53.54
CA GLY KA 331 -68.54 -28.10 54.31
C GLY KA 331 -68.47 -26.83 55.09
N GLU KA 332 -67.46 -26.84 56.04
CA GLU KA 332 -67.18 -25.69 56.97
C GLU KA 332 -66.69 -24.47 56.21
N ALA KA 333 -65.81 -24.63 55.18
CA ALA KA 333 -65.43 -23.52 54.31
C ALA KA 333 -66.43 -23.14 53.30
N ASN KA 334 -67.38 -24.01 52.98
CA ASN KA 334 -68.42 -23.88 52.02
C ASN KA 334 -69.67 -23.37 52.75
N LYS KA 335 -69.63 -23.03 54.06
CA LYS KA 335 -70.52 -22.14 54.72
C LYS KA 335 -70.31 -20.69 54.16
N HIS KA 336 -69.12 -20.41 53.49
CA HIS KA 336 -68.85 -19.11 52.81
C HIS KA 336 -69.16 -19.23 51.34
N HIS KA 337 -69.79 -20.39 50.87
CA HIS KA 337 -70.34 -20.58 49.50
C HIS KA 337 -71.84 -20.61 49.67
N TRP KA 338 -72.46 -20.92 50.87
CA TRP KA 338 -73.83 -20.58 51.21
C TRP KA 338 -73.99 -19.11 51.46
N GLU KA 339 -72.97 -18.49 52.02
CA GLU KA 339 -72.87 -17.04 52.24
C GLU KA 339 -72.71 -16.30 50.95
N ASP KA 340 -71.97 -16.79 49.96
CA ASP KA 340 -71.85 -16.35 48.61
C ASP KA 340 -73.21 -16.38 47.97
N LEU KA 341 -74.11 -17.32 48.31
CA LEU KA 341 -75.41 -17.59 47.59
C LEU KA 341 -76.31 -16.43 47.76
N GLN KA 342 -76.19 -15.74 48.88
CA GLN KA 342 -76.96 -14.53 49.12
C GLN KA 342 -76.62 -13.43 48.16
N LYS KA 343 -75.37 -13.17 47.88
CA LYS KA 343 -74.89 -12.16 47.01
C LYS KA 343 -75.34 -12.48 45.66
N ARG KA 344 -75.27 -13.75 45.27
CA ARG KA 344 -75.59 -14.17 43.95
C ARG KA 344 -76.98 -13.98 43.46
N VAL KA 345 -77.94 -14.18 44.37
CA VAL KA 345 -79.32 -13.92 43.99
C VAL KA 345 -79.56 -12.44 43.91
N ILE KA 346 -78.88 -11.59 44.73
CA ILE KA 346 -79.05 -10.12 44.65
C ILE KA 346 -78.25 -9.50 43.61
N GLU KA 347 -77.29 -10.19 42.92
CA GLU KA 347 -76.48 -9.74 41.87
C GLU KA 347 -77.29 -9.87 40.57
N HIS KA 348 -78.06 -10.91 40.49
CA HIS KA 348 -79.06 -11.21 39.44
C HIS KA 348 -80.20 -10.26 39.55
N ASN KA 349 -80.78 -9.96 40.80
CA ASN KA 349 -81.80 -8.95 40.97
C ASN KA 349 -81.40 -7.69 40.40
N LEU KA 350 -80.18 -7.24 40.53
CA LEU KA 350 -79.83 -5.88 39.97
C LEU KA 350 -79.95 -5.78 38.47
N ARG KA 351 -79.66 -6.83 37.70
CA ARG KA 351 -79.82 -7.01 36.25
C ARG KA 351 -81.23 -6.98 35.85
N VAL KA 352 -82.11 -7.63 36.67
CA VAL KA 352 -83.55 -7.66 36.48
C VAL KA 352 -84.09 -6.29 36.62
N ILE KA 353 -83.69 -5.69 37.74
CA ILE KA 353 -84.30 -4.45 38.26
C ILE KA 353 -83.91 -3.32 37.24
N SER KA 354 -82.71 -3.30 36.75
CA SER KA 354 -82.27 -2.30 35.82
C SER KA 354 -82.96 -2.27 34.46
N GLU KA 355 -83.20 -3.41 33.83
CA GLU KA 355 -83.91 -3.43 32.57
C GLU KA 355 -85.27 -2.93 32.73
N TYR KA 356 -86.03 -3.55 33.74
CA TYR KA 356 -87.50 -3.36 33.77
C TYR KA 356 -87.87 -1.97 34.32
N TYR KA 357 -87.18 -1.62 35.46
CA TYR KA 357 -87.45 -0.45 36.14
C TYR KA 357 -86.40 0.59 35.74
N SER KA 358 -86.80 1.67 35.01
CA SER KA 358 -85.93 2.90 34.85
C SER KA 358 -85.69 3.70 36.13
N ARG KA 359 -86.76 4.08 36.84
CA ARG KA 359 -86.58 4.92 38.02
C ARG KA 359 -87.39 4.31 39.10
N ILE KA 360 -86.79 4.09 40.27
CA ILE KA 360 -87.48 3.36 41.34
C ILE KA 360 -86.86 4.05 42.60
N THR KA 361 -87.53 4.13 43.76
CA THR KA 361 -87.09 4.76 45.00
C THR KA 361 -85.92 3.97 45.53
N LEU KA 362 -84.95 4.66 46.15
CA LEU KA 362 -83.84 3.90 46.78
C LEU KA 362 -84.44 3.07 47.95
N LEU KA 363 -85.45 3.60 48.64
CA LEU KA 363 -86.00 3.02 49.84
C LEU KA 363 -86.54 1.65 49.56
N ARG KA 364 -87.24 1.48 48.42
CA ARG KA 364 -87.94 0.32 48.01
C ARG KA 364 -86.96 -0.72 47.56
N LEU KA 365 -85.92 -0.33 46.91
CA LEU KA 365 -84.83 -1.11 46.47
C LEU KA 365 -84.13 -1.77 47.68
N ASN KA 366 -83.99 -1.07 48.82
CA ASN KA 366 -83.28 -1.57 50.10
C ASN KA 366 -83.94 -2.85 50.54
N GLU KA 367 -85.33 -2.88 50.68
CA GLU KA 367 -86.07 -4.00 51.14
C GLU KA 367 -85.96 -5.15 50.13
N LEU KA 368 -85.86 -4.89 48.80
CA LEU KA 368 -85.71 -5.90 47.75
C LEU KA 368 -84.48 -6.70 47.83
N LEU KA 369 -83.29 -6.20 48.23
CA LEU KA 369 -82.04 -6.94 48.34
C LEU KA 369 -81.88 -7.35 49.80
N ASP KA 370 -82.85 -6.97 50.63
CA ASP KA 370 -83.04 -7.26 51.98
C ASP KA 370 -81.86 -6.79 52.91
N LEU KA 371 -81.31 -5.61 52.60
CA LEU KA 371 -80.25 -5.00 53.31
C LEU KA 371 -80.53 -3.54 53.56
N THR KA 372 -79.73 -2.91 54.51
CA THR KA 372 -79.57 -1.45 54.76
C THR KA 372 -79.25 -0.74 53.50
N GLU KA 373 -79.25 0.66 53.55
CA GLU KA 373 -79.03 1.53 52.43
C GLU KA 373 -77.60 1.58 52.10
N SER KA 374 -76.77 1.56 53.19
CA SER KA 374 -75.30 1.60 53.12
C SER KA 374 -74.78 0.44 52.33
N GLN KA 375 -75.22 -0.79 52.69
CA GLN KA 375 -74.87 -2.01 51.98
C GLN KA 375 -75.37 -2.06 50.51
N THR KA 376 -76.56 -1.63 50.27
CA THR KA 376 -77.09 -1.63 48.99
C THR KA 376 -76.34 -0.76 47.99
N GLU KA 377 -75.96 0.46 48.46
CA GLU KA 377 -75.33 1.42 47.61
C GLU KA 377 -73.96 1.01 47.13
N THR KA 378 -73.17 0.31 48.05
CA THR KA 378 -71.96 -0.30 47.67
C THR KA 378 -72.08 -1.34 46.62
N TYR KA 379 -73.13 -2.16 46.76
CA TYR KA 379 -73.30 -3.26 45.89
C TYR KA 379 -73.89 -2.82 44.60
N ILE KA 380 -74.42 -1.57 44.48
CA ILE KA 380 -74.96 -1.07 43.22
C ILE KA 380 -73.79 -0.66 42.40
N SER KA 381 -72.79 -0.07 43.11
CA SER KA 381 -71.55 0.54 42.59
C SER KA 381 -70.62 -0.41 41.99
N ASP KA 382 -70.46 -1.63 42.63
CA ASP KA 382 -69.60 -2.69 42.16
C ASP KA 382 -69.96 -2.97 40.69
N LEU KA 383 -71.32 -3.06 40.37
CA LEU KA 383 -71.81 -3.44 39.02
C LEU KA 383 -71.96 -2.31 38.13
N VAL KA 384 -71.71 -1.02 38.61
CA VAL KA 384 -71.79 0.10 37.65
C VAL KA 384 -70.39 0.09 37.10
N ASN KA 385 -69.28 -0.18 37.93
CA ASN KA 385 -67.89 -0.25 37.57
C ASN KA 385 -67.58 -1.41 36.67
N GLN KA 386 -68.18 -2.61 36.88
CA GLN KA 386 -67.89 -3.74 36.11
C GLN KA 386 -68.82 -3.74 34.93
N GLY KA 387 -69.69 -2.65 34.75
CA GLY KA 387 -70.29 -2.31 33.48
C GLY KA 387 -71.53 -3.11 33.23
N ILE KA 388 -71.96 -3.84 34.24
CA ILE KA 388 -73.10 -4.79 34.24
C ILE KA 388 -74.33 -3.95 34.26
N ILE KA 389 -74.33 -2.81 34.98
CA ILE KA 389 -75.45 -1.87 35.01
C ILE KA 389 -74.79 -0.53 34.91
N TYR KA 390 -75.60 0.53 34.72
CA TYR KA 390 -75.31 1.96 34.79
C TYR KA 390 -76.49 2.44 35.70
N ALA KA 391 -76.06 3.13 36.73
CA ALA KA 391 -77.05 3.58 37.68
C ALA KA 391 -76.51 4.83 38.28
N LYS KA 392 -77.41 5.62 38.92
CA LYS KA 392 -77.05 6.82 39.67
C LYS KA 392 -77.79 6.75 40.98
N VAL KA 393 -77.10 6.85 42.12
CA VAL KA 393 -77.72 6.59 43.42
C VAL KA 393 -77.56 7.86 44.21
N ASN KA 394 -78.68 8.28 44.82
CA ASN KA 394 -78.66 9.48 45.59
C ASN KA 394 -78.69 9.07 47.01
N ARG KA 395 -77.76 9.60 47.79
CA ARG KA 395 -77.59 9.44 49.26
C ARG KA 395 -78.82 9.96 50.03
N PRO KA 396 -79.39 11.12 49.77
CA PRO KA 396 -80.65 11.60 50.32
C PRO KA 396 -81.82 10.69 50.26
N ALA KA 397 -81.87 9.62 49.38
CA ALA KA 397 -82.87 8.55 49.27
C ALA KA 397 -84.11 9.10 48.56
N LYS KA 398 -83.80 10.01 47.63
CA LYS KA 398 -84.66 10.61 46.65
C LYS KA 398 -85.00 9.46 45.71
N ILE KA 399 -84.02 9.06 44.85
CA ILE KA 399 -84.17 8.14 43.81
C ILE KA 399 -82.91 7.36 43.77
N VAL KA 400 -83.01 6.25 42.97
CA VAL KA 400 -81.94 5.63 42.26
C VAL KA 400 -82.47 5.54 40.90
N ASN KA 401 -81.73 6.12 39.90
CA ASN KA 401 -82.18 6.22 38.56
C ASN KA 401 -81.37 5.13 37.92
N PHE KA 402 -81.95 3.92 37.67
CA PHE KA 402 -81.33 2.82 36.91
C PHE KA 402 -81.40 3.05 35.43
N GLU KA 403 -80.35 3.54 34.85
CA GLU KA 403 -80.47 3.85 33.43
C GLU KA 403 -79.06 4.06 32.88
N LYS KA 404 -78.94 4.09 31.57
CA LYS KA 404 -77.86 4.79 30.84
C LYS KA 404 -78.46 5.97 30.16
N PRO KA 405 -78.00 7.21 30.44
CA PRO KA 405 -78.62 8.33 29.92
C PRO KA 405 -78.50 8.56 28.48
N LYS KA 406 -79.65 8.79 27.81
CA LYS KA 406 -79.54 9.10 26.42
C LYS KA 406 -78.97 10.50 26.17
N ASN KA 407 -78.69 10.80 24.90
CA ASN KA 407 -78.14 12.09 24.55
C ASN KA 407 -79.17 12.62 23.62
N SER KA 408 -79.02 13.85 23.19
CA SER KA 408 -79.98 14.54 22.26
C SER KA 408 -80.14 13.80 20.90
N SER KA 409 -79.04 13.34 20.32
CA SER KA 409 -79.00 12.56 19.09
C SER KA 409 -79.60 11.23 19.14
N GLN KA 410 -79.46 10.49 20.27
CA GLN KA 410 -80.01 9.14 20.34
C GLN KA 410 -81.53 9.21 20.25
N LEU KA 411 -82.15 10.16 20.87
CA LEU KA 411 -83.60 10.42 20.82
C LEU KA 411 -84.17 10.81 19.45
N LEU KA 412 -83.37 11.62 18.72
CA LEU KA 412 -83.68 11.99 17.45
C LEU KA 412 -83.58 10.83 16.48
N ASN KA 413 -82.51 9.93 16.62
CA ASN KA 413 -82.34 8.74 15.83
C ASN KA 413 -83.47 7.72 15.99
N GLU KA 414 -83.88 7.44 17.22
CA GLU KA 414 -84.86 6.51 17.62
C GLU KA 414 -86.19 6.91 17.11
N TRP KA 415 -86.53 8.32 17.07
CA TRP KA 415 -87.78 8.93 16.55
C TRP KA 415 -87.81 8.87 15.03
N SER KA 416 -86.63 8.82 14.29
CA SER KA 416 -86.62 8.58 12.77
C SER KA 416 -87.04 7.23 12.40
N HIS KA 417 -86.55 6.21 13.16
CA HIS KA 417 -86.86 4.83 12.85
C HIS KA 417 -88.32 4.54 13.04
N ASN KA 418 -88.94 5.19 14.05
CA ASN KA 418 -90.36 4.91 14.35
C ASN KA 418 -91.21 5.35 13.14
N VAL KA 419 -90.82 6.44 12.55
CA VAL KA 419 -91.64 7.06 11.56
C VAL KA 419 -91.43 6.35 10.23
N ASP KA 420 -90.14 5.85 9.97
CA ASP KA 420 -89.80 5.14 8.75
C ASP KA 420 -90.50 3.82 8.60
N GLU KA 421 -90.50 3.06 9.70
CA GLU KA 421 -90.96 1.69 9.76
C GLU KA 421 -92.44 1.65 9.74
N LEU KA 422 -93.09 2.76 10.07
CA LEU KA 422 -94.50 2.93 10.19
C LEU KA 422 -95.10 2.80 8.74
N LEU KA 423 -94.25 3.43 7.82
CA LEU KA 423 -94.75 3.75 6.50
C LEU KA 423 -94.91 2.50 5.66
N GLU KA 424 -93.91 1.56 6.00
CA GLU KA 424 -93.87 0.24 5.48
C GLU KA 424 -95.07 -0.60 5.75
N HIS KA 425 -95.60 -0.51 6.97
CA HIS KA 425 -96.71 -1.25 7.48
C HIS KA 425 -97.97 -0.84 6.86
N ILE KA 426 -98.19 0.48 6.50
CA ILE KA 426 -99.32 1.07 5.90
C ILE KA 426 -99.48 0.54 4.46
N GLU KA 427 -98.34 0.47 3.67
CA GLU KA 427 -98.30 0.11 2.32
C GLU KA 427 -98.60 -1.42 2.11
N THR KA 428 -98.08 -2.32 2.96
CA THR KA 428 -98.31 -3.74 2.87
C THR KA 428 -99.76 -4.07 3.20
N ILE KA 429 -100.38 -3.27 4.05
CA ILE KA 429 -101.73 -3.48 4.44
C ILE KA 429 -102.67 -3.37 3.28
N GLY KA 430 -102.52 -2.28 2.51
CA GLY KA 430 -103.28 -2.11 1.29
C GLY KA 430 -103.09 -3.15 0.30
N HIS KA 431 -101.88 -3.79 0.27
CA HIS KA 431 -101.72 -4.94 -0.66
C HIS KA 431 -102.68 -6.10 -0.37
N LEU KA 432 -102.87 -6.29 0.94
CA LEU KA 432 -103.53 -7.50 1.44
C LEU KA 432 -105.03 -7.40 1.50
N ILE KA 433 -105.54 -6.09 1.53
CA ILE KA 433 -106.97 -5.80 1.37
C ILE KA 433 -107.41 -6.23 0.02
N THR KA 434 -106.62 -5.88 -1.06
CA THR KA 434 -106.99 -6.24 -2.37
C THR KA 434 -107.06 -7.70 -2.53
N LYS KA 435 -106.16 -8.53 -1.99
CA LYS KA 435 -106.14 -9.96 -2.09
C LYS KA 435 -107.31 -10.66 -1.45
N GLU KA 436 -107.65 -10.14 -0.27
CA GLU KA 436 -108.54 -10.80 0.66
C GLU KA 436 -109.94 -10.75 0.03
N GLU KA 437 -110.29 -9.59 -0.58
CA GLU KA 437 -111.64 -9.33 -1.11
C GLU KA 437 -111.76 -10.05 -2.39
N ILE KA 438 -110.72 -10.13 -3.20
CA ILE KA 438 -110.80 -10.77 -4.47
C ILE KA 438 -111.06 -12.24 -4.36
N MET KA 439 -110.36 -12.99 -3.43
CA MET KA 439 -110.54 -14.37 -3.21
C MET KA 439 -111.91 -14.62 -2.61
N HIS KA 440 -112.43 -13.69 -1.68
CA HIS KA 440 -113.74 -13.74 -1.14
C HIS KA 440 -114.86 -13.45 -2.25
N MET LA 1 12.97 17.87 65.59
CA MET LA 1 12.27 16.74 65.04
C MET LA 1 11.75 15.78 66.14
N SER LA 2 12.65 15.45 67.10
CA SER LA 2 12.31 14.52 68.12
C SER LA 2 11.29 15.04 69.09
N LEU LA 3 11.50 16.26 69.44
CA LEU LA 3 10.73 17.03 70.44
C LEU LA 3 9.42 17.37 69.80
N PRO LA 4 9.18 17.90 68.60
CA PRO LA 4 7.84 17.91 67.99
C PRO LA 4 7.05 16.61 67.94
N GLY LA 5 7.73 15.50 67.55
CA GLY LA 5 7.19 14.10 67.58
C GLY LA 5 6.78 13.68 68.98
N SER LA 6 7.59 13.98 69.97
CA SER LA 6 7.35 13.63 71.40
C SER LA 6 6.15 14.28 71.94
N LYS LA 7 6.01 15.62 71.71
CA LYS LA 7 4.90 16.40 72.21
C LYS LA 7 3.57 15.92 71.57
N LEU LA 8 3.63 15.57 70.29
CA LEU LA 8 2.50 15.15 69.50
C LEU LA 8 2.09 13.77 70.02
N GLU LA 9 3.06 12.91 70.30
CA GLU LA 9 2.86 11.51 70.60
C GLU LA 9 2.08 11.36 71.90
N GLU LA 10 2.59 12.20 72.83
CA GLU LA 10 2.13 12.19 74.23
C GLU LA 10 0.71 12.84 74.24
N ALA LA 11 0.49 13.96 73.56
CA ALA LA 11 -0.72 14.76 73.52
C ALA LA 11 -1.86 14.00 72.97
N ARG LA 12 -1.54 13.22 71.98
CA ARG LA 12 -2.55 12.32 71.39
C ARG LA 12 -2.95 11.26 72.34
N ARG LA 13 -2.06 10.60 73.11
CA ARG LA 13 -2.32 9.52 74.02
C ARG LA 13 -3.30 10.00 75.11
N LEU LA 14 -3.04 11.23 75.59
CA LEU LA 14 -3.73 11.84 76.66
C LEU LA 14 -5.15 12.17 76.33
N VAL LA 15 -5.57 12.41 75.05
CA VAL LA 15 -6.96 12.53 74.68
C VAL LA 15 -7.77 11.24 75.01
N ASN LA 16 -7.18 10.05 74.63
CA ASN LA 16 -8.05 8.89 74.62
C ASN LA 16 -7.91 8.16 75.88
N GLU LA 17 -6.82 8.45 76.66
CA GLU LA 17 -6.58 7.80 77.93
C GLU LA 17 -7.24 8.71 78.98
N LYS LA 18 -7.45 10.06 78.75
CA LYS LA 18 -8.06 10.88 79.73
C LYS LA 18 -9.09 11.63 78.92
N GLN LA 19 -8.90 12.99 78.85
CA GLN LA 19 -9.79 13.93 78.28
C GLN LA 19 -8.98 14.84 77.44
N TYR LA 20 -9.64 15.67 76.61
CA TYR LA 20 -9.04 16.72 75.82
C TYR LA 20 -8.52 17.85 76.66
N ASN LA 21 -9.28 18.14 77.77
CA ASN LA 21 -8.92 19.12 78.79
C ASN LA 21 -7.54 18.96 79.40
N GLU LA 22 -7.19 17.78 79.80
CA GLU LA 22 -5.98 17.40 80.38
C GLU LA 22 -4.96 17.35 79.25
N ALA LA 23 -5.38 17.00 78.01
CA ALA LA 23 -4.51 16.91 76.89
C ALA LA 23 -4.02 18.24 76.31
N GLU LA 24 -4.80 19.23 76.56
CA GLU LA 24 -4.70 20.57 76.00
C GLU LA 24 -3.48 21.39 76.27
N GLN LA 25 -2.96 21.30 77.52
CA GLN LA 25 -1.76 21.91 78.07
C GLN LA 25 -0.58 21.40 77.26
N VAL LA 26 -0.51 20.03 76.99
CA VAL LA 26 0.59 19.44 76.23
C VAL LA 26 0.47 19.90 74.76
N TYR LA 27 -0.74 20.04 74.24
CA TYR LA 27 -1.01 20.56 72.83
C TYR LA 27 -0.65 22.00 72.68
N LEU LA 28 -0.87 22.84 73.73
CA LEU LA 28 -0.51 24.26 73.70
C LEU LA 28 0.96 24.43 73.58
N SER LA 29 1.70 23.55 74.33
CA SER LA 29 3.18 23.57 74.29
C SER LA 29 3.64 23.31 72.90
N LEU LA 30 3.03 22.33 72.19
CA LEU LA 30 3.15 22.09 70.77
C LEU LA 30 2.78 23.21 69.76
N LEU LA 31 1.69 23.99 70.07
CA LEU LA 31 1.20 25.11 69.35
C LEU LA 31 2.34 26.18 69.26
N ASP LA 32 3.03 26.41 70.41
CA ASP LA 32 4.22 27.23 70.54
C ASP LA 32 5.48 26.81 69.76
N LYS LA 33 5.68 25.49 69.78
CA LYS LA 33 6.81 24.77 69.11
C LYS LA 33 6.75 24.92 67.55
N ASP LA 34 5.57 24.69 66.98
CA ASP LA 34 5.22 24.77 65.57
C ASP LA 34 5.40 26.19 65.05
N SER LA 35 5.06 27.21 65.92
CA SER LA 35 5.33 28.51 65.53
C SER LA 35 6.81 28.90 65.34
N SER LA 36 7.76 28.30 66.09
CA SER LA 36 9.18 28.62 66.02
C SER LA 36 9.75 28.06 64.77
N GLN LA 37 9.17 26.95 64.25
CA GLN LA 37 9.48 26.35 62.96
C GLN LA 37 9.06 27.12 61.81
N SER LA 38 7.81 27.68 61.81
CA SER LA 38 7.21 28.44 60.74
C SER LA 38 7.97 29.60 60.33
N SER LA 39 8.55 30.26 61.34
CA SER LA 39 9.42 31.44 61.08
C SER LA 39 10.91 31.11 60.67
N ALA LA 40 11.34 29.78 60.81
CA ALA LA 40 12.68 29.31 60.52
C ALA LA 40 13.70 29.89 61.43
N ALA LA 41 13.41 29.95 62.75
CA ALA LA 41 14.16 30.48 63.81
C ALA LA 41 15.10 29.37 64.31
N ALA LA 42 14.66 28.13 64.10
CA ALA LA 42 15.36 26.97 64.38
C ALA LA 42 15.68 26.13 63.18
N GLY LA 43 15.43 26.72 62.02
CA GLY LA 43 15.73 26.16 60.70
C GLY LA 43 14.69 25.20 60.23
N ALA LA 44 13.59 25.09 61.00
CA ALA LA 44 12.39 24.31 60.97
C ALA LA 44 12.56 23.08 61.87
N SER LA 45 13.50 23.17 62.84
CA SER LA 45 13.89 22.16 63.81
C SER LA 45 14.39 20.91 63.15
N VAL LA 46 14.98 21.11 61.98
CA VAL LA 46 15.70 20.11 61.26
C VAL LA 46 17.00 20.69 60.84
N ASP LA 47 17.18 21.98 61.22
CA ASP LA 47 18.15 22.99 60.74
C ASP LA 47 17.90 23.29 59.27
N ASP LA 48 18.88 24.02 58.74
CA ASP LA 48 19.01 24.32 57.39
C ASP LA 48 17.77 24.78 56.62
N LYS LA 49 17.46 24.00 55.55
CA LYS LA 49 16.36 24.20 54.67
C LYS LA 49 15.08 23.75 55.41
N ARG LA 50 13.82 24.28 55.10
CA ARG LA 50 12.54 23.90 55.72
C ARG LA 50 12.18 22.48 55.49
N ARG LA 51 12.33 22.01 54.21
CA ARG LA 51 12.10 20.60 53.78
C ARG LA 51 10.77 19.93 54.25
N ASN LA 52 10.78 18.64 54.58
CA ASN LA 52 9.74 17.75 55.09
C ASN LA 52 9.22 18.26 56.44
N GLU LA 53 10.06 18.67 57.39
CA GLU LA 53 9.77 18.92 58.75
C GLU LA 53 8.76 20.05 58.94
N GLN LA 54 8.78 21.08 58.08
CA GLN LA 54 7.78 22.11 58.04
C GLN LA 54 6.38 21.69 57.74
N GLU LA 55 6.18 20.77 56.75
CA GLU LA 55 4.89 20.24 56.37
C GLU LA 55 4.30 19.32 57.46
N THR LA 56 5.21 18.58 58.20
CA THR LA 56 4.80 17.77 59.35
C THR LA 56 4.31 18.67 60.43
N SER LA 57 4.90 19.88 60.63
CA SER LA 57 4.63 20.90 61.61
C SER LA 57 3.25 21.57 61.50
N ILE LA 58 2.85 21.95 60.26
CA ILE LA 58 1.53 22.52 59.97
C ILE LA 58 0.43 21.48 60.21
N LEU LA 59 0.71 20.19 59.92
CA LEU LA 59 -0.24 19.12 59.93
C LEU LA 59 -0.70 18.81 61.33
N GLU LA 60 0.25 18.87 62.29
CA GLU LA 60 -0.06 18.48 63.65
C GLU LA 60 -0.56 19.71 64.41
N LEU LA 61 -0.58 20.85 63.80
CA LEU LA 61 -1.29 21.97 64.29
C LEU LA 61 -2.75 21.85 63.87
N GLY LA 62 -3.10 20.96 62.92
CA GLY LA 62 -4.41 20.75 62.37
C GLY LA 62 -5.02 19.66 63.11
N GLN LA 63 -4.21 18.76 63.63
CA GLN LA 63 -4.52 17.64 64.46
C GLN LA 63 -5.03 18.14 65.75
N LEU LA 64 -4.47 19.31 66.19
CA LEU LA 64 -4.77 20.01 67.41
C LEU LA 64 -6.16 20.63 67.30
N TYR LA 65 -6.47 21.25 66.14
CA TYR LA 65 -7.70 21.93 65.88
C TYR LA 65 -8.96 21.03 65.91
N VAL LA 66 -8.84 19.86 65.22
CA VAL LA 66 -9.96 18.94 64.92
C VAL LA 66 -10.42 18.18 66.03
N THR LA 67 -9.49 17.89 67.02
CA THR LA 67 -9.60 17.00 68.18
C THR LA 67 -10.91 16.87 68.86
N MET LA 68 -11.51 17.81 69.61
CA MET LA 68 -11.04 19.00 70.25
C MET LA 68 -12.32 19.54 70.76
N GLY LA 69 -13.33 19.70 69.92
CA GLY LA 69 -14.67 20.19 70.21
C GLY LA 69 -14.92 21.55 69.63
N ALA LA 70 -16.21 21.99 69.64
CA ALA LA 70 -16.40 23.35 69.23
C ALA LA 70 -16.06 24.24 70.34
N LYS LA 71 -15.25 25.26 70.09
CA LYS LA 71 -14.70 26.18 71.12
C LYS LA 71 -14.68 27.51 70.38
N ASP LA 72 -14.39 28.55 71.27
CA ASP LA 72 -13.98 29.90 71.05
C ASP LA 72 -12.56 29.87 70.61
N LYS LA 73 -11.81 28.95 71.25
CA LYS LA 73 -10.34 28.64 71.03
C LYS LA 73 -10.15 28.22 69.59
N LEU LA 74 -11.01 27.34 69.10
CA LEU LA 74 -10.89 26.83 67.80
C LEU LA 74 -11.09 27.76 66.65
N ARG LA 75 -12.13 28.64 66.75
CA ARG LA 75 -12.43 29.78 65.84
C ARG LA 75 -11.28 30.71 65.78
N GLU LA 76 -10.76 31.15 66.95
CA GLU LA 76 -9.69 32.08 67.10
C GLU LA 76 -8.42 31.73 66.36
N PHE LA 77 -8.01 30.43 66.40
CA PHE LA 77 -6.80 29.83 65.78
C PHE LA 77 -6.67 29.84 64.26
N ILE LA 78 -7.74 29.61 63.54
CA ILE LA 78 -7.64 29.48 62.06
C ILE LA 78 -7.24 30.74 61.35
N PRO LA 79 -7.67 31.93 61.78
CA PRO LA 79 -7.15 33.17 61.16
C PRO LA 79 -5.67 33.58 61.48
N HIS LA 80 -5.18 32.85 62.55
CA HIS LA 80 -3.84 33.01 62.97
C HIS LA 80 -2.94 32.04 62.29
N SER LA 81 -3.52 31.04 61.59
CA SER LA 81 -2.95 30.06 60.74
C SER LA 81 -2.80 30.57 59.34
N THR LA 82 -3.45 31.73 59.04
CA THR LA 82 -3.23 32.43 57.78
C THR LA 82 -2.03 33.33 57.88
N GLU LA 83 -1.55 33.60 59.09
CA GLU LA 83 -0.31 34.23 59.32
C GLU LA 83 0.86 33.18 59.19
N TYR LA 84 0.49 31.98 59.61
CA TYR LA 84 1.35 30.80 59.62
C TYR LA 84 1.59 30.42 58.16
N MET LA 85 0.56 30.69 57.33
CA MET LA 85 0.53 30.33 55.88
C MET LA 85 1.40 31.17 55.04
N MET LA 86 1.44 32.47 55.30
CA MET LA 86 2.37 33.37 54.62
C MET LA 86 3.84 32.93 54.84
N GLN LA 87 4.14 32.58 56.12
CA GLN LA 87 5.40 32.03 56.59
C GLN LA 87 5.74 30.67 56.12
N PHE LA 88 4.70 29.81 55.83
CA PHE LA 88 4.91 28.46 55.39
C PHE LA 88 5.66 28.37 54.03
N ALA LA 89 5.37 29.37 53.13
CA ALA LA 89 6.15 29.82 51.99
C ALA LA 89 6.51 28.73 51.05
N LYS LA 90 5.52 27.95 50.62
CA LYS LA 90 5.53 26.85 49.67
C LYS LA 90 4.43 27.01 48.55
N SER LA 91 4.38 25.98 47.71
CA SER LA 91 3.34 25.79 46.74
C SER LA 91 2.48 24.58 47.11
N LYS LA 92 2.78 23.96 48.32
CA LYS LA 92 2.15 22.79 48.85
C LYS LA 92 1.15 23.29 49.80
N THR LA 93 0.95 24.60 49.75
CA THR LA 93 0.10 25.37 50.61
C THR LA 93 -1.35 25.06 50.38
N VAL LA 94 -1.83 24.87 49.10
CA VAL LA 94 -3.25 24.51 48.74
C VAL LA 94 -3.66 23.26 49.48
N LYS LA 95 -2.79 22.18 49.45
CA LYS LA 95 -3.22 20.89 49.94
C LYS LA 95 -3.50 20.93 51.43
N VAL LA 96 -2.53 21.47 52.28
CA VAL LA 96 -2.76 21.60 53.68
C VAL LA 96 -3.90 22.62 54.04
N LEU LA 97 -4.14 23.72 53.28
CA LEU LA 97 -5.16 24.72 53.53
C LEU LA 97 -6.56 24.20 53.42
N LYS LA 98 -6.82 23.47 52.29
CA LYS LA 98 -8.14 22.98 52.04
C LYS LA 98 -8.60 21.99 53.13
N THR LA 99 -7.67 21.20 53.63
CA THR LA 99 -7.85 20.31 54.72
C THR LA 99 -8.09 21.04 56.07
N LEU LA 100 -7.39 22.13 56.43
CA LEU LA 100 -7.66 22.97 57.60
C LEU LA 100 -9.10 23.59 57.70
N ILE LA 101 -9.57 24.23 56.62
CA ILE LA 101 -10.87 24.77 56.45
C ILE LA 101 -11.95 23.65 56.47
N GLU LA 102 -11.78 22.51 55.74
CA GLU LA 102 -12.71 21.47 55.73
C GLU LA 102 -13.09 20.86 57.00
N LYS LA 103 -12.02 20.72 57.78
CA LYS LA 103 -12.13 20.25 59.16
C LYS LA 103 -12.84 21.21 60.03
N PHE LA 104 -12.57 22.49 59.90
CA PHE LA 104 -13.20 23.60 60.61
C PHE LA 104 -14.65 23.62 60.41
N GLU LA 105 -15.21 23.28 59.20
CA GLU LA 105 -16.62 23.06 58.86
C GLU LA 105 -17.23 21.85 59.46
N GLN LA 106 -16.44 20.70 59.53
CA GLN LA 106 -16.96 19.47 60.08
C GLN LA 106 -17.31 19.61 61.56
N VAL LA 107 -16.45 20.34 62.31
CA VAL LA 107 -16.66 20.59 63.69
C VAL LA 107 -17.78 21.58 63.69
N PRO LA 108 -18.80 21.51 64.46
CA PRO LA 108 -19.87 22.43 64.27
C PRO LA 108 -19.67 23.67 65.06
N ASP LA 109 -19.78 24.75 64.29
CA ASP LA 109 -19.58 26.07 64.79
C ASP LA 109 -20.52 26.89 63.92
N SER LA 110 -20.73 28.16 64.40
CA SER LA 110 -21.57 29.15 63.72
C SER LA 110 -21.08 29.34 62.29
N LEU LA 111 -22.09 29.49 61.42
CA LEU LA 111 -21.94 29.90 60.04
C LEU LA 111 -20.99 31.09 59.82
N ASP LA 112 -21.27 32.15 60.61
CA ASP LA 112 -20.63 33.47 60.54
C ASP LA 112 -19.12 33.27 60.73
N ASP LA 113 -18.75 32.40 61.63
CA ASP LA 113 -17.36 32.06 61.92
C ASP LA 113 -16.61 31.51 60.73
N GLN LA 114 -17.26 30.55 60.03
CA GLN LA 114 -16.74 29.93 58.82
C GLN LA 114 -16.57 30.97 57.77
N ILE LA 115 -17.52 31.91 57.61
CA ILE LA 115 -17.59 32.89 56.53
C ILE LA 115 -16.36 33.75 56.70
N PHE LA 116 -16.13 34.11 57.96
CA PHE LA 116 -15.09 35.11 58.31
C PHE LA 116 -13.74 34.43 57.99
N VAL LA 117 -13.57 33.13 58.26
CA VAL LA 117 -12.26 32.42 58.10
C VAL LA 117 -11.81 32.50 56.62
N CYS LA 118 -12.78 32.31 55.72
CA CYS LA 118 -12.56 32.38 54.29
C CYS LA 118 -12.26 33.77 53.74
N GLU LA 119 -13.01 34.69 54.22
CA GLU LA 119 -12.95 36.17 53.98
C GLU LA 119 -11.54 36.68 54.32
N LYS LA 120 -10.92 36.21 55.45
CA LYS LA 120 -9.59 36.62 55.90
C LYS LA 120 -8.63 35.98 54.86
N SER LA 121 -8.85 34.68 54.52
CA SER LA 121 -7.79 33.85 53.84
C SER LA 121 -7.51 34.28 52.43
N ILE LA 122 -8.59 34.63 51.68
CA ILE LA 122 -8.54 34.96 50.24
C ILE LA 122 -7.70 36.24 49.99
N GLU LA 123 -7.76 37.21 50.94
CA GLU LA 123 -6.97 38.43 50.87
C GLU LA 123 -5.52 38.10 50.96
N PHE LA 124 -5.19 37.07 51.81
CA PHE LA 124 -3.91 36.54 52.11
C PHE LA 124 -3.58 35.42 51.22
N ALA LA 125 -3.97 35.49 49.91
CA ALA LA 125 -4.00 34.32 49.02
C ALA LA 125 -4.11 34.75 47.61
N LYS LA 126 -3.55 35.98 47.29
CA LYS LA 126 -3.69 36.57 46.00
C LYS LA 126 -2.77 37.74 45.92
N ARG LA 127 -1.85 37.88 46.91
CA ARG LA 127 -1.00 39.08 47.10
C ARG LA 127 0.33 38.67 47.56
N GLU LA 128 0.44 37.43 48.00
CA GLU LA 128 1.66 36.94 48.60
C GLU LA 128 1.74 35.56 48.08
N LYS LA 129 0.64 34.93 47.58
CA LYS LA 129 0.47 33.61 47.01
C LYS LA 129 -0.28 33.72 45.70
N ARG LA 130 -0.09 32.70 44.74
CA ARG LA 130 -0.59 32.60 43.36
C ARG LA 130 -2.06 32.64 43.28
N VAL LA 131 -2.53 32.77 42.05
CA VAL LA 131 -3.92 32.96 41.62
C VAL LA 131 -4.76 31.73 42.01
N PHE LA 132 -4.16 30.50 41.92
CA PHE LA 132 -4.68 29.22 42.09
C PHE LA 132 -5.37 29.10 43.44
N LEU LA 133 -4.65 29.53 44.51
CA LEU LA 133 -5.20 29.60 45.82
C LEU LA 133 -6.49 30.45 45.96
N LYS LA 134 -6.49 31.65 45.35
CA LYS LA 134 -7.60 32.62 45.50
C LYS LA 134 -8.96 31.99 45.22
N HIS LA 135 -9.05 31.38 44.02
CA HIS LA 135 -10.36 30.87 43.53
C HIS LA 135 -10.75 29.63 44.27
N SER LA 136 -9.83 28.95 45.03
CA SER LA 136 -10.18 27.86 45.97
C SER LA 136 -11.11 28.31 47.01
N LEU LA 137 -10.83 29.56 47.67
CA LEU LA 137 -11.58 30.12 48.86
C LEU LA 137 -12.88 30.68 48.34
N SER LA 138 -13.00 31.07 46.99
CA SER LA 138 -14.15 31.63 46.48
C SER LA 138 -15.28 30.59 46.25
N ILE LA 139 -14.88 29.34 45.98
CA ILE LA 139 -15.80 28.23 45.90
C ILE LA 139 -16.41 28.00 47.26
N LYS LA 140 -15.53 27.99 48.36
CA LYS LA 140 -15.88 27.58 49.71
C LYS LA 140 -16.85 28.54 50.37
N LEU LA 141 -16.57 29.90 50.14
CA LEU LA 141 -17.31 31.10 50.60
C LEU LA 141 -18.73 31.23 50.08
N ALA LA 142 -18.93 30.86 48.79
CA ALA LA 142 -20.18 30.78 48.02
C ALA LA 142 -21.06 29.69 48.65
N THR LA 143 -20.41 28.57 49.08
CA THR LA 143 -21.08 27.37 49.56
C THR LA 143 -21.71 27.72 50.94
N LEU LA 144 -20.98 28.57 51.69
CA LEU LA 144 -21.30 29.02 52.98
C LEU LA 144 -22.36 30.07 53.00
N HIS LA 145 -22.58 30.84 51.91
CA HIS LA 145 -23.69 31.78 51.75
C HIS LA 145 -24.81 31.04 51.33
N TYR LA 146 -24.67 29.82 50.76
CA TYR LA 146 -25.77 28.97 50.47
C TYR LA 146 -26.20 28.31 51.79
N GLN LA 147 -25.25 28.16 52.80
CA GLN LA 147 -25.70 27.64 54.08
C GLN LA 147 -26.51 28.66 54.86
N LYS LA 148 -26.17 29.96 54.56
CA LYS LA 148 -26.73 31.15 55.06
C LYS LA 148 -28.05 31.46 54.41
N LYS LA 149 -28.25 30.93 53.21
CA LYS LA 149 -29.46 31.04 52.37
C LYS LA 149 -29.70 32.39 51.94
N GLN LA 150 -28.60 33.01 51.52
CA GLN LA 150 -28.60 34.26 50.90
C GLN LA 150 -27.84 33.92 49.68
N TYR LA 151 -28.54 34.16 48.59
CA TYR LA 151 -28.12 33.60 47.33
C TYR LA 151 -27.43 34.61 46.46
N LYS LA 152 -27.66 35.90 46.81
CA LYS LA 152 -27.15 37.00 46.03
C LYS LA 152 -25.66 37.09 46.20
N ASP LA 153 -25.16 36.84 47.44
CA ASP LA 153 -23.78 36.75 47.80
C ASP LA 153 -23.05 35.62 47.05
N SER LA 154 -23.76 34.48 46.92
CA SER LA 154 -23.28 33.32 46.30
C SER LA 154 -23.10 33.49 44.83
N LEU LA 155 -24.06 34.16 44.09
CA LEU LA 155 -24.11 34.46 42.61
C LEU LA 155 -22.97 35.37 42.23
N ALA LA 156 -22.62 36.33 43.15
CA ALA LA 156 -21.50 37.24 43.01
C ALA LA 156 -20.08 36.58 42.92
N LEU LA 157 -19.92 35.43 43.61
CA LEU LA 157 -18.63 34.81 43.64
C LEU LA 157 -18.49 33.87 42.43
N ILE LA 158 -19.70 33.29 42.07
CA ILE LA 158 -19.89 32.48 40.85
C ILE LA 158 -19.61 33.45 39.65
N ASN LA 159 -20.04 34.72 39.66
CA ASN LA 159 -19.78 35.55 38.57
C ASN LA 159 -18.29 35.92 38.35
N ASP LA 160 -17.53 36.11 39.46
CA ASP LA 160 -16.12 36.24 39.48
C ASP LA 160 -15.42 35.04 38.95
N LEU LA 161 -15.91 33.80 39.30
CA LEU LA 161 -15.30 32.59 38.85
C LEU LA 161 -15.46 32.42 37.35
N LEU LA 162 -16.67 32.66 36.74
CA LEU LA 162 -17.05 32.38 35.38
C LEU LA 162 -16.35 33.28 34.48
N ARG LA 163 -16.22 34.62 34.81
CA ARG LA 163 -15.64 35.58 33.84
C ARG LA 163 -14.18 35.43 33.74
N GLU LA 164 -13.40 35.26 34.89
CA GLU LA 164 -11.96 35.32 34.99
C GLU LA 164 -11.27 34.11 34.63
N PHE LA 165 -11.97 32.99 34.47
CA PHE LA 165 -11.27 31.76 34.36
C PHE LA 165 -12.02 31.02 33.29
N LYS LA 166 -12.70 31.71 32.29
CA LYS LA 166 -13.35 31.00 31.18
C LYS LA 166 -12.27 30.78 30.12
N LYS LA 167 -11.18 31.57 30.18
CA LYS LA 167 -9.99 31.54 29.32
C LYS LA 167 -8.92 30.67 30.02
N LEU LA 168 -9.36 29.82 30.98
CA LEU LA 168 -8.57 28.98 31.86
C LEU LA 168 -9.47 27.84 32.32
N ASP LA 169 -10.68 27.70 31.79
CA ASP LA 169 -11.61 26.60 31.99
C ASP LA 169 -11.13 25.30 31.35
N ASP LA 170 -10.87 24.33 32.22
CA ASP LA 170 -10.50 22.96 31.90
C ASP LA 170 -10.34 22.16 33.16
N LYS LA 171 -10.66 22.86 34.28
CA LYS LA 171 -10.45 22.46 35.69
C LYS LA 171 -11.63 21.69 36.13
N PRO LA 172 -11.49 20.71 37.04
CA PRO LA 172 -12.60 20.08 37.70
C PRO LA 172 -13.21 21.02 38.77
N SER LA 173 -12.54 22.17 39.02
CA SER LA 173 -12.87 22.96 40.18
C SER LA 173 -14.26 23.60 39.82
N LEU LA 174 -14.45 24.00 38.55
CA LEU LA 174 -15.50 24.89 38.10
C LEU LA 174 -16.63 24.14 37.44
N VAL LA 175 -16.53 22.83 37.47
CA VAL LA 175 -17.58 21.92 37.17
C VAL LA 175 -18.50 22.06 38.35
N ASP LA 176 -17.90 22.08 39.56
CA ASP LA 176 -18.60 22.35 40.79
C ASP LA 176 -19.27 23.70 40.89
N VAL LA 177 -18.65 24.67 40.17
CA VAL LA 177 -19.17 26.03 40.30
C VAL LA 177 -20.51 26.14 39.59
N HIS LA 178 -20.64 25.43 38.46
CA HIS LA 178 -21.82 25.21 37.66
C HIS LA 178 -22.85 24.36 38.36
N LEU LA 179 -22.45 23.31 39.17
CA LEU LA 179 -23.30 22.60 40.05
C LEU LA 179 -23.88 23.42 41.08
N LEU LA 180 -23.10 24.42 41.67
CA LEU LA 180 -23.52 25.37 42.70
C LEU LA 180 -24.59 26.36 42.26
N GLU LA 181 -24.54 26.79 40.99
CA GLU LA 181 -25.64 27.45 40.33
C GLU LA 181 -26.88 26.53 40.32
N SER LA 182 -26.81 25.21 40.06
CA SER LA 182 -28.01 24.39 40.05
C SER LA 182 -28.61 24.41 41.38
N LYS LA 183 -27.76 24.42 42.47
CA LYS LA 183 -28.27 24.39 43.82
C LYS LA 183 -28.96 25.72 44.18
N VAL LA 184 -28.32 26.85 43.80
CA VAL LA 184 -28.72 28.29 44.11
C VAL LA 184 -30.03 28.55 43.43
N TYR LA 185 -30.12 28.30 42.15
CA TYR LA 185 -31.33 28.39 41.30
C TYR LA 185 -32.37 27.34 41.68
N HIS LA 186 -32.09 26.13 42.21
CA HIS LA 186 -33.03 25.11 42.73
C HIS LA 186 -33.78 25.69 43.86
N LYS LA 187 -33.08 26.39 44.80
CA LYS LA 187 -33.71 26.90 46.03
C LYS LA 187 -34.52 28.18 45.81
N LEU LA 188 -34.14 28.97 44.76
CA LEU LA 188 -34.85 30.19 44.47
C LEU LA 188 -36.11 29.79 43.72
N ARG LA 189 -36.15 28.53 43.28
CA ARG LA 189 -37.34 27.77 42.81
C ARG LA 189 -37.57 28.10 41.39
N ASN LA 190 -36.51 28.00 40.57
CA ASN LA 190 -36.60 28.18 39.18
C ASN LA 190 -35.74 27.11 38.57
N LEU LA 191 -36.28 26.28 37.76
CA LEU LA 191 -35.58 25.14 37.34
C LEU LA 191 -35.06 25.38 35.89
N ALA LA 192 -35.43 26.49 35.15
CA ALA LA 192 -35.06 26.83 33.80
C ALA LA 192 -33.62 26.99 33.71
N LYS LA 193 -33.04 27.59 34.80
CA LYS LA 193 -31.63 28.02 34.86
C LYS LA 193 -30.85 27.13 35.72
N SER LA 194 -31.49 26.14 36.31
CA SER LA 194 -30.71 25.04 36.90
C SER LA 194 -30.40 24.05 35.81
N LYS LA 195 -31.34 23.66 34.94
CA LYS LA 195 -31.13 22.68 33.90
C LYS LA 195 -29.98 23.16 32.95
N ALA LA 196 -29.78 24.47 32.73
CA ALA LA 196 -28.77 25.14 31.90
C ALA LA 196 -27.43 24.90 32.42
N SER LA 197 -27.31 25.15 33.73
CA SER LA 197 -26.02 25.10 34.40
C SER LA 197 -25.66 23.62 34.70
N LEU LA 198 -26.70 22.76 34.65
CA LEU LA 198 -26.49 21.36 34.75
C LEU LA 198 -25.75 20.78 33.51
N THR LA 199 -26.17 21.27 32.28
CA THR LA 199 -25.60 20.94 30.98
C THR LA 199 -24.20 21.54 31.02
N ALA LA 200 -23.97 22.75 31.62
CA ALA LA 200 -22.72 23.48 31.64
C ALA LA 200 -21.74 22.68 32.38
N ALA LA 201 -22.22 22.00 33.49
CA ALA LA 201 -21.31 21.18 34.20
C ALA LA 201 -20.91 19.88 33.45
N ARG LA 202 -21.89 19.32 32.80
CA ARG LA 202 -21.70 18.05 32.06
C ARG LA 202 -20.83 18.13 30.83
N THR LA 203 -20.94 19.22 30.09
CA THR LA 203 -20.16 19.34 28.90
C THR LA 203 -18.66 19.55 29.31
N ALA LA 204 -18.46 20.30 30.42
CA ALA LA 204 -17.17 20.70 30.94
C ALA LA 204 -16.53 19.54 31.76
N ALA LA 205 -17.47 18.59 32.07
CA ALA LA 205 -17.18 17.28 32.66
C ALA LA 205 -17.44 16.26 31.56
N ASN LA 206 -16.61 16.46 30.50
CA ASN LA 206 -16.17 15.44 29.49
C ASN LA 206 -14.77 15.04 29.88
N SER LA 207 -14.14 15.69 30.92
CA SER LA 207 -13.05 15.17 31.64
C SER LA 207 -13.57 14.37 32.79
N ILE LA 208 -13.94 13.08 32.49
CA ILE LA 208 -14.74 12.24 33.37
C ILE LA 208 -13.76 11.31 34.14
N TYR LA 209 -12.42 11.42 33.98
CA TYR LA 209 -11.41 10.64 34.65
C TYR LA 209 -10.73 11.49 35.60
N CYS LA 210 -11.37 12.65 35.87
CA CYS LA 210 -10.96 13.53 36.92
C CYS LA 210 -11.81 13.03 38.10
N PRO LA 211 -11.53 13.30 39.40
CA PRO LA 211 -12.17 12.80 40.57
C PRO LA 211 -13.60 12.31 40.65
N THR LA 212 -13.77 11.24 41.42
CA THR LA 212 -14.96 10.46 41.85
C THR LA 212 -16.00 11.18 42.57
N GLN LA 213 -15.73 12.21 43.45
CA GLN LA 213 -16.69 12.96 44.18
C GLN LA 213 -17.49 13.78 43.30
N THR LA 214 -16.80 14.35 42.29
CA THR LA 214 -17.39 15.38 41.40
C THR LA 214 -18.50 14.68 40.69
N VAL LA 215 -18.27 13.34 40.33
CA VAL LA 215 -19.12 12.53 39.48
C VAL LA 215 -20.35 12.11 40.20
N ALA LA 216 -20.31 11.99 41.57
CA ALA LA 216 -21.36 11.65 42.47
C ALA LA 216 -22.33 12.86 42.76
N GLU LA 217 -21.70 14.04 42.87
CA GLU LA 217 -22.53 15.25 42.90
C GLU LA 217 -23.27 15.53 41.67
N LEU LA 218 -22.66 15.25 40.51
CA LEU LA 218 -23.16 15.51 39.15
C LEU LA 218 -24.41 14.69 38.91
N ASP LA 219 -24.34 13.38 39.30
CA ASP LA 219 -25.54 12.48 39.16
C ASP LA 219 -26.69 12.84 40.04
N LEU LA 220 -26.40 13.20 41.27
CA LEU LA 220 -27.41 13.62 42.26
C LEU LA 220 -28.21 14.81 41.76
N MET LA 221 -27.63 15.87 41.19
CA MET LA 221 -28.11 17.13 40.70
C MET LA 221 -28.96 16.96 39.53
N SER LA 222 -28.66 16.02 38.65
CA SER LA 222 -29.41 15.66 37.53
C SER LA 222 -30.74 15.06 37.91
N GLY LA 223 -30.66 14.09 38.90
CA GLY LA 223 -31.81 13.35 39.48
C GLY LA 223 -32.86 14.35 40.02
N ILE LA 224 -32.51 15.40 40.79
CA ILE LA 224 -33.36 16.29 41.52
C ILE LA 224 -34.26 17.10 40.62
N LEU LA 225 -33.58 17.54 39.52
CA LEU LA 225 -34.23 18.17 38.38
C LEU LA 225 -35.24 17.45 37.48
N HIS LA 226 -34.89 16.21 37.14
CA HIS LA 226 -35.71 15.31 36.44
C HIS LA 226 -36.85 14.82 37.30
N CYS LA 227 -36.65 14.73 38.65
CA CYS LA 227 -37.63 14.40 39.69
C CYS LA 227 -38.70 15.47 39.67
N GLU LA 228 -38.29 16.76 39.49
CA GLU LA 228 -39.25 17.85 39.36
C GLU LA 228 -39.71 17.97 37.95
N ASP LA 229 -39.02 17.25 36.98
CA ASP LA 229 -39.50 17.30 35.53
C ASP LA 229 -40.66 16.37 35.44
N LYS LA 230 -40.78 15.47 36.46
CA LYS LA 230 -41.87 14.51 36.75
C LYS LA 230 -41.49 13.30 35.85
N ASP LA 231 -40.23 13.00 35.83
CA ASP LA 231 -39.84 11.81 35.08
C ASP LA 231 -39.14 11.05 36.23
N TYR LA 232 -39.71 9.94 36.60
CA TYR LA 232 -39.37 9.37 37.86
C TYR LA 232 -38.64 8.04 37.52
N LYS LA 233 -38.66 7.56 36.26
CA LYS LA 233 -37.80 6.45 35.89
C LYS LA 233 -36.42 6.98 35.60
N THR LA 234 -36.32 8.20 35.04
CA THR LA 234 -35.10 8.95 34.82
C THR LA 234 -34.53 9.39 36.15
N ALA LA 235 -35.44 9.86 37.09
CA ALA LA 235 -35.14 10.24 38.49
C ALA LA 235 -34.41 9.08 39.16
N PHE LA 236 -34.94 7.87 39.08
CA PHE LA 236 -34.38 6.72 39.71
C PHE LA 236 -33.02 6.40 39.21
N SER LA 237 -32.75 6.42 37.85
CA SER LA 237 -31.53 5.93 37.35
C SER LA 237 -30.34 6.81 37.88
N TYR LA 238 -30.49 8.17 37.79
CA TYR LA 238 -29.39 9.03 38.29
C TYR LA 238 -29.21 8.82 39.75
N PHE LA 239 -30.29 8.63 40.49
CA PHE LA 239 -30.30 8.40 41.99
C PHE LA 239 -29.60 7.17 42.45
N PHE LA 240 -29.76 6.07 41.64
CA PHE LA 240 -29.06 4.80 41.92
C PHE LA 240 -27.60 4.94 41.80
N GLU LA 241 -27.19 5.59 40.71
CA GLU LA 241 -25.83 5.89 40.30
C GLU LA 241 -25.13 6.75 41.31
N SER LA 242 -25.78 7.80 41.82
CA SER LA 242 -25.26 8.59 43.00
C SER LA 242 -24.93 7.80 44.28
N PHE LA 243 -25.72 6.79 44.54
CA PHE LA 243 -25.74 5.86 45.64
C PHE LA 243 -24.54 4.99 45.67
N GLU LA 244 -24.26 4.47 44.44
CA GLU LA 244 -23.13 3.52 44.21
C GLU LA 244 -21.80 4.17 44.62
N SER LA 245 -21.66 5.49 44.24
CA SER LA 245 -20.55 6.36 44.50
C SER LA 245 -20.29 6.43 45.94
N TYR LA 246 -21.32 6.79 46.74
CA TYR LA 246 -21.09 6.98 48.12
C TYR LA 246 -20.71 5.74 48.90
N HIS LA 247 -21.43 4.67 48.58
CA HIS LA 247 -21.35 3.38 49.25
C HIS LA 247 -20.05 2.73 49.01
N ASN LA 248 -19.49 2.82 47.82
CA ASN LA 248 -18.24 2.09 47.46
C ASN LA 248 -17.04 3.02 47.64
N LEU LA 249 -17.26 4.36 47.77
CA LEU LA 249 -16.21 5.31 48.18
C LEU LA 249 -16.05 5.19 49.60
N THR LA 250 -14.93 5.67 50.11
CA THR LA 250 -14.57 5.67 51.54
C THR LA 250 -15.46 6.62 52.27
N THR LA 251 -15.63 6.36 53.60
CA THR LA 251 -16.50 7.04 54.39
C THR LA 251 -15.70 8.05 55.19
N HIS LA 252 -16.14 9.29 55.05
CA HIS LA 252 -15.59 10.42 55.81
C HIS LA 252 -16.67 11.48 56.02
N ASN LA 253 -17.71 11.40 55.21
CA ASN LA 253 -18.87 12.23 55.31
C ASN LA 253 -19.89 11.59 54.33
N SER LA 254 -19.46 10.57 53.59
CA SER LA 254 -20.19 10.00 52.49
C SER LA 254 -21.40 9.18 52.96
N TYR LA 255 -21.35 8.91 54.28
CA TYR LA 255 -22.42 8.21 54.96
C TYR LA 255 -23.73 9.00 55.04
N GLU LA 256 -23.57 10.32 55.31
CA GLU LA 256 -24.61 11.26 55.39
C GLU LA 256 -25.34 11.40 54.00
N LYS LA 257 -24.54 11.41 52.99
CA LYS LA 257 -24.99 11.59 51.57
C LYS LA 257 -25.60 10.31 50.97
N ALA LA 258 -25.12 9.16 51.42
CA ALA LA 258 -25.62 7.93 50.96
C ALA LA 258 -27.06 7.74 51.37
N CYS LA 259 -27.35 8.13 52.67
CA CYS LA 259 -28.71 7.99 53.28
C CYS LA 259 -29.79 8.81 52.59
N GLN LA 260 -29.44 10.08 52.23
CA GLN LA 260 -30.35 11.00 51.60
C GLN LA 260 -30.85 10.42 50.24
N VAL LA 261 -29.93 9.81 49.47
CA VAL LA 261 -30.10 9.29 48.14
C VAL LA 261 -30.95 8.02 48.26
N LEU LA 262 -30.82 7.19 49.19
CA LEU LA 262 -31.71 6.05 49.39
C LEU LA 262 -33.13 6.41 49.65
N LYS LA 263 -33.36 7.50 50.42
CA LYS LA 263 -34.76 8.03 50.52
C LYS LA 263 -35.29 8.46 49.19
N TYR LA 264 -34.35 9.00 48.33
CA TYR LA 264 -34.78 9.66 47.07
C TYR LA 264 -35.15 8.61 46.02
N MET LA 265 -34.55 7.40 46.09
CA MET LA 265 -34.86 6.26 45.25
C MET LA 265 -36.22 5.73 45.40
N LEU LA 266 -36.55 5.65 46.72
CA LEU LA 266 -37.87 5.28 47.26
C LEU LA 266 -38.85 6.34 46.81
N LEU LA 267 -38.49 7.61 46.92
CA LEU LA 267 -39.34 8.75 46.58
C LEU LA 267 -39.92 8.67 45.15
N SER LA 268 -39.07 8.51 44.16
CA SER LA 268 -39.49 8.48 42.74
C SER LA 268 -40.43 7.23 42.41
N LYS LA 269 -40.04 6.02 42.97
CA LYS LA 269 -40.71 4.77 42.68
C LYS LA 269 -42.14 4.71 43.21
N ILE LA 270 -42.39 5.34 44.38
CA ILE LA 270 -43.72 5.47 44.95
C ILE LA 270 -44.60 6.34 44.07
N MET LA 271 -44.01 7.35 43.45
CA MET LA 271 -44.79 8.15 42.46
C MET LA 271 -45.23 7.34 41.27
N LEU LA 272 -44.39 6.35 40.88
CA LEU LA 272 -44.76 5.55 39.71
C LEU LA 272 -45.83 4.64 40.20
N ASN LA 273 -45.98 4.41 41.54
CA ASN LA 273 -47.03 3.50 42.16
C ASN LA 273 -46.83 2.04 41.78
N LEU LA 274 -45.51 1.68 41.93
CA LEU LA 274 -45.03 0.38 41.68
C LEU LA 274 -44.49 -0.04 43.10
N ILE LA 275 -44.85 -1.26 43.61
CA ILE LA 275 -44.48 -1.62 44.97
C ILE LA 275 -43.71 -2.89 44.81
N ASP LA 276 -43.64 -3.42 43.56
CA ASP LA 276 -42.73 -4.47 43.19
C ASP LA 276 -41.34 -4.05 43.34
N ASP LA 277 -41.00 -2.79 43.00
CA ASP LA 277 -39.63 -2.42 42.96
C ASP LA 277 -39.28 -1.65 44.24
N VAL LA 278 -40.28 -1.20 44.97
CA VAL LA 278 -40.00 -0.50 46.23
C VAL LA 278 -39.42 -1.52 47.23
N LYS LA 279 -40.08 -2.75 47.13
CA LYS LA 279 -39.80 -3.92 47.93
C LYS LA 279 -38.42 -4.53 47.50
N ASN LA 280 -37.98 -4.23 46.27
CA ASN LA 280 -36.62 -4.62 45.87
C ASN LA 280 -35.51 -3.84 46.57
N ILE LA 281 -35.79 -2.52 46.68
CA ILE LA 281 -34.97 -1.51 47.31
C ILE LA 281 -34.85 -1.88 48.86
N LEU LA 282 -35.94 -2.32 49.48
CA LEU LA 282 -35.97 -2.71 50.88
C LEU LA 282 -35.37 -4.15 51.02
N ASN LA 283 -34.16 -4.29 51.65
CA ASN LA 283 -33.46 -5.52 51.72
C ASN LA 283 -32.53 -5.38 52.92
N ALA LA 284 -31.82 -6.44 53.35
CA ALA LA 284 -30.99 -6.43 54.51
C ALA LA 284 -29.59 -6.48 54.00
N LYS LA 285 -29.15 -5.50 53.26
CA LYS LA 285 -27.78 -5.45 52.82
C LYS LA 285 -27.41 -4.04 52.69
N TYR LA 286 -28.40 -3.08 52.88
CA TYR LA 286 -27.99 -1.68 52.93
C TYR LA 286 -29.16 -0.77 53.29
N THR LA 287 -30.38 -1.35 53.35
CA THR LA 287 -31.56 -0.62 53.61
C THR LA 287 -32.11 -1.05 54.91
N LYS LA 288 -31.54 -2.14 55.53
CA LYS LA 288 -31.99 -2.60 56.83
C LYS LA 288 -30.75 -3.18 57.50
N GLU LA 289 -29.53 -2.60 57.22
CA GLU LA 289 -28.25 -3.15 57.73
C GLU LA 289 -27.23 -2.02 57.75
N THR LA 290 -26.62 -1.60 56.64
CA THR LA 290 -25.52 -0.63 56.63
C THR LA 290 -26.14 0.73 56.92
N TYR LA 291 -27.34 1.02 56.32
CA TYR LA 291 -28.08 2.28 56.67
C TYR LA 291 -29.41 1.80 57.02
N GLN LA 292 -29.87 2.18 58.21
CA GLN LA 292 -31.21 1.94 58.62
C GLN LA 292 -31.65 3.16 59.20
N SER LA 293 -32.77 3.77 58.79
CA SER LA 293 -33.10 5.11 59.25
C SER LA 293 -34.59 5.17 59.29
N ARG LA 294 -35.11 6.11 60.12
CA ARG LA 294 -36.51 6.36 60.41
C ARG LA 294 -37.18 6.88 59.20
N GLY LA 295 -36.43 7.50 58.31
CA GLY LA 295 -36.95 8.09 57.09
C GLY LA 295 -37.15 7.04 56.05
N ILE LA 296 -36.46 5.90 56.08
CA ILE LA 296 -36.70 4.78 55.25
C ILE LA 296 -37.98 4.08 55.60
N ASP LA 297 -38.21 3.97 56.90
CA ASP LA 297 -39.41 3.32 57.41
C ASP LA 297 -40.55 4.26 57.09
N ALA LA 298 -40.38 5.65 57.13
CA ALA LA 298 -41.44 6.56 56.77
C ALA LA 298 -41.87 6.35 55.37
N MET LA 299 -40.86 6.08 54.51
CA MET LA 299 -41.12 6.00 53.11
C MET LA 299 -41.98 4.78 52.77
N LYS LA 300 -41.78 3.61 53.44
CA LYS LA 300 -42.38 2.44 53.04
C LYS LA 300 -43.78 2.32 53.49
N ALA LA 301 -44.05 3.08 54.58
CA ALA LA 301 -45.33 3.28 55.29
C ALA LA 301 -46.19 4.08 54.45
N VAL LA 302 -45.68 5.13 53.78
CA VAL LA 302 -46.38 5.88 52.76
C VAL LA 302 -46.71 5.07 51.49
N ALA LA 303 -45.77 4.19 51.17
CA ALA LA 303 -45.77 3.46 49.86
C ALA LA 303 -46.93 2.53 49.78
N GLU LA 304 -47.15 1.76 50.93
CA GLU LA 304 -48.09 0.75 51.04
C GLU LA 304 -49.44 1.39 51.17
N ALA LA 305 -49.51 2.56 51.87
CA ALA LA 305 -50.64 3.34 52.14
C ALA LA 305 -51.27 3.84 50.86
N TYR LA 306 -50.44 4.24 49.83
CA TYR LA 306 -50.69 4.80 48.46
C TYR LA 306 -51.37 3.72 47.67
N ASN LA 307 -50.88 2.48 47.85
CA ASN LA 307 -51.26 1.36 47.01
C ASN LA 307 -52.55 0.78 47.44
N ASN LA 308 -52.76 0.82 48.82
CA ASN LA 308 -53.96 0.33 49.33
C ASN LA 308 -55.15 1.18 48.99
N ARG LA 309 -54.86 2.54 48.67
CA ARG LA 309 -55.80 3.62 48.30
C ARG LA 309 -56.64 3.87 49.51
N SER LA 310 -56.02 4.01 50.70
CA SER LA 310 -56.67 4.41 51.93
C SER LA 310 -55.95 5.61 52.37
N LEU LA 311 -56.62 6.85 52.33
CA LEU LA 311 -56.08 8.10 52.79
C LEU LA 311 -55.94 7.91 54.32
N LEU LA 312 -56.72 7.05 54.99
CA LEU LA 312 -56.80 6.85 56.42
C LEU LA 312 -55.41 6.27 56.84
N ASP LA 313 -54.77 5.35 56.09
CA ASP LA 313 -53.42 4.88 56.32
C ASP LA 313 -52.39 5.98 56.06
N PHE LA 314 -52.57 6.94 55.06
CA PHE LA 314 -51.70 8.06 54.90
C PHE LA 314 -51.65 8.92 56.16
N ASN LA 315 -52.81 9.17 56.79
CA ASN LA 315 -53.01 10.10 57.87
C ASN LA 315 -52.21 9.70 59.07
N THR LA 316 -52.23 8.40 59.42
CA THR LA 316 -51.55 7.81 60.60
C THR LA 316 -50.07 7.90 60.53
N ALA LA 317 -49.55 7.69 59.28
CA ALA LA 317 -48.15 7.75 59.05
C ALA LA 317 -47.58 9.10 59.26
N LEU LA 318 -48.21 10.16 58.66
CA LEU LA 318 -47.55 11.48 58.50
C LEU LA 318 -47.37 12.17 59.85
N LYS LA 319 -48.23 11.89 60.90
CA LYS LA 319 -48.16 12.58 62.13
C LYS LA 319 -46.90 12.26 62.88
N GLN LA 320 -46.49 10.99 62.88
CA GLN LA 320 -45.35 10.54 63.59
C GLN LA 320 -44.15 10.69 62.82
N TYR LA 321 -44.10 10.91 61.46
CA TYR LA 321 -42.87 10.87 60.66
C TYR LA 321 -42.67 12.22 60.02
N GLU LA 322 -43.33 13.30 60.53
CA GLU LA 322 -43.32 14.59 59.92
C GLU LA 322 -41.92 15.12 59.76
N LYS LA 323 -41.02 14.79 60.80
CA LYS LA 323 -39.71 15.29 60.98
C LYS LA 323 -38.84 14.92 59.80
N GLU LA 324 -39.07 13.61 59.32
CA GLU LA 324 -38.32 12.88 58.32
C GLU LA 324 -38.69 13.44 56.97
N LEU LA 325 -40.01 13.70 56.83
CA LEU LA 325 -40.71 14.28 55.67
C LEU LA 325 -40.22 15.62 55.24
N MET LA 326 -40.12 16.53 56.23
CA MET LA 326 -39.84 17.89 56.10
C MET LA 326 -38.36 18.14 55.98
N GLY LA 327 -37.50 17.28 56.60
CA GLY LA 327 -36.07 17.49 56.55
C GLY LA 327 -35.51 17.30 55.09
N ASP LA 328 -36.24 16.54 54.23
CA ASP LA 328 -35.86 16.44 52.81
C ASP LA 328 -36.87 17.24 52.08
N GLU LA 329 -36.32 18.34 51.42
CA GLU LA 329 -37.04 19.23 50.58
C GLU LA 329 -37.64 18.59 49.25
N LEU LA 330 -36.95 17.62 48.62
CA LEU LA 330 -37.40 16.90 47.45
C LEU LA 330 -38.57 16.01 47.75
N THR LA 331 -38.48 15.36 48.92
CA THR LA 331 -39.44 14.53 49.49
C THR LA 331 -40.65 15.26 49.77
N ARG LA 332 -40.48 16.44 50.34
CA ARG LA 332 -41.52 17.31 50.76
C ARG LA 332 -42.33 17.80 49.60
N SER LA 333 -41.76 18.16 48.38
CA SER LA 333 -42.42 18.65 47.17
C SER LA 333 -43.30 17.68 46.57
N HIS LA 334 -42.84 16.40 46.61
CA HIS LA 334 -43.46 15.29 45.99
C HIS LA 334 -44.47 14.61 46.90
N PHE LA 335 -44.31 14.70 48.25
CA PHE LA 335 -45.23 14.05 49.17
C PHE LA 335 -46.33 14.97 49.52
N ASN LA 336 -46.16 16.27 49.35
CA ASN LA 336 -47.17 17.30 49.25
C ASN LA 336 -47.99 17.02 48.01
N ALA LA 337 -47.39 16.73 46.88
CA ALA LA 337 -48.12 16.44 45.71
C ALA LA 337 -48.86 15.13 45.82
N LEU LA 338 -48.28 14.12 46.51
CA LEU LA 338 -48.90 12.80 46.67
C LEU LA 338 -50.13 12.89 47.51
N TYR LA 339 -50.29 13.83 48.55
CA TYR LA 339 -51.53 14.00 49.29
C TYR LA 339 -52.67 14.38 48.28
N ASP LA 340 -52.46 15.36 47.38
CA ASP LA 340 -53.46 15.84 46.50
C ASP LA 340 -53.89 14.76 45.57
N THR LA 341 -52.98 13.99 45.00
CA THR LA 341 -53.19 12.91 44.05
C THR LA 341 -53.92 11.69 44.65
N LEU LA 342 -53.56 11.40 45.92
CA LEU LA 342 -54.12 10.24 46.75
C LEU LA 342 -55.47 10.66 47.19
N LEU LA 343 -55.80 11.99 47.45
CA LEU LA 343 -57.19 12.36 47.75
C LEU LA 343 -58.03 12.03 46.55
N GLU LA 344 -57.38 12.50 45.44
CA GLU LA 344 -58.04 12.61 44.15
C GLU LA 344 -58.48 11.30 43.54
N SER LA 345 -57.53 10.26 43.63
CA SER LA 345 -57.76 8.92 43.09
C SER LA 345 -58.86 8.29 43.86
N ASN LA 346 -58.89 8.57 45.17
CA ASN LA 346 -59.88 7.99 45.98
C ASN LA 346 -61.24 8.67 45.76
N LEU LA 347 -61.28 10.00 45.59
CA LEU LA 347 -62.41 10.83 45.46
C LEU LA 347 -63.18 10.54 44.15
N CYS LA 348 -62.43 10.41 43.07
CA CYS LA 348 -63.14 10.28 41.80
C CYS LA 348 -63.74 8.91 41.62
N LYS LA 349 -63.16 7.93 42.32
CA LYS LA 349 -63.64 6.62 42.54
C LYS LA 349 -65.01 6.58 43.19
N ILE LA 350 -65.23 7.34 44.28
CA ILE LA 350 -66.47 7.38 45.04
C ILE LA 350 -67.65 7.96 44.29
N ILE LA 351 -67.48 9.04 43.56
CA ILE LA 351 -68.56 9.86 43.09
C ILE LA 351 -68.91 9.53 41.67
N GLU LA 352 -68.12 8.63 41.08
CA GLU LA 352 -68.35 8.19 39.71
C GLU LA 352 -69.74 7.59 39.51
N PRO LA 353 -70.48 6.77 40.33
CA PRO LA 353 -71.71 6.18 39.85
C PRO LA 353 -72.87 6.70 40.65
N PHE LA 354 -72.74 7.96 41.08
CA PHE LA 354 -73.66 8.56 41.98
C PHE LA 354 -73.95 9.95 41.48
N GLU LA 355 -75.10 10.54 41.90
CA GLU LA 355 -75.48 11.88 41.46
C GLU LA 355 -76.25 12.33 42.62
N CYS LA 356 -75.98 13.52 43.17
CA CYS LA 356 -76.62 14.01 44.39
C CYS LA 356 -76.31 13.24 45.63
N VAL LA 357 -75.02 12.89 45.72
CA VAL LA 357 -74.40 12.25 46.83
C VAL LA 357 -74.13 13.42 47.81
N GLU LA 358 -74.38 13.18 49.13
CA GLU LA 358 -73.95 14.22 50.07
C GLU LA 358 -72.42 14.48 50.17
N ILE LA 359 -71.86 15.66 50.35
CA ILE LA 359 -70.45 15.97 50.51
C ILE LA 359 -70.03 15.29 51.81
N SER LA 360 -70.92 15.32 52.85
CA SER LA 360 -70.74 14.65 54.10
C SER LA 360 -70.49 13.17 54.16
N HIS LA 361 -71.25 12.37 53.40
CA HIS LA 361 -71.09 10.94 53.30
C HIS LA 361 -69.69 10.64 52.70
N ILE LA 362 -69.25 11.40 51.67
CA ILE LA 362 -67.91 11.17 51.12
C ILE LA 362 -66.79 11.42 52.19
N SER LA 363 -66.93 12.40 53.07
CA SER LA 363 -65.93 12.74 54.11
C SER LA 363 -65.80 11.63 55.13
N LYS LA 364 -66.80 10.80 55.36
CA LYS LA 364 -66.72 9.79 56.32
C LYS LA 364 -65.75 8.69 55.88
N ILE LA 365 -65.79 8.36 54.52
CA ILE LA 365 -64.97 7.24 53.94
C ILE LA 365 -63.54 7.69 53.70
N ILE LA 366 -63.43 8.95 53.25
CA ILE LA 366 -62.15 9.66 53.11
C ILE LA 366 -61.45 9.86 54.43
N GLY LA 367 -62.22 10.24 55.50
CA GLY LA 367 -61.62 10.51 56.82
C GLY LA 367 -60.93 11.79 57.11
N LEU LA 368 -61.52 12.87 56.55
CA LEU LA 368 -61.11 14.28 56.88
C LEU LA 368 -62.41 15.02 57.23
N ASP LA 369 -62.38 16.23 57.97
CA ASP LA 369 -63.55 16.96 58.40
C ASP LA 369 -64.33 17.41 57.16
N THR LA 370 -65.63 17.62 57.28
CA THR LA 370 -66.52 17.73 56.12
C THR LA 370 -66.20 18.96 55.28
N GLN LA 371 -65.85 20.11 56.04
CA GLN LA 371 -65.38 21.39 55.54
C GLN LA 371 -64.07 21.26 54.91
N GLN LA 372 -63.06 20.52 55.47
CA GLN LA 372 -61.80 20.43 54.77
C GLN LA 372 -61.87 19.65 53.49
N VAL LA 373 -62.68 18.57 53.43
CA VAL LA 373 -62.90 17.85 52.21
C VAL LA 373 -63.52 18.79 51.20
N GLU LA 374 -64.51 19.62 51.57
CA GLU LA 374 -65.28 20.49 50.71
C GLU LA 374 -64.46 21.60 50.08
N GLY LA 375 -63.39 22.03 50.75
CA GLY LA 375 -62.52 23.00 50.11
C GLY LA 375 -61.73 22.38 49.06
N LYS LA 376 -61.39 21.09 49.17
CA LYS LA 376 -60.74 20.37 48.06
C LYS LA 376 -61.62 20.11 46.93
N LEU LA 377 -62.94 19.88 47.24
CA LEU LA 377 -63.78 19.41 46.15
C LEU LA 377 -63.98 20.54 45.11
N SER LA 378 -64.02 21.75 45.60
CA SER LA 378 -64.26 23.02 44.93
C SER LA 378 -63.13 23.23 43.91
N GLN LA 379 -61.87 22.94 44.33
CA GLN LA 379 -60.73 23.07 43.53
C GLN LA 379 -60.83 22.14 42.36
N MET LA 380 -61.32 20.87 42.53
CA MET LA 380 -61.32 19.84 41.50
C MET LA 380 -62.19 20.34 40.42
N ILE LA 381 -63.23 21.11 40.75
CA ILE LA 381 -64.16 21.76 39.84
C ILE LA 381 -63.44 22.74 39.04
N LEU LA 382 -62.53 23.60 39.60
CA LEU LA 382 -61.79 24.60 38.96
C LEU LA 382 -60.78 24.00 37.99
N ASP LA 383 -60.26 22.80 38.33
CA ASP LA 383 -59.42 22.03 37.41
C ASP LA 383 -60.20 21.53 36.19
N LYS LA 384 -61.43 20.95 36.45
CA LYS LA 384 -62.44 20.67 35.49
C LYS LA 384 -62.23 19.23 35.01
N ILE LA 385 -62.24 18.33 36.04
CA ILE LA 385 -61.89 16.95 35.84
C ILE LA 385 -63.09 16.03 36.14
N PHE LA 386 -64.31 16.68 36.33
CA PHE LA 386 -65.58 16.00 36.38
C PHE LA 386 -66.60 17.09 36.38
N TYR LA 387 -66.12 18.32 36.21
CA TYR LA 387 -66.77 19.61 36.19
C TYR LA 387 -68.25 19.67 36.73
N GLY LA 388 -68.53 19.88 38.03
CA GLY LA 388 -69.79 19.77 38.66
C GLY LA 388 -69.89 21.02 39.56
N VAL LA 389 -70.91 21.00 40.50
CA VAL LA 389 -71.29 22.08 41.33
C VAL LA 389 -71.71 21.56 42.71
N LEU LA 390 -71.42 22.30 43.80
CA LEU LA 390 -71.55 21.90 45.25
C LEU LA 390 -72.73 22.73 45.83
N ASP LA 391 -73.62 22.06 46.56
CA ASP LA 391 -74.53 22.78 47.33
C ASP LA 391 -73.97 22.72 48.71
N GLN LA 392 -73.67 23.85 49.29
CA GLN LA 392 -73.22 24.08 50.63
C GLN LA 392 -74.37 23.97 51.58
N GLY LA 393 -75.51 24.65 51.32
CA GLY LA 393 -76.63 24.76 52.15
C GLY LA 393 -77.68 23.62 52.06
N ASN LA 394 -77.45 22.58 51.21
CA ASN LA 394 -78.12 21.35 51.27
C ASN LA 394 -77.09 20.23 51.38
N GLY LA 395 -75.81 20.63 51.33
CA GLY LA 395 -74.77 19.69 51.39
C GLY LA 395 -74.75 18.59 50.38
N TRP LA 396 -74.64 18.93 49.06
CA TRP LA 396 -74.79 17.99 47.97
C TRP LA 396 -73.78 18.24 46.93
N LEU LA 397 -73.50 17.23 46.11
CA LEU LA 397 -72.55 17.29 45.06
C LEU LA 397 -73.27 16.89 43.80
N TYR LA 398 -73.29 17.68 42.70
CA TYR LA 398 -73.89 17.31 41.46
C TYR LA 398 -72.88 17.24 40.38
N VAL LA 399 -72.92 16.24 39.45
CA VAL LA 399 -71.89 16.03 38.52
C VAL LA 399 -72.39 16.23 37.13
N TYR LA 400 -71.67 17.04 36.30
CA TYR LA 400 -72.17 17.18 34.95
C TYR LA 400 -71.02 16.75 34.10
N GLU LA 401 -71.32 15.93 33.03
CA GLU LA 401 -70.39 15.44 32.05
C GLU LA 401 -70.96 15.88 30.73
N THR LA 402 -72.13 16.59 30.82
CA THR LA 402 -72.73 17.18 29.61
C THR LA 402 -71.76 18.13 28.87
N PRO LA 403 -71.96 18.38 27.57
CA PRO LA 403 -71.22 19.39 26.82
C PRO LA 403 -71.71 20.76 26.93
N ASN LA 404 -70.80 21.73 26.88
CA ASN LA 404 -71.20 23.08 27.24
C ASN LA 404 -70.85 24.07 26.12
N GLN LA 405 -70.51 23.48 25.00
CA GLN LA 405 -70.32 24.13 23.74
C GLN LA 405 -70.91 23.02 22.84
N ASP LA 406 -71.17 23.36 21.56
CA ASP LA 406 -71.34 22.41 20.57
C ASP LA 406 -70.53 22.83 19.38
N ALA LA 407 -70.38 21.97 18.33
CA ALA LA 407 -69.75 22.13 17.07
C ALA LA 407 -70.43 23.12 16.32
N THR LA 408 -71.78 23.05 16.34
CA THR LA 408 -72.75 23.92 15.68
C THR LA 408 -72.58 25.33 16.16
N TYR LA 409 -72.31 25.49 17.42
CA TYR LA 409 -72.25 26.75 18.05
C TYR LA 409 -70.83 27.33 17.52
N ASP LA 410 -69.81 26.47 17.45
CA ASP LA 410 -68.48 26.94 17.27
C ASP LA 410 -68.30 27.58 15.93
N SER LA 411 -68.79 26.89 14.90
CA SER LA 411 -68.46 27.26 13.56
C SER LA 411 -69.46 28.26 13.04
N ALA LA 412 -70.66 28.39 13.75
CA ALA LA 412 -71.62 29.45 13.41
C ALA LA 412 -70.93 30.78 13.63
N LEU LA 413 -70.18 30.93 14.80
CA LEU LA 413 -69.51 32.08 15.31
C LEU LA 413 -68.40 32.37 14.39
N GLU LA 414 -67.58 31.39 13.87
CA GLU LA 414 -66.47 31.66 12.92
C GLU LA 414 -67.06 32.22 11.66
N LEU LA 415 -68.14 31.73 11.17
CA LEU LA 415 -68.59 32.09 9.83
C LEU LA 415 -69.10 33.51 9.78
N VAL LA 416 -69.94 33.94 10.80
CA VAL LA 416 -70.53 35.27 10.84
C VAL LA 416 -69.43 36.27 11.08
N GLY LA 417 -68.54 36.02 11.99
CA GLY LA 417 -67.35 36.80 12.28
C GLY LA 417 -66.43 37.09 11.11
N GLN LA 418 -66.18 36.12 10.21
CA GLN LA 418 -65.49 36.32 8.92
C GLN LA 418 -66.27 37.19 7.94
N LEU LA 419 -67.62 37.02 7.79
CA LEU LA 419 -68.44 37.72 6.84
C LEU LA 419 -68.54 39.19 7.18
N ASN LA 420 -68.38 39.53 8.48
CA ASN LA 420 -68.30 40.88 8.96
C ASN LA 420 -67.15 41.55 8.34
N LYS LA 421 -65.94 40.94 8.22
CA LYS LA 421 -64.77 41.50 7.54
C LYS LA 421 -65.05 41.72 6.06
N VAL LA 422 -65.79 40.78 5.40
CA VAL LA 422 -66.17 40.81 3.96
C VAL LA 422 -66.95 42.02 3.67
N VAL LA 423 -67.97 42.34 4.53
CA VAL LA 423 -68.87 43.38 4.22
C VAL LA 423 -68.25 44.85 4.24
N ASP LA 424 -67.28 45.03 5.13
CA ASP LA 424 -66.42 46.21 5.26
C ASP LA 424 -65.56 46.31 4.03
N GLN LA 425 -64.97 45.19 3.60
CA GLN LA 425 -64.07 45.07 2.43
C GLN LA 425 -64.77 45.31 1.09
N LEU LA 426 -66.05 44.89 0.98
CA LEU LA 426 -66.86 45.22 -0.21
C LEU LA 426 -67.07 46.77 -0.29
N PHE LA 427 -67.22 47.51 0.84
CA PHE LA 427 -67.51 48.96 0.81
C PHE LA 427 -66.29 49.77 0.53
N GLU LA 428 -65.12 49.21 0.83
CA GLU LA 428 -63.79 49.70 0.69
C GLU LA 428 -63.30 49.74 -0.74
N LYS LA 429 -63.62 48.67 -1.51
CA LYS LA 429 -63.44 48.71 -2.95
C LYS LA 429 -64.30 49.75 -3.64
N ALA LA 430 -65.56 49.94 -3.17
CA ALA LA 430 -66.52 50.72 -3.87
C ALA LA 430 -66.54 52.03 -3.19
N SER LA 431 -65.37 52.69 -2.97
CA SER LA 431 -65.30 54.06 -2.37
C SER LA 431 -65.27 55.12 -3.43
N VAL LA 432 -65.32 54.63 -4.74
CA VAL LA 432 -65.14 55.41 -5.91
C VAL LA 432 -66.54 55.73 -6.41
N LEU LA 433 -67.57 55.08 -5.87
CA LEU LA 433 -68.93 55.39 -6.27
C LEU LA 433 -69.36 56.82 -6.01
N TYR LA 434 -68.92 57.41 -4.90
CA TYR LA 434 -69.34 58.73 -4.43
C TYR LA 434 -68.41 59.89 -5.00
N ARG MA 1 -30.38 61.24 30.64
CA ARG MA 1 -31.19 60.11 30.06
C ARG MA 1 -31.37 58.97 31.02
N VAL MA 2 -30.31 58.60 31.78
CA VAL MA 2 -30.36 57.72 32.90
C VAL MA 2 -31.09 58.10 34.08
N PRO MA 3 -31.08 59.25 34.69
CA PRO MA 3 -31.56 59.39 36.07
C PRO MA 3 -33.03 59.62 35.98
N ASN MA 4 -33.69 59.85 34.76
CA ASN MA 4 -35.01 60.29 34.46
C ASN MA 4 -36.06 59.38 35.12
N TYR MA 5 -35.94 58.04 34.94
CA TYR MA 5 -36.99 57.15 35.38
C TYR MA 5 -37.09 57.18 36.93
N GLU MA 6 -35.96 57.13 37.68
CA GLU MA 6 -35.86 57.15 39.06
C GLU MA 6 -36.54 58.37 39.70
N VAL MA 7 -36.22 59.61 39.21
CA VAL MA 7 -36.56 60.87 39.77
C VAL MA 7 -38.05 61.06 39.61
N SER MA 8 -38.61 60.60 38.50
CA SER MA 8 -39.98 60.77 38.13
C SER MA 8 -40.89 60.12 39.13
N GLU MA 9 -40.53 58.93 39.67
CA GLU MA 9 -41.28 58.14 40.65
C GLU MA 9 -41.41 58.84 41.93
N LYS MA 10 -40.19 59.29 42.49
CA LYS MA 10 -40.08 59.83 43.75
C LYS MA 10 -40.88 61.12 43.92
N ALA MA 11 -40.93 61.92 42.81
CA ALA MA 11 -41.69 63.13 42.79
C ALA MA 11 -43.24 62.94 42.81
N PHE MA 12 -43.67 61.81 42.20
CA PHE MA 12 -45.03 61.39 42.05
C PHE MA 12 -45.65 60.94 43.29
N LEU MA 13 -44.83 60.30 44.15
CA LEU MA 13 -45.17 59.91 45.54
C LEU MA 13 -45.58 61.11 46.30
N LEU MA 14 -44.90 62.27 46.06
CA LEU MA 14 -45.13 63.52 46.81
C LEU MA 14 -46.46 64.03 46.65
N THR MA 15 -46.94 64.02 45.39
CA THR MA 15 -48.24 64.36 44.95
C THR MA 15 -49.34 63.63 45.69
N GLN MA 16 -49.23 62.28 45.79
CA GLN MA 16 -50.08 61.38 46.58
C GLN MA 16 -50.01 61.76 48.03
N SER MA 17 -51.11 61.41 48.72
CA SER MA 17 -51.53 61.64 50.08
C SER MA 17 -52.45 60.45 50.51
N LYS MA 18 -52.31 59.34 49.74
CA LYS MA 18 -53.09 58.13 50.00
C LYS MA 18 -52.10 57.07 50.46
N VAL MA 19 -50.79 57.35 50.21
CA VAL MA 19 -49.65 56.65 50.77
C VAL MA 19 -49.40 57.15 52.20
N SER MA 20 -48.37 56.42 52.79
CA SER MA 20 -47.67 56.83 54.02
C SER MA 20 -47.01 58.15 53.70
N ILE MA 21 -47.07 58.93 54.74
CA ILE MA 21 -46.42 60.20 54.87
C ILE MA 21 -44.99 60.11 55.15
N GLU MA 22 -44.61 58.96 55.80
CA GLU MA 22 -43.27 58.58 56.15
C GLU MA 22 -42.37 58.33 54.90
N GLN MA 23 -42.84 57.57 53.91
CA GLN MA 23 -42.34 57.28 52.65
C GLN MA 23 -42.08 58.55 51.86
N ARG MA 24 -43.01 59.51 51.91
CA ARG MA 24 -42.93 60.76 51.14
C ARG MA 24 -41.66 61.58 51.46
N LYS MA 25 -41.24 61.60 52.80
CA LYS MA 25 -40.24 62.55 53.26
C LYS MA 25 -38.87 61.85 53.18
N GLU MA 26 -38.79 60.50 52.94
CA GLU MA 26 -37.63 59.78 52.58
C GLU MA 26 -37.33 60.09 51.12
N ALA MA 27 -38.41 60.06 50.27
CA ALA MA 27 -38.41 60.39 48.87
C ALA MA 27 -37.96 61.77 48.60
N ALA MA 28 -38.42 62.72 49.47
CA ALA MA 28 -38.20 64.16 49.35
C ALA MA 28 -36.74 64.49 49.57
N GLU MA 29 -36.16 63.86 50.59
CA GLU MA 29 -34.76 64.01 50.85
C GLU MA 29 -33.87 63.67 49.67
N PHE MA 30 -34.13 62.49 49.04
CA PHE MA 30 -33.36 61.93 47.90
C PHE MA 30 -33.38 62.69 46.57
N VAL MA 31 -34.62 63.06 46.26
CA VAL MA 31 -35.07 63.51 44.94
C VAL MA 31 -34.51 64.92 44.68
N LEU MA 32 -34.54 65.77 45.74
CA LEU MA 32 -33.98 67.12 45.84
C LEU MA 32 -32.46 67.16 45.85
N ALA MA 33 -31.83 66.21 46.46
CA ALA MA 33 -30.37 66.13 46.36
C ALA MA 33 -29.93 66.09 44.91
N LYS MA 34 -30.74 65.37 44.12
CA LYS MA 34 -30.36 65.01 42.74
C LYS MA 34 -30.75 66.10 41.79
N ILE MA 35 -31.79 66.88 42.12
CA ILE MA 35 -32.27 68.04 41.45
C ILE MA 35 -31.11 69.10 41.53
N LYS MA 36 -30.41 69.23 42.72
CA LYS MA 36 -29.32 70.18 42.82
C LYS MA 36 -28.14 69.77 41.94
N GLU MA 37 -27.86 68.46 41.88
CA GLU MA 37 -26.67 67.94 41.33
C GLU MA 37 -26.74 67.93 39.79
N GLU MA 38 -27.82 67.45 39.20
CA GLU MA 38 -27.87 67.23 37.79
C GLU MA 38 -28.62 68.37 37.19
N GLU MA 39 -28.93 69.46 37.90
CA GLU MA 39 -29.52 70.71 37.43
C GLU MA 39 -30.83 70.59 36.79
N MET MA 40 -31.76 70.03 37.52
CA MET MA 40 -33.00 69.55 36.96
C MET MA 40 -34.07 70.58 37.22
N ALA MA 41 -33.72 71.84 37.34
CA ALA MA 41 -34.67 72.87 37.61
C ALA MA 41 -35.76 73.08 36.55
N PRO MA 42 -35.60 73.02 35.20
CA PRO MA 42 -36.70 73.04 34.29
C PRO MA 42 -37.77 72.06 34.63
N TYR MA 43 -37.37 70.83 34.95
CA TYR MA 43 -38.21 69.72 35.28
C TYR MA 43 -38.97 69.99 36.57
N TYR MA 44 -38.33 70.87 37.43
CA TYR MA 44 -38.85 71.28 38.73
C TYR MA 44 -39.90 72.30 38.53
N LYS MA 45 -39.68 73.20 37.53
CA LYS MA 45 -40.62 74.13 37.13
C LYS MA 45 -41.86 73.46 36.57
N TYR MA 46 -41.66 72.41 35.80
CA TYR MA 46 -42.78 71.70 35.29
C TYR MA 46 -43.62 70.95 36.37
N LEU MA 47 -42.93 70.48 37.44
CA LEU MA 47 -43.49 69.56 38.39
C LEU MA 47 -44.45 70.29 39.31
N CYS MA 48 -43.99 71.52 39.71
CA CYS MA 48 -44.79 72.36 40.60
C CYS MA 48 -46.13 72.82 39.92
N GLU MA 49 -46.16 73.02 38.65
CA GLU MA 49 -47.30 73.44 37.84
C GLU MA 49 -48.41 72.45 37.85
N GLU MA 50 -47.96 71.21 37.64
CA GLU MA 50 -48.78 69.98 37.66
C GLU MA 50 -49.30 69.51 39.03
N TYR MA 51 -48.73 69.93 40.18
CA TYR MA 51 -49.10 69.47 41.51
C TYR MA 51 -50.60 69.60 41.75
N LEU MA 52 -51.34 70.73 41.49
CA LEU MA 52 -51.03 72.01 42.17
C LEU MA 52 -52.22 72.24 43.08
N VAL MA 53 -51.97 72.35 44.45
CA VAL MA 53 -52.80 72.45 45.53
C VAL MA 53 -52.95 70.97 46.02
N ASN MA 54 -51.81 70.24 45.91
CA ASN MA 54 -51.73 69.00 46.63
C ASN MA 54 -50.38 69.06 47.29
N ASN MA 55 -49.38 69.64 46.61
CA ASN MA 55 -47.98 69.48 46.90
C ASN MA 55 -47.45 70.74 46.35
N GLY MA 56 -46.29 71.14 46.85
CA GLY MA 56 -45.57 72.37 46.57
C GLY MA 56 -46.11 73.50 47.40
N GLN MA 57 -47.08 73.22 48.29
CA GLN MA 57 -47.74 74.25 49.11
C GLN MA 57 -46.98 74.54 50.41
N SER MA 58 -45.65 74.54 50.24
CA SER MA 58 -44.69 74.77 51.33
C SER MA 58 -43.41 75.38 50.71
N ASP MA 59 -43.52 75.92 49.50
CA ASP MA 59 -42.39 76.44 48.71
C ASP MA 59 -42.51 77.95 48.90
N LEU MA 60 -41.36 78.68 48.74
CA LEU MA 60 -41.23 80.08 48.93
C LEU MA 60 -41.80 80.96 47.81
N GLU MA 61 -41.76 80.50 46.56
CA GLU MA 61 -42.16 81.25 45.39
C GLU MA 61 -43.52 80.76 45.04
N HIS MA 62 -44.23 80.15 46.00
CA HIS MA 62 -45.65 79.79 45.77
C HIS MA 62 -46.33 80.19 47.07
N ASP MA 63 -47.66 79.97 47.11
CA ASP MA 63 -48.57 80.19 48.20
C ASP MA 63 -48.71 78.94 49.10
N GLU MA 64 -48.81 79.16 50.41
CA GLU MA 64 -48.48 78.12 51.34
C GLU MA 64 -49.79 77.88 51.99
N LYS MA 65 -50.23 76.59 51.95
CA LYS MA 65 -51.48 76.02 52.41
C LYS MA 65 -51.02 74.87 53.22
N SER MA 66 -52.02 74.07 53.64
CA SER MA 66 -51.92 72.93 54.55
C SER MA 66 -52.25 71.64 53.71
N ASP MA 67 -52.20 71.79 52.36
CA ASP MA 67 -52.35 70.72 51.44
C ASP MA 67 -51.10 69.88 51.47
N SER MA 68 -49.86 70.45 51.28
CA SER MA 68 -48.67 69.68 51.43
C SER MA 68 -48.53 69.28 52.92
N LEU MA 69 -48.12 68.00 53.15
CA LEU MA 69 -47.74 67.56 54.47
C LEU MA 69 -46.27 67.46 54.50
N ASN MA 70 -45.62 67.94 53.39
CA ASN MA 70 -44.21 67.93 53.31
C ASN MA 70 -43.86 69.39 53.31
N GLU MA 71 -42.59 69.64 53.73
CA GLU MA 71 -41.94 70.89 53.91
C GLU MA 71 -40.58 70.79 53.44
N TRP MA 72 -40.05 69.62 53.07
CA TRP MA 72 -38.71 69.50 52.62
C TRP MA 72 -38.76 70.00 51.19
N ILE MA 73 -40.01 70.08 50.58
CA ILE MA 73 -40.23 70.70 49.28
C ILE MA 73 -40.02 72.21 49.50
N LYS MA 74 -39.20 72.89 48.66
CA LYS MA 74 -38.83 74.23 48.83
C LYS MA 74 -38.18 74.54 47.55
N PHE MA 75 -38.83 75.39 46.64
CA PHE MA 75 -38.27 75.82 45.41
C PHE MA 75 -37.91 77.22 45.62
N ASP MA 76 -36.64 77.54 45.27
CA ASP MA 76 -35.96 78.76 45.46
C ASP MA 76 -35.26 79.15 44.23
N GLN MA 77 -34.67 80.34 44.26
CA GLN MA 77 -33.93 80.93 43.25
C GLN MA 77 -32.52 80.50 43.18
N GLU MA 78 -31.98 79.73 44.23
CA GLU MA 78 -30.70 79.21 44.30
C GLU MA 78 -30.41 78.19 43.22
N LEU MA 79 -31.36 77.29 42.95
CA LEU MA 79 -31.37 76.37 41.90
C LEU MA 79 -31.09 77.01 40.53
N TYR MA 80 -31.82 78.16 40.35
CA TYR MA 80 -31.79 78.93 39.10
C TYR MA 80 -30.48 79.45 38.75
N ASN MA 81 -29.69 79.92 39.80
CA ASN MA 81 -28.40 80.52 39.61
C ASN MA 81 -27.39 79.51 39.11
N GLU MA 82 -27.40 78.30 39.77
CA GLU MA 82 -26.64 77.18 39.33
C GLU MA 82 -26.84 76.72 37.89
N LEU MA 83 -28.12 76.74 37.42
CA LEU MA 83 -28.60 76.46 36.09
C LEU MA 83 -27.90 77.28 35.10
N CYS MA 84 -27.89 78.57 35.34
CA CYS MA 84 -27.29 79.53 34.42
C CYS MA 84 -25.80 79.25 34.19
N LYS MA 85 -25.02 78.94 35.23
CA LYS MA 85 -23.64 78.59 35.00
C LYS MA 85 -23.43 77.35 34.24
N LYS MA 86 -24.01 76.27 34.67
CA LYS MA 86 -23.71 74.95 34.17
C LYS MA 86 -24.16 74.72 32.69
N ASN MA 87 -25.37 75.19 32.34
CA ASN MA 87 -25.89 75.28 31.01
C ASN MA 87 -25.01 76.17 30.09
N GLU MA 88 -24.61 77.39 30.47
CA GLU MA 88 -23.81 78.36 29.65
C GLU MA 88 -22.54 77.78 29.23
N SER MA 89 -21.75 77.17 30.13
CA SER MA 89 -20.46 76.58 29.90
C SER MA 89 -20.45 75.34 28.97
N LYS MA 90 -21.47 74.44 29.20
CA LYS MA 90 -21.59 73.26 28.40
C LYS MA 90 -22.12 73.49 27.01
N ILE MA 91 -23.26 74.22 26.87
CA ILE MA 91 -24.00 74.40 25.64
C ILE MA 91 -23.05 74.97 24.72
N LYS MA 92 -22.27 76.00 25.11
CA LYS MA 92 -21.43 76.82 24.33
C LYS MA 92 -20.30 76.04 23.71
N GLU MA 93 -19.76 75.01 24.44
CA GLU MA 93 -18.68 74.11 24.02
C GLU MA 93 -19.18 73.25 22.93
N LEU MA 94 -20.38 72.71 23.05
CA LEU MA 94 -20.99 71.83 22.10
C LEU MA 94 -21.40 72.62 20.90
N ASN MA 95 -21.81 73.95 21.01
CA ASN MA 95 -22.14 74.69 19.83
C ASN MA 95 -20.92 74.85 18.94
N GLU MA 96 -19.72 75.19 19.51
CA GLU MA 96 -18.52 75.51 18.72
C GLU MA 96 -18.07 74.26 17.98
N LYS MA 97 -18.23 73.07 18.65
CA LYS MA 97 -17.90 71.77 18.06
C LYS MA 97 -18.72 71.39 16.85
N ILE MA 98 -20.00 71.67 16.82
CA ILE MA 98 -20.86 71.30 15.65
C ILE MA 98 -20.38 71.96 14.40
N GLN MA 99 -20.06 73.24 14.56
CA GLN MA 99 -19.54 73.96 13.43
C GLN MA 99 -18.10 73.63 12.99
N LYS MA 100 -17.28 73.00 13.89
CA LYS MA 100 -15.98 72.44 13.57
C LYS MA 100 -16.06 71.30 12.63
N LEU MA 101 -17.11 70.46 12.84
CA LEU MA 101 -17.23 69.18 12.14
C LEU MA 101 -18.05 69.35 10.90
N GLU MA 102 -18.51 70.63 10.63
CA GLU MA 102 -18.96 71.00 9.38
C GLU MA 102 -17.75 71.13 8.47
N GLU MA 103 -16.56 71.53 9.05
CA GLU MA 103 -15.34 71.74 8.26
C GLU MA 103 -14.71 70.42 7.83
N ASP MA 104 -14.83 69.42 8.73
CA ASP MA 104 -14.29 68.11 8.50
C ASP MA 104 -15.28 67.43 7.57
N ASP MA 105 -14.74 66.43 6.77
CA ASP MA 105 -15.58 65.88 5.82
C ASP MA 105 -15.93 64.51 6.43
N GLU MA 106 -17.10 63.98 6.06
CA GLU MA 106 -17.72 62.75 6.63
C GLU MA 106 -18.18 63.06 7.98
N GLY MA 107 -18.56 64.35 8.13
CA GLY MA 107 -18.79 65.00 9.33
C GLY MA 107 -20.18 64.85 9.86
N GLU MA 108 -21.00 64.10 9.15
CA GLU MA 108 -22.44 63.96 9.35
C GLU MA 108 -22.65 63.15 10.60
N LEU MA 109 -21.74 62.12 10.78
CA LEU MA 109 -21.85 61.26 11.93
C LEU MA 109 -21.38 62.06 13.15
N GLU MA 110 -20.30 62.81 13.01
CA GLU MA 110 -19.54 63.54 14.00
C GLU MA 110 -20.51 64.59 14.62
N GLN MA 111 -21.33 65.31 13.73
CA GLN MA 111 -22.32 66.32 14.13
C GLN MA 111 -23.53 65.67 14.82
N ALA MA 112 -23.91 64.42 14.29
CA ALA MA 112 -24.97 63.64 14.89
C ALA MA 112 -24.71 63.31 16.35
N GLN MA 113 -23.47 62.89 16.68
CA GLN MA 113 -23.15 62.56 18.05
C GLN MA 113 -23.07 63.69 19.05
N ALA MA 114 -22.66 64.83 18.62
CA ALA MA 114 -22.71 66.15 19.29
C ALA MA 114 -24.04 66.71 19.57
N TRP MA 115 -25.00 66.45 18.62
CA TRP MA 115 -26.37 66.92 18.78
C TRP MA 115 -27.15 65.90 19.68
N ILE MA 116 -26.65 64.64 19.71
CA ILE MA 116 -27.11 63.69 20.72
C ILE MA 116 -26.69 64.11 22.15
N ASN MA 117 -25.43 64.60 22.27
CA ASN MA 117 -24.87 65.04 23.50
C ASN MA 117 -25.59 66.20 24.07
N LEU MA 118 -25.99 67.10 23.11
CA LEU MA 118 -26.89 68.22 23.43
C LEU MA 118 -28.26 67.70 23.89
N GLY MA 119 -28.85 66.70 23.21
CA GLY MA 119 -30.16 66.09 23.54
C GLY MA 119 -30.22 65.30 24.81
N GLU MA 120 -29.07 64.91 25.33
CA GLU MA 120 -28.91 64.23 26.60
C GLU MA 120 -29.00 65.30 27.69
N TYR MA 121 -28.31 66.43 27.48
CA TYR MA 121 -28.19 67.46 28.47
C TYR MA 121 -29.52 68.12 28.73
N TYR MA 122 -30.34 68.37 27.66
CA TYR MA 122 -31.68 68.87 27.75
C TYR MA 122 -32.61 67.78 28.35
N ALA MA 123 -32.29 66.52 28.20
CA ALA MA 123 -33.07 65.42 28.80
C ALA MA 123 -32.88 65.39 30.35
N GLN MA 124 -31.56 65.67 30.73
CA GLN MA 124 -30.97 65.66 32.06
C GLN MA 124 -31.73 66.69 32.92
N ILE MA 125 -31.92 67.94 32.38
CA ILE MA 125 -32.43 69.07 33.15
C ILE MA 125 -33.96 69.19 33.14
N GLY MA 126 -34.63 68.49 32.20
CA GLY MA 126 -36.02 68.63 31.99
C GLY MA 126 -36.12 68.48 30.53
N ASP MA 127 -36.40 69.64 29.85
CA ASP MA 127 -36.75 69.94 28.46
C ASP MA 127 -36.95 68.71 27.54
N LYS MA 128 -38.32 68.41 27.22
CA LYS MA 128 -38.55 67.40 26.26
C LYS MA 128 -38.48 68.05 24.94
N ASP MA 129 -38.82 69.36 24.89
CA ASP MA 129 -38.93 69.98 23.60
C ASP MA 129 -37.55 70.14 22.95
N ASN MA 130 -36.48 70.60 23.72
CA ASN MA 130 -35.25 70.94 23.13
C ASN MA 130 -34.49 69.77 22.77
N ALA MA 131 -34.74 68.54 23.41
CA ALA MA 131 -34.04 67.32 23.02
C ALA MA 131 -34.59 66.83 21.71
N GLU MA 132 -35.90 67.03 21.56
CA GLU MA 132 -36.65 66.62 20.46
C GLU MA 132 -36.24 67.28 19.16
N LYS MA 133 -36.00 68.61 19.22
CA LYS MA 133 -35.48 69.45 18.20
C LYS MA 133 -34.08 69.00 17.85
N THR MA 134 -33.18 68.76 18.88
CA THR MA 134 -31.83 68.40 18.60
C THR MA 134 -31.65 66.95 18.12
N LEU MA 135 -32.47 65.97 18.56
CA LEU MA 135 -32.24 64.59 18.19
C LEU MA 135 -32.93 64.32 16.89
N GLY MA 136 -33.70 65.30 16.29
CA GLY MA 136 -34.23 65.22 14.93
C GLY MA 136 -33.15 65.59 13.94
N LYS MA 137 -32.21 66.49 14.40
CA LYS MA 137 -30.98 66.93 13.70
C LYS MA 137 -30.01 65.80 13.58
N SER MA 138 -30.02 64.98 14.66
CA SER MA 138 -29.21 63.76 14.69
C SER MA 138 -29.85 62.82 13.67
N LEU MA 139 -31.14 62.84 13.51
CA LEU MA 139 -32.00 61.83 12.76
C LEU MA 139 -31.71 61.94 11.32
N SER MA 140 -31.59 63.17 10.78
CA SER MA 140 -31.35 63.39 9.35
C SER MA 140 -30.06 62.93 8.90
N LYS MA 141 -29.00 63.22 9.78
CA LYS MA 141 -27.64 62.88 9.64
C LYS MA 141 -27.44 61.37 9.61
N ALA MA 142 -26.37 61.01 8.88
CA ALA MA 142 -26.04 59.62 8.66
C ALA MA 142 -25.49 59.07 9.93
N ILE MA 143 -26.18 58.00 10.37
CA ILE MA 143 -25.89 57.33 11.60
C ILE MA 143 -26.50 56.02 11.19
N SER MA 144 -26.11 55.00 11.99
CA SER MA 144 -26.66 53.71 11.79
C SER MA 144 -28.12 53.62 12.07
N THR MA 145 -28.80 52.67 11.40
CA THR MA 145 -30.25 52.75 11.34
C THR MA 145 -30.71 52.42 12.75
N GLY MA 146 -30.02 51.44 13.43
CA GLY MA 146 -30.26 51.04 14.82
C GLY MA 146 -30.16 52.30 15.74
N ALA MA 147 -29.34 53.27 15.49
CA ALA MA 147 -29.24 54.50 16.23
C ALA MA 147 -30.41 55.34 16.08
N LYS MA 148 -31.07 55.33 14.93
CA LYS MA 148 -32.27 56.17 14.63
C LYS MA 148 -33.39 55.70 15.49
N ILE MA 149 -33.51 54.36 15.61
CA ILE MA 149 -34.57 53.75 16.37
C ILE MA 149 -34.48 54.06 17.87
N ASP MA 150 -33.19 53.93 18.36
CA ASP MA 150 -32.77 54.22 19.71
C ASP MA 150 -33.01 55.64 20.11
N VAL MA 151 -32.84 56.61 19.19
CA VAL MA 151 -33.07 58.01 19.31
C VAL MA 151 -34.51 58.36 19.59
N MET MA 152 -35.40 57.64 18.86
CA MET MA 152 -36.84 57.84 18.82
C MET MA 152 -37.46 57.40 20.10
N LEU MA 153 -36.91 56.34 20.76
CA LEU MA 153 -37.28 55.88 22.05
C LEU MA 153 -36.69 56.68 23.10
N THR MA 154 -35.57 57.40 22.87
CA THR MA 154 -34.92 58.27 23.72
C THR MA 154 -35.87 59.42 24.01
N ILE MA 155 -36.61 59.95 22.98
CA ILE MA 155 -37.63 61.07 23.08
C ILE MA 155 -38.90 60.61 23.79
N ALA MA 156 -39.23 59.27 23.58
CA ALA MA 156 -40.40 58.74 24.26
C ALA MA 156 -40.33 58.70 25.75
N ARG MA 157 -39.12 58.46 26.29
CA ARG MA 157 -38.82 58.40 27.75
C ARG MA 157 -39.16 59.70 28.42
N LEU MA 158 -38.85 60.76 27.59
CA LEU MA 158 -39.15 62.10 27.98
C LEU MA 158 -40.66 62.48 28.28
N GLY MA 159 -41.60 61.78 27.61
CA GLY MA 159 -43.03 61.92 27.78
C GLY MA 159 -43.43 61.24 29.06
N PHE MA 160 -42.71 60.14 29.45
CA PHE MA 160 -42.93 59.43 30.77
C PHE MA 160 -42.49 60.29 31.94
N PHE MA 161 -41.32 60.92 31.66
CA PHE MA 161 -40.56 61.73 32.61
C PHE MA 161 -41.46 62.90 33.01
N TYR MA 162 -42.08 63.55 32.05
CA TYR MA 162 -42.99 64.68 32.20
C TYR MA 162 -44.29 64.32 32.81
N ASN MA 163 -44.73 63.08 32.57
CA ASN MA 163 -46.02 62.58 33.03
C ASN MA 163 -47.18 62.92 32.19
N ASP MA 164 -47.03 62.78 30.89
CA ASP MA 164 -48.03 62.99 29.89
C ASP MA 164 -47.90 61.80 28.89
N GLN MA 165 -48.91 60.86 28.83
CA GLN MA 165 -48.94 59.67 28.07
C GLN MA 165 -49.21 59.94 26.58
N LEU MA 166 -49.91 61.07 26.36
CA LEU MA 166 -50.42 61.41 25.05
C LEU MA 166 -49.26 61.78 24.15
N TYR MA 167 -48.15 62.34 24.74
CA TYR MA 167 -46.84 62.61 24.06
C TYR MA 167 -46.21 61.31 23.70
N VAL MA 168 -46.26 60.25 24.61
CA VAL MA 168 -45.59 59.01 24.37
C VAL MA 168 -46.12 58.20 23.24
N LYS MA 169 -47.42 58.09 22.97
CA LYS MA 169 -48.07 57.39 21.91
C LYS MA 169 -47.64 57.89 20.57
N GLU MA 170 -47.50 59.26 20.35
CA GLU MA 170 -46.99 59.79 19.13
C GLU MA 170 -45.54 59.42 18.93
N LYS MA 171 -44.72 59.39 20.05
CA LYS MA 171 -43.30 59.11 19.96
C LYS MA 171 -43.00 57.59 19.76
N LEU MA 172 -43.93 56.68 20.14
CA LEU MA 172 -43.85 55.21 19.90
C LEU MA 172 -44.49 54.93 18.51
N GLU MA 173 -45.22 55.87 17.87
CA GLU MA 173 -45.90 55.65 16.57
C GLU MA 173 -44.81 55.72 15.50
N ALA MA 174 -43.75 56.49 15.80
CA ALA MA 174 -42.63 56.62 14.95
C ALA MA 174 -41.73 55.43 15.03
N VAL MA 175 -41.73 54.75 16.18
CA VAL MA 175 -40.92 53.59 16.43
C VAL MA 175 -41.46 52.38 15.72
N ASN MA 176 -42.80 52.31 15.71
CA ASN MA 176 -43.53 51.25 15.09
C ASN MA 176 -43.36 51.23 13.62
N SER MA 177 -42.98 52.39 13.05
CA SER MA 177 -42.79 52.58 11.60
C SER MA 177 -41.40 52.40 11.22
N MET MA 178 -40.43 52.34 12.18
CA MET MA 178 -39.00 52.23 11.94
C MET MA 178 -38.41 50.91 12.30
N ILE MA 179 -39.27 50.07 12.95
CA ILE MA 179 -38.82 48.84 13.62
C ILE MA 179 -38.19 47.89 12.64
N GLU MA 180 -38.87 47.74 11.49
CA GLU MA 180 -38.52 46.67 10.58
C GLU MA 180 -37.63 47.22 9.56
N LYS MA 181 -37.43 48.53 9.59
CA LYS MA 181 -36.48 49.18 8.67
C LYS MA 181 -35.04 48.80 9.06
N GLY MA 182 -34.75 48.73 10.37
CA GLY MA 182 -33.47 48.30 10.84
C GLY MA 182 -33.51 46.82 10.94
N GLY MA 183 -34.72 46.25 11.31
CA GLY MA 183 -34.96 44.82 11.34
C GLY MA 183 -34.28 44.24 12.53
N ASP MA 184 -33.67 45.09 13.35
CA ASP MA 184 -32.85 44.76 14.50
C ASP MA 184 -33.62 44.00 15.53
N TRP MA 185 -33.06 42.88 16.14
CA TRP MA 185 -33.77 42.15 17.16
C TRP MA 185 -33.34 42.80 18.41
N GLU MA 186 -32.22 43.57 18.42
CA GLU MA 186 -31.61 44.33 19.50
C GLU MA 186 -32.42 45.44 20.00
N ARG MA 187 -33.16 46.11 19.15
CA ARG MA 187 -34.07 47.18 19.51
C ARG MA 187 -35.48 46.75 19.58
N ARG MA 188 -35.71 45.48 19.25
CA ARG MA 188 -37.04 44.89 19.36
C ARG MA 188 -37.38 44.60 20.84
N ASN MA 189 -36.35 44.06 21.56
CA ASN MA 189 -36.45 43.87 22.96
C ASN MA 189 -36.67 45.12 23.81
N ARG MA 190 -36.04 46.20 23.40
CA ARG MA 190 -36.21 47.59 23.90
C ARG MA 190 -37.65 48.07 23.59
N TYR MA 191 -38.15 47.69 22.45
CA TYR MA 191 -39.48 48.22 22.12
C TYR MA 191 -40.54 47.60 22.91
N LYS MA 192 -40.36 46.30 23.32
CA LYS MA 192 -41.37 45.59 24.15
C LYS MA 192 -41.47 46.30 25.52
N THR MA 193 -40.29 46.69 26.08
CA THR MA 193 -40.27 47.41 27.38
C THR MA 193 -40.95 48.79 27.33
N TYR MA 194 -40.65 49.59 26.32
CA TYR MA 194 -41.28 50.87 26.31
C TYR MA 194 -42.72 50.83 26.13
N TYR MA 195 -43.16 49.99 25.21
CA TYR MA 195 -44.56 49.90 24.70
C TYR MA 195 -45.35 49.14 25.75
N GLY MA 196 -44.74 48.26 26.53
CA GLY MA 196 -45.34 47.65 27.67
C GLY MA 196 -45.85 48.65 28.78
N ILE MA 197 -45.03 49.69 29.07
CA ILE MA 197 -45.32 50.70 30.08
C ILE MA 197 -46.43 51.59 29.65
N HIS MA 198 -46.39 51.80 28.28
CA HIS MA 198 -47.45 52.54 27.59
C HIS MA 198 -48.81 51.92 27.59
N CYS MA 199 -48.86 50.59 27.45
CA CYS MA 199 -50.05 49.76 27.40
C CYS MA 199 -50.45 49.39 28.80
N LEU MA 200 -49.53 49.62 29.79
CA LEU MA 200 -49.92 49.55 31.21
C LEU MA 200 -50.82 50.74 31.55
N ALA MA 201 -50.54 51.98 30.93
CA ALA MA 201 -51.44 53.10 31.08
C ALA MA 201 -52.85 52.94 30.49
N VAL MA 202 -52.93 52.25 29.36
CA VAL MA 202 -54.21 51.99 28.62
C VAL MA 202 -55.03 51.11 29.51
N ARG MA 203 -56.44 51.35 29.42
CA ARG MA 203 -57.43 50.47 30.05
C ARG MA 203 -57.29 49.07 29.65
N ASN MA 204 -57.08 48.78 28.33
CA ASN MA 204 -56.82 47.50 27.92
C ASN MA 204 -55.39 47.12 28.33
N PHE MA 205 -55.32 45.99 29.08
CA PHE MA 205 -54.08 45.46 29.68
C PHE MA 205 -53.65 44.32 28.93
N LYS MA 206 -54.47 43.91 27.91
CA LYS MA 206 -54.32 42.75 27.15
C LYS MA 206 -53.03 42.71 26.43
N GLU MA 207 -52.58 43.86 25.90
CA GLU MA 207 -51.36 44.06 25.15
C GLU MA 207 -50.18 44.08 26.19
N ALA MA 208 -50.44 44.70 27.34
CA ALA MA 208 -49.54 44.84 28.38
C ALA MA 208 -49.10 43.52 29.03
N ALA MA 209 -49.98 42.56 29.14
CA ALA MA 209 -49.61 41.32 29.84
C ALA MA 209 -48.57 40.58 29.03
N LYS MA 210 -48.77 40.55 27.71
CA LYS MA 210 -47.90 39.86 26.75
C LYS MA 210 -46.48 40.42 26.63
N LEU MA 211 -46.38 41.77 26.62
CA LEU MA 211 -45.22 42.63 26.61
C LEU MA 211 -44.40 42.54 27.87
N LEU MA 212 -45.11 42.60 29.04
CA LEU MA 212 -44.47 42.79 30.29
C LEU MA 212 -43.80 41.55 30.87
N VAL MA 213 -44.12 40.34 30.28
CA VAL MA 213 -43.58 39.04 30.54
C VAL MA 213 -42.47 38.65 29.56
N ASP MA 214 -42.43 39.39 28.44
CA ASP MA 214 -41.35 39.14 27.45
C ASP MA 214 -40.16 39.89 27.93
N SER MA 215 -40.53 40.93 28.71
CA SER MA 215 -39.59 41.81 29.35
C SER MA 215 -39.02 41.10 30.54
N LEU MA 216 -39.66 40.04 31.03
CA LEU MA 216 -39.21 39.27 32.15
C LEU MA 216 -38.30 38.22 31.54
N ALA MA 217 -38.69 37.50 30.44
CA ALA MA 217 -38.04 36.38 29.77
C ALA MA 217 -36.70 36.78 29.14
N THR MA 218 -36.72 37.90 28.33
CA THR MA 218 -35.53 38.43 27.76
C THR MA 218 -35.18 39.47 28.72
N PHE MA 219 -33.91 39.61 29.22
CA PHE MA 219 -33.54 40.55 30.33
C PHE MA 219 -33.30 41.96 29.78
N THR MA 220 -34.44 42.68 29.62
CA THR MA 220 -34.55 44.07 29.21
C THR MA 220 -35.41 44.84 30.07
N SER MA 221 -34.87 45.88 30.71
CA SER MA 221 -35.65 46.66 31.73
C SER MA 221 -34.89 47.99 31.73
N ILE MA 222 -33.94 48.18 30.75
CA ILE MA 222 -33.00 49.22 30.84
C ILE MA 222 -33.61 50.54 30.34
N GLU MA 223 -32.92 51.65 30.75
CA GLU MA 223 -33.15 53.07 30.48
C GLU MA 223 -34.53 53.45 30.89
N LEU MA 224 -35.15 52.65 31.76
CA LEU MA 224 -36.50 52.67 32.25
C LEU MA 224 -36.42 52.03 33.62
N THR MA 225 -37.46 52.10 34.34
CA THR MA 225 -37.58 51.58 35.66
C THR MA 225 -37.22 50.12 35.81
N SER MA 226 -36.45 49.75 36.90
CA SER MA 226 -35.91 48.49 37.33
C SER MA 226 -36.72 47.20 37.03
N TYR MA 227 -35.95 46.06 37.10
CA TYR MA 227 -36.35 44.71 36.77
C TYR MA 227 -37.48 44.30 37.71
N GLU MA 228 -37.34 44.69 39.06
CA GLU MA 228 -38.25 44.45 40.15
C GLU MA 228 -39.57 45.19 39.89
N SER MA 229 -39.56 46.43 39.42
CA SER MA 229 -40.72 47.09 38.95
C SER MA 229 -41.41 46.39 37.74
N ILE MA 230 -40.66 45.87 36.76
CA ILE MA 230 -41.03 45.16 35.55
C ILE MA 230 -41.90 43.99 35.96
N ALA MA 231 -41.38 43.23 36.97
CA ALA MA 231 -42.03 42.09 37.52
C ALA MA 231 -43.34 42.43 38.20
N THR MA 232 -43.48 43.51 38.97
CA THR MA 232 -44.63 43.93 39.64
C THR MA 232 -45.76 44.17 38.76
N TYR MA 233 -45.44 44.81 37.66
CA TYR MA 233 -46.36 45.14 36.59
C TYR MA 233 -46.95 44.01 35.87
N ALA MA 234 -46.12 42.95 35.68
CA ALA MA 234 -46.37 41.74 34.96
C ALA MA 234 -47.42 41.01 35.78
N SER MA 235 -47.26 40.97 37.10
CA SER MA 235 -48.20 40.35 37.95
C SER MA 235 -49.61 40.91 37.97
N VAL MA 236 -49.75 42.26 38.04
CA VAL MA 236 -51.01 42.98 38.03
C VAL MA 236 -51.78 42.68 36.76
N THR MA 237 -51.12 42.79 35.60
CA THR MA 237 -51.74 42.64 34.32
C THR MA 237 -52.10 41.19 34.16
N GLY MA 238 -51.15 40.28 34.59
CA GLY MA 238 -51.35 38.82 34.55
C GLY MA 238 -52.70 38.46 35.14
N LEU MA 239 -52.92 38.97 36.35
CA LEU MA 239 -54.14 38.77 37.16
C LEU MA 239 -55.36 39.31 36.45
N PHE MA 240 -55.33 40.57 35.87
CA PHE MA 240 -56.49 41.20 35.35
C PHE MA 240 -57.00 40.42 34.11
N THR MA 241 -56.18 40.08 33.12
CA THR MA 241 -56.58 39.55 31.81
C THR MA 241 -56.78 38.10 31.80
N LEU MA 242 -55.93 37.28 32.49
CA LEU MA 242 -55.80 35.92 32.28
C LEU MA 242 -56.75 35.19 33.19
N GLU MA 243 -57.38 34.14 32.63
CA GLU MA 243 -58.33 33.31 33.33
C GLU MA 243 -57.51 32.51 34.37
N ARG MA 244 -58.21 31.86 35.32
CA ARG MA 244 -57.66 31.03 36.41
C ARG MA 244 -56.77 29.89 35.94
N THR MA 245 -57.19 29.23 34.74
CA THR MA 245 -56.42 28.22 34.07
C THR MA 245 -55.10 28.71 33.57
N ASP MA 246 -55.04 29.87 32.89
CA ASP MA 246 -53.88 30.41 32.24
C ASP MA 246 -53.06 31.24 33.24
N LEU MA 247 -53.66 31.44 34.46
CA LEU MA 247 -53.00 32.23 35.46
C LEU MA 247 -51.78 31.57 36.14
N LYS MA 248 -51.87 30.25 36.46
CA LYS MA 248 -50.86 29.36 37.13
C LYS MA 248 -49.69 29.29 36.30
N SER MA 249 -50.03 29.10 35.00
CA SER MA 249 -49.22 28.78 33.87
C SER MA 249 -48.25 29.85 33.64
N LYS MA 250 -48.70 31.12 33.71
CA LYS MA 250 -47.98 32.19 33.13
C LYS MA 250 -47.43 33.13 34.11
N VAL MA 251 -47.94 33.20 35.35
CA VAL MA 251 -47.65 34.22 36.33
C VAL MA 251 -47.02 33.52 37.47
N ILE MA 252 -47.77 32.58 38.19
CA ILE MA 252 -47.32 31.88 39.35
C ILE MA 252 -46.18 30.89 39.06
N ASP MA 253 -46.13 30.41 37.75
CA ASP MA 253 -45.06 29.74 37.10
C ASP MA 253 -44.55 30.75 36.09
N SER MA 254 -43.28 31.11 36.38
CA SER MA 254 -42.42 31.95 35.57
C SER MA 254 -41.03 31.83 36.27
N PRO MA 255 -39.97 31.46 35.57
CA PRO MA 255 -38.70 31.13 36.20
C PRO MA 255 -38.30 32.45 36.71
N GLU MA 256 -38.63 33.59 36.00
CA GLU MA 256 -38.05 34.87 36.19
C GLU MA 256 -38.61 35.52 37.43
N LEU MA 257 -39.90 35.38 37.72
CA LEU MA 257 -40.58 35.90 38.93
C LEU MA 257 -40.05 35.20 40.21
N LEU MA 258 -39.92 33.83 40.15
CA LEU MA 258 -39.42 33.02 41.25
C LEU MA 258 -38.00 33.29 41.56
N SER MA 259 -37.16 33.58 40.54
CA SER MA 259 -35.71 33.75 40.70
C SER MA 259 -35.45 35.11 41.31
N LEU MA 260 -36.25 36.13 40.96
CA LEU MA 260 -36.20 37.47 41.47
C LEU MA 260 -36.78 37.53 42.86
N ILE MA 261 -37.43 36.45 43.39
CA ILE MA 261 -38.22 36.37 44.68
C ILE MA 261 -39.09 37.63 45.03
N SER MA 262 -39.36 38.03 46.29
CA SER MA 262 -39.94 39.33 46.57
C SER MA 262 -39.07 39.94 47.58
N THR MA 263 -38.31 40.98 47.25
CA THR MA 263 -37.29 41.56 48.10
C THR MA 263 -37.76 43.01 48.40
N THR MA 264 -38.73 43.44 47.54
CA THR MA 264 -39.35 44.76 47.68
C THR MA 264 -40.74 44.49 48.14
N ALA MA 265 -41.42 45.46 48.75
CA ALA MA 265 -42.81 45.36 49.27
C ALA MA 265 -43.82 45.30 48.11
N ALA MA 266 -43.54 46.12 47.03
CA ALA MA 266 -44.54 46.26 45.96
C ALA MA 266 -44.74 44.95 45.31
N LEU MA 267 -43.56 44.28 45.04
CA LEU MA 267 -43.59 43.04 44.40
C LEU MA 267 -44.23 41.99 45.33
N GLN MA 268 -44.00 42.08 46.64
CA GLN MA 268 -44.51 41.08 47.62
C GLN MA 268 -46.05 41.06 47.63
N SER MA 269 -46.76 42.20 47.68
CA SER MA 269 -48.21 42.23 47.87
C SER MA 269 -49.00 41.62 46.81
N ILE MA 270 -48.66 41.93 45.50
CA ILE MA 270 -49.32 41.50 44.32
C ILE MA 270 -49.19 40.02 44.10
N SER MA 271 -47.96 39.48 44.40
CA SER MA 271 -47.65 38.05 44.24
C SER MA 271 -48.43 37.26 45.28
N SER MA 272 -48.66 37.93 46.49
CA SER MA 272 -49.27 37.27 47.62
C SER MA 272 -50.78 36.98 47.27
N LEU MA 273 -51.45 37.91 46.64
CA LEU MA 273 -52.88 37.88 46.19
C LEU MA 273 -53.06 36.78 45.25
N THR MA 274 -52.10 36.62 44.33
CA THR MA 274 -52.18 35.58 43.24
C THR MA 274 -52.10 34.17 43.82
N ILE MA 275 -51.22 33.96 44.87
CA ILE MA 275 -50.89 32.66 45.39
C ILE MA 275 -52.08 32.15 46.13
N SER MA 276 -52.78 33.07 46.90
CA SER MA 276 -53.91 32.80 47.75
C SER MA 276 -55.21 32.56 46.94
N LEU MA 277 -55.39 33.16 45.69
CA LEU MA 277 -56.47 32.81 44.77
C LEU MA 277 -56.48 31.36 44.33
N TYR MA 278 -55.29 30.84 43.98
CA TYR MA 278 -55.23 29.46 43.46
C TYR MA 278 -55.37 28.45 44.57
N ALA MA 279 -54.71 28.74 45.67
CA ALA MA 279 -54.64 27.88 46.89
C ALA MA 279 -55.97 27.88 47.55
N SER MA 280 -56.85 28.87 47.22
CA SER MA 280 -58.25 28.90 47.59
C SER MA 280 -58.39 29.22 49.02
N ASP MA 281 -57.52 30.18 49.53
CA ASP MA 281 -57.62 30.79 50.85
C ASP MA 281 -58.05 32.22 50.55
N TYR MA 282 -59.24 32.58 50.95
CA TYR MA 282 -59.91 33.77 50.57
C TYR MA 282 -59.96 34.79 51.73
N ALA MA 283 -59.35 34.41 52.85
CA ALA MA 283 -59.40 35.04 54.07
C ALA MA 283 -58.02 35.74 54.16
N SER MA 284 -57.05 35.42 53.26
CA SER MA 284 -55.80 36.10 53.13
C SER MA 284 -55.84 36.94 51.86
N TYR MA 285 -56.82 36.74 50.91
CA TYR MA 285 -56.95 37.44 49.65
C TYR MA 285 -57.36 38.91 49.94
N PHE MA 286 -58.31 39.14 50.92
CA PHE MA 286 -58.89 40.45 51.15
C PHE MA 286 -57.95 41.38 51.82
N PRO MA 287 -57.17 40.96 52.81
CA PRO MA 287 -56.18 41.85 53.36
C PRO MA 287 -55.11 42.21 52.42
N TYR MA 288 -54.81 41.25 51.49
CA TYR MA 288 -53.72 41.26 50.54
C TYR MA 288 -54.06 42.20 49.44
N LEU MA 289 -55.34 42.52 49.25
CA LEU MA 289 -55.85 43.36 48.26
C LEU MA 289 -55.53 44.79 48.66
N LEU MA 290 -55.72 45.10 49.96
CA LEU MA 290 -55.51 46.35 50.60
C LEU MA 290 -53.99 46.73 50.58
N GLU MA 291 -53.11 45.75 50.86
CA GLU MA 291 -51.67 45.77 50.59
C GLU MA 291 -51.40 46.14 49.15
N THR MA 292 -52.12 45.56 48.17
CA THR MA 292 -51.94 45.88 46.82
C THR MA 292 -52.18 47.35 46.51
N TYR MA 293 -53.33 47.93 46.96
CA TYR MA 293 -53.60 49.33 46.63
C TYR MA 293 -52.62 50.28 47.25
N ALA MA 294 -52.16 49.96 48.41
CA ALA MA 294 -51.24 50.77 49.14
C ALA MA 294 -49.88 50.87 48.55
N ASN MA 295 -49.31 49.73 48.05
CA ASN MA 295 -47.87 49.67 47.86
C ASN MA 295 -47.62 49.42 46.39
N VAL MA 296 -48.57 49.25 45.47
CA VAL MA 296 -48.30 49.01 44.11
C VAL MA 296 -48.99 50.10 43.37
N LEU MA 297 -50.37 49.96 43.31
CA LEU MA 297 -51.28 50.61 42.31
C LEU MA 297 -51.25 52.08 42.29
N ILE MA 298 -51.37 52.60 43.54
CA ILE MA 298 -51.27 54.03 43.91
C ILE MA 298 -49.88 54.57 43.83
N PRO MA 299 -48.78 53.93 44.23
CA PRO MA 299 -47.41 54.45 43.84
C PRO MA 299 -46.88 54.50 42.45
N CYS MA 300 -47.62 53.85 41.51
CA CYS MA 300 -47.32 53.70 40.10
C CYS MA 300 -48.00 54.89 39.39
N LYS MA 301 -47.56 55.27 38.17
CA LYS MA 301 -48.03 56.39 37.41
C LYS MA 301 -48.96 56.02 36.29
N TYR MA 302 -49.36 54.70 36.15
CA TYR MA 302 -50.09 54.12 35.03
C TYR MA 302 -51.23 53.27 35.56
N LEU MA 303 -51.26 52.95 36.90
CA LEU MA 303 -52.26 52.20 37.64
C LEU MA 303 -52.83 53.10 38.66
N ASN MA 304 -52.53 54.42 38.68
CA ASN MA 304 -53.05 55.42 39.58
C ASN MA 304 -54.54 55.55 39.41
N ARG MA 305 -54.92 55.52 38.11
CA ARG MA 305 -56.23 55.70 37.67
C ARG MA 305 -56.96 54.48 37.45
N HIS MA 306 -56.27 53.26 37.63
CA HIS MA 306 -56.90 51.96 37.53
C HIS MA 306 -56.84 51.29 38.90
N ALA MA 307 -56.45 52.17 39.92
CA ALA MA 307 -56.27 51.72 41.26
C ALA MA 307 -57.55 51.20 41.82
N ASP MA 308 -58.65 51.96 41.66
CA ASP MA 308 -60.00 51.60 42.06
C ASP MA 308 -60.49 50.42 41.20
N PHE MA 309 -60.20 50.46 39.89
CA PHE MA 309 -60.69 49.49 38.98
C PHE MA 309 -60.17 48.08 39.31
N PHE MA 310 -58.86 47.92 39.65
CA PHE MA 310 -58.26 46.68 40.02
C PHE MA 310 -58.81 46.21 41.34
N VAL MA 311 -59.09 47.06 42.33
CA VAL MA 311 -59.67 46.63 43.63
C VAL MA 311 -60.95 45.90 43.46
N ARG MA 312 -61.78 46.55 42.64
CA ARG MA 312 -63.07 46.07 42.32
C ARG MA 312 -63.12 44.85 41.58
N GLU MA 313 -62.34 44.70 40.54
CA GLU MA 313 -62.36 43.60 39.59
C GLU MA 313 -61.93 42.32 40.29
N MET MA 314 -60.88 42.42 41.15
CA MET MA 314 -60.30 41.33 41.92
C MET MA 314 -61.34 40.75 42.85
N ARG MA 315 -62.14 41.64 43.51
CA ARG MA 315 -63.26 41.13 44.38
C ARG MA 315 -64.24 40.38 43.49
N ARG MA 316 -64.58 40.97 42.35
CA ARG MA 316 -65.36 40.33 41.25
C ARG MA 316 -64.76 38.99 40.77
N LYS MA 317 -63.45 38.84 40.49
CA LYS MA 317 -62.87 37.56 40.02
C LYS MA 317 -63.11 36.41 40.95
N VAL MA 318 -62.83 36.72 42.23
CA VAL MA 318 -62.83 35.66 43.18
C VAL MA 318 -64.32 35.17 43.46
N TYR MA 319 -65.31 36.10 43.40
CA TYR MA 319 -66.63 35.75 43.77
C TYR MA 319 -67.19 34.81 42.75
N ALA MA 320 -66.86 35.19 41.56
CA ALA MA 320 -67.36 34.55 40.33
C ALA MA 320 -66.73 33.20 40.19
N GLN MA 321 -65.45 33.07 40.57
CA GLN MA 321 -64.66 31.82 40.59
C GLN MA 321 -65.32 30.79 41.46
N LEU MA 322 -65.77 31.25 42.67
CA LEU MA 322 -66.54 30.47 43.68
C LEU MA 322 -67.91 30.08 43.21
N LEU MA 323 -68.57 30.98 42.47
CA LEU MA 323 -69.94 30.74 41.95
C LEU MA 323 -69.93 29.81 40.76
N GLU MA 324 -68.79 29.55 40.07
CA GLU MA 324 -68.68 28.47 39.16
C GLU MA 324 -68.72 27.13 39.81
N SER MA 325 -68.05 27.07 40.97
CA SER MA 325 -67.88 25.90 41.70
C SER MA 325 -69.05 25.47 42.48
N TYR MA 326 -70.06 26.38 42.70
CA TYR MA 326 -71.08 26.07 43.70
C TYR MA 326 -72.36 26.56 43.10
N LYS MA 327 -73.42 25.74 43.15
CA LYS MA 327 -74.77 26.12 42.76
C LYS MA 327 -75.59 26.70 43.94
N THR MA 328 -75.10 26.45 45.18
CA THR MA 328 -75.65 27.07 46.41
C THR MA 328 -74.55 27.30 47.38
N LEU MA 329 -74.54 28.43 48.10
CA LEU MA 329 -73.71 28.80 49.18
C LEU MA 329 -74.63 29.55 50.13
N SER MA 330 -74.23 29.80 51.35
CA SER MA 330 -74.97 30.59 52.30
C SER MA 330 -74.12 31.88 52.40
N LEU MA 331 -74.83 32.84 52.84
CA LEU MA 331 -74.28 34.14 53.05
C LEU MA 331 -73.18 34.09 54.07
N LYS MA 332 -73.46 33.36 55.24
CA LYS MA 332 -72.58 33.11 56.39
C LYS MA 332 -71.28 32.45 56.03
N SER MA 333 -71.36 31.33 55.29
CA SER MA 333 -70.15 30.62 54.92
C SER MA 333 -69.29 31.39 54.02
N MET MA 334 -69.94 32.00 53.05
CA MET MA 334 -69.25 32.85 52.06
C MET MA 334 -68.65 34.08 52.60
N ALA MA 335 -69.35 34.73 53.58
CA ALA MA 335 -68.96 36.01 54.11
C ALA MA 335 -67.71 35.70 54.92
N SER MA 336 -67.76 34.67 55.80
CA SER MA 336 -66.72 34.25 56.85
C SER MA 336 -65.41 33.97 56.17
N ALA MA 337 -65.49 33.33 54.98
CA ALA MA 337 -64.29 32.94 54.25
C ALA MA 337 -63.70 34.19 53.67
N PHE MA 338 -64.49 35.14 53.20
CA PHE MA 338 -64.00 36.34 52.58
C PHE MA 338 -63.47 37.34 53.65
N GLY MA 339 -63.99 37.22 54.90
CA GLY MA 339 -63.41 38.07 56.02
C GLY MA 339 -64.17 39.36 56.07
N VAL MA 340 -65.47 39.33 55.66
CA VAL MA 340 -66.44 40.41 55.65
C VAL MA 340 -67.55 39.75 56.33
N SER MA 341 -68.59 40.50 56.72
CA SER MA 341 -69.79 39.91 57.35
C SER MA 341 -70.76 39.84 56.32
N VAL MA 342 -72.00 39.41 56.67
CA VAL MA 342 -73.13 39.22 55.73
C VAL MA 342 -73.64 40.55 55.14
N ALA MA 343 -73.77 41.67 55.93
CA ALA MA 343 -74.28 42.95 55.55
C ALA MA 343 -73.29 43.49 54.53
N PHE MA 344 -71.98 43.38 54.85
CA PHE MA 344 -70.83 43.90 54.16
C PHE MA 344 -70.83 43.15 52.84
N LEU MA 345 -71.20 41.84 52.85
CA LEU MA 345 -71.24 41.00 51.63
C LEU MA 345 -72.29 41.48 50.75
N ASP MA 346 -73.45 41.96 51.33
CA ASP MA 346 -74.59 42.25 50.48
C ASP MA 346 -74.22 43.37 49.53
N ASN MA 347 -73.64 44.44 50.07
CA ASN MA 347 -73.45 45.68 49.37
C ASN MA 347 -72.42 45.60 48.21
N ASP MA 348 -71.26 44.91 48.50
CA ASP MA 348 -70.24 44.59 47.54
C ASP MA 348 -70.80 43.71 46.32
N LEU MA 349 -71.57 42.69 46.61
CA LEU MA 349 -72.30 41.94 45.55
C LEU MA 349 -73.33 42.83 44.84
N GLY MA 350 -73.87 43.88 45.55
CA GLY MA 350 -74.97 44.67 45.06
C GLY MA 350 -74.51 45.69 44.01
N LYS MA 351 -73.20 45.81 43.77
CA LYS MA 351 -72.66 46.61 42.69
C LYS MA 351 -72.32 45.63 41.53
N PHE MA 352 -71.73 44.54 41.93
CA PHE MA 352 -71.09 43.65 41.01
C PHE MA 352 -72.03 42.78 40.16
N ILE MA 353 -73.22 42.53 40.70
CA ILE MA 353 -74.23 41.86 39.94
C ILE MA 353 -74.82 42.78 38.84
N PRO MA 354 -75.08 44.10 38.97
CA PRO MA 354 -75.41 45.00 37.90
C PRO MA 354 -74.21 45.35 37.07
N ASN MA 355 -72.97 44.84 37.28
CA ASN MA 355 -71.93 45.11 36.35
C ASN MA 355 -71.80 43.94 35.45
N LYS MA 356 -72.65 42.91 35.60
CA LYS MA 356 -72.82 41.80 34.70
C LYS MA 356 -71.55 40.94 34.65
N GLN MA 357 -71.24 40.28 35.82
CA GLN MA 357 -70.07 39.48 35.89
C GLN MA 357 -70.27 38.26 36.75
N LEU MA 358 -71.24 38.27 37.69
CA LEU MA 358 -71.29 37.20 38.68
C LEU MA 358 -72.60 36.45 38.58
N ASN MA 359 -73.69 37.05 38.09
CA ASN MA 359 -74.88 36.34 37.61
C ASN MA 359 -75.37 35.37 38.59
N CYS MA 360 -75.87 35.91 39.70
CA CYS MA 360 -76.25 35.13 40.86
C CYS MA 360 -77.33 35.95 41.45
N VAL MA 361 -77.97 35.36 42.51
CA VAL MA 361 -78.98 35.99 43.33
C VAL MA 361 -78.57 35.94 44.75
N ILE MA 362 -79.37 36.58 45.59
CA ILE MA 362 -79.12 36.65 47.02
C ILE MA 362 -80.48 36.43 47.57
N ASP MA 363 -80.76 35.69 48.67
CA ASP MA 363 -82.04 35.54 49.38
C ASP MA 363 -81.60 36.14 50.66
N ARG MA 364 -82.53 36.82 51.37
CA ARG MA 364 -82.28 37.29 52.71
C ARG MA 364 -83.11 36.54 53.70
N VAL MA 365 -84.24 36.02 53.17
CA VAL MA 365 -85.27 35.31 53.76
C VAL MA 365 -84.74 33.95 54.15
N ASN MA 366 -84.15 33.21 53.17
CA ASN MA 366 -83.66 31.90 53.36
C ASN MA 366 -82.16 31.97 53.59
N GLY MA 367 -81.51 33.05 53.11
CA GLY MA 367 -80.13 33.43 53.37
C GLY MA 367 -79.11 32.66 52.53
N ILE MA 368 -79.52 32.06 51.42
CA ILE MA 368 -78.67 31.29 50.52
C ILE MA 368 -78.51 32.22 49.32
N VAL MA 369 -77.31 32.09 48.66
CA VAL MA 369 -76.88 32.77 47.51
C VAL MA 369 -76.89 31.55 46.56
N GLU MA 370 -77.77 31.64 45.53
CA GLU MA 370 -77.93 30.58 44.53
C GLU MA 370 -77.16 31.20 43.26
N THR MA 371 -76.91 30.34 42.31
CA THR MA 371 -76.14 30.72 41.14
C THR MA 371 -77.01 30.51 40.01
N ASN MA 372 -77.06 31.51 39.12
CA ASN MA 372 -78.00 31.64 38.04
C ASN MA 372 -77.05 31.98 36.86
N ARG MA 373 -76.11 30.99 36.52
CA ARG MA 373 -75.11 31.29 35.45
C ARG MA 373 -75.30 30.08 34.52
N PRO MA 374 -75.84 30.27 33.35
CA PRO MA 374 -76.04 29.22 32.35
C PRO MA 374 -74.73 28.95 31.67
N ASP MA 375 -74.67 27.80 31.05
CA ASP MA 375 -73.41 27.36 30.44
C ASP MA 375 -73.79 26.51 29.27
N ASN MA 376 -75.13 26.37 29.09
CA ASN MA 376 -75.69 25.38 28.27
C ASN MA 376 -76.33 26.05 27.09
N LYS MA 377 -77.38 25.56 26.43
CA LYS MA 377 -77.89 26.03 25.20
C LYS MA 377 -78.37 27.45 25.26
N ASN MA 378 -78.84 27.93 26.42
CA ASN MA 378 -79.24 29.29 26.65
C ASN MA 378 -78.08 30.31 26.46
N ALA MA 379 -76.86 30.07 26.97
CA ALA MA 379 -75.64 30.88 26.85
C ALA MA 379 -75.21 30.95 25.37
N GLN MA 380 -75.31 29.80 24.65
CA GLN MA 380 -74.86 29.70 23.29
C GLN MA 380 -75.62 30.59 22.29
N TYR MA 381 -76.92 30.49 22.53
CA TYR MA 381 -77.93 31.26 21.89
C TYR MA 381 -77.89 32.77 22.13
N HIS MA 382 -77.62 33.23 23.37
CA HIS MA 382 -77.56 34.65 23.66
C HIS MA 382 -76.46 35.20 22.90
N LEU MA 383 -75.26 34.57 22.90
CA LEU MA 383 -74.12 35.13 22.26
C LEU MA 383 -74.18 35.15 20.78
N LEU MA 384 -74.71 34.14 20.11
CA LEU MA 384 -74.59 33.91 18.67
C LEU MA 384 -75.53 34.83 17.99
N VAL MA 385 -76.75 35.01 18.60
CA VAL MA 385 -77.80 35.74 17.96
C VAL MA 385 -77.29 37.22 17.78
N LYS MA 386 -76.56 37.85 18.78
CA LYS MA 386 -76.09 39.23 18.78
C LYS MA 386 -75.20 39.61 17.58
N GLN MA 387 -74.28 38.74 17.26
CA GLN MA 387 -73.27 38.81 16.19
C GLN MA 387 -73.93 38.75 14.79
N GLY MA 388 -74.92 37.82 14.58
CA GLY MA 388 -75.69 37.69 13.39
C GLY MA 388 -76.67 38.91 13.23
N ASP MA 389 -77.05 39.61 14.36
CA ASP MA 389 -77.88 40.78 14.31
C ASP MA 389 -76.99 41.85 13.79
N GLY MA 390 -75.66 41.86 14.14
CA GLY MA 390 -74.54 42.76 13.82
C GLY MA 390 -74.22 42.57 12.34
N LEU MA 391 -74.44 41.40 11.70
CA LEU MA 391 -74.24 41.25 10.30
C LEU MA 391 -75.35 41.87 9.49
N LEU MA 392 -76.56 41.73 10.01
CA LEU MA 392 -77.71 42.31 9.41
C LEU MA 392 -77.69 43.78 9.39
N THR MA 393 -77.23 44.41 10.49
CA THR MA 393 -77.05 45.85 10.65
C THR MA 393 -76.13 46.40 9.66
N LYS MA 394 -74.95 45.78 9.38
CA LYS MA 394 -74.02 46.30 8.32
C LYS MA 394 -74.62 46.16 6.96
N LEU MA 395 -75.35 45.01 6.74
CA LEU MA 395 -75.91 44.74 5.46
C LEU MA 395 -76.96 45.79 5.05
N GLN MA 396 -77.86 46.17 5.99
CA GLN MA 396 -78.85 47.23 5.73
C GLN MA 396 -78.10 48.49 5.39
N LYS MA 397 -77.08 48.78 6.20
CA LYS MA 397 -76.41 50.11 6.18
C LYS MA 397 -75.63 50.43 4.91
N TYR MA 398 -74.90 49.37 4.46
CA TYR MA 398 -73.97 49.37 3.40
C TYR MA 398 -74.73 49.29 2.09
N GLY MA 399 -75.82 48.48 1.99
CA GLY MA 399 -76.69 48.39 0.87
C GLY MA 399 -77.38 49.68 0.58
N ALA MA 400 -77.97 50.37 1.62
CA ALA MA 400 -78.79 51.56 1.51
C ALA MA 400 -78.15 52.75 0.86
N ALA MA 401 -76.87 53.09 1.10
CA ALA MA 401 -76.24 54.20 0.45
C ALA MA 401 -75.99 54.04 -1.01
N VAL MA 402 -75.59 52.83 -1.47
CA VAL MA 402 -75.29 52.54 -2.90
C VAL MA 402 -76.49 52.62 -3.77
N ARG MA 403 -77.65 52.05 -3.28
CA ARG MA 403 -78.93 52.21 -3.96
C ARG MA 403 -79.35 53.63 -4.07
N LEU MA 404 -79.21 54.45 -3.02
CA LEU MA 404 -79.74 55.77 -2.84
C LEU MA 404 -79.21 56.69 -3.95
N THR MA 405 -77.89 56.56 -4.24
CA THR MA 405 -77.21 57.54 -5.16
C THR MA 405 -77.79 57.36 -6.60
N MET NA 1 -88.37 -27.27 -4.85
CA MET NA 1 -88.50 -25.95 -5.50
C MET NA 1 -87.42 -25.01 -4.99
N SER NA 2 -87.85 -23.77 -4.56
CA SER NA 2 -86.92 -22.69 -4.19
C SER NA 2 -87.72 -21.87 -3.22
N LEU NA 3 -87.02 -21.16 -2.32
CA LEU NA 3 -87.54 -20.47 -1.17
C LEU NA 3 -87.17 -19.01 -1.21
N GLN NA 4 -86.01 -18.70 -1.90
CA GLN NA 4 -85.43 -17.43 -1.93
C GLN NA 4 -85.80 -16.83 -3.26
N HIS NA 5 -86.46 -15.60 -3.29
CA HIS NA 5 -87.10 -15.09 -4.43
C HIS NA 5 -87.78 -13.76 -3.93
N GLU NA 6 -87.30 -13.20 -2.77
CA GLU NA 6 -87.86 -12.16 -1.89
C GLU NA 6 -88.01 -10.83 -2.62
N LYS NA 7 -87.15 -10.37 -3.50
CA LYS NA 7 -87.36 -9.08 -4.02
C LYS NA 7 -87.30 -9.37 -5.50
N VAL NA 8 -88.09 -8.57 -6.32
CA VAL NA 8 -88.19 -8.87 -7.73
C VAL NA 8 -87.69 -7.67 -8.39
N THR NA 9 -86.50 -7.75 -9.06
CA THR NA 9 -86.02 -6.70 -9.94
C THR NA 9 -86.53 -6.81 -11.35
N ILE NA 10 -87.00 -5.71 -11.96
CA ILE NA 10 -87.86 -5.66 -13.14
C ILE NA 10 -87.28 -4.74 -14.05
N ALA NA 11 -86.90 -5.19 -15.31
CA ALA NA 11 -86.19 -4.40 -16.29
C ALA NA 11 -87.25 -3.49 -16.87
N PRO NA 12 -86.98 -2.28 -17.37
CA PRO NA 12 -87.92 -1.43 -18.05
C PRO NA 12 -88.43 -1.99 -19.38
N LEU NA 13 -87.76 -2.96 -19.94
CA LEU NA 13 -88.19 -3.71 -21.10
C LEU NA 13 -89.50 -4.46 -20.83
N VAL NA 14 -89.55 -5.10 -19.62
CA VAL NA 14 -90.63 -6.00 -19.22
C VAL NA 14 -91.92 -5.26 -19.32
N LEU NA 15 -92.12 -4.00 -18.77
CA LEU NA 15 -93.41 -3.32 -18.64
C LEU NA 15 -93.89 -3.00 -20.06
N LEU NA 16 -92.94 -2.52 -20.97
CA LEU NA 16 -93.21 -2.16 -22.32
C LEU NA 16 -93.51 -3.25 -23.28
N SER NA 17 -92.91 -4.44 -23.17
CA SER NA 17 -93.07 -5.65 -23.99
C SER NA 17 -94.38 -6.33 -23.63
N ALA NA 18 -94.79 -6.43 -22.33
CA ALA NA 18 -96.11 -6.95 -21.91
C ALA NA 18 -97.20 -6.06 -22.50
N LEU NA 19 -96.97 -4.66 -22.53
CA LEU NA 19 -97.87 -3.67 -22.96
C LEU NA 19 -98.16 -3.91 -24.42
N ASP NA 20 -97.07 -4.18 -25.20
CA ASP NA 20 -97.07 -4.43 -26.63
C ASP NA 20 -97.82 -5.76 -26.94
N HIS NA 21 -97.62 -6.89 -26.19
CA HIS NA 21 -98.33 -8.15 -26.30
C HIS NA 21 -99.79 -8.05 -26.18
N TYR NA 22 -100.28 -7.14 -25.32
CA TYR NA 22 -101.68 -7.08 -25.12
C TYR NA 22 -102.44 -6.58 -26.34
N GLU NA 23 -101.76 -5.54 -26.96
CA GLU NA 23 -102.44 -4.68 -27.96
C GLU NA 23 -102.14 -5.17 -29.35
N ARG NA 24 -101.17 -6.13 -29.51
CA ARG NA 24 -100.77 -6.70 -30.81
C ARG NA 24 -101.41 -7.99 -31.06
N THR NA 25 -102.22 -8.51 -30.10
CA THR NA 25 -103.07 -9.71 -30.23
C THR NA 25 -104.54 -9.35 -30.35
N GLN NA 26 -104.84 -8.07 -30.09
CA GLN NA 26 -106.17 -7.50 -29.98
C GLN NA 26 -106.97 -8.29 -28.97
N THR NA 27 -106.34 -8.50 -27.78
CA THR NA 27 -107.01 -9.01 -26.57
C THR NA 27 -107.20 -7.78 -25.73
N LYS NA 28 -108.49 -7.39 -25.47
CA LYS NA 28 -108.75 -6.18 -24.83
C LYS NA 28 -109.95 -6.43 -24.01
N GLU NA 29 -110.30 -5.44 -23.12
CA GLU NA 29 -111.63 -5.29 -22.49
C GLU NA 29 -111.89 -6.49 -21.47
N ASN NA 30 -110.74 -7.05 -21.01
CA ASN NA 30 -110.52 -8.09 -20.08
C ASN NA 30 -110.61 -9.44 -20.78
N LYS NA 31 -110.09 -9.63 -22.04
CA LYS NA 31 -109.65 -10.86 -22.52
C LYS NA 31 -108.17 -10.86 -22.18
N ARG NA 32 -107.80 -11.81 -21.32
CA ARG NA 32 -106.45 -11.90 -20.76
C ARG NA 32 -105.61 -12.63 -21.69
N CYS NA 33 -104.24 -12.42 -21.56
CA CYS NA 33 -103.22 -13.14 -22.32
C CYS NA 33 -102.17 -13.56 -21.41
N VAL NA 34 -101.63 -14.73 -21.65
CA VAL NA 34 -100.65 -15.35 -20.73
C VAL NA 34 -99.48 -15.50 -21.64
N GLY NA 35 -98.31 -14.96 -21.16
CA GLY NA 35 -97.00 -15.16 -21.75
C GLY NA 35 -96.09 -15.51 -20.63
N VAL NA 36 -94.89 -16.03 -20.93
CA VAL NA 36 -93.88 -16.48 -19.97
C VAL NA 36 -93.02 -15.36 -19.72
N ILE NA 37 -92.31 -15.43 -18.53
CA ILE NA 37 -91.27 -14.53 -18.17
C ILE NA 37 -90.06 -15.42 -17.93
N LEU NA 38 -88.94 -14.96 -18.54
CA LEU NA 38 -87.70 -15.76 -18.48
C LEU NA 38 -86.72 -14.89 -17.82
N GLY NA 39 -85.76 -15.55 -17.14
CA GLY NA 39 -84.75 -14.77 -16.56
C GLY NA 39 -83.93 -15.73 -15.64
N ASP NA 40 -83.32 -15.17 -14.56
CA ASP NA 40 -82.57 -15.87 -13.53
C ASP NA 40 -83.37 -15.80 -12.28
N ALA NA 41 -83.00 -16.75 -11.43
CA ALA NA 41 -83.70 -17.22 -10.21
C ALA NA 41 -82.78 -18.15 -9.42
N ASN NA 42 -83.33 -18.53 -8.23
CA ASN NA 42 -82.81 -19.52 -7.29
C ASN NA 42 -82.14 -18.75 -6.19
N SER NA 43 -82.51 -17.46 -6.17
CA SER NA 43 -81.80 -16.50 -5.35
C SER NA 43 -82.79 -15.41 -5.08
N SER NA 44 -82.53 -14.62 -4.07
CA SER NA 44 -83.34 -13.57 -3.52
C SER NA 44 -83.72 -12.57 -4.57
N THR NA 45 -82.69 -12.07 -5.29
CA THR NA 45 -82.98 -11.14 -6.40
C THR NA 45 -83.42 -11.96 -7.64
N ILE NA 46 -84.66 -11.59 -8.14
CA ILE NA 46 -85.27 -12.24 -9.25
C ILE NA 46 -85.27 -11.14 -10.30
N ARG NA 47 -84.48 -11.35 -11.41
CA ARG NA 47 -84.37 -10.55 -12.62
C ARG NA 47 -85.29 -11.16 -13.65
N VAL NA 48 -86.26 -10.37 -14.17
CA VAL NA 48 -86.98 -10.71 -15.39
C VAL NA 48 -86.32 -9.94 -16.45
N THR NA 49 -85.70 -10.71 -17.40
CA THR NA 49 -84.79 -10.19 -18.43
C THR NA 49 -85.51 -9.99 -19.75
N ASN NA 50 -86.48 -10.86 -20.09
CA ASN NA 50 -87.17 -10.94 -21.36
C ASN NA 50 -88.54 -11.51 -21.01
N SER NA 51 -89.53 -11.31 -21.92
CA SER NA 51 -90.90 -11.74 -21.80
C SER NA 51 -91.48 -11.99 -23.12
N PHE NA 52 -92.35 -13.02 -23.35
CA PHE NA 52 -92.95 -13.23 -24.65
C PHE NA 52 -94.28 -13.93 -24.50
N ALA NA 53 -95.13 -13.60 -25.54
CA ALA NA 53 -96.51 -14.11 -25.54
C ALA NA 53 -96.41 -15.57 -25.80
N LEU NA 54 -97.47 -16.24 -25.28
CA LEU NA 54 -97.85 -17.57 -25.56
C LEU NA 54 -99.27 -17.52 -26.03
N PRO NA 55 -99.77 -18.61 -26.65
CA PRO NA 55 -101.16 -18.76 -27.07
C PRO NA 55 -101.98 -19.11 -25.79
N PHE NA 56 -103.20 -18.53 -25.70
CA PHE NA 56 -104.06 -18.64 -24.57
C PHE NA 56 -105.52 -18.46 -25.06
N GLU NA 57 -106.57 -19.04 -24.38
CA GLU NA 57 -107.93 -18.81 -24.78
C GLU NA 57 -108.73 -18.85 -23.52
N GLU NA 58 -109.87 -18.08 -23.47
CA GLU NA 58 -110.66 -17.86 -22.29
C GLU NA 58 -112.06 -17.89 -22.59
N ASP NA 59 -112.88 -18.26 -21.62
CA ASP NA 59 -114.31 -18.57 -21.73
C ASP NA 59 -114.99 -17.67 -20.78
N GLU NA 60 -116.19 -17.19 -21.11
CA GLU NA 60 -116.92 -16.28 -20.28
C GLU NA 60 -118.11 -17.01 -19.70
N LYS NA 61 -118.27 -18.35 -19.96
CA LYS NA 61 -119.44 -19.07 -19.45
C LYS NA 61 -119.10 -19.54 -18.03
N ASN NA 62 -117.98 -20.34 -17.90
CA ASN NA 62 -117.38 -20.58 -16.59
C ASN NA 62 -116.04 -20.03 -16.88
N SER NA 63 -115.44 -19.38 -15.89
CA SER NA 63 -114.18 -18.68 -16.04
C SER NA 63 -112.97 -19.56 -15.72
N ASP NA 64 -113.24 -20.88 -15.51
CA ASP NA 64 -112.18 -21.80 -15.06
C ASP NA 64 -112.05 -22.87 -16.08
N VAL NA 65 -112.09 -22.42 -17.34
CA VAL NA 65 -112.14 -23.06 -18.58
C VAL NA 65 -111.29 -22.10 -19.47
N TRP NA 66 -110.20 -22.67 -20.03
CA TRP NA 66 -109.16 -21.91 -20.65
C TRP NA 66 -108.34 -22.87 -21.51
N PHE NA 67 -107.44 -22.35 -22.39
CA PHE NA 67 -106.45 -23.17 -23.15
C PHE NA 67 -105.15 -22.46 -22.88
N LEU NA 68 -104.00 -23.22 -22.65
CA LEU NA 68 -102.70 -22.79 -22.54
C LEU NA 68 -102.04 -23.79 -23.50
N ASP NA 69 -101.00 -23.41 -24.38
CA ASP NA 69 -100.33 -24.28 -25.27
C ASP NA 69 -98.99 -24.58 -24.68
N HIS NA 70 -98.76 -25.82 -24.36
CA HIS NA 70 -97.48 -26.26 -23.87
C HIS NA 70 -96.38 -26.47 -24.92
N ASN NA 71 -96.79 -26.86 -26.16
CA ASN NA 71 -95.84 -27.17 -27.16
C ASN NA 71 -94.91 -25.97 -27.57
N TYR NA 72 -95.46 -24.77 -27.66
CA TYR NA 72 -94.78 -23.52 -27.94
C TYR NA 72 -93.81 -23.20 -26.89
N ILE NA 73 -94.10 -23.58 -25.63
CA ILE NA 73 -93.25 -23.27 -24.50
C ILE NA 73 -91.92 -23.95 -24.60
N GLU NA 74 -91.90 -25.24 -24.98
CA GLU NA 74 -90.79 -26.17 -25.21
C GLU NA 74 -89.87 -25.50 -26.27
N ASN NA 75 -90.44 -25.00 -27.40
CA ASN NA 75 -89.67 -24.44 -28.54
C ASN NA 75 -89.01 -23.12 -28.18
N MET NA 76 -89.73 -22.29 -27.41
CA MET NA 76 -89.20 -21.05 -26.95
C MET NA 76 -87.92 -21.17 -26.17
N ASN NA 77 -87.84 -22.16 -25.25
CA ASN NA 77 -86.76 -22.43 -24.31
C ASN NA 77 -85.52 -22.83 -25.02
N GLU NA 78 -85.69 -23.65 -26.08
CA GLU NA 78 -84.59 -24.15 -26.92
C GLU NA 78 -83.89 -23.01 -27.61
N MET NA 79 -84.74 -22.05 -28.18
CA MET NA 79 -84.28 -20.95 -29.09
C MET NA 79 -83.47 -19.87 -28.31
N CYS NA 80 -84.05 -19.56 -27.13
CA CYS NA 80 -83.62 -18.35 -26.40
C CYS NA 80 -82.43 -18.63 -25.52
N LYS NA 81 -82.08 -19.92 -25.26
CA LYS NA 81 -80.96 -20.38 -24.46
C LYS NA 81 -79.66 -19.92 -25.16
N LYS NA 82 -79.67 -19.99 -26.54
CA LYS NA 82 -78.62 -19.64 -27.39
C LYS NA 82 -78.59 -18.18 -27.38
N ILE NA 83 -79.69 -17.42 -27.51
CA ILE NA 83 -79.62 -15.98 -27.44
C ILE NA 83 -78.87 -15.46 -26.25
N ASN NA 84 -79.29 -15.93 -25.03
CA ASN NA 84 -78.60 -15.62 -23.79
C ASN NA 84 -78.81 -16.86 -22.94
N ALA NA 85 -77.70 -17.28 -22.23
CA ALA NA 85 -77.68 -18.38 -21.36
C ALA NA 85 -78.18 -17.92 -19.90
N LYS NA 86 -79.01 -16.79 -19.89
CA LYS NA 86 -79.37 -16.07 -18.71
C LYS NA 86 -80.92 -16.06 -18.69
N GLU NA 87 -81.61 -16.79 -19.57
CA GLU NA 87 -82.97 -16.91 -19.71
C GLU NA 87 -83.26 -18.35 -19.43
N LYS NA 88 -83.97 -18.64 -18.36
CA LYS NA 88 -84.46 -19.92 -18.06
C LYS NA 88 -85.86 -19.64 -17.56
N LEU NA 89 -86.72 -20.60 -17.25
CA LEU NA 89 -88.06 -20.39 -16.91
C LEU NA 89 -88.10 -19.82 -15.50
N ILE NA 90 -88.78 -18.65 -15.27
CA ILE NA 90 -88.79 -18.21 -13.84
C ILE NA 90 -90.23 -17.99 -13.48
N GLY NA 91 -91.21 -18.17 -14.39
CA GLY NA 91 -92.63 -18.07 -14.09
C GLY NA 91 -93.21 -17.55 -15.35
N TRP NA 92 -94.31 -16.74 -15.18
CA TRP NA 92 -95.23 -16.33 -16.22
C TRP NA 92 -95.86 -14.98 -15.92
N TYR NA 93 -96.11 -14.06 -16.90
CA TYR NA 93 -96.84 -12.84 -16.60
C TYR NA 93 -98.27 -13.09 -16.90
N HIS NA 94 -99.08 -12.35 -16.20
CA HIS NA 94 -100.48 -12.35 -16.37
C HIS NA 94 -100.68 -10.88 -16.63
N SER NA 95 -101.51 -10.57 -17.66
CA SER NA 95 -101.53 -9.26 -18.23
C SER NA 95 -102.41 -8.27 -17.46
N GLY NA 96 -103.25 -8.76 -16.53
CA GLY NA 96 -103.87 -7.82 -15.60
C GLY NA 96 -105.17 -7.28 -16.17
N PRO NA 97 -105.78 -6.09 -15.70
CA PRO NA 97 -105.20 -5.23 -14.74
C PRO NA 97 -105.33 -5.70 -13.30
N LYS NA 98 -105.92 -6.90 -13.07
CA LYS NA 98 -106.33 -7.37 -11.80
C LYS NA 98 -105.87 -8.83 -11.57
N LEU NA 99 -105.90 -9.31 -10.35
CA LEU NA 99 -105.50 -10.69 -9.99
C LEU NA 99 -106.77 -11.41 -10.03
N ARG NA 100 -106.80 -12.66 -10.52
CA ARG NA 100 -108.01 -13.38 -10.59
C ARG NA 100 -107.71 -14.52 -9.59
N ALA NA 101 -108.74 -15.35 -9.38
CA ALA NA 101 -108.71 -16.59 -8.57
C ALA NA 101 -108.59 -17.71 -9.52
N SER NA 102 -108.73 -17.38 -10.82
CA SER NA 102 -108.59 -18.32 -11.88
C SER NA 102 -107.12 -18.44 -12.20
N ASP NA 103 -106.29 -17.42 -11.81
CA ASP NA 103 -104.87 -17.41 -11.99
C ASP NA 103 -104.30 -18.30 -10.99
N LEU NA 104 -104.97 -18.67 -9.93
CA LEU NA 104 -104.56 -19.73 -9.02
C LEU NA 104 -104.42 -21.10 -9.67
N LYS NA 105 -105.43 -21.45 -10.57
CA LYS NA 105 -105.40 -22.73 -11.25
C LYS NA 105 -104.34 -22.73 -12.31
N ILE NA 106 -104.19 -21.62 -13.07
CA ILE NA 106 -103.26 -21.58 -14.21
C ILE NA 106 -101.85 -21.75 -13.79
N ASN NA 107 -101.50 -21.13 -12.61
CA ASN NA 107 -100.27 -21.30 -11.80
C ASN NA 107 -99.76 -22.75 -11.62
N GLU NA 108 -100.64 -23.85 -11.53
CA GLU NA 108 -100.26 -25.22 -11.26
C GLU NA 108 -99.56 -25.85 -12.42
N LEU NA 109 -99.64 -25.19 -13.60
CA LEU NA 109 -99.08 -25.61 -14.86
C LEU NA 109 -97.61 -25.24 -14.92
N PHE NA 110 -97.30 -24.00 -14.48
CA PHE NA 110 -96.05 -23.31 -14.41
C PHE NA 110 -95.28 -23.80 -13.24
N LYS NA 111 -95.91 -24.31 -12.19
CA LYS NA 111 -95.31 -24.91 -11.07
C LYS NA 111 -94.80 -26.22 -11.50
N LYS NA 112 -95.53 -26.97 -12.31
CA LYS NA 112 -94.97 -28.22 -12.90
C LYS NA 112 -93.74 -28.02 -13.85
N TYR NA 113 -93.84 -27.03 -14.78
CA TYR NA 113 -92.80 -26.72 -15.78
C TYR NA 113 -91.49 -26.37 -15.17
N THR NA 114 -91.49 -25.59 -14.05
CA THR NA 114 -90.20 -25.19 -13.53
C THR NA 114 -90.12 -25.36 -12.06
N GLN NA 115 -89.03 -25.97 -11.58
CA GLN NA 115 -88.70 -26.21 -10.23
C GLN NA 115 -88.10 -24.95 -9.65
N ASN NA 116 -89.06 -24.06 -9.36
CA ASN NA 116 -88.94 -23.00 -8.35
C ASN NA 116 -90.42 -22.69 -8.11
N ASN NA 117 -90.88 -22.01 -6.99
CA ASN NA 117 -92.25 -21.46 -7.00
C ASN NA 117 -92.25 -20.40 -8.13
N PRO NA 118 -93.18 -20.38 -9.03
CA PRO NA 118 -93.11 -19.54 -10.21
C PRO NA 118 -93.66 -18.19 -9.87
N LEU NA 119 -92.97 -17.10 -10.41
CA LEU NA 119 -93.42 -15.73 -10.27
C LEU NA 119 -94.64 -15.55 -11.10
N LEU NA 120 -95.73 -14.89 -10.56
CA LEU NA 120 -96.82 -14.31 -11.25
C LEU NA 120 -96.49 -12.87 -11.28
N LEU NA 121 -96.54 -12.24 -12.47
CA LEU NA 121 -96.20 -10.87 -12.65
C LEU NA 121 -97.36 -10.27 -13.21
N ILE NA 122 -98.00 -9.35 -12.41
CA ILE NA 122 -99.05 -8.50 -13.01
C ILE NA 122 -98.48 -7.27 -13.60
N VAL NA 123 -98.72 -7.07 -14.99
CA VAL NA 123 -98.36 -5.90 -15.70
C VAL NA 123 -99.64 -5.20 -16.02
N ASP NA 124 -99.79 -4.02 -15.33
CA ASP NA 124 -100.96 -3.20 -15.39
C ASP NA 124 -100.66 -2.37 -16.65
N VAL NA 125 -101.53 -2.61 -17.72
CA VAL NA 125 -101.41 -2.03 -19.06
C VAL NA 125 -102.52 -1.13 -19.40
N LYS NA 126 -103.42 -0.93 -18.40
CA LYS NA 126 -104.63 -0.18 -18.37
C LYS NA 126 -104.46 0.88 -17.37
N GLN NA 127 -103.43 0.81 -16.47
CA GLN NA 127 -102.90 1.90 -15.62
C GLN NA 127 -103.93 2.83 -14.93
N GLN NA 128 -104.75 2.25 -14.07
CA GLN NA 128 -105.80 2.94 -13.43
C GLN NA 128 -105.28 3.18 -11.99
N GLY NA 129 -104.14 2.55 -11.57
CA GLY NA 129 -103.50 2.76 -10.31
C GLY NA 129 -102.39 3.71 -10.62
N VAL NA 130 -102.17 4.72 -9.82
CA VAL NA 130 -101.21 5.77 -9.96
C VAL NA 130 -99.82 5.26 -9.58
N GLY NA 131 -99.76 4.40 -8.55
CA GLY NA 131 -98.57 3.57 -8.37
C GLY NA 131 -98.81 2.23 -8.93
N LEU NA 132 -98.01 1.27 -8.50
CA LEU NA 132 -97.91 -0.11 -8.88
C LEU NA 132 -98.23 -0.39 -10.34
N PRO NA 133 -97.43 -0.09 -11.30
CA PRO NA 133 -97.70 -0.65 -12.65
C PRO NA 133 -97.35 -2.09 -12.73
N THR NA 134 -96.48 -2.57 -11.90
CA THR NA 134 -96.03 -3.97 -11.81
C THR NA 134 -96.37 -4.39 -10.46
N ASP NA 135 -96.96 -5.63 -10.24
CA ASP NA 135 -97.13 -6.19 -8.95
C ASP NA 135 -96.48 -7.50 -9.11
N ALA NA 136 -95.78 -8.06 -8.09
CA ALA NA 136 -95.11 -9.34 -8.10
C ALA NA 136 -95.74 -10.17 -7.06
N TYR NA 137 -95.99 -11.44 -7.44
CA TYR NA 137 -96.72 -12.40 -6.65
C TYR NA 137 -96.12 -13.76 -6.88
N VAL NA 138 -95.86 -14.48 -5.81
CA VAL NA 138 -95.40 -15.84 -5.81
C VAL NA 138 -96.39 -16.61 -4.99
N ALA NA 139 -97.03 -17.60 -5.70
CA ALA NA 139 -97.93 -18.49 -5.02
C ALA NA 139 -97.24 -19.47 -4.04
N ILE NA 140 -97.72 -19.44 -2.83
CA ILE NA 140 -97.23 -20.30 -1.69
C ILE NA 140 -98.31 -20.88 -0.90
N GLU NA 141 -98.03 -21.84 -0.03
CA GLU NA 141 -99.03 -22.54 0.66
C GLU NA 141 -98.81 -22.30 2.07
N GLN NA 142 -99.88 -21.91 2.69
CA GLN NA 142 -99.79 -21.57 4.08
C GLN NA 142 -101.07 -21.89 4.77
N VAL NA 143 -101.04 -22.19 6.13
CA VAL NA 143 -102.25 -22.43 6.86
C VAL NA 143 -102.84 -21.10 7.24
N LYS NA 144 -104.24 -21.06 7.12
CA LYS NA 144 -104.99 -19.78 6.94
C LYS NA 144 -105.86 -19.53 8.08
N ASP NA 145 -105.92 -18.26 8.62
CA ASP NA 145 -106.66 -17.82 9.83
C ASP NA 145 -108.08 -18.30 9.83
N ASP NA 146 -108.69 -18.36 11.10
CA ASP NA 146 -110.11 -18.53 11.42
C ASP NA 146 -110.47 -19.98 11.40
N GLY NA 147 -109.47 -20.90 11.70
CA GLY NA 147 -109.58 -22.29 11.92
C GLY NA 147 -109.46 -23.02 10.61
N THR NA 148 -109.05 -22.36 9.48
CA THR NA 148 -109.21 -22.89 8.16
C THR NA 148 -108.04 -23.65 7.74
N SER NA 149 -108.17 -24.37 6.65
CA SER NA 149 -107.18 -25.30 6.01
C SER NA 149 -106.01 -24.58 5.48
N THR NA 150 -104.97 -25.42 5.07
CA THR NA 150 -103.86 -25.10 4.11
C THR NA 150 -104.45 -24.74 2.84
N GLU NA 151 -104.34 -23.42 2.52
CA GLU NA 151 -104.98 -22.91 1.34
C GLU NA 151 -103.86 -22.40 0.47
N LYS NA 152 -104.13 -22.42 -0.89
CA LYS NA 152 -103.21 -21.82 -1.90
C LYS NA 152 -103.52 -20.38 -1.97
N THR NA 153 -102.50 -19.49 -1.98
CA THR NA 153 -102.67 -18.07 -1.88
C THR NA 153 -101.53 -17.46 -2.72
N PHE NA 154 -101.60 -16.17 -3.03
CA PHE NA 154 -100.55 -15.42 -3.70
C PHE NA 154 -100.08 -14.40 -2.73
N LEU NA 155 -98.78 -14.36 -2.36
CA LEU NA 155 -98.26 -13.40 -1.42
C LEU NA 155 -97.47 -12.37 -2.17
N HIS NA 156 -97.77 -11.11 -2.01
CA HIS NA 156 -97.09 -9.99 -2.54
C HIS NA 156 -95.66 -9.87 -2.01
N LEU NA 157 -94.72 -9.42 -2.88
CA LEU NA 157 -93.34 -9.20 -2.54
C LEU NA 157 -93.12 -7.83 -3.12
N PRO NA 158 -91.93 -7.18 -2.86
CA PRO NA 158 -91.40 -6.08 -3.52
C PRO NA 158 -91.35 -6.32 -5.02
N CYS NA 159 -91.72 -5.36 -5.88
CA CYS NA 159 -91.96 -5.43 -7.29
C CYS NA 159 -91.07 -4.44 -8.09
N THR NA 160 -90.04 -3.95 -7.31
CA THR NA 160 -89.06 -2.99 -7.58
C THR NA 160 -88.63 -2.97 -9.02
N ILE NA 161 -88.21 -1.79 -9.45
CA ILE NA 161 -87.47 -1.52 -10.63
C ILE NA 161 -86.23 -0.96 -10.03
N GLU NA 162 -85.05 -1.37 -10.63
CA GLU NA 162 -83.69 -0.97 -10.39
C GLU NA 162 -82.98 -0.86 -11.72
N ALA NA 163 -83.50 -1.57 -12.79
CA ALA NA 163 -83.04 -1.51 -14.14
C ALA NA 163 -81.73 -2.17 -14.35
N GLU NA 164 -81.52 -2.54 -15.67
CA GLU NA 164 -80.22 -3.05 -16.13
C GLU NA 164 -79.47 -1.88 -16.64
N GLU NA 165 -78.08 -1.93 -16.85
CA GLU NA 165 -77.23 -0.89 -17.53
C GLU NA 165 -77.75 -0.62 -18.91
N ALA NA 166 -78.06 -1.76 -19.60
CA ALA NA 166 -78.47 -1.77 -20.98
C ALA NA 166 -79.70 -0.95 -21.17
N GLU NA 167 -80.61 -1.14 -20.19
CA GLU NA 167 -81.90 -0.56 -20.25
C GLU NA 167 -81.85 0.93 -20.01
N GLU NA 168 -80.87 1.42 -19.17
CA GLU NA 168 -80.88 2.75 -18.71
C GLU NA 168 -80.73 3.78 -19.74
N ILE NA 169 -79.91 3.42 -20.72
CA ILE NA 169 -79.49 4.21 -21.88
C ILE NA 169 -80.56 4.55 -22.83
N GLY NA 170 -81.49 3.56 -23.17
CA GLY NA 170 -82.65 3.85 -23.99
C GLY NA 170 -83.62 4.60 -23.14
N VAL NA 171 -83.76 4.38 -21.83
CA VAL NA 171 -84.86 4.97 -21.01
C VAL NA 171 -84.83 6.49 -20.86
N GLU NA 172 -83.61 7.04 -20.54
CA GLU NA 172 -83.26 8.46 -20.40
C GLU NA 172 -83.39 9.19 -21.78
N HIS NA 173 -83.06 8.47 -22.86
CA HIS NA 173 -82.98 9.02 -24.19
C HIS NA 173 -84.30 9.38 -24.73
N LEU NA 174 -85.32 8.46 -24.51
CA LEU NA 174 -86.63 8.61 -24.93
C LEU NA 174 -87.35 9.68 -24.15
N LEU NA 175 -86.84 9.83 -22.91
CA LEU NA 175 -87.32 10.75 -21.92
C LEU NA 175 -86.90 12.13 -22.38
N ARG NA 176 -87.82 13.05 -22.22
CA ARG NA 176 -87.77 14.44 -22.60
C ARG NA 176 -88.71 15.21 -21.84
N ASP NA 177 -89.30 14.53 -20.82
CA ASP NA 177 -90.17 15.09 -19.80
C ASP NA 177 -89.35 15.39 -18.56
N VAL NA 178 -89.91 16.23 -17.66
CA VAL NA 178 -89.18 16.52 -16.37
C VAL NA 178 -89.37 15.45 -15.29
N ARG NA 179 -90.00 14.29 -15.68
CA ARG NA 179 -90.17 13.10 -14.84
C ARG NA 179 -91.24 13.38 -13.76
N ASP NA 180 -92.08 12.32 -13.36
CA ASP NA 180 -93.06 12.26 -12.29
C ASP NA 180 -92.40 12.65 -11.04
N GLN NA 181 -91.25 12.03 -10.69
CA GLN NA 181 -90.48 12.41 -9.49
C GLN NA 181 -89.08 12.13 -9.82
N ALA NA 182 -88.09 12.94 -9.38
CA ALA NA 182 -86.68 12.73 -9.73
C ALA NA 182 -85.92 13.11 -8.51
N ALA NA 183 -86.43 14.10 -7.76
CA ALA NA 183 -85.91 14.53 -6.46
C ALA NA 183 -84.57 15.26 -6.66
N GLY NA 184 -84.48 16.19 -7.64
CA GLY NA 184 -83.32 17.03 -7.95
C GLY NA 184 -83.18 18.33 -7.17
N GLY NA 185 -83.64 19.49 -7.71
CA GLY NA 185 -83.74 20.74 -7.04
C GLY NA 185 -84.75 20.71 -5.93
N LEU NA 186 -84.87 21.89 -5.29
CA LEU NA 186 -85.81 22.17 -4.22
C LEU NA 186 -87.26 22.19 -4.68
N SER NA 187 -87.48 22.57 -5.97
CA SER NA 187 -88.76 22.73 -6.66
C SER NA 187 -89.47 21.39 -6.84
N ILE NA 188 -88.65 20.37 -7.17
CA ILE NA 188 -89.06 19.03 -7.32
C ILE NA 188 -89.43 18.42 -6.01
N ARG NA 189 -88.78 18.81 -4.91
CA ARG NA 189 -89.02 18.18 -3.65
C ARG NA 189 -90.08 18.84 -2.82
N LEU NA 190 -90.51 20.02 -3.27
CA LEU NA 190 -91.56 20.76 -2.64
C LEU NA 190 -92.94 20.39 -3.12
N THR NA 191 -92.89 20.00 -4.36
CA THR NA 191 -93.94 19.23 -5.07
C THR NA 191 -94.10 17.90 -4.46
N ASN NA 192 -92.93 17.22 -4.15
CA ASN NA 192 -92.90 15.86 -3.70
C ASN NA 192 -93.52 15.64 -2.31
N GLN NA 193 -93.26 16.64 -1.42
CA GLN NA 193 -93.72 16.62 -0.05
C GLN NA 193 -95.20 16.59 0.08
N LEU NA 194 -95.85 17.40 -0.77
CA LEU NA 194 -97.27 17.57 -0.89
C LEU NA 194 -97.86 16.39 -1.57
N LYS NA 195 -97.14 15.76 -2.58
CA LYS NA 195 -97.54 14.52 -3.23
C LYS NA 195 -97.61 13.32 -2.29
N SER NA 196 -96.63 13.19 -1.35
CA SER NA 196 -96.42 12.20 -0.33
C SER NA 196 -97.55 12.21 0.59
N LEU NA 197 -98.05 13.39 0.98
CA LEU NA 197 -99.10 13.55 1.98
C LEU NA 197 -100.37 12.97 1.40
N LYS NA 198 -100.54 13.18 0.02
CA LYS NA 198 -101.78 12.68 -0.62
C LYS NA 198 -101.70 11.23 -0.76
N GLY NA 199 -100.47 10.78 -0.83
CA GLY NA 199 -100.15 9.41 -0.93
C GLY NA 199 -100.52 8.58 0.28
N LEU NA 200 -100.12 9.07 1.52
CA LEU NA 200 -100.33 8.49 2.84
C LEU NA 200 -101.76 8.33 3.06
N GLN NA 201 -102.57 9.39 2.66
CA GLN NA 201 -104.04 9.43 2.93
C GLN NA 201 -104.73 8.36 2.08
N SER NA 202 -104.35 8.11 0.80
CA SER NA 202 -105.02 7.29 -0.13
C SER NA 202 -104.95 5.83 0.34
N LYS NA 203 -103.75 5.35 0.85
CA LYS NA 203 -103.59 4.00 1.32
C LYS NA 203 -104.51 3.82 2.50
N LEU NA 204 -104.60 4.81 3.41
CA LEU NA 204 -105.11 4.74 4.75
C LEU NA 204 -106.65 4.59 4.70
N LYS NA 205 -107.19 5.22 3.56
CA LYS NA 205 -108.62 5.28 3.22
C LYS NA 205 -109.22 3.94 2.93
N ASP NA 206 -108.42 3.13 2.22
CA ASP NA 206 -108.88 1.80 1.86
C ASP NA 206 -109.03 0.92 3.11
N VAL NA 207 -108.18 1.12 4.09
CA VAL NA 207 -108.10 0.47 5.36
C VAL NA 207 -109.26 0.78 6.20
N VAL NA 208 -109.72 2.03 6.20
CA VAL NA 208 -110.96 2.48 6.91
C VAL NA 208 -112.10 1.68 6.45
N GLU NA 209 -112.23 1.52 5.11
CA GLU NA 209 -113.39 0.89 4.51
C GLU NA 209 -113.32 -0.66 4.77
N TYR NA 210 -112.06 -1.28 4.99
CA TYR NA 210 -111.89 -2.71 5.23
C TYR NA 210 -112.46 -2.96 6.60
N LEU NA 211 -112.10 -2.08 7.63
CA LEU NA 211 -112.54 -2.37 8.94
C LEU NA 211 -114.03 -2.23 9.11
N ASP NA 212 -114.66 -1.35 8.33
CA ASP NA 212 -116.05 -1.09 8.30
C ASP NA 212 -116.79 -2.22 7.84
N LYS NA 213 -116.23 -2.93 6.83
CA LYS NA 213 -116.83 -4.09 6.16
C LYS NA 213 -116.76 -5.46 6.79
N VAL NA 214 -115.88 -5.60 7.80
CA VAL NA 214 -115.76 -6.74 8.59
C VAL NA 214 -116.99 -6.80 9.57
N ILE NA 215 -117.44 -5.64 10.05
CA ILE NA 215 -118.34 -5.56 11.14
C ILE NA 215 -119.74 -5.18 10.66
N ASN NA 216 -119.89 -5.04 9.30
CA ASN NA 216 -121.11 -4.57 8.68
C ASN NA 216 -121.45 -5.39 7.47
N LYS NA 217 -120.46 -6.04 6.81
CA LYS NA 217 -120.76 -6.59 5.50
C LYS NA 217 -120.02 -7.89 5.34
N GLU NA 218 -119.54 -8.43 6.47
CA GLU NA 218 -119.15 -9.77 6.79
C GLU NA 218 -118.12 -10.33 5.77
N LEU NA 219 -116.96 -9.56 5.58
CA LEU NA 219 -115.81 -10.13 4.85
C LEU NA 219 -115.02 -10.80 5.97
N PRO NA 220 -114.23 -11.88 5.68
CA PRO NA 220 -113.69 -12.65 6.75
C PRO NA 220 -112.50 -11.97 7.29
N ILE NA 221 -112.40 -12.15 8.63
CA ILE NA 221 -111.48 -11.53 9.51
C ILE NA 221 -110.11 -12.12 9.33
N ASN NA 222 -109.16 -11.31 8.85
CA ASN NA 222 -107.82 -11.72 8.51
C ASN NA 222 -107.00 -10.90 9.52
N HIS NA 223 -106.31 -11.64 10.51
CA HIS NA 223 -105.66 -11.10 11.68
C HIS NA 223 -104.23 -10.49 11.38
N THR NA 224 -103.74 -10.69 10.14
CA THR NA 224 -102.51 -10.17 9.68
C THR NA 224 -102.59 -8.64 9.45
N ILE NA 225 -103.70 -8.23 8.85
CA ILE NA 225 -104.02 -6.84 8.54
C ILE NA 225 -104.36 -6.14 9.89
N LEU NA 226 -105.02 -6.87 10.84
CA LEU NA 226 -105.30 -6.24 12.14
C LEU NA 226 -104.07 -6.11 12.96
N GLY NA 227 -103.17 -7.08 12.87
CA GLY NA 227 -101.94 -7.07 13.58
C GLY NA 227 -100.94 -6.07 13.26
N LYS NA 228 -100.89 -5.64 11.90
CA LYS NA 228 -99.99 -4.67 11.28
C LYS NA 228 -100.39 -3.31 11.84
N LEU NA 229 -101.72 -3.11 12.08
CA LEU NA 229 -102.21 -1.85 12.61
C LEU NA 229 -101.84 -1.60 14.03
N GLN NA 230 -101.68 -2.70 14.79
CA GLN NA 230 -101.15 -2.64 16.14
C GLN NA 230 -99.81 -2.11 16.25
N ASP NA 231 -98.93 -2.57 15.33
CA ASP NA 231 -97.56 -2.19 15.11
C ASP NA 231 -97.28 -0.77 14.65
N VAL NA 232 -98.12 -0.28 13.70
CA VAL NA 232 -98.41 1.13 13.35
C VAL NA 232 -98.70 2.03 14.48
N PHE NA 233 -99.59 1.59 15.42
CA PHE NA 233 -99.94 2.41 16.56
C PHE NA 233 -98.82 2.42 17.66
N ASN NA 234 -97.89 1.37 17.64
CA ASN NA 234 -96.83 1.35 18.64
C ASN NA 234 -95.56 2.04 18.21
N LEU NA 235 -95.57 2.55 16.95
CA LEU NA 235 -94.48 3.32 16.44
C LEU NA 235 -95.00 4.69 16.12
N LEU NA 236 -96.07 5.05 16.81
CA LEU NA 236 -96.65 6.35 16.64
C LEU NA 236 -96.06 7.21 17.73
N PRO NA 237 -95.38 8.28 17.35
CA PRO NA 237 -94.82 9.20 18.24
C PRO NA 237 -95.94 9.83 19.10
N ASN NA 238 -95.69 9.93 20.44
CA ASN NA 238 -96.63 10.51 21.42
C ASN NA 238 -96.08 11.84 21.86
N LEU NA 239 -96.88 12.94 21.82
CA LEU NA 239 -96.39 14.31 22.19
C LEU NA 239 -96.19 14.27 23.69
N GLY NA 240 -95.19 15.11 24.23
CA GLY NA 240 -94.96 15.15 25.64
C GLY NA 240 -94.12 13.97 26.12
N THR NA 241 -93.54 13.18 25.13
CA THR NA 241 -92.54 12.19 25.52
C THR NA 241 -91.19 12.82 25.28
N PRO NA 242 -90.04 12.28 25.74
CA PRO NA 242 -88.76 12.92 25.43
C PRO NA 242 -88.32 12.88 24.00
N ASP NA 243 -88.84 11.90 23.23
CA ASP NA 243 -88.54 11.75 21.84
C ASP NA 243 -89.08 12.94 21.01
N ASP NA 244 -90.35 13.30 21.30
CA ASP NA 244 -91.08 14.38 20.60
C ASP NA 244 -90.59 15.74 21.01
N ASP NA 245 -90.38 15.91 22.29
CA ASP NA 245 -89.87 17.14 22.73
C ASP NA 245 -88.55 17.50 22.03
N GLU NA 246 -87.69 16.47 21.76
CA GLU NA 246 -86.37 16.72 21.11
C GLU NA 246 -86.48 17.34 19.74
N ILE NA 247 -87.55 17.04 18.94
CA ILE NA 247 -87.86 17.39 17.58
C ILE NA 247 -88.02 18.82 17.47
N ASP NA 248 -88.72 19.42 18.47
CA ASP NA 248 -88.91 20.79 18.61
C ASP NA 248 -87.67 21.63 18.78
N VAL NA 249 -86.73 21.20 19.63
CA VAL NA 249 -85.42 21.83 19.87
C VAL NA 249 -84.49 21.84 18.67
N GLU NA 250 -84.50 20.70 17.94
CA GLU NA 250 -83.73 20.48 16.77
C GLU NA 250 -84.21 21.38 15.72
N ASN NA 251 -85.54 21.75 15.64
CA ASN NA 251 -86.11 22.64 14.61
C ASN NA 251 -85.51 24.02 14.84
N HIS NA 252 -85.29 24.46 16.07
CA HIS NA 252 -84.71 25.75 16.30
C HIS NA 252 -83.28 25.79 15.77
N ASP NA 253 -82.49 24.74 15.94
CA ASP NA 253 -81.17 24.63 15.62
C ASP NA 253 -80.88 24.55 14.15
N ARG NA 254 -81.73 23.82 13.39
CA ARG NA 254 -81.60 23.79 11.95
C ARG NA 254 -81.98 25.11 11.32
N ILE NA 255 -82.93 25.84 11.92
CA ILE NA 255 -83.43 27.13 11.43
C ILE NA 255 -82.42 28.26 11.74
N ASN NA 256 -81.55 28.10 12.75
CA ASN NA 256 -80.42 28.93 13.03
C ASN NA 256 -79.40 28.81 12.00
N ILE NA 257 -79.17 27.57 11.45
CA ILE NA 257 -78.22 27.33 10.40
C ILE NA 257 -78.79 27.97 9.12
N SER NA 258 -80.08 28.01 8.89
CA SER NA 258 -80.73 28.59 7.72
C SER NA 258 -80.80 30.04 7.68
N ASN NA 259 -80.90 30.66 8.81
CA ASN NA 259 -80.99 32.07 9.09
C ASN NA 259 -79.62 32.66 8.59
N ASN NA 260 -78.55 31.96 9.01
CA ASN NA 260 -77.21 32.41 8.70
C ASN NA 260 -76.90 32.24 7.28
N LEU NA 261 -77.33 31.16 6.66
CA LEU NA 261 -77.13 30.80 5.27
C LEU NA 261 -77.80 31.80 4.42
N GLN NA 262 -79.01 32.37 4.69
CA GLN NA 262 -79.74 33.34 3.93
C GLN NA 262 -79.02 34.65 3.95
N LYS NA 263 -78.46 35.06 5.14
CA LYS NA 263 -77.59 36.21 5.30
C LYS NA 263 -76.24 36.13 4.59
N ALA NA 264 -75.69 34.98 4.41
CA ALA NA 264 -74.42 34.70 3.76
C ALA NA 264 -74.63 34.80 2.27
N LEU NA 265 -75.89 34.75 1.74
CA LEU NA 265 -76.12 35.09 0.35
C LEU NA 265 -76.36 36.51 0.03
N THR NA 266 -76.75 37.32 1.09
CA THR NA 266 -76.88 38.75 0.93
C THR NA 266 -75.54 39.41 0.67
N VAL NA 267 -74.56 38.76 1.22
CA VAL NA 267 -73.19 39.16 1.04
C VAL NA 267 -72.82 38.98 -0.42
N LYS NA 268 -73.31 37.91 -1.10
CA LYS NA 268 -72.93 37.54 -2.49
C LYS NA 268 -73.53 38.52 -3.48
N THR NA 269 -74.80 38.91 -3.18
CA THR NA 269 -75.58 39.88 -3.85
C THR NA 269 -75.15 41.25 -3.81
N ASN NA 270 -74.60 41.60 -2.60
CA ASN NA 270 -74.12 42.92 -2.20
C ASN NA 270 -72.85 43.20 -2.99
N ASP NA 271 -71.97 42.16 -3.23
CA ASP NA 271 -70.79 42.17 -4.13
C ASP NA 271 -71.19 42.53 -5.51
N GLU NA 272 -72.23 41.86 -6.10
CA GLU NA 272 -72.80 42.16 -7.41
C GLU NA 272 -73.27 43.60 -7.60
N LEU NA 273 -73.97 44.23 -6.62
CA LEU NA 273 -74.62 45.50 -6.67
C LEU NA 273 -73.58 46.52 -6.89
N MET NA 274 -72.45 46.33 -6.12
CA MET NA 274 -71.36 47.23 -6.19
C MET NA 274 -70.68 47.10 -7.50
N VAL NA 275 -70.53 45.83 -8.00
CA VAL NA 275 -69.79 45.59 -9.36
C VAL NA 275 -70.69 46.23 -10.51
N ILE NA 276 -72.00 46.24 -10.45
CA ILE NA 276 -72.84 46.84 -11.43
C ILE NA 276 -72.82 48.39 -11.31
N TYR NA 277 -72.81 48.97 -10.08
CA TYR NA 277 -72.78 50.36 -9.92
C TYR NA 277 -71.39 50.88 -10.35
N ILE NA 278 -70.34 50.01 -10.24
CA ILE NA 278 -69.02 50.34 -10.85
C ILE NA 278 -69.10 50.33 -12.32
N SER NA 279 -69.83 49.35 -12.96
CA SER NA 279 -69.93 49.18 -14.45
C SER NA 279 -70.59 50.36 -15.18
N ASN NA 280 -71.64 50.81 -14.53
CA ASN NA 280 -72.49 51.89 -14.92
C ASN NA 280 -71.61 53.17 -14.94
N LEU NA 281 -70.70 53.34 -14.00
CA LEU NA 281 -69.75 54.39 -13.78
C LEU NA 281 -68.75 54.48 -14.90
N VAL NA 282 -68.30 53.29 -15.43
CA VAL NA 282 -67.50 53.26 -16.61
C VAL NA 282 -68.17 53.58 -17.87
N ARG NA 283 -69.48 53.21 -18.09
CA ARG NA 283 -70.26 53.53 -19.23
C ARG NA 283 -70.49 55.03 -19.35
N SER NA 284 -70.61 55.68 -18.21
CA SER NA 284 -70.64 57.13 -18.14
C SER NA 284 -69.47 57.85 -18.67
N ILE NA 285 -68.26 57.41 -18.30
CA ILE NA 285 -66.98 57.97 -18.76
C ILE NA 285 -66.77 57.87 -20.28
N ILE NA 286 -67.17 56.67 -20.82
CA ILE NA 286 -67.17 56.26 -22.25
C ILE NA 286 -68.07 57.16 -23.05
N ALA NA 287 -69.24 57.44 -22.55
CA ALA NA 287 -70.16 58.23 -23.24
C ALA NA 287 -69.68 59.67 -23.43
N PHE NA 288 -69.13 60.30 -22.33
CA PHE NA 288 -68.54 61.66 -22.40
C PHE NA 288 -67.40 61.75 -23.35
N ASP NA 289 -66.44 60.76 -23.32
CA ASP NA 289 -65.25 60.73 -24.17
C ASP NA 289 -65.54 60.78 -25.73
N ASP NA 290 -66.62 60.13 -26.14
CA ASP NA 290 -67.12 60.17 -27.56
C ASP NA 290 -67.63 61.52 -28.01
N LEU NA 291 -68.35 62.27 -27.16
CA LEU NA 291 -68.93 63.55 -27.36
C LEU NA 291 -67.94 64.59 -27.49
N ILE NA 292 -66.83 64.52 -26.75
CA ILE NA 292 -65.63 65.29 -27.00
C ILE NA 292 -64.97 64.97 -28.39
N GLU NA 293 -64.87 63.63 -28.67
CA GLU NA 293 -64.17 63.19 -29.91
C GLU NA 293 -64.82 63.56 -31.23
N ASN NA 294 -66.17 63.77 -31.25
CA ASN NA 294 -66.88 64.24 -32.47
C ASN NA 294 -66.43 65.63 -32.93
N LYS NA 295 -66.03 66.48 -31.96
CA LYS NA 295 -65.54 67.79 -32.24
C LYS NA 295 -64.22 67.70 -33.02
N ILE NA 296 -63.24 66.81 -32.66
CA ILE NA 296 -61.92 66.62 -33.16
C ILE NA 296 -62.05 66.16 -34.55
N GLN NA 297 -62.98 65.23 -34.90
CA GLN NA 297 -63.22 64.75 -36.24
C GLN NA 297 -63.93 65.77 -37.11
N ASN NA 298 -64.83 66.66 -36.52
CA ASN NA 298 -65.45 67.80 -37.22
C ASN NA 298 -64.44 68.82 -37.64
N LYS NA 299 -63.51 69.05 -36.73
CA LYS NA 299 -62.42 70.05 -36.91
C LYS NA 299 -61.38 69.60 -37.97
N LYS NA 300 -61.16 68.23 -38.05
CA LYS NA 300 -60.20 67.73 -38.98
C LYS NA 300 -60.62 67.99 -40.40
N ILE NA 301 -61.92 68.06 -40.77
CA ILE NA 301 -62.34 68.27 -42.11
C ILE NA 301 -62.18 69.72 -42.56
N GLN NA 302 -62.54 70.68 -41.64
CA GLN NA 302 -62.27 72.08 -41.88
C GLN NA 302 -60.80 72.41 -42.05
N GLU NA 303 -59.97 71.67 -41.27
CA GLU NA 303 -58.52 71.90 -41.15
C GLU NA 303 -57.74 71.64 -42.38
N GLN NA 304 -58.15 70.53 -43.10
CA GLN NA 304 -57.47 70.03 -44.27
C GLN NA 304 -58.26 70.47 -45.49
N GLU OA 1 -112.83 -69.22 -0.65
CA GLU OA 1 -111.54 -68.77 -0.33
C GLU OA 1 -111.59 -67.90 0.89
N ILE OA 2 -112.04 -66.67 0.58
CA ILE OA 2 -112.27 -65.70 1.58
C ILE OA 2 -113.75 -65.75 1.98
N ASP OA 3 -114.58 -66.54 1.31
CA ASP OA 3 -116.01 -66.53 1.48
C ASP OA 3 -116.51 -67.08 2.77
N THR OA 4 -115.95 -68.14 3.33
CA THR OA 4 -116.21 -68.77 4.59
C THR OA 4 -116.01 -67.92 5.82
N ILE OA 5 -114.93 -67.12 5.76
CA ILE OA 5 -114.44 -66.30 6.88
C ILE OA 5 -115.48 -65.17 7.08
N LEU OA 6 -115.96 -64.56 6.00
CA LEU OA 6 -116.86 -63.49 6.00
C LEU OA 6 -118.23 -63.90 6.53
N SER OA 7 -118.56 -65.17 6.22
CA SER OA 7 -119.75 -65.86 6.59
C SER OA 7 -119.75 -66.17 8.08
N THR OA 8 -118.55 -66.56 8.62
CA THR OA 8 -118.37 -66.77 10.11
C THR OA 8 -118.49 -65.38 10.75
N LEU OA 9 -117.81 -64.29 10.24
CA LEU OA 9 -117.83 -62.98 10.77
C LEU OA 9 -119.24 -62.43 10.82
N ARG OA 10 -120.11 -62.65 9.77
CA ARG OA 10 -121.47 -62.10 9.66
C ARG OA 10 -122.38 -62.70 10.70
N MET OA 11 -122.21 -64.02 10.95
CA MET OA 11 -123.04 -64.78 11.94
C MET OA 11 -122.76 -64.14 13.32
N GLU OA 12 -121.47 -63.78 13.64
CA GLU OA 12 -121.06 -63.25 14.94
C GLU OA 12 -121.62 -61.90 15.08
N ALA OA 13 -121.68 -61.16 13.96
CA ALA OA 13 -122.14 -59.79 13.88
C ALA OA 13 -123.66 -59.67 14.05
N ASP OA 14 -124.17 -58.49 14.43
CA ASP OA 14 -125.55 -58.18 14.70
C ASP OA 14 -126.28 -58.17 13.33
N PRO OA 15 -127.61 -58.36 13.39
CA PRO OA 15 -128.50 -58.22 12.24
C PRO OA 15 -128.41 -56.83 11.57
N SER OA 16 -128.04 -55.80 12.33
CA SER OA 16 -127.85 -54.43 11.79
C SER OA 16 -126.51 -54.21 11.01
N LEU OA 17 -125.61 -55.19 11.19
CA LEU OA 17 -124.35 -55.19 10.48
C LEU OA 17 -124.39 -56.22 9.35
N HIS OA 18 -125.40 -57.05 9.37
CA HIS OA 18 -125.66 -58.03 8.33
C HIS OA 18 -125.71 -57.47 6.91
N PRO OA 19 -126.34 -56.26 6.49
CA PRO OA 19 -126.37 -55.83 5.11
C PRO OA 19 -125.03 -55.37 4.68
N LEU OA 20 -124.15 -55.03 5.56
CA LEU OA 20 -122.82 -54.53 5.21
C LEU OA 20 -121.97 -55.68 4.73
N PHE OA 21 -122.10 -56.93 5.28
CA PHE OA 21 -121.52 -58.11 4.74
C PHE OA 21 -122.01 -58.49 3.41
N GLU OA 22 -123.28 -58.32 3.21
CA GLU OA 22 -123.92 -58.60 1.95
C GLU OA 22 -123.41 -57.75 0.78
N GLN OA 23 -123.24 -56.44 1.06
CA GLN OA 23 -122.58 -55.56 0.14
C GLN OA 23 -121.19 -55.83 -0.22
N PHE OA 24 -120.34 -56.44 0.62
CA PHE OA 24 -118.92 -56.76 0.38
C PHE OA 24 -118.87 -57.84 -0.67
N GLU OA 25 -119.67 -58.96 -0.49
CA GLU OA 25 -119.85 -60.00 -1.44
C GLU OA 25 -120.50 -59.64 -2.78
N LYS OA 26 -121.51 -58.73 -2.78
CA LYS OA 26 -122.21 -58.12 -3.92
C LYS OA 26 -121.23 -57.34 -4.81
N PHE OA 27 -120.37 -56.49 -4.16
CA PHE OA 27 -119.41 -55.68 -4.87
C PHE OA 27 -118.26 -56.47 -5.44
N TYR OA 28 -117.88 -57.52 -4.71
CA TYR OA 28 -116.83 -58.47 -5.15
C TYR OA 28 -117.12 -59.18 -6.41
N GLU OA 29 -118.38 -59.59 -6.60
CA GLU OA 29 -118.96 -60.23 -7.75
C GLU OA 29 -118.86 -59.30 -8.99
N GLU OA 30 -119.16 -57.95 -8.83
CA GLU OA 30 -119.10 -57.00 -9.88
C GLU OA 30 -117.69 -56.76 -10.45
N LYS OA 31 -116.65 -56.81 -9.55
CA LYS OA 31 -115.27 -56.60 -9.74
C LYS OA 31 -114.98 -55.15 -9.75
N LEU OA 32 -115.68 -54.33 -8.92
CA LEU OA 32 -115.26 -53.02 -8.49
C LEU OA 32 -115.06 -53.15 -7.05
N TRP OA 33 -113.79 -52.90 -6.64
CA TRP OA 33 -113.28 -52.97 -5.26
C TRP OA 33 -113.08 -51.63 -4.60
N PHE OA 34 -113.26 -50.53 -5.37
CA PHE OA 34 -113.33 -49.14 -4.81
C PHE OA 34 -114.58 -48.86 -4.07
N GLN OA 35 -115.65 -49.36 -4.61
CA GLN OA 35 -117.04 -49.38 -3.98
C GLN OA 35 -116.96 -50.14 -2.65
N LEU OA 36 -116.08 -51.21 -2.62
CA LEU OA 36 -115.76 -52.07 -1.51
C LEU OA 36 -115.09 -51.27 -0.48
N SER OA 37 -114.12 -50.32 -0.73
CA SER OA 37 -113.51 -49.53 0.28
C SER OA 37 -114.51 -48.73 0.98
N GLU OA 38 -115.45 -48.09 0.20
CA GLU OA 38 -116.41 -47.19 0.80
C GLU OA 38 -117.23 -47.78 1.85
N SER OA 39 -117.69 -49.04 1.64
CA SER OA 39 -118.52 -49.81 2.56
C SER OA 39 -117.84 -50.25 3.84
N LEU OA 40 -116.61 -50.68 3.73
CA LEU OA 40 -115.75 -51.16 4.73
C LEU OA 40 -115.52 -50.13 5.78
N THR OA 41 -115.28 -48.87 5.41
CA THR OA 41 -115.03 -47.80 6.35
C THR OA 41 -116.20 -47.59 7.29
N LYS OA 42 -117.41 -47.55 6.79
CA LYS OA 42 -118.69 -47.45 7.48
C LYS OA 42 -118.88 -48.46 8.59
N PHE OA 43 -118.55 -49.78 8.25
CA PHE OA 43 -118.65 -50.92 9.11
C PHE OA 43 -117.75 -50.61 10.31
N PHE OA 44 -116.49 -50.09 10.12
CA PHE OA 44 -115.44 -50.05 11.15
C PHE OA 44 -115.73 -48.96 12.13
N ASP OA 45 -116.63 -47.94 11.78
CA ASP OA 45 -117.05 -46.88 12.75
C ASP OA 45 -117.92 -47.48 13.84
N ASP OA 46 -118.80 -48.41 13.50
CA ASP OA 46 -119.91 -48.91 14.30
C ASP OA 46 -119.55 -50.23 14.78
N ALA OA 47 -118.35 -50.74 14.49
CA ALA OA 47 -117.99 -52.03 14.93
C ALA OA 47 -116.53 -52.02 15.28
N LYS OA 48 -116.08 -51.02 16.05
CA LYS OA 48 -114.78 -51.02 16.62
C LYS OA 48 -114.87 -51.49 18.04
N SER OA 49 -116.08 -51.60 18.59
CA SER OA 49 -116.32 -51.92 19.92
C SER OA 49 -116.46 -53.38 20.08
N THR OA 50 -116.90 -54.11 18.95
CA THR OA 50 -116.83 -55.55 18.79
C THR OA 50 -115.38 -55.84 18.37
N PRO OA 51 -114.95 -57.10 18.55
CA PRO OA 51 -113.47 -57.42 18.37
C PRO OA 51 -113.26 -57.95 17.00
N LEU OA 52 -114.33 -57.73 16.19
CA LEU OA 52 -114.47 -58.34 14.89
C LEU OA 52 -113.74 -57.53 13.81
N ARG OA 53 -113.17 -56.34 14.09
CA ARG OA 53 -112.49 -55.49 13.14
C ARG OA 53 -111.05 -56.01 12.97
N LEU OA 54 -110.66 -56.95 13.84
CA LEU OA 54 -109.24 -57.36 13.95
C LEU OA 54 -108.97 -58.53 13.05
N ARG OA 55 -109.97 -59.03 12.31
CA ARG OA 55 -109.89 -60.19 11.49
C ARG OA 55 -110.48 -59.81 10.16
N LEU OA 56 -111.40 -58.83 10.13
CA LEU OA 56 -112.12 -58.48 8.89
C LEU OA 56 -111.19 -57.82 7.96
N TYR OA 57 -110.39 -56.83 8.40
CA TYR OA 57 -109.53 -56.00 7.66
C TYR OA 57 -108.39 -56.78 6.97
N ASP OA 58 -107.72 -57.77 7.60
CA ASP OA 58 -106.62 -58.50 7.08
C ASP OA 58 -106.89 -59.11 5.84
N ASN OA 59 -108.08 -59.72 5.67
CA ASN OA 59 -108.51 -60.44 4.50
C ASN OA 59 -108.55 -59.59 3.23
N PHE OA 60 -109.11 -58.38 3.34
CA PHE OA 60 -109.09 -57.42 2.28
C PHE OA 60 -107.74 -56.75 1.98
N VAL OA 61 -106.95 -56.44 3.02
CA VAL OA 61 -105.74 -55.66 2.88
C VAL OA 61 -104.70 -56.42 2.17
N SER OA 62 -104.66 -57.76 2.37
CA SER OA 62 -103.52 -58.56 1.99
C SER OA 62 -103.82 -59.13 0.62
N LYS OA 63 -104.82 -58.59 -0.13
CA LYS OA 63 -105.04 -58.92 -1.56
C LYS OA 63 -105.01 -57.67 -2.30
N PHE OA 64 -105.75 -56.67 -1.79
CA PHE OA 64 -105.89 -55.41 -2.48
C PHE OA 64 -105.15 -54.41 -1.63
N TYR OA 65 -104.33 -53.50 -2.27
CA TYR OA 65 -103.62 -52.41 -1.59
C TYR OA 65 -103.06 -51.57 -2.78
N ASP OA 66 -103.46 -52.01 -4.01
CA ASP OA 66 -103.04 -51.58 -5.25
C ASP OA 66 -104.29 -51.52 -6.10
N LYS OA 67 -105.34 -52.27 -5.78
CA LYS OA 67 -106.65 -52.13 -6.35
C LYS OA 67 -107.48 -51.23 -5.47
N ILE OA 68 -106.81 -50.76 -4.40
CA ILE OA 68 -107.42 -49.74 -3.58
C ILE OA 68 -106.20 -48.84 -3.19
N ASN OA 69 -106.46 -47.56 -3.00
CA ASN OA 69 -105.45 -46.60 -2.51
C ASN OA 69 -104.77 -47.03 -1.22
N GLN OA 70 -103.61 -46.32 -0.99
CA GLN OA 70 -102.86 -46.37 0.26
C GLN OA 70 -103.67 -45.84 1.40
N LEU OA 71 -104.50 -44.78 1.17
CA LEU OA 71 -105.34 -44.15 2.22
C LEU OA 71 -106.31 -45.18 2.79
N SER OA 72 -106.89 -46.05 1.95
CA SER OA 72 -107.86 -47.06 2.36
C SER OA 72 -107.26 -48.07 3.33
N VAL OA 73 -106.05 -48.61 3.07
CA VAL OA 73 -105.40 -49.62 3.91
C VAL OA 73 -105.13 -49.05 5.31
N VAL OA 74 -104.62 -47.80 5.45
CA VAL OA 74 -104.28 -47.10 6.62
C VAL OA 74 -105.55 -46.64 7.43
N LYS OA 75 -106.65 -46.36 6.69
CA LYS OA 75 -107.91 -46.04 7.20
C LYS OA 75 -108.53 -47.09 8.06
N TYR OA 76 -108.40 -48.32 7.60
CA TYR OA 76 -108.74 -49.53 8.24
C TYR OA 76 -107.89 -49.87 9.43
N LEU OA 77 -106.56 -49.70 9.25
CA LEU OA 77 -105.47 -49.98 10.11
C LEU OA 77 -105.55 -49.21 11.44
N LEU OA 78 -105.94 -47.96 11.35
CA LEU OA 78 -106.05 -46.96 12.43
C LEU OA 78 -107.18 -47.35 13.33
N ALA OA 79 -108.37 -47.82 12.80
CA ALA OA 79 -109.55 -48.18 13.48
C ALA OA 79 -109.41 -49.53 14.23
N SER OA 80 -108.63 -50.46 13.56
CA SER OA 80 -108.40 -51.76 14.07
C SER OA 80 -107.54 -51.85 15.35
N LEU OA 81 -106.43 -51.08 15.36
CA LEU OA 81 -105.56 -51.05 16.47
C LEU OA 81 -105.84 -49.77 17.28
N LYS OA 82 -107.03 -49.19 17.06
CA LYS OA 82 -107.48 -48.08 17.85
C LYS OA 82 -107.72 -48.39 19.29
N ASP OA 83 -108.38 -49.50 19.67
CA ASP OA 83 -108.90 -49.72 21.04
C ASP OA 83 -108.19 -50.83 21.61
N SER OA 84 -107.22 -51.39 20.80
CA SER OA 84 -106.38 -52.52 21.15
C SER OA 84 -105.54 -52.28 22.30
N LYS OA 85 -105.51 -53.39 23.19
CA LYS OA 85 -104.98 -53.35 24.53
C LYS OA 85 -103.56 -53.84 24.61
N ASP OA 86 -103.15 -54.64 23.58
CA ASP OA 86 -101.81 -55.25 23.58
C ASP OA 86 -101.10 -54.43 22.50
N PHE OA 87 -99.92 -53.84 22.87
CA PHE OA 87 -99.20 -52.93 21.98
C PHE OA 87 -98.16 -53.74 21.20
N ASP OA 88 -97.78 -54.95 21.72
CA ASP OA 88 -96.92 -55.91 21.11
C ASP OA 88 -97.68 -56.45 19.96
N GLU OA 89 -98.96 -56.65 20.12
CA GLU OA 89 -99.77 -57.09 19.03
C GLU OA 89 -99.87 -56.14 17.85
N SER OA 90 -100.11 -54.83 18.29
CA SER OA 90 -100.25 -53.71 17.46
C SER OA 90 -98.97 -53.44 16.60
N LEU OA 91 -97.79 -53.56 17.18
CA LEU OA 91 -96.54 -53.20 16.56
C LEU OA 91 -96.35 -54.11 15.28
N LYS OA 92 -96.75 -55.42 15.43
CA LYS OA 92 -96.48 -56.40 14.37
C LYS OA 92 -97.22 -56.07 13.08
N TYR OA 93 -98.49 -55.52 13.09
CA TYR OA 93 -99.13 -55.21 11.78
C TYR OA 93 -98.44 -54.04 11.12
N LEU OA 94 -98.00 -53.03 11.85
CA LEU OA 94 -97.44 -51.84 11.36
C LEU OA 94 -96.17 -52.10 10.65
N ASP OA 95 -95.37 -53.03 11.13
CA ASP OA 95 -94.14 -53.41 10.52
C ASP OA 95 -94.34 -54.20 9.30
N ASP OA 96 -95.27 -55.16 9.22
CA ASP OA 96 -95.58 -56.03 8.09
C ASP OA 96 -96.07 -55.27 6.94
N LEU OA 97 -96.87 -54.21 7.16
CA LEU OA 97 -97.41 -53.41 6.08
C LEU OA 97 -96.51 -52.34 5.66
N LYS OA 98 -95.49 -51.95 6.48
CA LYS OA 98 -94.47 -50.98 6.08
C LYS OA 98 -93.65 -51.63 5.00
N ALA OA 99 -93.24 -52.90 5.21
CA ALA OA 99 -92.34 -53.67 4.26
C ALA OA 99 -92.96 -53.98 2.90
N GLN OA 100 -94.26 -54.16 2.90
CA GLN OA 100 -95.13 -54.40 1.83
C GLN OA 100 -95.22 -53.21 0.91
N PHE OA 101 -95.36 -52.00 1.52
CA PHE OA 101 -95.50 -50.82 0.69
C PHE OA 101 -94.25 -50.45 0.01
N GLN OA 102 -93.05 -50.75 0.64
CA GLN OA 102 -91.73 -50.48 0.10
C GLN OA 102 -91.42 -51.22 -1.22
N GLU OA 103 -91.85 -52.54 -1.20
CA GLU OA 103 -91.76 -53.48 -2.31
C GLU OA 103 -92.66 -53.02 -3.41
N LEU OA 104 -93.88 -52.50 -3.06
CA LEU OA 104 -94.96 -52.11 -4.03
C LEU OA 104 -94.51 -50.99 -4.95
N ASP OA 105 -93.74 -50.01 -4.43
CA ASP OA 105 -93.31 -48.84 -5.04
C ASP OA 105 -92.20 -49.11 -6.08
N SER OA 106 -91.44 -50.24 -5.97
CA SER OA 106 -90.50 -50.67 -7.03
C SER OA 106 -91.23 -51.31 -8.21
N LYS OA 107 -92.16 -52.30 -8.04
CA LYS OA 107 -92.81 -53.01 -9.12
C LYS OA 107 -93.97 -52.29 -9.89
N LYS OA 108 -95.08 -51.76 -9.24
CA LYS OA 108 -96.34 -51.38 -9.91
C LYS OA 108 -96.04 -50.21 -10.77
N GLN OA 109 -95.20 -49.32 -10.18
CA GLN OA 109 -94.96 -47.95 -10.62
C GLN OA 109 -94.33 -47.88 -12.04
N ARG OA 110 -93.38 -48.82 -12.40
CA ARG OA 110 -92.73 -48.96 -13.74
C ARG OA 110 -93.73 -49.36 -14.83
N ASN OA 111 -94.59 -50.33 -14.50
CA ASN OA 111 -95.48 -50.90 -15.40
C ASN OA 111 -96.64 -49.98 -15.75
N ASN OA 112 -97.28 -49.37 -14.83
CA ASN OA 112 -98.40 -48.46 -15.07
C ASN OA 112 -97.94 -47.14 -15.61
N GLY OA 113 -96.72 -46.79 -15.16
CA GLY OA 113 -96.06 -45.56 -15.32
C GLY OA 113 -96.70 -44.53 -14.31
N SER OA 114 -97.58 -45.02 -13.34
CA SER OA 114 -98.37 -44.20 -12.40
C SER OA 114 -98.27 -44.84 -10.99
N LYS OA 115 -98.66 -44.09 -10.01
CA LYS OA 115 -98.95 -44.56 -8.74
C LYS OA 115 -97.76 -44.74 -7.78
N ASP OA 116 -97.85 -43.88 -6.77
CA ASP OA 116 -96.89 -43.81 -5.69
C ASP OA 116 -97.39 -44.67 -4.60
N HIS OA 117 -96.50 -45.04 -3.66
CA HIS OA 117 -96.64 -46.02 -2.63
C HIS OA 117 -95.75 -45.59 -1.48
N GLY OA 118 -94.93 -44.55 -1.68
CA GLY OA 118 -93.96 -44.15 -0.62
C GLY OA 118 -94.65 -43.20 0.29
N ASP OA 119 -95.94 -42.72 0.01
CA ASP OA 119 -96.70 -41.91 0.81
C ASP OA 119 -97.16 -42.78 1.99
N GLY OA 120 -97.46 -44.08 1.87
CA GLY OA 120 -98.01 -44.91 2.79
C GLY OA 120 -97.09 -45.19 3.92
N ILE OA 121 -95.73 -45.15 3.66
CA ILE OA 121 -94.69 -45.39 4.71
C ILE OA 121 -94.72 -44.32 5.78
N LEU OA 122 -94.99 -43.09 5.35
CA LEU OA 122 -94.92 -41.89 6.10
C LEU OA 122 -95.91 -41.90 7.24
N LEU OA 123 -97.12 -42.31 6.88
CA LEU OA 123 -98.20 -42.36 7.78
C LEU OA 123 -98.05 -43.46 8.76
N ILE OA 124 -97.43 -44.67 8.38
CA ILE OA 124 -97.11 -45.71 9.33
C ILE OA 124 -96.09 -45.20 10.36
N ASP OA 125 -95.08 -44.41 10.02
CA ASP OA 125 -94.12 -44.01 11.06
C ASP OA 125 -94.70 -43.17 12.16
N SER OA 126 -95.82 -42.41 11.88
CA SER OA 126 -96.62 -41.69 12.89
C SER OA 126 -97.12 -42.66 13.90
N GLU OA 127 -97.67 -43.78 13.38
CA GLU OA 127 -98.46 -44.73 14.19
C GLU OA 127 -97.57 -45.63 15.01
N ILE OA 128 -96.30 -45.75 14.71
CA ILE OA 128 -95.34 -46.45 15.51
C ILE OA 128 -94.99 -45.64 16.74
N ALA OA 129 -94.82 -44.33 16.60
CA ALA OA 129 -94.56 -43.40 17.64
C ALA OA 129 -95.75 -43.25 18.64
N ARG OA 130 -97.00 -43.29 18.08
CA ARG OA 130 -98.23 -43.24 18.76
C ARG OA 130 -98.35 -44.43 19.62
N THR OA 131 -97.91 -45.61 19.14
CA THR OA 131 -97.91 -46.89 19.85
C THR OA 131 -96.87 -46.84 20.99
N TYR OA 132 -95.73 -46.13 20.81
CA TYR OA 132 -94.61 -46.02 21.81
C TYR OA 132 -95.05 -45.16 23.01
N LEU OA 133 -95.83 -44.06 22.77
CA LEU OA 133 -96.36 -43.13 23.76
C LEU OA 133 -97.25 -43.98 24.66
N LEU OA 134 -98.02 -44.94 24.05
CA LEU OA 134 -99.00 -45.67 24.86
C LEU OA 134 -98.41 -46.68 25.77
N LYS OA 135 -97.15 -47.12 25.51
CA LYS OA 135 -96.44 -48.04 26.41
C LYS OA 135 -95.87 -47.27 27.55
N ASN OA 136 -95.82 -45.91 27.44
CA ASN OA 136 -95.07 -45.16 28.49
C ASN OA 136 -93.63 -45.23 28.20
N ASP OA 137 -93.26 -45.18 26.90
CA ASP OA 137 -91.92 -45.02 26.34
C ASP OA 137 -91.92 -43.74 25.52
N LEU OA 138 -92.08 -42.57 26.23
CA LEU OA 138 -92.41 -41.23 25.68
C LEU OA 138 -91.25 -40.72 24.83
N VAL OA 139 -90.07 -40.97 25.36
CA VAL OA 139 -88.77 -40.48 24.85
C VAL OA 139 -88.31 -41.04 23.48
N LYS OA 140 -88.57 -42.38 23.39
CA LYS OA 140 -88.30 -43.16 22.24
C LYS OA 140 -89.12 -42.70 21.03
N ALA OA 141 -90.39 -42.40 21.27
CA ALA OA 141 -91.34 -41.94 20.29
C ALA OA 141 -90.91 -40.67 19.68
N ARG OA 142 -90.27 -39.78 20.53
CA ARG OA 142 -89.81 -38.48 20.11
C ARG OA 142 -88.64 -38.54 19.11
N ASP OA 143 -87.79 -39.58 19.12
CA ASP OA 143 -86.65 -39.77 18.20
C ASP OA 143 -87.20 -40.06 16.80
N LEU OA 144 -88.22 -40.92 16.58
CA LEU OA 144 -88.89 -41.17 15.31
C LEU OA 144 -89.68 -40.00 14.82
N LEU OA 145 -90.28 -39.20 15.72
CA LEU OA 145 -91.04 -38.02 15.36
C LEU OA 145 -90.10 -36.96 14.70
N ASP OA 146 -88.84 -36.74 15.25
CA ASP OA 146 -87.84 -35.86 14.66
C ASP OA 146 -87.46 -36.36 13.34
N ASP OA 147 -87.28 -37.71 13.17
CA ASP OA 147 -86.84 -38.35 11.90
C ASP OA 147 -87.89 -38.17 10.82
N LEU OA 148 -89.19 -38.30 11.15
CA LEU OA 148 -90.29 -38.14 10.23
C LEU OA 148 -90.49 -36.66 9.82
N GLU OA 149 -90.29 -35.81 10.87
CA GLU OA 149 -90.37 -34.38 10.68
C GLU OA 149 -89.36 -33.96 9.63
N LYS OA 150 -88.08 -34.52 9.55
CA LYS OA 150 -87.03 -34.17 8.63
C LYS OA 150 -87.42 -34.60 7.27
N THR OA 151 -88.02 -35.84 7.17
CA THR OA 151 -88.46 -36.50 5.92
C THR OA 151 -89.51 -35.62 5.27
N LEU OA 152 -90.44 -35.02 6.11
CA LEU OA 152 -91.43 -34.20 5.66
C LEU OA 152 -90.90 -32.94 5.00
N ASP OA 153 -89.80 -32.37 5.48
CA ASP OA 153 -89.28 -31.11 4.98
C ASP OA 153 -88.55 -31.28 3.67
N LYS OA 154 -88.17 -32.50 3.28
CA LYS OA 154 -87.63 -32.89 2.00
C LYS OA 154 -88.62 -32.63 0.89
N LYS OA 155 -89.94 -32.94 1.20
CA LYS OA 155 -91.17 -32.77 0.39
C LYS OA 155 -91.53 -31.26 0.41
N ASP OA 156 -91.99 -30.79 -0.77
CA ASP OA 156 -92.37 -29.42 -1.06
C ASP OA 156 -93.88 -29.49 -1.40
N SER OA 157 -94.52 -30.59 -1.11
CA SER OA 157 -95.95 -30.66 -1.31
C SER OA 157 -96.35 -31.62 -0.32
N ILE OA 158 -96.70 -31.14 0.87
CA ILE OA 158 -96.98 -32.02 1.97
C ILE OA 158 -98.48 -32.20 2.14
N PRO OA 159 -99.16 -33.45 2.16
CA PRO OA 159 -100.51 -33.59 2.41
C PRO OA 159 -101.06 -33.23 3.77
N LEU OA 160 -102.43 -32.93 3.74
CA LEU OA 160 -103.21 -32.63 4.93
C LEU OA 160 -103.39 -33.77 5.78
N ARG OA 161 -103.65 -34.94 5.15
CA ARG OA 161 -104.03 -36.09 5.88
C ARG OA 161 -102.93 -36.67 6.73
N ILE OA 162 -101.69 -36.63 6.06
CA ILE OA 162 -100.47 -37.13 6.67
C ILE OA 162 -99.99 -36.27 7.78
N THR OA 163 -100.03 -34.94 7.61
CA THR OA 163 -99.50 -34.07 8.71
C THR OA 163 -100.49 -33.90 9.88
N ASN OA 164 -101.82 -34.21 9.61
CA ASN OA 164 -102.87 -34.21 10.51
C ASN OA 164 -102.52 -35.29 11.47
N SER OA 165 -102.06 -36.51 11.03
CA SER OA 165 -101.68 -37.64 11.86
C SER OA 165 -100.45 -37.23 12.70
N PHE OA 166 -99.53 -36.50 12.10
CA PHE OA 166 -98.26 -36.11 12.70
C PHE OA 166 -98.34 -35.02 13.80
N TYR OA 167 -99.18 -34.00 13.62
CA TYR OA 167 -99.45 -32.96 14.52
C TYR OA 167 -100.19 -33.65 15.67
N SER OA 168 -100.97 -34.65 15.39
CA SER OA 168 -101.69 -35.36 16.42
C SER OA 168 -100.85 -36.06 17.44
N THR OA 169 -99.86 -36.86 16.97
CA THR OA 169 -98.99 -37.73 17.69
C THR OA 169 -98.18 -36.84 18.56
N ASN OA 170 -97.75 -35.67 18.01
CA ASN OA 170 -97.01 -34.65 18.76
C ASN OA 170 -97.84 -34.06 19.86
N SER OA 171 -99.13 -33.70 19.62
CA SER OA 171 -100.05 -33.13 20.63
C SER OA 171 -100.29 -34.06 21.70
N GLN OA 172 -100.39 -35.39 21.46
CA GLN OA 172 -100.56 -36.32 22.61
C GLN OA 172 -99.37 -36.31 23.58
N TYR OA 173 -98.16 -36.28 22.98
CA TYR OA 173 -96.86 -36.23 23.71
C TYR OA 173 -96.72 -35.15 24.72
N PHE OA 174 -97.04 -33.89 24.35
CA PHE OA 174 -96.84 -32.80 25.33
C PHE OA 174 -97.71 -32.89 26.55
N LYS OA 175 -99.03 -33.29 26.42
CA LYS OA 175 -100.01 -33.26 27.54
C LYS OA 175 -99.78 -34.46 28.50
N PHE OA 176 -99.06 -35.52 28.09
CA PHE OA 176 -98.60 -36.50 28.97
C PHE OA 176 -97.51 -36.03 29.87
N LYS OA 177 -96.68 -35.05 29.43
CA LYS OA 177 -95.76 -34.33 30.20
C LYS OA 177 -96.43 -33.21 31.00
N ASN OA 178 -97.71 -32.70 30.69
CA ASN OA 178 -98.43 -31.62 31.21
C ASN OA 178 -97.84 -30.32 30.92
N ASP OA 179 -97.33 -30.12 29.71
CA ASP OA 179 -96.94 -28.88 29.19
C ASP OA 179 -98.26 -28.40 28.59
N PHE OA 180 -98.85 -27.30 29.17
CA PHE OA 180 -100.18 -26.71 28.75
C PHE OA 180 -99.92 -25.88 27.47
N ASN OA 181 -98.89 -25.05 27.42
CA ASN OA 181 -98.64 -24.10 26.36
C ASN OA 181 -98.23 -24.78 25.13
N SER OA 182 -97.39 -25.82 25.25
CA SER OA 182 -96.85 -26.57 24.12
C SER OA 182 -97.91 -27.33 23.40
N PHE OA 183 -98.79 -27.91 24.21
CA PHE OA 183 -99.98 -28.62 23.75
C PHE OA 183 -100.85 -27.69 23.01
N TYR OA 184 -101.25 -26.51 23.48
CA TYR OA 184 -102.29 -25.75 22.94
C TYR OA 184 -101.89 -25.33 21.46
N TYR OA 185 -100.61 -24.83 21.22
CA TYR OA 185 -100.15 -24.40 19.90
C TYR OA 185 -100.07 -25.44 18.87
N THR OA 186 -99.61 -26.66 19.27
CA THR OA 186 -99.51 -27.73 18.41
C THR OA 186 -100.93 -28.25 18.09
N SER OA 187 -101.91 -28.28 19.07
CA SER OA 187 -103.26 -28.67 18.82
C SER OA 187 -103.97 -27.78 17.92
N LEU OA 188 -103.66 -26.45 17.87
CA LEU OA 188 -104.27 -25.47 17.01
C LEU OA 188 -103.94 -25.78 15.54
N LEU OA 189 -102.78 -26.42 15.30
CA LEU OA 189 -102.42 -26.82 13.94
C LEU OA 189 -103.23 -28.05 13.47
N TYR OA 190 -103.47 -28.98 14.45
CA TYR OA 190 -104.17 -30.19 14.23
C TYR OA 190 -105.62 -29.91 13.86
N LEU OA 191 -106.26 -29.00 14.63
CA LEU OA 191 -107.67 -28.67 14.48
C LEU OA 191 -107.89 -28.01 13.15
N SER OA 192 -106.91 -27.07 12.78
CA SER OA 192 -107.07 -26.20 11.60
C SER OA 192 -106.93 -27.02 10.33
N THR OA 193 -106.02 -28.01 10.35
CA THR OA 193 -105.72 -28.84 9.20
C THR OA 193 -106.54 -30.04 9.18
N LEU OA 194 -107.44 -30.26 10.16
CA LEU OA 194 -108.31 -31.36 10.28
C LEU OA 194 -109.13 -31.66 9.05
N GLU OA 195 -109.12 -32.96 8.69
CA GLU OA 195 -109.67 -33.43 7.47
C GLU OA 195 -111.21 -33.46 7.40
N PRO OA 196 -111.85 -33.30 6.15
CA PRO OA 196 -113.20 -33.36 6.05
C PRO OA 196 -113.82 -34.68 6.23
N SER OA 197 -112.99 -35.75 5.95
CA SER OA 197 -113.49 -37.15 6.05
C SER OA 197 -112.73 -37.75 7.17
N THR OA 198 -113.34 -37.52 8.37
CA THR OA 198 -112.80 -37.66 9.65
C THR OA 198 -112.39 -39.06 10.07
N SER OA 199 -111.64 -39.14 11.22
CA SER OA 199 -111.49 -40.40 11.93
C SER OA 199 -111.83 -40.10 13.29
N ILE OA 200 -112.76 -39.17 13.50
CA ILE OA 200 -113.07 -38.51 14.71
C ILE OA 200 -114.58 -38.62 14.82
N THR OA 201 -115.01 -39.23 15.93
CA THR OA 201 -116.41 -39.33 16.31
C THR OA 201 -116.74 -38.20 17.26
N LEU OA 202 -118.04 -38.06 17.50
CA LEU OA 202 -118.60 -37.10 18.43
C LEU OA 202 -118.14 -37.21 19.87
N ALA OA 203 -117.94 -38.47 20.45
CA ALA OA 203 -117.36 -38.70 21.70
C ALA OA 203 -115.91 -38.28 21.81
N GLU OA 204 -115.08 -38.47 20.74
CA GLU OA 204 -113.67 -38.13 20.63
C GLU OA 204 -113.44 -36.62 20.51
N ARG OA 205 -114.48 -35.89 19.99
CA ARG OA 205 -114.48 -34.47 20.01
C ARG OA 205 -114.56 -33.98 21.36
N GLN OA 206 -115.41 -34.66 22.26
CA GLN OA 206 -115.49 -34.18 23.63
C GLN OA 206 -114.15 -34.32 24.35
N GLN OA 207 -113.46 -35.51 24.15
CA GLN OA 207 -112.32 -35.78 24.95
C GLN OA 207 -111.13 -34.86 24.57
N LEU OA 208 -111.03 -34.58 23.28
CA LEU OA 208 -110.04 -33.66 22.71
C LEU OA 208 -110.32 -32.34 23.18
N ALA OA 209 -111.62 -31.90 23.20
CA ALA OA 209 -112.04 -30.59 23.57
C ALA OA 209 -111.63 -30.12 24.82
N TYR OA 210 -111.74 -31.02 25.78
CA TYR OA 210 -111.48 -30.83 27.17
C TYR OA 210 -110.00 -30.52 27.33
N ASP OA 211 -109.11 -31.23 26.57
CA ASP OA 211 -107.70 -31.04 26.67
C ASP OA 211 -107.31 -29.69 26.14
N LEU OA 212 -108.02 -29.17 25.05
CA LEU OA 212 -107.80 -27.91 24.46
C LEU OA 212 -108.05 -26.83 25.46
N SER OA 213 -109.21 -26.89 26.20
CA SER OA 213 -109.74 -25.91 27.05
C SER OA 213 -109.02 -25.71 28.28
N ILE OA 214 -108.58 -26.82 28.88
CA ILE OA 214 -107.89 -26.81 30.23
C ILE OA 214 -106.65 -26.14 30.10
N SER OA 215 -105.94 -26.45 29.03
CA SER OA 215 -104.66 -25.80 28.68
C SER OA 215 -104.79 -24.29 28.46
N ALA OA 216 -105.96 -23.97 27.81
CA ALA OA 216 -106.19 -22.58 27.57
C ALA OA 216 -106.23 -21.76 28.88
N LEU OA 217 -106.97 -22.24 29.86
CA LEU OA 217 -107.18 -21.51 31.12
C LEU OA 217 -105.92 -21.49 31.97
N LEU OA 218 -105.20 -22.61 32.01
CA LEU OA 218 -104.06 -22.86 32.80
C LEU OA 218 -102.76 -22.55 32.14
N GLY OA 219 -102.74 -21.68 31.14
CA GLY OA 219 -101.59 -21.27 30.35
C GLY OA 219 -100.84 -20.21 31.13
N ASP OA 220 -100.06 -19.40 30.39
CA ASP OA 220 -99.39 -18.27 30.95
C ASP OA 220 -98.99 -17.44 29.80
N LYS OA 221 -99.44 -17.70 28.58
CA LYS OA 221 -99.06 -16.86 27.44
C LYS OA 221 -100.05 -17.01 26.35
N ILE OA 222 -101.17 -17.71 26.67
CA ILE OA 222 -102.18 -18.08 25.74
C ILE OA 222 -103.30 -17.10 26.09
N TYR OA 223 -103.54 -16.19 25.06
CA TYR OA 223 -104.55 -15.19 25.19
C TYR OA 223 -105.19 -15.01 23.85
N ASN OA 224 -105.11 -16.16 23.08
CA ASN OA 224 -105.80 -16.39 21.94
C ASN OA 224 -106.83 -17.35 22.48
N PHE OA 225 -108.14 -16.99 22.44
CA PHE OA 225 -109.19 -17.82 23.01
C PHE OA 225 -110.29 -17.99 21.98
N GLY OA 226 -110.24 -17.32 20.79
CA GLY OA 226 -111.29 -17.25 19.82
C GLY OA 226 -111.18 -18.32 18.82
N GLU OA 227 -110.21 -19.23 18.93
CA GLU OA 227 -110.01 -20.29 17.97
C GLU OA 227 -110.69 -21.44 18.53
N LEU OA 228 -111.19 -21.51 19.78
CA LEU OA 228 -112.21 -22.45 20.26
C LEU OA 228 -113.62 -22.01 19.96
N LEU OA 229 -113.79 -20.80 19.36
CA LEU OA 229 -115.01 -20.36 18.81
C LEU OA 229 -114.90 -20.36 17.25
N HIS OA 230 -113.82 -20.82 16.69
CA HIS OA 230 -113.66 -20.89 15.26
C HIS OA 230 -113.29 -22.38 14.97
N HIS OA 231 -113.64 -23.27 15.92
CA HIS OA 231 -113.60 -24.77 15.67
C HIS OA 231 -114.85 -25.35 16.23
N PRO OA 232 -115.71 -26.02 15.45
CA PRO OA 232 -116.86 -26.82 15.91
C PRO OA 232 -116.58 -27.76 17.10
N ILE OA 233 -115.38 -28.32 17.30
CA ILE OA 233 -115.01 -29.24 18.32
C ILE OA 233 -115.41 -28.78 19.71
N MET OA 234 -115.23 -27.54 20.10
CA MET OA 234 -115.60 -27.00 21.36
C MET OA 234 -116.68 -25.97 21.11
N GLU OA 235 -116.84 -25.43 19.93
CA GLU OA 235 -117.86 -24.39 19.73
C GLU OA 235 -119.33 -24.80 19.94
N THR OA 236 -119.74 -25.95 19.39
CA THR OA 236 -121.11 -26.40 19.50
C THR OA 236 -121.27 -27.45 20.63
N ILE OA 237 -120.13 -27.92 21.18
CA ILE OA 237 -120.19 -28.69 22.43
C ILE OA 237 -120.13 -27.68 23.61
N VAL OA 238 -121.27 -27.43 24.32
CA VAL OA 238 -121.31 -26.42 25.36
C VAL OA 238 -122.66 -26.72 26.09
N ASN OA 239 -123.44 -27.70 25.65
CA ASN OA 239 -124.75 -27.98 26.10
C ASN OA 239 -124.78 -29.08 27.09
N ASP OA 240 -123.61 -29.74 27.28
CA ASP OA 240 -123.25 -30.77 28.29
C ASP OA 240 -122.93 -29.99 29.61
N SER OA 241 -123.21 -30.63 30.72
CA SER OA 241 -123.04 -29.95 32.08
C SER OA 241 -121.62 -29.56 32.26
N ASN OA 242 -120.76 -30.57 31.89
CA ASN OA 242 -119.29 -30.55 32.02
C ASN OA 242 -118.72 -29.43 31.20
N TYR OA 243 -119.29 -29.20 30.03
CA TYR OA 243 -118.76 -28.19 29.05
C TYR OA 243 -119.53 -26.98 29.17
N ASP OA 244 -120.48 -26.82 30.15
CA ASP OA 244 -121.24 -25.54 30.38
C ASP OA 244 -120.28 -24.56 31.09
N TRP OA 245 -119.73 -24.95 32.24
CA TRP OA 245 -118.82 -24.18 33.13
C TRP OA 245 -117.50 -23.94 32.52
N LEU OA 246 -116.99 -24.99 31.73
CA LEU OA 246 -115.76 -25.07 31.05
C LEU OA 246 -115.72 -24.01 30.00
N PHE OA 247 -116.85 -23.83 29.22
CA PHE OA 247 -116.97 -22.67 28.29
C PHE OA 247 -117.05 -21.36 29.03
N GLN OA 248 -117.80 -21.27 30.15
CA GLN OA 248 -118.09 -20.03 30.87
C GLN OA 248 -116.83 -19.35 31.42
N LEU OA 249 -115.92 -20.19 31.87
CA LEU OA 249 -114.68 -19.87 32.48
C LEU OA 249 -113.79 -19.08 31.47
N LEU OA 250 -113.89 -19.42 30.19
CA LEU OA 250 -113.23 -18.74 29.09
C LEU OA 250 -113.84 -17.41 28.85
N ASN OA 251 -115.17 -17.29 28.89
CA ASN OA 251 -115.79 -16.01 28.66
C ASN OA 251 -115.46 -15.00 29.73
N ALA OA 252 -115.38 -15.53 31.00
CA ALA OA 252 -115.03 -14.77 32.17
C ALA OA 252 -113.66 -14.18 32.19
N LEU OA 253 -112.77 -15.04 31.66
CA LEU OA 253 -111.38 -14.73 31.41
C LEU OA 253 -111.20 -13.66 30.38
N THR OA 254 -112.00 -13.76 29.31
CA THR OA 254 -111.88 -12.83 28.17
C THR OA 254 -112.23 -11.39 28.59
N VAL OA 255 -113.39 -11.18 29.28
CA VAL OA 255 -114.04 -9.92 29.46
C VAL OA 255 -113.63 -9.25 30.76
N GLY OA 256 -112.82 -9.89 31.64
CA GLY OA 256 -112.17 -9.16 32.63
C GLY OA 256 -113.08 -8.84 33.89
N ASP OA 257 -114.22 -9.55 34.02
CA ASP OA 257 -115.13 -9.40 35.09
C ASP OA 257 -114.72 -10.38 36.18
N PHE OA 258 -114.49 -9.83 37.38
CA PHE OA 258 -113.93 -10.46 38.57
C PHE OA 258 -114.99 -11.07 39.44
N ASP OA 259 -116.26 -10.58 39.25
CA ASP OA 259 -117.50 -11.04 39.88
C ASP OA 259 -117.90 -12.35 39.38
N LYS OA 260 -117.88 -12.57 38.04
CA LYS OA 260 -118.27 -13.76 37.44
C LYS OA 260 -117.27 -14.84 37.76
N PHE OA 261 -115.90 -14.45 37.67
CA PHE OA 261 -114.82 -15.35 37.86
C PHE OA 261 -114.80 -16.04 39.16
N ASP OA 262 -115.09 -15.29 40.28
CA ASP OA 262 -115.15 -15.72 41.67
C ASP OA 262 -116.24 -16.76 41.82
N SER OA 263 -117.44 -16.58 41.24
CA SER OA 263 -118.61 -17.48 41.32
C SER OA 263 -118.32 -18.82 40.75
N LEU OA 264 -117.68 -18.83 39.58
CA LEU OA 264 -117.36 -19.99 38.84
C LEU OA 264 -116.35 -20.85 39.49
N ILE OA 265 -115.12 -20.31 39.91
CA ILE OA 265 -114.00 -21.15 40.32
C ILE OA 265 -114.30 -21.96 41.53
N LYS OA 266 -115.21 -21.58 42.47
CA LYS OA 266 -115.56 -22.25 43.74
C LYS OA 266 -116.02 -23.61 43.51
N VAL OA 267 -116.78 -23.84 42.47
CA VAL OA 267 -117.25 -25.14 42.17
C VAL OA 267 -116.20 -26.03 41.63
N GLN OA 268 -115.29 -25.48 40.81
CA GLN OA 268 -114.37 -26.28 39.97
C GLN OA 268 -113.14 -26.68 40.81
N ILE OA 269 -112.89 -26.10 42.07
CA ILE OA 269 -111.77 -26.53 42.92
C ILE OA 269 -111.93 -27.87 43.55
N SER OA 270 -113.18 -28.15 44.07
CA SER OA 270 -113.47 -29.28 44.85
C SER OA 270 -113.63 -30.43 43.94
N LYS OA 271 -114.23 -30.23 42.73
CA LYS OA 271 -114.60 -31.23 41.77
C LYS OA 271 -113.49 -31.75 40.94
N ILE OA 272 -112.50 -30.82 40.54
CA ILE OA 272 -111.46 -31.15 39.63
C ILE OA 272 -110.13 -30.86 40.23
N PRO OA 273 -109.22 -31.80 40.36
CA PRO OA 273 -107.98 -31.42 41.03
C PRO OA 273 -106.93 -30.78 40.09
N ILE OA 274 -106.98 -30.82 38.73
CA ILE OA 274 -106.11 -30.16 37.78
C ILE OA 274 -106.32 -28.66 37.77
N LEU OA 275 -107.59 -28.19 37.88
CA LEU OA 275 -107.99 -26.79 38.10
C LEU OA 275 -107.59 -26.31 39.50
N ALA OA 276 -107.74 -27.20 40.52
CA ALA OA 276 -107.32 -26.92 41.92
C ALA OA 276 -105.89 -26.68 42.06
N GLN OA 277 -104.99 -27.57 41.50
CA GLN OA 277 -103.51 -27.47 41.82
C GLN OA 277 -102.81 -26.36 41.06
N HIS OA 278 -103.49 -25.77 40.06
CA HIS OA 278 -103.02 -24.79 39.21
C HIS OA 278 -103.87 -23.58 39.42
N GLU OA 279 -104.51 -23.44 40.59
CA GLU OA 279 -105.50 -22.35 40.70
C GLU OA 279 -104.83 -20.94 40.90
N SER OA 280 -103.54 -20.96 41.29
CA SER OA 280 -102.75 -19.81 41.46
C SER OA 280 -102.33 -19.14 40.22
N PHE OA 281 -101.96 -19.96 39.15
CA PHE OA 281 -101.55 -19.55 37.88
C PHE OA 281 -102.65 -18.95 37.16
N LEU OA 282 -103.87 -19.57 37.28
CA LEU OA 282 -105.10 -19.32 36.64
C LEU OA 282 -105.61 -17.98 37.11
N ARG OA 283 -105.52 -17.71 38.46
CA ARG OA 283 -105.94 -16.53 39.20
C ARG OA 283 -105.12 -15.31 38.75
N GLN OA 284 -103.82 -15.46 38.64
CA GLN OA 284 -103.02 -14.32 38.20
C GLN OA 284 -103.20 -14.13 36.74
N LYS OA 285 -103.71 -15.19 36.01
CA LYS OA 285 -103.85 -15.06 34.56
C LYS OA 285 -104.87 -14.02 34.13
N ILE OA 286 -106.04 -13.90 34.86
CA ILE OA 286 -107.20 -13.04 34.64
C ILE OA 286 -106.80 -11.60 34.72
N CYS OA 287 -105.87 -11.32 35.67
CA CYS OA 287 -105.37 -10.05 36.07
C CYS OA 287 -104.44 -9.56 35.01
N LEU OA 288 -103.64 -10.42 34.41
CA LEU OA 288 -102.72 -9.94 33.33
C LEU OA 288 -103.49 -9.57 32.10
N MET OA 289 -104.62 -10.32 31.77
CA MET OA 289 -105.47 -10.02 30.71
C MET OA 289 -106.10 -8.67 30.82
N THR OA 290 -106.48 -8.22 32.02
CA THR OA 290 -106.99 -6.89 32.28
C THR OA 290 -106.03 -5.88 31.87
N LEU OA 291 -104.72 -6.06 32.22
CA LEU OA 291 -103.76 -4.97 31.89
C LEU OA 291 -103.69 -4.64 30.43
N ILE OA 292 -103.45 -5.64 29.54
CA ILE OA 292 -103.19 -5.44 28.13
C ILE OA 292 -104.41 -5.00 27.37
N GLU OA 293 -105.55 -5.55 27.74
CA GLU OA 293 -106.84 -5.21 27.10
C GLU OA 293 -107.23 -3.78 27.25
N THR OA 294 -107.15 -3.24 28.46
CA THR OA 294 -107.55 -1.96 28.89
C THR OA 294 -106.66 -0.86 28.24
N VAL OA 295 -105.29 -1.07 28.09
CA VAL OA 295 -104.42 -0.10 27.44
C VAL OA 295 -104.59 -0.15 25.88
N PHE OA 296 -104.99 -1.24 25.31
CA PHE OA 296 -105.05 -1.21 23.86
C PHE OA 296 -106.08 -0.31 23.29
N VAL OA 297 -107.35 -0.45 23.89
CA VAL OA 297 -108.41 0.29 23.30
C VAL OA 297 -108.27 1.73 23.56
N LYS OA 298 -107.68 2.15 24.71
CA LYS OA 298 -107.28 3.56 24.93
C LYS OA 298 -106.16 3.96 23.98
N ASN OA 299 -106.20 5.25 23.55
CA ASN OA 299 -105.22 5.77 22.55
C ASN OA 299 -103.91 6.17 23.15
N ILE OA 300 -103.87 6.35 24.46
CA ILE OA 300 -102.68 6.38 25.27
C ILE OA 300 -102.12 4.94 25.37
N ARG OA 301 -100.79 4.90 25.71
CA ARG OA 301 -100.09 3.64 25.78
C ARG OA 301 -99.35 3.62 27.06
N MET OA 302 -99.91 4.02 28.23
CA MET OA 302 -99.40 4.05 29.59
C MET OA 302 -100.59 4.02 30.45
N LEU OA 303 -100.36 3.68 31.71
CA LEU OA 303 -101.46 3.61 32.66
C LEU OA 303 -100.75 3.93 33.87
N SER OA 304 -101.49 4.51 34.81
CA SER OA 304 -101.05 4.77 36.17
C SER OA 304 -101.12 3.47 36.99
N PHE OA 305 -100.54 3.45 38.22
CA PHE OA 305 -100.69 2.34 39.18
C PHE OA 305 -102.11 2.34 39.71
N GLU OA 306 -102.63 3.56 40.00
CA GLU OA 306 -103.96 3.88 40.54
C GLU OA 306 -105.06 3.38 39.65
N ASP OA 307 -104.90 3.48 38.29
CA ASP OA 307 -105.78 2.83 37.39
C ASP OA 307 -105.87 1.32 37.56
N ILE OA 308 -104.72 0.65 37.66
CA ILE OA 308 -104.51 -0.84 37.77
C ILE OA 308 -105.07 -1.37 39.09
N SER OA 309 -104.86 -0.56 40.23
CA SER OA 309 -105.24 -0.83 41.56
C SER OA 309 -106.74 -1.03 41.59
N LYS OA 310 -107.48 -0.11 40.86
CA LYS OA 310 -108.90 -0.26 40.73
C LYS OA 310 -109.27 -1.43 39.78
N ALA OA 311 -108.55 -1.56 38.64
CA ALA OA 311 -108.79 -2.48 37.62
C ALA OA 311 -108.74 -3.96 38.00
N THR OA 312 -107.77 -4.38 38.87
CA THR OA 312 -107.55 -5.77 39.14
C THR OA 312 -108.12 -6.04 40.50
N HIS OA 313 -108.54 -5.00 41.24
CA HIS OA 313 -109.20 -5.02 42.56
C HIS OA 313 -108.26 -5.56 43.59
N LEU OA 314 -106.98 -5.13 43.50
CA LEU OA 314 -105.94 -5.70 44.35
C LEU OA 314 -105.15 -4.52 44.86
N PRO OA 315 -104.23 -4.56 45.84
CA PRO OA 315 -103.36 -3.46 46.25
C PRO OA 315 -102.45 -2.91 45.17
N LYS OA 316 -101.85 -1.77 45.41
CA LYS OA 316 -100.91 -1.03 44.59
C LYS OA 316 -99.61 -1.84 44.69
N ASP OA 317 -99.46 -2.64 45.73
CA ASP OA 317 -98.26 -3.47 46.00
C ASP OA 317 -98.25 -4.61 45.00
N ASN OA 318 -99.47 -5.19 44.77
CA ASN OA 318 -99.61 -6.29 43.78
C ASN OA 318 -99.22 -5.95 42.41
N VAL OA 319 -99.47 -4.72 42.00
CA VAL OA 319 -99.30 -4.08 40.69
C VAL OA 319 -97.91 -4.21 40.24
N GLU OA 320 -96.97 -3.97 41.13
CA GLU OA 320 -95.57 -4.14 40.88
C GLU OA 320 -95.21 -5.48 40.49
N HIS OA 321 -95.79 -6.52 41.11
CA HIS OA 321 -95.33 -7.88 40.87
C HIS OA 321 -95.93 -8.41 39.58
N LEU OA 322 -97.28 -8.12 39.29
CA LEU OA 322 -97.92 -8.57 38.12
C LEU OA 322 -97.50 -7.89 36.88
N VAL OA 323 -97.24 -6.56 37.00
CA VAL OA 323 -96.82 -5.85 35.82
C VAL OA 323 -95.40 -6.34 35.42
N MET OA 324 -94.63 -6.86 36.41
CA MET OA 324 -93.24 -7.23 36.22
C MET OA 324 -93.19 -8.51 35.47
N ARG OA 325 -94.14 -9.44 35.81
CA ARG OA 325 -94.30 -10.78 35.16
C ARG OA 325 -94.62 -10.55 33.73
N ALA OA 326 -95.49 -9.54 33.43
CA ALA OA 326 -95.94 -9.16 32.08
C ALA OA 326 -94.76 -8.82 31.19
N ILE OA 327 -93.71 -8.13 31.75
CA ILE OA 327 -92.49 -7.91 30.95
C ILE OA 327 -91.70 -9.19 30.72
N SER OA 328 -91.59 -10.06 31.71
CA SER OA 328 -90.81 -11.28 31.66
C SER OA 328 -91.35 -12.25 30.60
N LEU OA 329 -92.69 -12.47 30.66
CA LEU OA 329 -93.40 -13.40 29.74
C LEU OA 329 -93.28 -12.78 28.35
N GLY OA 330 -93.44 -11.49 28.22
CA GLY OA 330 -93.28 -10.90 26.99
C GLY OA 330 -94.65 -10.60 26.45
N LEU OA 331 -95.68 -10.69 27.38
CA LEU OA 331 -96.99 -10.17 27.11
C LEU OA 331 -96.91 -8.67 26.76
N LEU OA 332 -96.08 -7.95 27.58
CA LEU OA 332 -95.88 -6.55 27.44
C LEU OA 332 -94.38 -6.28 27.43
N LYS OA 333 -94.00 -5.06 27.04
CA LYS OA 333 -92.63 -4.68 26.98
C LYS OA 333 -92.70 -3.18 27.21
N GLY OA 334 -91.61 -2.57 27.80
CA GLY OA 334 -91.72 -1.18 28.27
C GLY OA 334 -90.85 -0.97 29.50
N SER OA 335 -91.21 0.19 30.09
CA SER OA 335 -90.55 0.73 31.26
C SER OA 335 -91.57 0.89 32.31
N ILE OA 336 -91.06 0.58 33.52
CA ILE OA 336 -91.85 0.65 34.75
C ILE OA 336 -91.21 1.68 35.64
N ASP OA 337 -92.01 2.58 36.26
CA ASP OA 337 -91.57 3.57 37.17
C ASP OA 337 -92.40 3.49 38.40
N GLN OA 338 -91.78 3.60 39.60
CA GLN OA 338 -92.58 3.65 40.78
C GLN OA 338 -92.57 5.08 41.31
N VAL OA 339 -91.58 5.98 40.89
CA VAL OA 339 -91.46 7.28 41.48
C VAL OA 339 -92.57 8.17 40.90
N ASN OA 340 -92.78 8.06 39.51
CA ASN OA 340 -93.87 8.73 38.90
C ASN OA 340 -95.12 7.95 38.81
N GLU OA 341 -95.03 6.72 39.33
CA GLU OA 341 -96.10 5.75 39.60
C GLU OA 341 -96.79 5.40 38.27
N LEU OA 342 -96.01 5.18 37.28
CA LEU OA 342 -96.48 4.76 35.96
C LEU OA 342 -95.95 3.39 35.48
N VAL OA 343 -96.65 2.76 34.52
CA VAL OA 343 -95.97 1.76 33.73
C VAL OA 343 -96.26 2.25 32.36
N THR OA 344 -95.27 2.51 31.48
CA THR OA 344 -95.57 3.04 30.13
C THR OA 344 -95.11 1.91 29.21
N ILE OA 345 -96.04 1.19 28.64
CA ILE OA 345 -95.72 0.21 27.66
C ILE OA 345 -95.30 0.72 26.29
N SER OA 346 -94.48 -0.05 25.61
CA SER OA 346 -94.02 0.18 24.23
C SER OA 346 -94.48 -0.87 23.28
N TRP OA 347 -95.18 -1.94 23.81
CA TRP OA 347 -95.62 -3.01 22.93
C TRP OA 347 -96.91 -3.56 23.54
N VAL OA 348 -97.79 -4.03 22.61
CA VAL OA 348 -98.87 -4.97 23.00
C VAL OA 348 -98.67 -6.23 22.20
N GLN OA 349 -98.91 -7.47 22.78
CA GLN OA 349 -98.73 -8.66 22.05
C GLN OA 349 -99.93 -8.95 21.16
N PRO OA 350 -99.73 -9.57 19.92
CA PRO OA 350 -100.85 -9.84 19.06
C PRO OA 350 -101.86 -10.85 19.64
N ARG OA 351 -103.09 -10.63 19.33
CA ARG OA 351 -104.25 -11.40 19.89
C ARG OA 351 -105.17 -11.69 18.73
N ILE OA 352 -106.22 -12.50 18.96
CA ILE OA 352 -107.28 -12.76 18.03
C ILE OA 352 -108.36 -11.67 18.28
N ILE OA 353 -108.78 -11.07 17.18
CA ILE OA 353 -109.40 -9.73 17.21
C ILE OA 353 -110.90 -9.76 17.08
N SER OA 354 -111.70 -9.53 18.22
CA SER OA 354 -113.09 -9.54 18.34
C SER OA 354 -113.59 -8.25 17.95
N GLY OA 355 -114.91 -8.16 17.77
CA GLY OA 355 -115.65 -7.06 17.08
C GLY OA 355 -115.42 -5.69 17.67
N ASP OA 356 -115.46 -5.51 19.01
CA ASP OA 356 -115.19 -4.22 19.61
C ASP OA 356 -113.80 -3.68 19.30
N GLN OA 357 -112.81 -4.52 19.32
CA GLN OA 357 -111.41 -4.13 19.04
C GLN OA 357 -111.26 -3.45 17.65
N ILE OA 358 -111.98 -4.02 16.63
CA ILE OA 358 -111.99 -3.49 15.29
C ILE OA 358 -112.66 -2.12 15.19
N THR OA 359 -113.75 -1.89 15.95
CA THR OA 359 -114.37 -0.56 15.99
C THR OA 359 -113.48 0.49 16.46
N LYS OA 360 -112.68 0.20 17.54
CA LYS OA 360 -111.76 1.22 18.08
C LYS OA 360 -110.60 1.55 17.15
N MET OA 361 -110.17 0.53 16.40
CA MET OA 361 -109.09 0.57 15.43
C MET OA 361 -109.53 1.54 14.29
N LYS OA 362 -110.80 1.42 13.82
CA LYS OA 362 -111.51 2.27 12.82
C LYS OA 362 -111.52 3.72 13.17
N ASP OA 363 -112.01 4.04 14.42
CA ASP OA 363 -112.15 5.46 14.92
C ASP OA 363 -110.86 6.14 15.07
N ARG OA 364 -109.74 5.35 15.27
CA ARG OA 364 -108.39 5.90 15.27
C ARG OA 364 -108.07 6.37 13.86
N LEU OA 365 -108.39 5.66 12.75
CA LEU OA 365 -107.94 6.09 11.46
C LEU OA 365 -108.73 7.19 10.92
N VAL OA 366 -110.00 7.45 11.38
CA VAL OA 366 -110.82 8.57 11.02
C VAL OA 366 -110.25 9.89 11.50
N GLU OA 367 -109.65 9.87 12.75
CA GLU OA 367 -108.91 10.99 13.37
C GLU OA 367 -107.75 11.32 12.55
N TRP OA 368 -106.89 10.30 12.17
CA TRP OA 368 -105.65 10.42 11.46
C TRP OA 368 -105.86 11.09 10.16
N ASN OA 369 -106.89 10.62 9.40
CA ASN OA 369 -107.10 10.89 8.01
C ASN OA 369 -107.47 12.38 7.86
N ASP OA 370 -108.19 12.85 8.87
CA ASP OA 370 -108.75 14.18 8.83
C ASP OA 370 -107.58 15.20 8.98
N GLN OA 371 -106.54 14.86 9.66
CA GLN OA 371 -105.36 15.68 9.93
C GLN OA 371 -104.58 15.87 8.68
N VAL OA 372 -104.32 14.74 7.90
CA VAL OA 372 -103.51 14.75 6.72
C VAL OA 372 -104.09 15.67 5.72
N GLU OA 373 -105.43 15.67 5.68
CA GLU OA 373 -106.15 16.44 4.74
C GLU OA 373 -106.00 17.98 5.09
N LYS OA 374 -106.12 18.42 6.33
CA LYS OA 374 -105.97 19.78 6.78
C LYS OA 374 -104.58 20.35 6.63
N LEU OA 375 -103.57 19.63 6.93
CA LEU OA 375 -102.13 19.90 6.76
C LEU OA 375 -101.83 20.06 5.30
N GLY OA 376 -102.38 19.15 4.41
CA GLY OA 376 -102.38 19.29 2.98
C GLY OA 376 -103.02 20.49 2.32
N LYS OA 377 -104.20 21.01 2.76
CA LYS OA 377 -104.95 22.10 2.12
C LYS OA 377 -104.18 23.37 2.25
N LYS OA 378 -103.55 23.57 3.40
CA LYS OA 378 -102.84 24.77 3.80
C LYS OA 378 -101.60 24.87 2.94
N MET OA 379 -100.92 23.69 2.67
CA MET OA 379 -99.70 23.70 1.92
C MET OA 379 -99.95 23.77 0.42
N GLU OA 380 -101.13 23.41 -0.14
CA GLU OA 380 -101.45 23.47 -1.57
C GLU OA 380 -101.64 24.99 -1.92
N ALA OA 381 -102.36 25.75 -1.11
CA ALA OA 381 -102.59 27.21 -1.15
C ALA OA 381 -101.42 28.07 -0.99
N ARG OA 382 -100.53 27.69 0.01
CA ARG OA 382 -99.33 28.50 0.24
C ARG OA 382 -98.39 27.91 -0.77
N GLY OA 383 -97.74 28.80 -1.63
CA GLY OA 383 -96.77 28.51 -2.72
C GLY OA 383 -97.43 27.81 -3.87
N GLN OA 384 -98.72 28.14 -4.14
CA GLN OA 384 -99.51 27.63 -5.24
C GLN OA 384 -98.92 27.93 -6.51
N SER OA 385 -98.48 29.15 -6.80
CA SER OA 385 -97.99 29.60 -8.06
C SER OA 385 -96.47 29.32 -8.26
N ILE OA 386 -95.78 28.95 -7.16
CA ILE OA 386 -94.33 28.67 -7.30
C ILE OA 386 -94.25 27.15 -7.06
N TRP OA 387 -93.73 26.42 -8.05
CA TRP OA 387 -93.47 24.98 -7.84
C TRP OA 387 -92.48 24.61 -8.94
N VAL OA 388 -91.92 25.62 -9.60
CA VAL OA 388 -91.01 25.51 -10.71
C VAL OA 388 -89.64 25.97 -10.17
N ALA PA 1 -18.17 54.95 -33.67
CA ALA PA 1 -17.97 53.63 -34.16
C ALA PA 1 -18.59 53.43 -35.57
N ALA PA 2 -19.00 54.48 -36.28
CA ALA PA 2 -19.71 54.57 -37.51
C ALA PA 2 -19.19 53.70 -38.69
N PRO PA 3 -17.85 53.60 -38.94
CA PRO PA 3 -17.40 52.65 -39.93
C PRO PA 3 -17.76 51.22 -39.82
N TYR PA 4 -17.88 50.62 -38.65
CA TYR PA 4 -18.16 49.21 -38.57
C TYR PA 4 -19.61 49.03 -38.14
N ALA PA 5 -20.17 49.94 -37.30
CA ALA PA 5 -21.45 49.86 -36.59
C ALA PA 5 -22.54 49.82 -37.54
N ALA PA 6 -22.46 50.78 -38.50
CA ALA PA 6 -23.54 50.96 -39.49
C ALA PA 6 -23.55 49.84 -40.41
N LYS PA 7 -22.36 49.37 -40.83
CA LYS PA 7 -22.12 48.26 -41.69
C LYS PA 7 -22.41 46.89 -41.08
N LEU PA 8 -22.43 46.78 -39.71
CA LEU PA 8 -22.82 45.60 -38.98
C LEU PA 8 -24.23 45.34 -39.18
N LYS PA 9 -25.20 46.36 -39.15
CA LYS PA 9 -26.62 46.10 -39.21
C LYS PA 9 -27.03 45.67 -40.61
N GLN PA 10 -26.29 46.21 -41.58
CA GLN PA 10 -26.43 45.97 -42.97
C GLN PA 10 -26.04 44.59 -43.32
N THR PA 11 -25.01 44.08 -42.63
CA THR PA 11 -24.60 42.67 -42.79
C THR PA 11 -25.70 41.73 -42.40
N GLU PA 12 -26.33 42.01 -41.21
CA GLU PA 12 -27.31 41.27 -40.52
C GLU PA 12 -28.57 41.13 -41.28
N ASN PA 13 -29.05 42.23 -41.90
CA ASN PA 13 -30.29 42.19 -42.65
C ASN PA 13 -30.25 41.34 -43.87
N ASP PA 14 -29.10 41.35 -44.52
CA ASP PA 14 -28.84 40.46 -45.69
C ASP PA 14 -28.97 39.02 -45.25
N LEU PA 15 -28.39 38.58 -44.10
CA LEU PA 15 -28.44 37.18 -43.71
C LEU PA 15 -29.82 36.79 -43.47
N LYS PA 16 -30.66 37.61 -42.75
CA LYS PA 16 -32.02 37.34 -42.46
C LYS PA 16 -32.89 37.23 -43.71
N ASP PA 17 -32.50 38.03 -44.75
CA ASP PA 17 -33.19 38.06 -46.04
C ASP PA 17 -32.95 36.69 -46.73
N ILE PA 18 -31.66 36.17 -46.63
CA ILE PA 18 -31.31 34.94 -47.18
C ILE PA 18 -32.06 33.78 -46.53
N GLU PA 19 -32.29 33.77 -45.21
CA GLU PA 19 -33.06 32.73 -44.47
C GLU PA 19 -34.47 32.64 -44.89
N ALA PA 20 -35.13 33.84 -45.08
CA ALA PA 20 -36.48 34.05 -45.54
C ALA PA 20 -36.64 33.54 -46.98
N ARG PA 21 -35.58 33.71 -47.83
CA ARG PA 21 -35.54 33.42 -49.25
C ARG PA 21 -35.69 31.91 -49.51
N ILE PA 22 -34.98 31.15 -48.63
CA ILE PA 22 -34.92 29.63 -48.57
C ILE PA 22 -36.32 29.09 -48.18
N LYS PA 23 -37.14 29.65 -47.27
CA LYS PA 23 -38.50 29.23 -46.89
C LYS PA 23 -39.54 29.60 -47.93
N GLU PA 24 -39.34 30.65 -48.73
CA GLU PA 24 -40.14 30.93 -49.88
C GLU PA 24 -39.94 29.84 -50.96
N LYS PA 25 -38.63 29.42 -51.18
CA LYS PA 25 -38.15 28.46 -52.21
C LYS PA 25 -38.62 27.06 -52.03
N ALA PA 26 -38.57 26.62 -50.70
CA ALA PA 26 -38.84 25.21 -50.44
C ALA PA 26 -40.29 25.01 -50.35
N GLY PA 27 -41.15 26.08 -50.36
CA GLY PA 27 -42.60 25.72 -50.26
C GLY PA 27 -43.18 25.36 -51.56
N VAL PA 28 -42.43 25.52 -52.66
CA VAL PA 28 -42.93 25.05 -53.90
C VAL PA 28 -41.83 24.14 -54.48
N LYS PA 29 -42.10 22.99 -54.99
CA LYS PA 29 -41.07 22.14 -55.53
C LYS PA 29 -41.64 21.76 -56.90
N GLU PA 30 -40.94 20.89 -57.60
CA GLU PA 30 -41.14 20.39 -58.92
C GLU PA 30 -42.37 19.43 -59.06
N SER PA 31 -43.35 19.74 -60.01
CA SER PA 31 -44.64 19.08 -60.37
C SER PA 31 -44.44 17.79 -61.07
N ASP PA 32 -45.35 16.75 -60.99
CA ASP PA 32 -45.89 16.17 -59.80
C ASP PA 32 -45.30 14.73 -59.88
N THR PA 33 -46.09 13.72 -60.46
CA THR PA 33 -45.61 12.39 -60.60
C THR PA 33 -46.26 11.89 -61.86
N GLY PA 34 -47.10 12.76 -62.49
CA GLY PA 34 -47.92 12.49 -63.59
C GLY PA 34 -47.08 12.18 -64.75
N LEU PA 35 -47.29 11.02 -65.49
CA LEU PA 35 -46.42 10.60 -66.56
C LEU PA 35 -47.48 9.97 -67.33
N ALA PA 36 -47.42 10.27 -68.65
CA ALA PA 36 -48.35 9.91 -69.72
C ALA PA 36 -48.43 8.38 -69.77
N PRO PA 37 -47.37 7.52 -69.71
CA PRO PA 37 -47.59 6.02 -69.74
C PRO PA 37 -48.13 5.40 -68.52
N SER PA 38 -48.11 6.18 -67.40
CA SER PA 38 -48.79 5.68 -66.24
C SER PA 38 -50.10 6.42 -65.97
N HIS PA 39 -50.66 7.19 -66.96
CA HIS PA 39 -51.96 7.78 -66.91
C HIS PA 39 -52.92 6.75 -67.42
N LEU PA 40 -52.45 5.72 -68.16
CA LEU PA 40 -53.17 4.61 -68.77
C LEU PA 40 -53.30 3.51 -67.83
N TRP PA 41 -52.40 3.49 -66.76
CA TRP PA 41 -52.42 2.60 -65.64
C TRP PA 41 -53.58 2.95 -64.71
N ASP PA 42 -54.14 4.15 -64.83
CA ASP PA 42 -55.21 4.72 -64.04
C ASP PA 42 -56.53 4.17 -64.30
N ILE PA 43 -56.71 3.52 -65.42
CA ILE PA 43 -57.96 2.97 -65.87
C ILE PA 43 -58.29 1.76 -65.04
N MET PA 44 -57.29 0.92 -64.70
CA MET PA 44 -57.28 -0.31 -63.97
C MET PA 44 -57.15 0.15 -62.55
N GLY PA 45 -56.54 1.30 -62.34
CA GLY PA 45 -56.14 1.77 -60.95
C GLY PA 45 -57.33 2.09 -60.07
N ASP PA 46 -58.41 2.61 -60.59
CA ASP PA 46 -59.62 2.93 -59.80
C ASP PA 46 -60.36 1.73 -59.25
N ARG PA 47 -60.45 0.68 -60.06
CA ARG PA 47 -61.17 -0.54 -59.81
C ARG PA 47 -60.51 -1.32 -58.75
N GLN PA 48 -59.21 -1.52 -58.74
CA GLN PA 48 -58.55 -2.39 -57.77
C GLN PA 48 -58.40 -1.83 -56.37
N ARG PA 49 -58.21 -0.44 -56.38
CA ARG PA 49 -58.14 0.32 -55.13
C ARG PA 49 -59.40 0.35 -54.34
N LEU PA 50 -60.48 0.52 -55.00
CA LEU PA 50 -61.78 0.45 -54.31
C LEU PA 50 -62.25 -0.97 -53.99
N GLY PA 51 -61.71 -1.98 -54.71
CA GLY PA 51 -62.13 -3.38 -54.50
C GLY PA 51 -61.45 -3.99 -53.32
N GLU PA 52 -62.00 -5.09 -52.82
CA GLU PA 52 -61.37 -5.83 -51.81
C GLU PA 52 -60.41 -6.80 -52.42
N GLU PA 53 -59.12 -6.47 -52.74
CA GLU PA 53 -58.30 -7.45 -53.35
C GLU PA 53 -56.92 -7.15 -53.01
N HIS PA 54 -56.58 -5.95 -52.44
CA HIS PA 54 -55.27 -5.74 -51.82
C HIS PA 54 -55.56 -4.95 -50.56
N PRO PA 55 -54.57 -4.78 -49.64
CA PRO PA 55 -53.35 -5.51 -49.48
C PRO PA 55 -53.69 -6.84 -48.97
N LEU PA 56 -52.64 -7.72 -49.22
CA LEU PA 56 -52.65 -9.03 -48.64
C LEU PA 56 -51.60 -8.88 -47.54
N GLN PA 57 -51.87 -9.31 -46.29
CA GLN PA 57 -50.81 -9.41 -45.26
C GLN PA 57 -49.81 -10.41 -45.66
N VAL PA 58 -48.55 -10.26 -45.26
CA VAL PA 58 -47.52 -11.25 -45.35
C VAL PA 58 -47.58 -11.98 -44.03
N ALA PA 59 -47.85 -13.23 -44.23
CA ALA PA 59 -47.60 -14.21 -43.24
C ALA PA 59 -46.64 -15.20 -43.81
N ARG PA 60 -46.18 -16.18 -42.89
CA ARG PA 60 -45.21 -17.23 -43.24
C ARG PA 60 -45.57 -18.42 -42.33
N CYS PA 61 -45.57 -19.67 -42.82
CA CYS PA 61 -45.72 -20.84 -41.97
C CYS PA 61 -44.50 -21.11 -41.02
N THR PA 62 -44.95 -21.40 -39.82
CA THR PA 62 -44.12 -21.61 -38.72
C THR PA 62 -44.45 -22.93 -38.04
N LYS PA 63 -45.62 -23.49 -38.35
CA LYS PA 63 -46.00 -24.76 -37.74
C LYS PA 63 -46.92 -25.43 -38.64
N ILE PA 64 -46.73 -26.73 -38.80
CA ILE PA 64 -47.50 -27.50 -39.76
C ILE PA 64 -48.35 -28.30 -38.81
N ILE PA 65 -49.64 -28.51 -39.14
CA ILE PA 65 -50.54 -29.43 -38.51
C ILE PA 65 -51.10 -30.20 -39.63
N LYS PA 66 -51.72 -31.34 -39.32
CA LYS PA 66 -52.43 -32.10 -40.35
C LYS PA 66 -53.77 -32.03 -39.81
N GLY PA 67 -54.71 -31.61 -40.62
CA GLY PA 67 -55.93 -30.99 -40.26
C GLY PA 67 -57.01 -31.91 -39.81
N ASN PA 68 -56.72 -33.23 -39.96
CA ASN PA 68 -57.34 -34.34 -39.25
C ASN PA 68 -56.21 -34.98 -38.56
N GLY PA 69 -56.56 -35.46 -37.34
CA GLY PA 69 -55.66 -35.97 -36.36
C GLY PA 69 -55.16 -34.82 -35.58
N GLU PA 70 -55.70 -33.57 -35.87
CA GLU PA 70 -55.21 -32.37 -35.21
C GLU PA 70 -55.63 -32.36 -33.76
N SER PA 71 -56.94 -32.74 -33.55
CA SER PA 71 -57.66 -32.58 -32.32
C SER PA 71 -58.48 -31.36 -32.38
N ASP PA 72 -59.09 -31.04 -33.54
CA ASP PA 72 -59.99 -29.87 -33.62
C ASP PA 72 -61.31 -30.11 -32.80
N GLU PA 73 -62.07 -31.27 -33.02
CA GLU PA 73 -63.20 -31.55 -32.14
C GLU PA 73 -62.67 -32.18 -30.93
N THR PA 74 -63.30 -31.86 -29.79
CA THR PA 74 -62.68 -32.25 -28.55
C THR PA 74 -63.68 -32.97 -27.65
N THR PA 75 -64.81 -33.35 -28.26
CA THR PA 75 -65.99 -33.95 -27.67
C THR PA 75 -65.75 -35.30 -27.00
N THR PA 76 -65.21 -36.32 -27.68
CA THR PA 76 -65.08 -37.65 -27.15
C THR PA 76 -63.64 -38.06 -27.49
N ASP PA 77 -62.79 -37.09 -27.88
CA ASP PA 77 -61.36 -37.31 -28.16
C ASP PA 77 -60.56 -37.11 -26.91
N ASN PA 78 -59.22 -37.37 -27.03
CA ASN PA 78 -58.35 -37.28 -25.86
C ASN PA 78 -57.02 -36.76 -26.43
N ASN PA 79 -56.21 -36.31 -25.46
CA ASN PA 79 -54.93 -35.61 -25.76
C ASN PA 79 -55.07 -34.36 -26.71
N ASN PA 80 -53.93 -34.01 -27.38
CA ASN PA 80 -53.64 -32.90 -28.24
C ASN PA 80 -53.43 -33.30 -29.65
N SER PA 81 -53.64 -34.62 -29.78
CA SER PA 81 -53.39 -35.28 -31.01
C SER PA 81 -54.30 -36.42 -31.15
N GLY PA 82 -54.54 -36.83 -32.42
CA GLY PA 82 -55.52 -37.87 -32.61
C GLY PA 82 -54.77 -39.14 -33.15
N ASN PA 83 -55.28 -39.65 -34.24
CA ASN PA 83 -54.64 -40.82 -34.84
C ASN PA 83 -53.69 -40.44 -35.94
N SER PA 84 -53.54 -39.09 -36.23
CA SER PA 84 -52.53 -38.47 -37.09
C SER PA 84 -52.94 -38.50 -38.56
N ASN PA 85 -54.20 -38.92 -38.76
CA ASN PA 85 -54.84 -38.95 -40.08
C ASN PA 85 -56.34 -39.04 -40.00
N SER PA 86 -56.84 -39.35 -38.81
CA SER PA 86 -58.25 -39.45 -38.53
C SER PA 86 -58.51 -38.93 -37.10
N ASN PA 87 -59.75 -38.51 -36.81
CA ASN PA 87 -60.07 -37.93 -35.53
C ASN PA 87 -61.58 -37.78 -35.51
N SER PA 88 -62.18 -37.75 -36.71
CA SER PA 88 -63.61 -37.57 -36.83
C SER PA 88 -64.18 -38.44 -37.90
N ASN PA 89 -63.36 -39.37 -38.50
CA ASN PA 89 -63.83 -40.27 -39.60
C ASN PA 89 -64.06 -41.68 -39.05
N GLN PA 90 -63.67 -42.01 -37.79
CA GLN PA 90 -63.79 -43.32 -37.16
C GLN PA 90 -64.81 -43.22 -36.17
N GLN PA 91 -65.43 -42.02 -35.87
CA GLN PA 91 -66.40 -41.90 -34.86
C GLN PA 91 -67.29 -40.73 -35.20
N SER PA 92 -68.63 -40.88 -34.84
CA SER PA 92 -69.61 -39.85 -35.10
C SER PA 92 -70.29 -39.74 -33.79
N THR PA 93 -69.56 -40.11 -32.68
CA THR PA 93 -70.00 -39.73 -31.33
C THR PA 93 -69.44 -38.27 -31.04
N ASP PA 94 -68.46 -37.76 -31.92
CA ASP PA 94 -68.10 -36.39 -31.96
C ASP PA 94 -69.32 -35.58 -32.55
N ALA PA 95 -69.93 -36.12 -33.62
CA ALA PA 95 -71.19 -35.80 -34.22
C ALA PA 95 -70.86 -34.99 -35.42
N ASP PA 96 -69.65 -35.23 -35.92
CA ASP PA 96 -69.08 -34.43 -36.95
C ASP PA 96 -68.04 -35.28 -37.68
N GLU PA 97 -67.89 -34.91 -38.94
CA GLU PA 97 -66.94 -35.52 -39.82
C GLU PA 97 -66.35 -34.33 -40.57
N ASP PA 98 -65.04 -34.42 -40.98
CA ASP PA 98 -64.50 -33.29 -41.67
C ASP PA 98 -63.38 -33.97 -42.40
N ASP PA 99 -62.94 -33.35 -43.56
CA ASP PA 99 -61.99 -33.99 -44.44
C ASP PA 99 -61.19 -32.88 -44.95
N GLU PA 100 -60.56 -32.27 -43.99
CA GLU PA 100 -59.74 -31.10 -44.23
C GLU PA 100 -58.39 -31.45 -43.68
N ASP PA 101 -57.34 -31.23 -44.47
CA ASP PA 101 -56.03 -31.58 -43.99
C ASP PA 101 -55.02 -30.54 -44.44
N ALA PA 102 -53.85 -30.44 -43.74
CA ALA PA 102 -52.78 -29.60 -44.10
C ALA PA 102 -53.23 -28.19 -43.95
N LYS PA 103 -53.84 -27.88 -42.77
CA LYS PA 103 -54.47 -26.64 -42.54
C LYS PA 103 -53.47 -25.49 -42.38
N TYR PA 104 -52.36 -25.77 -41.63
CA TYR PA 104 -51.18 -24.93 -41.40
C TYR PA 104 -51.46 -23.66 -40.51
N VAL PA 105 -50.46 -23.32 -39.64
CA VAL PA 105 -50.43 -22.25 -38.68
C VAL PA 105 -49.28 -21.31 -39.02
N ILE PA 106 -49.71 -20.10 -39.41
CA ILE PA 106 -48.95 -19.00 -39.88
C ILE PA 106 -48.55 -18.12 -38.71
N ASN PA 107 -47.62 -17.19 -38.94
CA ASN PA 107 -47.21 -16.15 -38.07
C ASN PA 107 -47.17 -14.93 -38.89
N LEU PA 108 -47.74 -13.78 -38.37
CA LEU PA 108 -47.68 -12.51 -38.97
C LEU PA 108 -46.40 -11.86 -38.47
N LYS PA 109 -46.13 -10.71 -39.15
CA LYS PA 109 -44.91 -9.94 -38.92
C LYS PA 109 -45.24 -8.92 -37.83
N GLN PA 110 -46.45 -9.02 -37.24
CA GLN PA 110 -46.80 -8.40 -36.00
C GLN PA 110 -46.60 -9.34 -34.87
N ILE PA 111 -46.26 -10.60 -35.09
CA ILE PA 111 -45.97 -11.67 -34.11
C ILE PA 111 -47.25 -12.18 -33.51
N ALA PA 112 -48.21 -12.60 -34.40
CA ALA PA 112 -49.52 -13.06 -33.92
C ALA PA 112 -49.79 -14.24 -34.82
N LYS PA 113 -50.24 -15.37 -34.20
CA LYS PA 113 -50.23 -16.57 -34.87
C LYS PA 113 -51.65 -16.92 -35.08
N PHE PA 114 -51.98 -17.52 -36.26
CA PHE PA 114 -53.32 -17.89 -36.53
C PHE PA 114 -53.30 -19.12 -37.40
N VAL PA 115 -54.36 -19.96 -37.23
CA VAL PA 115 -54.62 -21.01 -38.15
C VAL PA 115 -55.53 -20.46 -39.22
N VAL PA 116 -55.31 -20.88 -40.50
CA VAL PA 116 -56.02 -20.46 -41.67
C VAL PA 116 -56.32 -21.69 -42.41
N GLY PA 117 -57.32 -21.56 -43.38
CA GLY PA 117 -57.64 -22.58 -44.36
C GLY PA 117 -56.79 -22.52 -45.52
N LEU PA 118 -57.34 -22.99 -46.67
CA LEU PA 118 -56.70 -23.11 -47.96
C LEU PA 118 -57.64 -22.55 -49.01
N GLY PA 119 -57.08 -21.82 -50.03
CA GLY PA 119 -57.86 -21.21 -51.09
C GLY PA 119 -58.29 -22.20 -52.14
N GLU PA 120 -58.51 -21.69 -53.33
CA GLU PA 120 -58.97 -22.45 -54.51
C GLU PA 120 -57.82 -22.61 -55.38
N ARG PA 121 -56.69 -21.96 -55.05
CA ARG PA 121 -55.43 -22.01 -55.82
C ARG PA 121 -54.40 -22.81 -55.15
N VAL PA 122 -54.70 -23.12 -53.84
CA VAL PA 122 -53.77 -23.79 -52.91
C VAL PA 122 -54.13 -25.28 -52.99
N SER PA 123 -53.14 -26.23 -52.86
CA SER PA 123 -53.32 -27.67 -52.55
C SER PA 123 -52.19 -27.87 -51.59
N PRO PA 124 -52.09 -28.88 -50.72
CA PRO PA 124 -50.94 -29.12 -49.84
C PRO PA 124 -49.50 -29.17 -50.42
N THR PA 125 -49.43 -29.25 -51.78
CA THR PA 125 -48.16 -29.27 -52.50
C THR PA 125 -47.72 -27.92 -52.95
N ASP PA 126 -48.50 -26.88 -52.65
CA ASP PA 126 -48.06 -25.53 -52.88
C ASP PA 126 -47.62 -24.82 -51.61
N ILE PA 127 -47.71 -25.45 -50.44
CA ILE PA 127 -47.37 -24.87 -49.25
C ILE PA 127 -46.34 -25.68 -48.54
N GLU PA 128 -45.52 -24.97 -47.67
CA GLU PA 128 -44.48 -25.69 -47.01
C GLU PA 128 -44.08 -24.81 -45.76
N GLU PA 129 -43.12 -25.25 -44.93
CA GLU PA 129 -42.57 -24.51 -43.78
C GLU PA 129 -41.73 -23.42 -44.21
N GLY PA 130 -42.05 -22.18 -43.84
CA GLY PA 130 -41.07 -21.16 -44.14
C GLY PA 130 -41.36 -20.38 -45.36
N MET PA 131 -42.40 -20.81 -46.08
CA MET PA 131 -42.86 -20.17 -47.28
C MET PA 131 -43.86 -19.08 -46.94
N ARG PA 132 -43.63 -17.90 -47.53
CA ARG PA 132 -44.50 -16.81 -47.45
C ARG PA 132 -45.80 -17.17 -48.11
N VAL PA 133 -46.86 -16.70 -47.47
CA VAL PA 133 -48.21 -16.94 -47.97
C VAL PA 133 -48.97 -15.71 -47.70
N GLY PA 134 -49.77 -15.26 -48.66
CA GLY PA 134 -50.59 -14.03 -48.52
C GLY PA 134 -51.95 -14.38 -47.99
N VAL PA 135 -52.48 -13.56 -47.00
CA VAL PA 135 -53.74 -13.75 -46.40
C VAL PA 135 -54.41 -12.48 -46.36
N ASP PA 136 -55.74 -12.46 -46.06
CA ASP PA 136 -56.65 -11.41 -46.18
C ASP PA 136 -56.34 -10.19 -45.23
N ARG PA 137 -57.05 -9.10 -45.36
CA ARG PA 137 -57.03 -7.99 -44.49
C ARG PA 137 -57.86 -8.30 -43.18
N SER PA 138 -59.00 -8.95 -43.34
CA SER PA 138 -59.93 -9.26 -42.31
C SER PA 138 -59.85 -10.69 -41.91
N LYS PA 139 -60.83 -11.52 -42.41
CA LYS PA 139 -60.91 -12.89 -42.02
C LYS PA 139 -59.97 -13.70 -42.89
N TYR PA 140 -59.02 -14.44 -42.24
CA TYR PA 140 -57.88 -14.95 -42.95
C TYR PA 140 -58.05 -16.31 -43.53
N ASN PA 141 -57.31 -16.61 -44.66
CA ASN PA 141 -57.43 -17.83 -45.49
C ASN PA 141 -56.40 -17.56 -46.62
N ILE PA 142 -55.50 -18.55 -46.95
CA ILE PA 142 -54.45 -18.40 -47.92
C ILE PA 142 -55.00 -18.22 -49.34
N GLU PA 143 -54.46 -17.26 -50.11
CA GLU PA 143 -54.98 -16.90 -51.39
C GLU PA 143 -53.86 -17.32 -52.31
N LEU PA 144 -52.73 -16.62 -52.31
CA LEU PA 144 -51.61 -17.08 -53.10
C LEU PA 144 -50.40 -17.17 -52.29
N PRO PA 145 -49.76 -18.32 -52.31
CA PRO PA 145 -48.37 -18.60 -51.94
C PRO PA 145 -47.44 -17.57 -52.57
N LEU PA 146 -46.44 -17.15 -51.82
CA LEU PA 146 -45.27 -16.36 -52.28
C LEU PA 146 -44.00 -17.19 -52.03
N PRO PA 147 -42.97 -17.04 -52.84
CA PRO PA 147 -41.74 -17.92 -52.65
C PRO PA 147 -41.13 -17.79 -51.25
N PRO PA 148 -40.42 -18.75 -50.78
CA PRO PA 148 -39.81 -18.85 -49.39
C PRO PA 148 -38.85 -17.67 -49.16
N ARG PA 149 -39.05 -16.99 -48.03
CA ARG PA 149 -38.20 -15.98 -47.45
C ARG PA 149 -37.72 -14.83 -48.36
N ILE PA 150 -36.77 -14.06 -47.89
CA ILE PA 150 -36.44 -12.83 -48.52
C ILE PA 150 -35.07 -13.07 -49.15
N ASP PA 151 -34.51 -14.24 -48.83
CA ASP PA 151 -33.34 -14.78 -49.47
C ASP PA 151 -33.20 -14.83 -50.90
N PRO PA 152 -34.10 -15.28 -51.75
CA PRO PA 152 -33.86 -15.23 -53.19
C PRO PA 152 -33.57 -13.78 -53.64
N SER PA 153 -32.72 -13.74 -54.74
CA SER PA 153 -32.22 -12.56 -55.45
C SER PA 153 -31.13 -11.94 -54.66
N VAL PA 154 -31.12 -11.89 -53.31
CA VAL PA 154 -30.10 -11.34 -52.49
C VAL PA 154 -28.93 -12.34 -52.40
N THR PA 155 -29.16 -13.68 -52.34
CA THR PA 155 -28.11 -14.65 -52.34
C THR PA 155 -27.30 -14.74 -53.55
N MET PA 156 -27.91 -14.60 -54.77
CA MET PA 156 -27.35 -14.85 -56.07
C MET PA 156 -26.19 -13.88 -56.34
N MET PA 157 -26.30 -12.66 -55.87
CA MET PA 157 -25.28 -11.63 -55.86
C MET PA 157 -23.92 -12.05 -55.28
N THR PA 158 -23.98 -12.69 -54.07
CA THR PA 158 -22.86 -13.19 -53.27
C THR PA 158 -22.24 -14.35 -54.11
N VAL PA 159 -23.05 -15.24 -54.68
CA VAL PA 159 -22.52 -16.38 -55.55
C VAL PA 159 -22.00 -15.88 -56.85
N GLU PA 160 -20.66 -16.21 -57.08
CA GLU PA 160 -19.97 -16.08 -58.31
C GLU PA 160 -19.54 -17.51 -58.53
N GLU PA 161 -19.64 -17.96 -59.82
CA GLU PA 161 -19.38 -19.26 -60.37
C GLU PA 161 -18.17 -18.99 -61.21
N LYS PA 162 -17.27 -19.98 -61.17
CA LYS PA 162 -16.05 -20.06 -61.97
C LYS PA 162 -15.11 -18.80 -61.86
N PRO PA 163 -14.40 -18.65 -60.77
CA PRO PA 163 -13.65 -17.45 -60.50
C PRO PA 163 -12.63 -17.14 -61.59
N ASP PA 164 -12.12 -15.86 -61.55
CA ASP PA 164 -11.23 -15.39 -62.58
C ASP PA 164 -9.95 -15.20 -61.72
N VAL PA 165 -9.66 -16.16 -60.77
CA VAL PA 165 -8.59 -16.22 -59.82
C VAL PA 165 -7.90 -17.63 -59.93
N THR PA 166 -6.54 -17.54 -59.97
CA THR PA 166 -5.68 -18.73 -60.04
C THR PA 166 -4.54 -18.43 -59.03
N TYR PA 167 -3.57 -19.36 -59.06
CA TYR PA 167 -2.46 -19.25 -58.17
C TYR PA 167 -1.44 -18.43 -58.92
N SER PA 168 -1.85 -17.37 -59.69
CA SER PA 168 -1.03 -16.21 -60.03
C SER PA 168 -1.34 -14.94 -59.38
N ASP PA 169 -2.50 -14.94 -58.69
CA ASP PA 169 -3.05 -13.75 -58.16
C ASP PA 169 -2.93 -13.79 -56.63
N VAL PA 170 -2.49 -14.96 -56.10
CA VAL PA 170 -1.95 -15.35 -54.83
C VAL PA 170 -0.45 -15.41 -54.88
N GLY PA 171 0.24 -14.66 -53.96
CA GLY PA 171 1.66 -14.78 -53.82
C GLY PA 171 2.01 -15.69 -52.72
N GLY PA 172 3.11 -16.38 -52.83
CA GLY PA 172 3.53 -17.48 -52.06
C GLY PA 172 2.93 -18.81 -52.55
N CYS PA 173 3.67 -19.98 -52.30
CA CYS PA 173 3.22 -21.22 -52.83
C CYS PA 173 3.38 -21.96 -51.57
N LYS PA 174 2.52 -21.47 -50.67
CA LYS PA 174 2.65 -21.72 -49.22
C LYS PA 174 2.32 -23.11 -48.86
N ASP PA 175 2.59 -23.54 -47.60
CA ASP PA 175 2.38 -24.82 -47.03
C ASP PA 175 0.95 -25.13 -47.00
N GLN PA 176 0.10 -24.20 -46.62
CA GLN PA 176 -1.31 -24.40 -46.58
C GLN PA 176 -1.97 -24.67 -47.90
N ILE PA 177 -1.42 -24.03 -48.97
CA ILE PA 177 -1.82 -24.14 -50.37
C ILE PA 177 -1.52 -25.46 -50.91
N GLU PA 178 -0.46 -26.16 -50.37
CA GLU PA 178 -0.07 -27.52 -50.80
C GLU PA 178 -0.94 -28.60 -50.19
N LYS PA 179 -1.36 -28.31 -48.89
CA LYS PA 179 -2.37 -29.15 -48.23
C LYS PA 179 -3.80 -28.89 -48.72
N LEU PA 180 -4.11 -27.66 -49.24
CA LEU PA 180 -5.34 -27.30 -49.83
C LEU PA 180 -5.58 -28.09 -51.09
N ARG PA 181 -4.56 -28.32 -51.93
CA ARG PA 181 -4.71 -29.03 -53.21
C ARG PA 181 -5.22 -30.48 -52.97
N GLU PA 182 -4.75 -31.05 -51.84
CA GLU PA 182 -4.95 -32.43 -51.57
C GLU PA 182 -6.49 -32.71 -51.24
N VAL PA 183 -7.13 -31.76 -50.59
CA VAL PA 183 -8.48 -31.85 -50.21
C VAL PA 183 -9.39 -31.80 -51.44
N VAL PA 184 -9.23 -30.85 -52.39
CA VAL PA 184 -10.28 -30.72 -53.37
C VAL PA 184 -9.94 -31.62 -54.50
N GLU PA 185 -8.85 -31.38 -55.19
CA GLU PA 185 -8.52 -32.06 -56.41
C GLU PA 185 -8.23 -33.52 -56.23
N LEU PA 186 -7.44 -33.90 -55.20
CA LEU PA 186 -6.90 -35.30 -55.25
C LEU PA 186 -8.05 -36.31 -55.14
N PRO PA 187 -9.15 -36.27 -54.31
CA PRO PA 187 -10.12 -37.39 -54.23
C PRO PA 187 -11.10 -37.17 -55.34
N LEU PA 188 -11.14 -36.03 -56.02
CA LEU PA 188 -12.08 -35.81 -57.14
C LEU PA 188 -11.59 -36.63 -58.37
N LEU PA 189 -10.27 -36.63 -58.59
CA LEU PA 189 -9.64 -37.32 -59.70
C LEU PA 189 -9.68 -38.78 -59.44
N SER PA 190 -9.38 -39.17 -58.20
CA SER PA 190 -9.26 -40.59 -58.03
C SER PA 190 -9.68 -40.87 -56.68
N PRO PA 191 -10.97 -41.26 -56.47
CA PRO PA 191 -11.50 -41.79 -55.18
C PRO PA 191 -11.06 -43.24 -54.91
N GLU PA 192 -10.35 -43.92 -55.78
CA GLU PA 192 -9.85 -45.33 -55.71
C GLU PA 192 -8.82 -45.59 -54.65
N ARG PA 193 -7.87 -44.67 -54.54
CA ARG PA 193 -6.80 -44.83 -53.63
C ARG PA 193 -7.18 -44.74 -52.21
N PHE PA 194 -8.15 -43.87 -51.90
CA PHE PA 194 -8.68 -43.53 -50.55
C PHE PA 194 -9.42 -44.65 -50.08
N ALA PA 195 -10.22 -45.22 -51.01
CA ALA PA 195 -11.03 -46.46 -50.69
C ALA PA 195 -10.09 -47.64 -50.27
N THR PA 196 -8.99 -47.81 -51.02
CA THR PA 196 -8.19 -48.98 -50.76
C THR PA 196 -7.41 -48.90 -49.45
N LEU PA 197 -6.85 -47.72 -49.15
CA LEU PA 197 -6.12 -47.41 -47.90
C LEU PA 197 -6.92 -47.65 -46.69
N GLY PA 198 -8.23 -47.09 -46.69
CA GLY PA 198 -9.23 -47.36 -45.74
C GLY PA 198 -9.43 -46.10 -44.90
N ILE PA 199 -8.93 -44.91 -45.37
CA ILE PA 199 -9.28 -43.62 -44.95
C ILE PA 199 -10.49 -43.21 -45.77
N ASP PA 200 -11.30 -42.29 -45.22
CA ASP PA 200 -12.52 -41.76 -45.84
C ASP PA 200 -12.11 -40.43 -46.39
N PRO PA 201 -12.20 -40.10 -47.67
CA PRO PA 201 -11.43 -39.02 -48.32
C PRO PA 201 -11.65 -37.62 -47.83
N PRO PA 202 -10.68 -36.80 -47.66
CA PRO PA 202 -10.81 -35.44 -47.14
C PRO PA 202 -11.79 -34.73 -48.02
N LYS PA 203 -12.70 -33.88 -47.47
CA LYS PA 203 -13.67 -33.02 -48.18
C LYS PA 203 -14.06 -31.86 -47.40
N GLY PA 204 -13.73 -31.83 -46.08
CA GLY PA 204 -13.89 -30.73 -45.18
C GLY PA 204 -12.62 -30.13 -45.05
N ILE PA 205 -12.62 -28.76 -45.03
CA ILE PA 205 -11.48 -27.87 -44.76
C ILE PA 205 -12.03 -26.63 -44.22
N LEU PA 206 -11.27 -26.08 -43.23
CA LEU PA 206 -11.44 -24.87 -42.54
C LEU PA 206 -10.17 -24.07 -42.75
N LEU PA 207 -10.27 -22.94 -43.52
CA LEU PA 207 -9.26 -21.97 -43.76
C LEU PA 207 -9.49 -20.92 -42.66
N TYR PA 208 -8.48 -20.57 -41.92
CA TYR PA 208 -8.65 -19.65 -40.82
C TYR PA 208 -7.30 -19.02 -40.72
N GLY PA 209 -7.32 -17.77 -40.13
CA GLY PA 209 -6.05 -17.10 -39.95
C GLY PA 209 -6.35 -15.70 -39.54
N PRO PA 210 -5.31 -14.96 -39.18
CA PRO PA 210 -5.38 -13.49 -39.03
C PRO PA 210 -5.95 -12.82 -40.30
N PRO PA 211 -6.46 -11.58 -40.15
CA PRO PA 211 -6.93 -10.87 -41.35
C PRO PA 211 -5.82 -10.45 -42.31
N GLY PA 212 -6.13 -10.37 -43.57
CA GLY PA 212 -5.26 -9.71 -44.51
C GLY PA 212 -4.26 -10.56 -45.20
N THR PA 213 -4.25 -11.90 -44.88
CA THR PA 213 -3.38 -12.99 -45.45
C THR PA 213 -3.81 -13.34 -46.87
N GLY PA 214 -5.13 -13.42 -47.08
CA GLY PA 214 -5.70 -13.77 -48.31
C GLY PA 214 -6.09 -15.18 -48.32
N LYS PA 215 -6.76 -15.66 -47.24
CA LYS PA 215 -7.37 -16.96 -47.16
C LYS PA 215 -8.38 -17.20 -48.19
N THR PA 216 -9.09 -16.17 -48.67
CA THR PA 216 -10.11 -16.20 -49.70
C THR PA 216 -9.54 -16.34 -51.07
N LEU PA 217 -8.45 -15.63 -51.43
CA LEU PA 217 -7.79 -15.70 -52.72
C LEU PA 217 -7.38 -17.07 -53.16
N CYS PA 218 -6.88 -17.88 -52.22
CA CYS PA 218 -6.49 -19.25 -52.44
C CYS PA 218 -7.66 -20.06 -52.72
N ALA PA 219 -8.79 -19.83 -51.98
CA ALA PA 219 -9.93 -20.59 -52.04
C ALA PA 219 -10.76 -20.54 -53.31
N ARG PA 220 -10.75 -19.32 -53.85
CA ARG PA 220 -11.02 -18.98 -55.18
C ARG PA 220 -10.06 -19.57 -56.19
N ALA PA 221 -8.78 -19.75 -55.88
CA ALA PA 221 -7.66 -20.07 -56.78
C ALA PA 221 -7.92 -21.52 -57.21
N VAL PA 222 -8.16 -22.38 -56.26
CA VAL PA 222 -8.31 -23.80 -56.46
C VAL PA 222 -9.62 -24.10 -57.03
N ALA PA 223 -10.70 -23.31 -56.68
CA ALA PA 223 -12.03 -23.45 -57.25
C ALA PA 223 -11.95 -23.41 -58.72
N ASN PA 224 -11.20 -22.45 -59.31
CA ASN PA 224 -10.94 -22.41 -60.76
C ASN PA 224 -10.11 -23.52 -61.32
N ARG PA 225 -9.07 -23.97 -60.54
CA ARG PA 225 -8.13 -25.04 -61.00
C ARG PA 225 -8.72 -26.39 -61.10
N THR PA 226 -9.63 -26.68 -60.16
CA THR PA 226 -10.30 -27.94 -60.09
C THR PA 226 -11.36 -27.93 -61.11
N ASP PA 227 -11.74 -26.71 -61.62
CA ASP PA 227 -12.55 -26.40 -62.73
C ASP PA 227 -14.01 -26.62 -62.33
N ALA PA 228 -14.25 -26.52 -61.01
CA ALA PA 228 -15.52 -26.69 -60.47
C ALA PA 228 -16.11 -25.35 -60.42
N THR PA 229 -17.49 -25.42 -60.49
CA THR PA 229 -18.35 -24.25 -60.41
C THR PA 229 -18.32 -23.85 -58.96
N PHE PA 230 -18.54 -22.55 -58.59
CA PHE PA 230 -18.28 -22.00 -57.29
C PHE PA 230 -19.58 -21.40 -56.79
N ILE PA 231 -19.88 -21.72 -55.56
CA ILE PA 231 -21.07 -21.23 -54.93
C ILE PA 231 -20.58 -20.57 -53.65
N ARG PA 232 -20.84 -19.26 -53.45
CA ARG PA 232 -20.44 -18.57 -52.26
C ARG PA 232 -21.65 -17.96 -51.53
N VAL PA 233 -21.51 -18.14 -50.16
CA VAL PA 233 -22.37 -17.62 -49.12
C VAL PA 233 -21.40 -16.95 -48.19
N ILE PA 234 -21.78 -15.72 -47.74
CA ILE PA 234 -20.96 -15.00 -46.81
C ILE PA 234 -21.95 -14.64 -45.65
N GLY PA 235 -21.64 -15.12 -44.42
CA GLY PA 235 -22.64 -15.24 -43.33
C GLY PA 235 -22.44 -13.97 -42.45
N SER PA 236 -21.58 -13.01 -42.87
CA SER PA 236 -21.32 -11.70 -42.23
C SER PA 236 -21.48 -10.71 -43.33
N GLU PA 237 -22.29 -10.97 -44.36
CA GLU PA 237 -22.58 -10.00 -45.37
C GLU PA 237 -24.02 -10.15 -45.58
N LEU PA 238 -24.46 -11.42 -45.40
CA LEU PA 238 -25.80 -11.90 -45.40
C LEU PA 238 -26.27 -12.25 -43.99
N VAL PA 239 -27.20 -11.45 -43.48
CA VAL PA 239 -27.45 -11.30 -42.08
C VAL PA 239 -28.88 -11.54 -41.81
N GLN PA 240 -29.46 -12.34 -42.78
CA GLN PA 240 -30.76 -12.80 -42.64
C GLN PA 240 -30.60 -14.09 -41.85
N LYS PA 241 -31.39 -14.20 -40.74
CA LYS PA 241 -31.26 -15.26 -39.77
C LYS PA 241 -32.55 -15.36 -38.97
N TYR PA 242 -33.62 -14.46 -39.17
CA TYR PA 242 -34.60 -14.26 -38.18
C TYR PA 242 -35.63 -15.45 -38.17
N VAL PA 243 -35.63 -16.27 -37.05
CA VAL PA 243 -36.43 -17.41 -36.91
C VAL PA 243 -36.26 -18.48 -37.95
N GLY PA 244 -35.00 -18.77 -38.33
CA GLY PA 244 -34.63 -19.87 -39.23
C GLY PA 244 -34.73 -19.42 -40.67
N GLU PA 245 -34.44 -18.10 -40.92
CA GLU PA 245 -34.33 -17.53 -42.24
C GLU PA 245 -33.02 -17.81 -42.89
N GLY PA 246 -32.01 -17.80 -42.07
CA GLY PA 246 -30.70 -18.20 -42.49
C GLY PA 246 -30.52 -19.71 -42.70
N ALA PA 247 -31.40 -20.57 -42.09
CA ALA PA 247 -31.41 -21.98 -42.41
C ALA PA 247 -31.97 -22.19 -43.80
N ARG PA 248 -32.87 -21.28 -44.24
CA ARG PA 248 -33.34 -21.27 -45.58
C ARG PA 248 -32.34 -20.68 -46.57
N MET PA 249 -31.42 -19.79 -46.07
CA MET PA 249 -30.29 -19.22 -46.78
C MET PA 249 -29.29 -20.33 -47.11
N VAL PA 250 -29.00 -21.24 -46.10
CA VAL PA 250 -28.12 -22.32 -46.23
C VAL PA 250 -28.69 -23.35 -47.20
N ARG PA 251 -30.01 -23.71 -46.99
CA ARG PA 251 -30.58 -24.80 -47.66
C ARG PA 251 -30.67 -24.71 -49.11
N GLU PA 252 -31.07 -23.51 -49.59
CA GLU PA 252 -31.15 -23.28 -51.02
C GLU PA 252 -29.90 -23.53 -51.86
N LEU PA 253 -28.75 -22.91 -51.39
CA LEU PA 253 -27.52 -22.89 -52.10
C LEU PA 253 -26.87 -24.27 -52.01
N PHE PA 254 -26.98 -24.97 -50.84
CA PHE PA 254 -26.48 -26.31 -50.68
C PHE PA 254 -27.26 -27.26 -51.67
N GLU PA 255 -28.63 -27.08 -51.65
CA GLU PA 255 -29.63 -27.84 -52.41
C GLU PA 255 -29.37 -27.68 -53.88
N MET PA 256 -28.98 -26.54 -54.34
CA MET PA 256 -28.67 -26.20 -55.73
C MET PA 256 -27.40 -26.88 -56.24
N ALA PA 257 -26.33 -26.85 -55.39
CA ALA PA 257 -25.07 -27.51 -55.64
C ALA PA 257 -25.15 -29.03 -55.76
N ARG PA 258 -26.08 -29.56 -54.93
CA ARG PA 258 -26.40 -30.99 -54.79
C ARG PA 258 -27.07 -31.51 -56.10
N THR PA 259 -27.93 -30.69 -56.76
CA THR PA 259 -28.61 -30.98 -58.04
C THR PA 259 -27.54 -30.99 -59.11
N LYS PA 260 -26.54 -30.11 -58.96
CA LYS PA 260 -25.41 -30.10 -59.95
C LYS PA 260 -24.36 -31.12 -59.53
N LYS PA 261 -23.34 -31.28 -60.34
CA LYS PA 261 -22.18 -32.12 -60.05
C LYS PA 261 -20.98 -31.32 -60.36
N ALA PA 262 -19.92 -31.53 -59.57
CA ALA PA 262 -18.62 -30.88 -59.65
C ALA PA 262 -18.79 -29.55 -59.03
N CYS PA 263 -18.93 -29.46 -57.63
CA CYS PA 263 -19.27 -28.18 -57.03
C CYS PA 263 -18.47 -28.00 -55.80
N ILE PA 264 -18.50 -26.73 -55.35
CA ILE PA 264 -17.76 -26.21 -54.25
C ILE PA 264 -18.93 -25.42 -53.54
N ILE PA 265 -19.12 -25.64 -52.23
CA ILE PA 265 -20.00 -24.93 -51.40
C ILE PA 265 -19.04 -24.33 -50.48
N PHE PA 266 -18.89 -23.03 -50.57
CA PHE PA 266 -17.96 -22.29 -49.79
C PHE PA 266 -18.80 -21.54 -48.77
N PHE PA 267 -18.61 -21.93 -47.45
CA PHE PA 267 -19.31 -21.15 -46.46
C PHE PA 267 -18.32 -20.23 -45.84
N ASP PA 268 -18.63 -18.88 -45.94
CA ASP PA 268 -17.61 -17.93 -45.63
C ASP PA 268 -18.01 -17.17 -44.46
N GLU PA 269 -17.06 -16.71 -43.60
CA GLU PA 269 -17.26 -15.73 -42.56
C GLU PA 269 -18.43 -16.02 -41.69
N ILE PA 270 -18.47 -17.26 -41.10
CA ILE PA 270 -19.57 -17.77 -40.34
C ILE PA 270 -19.30 -17.53 -38.84
N ASP PA 271 -18.53 -16.42 -38.45
CA ASP PA 271 -18.33 -15.99 -37.15
C ASP PA 271 -19.71 -15.60 -36.58
N ALA PA 272 -20.57 -14.93 -37.44
CA ALA PA 272 -21.98 -14.74 -37.19
C ALA PA 272 -22.72 -15.44 -38.30
N VAL PA 273 -24.06 -15.68 -38.04
CA VAL PA 273 -24.91 -16.46 -38.90
C VAL PA 273 -24.43 -17.87 -39.18
N GLY PA 274 -25.00 -18.91 -38.45
CA GLY PA 274 -24.56 -20.30 -38.49
C GLY PA 274 -23.35 -20.60 -37.64
N GLY PA 275 -22.91 -19.56 -36.82
CA GLY PA 275 -21.82 -19.56 -35.89
C GLY PA 275 -22.20 -19.71 -34.46
N ALA PA 276 -21.35 -19.18 -33.53
CA ALA PA 276 -21.48 -19.24 -32.03
C ALA PA 276 -22.80 -18.68 -31.69
N ARG PA 277 -23.45 -19.30 -30.61
CA ARG PA 277 -24.79 -18.84 -30.15
C ARG PA 277 -24.50 -17.92 -29.02
N PHE PA 278 -25.43 -17.03 -28.74
CA PHE PA 278 -25.34 -16.03 -27.68
C PHE PA 278 -26.39 -16.14 -26.64
N ASP PA 279 -26.88 -17.43 -26.41
CA ASP PA 279 -27.62 -17.74 -25.20
C ASP PA 279 -26.79 -17.50 -23.99
N ASP PA 280 -25.51 -18.06 -23.99
CA ASP PA 280 -24.56 -17.94 -22.94
C ASP PA 280 -24.19 -16.51 -22.62
N GLY PA 281 -24.02 -15.69 -23.68
CA GLY PA 281 -23.90 -14.28 -23.67
C GLY PA 281 -25.06 -13.47 -23.31
N ALA PA 282 -24.88 -12.18 -23.37
CA ALA PA 282 -25.86 -11.29 -22.99
C ALA PA 282 -26.83 -10.87 -24.13
N GLY PA 283 -26.58 -11.49 -25.30
CA GLY PA 283 -27.27 -11.21 -26.50
C GLY PA 283 -28.56 -11.88 -26.58
N GLY PA 284 -28.63 -13.04 -25.96
CA GLY PA 284 -29.83 -13.89 -25.88
C GLY PA 284 -30.24 -14.54 -27.17
N ASP PA 285 -29.37 -14.51 -28.18
CA ASP PA 285 -29.76 -15.02 -29.49
C ASP PA 285 -29.49 -16.46 -29.61
N ASN PA 286 -30.41 -17.12 -30.35
CA ASN PA 286 -30.43 -18.48 -30.72
C ASN PA 286 -31.16 -18.54 -31.98
N GLU PA 287 -31.15 -17.47 -32.70
CA GLU PA 287 -31.55 -17.27 -34.10
C GLU PA 287 -30.52 -17.64 -35.06
N VAL PA 288 -29.20 -17.50 -34.65
CA VAL PA 288 -28.07 -17.94 -35.42
C VAL PA 288 -27.95 -19.46 -35.09
N GLN PA 289 -28.58 -20.01 -34.01
CA GLN PA 289 -28.47 -21.37 -33.64
C GLN PA 289 -29.31 -22.29 -34.57
N ARG PA 290 -30.39 -21.82 -35.18
CA ARG PA 290 -31.19 -22.55 -36.18
C ARG PA 290 -30.33 -22.68 -37.39
N THR PA 291 -29.56 -21.63 -37.75
CA THR PA 291 -28.75 -21.65 -38.91
C THR PA 291 -27.69 -22.73 -38.74
N MET PA 292 -27.11 -22.85 -37.54
CA MET PA 292 -26.12 -23.85 -37.14
C MET PA 292 -26.61 -25.29 -37.27
N LEU PA 293 -27.80 -25.53 -36.76
CA LEU PA 293 -28.39 -26.87 -36.60
C LEU PA 293 -28.70 -27.46 -37.97
N GLU PA 294 -29.20 -26.55 -38.87
CA GLU PA 294 -29.34 -26.87 -40.30
C GLU PA 294 -28.03 -27.15 -40.94
N LEU PA 295 -26.97 -26.43 -40.75
CA LEU PA 295 -25.74 -26.54 -41.54
C LEU PA 295 -25.06 -27.95 -41.39
N ILE PA 296 -25.11 -28.45 -40.11
CA ILE PA 296 -24.57 -29.73 -39.67
C ILE PA 296 -25.27 -30.86 -40.41
N THR PA 297 -26.58 -30.76 -40.55
CA THR PA 297 -27.29 -31.88 -40.96
C THR PA 297 -27.33 -32.07 -42.40
N GLN PA 298 -27.04 -30.95 -43.12
CA GLN PA 298 -26.97 -30.89 -44.56
C GLN PA 298 -25.73 -31.69 -45.00
N LEU PA 299 -24.56 -31.46 -44.32
CA LEU PA 299 -23.22 -32.13 -44.42
C LEU PA 299 -23.29 -33.57 -44.17
N ASP PA 300 -23.47 -33.96 -42.94
CA ASP PA 300 -23.84 -35.30 -42.57
C ASP PA 300 -24.72 -36.12 -43.53
N GLY PA 301 -25.86 -35.48 -44.07
CA GLY PA 301 -26.77 -36.08 -44.99
C GLY PA 301 -26.13 -36.39 -46.35
N PHE PA 302 -25.34 -35.43 -46.88
CA PHE PA 302 -24.75 -35.40 -48.22
C PHE PA 302 -23.78 -36.53 -48.47
N ASP PA 303 -23.21 -37.00 -47.36
CA ASP PA 303 -22.15 -37.96 -47.25
C ASP PA 303 -22.62 -39.36 -47.76
N PRO PA 304 -21.71 -40.19 -48.35
CA PRO PA 304 -20.73 -39.87 -49.39
C PRO PA 304 -21.26 -38.80 -50.30
N ARG PA 305 -20.39 -37.83 -50.60
CA ARG PA 305 -20.73 -36.59 -51.35
C ARG PA 305 -20.51 -36.64 -52.78
N GLY PA 306 -20.02 -37.83 -53.37
CA GLY PA 306 -19.97 -38.02 -54.88
C GLY PA 306 -18.95 -37.05 -55.54
N ASN PA 307 -18.01 -36.57 -54.72
CA ASN PA 307 -16.91 -35.76 -55.14
C ASN PA 307 -17.27 -34.37 -55.36
N ILE PA 308 -18.09 -33.87 -54.43
CA ILE PA 308 -18.56 -32.51 -54.40
C ILE PA 308 -18.08 -32.15 -53.00
N LYS PA 309 -17.36 -31.06 -52.90
CA LYS PA 309 -16.54 -30.71 -51.72
C LYS PA 309 -17.16 -29.51 -51.01
N VAL PA 310 -17.11 -29.53 -49.67
CA VAL PA 310 -17.76 -28.52 -48.81
C VAL PA 310 -16.55 -27.92 -48.16
N MET PA 311 -16.42 -26.60 -48.28
CA MET PA 311 -15.36 -25.81 -47.82
C MET PA 311 -15.88 -24.82 -46.89
N PHE PA 312 -14.92 -24.37 -46.07
CA PHE PA 312 -15.27 -23.46 -44.98
C PHE PA 312 -14.14 -22.48 -44.94
N ALA PA 313 -14.39 -21.17 -44.80
CA ALA PA 313 -13.49 -20.18 -44.34
C ALA PA 313 -14.30 -19.56 -43.19
N THR PA 314 -13.64 -19.37 -42.09
CA THR PA 314 -14.09 -18.70 -40.88
C THR PA 314 -12.81 -18.17 -40.35
N ASN PA 315 -12.78 -16.90 -39.79
CA ASN PA 315 -11.64 -16.11 -39.29
C ASN PA 315 -11.07 -16.74 -38.12
N ARG PA 316 -11.94 -17.21 -37.15
CA ARG PA 316 -11.60 -17.79 -35.86
C ARG PA 316 -12.18 -19.17 -35.80
N PRO PA 317 -11.54 -20.14 -35.15
CA PRO PA 317 -12.18 -21.43 -34.96
C PRO PA 317 -12.85 -21.43 -33.66
N ASN PA 318 -12.99 -20.17 -33.06
CA ASN PA 318 -13.56 -20.11 -31.72
C ASN PA 318 -15.03 -19.91 -31.85
N THR PA 319 -15.56 -19.75 -33.10
CA THR PA 319 -16.91 -19.29 -33.40
C THR PA 319 -17.62 -20.38 -34.09
N LEU PA 320 -17.17 -21.58 -33.87
CA LEU PA 320 -17.66 -22.80 -34.50
C LEU PA 320 -18.17 -23.70 -33.41
N ASP PA 321 -19.02 -24.64 -33.79
CA ASP PA 321 -19.63 -25.51 -32.93
C ASP PA 321 -18.72 -26.70 -32.81
N PRO PA 322 -18.48 -27.34 -31.69
CA PRO PA 322 -17.73 -28.57 -31.71
C PRO PA 322 -18.24 -29.78 -32.42
N ALA PA 323 -19.56 -29.79 -32.84
CA ALA PA 323 -20.04 -30.78 -33.78
C ALA PA 323 -19.41 -30.66 -35.11
N LEU PA 324 -19.11 -29.39 -35.69
CA LEU PA 324 -18.35 -29.14 -36.97
C LEU PA 324 -16.94 -29.72 -36.85
N LEU PA 325 -16.38 -29.68 -35.65
CA LEU PA 325 -14.95 -29.98 -35.41
C LEU PA 325 -14.84 -31.44 -35.13
N ARG PA 326 -15.91 -32.27 -35.33
CA ARG PA 326 -15.86 -33.69 -35.34
C ARG PA 326 -15.58 -34.02 -36.79
N PRO PA 327 -14.92 -35.13 -37.11
CA PRO PA 327 -14.70 -35.45 -38.55
C PRO PA 327 -15.95 -35.79 -39.23
N GLY PA 328 -15.92 -35.63 -40.54
CA GLY PA 328 -17.05 -35.79 -41.42
C GLY PA 328 -17.77 -34.53 -41.66
N ARG PA 329 -17.24 -33.41 -41.16
CA ARG PA 329 -17.74 -32.13 -41.42
C ARG PA 329 -16.49 -31.35 -41.83
N ILE PA 330 -15.39 -31.27 -40.96
CA ILE PA 330 -14.17 -30.65 -41.24
C ILE PA 330 -13.14 -31.75 -40.95
N ASP PA 331 -12.10 -31.88 -41.77
CA ASP PA 331 -11.17 -33.08 -41.78
C ASP PA 331 -9.74 -32.56 -41.79
N ARG PA 332 -9.51 -31.38 -42.45
CA ARG PA 332 -8.26 -30.69 -42.67
C ARG PA 332 -8.28 -29.31 -42.06
N LYS PA 333 -7.22 -28.77 -41.48
CA LYS PA 333 -7.24 -27.42 -40.87
C LYS PA 333 -6.02 -26.73 -41.23
N VAL PA 334 -6.12 -25.52 -41.81
CA VAL PA 334 -5.03 -24.83 -42.29
C VAL PA 334 -5.14 -23.47 -41.63
N GLU PA 335 -4.07 -23.08 -40.82
CA GLU PA 335 -3.93 -21.66 -40.45
C GLU PA 335 -3.07 -20.94 -41.49
N PHE PA 336 -3.61 -19.84 -42.12
CA PHE PA 336 -2.86 -18.96 -42.97
C PHE PA 336 -2.05 -18.09 -41.99
N SER PA 337 -0.81 -17.69 -42.47
CA SER PA 337 0.20 -17.06 -41.67
C SER PA 337 1.00 -16.19 -42.56
N LEU PA 338 1.80 -15.28 -41.93
CA LEU PA 338 2.69 -14.32 -42.57
C LEU PA 338 3.54 -14.97 -43.70
N PRO PA 339 3.59 -14.42 -44.92
CA PRO PA 339 4.44 -14.99 -45.96
C PRO PA 339 5.92 -14.75 -45.65
N ASP PA 340 6.78 -15.75 -45.99
CA ASP PA 340 8.22 -15.62 -46.15
C ASP PA 340 8.68 -14.44 -47.10
N LEU PA 341 9.97 -14.25 -47.25
CA LEU PA 341 10.60 -13.12 -47.95
C LEU PA 341 10.18 -13.08 -49.38
N GLU PA 342 10.29 -14.25 -50.02
CA GLU PA 342 9.95 -14.41 -51.41
C GLU PA 342 8.47 -14.44 -51.64
N GLY PA 343 7.68 -14.99 -50.65
CA GLY PA 343 6.26 -14.92 -50.66
C GLY PA 343 5.80 -13.47 -50.62
N ARG PA 344 6.60 -12.59 -49.98
CA ARG PA 344 6.18 -11.18 -49.81
C ARG PA 344 6.71 -10.46 -51.01
N ALA PA 345 7.76 -11.08 -51.68
CA ALA PA 345 8.30 -10.60 -52.97
C ALA PA 345 7.17 -10.64 -54.03
N ASN PA 346 6.38 -11.77 -54.02
CA ASN PA 346 5.42 -12.13 -55.02
C ASN PA 346 4.14 -11.27 -55.00
N ILE PA 347 3.66 -10.95 -53.74
CA ILE PA 347 2.54 -10.11 -53.51
C ILE PA 347 2.87 -8.66 -53.93
N PHE PA 348 4.12 -8.19 -53.63
CA PHE PA 348 4.66 -6.96 -54.22
C PHE PA 348 4.73 -6.95 -55.75
N ARG PA 349 5.08 -8.08 -56.43
CA ARG PA 349 5.23 -8.18 -57.89
C ARG PA 349 3.93 -8.02 -58.62
N ILE PA 350 2.82 -8.59 -58.06
CA ILE PA 350 1.43 -8.42 -58.57
C ILE PA 350 0.81 -7.08 -58.44
N HIS PA 351 1.12 -6.39 -57.30
CA HIS PA 351 0.71 -5.04 -57.10
C HIS PA 351 1.41 -4.09 -58.05
N SER PA 352 2.66 -4.36 -58.25
CA SER PA 352 3.52 -3.55 -59.06
C SER PA 352 3.26 -3.72 -60.49
N LYS PA 353 2.76 -4.95 -60.95
CA LYS PA 353 2.43 -5.38 -62.29
C LYS PA 353 1.35 -4.53 -62.87
N SER PA 354 0.32 -4.16 -62.15
CA SER PA 354 -0.80 -3.33 -62.48
C SER PA 354 -0.35 -1.89 -62.69
N MET PA 355 0.68 -1.43 -61.99
CA MET PA 355 1.29 -0.09 -62.03
C MET PA 355 2.01 0.06 -63.21
N SER PA 356 2.10 1.34 -63.55
CA SER PA 356 2.89 1.68 -64.72
C SER PA 356 3.98 2.46 -64.06
N VAL PA 357 5.21 1.92 -64.06
CA VAL PA 357 6.35 2.31 -63.24
C VAL PA 357 7.49 1.96 -64.14
N GLU PA 358 8.74 2.42 -63.72
CA GLU PA 358 10.01 2.16 -64.25
C GLU PA 358 10.37 0.74 -63.98
N ARG PA 359 10.90 0.10 -65.07
CA ARG PA 359 11.31 -1.28 -64.92
C ARG PA 359 12.76 -1.23 -64.89
N GLY PA 360 13.26 -1.41 -63.64
CA GLY PA 360 14.68 -1.46 -63.26
C GLY PA 360 14.65 -1.81 -61.78
N ILE PA 361 13.41 -1.78 -61.22
CA ILE PA 361 13.02 -2.18 -59.89
C ILE PA 361 13.22 -3.68 -59.68
N ARG PA 362 13.50 -4.12 -58.47
CA ARG PA 362 13.63 -5.53 -58.24
C ARG PA 362 12.86 -5.75 -56.99
N TRP PA 363 11.96 -6.73 -57.06
CA TRP PA 363 10.93 -7.01 -56.07
C TRP PA 363 11.50 -7.50 -54.79
N GLU PA 364 12.64 -8.27 -54.89
CA GLU PA 364 13.29 -8.82 -53.73
C GLU PA 364 13.97 -7.78 -52.91
N LEU PA 365 14.52 -6.77 -53.60
CA LEU PA 365 15.19 -5.66 -53.02
C LEU PA 365 14.30 -4.89 -52.09
N ILE PA 366 13.04 -4.62 -52.54
CA ILE PA 366 12.07 -3.87 -51.69
C ILE PA 366 11.65 -4.68 -50.44
N SER PA 367 11.31 -6.00 -50.61
CA SER PA 367 10.67 -6.85 -49.57
C SER PA 367 11.79 -7.16 -48.42
N ARG PA 368 13.09 -7.03 -48.72
CA ARG PA 368 14.09 -7.19 -47.72
C ARG PA 368 13.96 -6.21 -46.50
N LEU PA 369 13.73 -4.96 -46.93
CA LEU PA 369 13.60 -3.76 -46.11
C LEU PA 369 12.32 -3.83 -45.34
N CYS PA 370 11.28 -4.36 -46.03
CA CYS PA 370 9.96 -4.73 -45.46
C CYS PA 370 10.19 -5.82 -44.35
N PRO PA 371 9.44 -5.84 -43.27
CA PRO PA 371 9.55 -6.89 -42.27
C PRO PA 371 8.62 -7.97 -42.69
N ASN PA 372 8.34 -8.93 -41.82
CA ASN PA 372 7.24 -9.88 -41.98
C ASN PA 372 5.96 -9.09 -41.88
N SER PA 373 5.04 -9.34 -42.80
CA SER PA 373 3.85 -8.55 -42.97
C SER PA 373 2.76 -9.35 -43.61
N THR PA 374 1.59 -8.66 -43.58
CA THR PA 374 0.40 -9.18 -44.11
C THR PA 374 0.37 -8.72 -45.56
N GLY PA 375 -0.43 -9.36 -46.43
CA GLY PA 375 -0.54 -8.92 -47.88
C GLY PA 375 -1.20 -7.60 -48.04
N ALA PA 376 -2.08 -7.32 -47.07
CA ALA PA 376 -2.83 -6.11 -47.08
C ALA PA 376 -2.04 -4.89 -46.78
N GLU PA 377 -0.96 -5.12 -45.95
CA GLU PA 377 0.01 -4.02 -45.77
C GLU PA 377 0.88 -3.76 -46.99
N LEU PA 378 1.22 -4.81 -47.78
CA LEU PA 378 2.06 -4.65 -48.95
C LEU PA 378 1.22 -4.02 -50.08
N ARG PA 379 -0.11 -4.19 -50.05
CA ARG PA 379 -1.08 -3.43 -50.94
C ARG PA 379 -0.96 -1.98 -50.56
N SER PA 380 -0.89 -1.63 -49.22
CA SER PA 380 -0.76 -0.29 -48.77
C SER PA 380 0.55 0.33 -49.20
N VAL PA 381 1.75 -0.32 -49.29
CA VAL PA 381 2.99 0.30 -49.60
C VAL PA 381 2.95 0.80 -51.03
N CYS PA 382 2.35 -0.04 -51.96
CA CYS PA 382 2.25 0.35 -53.39
C CYS PA 382 1.31 1.48 -53.60
N THR PA 383 0.19 1.55 -52.85
CA THR PA 383 -0.85 2.64 -53.08
C THR PA 383 -0.29 3.95 -52.54
N GLU PA 384 0.41 3.97 -51.37
CA GLU PA 384 1.06 5.08 -50.71
C GLU PA 384 2.13 5.61 -51.56
N ALA PA 385 2.97 4.72 -52.22
CA ALA PA 385 4.14 5.02 -53.06
C ALA PA 385 3.68 5.68 -54.38
N GLY PA 386 2.47 5.25 -54.83
CA GLY PA 386 1.83 5.85 -55.97
C GLY PA 386 1.49 7.36 -55.77
N MET PA 387 1.04 7.64 -54.53
CA MET PA 387 0.62 8.99 -54.13
C MET PA 387 1.83 9.95 -53.98
N PHE PA 388 2.99 9.49 -53.42
CA PHE PA 388 4.21 10.18 -53.32
C PHE PA 388 4.80 10.46 -54.64
N ALA PA 389 4.57 9.53 -55.62
CA ALA PA 389 5.16 9.59 -56.91
C ALA PA 389 4.46 10.68 -57.75
N ILE PA 390 3.14 10.82 -57.72
CA ILE PA 390 2.48 11.82 -58.54
C ILE PA 390 2.71 13.25 -58.05
N ARG PA 391 2.84 13.32 -56.69
CA ARG PA 391 3.07 14.53 -55.89
C ARG PA 391 4.42 15.10 -56.27
N ALA PA 392 5.43 14.25 -56.41
CA ALA PA 392 6.70 14.76 -56.87
C ALA PA 392 6.77 15.00 -58.38
N ARG PA 393 5.74 14.53 -59.01
CA ARG PA 393 5.48 14.69 -60.44
C ARG PA 393 6.39 13.81 -61.31
N ARG PA 394 6.46 12.53 -60.86
CA ARG PA 394 7.00 11.49 -61.66
C ARG PA 394 5.84 10.59 -62.03
N LYS PA 395 5.90 9.95 -63.18
CA LYS PA 395 4.81 9.19 -63.77
C LYS PA 395 5.20 7.78 -63.57
N VAL PA 396 6.28 7.64 -62.71
CA VAL PA 396 6.91 6.40 -62.42
C VAL PA 396 7.19 6.53 -60.93
N ALA PA 397 7.18 5.45 -60.16
CA ALA PA 397 7.68 5.48 -58.85
C ALA PA 397 8.89 4.64 -58.84
N THR PA 398 10.00 5.32 -58.50
CA THR PA 398 11.35 4.75 -58.59
C THR PA 398 11.44 3.78 -57.34
N GLU PA 399 12.50 2.90 -57.28
CA GLU PA 399 12.85 1.97 -56.16
C GLU PA 399 12.94 2.76 -54.87
N LYS PA 400 13.50 4.01 -54.96
CA LYS PA 400 13.59 4.98 -53.94
C LYS PA 400 12.22 5.48 -53.44
N ASP PA 401 11.22 5.56 -54.37
CA ASP PA 401 9.85 5.96 -54.00
C ASP PA 401 9.14 4.88 -53.15
N PHE PA 402 9.63 3.57 -53.18
CA PHE PA 402 8.92 2.62 -52.46
C PHE PA 402 9.55 2.47 -51.07
N LEU PA 403 10.80 2.91 -50.90
CA LEU PA 403 11.55 2.86 -49.67
C LEU PA 403 11.07 3.95 -48.67
N LYS PA 404 10.70 5.15 -49.23
CA LYS PA 404 10.00 6.15 -48.45
C LYS PA 404 8.62 5.59 -47.98
N ALA PA 405 7.88 4.85 -48.81
CA ALA PA 405 6.61 4.39 -48.47
C ALA PA 405 6.57 3.35 -47.43
N VAL PA 406 7.54 2.37 -47.45
CA VAL PA 406 7.79 1.39 -46.44
C VAL PA 406 8.04 2.06 -45.07
N ASP PA 407 8.79 3.17 -45.07
CA ASP PA 407 9.42 3.70 -43.86
C ASP PA 407 8.41 4.35 -42.96
N LYS PA 408 7.40 5.03 -43.57
CA LYS PA 408 6.37 5.72 -42.82
C LYS PA 408 5.46 4.74 -41.95
N VAL PA 409 5.18 3.55 -42.42
CA VAL PA 409 4.36 2.57 -41.69
C VAL PA 409 5.13 2.09 -40.39
N ILE PA 410 6.40 1.79 -40.53
CA ILE PA 410 7.38 1.42 -39.56
C ILE PA 410 7.58 2.51 -38.50
N SER PA 411 7.61 3.79 -38.92
CA SER PA 411 7.90 4.92 -38.08
C SER PA 411 6.77 4.96 -37.05
N GLY PA 412 5.55 4.55 -37.43
CA GLY PA 412 4.43 4.53 -36.54
C GLY PA 412 4.53 3.57 -35.36
N TYR PA 413 5.21 2.42 -35.68
CA TYR PA 413 5.53 1.36 -34.76
C TYR PA 413 6.50 1.82 -33.70
N LYS PA 414 7.47 2.68 -34.11
CA LYS PA 414 8.48 3.27 -33.33
C LYS PA 414 7.88 4.27 -32.42
N LYS PA 415 6.81 5.02 -32.91
CA LYS PA 415 6.10 6.05 -32.11
C LYS PA 415 5.36 5.43 -30.89
N PHE PA 416 4.84 4.18 -31.06
CA PHE PA 416 4.15 3.59 -29.95
C PHE PA 416 5.03 2.90 -28.83
N SER PA 417 6.39 2.80 -28.96
CA SER PA 417 7.30 2.21 -28.03
C SER PA 417 8.27 3.33 -27.74
N SER PA 418 9.54 3.25 -28.32
CA SER PA 418 10.54 4.24 -28.21
C SER PA 418 11.45 4.26 -29.40
N THR PA 419 11.80 5.54 -29.75
CA THR PA 419 12.46 5.86 -31.03
C THR PA 419 13.90 6.07 -30.64
N SER PA 420 14.63 5.90 -31.79
CA SER PA 420 16.08 5.97 -31.79
C SER PA 420 16.59 4.59 -31.38
N ARG PA 421 17.63 4.13 -32.09
CA ARG PA 421 18.20 2.82 -31.87
C ARG PA 421 19.70 2.91 -31.95
N TYR PA 422 20.46 1.74 -32.06
CA TYR PA 422 21.91 1.61 -32.22
C TYR PA 422 22.20 1.29 -33.71
N MET PA 423 21.12 1.25 -34.48
CA MET PA 423 21.22 0.87 -35.88
C MET PA 423 21.35 2.11 -36.77
N GLN PA 424 21.70 3.26 -36.16
CA GLN PA 424 22.02 4.49 -36.86
C GLN PA 424 23.50 4.57 -37.16
N TYR PA 425 24.23 3.53 -36.66
CA TYR PA 425 25.70 3.45 -36.72
C TYR PA 425 26.29 2.05 -36.75
N ASN PA 426 25.33 1.10 -36.85
CA ASN PA 426 25.70 -0.31 -36.94
C ASN PA 426 25.02 -0.75 -38.19
N THR QA 1 -13.34 50.60 -44.34
CA THR QA 1 -14.64 51.16 -44.57
C THR QA 1 -15.13 50.99 -46.01
N ARG QA 2 -14.22 51.21 -46.94
CA ARG QA 2 -14.51 51.15 -48.37
C ARG QA 2 -14.81 49.85 -49.01
N CYS QA 3 -14.15 48.73 -48.46
CA CYS QA 3 -14.28 47.42 -48.97
C CYS QA 3 -15.39 46.70 -48.28
N LYS QA 4 -15.66 47.00 -47.00
CA LYS QA 4 -16.88 46.30 -46.45
C LYS QA 4 -18.10 46.91 -47.22
N LEU QA 5 -18.04 48.18 -47.76
CA LEU QA 5 -19.10 48.74 -48.59
C LEU QA 5 -19.23 47.97 -49.90
N LYS QA 6 -18.11 47.50 -50.45
CA LYS QA 6 -18.04 46.77 -51.70
C LYS QA 6 -18.67 45.45 -51.47
N LEU QA 7 -18.66 44.81 -50.31
CA LEU QA 7 -19.30 43.49 -50.04
C LEU QA 7 -20.77 43.67 -50.09
N LEU QA 8 -21.32 44.79 -49.57
CA LEU QA 8 -22.63 45.28 -49.53
C LEU QA 8 -23.20 45.59 -50.96
N ARG QA 9 -22.32 46.07 -51.91
CA ARG QA 9 -22.62 46.44 -53.24
C ARG QA 9 -22.97 45.19 -54.03
N MET QA 10 -22.14 44.11 -53.87
CA MET QA 10 -22.35 42.79 -54.43
C MET QA 10 -23.44 41.99 -53.85
N GLU QA 11 -23.54 41.86 -52.51
CA GLU QA 11 -24.53 41.05 -51.84
C GLU QA 11 -25.95 41.65 -51.80
N ARG QA 12 -26.12 43.01 -51.50
CA ARG QA 12 -27.44 43.56 -51.29
C ARG QA 12 -28.27 43.46 -52.56
N ILE QA 13 -27.70 43.90 -53.70
CA ILE QA 13 -28.53 44.04 -54.95
C ILE QA 13 -28.82 42.67 -55.46
N LYS QA 14 -27.82 41.79 -55.60
CA LYS QA 14 -28.04 40.43 -56.22
C LYS QA 14 -28.96 39.56 -55.37
N ASP QA 15 -28.76 39.53 -54.02
CA ASP QA 15 -29.51 38.76 -53.09
C ASP QA 15 -30.99 39.24 -52.97
N HIS QA 16 -31.29 40.52 -52.83
CA HIS QA 16 -32.53 41.12 -52.62
C HIS QA 16 -33.43 40.90 -53.83
N LEU QA 17 -32.81 40.94 -55.05
CA LEU QA 17 -33.41 40.68 -56.32
C LEU QA 17 -33.89 39.20 -56.39
N LEU QA 18 -33.08 38.24 -55.84
CA LEU QA 18 -33.26 36.80 -55.88
C LEU QA 18 -34.52 36.38 -55.12
N LEU QA 19 -34.82 37.03 -53.91
CA LEU QA 19 -36.00 36.80 -53.08
C LEU QA 19 -37.26 37.17 -53.85
N GLU QA 20 -37.22 38.36 -54.46
CA GLU QA 20 -38.29 38.97 -55.18
C GLU QA 20 -38.68 38.23 -56.45
N GLU QA 21 -37.62 37.75 -57.08
CA GLU QA 21 -37.73 36.92 -58.30
C GLU QA 21 -38.43 35.68 -58.02
N GLU QA 22 -38.11 34.97 -56.89
CA GLU QA 22 -38.75 33.68 -56.53
C GLU QA 22 -40.20 33.90 -56.33
N PHE QA 23 -40.52 34.93 -55.52
CA PHE QA 23 -41.84 35.28 -55.08
C PHE QA 23 -42.77 35.56 -56.18
N VAL QA 24 -42.45 36.34 -57.29
CA VAL QA 24 -43.36 36.51 -58.42
C VAL QA 24 -43.49 35.23 -59.18
N SER QA 25 -42.36 34.46 -59.41
CA SER QA 25 -42.29 33.31 -60.29
C SER QA 25 -43.23 32.25 -59.82
N ASN QA 26 -43.48 32.12 -58.53
CA ASN QA 26 -44.36 31.05 -57.97
C ASN QA 26 -45.80 31.18 -58.60
N SER QA 27 -46.33 32.40 -58.69
CA SER QA 27 -47.49 32.74 -59.51
C SER QA 27 -47.29 32.44 -60.98
N GLU QA 28 -46.18 32.88 -61.59
CA GLU QA 28 -45.92 32.81 -63.02
C GLU QA 28 -45.85 31.41 -63.60
N ILE QA 29 -45.41 30.42 -62.80
CA ILE QA 29 -45.30 29.05 -63.23
C ILE QA 29 -46.64 28.47 -63.68
N LEU QA 30 -47.68 28.82 -62.94
CA LEU QA 30 -49.00 28.37 -63.08
C LEU QA 30 -49.56 28.73 -64.37
N LYS QA 31 -49.26 29.97 -64.88
CA LYS QA 31 -50.04 30.56 -65.96
C LYS QA 31 -49.75 29.91 -67.31
N PRO QA 32 -48.60 29.45 -67.80
CA PRO QA 32 -48.45 28.83 -69.09
C PRO QA 32 -49.39 27.71 -69.54
N PHE QA 33 -49.92 26.86 -68.52
CA PHE QA 33 -50.67 25.63 -68.78
C PHE QA 33 -52.03 25.74 -68.22
N GLU QA 34 -53.04 25.04 -68.81
CA GLU QA 34 -54.37 25.27 -68.38
C GLU QA 34 -55.13 23.98 -68.68
N LYS QA 35 -54.49 22.97 -69.22
CA LYS QA 35 -55.08 21.65 -69.48
C LYS QA 35 -53.88 20.73 -69.67
N LYS QA 36 -54.14 19.41 -69.84
CA LYS QA 36 -53.21 18.35 -69.94
C LYS QA 36 -52.55 18.01 -68.64
N GLN QA 37 -51.54 18.80 -68.20
CA GLN QA 37 -50.79 18.58 -67.02
C GLN QA 37 -51.68 18.76 -65.80
N GLU QA 38 -52.59 19.82 -65.82
CA GLU QA 38 -53.61 20.18 -64.81
C GLU QA 38 -54.51 18.99 -64.62
N GLU QA 39 -55.00 18.38 -65.68
CA GLU QA 39 -55.94 17.26 -65.70
C GLU QA 39 -55.37 16.07 -64.97
N GLU QA 40 -54.12 15.73 -65.26
CA GLU QA 40 -53.41 14.55 -64.79
C GLU QA 40 -53.18 14.62 -63.28
N LYS QA 41 -52.88 15.86 -62.83
CA LYS QA 41 -52.76 16.26 -61.47
C LYS QA 41 -54.06 16.12 -60.73
N LYS QA 42 -55.10 16.46 -61.41
CA LYS QA 42 -56.44 16.49 -60.79
C LYS QA 42 -56.85 15.11 -60.41
N GLN QA 43 -56.60 14.11 -61.29
CA GLN QA 43 -56.97 12.72 -61.11
C GLN QA 43 -55.98 12.06 -60.21
N LEU QA 44 -54.73 12.59 -60.03
CA LEU QA 44 -53.76 12.02 -59.08
C LEU QA 44 -54.30 12.24 -57.72
N GLU QA 45 -54.99 13.41 -57.44
CA GLU QA 45 -55.51 13.82 -56.18
C GLU QA 45 -56.86 13.07 -55.86
N GLU QA 46 -57.67 12.76 -56.85
CA GLU QA 46 -58.80 11.93 -56.63
C GLU QA 46 -58.41 10.49 -56.12
N ILE QA 47 -57.39 9.85 -56.81
CA ILE QA 47 -56.82 8.57 -56.53
C ILE QA 47 -56.17 8.51 -55.18
N ARG QA 48 -55.35 9.49 -54.84
CA ARG QA 48 -54.57 9.40 -53.61
C ARG QA 48 -55.40 10.09 -52.58
N GLY QA 49 -55.84 9.26 -51.58
CA GLY QA 49 -56.58 9.66 -50.45
C GLY QA 49 -55.89 10.54 -49.47
N ASN QA 50 -56.60 11.06 -48.46
CA ASN QA 50 -55.93 11.75 -47.39
C ASN QA 50 -56.18 11.16 -46.04
N PRO QA 51 -55.21 10.76 -45.22
CA PRO QA 51 -53.77 10.85 -45.32
C PRO QA 51 -53.23 9.71 -46.09
N LEU QA 52 -51.87 9.71 -46.22
CA LEU QA 52 -51.11 8.64 -46.78
C LEU QA 52 -50.21 8.08 -45.68
N SER QA 53 -50.27 6.73 -45.49
CA SER QA 53 -49.43 6.01 -44.60
C SER QA 53 -48.13 5.82 -45.27
N ILE QA 54 -47.02 6.10 -44.54
CA ILE QA 54 -45.73 5.86 -45.14
C ILE QA 54 -45.45 4.36 -45.33
N GLY QA 55 -44.61 3.92 -46.37
CA GLY QA 55 -44.07 2.64 -46.50
C GLY QA 55 -42.57 2.77 -46.72
N THR QA 56 -41.92 1.55 -46.78
CA THR QA 56 -40.58 1.35 -47.10
C THR QA 56 -40.69 0.14 -47.96
N LEU QA 57 -40.08 0.15 -49.13
CA LEU QA 57 -40.10 -0.83 -50.14
C LEU QA 57 -38.99 -1.73 -49.86
N GLU QA 58 -39.34 -3.02 -49.74
CA GLU QA 58 -38.33 -4.05 -49.41
C GLU QA 58 -37.83 -4.55 -50.71
N GLU QA 59 -38.82 -4.88 -51.56
CA GLU QA 59 -38.49 -5.52 -52.82
C GLU QA 59 -39.68 -5.52 -53.73
N ILE QA 60 -39.44 -5.67 -55.08
CA ILE QA 60 -40.34 -5.57 -56.17
C ILE QA 60 -40.37 -6.95 -56.69
N ILE QA 61 -41.64 -7.49 -56.90
CA ILE QA 61 -41.73 -8.75 -57.57
C ILE QA 61 -42.17 -8.38 -58.94
N ASP QA 62 -41.57 -8.91 -60.06
CA ASP QA 62 -41.91 -8.35 -61.32
C ASP QA 62 -43.18 -8.94 -61.86
N ASP QA 63 -44.38 -8.36 -61.52
CA ASP QA 63 -45.68 -8.87 -62.01
C ASP QA 63 -46.79 -7.84 -61.65
N ASP QA 64 -46.34 -6.63 -61.23
CA ASP QA 64 -47.14 -5.51 -60.88
C ASP QA 64 -47.54 -5.57 -59.39
N HIS QA 65 -46.67 -6.13 -58.59
CA HIS QA 65 -46.71 -6.14 -57.11
C HIS QA 65 -45.39 -5.97 -56.53
N ALA QA 66 -45.39 -5.84 -55.19
CA ALA QA 66 -44.24 -5.68 -54.43
C ALA QA 66 -44.56 -6.03 -53.04
N ILE QA 67 -43.57 -6.04 -52.09
CA ILE QA 67 -43.71 -6.30 -50.69
C ILE QA 67 -43.11 -5.07 -50.01
N VAL QA 68 -43.84 -4.48 -49.09
CA VAL QA 68 -43.34 -3.36 -48.27
C VAL QA 68 -43.36 -3.83 -46.83
N THR QA 69 -42.47 -3.18 -45.98
CA THR QA 69 -42.52 -3.36 -44.59
C THR QA 69 -42.86 -1.95 -44.20
N SER QA 70 -43.86 -1.71 -43.34
CA SER QA 70 -44.39 -0.35 -43.04
C SER QA 70 -44.34 -0.18 -41.52
N PRO QA 71 -44.39 0.99 -40.99
CA PRO QA 71 -44.54 1.18 -39.57
C PRO QA 71 -45.83 0.63 -39.05
N THR QA 72 -46.75 0.11 -39.89
CA THR QA 72 -47.83 -0.78 -39.52
C THR QA 72 -47.32 -2.17 -39.33
N MET QA 73 -47.66 -2.84 -38.19
CA MET QA 73 -46.96 -3.99 -37.73
C MET QA 73 -46.92 -5.13 -38.70
N PRO QA 74 -47.95 -5.52 -39.44
CA PRO QA 74 -47.82 -6.55 -40.44
C PRO QA 74 -47.41 -6.02 -41.78
N ASP QA 75 -46.61 -6.84 -42.46
CA ASP QA 75 -46.20 -6.51 -43.80
C ASP QA 75 -47.33 -6.68 -44.79
N TYR QA 76 -47.10 -6.18 -46.03
CA TYR QA 76 -48.13 -6.13 -47.08
C TYR QA 76 -47.43 -6.46 -48.39
N TYR QA 77 -48.23 -7.24 -49.15
CA TYR QA 77 -48.09 -7.38 -50.54
C TYR QA 77 -49.02 -6.28 -51.10
N VAL QA 78 -48.34 -5.33 -51.69
CA VAL QA 78 -48.95 -4.15 -52.22
C VAL QA 78 -48.81 -4.34 -53.71
N SER QA 79 -49.50 -3.53 -54.48
CA SER QA 79 -49.39 -3.57 -55.90
C SER QA 79 -48.63 -2.26 -56.26
N ILE QA 80 -48.03 -2.15 -57.45
CA ILE QA 80 -47.37 -0.99 -58.07
C ILE QA 80 -48.39 -0.67 -59.06
N LEU QA 81 -48.98 0.57 -58.94
CA LEU QA 81 -50.10 0.99 -59.77
C LEU QA 81 -50.48 2.41 -59.53
N SER QA 82 -50.77 3.05 -60.69
CA SER QA 82 -51.30 4.41 -60.77
C SER QA 82 -50.18 5.43 -60.57
N PHE QA 83 -49.72 6.09 -61.67
CA PHE QA 83 -48.75 7.18 -61.70
C PHE QA 83 -47.45 6.75 -61.07
N VAL QA 84 -47.05 5.54 -61.27
CA VAL QA 84 -45.78 5.05 -60.78
C VAL QA 84 -45.41 4.03 -61.82
N ASP QA 85 -44.09 3.76 -61.89
CA ASP QA 85 -43.56 2.80 -62.85
C ASP QA 85 -42.85 1.76 -62.00
N LYS QA 86 -42.51 0.67 -62.72
CA LYS QA 86 -41.81 -0.48 -62.14
C LYS QA 86 -40.37 0.03 -61.99
N GLU QA 87 -39.90 0.93 -62.92
CA GLU QA 87 -38.47 1.39 -62.94
C GLU QA 87 -38.33 2.75 -62.41
N LEU QA 88 -39.41 3.27 -61.82
CA LEU QA 88 -39.36 4.55 -61.06
C LEU QA 88 -39.08 4.28 -59.62
N LEU QA 89 -39.09 3.00 -59.33
CA LEU QA 89 -38.74 2.48 -58.07
C LEU QA 89 -37.52 1.65 -58.21
N GLU QA 90 -36.81 1.62 -57.06
CA GLU QA 90 -35.62 0.81 -56.84
C GLU QA 90 -35.88 0.25 -55.48
N PRO QA 91 -35.39 -0.91 -55.15
CA PRO QA 91 -35.48 -1.38 -53.77
C PRO QA 91 -34.81 -0.57 -52.76
N GLY QA 92 -35.46 -0.62 -51.56
CA GLY QA 92 -34.94 0.06 -50.40
C GLY QA 92 -35.25 1.52 -50.37
N CYS QA 93 -36.06 2.04 -51.37
CA CYS QA 93 -36.44 3.43 -51.46
C CYS QA 93 -37.72 3.57 -50.72
N SER QA 94 -38.06 4.74 -50.21
CA SER QA 94 -39.28 5.00 -49.40
C SER QA 94 -40.44 5.33 -50.32
N VAL QA 95 -41.63 4.76 -50.04
CA VAL QA 95 -42.71 4.83 -51.02
C VAL QA 95 -43.90 5.44 -50.22
N LEU QA 96 -45.02 5.84 -50.94
CA LEU QA 96 -46.18 6.41 -50.33
C LEU QA 96 -47.25 5.43 -50.60
N LEU QA 97 -48.05 5.06 -49.51
CA LEU QA 97 -49.10 4.10 -49.59
C LEU QA 97 -50.43 4.83 -49.36
N HIS QA 98 -51.49 4.22 -49.81
CA HIS QA 98 -52.91 4.55 -49.79
C HIS QA 98 -53.45 3.89 -48.55
N HIS QA 99 -54.16 4.70 -47.74
CA HIS QA 99 -54.56 4.52 -46.40
C HIS QA 99 -55.50 3.36 -46.27
N LYS QA 100 -56.44 3.37 -47.23
CA LYS QA 100 -57.52 2.39 -47.26
C LYS QA 100 -57.10 1.03 -47.67
N THR QA 101 -56.43 0.98 -48.84
CA THR QA 101 -55.91 -0.28 -49.33
C THR QA 101 -54.55 0.08 -49.82
N MET QA 102 -53.48 -0.47 -49.23
CA MET QA 102 -52.08 -0.16 -49.45
C MET QA 102 -51.72 -0.45 -50.88
N SER QA 103 -51.19 0.54 -51.60
CA SER QA 103 -50.78 0.49 -52.94
C SER QA 103 -49.73 1.59 -53.09
N ILE QA 104 -48.70 1.38 -53.98
CA ILE QA 104 -47.68 2.37 -54.22
C ILE QA 104 -48.27 3.26 -55.22
N VAL QA 105 -48.41 4.56 -54.83
CA VAL QA 105 -49.18 5.51 -55.59
C VAL QA 105 -48.24 6.47 -56.17
N GLY QA 106 -46.92 6.29 -55.83
CA GLY QA 106 -45.76 7.02 -56.40
C GLY QA 106 -44.87 7.22 -55.24
N VAL QA 107 -43.80 7.98 -55.49
CA VAL QA 107 -42.69 8.37 -54.61
C VAL QA 107 -42.62 9.90 -54.72
N LEU QA 108 -42.33 10.60 -53.58
CA LEU QA 108 -42.06 12.05 -53.59
C LEU QA 108 -41.11 12.22 -52.53
N GLN QA 109 -40.44 11.09 -52.06
CA GLN QA 109 -39.54 11.03 -50.94
C GLN QA 109 -38.22 10.91 -51.59
N ASP QA 110 -37.81 9.63 -52.00
CA ASP QA 110 -36.59 9.11 -52.54
C ASP QA 110 -35.46 9.39 -51.62
N ASP QA 111 -35.65 8.72 -50.44
CA ASP QA 111 -34.63 8.47 -49.39
C ASP QA 111 -34.66 9.67 -48.44
N ALA QA 112 -35.85 10.35 -48.37
CA ALA QA 112 -36.23 11.39 -47.48
C ALA QA 112 -36.62 10.82 -46.14
N ASP QA 113 -35.85 11.08 -45.09
CA ASP QA 113 -36.04 10.48 -43.80
C ASP QA 113 -35.38 11.48 -42.81
N PRO QA 114 -35.58 11.38 -41.45
CA PRO QA 114 -35.04 12.43 -40.52
C PRO QA 114 -33.55 12.25 -40.34
N MET QA 115 -33.05 11.03 -40.44
CA MET QA 115 -31.66 10.72 -40.22
C MET QA 115 -30.87 11.30 -41.38
N VAL QA 116 -31.43 11.32 -42.61
CA VAL QA 116 -30.99 12.05 -43.80
C VAL QA 116 -30.96 13.51 -43.58
N SER QA 117 -31.97 14.03 -42.87
CA SER QA 117 -31.96 15.42 -42.62
C SER QA 117 -30.88 15.92 -41.69
N VAL QA 118 -30.56 15.20 -40.59
CA VAL QA 118 -29.51 15.56 -39.70
C VAL QA 118 -28.13 15.58 -40.49
N MET QA 119 -27.93 14.53 -41.28
CA MET QA 119 -26.74 14.19 -42.06
C MET QA 119 -26.41 15.12 -43.09
N LYS QA 120 -27.34 15.55 -43.98
CA LYS QA 120 -27.08 16.59 -44.92
C LYS QA 120 -27.05 17.90 -44.22
N MET QA 121 -26.14 18.83 -44.64
CA MET QA 121 -26.09 20.10 -44.01
C MET QA 121 -25.82 21.12 -45.07
N ASP QA 122 -26.40 22.34 -44.88
CA ASP QA 122 -26.42 23.45 -45.76
C ASP QA 122 -25.74 24.58 -45.12
N LYS QA 123 -24.96 24.33 -44.05
CA LYS QA 123 -24.26 25.20 -43.18
C LYS QA 123 -23.02 25.64 -43.86
N SER QA 124 -22.33 26.69 -43.32
CA SER QA 124 -21.17 27.15 -43.96
C SER QA 124 -20.05 26.45 -43.19
N PRO QA 125 -18.98 25.92 -43.78
CA PRO QA 125 -17.81 25.44 -43.03
C PRO QA 125 -17.15 26.51 -42.19
N THR QA 126 -16.53 26.11 -41.04
CA THR QA 126 -16.07 27.06 -40.01
C THR QA 126 -14.75 27.69 -40.50
N GLU QA 127 -13.86 26.76 -41.12
CA GLU QA 127 -12.56 27.03 -41.72
C GLU QA 127 -12.67 26.87 -43.17
N SER QA 128 -11.98 27.80 -43.93
CA SER QA 128 -11.86 27.63 -45.41
C SER QA 128 -10.54 27.82 -45.82
N TYR QA 129 -10.01 26.76 -46.49
CA TYR QA 129 -8.61 26.51 -46.89
C TYR QA 129 -7.56 26.96 -45.85
N SER QA 130 -7.63 26.26 -44.64
CA SER QA 130 -6.73 26.37 -43.48
C SER QA 130 -6.48 27.81 -43.14
N ASP QA 131 -7.57 28.40 -42.56
CA ASP QA 131 -7.61 29.77 -42.07
C ASP QA 131 -6.76 30.00 -40.94
N ILE QA 132 -6.64 28.98 -40.06
CA ILE QA 132 -5.87 28.98 -38.88
C ILE QA 132 -4.74 28.16 -39.30
N GLY QA 133 -3.53 28.71 -38.97
CA GLY QA 133 -2.29 28.04 -39.21
C GLY QA 133 -2.01 26.90 -38.33
N GLY QA 134 -0.82 26.33 -38.60
CA GLY QA 134 -0.25 25.12 -38.08
C GLY QA 134 -0.77 23.96 -38.82
N LEU QA 135 -0.24 22.74 -38.54
CA LEU QA 135 -0.43 21.47 -39.30
C LEU QA 135 -0.50 21.51 -40.78
N GLU QA 136 0.59 22.10 -41.31
CA GLU QA 136 0.74 22.28 -42.76
C GLU QA 136 0.90 20.95 -43.52
N SER QA 137 1.74 20.05 -42.98
CA SER QA 137 2.08 18.78 -43.48
C SER QA 137 0.92 17.83 -43.47
N GLN QA 138 0.14 17.71 -42.34
CA GLN QA 138 -0.91 16.75 -42.16
C GLN QA 138 -1.95 17.03 -43.19
N ILE QA 139 -2.27 18.34 -43.53
CA ILE QA 139 -3.25 18.61 -44.58
C ILE QA 139 -2.72 18.23 -45.92
N GLN QA 140 -1.38 18.29 -46.21
CA GLN QA 140 -0.90 17.77 -47.44
C GLN QA 140 -0.77 16.23 -47.43
N GLU QA 141 -1.59 15.57 -46.60
CA GLU QA 141 -1.70 14.13 -46.65
C GLU QA 141 -3.10 13.72 -46.75
N ILE QA 142 -4.05 14.59 -46.19
CA ILE QA 142 -5.45 14.35 -46.35
C ILE QA 142 -5.79 14.58 -47.76
N LYS QA 143 -5.27 15.71 -48.32
CA LYS QA 143 -5.44 16.21 -49.66
C LYS QA 143 -4.99 15.29 -50.71
N GLU QA 144 -3.87 14.52 -50.46
CA GLU QA 144 -3.43 13.58 -51.41
C GLU QA 144 -4.44 12.50 -51.50
N SER QA 145 -4.99 12.05 -50.35
CA SER QA 145 -5.93 10.95 -50.44
C SER QA 145 -7.38 11.22 -50.94
N VAL QA 146 -7.92 12.32 -50.46
CA VAL QA 146 -9.38 12.67 -50.46
C VAL QA 146 -9.59 13.64 -51.61
N GLU QA 147 -8.99 14.85 -51.63
CA GLU QA 147 -9.31 15.93 -52.54
C GLU QA 147 -8.85 15.66 -53.95
N LEU QA 148 -7.64 15.03 -54.05
CA LEU QA 148 -6.83 14.78 -55.22
C LEU QA 148 -7.51 13.79 -56.22
N PRO QA 149 -8.14 12.69 -55.84
CA PRO QA 149 -8.97 11.89 -56.81
C PRO QA 149 -10.14 12.58 -57.36
N LEU QA 150 -10.79 13.47 -56.48
CA LEU QA 150 -11.93 14.16 -56.97
C LEU QA 150 -11.54 15.17 -58.02
N THR QA 151 -10.54 16.06 -57.72
CA THR QA 151 -10.06 17.09 -58.61
C THR QA 151 -9.46 16.66 -59.96
N HIS QA 152 -8.55 15.59 -59.94
CA HIS QA 152 -7.92 14.97 -61.07
C HIS QA 152 -7.82 13.54 -60.95
N PRO QA 153 -8.63 12.74 -61.64
CA PRO QA 153 -8.62 11.34 -61.60
C PRO QA 153 -7.55 10.88 -62.60
N GLU QA 154 -7.26 11.70 -63.64
CA GLU QA 154 -6.38 11.29 -64.70
C GLU QA 154 -5.02 10.86 -64.29
N LEU QA 155 -4.44 11.58 -63.27
CA LEU QA 155 -3.06 11.43 -62.82
C LEU QA 155 -2.84 10.05 -62.30
N TYR QA 156 -3.82 9.40 -61.53
CA TYR QA 156 -3.84 8.02 -61.03
C TYR QA 156 -3.85 6.97 -62.13
N GLU QA 157 -4.56 7.22 -63.27
CA GLU QA 157 -4.53 6.38 -64.40
C GLU QA 157 -3.18 6.26 -65.14
N GLU QA 158 -2.41 7.35 -65.34
CA GLU QA 158 -1.07 7.25 -65.84
C GLU QA 158 -0.16 6.42 -65.00
N MET QA 159 -0.39 6.58 -63.62
CA MET QA 159 0.29 5.87 -62.60
C MET QA 159 -0.08 4.42 -62.55
N GLY QA 160 -1.32 4.08 -62.94
CA GLY QA 160 -1.73 2.65 -63.10
C GLY QA 160 -2.22 2.04 -61.82
N ILE QA 161 -2.40 2.89 -60.77
CA ILE QA 161 -2.74 2.46 -59.41
C ILE QA 161 -4.22 2.81 -59.37
N LYS QA 162 -4.88 2.07 -58.44
CA LYS QA 162 -6.22 2.34 -57.95
C LYS QA 162 -6.25 3.57 -57.11
N PRO QA 163 -7.34 4.34 -57.02
CA PRO QA 163 -7.20 5.57 -56.27
C PRO QA 163 -7.69 5.28 -54.86
N PRO QA 164 -7.06 5.68 -53.72
CA PRO QA 164 -7.51 5.65 -52.34
C PRO QA 164 -9.02 5.84 -52.02
N LYS QA 165 -9.37 5.25 -50.92
CA LYS QA 165 -10.67 5.33 -50.35
C LYS QA 165 -10.53 5.58 -48.86
N GLY QA 166 -10.91 6.81 -48.45
CA GLY QA 166 -11.08 7.23 -47.08
C GLY QA 166 -9.83 7.60 -46.33
N VAL QA 167 -9.96 8.23 -45.17
CA VAL QA 167 -8.95 8.62 -44.30
C VAL QA 167 -9.47 8.41 -42.92
N ILE QA 168 -8.53 8.26 -41.97
CA ILE QA 168 -8.79 8.13 -40.51
C ILE QA 168 -7.93 9.14 -39.81
N LEU QA 169 -8.60 10.09 -39.23
CA LEU QA 169 -8.05 11.15 -38.39
C LEU QA 169 -8.16 10.71 -36.99
N TYR QA 170 -7.07 10.74 -36.19
CA TYR QA 170 -6.97 10.21 -34.83
C TYR QA 170 -5.82 10.72 -33.96
N GLY QA 171 -5.94 10.48 -32.69
CA GLY QA 171 -4.91 10.92 -31.77
C GLY QA 171 -5.53 12.03 -30.91
N ALA QA 172 -4.78 13.14 -30.69
CA ALA QA 172 -4.92 14.15 -29.70
C ALA QA 172 -6.20 14.98 -29.80
N PRO QA 173 -6.85 15.43 -28.71
CA PRO QA 173 -7.90 16.39 -28.64
C PRO QA 173 -7.30 17.83 -28.67
N GLY QA 174 -8.00 18.80 -29.25
CA GLY QA 174 -7.55 20.19 -29.35
C GLY QA 174 -6.61 20.53 -30.48
N THR QA 175 -6.55 19.68 -31.50
CA THR QA 175 -5.62 19.79 -32.65
C THR QA 175 -6.35 20.03 -33.92
N GLY QA 176 -7.75 19.88 -33.98
CA GLY QA 176 -8.55 20.48 -35.00
C GLY QA 176 -8.49 19.57 -36.24
N LYS QA 177 -8.34 18.27 -35.94
CA LYS QA 177 -8.73 17.23 -36.85
C LYS QA 177 -10.10 17.27 -37.40
N THR QA 178 -11.09 17.72 -36.59
CA THR QA 178 -12.50 17.76 -37.03
C THR QA 178 -12.65 18.97 -37.86
N LEU QA 179 -11.64 19.92 -37.86
CA LEU QA 179 -11.82 21.21 -38.57
C LEU QA 179 -11.08 21.18 -39.87
N LEU QA 180 -10.04 20.32 -40.02
CA LEU QA 180 -9.30 20.14 -41.26
C LEU QA 180 -10.10 19.45 -42.35
N ALA QA 181 -10.98 18.58 -41.93
CA ALA QA 181 -11.88 17.81 -42.75
C ALA QA 181 -12.86 18.82 -43.34
N LYS QA 182 -13.33 19.85 -42.55
CA LYS QA 182 -14.24 20.92 -42.95
C LYS QA 182 -13.56 21.85 -43.92
N ALA QA 183 -12.27 22.11 -43.69
CA ALA QA 183 -11.45 22.93 -44.60
C ALA QA 183 -11.36 22.36 -46.01
N VAL QA 184 -10.93 21.05 -46.13
CA VAL QA 184 -10.77 20.18 -47.31
C VAL QA 184 -12.00 20.09 -48.05
N ALA QA 185 -13.15 19.95 -47.40
CA ALA QA 185 -14.51 19.89 -47.97
C ALA QA 185 -14.90 21.17 -48.63
N ASN QA 186 -14.52 22.35 -48.06
CA ASN QA 186 -14.86 23.68 -48.66
C ASN QA 186 -13.94 23.93 -49.91
N GLN QA 187 -12.68 23.38 -49.89
CA GLN QA 187 -11.70 23.63 -50.90
C GLN QA 187 -12.10 23.01 -52.18
N THR QA 188 -12.68 21.79 -52.15
CA THR QA 188 -13.07 21.08 -53.29
C THR QA 188 -14.37 21.65 -53.96
N SER QA 189 -15.29 22.02 -52.98
CA SER QA 189 -16.70 22.35 -53.12
C SER QA 189 -17.62 21.12 -53.20
N ALA QA 190 -17.20 20.01 -52.46
CA ALA QA 190 -17.86 18.73 -52.31
C ALA QA 190 -19.06 18.84 -51.42
N THR QA 191 -19.79 17.66 -51.42
CA THR QA 191 -21.02 17.49 -50.64
C THR QA 191 -20.56 17.05 -49.31
N PHE QA 192 -20.94 17.76 -48.24
CA PHE QA 192 -20.42 17.32 -46.95
C PHE QA 192 -21.50 16.73 -46.10
N LEU QA 193 -21.17 15.65 -45.34
CA LEU QA 193 -22.08 14.92 -44.49
C LEU QA 193 -21.35 14.93 -43.24
N ARG QA 194 -21.83 15.93 -42.41
CA ARG QA 194 -21.90 15.87 -40.99
C ARG QA 194 -23.03 14.94 -40.61
N ILE QA 195 -22.83 13.56 -40.68
CA ILE QA 195 -23.47 12.80 -39.68
C ILE QA 195 -22.48 12.42 -38.61
N VAL QA 196 -22.99 12.26 -37.38
CA VAL QA 196 -22.27 11.76 -36.20
C VAL QA 196 -22.70 10.31 -35.92
N GLY QA 197 -21.60 9.53 -35.58
CA GLY QA 197 -21.75 8.11 -35.52
C GLY QA 197 -22.53 7.67 -34.36
N SER QA 198 -22.72 8.61 -33.38
CA SER QA 198 -23.33 8.43 -32.14
C SER QA 198 -24.80 8.72 -32.20
N GLU QA 199 -25.33 8.97 -33.40
CA GLU QA 199 -26.70 9.51 -33.51
C GLU QA 199 -27.54 8.45 -34.15
N LEU QA 200 -27.06 7.19 -34.17
CA LEU QA 200 -27.70 6.04 -34.73
C LEU QA 200 -28.17 5.14 -33.64
N ILE QA 201 -27.60 5.46 -32.46
CA ILE QA 201 -27.71 4.60 -31.25
C ILE QA 201 -28.67 5.27 -30.32
N GLN QA 202 -29.60 4.42 -29.81
CA GLN QA 202 -30.67 4.71 -28.88
C GLN QA 202 -30.93 3.44 -28.17
N LYS QA 203 -31.74 3.50 -27.05
CA LYS QA 203 -32.01 2.39 -26.06
C LYS QA 203 -32.71 1.37 -26.75
N TYR QA 204 -33.82 1.81 -27.44
CA TYR QA 204 -34.74 1.04 -28.30
C TYR QA 204 -33.93 0.34 -29.35
N LEU QA 205 -34.37 -0.90 -29.63
CA LEU QA 205 -33.58 -1.85 -30.36
C LEU QA 205 -34.08 -1.92 -31.80
N GLY QA 206 -33.20 -2.48 -32.64
CA GLY QA 206 -33.56 -2.92 -33.93
C GLY QA 206 -33.72 -1.76 -34.92
N ASP QA 207 -33.48 -0.50 -34.52
CA ASP QA 207 -33.74 0.65 -35.37
C ASP QA 207 -32.45 0.86 -36.16
N GLY QA 208 -31.34 0.74 -35.43
CA GLY QA 208 -29.99 1.04 -35.87
C GLY QA 208 -29.43 0.54 -37.17
N PRO QA 209 -29.61 -0.71 -37.60
CA PRO QA 209 -28.99 -1.20 -38.81
C PRO QA 209 -29.68 -0.52 -40.02
N ARG QA 210 -30.87 0.02 -39.89
CA ARG QA 210 -31.52 0.74 -41.01
C ARG QA 210 -30.67 1.97 -41.37
N LEU QA 211 -30.24 2.69 -40.34
CA LEU QA 211 -29.57 3.96 -40.32
C LEU QA 211 -28.16 3.95 -40.96
N CYS QA 212 -27.48 2.84 -40.73
CA CYS QA 212 -26.18 2.51 -41.25
C CYS QA 212 -26.27 2.39 -42.80
N ARG QA 213 -27.35 1.67 -43.32
CA ARG QA 213 -27.71 1.53 -44.74
C ARG QA 213 -28.01 2.79 -45.46
N GLN QA 214 -28.82 3.59 -44.80
CA GLN QA 214 -29.24 4.88 -45.35
C GLN QA 214 -28.13 5.88 -45.63
N ILE QA 215 -27.03 5.94 -44.87
CA ILE QA 215 -25.87 6.75 -44.98
C ILE QA 215 -25.23 6.44 -46.38
N PHE QA 216 -25.07 5.13 -46.69
CA PHE QA 216 -24.28 4.72 -47.83
C PHE QA 216 -25.19 4.93 -49.01
N LYS QA 217 -26.46 4.76 -48.81
CA LYS QA 217 -27.46 4.82 -49.87
C LYS QA 217 -27.56 6.27 -50.46
N VAL QA 218 -27.68 7.34 -49.59
CA VAL QA 218 -27.82 8.76 -49.86
C VAL QA 218 -26.53 9.35 -50.43
N ALA QA 219 -25.40 8.98 -49.84
CA ALA QA 219 -24.03 9.36 -50.20
C ALA QA 219 -23.80 8.98 -51.65
N GLY QA 220 -24.32 7.87 -52.14
CA GLY QA 220 -24.07 7.45 -53.50
C GLY QA 220 -24.91 8.17 -54.58
N GLU QA 221 -26.14 8.61 -54.24
CA GLU QA 221 -27.12 9.39 -55.03
C GLU QA 221 -26.54 10.83 -55.36
N ASN QA 222 -25.90 11.45 -54.35
CA ASN QA 222 -25.36 12.74 -54.48
C ASN QA 222 -23.87 12.71 -54.70
N ALA QA 223 -23.23 11.54 -54.93
CA ALA QA 223 -21.83 11.44 -55.24
C ALA QA 223 -21.44 12.28 -56.42
N PRO QA 224 -20.32 13.05 -56.46
CA PRO QA 224 -19.26 13.00 -55.49
C PRO QA 224 -19.62 13.61 -54.21
N SER QA 225 -18.95 13.16 -53.11
CA SER QA 225 -19.35 13.42 -51.78
C SER QA 225 -18.14 13.26 -50.98
N ILE QA 226 -18.24 13.80 -49.76
CA ILE QA 226 -17.27 13.46 -48.79
C ILE QA 226 -18.14 13.07 -47.66
N VAL QA 227 -17.98 11.91 -47.05
CA VAL QA 227 -18.78 11.56 -45.92
C VAL QA 227 -17.84 11.72 -44.67
N PHE QA 228 -18.35 12.44 -43.59
CA PHE QA 228 -17.67 12.46 -42.29
C PHE QA 228 -18.67 11.87 -41.37
N ILE QA 229 -18.26 10.70 -40.85
CA ILE QA 229 -18.86 10.05 -39.72
C ILE QA 229 -17.89 10.43 -38.67
N ASP QA 230 -18.32 11.40 -37.86
CA ASP QA 230 -17.58 11.92 -36.71
C ASP QA 230 -17.89 11.06 -35.50
N GLU QA 231 -16.88 10.65 -34.65
CA GLU QA 231 -16.96 10.01 -33.31
C GLU QA 231 -17.53 8.58 -33.35
N ILE QA 232 -16.84 7.76 -34.14
CA ILE QA 232 -17.15 6.34 -34.42
C ILE QA 232 -16.52 5.49 -33.31
N ASP QA 233 -15.84 6.15 -32.36
CA ASP QA 233 -15.44 5.54 -31.16
C ASP QA 233 -16.46 4.95 -30.26
N ALA QA 234 -17.64 5.64 -30.10
CA ALA QA 234 -18.60 5.25 -29.13
C ALA QA 234 -19.16 3.92 -29.57
N ILE QA 235 -19.24 3.58 -30.89
CA ILE QA 235 -19.88 2.42 -31.47
C ILE QA 235 -18.82 1.42 -31.63
N GLY QA 236 -17.71 1.48 -30.92
CA GLY QA 236 -16.44 0.74 -31.09
C GLY QA 236 -16.61 -0.69 -30.50
N THR QA 237 -15.51 -1.18 -29.81
CA THR QA 237 -15.53 -2.46 -29.23
C THR QA 237 -16.44 -2.53 -28.01
N LYS QA 238 -16.48 -1.40 -27.27
CA LYS QA 238 -17.16 -1.23 -26.04
C LYS QA 238 -18.71 -1.69 -25.96
N ARG QA 239 -19.34 -1.74 -24.73
CA ARG QA 239 -20.69 -2.18 -24.68
C ARG QA 239 -21.50 -1.00 -24.12
N TYR QA 240 -22.88 -1.02 -24.42
CA TYR QA 240 -23.84 -0.02 -24.06
C TYR QA 240 -23.99 -0.16 -22.58
N ASP QA 241 -24.35 -1.39 -22.12
CA ASP QA 241 -24.77 -1.55 -20.80
C ASP QA 241 -24.40 -2.98 -20.50
N SER QA 242 -24.20 -3.31 -19.25
CA SER QA 242 -23.65 -4.52 -18.61
C SER QA 242 -24.75 -5.28 -18.04
N ASN QA 243 -25.95 -4.66 -17.92
CA ASN QA 243 -27.17 -5.34 -17.64
C ASN QA 243 -27.80 -5.75 -18.95
N SER QA 244 -28.68 -4.81 -19.40
CA SER QA 244 -29.59 -5.07 -20.45
C SER QA 244 -29.82 -3.80 -21.23
N GLY QA 245 -30.54 -3.98 -22.30
CA GLY QA 245 -31.15 -2.86 -23.01
C GLY QA 245 -30.21 -2.28 -23.99
N GLY QA 246 -29.34 -3.08 -24.54
CA GLY QA 246 -28.35 -2.57 -25.42
C GLY QA 246 -27.20 -3.63 -25.69
N GLU QA 247 -27.43 -4.98 -25.50
CA GLU QA 247 -26.36 -5.97 -25.53
C GLU QA 247 -26.08 -6.19 -26.99
N ARG QA 248 -27.18 -6.06 -27.84
CA ARG QA 248 -27.21 -6.28 -29.24
C ARG QA 248 -26.73 -5.07 -29.97
N GLU QA 249 -27.12 -3.80 -29.60
CA GLU QA 249 -27.27 -2.65 -30.52
C GLU QA 249 -25.95 -2.22 -31.18
N ILE QA 250 -24.83 -2.05 -30.36
CA ILE QA 250 -23.49 -1.72 -30.73
C ILE QA 250 -22.98 -2.80 -31.61
N GLN QA 251 -23.24 -4.09 -31.30
CA GLN QA 251 -22.68 -5.19 -32.11
C GLN QA 251 -23.15 -5.27 -33.56
N ARG QA 252 -24.45 -5.03 -33.76
CA ARG QA 252 -25.07 -5.01 -35.08
C ARG QA 252 -24.69 -3.79 -35.88
N THR QA 253 -24.71 -2.60 -35.23
CA THR QA 253 -24.50 -1.37 -35.81
C THR QA 253 -23.14 -1.21 -36.37
N MET QA 254 -22.05 -1.67 -35.75
CA MET QA 254 -20.69 -1.46 -36.22
C MET QA 254 -20.43 -2.26 -37.37
N LEU QA 255 -20.82 -3.60 -37.28
CA LEU QA 255 -20.61 -4.62 -38.31
C LEU QA 255 -21.27 -4.25 -39.60
N GLU QA 256 -22.47 -3.66 -39.45
CA GLU QA 256 -23.21 -3.24 -40.55
C GLU QA 256 -22.63 -2.06 -41.31
N LEU QA 257 -21.86 -1.19 -40.60
CA LEU QA 257 -21.13 -0.08 -41.11
C LEU QA 257 -19.99 -0.62 -41.93
N LEU QA 258 -19.23 -1.70 -41.54
CA LEU QA 258 -18.01 -1.98 -42.28
C LEU QA 258 -18.41 -2.47 -43.60
N ASN QA 259 -19.47 -3.29 -43.62
CA ASN QA 259 -20.00 -3.99 -44.77
C ASN QA 259 -20.37 -3.15 -45.92
N GLN QA 260 -20.99 -1.99 -45.78
CA GLN QA 260 -21.48 -1.29 -46.94
C GLN QA 260 -20.53 -0.29 -47.42
N LEU QA 261 -19.38 0.02 -46.69
CA LEU QA 261 -18.27 0.70 -47.12
C LEU QA 261 -17.45 -0.10 -48.09
N ASP QA 262 -17.13 -1.34 -47.84
CA ASP QA 262 -16.45 -2.21 -48.72
C ASP QA 262 -17.34 -2.55 -49.90
N GLY QA 263 -18.68 -2.77 -49.69
CA GLY QA 263 -19.56 -3.32 -50.73
C GLY QA 263 -19.92 -2.44 -51.85
N PHE QA 264 -19.63 -1.18 -51.74
CA PHE QA 264 -19.79 -0.29 -52.86
C PHE QA 264 -19.07 -0.72 -54.09
N ASP QA 265 -17.75 -1.00 -53.88
CA ASP QA 265 -16.72 -1.34 -54.80
C ASP QA 265 -15.63 -0.56 -54.07
N ASP QA 266 -14.40 -0.65 -54.58
CA ASP QA 266 -13.27 0.08 -53.98
C ASP QA 266 -13.19 1.35 -54.75
N ARG QA 267 -13.95 2.39 -54.27
CA ARG QA 267 -14.19 3.56 -54.97
C ARG QA 267 -13.23 4.62 -54.50
N GLY QA 268 -13.06 5.67 -55.32
CA GLY QA 268 -12.17 6.77 -54.95
C GLY QA 268 -13.01 7.96 -55.38
N ASP QA 269 -14.34 7.97 -54.95
CA ASP QA 269 -15.29 8.90 -55.48
C ASP QA 269 -16.29 9.20 -54.40
N VAL QA 270 -16.37 8.27 -53.41
CA VAL QA 270 -17.12 8.53 -52.14
C VAL QA 270 -16.07 8.24 -51.09
N LYS QA 271 -15.56 9.26 -50.39
CA LYS QA 271 -14.55 9.07 -49.36
C LYS QA 271 -15.32 9.09 -48.07
N VAL QA 272 -14.73 8.39 -47.10
CA VAL QA 272 -15.23 8.39 -45.74
C VAL QA 272 -14.16 9.00 -44.88
N ILE QA 273 -14.56 9.48 -43.73
CA ILE QA 273 -13.70 10.06 -42.75
C ILE QA 273 -14.22 9.49 -41.52
N MET QA 274 -13.26 8.89 -40.69
CA MET QA 274 -13.60 8.39 -39.41
C MET QA 274 -12.83 9.24 -38.48
N ALA QA 275 -13.59 9.86 -37.56
CA ALA QA 275 -12.90 10.67 -36.61
C ALA QA 275 -13.03 9.85 -35.37
N THR QA 276 -11.93 9.62 -34.62
CA THR QA 276 -11.88 8.73 -33.44
C THR QA 276 -10.75 9.22 -32.54
N ASN QA 277 -10.93 9.07 -31.20
CA ASN QA 277 -10.03 9.42 -30.12
C ASN QA 277 -8.80 8.51 -30.29
N LYS QA 278 -9.00 7.23 -30.50
CA LYS QA 278 -7.93 6.29 -30.70
C LYS QA 278 -8.43 5.01 -31.28
N ILE QA 279 -7.49 4.05 -31.54
CA ILE QA 279 -7.83 2.78 -32.07
C ILE QA 279 -8.02 1.76 -30.90
N GLU QA 280 -7.94 2.36 -29.65
CA GLU QA 280 -8.01 1.63 -28.43
C GLU QA 280 -9.38 1.83 -27.91
N THR QA 281 -10.21 2.67 -28.60
CA THR QA 281 -11.62 2.78 -28.30
C THR QA 281 -12.39 2.12 -29.40
N LEU QA 282 -11.78 1.42 -30.32
CA LEU QA 282 -12.42 0.76 -31.35
C LEU QA 282 -11.91 -0.65 -31.27
N ASP QA 283 -12.37 -1.49 -32.18
CA ASP QA 283 -11.90 -2.83 -32.41
C ASP QA 283 -10.47 -2.84 -33.01
N PRO QA 284 -9.64 -3.89 -32.78
CA PRO QA 284 -8.20 -3.92 -33.07
C PRO QA 284 -7.96 -4.09 -34.52
N ALA QA 285 -8.89 -4.74 -35.23
CA ALA QA 285 -8.93 -4.66 -36.68
C ALA QA 285 -10.19 -4.00 -37.05
N LEU QA 286 -10.08 -3.08 -38.03
CA LEU QA 286 -11.22 -2.37 -38.55
C LEU QA 286 -11.69 -3.13 -39.76
N ILE QA 287 -11.22 -2.60 -40.91
CA ILE QA 287 -11.57 -3.19 -42.20
C ILE QA 287 -10.57 -2.77 -43.26
N ARG QA 288 -9.42 -2.38 -42.87
CA ARG QA 288 -8.42 -3.26 -42.31
C ARG QA 288 -7.47 -3.37 -43.48
N PRO QA 289 -6.21 -3.06 -43.59
CA PRO QA 289 -5.63 -2.09 -44.53
C PRO QA 289 -5.72 -2.47 -46.04
N GLY QA 290 -5.25 -1.49 -46.89
CA GLY QA 290 -5.14 -1.54 -48.33
C GLY QA 290 -6.35 -0.91 -48.99
N ARG QA 291 -7.26 -0.33 -48.15
CA ARG QA 291 -8.72 -0.24 -48.31
C ARG QA 291 -9.18 0.98 -47.49
N ILE QA 292 -8.33 1.75 -46.91
CA ILE QA 292 -8.80 2.63 -45.87
C ILE QA 292 -7.69 3.70 -45.72
N ASP QA 293 -6.93 3.84 -46.84
CA ASP QA 293 -5.71 4.53 -46.95
C ASP QA 293 -5.84 6.06 -46.98
N ARG QA 294 -5.66 6.74 -45.84
CA ARG QA 294 -4.46 6.73 -45.16
C ARG QA 294 -4.77 7.02 -43.69
N LYS QA 295 -3.76 6.89 -42.80
CA LYS QA 295 -4.05 6.95 -41.36
C LYS QA 295 -3.32 8.12 -40.89
N ILE QA 296 -3.89 9.05 -40.13
CA ILE QA 296 -3.21 10.29 -39.82
C ILE QA 296 -3.24 10.48 -38.32
N LEU QA 297 -2.00 10.50 -37.77
CA LEU QA 297 -1.82 10.64 -36.35
C LEU QA 297 -1.51 12.05 -36.07
N PHE QA 298 -2.36 12.63 -35.26
CA PHE QA 298 -2.24 13.94 -34.81
C PHE QA 298 -1.46 13.83 -33.54
N GLU QA 299 -0.49 14.80 -33.32
CA GLU QA 299 0.26 14.96 -32.14
C GLU QA 299 0.34 16.48 -32.01
N ASN QA 300 0.82 16.93 -30.86
CA ASN QA 300 0.94 18.31 -30.39
C ASN QA 300 1.76 19.17 -31.25
N PRO QA 301 1.31 20.41 -31.60
CA PRO QA 301 2.19 21.42 -32.20
C PRO QA 301 3.53 21.48 -31.56
N ASP QA 302 4.61 21.62 -32.42
CA ASP QA 302 5.99 21.90 -32.08
C ASP QA 302 6.16 23.40 -32.11
N LEU QA 303 7.34 23.91 -31.72
CA LEU QA 303 7.60 25.37 -31.61
C LEU QA 303 7.21 26.15 -32.97
N SER QA 304 7.46 25.58 -34.12
CA SER QA 304 7.16 26.20 -35.42
C SER QA 304 5.69 26.29 -35.68
N THR QA 305 5.04 25.13 -35.33
CA THR QA 305 3.62 24.85 -35.62
C THR QA 305 2.71 25.70 -34.74
N LYS QA 306 3.00 25.89 -33.48
CA LYS QA 306 2.29 26.65 -32.46
C LYS QA 306 2.51 28.14 -32.55
N LYS QA 307 3.61 28.63 -33.26
CA LYS QA 307 3.87 29.96 -33.60
C LYS QA 307 2.84 30.39 -34.56
N LYS QA 308 2.65 29.54 -35.57
CA LYS QA 308 1.79 29.79 -36.69
C LYS QA 308 0.34 29.97 -36.22
N ILE QA 309 -0.12 29.12 -35.22
CA ILE QA 309 -1.45 29.14 -34.76
C ILE QA 309 -1.67 30.46 -34.07
N LEU QA 310 -0.61 30.85 -33.29
CA LEU QA 310 -0.71 32.01 -32.45
C LEU QA 310 -0.78 33.31 -33.14
N GLY QA 311 -0.05 33.50 -34.31
CA GLY QA 311 0.13 34.73 -35.01
C GLY QA 311 -1.21 35.22 -35.55
N ILE QA 312 -2.11 34.23 -35.94
CA ILE QA 312 -3.43 34.44 -36.47
C ILE QA 312 -4.30 35.23 -35.45
N HIS QA 313 -4.27 34.72 -34.12
CA HIS QA 313 -5.13 35.17 -33.07
C HIS QA 313 -4.80 36.54 -32.65
N THR QA 314 -3.50 36.84 -32.43
CA THR QA 314 -2.89 38.00 -31.79
C THR QA 314 -3.08 39.30 -32.58
N SER QA 315 -3.06 39.10 -33.89
CA SER QA 315 -3.30 40.16 -34.89
C SER QA 315 -4.77 40.53 -34.94
N LYS QA 316 -5.72 39.69 -34.56
CA LYS QA 316 -7.12 40.04 -34.64
C LYS QA 316 -7.49 40.79 -33.33
N MET QA 317 -6.61 40.93 -32.34
CA MET QA 317 -6.75 41.57 -31.01
C MET QA 317 -5.87 42.77 -31.04
N ASN QA 318 -6.27 43.78 -30.22
CA ASN QA 318 -5.52 45.04 -30.14
C ASN QA 318 -4.10 44.80 -29.70
N LEU QA 319 -3.11 45.56 -30.25
CA LEU QA 319 -1.65 45.61 -29.99
C LEU QA 319 -0.88 44.28 -30.05
N SER QA 320 0.48 44.39 -30.32
CA SER QA 320 1.40 43.31 -30.41
C SER QA 320 2.76 43.99 -30.30
N GLU QA 321 2.77 45.29 -30.21
CA GLU QA 321 3.96 46.12 -30.05
C GLU QA 321 4.49 46.02 -28.66
N ASP QA 322 3.66 45.54 -27.69
CA ASP QA 322 3.94 45.61 -26.32
C ASP QA 322 4.86 44.47 -25.87
N VAL QA 323 4.56 43.27 -26.33
CA VAL QA 323 5.25 42.03 -26.01
C VAL QA 323 5.40 41.38 -27.37
N ASN QA 324 6.69 41.14 -27.72
CA ASN QA 324 7.14 40.50 -29.00
C ASN QA 324 6.49 39.19 -29.17
N LEU QA 325 6.28 38.79 -30.45
CA LEU QA 325 5.67 37.51 -30.93
C LEU QA 325 6.39 36.33 -30.35
N GLU QA 326 7.79 36.43 -30.42
CA GLU QA 326 8.76 35.49 -29.91
C GLU QA 326 8.63 35.33 -28.47
N THR QA 327 8.27 36.42 -27.70
CA THR QA 327 8.29 36.33 -26.25
C THR QA 327 7.15 35.52 -25.74
N LEU QA 328 6.04 35.38 -26.51
CA LEU QA 328 4.95 34.51 -26.19
C LEU QA 328 5.23 33.04 -26.32
N VAL QA 329 5.93 32.70 -27.42
CA VAL QA 329 6.37 31.38 -27.68
C VAL QA 329 7.30 30.84 -26.67
N THR QA 330 8.26 31.76 -26.24
CA THR QA 330 9.38 31.38 -25.41
C THR QA 330 8.93 30.94 -24.17
N THR QA 331 7.98 31.72 -23.53
CA THR QA 331 7.32 31.51 -22.21
C THR QA 331 6.51 30.30 -22.12
N LYS QA 332 5.78 29.90 -23.20
CA LYS QA 332 4.94 28.73 -23.41
C LYS QA 332 5.86 27.63 -23.60
N ASP QA 333 5.42 26.34 -23.15
CA ASP QA 333 6.02 25.11 -23.56
C ASP QA 333 4.99 24.36 -24.33
N ASP QA 334 5.48 23.34 -25.03
CA ASP QA 334 4.70 22.67 -26.15
C ASP QA 334 3.37 22.09 -25.70
N LEU QA 335 2.23 22.41 -26.39
CA LEU QA 335 0.89 21.98 -25.97
C LEU QA 335 0.09 22.00 -27.24
N SER QA 336 -1.19 21.32 -27.24
CA SER QA 336 -2.19 21.39 -28.28
C SER QA 336 -2.57 22.73 -28.61
N GLY QA 337 -3.23 22.90 -29.78
CA GLY QA 337 -3.65 24.14 -30.37
C GLY QA 337 -4.79 24.82 -29.67
N ALA QA 338 -5.53 24.06 -28.78
CA ALA QA 338 -6.59 24.65 -27.97
C ALA QA 338 -6.03 25.55 -26.87
N ASP QA 339 -4.81 25.16 -26.36
CA ASP QA 339 -4.15 25.83 -25.28
C ASP QA 339 -3.58 27.14 -25.70
N ILE QA 340 -3.38 27.23 -27.02
CA ILE QA 340 -2.85 28.41 -27.62
C ILE QA 340 -4.01 29.41 -27.79
N GLN QA 341 -5.21 28.97 -28.22
CA GLN QA 341 -6.42 29.76 -28.33
C GLN QA 341 -7.00 30.24 -26.97
N ALA QA 342 -6.88 29.30 -25.99
CA ALA QA 342 -7.27 29.53 -24.56
C ALA QA 342 -6.52 30.71 -24.00
N MET QA 343 -5.12 30.84 -24.24
CA MET QA 343 -4.31 31.95 -23.69
C MET QA 343 -4.86 33.31 -24.22
N CYS QA 344 -5.19 33.39 -25.49
CA CYS QA 344 -5.74 34.54 -26.12
C CYS QA 344 -7.13 34.91 -25.61
N THR QA 345 -8.12 33.99 -25.30
CA THR QA 345 -9.41 34.29 -24.70
C THR QA 345 -9.24 34.84 -23.36
N GLU QA 346 -8.40 34.30 -22.49
CA GLU QA 346 -8.12 34.75 -21.17
C GLU QA 346 -7.50 36.13 -21.14
N ALA QA 347 -6.62 36.44 -22.16
CA ALA QA 347 -5.97 37.71 -22.35
C ALA QA 347 -7.01 38.74 -22.62
N GLY QA 348 -8.04 38.36 -23.46
CA GLY QA 348 -9.01 39.33 -23.73
C GLY QA 348 -9.96 39.76 -22.52
N LEU QA 349 -10.26 38.74 -21.68
CA LEU QA 349 -11.02 38.86 -20.46
C LEU QA 349 -10.26 39.69 -19.51
N LEU QA 350 -8.94 39.61 -19.45
CA LEU QA 350 -8.05 40.41 -18.60
C LEU QA 350 -8.02 41.85 -19.03
N ALA QA 351 -8.13 42.19 -20.33
CA ALA QA 351 -8.26 43.54 -20.77
C ALA QA 351 -9.54 44.13 -20.33
N LEU QA 352 -10.63 43.37 -20.31
CA LEU QA 352 -11.91 43.70 -19.70
C LEU QA 352 -11.83 43.90 -18.25
N ARG QA 353 -11.05 43.09 -17.53
CA ARG QA 353 -10.81 43.13 -16.07
C ARG QA 353 -10.23 44.41 -15.64
N GLU QA 354 -9.25 44.93 -16.36
CA GLU QA 354 -8.68 46.23 -16.15
C GLU QA 354 -9.59 47.31 -16.64
N ARG QA 355 -10.35 47.00 -17.73
CA ARG QA 355 -11.21 48.02 -18.38
C ARG QA 355 -10.44 48.86 -19.27
N ARG QA 356 -9.54 48.14 -20.01
CA ARG QA 356 -8.72 48.72 -21.02
C ARG QA 356 -9.33 48.34 -22.42
N MET QA 357 -8.82 48.93 -23.51
CA MET QA 357 -9.20 48.73 -24.90
C MET QA 357 -8.02 48.42 -25.68
N GLN QA 358 -7.04 47.97 -24.91
CA GLN QA 358 -5.78 47.45 -25.37
C GLN QA 358 -5.39 46.29 -24.55
N VAL QA 359 -4.90 45.28 -25.26
CA VAL QA 359 -4.31 44.21 -24.65
C VAL QA 359 -2.94 44.61 -24.23
N THR QA 360 -2.74 44.96 -22.95
CA THR QA 360 -1.49 45.41 -22.40
C THR QA 360 -0.59 44.20 -22.08
N ALA QA 361 0.76 44.51 -21.71
CA ALA QA 361 1.84 43.63 -21.44
C ALA QA 361 1.48 42.78 -20.34
N GLU QA 362 0.81 43.37 -19.28
CA GLU QA 362 0.46 42.68 -18.05
C GLU QA 362 -0.49 41.53 -18.40
N ASP QA 363 -1.52 41.78 -19.24
CA ASP QA 363 -2.54 40.83 -19.72
C ASP QA 363 -1.95 39.60 -20.38
N PHE QA 364 -0.92 39.77 -21.25
CA PHE QA 364 -0.25 38.66 -21.95
C PHE QA 364 0.41 37.78 -20.99
N LYS QA 365 1.10 38.34 -19.98
CA LYS QA 365 1.96 37.62 -19.08
C LYS QA 365 1.15 36.70 -18.18
N GLN QA 366 0.04 37.23 -17.58
CA GLN QA 366 -0.87 36.39 -16.75
C GLN QA 366 -1.59 35.26 -17.41
N ALA QA 367 -2.05 35.46 -18.66
CA ALA QA 367 -2.84 34.64 -19.52
C ALA QA 367 -1.94 33.41 -19.87
N LYS QA 368 -0.62 33.61 -20.03
CA LYS QA 368 0.33 32.56 -20.35
C LYS QA 368 0.54 31.58 -19.18
N GLU QA 369 0.57 32.12 -17.92
CA GLU QA 369 0.88 31.35 -16.72
C GLU QA 369 -0.31 30.51 -16.32
N ARG QA 370 -1.53 31.03 -16.54
CA ARG QA 370 -2.83 30.42 -16.22
C ARG QA 370 -3.00 29.05 -16.85
N VAL QA 371 -2.72 28.93 -18.19
CA VAL QA 371 -3.06 27.75 -19.02
C VAL QA 371 -2.13 26.58 -18.62
N MET QA 372 -0.87 26.94 -18.31
CA MET QA 372 0.21 26.08 -17.98
C MET QA 372 0.02 25.32 -16.70
N LYS QA 373 -0.89 25.80 -15.80
CA LYS QA 373 -1.23 25.50 -14.51
C LYS QA 373 -2.35 24.47 -14.47
N ASN QA 374 -2.97 24.15 -15.62
CA ASN QA 374 -4.15 23.30 -15.67
C ASN QA 374 -3.77 21.89 -15.62
N LYS QA 375 -3.78 21.04 -16.70
CA LYS QA 375 -2.63 20.87 -17.63
C LYS QA 375 -1.24 21.20 -17.05
N VAL QA 376 -0.71 20.38 -16.06
CA VAL QA 376 0.60 20.53 -15.49
C VAL QA 376 1.22 19.15 -15.15
N GLU QA 377 2.57 19.01 -15.19
CA GLU QA 377 3.33 17.93 -14.75
C GLU QA 377 4.69 18.55 -14.50
N GLU QA 378 5.47 17.94 -13.58
CA GLU QA 378 6.70 18.54 -13.12
C GLU QA 378 7.63 17.49 -12.65
N ASN QA 379 7.25 16.23 -12.94
CA ASN QA 379 8.01 15.09 -12.51
C ASN QA 379 8.84 14.57 -13.64
N LEU QA 380 8.72 15.38 -14.74
CA LEU QA 380 9.60 15.17 -15.96
C LEU QA 380 10.96 15.68 -15.51
N GLU QA 381 11.01 16.89 -14.84
CA GLU QA 381 12.16 17.52 -14.30
C GLU QA 381 12.36 17.26 -12.88
N GLY QA 382 11.50 16.42 -12.24
CA GLY QA 382 11.71 16.01 -10.88
C GLY QA 382 12.42 14.74 -10.82
N LEU QA 383 12.28 13.79 -11.84
CA LEU QA 383 12.93 12.50 -11.95
C LEU QA 383 14.36 12.91 -12.17
N TYR QA 384 14.54 13.87 -13.07
CA TYR QA 384 15.80 14.33 -13.59
C TYR QA 384 16.55 15.05 -12.51
N LEU QA 385 15.97 16.06 -11.88
CA LEU QA 385 16.47 16.83 -10.78
C LEU QA 385 15.74 16.41 -9.39
N ASN RA 1 -93.60 85.52 -25.78
CA ASN RA 1 -93.75 84.03 -25.42
C ASN RA 1 -95.12 83.98 -24.83
N ASN RA 2 -95.27 83.28 -23.72
CA ASN RA 2 -96.50 83.01 -22.94
C ASN RA 2 -97.35 82.06 -23.67
N ASN RA 3 -98.15 81.28 -22.87
CA ASN RA 3 -99.09 80.30 -23.25
C ASN RA 3 -98.62 79.22 -24.24
N SER RA 4 -99.49 78.18 -24.35
CA SER RA 4 -99.23 76.96 -25.11
C SER RA 4 -100.60 76.55 -25.60
N ALA RA 5 -100.73 75.19 -25.67
CA ALA RA 5 -101.95 74.69 -26.23
C ALA RA 5 -102.20 73.54 -25.30
N LEU RA 6 -103.45 73.52 -24.69
CA LEU RA 6 -103.90 72.61 -23.69
C LEU RA 6 -104.81 71.57 -24.33
N SER RA 7 -105.31 71.88 -25.55
CA SER RA 7 -106.01 70.93 -26.32
C SER RA 7 -105.15 69.87 -26.97
N ASN RA 8 -103.82 70.22 -27.17
CA ASN RA 8 -102.81 69.35 -27.83
C ASN RA 8 -102.64 68.14 -26.91
N VAL RA 9 -102.63 68.35 -25.58
CA VAL RA 9 -102.43 67.26 -24.61
C VAL RA 9 -103.61 66.43 -24.50
N ASN RA 10 -104.77 67.08 -24.33
CA ASN RA 10 -106.13 66.40 -24.04
C ASN RA 10 -106.43 65.47 -25.14
N SER RA 11 -106.18 65.87 -26.41
CA SER RA 11 -106.35 65.04 -27.60
C SER RA 11 -105.60 63.74 -27.65
N ASP RA 12 -104.29 63.68 -27.26
CA ASP RA 12 -103.32 62.62 -27.27
C ASP RA 12 -103.69 61.59 -26.28
N ILE RA 13 -104.26 61.90 -25.04
CA ILE RA 13 -104.66 60.97 -24.05
C ILE RA 13 -105.65 59.97 -24.49
N TYR RA 14 -106.81 60.39 -25.08
CA TYR RA 14 -107.83 59.47 -25.56
C TYR RA 14 -107.35 58.77 -26.81
N PHE RA 15 -106.67 59.51 -27.68
CA PHE RA 15 -106.37 58.90 -29.07
C PHE RA 15 -105.21 57.88 -28.90
N LYS RA 16 -103.96 58.49 -29.09
CA LYS RA 16 -102.72 57.71 -29.27
C LYS RA 16 -102.36 56.90 -28.02
N LEU RA 17 -102.42 57.60 -26.83
CA LEU RA 17 -101.86 57.12 -25.64
C LEU RA 17 -102.66 56.03 -25.02
N LYS RA 18 -103.94 55.87 -25.37
CA LYS RA 18 -104.82 54.80 -24.89
C LYS RA 18 -104.42 53.49 -25.42
N LYS RA 19 -104.00 53.51 -26.76
CA LYS RA 19 -103.43 52.40 -27.52
C LYS RA 19 -102.15 51.96 -26.94
N LEU RA 20 -101.29 52.94 -26.50
CA LEU RA 20 -100.00 52.70 -25.92
C LEU RA 20 -100.12 52.14 -24.43
N GLU RA 21 -101.15 52.64 -23.61
CA GLU RA 21 -101.45 52.04 -22.30
C GLU RA 21 -101.73 50.53 -22.42
N LYS RA 22 -102.43 50.13 -23.49
CA LYS RA 22 -102.68 48.74 -23.80
C LYS RA 22 -101.51 47.94 -24.25
N GLU RA 23 -100.60 48.66 -25.02
CA GLU RA 23 -99.36 48.12 -25.41
C GLU RA 23 -98.49 47.87 -24.19
N TYR RA 24 -98.68 48.61 -23.07
CA TYR RA 24 -97.79 48.45 -21.93
C TYR RA 24 -98.28 47.23 -21.17
N GLU RA 25 -99.50 46.68 -21.44
CA GLU RA 25 -99.97 45.50 -20.76
C GLU RA 25 -99.39 44.31 -21.49
N LEU RA 26 -99.08 44.46 -22.85
CA LEU RA 26 -98.51 43.37 -23.62
C LEU RA 26 -97.03 43.15 -23.29
N LEU RA 27 -96.32 44.23 -22.85
CA LEU RA 27 -94.97 44.05 -22.29
C LEU RA 27 -94.96 43.49 -20.84
N THR RA 28 -96.12 43.66 -20.13
CA THR RA 28 -96.34 43.15 -18.76
C THR RA 28 -96.56 41.64 -18.77
N LEU RA 29 -97.16 41.16 -19.85
CA LEU RA 29 -97.49 39.75 -20.18
C LEU RA 29 -96.21 38.96 -20.46
N GLN RA 30 -95.21 39.71 -21.13
CA GLN RA 30 -93.81 39.36 -21.40
C GLN RA 30 -93.06 39.05 -20.15
N GLU RA 31 -93.30 39.92 -19.10
CA GLU RA 31 -92.72 39.76 -17.79
C GLU RA 31 -93.18 38.49 -17.18
N ASP RA 32 -94.56 38.11 -17.23
CA ASP RA 32 -94.95 36.94 -16.59
C ASP RA 32 -94.23 35.68 -17.30
N TYR RA 33 -94.05 35.74 -18.61
CA TYR RA 33 -93.60 34.67 -19.50
C TYR RA 33 -92.14 34.41 -19.09
N ILE RA 34 -91.33 35.47 -18.80
CA ILE RA 34 -89.92 35.27 -18.70
C ILE RA 34 -89.54 35.05 -17.30
N LYS RA 35 -90.59 35.00 -16.46
CA LYS RA 35 -90.46 34.68 -15.05
C LYS RA 35 -90.33 33.11 -15.04
N ASP RA 36 -91.07 32.34 -15.90
CA ASP RA 36 -91.11 30.92 -16.06
C ASP RA 36 -89.95 30.50 -16.85
N GLU RA 37 -89.58 31.26 -17.92
CA GLU RA 37 -88.40 31.00 -18.71
C GLU RA 37 -87.09 30.99 -17.88
N GLN RA 38 -87.01 31.98 -16.95
CA GLN RA 38 -85.86 32.08 -16.11
C GLN RA 38 -85.70 30.89 -15.18
N ARG RA 39 -86.82 30.38 -14.55
CA ARG RA 39 -86.90 29.09 -13.81
C ARG RA 39 -86.69 27.82 -14.62
N HIS RA 40 -87.22 27.82 -15.87
CA HIS RA 40 -87.07 26.70 -16.80
C HIS RA 40 -85.63 26.44 -17.10
N LEU RA 41 -84.80 27.54 -17.24
CA LEU RA 41 -83.38 27.43 -17.59
C LEU RA 41 -82.52 27.06 -16.39
N LYS RA 42 -83.01 27.22 -15.18
CA LYS RA 42 -82.47 26.69 -13.96
C LYS RA 42 -82.66 25.17 -13.97
N ARG RA 43 -83.80 24.64 -14.43
CA ARG RA 43 -84.06 23.21 -14.52
C ARG RA 43 -83.19 22.65 -15.57
N GLU RA 44 -82.91 23.44 -16.71
CA GLU RA 44 -82.12 22.90 -17.73
C GLU RA 44 -80.60 22.85 -17.35
N LEU RA 45 -80.14 23.71 -16.39
CA LEU RA 45 -78.85 23.69 -15.84
C LEU RA 45 -78.64 22.42 -15.13
N LYS RA 46 -79.59 21.90 -14.38
CA LYS RA 46 -79.49 20.66 -13.66
C LYS RA 46 -79.27 19.52 -14.59
N ARG RA 47 -80.06 19.48 -15.69
CA ARG RA 47 -79.92 18.43 -16.61
C ARG RA 47 -78.55 18.38 -17.40
N ALA RA 48 -77.92 19.53 -17.71
CA ALA RA 48 -76.66 19.64 -18.48
C ALA RA 48 -75.52 19.24 -17.62
N GLN RA 49 -75.55 19.50 -16.31
CA GLN RA 49 -74.55 19.03 -15.37
C GLN RA 49 -74.56 17.53 -15.11
N GLU RA 50 -75.77 16.94 -14.97
CA GLU RA 50 -75.94 15.50 -14.69
C GLU RA 50 -75.28 14.58 -15.75
N GLU RA 51 -75.48 14.92 -16.98
CA GLU RA 51 -74.94 14.28 -18.21
C GLU RA 51 -73.47 14.27 -18.27
N VAL RA 52 -72.81 15.41 -17.86
CA VAL RA 52 -71.33 15.56 -17.70
C VAL RA 52 -70.78 14.68 -16.69
N LYS RA 53 -71.49 14.42 -15.57
CA LYS RA 53 -71.08 13.78 -14.40
C LYS RA 53 -70.83 12.32 -14.76
N ARG RA 54 -71.68 11.74 -15.64
CA ARG RA 54 -71.47 10.35 -16.22
C ARG RA 54 -70.20 10.03 -16.87
N ILE RA 55 -69.70 11.05 -17.66
CA ILE RA 55 -68.42 11.13 -18.37
C ILE RA 55 -67.35 11.13 -17.42
N GLN RA 56 -67.44 11.91 -16.31
CA GLN RA 56 -66.42 11.95 -15.25
C GLN RA 56 -66.16 10.71 -14.51
N SER RA 57 -67.16 9.84 -14.29
CA SER RA 57 -67.04 8.55 -13.61
C SER RA 57 -66.38 7.59 -14.58
N VAL RA 58 -65.86 6.50 -13.97
CA VAL RA 58 -65.13 5.41 -14.51
C VAL RA 58 -65.80 4.75 -15.70
N PRO RA 59 -65.16 4.18 -16.77
CA PRO RA 59 -63.73 3.91 -16.81
C PRO RA 59 -63.04 5.13 -17.38
N LEU RA 60 -61.76 5.25 -16.91
CA LEU RA 60 -60.87 6.37 -17.24
C LEU RA 60 -59.49 5.65 -17.48
N VAL RA 61 -58.61 6.32 -18.23
CA VAL RA 61 -57.33 5.84 -18.43
C VAL RA 61 -56.42 6.87 -17.84
N ILE RA 62 -55.33 6.42 -17.25
CA ILE RA 62 -54.47 7.39 -16.56
C ILE RA 62 -53.70 8.03 -17.72
N GLY RA 63 -53.41 9.30 -17.53
CA GLY RA 63 -52.41 9.93 -18.33
C GLY RA 63 -51.68 10.82 -17.38
N GLN RA 64 -50.86 11.73 -17.90
CA GLN RA 64 -50.18 12.75 -17.18
C GLN RA 64 -50.33 14.05 -17.98
N PHE RA 65 -50.91 15.12 -17.37
CA PHE RA 65 -50.94 16.48 -17.78
C PHE RA 65 -49.51 16.93 -17.88
N LEU RA 66 -49.09 17.55 -19.03
CA LEU RA 66 -47.86 18.27 -19.08
C LEU RA 66 -48.24 19.70 -18.84
N GLU RA 67 -48.53 20.37 -19.97
CA GLU RA 67 -48.61 21.77 -19.88
C GLU RA 67 -49.71 22.28 -20.76
N PRO RA 68 -50.22 23.49 -20.51
CA PRO RA 68 -51.17 24.17 -21.37
C PRO RA 68 -50.51 24.63 -22.69
N ILE RA 69 -51.42 24.91 -23.66
CA ILE RA 69 -51.08 25.54 -24.91
C ILE RA 69 -52.13 26.64 -24.98
N ASP RA 70 -53.19 26.67 -24.18
CA ASP RA 70 -54.32 27.70 -24.30
C ASP RA 70 -54.74 27.70 -22.84
N GLN RA 71 -55.97 28.19 -22.50
CA GLN RA 71 -56.43 28.26 -21.14
C GLN RA 71 -57.61 27.29 -21.11
N ASN RA 72 -57.80 26.45 -22.12
CA ASN RA 72 -59.02 25.63 -22.21
C ASN RA 72 -58.68 24.39 -23.01
N THR RA 73 -57.46 24.26 -23.43
CA THR RA 73 -56.96 23.13 -24.17
C THR RA 73 -55.65 23.05 -23.64
N GLY RA 74 -55.16 21.80 -23.50
CA GLY RA 74 -53.90 21.45 -22.91
C GLY RA 74 -53.35 20.38 -23.76
N ILE RA 75 -52.21 19.75 -23.41
CA ILE RA 75 -51.67 18.60 -24.10
C ILE RA 75 -51.30 17.65 -22.99
N VAL RA 76 -51.49 16.32 -23.12
CA VAL RA 76 -51.24 15.39 -22.11
C VAL RA 76 -50.44 14.38 -22.90
N SER RA 77 -49.89 13.38 -22.28
CA SER RA 77 -49.50 12.15 -22.84
C SER RA 77 -50.01 11.08 -21.98
N SER RA 78 -50.55 9.98 -22.56
CA SER RA 78 -51.24 8.99 -21.81
C SER RA 78 -50.26 7.98 -21.25
N THR RA 79 -50.85 7.00 -20.49
CA THR RA 79 -50.15 5.77 -20.12
C THR RA 79 -50.19 4.72 -21.19
N THR RA 80 -50.86 5.01 -22.33
CA THR RA 80 -50.86 4.25 -23.53
C THR RA 80 -49.57 4.47 -24.22
N GLY RA 81 -48.96 5.65 -24.10
CA GLY RA 81 -47.77 6.11 -24.78
C GLY RA 81 -48.12 6.92 -25.93
N MET RA 82 -49.27 7.72 -25.89
CA MET RA 82 -49.67 8.57 -26.96
C MET RA 82 -49.94 9.97 -26.50
N SER RA 83 -49.38 11.00 -27.24
CA SER RA 83 -49.68 12.38 -27.00
C SER RA 83 -51.02 12.68 -27.57
N TYR RA 84 -51.90 13.32 -26.79
CA TYR RA 84 -53.23 13.70 -27.16
C TYR RA 84 -53.40 15.10 -26.70
N VAL RA 85 -54.04 15.88 -27.55
CA VAL RA 85 -54.23 17.28 -27.27
C VAL RA 85 -55.73 17.17 -26.95
N VAL RA 86 -56.08 17.77 -25.75
CA VAL RA 86 -57.37 17.50 -25.06
C VAL RA 86 -57.98 18.74 -24.61
N ARG RA 87 -59.29 18.84 -24.71
CA ARG RA 87 -60.11 19.85 -24.21
C ARG RA 87 -60.22 19.66 -22.73
N ILE RA 88 -59.97 20.69 -21.96
CA ILE RA 88 -60.14 20.61 -20.60
C ILE RA 88 -61.54 21.03 -20.23
N LEU RA 89 -62.11 20.25 -19.33
CA LEU RA 89 -63.32 20.45 -18.70
C LEU RA 89 -63.34 21.61 -17.80
N SER RA 90 -64.44 22.39 -17.88
CA SER RA 90 -64.86 23.43 -16.83
C SER RA 90 -65.25 22.80 -15.54
N THR RA 91 -65.07 23.57 -14.40
CA THR RA 91 -65.30 23.16 -13.04
C THR RA 91 -64.11 22.39 -12.51
N LEU RA 92 -62.87 22.69 -12.94
CA LEU RA 92 -61.63 22.17 -12.38
C LEU RA 92 -60.56 23.33 -12.34
N ASP RA 93 -59.53 23.18 -11.54
CA ASP RA 93 -58.34 23.98 -11.37
C ASP RA 93 -57.72 24.17 -12.72
N ARG RA 94 -57.15 25.40 -12.87
CA ARG RA 94 -56.43 25.83 -13.99
C ARG RA 94 -55.36 26.78 -13.46
N GLU RA 95 -55.09 26.67 -12.12
CA GLU RA 95 -54.03 27.45 -11.53
C GLU RA 95 -53.10 26.42 -10.88
N LEU RA 96 -53.60 25.30 -10.41
CA LEU RA 96 -52.95 24.19 -9.73
C LEU RA 96 -52.99 22.98 -10.69
N LEU RA 97 -53.30 23.29 -12.05
CA LEU RA 97 -53.35 22.27 -13.06
C LEU RA 97 -52.17 22.40 -13.89
N LYS RA 98 -51.54 23.62 -13.90
CA LYS RA 98 -50.46 24.00 -14.74
C LYS RA 98 -49.20 23.14 -14.56
N PRO RA 99 -48.55 22.92 -13.43
CA PRO RA 99 -47.46 21.96 -13.30
C PRO RA 99 -47.74 20.55 -13.82
N SER RA 100 -46.64 19.79 -14.28
CA SER RA 100 -46.71 18.41 -14.73
C SER RA 100 -47.09 17.47 -13.49
N MET RA 101 -48.14 16.66 -13.63
CA MET RA 101 -48.82 15.76 -12.69
C MET RA 101 -49.69 14.77 -13.45
N SER RA 102 -50.10 13.75 -12.70
CA SER RA 102 -51.14 12.84 -13.17
C SER RA 102 -52.51 13.50 -13.45
N VAL RA 103 -53.30 12.93 -14.35
CA VAL RA 103 -54.62 13.49 -14.69
C VAL RA 103 -55.47 12.32 -15.26
N ALA RA 104 -56.79 12.53 -15.14
CA ALA RA 104 -57.69 11.55 -15.79
C ALA RA 104 -58.15 11.94 -17.14
N LEU RA 105 -58.11 11.03 -18.10
CA LEU RA 105 -58.68 11.13 -19.41
C LEU RA 105 -59.77 10.12 -19.39
N HIS RA 106 -60.89 10.36 -20.15
CA HIS RA 106 -61.95 9.35 -20.40
C HIS RA 106 -61.51 8.48 -21.47
N ARG RA 107 -62.07 7.22 -21.48
CA ARG RA 107 -61.57 6.12 -22.26
C ARG RA 107 -61.88 6.26 -23.73
N HIS RA 108 -63.12 6.58 -24.12
CA HIS RA 108 -63.51 6.82 -25.43
C HIS RA 108 -63.23 8.19 -25.93
N SER RA 109 -63.21 9.31 -25.17
CA SER RA 109 -63.12 10.63 -25.69
C SER RA 109 -61.70 10.85 -25.98
N ASN RA 110 -60.88 10.37 -24.99
CA ASN RA 110 -59.44 10.50 -24.89
C ASN RA 110 -59.23 11.98 -24.72
N ALA RA 111 -59.93 12.50 -23.65
CA ALA RA 111 -59.89 13.91 -23.30
C ALA RA 111 -60.03 14.04 -21.84
N LEU RA 112 -59.48 15.15 -21.26
CA LEU RA 112 -59.32 15.37 -19.86
C LEU RA 112 -60.74 15.78 -19.31
N VAL RA 113 -61.30 15.01 -18.29
CA VAL RA 113 -62.61 15.25 -17.71
C VAL RA 113 -62.40 15.36 -16.23
N ASP RA 114 -61.25 15.04 -15.59
CA ASP RA 114 -61.18 15.00 -14.21
C ASP RA 114 -59.74 14.99 -13.93
N ILE RA 115 -59.39 15.17 -12.61
CA ILE RA 115 -58.05 15.34 -12.21
C ILE RA 115 -57.92 14.43 -11.09
N LEU RA 116 -56.64 14.06 -10.69
CA LEU RA 116 -56.38 13.06 -9.68
C LEU RA 116 -55.35 13.63 -8.79
N PRO RA 117 -55.10 13.19 -7.55
CA PRO RA 117 -53.89 13.54 -6.84
C PRO RA 117 -52.65 12.97 -7.62
N PRO RA 118 -51.47 13.50 -7.42
CA PRO RA 118 -50.18 13.00 -7.92
C PRO RA 118 -49.61 12.06 -6.88
N ASP RA 119 -50.34 11.89 -5.78
CA ASP RA 119 -49.94 11.05 -4.67
C ASP RA 119 -50.27 9.65 -4.90
N SER RA 120 -51.31 9.35 -5.69
CA SER RA 120 -51.48 8.03 -6.26
C SER RA 120 -50.84 8.10 -7.67
N ASP RA 121 -50.51 6.90 -8.19
CA ASP RA 121 -49.90 6.64 -9.51
C ASP RA 121 -48.39 6.61 -9.27
N SER RA 122 -47.90 6.76 -8.01
CA SER RA 122 -46.52 6.60 -7.74
C SER RA 122 -46.43 5.40 -6.84
N SER RA 123 -45.27 5.27 -6.19
CA SER RA 123 -45.07 4.25 -5.18
C SER RA 123 -45.60 4.67 -3.88
N ILE RA 124 -45.76 3.64 -2.97
CA ILE RA 124 -46.51 3.80 -1.75
C ILE RA 124 -45.82 4.69 -0.77
N SER RA 125 -46.70 5.33 0.06
CA SER RA 125 -46.26 6.35 1.01
C SER RA 125 -45.74 5.64 2.21
N VAL RA 126 -46.37 4.53 2.65
CA VAL RA 126 -45.95 3.77 3.85
C VAL RA 126 -46.08 2.36 3.56
N MET RA 127 -45.04 1.56 3.69
CA MET RA 127 -45.03 0.16 3.26
C MET RA 127 -45.82 -0.76 4.15
N GLY RA 128 -45.79 -0.42 5.49
CA GLY RA 128 -46.71 -1.07 6.31
C GLY RA 128 -47.87 -0.17 6.63
N GLU RA 129 -48.39 -0.20 7.86
CA GLU RA 129 -49.48 0.57 8.31
C GLU RA 129 -48.87 1.93 8.66
N ASN RA 130 -49.66 3.03 8.62
CA ASN RA 130 -49.24 4.37 8.80
C ASN RA 130 -48.98 4.48 10.28
N GLU RA 131 -49.83 3.94 11.15
CA GLU RA 131 -49.55 4.06 12.56
C GLU RA 131 -48.54 2.91 12.80
N LYS RA 132 -47.58 3.13 13.73
CA LYS RA 132 -46.56 2.14 14.08
C LYS RA 132 -47.10 0.86 14.69
N PRO RA 133 -46.57 -0.29 14.53
CA PRO RA 133 -47.00 -1.52 15.19
C PRO RA 133 -46.87 -1.51 16.71
N ASP RA 134 -45.76 -0.98 17.29
CA ASP RA 134 -45.46 -1.12 18.67
C ASP RA 134 -46.22 0.04 19.19
N VAL RA 135 -47.12 -0.16 20.17
CA VAL RA 135 -47.82 0.88 20.89
C VAL RA 135 -47.52 0.76 22.34
N THR RA 136 -46.79 -0.24 22.84
CA THR RA 136 -46.18 -0.31 24.15
C THR RA 136 -45.06 0.71 24.15
N TYR RA 137 -44.28 0.64 23.04
CA TYR RA 137 -43.08 1.33 22.70
C TYR RA 137 -41.88 0.67 23.30
N ALA RA 138 -40.63 0.78 22.72
CA ALA RA 138 -39.45 0.32 23.31
C ALA RA 138 -38.45 1.40 22.92
N ASP RA 139 -38.98 2.63 22.65
CA ASP RA 139 -38.23 3.76 22.11
C ASP RA 139 -38.44 4.79 23.14
N VAL RA 140 -39.74 4.94 23.71
CA VAL RA 140 -40.05 5.84 24.82
C VAL RA 140 -39.47 5.21 26.09
N GLY RA 141 -39.57 3.90 26.27
CA GLY RA 141 -39.08 3.10 27.41
C GLY RA 141 -37.60 3.00 27.30
N GLY RA 142 -37.04 2.98 26.00
CA GLY RA 142 -35.68 2.42 25.76
C GLY RA 142 -34.89 3.40 24.99
N LEU RA 143 -33.83 3.95 25.57
CA LEU RA 143 -33.09 5.11 25.16
C LEU RA 143 -33.96 6.28 24.95
N ASP RA 144 -34.56 6.82 26.05
CA ASP RA 144 -35.16 8.18 25.94
C ASP RA 144 -34.20 9.30 25.75
N MET RA 145 -32.98 9.17 26.36
CA MET RA 145 -32.03 10.21 26.39
C MET RA 145 -31.57 10.54 25.08
N GLN RA 146 -31.37 9.46 24.30
CA GLN RA 146 -30.82 9.54 22.99
C GLN RA 146 -31.85 10.11 21.99
N LYS RA 147 -33.08 9.70 22.22
CA LYS RA 147 -34.35 10.09 21.59
C LYS RA 147 -34.71 11.56 21.78
N GLN RA 148 -34.28 12.18 22.89
CA GLN RA 148 -34.57 13.62 23.12
C GLN RA 148 -33.86 14.39 22.06
N GLU RA 149 -32.60 14.04 21.64
CA GLU RA 149 -31.90 14.73 20.54
C GLU RA 149 -32.68 14.65 19.25
N ILE RA 150 -33.17 13.42 18.93
CA ILE RA 150 -33.81 13.13 17.62
C ILE RA 150 -35.11 13.97 17.42
N ARG RA 151 -35.98 14.01 18.45
CA ARG RA 151 -37.25 14.68 18.54
C ARG RA 151 -37.16 16.23 18.35
N GLU RA 152 -36.07 16.90 18.82
CA GLU RA 152 -35.97 18.30 18.77
C GLU RA 152 -35.77 18.85 17.39
N ALA RA 153 -34.99 18.09 16.59
CA ALA RA 153 -34.90 18.24 15.18
C ALA RA 153 -36.11 17.84 14.38
N VAL RA 154 -36.74 16.69 14.71
CA VAL RA 154 -37.76 16.09 13.81
C VAL RA 154 -39.18 16.41 14.15
N GLU RA 155 -39.62 16.20 15.44
CA GLU RA 155 -41.06 16.44 15.67
C GLU RA 155 -41.40 17.84 15.73
N LEU RA 156 -40.48 18.60 16.40
CA LEU RA 156 -40.78 19.91 16.85
C LEU RA 156 -41.03 20.98 15.79
N PRO RA 157 -40.36 21.15 14.69
CA PRO RA 157 -40.59 22.21 13.72
C PRO RA 157 -41.91 22.03 12.95
N LEU RA 158 -42.42 20.78 12.73
CA LEU RA 158 -43.60 20.60 11.98
C LEU RA 158 -44.78 20.88 12.88
N VAL RA 159 -44.73 20.61 14.20
CA VAL RA 159 -45.87 20.83 15.09
C VAL RA 159 -46.03 22.31 15.30
N GLN RA 160 -44.89 23.01 15.55
CA GLN RA 160 -44.81 24.45 15.85
C GLN RA 160 -43.83 25.07 14.95
N ALA RA 161 -44.28 26.06 14.12
CA ALA RA 161 -43.42 26.97 13.39
C ALA RA 161 -42.89 28.00 14.24
N ASP RA 162 -43.69 28.36 15.30
CA ASP RA 162 -43.56 29.57 16.22
C ASP RA 162 -42.27 29.38 17.03
N LEU RA 163 -42.00 28.15 17.39
CA LEU RA 163 -40.80 27.76 18.08
C LEU RA 163 -39.48 28.11 17.41
N TYR RA 164 -39.37 27.80 16.13
CA TYR RA 164 -38.19 28.10 15.31
C TYR RA 164 -38.05 29.59 14.98
N GLU RA 165 -39.19 30.31 14.77
CA GLU RA 165 -39.42 31.70 14.49
C GLU RA 165 -38.85 32.63 15.55
N GLN RA 166 -38.99 32.20 16.84
CA GLN RA 166 -38.75 33.02 17.95
C GLN RA 166 -37.33 33.45 17.91
N ILE RA 167 -36.37 32.49 17.63
CA ILE RA 167 -34.90 32.76 17.41
C ILE RA 167 -34.86 33.39 16.12
N GLY RA 168 -35.54 32.77 15.09
CA GLY RA 168 -35.53 33.33 13.77
C GLY RA 168 -34.71 32.39 12.95
N ILE RA 169 -34.37 31.18 13.48
CA ILE RA 169 -33.67 30.13 12.79
C ILE RA 169 -34.73 29.41 11.99
N ASP RA 170 -34.23 28.87 10.87
CA ASP RA 170 -35.07 28.19 9.88
C ASP RA 170 -35.24 26.71 10.24
N PRO RA 171 -36.08 25.82 9.67
CA PRO RA 171 -36.24 24.39 9.94
C PRO RA 171 -34.95 23.69 9.72
N PRO RA 172 -34.71 22.54 10.41
CA PRO RA 172 -33.40 21.85 10.53
C PRO RA 172 -32.96 21.04 9.29
N ARG RA 173 -31.68 20.68 9.36
CA ARG RA 173 -31.00 19.86 8.33
C ARG RA 173 -31.11 18.43 8.70
N GLY RA 174 -30.62 17.48 7.89
CA GLY RA 174 -30.84 16.08 8.04
C GLY RA 174 -30.17 15.50 9.20
N VAL RA 175 -30.60 14.28 9.49
CA VAL RA 175 -30.31 13.53 10.74
C VAL RA 175 -29.66 12.26 10.37
N LEU RA 176 -28.56 11.83 10.99
CA LEU RA 176 -27.81 10.63 10.61
C LEU RA 176 -27.83 9.67 11.84
N LEU RA 177 -28.10 8.34 11.69
CA LEU RA 177 -28.31 7.39 12.78
C LEU RA 177 -27.19 6.47 12.52
N TYR RA 178 -26.22 6.27 13.45
CA TYR RA 178 -25.16 5.42 13.17
C TYR RA 178 -24.65 4.95 14.52
N GLY RA 179 -24.06 3.75 14.41
CA GLY RA 179 -23.60 3.12 15.63
C GLY RA 179 -23.88 1.72 15.24
N PRO RA 180 -23.06 0.74 15.76
CA PRO RA 180 -23.21 -0.69 15.62
C PRO RA 180 -24.59 -1.22 15.77
N PRO RA 181 -25.12 -2.23 15.03
CA PRO RA 181 -26.44 -2.86 15.23
C PRO RA 181 -26.96 -3.26 16.56
N GLY RA 182 -28.21 -2.91 16.89
CA GLY RA 182 -28.81 -3.30 18.19
C GLY RA 182 -28.73 -2.10 19.04
N THR RA 183 -29.16 -0.91 18.44
CA THR RA 183 -29.16 0.39 19.06
C THR RA 183 -30.50 1.10 18.93
N GLY RA 184 -31.41 0.39 18.21
CA GLY RA 184 -32.85 0.68 18.04
C GLY RA 184 -33.13 1.75 16.99
N LYS RA 185 -32.20 2.07 16.11
CA LYS RA 185 -32.44 3.03 15.08
C LYS RA 185 -33.65 2.81 14.15
N THR RA 186 -34.06 1.54 13.90
CA THR RA 186 -35.18 1.25 13.02
C THR RA 186 -36.48 1.59 13.64
N MET RA 187 -36.45 1.73 14.98
CA MET RA 187 -37.64 1.75 15.83
C MET RA 187 -37.71 3.14 16.46
N LEU RA 188 -36.54 3.86 16.49
CA LEU RA 188 -36.50 5.26 17.01
C LEU RA 188 -37.17 6.14 16.01
N VAL RA 189 -36.81 5.99 14.72
CA VAL RA 189 -37.29 6.79 13.67
C VAL RA 189 -38.84 6.72 13.53
N LYS RA 190 -39.46 5.51 13.64
CA LYS RA 190 -40.85 5.37 13.45
C LYS RA 190 -41.66 5.72 14.70
N ALA RA 191 -40.99 5.61 15.89
CA ALA RA 191 -41.63 5.85 17.16
C ALA RA 191 -41.84 7.35 17.24
N VAL RA 192 -40.87 8.15 16.71
CA VAL RA 192 -41.00 9.62 16.73
C VAL RA 192 -42.07 9.98 15.72
N ALA RA 193 -42.08 9.41 14.49
CA ALA RA 193 -42.81 9.82 13.31
C ALA RA 193 -44.32 9.74 13.52
N ASN RA 194 -44.69 8.66 14.18
CA ASN RA 194 -46.07 8.28 14.49
C ASN RA 194 -46.60 9.33 15.48
N SER RA 195 -45.78 9.76 16.45
CA SER RA 195 -46.17 10.72 17.39
C SER RA 195 -46.05 12.11 16.91
N THR RA 196 -45.32 12.42 15.80
CA THR RA 196 -45.30 13.71 15.11
C THR RA 196 -46.68 13.81 14.47
N LYS RA 197 -47.14 12.68 13.81
CA LYS RA 197 -48.34 12.49 12.97
C LYS RA 197 -47.97 12.86 11.51
N ALA RA 198 -46.68 12.58 11.15
CA ALA RA 198 -46.23 12.50 9.71
C ALA RA 198 -46.71 11.18 9.13
N ALA RA 199 -46.37 10.79 7.87
CA ALA RA 199 -46.85 9.58 7.26
C ALA RA 199 -45.76 9.13 6.25
N PHE RA 200 -44.48 9.30 6.67
CA PHE RA 200 -43.50 8.19 6.76
C PHE RA 200 -43.38 7.44 5.43
N ILE RA 201 -43.00 8.09 4.29
CA ILE RA 201 -41.76 7.64 3.60
C ILE RA 201 -40.60 7.35 4.58
N ARG RA 202 -39.96 6.15 4.90
CA ARG RA 202 -39.80 4.90 4.09
C ARG RA 202 -40.74 4.65 2.94
N VAL RA 203 -40.32 4.49 1.67
CA VAL RA 203 -39.49 3.43 1.18
C VAL RA 203 -37.95 3.47 1.43
N ASN RA 204 -37.37 2.26 1.16
CA ASN RA 204 -36.02 1.79 1.47
C ASN RA 204 -35.19 2.30 0.31
N GLY RA 205 -33.88 2.50 0.50
CA GLY RA 205 -33.06 2.85 -0.56
C GLY RA 205 -32.65 1.64 -1.34
N SER RA 206 -32.99 0.40 -0.95
CA SER RA 206 -32.69 -0.92 -1.62
C SER RA 206 -33.74 -1.05 -2.71
N GLU RA 207 -34.88 -0.27 -2.65
CA GLU RA 207 -35.87 -0.33 -3.72
C GLU RA 207 -35.32 0.23 -5.07
N PHE RA 208 -34.57 1.35 -4.93
CA PHE RA 208 -34.08 2.24 -5.98
C PHE RA 208 -33.15 1.50 -6.88
N VAL RA 209 -32.58 0.39 -6.41
CA VAL RA 209 -31.69 -0.41 -7.21
C VAL RA 209 -32.62 -1.07 -8.22
N HIS RA 210 -32.13 -1.40 -9.43
CA HIS RA 210 -33.01 -1.91 -10.41
C HIS RA 210 -32.03 -2.65 -11.34
N LYS RA 211 -32.51 -3.50 -12.30
CA LYS RA 211 -31.71 -4.29 -13.24
C LYS RA 211 -31.80 -3.73 -14.63
N TYR RA 212 -32.48 -2.58 -14.87
CA TYR RA 212 -32.58 -1.97 -16.11
C TYR RA 212 -31.58 -0.84 -16.13
N LEU RA 213 -31.97 0.29 -16.76
CA LEU RA 213 -30.99 1.36 -16.83
C LEU RA 213 -31.79 2.62 -16.76
N GLY RA 214 -31.43 3.60 -15.83
CA GLY RA 214 -31.90 4.97 -15.83
C GLY RA 214 -33.20 5.11 -15.04
N GLU RA 215 -33.86 3.95 -14.79
CA GLU RA 215 -35.05 3.82 -13.98
C GLU RA 215 -34.83 4.03 -12.49
N GLY RA 216 -33.68 3.62 -11.88
CA GLY RA 216 -33.44 3.86 -10.48
C GLY RA 216 -33.28 5.30 -10.05
N PRO RA 217 -32.37 6.09 -10.60
CA PRO RA 217 -32.32 7.49 -10.36
C PRO RA 217 -33.64 8.24 -10.51
N ARG RA 218 -34.60 7.65 -11.38
CA ARG RA 218 -35.90 8.18 -11.64
C ARG RA 218 -36.78 8.04 -10.42
N MET RA 219 -36.75 6.86 -9.72
CA MET RA 219 -37.44 6.56 -8.51
C MET RA 219 -37.06 7.51 -7.44
N VAL RA 220 -35.76 7.89 -7.43
CA VAL RA 220 -35.24 8.77 -6.38
C VAL RA 220 -35.85 10.15 -6.49
N ARG RA 221 -35.92 10.70 -7.68
CA ARG RA 221 -36.45 12.05 -8.00
C ARG RA 221 -37.92 12.13 -7.72
N ASP RA 222 -38.60 10.99 -7.99
CA ASP RA 222 -40.02 10.70 -7.76
C ASP RA 222 -40.28 10.91 -6.22
N VAL RA 223 -39.46 10.38 -5.30
CA VAL RA 223 -39.68 10.34 -3.85
C VAL RA 223 -39.58 11.73 -3.26
N PHE RA 224 -38.62 12.54 -3.70
CA PHE RA 224 -38.55 13.87 -3.10
C PHE RA 224 -39.82 14.74 -3.40
N ARG RA 225 -40.33 14.71 -4.66
CA ARG RA 225 -41.53 15.49 -5.06
C ARG RA 225 -42.68 14.96 -4.34
N LEU RA 226 -42.76 13.62 -4.11
CA LEU RA 226 -43.84 13.00 -3.52
C LEU RA 226 -44.04 13.39 -2.09
N ALA RA 227 -42.95 13.54 -1.33
CA ALA RA 227 -42.85 13.99 0.03
C ALA RA 227 -43.34 15.44 0.22
N ARG RA 228 -43.10 16.33 -0.78
CA ARG RA 228 -43.68 17.61 -0.87
C ARG RA 228 -45.13 17.65 -1.01
N GLU RA 229 -45.67 16.68 -1.87
CA GLU RA 229 -47.11 16.66 -2.14
C GLU RA 229 -47.91 16.27 -0.85
N ASN RA 230 -47.40 15.36 -0.02
CA ASN RA 230 -48.03 15.13 1.30
C ASN RA 230 -47.27 15.77 2.45
N ALA RA 231 -46.60 16.95 2.27
CA ALA RA 231 -45.78 17.49 3.32
C ALA RA 231 -46.60 18.25 4.37
N PRO RA 232 -46.15 18.68 5.63
CA PRO RA 232 -45.10 18.04 6.47
C PRO RA 232 -45.28 16.53 6.51
N SER RA 233 -44.18 15.81 6.59
CA SER RA 233 -43.98 14.43 6.37
C SER RA 233 -42.58 14.29 6.81
N ILE RA 234 -42.17 13.05 7.21
CA ILE RA 234 -40.85 12.74 7.66
C ILE RA 234 -40.28 11.87 6.66
N ILE RA 235 -39.22 12.29 6.05
CA ILE RA 235 -38.60 11.52 4.99
C ILE RA 235 -37.53 10.66 5.58
N PHE RA 236 -37.54 9.31 5.33
CA PHE RA 236 -36.56 8.39 5.89
C PHE RA 236 -36.15 7.42 4.87
N ILE RA 237 -34.80 7.16 4.72
CA ILE RA 237 -34.28 6.08 3.88
C ILE RA 237 -33.59 5.29 4.91
N ASP RA 238 -33.90 3.99 4.85
CA ASP RA 238 -33.58 2.96 5.84
C ASP RA 238 -32.12 2.52 5.76
N GLU RA 239 -31.42 2.62 4.61
CA GLU RA 239 -30.09 2.20 4.54
C GLU RA 239 -29.54 3.23 3.56
N VAL RA 240 -28.19 3.49 3.61
CA VAL RA 240 -27.38 4.31 2.81
C VAL RA 240 -26.01 3.62 2.89
N ASP RA 241 -26.05 2.28 3.13
CA ASP RA 241 -24.89 1.42 3.39
C ASP RA 241 -24.34 0.83 2.11
N SER RA 242 -25.11 1.12 1.09
CA SER RA 242 -24.87 0.59 -0.29
C SER RA 242 -25.08 1.66 -1.26
N ILE RA 243 -25.88 2.69 -0.94
CA ILE RA 243 -25.88 3.92 -1.71
C ILE RA 243 -24.55 4.64 -1.60
N ALA RA 244 -24.06 4.66 -0.37
CA ALA RA 244 -22.81 5.25 -0.06
C ALA RA 244 -21.74 4.16 0.09
N THR RA 245 -20.44 4.54 -0.08
CA THR RA 245 -19.42 3.63 -0.44
C THR RA 245 -18.19 3.99 0.27
N LYS RA 246 -17.35 2.99 0.24
CA LYS RA 246 -15.86 3.11 0.53
C LYS RA 246 -14.98 3.66 -0.62
N ARG RA 247 -15.18 3.19 -1.85
CA ARG RA 247 -14.34 3.55 -2.95
C ARG RA 247 -15.32 3.72 -4.09
N PHE RA 248 -15.21 4.78 -4.95
CA PHE RA 248 -16.05 4.90 -6.17
C PHE RA 248 -15.55 3.91 -7.13
N ASP RA 249 -16.47 3.34 -8.00
CA ASP RA 249 -16.04 2.40 -9.03
C ASP RA 249 -17.00 2.56 -10.19
N ALA RA 250 -16.59 2.10 -11.38
CA ALA RA 250 -17.30 2.18 -12.65
C ALA RA 250 -16.61 1.29 -13.64
N GLN RA 251 -16.02 0.17 -13.19
CA GLN RA 251 -15.29 -0.69 -14.09
C GLN RA 251 -16.25 -1.38 -14.99
N THR RA 252 -17.43 -1.75 -14.36
CA THR RA 252 -18.65 -2.19 -15.06
C THR RA 252 -19.54 -1.00 -15.05
N GLY RA 253 -20.62 -1.08 -15.90
CA GLY RA 253 -21.70 -0.09 -15.82
C GLY RA 253 -22.57 -0.18 -14.64
N SER RA 254 -22.53 -1.34 -14.04
CA SER RA 254 -23.39 -1.61 -12.92
C SER RA 254 -22.90 -0.94 -11.66
N ASP RA 255 -21.56 -0.60 -11.59
CA ASP RA 255 -21.06 0.23 -10.48
C ASP RA 255 -21.60 1.67 -10.59
N ARG RA 256 -21.71 2.21 -11.83
CA ARG RA 256 -22.07 3.59 -12.10
C ARG RA 256 -23.45 3.83 -11.63
N GLU RA 257 -24.35 2.86 -11.73
CA GLU RA 257 -25.77 2.96 -11.23
C GLU RA 257 -26.03 3.36 -9.80
N VAL RA 258 -25.18 2.71 -8.87
CA VAL RA 258 -25.01 3.02 -7.46
C VAL RA 258 -24.63 4.45 -7.23
N GLN RA 259 -23.67 4.85 -8.11
CA GLN RA 259 -23.03 6.13 -8.00
C GLN RA 259 -24.00 7.24 -8.39
N ARG RA 260 -24.91 6.94 -9.36
CA ARG RA 260 -25.91 7.84 -9.90
C ARG RA 260 -26.94 8.07 -8.80
N ILE RA 261 -27.45 7.07 -8.09
CA ILE RA 261 -28.37 7.20 -6.95
C ILE RA 261 -27.81 8.05 -5.82
N LEU RA 262 -26.52 7.94 -5.44
CA LEU RA 262 -25.82 8.79 -4.57
C LEU RA 262 -25.89 10.31 -4.85
N ILE RA 263 -25.64 10.60 -6.07
CA ILE RA 263 -25.70 11.95 -6.66
C ILE RA 263 -27.07 12.53 -6.48
N GLU RA 264 -28.14 11.80 -6.80
CA GLU RA 264 -29.48 12.21 -6.77
C GLU RA 264 -29.93 12.52 -5.41
N LEU RA 265 -29.44 11.80 -4.41
CA LEU RA 265 -29.82 12.10 -3.01
C LEU RA 265 -29.48 13.50 -2.65
N LEU RA 266 -28.15 13.80 -2.81
CA LEU RA 266 -27.50 15.06 -2.37
C LEU RA 266 -28.20 16.25 -3.14
N THR RA 267 -28.54 16.05 -4.43
CA THR RA 267 -28.79 17.14 -5.32
C THR RA 267 -30.12 17.67 -4.82
N GLN RA 268 -31.03 16.70 -4.44
CA GLN RA 268 -32.28 17.14 -3.88
C GLN RA 268 -32.27 17.53 -2.43
N MET RA 269 -31.13 17.24 -1.70
CA MET RA 269 -31.09 17.37 -0.30
C MET RA 269 -30.36 18.61 0.06
N ASP RA 270 -30.05 19.52 -0.91
CA ASP RA 270 -30.16 20.95 -0.82
C ASP RA 270 -31.56 21.47 -0.76
N GLY RA 271 -32.41 21.00 -1.67
CA GLY RA 271 -33.78 21.43 -1.85
C GLY RA 271 -33.72 22.67 -2.72
N PHE RA 272 -34.44 22.67 -3.86
CA PHE RA 272 -34.48 23.92 -4.66
C PHE RA 272 -35.84 24.43 -4.61
N ASP RA 273 -36.76 23.78 -3.83
CA ASP RA 273 -38.21 24.19 -3.84
C ASP RA 273 -38.75 24.12 -2.49
N GLN RA 274 -37.86 24.26 -1.52
CA GLN RA 274 -37.89 24.13 -0.04
C GLN RA 274 -38.53 22.81 0.47
N SER RA 275 -38.74 22.72 1.75
CA SER RA 275 -39.38 21.57 2.40
C SER RA 275 -40.07 22.11 3.66
N THR RA 276 -41.22 21.55 3.91
CA THR RA 276 -41.94 21.93 5.17
C THR RA 276 -41.66 20.71 6.08
N ASN RA 277 -40.95 19.68 5.40
CA ASN RA 277 -40.47 18.53 5.97
C ASN RA 277 -39.22 18.90 6.75
N VAL RA 278 -38.87 18.09 7.75
CA VAL RA 278 -37.44 17.98 8.10
C VAL RA 278 -36.77 17.33 6.94
N LYS RA 279 -35.51 17.76 6.66
CA LYS RA 279 -34.75 17.19 5.60
C LYS RA 279 -34.40 15.72 5.92
N VAL RA 280 -34.22 14.88 4.86
CA VAL RA 280 -34.11 13.50 4.86
C VAL RA 280 -33.41 12.91 6.05
N ILE RA 281 -33.88 11.76 6.65
CA ILE RA 281 -33.25 11.09 7.75
C ILE RA 281 -32.72 9.88 7.14
N MET RA 282 -31.50 9.49 7.59
CA MET RA 282 -30.73 8.45 7.01
C MET RA 282 -30.19 7.52 8.05
N ALA RA 283 -29.82 6.29 7.69
CA ALA RA 283 -29.34 5.32 8.63
C ALA RA 283 -28.32 4.49 7.98
N THR RA 284 -27.26 4.21 8.73
CA THR RA 284 -26.12 3.44 8.35
C THR RA 284 -25.58 2.78 9.52
N ASN RA 285 -24.65 1.87 9.30
CA ASN RA 285 -24.06 1.15 10.44
C ASN RA 285 -22.80 1.83 10.80
N ARG RA 286 -22.09 2.44 9.84
CA ARG RA 286 -20.87 2.95 10.18
C ARG RA 286 -20.60 4.00 9.20
N ALA RA 287 -19.43 4.63 9.31
CA ALA RA 287 -19.14 5.79 8.61
C ALA RA 287 -18.06 5.51 7.58
N ASP RA 288 -17.61 4.26 7.47
CA ASP RA 288 -16.66 3.79 6.53
C ASP RA 288 -17.28 3.54 5.19
N THR RA 289 -18.63 3.30 5.14
CA THR RA 289 -19.50 3.06 3.99
C THR RA 289 -20.27 4.32 3.85
N LEU RA 290 -19.67 5.43 4.29
CA LEU RA 290 -20.10 6.77 4.02
C LEU RA 290 -18.90 7.39 3.44
N ASP RA 291 -19.09 8.31 2.54
CA ASP RA 291 -18.06 9.17 2.00
C ASP RA 291 -17.99 10.29 2.95
N PRO RA 292 -16.85 10.56 3.54
CA PRO RA 292 -16.86 11.53 4.56
C PRO RA 292 -16.66 12.94 4.04
N ALA RA 293 -16.22 12.95 2.78
CA ALA RA 293 -16.10 14.15 1.92
C ALA RA 293 -17.50 14.74 1.64
N LEU RA 294 -18.50 13.88 1.34
CA LEU RA 294 -19.75 14.25 0.76
C LEU RA 294 -20.87 14.21 1.79
N LEU RA 295 -20.60 13.80 3.09
CA LEU RA 295 -21.60 13.93 4.08
C LEU RA 295 -20.65 14.15 5.27
N ARG RA 296 -19.88 15.29 5.36
CA ARG RA 296 -20.29 16.68 5.15
C ARG RA 296 -21.39 17.23 6.06
N PRO RA 297 -21.09 18.01 7.13
CA PRO RA 297 -22.01 19.05 7.64
C PRO RA 297 -22.42 20.10 6.69
N GLY RA 298 -23.74 20.45 6.75
CA GLY RA 298 -24.42 21.50 6.01
C GLY RA 298 -25.91 21.08 5.83
N ARG RA 299 -26.29 19.74 5.84
CA ARG RA 299 -26.50 19.06 4.58
C ARG RA 299 -27.43 17.93 4.94
N LEU RA 300 -27.75 17.63 6.25
CA LEU RA 300 -27.14 16.47 6.85
C LEU RA 300 -26.17 17.05 7.77
N ASP RA 301 -26.66 17.42 9.01
CA ASP RA 301 -25.78 18.11 9.93
C ASP RA 301 -25.78 17.50 11.31
N ARG RA 302 -27.03 16.98 11.73
CA ARG RA 302 -27.16 16.29 13.00
C ARG RA 302 -26.67 14.92 12.80
N LYS RA 303 -25.66 14.46 13.60
CA LYS RA 303 -25.10 13.20 13.44
C LYS RA 303 -25.06 12.63 14.82
N ILE RA 304 -25.73 11.48 15.08
CA ILE RA 304 -25.93 10.99 16.38
C ILE RA 304 -25.41 9.56 16.33
N GLU RA 305 -24.44 9.22 17.11
CA GLU RA 305 -23.84 7.94 17.36
C GLU RA 305 -24.53 7.31 18.55
N PHE RA 306 -25.16 6.09 18.46
CA PHE RA 306 -25.74 5.41 19.59
C PHE RA 306 -24.69 4.49 20.18
N PRO RA 307 -24.56 4.33 21.54
CA PRO RA 307 -23.50 3.57 22.15
C PRO RA 307 -23.97 2.19 22.37
N SER RA 308 -23.00 1.30 22.49
CA SER RA 308 -23.31 -0.09 22.60
C SER RA 308 -22.64 -0.54 23.89
N LEU RA 309 -21.54 0.19 24.21
CA LEU RA 309 -20.84 0.13 25.43
C LEU RA 309 -21.66 0.56 26.67
N ARG RA 310 -22.59 1.63 26.47
CA ARG RA 310 -23.63 2.05 27.50
C ARG RA 310 -23.11 2.51 28.83
N ASP RA 311 -24.05 2.58 29.81
CA ASP RA 311 -23.67 2.89 31.17
C ASP RA 311 -24.86 2.18 31.79
N ARG RA 312 -24.87 1.97 33.13
CA ARG RA 312 -25.94 1.28 33.81
C ARG RA 312 -27.22 2.09 33.64
N ARG RA 313 -27.23 3.42 33.60
CA ARG RA 313 -28.38 4.23 33.33
C ARG RA 313 -28.98 3.87 31.97
N GLU RA 314 -28.20 3.80 30.83
CA GLU RA 314 -28.71 3.49 29.54
C GLU RA 314 -29.42 2.15 29.55
N ARG RA 315 -28.89 1.12 30.25
CA ARG RA 315 -29.39 -0.23 30.31
C ARG RA 315 -30.58 -0.40 31.23
N ARG RA 316 -30.81 0.58 32.15
CA ARG RA 316 -31.81 0.51 33.15
C ARG RA 316 -33.16 0.68 32.48
N LEU RA 317 -33.11 1.63 31.53
CA LEU RA 317 -34.19 1.99 30.62
C LEU RA 317 -34.70 0.81 29.87
N ILE RA 318 -33.79 -0.06 29.34
CA ILE RA 318 -34.15 -1.27 28.62
C ILE RA 318 -34.86 -2.18 29.52
N PHE RA 319 -34.41 -2.27 30.86
CA PHE RA 319 -35.14 -3.07 31.82
C PHE RA 319 -36.48 -2.49 32.18
N GLY RA 320 -36.62 -1.14 32.34
CA GLY RA 320 -37.89 -0.41 32.66
C GLY RA 320 -38.97 -0.73 31.65
N THR RA 321 -38.52 -0.95 30.37
CA THR RA 321 -39.40 -1.45 29.29
C THR RA 321 -39.90 -2.88 29.54
N ILE RA 322 -39.01 -3.75 30.06
CA ILE RA 322 -39.27 -5.18 30.30
C ILE RA 322 -40.13 -5.34 31.52
N ALA RA 323 -39.95 -4.53 32.58
CA ALA RA 323 -40.74 -4.47 33.78
C ALA RA 323 -42.14 -4.02 33.57
N SER RA 324 -42.33 -3.30 32.46
CA SER RA 324 -43.56 -2.87 32.02
C SER RA 324 -44.38 -3.92 31.41
N LYS RA 325 -43.79 -4.65 30.42
CA LYS RA 325 -44.48 -5.65 29.70
C LYS RA 325 -44.76 -6.82 30.56
N MET RA 326 -43.77 -7.36 31.31
CA MET RA 326 -43.99 -8.40 32.28
C MET RA 326 -43.46 -7.83 33.52
N SER RA 327 -44.36 -7.64 34.51
CA SER RA 327 -44.05 -7.18 35.78
C SER RA 327 -43.80 -8.46 36.57
N LEU RA 328 -42.51 -8.76 36.83
CA LEU RA 328 -41.89 -9.91 37.36
C LEU RA 328 -42.15 -9.81 38.85
N ALA RA 329 -42.23 -11.02 39.55
CA ALA RA 329 -42.43 -11.21 40.93
C ALA RA 329 -41.78 -10.22 41.81
N PRO RA 330 -42.30 -9.81 42.96
CA PRO RA 330 -41.63 -8.91 43.88
C PRO RA 330 -40.42 -9.65 44.55
N GLU RA 331 -40.27 -10.99 44.32
CA GLU RA 331 -39.27 -11.79 44.99
C GLU RA 331 -37.99 -11.91 44.21
N ALA RA 332 -38.08 -11.72 42.90
CA ALA RA 332 -36.97 -11.90 42.01
C ALA RA 332 -36.54 -10.48 41.80
N ASP RA 333 -35.18 -10.25 41.84
CA ASP RA 333 -34.64 -8.99 41.87
C ASP RA 333 -34.19 -8.54 40.56
N LEU RA 334 -34.76 -7.44 40.05
CA LEU RA 334 -34.56 -6.97 38.72
C LEU RA 334 -33.14 -6.30 38.69
N ASP RA 335 -32.76 -5.55 39.73
CA ASP RA 335 -31.56 -4.75 39.82
C ASP RA 335 -30.28 -5.47 40.00
N SER RA 336 -30.28 -6.78 40.36
CA SER RA 336 -29.09 -7.63 40.47
C SER RA 336 -28.59 -7.98 39.07
N LEU RA 337 -29.50 -7.97 38.01
CA LEU RA 337 -29.18 -8.23 36.64
C LEU RA 337 -28.36 -7.03 36.08
N ILE RA 338 -28.63 -5.78 36.53
CA ILE RA 338 -28.07 -4.56 35.94
C ILE RA 338 -26.58 -4.37 36.23
N ILE RA 339 -26.22 -4.61 37.51
CA ILE RA 339 -24.90 -4.42 38.07
C ILE RA 339 -23.89 -5.31 37.31
N ARG RA 340 -24.36 -6.46 36.74
CA ARG RA 340 -23.37 -7.40 36.18
C ARG RA 340 -23.21 -7.19 34.71
N ASN RA 341 -23.90 -6.18 34.17
CA ASN RA 341 -23.82 -5.87 32.73
C ASN RA 341 -22.79 -4.83 32.62
N ASP RA 342 -21.91 -4.93 31.62
CA ASP RA 342 -20.71 -4.16 31.58
C ASP RA 342 -20.45 -3.69 30.20
N SER RA 343 -20.95 -4.46 29.23
CA SER RA 343 -20.83 -4.14 27.81
C SER RA 343 -21.87 -4.89 27.03
N LEU RA 344 -23.15 -4.50 27.13
CA LEU RA 344 -24.21 -5.28 26.37
C LEU RA 344 -25.13 -4.31 25.62
N SER RA 345 -25.59 -4.72 24.32
CA SER RA 345 -26.41 -3.97 23.37
C SER RA 345 -27.86 -4.12 23.80
N GLY RA 346 -28.82 -3.33 23.18
CA GLY RA 346 -30.19 -3.34 23.49
C GLY RA 346 -30.78 -4.50 22.83
N ALA RA 347 -30.05 -5.20 21.85
CA ALA RA 347 -30.52 -6.37 21.17
C ALA RA 347 -30.19 -7.60 21.98
N VAL RA 348 -29.09 -7.60 22.68
CA VAL RA 348 -28.75 -8.70 23.57
C VAL RA 348 -29.71 -8.85 24.74
N ILE RA 349 -30.16 -7.66 25.25
CA ILE RA 349 -31.13 -7.44 26.31
C ILE RA 349 -32.49 -7.88 25.89
N ALA RA 350 -32.87 -7.58 24.58
CA ALA RA 350 -34.07 -8.06 24.05
C ALA RA 350 -34.25 -9.52 24.02
N ALA RA 351 -33.18 -10.26 23.62
CA ALA RA 351 -33.07 -11.70 23.64
C ALA RA 351 -33.09 -12.28 25.05
N ILE RA 352 -32.51 -11.57 26.08
CA ILE RA 352 -32.38 -12.04 27.45
C ILE RA 352 -33.81 -12.32 28.03
N MET RA 353 -34.70 -11.31 27.80
CA MET RA 353 -36.06 -11.43 28.25
C MET RA 353 -36.93 -12.43 27.47
N GLN RA 354 -36.66 -12.59 26.18
CA GLN RA 354 -37.22 -13.61 25.28
C GLN RA 354 -36.88 -14.99 25.68
N GLU RA 355 -35.61 -15.26 26.11
CA GLU RA 355 -35.11 -16.54 26.49
C GLU RA 355 -35.62 -16.90 27.89
N ALA RA 356 -35.76 -15.94 28.84
CA ALA RA 356 -36.16 -16.18 30.19
C ALA RA 356 -37.59 -16.68 30.28
N GLY RA 357 -38.50 -16.03 29.48
CA GLY RA 357 -39.94 -16.35 29.52
C GLY RA 357 -40.30 -17.51 28.56
N LEU RA 358 -39.33 -18.00 27.69
CA LEU RA 358 -39.29 -19.25 27.01
C LEU RA 358 -39.03 -20.37 27.95
N ARG RA 359 -38.18 -20.21 28.95
CA ARG RA 359 -37.98 -21.21 29.95
C ARG RA 359 -39.16 -21.32 30.82
N ALA RA 360 -40.01 -20.30 30.87
CA ALA RA 360 -41.28 -20.30 31.65
C ALA RA 360 -42.33 -21.13 30.97
N VAL RA 361 -42.43 -21.04 29.62
CA VAL RA 361 -43.32 -21.84 28.76
C VAL RA 361 -42.95 -23.30 28.89
N ARG RA 362 -41.64 -23.65 28.97
CA ARG RA 362 -41.10 -24.91 29.25
C ARG RA 362 -41.41 -25.53 30.55
N LYS RA 363 -41.32 -24.67 31.65
CA LYS RA 363 -41.57 -25.17 33.04
C LYS RA 363 -43.09 -25.22 33.22
N ASN RA 364 -43.90 -24.60 32.26
CA ASN RA 364 -45.33 -24.51 32.31
C ASN RA 364 -45.79 -23.73 33.56
N ARG RA 365 -45.16 -22.51 33.63
CA ARG RA 365 -45.46 -21.54 34.60
C ARG RA 365 -46.10 -20.43 33.98
N TYR RA 366 -46.07 -19.25 34.65
CA TYR RA 366 -46.75 -18.07 34.20
C TYR RA 366 -46.04 -16.97 34.87
N VAL RA 367 -44.83 -17.21 35.44
CA VAL RA 367 -43.95 -16.15 35.95
C VAL RA 367 -42.59 -16.44 35.50
N ILE RA 368 -41.71 -15.38 35.48
CA ILE RA 368 -40.33 -15.43 35.13
C ILE RA 368 -39.69 -15.16 36.45
N LEU RA 369 -38.59 -15.86 36.77
CA LEU RA 369 -37.93 -15.81 38.05
C LEU RA 369 -36.47 -15.35 37.82
N GLN RA 370 -35.61 -15.11 38.85
CA GLN RA 370 -34.30 -14.54 38.71
C GLN RA 370 -33.31 -15.56 38.19
N SER RA 371 -33.70 -16.83 38.21
CA SER RA 371 -32.98 -17.97 37.71
C SER RA 371 -32.92 -18.01 36.25
N ASP RA 372 -34.03 -17.61 35.68
CA ASP RA 372 -34.28 -17.62 34.26
C ASP RA 372 -33.40 -16.57 33.59
N LEU RA 373 -33.22 -15.43 34.30
CA LEU RA 373 -32.33 -14.31 33.94
C LEU RA 373 -30.90 -14.61 33.90
N GLU RA 374 -30.45 -15.35 34.93
CA GLU RA 374 -29.05 -15.86 34.97
C GLU RA 374 -28.63 -16.82 33.94
N GLU RA 375 -29.62 -17.71 33.50
CA GLU RA 375 -29.47 -18.63 32.38
C GLU RA 375 -29.28 -18.01 31.06
N ALA RA 376 -30.01 -16.92 30.84
CA ALA RA 376 -29.94 -15.95 29.81
C ALA RA 376 -28.70 -15.07 29.74
N TYR RA 377 -28.22 -14.68 30.88
CA TYR RA 377 -27.09 -13.85 31.25
C TYR RA 377 -25.80 -14.49 30.77
N ALA RA 378 -25.64 -15.83 30.85
CA ALA RA 378 -24.58 -16.68 30.36
C ALA RA 378 -24.45 -16.68 28.84
N THR RA 379 -25.54 -16.48 28.05
CA THR RA 379 -25.68 -17.22 26.78
C THR RA 379 -26.33 -16.17 25.91
N GLN RA 380 -26.13 -16.29 24.56
CA GLN RA 380 -26.43 -15.30 23.48
C GLN RA 380 -25.56 -14.13 23.86
N VAL RA 381 -24.28 -14.34 23.96
CA VAL RA 381 -23.22 -13.37 24.33
C VAL RA 381 -22.09 -13.66 23.35
N LYS RA 382 -22.09 -14.89 22.83
CA LYS RA 382 -20.99 -15.44 22.01
C LYS RA 382 -19.65 -15.43 22.73
N THR RA 383 -18.60 -15.25 21.89
CA THR RA 383 -17.15 -15.42 22.20
C THR RA 383 -16.82 -16.60 22.96
N ASP RA 384 -15.61 -16.61 23.67
CA ASP RA 384 -15.11 -17.81 24.34
C ASP RA 384 -14.61 -18.83 23.33
N ASN RA 385 -13.85 -18.35 22.29
CA ASN RA 385 -13.32 -19.28 21.28
C ASN RA 385 -12.03 -18.69 20.75
N THR RA 386 -11.50 -17.62 21.34
CA THR RA 386 -10.32 -16.88 20.82
C THR RA 386 -9.20 -17.36 21.79
N VAL RA 387 -9.54 -18.34 22.64
CA VAL RA 387 -8.44 -18.86 23.55
C VAL RA 387 -8.10 -20.31 23.18
N ASP RA 388 -8.82 -20.81 22.17
CA ASP RA 388 -8.90 -22.24 21.87
C ASP RA 388 -7.54 -22.73 21.37
N LYS RA 389 -6.80 -21.98 20.57
CA LYS RA 389 -5.54 -22.40 19.99
C LYS RA 389 -4.70 -21.12 19.90
N PHE RA 390 -5.22 -19.99 20.36
CA PHE RA 390 -4.59 -18.76 20.11
C PHE RA 390 -4.22 -18.25 21.47
N ASP RA 391 -2.96 -17.74 21.47
CA ASP RA 391 -2.22 -17.31 22.58
C ASP RA 391 -0.83 -16.94 22.04
N PHE RA 392 -0.63 -16.91 20.73
CA PHE RA 392 0.61 -16.50 20.11
C PHE RA 392 0.38 -15.17 19.38
N TYR RA 393 -0.73 -14.48 19.76
CA TYR RA 393 -1.05 -13.19 19.28
C TYR RA 393 -1.31 -12.38 20.55
N LYS RA 394 -0.74 -12.82 21.66
CA LYS RA 394 -0.76 -12.17 23.01
C LYS RA 394 0.59 -12.31 23.64
N GLU SA 1 -106.03 -85.23 -31.70
CA GLU SA 1 -104.93 -85.42 -30.75
C GLU SA 1 -105.40 -85.93 -29.40
N GLN SA 2 -104.42 -86.30 -28.51
CA GLN SA 2 -104.63 -86.66 -27.11
C GLN SA 2 -105.21 -85.41 -26.39
N GLU SA 3 -104.67 -84.20 -26.59
CA GLU SA 3 -105.10 -82.93 -25.99
C GLU SA 3 -104.46 -81.87 -26.85
N ALA SA 4 -105.05 -80.60 -26.80
CA ALA SA 4 -104.66 -79.54 -27.64
C ALA SA 4 -103.84 -78.58 -26.85
N HIS SA 5 -103.55 -79.01 -25.56
CA HIS SA 5 -102.64 -78.42 -24.67
C HIS SA 5 -101.21 -78.79 -25.12
N ASN SA 6 -101.06 -79.91 -25.86
CA ASN SA 6 -99.78 -80.35 -26.34
C ASN SA 6 -99.14 -79.37 -27.23
N LYS SA 7 -99.97 -78.92 -28.22
CA LYS SA 7 -99.58 -78.01 -29.22
C LYS SA 7 -99.22 -76.63 -28.65
N ALA SA 8 -100.05 -76.09 -27.70
CA ALA SA 8 -99.95 -74.83 -27.07
C ALA SA 8 -98.75 -74.49 -26.28
N LEU SA 9 -97.97 -75.49 -25.73
CA LEU SA 9 -96.79 -75.28 -24.90
C LEU SA 9 -95.71 -74.52 -25.62
N ASN SA 10 -95.55 -74.81 -26.93
CA ASN SA 10 -94.63 -74.19 -27.83
C ASN SA 10 -94.96 -72.71 -28.04
N GLN SA 11 -96.26 -72.30 -28.15
CA GLN SA 11 -96.78 -70.96 -28.33
C GLN SA 11 -96.44 -70.10 -27.15
N PHE SA 12 -96.64 -70.75 -26.02
CA PHE SA 12 -96.52 -70.30 -24.68
C PHE SA 12 -95.03 -70.11 -24.37
N LYS SA 13 -94.15 -70.96 -24.99
CA LYS SA 13 -92.71 -70.95 -24.77
C LYS SA 13 -92.16 -69.71 -25.36
N ARG SA 14 -92.75 -69.20 -26.50
CA ARG SA 14 -92.42 -67.93 -27.19
C ARG SA 14 -92.62 -66.83 -26.26
N LYS SA 15 -93.74 -66.82 -25.47
CA LYS SA 15 -94.04 -65.75 -24.47
C LYS SA 15 -93.01 -65.60 -23.37
N LEU SA 16 -92.28 -66.63 -22.92
CA LEU SA 16 -91.24 -66.62 -21.95
C LEU SA 16 -90.05 -66.03 -22.62
N LEU SA 17 -89.80 -66.39 -23.86
CA LEU SA 17 -88.62 -65.96 -24.60
C LEU SA 17 -88.72 -64.52 -24.86
N GLU SA 18 -89.97 -63.99 -25.06
CA GLU SA 18 -90.20 -62.55 -25.37
C GLU SA 18 -89.91 -61.71 -24.20
N HIS SA 19 -90.31 -62.14 -22.94
CA HIS SA 19 -90.05 -61.46 -21.72
C HIS SA 19 -88.56 -61.24 -21.58
N ARG SA 20 -87.69 -62.24 -21.96
CA ARG SA 20 -86.25 -62.15 -21.83
C ARG SA 20 -85.63 -61.11 -22.74
N ARG SA 21 -86.01 -61.07 -23.97
CA ARG SA 21 -85.44 -60.12 -24.95
C ARG SA 21 -85.83 -58.68 -24.57
N TYR SA 22 -87.11 -58.45 -24.22
CA TYR SA 22 -87.70 -57.14 -23.92
C TYR SA 22 -87.20 -56.55 -22.68
N ASP SA 23 -86.98 -57.36 -21.57
CA ASP SA 23 -86.48 -56.95 -20.36
C ASP SA 23 -85.04 -56.39 -20.56
N ASP SA 24 -84.14 -56.97 -21.36
CA ASP SA 24 -82.90 -56.34 -21.71
C ASP SA 24 -82.96 -55.05 -22.52
N GLN SA 25 -83.82 -54.89 -23.55
CA GLN SA 25 -84.10 -53.64 -24.18
C GLN SA 25 -84.65 -52.58 -23.25
N LEU SA 26 -85.55 -52.85 -22.31
CA LEU SA 26 -86.03 -51.87 -21.36
C LEU SA 26 -84.94 -51.32 -20.42
N LYS SA 27 -83.99 -52.05 -19.88
CA LYS SA 27 -82.84 -51.44 -19.15
C LYS SA 27 -81.97 -50.63 -20.12
N GLN SA 28 -81.76 -51.14 -21.40
CA GLN SA 28 -80.88 -50.55 -22.36
C GLN SA 28 -81.32 -49.12 -22.83
N ARG SA 29 -82.65 -48.84 -22.90
CA ARG SA 29 -83.20 -47.55 -23.23
C ARG SA 29 -82.84 -46.51 -22.17
N ARG SA 30 -82.91 -46.92 -20.86
CA ARG SA 30 -82.68 -46.15 -19.69
C ARG SA 30 -81.13 -45.85 -19.59
N GLN SA 31 -80.27 -46.80 -20.06
CA GLN SA 31 -78.83 -46.51 -20.15
C GLN SA 31 -78.60 -45.46 -21.22
N ASN SA 32 -79.24 -45.53 -22.38
CA ASN SA 32 -79.08 -44.57 -23.52
C ASN SA 32 -79.42 -43.20 -23.18
N ILE SA 33 -80.45 -42.94 -22.33
CA ILE SA 33 -80.96 -41.64 -22.12
C ILE SA 33 -79.98 -40.97 -21.18
N ARG SA 34 -79.28 -41.81 -20.28
CA ARG SA 34 -78.20 -41.29 -19.44
C ARG SA 34 -76.92 -40.89 -20.27
N ASP SA 35 -76.50 -41.74 -21.27
CA ASP SA 35 -75.40 -41.50 -22.10
C ASP SA 35 -75.49 -40.25 -22.97
N LEU SA 36 -76.68 -40.16 -23.62
CA LEU SA 36 -76.98 -38.97 -24.39
C LEU SA 36 -77.09 -37.67 -23.62
N GLU SA 37 -77.56 -37.74 -22.37
CA GLU SA 37 -77.78 -36.61 -21.48
C GLU SA 37 -76.50 -36.06 -21.06
N LYS SA 38 -75.44 -36.82 -20.81
CA LYS SA 38 -74.09 -36.43 -20.54
C LYS SA 38 -73.48 -35.73 -21.71
N LEU SA 39 -73.69 -36.19 -22.94
CA LEU SA 39 -73.25 -35.56 -24.20
C LEU SA 39 -73.86 -34.22 -24.46
N TYR SA 40 -75.19 -34.10 -24.08
CA TYR SA 40 -75.99 -32.95 -24.36
C TYR SA 40 -75.50 -31.84 -23.49
N ASP SA 41 -75.11 -32.26 -22.25
CA ASP SA 41 -74.51 -31.40 -21.23
C ASP SA 41 -73.16 -30.82 -21.68
N LYS SA 42 -72.30 -31.61 -22.35
CA LYS SA 42 -71.01 -31.11 -22.87
C LYS SA 42 -71.21 -30.04 -23.87
N THR SA 43 -72.19 -30.21 -24.86
CA THR SA 43 -72.48 -29.27 -25.92
C THR SA 43 -73.12 -28.09 -25.36
N GLU SA 44 -73.96 -28.25 -24.29
CA GLU SA 44 -74.80 -27.15 -23.71
C GLU SA 44 -73.97 -26.25 -22.88
N ASN SA 45 -72.99 -26.74 -22.12
CA ASN SA 45 -72.09 -25.99 -21.29
C ASN SA 45 -71.07 -25.33 -22.15
N ASP SA 46 -70.88 -25.80 -23.43
CA ASP SA 46 -70.20 -25.00 -24.41
C ASP SA 46 -71.00 -23.81 -24.78
N ILE SA 47 -72.37 -23.84 -24.89
CA ILE SA 47 -73.14 -22.70 -25.24
C ILE SA 47 -73.12 -21.63 -24.25
N LYS SA 48 -73.10 -22.06 -22.96
CA LYS SA 48 -73.05 -21.30 -21.72
C LYS SA 48 -71.77 -20.51 -21.67
N ALA SA 49 -70.64 -21.16 -22.11
CA ALA SA 49 -69.34 -20.60 -22.15
C ALA SA 49 -69.17 -19.53 -23.02
N LEU SA 50 -69.86 -19.62 -24.22
CA LEU SA 50 -69.89 -18.54 -25.26
C LEU SA 50 -70.58 -17.26 -24.86
N GLN SA 51 -71.59 -17.43 -23.92
CA GLN SA 51 -72.40 -16.41 -23.34
C GLN SA 51 -71.77 -15.97 -22.07
N SER SA 52 -70.73 -16.68 -21.51
CA SER SA 52 -70.05 -16.32 -20.28
C SER SA 52 -69.26 -15.01 -20.63
N ILE SA 53 -68.52 -15.09 -21.79
CA ILE SA 53 -67.74 -14.02 -22.36
C ILE SA 53 -66.43 -13.91 -21.62
N GLY SA 54 -65.28 -13.92 -22.36
CA GLY SA 54 -63.95 -13.78 -21.69
C GLY SA 54 -63.67 -12.57 -20.89
N GLN SA 55 -62.66 -12.58 -20.05
CA GLN SA 55 -62.39 -11.55 -19.09
C GLN SA 55 -60.92 -11.15 -19.20
N LEU SA 56 -60.50 -10.11 -18.47
CA LEU SA 56 -59.22 -9.50 -18.66
C LEU SA 56 -58.81 -9.56 -17.26
N ILE SA 57 -57.48 -9.61 -17.00
CA ILE SA 57 -56.89 -9.55 -15.68
C ILE SA 57 -56.00 -8.37 -15.53
N GLY SA 58 -56.01 -7.94 -14.26
CA GLY SA 58 -55.25 -6.89 -13.77
C GLY SA 58 -54.79 -7.31 -12.44
N GLU SA 59 -54.23 -6.29 -11.75
CA GLU SA 59 -53.78 -6.43 -10.41
C GLU SA 59 -54.11 -5.00 -9.95
N VAL SA 60 -54.54 -4.84 -8.67
CA VAL SA 60 -54.74 -3.57 -8.08
C VAL SA 60 -53.35 -2.91 -7.92
N MET SA 61 -52.99 -1.90 -8.69
CA MET SA 61 -51.68 -1.16 -8.66
C MET SA 61 -51.63 -0.41 -7.39
N LYS SA 62 -52.68 0.26 -6.92
CA LYS SA 62 -52.71 1.11 -5.82
C LYS SA 62 -54.11 1.64 -5.57
N GLU SA 63 -54.56 1.62 -4.23
CA GLU SA 63 -55.87 2.07 -3.77
C GLU SA 63 -55.94 3.57 -4.10
N LEU SA 64 -57.16 4.07 -4.42
CA LEU SA 64 -57.27 5.49 -4.61
C LEU SA 64 -58.44 5.96 -3.87
N SER SA 65 -59.47 5.07 -3.78
CA SER SA 65 -60.67 5.22 -2.94
C SER SA 65 -61.12 3.77 -2.84
N GLU SA 66 -62.14 3.58 -1.95
CA GLU SA 66 -62.82 2.31 -1.73
C GLU SA 66 -63.91 2.25 -2.79
N GLU SA 67 -64.13 3.32 -3.54
CA GLU SA 67 -65.06 3.38 -4.66
C GLU SA 67 -64.30 3.05 -5.90
N LYS SA 68 -63.15 3.76 -6.14
CA LYS SA 68 -62.46 3.72 -7.39
C LYS SA 68 -61.15 3.05 -7.08
N TYR SA 69 -60.62 2.25 -7.99
CA TYR SA 69 -59.28 1.65 -7.73
C TYR SA 69 -58.57 1.68 -9.02
N ILE SA 70 -57.22 1.81 -8.98
CA ILE SA 70 -56.33 1.98 -10.07
C ILE SA 70 -55.86 0.53 -10.08
N VAL SA 71 -55.90 0.07 -11.33
CA VAL SA 71 -55.42 -1.27 -11.65
C VAL SA 71 -54.37 -1.03 -12.69
N LYS SA 72 -53.42 -2.00 -12.79
CA LYS SA 72 -52.42 -2.06 -13.83
C LYS SA 72 -52.83 -3.26 -14.63
N ALA SA 73 -53.17 -2.96 -15.99
CA ALA SA 73 -53.74 -3.94 -16.85
C ALA SA 73 -52.57 -4.83 -17.24
N SER SA 74 -52.85 -6.10 -17.46
CA SER SA 74 -51.84 -6.96 -18.05
C SER SA 74 -51.79 -6.80 -19.54
N SER SA 75 -52.87 -6.22 -20.12
CA SER SA 75 -52.96 -5.95 -21.52
C SER SA 75 -52.11 -4.75 -21.85
N GLY SA 76 -52.11 -3.69 -20.93
CA GLY SA 76 -51.10 -2.67 -21.06
C GLY SA 76 -51.37 -1.50 -20.12
N PRO SA 77 -51.95 -0.42 -20.65
CA PRO SA 77 -52.16 0.87 -19.93
C PRO SA 77 -52.86 0.76 -18.53
N ARG SA 78 -52.56 1.76 -17.61
CA ARG SA 78 -53.21 1.79 -16.32
C ARG SA 78 -54.59 2.38 -16.44
N TYR SA 79 -55.54 1.92 -15.58
CA TYR SA 79 -56.87 2.39 -15.77
C TYR SA 79 -57.35 2.62 -14.40
N ILE SA 80 -58.41 3.47 -14.28
CA ILE SA 80 -59.22 3.58 -13.12
C ILE SA 80 -60.51 2.97 -13.49
N VAL SA 81 -61.00 2.00 -12.70
CA VAL SA 81 -62.07 1.18 -12.92
C VAL SA 81 -62.89 1.27 -11.67
N GLY SA 82 -64.16 0.82 -11.72
CA GLY SA 82 -65.05 0.86 -10.66
C GLY SA 82 -64.91 -0.42 -9.92
N VAL SA 83 -66.01 -0.84 -9.23
CA VAL SA 83 -66.12 -2.16 -8.58
C VAL SA 83 -67.59 -2.48 -8.74
N ARG SA 84 -67.92 -3.78 -8.73
CA ARG SA 84 -69.24 -4.22 -8.70
C ARG SA 84 -69.59 -4.83 -7.39
N ASN SA 85 -70.74 -5.40 -7.31
CA ASN SA 85 -71.34 -5.92 -6.10
C ASN SA 85 -71.17 -7.38 -6.00
N SER SA 86 -70.51 -7.93 -7.08
CA SER SA 86 -70.04 -9.27 -7.29
C SER SA 86 -68.56 -9.49 -6.90
N VAL SA 87 -67.94 -8.44 -6.29
CA VAL SA 87 -66.61 -8.56 -5.84
C VAL SA 87 -66.79 -7.93 -4.44
N ASP SA 88 -65.96 -8.36 -3.55
CA ASP SA 88 -65.90 -7.80 -2.20
C ASP SA 88 -64.77 -6.78 -2.18
N ARG SA 89 -65.07 -5.57 -1.61
CA ARG SA 89 -64.08 -4.53 -1.53
C ARG SA 89 -63.44 -4.54 -0.18
N SER SA 90 -63.75 -5.53 0.72
CA SER SA 90 -63.22 -5.85 2.01
C SER SA 90 -62.02 -6.77 1.74
N LYS SA 91 -62.00 -7.37 0.52
CA LYS SA 91 -60.89 -8.30 0.04
C LYS SA 91 -60.14 -7.69 -1.17
N LEU SA 92 -60.54 -6.51 -1.75
CA LEU SA 92 -59.65 -5.73 -2.56
C LEU SA 92 -58.82 -4.92 -1.68
N LYS SA 93 -57.53 -5.03 -1.97
CA LYS SA 93 -56.49 -4.40 -1.18
C LYS SA 93 -55.36 -4.21 -2.15
N LYS SA 94 -54.25 -3.39 -1.87
CA LYS SA 94 -53.15 -3.14 -2.83
C LYS SA 94 -52.41 -4.33 -3.17
N GLY SA 95 -52.18 -4.57 -4.45
CA GLY SA 95 -51.40 -5.73 -4.91
C GLY SA 95 -52.16 -6.99 -4.90
N VAL SA 96 -53.50 -7.00 -4.84
CA VAL SA 96 -54.30 -8.19 -5.03
C VAL SA 96 -54.57 -8.36 -6.46
N ARG SA 97 -54.42 -9.60 -7.03
CA ARG SA 97 -54.76 -9.83 -8.47
C ARG SA 97 -56.25 -9.80 -8.70
N VAL SA 98 -56.75 -9.14 -9.75
CA VAL SA 98 -58.16 -9.03 -9.94
C VAL SA 98 -58.40 -9.43 -11.33
N THR SA 99 -59.63 -9.77 -11.57
CA THR SA 99 -60.19 -9.96 -12.82
C THR SA 99 -61.37 -9.00 -13.01
N LEU SA 100 -61.58 -8.60 -14.33
CA LEU SA 100 -62.50 -7.62 -14.61
C LEU SA 100 -63.08 -7.82 -15.95
N ASP SA 101 -64.20 -7.11 -16.18
CA ASP SA 101 -64.92 -7.22 -17.48
C ASP SA 101 -64.11 -6.47 -18.46
N ILE SA 102 -64.38 -6.84 -19.70
CA ILE SA 102 -63.80 -6.16 -20.84
C ILE SA 102 -64.83 -5.10 -21.20
N THR SA 103 -66.13 -5.51 -20.98
CA THR SA 103 -67.27 -4.69 -21.50
C THR SA 103 -67.39 -3.49 -20.69
N THR SA 104 -67.35 -3.66 -19.35
CA THR SA 104 -67.54 -2.50 -18.54
C THR SA 104 -66.25 -1.91 -18.15
N LEU SA 105 -65.22 -2.83 -18.12
CA LEU SA 105 -63.85 -2.54 -17.62
C LEU SA 105 -63.99 -2.11 -16.16
N THR SA 106 -64.54 -3.07 -15.31
CA THR SA 106 -64.86 -2.86 -13.90
C THR SA 106 -64.61 -4.21 -13.28
N ILE SA 107 -63.95 -4.24 -12.05
CA ILE SA 107 -63.69 -5.42 -11.23
C ILE SA 107 -64.97 -6.24 -11.05
N MET SA 108 -64.87 -7.49 -11.60
CA MET SA 108 -65.93 -8.53 -11.57
C MET SA 108 -65.84 -9.29 -10.29
N ARG SA 109 -64.60 -9.82 -9.89
CA ARG SA 109 -64.41 -10.61 -8.71
C ARG SA 109 -62.88 -10.60 -8.33
N ILE SA 110 -62.51 -10.94 -7.02
CA ILE SA 110 -61.20 -11.21 -6.50
C ILE SA 110 -60.64 -12.48 -7.16
N LEU SA 111 -59.30 -12.61 -7.25
CA LEU SA 111 -58.57 -13.77 -7.56
C LEU SA 111 -57.51 -13.77 -6.47
N PRO SA 112 -57.04 -14.85 -5.96
CA PRO SA 112 -55.83 -14.84 -5.17
C PRO SA 112 -54.66 -14.59 -6.00
N ARG SA 113 -53.79 -13.68 -5.49
CA ARG SA 113 -52.58 -13.30 -6.20
C ARG SA 113 -51.63 -14.46 -6.24
N GLU SA 114 -51.16 -14.58 -7.50
CA GLU SA 114 -50.05 -15.42 -7.86
C GLU SA 114 -48.84 -14.52 -7.71
N THR SA 115 -47.68 -15.08 -7.89
CA THR SA 115 -46.37 -14.42 -7.77
C THR SA 115 -45.66 -14.81 -8.98
N ASP SA 116 -44.50 -14.20 -9.25
CA ASP SA 116 -43.62 -14.39 -10.34
C ASP SA 116 -43.08 -15.85 -10.36
N PRO SA 117 -42.99 -16.61 -11.42
CA PRO SA 117 -42.82 -18.04 -11.42
C PRO SA 117 -41.59 -18.54 -10.76
N LEU SA 118 -40.57 -17.60 -10.65
CA LEU SA 118 -39.32 -17.87 -10.02
C LEU SA 118 -39.48 -18.10 -8.59
N VAL SA 119 -40.32 -17.23 -7.94
CA VAL SA 119 -40.72 -17.27 -6.57
C VAL SA 119 -41.78 -18.38 -6.31
N TYR SA 120 -42.46 -18.85 -7.40
CA TYR SA 120 -43.30 -20.02 -7.35
C TYR SA 120 -42.48 -21.26 -7.15
N ASN SA 121 -41.29 -21.42 -7.86
CA ASN SA 121 -40.45 -22.63 -7.79
C ASN SA 121 -39.87 -22.80 -6.44
N MET SA 122 -39.60 -21.68 -5.75
CA MET SA 122 -39.10 -21.62 -4.41
C MET SA 122 -40.07 -22.18 -3.44
N THR SA 123 -41.39 -21.88 -3.53
CA THR SA 123 -42.48 -22.46 -2.72
C THR SA 123 -42.66 -23.94 -3.08
N SER SA 124 -42.65 -24.29 -4.36
CA SER SA 124 -43.03 -25.64 -4.93
C SER SA 124 -42.14 -26.74 -4.48
N PHE SA 125 -40.88 -26.56 -4.05
CA PHE SA 125 -39.97 -27.61 -3.59
C PHE SA 125 -40.55 -28.51 -2.57
N GLU SA 126 -41.43 -27.90 -1.71
CA GLU SA 126 -42.39 -28.51 -0.79
C GLU SA 126 -42.95 -29.86 -1.19
N GLN SA 127 -42.82 -30.84 -0.28
CA GLN SA 127 -43.21 -32.16 -0.49
C GLN SA 127 -44.58 -32.50 0.05
N GLY SA 128 -45.38 -31.41 0.31
CA GLY SA 128 -46.79 -31.60 0.77
C GLY SA 128 -46.93 -31.82 2.22
N GLU SA 129 -45.84 -31.72 2.90
CA GLU SA 129 -45.59 -31.91 4.30
C GLU SA 129 -45.10 -33.23 4.47
N ILE SA 130 -44.38 -33.39 5.59
CA ILE SA 130 -43.84 -34.72 5.99
C ILE SA 130 -44.47 -35.18 7.28
N THR SA 131 -43.63 -35.72 8.16
CA THR SA 131 -43.91 -36.17 9.48
C THR SA 131 -43.00 -35.52 10.48
N PHE SA 132 -43.27 -35.91 11.74
CA PHE SA 132 -42.49 -35.33 12.84
C PHE SA 132 -41.13 -35.77 12.91
N ASP SA 133 -40.87 -37.06 12.88
CA ASP SA 133 -39.53 -37.63 12.93
C ASP SA 133 -39.19 -38.14 11.54
N GLY SA 134 -38.15 -37.47 11.04
CA GLY SA 134 -37.40 -37.93 9.95
C GLY SA 134 -35.90 -37.82 10.14
N ILE SA 135 -35.45 -37.52 11.37
CA ILE SA 135 -34.06 -37.30 11.56
C ILE SA 135 -33.67 -38.25 12.72
N GLY SA 136 -32.62 -39.10 12.45
CA GLY SA 136 -32.12 -39.97 13.44
C GLY SA 136 -31.08 -39.27 14.19
N GLY SA 137 -30.96 -39.53 15.50
CA GLY SA 137 -29.94 -39.02 16.35
C GLY SA 137 -30.23 -37.56 16.62
N LEU SA 138 -29.45 -36.96 17.61
CA LEU SA 138 -29.36 -35.51 17.84
C LEU SA 138 -30.64 -35.03 18.45
N THR SA 139 -31.11 -35.78 19.47
CA THR SA 139 -32.40 -35.63 20.07
C THR SA 139 -32.50 -34.28 20.75
N GLU SA 140 -31.50 -33.80 21.58
CA GLU SA 140 -31.37 -32.47 22.28
C GLU SA 140 -31.70 -31.27 21.36
N GLN SA 141 -31.16 -31.31 20.15
CA GLN SA 141 -31.36 -30.33 19.17
C GLN SA 141 -32.76 -30.14 18.71
N ILE SA 142 -33.57 -31.24 18.65
CA ILE SA 142 -34.90 -31.29 17.99
C ILE SA 142 -35.81 -30.44 18.82
N ARG SA 143 -35.59 -30.48 20.18
CA ARG SA 143 -36.34 -29.72 21.16
C ARG SA 143 -36.17 -28.21 20.99
N GLU SA 144 -34.95 -27.79 20.61
CA GLU SA 144 -34.73 -26.35 20.58
C GLU SA 144 -35.49 -25.67 19.62
N LEU SA 145 -35.61 -26.23 18.38
CA LEU SA 145 -36.45 -25.74 17.31
C LEU SA 145 -37.85 -25.72 17.65
N ARG SA 146 -38.35 -26.80 18.26
CA ARG SA 146 -39.73 -27.00 18.57
C ARG SA 146 -40.09 -25.98 19.62
N GLU SA 147 -39.21 -25.54 20.58
CA GLU SA 147 -39.53 -24.48 21.48
C GLU SA 147 -39.79 -23.17 20.87
N VAL SA 148 -38.90 -22.68 19.93
CA VAL SA 148 -38.99 -21.35 19.36
C VAL SA 148 -40.07 -21.18 18.28
N ILE SA 149 -40.23 -22.18 17.34
CA ILE SA 149 -41.05 -22.08 16.20
C ILE SA 149 -42.38 -22.69 16.57
N GLU SA 150 -42.45 -23.98 16.91
CA GLU SA 150 -43.70 -24.73 16.99
C GLU SA 150 -44.73 -24.29 18.03
N LEU SA 151 -44.31 -23.91 19.29
CA LEU SA 151 -45.23 -23.47 20.33
C LEU SA 151 -45.93 -22.15 20.16
N PRO SA 152 -45.31 -21.02 19.77
CA PRO SA 152 -46.00 -19.75 19.71
C PRO SA 152 -46.97 -19.65 18.48
N LEU SA 153 -46.66 -20.38 17.38
CA LEU SA 153 -47.50 -20.44 16.17
C LEU SA 153 -48.77 -21.20 16.52
N LYS SA 154 -48.63 -22.36 17.25
CA LYS SA 154 -49.74 -23.21 17.64
C LYS SA 154 -50.63 -22.55 18.77
N ASN SA 155 -49.90 -21.93 19.72
CA ASN SA 155 -50.59 -21.15 20.78
C ASN SA 155 -49.80 -19.89 20.99
N PRO SA 156 -50.28 -18.69 20.63
CA PRO SA 156 -49.67 -17.43 20.97
C PRO SA 156 -49.91 -17.09 22.41
N GLU SA 157 -50.97 -17.71 22.88
CA GLU SA 157 -51.63 -17.46 24.12
C GLU SA 157 -50.75 -17.64 25.39
N ILE SA 158 -49.94 -18.69 25.40
CA ILE SA 158 -49.05 -18.93 26.52
C ILE SA 158 -47.97 -18.00 26.79
N PHE SA 159 -47.52 -17.30 25.73
CA PHE SA 159 -46.61 -16.19 25.72
C PHE SA 159 -47.33 -14.94 26.09
N GLN SA 160 -48.70 -14.78 25.80
CA GLN SA 160 -49.38 -13.64 26.30
C GLN SA 160 -49.46 -13.66 27.74
N ARG SA 161 -49.61 -14.81 28.40
CA ARG SA 161 -49.67 -15.02 29.84
C ARG SA 161 -48.31 -14.69 30.53
N VAL SA 162 -47.18 -15.14 29.95
CA VAL SA 162 -45.80 -14.95 30.41
C VAL SA 162 -45.45 -13.46 30.25
N GLY SA 163 -46.17 -12.70 29.29
CA GLY SA 163 -46.03 -11.26 29.18
C GLY SA 163 -44.88 -10.90 28.29
N ILE SA 164 -44.14 -11.88 27.72
CA ILE SA 164 -43.03 -11.55 26.83
C ILE SA 164 -43.59 -11.59 25.43
N LYS SA 165 -42.73 -11.29 24.40
CA LYS SA 165 -42.95 -11.42 22.96
C LYS SA 165 -42.49 -12.76 22.52
N PRO SA 166 -42.91 -13.40 21.44
CA PRO SA 166 -42.48 -14.68 21.05
C PRO SA 166 -41.07 -14.71 20.56
N PRO SA 167 -40.34 -15.89 20.76
CA PRO SA 167 -38.95 -15.95 20.31
C PRO SA 167 -39.09 -16.33 18.88
N LYS SA 168 -38.28 -15.73 18.00
CA LYS SA 168 -38.29 -15.97 16.61
C LYS SA 168 -36.82 -16.07 16.21
N GLY SA 169 -36.38 -16.93 15.26
CA GLY SA 169 -35.15 -16.86 14.69
C GLY SA 169 -34.25 -17.87 15.20
N VAL SA 170 -33.65 -18.73 14.33
CA VAL SA 170 -32.82 -19.89 14.72
C VAL SA 170 -31.75 -19.88 13.70
N LEU SA 171 -30.50 -20.12 14.07
CA LEU SA 171 -29.41 -20.28 13.13
C LEU SA 171 -28.97 -21.64 13.35
N LEU SA 172 -28.99 -22.39 12.23
CA LEU SA 172 -28.71 -23.76 12.18
C LEU SA 172 -27.51 -23.81 11.37
N TYR SA 173 -26.47 -24.49 11.88
CA TYR SA 173 -25.18 -24.57 11.16
C TYR SA 173 -24.46 -25.79 11.54
N GLY SA 174 -23.68 -26.28 10.60
CA GLY SA 174 -23.07 -27.64 10.74
C GLY SA 174 -22.54 -28.09 9.42
N PRO SA 175 -22.13 -29.39 9.24
CA PRO SA 175 -21.47 -29.75 8.05
C PRO SA 175 -22.54 -30.26 7.04
N PRO SA 176 -22.53 -30.09 5.69
CA PRO SA 176 -23.33 -30.83 4.76
C PRO SA 176 -23.61 -32.31 5.02
N GLY SA 177 -24.84 -32.76 4.91
CA GLY SA 177 -25.24 -34.16 5.11
C GLY SA 177 -25.40 -34.35 6.64
N THR SA 178 -25.61 -33.22 7.43
CA THR SA 178 -25.79 -33.30 8.85
C THR SA 178 -27.28 -33.29 9.22
N GLY SA 179 -28.15 -33.10 8.15
CA GLY SA 179 -29.61 -33.15 8.26
C GLY SA 179 -30.26 -31.93 8.60
N LYS SA 180 -29.69 -30.75 8.12
CA LYS SA 180 -30.23 -29.45 8.49
C LYS SA 180 -31.50 -29.21 7.73
N THR SA 181 -31.65 -29.65 6.54
CA THR SA 181 -32.90 -29.56 5.77
C THR SA 181 -34.01 -30.39 6.46
N LEU SA 182 -33.57 -31.63 6.92
CA LEU SA 182 -34.43 -32.60 7.60
C LEU SA 182 -35.16 -32.12 8.79
N LEU SA 183 -34.43 -31.28 9.56
CA LEU SA 183 -34.68 -30.89 10.91
C LEU SA 183 -35.50 -29.63 10.81
N ALA SA 184 -35.16 -28.78 9.87
CA ALA SA 184 -35.94 -27.54 9.58
C ALA SA 184 -37.29 -27.88 9.06
N LYS SA 185 -37.40 -28.89 8.10
CA LYS SA 185 -38.55 -29.38 7.40
C LYS SA 185 -39.53 -30.01 8.33
N ALA SA 186 -38.98 -30.83 9.26
CA ALA SA 186 -39.63 -31.64 10.30
C ALA SA 186 -40.50 -30.84 11.21
N VAL SA 187 -39.98 -29.71 11.80
CA VAL SA 187 -40.74 -28.84 12.69
C VAL SA 187 -41.99 -28.22 12.12
N ALA SA 188 -41.86 -27.74 10.90
CA ALA SA 188 -42.92 -27.10 10.14
C ALA SA 188 -43.98 -28.05 9.74
N ALA SA 189 -43.56 -29.24 9.37
CA ALA SA 189 -44.45 -30.27 8.84
C ALA SA 189 -45.43 -30.73 9.82
N THR SA 190 -45.08 -30.63 11.16
CA THR SA 190 -45.96 -30.97 12.28
C THR SA 190 -47.15 -30.03 12.35
N ILE SA 191 -46.81 -28.70 12.22
CA ILE SA 191 -47.81 -27.66 12.33
C ILE SA 191 -48.71 -27.78 11.10
N GLY SA 192 -48.11 -28.17 9.95
CA GLY SA 192 -48.78 -28.20 8.70
C GLY SA 192 -48.45 -27.04 7.90
N ALA SA 193 -47.52 -26.24 8.43
CA ALA SA 193 -47.02 -25.00 7.93
C ALA SA 193 -46.41 -25.13 6.49
N ASN SA 194 -46.55 -24.14 5.58
CA ASN SA 194 -46.11 -24.17 4.24
C ASN SA 194 -44.58 -24.11 4.25
N PHE SA 195 -43.85 -24.60 3.19
CA PHE SA 195 -42.40 -24.68 3.17
C PHE SA 195 -41.82 -23.91 2.00
N ILE SA 196 -40.87 -23.00 2.24
CA ILE SA 196 -40.24 -22.27 1.18
C ILE SA 196 -38.74 -22.44 1.28
N PHE SA 197 -38.08 -23.07 0.25
CA PHE SA 197 -36.69 -23.37 0.23
C PHE SA 197 -36.11 -22.52 -0.88
N SER SA 198 -35.36 -21.47 -0.49
CA SER SA 198 -34.83 -20.51 -1.40
C SER SA 198 -33.37 -20.53 -1.21
N PRO SA 199 -32.59 -20.95 -2.20
CA PRO SA 199 -31.10 -20.80 -2.20
C PRO SA 199 -30.85 -19.26 -2.30
N ALA SA 200 -29.73 -18.77 -1.70
CA ALA SA 200 -29.47 -17.37 -1.65
C ALA SA 200 -28.41 -16.99 -2.71
N SER SA 201 -28.03 -18.02 -3.54
CA SER SA 201 -27.13 -17.93 -4.69
C SER SA 201 -27.80 -18.17 -6.01
N GLY SA 202 -29.13 -18.49 -5.93
CA GLY SA 202 -30.00 -18.53 -7.04
C GLY SA 202 -30.77 -17.32 -7.32
N ILE SA 203 -30.51 -16.27 -6.49
CA ILE SA 203 -31.09 -14.99 -6.63
C ILE SA 203 -30.03 -14.05 -6.96
N VAL SA 204 -28.70 -14.43 -6.78
CA VAL SA 204 -27.58 -13.58 -7.22
C VAL SA 204 -27.31 -13.92 -8.70
N ASP SA 205 -27.67 -12.89 -9.57
CA ASP SA 205 -27.37 -12.81 -11.02
C ASP SA 205 -26.41 -11.61 -11.23
N LYS SA 206 -25.95 -11.37 -12.46
CA LYS SA 206 -25.25 -10.15 -12.79
C LYS SA 206 -26.10 -8.96 -12.79
N TYR SA 207 -27.42 -9.15 -13.17
CA TYR SA 207 -28.57 -8.22 -13.01
C TYR SA 207 -28.60 -7.76 -11.52
N ILE SA 208 -28.28 -6.42 -11.28
CA ILE SA 208 -28.08 -5.89 -9.98
C ILE SA 208 -29.47 -5.74 -9.40
N GLY SA 209 -29.71 -5.98 -8.11
CA GLY SA 209 -31.07 -5.80 -7.57
C GLY SA 209 -31.97 -6.95 -7.88
N GLU SA 210 -31.43 -7.98 -8.51
CA GLU SA 210 -32.13 -9.21 -8.78
C GLU SA 210 -32.45 -9.94 -7.46
N SER SA 211 -31.56 -9.97 -6.48
CA SER SA 211 -31.76 -10.55 -5.13
C SER SA 211 -32.78 -9.77 -4.35
N ALA SA 212 -32.68 -8.44 -4.42
CA ALA SA 212 -33.62 -7.65 -3.68
C ALA SA 212 -35.01 -7.89 -4.03
N ARG SA 213 -35.23 -8.06 -5.39
CA ARG SA 213 -36.60 -8.14 -5.89
C ARG SA 213 -37.21 -9.52 -5.44
N ILE SA 214 -36.43 -10.56 -5.58
CA ILE SA 214 -36.89 -11.92 -5.30
C ILE SA 214 -37.29 -12.14 -3.82
N ILE SA 215 -36.55 -11.54 -2.78
CA ILE SA 215 -36.84 -11.69 -1.36
C ILE SA 215 -38.09 -10.91 -1.02
N ARG SA 216 -38.39 -9.79 -1.74
CA ARG SA 216 -39.51 -8.94 -1.59
C ARG SA 216 -40.83 -9.55 -1.82
N GLU SA 217 -40.94 -10.33 -2.88
CA GLU SA 217 -42.12 -11.09 -3.23
C GLU SA 217 -42.24 -12.28 -2.40
N MET SA 218 -41.11 -12.90 -2.08
CA MET SA 218 -41.04 -14.16 -1.33
C MET SA 218 -41.69 -14.06 0.03
N PHE SA 219 -41.42 -12.93 0.70
CA PHE SA 219 -41.93 -12.76 2.07
C PHE SA 219 -43.43 -12.44 1.95
N ALA SA 220 -43.83 -11.59 0.99
CA ALA SA 220 -45.19 -11.21 0.83
C ALA SA 220 -46.11 -12.31 0.51
N TYR SA 221 -45.69 -13.30 -0.33
CA TYR SA 221 -46.41 -14.61 -0.53
C TYR SA 221 -46.56 -15.43 0.72
N ALA SA 222 -45.52 -15.42 1.59
CA ALA SA 222 -45.51 -16.22 2.79
C ALA SA 222 -46.59 -15.75 3.77
N LYS SA 223 -46.94 -14.47 3.67
CA LYS SA 223 -47.94 -13.90 4.59
C LYS SA 223 -49.33 -14.53 4.43
N GLU SA 224 -49.72 -14.76 3.21
CA GLU SA 224 -50.87 -15.56 2.81
C GLU SA 224 -50.77 -17.03 3.19
N HIS SA 225 -49.53 -17.60 3.14
CA HIS SA 225 -49.37 -19.02 3.37
C HIS SA 225 -49.01 -19.37 4.77
N GLU SA 226 -49.41 -18.44 5.69
CA GLU SA 226 -49.27 -18.58 7.12
C GLU SA 226 -50.03 -19.73 7.65
N PRO SA 227 -49.55 -20.44 8.64
CA PRO SA 227 -48.29 -20.30 9.30
C PRO SA 227 -47.26 -20.76 8.31
N CYS SA 228 -46.06 -20.27 8.30
CA CYS SA 228 -45.09 -20.62 7.30
C CYS SA 228 -43.78 -20.33 7.95
N ILE SA 229 -42.78 -21.14 7.53
CA ILE SA 229 -41.42 -20.90 7.89
C ILE SA 229 -40.72 -20.89 6.55
N ILE SA 230 -39.99 -19.80 6.37
CA ILE SA 230 -39.12 -19.65 5.24
C ILE SA 230 -37.83 -20.21 5.65
N PHE SA 231 -37.23 -21.10 4.80
CA PHE SA 231 -35.99 -21.70 4.99
C PHE SA 231 -35.07 -21.01 4.00
N MET SA 232 -34.18 -20.16 4.53
CA MET SA 232 -33.12 -19.50 3.94
C MET SA 232 -31.94 -20.50 3.97
N ASP SA 233 -31.71 -21.17 2.86
CA ASP SA 233 -30.72 -22.20 2.69
C ASP SA 233 -29.52 -21.51 2.21
N GLU SA 234 -28.39 -21.60 2.94
CA GLU SA 234 -27.17 -20.83 2.71
C GLU SA 234 -27.37 -19.29 2.92
N VAL SA 235 -26.64 -18.76 3.87
CA VAL SA 235 -26.58 -17.35 4.17
C VAL SA 235 -25.08 -17.10 4.19
N ASP SA 236 -24.29 -18.03 3.60
CA ASP SA 236 -22.88 -18.09 3.48
C ASP SA 236 -22.56 -17.76 2.07
N ALA SA 237 -23.61 -17.59 1.16
CA ALA SA 237 -23.52 -17.12 -0.24
C ALA SA 237 -23.92 -15.72 -0.29
N ILE SA 238 -24.29 -15.16 0.86
CA ILE SA 238 -24.55 -13.75 1.03
C ILE SA 238 -23.93 -13.44 2.33
N GLY SA 239 -23.00 -14.25 2.84
CA GLY SA 239 -22.36 -14.02 4.15
C GLY SA 239 -21.32 -13.01 4.03
N GLY SA 240 -21.04 -12.40 5.24
CA GLY SA 240 -20.09 -11.40 5.47
C GLY SA 240 -20.62 -9.99 5.28
N ARG SA 241 -19.90 -9.04 5.92
CA ARG SA 241 -20.08 -7.61 5.89
C ARG SA 241 -18.67 -7.09 5.91
N ARG SA 242 -18.42 -6.13 4.95
CA ARG SA 242 -17.20 -5.35 4.62
C ARG SA 242 -17.70 -4.94 3.28
N PHE SA 243 -17.07 -5.34 2.15
CA PHE SA 243 -17.58 -5.06 0.79
C PHE SA 243 -17.99 -3.59 0.51
N SER SA 244 -18.98 -3.33 -0.39
CA SER SA 244 -19.47 -2.01 -0.80
C SER SA 244 -18.44 -1.27 -1.60
N GLU SA 245 -17.74 -2.07 -2.43
CA GLU SA 245 -16.58 -1.69 -3.16
C GLU SA 245 -16.33 -2.76 -4.13
N GLY SA 246 -15.30 -2.54 -5.01
CA GLY SA 246 -14.90 -3.44 -6.12
C GLY SA 246 -16.06 -3.85 -7.05
N THR SA 247 -16.00 -5.08 -7.50
CA THR SA 247 -17.00 -5.74 -8.42
C THR SA 247 -18.41 -5.70 -7.92
N SER SA 248 -19.40 -5.69 -8.87
CA SER SA 248 -20.86 -5.47 -8.53
C SER SA 248 -21.55 -6.62 -7.79
N ALA SA 249 -20.91 -7.81 -7.77
CA ALA SA 249 -21.38 -8.93 -7.05
C ALA SA 249 -21.14 -8.75 -5.56
N ASP SA 250 -20.15 -7.88 -5.24
CA ASP SA 250 -19.70 -7.78 -3.85
C ASP SA 250 -20.73 -6.92 -3.25
N ARG SA 251 -21.21 -5.96 -4.01
CA ARG SA 251 -22.15 -4.97 -3.57
C ARG SA 251 -23.52 -5.49 -3.59
N GLU SA 252 -23.82 -6.57 -4.41
CA GLU SA 252 -25.09 -7.27 -4.43
C GLU SA 252 -25.44 -7.89 -3.10
N ILE SA 253 -24.35 -8.37 -2.36
CA ILE SA 253 -24.48 -8.92 -0.99
C ILE SA 253 -25.10 -7.90 -0.05
N GLN SA 254 -24.59 -6.63 0.02
CA GLN SA 254 -25.14 -5.70 0.92
C GLN SA 254 -26.54 -5.35 0.76
N ARG SA 255 -26.97 -5.24 -0.44
CA ARG SA 255 -28.35 -4.97 -0.78
C ARG SA 255 -29.38 -5.98 -0.22
N THR SA 256 -29.04 -7.29 -0.39
CA THR SA 256 -29.83 -8.40 0.07
C THR SA 256 -29.94 -8.37 1.51
N LEU SA 257 -28.82 -8.08 2.19
CA LEU SA 257 -28.68 -8.06 3.64
C LEU SA 257 -29.54 -6.95 4.23
N MET SA 258 -29.33 -5.62 3.75
CA MET SA 258 -29.88 -4.45 4.31
C MET SA 258 -31.37 -4.45 4.27
N GLU SA 259 -32.03 -4.91 3.19
CA GLU SA 259 -33.47 -4.98 3.16
C GLU SA 259 -33.95 -6.09 4.05
N LEU SA 260 -33.19 -7.21 4.19
CA LEU SA 260 -33.67 -8.23 5.12
C LEU SA 260 -33.75 -7.81 6.55
N LEU SA 261 -32.93 -6.92 7.03
CA LEU SA 261 -32.77 -6.57 8.45
C LEU SA 261 -34.06 -6.11 8.96
N THR SA 262 -34.79 -5.27 8.19
CA THR SA 262 -36.11 -4.73 8.52
C THR SA 262 -37.18 -5.72 8.43
N GLN SA 263 -37.01 -6.69 7.55
CA GLN SA 263 -37.95 -7.71 7.23
C GLN SA 263 -38.02 -8.76 8.36
N MET SA 264 -36.92 -9.06 9.07
CA MET SA 264 -36.88 -9.84 10.28
C MET SA 264 -37.62 -9.12 11.35
N ASP SA 265 -37.51 -7.78 11.37
CA ASP SA 265 -37.33 -7.02 12.59
C ASP SA 265 -38.74 -6.72 13.01
N GLY SA 266 -39.73 -6.61 12.03
CA GLY SA 266 -41.12 -6.47 12.30
C GLY SA 266 -41.72 -5.13 12.12
N PHE SA 267 -42.03 -4.73 10.88
CA PHE SA 267 -41.90 -3.35 10.48
C PHE SA 267 -42.91 -2.95 9.38
N ASP SA 268 -43.55 -3.84 8.45
CA ASP SA 268 -43.09 -5.04 7.84
C ASP SA 268 -43.89 -6.25 8.30
N ASN SA 269 -43.51 -6.94 9.41
CA ASN SA 269 -44.32 -7.64 10.40
C ASN SA 269 -44.53 -9.05 9.99
N LEU SA 270 -43.78 -9.95 10.69
CA LEU SA 270 -43.80 -11.34 10.72
C LEU SA 270 -44.88 -11.67 11.67
N GLY SA 271 -46.03 -12.20 11.15
CA GLY SA 271 -47.22 -12.49 11.98
C GLY SA 271 -47.01 -13.85 12.62
N GLN SA 272 -47.52 -14.85 11.97
CA GLN SA 272 -47.28 -16.25 12.20
C GLN SA 272 -46.34 -16.81 11.16
N THR SA 273 -45.49 -15.93 10.71
CA THR SA 273 -44.34 -16.26 9.91
C THR SA 273 -43.23 -16.24 10.88
N LYS SA 274 -42.38 -17.27 10.72
CA LYS SA 274 -41.17 -17.35 11.46
C LYS SA 274 -40.12 -17.58 10.45
N ILE SA 275 -38.83 -17.27 10.74
CA ILE SA 275 -37.73 -17.49 9.87
C ILE SA 275 -36.81 -18.50 10.56
N ILE SA 276 -36.37 -19.53 9.81
CA ILE SA 276 -35.32 -20.45 10.19
C ILE SA 276 -34.25 -20.28 9.14
N MET SA 277 -33.09 -20.01 9.68
CA MET SA 277 -31.88 -19.69 8.86
C MET SA 277 -31.05 -20.89 8.97
N ALA SA 278 -30.47 -21.47 7.87
CA ALA SA 278 -29.54 -22.52 7.66
C ALA SA 278 -28.37 -22.04 6.94
N THR SA 279 -27.17 -22.57 7.31
CA THR SA 279 -25.94 -22.05 6.76
C THR SA 279 -24.82 -23.04 6.99
N ASN SA 280 -23.73 -23.05 6.16
CA ASN SA 280 -22.59 -23.86 6.32
C ASN SA 280 -21.57 -23.10 7.14
N ARG SA 281 -21.58 -21.74 6.93
CA ARG SA 281 -20.56 -20.90 7.50
C ARG SA 281 -21.26 -19.86 8.34
N PRO SA 282 -21.03 -19.92 9.70
CA PRO SA 282 -21.53 -18.82 10.58
C PRO SA 282 -20.28 -17.95 10.77
N ASP SA 283 -19.08 -18.37 10.29
CA ASP SA 283 -17.80 -17.73 10.42
C ASP SA 283 -17.71 -16.51 9.48
N THR SA 284 -18.39 -16.63 8.30
CA THR SA 284 -18.61 -15.60 7.41
C THR SA 284 -20.13 -15.47 7.41
N LEU SA 285 -20.62 -14.47 8.16
CA LEU SA 285 -21.95 -14.14 8.29
C LEU SA 285 -21.90 -12.68 8.53
N ASP SA 286 -23.02 -11.91 8.24
CA ASP SA 286 -23.17 -10.49 8.58
C ASP SA 286 -23.43 -10.33 10.10
N PRO SA 287 -22.77 -9.36 10.82
CA PRO SA 287 -23.06 -9.02 12.21
C PRO SA 287 -24.40 -8.53 12.46
N ALA SA 288 -25.01 -7.86 11.45
CA ALA SA 288 -26.32 -7.26 11.55
C ALA SA 288 -27.41 -8.31 11.63
N LEU SA 289 -27.19 -9.43 10.86
CA LEU SA 289 -28.06 -10.60 10.65
C LEU SA 289 -27.69 -11.75 11.61
N LEU SA 290 -26.58 -11.50 12.42
CA LEU SA 290 -26.05 -12.43 13.40
C LEU SA 290 -25.53 -11.58 14.48
N ARG SA 291 -26.50 -10.90 15.14
CA ARG SA 291 -26.32 -10.85 16.61
C ARG SA 291 -27.51 -11.53 17.23
N PRO SA 292 -27.70 -11.76 18.55
CA PRO SA 292 -29.04 -11.68 19.23
C PRO SA 292 -30.13 -10.83 18.76
N GLY SA 293 -31.43 -11.27 18.94
CA GLY SA 293 -32.63 -10.49 18.68
C GLY SA 293 -32.93 -10.43 17.22
N ARG SA 294 -32.12 -11.20 16.43
CA ARG SA 294 -32.53 -11.66 15.16
C ARG SA 294 -33.19 -13.03 15.22
N LEU SA 295 -33.39 -13.62 16.48
CA LEU SA 295 -32.65 -14.87 16.85
C LEU SA 295 -32.92 -15.07 18.33
N ASP SA 296 -32.98 -16.35 18.74
CA ASP SA 296 -33.22 -16.78 20.12
C ASP SA 296 -32.34 -17.90 20.50
N ARG SA 297 -32.03 -18.87 19.65
CA ARG SA 297 -31.11 -20.03 19.91
C ARG SA 297 -30.18 -20.17 18.71
N LYS SA 298 -28.86 -20.28 19.00
CA LYS SA 298 -27.78 -20.67 18.07
C LYS SA 298 -27.62 -22.16 18.27
N VAL SA 299 -28.04 -22.94 17.22
CA VAL SA 299 -27.90 -24.32 17.29
C VAL SA 299 -26.74 -24.76 16.44
N GLU SA 300 -25.74 -25.30 17.16
CA GLU SA 300 -24.52 -25.91 16.62
C GLU SA 300 -24.99 -27.37 16.65
N ILE SA 301 -24.82 -27.92 15.45
CA ILE SA 301 -25.21 -29.33 15.16
C ILE SA 301 -23.91 -29.95 14.80
N PRO SA 302 -23.37 -30.91 15.50
CA PRO SA 302 -22.03 -31.35 15.18
C PRO SA 302 -22.23 -32.47 14.16
N LEU SA 303 -21.17 -33.31 13.89
CA LEU SA 303 -21.26 -34.64 13.36
C LEU SA 303 -22.17 -35.48 14.18
N PRO SA 304 -23.03 -36.35 13.58
CA PRO SA 304 -23.93 -37.29 14.28
C PRO SA 304 -23.25 -38.05 15.41
N ASN SA 305 -23.99 -38.20 16.55
CA ASN SA 305 -23.43 -38.55 17.82
C ASN SA 305 -22.89 -40.01 17.80
N GLU SA 306 -22.15 -40.47 18.88
CA GLU SA 306 -21.68 -41.81 18.97
C GLU SA 306 -22.84 -42.75 19.09
N ALA SA 307 -23.93 -42.40 19.68
CA ALA SA 307 -25.12 -43.20 19.75
C ALA SA 307 -26.35 -42.58 18.99
N GLY SA 308 -26.08 -41.43 18.33
CA GLY SA 308 -26.95 -40.76 17.40
C GLY SA 308 -26.95 -41.41 16.08
N ARG SA 309 -25.75 -41.95 15.61
CA ARG SA 309 -25.55 -42.72 14.37
C ARG SA 309 -26.23 -44.03 14.48
N LEU SA 310 -26.22 -44.55 15.67
CA LEU SA 310 -26.94 -45.76 15.96
C LEU SA 310 -28.38 -45.68 15.71
N GLU SA 311 -29.01 -44.52 16.00
CA GLU SA 311 -30.39 -44.27 15.69
C GLU SA 311 -30.68 -44.10 14.25
N ILE SA 312 -29.73 -43.44 13.42
CA ILE SA 312 -29.79 -43.30 12.00
C ILE SA 312 -29.75 -44.69 11.33
N PHE SA 313 -28.90 -45.71 11.81
CA PHE SA 313 -28.82 -47.07 11.39
C PHE SA 313 -30.14 -47.70 11.63
N LYS SA 314 -30.83 -47.41 12.76
CA LYS SA 314 -32.16 -47.98 13.03
C LYS SA 314 -33.19 -47.58 12.05
N ILE SA 315 -33.20 -46.33 11.56
CA ILE SA 315 -34.20 -45.84 10.67
C ILE SA 315 -34.10 -46.52 9.31
N HIS SA 316 -32.85 -46.61 8.75
CA HIS SA 316 -32.42 -47.10 7.44
C HIS SA 316 -32.51 -48.59 7.33
N THR SA 317 -32.12 -49.36 8.39
CA THR SA 317 -32.12 -50.80 8.44
C THR SA 317 -33.57 -51.37 8.63
N ALA SA 318 -34.47 -50.48 9.02
CA ALA SA 318 -35.88 -50.78 9.07
C ALA SA 318 -36.49 -50.99 7.70
N LYS SA 319 -36.13 -50.15 6.76
CA LYS SA 319 -36.69 -50.11 5.38
C LYS SA 319 -36.50 -51.43 4.66
N VAL SA 320 -35.37 -52.14 4.83
CA VAL SA 320 -34.88 -53.19 4.00
C VAL SA 320 -35.49 -54.50 4.53
N LYS SA 321 -35.34 -55.61 3.77
CA LYS SA 321 -35.77 -56.91 4.15
C LYS SA 321 -34.48 -57.44 4.58
N LYS SA 322 -34.49 -58.16 5.79
CA LYS SA 322 -33.23 -58.66 6.40
C LYS SA 322 -33.64 -59.77 7.22
N THR SA 323 -32.66 -60.56 7.67
CA THR SA 323 -32.81 -61.72 8.52
C THR SA 323 -32.77 -61.30 9.95
N GLY SA 324 -32.45 -60.02 10.23
CA GLY SA 324 -32.26 -59.56 11.59
C GLY SA 324 -30.80 -59.58 11.85
N GLU SA 325 -30.34 -58.37 12.23
CA GLU SA 325 -28.93 -58.07 12.28
C GLU SA 325 -28.73 -57.37 13.57
N PHE SA 326 -27.55 -57.69 14.22
CA PHE SA 326 -27.23 -57.26 15.58
C PHE SA 326 -25.83 -56.91 15.68
N ASP SA 327 -25.24 -56.52 14.53
CA ASP SA 327 -23.88 -56.24 14.40
C ASP SA 327 -23.61 -54.82 14.19
N PHE SA 328 -24.55 -53.96 14.51
CA PHE SA 328 -24.35 -52.53 14.36
C PHE SA 328 -23.48 -51.84 15.29
N GLU SA 329 -23.29 -52.53 16.39
CA GLU SA 329 -22.39 -52.22 17.49
C GLU SA 329 -20.92 -51.99 17.00
N ALA SA 330 -20.45 -52.96 16.15
CA ALA SA 330 -19.14 -52.88 15.58
C ALA SA 330 -19.20 -51.91 14.47
N ALA SA 331 -20.26 -51.79 13.68
CA ALA SA 331 -20.49 -51.01 12.49
C ALA SA 331 -20.39 -49.55 12.63
N VAL SA 332 -20.97 -49.05 13.78
CA VAL SA 332 -21.04 -47.68 14.12
C VAL SA 332 -19.66 -47.19 14.54
N LYS SA 333 -18.87 -48.16 15.10
CA LYS SA 333 -17.54 -47.84 15.50
C LYS SA 333 -16.62 -47.62 14.25
N MET SA 334 -16.82 -48.46 13.20
CA MET SA 334 -16.22 -48.34 11.89
C MET SA 334 -16.60 -47.07 11.22
N SER SA 335 -17.83 -46.62 11.45
CA SER SA 335 -18.53 -45.44 10.87
C SER SA 335 -18.34 -44.19 11.66
N ASP SA 336 -17.08 -43.90 12.21
CA ASP SA 336 -16.72 -42.68 12.86
C ASP SA 336 -16.44 -41.55 11.88
N GLY SA 337 -16.99 -40.36 12.17
CA GLY SA 337 -16.75 -39.10 11.46
C GLY SA 337 -17.68 -38.94 10.25
N PHE SA 338 -18.58 -39.94 10.06
CA PHE SA 338 -19.51 -40.05 9.01
C PHE SA 338 -20.65 -39.07 9.27
N ASN SA 339 -21.37 -38.73 8.19
CA ASN SA 339 -22.54 -37.85 8.16
C ASN SA 339 -23.69 -38.77 7.90
N GLY SA 340 -25.00 -38.37 8.04
CA GLY SA 340 -26.18 -39.22 7.81
C GLY SA 340 -26.28 -39.54 6.35
N ALA SA 341 -25.63 -38.76 5.45
CA ALA SA 341 -25.62 -38.98 3.99
C ALA SA 341 -24.81 -40.18 3.73
N ASP SA 342 -23.69 -40.37 4.47
CA ASP SA 342 -22.82 -41.55 4.23
C ASP SA 342 -23.37 -42.85 4.84
N ILE SA 343 -24.19 -42.73 5.94
CA ILE SA 343 -24.92 -43.79 6.52
C ILE SA 343 -26.08 -44.25 5.70
N ARG SA 344 -26.60 -43.30 4.95
CA ARG SA 344 -27.66 -43.57 3.99
C ARG SA 344 -27.17 -44.47 2.84
N ASN SA 345 -26.01 -44.09 2.35
CA ASN SA 345 -25.33 -44.76 1.36
C ASN SA 345 -24.92 -46.16 1.72
N CYS SA 346 -24.53 -46.36 3.01
CA CYS SA 346 -24.17 -47.62 3.52
C CYS SA 346 -25.28 -48.67 3.51
N ALA SA 347 -26.56 -48.29 3.82
CA ALA SA 347 -27.71 -49.16 3.68
C ALA SA 347 -27.89 -49.57 2.28
N THR SA 348 -27.86 -48.68 1.30
CA THR SA 348 -28.12 -48.85 -0.13
C THR SA 348 -27.10 -49.72 -0.71
N GLU SA 349 -25.81 -49.59 -0.19
CA GLU SA 349 -24.67 -50.38 -0.69
C GLU SA 349 -24.73 -51.76 -0.20
N ALA SA 350 -25.10 -51.97 1.07
CA ALA SA 350 -25.18 -53.18 1.80
C ALA SA 350 -26.18 -54.03 1.15
N GLY SA 351 -27.28 -53.45 0.68
CA GLY SA 351 -28.39 -54.06 -0.13
C GLY SA 351 -28.02 -54.33 -1.62
N PHE SA 352 -27.13 -53.52 -2.21
CA PHE SA 352 -26.62 -53.83 -3.57
C PHE SA 352 -25.84 -55.11 -3.58
N PHE SA 353 -25.00 -55.40 -2.52
CA PHE SA 353 -24.27 -56.59 -2.38
C PHE SA 353 -25.23 -57.71 -2.19
N ALA SA 354 -26.33 -57.58 -1.52
CA ALA SA 354 -27.26 -58.70 -1.36
C ALA SA 354 -27.87 -59.14 -2.66
N ILE SA 355 -28.10 -58.15 -3.58
CA ILE SA 355 -28.77 -58.28 -4.84
C ILE SA 355 -27.72 -58.82 -5.84
N ARG SA 356 -26.43 -58.45 -5.76
CA ARG SA 356 -25.34 -59.08 -6.51
C ARG SA 356 -25.19 -60.57 -6.11
N ASP SA 357 -25.32 -60.92 -4.78
CA ASP SA 357 -25.17 -62.31 -4.34
C ASP SA 357 -26.41 -63.12 -4.58
N ASP SA 358 -27.50 -62.51 -4.97
CA ASP SA 358 -28.83 -63.15 -5.30
C ASP SA 358 -29.44 -63.61 -3.99
N ARG SA 359 -29.72 -62.66 -3.06
CA ARG SA 359 -30.54 -62.82 -1.86
C ARG SA 359 -31.20 -61.52 -1.71
N ASP SA 360 -32.32 -61.53 -1.11
CA ASP SA 360 -33.18 -60.41 -0.99
C ASP SA 360 -33.08 -59.96 0.42
N HIS SA 361 -31.98 -60.33 1.15
CA HIS SA 361 -31.89 -60.13 2.58
C HIS SA 361 -30.52 -59.63 2.91
N ILE SA 362 -30.56 -58.63 3.77
CA ILE SA 362 -29.41 -57.96 4.26
C ILE SA 362 -28.92 -58.78 5.44
N ASN SA 363 -27.68 -59.27 5.29
CA ASN SA 363 -27.14 -60.09 6.34
C ASN SA 363 -26.01 -59.28 6.95
N PRO SA 364 -25.53 -59.73 8.15
CA PRO SA 364 -24.44 -59.07 8.78
C PRO SA 364 -23.17 -59.00 8.01
N ASP SA 365 -22.86 -59.92 7.06
CA ASP SA 365 -21.64 -59.96 6.31
C ASP SA 365 -21.50 -58.74 5.41
N ASP SA 366 -22.63 -58.31 4.76
CA ASP SA 366 -22.68 -57.25 3.78
C ASP SA 366 -22.66 -55.82 4.39
N LEU SA 367 -23.20 -55.62 5.66
CA LEU SA 367 -23.17 -54.36 6.39
C LEU SA 367 -21.76 -54.02 6.69
N MET SA 368 -20.95 -55.04 6.99
CA MET SA 368 -19.59 -54.80 7.33
C MET SA 368 -18.78 -54.21 6.11
N LYS SA 369 -19.08 -54.78 4.91
CA LYS SA 369 -18.46 -54.34 3.66
C LYS SA 369 -18.77 -52.89 3.35
N ALA SA 370 -20.01 -52.46 3.59
CA ALA SA 370 -20.50 -51.16 3.21
C ALA SA 370 -19.77 -50.03 3.90
N VAL SA 371 -19.56 -50.24 5.25
CA VAL SA 371 -18.96 -49.28 6.14
C VAL SA 371 -17.51 -49.12 5.91
N ARG SA 372 -16.76 -50.22 5.50
CA ARG SA 372 -15.32 -50.11 5.15
C ARG SA 372 -15.04 -49.43 3.92
N LYS SA 373 -15.82 -49.83 2.87
CA LYS SA 373 -15.67 -49.31 1.56
C LYS SA 373 -16.13 -47.81 1.59
N VAL SA 374 -17.20 -47.37 2.24
CA VAL SA 374 -17.66 -45.98 2.24
C VAL SA 374 -16.59 -45.10 2.92
N ALA SA 375 -16.05 -45.59 4.05
CA ALA SA 375 -15.03 -44.87 4.82
C ALA SA 375 -13.81 -44.48 3.98
N GLU SA 376 -13.41 -45.39 3.05
CA GLU SA 376 -12.30 -45.24 2.12
C GLU SA 376 -12.57 -44.15 1.14
N VAL SA 377 -13.78 -44.24 0.51
CA VAL SA 377 -14.07 -43.49 -0.68
C VAL SA 377 -14.53 -42.13 -0.24
N LYS SA 378 -14.95 -41.98 1.01
CA LYS SA 378 -15.30 -40.72 1.68
C LYS SA 378 -14.09 -39.84 1.90
N LYS SA 379 -12.99 -40.40 2.39
CA LYS SA 379 -11.75 -39.62 2.65
C LYS SA 379 -10.93 -39.49 1.40
N LEU SA 380 -11.10 -40.38 0.38
CA LEU SA 380 -10.37 -40.21 -0.87
C LEU SA 380 -10.89 -39.02 -1.57
N GLU SA 381 -12.22 -38.70 -1.66
CA GLU SA 381 -12.66 -37.66 -2.56
C GLU SA 381 -12.95 -36.50 -1.69
N GLY SA 382 -12.73 -36.67 -0.39
CA GLY SA 382 -12.86 -35.57 0.55
C GLY SA 382 -11.50 -34.94 0.85
N THR SA 383 -11.42 -33.88 1.68
CA THR SA 383 -10.19 -33.28 2.17
C THR SA 383 -10.35 -33.27 3.68
N ILE SA 384 -11.50 -33.81 4.20
CA ILE SA 384 -11.85 -33.79 5.63
C ILE SA 384 -11.99 -32.31 6.10
N GLU SA 385 -12.86 -31.56 5.46
CA GLU SA 385 -13.08 -30.09 5.60
C GLU SA 385 -13.40 -29.65 7.07
N TYR SA 386 -12.88 -28.46 7.44
CA TYR SA 386 -12.92 -28.03 8.80
C TYR SA 386 -13.70 -26.79 8.69
N GLN SA 387 -14.80 -26.89 9.45
CA GLN SA 387 -15.71 -25.87 9.71
C GLN SA 387 -16.39 -26.07 11.05
N LYS SA 388 -16.92 -24.95 11.60
CA LYS SA 388 -17.88 -24.95 12.67
C LYS SA 388 -19.21 -25.08 11.99
N GLY TA 1 -86.67 -75.58 -13.71
CA GLY TA 1 -86.14 -75.45 -15.08
C GLY TA 1 -86.84 -74.32 -15.79
N ASP TA 2 -87.28 -74.67 -17.05
CA ASP TA 2 -87.85 -73.69 -17.92
C ASP TA 2 -89.31 -74.00 -17.81
N ASP TA 3 -90.17 -73.02 -18.11
CA ASP TA 3 -91.64 -73.08 -17.93
C ASP TA 3 -92.34 -73.01 -19.25
N GLU TA 4 -93.56 -73.58 -19.21
CA GLU TA 4 -94.47 -73.69 -20.34
C GLU TA 4 -94.16 -74.75 -21.21
N LEU TA 5 -94.04 -75.93 -20.56
CA LEU TA 5 -93.72 -77.17 -21.31
C LEU TA 5 -94.09 -78.41 -20.49
N ASP TA 6 -93.71 -79.63 -21.04
CA ASP TA 6 -94.09 -80.91 -20.56
C ASP TA 6 -93.79 -81.26 -19.13
N GLN TA 7 -92.59 -80.81 -18.66
CA GLN TA 7 -92.22 -80.86 -17.24
C GLN TA 7 -93.24 -80.12 -16.35
N GLU TA 8 -93.76 -78.96 -16.76
CA GLU TA 8 -94.68 -78.24 -15.88
C GLU TA 8 -96.12 -78.85 -15.88
N ILE TA 9 -96.37 -79.79 -16.82
CA ILE TA 9 -97.65 -80.51 -16.96
C ILE TA 9 -97.83 -81.47 -15.74
N LEU TA 10 -96.68 -82.14 -15.46
CA LEU TA 10 -96.51 -83.04 -14.30
C LEU TA 10 -96.74 -82.27 -12.93
N ASN TA 11 -96.15 -81.08 -12.79
CA ASN TA 11 -96.32 -80.39 -11.57
C ASN TA 11 -97.65 -79.69 -11.42
N LEU TA 12 -98.10 -79.05 -12.50
CA LEU TA 12 -99.27 -78.09 -12.57
C LEU TA 12 -100.14 -78.62 -13.70
N SER TA 13 -101.47 -78.76 -13.48
CA SER TA 13 -102.51 -79.28 -14.33
C SER TA 13 -102.57 -78.55 -15.62
N THR TA 14 -103.16 -79.20 -16.61
CA THR TA 14 -103.20 -78.72 -18.00
C THR TA 14 -104.00 -77.38 -18.11
N GLN TA 15 -105.05 -77.29 -17.22
CA GLN TA 15 -105.93 -76.16 -17.03
C GLN TA 15 -105.13 -75.09 -16.36
N GLU TA 16 -104.34 -75.44 -15.29
CA GLU TA 16 -103.61 -74.50 -14.50
C GLU TA 16 -102.39 -73.87 -15.22
N LEU TA 17 -101.74 -74.65 -16.09
CA LEU TA 17 -100.55 -74.23 -16.83
C LEU TA 17 -100.97 -73.31 -17.94
N GLN TA 18 -102.14 -73.52 -18.54
CA GLN TA 18 -102.72 -72.76 -19.60
C GLN TA 18 -103.20 -71.37 -19.11
N THR TA 19 -103.78 -71.35 -17.91
CA THR TA 19 -104.19 -70.13 -17.25
C THR TA 19 -103.08 -69.34 -16.67
N ARG TA 20 -101.90 -69.99 -16.50
CA ARG TA 20 -100.64 -69.36 -16.14
C ARG TA 20 -100.04 -68.63 -17.36
N ALA TA 21 -100.22 -69.27 -18.59
CA ALA TA 21 -99.79 -68.62 -19.87
C ALA TA 21 -100.69 -67.47 -20.29
N LYS TA 22 -102.05 -67.40 -19.85
CA LYS TA 22 -103.03 -66.35 -20.18
C LYS TA 22 -102.53 -65.05 -19.48
N LEU TA 23 -101.82 -65.13 -18.30
CA LEU TA 23 -101.21 -64.03 -17.57
C LEU TA 23 -100.06 -63.38 -18.36
N LEU TA 24 -99.29 -64.20 -19.04
CA LEU TA 24 -98.02 -63.84 -19.67
C LEU TA 24 -98.19 -63.04 -20.93
N ASP TA 25 -99.31 -63.22 -21.70
CA ASP TA 25 -99.53 -62.52 -22.92
C ASP TA 25 -99.70 -61.02 -22.70
N ASN TA 26 -100.30 -60.63 -21.52
CA ASN TA 26 -100.62 -59.29 -21.06
C ASN TA 26 -99.33 -58.57 -20.64
N GLU TA 27 -98.37 -59.25 -20.01
CA GLU TA 27 -97.10 -58.58 -19.71
C GLU TA 27 -96.27 -58.15 -20.90
N ILE TA 28 -96.27 -58.89 -22.08
CA ILE TA 28 -95.55 -58.50 -23.32
C ILE TA 28 -96.08 -57.06 -23.85
N ARG TA 29 -97.45 -56.91 -23.78
CA ARG TA 29 -98.22 -55.80 -24.21
C ARG TA 29 -97.95 -54.50 -23.40
N ILE TA 30 -97.90 -54.56 -22.03
CA ILE TA 30 -97.50 -53.53 -21.09
C ILE TA 30 -96.05 -53.20 -21.23
N PHE TA 31 -95.15 -54.20 -21.42
CA PHE TA 31 -93.71 -54.03 -21.60
C PHE TA 31 -93.39 -53.28 -22.84
N ARG TA 32 -94.16 -53.55 -23.93
CA ARG TA 32 -94.14 -52.90 -25.24
C ARG TA 32 -94.47 -51.51 -25.08
N SER TA 33 -95.53 -51.26 -24.18
CA SER TA 33 -96.08 -49.90 -24.01
C SER TA 33 -95.00 -49.03 -23.38
N GLU TA 34 -94.27 -49.61 -22.40
CA GLU TA 34 -93.22 -48.92 -21.72
C GLU TA 34 -92.06 -48.58 -22.63
N LEU TA 35 -91.62 -49.60 -23.40
CA LEU TA 35 -90.50 -49.58 -24.31
C LEU TA 35 -90.63 -48.52 -25.39
N GLN TA 36 -91.85 -48.34 -25.99
CA GLN TA 36 -92.12 -47.44 -27.07
C GLN TA 36 -92.10 -45.99 -26.53
N ARG TA 37 -92.47 -45.75 -25.27
CA ARG TA 37 -92.34 -44.43 -24.75
C ARG TA 37 -90.92 -44.04 -24.52
N LEU TA 38 -90.11 -44.94 -23.99
CA LEU TA 38 -88.70 -44.77 -23.68
C LEU TA 38 -87.90 -44.53 -24.99
N SER TA 39 -88.41 -45.02 -26.11
CA SER TA 39 -87.65 -44.85 -27.34
C SER TA 39 -87.71 -43.41 -27.82
N HIS TA 40 -88.74 -42.65 -27.39
CA HIS TA 40 -89.00 -41.29 -27.89
C HIS TA 40 -88.20 -40.35 -27.06
N GLU TA 41 -87.74 -40.82 -25.87
CA GLU TA 41 -86.97 -39.94 -25.05
C GLU TA 41 -85.56 -39.76 -25.68
N ASN TA 42 -85.01 -40.80 -26.26
CA ASN TA 42 -83.83 -40.75 -27.04
C ASN TA 42 -83.91 -39.85 -28.21
N ASN TA 43 -85.08 -39.91 -28.95
CA ASN TA 43 -85.30 -39.12 -30.19
C ASN TA 43 -85.25 -37.63 -29.94
N VAL TA 44 -85.94 -37.14 -28.85
CA VAL TA 44 -86.02 -35.72 -28.56
C VAL TA 44 -84.76 -35.15 -28.16
N MET TA 45 -83.87 -35.97 -27.45
CA MET TA 45 -82.56 -35.61 -26.98
C MET TA 45 -81.66 -35.28 -28.11
N LEU TA 46 -81.69 -36.20 -29.05
CA LEU TA 46 -80.82 -36.30 -30.23
C LEU TA 46 -80.89 -35.07 -31.11
N GLU TA 47 -82.11 -34.60 -31.31
CA GLU TA 47 -82.32 -33.43 -32.12
C GLU TA 47 -81.65 -32.16 -31.67
N LYS TA 48 -81.69 -31.95 -30.35
CA LYS TA 48 -81.13 -30.90 -29.61
C LYS TA 48 -79.62 -30.96 -29.54
N ILE TA 49 -78.96 -32.15 -29.55
CA ILE TA 49 -77.54 -32.30 -29.60
C ILE TA 49 -76.96 -31.85 -30.90
N LYS TA 50 -77.60 -32.19 -32.02
CA LYS TA 50 -77.27 -31.82 -33.33
C LYS TA 50 -77.41 -30.32 -33.50
N ASP TA 51 -78.44 -29.70 -32.81
CA ASP TA 51 -78.81 -28.34 -32.88
C ASP TA 51 -77.77 -27.41 -32.24
N ASN TA 52 -77.22 -27.86 -31.02
CA ASN TA 52 -76.16 -27.29 -30.30
C ASN TA 52 -74.94 -27.28 -31.08
N LYS TA 53 -74.54 -28.45 -31.67
CA LYS TA 53 -73.30 -28.63 -32.34
C LYS TA 53 -73.07 -27.68 -33.50
N GLU TA 54 -74.16 -27.33 -34.30
CA GLU TA 54 -74.11 -26.38 -35.35
C GLU TA 54 -73.67 -25.03 -34.84
N LYS TA 55 -74.14 -24.59 -33.67
CA LYS TA 55 -73.60 -23.38 -33.14
C LYS TA 55 -72.12 -23.45 -32.78
N ILE TA 56 -71.62 -24.59 -32.18
CA ILE TA 56 -70.25 -24.82 -31.77
C ILE TA 56 -69.33 -24.93 -33.05
N LYS TA 57 -69.81 -25.54 -34.17
CA LYS TA 57 -69.04 -25.82 -35.41
C LYS TA 57 -68.71 -24.48 -36.06
N ASN TA 58 -69.55 -23.45 -35.88
CA ASN TA 58 -69.41 -22.20 -36.48
C ASN TA 58 -68.14 -21.58 -35.94
N ASN TA 59 -67.90 -21.82 -34.67
CA ASN TA 59 -66.71 -21.37 -33.95
C ASN TA 59 -65.47 -22.08 -34.33
N ARG TA 60 -65.56 -23.45 -34.45
CA ARG TA 60 -64.50 -24.32 -34.66
C ARG TA 60 -64.00 -24.14 -36.05
N GLN TA 61 -64.88 -23.61 -36.98
CA GLN TA 61 -64.48 -23.29 -38.34
C GLN TA 61 -63.49 -21.99 -38.34
N LEU TA 62 -62.60 -21.93 -39.34
CA LEU TA 62 -61.43 -21.11 -39.43
C LEU TA 62 -61.69 -19.63 -39.80
N PRO TA 63 -60.81 -18.67 -39.50
CA PRO TA 63 -59.54 -18.73 -38.75
C PRO TA 63 -59.87 -18.54 -37.26
N TYR TA 64 -58.85 -18.78 -36.39
CA TYR TA 64 -59.02 -18.67 -34.95
C TYR TA 64 -57.63 -18.54 -34.49
N LEU TA 65 -57.56 -17.95 -33.29
CA LEU TA 65 -56.37 -17.47 -32.66
C LEU TA 65 -55.63 -18.66 -32.06
N VAL TA 66 -54.32 -18.57 -31.96
CA VAL TA 66 -53.40 -19.59 -31.46
C VAL TA 66 -52.91 -18.90 -30.25
N ALA TA 67 -52.82 -19.66 -29.17
CA ALA TA 67 -52.45 -19.22 -27.86
C ALA TA 67 -51.79 -20.39 -27.09
N ASN TA 68 -51.30 -20.13 -25.87
CA ASN TA 68 -50.83 -21.22 -25.01
C ASN TA 68 -51.53 -21.03 -23.64
N VAL TA 69 -51.70 -22.13 -22.90
CA VAL TA 69 -52.31 -22.21 -21.52
C VAL TA 69 -51.22 -22.15 -20.51
N VAL TA 70 -51.29 -21.13 -19.55
CA VAL TA 70 -50.26 -20.84 -18.59
C VAL TA 70 -50.48 -21.73 -17.38
N GLU TA 71 -51.72 -21.88 -16.95
CA GLU TA 71 -52.02 -22.56 -15.73
C GLU TA 71 -53.55 -22.74 -15.78
N VAL TA 72 -54.04 -23.65 -14.94
CA VAL TA 72 -55.48 -23.98 -14.79
C VAL TA 72 -55.86 -23.77 -13.41
N MET TA 73 -57.05 -23.19 -13.14
CA MET TA 73 -57.49 -22.87 -11.82
C MET TA 73 -58.92 -23.43 -11.74
N ASP TA 74 -59.13 -24.51 -10.96
CA ASP TA 74 -60.47 -25.06 -10.84
C ASP TA 74 -60.93 -25.10 -9.37
N MET TA 75 -62.12 -24.52 -9.19
CA MET TA 75 -62.89 -24.40 -7.91
C MET TA 75 -64.21 -25.01 -8.19
N ASN TA 76 -64.87 -25.48 -7.10
CA ASN TA 76 -66.15 -26.20 -7.19
C ASN TA 76 -67.18 -25.30 -6.43
N GLU TA 77 -68.49 -25.42 -6.76
CA GLU TA 77 -69.73 -24.97 -6.12
C GLU TA 77 -69.69 -25.17 -4.65
N ILE TA 78 -70.24 -24.14 -3.84
CA ILE TA 78 -70.36 -24.29 -2.38
C ILE TA 78 -68.96 -24.08 -1.83
N GLU TA 79 -68.36 -22.88 -2.21
CA GLU TA 79 -67.01 -22.53 -1.95
C GLU TA 79 -66.87 -21.92 -0.52
N ASP TA 80 -68.02 -21.34 -0.03
CA ASP TA 80 -68.16 -20.78 1.25
C ASP TA 80 -69.46 -21.54 1.62
N LYS TA 81 -70.52 -21.12 0.91
CA LYS TA 81 -71.79 -21.75 1.04
C LYS TA 81 -72.42 -21.66 -0.33
N GLU TA 82 -72.00 -20.71 -1.18
CA GLU TA 82 -72.69 -20.35 -2.45
C GLU TA 82 -71.56 -20.01 -3.33
N ASN TA 83 -71.74 -20.28 -4.62
CA ASN TA 83 -70.88 -19.81 -5.65
C ASN TA 83 -69.66 -20.62 -5.79
N SER TA 84 -69.01 -20.63 -6.98
CA SER TA 84 -67.74 -21.25 -7.24
C SER TA 84 -66.65 -20.23 -7.15
N GLU TA 85 -67.03 -18.91 -6.99
CA GLU TA 85 -66.06 -17.88 -6.72
C GLU TA 85 -65.76 -17.94 -5.25
N SER TA 86 -64.74 -17.12 -4.89
CA SER TA 86 -64.31 -17.03 -3.46
C SER TA 86 -64.75 -15.74 -2.74
N THR TA 87 -65.67 -15.07 -3.43
CA THR TA 87 -66.35 -13.87 -2.98
C THR TA 87 -67.66 -14.38 -2.22
N THR TA 88 -68.31 -13.43 -1.59
CA THR TA 88 -69.46 -13.38 -0.73
C THR TA 88 -70.57 -12.72 -1.52
N GLN TA 89 -71.52 -13.56 -1.94
CA GLN TA 89 -72.79 -13.20 -2.53
C GLN TA 89 -73.72 -14.44 -2.41
N GLY TA 90 -75.04 -14.14 -2.48
CA GLY TA 90 -75.98 -15.16 -2.10
C GLY TA 90 -76.37 -15.92 -3.35
N GLY TA 91 -76.51 -17.28 -3.34
CA GLY TA 91 -76.85 -18.07 -4.55
C GLY TA 91 -75.99 -17.89 -5.76
N ASN TA 92 -76.57 -18.25 -6.93
CA ASN TA 92 -75.93 -18.39 -8.24
C ASN TA 92 -74.85 -19.42 -8.14
N VAL TA 93 -75.19 -20.71 -7.78
CA VAL TA 93 -74.31 -21.87 -7.83
C VAL TA 93 -74.39 -22.26 -9.30
N ASN TA 94 -73.23 -22.17 -10.04
CA ASN TA 94 -73.10 -22.47 -11.42
C ASN TA 94 -71.65 -22.98 -11.70
N LEU TA 95 -71.35 -23.66 -12.85
CA LEU TA 95 -70.03 -24.18 -13.10
C LEU TA 95 -69.00 -23.18 -13.42
N ASP TA 96 -69.44 -22.11 -14.18
CA ASP TA 96 -68.58 -21.07 -14.65
C ASP TA 96 -69.42 -19.96 -15.24
N ASN TA 97 -70.74 -20.13 -15.31
CA ASN TA 97 -71.57 -19.18 -16.02
C ASN TA 97 -71.74 -17.76 -15.39
N THR TA 98 -71.98 -17.75 -14.03
CA THR TA 98 -72.27 -16.55 -13.24
C THR TA 98 -71.35 -16.68 -12.07
N ALA TA 99 -70.83 -17.87 -11.82
CA ALA TA 99 -69.90 -18.05 -10.71
C ALA TA 99 -68.70 -18.71 -11.21
N VAL TA 100 -67.65 -17.94 -11.52
CA VAL TA 100 -66.55 -18.46 -12.29
C VAL TA 100 -65.57 -19.04 -11.30
N GLY TA 101 -64.90 -20.12 -11.67
CA GLY TA 101 -63.88 -20.68 -10.78
C GLY TA 101 -63.20 -21.80 -11.51
N LYS TA 102 -63.82 -22.32 -12.59
CA LYS TA 102 -63.32 -23.26 -13.49
C LYS TA 102 -62.83 -22.31 -14.57
N ALA TA 103 -61.51 -22.37 -14.80
CA ALA TA 103 -60.98 -21.35 -15.66
C ALA TA 103 -59.62 -21.86 -16.18
N ALA TA 104 -59.27 -21.31 -17.36
CA ALA TA 104 -57.90 -21.40 -17.77
C ALA TA 104 -57.41 -20.07 -17.94
N VAL TA 105 -56.16 -19.83 -17.49
CA VAL TA 105 -55.41 -18.62 -17.83
C VAL TA 105 -54.59 -18.99 -18.97
N VAL TA 106 -54.73 -18.17 -20.08
CA VAL TA 106 -54.05 -18.41 -21.28
C VAL TA 106 -53.24 -17.09 -21.47
N LYS TA 107 -52.20 -17.15 -22.39
CA LYS TA 107 -51.36 -16.03 -22.85
C LYS TA 107 -51.69 -16.02 -24.28
N THR TA 108 -52.25 -14.92 -24.77
CA THR TA 108 -52.65 -14.74 -26.12
C THR TA 108 -51.51 -14.32 -27.01
N SER TA 109 -51.66 -14.50 -28.33
CA SER TA 109 -50.61 -14.14 -29.28
C SER TA 109 -50.94 -12.72 -29.85
N SER TA 110 -51.77 -12.03 -29.01
CA SER TA 110 -52.39 -10.75 -29.23
C SER TA 110 -51.96 -9.94 -28.08
N ARG TA 111 -50.94 -10.41 -27.27
CA ARG TA 111 -50.16 -9.65 -26.22
C ARG TA 111 -51.02 -9.28 -25.08
N GLN TA 112 -51.76 -10.30 -24.52
CA GLN TA 112 -52.51 -10.18 -23.32
C GLN TA 112 -52.19 -11.38 -22.55
N THR TA 113 -52.60 -11.36 -21.28
CA THR TA 113 -52.83 -12.48 -20.44
C THR TA 113 -54.18 -12.34 -19.86
N VAL TA 114 -55.01 -13.37 -20.01
CA VAL TA 114 -56.44 -13.28 -19.79
C VAL TA 114 -56.88 -14.53 -19.06
N PHE TA 115 -57.92 -14.37 -18.28
CA PHE TA 115 -58.55 -15.34 -17.39
C PHE TA 115 -59.88 -15.56 -18.06
N LEU TA 116 -60.22 -16.78 -18.50
CA LEU TA 116 -61.41 -16.94 -19.32
C LEU TA 116 -62.21 -17.98 -18.51
N PRO TA 117 -63.49 -17.97 -18.22
CA PRO TA 117 -64.29 -19.08 -17.81
C PRO TA 117 -64.02 -20.29 -18.69
N MET TA 118 -63.96 -21.46 -18.08
CA MET TA 118 -63.68 -22.69 -18.77
C MET TA 118 -64.84 -23.19 -19.71
N VAL TA 119 -64.45 -23.72 -20.88
CA VAL TA 119 -65.35 -24.21 -21.92
C VAL TA 119 -65.77 -25.60 -21.62
N GLY TA 120 -67.06 -25.89 -21.91
CA GLY TA 120 -67.72 -27.06 -21.54
C GLY TA 120 -67.26 -28.24 -22.36
N LEU TA 121 -66.95 -28.02 -23.70
CA LEU TA 121 -66.52 -29.15 -24.49
C LEU TA 121 -65.08 -29.48 -24.19
N VAL TA 122 -64.19 -28.46 -23.92
CA VAL TA 122 -62.77 -28.67 -23.62
C VAL TA 122 -62.72 -29.12 -22.22
N ASP TA 123 -61.84 -30.11 -21.90
CA ASP TA 123 -61.89 -30.68 -20.51
C ASP TA 123 -60.74 -30.10 -19.67
N PRO TA 124 -60.84 -30.14 -18.32
CA PRO TA 124 -59.85 -29.58 -17.41
C PRO TA 124 -58.60 -30.49 -17.42
N ASP TA 125 -58.69 -31.67 -18.10
CA ASP TA 125 -57.67 -32.67 -18.25
C ASP TA 125 -56.75 -32.30 -19.42
N LYS TA 126 -57.26 -31.47 -20.41
CA LYS TA 126 -56.60 -31.24 -21.65
C LYS TA 126 -56.31 -29.77 -21.78
N LEU TA 127 -56.16 -29.19 -20.54
CA LEU TA 127 -55.69 -27.91 -20.26
C LEU TA 127 -54.81 -28.21 -19.01
N LYS TA 128 -53.49 -27.87 -19.19
CA LYS TA 128 -52.52 -27.93 -18.07
C LYS TA 128 -51.51 -27.01 -18.56
N PRO TA 129 -50.58 -26.54 -17.77
CA PRO TA 129 -49.47 -25.68 -18.23
C PRO TA 129 -48.74 -26.19 -19.43
N ASN TA 130 -48.57 -25.30 -20.43
CA ASN TA 130 -47.78 -25.32 -21.64
C ASN TA 130 -48.44 -26.10 -22.77
N ASP TA 131 -49.74 -26.28 -22.73
CA ASP TA 131 -50.46 -26.85 -23.81
C ASP TA 131 -50.72 -25.72 -24.91
N LEU TA 132 -50.58 -26.08 -26.19
CA LEU TA 132 -50.92 -25.13 -27.20
C LEU TA 132 -52.36 -25.27 -27.54
N VAL TA 133 -53.04 -24.12 -27.68
CA VAL TA 133 -54.48 -24.12 -27.74
C VAL TA 133 -54.91 -22.99 -28.70
N GLY TA 134 -56.03 -23.30 -29.34
CA GLY TA 134 -56.91 -22.44 -30.03
C GLY TA 134 -57.69 -21.65 -29.08
N VAL TA 135 -57.85 -20.32 -29.29
CA VAL TA 135 -58.78 -19.52 -28.54
C VAL TA 135 -59.54 -18.91 -29.71
N ASN TA 136 -60.90 -18.75 -29.58
CA ASN TA 136 -61.80 -18.24 -30.61
C ASN TA 136 -61.57 -16.74 -30.74
N LYS TA 137 -61.49 -16.27 -31.97
CA LYS TA 137 -61.07 -14.91 -32.39
C LYS TA 137 -62.23 -13.95 -31.99
N ASP TA 138 -63.49 -14.37 -32.24
CA ASP TA 138 -64.68 -13.52 -31.87
C ASP TA 138 -64.84 -13.21 -30.39
N SER TA 139 -64.55 -14.20 -29.50
CA SER TA 139 -64.74 -13.99 -28.06
C SER TA 139 -63.65 -14.79 -27.51
N TYR TA 140 -62.87 -14.39 -26.44
CA TYR TA 140 -61.67 -15.18 -25.99
C TYR TA 140 -62.37 -16.11 -25.12
N LEU TA 141 -62.72 -17.38 -25.60
CA LEU TA 141 -63.07 -18.52 -24.79
C LEU TA 141 -62.16 -19.63 -25.54
N ILE TA 142 -61.82 -20.67 -24.69
CA ILE TA 142 -60.83 -21.68 -25.08
C ILE TA 142 -61.52 -22.55 -26.07
N LEU TA 143 -61.02 -22.57 -27.33
CA LEU TA 143 -61.71 -23.13 -28.41
C LEU TA 143 -61.39 -24.60 -28.62
N ASP TA 144 -60.11 -24.99 -28.81
CA ASP TA 144 -59.69 -26.27 -29.28
C ASP TA 144 -58.30 -26.48 -28.86
N THR TA 145 -57.76 -27.68 -29.23
CA THR TA 145 -56.44 -28.10 -28.84
C THR TA 145 -55.71 -28.30 -30.16
N LEU TA 146 -54.42 -27.82 -30.19
CA LEU TA 146 -53.53 -27.94 -31.28
C LEU TA 146 -52.46 -28.91 -30.86
N PRO TA 147 -51.74 -29.56 -31.77
CA PRO TA 147 -50.57 -30.40 -31.49
C PRO TA 147 -49.53 -29.48 -30.86
N SER TA 148 -48.38 -30.05 -30.47
CA SER TA 148 -47.16 -29.34 -30.04
C SER TA 148 -46.37 -28.93 -31.26
N GLU TA 149 -45.71 -27.73 -31.22
CA GLU TA 149 -44.79 -27.22 -32.23
C GLU TA 149 -43.39 -27.97 -32.12
N PHE TA 150 -42.54 -28.14 -33.15
CA PHE TA 150 -41.21 -28.72 -33.06
C PHE TA 150 -40.23 -27.97 -33.74
N ASP TA 151 -38.95 -28.15 -33.40
CA ASP TA 151 -37.82 -27.50 -33.99
C ASP TA 151 -36.87 -28.54 -34.50
N SER TA 152 -35.71 -28.14 -35.10
CA SER TA 152 -34.61 -28.93 -35.64
C SER TA 152 -33.82 -29.54 -34.43
N ARG TA 153 -34.03 -29.00 -33.23
CA ARG TA 153 -33.31 -29.45 -32.04
C ARG TA 153 -33.98 -30.75 -31.61
N VAL TA 154 -35.37 -30.81 -31.68
CA VAL TA 154 -36.24 -31.98 -31.33
C VAL TA 154 -35.94 -33.19 -32.16
N LYS TA 155 -35.69 -33.03 -33.48
CA LYS TA 155 -35.38 -34.11 -34.45
C LYS TA 155 -34.34 -35.09 -34.04
N ALA TA 156 -33.26 -34.51 -33.52
CA ALA TA 156 -32.04 -35.17 -33.06
C ALA TA 156 -32.22 -36.05 -31.80
N MET TA 157 -33.13 -35.48 -31.00
CA MET TA 157 -33.55 -36.21 -29.80
C MET TA 157 -34.28 -37.53 -30.08
N GLU TA 158 -35.06 -37.67 -31.17
CA GLU TA 158 -35.76 -38.91 -31.40
C GLU TA 158 -34.92 -40.12 -31.49
N VAL TA 159 -35.56 -41.25 -31.18
CA VAL TA 159 -34.94 -42.56 -31.09
C VAL TA 159 -34.10 -42.98 -32.31
N ASP TA 160 -33.03 -43.76 -32.06
CA ASP TA 160 -31.84 -43.72 -32.90
C ASP TA 160 -31.00 -44.91 -32.55
N GLU TA 161 -31.60 -45.99 -31.91
CA GLU TA 161 -31.00 -47.29 -31.45
C GLU TA 161 -30.35 -48.02 -32.60
N LYS TA 162 -29.15 -48.49 -32.35
CA LYS TA 162 -28.27 -49.21 -33.20
C LYS TA 162 -28.00 -50.59 -32.65
N PRO TA 163 -27.71 -51.57 -33.47
CA PRO TA 163 -26.96 -52.79 -33.16
C PRO TA 163 -25.71 -52.49 -32.42
N THR TA 164 -25.56 -53.35 -31.35
CA THR TA 164 -24.54 -53.12 -30.32
C THR TA 164 -23.21 -52.95 -30.95
N GLU TA 165 -22.52 -51.86 -30.57
CA GLU TA 165 -21.18 -51.43 -30.87
C GLU TA 165 -20.12 -52.43 -30.37
N THR TA 166 -20.34 -53.02 -29.24
CA THR TA 166 -19.55 -54.13 -28.52
C THR TA 166 -18.44 -53.41 -27.80
N TYR TA 167 -17.76 -53.93 -26.72
CA TYR TA 167 -16.67 -53.23 -25.99
C TYR TA 167 -15.42 -53.91 -26.49
N SER TA 168 -15.51 -54.58 -27.62
CA SER TA 168 -14.31 -55.04 -28.36
C SER TA 168 -13.89 -54.01 -29.31
N ASP TA 169 -14.74 -52.92 -29.46
CA ASP TA 169 -14.44 -51.92 -30.52
C ASP TA 169 -14.27 -50.62 -29.73
N VAL TA 170 -14.13 -50.76 -28.39
CA VAL TA 170 -13.81 -49.70 -27.41
C VAL TA 170 -12.70 -50.27 -26.60
N GLY TA 171 -11.52 -49.54 -26.58
CA GLY TA 171 -10.34 -49.98 -25.87
C GLY TA 171 -10.11 -49.15 -24.72
N GLY TA 172 -9.33 -49.61 -23.78
CA GLY TA 172 -9.23 -48.90 -22.49
C GLY TA 172 -10.49 -48.75 -21.69
N LEU TA 173 -10.31 -48.10 -20.50
CA LEU TA 173 -11.34 -47.60 -19.65
C LEU TA 173 -12.05 -48.72 -18.90
N ASP TA 174 -11.33 -49.64 -18.37
CA ASP TA 174 -11.76 -50.84 -17.81
C ASP TA 174 -12.59 -50.72 -16.61
N LYS TA 175 -12.32 -49.72 -15.75
CA LYS TA 175 -13.00 -49.35 -14.57
C LYS TA 175 -14.33 -48.84 -14.86
N GLN TA 176 -14.50 -48.04 -15.94
CA GLN TA 176 -15.80 -47.49 -16.30
C GLN TA 176 -16.74 -48.50 -16.80
N ILE TA 177 -16.17 -49.54 -17.56
CA ILE TA 177 -16.96 -50.58 -18.22
C ILE TA 177 -17.47 -51.42 -17.07
N GLU TA 178 -16.65 -51.76 -16.02
CA GLU TA 178 -17.13 -52.52 -14.87
C GLU TA 178 -18.23 -51.80 -14.09
N GLU TA 179 -17.97 -50.52 -13.84
CA GLU TA 179 -18.76 -49.70 -12.96
C GLU TA 179 -20.09 -49.49 -13.54
N LEU TA 180 -20.17 -49.24 -14.91
CA LEU TA 180 -21.31 -49.10 -15.80
C LEU TA 180 -22.14 -50.34 -15.80
N VAL TA 181 -21.59 -51.57 -15.82
CA VAL TA 181 -22.35 -52.82 -15.77
C VAL TA 181 -23.07 -52.98 -14.49
N GLU TA 182 -22.35 -52.72 -13.34
CA GLU TA 182 -22.93 -52.75 -11.99
C GLU TA 182 -24.03 -51.76 -11.86
N ALA TA 183 -23.88 -50.56 -12.48
CA ALA TA 183 -24.79 -49.43 -12.29
C ALA TA 183 -26.12 -49.61 -13.02
N ILE TA 184 -26.10 -50.09 -14.23
CA ILE TA 184 -27.29 -50.09 -15.02
C ILE TA 184 -27.82 -51.48 -15.13
N VAL TA 185 -26.97 -52.38 -15.60
CA VAL TA 185 -27.43 -53.61 -16.16
C VAL TA 185 -27.97 -54.61 -15.09
N LEU TA 186 -27.25 -54.69 -13.97
CA LEU TA 186 -27.55 -55.51 -12.84
C LEU TA 186 -28.81 -54.99 -12.18
N PRO TA 187 -29.09 -53.72 -11.93
CA PRO TA 187 -30.43 -53.35 -11.42
C PRO TA 187 -31.62 -53.60 -12.26
N MET TA 188 -31.40 -53.55 -13.61
CA MET TA 188 -32.37 -53.86 -14.60
C MET TA 188 -32.72 -55.37 -14.59
N LYS TA 189 -31.77 -56.25 -14.48
CA LYS TA 189 -32.08 -57.72 -14.42
C LYS TA 189 -32.78 -58.06 -13.12
N ARG TA 190 -32.24 -57.37 -12.07
CA ARG TA 190 -32.54 -57.57 -10.66
C ARG TA 190 -33.50 -56.59 -10.11
N ALA TA 191 -34.39 -56.02 -11.03
CA ALA TA 191 -35.39 -55.10 -10.66
C ALA TA 191 -36.39 -55.55 -9.60
N ASP TA 192 -36.72 -56.88 -9.56
CA ASP TA 192 -37.64 -57.44 -8.57
C ASP TA 192 -37.10 -57.17 -7.19
N LYS TA 193 -35.78 -57.49 -7.08
CA LYS TA 193 -35.11 -57.41 -5.80
C LYS TA 193 -34.93 -56.10 -5.12
N PHE TA 194 -34.64 -55.07 -5.94
CA PHE TA 194 -34.68 -53.70 -5.48
C PHE TA 194 -35.98 -53.18 -5.05
N LYS TA 195 -37.04 -53.43 -5.79
CA LYS TA 195 -38.43 -53.12 -5.40
C LYS TA 195 -38.95 -53.80 -4.19
N ASP TA 196 -38.65 -55.14 -4.02
CA ASP TA 196 -39.09 -55.98 -2.96
C ASP TA 196 -38.45 -55.56 -1.64
N MET TA 197 -37.10 -55.30 -1.54
CA MET TA 197 -36.49 -54.84 -0.38
C MET TA 197 -37.10 -53.54 0.04
N GLY TA 198 -37.33 -52.71 -0.94
CA GLY TA 198 -37.66 -51.36 -0.76
C GLY TA 198 -36.47 -50.48 -0.44
N ILE TA 199 -35.40 -50.54 -1.26
CA ILE TA 199 -34.35 -49.56 -1.39
C ILE TA 199 -34.38 -49.13 -2.79
N ARG TA 200 -33.89 -47.89 -3.00
CA ARG TA 200 -33.63 -47.30 -4.30
C ARG TA 200 -32.51 -48.03 -4.95
N ALA TA 201 -32.58 -48.16 -6.28
CA ALA TA 201 -31.35 -48.30 -7.08
C ALA TA 201 -30.98 -46.91 -7.47
N PRO TA 202 -29.77 -46.66 -7.94
CA PRO TA 202 -29.38 -45.23 -8.35
C PRO TA 202 -30.31 -44.68 -9.44
N LYS TA 203 -30.94 -43.52 -9.11
CA LYS TA 203 -31.94 -42.95 -9.99
C LYS TA 203 -31.22 -42.61 -11.27
N GLY TA 204 -30.16 -41.84 -11.07
CA GLY TA 204 -29.26 -41.56 -12.16
C GLY TA 204 -27.88 -41.83 -11.66
N ALA TA 205 -26.96 -41.83 -12.62
CA ALA TA 205 -25.58 -41.99 -12.43
C ALA TA 205 -25.14 -40.84 -13.27
N LEU TA 206 -23.98 -40.37 -12.77
CA LEU TA 206 -23.35 -39.25 -13.45
C LEU TA 206 -22.05 -39.78 -13.91
N MET TA 207 -21.71 -39.43 -15.16
CA MET TA 207 -20.51 -39.74 -15.81
C MET TA 207 -19.82 -38.40 -15.98
N TYR TA 208 -18.45 -38.35 -15.78
CA TYR TA 208 -17.82 -36.98 -15.78
C TYR TA 208 -16.41 -37.02 -16.13
N GLY TA 209 -15.85 -35.85 -16.53
CA GLY TA 209 -14.46 -35.86 -17.03
C GLY TA 209 -14.43 -35.11 -18.39
N PRO TA 210 -13.30 -35.21 -19.16
CA PRO TA 210 -13.20 -34.66 -20.50
C PRO TA 210 -14.17 -35.18 -21.55
N PRO TA 211 -14.59 -34.46 -22.56
CA PRO TA 211 -15.26 -34.94 -23.72
C PRO TA 211 -14.30 -35.77 -24.47
N GLY TA 212 -14.77 -36.63 -25.42
CA GLY TA 212 -13.97 -37.50 -26.24
C GLY TA 212 -13.53 -38.76 -25.55
N THR TA 213 -13.99 -39.02 -24.29
CA THR TA 213 -13.69 -40.23 -23.57
C THR TA 213 -14.71 -41.39 -23.72
N GLY TA 214 -15.65 -41.26 -24.64
CA GLY TA 214 -16.49 -42.28 -25.15
C GLY TA 214 -17.55 -42.55 -24.21
N LYS TA 215 -18.20 -41.56 -23.50
CA LYS TA 215 -19.33 -41.82 -22.64
C LYS TA 215 -20.50 -42.25 -23.45
N THR TA 216 -20.73 -41.47 -24.58
CA THR TA 216 -21.73 -41.57 -25.58
C THR TA 216 -21.71 -42.95 -26.17
N LEU TA 217 -20.55 -43.40 -26.65
CA LEU TA 217 -20.21 -44.76 -27.18
C LEU TA 217 -20.71 -45.94 -26.26
N LEU TA 218 -20.35 -45.96 -25.01
CA LEU TA 218 -20.62 -47.01 -24.04
C LEU TA 218 -22.09 -47.16 -23.71
N ALA TA 219 -22.71 -45.98 -23.59
CA ALA TA 219 -24.02 -45.75 -23.20
C ALA TA 219 -24.95 -46.31 -24.24
N ARG TA 220 -24.70 -46.04 -25.55
CA ARG TA 220 -25.55 -46.59 -26.59
C ARG TA 220 -25.41 -48.10 -26.67
N ALA TA 221 -24.14 -48.63 -26.39
CA ALA TA 221 -23.73 -50.02 -26.37
C ALA TA 221 -24.43 -50.76 -25.19
N CYS TA 222 -24.51 -50.11 -23.98
CA CYS TA 222 -25.17 -50.58 -22.79
C CYS TA 222 -26.66 -50.73 -23.01
N ALA TA 223 -27.34 -49.75 -23.62
CA ALA TA 223 -28.74 -49.78 -23.95
C ALA TA 223 -29.18 -50.92 -24.83
N ALA TA 224 -28.43 -51.13 -25.90
CA ALA TA 224 -28.72 -52.03 -26.92
C ALA TA 224 -28.55 -53.48 -26.42
N GLN TA 225 -27.56 -53.76 -25.55
CA GLN TA 225 -27.36 -55.04 -24.85
C GLN TA 225 -28.50 -55.39 -23.98
N THR TA 226 -28.95 -54.43 -23.11
CA THR TA 226 -29.93 -54.75 -22.07
C THR TA 226 -31.30 -55.05 -22.63
N ASN TA 227 -31.57 -54.63 -23.89
CA ASN TA 227 -32.88 -54.74 -24.54
C ASN TA 227 -33.70 -53.68 -23.99
N ALA TA 228 -33.23 -52.46 -24.24
CA ALA TA 228 -33.72 -51.20 -23.80
C ALA TA 228 -33.45 -50.25 -24.93
N THR TA 229 -34.17 -49.16 -25.07
CA THR TA 229 -34.03 -48.20 -26.17
C THR TA 229 -33.22 -47.05 -25.70
N PHE TA 230 -32.47 -46.51 -26.74
CA PHE TA 230 -31.55 -45.46 -26.54
C PHE TA 230 -32.24 -44.28 -26.97
N LEU TA 231 -32.79 -43.61 -25.96
CA LEU TA 231 -33.39 -42.26 -26.02
C LEU TA 231 -32.16 -41.39 -25.87
N LYS TA 232 -32.01 -40.42 -26.80
CA LYS TA 232 -31.03 -39.37 -26.78
C LYS TA 232 -31.73 -38.08 -26.45
N LEU TA 233 -31.12 -37.30 -25.49
CA LEU TA 233 -31.55 -36.05 -25.05
C LEU TA 233 -30.43 -35.16 -25.32
N ALA TA 234 -30.53 -34.32 -26.41
CA ALA TA 234 -29.48 -33.48 -26.80
C ALA TA 234 -29.50 -32.24 -26.03
N ALA TA 235 -28.68 -32.27 -24.94
CA ALA TA 235 -28.52 -31.20 -24.12
C ALA TA 235 -27.96 -29.97 -24.75
N PRO TA 236 -26.99 -29.97 -25.69
CA PRO TA 236 -26.49 -28.72 -26.33
C PRO TA 236 -27.40 -28.25 -27.40
N GLN TA 237 -28.44 -28.97 -27.78
CA GLN TA 237 -29.30 -28.44 -28.78
C GLN TA 237 -30.54 -27.85 -28.12
N LEU TA 238 -30.77 -28.09 -26.81
CA LEU TA 238 -31.99 -27.83 -26.19
C LEU TA 238 -31.89 -26.49 -25.49
N VAL TA 239 -30.71 -25.82 -25.63
CA VAL TA 239 -30.50 -24.45 -25.21
C VAL TA 239 -31.42 -23.42 -25.87
N GLN TA 240 -32.15 -22.60 -25.04
CA GLN TA 240 -33.09 -21.58 -25.50
C GLN TA 240 -33.31 -20.65 -24.30
N MET TA 241 -33.49 -19.39 -24.49
CA MET TA 241 -33.94 -18.35 -23.68
C MET TA 241 -35.45 -18.26 -23.85
N TYR TA 242 -36.04 -19.11 -24.79
CA TYR TA 242 -37.49 -19.26 -24.98
C TYR TA 242 -38.03 -20.01 -23.76
N ILE TA 243 -38.92 -19.38 -22.95
CA ILE TA 243 -39.42 -19.79 -21.68
C ILE TA 243 -40.45 -20.80 -21.96
N GLY TA 244 -41.34 -20.67 -22.97
CA GLY TA 244 -42.41 -21.60 -23.28
C GLY TA 244 -41.97 -22.85 -23.99
N GLU TA 245 -41.15 -22.60 -25.06
CA GLU TA 245 -40.71 -23.57 -25.97
C GLU TA 245 -39.55 -24.31 -25.29
N GLY TA 246 -38.85 -23.65 -24.36
CA GLY TA 246 -37.80 -24.31 -23.58
C GLY TA 246 -38.26 -25.38 -22.62
N ALA TA 247 -39.36 -25.07 -21.89
CA ALA TA 247 -39.96 -25.97 -20.92
C ALA TA 247 -40.64 -27.15 -21.57
N LYS TA 248 -41.43 -26.78 -22.66
CA LYS TA 248 -42.34 -27.64 -23.38
C LYS TA 248 -41.65 -28.85 -24.03
N LEU TA 249 -40.45 -28.67 -24.69
CA LEU TA 249 -39.90 -29.67 -25.50
C LEU TA 249 -39.26 -30.80 -24.76
N VAL TA 250 -38.79 -30.52 -23.53
CA VAL TA 250 -38.09 -31.46 -22.65
C VAL TA 250 -39.03 -32.63 -22.30
N ARG TA 251 -40.26 -32.32 -21.93
CA ARG TA 251 -41.29 -33.20 -21.47
C ARG TA 251 -41.70 -34.12 -22.59
N ASP TA 252 -41.61 -33.75 -23.88
CA ASP TA 252 -41.90 -34.58 -25.00
C ASP TA 252 -40.98 -35.70 -25.14
N ALA TA 253 -39.67 -35.41 -25.00
CA ALA TA 253 -38.55 -36.36 -24.94
C ALA TA 253 -38.73 -37.35 -23.78
N PHE TA 254 -39.10 -36.92 -22.57
CA PHE TA 254 -39.28 -37.85 -21.49
C PHE TA 254 -40.35 -38.84 -21.70
N ALA TA 255 -41.48 -38.32 -22.26
CA ALA TA 255 -42.86 -39.01 -22.36
C ALA TA 255 -42.67 -40.17 -23.24
N LEU TA 256 -41.83 -39.98 -24.22
CA LEU TA 256 -41.54 -40.97 -25.26
C LEU TA 256 -40.87 -42.19 -24.67
N ALA TA 257 -39.89 -41.90 -23.76
CA ALA TA 257 -38.96 -42.78 -23.08
C ALA TA 257 -39.63 -43.76 -22.16
N LYS TA 258 -40.64 -43.31 -21.40
CA LYS TA 258 -41.59 -44.00 -20.58
C LYS TA 258 -42.48 -45.03 -21.23
N GLU TA 259 -42.96 -44.66 -22.44
CA GLU TA 259 -43.84 -45.43 -23.23
C GLU TA 259 -43.18 -46.63 -23.86
N LYS TA 260 -41.90 -46.41 -24.33
CA LYS TA 260 -41.11 -47.35 -24.99
C LYS TA 260 -40.14 -48.05 -24.14
N ALA TA 261 -40.24 -47.87 -22.78
CA ALA TA 261 -39.48 -48.54 -21.75
C ALA TA 261 -39.44 -50.07 -21.83
N PRO TA 262 -38.43 -50.83 -21.34
CA PRO TA 262 -37.11 -50.42 -20.95
C PRO TA 262 -36.36 -49.47 -21.80
N THR TA 263 -35.58 -48.56 -21.14
CA THR TA 263 -34.88 -47.53 -21.84
C THR TA 263 -33.75 -47.05 -21.06
N ILE TA 264 -32.82 -46.34 -21.73
CA ILE TA 264 -31.68 -45.70 -21.17
C ILE TA 264 -31.79 -44.42 -21.80
N ILE TA 265 -31.89 -43.34 -21.00
CA ILE TA 265 -31.84 -41.98 -21.53
C ILE TA 265 -30.41 -41.59 -21.40
N PHE TA 266 -29.76 -40.99 -22.44
CA PHE TA 266 -28.38 -40.47 -22.25
C PHE TA 266 -28.48 -39.05 -22.50
N ILE TA 267 -28.07 -38.29 -21.42
CA ILE TA 267 -28.25 -36.81 -21.34
C ILE TA 267 -26.85 -36.31 -21.42
N ASP TA 268 -26.61 -35.40 -22.42
CA ASP TA 268 -25.23 -34.86 -22.65
C ASP TA 268 -24.99 -33.80 -21.63
N GLU TA 269 -24.05 -32.78 -21.92
CA GLU TA 269 -23.43 -31.76 -21.04
C GLU TA 269 -24.47 -31.15 -20.18
N LEU TA 270 -24.20 -31.20 -18.85
CA LEU TA 270 -24.99 -30.53 -17.86
C LEU TA 270 -24.40 -29.17 -17.51
N ASP TA 271 -23.52 -28.60 -18.30
CA ASP TA 271 -22.74 -27.39 -18.11
C ASP TA 271 -23.51 -26.25 -18.77
N ALA TA 272 -24.83 -26.53 -19.25
CA ALA TA 272 -25.58 -25.56 -20.07
C ALA TA 272 -27.09 -25.72 -19.91
N ILE TA 273 -27.65 -26.77 -19.26
CA ILE TA 273 -29.09 -26.95 -19.08
C ILE TA 273 -29.34 -26.96 -17.58
N GLY TA 274 -28.36 -26.60 -16.79
CA GLY TA 274 -28.49 -26.68 -15.33
C GLY TA 274 -27.20 -26.40 -14.71
N THR TA 275 -26.77 -25.08 -14.81
CA THR TA 275 -25.61 -24.63 -14.22
C THR TA 275 -25.83 -24.40 -12.73
N LYS TA 276 -24.72 -24.50 -11.92
CA LYS TA 276 -24.74 -24.36 -10.47
C LYS TA 276 -24.79 -22.91 -10.22
N ARG TA 277 -23.91 -22.27 -10.98
CA ARG TA 277 -23.84 -20.80 -10.98
C ARG TA 277 -24.98 -20.21 -11.88
N PHE TA 278 -25.52 -19.09 -11.33
CA PHE TA 278 -26.56 -18.22 -11.97
C PHE TA 278 -25.95 -16.91 -12.50
N ASP TA 279 -24.64 -16.85 -12.67
CA ASP TA 279 -23.89 -15.67 -13.19
C ASP TA 279 -23.69 -15.82 -14.67
N SER TA 280 -24.27 -16.90 -15.20
CA SER TA 280 -24.69 -17.22 -16.55
C SER TA 280 -26.08 -16.67 -16.70
N GLU TA 281 -26.49 -16.07 -17.87
CA GLU TA 281 -27.78 -15.55 -18.15
C GLU TA 281 -28.55 -16.66 -18.75
N LYS TA 282 -29.61 -17.10 -18.03
CA LYS TA 282 -30.42 -18.17 -18.50
C LYS TA 282 -31.84 -17.91 -17.93
N SER TA 283 -32.85 -18.28 -18.72
CA SER TA 283 -34.25 -17.93 -18.39
C SER TA 283 -35.28 -19.05 -18.83
N GLY TA 284 -34.74 -19.80 -19.76
CA GLY TA 284 -35.42 -20.91 -20.27
C GLY TA 284 -34.59 -22.14 -19.99
N ASP TA 285 -33.27 -21.96 -19.89
CA ASP TA 285 -32.43 -23.11 -19.46
C ASP TA 285 -32.53 -23.25 -17.92
N ARG TA 286 -33.06 -22.16 -17.30
CA ARG TA 286 -33.55 -22.13 -15.91
C ARG TA 286 -34.71 -23.10 -15.72
N GLU TA 287 -35.70 -23.09 -16.62
CA GLU TA 287 -36.80 -24.02 -16.70
C GLU TA 287 -36.50 -25.39 -17.10
N VAL TA 288 -35.43 -25.65 -17.89
CA VAL TA 288 -34.94 -27.01 -18.18
C VAL TA 288 -34.42 -27.65 -16.92
N GLN TA 289 -33.77 -26.85 -16.06
CA GLN TA 289 -33.19 -27.25 -14.78
C GLN TA 289 -34.20 -27.73 -13.81
N ARG TA 290 -35.36 -27.07 -13.79
CA ARG TA 290 -36.42 -27.50 -12.93
C ARG TA 290 -37.00 -28.77 -13.46
N THR TA 291 -37.13 -28.91 -14.82
CA THR TA 291 -37.63 -30.22 -15.34
C THR TA 291 -36.75 -31.39 -15.15
N MET TA 292 -35.41 -31.31 -14.88
CA MET TA 292 -34.49 -32.35 -14.70
C MET TA 292 -34.76 -33.11 -13.40
N LEU TA 293 -35.18 -32.42 -12.33
CA LEU TA 293 -35.69 -33.02 -11.09
C LEU TA 293 -36.92 -33.81 -11.36
N GLU TA 294 -37.90 -33.30 -12.21
CA GLU TA 294 -39.22 -33.96 -12.40
C GLU TA 294 -39.08 -35.34 -13.04
N LEU TA 295 -38.14 -35.54 -13.89
CA LEU TA 295 -37.78 -36.75 -14.53
C LEU TA 295 -37.40 -37.81 -13.56
N LEU TA 296 -36.51 -37.48 -12.52
CA LEU TA 296 -36.06 -38.40 -11.51
C LEU TA 296 -37.18 -38.93 -10.61
N ASN TA 297 -38.22 -38.09 -10.40
CA ASN TA 297 -39.34 -38.45 -9.62
C ASN TA 297 -40.28 -39.43 -10.34
N GLN TA 298 -40.29 -39.32 -11.64
CA GLN TA 298 -41.18 -40.07 -12.49
C GLN TA 298 -40.64 -41.44 -12.81
N LEU TA 299 -39.37 -41.76 -12.43
CA LEU TA 299 -38.78 -43.06 -12.68
C LEU TA 299 -39.24 -43.94 -11.63
N ASP TA 300 -39.65 -43.35 -10.43
CA ASP TA 300 -40.51 -43.98 -9.45
C ASP TA 300 -42.01 -44.00 -9.84
N GLY TA 301 -42.37 -44.46 -11.04
CA GLY TA 301 -43.69 -44.58 -11.58
C GLY TA 301 -43.92 -46.02 -11.94
N PHE TA 302 -43.01 -46.91 -11.52
CA PHE TA 302 -43.01 -48.32 -11.73
C PHE TA 302 -42.46 -48.97 -10.41
N SER TA 303 -42.07 -48.21 -9.42
CA SER TA 303 -41.30 -48.53 -8.20
C SER TA 303 -39.84 -48.57 -8.64
N SER TA 304 -38.92 -48.06 -7.67
CA SER TA 304 -37.51 -47.79 -7.97
C SER TA 304 -37.29 -46.96 -9.19
N ASP TA 305 -36.66 -47.50 -10.25
CA ASP TA 305 -36.00 -46.79 -11.39
C ASP TA 305 -35.32 -47.74 -12.23
N ASP TA 306 -35.60 -48.96 -12.11
CA ASP TA 306 -34.96 -50.08 -12.83
C ASP TA 306 -35.36 -50.13 -14.28
N ARG TA 307 -36.65 -49.98 -14.59
CA ARG TA 307 -37.23 -50.09 -15.93
C ARG TA 307 -36.83 -48.91 -16.79
N VAL TA 308 -36.93 -47.67 -16.19
CA VAL TA 308 -36.63 -46.43 -16.89
C VAL TA 308 -35.50 -45.88 -16.08
N LYS TA 309 -34.28 -46.00 -16.61
CA LYS TA 309 -33.00 -45.64 -16.03
C LYS TA 309 -32.50 -44.39 -16.75
N VAL TA 310 -31.62 -43.59 -16.24
CA VAL TA 310 -31.15 -42.34 -16.80
C VAL TA 310 -29.62 -42.37 -16.58
N LEU TA 311 -28.87 -41.99 -17.63
CA LEU TA 311 -27.45 -41.79 -17.50
C LEU TA 311 -27.35 -40.38 -17.93
N ALA TA 312 -26.20 -39.75 -17.43
CA ALA TA 312 -26.12 -38.32 -17.59
C ALA TA 312 -24.59 -38.06 -17.66
N ALA TA 313 -24.16 -36.88 -18.25
CA ALA TA 313 -22.77 -36.65 -18.66
C ALA TA 313 -22.55 -35.23 -18.38
N THR TA 314 -21.34 -34.86 -17.92
CA THR TA 314 -21.09 -33.48 -17.71
C THR TA 314 -19.60 -33.49 -17.82
N ASN TA 315 -18.92 -32.36 -17.99
CA ASN TA 315 -17.59 -32.26 -18.46
C ASN TA 315 -16.86 -31.38 -17.48
N ARG TA 316 -17.52 -31.10 -16.31
CA ARG TA 316 -16.92 -30.22 -15.27
C ARG TA 316 -17.76 -30.53 -14.09
N VAL TA 317 -17.13 -30.56 -12.92
CA VAL TA 317 -17.85 -31.06 -11.72
C VAL TA 317 -18.45 -29.98 -10.82
N ASP TA 318 -18.28 -28.66 -11.09
CA ASP TA 318 -18.77 -27.58 -10.25
C ASP TA 318 -19.72 -26.78 -10.97
N VAL TA 319 -20.39 -27.44 -11.92
CA VAL TA 319 -21.56 -26.81 -12.63
C VAL TA 319 -22.75 -27.68 -12.38
N LEU TA 320 -22.64 -28.64 -11.43
CA LEU TA 320 -23.64 -29.54 -11.15
C LEU TA 320 -24.56 -28.80 -10.23
N ASP TA 321 -25.92 -28.77 -10.58
CA ASP TA 321 -26.97 -28.02 -9.98
C ASP TA 321 -27.24 -28.64 -8.61
N PRO TA 322 -27.74 -27.88 -7.65
CA PRO TA 322 -27.89 -28.41 -6.27
C PRO TA 322 -29.09 -29.28 -6.14
N ALA TA 323 -29.95 -29.37 -7.16
CA ALA TA 323 -31.17 -30.19 -7.23
C ALA TA 323 -30.90 -31.59 -7.28
N LEU TA 324 -29.89 -31.90 -8.09
CA LEU TA 324 -29.47 -33.28 -8.23
C LEU TA 324 -28.40 -33.68 -7.28
N LEU TA 325 -27.93 -32.81 -6.39
CA LEU TA 325 -26.78 -33.07 -5.48
C LEU TA 325 -27.30 -33.55 -4.15
N ARG TA 326 -28.67 -33.75 -4.08
CA ARG TA 326 -29.38 -34.16 -2.95
C ARG TA 326 -29.60 -35.60 -3.21
N SER TA 327 -29.52 -36.44 -2.14
CA SER TA 327 -29.61 -37.91 -2.19
C SER TA 327 -30.87 -38.39 -2.74
N GLY TA 328 -30.71 -39.49 -3.42
CA GLY TA 328 -31.80 -40.09 -4.07
C GLY TA 328 -32.18 -39.38 -5.38
N ARG TA 329 -31.15 -38.64 -6.05
CA ARG TA 329 -31.42 -38.05 -7.42
C ARG TA 329 -30.18 -38.38 -8.22
N LEU TA 330 -29.02 -38.66 -7.53
CA LEU TA 330 -27.83 -39.23 -8.03
C LEU TA 330 -27.36 -39.98 -6.77
N ASP TA 331 -26.71 -41.14 -7.06
CA ASP TA 331 -26.22 -42.01 -6.06
C ASP TA 331 -24.90 -42.58 -6.43
N ARG TA 332 -24.57 -42.58 -7.69
CA ARG TA 332 -23.33 -43.15 -8.25
C ARG TA 332 -22.80 -41.93 -8.88
N LYS TA 333 -21.52 -41.67 -8.53
CA LYS TA 333 -20.78 -40.65 -9.24
C LYS TA 333 -19.53 -41.37 -9.83
N ILE TA 334 -19.39 -41.40 -11.20
CA ILE TA 334 -18.55 -42.40 -11.87
C ILE TA 334 -17.61 -41.59 -12.68
N GLU TA 335 -16.28 -41.66 -12.40
CA GLU TA 335 -15.29 -40.82 -13.00
C GLU TA 335 -14.73 -41.41 -14.30
N PHE TA 336 -14.50 -40.59 -15.37
CA PHE TA 336 -13.84 -41.09 -16.59
C PHE TA 336 -12.55 -40.31 -16.57
N PRO TA 337 -11.41 -40.94 -16.48
CA PRO TA 337 -10.19 -40.18 -16.62
C PRO TA 337 -9.87 -40.10 -18.09
N LEU TA 338 -8.79 -39.34 -18.38
CA LEU TA 338 -8.05 -39.23 -19.60
C LEU TA 338 -7.34 -40.50 -19.63
N PRO TA 339 -7.59 -41.33 -20.64
CA PRO TA 339 -6.85 -42.50 -21.00
C PRO TA 339 -5.41 -42.57 -20.59
N SER TA 340 -4.97 -43.47 -19.65
CA SER TA 340 -3.68 -43.75 -19.19
C SER TA 340 -2.83 -44.44 -20.30
N GLU TA 341 -1.55 -44.79 -20.03
CA GLU TA 341 -0.60 -45.26 -21.05
C GLU TA 341 -1.13 -46.51 -21.74
N ASP TA 342 -1.71 -47.44 -20.99
CA ASP TA 342 -2.06 -48.83 -21.32
C ASP TA 342 -3.36 -48.76 -22.11
N SER TA 343 -4.20 -47.79 -21.80
CA SER TA 343 -5.44 -47.46 -22.47
C SER TA 343 -5.27 -46.81 -23.84
N ARG TA 344 -4.21 -45.98 -24.11
CA ARG TA 344 -3.95 -45.30 -25.39
C ARG TA 344 -3.73 -46.30 -26.47
N ALA TA 345 -2.88 -47.36 -26.24
CA ALA TA 345 -2.49 -48.36 -27.15
C ALA TA 345 -3.65 -49.09 -27.67
N GLN TA 346 -4.64 -49.48 -26.80
CA GLN TA 346 -5.86 -50.11 -27.25
C GLN TA 346 -6.75 -49.28 -28.10
N ILE TA 347 -6.90 -47.98 -27.79
CA ILE TA 347 -7.81 -47.14 -28.61
C ILE TA 347 -7.32 -46.96 -30.06
N LEU TA 348 -5.99 -46.75 -30.12
CA LEU TA 348 -5.26 -46.56 -31.35
C LEU TA 348 -5.46 -47.72 -32.31
N GLN TA 349 -5.50 -48.95 -31.75
CA GLN TA 349 -5.65 -50.26 -32.47
C GLN TA 349 -6.97 -50.30 -33.25
N ILE TA 350 -8.07 -49.88 -32.67
CA ILE TA 350 -9.28 -50.11 -33.35
C ILE TA 350 -9.50 -49.23 -34.53
N HIS TA 351 -8.92 -47.98 -34.39
CA HIS TA 351 -8.88 -46.97 -35.39
C HIS TA 351 -8.12 -47.53 -36.59
N SER TA 352 -7.01 -48.28 -36.24
CA SER TA 352 -6.10 -48.88 -37.15
C SER TA 352 -6.60 -50.05 -37.84
N ARG TA 353 -7.70 -50.65 -37.47
CA ARG TA 353 -8.31 -51.84 -38.08
C ARG TA 353 -9.42 -51.40 -39.06
N LYS TA 354 -9.64 -50.06 -39.24
CA LYS TA 354 -10.51 -49.57 -40.30
C LYS TA 354 -9.70 -49.61 -41.57
N MET TA 355 -8.37 -49.23 -41.46
CA MET TA 355 -7.36 -49.16 -42.57
C MET TA 355 -6.46 -50.36 -42.44
N THR TA 356 -5.70 -50.55 -43.52
CA THR TA 356 -4.72 -51.67 -43.49
C THR TA 356 -3.76 -51.61 -42.27
N THR TA 357 -3.43 -52.80 -41.72
CA THR TA 357 -2.48 -52.96 -40.66
C THR TA 357 -1.28 -53.64 -41.25
N ASP TA 358 -0.08 -53.58 -40.53
CA ASP TA 358 1.10 -54.11 -41.02
C ASP TA 358 1.84 -54.48 -39.78
N ASP TA 359 2.98 -55.20 -39.94
CA ASP TA 359 3.79 -55.63 -38.83
C ASP TA 359 4.69 -54.56 -38.30
N ASP TA 360 4.67 -53.41 -39.08
CA ASP TA 360 5.55 -52.26 -38.90
C ASP TA 360 5.06 -51.50 -37.62
N ILE TA 361 3.70 -51.44 -37.52
CA ILE TA 361 3.02 -50.71 -36.49
C ILE TA 361 3.24 -51.38 -35.23
N ASN TA 362 3.60 -50.65 -34.10
CA ASN TA 362 3.55 -51.14 -32.78
C ASN TA 362 2.98 -49.98 -32.05
N TRP TA 363 1.72 -50.22 -31.60
CA TRP TA 363 0.85 -49.30 -30.89
C TRP TA 363 1.34 -48.86 -29.54
N GLN TA 364 2.12 -49.73 -28.88
CA GLN TA 364 2.66 -49.57 -27.50
C GLN TA 364 3.61 -48.38 -27.68
N GLU TA 365 4.44 -48.43 -28.78
CA GLU TA 365 5.52 -47.56 -29.17
C GLU TA 365 4.92 -46.19 -29.63
N LEU TA 366 3.70 -46.20 -30.29
CA LEU TA 366 2.96 -44.93 -30.69
C LEU TA 366 2.37 -44.25 -29.47
N ALA TA 367 1.90 -45.04 -28.46
CA ALA TA 367 1.26 -44.64 -27.23
C ALA TA 367 2.26 -43.90 -26.37
N ARG TA 368 3.55 -44.32 -26.34
CA ARG TA 368 4.60 -43.63 -25.57
C ARG TA 368 4.81 -42.23 -26.03
N SER TA 369 4.75 -42.04 -27.39
CA SER TA 369 5.00 -40.80 -28.14
C SER TA 369 4.02 -39.62 -27.66
N THR TA 370 2.77 -40.08 -27.43
CA THR TA 370 1.61 -39.23 -27.14
C THR TA 370 1.47 -39.34 -25.64
N ASP TA 371 0.65 -38.46 -25.08
CA ASP TA 371 0.46 -38.18 -23.67
C ASP TA 371 -0.53 -37.05 -23.75
N GLU TA 372 -1.60 -37.33 -23.01
CA GLU TA 372 -2.72 -36.48 -22.85
C GLU TA 372 -3.43 -36.27 -24.25
N PHE TA 373 -3.71 -37.46 -24.88
CA PHE TA 373 -4.50 -37.43 -26.11
C PHE TA 373 -5.71 -38.27 -25.72
N ASN TA 374 -6.89 -37.60 -25.88
CA ASN TA 374 -8.14 -38.23 -25.57
C ASN TA 374 -8.68 -38.99 -26.74
N GLY TA 375 -9.78 -39.75 -26.73
CA GLY TA 375 -10.30 -40.63 -27.78
C GLY TA 375 -10.39 -40.01 -29.17
N ALA TA 376 -10.83 -38.76 -29.19
CA ALA TA 376 -11.15 -38.04 -30.39
C ALA TA 376 -9.84 -37.78 -31.11
N GLN TA 377 -8.84 -37.31 -30.30
CA GLN TA 377 -7.50 -36.90 -30.73
C GLN TA 377 -6.70 -38.00 -31.30
N LEU TA 378 -6.86 -39.21 -30.72
CA LEU TA 378 -6.15 -40.39 -31.09
C LEU TA 378 -6.55 -40.76 -32.49
N LYS TA 379 -7.88 -40.69 -32.76
CA LYS TA 379 -8.45 -40.91 -34.11
C LYS TA 379 -8.00 -39.87 -35.12
N ALA TA 380 -7.82 -38.64 -34.65
CA ALA TA 380 -7.32 -37.50 -35.47
C ALA TA 380 -5.90 -37.75 -36.00
N VAL TA 381 -4.96 -38.21 -35.28
CA VAL TA 381 -3.61 -38.54 -35.67
C VAL TA 381 -3.65 -39.71 -36.67
N THR TA 382 -4.42 -40.81 -36.45
CA THR TA 382 -4.38 -42.02 -37.32
C THR TA 382 -4.93 -41.82 -38.74
N VAL TA 383 -6.08 -41.09 -38.82
CA VAL TA 383 -6.73 -40.76 -40.03
C VAL TA 383 -5.89 -39.82 -40.86
N GLU TA 384 -5.31 -38.84 -40.16
CA GLU TA 384 -4.40 -37.84 -40.65
C GLU TA 384 -3.13 -38.44 -41.23
N ALA TA 385 -2.61 -39.52 -40.60
CA ALA TA 385 -1.40 -40.21 -40.96
C ALA TA 385 -1.56 -40.99 -42.27
N GLY TA 386 -2.86 -41.54 -42.53
CA GLY TA 386 -3.17 -42.14 -43.84
C GLY TA 386 -3.19 -41.05 -44.97
N MET TA 387 -3.46 -39.79 -44.72
CA MET TA 387 -3.54 -38.74 -45.76
C MET TA 387 -2.21 -38.47 -46.17
N ILE TA 388 -1.29 -38.43 -45.20
CA ILE TA 388 0.07 -38.11 -45.37
C ILE TA 388 0.75 -39.10 -46.16
N ALA TA 389 0.46 -40.37 -45.94
CA ALA TA 389 0.97 -41.47 -46.65
C ALA TA 389 0.52 -41.49 -48.11
N LEU TA 390 -0.72 -41.03 -48.41
CA LEU TA 390 -1.32 -41.01 -49.70
C LEU TA 390 -0.63 -40.04 -50.71
N ARG TA 391 -0.33 -38.81 -50.18
CA ARG TA 391 0.54 -37.86 -50.80
C ARG TA 391 1.93 -38.36 -51.15
N ASN TA 392 2.62 -39.08 -50.25
CA ASN TA 392 3.98 -39.58 -50.49
C ASN TA 392 4.08 -40.55 -51.62
N GLY TA 393 3.06 -41.39 -51.89
CA GLY TA 393 3.08 -42.39 -52.95
C GLY TA 393 2.73 -43.73 -52.42
N GLN TA 394 2.44 -43.79 -51.15
CA GLN TA 394 2.12 -45.05 -50.52
C GLN TA 394 0.65 -45.22 -50.61
N SER TA 395 0.15 -46.44 -50.37
CA SER TA 395 -1.27 -46.74 -50.35
C SER TA 395 -1.68 -47.51 -49.18
N SER TA 396 -0.85 -47.55 -48.09
CA SER TA 396 -0.99 -48.24 -46.82
C SER TA 396 -0.29 -47.27 -45.81
N VAL TA 397 -0.57 -47.35 -44.49
CA VAL TA 397 0.08 -46.49 -43.48
C VAL TA 397 1.35 -47.31 -42.98
N LYS TA 398 2.33 -46.60 -42.26
CA LYS TA 398 3.45 -47.24 -41.57
C LYS TA 398 3.58 -46.53 -40.33
N HIS TA 399 4.53 -47.05 -39.48
CA HIS TA 399 4.87 -46.54 -38.20
C HIS TA 399 5.31 -45.04 -38.26
N GLU TA 400 6.13 -44.67 -39.23
CA GLU TA 400 6.71 -43.36 -39.27
C GLU TA 400 5.61 -42.33 -39.51
N ASP TA 401 4.62 -42.63 -40.39
CA ASP TA 401 3.52 -41.78 -40.77
C ASP TA 401 2.64 -41.37 -39.63
N PHE TA 402 2.45 -42.25 -38.61
CA PHE TA 402 1.66 -41.88 -37.42
C PHE TA 402 2.25 -40.77 -36.58
N VAL TA 403 3.62 -40.93 -36.55
CA VAL TA 403 4.49 -39.95 -35.86
C VAL TA 403 4.26 -38.67 -36.55
N GLU TA 404 4.18 -38.63 -37.93
CA GLU TA 404 3.96 -37.41 -38.66
C GLU TA 404 2.65 -36.81 -38.36
N GLY TA 405 1.54 -37.63 -38.09
CA GLY TA 405 0.19 -37.15 -37.72
C GLY TA 405 0.12 -36.25 -36.49
N ILE TA 406 1.01 -36.61 -35.50
CA ILE TA 406 1.21 -35.92 -34.23
C ILE TA 406 1.77 -34.53 -34.30
N SER TA 407 2.61 -34.32 -35.38
CA SER TA 407 3.36 -33.10 -35.60
C SER TA 407 2.46 -32.08 -36.28
N GLU TA 408 1.11 -32.33 -36.50
CA GLU TA 408 0.01 -31.42 -36.94
C GLU TA 408 -0.75 -30.88 -35.75
N VAL TA 409 -0.88 -31.73 -34.71
CA VAL TA 409 -1.55 -31.35 -33.48
C VAL TA 409 -0.76 -30.32 -32.80
N GLN TA 410 0.57 -30.52 -32.78
CA GLN TA 410 1.54 -29.68 -32.31
C GLN TA 410 2.02 -28.80 -33.38
N ALA TA 411 2.90 -27.81 -33.08
CA ALA TA 411 3.50 -26.90 -34.01
C ALA TA 411 4.99 -27.16 -34.16
N ARG TA 412 5.37 -28.33 -33.59
CA ARG TA 412 6.72 -28.81 -33.83
C ARG TA 412 7.09 -29.14 -35.28
N LYS TA 413 8.32 -28.85 -35.69
CA LYS TA 413 8.97 -29.17 -36.94
C LYS TA 413 9.48 -30.58 -36.82
N SER TA 414 9.13 -31.37 -37.84
CA SER TA 414 9.42 -32.80 -37.87
C SER TA 414 10.85 -33.19 -38.00
N LYS TA 415 11.44 -32.37 -38.89
CA LYS TA 415 12.81 -32.55 -39.23
C LYS TA 415 13.48 -31.19 -39.19
N SER TA 416 14.39 -31.04 -38.23
CA SER TA 416 15.20 -29.86 -38.10
C SER TA 416 16.49 -30.27 -37.48
N VAL TA 417 17.52 -29.51 -37.79
CA VAL TA 417 18.97 -29.88 -37.49
C VAL TA 417 19.21 -29.47 -36.05
N SER TA 418 20.10 -30.26 -35.35
CA SER TA 418 20.54 -30.01 -34.02
C SER TA 418 21.32 -28.67 -33.88
N PHE TA 419 20.60 -27.57 -33.49
CA PHE TA 419 21.35 -26.41 -33.09
C PHE TA 419 20.42 -25.59 -32.31
N TYR TA 420 19.31 -26.23 -31.90
CA TYR TA 420 18.37 -25.72 -30.87
C TYR TA 420 17.55 -26.87 -30.40
N ALA TA 421 17.75 -28.09 -31.05
CA ALA TA 421 16.95 -29.26 -30.74
C ALA TA 421 17.72 -30.35 -31.49
N MET UA 1 -98.34 83.20 -32.11
CA MET UA 1 -98.89 81.89 -31.68
C MET UA 1 -99.84 82.19 -30.56
N THR UA 2 -99.48 81.96 -29.29
CA THR UA 2 -100.41 82.04 -28.21
C THR UA 2 -99.64 82.92 -27.22
N ALA UA 3 -100.43 83.73 -26.50
CA ALA UA 3 -99.86 84.46 -25.43
C ALA UA 3 -100.98 84.99 -24.60
N ALA UA 4 -100.61 85.47 -23.39
CA ALA UA 4 -101.44 86.15 -22.42
C ALA UA 4 -101.49 87.64 -22.84
N VAL UA 5 -100.58 88.11 -23.78
CA VAL UA 5 -100.51 89.42 -24.32
C VAL UA 5 -101.18 89.46 -25.65
N THR UA 6 -101.61 88.27 -26.18
CA THR UA 6 -102.50 87.96 -27.36
C THR UA 6 -103.53 87.03 -26.90
N SER UA 7 -104.15 86.33 -27.92
CA SER UA 7 -105.09 85.24 -27.69
C SER UA 7 -104.53 84.01 -27.00
N SER UA 8 -105.35 83.52 -26.04
CA SER UA 8 -105.20 82.28 -25.33
C SER UA 8 -106.35 81.39 -25.94
N ASN UA 9 -107.04 81.87 -27.03
CA ASN UA 9 -108.27 81.43 -27.58
C ASN UA 9 -109.39 81.92 -26.61
N ILE UA 10 -109.36 83.21 -26.16
CA ILE UA 10 -110.21 83.89 -25.27
C ILE UA 10 -110.70 83.10 -24.07
N VAL UA 11 -109.73 82.78 -23.19
CA VAL UA 11 -109.67 81.98 -21.98
C VAL UA 11 -110.38 80.63 -21.90
N LEU UA 12 -110.27 79.87 -23.04
CA LEU UA 12 -110.75 78.51 -23.15
C LEU UA 12 -110.00 77.62 -22.29
N GLU UA 13 -108.63 77.88 -22.11
CA GLU UA 13 -107.71 77.09 -21.44
C GLU UA 13 -107.99 76.97 -19.95
N THR UA 14 -108.66 77.96 -19.35
CA THR UA 14 -109.14 77.91 -17.96
C THR UA 14 -110.14 76.88 -17.65
N HIS UA 15 -111.14 76.74 -18.55
CA HIS UA 15 -112.17 75.74 -18.49
C HIS UA 15 -111.72 74.43 -18.70
N GLU UA 16 -110.83 74.21 -19.69
CA GLU UA 16 -110.21 73.04 -20.05
C GLU UA 16 -109.44 72.50 -18.87
N SER UA 17 -108.79 73.38 -18.20
CA SER UA 17 -107.92 73.03 -17.08
C SER UA 17 -108.75 72.42 -15.99
N GLY UA 18 -109.97 72.94 -15.78
CA GLY UA 18 -110.85 72.35 -14.86
C GLY UA 18 -111.26 70.89 -15.07
N ILE UA 19 -111.34 70.36 -16.30
CA ILE UA 19 -111.67 68.99 -16.56
C ILE UA 19 -110.38 68.16 -16.92
N LYS UA 20 -109.19 68.80 -16.93
CA LYS UA 20 -107.89 68.12 -17.11
C LYS UA 20 -107.65 67.07 -15.99
N PRO UA 21 -107.76 67.15 -14.65
CA PRO UA 21 -107.11 66.20 -13.83
C PRO UA 21 -107.49 64.72 -13.90
N TYR UA 22 -108.72 64.26 -14.38
CA TYR UA 22 -109.17 62.89 -14.53
C TYR UA 22 -108.36 62.25 -15.64
N PHE UA 23 -108.11 63.02 -16.77
CA PHE UA 23 -107.40 62.65 -18.00
C PHE UA 23 -105.97 62.38 -17.73
N GLU UA 24 -105.36 63.30 -16.97
CA GLU UA 24 -103.96 63.17 -16.53
C GLU UA 24 -103.67 62.07 -15.52
N GLN UA 25 -104.59 61.94 -14.49
CA GLN UA 25 -104.40 61.06 -13.33
C GLN UA 25 -103.98 59.62 -13.71
N LYS UA 26 -104.64 58.97 -14.65
CA LYS UA 26 -104.44 57.66 -15.11
C LYS UA 26 -103.20 57.46 -15.90
N ILE UA 27 -102.77 58.50 -16.58
CA ILE UA 27 -101.45 58.55 -17.27
C ILE UA 27 -100.29 58.71 -16.23
N GLN UA 28 -100.49 59.31 -15.06
CA GLN UA 28 -99.44 59.42 -14.09
C GLN UA 28 -99.31 58.10 -13.36
N GLU UA 29 -100.40 57.34 -13.22
CA GLU UA 29 -100.36 55.97 -12.64
C GLU UA 29 -99.58 54.98 -13.55
N THR UA 30 -99.84 55.14 -14.85
CA THR UA 30 -99.24 54.39 -15.92
C THR UA 30 -97.84 54.84 -16.03
N GLU UA 31 -97.41 56.12 -15.68
CA GLU UA 31 -96.06 56.54 -15.89
C GLU UA 31 -95.20 55.67 -14.98
N LEU UA 32 -95.60 55.55 -13.66
CA LEU UA 32 -94.94 54.91 -12.54
C LEU UA 32 -94.85 53.44 -12.69
N LYS UA 33 -95.87 52.78 -13.28
CA LYS UA 33 -95.99 51.41 -13.71
C LYS UA 33 -95.01 51.08 -14.75
N ILE UA 34 -94.71 51.95 -15.79
CA ILE UA 34 -93.77 51.78 -16.87
C ILE UA 34 -92.36 51.74 -16.21
N ARG UA 35 -92.04 52.65 -15.25
CA ARG UA 35 -90.71 52.78 -14.69
C ARG UA 35 -90.33 51.46 -14.05
N SER UA 36 -91.25 50.78 -13.28
CA SER UA 36 -91.07 49.51 -12.67
C SER UA 36 -91.06 48.34 -13.58
N LYS UA 37 -91.98 48.32 -14.57
CA LYS UA 37 -92.27 47.17 -15.43
C LYS UA 37 -91.11 46.84 -16.30
N THR UA 38 -90.56 47.96 -16.78
CA THR UA 38 -89.39 48.06 -17.68
C THR UA 38 -88.19 47.48 -17.20
N GLU UA 39 -87.86 47.99 -15.91
CA GLU UA 39 -86.75 47.59 -15.10
C GLU UA 39 -86.81 46.13 -14.78
N ASN UA 40 -88.04 45.56 -14.45
CA ASN UA 40 -88.20 44.16 -14.15
C ASN UA 40 -87.98 43.29 -15.38
N VAL UA 41 -88.42 43.76 -16.56
CA VAL UA 41 -88.42 43.04 -17.81
C VAL UA 41 -87.00 42.82 -18.22
N ARG UA 42 -86.10 43.85 -18.17
CA ARG UA 42 -84.65 43.79 -18.44
C ARG UA 42 -83.85 43.18 -17.34
N ARG UA 43 -84.40 43.07 -16.10
CA ARG UA 43 -83.71 42.51 -14.95
C ARG UA 43 -83.71 41.02 -15.14
N LEU UA 44 -84.93 40.54 -15.62
CA LEU UA 44 -85.12 39.14 -15.82
C LEU UA 44 -84.30 38.70 -17.00
N GLU UA 45 -84.08 39.61 -18.02
CA GLU UA 45 -83.48 39.23 -19.28
C GLU UA 45 -82.01 39.05 -19.07
N ALA UA 46 -81.42 39.82 -18.18
CA ALA UA 46 -80.00 39.70 -17.79
C ALA UA 46 -79.69 38.37 -17.20
N GLN UA 47 -80.57 38.01 -16.28
CA GLN UA 47 -80.58 36.82 -15.48
C GLN UA 47 -80.82 35.57 -16.37
N ARG UA 48 -81.75 35.70 -17.34
CA ARG UA 48 -82.11 34.71 -18.30
C ARG UA 48 -80.94 34.39 -19.18
N ASN UA 49 -80.23 35.48 -19.70
CA ASN UA 49 -79.14 35.35 -20.64
C ASN UA 49 -77.90 34.69 -19.99
N ALA UA 50 -77.73 35.02 -18.70
CA ALA UA 50 -76.62 34.44 -17.89
C ALA UA 50 -76.79 33.00 -17.62
N LEU UA 51 -77.96 32.44 -17.23
CA LEU UA 51 -78.15 30.99 -17.07
C LEU UA 51 -78.07 30.26 -18.51
N ASN UA 52 -78.74 30.80 -19.57
CA ASN UA 52 -78.66 30.27 -20.91
C ASN UA 52 -77.28 30.06 -21.52
N ASP UA 53 -76.43 31.03 -21.39
CA ASP UA 53 -75.03 30.92 -21.87
C ASP UA 53 -74.34 29.77 -21.16
N LYS UA 54 -74.57 29.62 -19.80
CA LYS UA 54 -73.96 28.60 -18.95
C LYS UA 54 -74.38 27.21 -19.35
N VAL UA 55 -75.66 26.94 -19.76
CA VAL UA 55 -76.07 25.64 -20.19
C VAL UA 55 -75.44 25.33 -21.54
N ARG UA 56 -75.42 26.30 -22.56
CA ARG UA 56 -74.90 26.06 -23.89
C ARG UA 56 -73.40 25.68 -23.85
N PHE UA 57 -72.58 26.31 -23.04
CA PHE UA 57 -71.21 26.03 -22.85
C PHE UA 57 -70.94 24.75 -22.28
N ILE UA 58 -71.67 24.20 -21.28
CA ILE UA 58 -71.47 22.87 -20.71
C ILE UA 58 -71.77 21.82 -21.76
N LYS UA 59 -72.82 22.04 -22.54
CA LYS UA 59 -73.18 21.17 -23.65
C LYS UA 59 -72.09 21.13 -24.73
N ASP UA 60 -71.45 22.29 -24.87
CA ASP UA 60 -70.32 22.55 -25.74
C ASP UA 60 -69.05 21.80 -25.31
N GLU UA 61 -68.78 21.65 -24.01
CA GLU UA 61 -67.68 20.95 -23.42
C GLU UA 61 -67.86 19.50 -23.70
N LEU UA 62 -69.07 19.02 -23.49
CA LEU UA 62 -69.57 17.67 -23.68
C LEU UA 62 -69.53 17.22 -25.11
N ARG UA 63 -69.85 18.15 -26.05
CA ARG UA 63 -69.96 17.98 -27.47
C ARG UA 63 -68.67 17.57 -28.06
N LEU UA 64 -67.58 18.32 -27.70
CA LEU UA 64 -66.26 18.18 -28.21
C LEU UA 64 -65.69 16.93 -27.55
N LEU UA 65 -66.11 16.48 -26.29
CA LEU UA 65 -65.55 15.25 -25.80
C LEU UA 65 -66.06 14.13 -26.63
N GLN UA 66 -67.35 14.14 -27.08
CA GLN UA 66 -67.89 13.13 -27.98
C GLN UA 66 -67.23 13.12 -29.31
N GLU UA 67 -66.80 14.31 -29.82
CA GLU UA 67 -65.98 14.34 -31.01
C GLU UA 67 -64.69 13.63 -30.70
N PRO UA 68 -64.08 13.01 -31.66
CA PRO UA 68 -62.84 12.38 -31.58
C PRO UA 68 -61.65 13.18 -31.16
N GLY UA 69 -60.59 12.47 -30.73
CA GLY UA 69 -59.36 13.05 -30.18
C GLY UA 69 -58.60 13.75 -31.24
N SER UA 70 -57.40 14.23 -30.74
CA SER UA 70 -56.58 15.06 -31.53
C SER UA 70 -55.17 14.57 -31.17
N TYR UA 71 -54.26 14.99 -32.03
CA TYR UA 71 -52.80 14.63 -31.98
C TYR UA 71 -51.93 15.80 -32.18
N VAL UA 72 -50.69 15.52 -32.65
CA VAL UA 72 -49.57 16.41 -32.52
C VAL UA 72 -48.36 15.74 -33.07
N GLY UA 73 -47.70 16.43 -34.09
CA GLY UA 73 -46.49 15.94 -34.78
C GLY UA 73 -45.56 17.08 -34.99
N GLU UA 74 -44.57 16.86 -35.90
CA GLU UA 74 -43.71 17.96 -36.33
C GLU UA 74 -43.38 17.64 -37.76
N VAL UA 75 -43.60 18.75 -38.50
CA VAL UA 75 -43.26 18.83 -39.90
C VAL UA 75 -41.78 18.67 -40.19
N ILE UA 76 -41.54 17.67 -41.02
CA ILE UA 76 -40.21 17.29 -41.44
C ILE UA 76 -39.93 17.97 -42.71
N LYS UA 77 -40.92 18.09 -43.69
CA LYS UA 77 -40.61 18.64 -44.98
C LYS UA 77 -41.91 19.02 -45.53
N ILE UA 78 -41.84 19.75 -46.70
CA ILE UA 78 -43.06 20.42 -47.31
C ILE UA 78 -43.23 19.75 -48.65
N VAL UA 79 -44.43 19.44 -49.10
CA VAL UA 79 -44.82 18.78 -50.36
C VAL UA 79 -45.57 19.87 -51.22
N SER UA 80 -45.60 19.78 -52.57
CA SER UA 80 -45.97 20.78 -53.48
C SER UA 80 -47.23 20.35 -54.16
N ASP UA 81 -47.96 19.46 -53.47
CA ASP UA 81 -49.18 18.89 -53.94
C ASP UA 81 -50.26 19.52 -53.23
N LYS UA 82 -49.95 20.58 -52.36
CA LYS UA 82 -50.77 21.23 -51.31
C LYS UA 82 -50.88 20.32 -50.09
N LYS UA 83 -49.77 19.65 -49.69
CA LYS UA 83 -49.75 18.87 -48.57
C LYS UA 83 -48.53 19.16 -47.76
N VAL UA 84 -48.32 18.58 -46.55
CA VAL UA 84 -47.13 18.69 -45.79
C VAL UA 84 -46.83 17.30 -45.21
N LEU UA 85 -45.59 17.06 -44.81
CA LEU UA 85 -45.19 15.76 -44.29
C LEU UA 85 -44.99 15.94 -42.88
N VAL UA 86 -45.70 15.16 -42.04
CA VAL UA 86 -45.76 15.42 -40.61
C VAL UA 86 -45.18 14.24 -40.02
N LYS UA 87 -44.38 14.29 -38.90
CA LYS UA 87 -44.03 13.04 -38.26
C LYS UA 87 -44.66 13.08 -36.86
N VAL UA 88 -45.72 12.30 -36.56
CA VAL UA 88 -46.50 12.08 -35.30
C VAL UA 88 -45.55 11.36 -34.43
N GLN UA 89 -45.58 11.83 -33.15
CA GLN UA 89 -44.48 11.63 -32.20
C GLN UA 89 -44.30 10.29 -31.71
N PRO UA 90 -45.27 9.48 -31.40
CA PRO UA 90 -45.16 8.01 -31.10
C PRO UA 90 -45.45 7.16 -32.37
N GLU UA 91 -45.69 7.70 -33.55
CA GLU UA 91 -46.30 7.05 -34.76
C GLU UA 91 -45.53 7.34 -36.01
N GLY UA 92 -45.78 6.64 -37.20
CA GLY UA 92 -45.15 6.84 -38.46
C GLY UA 92 -45.26 8.28 -39.04
N LYS UA 93 -44.77 8.49 -40.33
CA LYS UA 93 -44.85 9.71 -41.10
C LYS UA 93 -46.24 9.68 -41.76
N TYR UA 94 -46.81 10.82 -42.08
CA TYR UA 94 -47.97 10.85 -42.93
C TYR UA 94 -47.90 12.08 -43.76
N ILE UA 95 -48.38 12.00 -45.01
CA ILE UA 95 -48.53 13.16 -45.86
C ILE UA 95 -50.05 13.35 -45.84
N VAL UA 96 -50.50 14.56 -45.40
CA VAL UA 96 -51.89 14.68 -44.95
C VAL UA 96 -52.14 16.15 -45.40
N ASP UA 97 -53.45 16.32 -45.83
CA ASP UA 97 -53.89 17.66 -46.17
C ASP UA 97 -53.88 18.65 -45.06
N VAL UA 98 -53.72 19.92 -45.42
CA VAL UA 98 -53.59 20.97 -44.51
C VAL UA 98 -54.86 21.70 -44.24
N ALA UA 99 -54.91 22.37 -43.06
CA ALA UA 99 -56.01 23.23 -42.60
C ALA UA 99 -56.29 24.32 -43.58
N LYS UA 100 -57.59 24.83 -43.55
CA LYS UA 100 -58.13 25.79 -44.54
C LYS UA 100 -57.71 27.18 -44.24
N ASP UA 101 -56.93 27.46 -43.16
CA ASP UA 101 -56.64 28.74 -42.67
C ASP UA 101 -55.18 29.11 -42.86
N ILE UA 102 -54.38 28.10 -43.44
CA ILE UA 102 -52.99 28.24 -43.62
C ILE UA 102 -52.63 27.63 -45.04
N ASN UA 103 -51.35 27.97 -45.42
CA ASN UA 103 -50.75 27.60 -46.61
C ASN UA 103 -49.44 26.84 -46.29
N VAL UA 104 -48.77 26.32 -47.39
CA VAL UA 104 -47.51 25.62 -47.29
C VAL UA 104 -46.29 26.57 -47.37
N LYS UA 105 -46.66 27.89 -47.27
CA LYS UA 105 -45.84 29.01 -47.18
C LYS UA 105 -45.99 29.57 -45.77
N ASP UA 106 -46.98 29.04 -45.04
CA ASP UA 106 -47.36 29.48 -43.64
C ASP UA 106 -46.84 28.36 -42.71
N LEU UA 107 -46.65 27.11 -43.17
CA LEU UA 107 -46.04 25.99 -42.51
C LEU UA 107 -44.67 25.93 -43.03
N LYS UA 108 -43.74 25.72 -42.04
CA LYS UA 108 -42.32 25.76 -42.26
C LYS UA 108 -41.78 24.41 -41.84
N ALA UA 109 -40.47 24.14 -42.25
CA ALA UA 109 -39.71 23.06 -41.79
C ALA UA 109 -39.43 23.19 -40.26
N SER UA 110 -39.54 22.09 -39.56
CA SER UA 110 -39.38 21.98 -38.12
C SER UA 110 -40.46 22.72 -37.25
N GLN UA 111 -41.64 22.98 -37.92
CA GLN UA 111 -42.84 23.61 -37.27
C GLN UA 111 -43.55 22.48 -36.64
N ARG UA 112 -43.94 22.61 -35.37
CA ARG UA 112 -44.80 21.72 -34.64
C ARG UA 112 -46.16 22.20 -34.99
N VAL UA 113 -47.02 21.20 -35.07
CA VAL UA 113 -48.44 21.41 -35.45
C VAL UA 113 -49.36 20.50 -34.66
N CYS UA 114 -50.67 20.75 -34.63
CA CYS UA 114 -51.76 19.92 -34.02
C CYS UA 114 -52.40 19.21 -35.14
N LEU UA 115 -53.08 18.10 -34.86
CA LEU UA 115 -53.69 17.25 -35.81
C LEU UA 115 -54.93 16.72 -35.13
N ARG UA 116 -55.89 16.03 -35.86
CA ARG UA 116 -57.12 15.41 -35.40
C ARG UA 116 -56.54 14.01 -35.01
N SER UA 117 -57.37 12.91 -35.23
CA SER UA 117 -57.03 11.54 -35.01
C SER UA 117 -57.90 10.66 -35.95
N ASP UA 118 -58.91 11.16 -36.67
CA ASP UA 118 -59.79 10.33 -37.51
C ASP UA 118 -59.41 10.53 -38.92
N SER UA 119 -58.41 11.36 -39.16
CA SER UA 119 -57.80 11.66 -40.43
C SER UA 119 -56.50 12.39 -40.32
N TYR UA 120 -56.16 12.81 -39.07
CA TYR UA 120 -54.93 13.47 -38.84
C TYR UA 120 -54.82 14.79 -39.56
N MET UA 121 -55.98 15.33 -39.98
CA MET UA 121 -56.14 16.65 -40.60
C MET UA 121 -55.65 17.70 -39.71
N LEU UA 122 -54.80 18.66 -40.18
CA LEU UA 122 -54.25 19.71 -39.43
C LEU UA 122 -55.35 20.63 -38.81
N HIS UA 123 -55.02 21.24 -37.65
CA HIS UA 123 -55.59 22.32 -36.93
C HIS UA 123 -54.82 23.60 -37.21
N LYS UA 124 -53.83 23.91 -36.28
CA LYS UA 124 -53.10 25.12 -36.43
C LYS UA 124 -51.72 24.89 -35.85
N VAL UA 125 -50.81 25.85 -36.11
CA VAL UA 125 -49.50 26.02 -35.66
C VAL UA 125 -49.37 26.15 -34.15
N LEU UA 126 -48.28 25.63 -33.57
CA LEU UA 126 -48.05 25.65 -32.14
C LEU UA 126 -46.57 25.99 -31.94
N GLU UA 127 -46.21 26.87 -30.98
CA GLU UA 127 -44.77 27.10 -30.79
C GLU UA 127 -44.33 26.46 -29.44
N ASN UA 128 -45.27 25.85 -28.77
CA ASN UA 128 -45.01 25.26 -27.51
C ASN UA 128 -44.63 23.85 -27.92
N LYS UA 129 -43.40 23.52 -27.61
CA LYS UA 129 -42.83 22.26 -27.94
C LYS UA 129 -42.62 21.58 -26.64
N ALA UA 130 -43.26 20.42 -26.62
CA ALA UA 130 -43.48 19.60 -25.45
C ALA UA 130 -42.61 18.35 -25.49
N ASP UA 131 -41.67 18.26 -24.50
CA ASP UA 131 -40.59 17.32 -24.31
C ASP UA 131 -40.42 17.26 -22.84
N PRO UA 132 -39.76 16.21 -22.28
CA PRO UA 132 -39.54 16.09 -20.86
C PRO UA 132 -38.56 17.09 -20.42
N LEU UA 133 -37.53 17.38 -21.18
CA LEU UA 133 -36.61 18.49 -20.78
C LEU UA 133 -37.23 19.87 -20.61
N VAL UA 134 -38.16 20.23 -21.62
CA VAL UA 134 -38.92 21.51 -21.53
C VAL UA 134 -39.84 21.51 -20.25
N SER UA 135 -40.51 20.38 -19.90
CA SER UA 135 -41.33 20.19 -18.72
C SER UA 135 -40.43 20.21 -17.50
N LEU UA 136 -39.11 19.95 -17.58
CA LEU UA 136 -38.15 20.03 -16.46
C LEU UA 136 -37.95 21.46 -16.01
N MET UA 137 -38.03 22.44 -16.97
CA MET UA 137 -37.99 23.84 -16.73
C MET UA 137 -39.23 24.19 -16.00
N MET UA 138 -40.43 23.60 -16.27
CA MET UA 138 -41.69 23.91 -15.58
C MET UA 138 -41.51 23.45 -14.10
N VAL UA 139 -40.90 22.31 -13.75
CA VAL UA 139 -40.71 21.83 -12.46
C VAL UA 139 -39.79 22.71 -11.68
N GLU UA 140 -38.65 23.07 -12.29
CA GLU UA 140 -37.58 23.82 -11.62
C GLU UA 140 -38.07 25.21 -11.11
N LYS UA 141 -38.98 25.83 -11.88
CA LYS UA 141 -39.56 27.12 -11.67
C LYS UA 141 -38.50 28.15 -11.97
N VAL UA 142 -38.64 29.35 -11.38
CA VAL UA 142 -37.73 30.43 -11.55
C VAL UA 142 -36.42 30.35 -10.75
N PRO UA 143 -35.29 30.87 -11.31
CA PRO UA 143 -34.05 31.03 -10.53
C PRO UA 143 -34.24 32.00 -9.41
N ASP UA 144 -33.46 31.88 -8.35
CA ASP UA 144 -33.64 32.66 -7.17
C ASP UA 144 -32.24 33.02 -6.70
N SER UA 145 -32.36 33.81 -5.70
CA SER UA 145 -31.28 34.31 -4.80
C SER UA 145 -30.44 35.38 -5.35
N THR UA 146 -29.46 35.83 -4.57
CA THR UA 146 -28.74 36.96 -4.89
C THR UA 146 -27.37 36.69 -4.28
N TYR UA 147 -26.32 37.29 -4.90
CA TYR UA 147 -24.88 37.14 -4.58
C TYR UA 147 -24.59 37.40 -3.06
N ASP UA 148 -25.26 38.38 -2.38
CA ASP UA 148 -25.05 38.74 -0.96
C ASP UA 148 -25.70 37.76 0.03
N MET UA 149 -26.67 36.91 -0.41
CA MET UA 149 -27.25 35.79 0.32
C MET UA 149 -26.19 34.70 0.40
N VAL UA 150 -25.35 34.66 -0.66
CA VAL UA 150 -24.26 33.68 -0.83
C VAL UA 150 -22.96 34.49 -0.88
N GLY UA 151 -22.82 35.51 0.07
CA GLY UA 151 -21.63 36.29 0.23
C GLY UA 151 -20.55 35.45 0.78
N GLY UA 152 -19.33 36.01 0.87
CA GLY UA 152 -18.19 35.21 1.27
C GLY UA 152 -17.68 34.44 0.05
N LEU UA 153 -16.39 34.01 0.01
CA LEU UA 153 -15.77 33.50 -1.14
C LEU UA 153 -15.74 34.51 -2.26
N THR UA 154 -15.04 35.71 -1.95
CA THR UA 154 -15.25 36.95 -2.71
C THR UA 154 -14.69 36.80 -4.13
N LYS UA 155 -13.54 36.13 -4.16
CA LYS UA 155 -12.73 35.87 -5.31
C LYS UA 155 -13.50 35.30 -6.44
N GLN UA 156 -14.32 34.31 -6.03
CA GLN UA 156 -15.26 33.55 -6.88
C GLN UA 156 -16.44 34.41 -7.41
N ILE UA 157 -16.96 35.40 -6.56
CA ILE UA 157 -18.09 36.28 -6.89
C ILE UA 157 -17.64 37.18 -7.93
N LYS UA 158 -16.37 37.73 -7.81
CA LYS UA 158 -15.89 38.59 -8.82
C LYS UA 158 -15.65 37.91 -10.16
N GLU UA 159 -15.11 36.69 -10.18
CA GLU UA 159 -14.80 36.02 -11.41
C GLU UA 159 -15.95 35.64 -12.23
N ILE UA 160 -17.06 35.11 -11.64
CA ILE UA 160 -18.10 34.48 -12.38
C ILE UA 160 -18.95 35.54 -13.00
N LYS UA 161 -18.78 36.79 -12.56
CA LYS UA 161 -19.45 37.92 -13.14
C LYS UA 161 -18.80 38.39 -14.42
N GLU UA 162 -17.41 38.42 -14.39
CA GLU UA 162 -16.66 38.86 -15.51
C GLU UA 162 -16.81 37.86 -16.66
N VAL UA 163 -16.65 36.60 -16.28
CA VAL UA 163 -16.63 35.47 -17.21
C VAL UA 163 -18.03 35.26 -17.87
N ILE UA 164 -19.20 35.29 -17.14
CA ILE UA 164 -20.52 34.96 -17.64
C ILE UA 164 -21.30 36.14 -18.12
N GLU UA 165 -21.39 37.29 -17.38
CA GLU UA 165 -22.30 38.34 -17.75
C GLU UA 165 -21.86 39.13 -19.02
N LEU UA 166 -20.55 39.50 -19.10
CA LEU UA 166 -20.01 40.44 -20.12
C LEU UA 166 -20.13 39.95 -21.65
N PRO UA 167 -19.96 38.70 -22.01
CA PRO UA 167 -20.12 38.24 -23.37
C PRO UA 167 -21.59 38.20 -23.81
N VAL UA 168 -22.54 38.18 -22.85
CA VAL UA 168 -23.94 37.89 -23.15
C VAL UA 168 -24.64 39.25 -23.38
N LYS UA 169 -24.33 40.26 -22.48
CA LYS UA 169 -24.85 41.61 -22.50
C LYS UA 169 -24.28 42.28 -23.74
N HIS UA 170 -23.01 42.09 -24.09
CA HIS UA 170 -22.55 42.76 -25.25
C HIS UA 170 -21.58 41.77 -25.89
N PRO UA 171 -21.93 41.15 -27.04
CA PRO UA 171 -20.95 40.16 -27.69
C PRO UA 171 -19.84 40.94 -28.45
N GLU UA 172 -20.17 42.14 -28.91
CA GLU UA 172 -19.38 42.96 -29.80
C GLU UA 172 -18.09 43.33 -29.15
N LEU UA 173 -18.15 43.67 -27.82
CA LEU UA 173 -17.03 44.24 -27.07
C LEU UA 173 -15.96 43.15 -27.02
N PHE UA 174 -16.37 41.85 -26.70
CA PHE UA 174 -15.42 40.78 -26.39
C PHE UA 174 -14.69 40.42 -27.66
N GLU UA 175 -15.36 40.35 -28.85
CA GLU UA 175 -14.79 40.05 -30.11
C GLU UA 175 -13.83 41.22 -30.56
N SER UA 176 -14.18 42.54 -30.40
CA SER UA 176 -13.36 43.66 -30.75
C SER UA 176 -12.06 43.70 -30.07
N LEU UA 177 -12.13 43.51 -28.74
CA LEU UA 177 -11.02 43.69 -27.90
C LEU UA 177 -10.11 42.50 -27.79
N GLY UA 178 -10.70 41.26 -27.59
CA GLY UA 178 -9.99 40.01 -27.53
C GLY UA 178 -10.29 39.29 -28.76
N ILE UA 179 -10.35 37.96 -28.68
CA ILE UA 179 -10.64 37.13 -29.77
C ILE UA 179 -11.34 36.00 -29.06
N ALA UA 180 -12.18 35.25 -29.81
CA ALA UA 180 -13.01 34.24 -29.41
C ALA UA 180 -14.01 34.60 -28.35
N GLN UA 181 -14.64 33.55 -27.73
CA GLN UA 181 -15.65 33.80 -26.67
C GLN UA 181 -15.42 32.59 -25.79
N PRO UA 182 -15.61 32.67 -24.44
CA PRO UA 182 -15.49 31.50 -23.56
C PRO UA 182 -16.65 30.58 -23.71
N LYS UA 183 -16.41 29.22 -23.52
CA LYS UA 183 -17.41 28.20 -23.86
C LYS UA 183 -18.09 27.88 -22.60
N GLY UA 184 -17.58 28.34 -21.40
CA GLY UA 184 -18.19 28.02 -20.12
C GLY UA 184 -17.18 28.13 -19.00
N VAL UA 185 -17.36 27.29 -17.94
CA VAL UA 185 -16.66 27.32 -16.73
C VAL UA 185 -16.67 25.90 -16.29
N ILE UA 186 -15.56 25.56 -15.62
CA ILE UA 186 -15.53 24.28 -14.88
C ILE UA 186 -15.38 24.66 -13.49
N LEU UA 187 -16.41 24.44 -12.54
CA LEU UA 187 -16.34 24.78 -11.13
C LEU UA 187 -15.94 23.52 -10.42
N TYR UA 188 -14.94 23.59 -9.50
CA TYR UA 188 -14.31 22.55 -8.79
C TYR UA 188 -13.82 23.02 -7.48
N GLY UA 189 -13.49 22.11 -6.56
CA GLY UA 189 -12.94 22.47 -5.28
C GLY UA 189 -13.66 21.68 -4.25
N PRO UA 190 -13.69 22.13 -3.02
CA PRO UA 190 -14.39 21.39 -1.89
C PRO UA 190 -15.88 21.51 -2.14
N PRO UA 191 -16.63 20.49 -1.78
CA PRO UA 191 -18.05 20.54 -1.65
C PRO UA 191 -18.52 21.18 -0.39
N GLY UA 192 -19.55 21.97 -0.48
CA GLY UA 192 -20.04 22.83 0.55
C GLY UA 192 -19.82 24.27 0.27
N THR UA 193 -19.18 24.63 -0.89
CA THR UA 193 -18.82 25.97 -1.05
C THR UA 193 -19.94 26.80 -1.64
N GLY UA 194 -21.05 26.12 -2.03
CA GLY UA 194 -22.24 26.78 -2.52
C GLY UA 194 -22.00 27.12 -3.96
N LYS UA 195 -21.40 26.20 -4.78
CA LYS UA 195 -21.21 26.51 -6.20
C LYS UA 195 -22.47 26.67 -6.84
N THR UA 196 -23.44 25.80 -6.50
CA THR UA 196 -24.68 25.75 -7.14
C THR UA 196 -25.49 26.95 -6.86
N LEU UA 197 -25.57 27.38 -5.57
CA LEU UA 197 -26.38 28.46 -5.19
C LEU UA 197 -25.92 29.78 -5.79
N LEU UA 198 -24.58 29.88 -5.99
CA LEU UA 198 -23.90 31.03 -6.52
C LEU UA 198 -24.24 31.16 -7.92
N ALA UA 199 -24.19 30.06 -8.64
CA ALA UA 199 -24.57 29.91 -10.01
C ALA UA 199 -26.04 30.18 -10.21
N ARG UA 200 -26.96 29.90 -9.24
CA ARG UA 200 -28.37 30.13 -9.35
C ARG UA 200 -28.50 31.67 -9.24
N ALA UA 201 -27.70 32.38 -8.38
CA ALA UA 201 -27.66 33.78 -8.21
C ALA UA 201 -27.24 34.43 -9.53
N VAL UA 202 -26.29 33.83 -10.29
CA VAL UA 202 -25.89 34.33 -11.61
C VAL UA 202 -27.00 34.25 -12.58
N ALA UA 203 -27.79 33.06 -12.54
CA ALA UA 203 -28.81 32.84 -13.54
C ALA UA 203 -29.90 33.82 -13.38
N HIS UA 204 -30.27 34.17 -12.11
CA HIS UA 204 -31.24 35.22 -11.86
C HIS UA 204 -30.92 36.61 -12.27
N HIS UA 205 -29.71 37.08 -12.12
CA HIS UA 205 -29.39 38.48 -12.50
C HIS UA 205 -29.25 38.73 -13.96
N THR UA 206 -28.74 37.74 -14.72
CA THR UA 206 -28.45 37.93 -16.16
C THR UA 206 -29.74 38.00 -16.94
N ASP UA 207 -30.83 37.44 -16.39
CA ASP UA 207 -32.08 37.41 -17.12
C ASP UA 207 -31.93 36.35 -18.24
N CYS UA 208 -31.55 35.16 -17.81
CA CYS UA 208 -31.25 33.97 -18.58
C CYS UA 208 -32.22 32.89 -18.16
N LYS UA 209 -32.38 31.85 -19.06
CA LYS UA 209 -33.12 30.60 -18.86
C LYS UA 209 -32.52 29.93 -17.68
N PHE UA 210 -33.31 29.09 -17.04
CA PHE UA 210 -32.70 28.08 -16.26
C PHE UA 210 -33.36 26.76 -16.52
N ILE UA 211 -32.80 25.72 -15.77
CA ILE UA 211 -32.42 24.47 -16.21
C ILE UA 211 -30.88 24.64 -16.26
N ARG UA 212 -30.05 24.18 -15.29
CA ARG UA 212 -30.26 23.02 -14.42
C ARG UA 212 -30.62 21.75 -15.10
N VAL UA 213 -29.63 20.90 -15.14
CA VAL UA 213 -29.89 19.57 -15.48
C VAL UA 213 -29.25 18.78 -14.41
N SER UA 214 -30.03 17.97 -13.74
CA SER UA 214 -29.63 17.21 -12.60
C SER UA 214 -29.11 15.85 -13.15
N GLY UA 215 -27.80 15.54 -12.92
CA GLY UA 215 -27.23 14.28 -13.23
C GLY UA 215 -27.21 13.90 -14.73
N ALA UA 216 -26.82 12.68 -14.94
CA ALA UA 216 -26.78 11.95 -16.18
C ALA UA 216 -28.20 11.85 -16.73
N GLU UA 217 -28.24 11.79 -18.08
CA GLU UA 217 -29.55 11.76 -18.77
C GLU UA 217 -29.83 10.45 -19.46
N LEU UA 218 -30.89 9.81 -18.97
CA LEU UA 218 -31.44 8.58 -19.43
C LEU UA 218 -32.85 8.55 -18.81
N VAL UA 219 -33.00 9.34 -17.71
CA VAL UA 219 -34.00 9.24 -16.65
C VAL UA 219 -35.36 9.59 -17.21
N GLN UA 220 -35.43 10.58 -18.10
CA GLN UA 220 -36.69 11.03 -18.70
C GLN UA 220 -37.00 10.24 -19.98
N LYS UA 221 -38.21 9.63 -20.09
CA LYS UA 221 -38.58 8.68 -21.13
C LYS UA 221 -39.97 8.90 -21.44
N TYR UA 222 -40.66 9.92 -20.79
CA TYR UA 222 -42.11 10.11 -20.82
C TYR UA 222 -42.56 10.32 -22.23
N ILE UA 223 -41.74 11.05 -23.09
CA ILE UA 223 -41.73 11.01 -24.49
C ILE UA 223 -40.25 10.87 -24.78
N GLY UA 224 -39.86 10.02 -25.85
CA GLY UA 224 -38.55 9.72 -26.29
C GLY UA 224 -37.76 9.04 -25.15
N GLU UA 225 -36.37 9.19 -25.22
CA GLU UA 225 -35.30 8.65 -24.34
C GLU UA 225 -34.32 9.78 -23.95
N GLY UA 226 -33.51 9.59 -22.90
CA GLY UA 226 -32.72 10.65 -22.39
C GLY UA 226 -31.46 10.84 -23.15
N SER UA 227 -31.03 9.94 -24.03
CA SER UA 227 -29.86 9.96 -24.93
C SER UA 227 -29.99 11.01 -25.92
N ARG UA 228 -31.28 11.30 -26.39
CA ARG UA 228 -31.58 12.22 -27.44
C ARG UA 228 -32.02 13.56 -26.84
N MET UA 229 -32.09 13.76 -25.55
CA MET UA 229 -32.46 15.00 -24.98
C MET UA 229 -31.27 15.80 -24.92
N VAL UA 230 -30.08 15.26 -25.04
CA VAL UA 230 -28.72 15.88 -25.17
C VAL UA 230 -28.69 16.53 -26.52
N ARG UA 231 -29.26 15.92 -27.53
CA ARG UA 231 -29.28 16.43 -28.96
C ARG UA 231 -30.16 17.66 -28.97
N GLU UA 232 -31.27 17.47 -28.24
CA GLU UA 232 -32.25 18.55 -28.01
C GLU UA 232 -31.85 19.58 -27.08
N LEU UA 233 -30.69 19.39 -26.31
CA LEU UA 233 -30.10 20.49 -25.58
C LEU UA 233 -29.81 21.73 -26.49
N PHE UA 234 -29.25 21.53 -27.74
CA PHE UA 234 -29.04 22.54 -28.71
C PHE UA 234 -30.32 23.31 -29.00
N VAL UA 235 -31.42 22.64 -29.39
CA VAL UA 235 -32.62 23.16 -30.04
C VAL UA 235 -33.27 24.11 -29.00
N MET UA 236 -33.41 23.67 -27.80
CA MET UA 236 -33.98 24.35 -26.65
C MET UA 236 -33.13 25.57 -26.22
N ALA UA 237 -31.78 25.42 -26.21
CA ALA UA 237 -30.87 26.47 -25.73
C ALA UA 237 -30.89 27.64 -26.59
N ARG UA 238 -30.89 27.38 -27.87
CA ARG UA 238 -30.94 28.40 -28.87
C ARG UA 238 -32.17 29.23 -29.01
N GLU UA 239 -33.37 28.56 -29.08
CA GLU UA 239 -34.69 29.21 -29.24
C GLU UA 239 -35.02 30.14 -28.08
N HIS UA 240 -34.75 29.65 -26.90
CA HIS UA 240 -34.93 30.37 -25.68
C HIS UA 240 -33.65 31.01 -25.21
N ALA UA 241 -32.73 31.40 -26.11
CA ALA UA 241 -31.53 32.15 -25.72
C ALA UA 241 -32.06 33.52 -25.37
N PRO UA 242 -31.49 34.19 -24.37
CA PRO UA 242 -30.19 33.90 -23.69
C PRO UA 242 -30.39 32.88 -22.60
N SER UA 243 -29.45 31.88 -22.52
CA SER UA 243 -29.54 30.78 -21.57
C SER UA 243 -28.27 30.73 -20.74
N ILE UA 244 -28.42 30.21 -19.52
CA ILE UA 244 -27.30 29.67 -18.79
C ILE UA 244 -27.78 28.33 -18.54
N ILE UA 245 -26.87 27.31 -18.74
CA ILE UA 245 -27.22 25.96 -18.35
C ILE UA 245 -26.25 25.56 -17.26
N PHE UA 246 -26.78 25.19 -16.08
CA PHE UA 246 -26.05 24.62 -15.00
C PHE UA 246 -26.14 23.12 -15.11
N MET UA 247 -25.30 22.56 -15.95
CA MET UA 247 -25.14 21.08 -16.20
C MET UA 247 -24.36 20.51 -15.03
N ASP UA 248 -25.09 19.55 -14.39
CA ASP UA 248 -24.57 18.83 -13.29
C ASP UA 248 -24.20 17.46 -13.75
N GLU UA 249 -23.11 17.07 -13.04
CA GLU UA 249 -22.56 15.72 -12.98
C GLU UA 249 -21.31 15.86 -12.16
N ILE UA 250 -21.50 15.54 -10.83
CA ILE UA 250 -20.53 15.66 -9.72
C ILE UA 250 -19.34 14.78 -10.02
N ASP UA 251 -19.59 13.63 -10.66
CA ASP UA 251 -18.59 12.70 -11.04
C ASP UA 251 -18.10 11.92 -9.81
N SER UA 252 -19.08 11.33 -9.05
CA SER UA 252 -18.80 10.40 -7.98
C SER UA 252 -18.78 9.06 -8.64
N ILE UA 253 -18.77 9.04 -9.99
CA ILE UA 253 -18.69 7.93 -10.85
C ILE UA 253 -17.20 7.49 -10.70
N GLY UA 254 -16.32 8.58 -10.74
CA GLY UA 254 -14.95 8.65 -10.46
C GLY UA 254 -14.02 8.60 -11.63
N SER UA 255 -12.73 8.31 -11.27
CA SER UA 255 -11.57 8.27 -12.14
C SER UA 255 -11.51 6.94 -12.82
N THR UA 256 -12.36 5.92 -12.37
CA THR UA 256 -12.45 4.57 -12.80
C THR UA 256 -12.86 4.55 -14.26
N ARG UA 257 -13.81 5.52 -14.54
CA ARG UA 257 -14.34 5.62 -15.88
C ARG UA 257 -13.74 6.78 -16.57
N VAL UA 258 -12.81 7.51 -16.01
CA VAL UA 258 -12.01 8.42 -16.73
C VAL UA 258 -11.12 7.60 -17.50
N GLU UA 259 -10.53 6.59 -16.97
CA GLU UA 259 -9.75 5.64 -17.82
C GLU UA 259 -10.59 4.81 -18.75
N GLY UA 260 -11.66 4.22 -18.21
CA GLY UA 260 -12.58 3.38 -18.89
C GLY UA 260 -13.33 4.09 -19.98
N SER UA 261 -14.05 3.48 -21.02
CA SER UA 261 -13.70 2.21 -21.65
C SER UA 261 -14.17 1.02 -21.01
N GLY UA 262 -14.76 0.08 -21.84
CA GLY UA 262 -15.45 -1.13 -21.38
C GLY UA 262 -16.79 -0.81 -20.88
N GLY UA 263 -17.31 -1.73 -20.06
CA GLY UA 263 -18.57 -1.70 -19.19
C GLY UA 263 -19.71 -1.01 -19.90
N GLY UA 264 -20.62 -0.46 -19.07
CA GLY UA 264 -21.77 0.27 -19.57
C GLY UA 264 -21.38 1.72 -19.70
N ASP UA 265 -20.04 2.02 -19.58
CA ASP UA 265 -19.37 3.30 -19.59
C ASP UA 265 -19.67 4.07 -20.86
N SER UA 266 -19.90 3.46 -22.05
CA SER UA 266 -20.07 4.07 -23.32
C SER UA 266 -21.25 4.93 -23.50
N GLU UA 267 -22.32 4.73 -22.76
CA GLU UA 267 -23.49 5.57 -22.77
C GLU UA 267 -23.29 6.90 -22.12
N VAL UA 268 -22.73 6.90 -20.86
CA VAL UA 268 -22.47 8.13 -20.16
C VAL UA 268 -21.33 8.83 -20.85
N GLN UA 269 -20.41 8.10 -21.57
CA GLN UA 269 -19.35 8.68 -22.39
C GLN UA 269 -19.89 9.46 -23.52
N ARG UA 270 -20.92 8.85 -24.15
CA ARG UA 270 -21.67 9.48 -25.17
C ARG UA 270 -22.44 10.69 -24.78
N THR UA 271 -23.06 10.66 -23.55
CA THR UA 271 -23.91 11.78 -23.17
C THR UA 271 -23.11 12.95 -22.99
N MET UA 272 -21.90 12.81 -22.41
CA MET UA 272 -20.95 13.84 -22.01
C MET UA 272 -20.29 14.42 -23.20
N LEU UA 273 -19.82 13.61 -24.19
CA LEU UA 273 -19.08 13.91 -25.35
C LEU UA 273 -19.96 14.61 -26.31
N GLU UA 274 -21.23 14.17 -26.53
CA GLU UA 274 -22.07 14.71 -27.58
C GLU UA 274 -22.62 16.09 -27.22
N LEU UA 275 -23.10 16.34 -25.94
CA LEU UA 275 -23.17 17.65 -25.24
C LEU UA 275 -22.06 18.61 -25.60
N LEU UA 276 -20.88 18.12 -25.77
CA LEU UA 276 -19.66 18.91 -26.03
C LEU UA 276 -19.71 19.58 -27.45
N ASN UA 277 -20.14 18.70 -28.44
CA ASN UA 277 -20.37 19.03 -29.85
C ASN UA 277 -21.31 20.18 -30.06
N GLN UA 278 -22.38 20.31 -29.26
CA GLN UA 278 -23.41 21.31 -29.49
C GLN UA 278 -22.92 22.67 -29.10
N LEU UA 279 -22.10 22.72 -28.05
CA LEU UA 279 -21.65 24.04 -27.52
C LEU UA 279 -20.72 24.89 -28.45
N ASP UA 280 -19.48 24.42 -28.69
CA ASP UA 280 -18.50 24.86 -29.70
C ASP UA 280 -19.08 24.93 -31.10
N GLY UA 281 -19.96 23.96 -31.44
CA GLY UA 281 -20.76 23.86 -32.59
C GLY UA 281 -19.98 23.61 -33.87
N PHE UA 282 -20.67 23.21 -34.99
CA PHE UA 282 -20.12 23.01 -36.29
C PHE UA 282 -20.45 24.08 -37.34
N GLU UA 283 -21.52 24.87 -37.10
CA GLU UA 283 -21.54 26.29 -37.23
C GLU UA 283 -22.54 26.69 -36.29
N THR UA 284 -22.60 27.96 -35.89
CA THR UA 284 -23.45 28.54 -34.91
C THR UA 284 -23.17 28.11 -33.49
N SER UA 285 -23.14 28.90 -32.41
CA SER UA 285 -23.03 28.55 -31.07
C SER UA 285 -24.37 28.85 -30.51
N LYS UA 286 -25.04 27.81 -29.96
CA LYS UA 286 -26.37 27.73 -29.33
C LYS UA 286 -26.55 28.59 -28.13
N ASN UA 287 -25.57 28.38 -27.22
CA ASN UA 287 -25.32 29.11 -26.01
C ASN UA 287 -23.73 29.00 -25.85
N ILE UA 288 -23.11 30.02 -25.25
CA ILE UA 288 -21.76 30.08 -24.89
C ILE UA 288 -21.55 29.85 -23.46
N LYS UA 289 -22.52 29.45 -22.66
CA LYS UA 289 -22.42 29.47 -21.23
C LYS UA 289 -23.19 28.28 -20.78
N ILE UA 290 -22.57 27.09 -20.98
CA ILE UA 290 -22.96 25.83 -20.44
C ILE UA 290 -21.81 25.68 -19.46
N ILE UA 291 -22.15 25.06 -18.31
CA ILE UA 291 -21.42 25.31 -17.10
C ILE UA 291 -21.33 24.00 -16.40
N MET UA 292 -20.09 23.66 -15.99
CA MET UA 292 -19.78 22.33 -15.45
C MET UA 292 -19.48 22.48 -13.95
N ALA UA 293 -19.81 21.40 -13.20
CA ALA UA 293 -19.67 21.46 -11.78
C ALA UA 293 -19.25 20.07 -11.43
N THR UA 294 -18.31 19.92 -10.40
CA THR UA 294 -17.68 18.67 -10.17
C THR UA 294 -16.84 18.98 -8.94
N ASN UA 295 -16.41 17.96 -8.23
CA ASN UA 295 -15.64 18.15 -7.02
C ASN UA 295 -14.13 18.20 -7.27
N ARG UA 296 -13.59 17.46 -8.33
CA ARG UA 296 -12.16 17.44 -8.62
C ARG UA 296 -12.05 17.30 -10.09
N LEU UA 297 -10.83 17.44 -10.54
CA LEU UA 297 -10.49 17.40 -11.99
C LEU UA 297 -9.96 16.11 -12.36
N ASP UA 298 -9.57 15.35 -11.33
CA ASP UA 298 -8.92 14.05 -11.62
C ASP UA 298 -10.03 13.03 -11.91
N ILE UA 299 -11.26 13.39 -11.33
CA ILE UA 299 -12.45 12.52 -11.52
C ILE UA 299 -13.09 12.98 -12.79
N LEU UA 300 -12.72 14.16 -13.34
CA LEU UA 300 -13.30 14.68 -14.59
C LEU UA 300 -12.64 14.07 -15.78
N ASP UA 301 -13.57 13.78 -16.68
CA ASP UA 301 -13.26 13.08 -17.96
C ASP UA 301 -12.51 13.96 -18.93
N PRO UA 302 -11.65 13.52 -19.90
CA PRO UA 302 -10.61 14.36 -20.37
C PRO UA 302 -11.11 15.18 -21.55
N ALA UA 303 -12.13 14.75 -22.24
CA ALA UA 303 -12.71 15.50 -23.35
C ALA UA 303 -13.30 16.79 -22.92
N LEU UA 304 -13.95 16.71 -21.76
CA LEU UA 304 -14.63 17.79 -21.16
C LEU UA 304 -13.64 18.72 -20.47
N LEU UA 305 -12.56 18.16 -19.77
CA LEU UA 305 -11.52 18.82 -19.00
C LEU UA 305 -10.62 19.59 -19.88
N ARG UA 306 -10.25 19.03 -21.04
CA ARG UA 306 -9.31 19.61 -21.96
C ARG UA 306 -9.69 21.05 -22.38
N PRO UA 307 -9.09 22.21 -22.03
CA PRO UA 307 -9.64 23.54 -22.26
C PRO UA 307 -9.66 23.87 -23.70
N GLY UA 308 -10.31 25.04 -24.08
CA GLY UA 308 -10.41 25.48 -25.48
C GLY UA 308 -11.58 24.78 -26.23
N ARG UA 309 -12.54 24.11 -25.49
CA ARG UA 309 -13.80 23.75 -26.09
C ARG UA 309 -14.77 23.72 -24.92
N ILE UA 310 -14.20 23.66 -23.70
CA ILE UA 310 -14.71 24.22 -22.47
C ILE UA 310 -13.66 25.19 -22.00
N ASP UA 311 -14.11 26.46 -21.66
CA ASP UA 311 -13.13 27.46 -21.17
C ASP UA 311 -13.20 27.63 -19.63
N ARG UA 312 -12.17 28.25 -19.03
CA ARG UA 312 -12.13 28.73 -17.61
C ARG UA 312 -12.26 27.62 -16.62
N LYS UA 313 -11.29 27.54 -15.69
CA LYS UA 313 -11.43 26.70 -14.54
C LYS UA 313 -11.20 27.54 -13.33
N ILE UA 314 -12.13 27.49 -12.35
CA ILE UA 314 -12.09 28.32 -11.16
C ILE UA 314 -12.27 27.34 -10.02
N GLU UA 315 -11.31 27.48 -9.07
CA GLU UA 315 -11.19 26.65 -7.88
C GLU UA 315 -11.62 27.40 -6.70
N PHE UA 316 -12.62 26.85 -5.88
CA PHE UA 316 -13.10 27.40 -4.63
C PHE UA 316 -12.12 27.00 -3.56
N PRO UA 317 -11.90 27.82 -2.57
CA PRO UA 317 -10.95 27.50 -1.54
C PRO UA 317 -11.62 26.91 -0.31
N PRO UA 318 -11.02 26.09 0.50
CA PRO UA 318 -11.56 25.90 1.84
C PRO UA 318 -11.45 27.28 2.53
N PRO UA 319 -12.43 27.77 3.15
CA PRO UA 319 -12.63 29.22 3.48
C PRO UA 319 -11.60 29.82 4.39
N SER UA 320 -11.16 31.08 4.22
CA SER UA 320 -10.27 31.70 5.11
C SER UA 320 -10.96 32.16 6.42
N VAL UA 321 -10.13 32.84 7.20
CA VAL UA 321 -10.57 33.39 8.41
C VAL UA 321 -11.51 34.56 8.11
N ALA UA 322 -11.16 35.24 7.00
CA ALA UA 322 -11.80 36.47 6.43
C ALA UA 322 -13.09 35.98 5.85
N ALA UA 323 -13.09 34.80 5.10
CA ALA UA 323 -14.25 34.35 4.40
C ALA UA 323 -15.26 33.94 5.37
N ARG UA 324 -14.86 33.21 6.45
CA ARG UA 324 -15.67 32.61 7.52
C ARG UA 324 -16.42 33.68 8.16
N ALA UA 325 -15.78 34.85 8.49
CA ALA UA 325 -16.28 35.96 9.10
C ALA UA 325 -17.40 36.63 8.39
N GLU UA 326 -17.21 36.77 7.03
CA GLU UA 326 -18.20 37.38 6.14
C GLU UA 326 -19.42 36.47 5.97
N ILE UA 327 -19.30 35.14 5.89
CA ILE UA 327 -20.41 34.15 5.77
C ILE UA 327 -21.27 34.19 7.05
N LEU UA 328 -20.56 34.25 8.18
CA LEU UA 328 -21.06 34.31 9.57
C LEU UA 328 -21.89 35.55 9.76
N ARG UA 329 -21.53 36.71 9.11
CA ARG UA 329 -22.09 38.00 9.35
C ARG UA 329 -23.59 38.06 8.93
N ILE UA 330 -23.90 37.44 7.72
CA ILE UA 330 -25.11 37.68 6.92
C ILE UA 330 -26.26 36.90 7.54
N HIS UA 331 -25.96 35.65 8.07
CA HIS UA 331 -26.92 34.73 8.77
C HIS UA 331 -27.14 35.21 10.19
N SER UA 332 -26.14 35.82 10.86
CA SER UA 332 -26.30 36.17 12.26
C SER UA 332 -27.25 37.29 12.42
N ARG UA 333 -27.46 38.18 11.38
CA ARG UA 333 -28.45 39.23 11.34
C ARG UA 333 -29.76 38.57 11.38
N LYS UA 334 -29.94 37.50 10.58
CA LYS UA 334 -31.24 36.84 10.53
C LYS UA 334 -31.67 36.20 11.86
N MET UA 335 -30.63 35.78 12.61
CA MET UA 335 -30.68 35.11 13.89
C MET UA 335 -30.99 36.16 14.94
N ASN UA 336 -29.98 36.45 15.79
CA ASN UA 336 -29.91 37.41 16.88
C ASN UA 336 -28.50 37.82 16.88
N LEU UA 337 -28.25 39.06 17.15
CA LEU UA 337 -26.91 39.66 17.26
C LEU UA 337 -26.54 39.50 18.71
N THR UA 338 -25.33 38.83 19.05
CA THR UA 338 -24.83 38.67 20.40
C THR UA 338 -24.48 39.98 21.01
N ARG UA 339 -24.84 40.17 22.29
CA ARG UA 339 -24.36 41.37 23.09
C ARG UA 339 -22.92 41.24 23.52
N GLY UA 340 -22.16 42.35 23.27
CA GLY UA 340 -20.72 42.42 23.42
C GLY UA 340 -19.97 42.09 22.22
N ILE UA 341 -20.65 41.54 21.19
CA ILE UA 341 -20.07 41.22 19.95
C ILE UA 341 -19.09 40.09 20.04
N ASN UA 342 -19.56 38.89 19.66
CA ASN UA 342 -18.84 37.68 19.78
C ASN UA 342 -18.89 36.96 18.51
N LEU UA 343 -19.17 37.79 17.44
CA LEU UA 343 -19.16 37.31 16.05
C LEU UA 343 -17.73 37.21 15.58
N ARG UA 344 -16.86 38.04 16.22
CA ARG UA 344 -15.44 38.06 16.04
C ARG UA 344 -14.80 36.79 16.55
N LYS UA 345 -15.35 36.21 17.64
CA LYS UA 345 -14.78 35.08 18.36
C LYS UA 345 -14.76 33.86 17.52
N VAL UA 346 -15.91 33.55 16.75
CA VAL UA 346 -16.19 32.34 16.15
C VAL UA 346 -15.17 31.90 15.11
N ALA UA 347 -14.85 32.94 14.28
CA ALA UA 347 -13.88 32.85 13.17
C ALA UA 347 -12.48 32.69 13.65
N GLU UA 348 -12.18 33.32 14.84
CA GLU UA 348 -10.90 33.03 15.42
C GLU UA 348 -10.79 31.64 15.79
N LYS UA 349 -11.78 31.11 16.45
CA LYS UA 349 -11.73 29.77 17.10
C LYS UA 349 -11.39 28.57 16.11
N MET UA 350 -11.94 28.56 14.94
CA MET UA 350 -11.73 27.59 13.98
C MET UA 350 -12.17 28.17 12.71
N ASN UA 351 -11.60 27.62 11.66
CA ASN UA 351 -11.89 27.91 10.29
C ASN UA 351 -12.35 26.55 9.75
N GLY UA 352 -13.59 26.51 9.18
CA GLY UA 352 -14.16 25.34 8.67
C GLY UA 352 -13.40 24.85 7.50
N CYS UA 353 -13.86 23.71 6.99
CA CYS UA 353 -13.08 23.12 5.90
C CYS UA 353 -13.83 23.32 4.64
N SER UA 354 -15.11 23.73 4.83
CA SER UA 354 -15.94 24.15 3.84
C SER UA 354 -16.75 25.25 4.46
N GLY UA 355 -17.47 25.96 3.54
CA GLY UA 355 -18.43 26.97 3.81
C GLY UA 355 -19.69 26.45 4.32
N ALA UA 356 -19.99 25.14 4.15
CA ALA UA 356 -21.08 24.38 4.80
C ALA UA 356 -20.85 24.29 6.25
N ASP UA 357 -19.61 24.43 6.73
CA ASP UA 357 -19.34 24.37 8.17
C ASP UA 357 -19.65 25.62 8.82
N VAL UA 358 -19.37 26.73 8.15
CA VAL UA 358 -19.73 28.05 8.64
C VAL UA 358 -21.24 28.18 8.80
N LYS UA 359 -22.03 27.72 7.76
CA LYS UA 359 -23.48 27.78 7.84
C LYS UA 359 -24.03 26.78 8.91
N GLY UA 360 -23.45 25.56 8.97
CA GLY UA 360 -23.87 24.55 9.86
C GLY UA 360 -23.65 24.97 11.35
N VAL UA 361 -22.61 25.78 11.70
CA VAL UA 361 -22.44 26.34 13.08
C VAL UA 361 -23.56 27.31 13.37
N CYS UA 362 -23.95 28.16 12.45
CA CYS UA 362 -25.01 29.14 12.66
C CYS UA 362 -26.36 28.65 12.97
N THR UA 363 -26.85 27.58 12.22
CA THR UA 363 -28.07 26.86 12.48
C THR UA 363 -28.08 26.14 13.82
N GLU UA 364 -26.86 25.55 14.21
CA GLU UA 364 -26.61 24.91 15.49
C GLU UA 364 -26.62 25.75 16.68
N ALA UA 365 -26.06 26.93 16.63
CA ALA UA 365 -26.06 27.87 17.79
C ALA UA 365 -27.42 28.36 18.20
N GLY UA 366 -28.23 28.75 17.21
CA GLY UA 366 -29.55 29.17 17.52
C GLY UA 366 -30.46 27.97 17.96
N MET UA 367 -29.97 26.72 17.79
CA MET UA 367 -30.53 25.51 18.24
C MET UA 367 -30.40 25.42 19.75
N TYR UA 368 -29.20 25.75 20.30
CA TYR UA 368 -28.87 25.75 21.69
C TYR UA 368 -29.73 26.70 22.48
N ALA UA 369 -29.91 27.91 21.95
CA ALA UA 369 -30.77 28.92 22.59
C ALA UA 369 -32.20 28.42 22.68
N LEU UA 370 -32.71 27.82 21.58
CA LEU UA 370 -34.04 27.37 21.46
C LEU UA 370 -34.47 26.41 22.56
N ARG UA 371 -33.61 25.44 22.89
CA ARG UA 371 -33.85 24.32 23.79
C ARG UA 371 -34.09 24.79 25.23
N GLU UA 372 -33.37 25.88 25.58
CA GLU UA 372 -33.42 26.62 26.82
C GLU UA 372 -34.61 27.53 26.85
N ARG UA 373 -35.13 27.91 25.64
CA ARG UA 373 -36.32 28.79 25.53
C ARG UA 373 -36.03 30.26 25.78
N ARG UA 374 -35.16 30.77 24.90
CA ARG UA 374 -34.64 32.09 24.99
C ARG UA 374 -34.51 32.60 23.61
N ILE UA 375 -35.11 33.82 23.32
CA ILE UA 375 -35.13 34.41 22.02
C ILE UA 375 -33.81 34.74 21.40
N HIS UA 376 -32.95 35.39 22.27
CA HIS UA 376 -31.54 35.81 21.95
C HIS UA 376 -30.55 34.63 22.05
N VAL UA 377 -29.45 34.72 21.27
CA VAL UA 377 -28.40 33.72 21.17
C VAL UA 377 -27.16 34.37 21.70
N THR UA 378 -26.54 33.82 22.79
CA THR UA 378 -25.47 34.35 23.56
C THR UA 378 -24.12 33.94 22.93
N GLN UA 379 -23.03 34.38 23.52
CA GLN UA 379 -21.70 33.97 23.49
C GLN UA 379 -21.60 32.53 23.77
N GLU UA 380 -22.32 32.11 24.83
CA GLU UA 380 -22.29 30.72 25.30
C GLU UA 380 -22.75 29.78 24.26
N ASP UA 381 -23.85 30.08 23.51
CA ASP UA 381 -24.41 29.21 22.48
C ASP UA 381 -23.46 29.02 21.38
N PHE UA 382 -22.74 30.10 20.91
CA PHE UA 382 -21.74 29.98 19.91
C PHE UA 382 -20.57 29.11 20.31
N GLU UA 383 -20.10 29.18 21.58
CA GLU UA 383 -19.03 28.41 22.19
C GLU UA 383 -19.30 26.87 22.20
N LEU UA 384 -20.49 26.39 22.57
CA LEU UA 384 -20.82 24.95 22.37
C LEU UA 384 -20.91 24.55 20.93
N ALA UA 385 -21.42 25.47 20.07
CA ALA UA 385 -21.69 25.21 18.71
C ALA UA 385 -20.52 24.99 17.80
N VAL UA 386 -19.42 25.81 17.99
CA VAL UA 386 -18.16 25.59 17.30
C VAL UA 386 -17.57 24.25 17.74
N GLY UA 387 -17.65 23.93 19.06
CA GLY UA 387 -17.01 22.72 19.71
C GLY UA 387 -17.58 21.36 19.18
N LYS UA 388 -18.89 21.28 19.03
CA LYS UA 388 -19.62 20.07 18.66
C LYS UA 388 -19.19 19.66 17.19
N VAL UA 389 -19.02 20.67 16.28
CA VAL UA 389 -18.63 20.40 14.94
C VAL UA 389 -17.20 20.16 14.73
N MET UA 390 -16.33 20.66 15.63
CA MET UA 390 -14.92 20.48 15.52
C MET UA 390 -14.47 19.04 15.87
N ASN UA 391 -15.24 18.54 16.85
CA ASN UA 391 -15.16 17.24 17.44
C ASN UA 391 -15.37 16.13 16.44
N LYS UA 392 -16.21 16.33 15.48
CA LYS UA 392 -16.43 15.37 14.41
C LYS UA 392 -15.15 15.07 13.57
N ASN UA 393 -14.34 16.15 13.28
CA ASN UA 393 -13.22 16.09 12.34
C ASN UA 393 -12.06 15.36 13.05
N GLN UA 394 -11.91 15.74 14.33
CA GLN UA 394 -10.93 15.33 15.31
C GLN UA 394 -11.07 13.85 15.61
N GLU UA 395 -12.26 13.32 15.79
CA GLU UA 395 -12.52 11.89 15.69
C GLU UA 395 -11.73 11.20 14.65
N THR UA 396 -11.78 11.63 13.34
CA THR UA 396 -11.31 11.00 12.18
C THR UA 396 -9.90 10.61 12.13
N ALA UA 397 -9.02 11.54 12.61
CA ALA UA 397 -7.58 11.49 12.51
C ALA UA 397 -7.15 11.70 13.97
N ILE UA 398 -6.57 10.70 14.67
CA ILE UA 398 -6.30 10.87 16.04
C ILE UA 398 -5.22 9.93 16.48
N SER UA 399 -5.07 8.86 15.65
CA SER UA 399 -4.17 7.70 15.74
C SER UA 399 -3.09 7.85 14.78
N VAL UA 400 -2.72 9.21 14.51
CA VAL UA 400 -1.71 9.61 13.49
C VAL UA 400 -0.55 10.23 14.23
N ALA UA 401 -0.44 9.79 15.57
CA ALA UA 401 0.60 10.17 16.48
C ALA UA 401 0.83 9.04 17.44
N LYS UA 402 0.09 7.93 17.27
CA LYS UA 402 0.36 6.75 18.06
C LYS UA 402 0.18 5.49 17.14
N LEU UA 403 1.20 4.65 16.97
CA LEU UA 403 1.27 3.69 15.99
C LEU UA 403 1.20 4.29 14.59
N PHE UA 404 2.30 5.02 14.27
CA PHE UA 404 2.42 5.84 13.04
C PHE UA 404 3.93 5.87 12.84
N LYS UA 405 4.41 6.40 11.67
CA LYS UA 405 5.82 6.54 11.42
C LYS UA 405 6.36 7.48 12.38
PG ATP VA . -11.19 -10.77 -44.80
O1G ATP VA . -11.46 -9.34 -45.42
O2G ATP VA . -12.12 -11.81 -45.29
O3G ATP VA . -10.85 -10.80 -43.28
PB ATP VA . -8.35 -12.23 -46.31
O1B ATP VA . -7.34 -12.40 -45.13
O2B ATP VA . -8.89 -13.43 -47.00
O3B ATP VA . -9.71 -11.28 -45.67
PA ATP VA . -7.72 -10.24 -49.03
O1A ATP VA . -6.81 -10.99 -49.92
O2A ATP VA . -9.08 -9.99 -49.57
O3A ATP VA . -7.73 -11.11 -47.58
O5' ATP VA . -6.99 -8.92 -48.46
C5' ATP VA . -7.14 -7.70 -49.11
C4' ATP VA . -6.10 -7.31 -50.21
O4' ATP VA . -4.68 -7.77 -49.80
C3' ATP VA . -6.24 -8.02 -51.61
O3' ATP VA . -7.23 -7.36 -52.37
C2' ATP VA . -4.87 -7.91 -52.21
O2' ATP VA . -4.60 -6.72 -52.92
C1' ATP VA . -3.97 -8.08 -50.93
N9 ATP VA . -3.44 -9.49 -50.83
C8 ATP VA . -3.69 -10.48 -49.82
N7 ATP VA . -3.11 -11.60 -50.07
C5 ATP VA . -2.53 -11.44 -51.37
C6 ATP VA . -1.94 -12.32 -52.20
N6 ATP VA . -1.85 -13.56 -51.69
N1 ATP VA . -1.57 -11.89 -53.45
C2 ATP VA . -1.73 -10.56 -53.74
N3 ATP VA . -2.25 -9.56 -52.98
C4 ATP VA . -2.69 -10.10 -51.83
MG MG WA . -11.49 -13.03 -46.80
PG ATP XA . -12.52 16.83 -30.00
O1G ATP XA . -12.91 17.77 -28.86
O2G ATP XA . -13.64 16.47 -30.94
O3G ATP XA . -11.70 15.68 -29.52
PB ATP XA . -10.38 18.47 -32.21
O1B ATP XA . -11.22 18.38 -33.44
O2B ATP XA . -9.07 17.76 -32.25
O3B ATP XA . -11.39 17.77 -30.96
PA ATP XA . -10.78 21.72 -31.65
O1A ATP XA . -12.02 21.78 -32.47
O2A ATP XA . -10.99 21.98 -30.24
O3A ATP XA . -10.27 20.15 -31.78
O5' ATP XA . -9.65 22.67 -32.22
C5' ATP XA . -8.86 23.36 -31.28
C4' ATP XA . -7.96 24.42 -31.89
O4' ATP XA . -6.81 23.96 -32.49
C3' ATP XA . -8.53 25.37 -33.05
O3' ATP XA . -9.50 26.25 -32.54
C2' ATP XA . -7.27 26.09 -33.40
O2' ATP XA . -6.96 27.16 -32.53
C1' ATP XA . -6.21 25.00 -33.28
N9 ATP XA . -5.72 24.56 -34.57
C8 ATP XA . -4.43 24.08 -34.63
N7 ATP XA . -4.05 23.68 -35.78
C5 ATP XA . -5.11 23.82 -36.60
C6 ATP XA . -5.30 23.43 -37.96
N6 ATP XA . -4.25 22.98 -38.59
N1 ATP XA . -6.57 23.52 -38.34
C2 ATP XA . -7.57 24.02 -37.54
N3 ATP XA . -7.44 24.56 -36.32
C4 ATP XA . -6.20 24.32 -35.87
MG MG YA . -13.31 16.97 -32.85
PG ATP ZA . -29.83 -3.14 12.02
O1G ATP ZA . -28.39 -2.62 12.00
O2G ATP ZA . -30.72 -2.49 11.00
O3G ATP ZA . -29.84 -4.68 12.04
PB ATP ZA . -30.96 -1.49 14.65
O1B ATP ZA . -31.96 -0.56 13.93
O2B ATP ZA . -29.78 -0.88 15.42
O3B ATP ZA . -30.44 -2.69 13.49
PA ATP ZA . -33.38 -3.15 16.29
O1A ATP ZA . -34.44 -2.07 16.30
O2A ATP ZA . -33.58 -4.31 15.44
O3A ATP ZA . -31.93 -2.45 15.72
O5' ATP ZA . -33.11 -3.56 17.72
C5' ATP ZA . -33.07 -4.89 18.19
C4' ATP ZA . -34.05 -5.01 19.39
O4' ATP ZA . -33.70 -3.93 20.27
C3' ATP ZA . -35.54 -4.90 19.08
O3' ATP ZA . -36.04 -6.21 18.62
C2' ATP ZA . -36.03 -4.35 20.45
O2' ATP ZA . -36.35 -5.37 21.31
C1' ATP ZA . -34.82 -3.59 21.01
N9 ATP ZA . -35.02 -2.12 20.81
C8 ATP ZA . -35.82 -1.40 19.89
N7 ATP ZA . -35.60 -0.10 20.06
C5 ATP ZA . -34.72 0.11 21.13
C6 ATP ZA . -34.12 1.26 21.66
N6 ATP ZA . -34.53 2.40 21.12
N1 ATP ZA . -33.22 1.06 22.69
C2 ATP ZA . -33.18 -0.14 23.16
N3 ATP ZA . -33.56 -1.29 22.65
C4 ATP ZA . -34.34 -1.15 21.58
MG MG AB . -32.17 -1.14 11.42
PB ADP BB . -27.68 -30.49 4.78
O1B ADP BB . -26.78 -30.18 3.67
O2B ADP BB . -26.92 -30.54 6.13
O3B ADP BB . -28.91 -29.53 4.87
PA ADP BB . -29.57 -33.13 3.72
O1A ADP BB . -29.86 -32.66 2.36
O2A ADP BB . -30.73 -33.51 4.62
O3A ADP BB . -28.48 -32.05 4.52
O5' ADP BB . -28.68 -34.46 3.54
C5' ADP BB . -28.91 -35.31 2.40
C4' ADP BB . -29.36 -36.70 2.86
O4' ADP BB . -28.55 -37.24 3.91
C3' ADP BB . -30.71 -36.67 3.39
O3' ADP BB . -31.62 -36.67 2.34
C2' ADP BB . -30.76 -37.94 4.16
O2' ADP BB . -30.85 -39.07 3.27
C1' ADP BB . -29.39 -37.98 4.74
N9 ADP BB . -29.23 -37.58 6.15
C8 ADP BB . -28.34 -36.60 6.61
N7 ADP BB . -28.28 -36.44 7.88
C5 ADP BB . -29.17 -37.39 8.36
C6 ADP BB . -29.51 -37.77 9.69
N6 ADP BB . -28.83 -37.13 10.64
N1 ADP BB . -30.63 -38.62 9.88
C2 ADP BB . -31.13 -39.13 8.70
N3 ADP BB . -30.74 -38.99 7.43
C4 ADP BB . -29.75 -38.08 7.29
MG MG CB . -29.98 -28.39 3.06
PB ADP DB . -18.21 -37.48 -24.73
O1B ADP DB . -18.03 -35.99 -24.97
O2B ADP DB . -17.40 -37.97 -23.57
O3B ADP DB . -19.64 -37.94 -24.75
PA ADP DB . -17.82 -39.04 -27.60
O1A ADP DB . -18.74 -38.19 -28.34
O2A ADP DB . -18.25 -40.42 -27.21
O3A ADP DB . -17.57 -38.28 -26.17
O5' ADP DB . -16.29 -39.09 -28.25
C5' ADP DB . -16.32 -38.80 -29.71
C4' ADP DB . -15.56 -39.82 -30.52
O4' ADP DB . -14.17 -40.02 -30.12
C3' ADP DB . -16.21 -41.18 -30.61
O3' ADP DB . -17.32 -41.20 -31.50
C2' ADP DB . -14.99 -41.99 -31.10
O2' ADP DB . -14.83 -41.88 -32.52
C1' ADP DB . -13.82 -41.37 -30.36
N9 ADP DB . -13.49 -42.09 -29.10
C8 ADP DB . -13.93 -41.88 -27.84
N7 ADP DB . -13.62 -42.75 -26.91
C5 ADP DB . -12.92 -43.74 -27.66
C6 ADP DB . -12.51 -45.04 -27.31
N6 ADP DB . -12.47 -45.38 -25.99
N1 ADP DB . -12.14 -45.82 -28.39
C2 ADP DB . -12.14 -45.32 -29.65
N3 ADP DB . -12.50 -44.09 -30.10
C4 ADP DB . -12.96 -43.35 -29.07
MG MG EB . -20.59 -36.87 -26.75
PG ATP FB . -22.64 19.51 -4.43
O1G ATP FB . -23.22 19.93 -5.75
O2G ATP FB . -23.49 18.49 -3.58
O3G ATP FB . -21.22 19.08 -4.70
PB ATP FB . -22.08 22.78 -3.40
O1B ATP FB . -22.63 23.55 -4.60
O2B ATP FB . -20.59 22.91 -3.06
O3B ATP FB . -22.51 21.09 -3.57
PA ATP FB . -24.37 23.68 -1.06
O1A ATP FB . -25.19 24.68 -1.76
O2A ATP FB . -25.11 22.45 -0.68
O3A ATP FB . -23.03 23.24 -2.01
O5' ATP FB . -23.67 24.39 0.18
C5' ATP FB . -23.87 23.86 1.52
C4' ATP FB . -24.40 24.94 2.50
O4' ATP FB . -23.41 25.96 2.81
C3' ATP FB . -25.59 25.62 2.16
O3' ATP FB . -26.53 25.58 3.29
C2' ATP FB . -25.16 26.99 1.68
O2' ATP FB . -26.27 27.90 1.84
C1' ATP FB . -23.93 27.27 2.57
N9 ATP FB . -22.99 28.14 1.96
C8 ATP FB . -21.97 27.77 1.10
N7 ATP FB . -21.29 28.79 0.71
C5 ATP FB . -21.82 29.86 1.37
C6 ATP FB . -21.46 31.26 1.34
N6 ATP FB . -20.32 31.46 0.64
N1 ATP FB . -22.33 32.14 1.98
C2 ATP FB . -23.37 31.56 2.62
N3 ATP FB . -23.74 30.25 2.70
C4 ATP FB . -22.87 29.47 2.12
MG MG GB . -24.07 21.80 -5.85
#